data_4WSN
#
_entry.id   4WSN
#
_cell.length_a   150.638
_cell.length_b   150.983
_cell.length_c   336.720
_cell.angle_alpha   92.340
_cell.angle_beta   92.620
_cell.angle_gamma   119.880
#
_symmetry.space_group_name_H-M   'P 1'
#
loop_
_entity.id
_entity.type
_entity.pdbx_description
1 polymer 'COP9 signalosome complex subunit 1'
2 polymer 'COP9 signalosome complex subunit 2'
3 polymer 'COP9 signalosome complex subunit 3'
4 polymer 'COP9 signalosome complex subunit 4'
5 polymer 'COP9 signalosome complex subunit 5'
6 polymer 'COP9 signalosome complex subunit 6'
7 polymer 'COP9 signalosome complex subunit 7a'
8 polymer 'COP9 signalosome complex subunit 8'
9 non-polymer 'ZINC ION'
#
loop_
_entity_poly.entity_id
_entity_poly.type
_entity_poly.pdbx_seq_one_letter_code
_entity_poly.pdbx_strand_id
1 'polypeptide(L)'
;GGGRGAVEPMQIDVDPQEDPQNAPDVNYVVENPSLDLEQYAASYSGLMRIERLQFIADHCPTLRVEALKMALSFVQRTFN
VDMYEEIHRKLSEATRELQNAPDAIPESGVEPPALDTAWVEATRKKALLKLEKLDTDLKNYKGNSIKESIRRGHDDLGDH
YLDCGDLSNALKCYSRARDYCTSAKHVINMCLNVIKVSVYLQNWSHVLSYVSKAESTPEIAEQRGERDSQTQAILTKLKC
AAGLAELAARKYKQAAKCLLLASFDHCDFPELLSPSNVAIYGGLCALATFDRQELQRNVISSSSFKLFLELEPQVRDIIF
KFYESKYASCLKMLDEMKDNLLLDMYLAPHVRTLYTQIRNRALIQYFSPYVSADMHRMAAAFNTTVAALEDELTQLILEG
LISARVDSHSKILYARDVDQRSTTFEKSLLMGKEFQRRAKAMMLRAAVLRNQIHVKSPPREGSQGELTPANSQSRMSTNM
;
A,I,Q,Y,g,o
2 'polypeptide(L)'
;GGGRMSDMEDDFMCDDEEDYDLEYSEDSNSEPNVDLENQYYNSKALKEDDPKAALSSFQKVLELEGEKGEWGFKALKQMI
KINFKLTNFPEMMNRYKQLLTYIRSAVTRNYSEKSINSILDYISTSKQMDLLQEFYETTLEALKDAKNDRLWFKTNTKLG
KLYLEREEYGKLQKILRQLHQSCQTDDGEDDLKKGTQLLEIYALEIQMYTAQKNNKKLKALYEQSLHIKSAIPHPLIMGV
IRECGGKMHLREGEFEKAHTDFFEAFKNYDESGSPRRTTCLKYLVLANMLMKSGINPFDSQEAKPYKNDPEILAMTNLVS
AYQNNDITEFEKILKTNHSNIMDDPFIREHIEELLRNIRTQVLIKLIKPYTRIHIPFISKELNIDVADVESLLVQCILDN
TIHGRIDQVNQLLELDHQKRGGARYTALDKWTNQLNSLNQAVVSKLA
;
B,J,R,Z,h,p
3 'polypeptide(L)'
;GGGRMASALEQFVNSVRQLSAQGQMTQLCELINKSGELLAKNLSHLDTVLGALDVQEHSLGVLAVLFVKFSMPSVPDFET
LFSQVQLFISTCNGEHIRYATDTFAGLCHQLTNALVERKQPLRGIGILKQAIDKMQMNTNQLTSIHADLCQLCLLAKCFK
PALPYLDVDMMDICKENGAYDAKHFLCYYYYGGMIYTGLKNFERALYFYEQAITTPAMAVSHIMLESYKKYILVSLILLG
KVQQLPKYTSQIVGRFIKPLSNAYHELAQVYSTNNPSELRNLVNKHSETFTRDNNMGLVKQCLSSLYKKNIQRLTKTFLT
LSLQDMASRVQLSGPQEAEKYVLHMIEDGEIFASINQKDGMVSFHDNPEKYNNPAMLHNIDQEMLKCIELDERLKAMDQE
ITVNPQFVQKSMGSQEDDSGNKPSSYS
;
C,K,S,a,i,q
4 'polypeptide(L)'
;GGGRMAAAVRQDLAQLMNSSGSHKDLAGKYRQILEKAIQLSGAEQLEALKAFVEAMVNENVSLVISRQLLTDFCTHLPNL
PDSTAKEIYHFTLEKIQPRVISFEEQVASIRQHLASIYEKEEDWRNAAQVLVGIPLETGQKQYNVDYKLETYLKIARLYL
EDDDPVQAEAYINRASLLQNESTNEQLQIHYKVCYARVLDYRRKFIEAAQRYNELSYKTIVHESERLEALKHALHCTILA
SAGQQRSRMLATLFKDERCQQLAAYGILEKMYLDRIIRGNQLQEFAAMLMPHQKATTADGSSILDRAVIEHNLLSASKLY
NNITFEELGALLEIPAAKAEKIASQMITEGRMNGFIDQIDGIVHFETREALPTWDKQIQSLCFQVNNLLEKISQTAPEWT
AQAMEAQMAQ
;
D,L,T,b,j,r
5 'polypeptide(L)'
;GGGRELANNMQEAQSIDEIYKYDKKQQQEILAAKPWTKDHHYFKYCKISALALLKMVMHARSGGNLEVMGLMLGKVDGET
MIIMDSFALPVEGTETRVNAQAAAYEYMAAYIENAKQVGRLENAIGWYHSHPGYGCWLSGIDVSTQMLNQQFQEPFVAVV
IDPTRTISAGKVNLGAFRTYPKGYKPPDEGPSEYQTIPLNKIEDFGVHCKQYYALEVSYFKSSLDRKLLELLWNKYWVNT
LSSSSLLTNADYTTGQVFDLSEKLEQSEAQLGRGSFMLGLETHDRKSEDKLAKATRDSCKTTIEAIHGLMSQVIKDKLFN
QINIS
;
E,M,U,c,k,s
6 'polypeptide(L)'
;GGGRMAAAAAAAAATNGTGGSSGMEVDAAVVPSVMACGVTGSVSVALHPLVILNISDHWIRMRSQEGRPVQVIGALIGKQ
EGRNIEVMNSFELLSHTVEEKIIIDKEYYYTKEEQFKQVFKELEFLGWYTTGGPPDPSDIHVHKQVCEIIESPLFLKLNP
MTKHTDLPVSVFESVIDIINGEATMLFAELTYTLATEEAERIGVDHVARMTATGSGENSTVAEHLIAQHSAIKMLHSRVK
LILEYVKASEAGEVPFNHEILREAYALCHCLPVLSTDKFKTDFYDQCNDVGLMAYLGTITKTCNTMNQFVNKFNVLYDRQ
GIGRRMRGLFF
;
F,N,V,d,l,t
7 'polypeptide(L)'
;GGGRMSAEVKVTGQNQEQFLLLAKSAKGAALATLIHQVLEAPGVYVFGELLDMPNVRELAESDFASTFRLLTVFAYGTYA
DYLAEARNLPPLTEAQKNKLRHLSVVTLAAKVKCIPYAVLLEALALRNVRQLEDLVIEAVYADVLRGSLDQRNQRLEVDY
SIGRDIQRQDLSAIARTLQEWCVGCEVVLSGIEEQVSRANQHKEQQLGLKQQIESEVANLKK
;
G,O,W,e,m,u
8 'polypeptide(L)'
;GGGRMPVAVMAESAFSFKKLLDQCENQELEAPGGIATPPVYGQLLALYLLHNDMNNARYLWKRIPPAIKSANSELGGIWS
VGQRIWQRDFPGIYTTINAHQWSETVQPIMEALRDATRRRAFALVSQAYTSIIADDFAAFVGLPVEEAVKGILEQGWQAD
STTRMVLPRKPVAGALDVSFNKFIPLSEPAPVPPIPNEQQLARLTDYVAFLEN
;
H,P,X,f,n,v
#
loop_
_chem_comp.id
_chem_comp.type
_chem_comp.name
_chem_comp.formula
ZN non-polymer 'ZINC ION' 'Zn 2'
#
# COMPACT_ATOMS: atom_id res chain seq x y z
N VAL A 30 44.15 -27.05 -78.50
CA VAL A 30 43.95 -27.82 -77.24
C VAL A 30 45.23 -28.59 -76.90
N GLU A 31 45.99 -28.08 -75.91
CA GLU A 31 47.26 -28.71 -75.50
C GLU A 31 47.81 -28.11 -74.19
N ASN A 32 48.48 -28.96 -73.41
CA ASN A 32 49.22 -28.53 -72.22
C ASN A 32 50.44 -29.43 -72.00
N PRO A 33 51.65 -28.83 -71.93
CA PRO A 33 52.87 -29.63 -71.71
C PRO A 33 53.05 -30.10 -70.27
N SER A 34 52.73 -29.26 -69.30
CA SER A 34 52.81 -29.62 -67.88
C SER A 34 51.68 -30.56 -67.49
N LEU A 35 51.90 -31.85 -67.74
CA LEU A 35 50.91 -32.90 -67.49
C LEU A 35 51.60 -34.22 -67.15
N ASP A 36 51.30 -34.76 -65.97
CA ASP A 36 51.89 -36.02 -65.51
C ASP A 36 50.89 -37.17 -65.70
N LEU A 37 51.12 -37.96 -66.74
CA LEU A 37 50.26 -39.11 -67.06
C LEU A 37 50.41 -40.23 -66.03
N GLU A 38 51.59 -40.29 -65.40
CA GLU A 38 51.90 -41.33 -64.42
C GLU A 38 50.96 -41.26 -63.22
N GLN A 39 50.65 -40.05 -62.78
CA GLN A 39 49.70 -39.83 -61.71
C GLN A 39 48.26 -40.03 -62.20
N TYR A 40 47.98 -39.53 -63.40
CA TYR A 40 46.65 -39.66 -64.02
C TYR A 40 46.16 -41.12 -64.12
N ALA A 41 47.09 -42.05 -64.32
CA ALA A 41 46.77 -43.47 -64.36
C ALA A 41 46.80 -44.11 -62.97
N ALA A 42 47.63 -43.58 -62.08
CA ALA A 42 47.85 -44.16 -60.75
C ALA A 42 46.59 -44.29 -59.89
N SER A 43 45.84 -43.20 -59.75
CA SER A 43 44.69 -43.15 -58.84
C SER A 43 43.39 -43.75 -59.41
N TYR A 44 43.42 -44.15 -60.68
CA TYR A 44 42.23 -44.68 -61.37
C TYR A 44 42.40 -46.15 -61.77
N SER A 45 41.28 -46.82 -62.00
CA SER A 45 41.27 -48.22 -62.47
C SER A 45 39.91 -48.58 -63.07
N GLY A 46 39.77 -49.82 -63.53
CA GLY A 46 38.56 -50.25 -64.22
C GLY A 46 38.49 -49.59 -65.58
N LEU A 47 37.28 -49.28 -66.03
CA LEU A 47 37.06 -48.65 -67.34
C LEU A 47 37.52 -47.20 -67.30
N MET A 48 37.41 -46.59 -66.12
CA MET A 48 37.80 -45.19 -65.92
C MET A 48 39.24 -44.92 -66.39
N ARG A 49 40.14 -45.89 -66.22
CA ARG A 49 41.51 -45.74 -66.71
C ARG A 49 41.52 -45.61 -68.23
N ILE A 50 40.75 -46.47 -68.90
CA ILE A 50 40.69 -46.46 -70.36
C ILE A 50 39.95 -45.22 -70.90
N GLU A 51 38.85 -44.84 -70.24
CA GLU A 51 38.08 -43.66 -70.67
C GLU A 51 38.88 -42.35 -70.55
N ARG A 52 39.58 -42.20 -69.41
CA ARG A 52 40.34 -40.97 -69.14
C ARG A 52 41.61 -40.87 -69.97
N LEU A 53 42.34 -41.98 -70.07
CA LEU A 53 43.56 -42.04 -70.89
C LEU A 53 43.26 -41.73 -72.36
N GLN A 54 42.11 -42.18 -72.85
CA GLN A 54 41.71 -41.97 -74.24
C GLN A 54 41.26 -40.53 -74.51
N PHE A 55 40.65 -39.89 -73.51
CA PHE A 55 40.25 -38.48 -73.65
C PHE A 55 41.46 -37.54 -73.63
N ILE A 56 42.51 -37.94 -72.92
CA ILE A 56 43.76 -37.19 -72.87
C ILE A 56 44.48 -37.27 -74.21
N ALA A 57 44.68 -38.49 -74.70
CA ALA A 57 45.27 -38.72 -76.02
C ALA A 57 44.52 -37.98 -77.12
N ASP A 58 43.18 -37.91 -76.99
CA ASP A 58 42.34 -37.17 -77.94
C ASP A 58 42.69 -35.70 -77.98
N HIS A 59 42.31 -34.95 -76.94
CA HIS A 59 42.46 -33.50 -76.94
C HIS A 59 43.88 -33.00 -76.68
N CYS A 60 44.75 -33.83 -76.11
CA CYS A 60 46.15 -33.46 -75.85
C CYS A 60 47.12 -34.20 -76.77
N PRO A 61 47.60 -33.52 -77.84
CA PRO A 61 48.70 -34.04 -78.64
C PRO A 61 50.05 -33.75 -77.99
N THR A 62 51.13 -34.24 -78.62
CA THR A 62 52.49 -34.26 -78.04
C THR A 62 52.62 -35.33 -76.94
N LEU A 63 51.66 -35.35 -76.01
CA LEU A 63 51.51 -36.44 -75.05
C LEU A 63 50.44 -37.46 -75.51
N ARG A 64 50.25 -37.57 -76.82
CA ARG A 64 49.48 -38.65 -77.44
C ARG A 64 50.41 -39.84 -77.73
N VAL A 65 51.69 -39.54 -77.92
CA VAL A 65 52.76 -40.54 -77.98
C VAL A 65 52.68 -41.45 -76.75
N GLU A 66 52.54 -40.82 -75.58
CA GLU A 66 52.55 -41.51 -74.30
C GLU A 66 51.19 -42.10 -73.96
N ALA A 67 50.15 -41.27 -74.04
CA ALA A 67 48.81 -41.61 -73.55
C ALA A 67 48.19 -42.86 -74.18
N LEU A 68 48.54 -43.15 -75.43
CA LEU A 68 48.01 -44.33 -76.12
C LEU A 68 48.78 -45.61 -75.74
N LYS A 69 50.02 -45.48 -75.30
CA LYS A 69 50.80 -46.62 -74.81
C LYS A 69 50.29 -47.12 -73.45
N MET A 70 49.81 -46.18 -72.62
CA MET A 70 49.36 -46.50 -71.27
C MET A 70 47.95 -47.11 -71.23
N ALA A 71 47.14 -46.78 -72.24
CA ALA A 71 45.83 -47.42 -72.41
C ALA A 71 46.00 -48.84 -72.95
N LEU A 72 46.97 -49.02 -73.86
CA LEU A 72 47.24 -50.31 -74.48
C LEU A 72 47.59 -51.40 -73.46
N SER A 73 48.51 -51.10 -72.54
CA SER A 73 49.03 -52.10 -71.62
C SER A 73 47.98 -52.68 -70.67
N PHE A 74 47.15 -51.82 -70.07
CA PHE A 74 46.11 -52.29 -69.13
C PHE A 74 44.91 -52.92 -69.86
N VAL A 75 44.72 -52.59 -71.14
CA VAL A 75 43.70 -53.25 -71.97
C VAL A 75 44.09 -54.71 -72.23
N GLN A 76 45.38 -54.99 -72.28
CA GLN A 76 45.86 -56.37 -72.47
C GLN A 76 45.70 -57.22 -71.19
N ARG A 77 45.52 -56.57 -70.05
CA ARG A 77 45.05 -57.24 -68.84
C ARG A 77 43.53 -57.11 -68.77
N THR A 78 42.93 -57.80 -67.81
CA THR A 78 41.47 -57.80 -67.62
C THR A 78 40.70 -58.36 -68.83
N PHE A 79 41.31 -59.31 -69.54
CA PHE A 79 40.70 -59.98 -70.72
C PHE A 79 39.81 -59.07 -71.58
N ASN A 80 40.45 -58.14 -72.30
CA ASN A 80 39.73 -57.08 -73.03
C ASN A 80 40.14 -57.01 -74.51
N VAL A 81 39.23 -57.38 -75.40
CA VAL A 81 39.45 -57.28 -76.86
C VAL A 81 38.69 -56.09 -77.48
N ASP A 82 37.48 -55.82 -76.99
CA ASP A 82 36.68 -54.67 -77.44
C ASP A 82 37.47 -53.36 -77.36
N MET A 83 38.30 -53.22 -76.33
CA MET A 83 39.12 -52.02 -76.13
C MET A 83 40.47 -52.08 -76.88
N TYR A 84 41.03 -53.28 -77.05
CA TYR A 84 42.29 -53.44 -77.78
C TYR A 84 42.12 -53.14 -79.27
N GLU A 85 41.03 -53.63 -79.85
CA GLU A 85 40.68 -53.35 -81.24
C GLU A 85 40.38 -51.86 -81.46
N GLU A 86 39.94 -51.18 -80.39
CA GLU A 86 39.73 -49.74 -80.41
C GLU A 86 41.04 -48.98 -80.17
N ILE A 87 41.69 -49.25 -79.04
CA ILE A 87 42.88 -48.51 -78.61
C ILE A 87 44.07 -48.68 -79.58
N HIS A 88 44.39 -49.92 -79.91
CA HIS A 88 45.56 -50.19 -80.76
C HIS A 88 45.39 -49.63 -82.19
N ARG A 89 44.14 -49.55 -82.65
CA ARG A 89 43.87 -48.93 -83.95
C ARG A 89 44.24 -47.45 -83.94
N LYS A 90 44.09 -46.78 -82.80
CA LYS A 90 44.52 -45.39 -82.63
C LYS A 90 46.04 -45.25 -82.59
N LEU A 91 46.72 -46.21 -81.96
CA LEU A 91 48.19 -46.25 -81.94
C LEU A 91 48.79 -46.22 -83.35
N SER A 92 48.13 -46.90 -84.29
CA SER A 92 48.57 -46.91 -85.69
C SER A 92 48.44 -45.52 -86.31
N GLU A 93 47.24 -44.93 -86.22
CA GLU A 93 46.99 -43.59 -86.78
C GLU A 93 47.73 -42.50 -86.02
N ALA A 94 48.09 -42.76 -84.76
CA ALA A 94 48.92 -41.85 -83.97
C ALA A 94 50.33 -41.80 -84.53
N THR A 95 50.96 -42.97 -84.66
CA THR A 95 52.32 -43.07 -85.21
C THR A 95 52.34 -42.70 -86.71
N ARG A 96 51.21 -42.85 -87.39
CA ARG A 96 51.08 -42.43 -88.78
C ARG A 96 51.27 -40.93 -88.94
N GLU A 97 50.60 -40.17 -88.08
CA GLU A 97 50.68 -38.71 -88.10
C GLU A 97 52.00 -38.18 -87.53
N LEU A 98 52.70 -39.01 -86.76
CA LEU A 98 54.02 -38.67 -86.22
C LEU A 98 55.15 -38.87 -87.25
N GLN A 99 54.89 -39.64 -88.30
CA GLN A 99 55.82 -39.76 -89.42
C GLN A 99 55.63 -38.65 -90.46
N ASN A 100 54.65 -37.78 -90.22
CA ASN A 100 54.39 -36.62 -91.07
C ASN A 100 55.13 -35.35 -90.61
N ALA A 101 55.93 -35.46 -89.54
CA ALA A 101 56.76 -34.34 -89.05
C ALA A 101 58.13 -34.26 -89.74
N PRO A 102 58.84 -35.40 -89.90
CA PRO A 102 60.10 -35.37 -90.66
C PRO A 102 59.89 -35.09 -92.14
N PRO A 113 54.71 -49.91 -83.53
CA PRO A 113 53.83 -50.95 -83.02
C PRO A 113 53.13 -51.71 -84.14
N ALA A 114 52.69 -52.93 -83.83
CA ALA A 114 52.01 -53.79 -84.81
C ALA A 114 50.83 -54.53 -84.17
N LEU A 115 49.80 -54.82 -84.96
CA LEU A 115 48.60 -55.53 -84.49
C LEU A 115 48.96 -56.97 -84.12
N ASP A 116 49.14 -57.21 -82.82
CA ASP A 116 49.52 -58.53 -82.31
C ASP A 116 48.32 -59.47 -82.38
N THR A 117 48.03 -59.95 -83.59
CA THR A 117 46.88 -60.86 -83.83
C THR A 117 47.09 -62.24 -83.19
N ALA A 118 48.34 -62.57 -82.86
CA ALA A 118 48.64 -63.75 -82.05
C ALA A 118 48.02 -63.64 -80.66
N TRP A 119 47.99 -62.42 -80.12
CA TRP A 119 47.37 -62.15 -78.82
C TRP A 119 45.86 -61.93 -78.91
N VAL A 120 45.40 -61.27 -79.98
CA VAL A 120 43.98 -60.95 -80.15
C VAL A 120 43.13 -62.23 -80.18
N GLU A 121 43.69 -63.31 -80.73
CA GLU A 121 43.05 -64.64 -80.69
C GLU A 121 43.12 -65.23 -79.28
N ALA A 122 44.30 -65.13 -78.65
CA ALA A 122 44.58 -65.76 -77.35
C ALA A 122 43.58 -65.36 -76.25
N THR A 123 43.45 -64.05 -76.02
CA THR A 123 42.53 -63.53 -75.00
C THR A 123 41.06 -63.78 -75.37
N ARG A 124 40.78 -63.80 -76.67
CA ARG A 124 39.41 -63.87 -77.17
C ARG A 124 38.73 -65.22 -76.92
N LYS A 125 39.40 -66.30 -77.32
CA LYS A 125 38.86 -67.65 -77.06
C LYS A 125 38.94 -68.01 -75.58
N LYS A 126 39.98 -67.54 -74.90
CA LYS A 126 40.07 -67.67 -73.44
C LYS A 126 38.84 -67.06 -72.78
N ALA A 127 38.53 -65.81 -73.15
CA ALA A 127 37.39 -65.09 -72.60
C ALA A 127 36.05 -65.72 -73.02
N LEU A 128 35.93 -66.07 -74.29
CA LEU A 128 34.68 -66.62 -74.85
C LEU A 128 34.22 -67.90 -74.15
N LEU A 129 35.19 -68.74 -73.76
CA LEU A 129 34.89 -69.98 -73.05
C LEU A 129 34.70 -69.76 -71.53
N LYS A 130 35.38 -68.77 -70.98
CA LYS A 130 35.19 -68.39 -69.56
C LYS A 130 33.78 -67.87 -69.29
N LEU A 131 33.15 -67.28 -70.32
CA LEU A 131 31.75 -66.90 -70.25
C LEU A 131 30.88 -68.13 -70.00
N GLU A 132 31.12 -69.17 -70.78
CA GLU A 132 30.31 -70.39 -70.72
C GLU A 132 30.51 -71.17 -69.42
N LYS A 133 31.69 -71.02 -68.81
CA LYS A 133 31.96 -71.59 -67.50
C LYS A 133 31.11 -70.90 -66.45
N LEU A 134 31.14 -69.57 -66.46
CA LEU A 134 30.33 -68.77 -65.53
C LEU A 134 28.83 -68.87 -65.84
N ASP A 135 28.49 -69.11 -67.11
CA ASP A 135 27.09 -69.40 -67.51
C ASP A 135 26.55 -70.61 -66.77
N THR A 136 27.26 -71.73 -66.87
CA THR A 136 26.88 -72.96 -66.19
C THR A 136 26.98 -72.83 -64.67
N ASP A 137 27.94 -72.02 -64.19
CA ASP A 137 28.06 -71.75 -62.75
C ASP A 137 26.80 -71.09 -62.19
N LEU A 138 26.26 -70.11 -62.91
CA LEU A 138 25.01 -69.46 -62.52
C LEU A 138 23.82 -70.40 -62.72
N LYS A 139 23.81 -71.14 -63.83
CA LYS A 139 22.72 -72.08 -64.14
C LYS A 139 22.69 -73.27 -63.19
N ASN A 140 23.85 -73.63 -62.63
CA ASN A 140 23.93 -74.66 -61.59
C ASN A 140 23.84 -74.06 -60.17
N TYR A 141 23.93 -72.73 -60.06
CA TYR A 141 23.54 -72.02 -58.83
C TYR A 141 22.03 -71.84 -58.77
N LYS A 142 21.41 -71.64 -59.93
CA LYS A 142 19.94 -71.55 -60.02
C LYS A 142 19.26 -72.90 -59.74
N GLY A 143 19.95 -73.99 -60.07
CA GLY A 143 19.47 -75.33 -59.75
C GLY A 143 19.52 -75.70 -58.28
N ASN A 144 20.41 -75.02 -57.53
CA ASN A 144 20.54 -75.21 -56.08
C ASN A 144 19.40 -74.54 -55.29
N SER A 145 18.95 -73.38 -55.76
CA SER A 145 17.92 -72.57 -55.09
C SER A 145 18.44 -71.95 -53.79
N ILE A 146 19.66 -71.42 -53.84
CA ILE A 146 20.26 -70.71 -52.71
C ILE A 146 20.21 -69.22 -53.03
N LYS A 147 19.86 -68.42 -52.03
CA LYS A 147 19.67 -66.97 -52.23
C LYS A 147 20.99 -66.22 -52.42
N GLU A 148 21.97 -66.55 -51.59
CA GLU A 148 23.27 -65.86 -51.60
C GLU A 148 24.24 -66.42 -52.64
N SER A 149 24.10 -67.70 -52.99
CA SER A 149 24.98 -68.34 -53.98
C SER A 149 24.69 -67.88 -55.41
N ILE A 150 23.43 -67.57 -55.71
CA ILE A 150 23.03 -67.08 -57.04
C ILE A 150 23.45 -65.61 -57.25
N ARG A 151 23.38 -64.81 -56.18
CA ARG A 151 23.88 -63.43 -56.24
C ARG A 151 25.40 -63.38 -56.39
N ARG A 152 26.08 -64.39 -55.84
CA ARG A 152 27.52 -64.56 -56.01
C ARG A 152 27.87 -64.90 -57.46
N GLY A 153 27.06 -65.76 -58.07
CA GLY A 153 27.19 -66.08 -59.48
C GLY A 153 26.98 -64.85 -60.34
N HIS A 154 25.85 -64.18 -60.14
CA HIS A 154 25.49 -62.96 -60.90
C HIS A 154 26.61 -61.92 -60.92
N ASP A 155 27.18 -61.63 -59.75
CA ASP A 155 28.24 -60.63 -59.64
C ASP A 155 29.52 -61.04 -60.38
N ASP A 156 29.74 -62.35 -60.56
CA ASP A 156 30.86 -62.85 -61.37
C ASP A 156 30.62 -62.66 -62.87
N LEU A 157 29.37 -62.89 -63.30
CA LEU A 157 29.00 -62.73 -64.72
C LEU A 157 29.19 -61.30 -65.19
N GLY A 158 28.54 -60.37 -64.50
CA GLY A 158 28.65 -58.95 -64.80
C GLY A 158 30.08 -58.46 -64.84
N ASP A 159 30.90 -58.99 -63.94
CA ASP A 159 32.32 -58.63 -63.88
C ASP A 159 33.07 -59.00 -65.15
N HIS A 160 32.91 -60.24 -65.62
CA HIS A 160 33.68 -60.68 -66.80
C HIS A 160 33.08 -60.21 -68.13
N TYR A 161 31.85 -59.70 -68.10
CA TYR A 161 31.31 -59.00 -69.27
C TYR A 161 31.76 -57.54 -69.30
N LEU A 162 31.95 -56.94 -68.12
CA LEU A 162 32.63 -55.64 -68.01
C LEU A 162 34.06 -55.76 -68.52
N ASP A 163 34.76 -56.78 -68.03
CA ASP A 163 36.15 -57.06 -68.44
C ASP A 163 36.35 -56.96 -69.94
N CYS A 164 35.48 -57.61 -70.71
CA CYS A 164 35.61 -57.67 -72.16
C CYS A 164 35.09 -56.41 -72.89
N GLY A 165 34.76 -55.35 -72.14
CA GLY A 165 34.31 -54.10 -72.74
C GLY A 165 32.82 -54.04 -73.06
N ASP A 166 32.11 -55.14 -72.85
CA ASP A 166 30.68 -55.21 -73.15
C ASP A 166 29.89 -54.59 -72.00
N LEU A 167 29.18 -53.51 -72.30
CA LEU A 167 28.50 -52.74 -71.28
C LEU A 167 27.06 -53.18 -71.12
N SER A 168 26.33 -53.22 -72.23
CA SER A 168 24.91 -53.58 -72.25
C SER A 168 24.63 -54.93 -71.59
N ASN A 169 25.54 -55.88 -71.78
CA ASN A 169 25.45 -57.18 -71.11
C ASN A 169 25.81 -57.07 -69.64
N ALA A 170 26.98 -56.47 -69.37
CA ALA A 170 27.42 -56.23 -68.00
C ALA A 170 26.35 -55.55 -67.15
N LEU A 171 25.65 -54.60 -67.76
CA LEU A 171 24.51 -53.91 -67.15
C LEU A 171 23.51 -54.88 -66.51
N LYS A 172 23.03 -55.83 -67.31
CA LYS A 172 21.90 -56.68 -66.92
C LYS A 172 22.22 -57.63 -65.77
N CYS A 173 23.46 -58.14 -65.71
CA CYS A 173 23.87 -59.12 -64.70
C CYS A 173 23.54 -58.68 -63.27
N TYR A 174 23.78 -57.41 -62.98
CA TYR A 174 23.50 -56.87 -61.65
C TYR A 174 22.01 -56.64 -61.44
N SER A 175 21.29 -56.33 -62.52
CA SER A 175 19.85 -56.08 -62.44
C SER A 175 19.06 -57.28 -61.91
N ARG A 176 19.37 -58.48 -62.43
CA ARG A 176 18.71 -59.72 -61.97
C ARG A 176 19.18 -60.12 -60.56
N ALA A 177 20.37 -59.68 -60.17
CA ALA A 177 20.88 -59.91 -58.82
C ALA A 177 20.07 -59.21 -57.71
N ARG A 178 19.13 -58.33 -58.10
CA ARG A 178 18.20 -57.70 -57.17
C ARG A 178 17.19 -58.70 -56.61
N ASP A 179 16.76 -59.65 -57.44
CA ASP A 179 15.78 -60.66 -57.04
C ASP A 179 16.33 -61.61 -55.97
N TYR A 180 17.57 -62.07 -56.17
CA TYR A 180 18.20 -63.01 -55.24
C TYR A 180 18.87 -62.28 -54.07
N CYS A 181 18.05 -61.70 -53.20
CA CYS A 181 18.51 -60.93 -52.04
C CYS A 181 17.57 -61.12 -50.85
N THR A 182 18.01 -60.64 -49.69
CA THR A 182 17.22 -60.69 -48.48
C THR A 182 17.41 -59.41 -47.67
N SER A 183 18.64 -59.16 -47.24
CA SER A 183 18.98 -58.00 -46.41
C SER A 183 18.98 -56.68 -47.17
N ALA A 184 19.12 -55.58 -46.43
CA ALA A 184 19.26 -54.25 -47.01
C ALA A 184 20.64 -54.08 -47.63
N LYS A 185 21.67 -54.64 -46.98
CA LYS A 185 23.05 -54.58 -47.48
C LYS A 185 23.23 -55.27 -48.85
N HIS A 186 22.45 -56.33 -49.11
CA HIS A 186 22.51 -57.02 -50.40
C HIS A 186 21.83 -56.22 -51.51
N VAL A 187 20.74 -55.52 -51.17
CA VAL A 187 20.05 -54.65 -52.13
C VAL A 187 20.85 -53.36 -52.37
N ILE A 188 21.76 -53.02 -51.45
CA ILE A 188 22.69 -51.89 -51.63
C ILE A 188 23.95 -52.34 -52.38
N ASN A 189 24.60 -53.39 -51.91
CA ASN A 189 25.85 -53.91 -52.51
C ASN A 189 25.73 -54.25 -54.00
N MET A 190 24.49 -54.43 -54.48
CA MET A 190 24.20 -54.53 -55.90
C MET A 190 23.87 -53.13 -56.48
N CYS A 191 23.02 -52.36 -55.81
CA CYS A 191 22.67 -51.00 -56.25
C CYS A 191 23.87 -50.08 -56.45
N LEU A 192 24.95 -50.35 -55.71
CA LEU A 192 26.23 -49.66 -55.92
C LEU A 192 26.83 -50.04 -57.28
N ASN A 193 26.79 -51.33 -57.61
CA ASN A 193 27.28 -51.81 -58.91
C ASN A 193 26.41 -51.32 -60.07
N VAL A 194 25.10 -51.29 -59.85
CA VAL A 194 24.13 -50.77 -60.83
C VAL A 194 24.57 -49.40 -61.35
N ILE A 195 25.01 -48.56 -60.43
CA ILE A 195 25.44 -47.21 -60.76
C ILE A 195 26.79 -47.25 -61.49
N LYS A 196 27.75 -48.01 -60.95
CA LYS A 196 29.10 -48.11 -61.52
C LYS A 196 29.07 -48.20 -63.05
N VAL A 197 28.16 -49.03 -63.57
CA VAL A 197 28.07 -49.26 -65.01
C VAL A 197 27.31 -48.13 -65.71
N SER A 198 26.24 -47.64 -65.10
CA SER A 198 25.47 -46.52 -65.66
C SER A 198 26.25 -45.20 -65.74
N VAL A 199 27.47 -45.19 -65.19
CA VAL A 199 28.42 -44.07 -65.36
C VAL A 199 29.24 -44.22 -66.64
N TYR A 200 29.71 -45.44 -66.90
CA TYR A 200 30.46 -45.73 -68.13
C TYR A 200 29.54 -45.67 -69.35
N LEU A 201 28.28 -46.05 -69.16
CA LEU A 201 27.24 -45.95 -70.19
C LEU A 201 26.84 -44.51 -70.51
N GLN A 202 26.94 -43.64 -69.51
CA GLN A 202 26.53 -42.22 -69.60
C GLN A 202 25.02 -42.06 -69.74
N ASN A 203 24.30 -42.81 -68.91
CA ASN A 203 22.90 -42.57 -68.61
C ASN A 203 22.84 -42.15 -67.15
N TRP A 204 23.13 -40.88 -66.92
CA TRP A 204 23.26 -40.32 -65.58
C TRP A 204 21.90 -40.21 -64.89
N SER A 205 20.84 -40.16 -65.70
CA SER A 205 19.47 -40.13 -65.18
C SER A 205 19.17 -41.36 -64.32
N HIS A 206 19.70 -42.52 -64.72
CA HIS A 206 19.52 -43.76 -63.97
C HIS A 206 20.62 -43.98 -62.92
N VAL A 207 21.74 -43.27 -63.07
CA VAL A 207 22.73 -43.17 -61.99
C VAL A 207 22.07 -42.59 -60.75
N LEU A 208 21.30 -41.52 -60.94
CA LEU A 208 20.64 -40.82 -59.83
C LEU A 208 19.38 -41.55 -59.34
N SER A 209 18.68 -42.24 -60.24
CA SER A 209 17.49 -43.01 -59.87
C SER A 209 17.79 -44.10 -58.85
N TYR A 210 18.98 -44.71 -58.95
CA TYR A 210 19.39 -45.79 -58.06
C TYR A 210 20.28 -45.32 -56.90
N VAL A 211 20.78 -44.09 -56.95
CA VAL A 211 21.37 -43.45 -55.77
C VAL A 211 20.24 -43.03 -54.84
N SER A 212 19.17 -42.47 -55.40
CA SER A 212 17.98 -42.05 -54.63
C SER A 212 17.31 -43.23 -53.94
N LYS A 213 17.35 -44.40 -54.59
CA LYS A 213 16.89 -45.64 -53.99
C LYS A 213 17.86 -46.12 -52.91
N ALA A 214 19.13 -46.25 -53.29
CA ALA A 214 20.19 -46.76 -52.39
C ALA A 214 20.39 -45.91 -51.14
N GLU A 215 20.19 -44.59 -51.26
CA GLU A 215 20.32 -43.68 -50.11
C GLU A 215 19.29 -43.99 -49.04
N SER A 216 18.01 -43.93 -49.41
CA SER A 216 16.91 -44.22 -48.48
C SER A 216 16.49 -45.69 -48.56
N THR A 217 17.47 -46.59 -48.46
CA THR A 217 17.21 -48.04 -48.49
C THR A 217 17.12 -48.63 -47.06
N PRO A 218 18.23 -48.62 -46.29
CA PRO A 218 18.16 -49.23 -44.97
C PRO A 218 17.63 -48.26 -43.89
N GLU A 219 16.39 -47.81 -44.05
CA GLU A 219 15.76 -46.82 -43.17
C GLU A 219 16.61 -45.55 -42.98
N ILE A 220 16.95 -44.91 -44.10
CA ILE A 220 17.74 -43.66 -44.12
C ILE A 220 19.18 -43.88 -43.60
N ALA A 221 19.91 -44.77 -44.27
CA ALA A 221 21.33 -45.05 -43.99
C ALA A 221 21.60 -45.61 -42.58
N GLU A 222 20.77 -46.56 -42.16
CA GLU A 222 20.86 -47.19 -40.81
C GLU A 222 20.70 -46.20 -39.64
N GLN A 223 19.98 -45.10 -39.91
CA GLN A 223 19.63 -44.07 -38.90
C GLN A 223 20.79 -43.14 -38.49
N ARG A 224 21.70 -43.62 -37.64
CA ARG A 224 22.76 -42.77 -37.07
C ARG A 224 24.09 -42.83 -37.84
N GLY A 225 24.29 -43.89 -38.63
CA GLY A 225 25.54 -44.11 -39.35
C GLY A 225 26.44 -45.11 -38.64
N GLU A 226 25.87 -46.23 -38.21
CA GLU A 226 26.59 -47.32 -37.54
C GLU A 226 27.29 -46.93 -36.22
N ARG A 227 26.64 -46.07 -35.44
CA ARG A 227 27.14 -45.68 -34.10
C ARG A 227 28.55 -45.07 -34.08
N ASP A 228 28.62 -43.75 -34.28
CA ASP A 228 29.86 -42.96 -34.15
C ASP A 228 31.02 -43.45 -35.01
N SER A 229 31.12 -42.93 -36.24
CA SER A 229 32.22 -43.21 -37.18
C SER A 229 32.19 -44.67 -37.69
N GLN A 230 31.91 -44.83 -38.99
CA GLN A 230 31.73 -46.14 -39.60
C GLN A 230 32.99 -46.58 -40.38
N THR A 231 33.41 -47.84 -40.17
CA THR A 231 34.52 -48.43 -40.93
C THR A 231 34.13 -48.54 -42.41
N GLN A 232 32.88 -48.88 -42.65
CA GLN A 232 32.32 -48.95 -44.00
C GLN A 232 32.00 -47.53 -44.50
N ALA A 233 32.89 -46.95 -45.29
CA ALA A 233 32.67 -45.64 -45.89
C ALA A 233 31.81 -45.78 -47.14
N ILE A 234 30.50 -45.66 -46.96
CA ILE A 234 29.52 -46.00 -48.02
C ILE A 234 28.91 -44.77 -48.69
N LEU A 235 28.35 -43.86 -47.89
CA LEU A 235 27.73 -42.63 -48.42
C LEU A 235 28.76 -41.66 -49.04
N THR A 236 30.02 -41.79 -48.62
CA THR A 236 31.14 -41.10 -49.24
C THR A 236 31.28 -41.47 -50.72
N LYS A 237 30.86 -42.69 -51.07
CA LYS A 237 30.80 -43.15 -52.46
C LYS A 237 29.49 -42.65 -53.09
N LEU A 238 28.37 -42.85 -52.39
CA LEU A 238 27.02 -42.49 -52.90
C LEU A 238 26.87 -41.01 -53.25
N LYS A 239 27.66 -40.16 -52.60
CA LYS A 239 27.68 -38.73 -52.90
C LYS A 239 28.77 -38.35 -53.94
N CYS A 240 29.77 -39.22 -54.12
CA CYS A 240 30.72 -39.10 -55.23
C CYS A 240 30.02 -39.19 -56.59
N ALA A 241 29.02 -40.06 -56.69
CA ALA A 241 28.26 -40.27 -57.92
C ALA A 241 27.09 -39.30 -58.05
N ALA A 242 26.32 -39.15 -56.97
CA ALA A 242 25.21 -38.19 -56.93
C ALA A 242 25.64 -36.79 -57.36
N GLY A 243 26.90 -36.45 -57.06
CA GLY A 243 27.50 -35.19 -57.51
C GLY A 243 27.95 -35.25 -58.96
N LEU A 244 28.82 -36.22 -59.28
CA LEU A 244 29.38 -36.33 -60.63
C LEU A 244 28.30 -36.50 -61.70
N ALA A 245 27.18 -37.13 -61.32
CA ALA A 245 26.02 -37.23 -62.20
C ALA A 245 25.38 -35.86 -62.45
N GLU A 246 25.36 -35.03 -61.41
CA GLU A 246 24.88 -33.66 -61.55
C GLU A 246 25.89 -32.75 -62.25
N LEU A 247 27.18 -33.03 -62.08
CA LEU A 247 28.24 -32.26 -62.76
C LEU A 247 28.00 -32.19 -64.27
N ALA A 248 27.79 -33.36 -64.87
CA ALA A 248 27.46 -33.45 -66.29
C ALA A 248 26.11 -32.79 -66.59
N ALA A 249 25.18 -32.88 -65.63
CA ALA A 249 23.84 -32.31 -65.78
C ALA A 249 23.73 -30.81 -65.44
N ARG A 250 24.86 -30.09 -65.47
CA ARG A 250 24.91 -28.62 -65.34
C ARG A 250 24.56 -28.03 -63.97
N LYS A 251 23.96 -28.83 -63.08
CA LYS A 251 23.62 -28.34 -61.72
C LYS A 251 24.88 -28.30 -60.86
N TYR A 252 25.71 -27.29 -61.08
CA TYR A 252 27.00 -27.18 -60.40
C TYR A 252 26.82 -26.88 -58.92
N LYS A 253 25.72 -26.22 -58.57
CA LYS A 253 25.38 -25.96 -57.18
C LYS A 253 24.90 -27.22 -56.47
N GLN A 254 24.01 -27.98 -57.13
CA GLN A 254 23.57 -29.26 -56.59
C GLN A 254 24.73 -30.25 -56.55
N ALA A 255 25.65 -30.13 -57.51
CA ALA A 255 26.86 -30.95 -57.57
C ALA A 255 27.81 -30.64 -56.41
N ALA A 256 27.98 -29.36 -56.11
CA ALA A 256 28.80 -28.94 -54.99
C ALA A 256 28.27 -29.46 -53.65
N LYS A 257 26.95 -29.48 -53.49
CA LYS A 257 26.33 -29.99 -52.26
C LYS A 257 26.66 -31.46 -52.02
N CYS A 258 26.73 -32.25 -53.09
CA CYS A 258 27.08 -33.66 -52.99
C CYS A 258 28.60 -33.88 -52.92
N LEU A 259 29.38 -33.02 -53.56
CA LEU A 259 30.86 -33.14 -53.54
C LEU A 259 31.53 -32.52 -52.30
N LEU A 260 30.84 -31.58 -51.65
CA LEU A 260 31.35 -30.98 -50.39
C LEU A 260 31.18 -31.91 -49.19
N LEU A 261 30.14 -32.75 -49.22
CA LEU A 261 29.88 -33.74 -48.17
C LEU A 261 30.81 -34.95 -48.25
N ALA A 262 31.53 -35.09 -49.37
CA ALA A 262 32.49 -36.17 -49.56
C ALA A 262 33.57 -36.15 -48.48
N SER A 263 33.44 -37.03 -47.50
CA SER A 263 34.42 -37.17 -46.43
C SER A 263 35.66 -37.91 -46.92
N PHE A 264 36.73 -37.84 -46.14
CA PHE A 264 38.03 -38.43 -46.51
C PHE A 264 38.19 -39.87 -45.98
N ASP A 265 37.07 -40.61 -45.90
CA ASP A 265 37.08 -42.04 -45.53
C ASP A 265 37.33 -42.92 -46.76
N HIS A 266 36.69 -42.56 -47.88
CA HIS A 266 36.74 -43.37 -49.10
C HIS A 266 38.03 -43.09 -49.91
N CYS A 267 38.52 -41.85 -49.87
CA CYS A 267 39.76 -41.45 -50.57
C CYS A 267 39.86 -42.02 -52.01
N ASP A 268 40.67 -43.06 -52.21
CA ASP A 268 40.91 -43.64 -53.55
C ASP A 268 39.83 -44.67 -53.92
N PHE A 269 38.84 -44.20 -54.68
CA PHE A 269 37.81 -45.07 -55.27
C PHE A 269 37.97 -45.00 -56.78
N PRO A 270 38.96 -45.72 -57.34
CA PRO A 270 39.42 -45.60 -58.74
C PRO A 270 38.37 -45.80 -59.87
N GLU A 271 37.26 -46.50 -59.59
CA GLU A 271 36.27 -46.80 -60.64
C GLU A 271 35.25 -45.69 -60.90
N LEU A 272 35.38 -44.56 -60.19
CA LEU A 272 34.61 -43.34 -60.50
C LEU A 272 35.52 -42.10 -60.55
N LEU A 273 35.87 -41.55 -59.39
CA LEU A 273 36.62 -40.29 -59.33
C LEU A 273 37.54 -40.22 -58.11
N SER A 274 38.78 -39.82 -58.36
CA SER A 274 39.81 -39.74 -57.33
C SER A 274 39.49 -38.64 -56.32
N PRO A 275 40.13 -38.70 -55.13
CA PRO A 275 39.93 -37.64 -54.13
C PRO A 275 40.67 -36.34 -54.49
N SER A 276 41.77 -36.46 -55.24
CA SER A 276 42.50 -35.30 -55.75
C SER A 276 41.66 -34.48 -56.73
N ASN A 277 40.66 -35.13 -57.34
CA ASN A 277 39.71 -34.46 -58.21
C ASN A 277 38.46 -33.96 -57.48
N VAL A 278 37.96 -34.75 -56.52
CA VAL A 278 36.81 -34.34 -55.69
C VAL A 278 37.01 -32.93 -55.12
N ALA A 279 38.27 -32.60 -54.81
CA ALA A 279 38.65 -31.25 -54.37
C ALA A 279 38.59 -30.23 -55.50
N ILE A 280 39.13 -30.59 -56.66
CA ILE A 280 39.13 -29.73 -57.84
C ILE A 280 37.70 -29.48 -58.33
N TYR A 281 36.89 -30.54 -58.32
CA TYR A 281 35.55 -30.52 -58.91
C TYR A 281 34.56 -29.77 -58.01
N GLY A 282 34.38 -30.25 -56.79
CA GLY A 282 33.45 -29.66 -55.84
C GLY A 282 33.82 -28.26 -55.38
N GLY A 283 35.12 -27.96 -55.39
CA GLY A 283 35.61 -26.63 -55.03
C GLY A 283 35.25 -25.57 -56.06
N LEU A 284 35.67 -25.80 -57.30
CA LEU A 284 35.35 -24.88 -58.39
C LEU A 284 33.84 -24.80 -58.66
N CYS A 285 33.12 -25.88 -58.38
CA CYS A 285 31.65 -25.89 -58.52
C CYS A 285 30.98 -24.92 -57.54
N ALA A 286 31.23 -25.12 -56.25
CA ALA A 286 30.67 -24.24 -55.22
C ALA A 286 31.06 -22.79 -55.49
N LEU A 287 32.37 -22.57 -55.59
CA LEU A 287 32.95 -21.26 -55.89
C LEU A 287 32.10 -20.41 -56.82
N ALA A 288 31.68 -20.99 -57.94
CA ALA A 288 30.93 -20.27 -58.96
C ALA A 288 29.50 -19.94 -58.51
N THR A 289 28.78 -20.95 -58.03
CA THR A 289 27.35 -20.84 -57.75
C THR A 289 27.01 -20.50 -56.30
N PHE A 290 28.01 -20.51 -55.42
CA PHE A 290 27.80 -20.14 -54.02
C PHE A 290 28.05 -18.66 -53.80
N ASP A 291 27.24 -18.04 -52.94
CA ASP A 291 27.47 -16.67 -52.50
C ASP A 291 28.67 -16.60 -51.56
N ARG A 292 29.05 -15.41 -51.13
CA ARG A 292 30.16 -15.24 -50.20
C ARG A 292 29.84 -15.87 -48.84
N GLN A 293 28.58 -15.81 -48.43
CA GLN A 293 28.14 -16.28 -47.12
C GLN A 293 28.33 -17.79 -46.95
N GLU A 294 27.74 -18.55 -47.86
CA GLU A 294 27.81 -20.01 -47.79
C GLU A 294 29.23 -20.53 -48.02
N LEU A 295 30.03 -19.77 -48.77
CA LEU A 295 31.44 -20.12 -48.98
C LEU A 295 32.19 -20.34 -47.67
N GLN A 296 32.37 -19.27 -46.88
CA GLN A 296 33.11 -19.37 -45.62
C GLN A 296 32.58 -20.50 -44.75
N ARG A 297 31.26 -20.68 -44.75
CA ARG A 297 30.59 -21.63 -43.88
C ARG A 297 30.72 -23.06 -44.40
N ASN A 298 30.26 -23.28 -45.63
CA ASN A 298 30.19 -24.63 -46.20
C ASN A 298 31.39 -25.03 -47.07
N VAL A 299 32.42 -24.17 -47.13
CA VAL A 299 33.61 -24.44 -47.95
C VAL A 299 34.91 -24.20 -47.18
N ILE A 300 35.17 -22.94 -46.81
CA ILE A 300 36.49 -22.53 -46.32
C ILE A 300 36.81 -23.00 -44.90
N SER A 301 35.88 -22.78 -43.98
CA SER A 301 36.09 -23.13 -42.56
C SER A 301 35.41 -24.43 -42.11
N SER A 302 35.01 -25.27 -43.08
CA SER A 302 34.42 -26.57 -42.77
C SER A 302 35.47 -27.66 -42.84
N SER A 303 35.67 -28.36 -41.74
CA SER A 303 36.67 -29.42 -41.65
C SER A 303 36.43 -30.57 -42.63
N SER A 304 35.16 -30.96 -42.79
CA SER A 304 34.78 -32.06 -43.68
C SER A 304 35.51 -32.02 -45.01
N PHE A 305 35.41 -30.87 -45.67
CA PHE A 305 36.01 -30.67 -46.98
C PHE A 305 37.44 -30.11 -46.88
N LYS A 306 37.77 -29.52 -45.73
CA LYS A 306 39.10 -28.92 -45.51
C LYS A 306 40.25 -29.86 -45.90
N LEU A 307 40.13 -31.14 -45.53
CA LEU A 307 41.17 -32.14 -45.84
C LEU A 307 41.40 -32.29 -47.35
N PHE A 308 40.34 -32.19 -48.13
CA PHE A 308 40.44 -32.30 -49.59
C PHE A 308 41.12 -31.06 -50.20
N LEU A 309 40.90 -29.91 -49.59
CA LEU A 309 41.55 -28.67 -50.03
C LEU A 309 43.06 -28.74 -49.83
N GLU A 310 43.48 -29.28 -48.68
CA GLU A 310 44.90 -29.49 -48.41
C GLU A 310 45.58 -30.20 -49.57
N LEU A 311 44.90 -31.20 -50.13
CA LEU A 311 45.45 -32.00 -51.21
C LEU A 311 45.79 -31.14 -52.43
N GLU A 312 44.88 -30.22 -52.76
CA GLU A 312 45.04 -29.34 -53.91
C GLU A 312 45.39 -27.91 -53.46
N PRO A 313 46.68 -27.55 -53.51
CA PRO A 313 47.11 -26.23 -53.03
C PRO A 313 46.69 -25.06 -53.93
N GLN A 314 46.62 -25.30 -55.24
CA GLN A 314 46.23 -24.26 -56.19
C GLN A 314 44.73 -23.95 -56.08
N VAL A 315 43.93 -25.00 -56.01
CA VAL A 315 42.47 -24.87 -55.86
C VAL A 315 42.13 -24.14 -54.55
N ARG A 316 42.90 -24.43 -53.51
CA ARG A 316 42.74 -23.80 -52.21
C ARG A 316 43.02 -22.28 -52.28
N ASP A 317 44.05 -21.90 -53.01
CA ASP A 317 44.46 -20.48 -53.13
C ASP A 317 43.45 -19.60 -53.86
N ILE A 318 42.78 -20.14 -54.88
CA ILE A 318 41.79 -19.38 -55.65
C ILE A 318 40.49 -19.20 -54.87
N ILE A 319 40.10 -20.20 -54.09
CA ILE A 319 38.94 -20.10 -53.20
C ILE A 319 39.20 -19.06 -52.10
N PHE A 320 40.45 -18.99 -51.65
CA PHE A 320 40.88 -18.06 -50.60
C PHE A 320 41.00 -16.64 -51.14
N LYS A 321 41.73 -16.46 -52.23
CA LYS A 321 41.96 -15.14 -52.82
C LYS A 321 40.68 -14.48 -53.34
N PHE A 322 39.65 -15.29 -53.61
CA PHE A 322 38.30 -14.79 -53.88
C PHE A 322 37.72 -14.16 -52.62
N TYR A 323 37.69 -14.94 -51.54
CA TYR A 323 37.13 -14.50 -50.27
C TYR A 323 37.94 -13.36 -49.65
N GLU A 324 39.25 -13.45 -49.75
CA GLU A 324 40.16 -12.36 -49.34
C GLU A 324 40.09 -11.17 -50.30
N SER A 325 39.43 -11.36 -51.44
CA SER A 325 39.16 -10.30 -52.43
C SER A 325 40.45 -9.72 -53.03
N LYS A 326 41.42 -10.60 -53.25
CA LYS A 326 42.65 -10.26 -53.96
C LYS A 326 42.54 -10.87 -55.35
N TYR A 327 41.78 -10.18 -56.19
CA TYR A 327 41.33 -10.74 -57.47
C TYR A 327 42.41 -10.76 -58.54
N ALA A 328 43.33 -9.81 -58.47
CA ALA A 328 44.46 -9.76 -59.41
C ALA A 328 45.16 -11.12 -59.52
N SER A 329 45.38 -11.75 -58.38
CA SER A 329 45.97 -13.07 -58.33
C SER A 329 44.93 -14.16 -58.61
N CYS A 330 43.77 -14.08 -57.96
CA CYS A 330 42.72 -15.09 -58.06
C CYS A 330 42.51 -15.63 -59.48
N LEU A 331 42.40 -14.73 -60.44
CA LEU A 331 42.21 -15.10 -61.84
C LEU A 331 43.53 -15.47 -62.53
N LYS A 332 44.61 -14.78 -62.15
CA LYS A 332 45.95 -15.11 -62.65
C LYS A 332 46.22 -16.60 -62.47
N MET A 333 45.95 -17.10 -61.26
CA MET A 333 46.05 -18.53 -60.94
C MET A 333 45.16 -19.37 -61.85
N LEU A 334 43.88 -19.05 -61.85
CA LEU A 334 42.86 -19.85 -62.49
C LEU A 334 43.10 -19.99 -64.00
N ASP A 335 43.52 -18.91 -64.64
CA ASP A 335 43.82 -18.90 -66.08
C ASP A 335 44.84 -19.97 -66.45
N GLU A 336 45.92 -20.03 -65.69
CA GLU A 336 47.01 -20.97 -65.98
C GLU A 336 46.68 -22.40 -65.58
N MET A 337 45.67 -22.58 -64.74
CA MET A 337 45.13 -23.91 -64.43
C MET A 337 44.21 -24.42 -65.52
N LYS A 338 43.54 -23.50 -66.23
CA LYS A 338 42.60 -23.85 -67.30
C LYS A 338 43.21 -24.83 -68.33
N ASP A 339 44.50 -24.68 -68.60
CA ASP A 339 45.21 -25.55 -69.56
C ASP A 339 45.14 -27.02 -69.16
N ASN A 340 45.39 -27.30 -67.88
CA ASN A 340 45.37 -28.67 -67.35
C ASN A 340 43.94 -29.18 -67.11
N LEU A 341 43.08 -28.32 -66.57
CA LEU A 341 41.71 -28.71 -66.22
C LEU A 341 40.84 -29.07 -67.43
N LEU A 342 41.19 -28.51 -68.59
CA LEU A 342 40.49 -28.85 -69.83
C LEU A 342 40.83 -30.27 -70.29
N LEU A 343 42.10 -30.67 -70.12
CA LEU A 343 42.55 -32.00 -70.56
C LEU A 343 41.92 -33.11 -69.71
N ASP A 344 41.53 -32.77 -68.48
CA ASP A 344 40.77 -33.68 -67.62
C ASP A 344 39.50 -34.14 -68.35
N MET A 345 39.07 -35.37 -68.05
CA MET A 345 37.94 -35.95 -68.75
C MET A 345 36.62 -35.28 -68.37
N TYR A 346 36.31 -35.24 -67.08
CA TYR A 346 35.00 -34.76 -66.60
C TYR A 346 34.92 -33.26 -66.30
N LEU A 347 36.04 -32.54 -66.36
CA LEU A 347 36.06 -31.10 -66.08
C LEU A 347 36.25 -30.24 -67.34
N ALA A 348 36.28 -30.89 -68.51
CA ALA A 348 36.29 -30.20 -69.78
C ALA A 348 34.95 -29.52 -70.13
N PRO A 349 33.82 -30.24 -69.96
CA PRO A 349 32.54 -29.76 -70.49
C PRO A 349 31.83 -28.67 -69.64
N HIS A 350 32.51 -28.18 -68.61
CA HIS A 350 31.97 -27.11 -67.78
C HIS A 350 33.03 -26.02 -67.56
N VAL A 351 33.99 -25.93 -68.49
CA VAL A 351 35.15 -25.04 -68.33
C VAL A 351 34.82 -23.58 -68.63
N ARG A 352 33.67 -23.32 -69.25
CA ARG A 352 33.23 -21.94 -69.53
C ARG A 352 32.25 -21.46 -68.47
N THR A 353 31.15 -22.21 -68.30
CA THR A 353 30.08 -21.81 -67.40
C THR A 353 30.59 -21.62 -65.97
N LEU A 354 31.60 -22.39 -65.58
CA LEU A 354 32.22 -22.22 -64.28
C LEU A 354 33.15 -21.00 -64.30
N TYR A 355 34.19 -21.05 -65.13
CA TYR A 355 35.22 -20.00 -65.19
C TYR A 355 34.64 -18.60 -65.39
N THR A 356 33.63 -18.49 -66.24
CA THR A 356 32.98 -17.22 -66.52
C THR A 356 32.08 -16.78 -65.37
N GLN A 357 31.35 -17.74 -64.79
CA GLN A 357 30.43 -17.45 -63.67
C GLN A 357 31.15 -16.99 -62.41
N ILE A 358 32.39 -17.47 -62.24
CA ILE A 358 33.24 -17.01 -61.14
C ILE A 358 33.69 -15.57 -61.39
N ARG A 359 34.18 -15.29 -62.60
CA ARG A 359 34.58 -13.95 -63.00
C ARG A 359 33.43 -12.97 -62.72
N ASN A 360 32.24 -13.34 -63.18
CA ASN A 360 31.03 -12.56 -62.94
C ASN A 360 30.80 -12.32 -61.45
N ARG A 361 30.82 -13.39 -60.68
CA ARG A 361 30.61 -13.31 -59.24
C ARG A 361 31.56 -12.30 -58.61
N ALA A 362 32.84 -12.41 -58.93
CA ALA A 362 33.86 -11.52 -58.40
C ALA A 362 33.65 -10.07 -58.84
N LEU A 363 33.30 -9.89 -60.10
CA LEU A 363 33.01 -8.57 -60.63
C LEU A 363 31.87 -7.87 -59.86
N ILE A 364 30.89 -8.64 -59.42
CA ILE A 364 29.82 -8.11 -58.58
C ILE A 364 30.36 -7.78 -57.20
N GLN A 365 31.07 -8.74 -56.61
CA GLN A 365 31.56 -8.64 -55.24
C GLN A 365 32.59 -7.52 -55.05
N TYR A 366 33.36 -7.22 -56.09
CA TYR A 366 34.34 -6.13 -56.04
C TYR A 366 33.65 -4.77 -55.95
N PHE A 367 32.56 -4.61 -56.69
CA PHE A 367 31.93 -3.30 -56.86
C PHE A 367 30.91 -2.97 -55.77
N SER A 368 29.95 -3.88 -55.55
CA SER A 368 28.85 -3.65 -54.61
C SER A 368 29.21 -2.87 -53.35
N PRO A 369 30.32 -3.24 -52.67
CA PRO A 369 30.77 -2.46 -51.51
C PRO A 369 31.04 -0.99 -51.83
N TYR A 370 31.64 -0.72 -52.98
CA TYR A 370 31.92 0.66 -53.39
C TYR A 370 30.64 1.35 -53.85
N VAL A 371 30.53 2.63 -53.58
CA VAL A 371 29.50 3.49 -54.18
C VAL A 371 30.05 4.10 -55.46
N SER A 372 31.35 4.36 -55.50
CA SER A 372 32.04 4.83 -56.70
C SER A 372 33.41 4.17 -56.80
N ALA A 373 33.64 3.46 -57.91
CA ALA A 373 34.87 2.69 -58.12
C ALA A 373 35.63 3.15 -59.36
N ASP A 374 36.94 3.25 -59.24
CA ASP A 374 37.81 3.58 -60.36
C ASP A 374 37.96 2.36 -61.26
N MET A 375 37.75 2.56 -62.55
CA MET A 375 37.78 1.45 -63.52
C MET A 375 39.20 0.97 -63.80
N HIS A 376 40.16 1.89 -63.77
CA HIS A 376 41.56 1.56 -64.05
C HIS A 376 42.12 0.59 -63.01
N ARG A 377 41.76 0.80 -61.76
CA ARG A 377 42.13 -0.11 -60.68
C ARG A 377 41.45 -1.46 -60.88
N MET A 378 40.16 -1.42 -61.20
CA MET A 378 39.38 -2.63 -61.45
C MET A 378 39.88 -3.38 -62.69
N ALA A 379 40.47 -2.65 -63.64
CA ALA A 379 40.97 -3.23 -64.88
C ALA A 379 42.07 -4.27 -64.63
N ALA A 380 43.21 -3.81 -64.11
CA ALA A 380 44.33 -4.70 -63.82
C ALA A 380 43.96 -5.74 -62.77
N ALA A 381 43.01 -5.40 -61.90
CA ALA A 381 42.48 -6.33 -60.90
C ALA A 381 41.77 -7.52 -61.54
N PHE A 382 41.20 -7.33 -62.72
CA PHE A 382 40.56 -8.41 -63.47
C PHE A 382 41.30 -8.73 -64.77
N ASN A 383 42.63 -8.70 -64.72
CA ASN A 383 43.50 -9.10 -65.83
C ASN A 383 42.94 -8.76 -67.21
N THR A 384 42.81 -7.47 -67.47
CA THR A 384 42.22 -7.01 -68.73
C THR A 384 42.53 -5.52 -68.94
N THR A 385 41.89 -4.90 -69.94
CA THR A 385 42.07 -3.47 -70.24
C THR A 385 40.86 -2.64 -69.82
N VAL A 386 41.05 -1.32 -69.84
CA VAL A 386 40.00 -0.38 -69.45
C VAL A 386 38.84 -0.48 -70.41
N ALA A 387 39.15 -0.38 -71.69
CA ALA A 387 38.15 -0.50 -72.75
C ALA A 387 37.41 -1.82 -72.64
N ALA A 388 38.14 -2.90 -72.44
CA ALA A 388 37.54 -4.22 -72.28
C ALA A 388 36.56 -4.21 -71.11
N LEU A 389 37.05 -3.77 -69.96
CA LEU A 389 36.21 -3.68 -68.77
C LEU A 389 34.92 -2.93 -69.05
N GLU A 390 35.02 -1.84 -69.82
CA GLU A 390 33.86 -1.01 -70.16
C GLU A 390 32.74 -1.87 -70.75
N ASP A 391 33.04 -2.60 -71.83
CA ASP A 391 32.07 -3.49 -72.44
C ASP A 391 31.69 -4.65 -71.53
N GLU A 392 32.68 -5.21 -70.84
CA GLU A 392 32.44 -6.30 -69.90
C GLU A 392 31.27 -5.97 -68.98
N LEU A 393 31.40 -4.84 -68.30
CA LEU A 393 30.37 -4.36 -67.38
C LEU A 393 29.06 -4.08 -68.12
N THR A 394 29.16 -3.39 -69.25
CA THR A 394 27.99 -2.99 -70.02
C THR A 394 26.95 -4.10 -70.10
N GLN A 395 27.35 -5.27 -70.60
CA GLN A 395 26.47 -6.43 -70.69
C GLN A 395 25.85 -6.74 -69.34
N LEU A 396 26.69 -6.73 -68.32
CA LEU A 396 26.30 -7.13 -66.98
C LEU A 396 25.34 -6.13 -66.36
N ILE A 397 25.42 -4.87 -66.79
CA ILE A 397 24.47 -3.86 -66.34
C ILE A 397 23.10 -4.22 -66.85
N LEU A 398 22.99 -4.40 -68.16
CA LEU A 398 21.73 -4.73 -68.80
C LEU A 398 21.13 -5.97 -68.16
N GLU A 399 21.86 -7.07 -68.25
CA GLU A 399 21.36 -8.37 -67.81
C GLU A 399 21.46 -8.48 -66.30
N GLY A 400 22.69 -8.46 -65.79
CA GLY A 400 22.97 -8.82 -64.42
C GLY A 400 22.51 -7.82 -63.38
N LEU A 401 22.98 -8.05 -62.15
CA LEU A 401 22.57 -7.26 -60.99
C LEU A 401 23.54 -6.12 -60.69
N ILE A 402 24.36 -5.74 -61.67
CA ILE A 402 25.26 -4.60 -61.51
C ILE A 402 24.45 -3.32 -61.72
N SER A 403 23.77 -2.87 -60.66
CA SER A 403 22.95 -1.66 -60.71
C SER A 403 23.86 -0.43 -60.65
N ALA A 404 24.46 -0.10 -61.78
CA ALA A 404 25.47 0.95 -61.86
C ALA A 404 25.64 1.43 -63.30
N ARG A 405 25.87 2.72 -63.47
CA ARG A 405 26.05 3.31 -64.80
C ARG A 405 27.54 3.49 -65.09
N VAL A 406 27.85 3.88 -66.33
CA VAL A 406 29.23 4.04 -66.78
C VAL A 406 29.52 5.48 -67.21
N ASP A 407 30.57 6.06 -66.63
CA ASP A 407 31.08 7.37 -67.04
C ASP A 407 32.33 7.14 -67.87
N SER A 408 32.17 7.01 -69.18
CA SER A 408 33.29 6.69 -70.07
C SER A 408 34.18 7.88 -70.39
N HIS A 409 33.79 9.08 -69.95
CA HIS A 409 34.61 10.28 -70.12
C HIS A 409 35.87 10.19 -69.26
N SER A 410 35.68 10.07 -67.94
CA SER A 410 36.79 9.92 -67.00
C SER A 410 37.03 8.46 -66.60
N LYS A 411 36.24 7.54 -67.17
CA LYS A 411 36.38 6.10 -66.93
C LYS A 411 36.20 5.74 -65.45
N ILE A 412 34.98 5.94 -64.97
CA ILE A 412 34.59 5.64 -63.59
C ILE A 412 33.32 4.82 -63.63
N LEU A 413 33.07 4.05 -62.57
CA LEU A 413 31.79 3.38 -62.41
C LEU A 413 31.11 3.86 -61.13
N TYR A 414 29.94 4.47 -61.29
CA TYR A 414 29.13 4.95 -60.17
C TYR A 414 27.99 3.98 -59.88
N ALA A 415 27.69 3.79 -58.60
CA ALA A 415 26.53 3.00 -58.21
C ALA A 415 25.27 3.77 -58.55
N ARG A 416 24.27 3.06 -59.08
CA ARG A 416 23.01 3.65 -59.46
C ARG A 416 21.92 3.01 -58.61
N ASP A 417 21.32 3.81 -57.73
CA ASP A 417 20.25 3.33 -56.86
C ASP A 417 18.90 3.91 -57.27
N VAL A 418 17.84 3.29 -56.78
CA VAL A 418 16.48 3.54 -57.26
C VAL A 418 15.77 4.61 -56.46
N ASP A 419 15.08 5.51 -57.17
CA ASP A 419 14.18 6.48 -56.57
C ASP A 419 12.85 5.80 -56.28
N GLN A 420 12.74 5.24 -55.07
CA GLN A 420 11.54 4.56 -54.61
C GLN A 420 10.27 5.27 -55.05
N ARG A 421 10.17 6.54 -54.67
CA ARG A 421 9.01 7.38 -54.96
C ARG A 421 8.65 7.34 -56.45
N SER A 422 9.60 7.69 -57.29
CA SER A 422 9.40 7.70 -58.73
C SER A 422 8.81 6.39 -59.23
N THR A 423 9.35 5.30 -58.71
CA THR A 423 8.98 3.96 -59.15
C THR A 423 7.48 3.68 -58.99
N THR A 424 6.99 3.77 -57.76
CA THR A 424 5.59 3.41 -57.47
C THR A 424 4.61 4.33 -58.20
N PHE A 425 4.94 5.62 -58.26
CA PHE A 425 4.17 6.57 -59.08
C PHE A 425 4.15 6.10 -60.54
N GLU A 426 5.33 6.13 -61.14
CA GLU A 426 5.51 5.81 -62.56
C GLU A 426 4.64 4.66 -63.02
N LYS A 427 4.78 3.50 -62.37
CA LYS A 427 4.08 2.30 -62.79
C LYS A 427 2.57 2.38 -62.61
N SER A 428 2.13 3.08 -61.55
CA SER A 428 0.70 3.19 -61.24
C SER A 428 -0.06 3.91 -62.35
N LEU A 429 0.51 4.99 -62.86
CA LEU A 429 -0.01 5.66 -64.06
C LEU A 429 -0.13 4.67 -65.21
N LEU A 430 0.96 3.97 -65.47
CA LEU A 430 1.10 3.12 -66.64
C LEU A 430 0.15 1.93 -66.57
N MET A 431 0.13 1.24 -65.42
CA MET A 431 -0.80 0.13 -65.17
C MET A 431 -2.25 0.58 -65.36
N GLY A 432 -2.61 1.68 -64.70
CA GLY A 432 -3.95 2.26 -64.83
C GLY A 432 -4.31 2.56 -66.28
N LYS A 433 -3.34 3.07 -67.03
CA LYS A 433 -3.51 3.33 -68.46
C LYS A 433 -3.71 2.03 -69.26
N GLU A 434 -3.05 0.96 -68.83
CA GLU A 434 -3.26 -0.37 -69.42
C GLU A 434 -4.67 -0.85 -69.13
N PHE A 435 -5.06 -0.78 -67.86
CA PHE A 435 -6.42 -1.13 -67.44
C PHE A 435 -7.49 -0.36 -68.24
N GLN A 436 -7.24 0.93 -68.45
CA GLN A 436 -8.12 1.75 -69.28
C GLN A 436 -8.19 1.25 -70.72
N ARG A 437 -7.04 0.84 -71.27
CA ARG A 437 -6.97 0.34 -72.65
C ARG A 437 -7.77 -0.95 -72.85
N ARG A 438 -7.67 -1.88 -71.89
CA ARG A 438 -8.42 -3.14 -71.97
C ARG A 438 -9.91 -2.90 -71.77
N ALA A 439 -10.24 -1.93 -70.93
CA ALA A 439 -11.64 -1.56 -70.69
C ALA A 439 -12.29 -1.04 -71.96
N LYS A 440 -11.56 -0.27 -72.75
CA LYS A 440 -12.02 0.12 -74.09
C LYS A 440 -12.33 -1.13 -74.90
N ALA A 441 -11.36 -2.04 -74.93
CA ALA A 441 -11.43 -3.25 -75.75
C ALA A 441 -12.59 -4.17 -75.38
N MET A 442 -12.72 -4.48 -74.09
CA MET A 442 -13.80 -5.38 -73.63
C MET A 442 -15.17 -4.70 -73.60
N MET A 443 -15.23 -3.40 -73.84
CA MET A 443 -16.50 -2.69 -74.03
C MET A 443 -16.99 -2.87 -75.46
N LEU A 444 -16.05 -2.75 -76.41
CA LEU A 444 -16.31 -3.10 -77.81
C LEU A 444 -16.55 -4.59 -77.99
N ARG A 445 -15.83 -5.39 -77.21
CA ARG A 445 -15.97 -6.84 -77.26
C ARG A 445 -17.33 -7.30 -76.71
N ALA A 446 -17.88 -6.54 -75.77
CA ALA A 446 -19.23 -6.75 -75.29
C ALA A 446 -20.25 -6.40 -76.38
N ALA A 447 -19.90 -5.43 -77.21
CA ALA A 447 -20.77 -4.99 -78.30
C ALA A 447 -20.79 -5.95 -79.50
N VAL A 448 -19.62 -6.40 -79.96
CA VAL A 448 -19.54 -7.26 -81.15
C VAL A 448 -20.25 -8.62 -80.98
N LEU A 449 -20.15 -9.19 -79.78
CA LEU A 449 -20.79 -10.46 -79.47
C LEU A 449 -22.28 -10.27 -79.25
N ARG A 450 -22.64 -9.13 -78.65
CA ARG A 450 -24.02 -8.70 -78.47
C ARG A 450 -24.76 -8.55 -79.81
N ASN A 451 -24.02 -8.18 -80.86
CA ASN A 451 -24.57 -8.05 -82.22
C ASN A 451 -24.29 -9.25 -83.14
N GLN A 452 -23.68 -10.31 -82.60
CA GLN A 452 -23.36 -11.53 -83.37
C GLN A 452 -22.50 -11.23 -84.61
N ILE A 453 -21.47 -10.43 -84.42
CA ILE A 453 -20.61 -9.98 -85.52
C ILE A 453 -19.53 -11.01 -85.83
N HIS A 454 -19.56 -11.59 -87.04
CA HIS A 454 -18.49 -12.46 -87.52
C HIS A 454 -18.58 -12.75 -89.03
N VAL A 455 -17.42 -12.95 -89.66
CA VAL A 455 -17.34 -13.24 -91.10
C VAL A 455 -17.39 -14.75 -91.32
N LYS A 456 -18.50 -15.24 -91.88
CA LYS A 456 -18.68 -16.68 -92.10
C LYS A 456 -17.91 -17.20 -93.33
N SER A 457 -17.78 -18.53 -93.40
CA SER A 457 -16.95 -19.19 -94.42
C SER A 457 -17.69 -19.61 -95.70
N PRO A 458 -18.72 -20.46 -95.59
CA PRO A 458 -19.26 -21.10 -96.80
C PRO A 458 -20.07 -20.17 -97.69
N VAL B 34 68.73 -75.70 5.25
CA VAL B 34 69.37 -76.39 4.09
C VAL B 34 70.66 -75.66 3.68
N ASP B 35 70.52 -74.43 3.18
CA ASP B 35 71.67 -73.61 2.76
C ASP B 35 71.95 -72.50 3.78
N LEU B 36 72.26 -72.92 5.00
CA LEU B 36 72.53 -72.01 6.11
C LEU B 36 73.85 -71.25 5.90
N GLU B 37 74.73 -71.85 5.10
CA GLU B 37 75.99 -71.21 4.70
C GLU B 37 75.77 -69.89 3.95
N ASN B 38 75.13 -69.97 2.79
CA ASN B 38 75.02 -68.83 1.87
C ASN B 38 74.16 -67.68 2.41
N GLN B 39 73.26 -68.00 3.33
CA GLN B 39 72.41 -66.98 3.95
C GLN B 39 73.20 -66.05 4.86
N TYR B 40 74.13 -66.62 5.64
CA TYR B 40 74.88 -65.84 6.62
C TYR B 40 76.08 -65.10 6.03
N TYR B 41 76.68 -65.62 4.96
CA TYR B 41 77.76 -64.91 4.26
C TYR B 41 77.24 -63.76 3.40
N ASN B 42 75.96 -63.81 3.04
CA ASN B 42 75.27 -62.65 2.49
C ASN B 42 75.08 -61.58 3.57
N SER B 43 74.76 -62.03 4.79
CA SER B 43 74.62 -61.14 5.95
C SER B 43 75.96 -60.77 6.63
N LYS B 44 77.00 -61.57 6.40
CA LYS B 44 78.35 -61.27 6.91
C LYS B 44 79.03 -60.23 6.03
N ALA B 45 78.83 -60.36 4.71
CA ALA B 45 79.31 -59.37 3.75
C ALA B 45 78.32 -58.21 3.57
N LEU B 46 77.24 -58.21 4.35
CA LEU B 46 76.17 -57.20 4.23
C LEU B 46 76.58 -55.85 4.81
N LYS B 47 77.08 -55.85 6.04
CA LYS B 47 77.40 -54.60 6.75
C LYS B 47 78.50 -53.81 6.05
N GLU B 48 79.76 -54.15 6.31
CA GLU B 48 80.92 -53.52 5.66
C GLU B 48 81.05 -52.02 5.93
N ASP B 49 80.12 -51.23 5.36
CA ASP B 49 80.16 -49.76 5.35
C ASP B 49 81.09 -49.27 4.22
N ASP B 50 82.35 -49.72 4.25
CA ASP B 50 83.28 -49.51 3.14
C ASP B 50 82.91 -50.40 1.95
N PRO B 51 83.12 -49.89 0.72
CA PRO B 51 83.05 -50.78 -0.44
C PRO B 51 84.29 -51.68 -0.55
N LYS B 52 85.39 -51.24 0.07
CA LYS B 52 86.67 -51.95 0.07
C LYS B 52 86.51 -53.43 0.45
N ALA B 53 86.65 -54.31 -0.54
CA ALA B 53 86.55 -55.76 -0.35
C ALA B 53 85.15 -56.26 0.06
N ALA B 54 84.16 -55.36 0.11
CA ALA B 54 82.78 -55.74 0.39
C ALA B 54 82.23 -56.60 -0.74
N LEU B 55 82.64 -56.29 -1.96
CA LEU B 55 82.13 -56.93 -3.17
C LEU B 55 82.85 -58.23 -3.53
N SER B 56 83.98 -58.50 -2.89
CA SER B 56 84.71 -59.75 -3.09
C SER B 56 84.14 -60.86 -2.20
N SER B 57 83.75 -60.50 -0.98
CA SER B 57 83.09 -61.43 -0.06
C SER B 57 81.64 -61.70 -0.44
N PHE B 58 81.00 -60.74 -1.09
CA PHE B 58 79.68 -60.94 -1.68
C PHE B 58 79.73 -62.00 -2.78
N GLN B 59 80.78 -61.94 -3.60
CA GLN B 59 80.94 -62.85 -4.73
C GLN B 59 81.27 -64.28 -4.29
N LYS B 60 81.83 -64.44 -3.10
CA LYS B 60 82.06 -65.77 -2.52
C LYS B 60 80.76 -66.43 -2.02
N VAL B 61 79.67 -65.67 -1.93
CA VAL B 61 78.34 -66.21 -1.62
C VAL B 61 77.69 -66.73 -2.91
N LEU B 62 77.69 -65.89 -3.93
CA LEU B 62 77.16 -66.25 -5.25
C LEU B 62 77.91 -67.44 -5.85
N GLU B 63 79.24 -67.36 -5.84
CA GLU B 63 80.08 -68.37 -6.50
C GLU B 63 80.39 -69.60 -5.65
N LEU B 64 79.63 -69.79 -4.57
CA LEU B 64 79.47 -71.11 -3.97
C LEU B 64 78.33 -71.80 -4.72
N GLU B 65 78.44 -71.79 -6.06
CA GLU B 65 77.37 -72.20 -6.96
C GLU B 65 76.02 -71.55 -6.65
N GLY B 66 75.65 -70.56 -7.45
CA GLY B 66 74.33 -69.95 -7.38
C GLY B 66 73.29 -70.94 -7.89
N GLU B 67 73.00 -71.95 -7.07
CA GLU B 67 72.15 -73.08 -7.46
C GLU B 67 70.68 -72.67 -7.50
N LYS B 68 70.17 -72.21 -6.36
CA LYS B 68 68.80 -71.70 -6.25
C LYS B 68 68.71 -70.31 -6.86
N GLY B 69 69.69 -69.46 -6.53
CA GLY B 69 69.77 -68.11 -7.10
C GLY B 69 69.04 -67.05 -6.29
N GLU B 70 68.52 -67.42 -5.13
CA GLU B 70 67.82 -66.49 -4.25
C GLU B 70 68.83 -65.64 -3.48
N TRP B 71 69.94 -66.26 -3.07
CA TRP B 71 71.03 -65.56 -2.39
C TRP B 71 72.17 -65.23 -3.34
N GLY B 72 72.09 -65.74 -4.57
CA GLY B 72 72.91 -65.24 -5.67
C GLY B 72 72.39 -63.89 -6.14
N PHE B 73 71.07 -63.71 -6.07
CA PHE B 73 70.42 -62.44 -6.42
C PHE B 73 70.71 -61.35 -5.40
N LYS B 74 70.43 -61.63 -4.13
CA LYS B 74 70.64 -60.67 -3.05
C LYS B 74 72.12 -60.38 -2.78
N ALA B 75 73.02 -61.24 -3.26
CA ALA B 75 74.45 -60.95 -3.25
C ALA B 75 74.78 -59.92 -4.33
N LEU B 76 74.29 -60.15 -5.54
CA LEU B 76 74.52 -59.25 -6.67
C LEU B 76 73.71 -57.95 -6.58
N LYS B 77 72.48 -58.05 -6.07
CA LYS B 77 71.62 -56.88 -5.85
C LYS B 77 72.32 -55.83 -4.99
N GLN B 78 73.02 -56.30 -3.95
CA GLN B 78 73.78 -55.43 -3.06
C GLN B 78 75.06 -54.91 -3.72
N MET B 79 75.66 -55.73 -4.58
CA MET B 79 76.85 -55.32 -5.35
C MET B 79 76.55 -54.20 -6.33
N ILE B 80 75.33 -54.20 -6.89
CA ILE B 80 74.90 -53.14 -7.79
C ILE B 80 74.78 -51.80 -7.06
N LYS B 81 74.12 -51.81 -5.91
CA LYS B 81 73.92 -50.59 -5.13
C LYS B 81 75.23 -49.95 -4.61
N ILE B 82 76.33 -50.72 -4.66
CA ILE B 82 77.67 -50.21 -4.34
C ILE B 82 78.46 -49.79 -5.60
N ASN B 83 78.21 -50.46 -6.73
CA ASN B 83 78.93 -50.16 -7.98
C ASN B 83 78.57 -48.84 -8.66
N PHE B 84 77.29 -48.62 -8.96
CA PHE B 84 76.84 -47.38 -9.65
C PHE B 84 76.97 -46.13 -8.77
N LYS B 85 76.76 -46.30 -7.46
CA LYS B 85 76.80 -45.19 -6.52
C LYS B 85 78.23 -44.72 -6.27
N LEU B 86 79.17 -45.67 -6.26
CA LEU B 86 80.60 -45.36 -6.14
C LEU B 86 81.34 -45.49 -7.47
N THR B 87 81.00 -44.60 -8.40
CA THR B 87 81.79 -44.31 -9.62
C THR B 87 81.81 -45.35 -10.76
N ASN B 88 81.85 -46.64 -10.43
CA ASN B 88 82.18 -47.68 -11.42
C ASN B 88 80.96 -48.28 -12.13
N PHE B 89 80.60 -47.69 -13.28
CA PHE B 89 79.46 -48.13 -14.09
C PHE B 89 79.77 -49.24 -15.11
N PRO B 90 80.97 -49.22 -15.72
CA PRO B 90 81.35 -50.37 -16.55
C PRO B 90 81.40 -51.69 -15.77
N GLU B 91 81.92 -51.64 -14.55
CA GLU B 91 81.93 -52.81 -13.66
C GLU B 91 80.52 -53.20 -13.24
N MET B 92 79.65 -52.21 -13.10
CA MET B 92 78.27 -52.44 -12.68
C MET B 92 77.47 -53.25 -13.72
N MET B 93 77.57 -52.87 -14.99
CA MET B 93 76.75 -53.46 -16.05
C MET B 93 77.00 -54.96 -16.25
N ASN B 94 78.21 -55.42 -15.91
CA ASN B 94 78.51 -56.85 -15.87
C ASN B 94 77.67 -57.57 -14.83
N ARG B 95 77.61 -57.01 -13.63
CA ARG B 95 76.83 -57.57 -12.53
C ARG B 95 75.33 -57.35 -12.76
N TYR B 96 75.00 -56.28 -13.47
CA TYR B 96 73.60 -55.95 -13.76
C TYR B 96 72.95 -57.03 -14.61
N LYS B 97 73.68 -57.52 -15.61
CA LYS B 97 73.19 -58.55 -16.51
C LYS B 97 73.30 -59.96 -15.90
N GLN B 98 74.17 -60.11 -14.91
CA GLN B 98 74.18 -61.33 -14.09
C GLN B 98 72.86 -61.48 -13.33
N LEU B 99 72.37 -60.38 -12.76
CA LEU B 99 71.11 -60.36 -12.01
C LEU B 99 69.91 -60.71 -12.86
N LEU B 100 69.92 -60.25 -14.11
CA LEU B 100 68.78 -60.45 -15.01
C LEU B 100 68.61 -61.90 -15.48
N THR B 101 69.60 -62.75 -15.20
CA THR B 101 69.47 -64.19 -15.45
C THR B 101 68.43 -64.81 -14.49
N TYR B 102 68.42 -64.34 -13.25
CA TYR B 102 67.46 -64.80 -12.24
C TYR B 102 66.10 -64.10 -12.37
N ILE B 103 65.35 -64.46 -13.41
CA ILE B 103 63.97 -63.96 -13.59
C ILE B 103 63.04 -65.10 -14.00
N ARG B 104 63.41 -65.86 -15.02
CA ARG B 104 62.67 -67.08 -15.40
C ARG B 104 62.86 -68.19 -14.36
N SER B 105 64.02 -68.17 -13.69
CA SER B 105 64.31 -69.10 -12.60
C SER B 105 64.81 -68.35 -11.38
N ALA B 106 64.84 -69.03 -10.23
CA ALA B 106 65.38 -68.51 -8.97
C ALA B 106 64.42 -67.62 -8.17
N VAL B 107 64.04 -66.48 -8.75
CA VAL B 107 63.23 -65.48 -8.05
C VAL B 107 61.91 -65.24 -8.80
N THR B 108 60.84 -64.99 -8.06
CA THR B 108 59.53 -64.70 -8.64
C THR B 108 59.51 -63.30 -9.26
N ARG B 109 58.56 -63.05 -10.17
CA ARG B 109 58.49 -61.78 -10.88
C ARG B 109 58.05 -60.63 -9.96
N ASN B 110 57.42 -60.95 -8.84
CA ASN B 110 56.98 -59.95 -7.86
C ASN B 110 58.13 -59.21 -7.22
N TYR B 111 59.05 -59.96 -6.61
CA TYR B 111 60.23 -59.37 -5.97
C TYR B 111 61.24 -58.85 -6.99
N SER B 112 61.41 -59.57 -8.11
CA SER B 112 62.36 -59.16 -9.15
C SER B 112 61.89 -57.93 -9.93
N GLU B 113 60.60 -57.65 -9.89
CA GLU B 113 60.04 -56.43 -10.50
C GLU B 113 60.49 -55.19 -9.72
N LYS B 114 60.33 -55.22 -8.40
CA LYS B 114 60.73 -54.11 -7.54
C LYS B 114 62.25 -53.93 -7.48
N SER B 115 63.00 -55.00 -7.73
CA SER B 115 64.46 -54.96 -7.68
C SER B 115 65.06 -54.03 -8.72
N ILE B 116 64.56 -54.12 -9.96
CA ILE B 116 65.06 -53.28 -11.05
C ILE B 116 64.39 -51.90 -11.04
N ASN B 117 63.18 -51.82 -10.47
CA ASN B 117 62.49 -50.54 -10.30
C ASN B 117 63.32 -49.54 -9.50
N SER B 118 63.66 -49.90 -8.28
CA SER B 118 64.38 -49.02 -7.36
C SER B 118 65.85 -48.80 -7.76
N ILE B 119 66.48 -49.80 -8.38
CA ILE B 119 67.85 -49.68 -8.89
C ILE B 119 67.91 -48.73 -10.10
N LEU B 120 66.79 -48.59 -10.82
CA LEU B 120 66.66 -47.56 -11.86
C LEU B 120 66.23 -46.21 -11.29
N ASP B 121 65.47 -46.22 -10.19
CA ASP B 121 65.10 -44.99 -9.49
C ASP B 121 66.32 -44.27 -8.88
N TYR B 122 67.28 -45.05 -8.38
CA TYR B 122 68.52 -44.48 -7.85
C TYR B 122 69.37 -43.86 -8.96
N ILE B 123 69.47 -44.56 -10.10
CA ILE B 123 70.27 -44.11 -11.24
C ILE B 123 69.54 -43.03 -12.05
N SER B 124 68.21 -42.99 -11.97
CA SER B 124 67.41 -41.99 -12.67
C SER B 124 67.65 -40.59 -12.10
N THR B 125 67.51 -40.46 -10.77
CA THR B 125 67.70 -39.19 -10.08
C THR B 125 69.19 -38.81 -10.00
N SER B 126 70.06 -39.80 -9.81
CA SER B 126 71.50 -39.57 -9.67
C SER B 126 72.14 -39.21 -11.03
N LYS B 127 72.46 -40.22 -11.84
CA LYS B 127 73.13 -39.99 -13.12
C LYS B 127 72.14 -39.55 -14.19
N GLN B 128 72.69 -39.08 -15.30
CA GLN B 128 71.89 -38.44 -16.35
C GLN B 128 71.43 -39.48 -17.38
N MET B 129 70.88 -38.98 -18.48
CA MET B 129 70.47 -39.80 -19.63
C MET B 129 71.57 -40.72 -20.15
N ASP B 130 72.80 -40.23 -20.20
CA ASP B 130 73.91 -40.95 -20.82
C ASP B 130 74.41 -42.17 -20.04
N LEU B 131 74.03 -42.30 -18.77
CA LEU B 131 74.27 -43.54 -18.01
C LEU B 131 72.99 -44.27 -17.60
N LEU B 132 71.83 -43.66 -17.86
CA LEU B 132 70.53 -44.25 -17.53
C LEU B 132 69.96 -45.09 -18.67
N GLN B 133 70.25 -44.69 -19.91
CA GLN B 133 69.61 -45.27 -21.09
C GLN B 133 70.16 -46.64 -21.50
N GLU B 134 71.42 -46.92 -21.16
CA GLU B 134 72.03 -48.21 -21.48
C GLU B 134 71.40 -49.34 -20.68
N PHE B 135 70.95 -49.01 -19.47
CA PHE B 135 70.33 -49.99 -18.57
C PHE B 135 68.85 -50.20 -18.91
N TYR B 136 68.17 -49.17 -19.39
CA TYR B 136 66.79 -49.31 -19.86
C TYR B 136 66.68 -50.25 -21.05
N GLU B 137 67.65 -50.18 -21.96
CA GLU B 137 67.69 -51.05 -23.14
C GLU B 137 68.08 -52.47 -22.78
N THR B 138 69.19 -52.61 -22.06
CA THR B 138 69.70 -53.94 -21.67
C THR B 138 68.76 -54.70 -20.71
N THR B 139 67.85 -53.97 -20.05
CA THR B 139 66.78 -54.59 -19.25
C THR B 139 65.79 -55.29 -20.18
N LEU B 140 65.26 -54.54 -21.14
CA LEU B 140 64.29 -55.08 -22.10
C LEU B 140 64.83 -56.24 -22.95
N GLU B 141 66.15 -56.28 -23.16
CA GLU B 141 66.80 -57.40 -23.84
C GLU B 141 66.56 -58.71 -23.08
N ALA B 142 66.73 -58.65 -21.76
CA ALA B 142 66.44 -59.79 -20.90
C ALA B 142 64.94 -60.04 -20.79
N LEU B 143 64.14 -58.97 -20.83
CA LEU B 143 62.68 -59.10 -20.78
C LEU B 143 62.06 -59.54 -22.12
N LYS B 144 62.71 -60.44 -22.84
CA LYS B 144 62.07 -61.12 -23.97
C LYS B 144 61.00 -62.07 -23.40
N ASP B 145 59.93 -61.48 -22.86
CA ASP B 145 58.95 -62.20 -22.06
C ASP B 145 57.54 -61.96 -22.59
N ALA B 146 56.71 -63.00 -22.48
CA ALA B 146 55.32 -62.97 -22.96
C ALA B 146 54.32 -62.68 -21.84
N LYS B 147 54.49 -63.34 -20.69
CA LYS B 147 53.58 -63.18 -19.55
C LYS B 147 53.85 -61.90 -18.75
N ASN B 148 55.02 -61.29 -18.97
CA ASN B 148 55.28 -59.94 -18.47
C ASN B 148 54.46 -58.93 -19.26
N ASP B 149 53.40 -58.41 -18.63
CA ASP B 149 52.53 -57.41 -19.25
C ASP B 149 52.88 -56.01 -18.73
N ARG B 150 52.68 -55.81 -17.42
CA ARG B 150 53.02 -54.53 -16.78
C ARG B 150 54.51 -54.44 -16.41
N LEU B 151 55.19 -55.59 -16.39
CA LEU B 151 56.63 -55.64 -16.19
C LEU B 151 57.32 -55.21 -17.49
N TRP B 152 56.82 -55.74 -18.60
CA TRP B 152 57.30 -55.40 -19.94
C TRP B 152 56.92 -53.98 -20.35
N PHE B 153 55.65 -53.60 -20.10
CA PHE B 153 55.08 -52.32 -20.56
C PHE B 153 55.69 -51.09 -19.87
N LYS B 154 55.93 -51.19 -18.57
CA LYS B 154 56.39 -50.03 -17.79
C LYS B 154 57.86 -49.66 -18.04
N THR B 155 58.67 -50.63 -18.43
CA THR B 155 60.04 -50.36 -18.87
C THR B 155 60.05 -49.76 -20.28
N ASN B 156 59.16 -50.27 -21.12
CA ASN B 156 59.07 -49.84 -22.51
C ASN B 156 58.40 -48.46 -22.64
N THR B 157 57.47 -48.15 -21.74
CA THR B 157 56.86 -46.82 -21.67
C THR B 157 57.89 -45.77 -21.28
N LYS B 158 58.77 -46.13 -20.35
CA LYS B 158 59.80 -45.21 -19.86
C LYS B 158 61.06 -45.20 -20.74
N LEU B 159 61.17 -46.14 -21.67
CA LEU B 159 62.18 -46.06 -22.72
C LEU B 159 61.74 -45.05 -23.79
N GLY B 160 60.44 -44.93 -23.97
CA GLY B 160 59.87 -43.98 -24.94
C GLY B 160 59.88 -42.52 -24.52
N LYS B 161 60.28 -42.25 -23.28
CA LYS B 161 60.41 -40.88 -22.77
C LYS B 161 61.83 -40.33 -22.96
N LEU B 162 62.84 -41.18 -22.77
CA LEU B 162 64.25 -40.81 -22.95
C LEU B 162 64.58 -40.51 -24.41
N TYR B 163 63.90 -41.19 -25.33
CA TYR B 163 64.15 -41.04 -26.77
C TYR B 163 63.61 -39.72 -27.34
N LEU B 164 62.72 -39.05 -26.61
CA LEU B 164 62.22 -37.73 -27.02
C LEU B 164 63.24 -36.63 -26.71
N GLU B 165 63.90 -36.73 -25.55
CA GLU B 165 64.98 -35.82 -25.17
C GLU B 165 66.22 -36.02 -26.05
N ARG B 166 66.46 -37.29 -26.40
CA ARG B 166 67.57 -37.69 -27.25
C ARG B 166 67.48 -37.12 -28.67
N GLU B 167 66.25 -36.93 -29.16
CA GLU B 167 65.97 -36.64 -30.58
C GLU B 167 66.17 -37.91 -31.42
N GLU B 168 65.74 -39.04 -30.86
CA GLU B 168 65.89 -40.36 -31.47
C GLU B 168 64.51 -40.87 -31.89
N TYR B 169 63.93 -40.19 -32.88
CA TYR B 169 62.53 -40.40 -33.25
C TYR B 169 62.32 -41.68 -34.08
N GLY B 170 63.38 -42.12 -34.76
CA GLY B 170 63.28 -43.31 -35.61
C GLY B 170 62.97 -44.57 -34.83
N LYS B 171 63.82 -44.89 -33.87
CA LYS B 171 63.61 -46.06 -33.00
C LYS B 171 62.42 -45.85 -32.06
N LEU B 172 62.14 -44.60 -31.72
CA LEU B 172 61.02 -44.28 -30.84
C LEU B 172 59.68 -44.72 -31.41
N GLN B 173 59.55 -44.71 -32.73
CA GLN B 173 58.32 -45.16 -33.39
C GLN B 173 58.15 -46.68 -33.27
N LYS B 174 59.24 -47.43 -33.34
CA LYS B 174 59.21 -48.88 -33.14
C LYS B 174 58.77 -49.22 -31.72
N ILE B 175 59.22 -48.41 -30.76
CA ILE B 175 58.83 -48.57 -29.36
C ILE B 175 57.33 -48.35 -29.21
N LEU B 176 56.81 -47.30 -29.84
CA LEU B 176 55.36 -47.00 -29.80
C LEU B 176 54.52 -48.01 -30.58
N ARG B 177 55.10 -48.64 -31.60
CA ARG B 177 54.41 -49.70 -32.35
C ARG B 177 54.20 -50.96 -31.50
N GLN B 178 55.19 -51.29 -30.68
CA GLN B 178 55.07 -52.41 -29.75
C GLN B 178 54.10 -52.09 -28.61
N LEU B 179 54.18 -50.87 -28.07
CA LEU B 179 53.31 -50.41 -26.99
C LEU B 179 51.83 -50.41 -27.40
N HIS B 180 51.55 -49.85 -28.57
CA HIS B 180 50.19 -49.81 -29.12
C HIS B 180 49.63 -51.22 -29.38
N GLN B 181 50.51 -52.12 -29.80
CA GLN B 181 50.11 -53.51 -30.08
C GLN B 181 49.97 -54.38 -28.83
N SER B 182 50.36 -53.84 -27.67
CA SER B 182 50.18 -54.55 -26.40
C SER B 182 48.71 -54.60 -25.99
N CYS B 183 47.98 -53.50 -26.22
CA CYS B 183 46.56 -53.44 -25.92
C CYS B 183 45.71 -53.88 -27.11
N GLN B 184 45.96 -53.28 -28.26
CA GLN B 184 45.24 -53.60 -29.50
C GLN B 184 46.05 -54.58 -30.35
N THR B 196 42.95 -47.57 -20.25
CA THR B 196 43.78 -47.50 -19.05
C THR B 196 45.23 -47.11 -19.35
N GLN B 197 45.93 -47.96 -20.09
CA GLN B 197 47.37 -47.81 -20.32
C GLN B 197 47.63 -47.07 -21.63
N LEU B 198 45.23 -47.91 -22.97
CA LEU B 198 45.67 -47.35 -24.24
C LEU B 198 45.86 -45.82 -24.27
N LEU B 199 45.38 -45.08 -23.26
CA LEU B 199 45.50 -43.62 -23.24
C LEU B 199 46.94 -43.14 -23.06
N GLU B 200 47.64 -43.73 -22.08
CA GLU B 200 49.04 -43.38 -21.81
C GLU B 200 49.99 -43.71 -22.97
N ILE B 201 49.55 -44.55 -23.91
CA ILE B 201 50.28 -44.78 -25.17
C ILE B 201 50.02 -43.62 -26.13
N TYR B 202 48.75 -43.23 -26.25
CA TYR B 202 48.36 -42.07 -27.08
C TYR B 202 48.91 -40.74 -26.55
N ALA B 203 49.26 -40.71 -25.26
CA ALA B 203 49.93 -39.54 -24.68
C ALA B 203 51.30 -39.32 -25.30
N LEU B 204 52.07 -40.41 -25.41
CA LEU B 204 53.42 -40.38 -25.98
C LEU B 204 53.42 -40.21 -27.51
N GLU B 205 52.31 -40.59 -28.16
CA GLU B 205 52.16 -40.40 -29.61
C GLU B 205 51.87 -38.93 -29.94
N ILE B 206 51.01 -38.31 -29.12
CA ILE B 206 50.69 -36.88 -29.27
C ILE B 206 51.88 -36.00 -28.84
N GLN B 207 52.75 -36.54 -27.99
CA GLN B 207 53.93 -35.81 -27.52
C GLN B 207 55.08 -35.78 -28.54
N MET B 208 55.18 -36.82 -29.35
CA MET B 208 56.20 -36.90 -30.39
C MET B 208 55.84 -36.02 -31.59
N TYR B 209 54.59 -36.08 -32.02
CA TYR B 209 54.12 -35.30 -33.17
C TYR B 209 53.86 -33.82 -32.85
N THR B 210 53.84 -33.46 -31.56
CA THR B 210 53.83 -32.06 -31.15
C THR B 210 55.24 -31.44 -31.33
N ALA B 211 56.27 -32.27 -31.22
CA ALA B 211 57.65 -31.87 -31.52
C ALA B 211 57.95 -31.88 -33.02
N GLN B 212 57.21 -32.71 -33.77
CA GLN B 212 57.42 -32.90 -35.21
C GLN B 212 56.62 -31.90 -36.08
N LYS B 213 55.44 -31.52 -35.59
CA LYS B 213 54.47 -30.67 -36.33
C LYS B 213 53.74 -31.44 -37.43
N ASN B 214 53.16 -32.59 -37.06
CA ASN B 214 52.32 -33.37 -37.97
C ASN B 214 50.86 -33.22 -37.55
N ASN B 215 50.19 -32.23 -38.12
CA ASN B 215 48.81 -31.89 -37.76
C ASN B 215 47.79 -32.84 -38.39
N LYS B 216 48.19 -33.53 -39.45
CA LYS B 216 47.30 -34.45 -40.17
C LYS B 216 47.08 -35.75 -39.38
N LYS B 217 48.10 -36.17 -38.64
CA LYS B 217 48.00 -37.34 -37.76
C LYS B 217 47.52 -36.97 -36.37
N LEU B 218 48.04 -35.87 -35.82
CA LEU B 218 47.62 -35.37 -34.50
C LEU B 218 46.10 -35.19 -34.39
N LYS B 219 45.48 -34.68 -35.46
CA LYS B 219 44.03 -34.50 -35.50
C LYS B 219 43.32 -35.86 -35.43
N ALA B 220 43.84 -36.84 -36.15
CA ALA B 220 43.31 -38.21 -36.10
C ALA B 220 43.57 -38.84 -34.73
N LEU B 221 44.73 -38.57 -34.15
CA LEU B 221 45.10 -39.13 -32.84
C LEU B 221 44.24 -38.60 -31.68
N TYR B 222 44.00 -37.29 -31.65
CA TYR B 222 43.20 -36.68 -30.57
C TYR B 222 41.74 -37.15 -30.61
N GLU B 223 41.17 -37.19 -31.82
CA GLU B 223 39.80 -37.67 -32.01
C GLU B 223 39.64 -39.12 -31.54
N GLN B 224 40.69 -39.92 -31.71
CA GLN B 224 40.70 -41.32 -31.27
C GLN B 224 41.07 -41.48 -29.80
N SER B 225 41.73 -40.47 -29.22
CA SER B 225 42.05 -40.47 -27.79
C SER B 225 40.99 -39.77 -26.92
N LEU B 226 39.78 -39.61 -27.46
CA LEU B 226 38.61 -39.18 -26.68
C LEU B 226 37.61 -40.33 -26.46
N HIS B 227 37.73 -41.39 -27.26
CA HIS B 227 36.94 -42.61 -27.07
C HIS B 227 37.64 -43.53 -26.07
N ILE B 228 38.96 -43.45 -26.04
CA ILE B 228 39.81 -44.19 -25.10
C ILE B 228 39.91 -43.45 -23.76
N LYS B 229 39.57 -42.16 -23.77
CA LYS B 229 39.54 -41.32 -22.57
C LYS B 229 38.43 -41.73 -21.58
N SER B 230 37.47 -42.51 -22.05
CA SER B 230 36.37 -43.00 -21.22
C SER B 230 36.80 -44.20 -20.35
N ALA B 231 37.19 -45.31 -20.98
CA ALA B 231 37.56 -46.53 -20.26
C ALA B 231 38.98 -46.48 -19.70
N ILE B 232 39.12 -45.78 -18.57
CA ILE B 232 40.42 -45.54 -17.93
C ILE B 232 40.24 -44.96 -16.53
N PRO B 233 41.15 -45.31 -15.58
CA PRO B 233 41.33 -44.53 -14.35
C PRO B 233 41.72 -43.06 -14.65
N HIS B 234 42.51 -42.42 -13.78
CA HIS B 234 42.76 -40.97 -13.92
C HIS B 234 44.20 -40.54 -13.56
N PRO B 235 45.02 -40.26 -14.60
CA PRO B 235 46.36 -39.69 -14.41
C PRO B 235 46.46 -38.23 -14.86
N LEU B 236 47.67 -37.66 -14.74
CA LEU B 236 47.99 -36.34 -15.31
C LEU B 236 47.83 -36.37 -16.83
N ILE B 237 48.22 -37.49 -17.43
CA ILE B 237 48.14 -37.70 -18.89
C ILE B 237 46.81 -37.28 -19.52
N MET B 238 45.70 -37.39 -18.78
CA MET B 238 44.39 -36.96 -19.29
C MET B 238 44.29 -35.45 -19.59
N GLY B 239 45.28 -34.66 -19.18
CA GLY B 239 45.42 -33.26 -19.60
C GLY B 239 46.49 -33.00 -20.65
N VAL B 240 47.40 -33.95 -20.83
CA VAL B 240 48.47 -33.84 -21.84
C VAL B 240 47.88 -33.94 -23.25
N ILE B 241 46.82 -34.72 -23.40
CA ILE B 241 46.14 -34.87 -24.69
C ILE B 241 45.12 -33.76 -24.97
N ARG B 242 44.54 -33.20 -23.91
CA ARG B 242 43.53 -32.16 -24.05
C ARG B 242 44.10 -30.81 -24.47
N GLU B 243 45.30 -30.51 -23.96
CA GLU B 243 46.02 -29.28 -24.33
C GLU B 243 46.50 -29.33 -25.79
N CYS B 244 47.04 -30.48 -26.21
CA CYS B 244 47.44 -30.68 -27.61
C CYS B 244 46.24 -30.82 -28.55
N GLY B 245 45.11 -31.30 -28.00
CA GLY B 245 43.86 -31.42 -28.76
C GLY B 245 43.19 -30.09 -29.02
N GLY B 246 43.26 -29.18 -28.04
CA GLY B 246 42.77 -27.82 -28.19
C GLY B 246 43.55 -27.05 -29.24
N LYS B 247 44.84 -27.37 -29.39
CA LYS B 247 45.70 -26.75 -30.40
C LYS B 247 45.29 -27.06 -31.85
N MET B 248 44.59 -28.17 -32.07
CA MET B 248 44.06 -28.52 -33.39
C MET B 248 42.60 -28.08 -33.54
N HIS B 249 42.15 -27.18 -32.67
CA HIS B 249 40.90 -26.45 -32.87
C HIS B 249 41.12 -24.93 -32.90
N LEU B 250 42.30 -24.47 -32.46
CA LEU B 250 42.77 -23.11 -32.72
C LEU B 250 43.28 -23.04 -34.15
N ARG B 251 44.12 -24.00 -34.50
CA ARG B 251 44.66 -24.14 -35.86
C ARG B 251 43.52 -24.27 -36.86
N GLU B 252 42.56 -25.15 -36.54
CA GLU B 252 41.40 -25.43 -37.41
C GLU B 252 40.47 -24.22 -37.53
N GLY B 253 40.43 -23.40 -36.48
CA GLY B 253 39.66 -22.16 -36.49
C GLY B 253 38.56 -22.15 -35.44
N GLU B 254 37.88 -23.29 -35.29
CA GLU B 254 36.76 -23.40 -34.35
C GLU B 254 37.25 -23.26 -32.91
N PHE B 255 37.31 -22.02 -32.44
CA PHE B 255 37.88 -21.69 -31.13
C PHE B 255 37.01 -22.13 -29.97
N GLU B 256 35.75 -22.47 -30.23
CA GLU B 256 34.86 -22.98 -29.20
C GLU B 256 35.25 -24.40 -28.76
N LYS B 257 35.94 -25.12 -29.63
CA LYS B 257 36.43 -26.48 -29.31
C LYS B 257 37.90 -26.49 -28.83
N ALA B 258 38.52 -25.32 -28.77
CA ALA B 258 39.85 -25.16 -28.16
C ALA B 258 39.71 -24.55 -26.76
N HIS B 259 38.94 -23.47 -26.68
CA HIS B 259 38.57 -22.82 -25.42
C HIS B 259 38.32 -23.82 -24.28
N THR B 260 37.34 -24.70 -24.45
CA THR B 260 36.98 -25.68 -23.42
C THR B 260 38.07 -26.73 -23.23
N ASP B 261 38.82 -27.05 -24.29
CA ASP B 261 39.94 -27.98 -24.21
C ASP B 261 41.07 -27.50 -23.29
N PHE B 262 41.35 -26.20 -23.34
CA PHE B 262 42.44 -25.62 -22.53
C PHE B 262 42.04 -25.35 -21.07
N PHE B 263 40.75 -25.39 -20.75
CA PHE B 263 40.29 -25.26 -19.37
C PHE B 263 40.49 -26.56 -18.61
N GLU B 264 40.23 -27.68 -19.27
CA GLU B 264 40.36 -29.02 -18.68
C GLU B 264 41.83 -29.43 -18.53
N ALA B 265 42.66 -29.07 -19.52
CA ALA B 265 44.09 -29.35 -19.48
C ALA B 265 44.80 -28.52 -18.41
N PHE B 266 44.36 -27.26 -18.23
CA PHE B 266 44.86 -26.39 -17.18
C PHE B 266 44.58 -26.97 -15.79
N LYS B 267 43.41 -27.60 -15.65
CA LYS B 267 43.00 -28.20 -14.37
C LYS B 267 43.81 -29.45 -14.00
N ASN B 268 44.30 -30.18 -15.00
CA ASN B 268 45.16 -31.34 -14.75
C ASN B 268 46.57 -30.96 -14.29
N TYR B 269 47.06 -29.82 -14.76
CA TYR B 269 48.35 -29.28 -14.30
C TYR B 269 48.18 -28.59 -12.94
N ASP B 270 46.94 -28.18 -12.63
CA ASP B 270 46.60 -27.59 -11.33
C ASP B 270 46.70 -28.60 -10.19
N GLU B 271 46.31 -29.84 -10.44
CA GLU B 271 46.33 -30.89 -9.42
C GLU B 271 47.76 -31.38 -9.19
N SER B 272 48.42 -31.77 -10.29
CA SER B 272 49.76 -32.34 -10.25
C SER B 272 50.80 -31.29 -10.65
N GLY B 273 51.78 -31.66 -11.48
CA GLY B 273 52.85 -30.76 -11.89
C GLY B 273 52.36 -29.64 -12.80
N SER B 274 53.07 -28.51 -12.76
CA SER B 274 52.67 -27.31 -13.49
C SER B 274 53.80 -26.70 -14.35
N PRO B 275 54.39 -27.50 -15.26
CA PRO B 275 55.31 -26.93 -16.24
C PRO B 275 54.55 -26.24 -17.38
N ARG B 276 53.38 -26.76 -17.71
CA ARG B 276 52.53 -26.20 -18.76
C ARG B 276 51.43 -25.28 -18.22
N ARG B 277 51.15 -25.35 -16.91
CA ARG B 277 50.11 -24.52 -16.29
C ARG B 277 50.38 -23.02 -16.49
N THR B 278 51.65 -22.63 -16.45
CA THR B 278 52.05 -21.23 -16.66
C THR B 278 51.88 -20.77 -18.11
N THR B 279 51.97 -21.71 -19.07
CA THR B 279 51.73 -21.40 -20.49
C THR B 279 50.42 -21.97 -21.04
N CYS B 280 49.71 -22.79 -20.25
CA CYS B 280 48.41 -23.33 -20.65
C CYS B 280 47.31 -22.28 -20.50
N LEU B 281 47.44 -21.42 -19.49
CA LEU B 281 46.52 -20.30 -19.30
C LEU B 281 46.63 -19.27 -20.43
N LYS B 282 47.80 -19.19 -21.06
CA LYS B 282 47.98 -18.35 -22.24
C LYS B 282 47.06 -18.76 -23.39
N TYR B 283 46.75 -20.05 -23.47
CA TYR B 283 45.86 -20.57 -24.52
C TYR B 283 44.38 -20.57 -24.10
N LEU B 284 44.11 -20.56 -22.79
CA LEU B 284 42.74 -20.38 -22.27
C LEU B 284 42.26 -18.94 -22.44
N VAL B 285 43.16 -17.98 -22.22
CA VAL B 285 42.86 -16.56 -22.41
C VAL B 285 42.82 -16.19 -23.90
N LEU B 286 43.82 -16.66 -24.65
CA LEU B 286 43.88 -16.45 -26.10
C LEU B 286 42.63 -16.98 -26.80
N ALA B 287 42.06 -18.06 -26.26
CA ALA B 287 40.79 -18.59 -26.75
C ALA B 287 39.65 -17.60 -26.52
N ASN B 288 39.47 -17.18 -25.27
CA ASN B 288 38.37 -16.29 -24.87
C ASN B 288 38.31 -14.96 -25.63
N MET B 289 39.47 -14.42 -25.97
CA MET B 289 39.54 -13.21 -26.79
C MET B 289 39.17 -13.54 -28.23
N LEU B 290 39.87 -14.52 -28.81
CA LEU B 290 39.62 -14.97 -30.18
C LEU B 290 38.28 -15.70 -30.32
N MET B 291 37.69 -16.12 -29.21
CA MET B 291 36.33 -16.63 -29.20
C MET B 291 35.36 -15.51 -29.56
N LYS B 292 35.82 -14.26 -29.40
CA LYS B 292 35.11 -13.08 -29.88
C LYS B 292 33.78 -12.91 -29.15
N SER B 293 33.86 -13.06 -27.82
CA SER B 293 32.66 -13.12 -26.97
C SER B 293 33.04 -13.33 -25.51
N GLY B 294 33.94 -14.29 -25.26
CA GLY B 294 34.38 -14.65 -23.91
C GLY B 294 34.74 -13.46 -23.03
N ILE B 295 35.88 -12.84 -23.32
CA ILE B 295 36.39 -11.68 -22.57
C ILE B 295 36.18 -11.73 -21.05
N ASN B 296 36.23 -12.94 -20.48
CA ASN B 296 36.02 -13.16 -19.03
C ASN B 296 36.87 -14.33 -18.52
N PRO B 297 38.21 -14.19 -18.53
CA PRO B 297 39.09 -15.31 -18.18
C PRO B 297 39.36 -15.51 -16.68
N PHE B 298 39.89 -14.48 -16.02
CA PHE B 298 40.37 -14.59 -14.63
C PHE B 298 39.25 -14.59 -13.59
N ASP B 299 38.01 -14.37 -14.04
CA ASP B 299 36.83 -14.43 -13.17
C ASP B 299 36.28 -15.85 -13.06
N SER B 300 36.94 -16.82 -13.69
CA SER B 300 36.44 -18.19 -13.79
C SER B 300 36.50 -18.94 -12.44
N GLN B 301 37.58 -19.67 -12.19
CA GLN B 301 37.69 -20.52 -11.01
C GLN B 301 39.14 -20.69 -10.56
N GLU B 302 39.91 -21.48 -11.32
CA GLU B 302 41.31 -21.78 -10.98
C GLU B 302 42.27 -20.69 -11.48
N ALA B 303 41.77 -19.78 -12.31
CA ALA B 303 42.57 -18.67 -12.81
C ALA B 303 42.52 -17.44 -11.90
N LYS B 304 41.83 -17.53 -10.77
CA LYS B 304 41.71 -16.41 -9.84
C LYS B 304 43.00 -16.12 -9.05
N PRO B 305 43.62 -17.16 -8.43
CA PRO B 305 44.85 -16.90 -7.68
C PRO B 305 46.13 -16.89 -8.53
N TYR B 306 46.03 -17.34 -9.78
CA TYR B 306 47.17 -17.35 -10.69
C TYR B 306 47.06 -16.28 -11.79
N LYS B 307 46.05 -15.40 -11.69
CA LYS B 307 45.98 -14.22 -12.55
C LYS B 307 47.10 -13.24 -12.18
N ASN B 308 47.51 -13.30 -10.91
CA ASN B 308 48.59 -12.47 -10.38
C ASN B 308 49.94 -12.91 -10.95
N ASP B 309 50.13 -14.22 -11.06
CA ASP B 309 51.35 -14.84 -11.62
C ASP B 309 52.04 -13.90 -12.62
N PRO B 310 53.31 -13.50 -12.35
CA PRO B 310 53.99 -12.50 -13.17
C PRO B 310 54.45 -12.96 -14.56
N GLU B 311 54.20 -14.23 -14.90
CA GLU B 311 54.45 -14.74 -16.25
C GLU B 311 53.29 -14.41 -17.17
N ILE B 312 52.09 -14.78 -16.74
CA ILE B 312 50.86 -14.56 -17.54
C ILE B 312 50.24 -13.16 -17.36
N LEU B 313 50.87 -12.31 -16.54
CA LEU B 313 50.38 -10.96 -16.32
C LEU B 313 50.56 -10.08 -17.56
N ALA B 314 51.35 -10.55 -18.54
CA ALA B 314 51.43 -9.92 -19.85
C ALA B 314 50.11 -10.06 -20.63
N MET B 315 49.39 -11.16 -20.40
CA MET B 315 48.08 -11.42 -21.04
C MET B 315 46.90 -10.79 -20.28
N THR B 316 47.09 -10.51 -18.99
CA THR B 316 46.07 -9.82 -18.18
C THR B 316 45.88 -8.36 -18.64
N ASN B 317 46.96 -7.73 -19.09
CA ASN B 317 46.90 -6.37 -19.65
C ASN B 317 46.18 -6.32 -21.01
N LEU B 318 46.23 -7.42 -21.74
CA LEU B 318 45.63 -7.48 -23.07
C LEU B 318 44.14 -7.79 -23.05
N VAL B 319 43.67 -8.62 -22.10
CA VAL B 319 42.26 -9.01 -22.06
C VAL B 319 41.34 -7.84 -21.78
N SER B 320 41.77 -6.94 -20.90
CA SER B 320 41.03 -5.71 -20.62
C SER B 320 41.23 -4.69 -21.75
N ALA B 321 42.40 -4.69 -22.37
CA ALA B 321 42.66 -3.85 -23.55
C ALA B 321 41.83 -4.29 -24.75
N TYR B 322 41.61 -5.60 -24.87
CA TYR B 322 40.72 -6.17 -25.89
C TYR B 322 39.27 -5.87 -25.56
N GLN B 323 38.90 -6.07 -24.28
CA GLN B 323 37.54 -5.82 -23.80
C GLN B 323 37.14 -4.35 -23.95
N ASN B 324 38.04 -3.45 -23.57
CA ASN B 324 37.80 -2.01 -23.66
C ASN B 324 38.09 -1.43 -25.06
N ASN B 325 38.67 -2.25 -25.94
CA ASN B 325 38.95 -1.87 -27.32
C ASN B 325 39.95 -0.71 -27.42
N ASP B 326 41.02 -0.82 -26.64
CA ASP B 326 42.09 0.18 -26.65
C ASP B 326 43.27 -0.42 -27.41
N ILE B 327 43.57 0.16 -28.57
CA ILE B 327 44.60 -0.36 -29.46
C ILE B 327 46.00 0.14 -29.10
N THR B 328 46.13 1.45 -28.90
CA THR B 328 47.41 2.04 -28.51
C THR B 328 47.95 1.41 -27.22
N GLU B 329 47.04 1.01 -26.34
CA GLU B 329 47.40 0.25 -25.14
C GLU B 329 47.80 -1.18 -25.48
N PHE B 330 46.98 -1.83 -26.32
CA PHE B 330 47.21 -3.22 -26.73
C PHE B 330 48.58 -3.38 -27.40
N GLU B 331 48.90 -2.49 -28.33
CA GLU B 331 50.15 -2.56 -29.09
C GLU B 331 51.38 -2.17 -28.27
N LYS B 332 51.19 -1.35 -27.24
CA LYS B 332 52.26 -1.03 -26.29
C LYS B 332 52.67 -2.26 -25.48
N ILE B 333 51.71 -3.11 -25.15
CA ILE B 333 51.96 -4.35 -24.42
C ILE B 333 52.73 -5.35 -25.28
N LEU B 334 52.50 -5.32 -26.59
CA LEU B 334 53.21 -6.18 -27.54
C LEU B 334 54.67 -5.75 -27.72
N LYS B 335 54.93 -4.45 -27.66
CA LYS B 335 56.28 -3.91 -27.82
C LYS B 335 57.15 -4.16 -26.58
N THR B 336 56.60 -3.85 -25.41
CA THR B 336 57.32 -4.03 -24.14
C THR B 336 57.46 -5.51 -23.79
N ASN B 337 56.34 -6.19 -23.62
CA ASN B 337 56.32 -7.64 -23.42
C ASN B 337 56.35 -8.35 -24.77
N HIS B 338 57.51 -8.30 -25.41
CA HIS B 338 57.74 -8.93 -26.71
C HIS B 338 58.16 -10.38 -26.51
N SER B 339 59.07 -10.59 -25.56
CA SER B 339 59.54 -11.92 -25.20
C SER B 339 58.42 -12.84 -24.70
N ASN B 340 57.50 -12.28 -23.91
CA ASN B 340 56.37 -13.04 -23.36
C ASN B 340 55.39 -13.53 -24.43
N ILE B 341 54.99 -12.64 -25.34
CA ILE B 341 53.92 -12.90 -26.28
C ILE B 341 54.43 -13.30 -27.67
N MET B 342 55.27 -12.45 -28.25
CA MET B 342 55.69 -12.62 -29.65
C MET B 342 56.75 -13.69 -29.91
N ASP B 343 57.21 -14.37 -28.87
CA ASP B 343 58.11 -15.52 -29.03
C ASP B 343 57.34 -16.83 -29.12
N ASP B 344 56.16 -16.87 -28.51
CA ASP B 344 55.29 -18.05 -28.55
C ASP B 344 54.66 -18.15 -29.94
N PRO B 345 54.88 -19.27 -30.67
CA PRO B 345 54.37 -19.39 -32.04
C PRO B 345 52.87 -19.61 -32.15
N PHE B 346 52.20 -19.96 -31.04
CA PHE B 346 50.73 -20.07 -31.01
C PHE B 346 50.02 -18.75 -30.69
N ILE B 347 50.76 -17.74 -30.24
CA ILE B 347 50.23 -16.37 -30.10
C ILE B 347 50.73 -15.47 -31.23
N ARG B 348 51.89 -15.81 -31.80
CA ARG B 348 52.47 -15.09 -32.94
C ARG B 348 51.64 -15.28 -34.22
N GLU B 349 50.95 -16.42 -34.33
CA GLU B 349 50.10 -16.72 -35.49
C GLU B 349 48.83 -15.86 -35.48
N HIS B 350 48.08 -15.90 -34.37
CA HIS B 350 46.77 -15.27 -34.28
C HIS B 350 46.81 -13.81 -33.77
N ILE B 351 47.99 -13.18 -33.81
CA ILE B 351 48.15 -11.80 -33.33
C ILE B 351 47.37 -10.77 -34.17
N GLU B 352 47.39 -10.94 -35.48
CA GLU B 352 46.78 -9.96 -36.38
C GLU B 352 45.27 -10.14 -36.50
N GLU B 353 44.80 -11.39 -36.54
CA GLU B 353 43.36 -11.67 -36.52
C GLU B 353 42.72 -11.08 -35.26
N LEU B 354 43.46 -11.12 -34.16
CA LEU B 354 43.01 -10.51 -32.91
C LEU B 354 43.01 -8.98 -32.99
N LEU B 355 44.04 -8.42 -33.63
CA LEU B 355 44.16 -6.97 -33.79
C LEU B 355 43.04 -6.39 -34.67
N ARG B 356 42.68 -7.11 -35.73
CA ARG B 356 41.53 -6.75 -36.56
C ARG B 356 40.25 -6.66 -35.74
N ASN B 357 39.91 -7.76 -35.09
CA ASN B 357 38.67 -7.87 -34.30
C ASN B 357 38.41 -6.63 -33.44
N ILE B 358 39.49 -6.01 -32.96
CA ILE B 358 39.40 -4.75 -32.24
C ILE B 358 39.30 -3.60 -33.23
N ARG B 359 40.27 -3.51 -34.15
CA ARG B 359 40.32 -2.42 -35.15
C ARG B 359 38.95 -2.07 -35.72
N THR B 360 38.23 -3.10 -36.15
CA THR B 360 36.88 -2.94 -36.67
C THR B 360 35.97 -2.41 -35.57
N GLN B 361 35.98 -3.09 -34.43
CA GLN B 361 35.17 -2.70 -33.28
C GLN B 361 35.29 -1.20 -33.02
N VAL B 362 36.52 -0.70 -33.01
CA VAL B 362 36.80 0.72 -32.79
C VAL B 362 36.17 1.57 -33.88
N LEU B 363 36.38 1.16 -35.13
CA LEU B 363 35.89 1.91 -36.26
C LEU B 363 34.37 2.08 -36.26
N ILE B 364 33.64 1.06 -35.84
CA ILE B 364 32.17 1.10 -35.80
C ILE B 364 31.67 2.29 -34.99
N LYS B 365 32.27 2.47 -33.81
CA LYS B 365 31.89 3.56 -32.92
C LYS B 365 32.27 4.92 -33.50
N LEU B 366 33.44 4.98 -34.12
CA LEU B 366 33.94 6.21 -34.74
C LEU B 366 33.00 6.71 -35.84
N ILE B 367 32.61 5.81 -36.73
CA ILE B 367 31.80 6.18 -37.89
C ILE B 367 30.33 6.44 -37.56
N LYS B 368 29.79 5.72 -36.56
CA LYS B 368 28.38 5.82 -36.18
C LYS B 368 27.78 7.22 -36.31
N PRO B 369 28.38 8.23 -35.65
CA PRO B 369 27.85 9.59 -35.75
C PRO B 369 27.97 10.20 -37.15
N TYR B 370 29.05 9.88 -37.86
CA TYR B 370 29.27 10.39 -39.21
C TYR B 370 28.26 9.83 -40.19
N THR B 371 28.05 10.55 -41.28
CA THR B 371 27.45 10.00 -42.49
C THR B 371 28.49 9.93 -43.60
N ARG B 372 29.31 10.98 -43.72
CA ARG B 372 30.37 11.03 -44.71
C ARG B 372 31.70 11.36 -44.03
N ILE B 373 32.75 10.63 -44.42
CA ILE B 373 34.02 10.68 -43.69
C ILE B 373 35.22 10.40 -44.61
N HIS B 374 36.32 11.12 -44.37
CA HIS B 374 37.57 10.92 -45.11
C HIS B 374 38.25 9.62 -44.72
N ILE B 375 38.85 8.96 -45.71
CA ILE B 375 39.71 7.81 -45.46
C ILE B 375 41.05 8.22 -44.81
N PRO B 376 41.67 9.32 -45.30
CA PRO B 376 42.89 9.83 -44.66
C PRO B 376 42.77 10.04 -43.15
N PHE B 377 41.60 10.47 -42.68
CA PHE B 377 41.37 10.67 -41.25
C PHE B 377 41.27 9.33 -40.51
N ILE B 378 40.54 8.39 -41.09
CA ILE B 378 40.40 7.06 -40.50
C ILE B 378 41.76 6.37 -40.47
N SER B 379 42.55 6.60 -41.53
CA SER B 379 43.94 6.14 -41.58
C SER B 379 44.74 6.56 -40.35
N LYS B 380 44.77 7.87 -40.10
CA LYS B 380 45.47 8.40 -38.93
C LYS B 380 44.86 7.89 -37.63
N GLU B 381 43.54 7.82 -37.56
CA GLU B 381 42.82 7.45 -36.34
C GLU B 381 43.17 6.03 -35.88
N LEU B 382 42.93 5.04 -36.74
CA LEU B 382 43.34 3.66 -36.43
C LEU B 382 44.84 3.49 -36.58
N ASN B 383 45.50 4.46 -37.23
CA ASN B 383 46.96 4.51 -37.32
C ASN B 383 47.46 3.36 -38.18
N ILE B 384 47.39 3.56 -39.50
CA ILE B 384 47.48 2.46 -40.45
C ILE B 384 47.51 3.04 -41.87
N ASP B 385 48.12 2.31 -42.81
CA ASP B 385 48.18 2.73 -44.21
C ASP B 385 46.79 2.79 -44.85
N VAL B 386 46.58 3.78 -45.70
CA VAL B 386 45.28 4.04 -46.33
C VAL B 386 44.74 2.80 -47.03
N ALA B 387 45.55 2.24 -47.92
CA ALA B 387 45.15 1.04 -48.67
C ALA B 387 44.61 -0.04 -47.74
N ASP B 388 45.35 -0.32 -46.67
CA ASP B 388 44.94 -1.34 -45.69
C ASP B 388 43.60 -1.03 -45.04
N VAL B 389 43.34 0.26 -44.79
CA VAL B 389 42.06 0.70 -44.25
C VAL B 389 40.97 0.44 -45.28
N GLU B 390 41.19 0.99 -46.47
CA GLU B 390 40.25 0.84 -47.58
C GLU B 390 39.86 -0.63 -47.74
N SER B 391 40.86 -1.51 -47.71
CA SER B 391 40.62 -2.95 -47.77
C SER B 391 39.73 -3.40 -46.62
N LEU B 392 40.16 -3.13 -45.40
CA LEU B 392 39.44 -3.59 -44.21
C LEU B 392 37.98 -3.13 -44.23
N LEU B 393 37.75 -1.89 -44.65
CA LEU B 393 36.40 -1.36 -44.78
C LEU B 393 35.50 -2.27 -45.61
N VAL B 394 36.00 -2.67 -46.78
CA VAL B 394 35.23 -3.50 -47.71
C VAL B 394 34.74 -4.78 -47.05
N GLN B 395 35.62 -5.40 -46.27
CA GLN B 395 35.34 -6.72 -45.67
C GLN B 395 34.14 -6.64 -44.74
N CYS B 396 34.13 -5.61 -43.90
CA CYS B 396 33.01 -5.34 -43.01
C CYS B 396 31.71 -5.18 -43.81
N ILE B 397 31.81 -4.47 -44.93
CA ILE B 397 30.67 -4.27 -45.81
C ILE B 397 30.28 -5.56 -46.52
N LEU B 398 31.27 -6.35 -46.92
CA LEU B 398 31.03 -7.63 -47.58
C LEU B 398 30.23 -8.57 -46.68
N ASP B 399 30.73 -8.78 -45.48
CA ASP B 399 30.03 -9.60 -44.48
C ASP B 399 28.80 -8.87 -43.91
N ASN B 400 28.76 -7.55 -44.13
CA ASN B 400 27.58 -6.72 -43.89
C ASN B 400 27.42 -6.38 -42.40
N THR B 401 28.46 -5.77 -41.85
CA THR B 401 28.44 -5.25 -40.48
C THR B 401 28.38 -3.73 -40.54
N ILE B 402 29.38 -3.13 -41.19
CA ILE B 402 29.36 -1.70 -41.47
C ILE B 402 28.38 -1.44 -42.60
N HIS B 403 27.33 -0.66 -42.31
CA HIS B 403 26.39 -0.22 -43.35
C HIS B 403 26.96 1.01 -44.04
N GLY B 404 27.64 0.81 -45.17
CA GLY B 404 28.30 1.90 -45.87
C GLY B 404 28.85 1.52 -47.23
N ARG B 405 29.24 2.54 -48.00
CA ARG B 405 29.82 2.33 -49.32
C ARG B 405 30.90 3.36 -49.62
N ILE B 406 31.85 2.97 -50.47
CA ILE B 406 33.09 3.73 -50.70
C ILE B 406 33.12 4.46 -52.04
N ASP B 407 33.42 5.76 -52.00
CA ASP B 407 33.76 6.52 -53.21
C ASP B 407 35.28 6.50 -53.35
N GLN B 408 35.76 5.59 -54.19
CA GLN B 408 37.19 5.37 -54.36
C GLN B 408 37.91 6.59 -54.92
N VAL B 409 37.23 7.33 -55.78
CA VAL B 409 37.84 8.49 -56.43
C VAL B 409 38.09 9.61 -55.41
N ASN B 410 37.17 9.78 -54.46
CA ASN B 410 37.25 10.87 -53.50
C ASN B 410 37.90 10.50 -52.17
N GLN B 411 38.31 9.23 -52.03
CA GLN B 411 38.97 8.76 -50.81
C GLN B 411 38.16 9.08 -49.56
N LEU B 412 36.97 8.50 -49.47
CA LEU B 412 36.04 8.79 -48.39
C LEU B 412 35.14 7.59 -48.10
N LEU B 413 34.15 7.78 -47.24
CA LEU B 413 33.13 6.77 -47.01
C LEU B 413 31.77 7.39 -46.68
N GLU B 414 30.91 7.47 -47.69
CA GLU B 414 29.50 7.80 -47.48
C GLU B 414 28.87 6.61 -46.75
N LEU B 415 28.06 6.90 -45.73
CA LEU B 415 27.50 5.85 -44.89
C LEU B 415 25.99 5.73 -45.05
N ASP B 416 25.52 4.49 -45.01
CA ASP B 416 24.09 4.21 -45.07
C ASP B 416 23.43 4.94 -43.91
N HIS B 417 22.27 5.51 -44.17
CA HIS B 417 21.59 6.34 -43.20
C HIS B 417 20.32 6.92 -43.81
N GLN B 418 20.45 7.43 -45.04
CA GLN B 418 19.34 8.06 -45.76
C GLN B 418 18.07 7.20 -45.66
N LYS B 419 17.28 7.45 -44.62
CA LYS B 419 16.12 6.64 -44.28
C LYS B 419 14.87 7.48 -44.41
N ARG B 420 13.85 6.92 -45.09
CA ARG B 420 12.58 7.61 -45.27
C ARG B 420 11.45 6.59 -45.39
N GLY B 421 10.24 7.08 -45.60
CA GLY B 421 9.06 6.23 -45.76
C GLY B 421 9.12 5.35 -47.00
N GLY B 422 9.89 4.27 -46.91
CA GLY B 422 9.99 3.29 -47.97
C GLY B 422 8.83 2.32 -47.98
N ALA B 423 8.05 2.30 -46.89
CA ALA B 423 6.90 1.40 -46.74
C ALA B 423 5.74 1.74 -47.68
N ARG B 424 5.27 2.98 -47.61
CA ARG B 424 4.17 3.47 -48.45
C ARG B 424 4.31 3.05 -49.91
N TYR B 425 5.49 3.31 -50.48
CA TYR B 425 5.73 3.09 -51.91
C TYR B 425 5.80 1.60 -52.26
N THR B 426 6.50 0.82 -51.43
CA THR B 426 6.61 -0.63 -51.63
C THR B 426 5.28 -1.35 -51.41
N ALA B 427 4.51 -0.91 -50.41
CA ALA B 427 3.21 -1.49 -50.12
C ALA B 427 2.23 -1.23 -51.27
N LEU B 428 2.14 0.03 -51.68
CA LEU B 428 1.32 0.43 -52.83
C LEU B 428 1.75 -0.28 -54.12
N ASP B 429 3.05 -0.52 -54.26
CA ASP B 429 3.61 -1.28 -55.38
C ASP B 429 2.86 -2.60 -55.58
N LYS B 430 2.64 -3.30 -54.46
CA LYS B 430 1.95 -4.59 -54.48
C LYS B 430 0.50 -4.43 -54.93
N TRP B 431 -0.21 -3.49 -54.31
CA TRP B 431 -1.60 -3.20 -54.67
C TRP B 431 -1.72 -2.85 -56.14
N THR B 432 -0.75 -2.10 -56.66
CA THR B 432 -0.70 -1.77 -58.08
C THR B 432 -0.56 -3.02 -58.93
N ASN B 433 0.30 -3.95 -58.48
CA ASN B 433 0.51 -5.20 -59.20
C ASN B 433 -0.73 -6.12 -59.21
N GLN B 434 -1.39 -6.26 -58.06
CA GLN B 434 -2.57 -7.13 -57.96
C GLN B 434 -3.70 -6.66 -58.88
N LEU B 435 -3.92 -5.35 -58.92
CA LEU B 435 -4.91 -4.76 -59.83
C LEU B 435 -4.60 -5.05 -61.30
N ASN B 436 -3.32 -5.03 -61.65
CA ASN B 436 -2.87 -5.33 -63.01
C ASN B 436 -3.29 -6.73 -63.43
N SER B 437 -2.97 -7.72 -62.60
CA SER B 437 -3.34 -9.11 -62.85
C SER B 437 -4.85 -9.34 -62.65
N LEU B 438 -5.48 -8.54 -61.79
CA LEU B 438 -6.92 -8.67 -61.51
C LEU B 438 -7.80 -8.28 -62.69
N ASN B 439 -7.61 -7.05 -63.20
CA ASN B 439 -8.49 -6.53 -64.27
C ASN B 439 -8.43 -7.36 -65.55
N GLN B 440 -7.26 -7.92 -65.85
CA GLN B 440 -7.10 -8.82 -66.99
C GLN B 440 -7.86 -10.14 -66.81
N ALA B 441 -7.98 -10.59 -65.56
CA ALA B 441 -8.77 -11.78 -65.23
C ALA B 441 -10.28 -11.53 -65.40
N VAL B 442 -10.70 -10.28 -65.25
CA VAL B 442 -12.09 -9.89 -65.49
C VAL B 442 -12.36 -9.67 -66.98
N VAL B 443 -11.34 -9.26 -67.73
CA VAL B 443 -11.44 -9.13 -69.20
C VAL B 443 -11.46 -10.51 -69.88
N SER B 444 -10.64 -11.44 -69.39
CA SER B 444 -10.59 -12.80 -69.94
C SER B 444 -11.81 -13.65 -69.59
N LYS B 445 -12.62 -13.17 -68.64
CA LYS B 445 -13.95 -13.74 -68.39
C LYS B 445 -14.86 -13.46 -69.59
N LEU B 446 -15.05 -12.18 -69.90
CA LEU B 446 -15.89 -11.74 -71.02
C LEU B 446 -15.11 -11.79 -72.33
N ALA B 447 -15.30 -12.89 -73.08
CA ALA B 447 -14.62 -13.13 -74.35
C ALA B 447 -13.11 -13.32 -74.18
N SER C 7 -50.28 5.65 -114.26
CA SER C 7 -51.51 5.68 -113.42
C SER C 7 -51.27 5.23 -111.97
N ALA C 8 -50.34 4.31 -111.76
CA ALA C 8 -50.04 3.77 -110.43
C ALA C 8 -48.99 4.58 -109.65
N LEU C 9 -47.99 5.13 -110.36
CA LEU C 9 -46.86 5.82 -109.73
C LEU C 9 -47.20 7.18 -109.07
N GLU C 10 -48.34 7.77 -109.45
CA GLU C 10 -48.75 9.07 -108.92
C GLU C 10 -49.72 8.96 -107.73
N GLN C 11 -49.94 7.74 -107.25
CA GLN C 11 -50.97 7.48 -106.23
C GLN C 11 -50.41 7.48 -104.81
N PHE C 12 -49.32 6.75 -104.60
CA PHE C 12 -48.78 6.54 -103.25
C PHE C 12 -47.73 7.59 -102.82
N VAL C 13 -47.77 8.76 -103.48
CA VAL C 13 -47.06 9.94 -102.98
C VAL C 13 -47.87 10.57 -101.85
N ASN C 14 -49.19 10.36 -101.90
CA ASN C 14 -50.12 10.84 -100.86
C ASN C 14 -50.18 9.89 -99.66
N SER C 15 -49.89 8.61 -99.90
CA SER C 15 -49.90 7.59 -98.82
C SER C 15 -48.77 7.80 -97.80
N VAL C 16 -47.68 8.44 -98.22
CA VAL C 16 -46.57 8.77 -97.33
C VAL C 16 -46.93 9.96 -96.44
N ARG C 17 -47.55 10.97 -97.05
CA ARG C 17 -47.97 12.19 -96.34
C ARG C 17 -49.12 11.95 -95.35
N GLN C 18 -49.97 10.96 -95.64
CA GLN C 18 -51.08 10.60 -94.76
C GLN C 18 -50.59 9.86 -93.51
N LEU C 19 -49.59 9.00 -93.67
CA LEU C 19 -48.92 8.36 -92.53
C LEU C 19 -48.07 9.36 -91.75
N SER C 20 -47.48 10.33 -92.46
CA SER C 20 -46.73 11.40 -91.81
C SER C 20 -47.66 12.25 -90.95
N ALA C 21 -47.12 12.75 -89.83
CA ALA C 21 -47.91 13.44 -88.81
C ALA C 21 -49.03 12.56 -88.25
N GLN C 22 -48.64 11.40 -87.74
CA GLN C 22 -49.57 10.45 -87.10
C GLN C 22 -48.90 9.74 -85.91
N GLY C 23 -49.68 8.96 -85.18
CA GLY C 23 -49.16 8.14 -84.08
C GLY C 23 -48.35 6.95 -84.56
N GLN C 24 -48.69 6.43 -85.74
CA GLN C 24 -48.00 5.28 -86.33
C GLN C 24 -47.54 5.55 -87.76
N MET C 25 -46.27 5.25 -88.03
CA MET C 25 -45.72 5.28 -89.38
C MET C 25 -45.13 3.90 -89.73
N THR C 26 -45.57 2.87 -89.02
CA THR C 26 -45.06 1.50 -89.22
C THR C 26 -45.56 0.86 -90.52
N GLN C 27 -46.56 1.49 -91.15
CA GLN C 27 -47.02 1.07 -92.47
C GLN C 27 -46.17 1.72 -93.57
N LEU C 28 -45.47 2.80 -93.24
CA LEU C 28 -44.48 3.41 -94.13
C LEU C 28 -43.22 2.54 -94.23
N CYS C 29 -43.01 1.67 -93.25
CA CYS C 29 -41.92 0.69 -93.29
C CYS C 29 -42.14 -0.40 -94.34
N GLU C 30 -43.38 -0.55 -94.81
CA GLU C 30 -43.71 -1.50 -95.87
C GLU C 30 -43.80 -0.84 -97.25
N LEU C 31 -44.08 0.47 -97.29
CA LEU C 31 -44.09 1.21 -98.56
C LEU C 31 -42.68 1.40 -99.13
N ILE C 32 -41.72 1.70 -98.26
CA ILE C 32 -40.32 1.89 -98.68
C ILE C 32 -39.66 0.57 -99.10
N ASN C 33 -40.11 -0.53 -98.50
CA ASN C 33 -39.59 -1.87 -98.82
C ASN C 33 -40.18 -2.44 -100.13
N LYS C 34 -41.41 -2.07 -100.45
CA LYS C 34 -42.09 -2.54 -101.67
C LYS C 34 -41.56 -1.84 -102.92
N SER C 35 -41.86 -0.55 -103.05
CA SER C 35 -41.37 0.30 -104.16
C SER C 35 -42.04 0.00 -105.51
N GLY C 36 -42.09 -1.27 -105.90
CA GLY C 36 -42.56 -1.67 -107.22
C GLY C 36 -41.43 -2.08 -108.15
N GLU C 37 -40.22 -2.19 -107.61
CA GLU C 37 -39.01 -2.58 -108.35
C GLU C 37 -38.69 -1.61 -109.49
N LEU C 38 -39.37 -1.77 -110.64
CA LEU C 38 -39.10 -0.94 -111.81
C LEU C 38 -39.76 0.45 -111.67
N LEU C 39 -39.14 1.31 -110.86
CA LEU C 39 -39.62 2.68 -110.67
C LEU C 39 -39.20 3.52 -111.86
N ALA C 40 -40.18 4.16 -112.51
CA ALA C 40 -39.93 4.88 -113.75
C ALA C 40 -39.07 6.13 -113.52
N LYS C 41 -38.60 6.70 -114.62
CA LYS C 41 -37.94 8.01 -114.63
C LYS C 41 -38.77 9.14 -113.97
N ASN C 42 -40.02 8.83 -113.62
CA ASN C 42 -40.98 9.84 -113.16
C ASN C 42 -40.77 10.36 -111.73
N LEU C 43 -39.97 9.65 -110.92
CA LEU C 43 -39.77 10.02 -109.52
C LEU C 43 -38.97 11.32 -109.32
N SER C 44 -38.31 11.78 -110.39
CA SER C 44 -37.64 13.10 -110.38
C SER C 44 -38.64 14.23 -110.15
N HIS C 45 -39.81 14.11 -110.77
CA HIS C 45 -40.88 15.08 -110.59
C HIS C 45 -41.46 15.02 -109.18
N LEU C 46 -41.81 13.81 -108.75
CA LEU C 46 -42.53 13.59 -107.49
C LEU C 46 -41.76 14.05 -106.24
N ASP C 47 -40.47 14.32 -106.39
CA ASP C 47 -39.65 14.81 -105.28
C ASP C 47 -39.63 16.34 -105.17
N THR C 48 -40.34 17.04 -106.07
CA THR C 48 -40.38 18.50 -106.03
C THR C 48 -41.60 19.05 -105.28
N VAL C 49 -42.77 18.46 -105.50
CA VAL C 49 -44.00 18.82 -104.79
C VAL C 49 -44.12 17.85 -103.61
N LEU C 50 -43.27 18.05 -102.61
CA LEU C 50 -43.06 17.05 -101.58
C LEU C 50 -42.67 17.61 -100.20
N GLY C 51 -41.61 18.43 -100.15
CA GLY C 51 -41.10 18.97 -98.89
C GLY C 51 -42.14 19.73 -98.09
N ALA C 52 -42.96 18.98 -97.34
CA ALA C 52 -44.09 19.54 -96.58
C ALA C 52 -43.77 19.66 -95.09
N LEU C 53 -43.66 18.52 -94.40
CA LEU C 53 -43.32 18.51 -92.97
C LEU C 53 -41.81 18.69 -92.85
N ASP C 54 -41.06 17.77 -93.48
CA ASP C 54 -39.63 17.95 -93.74
C ASP C 54 -39.16 16.92 -94.78
N VAL C 55 -39.88 16.87 -95.90
CA VAL C 55 -39.58 15.97 -97.03
C VAL C 55 -39.86 14.47 -96.76
N GLN C 56 -40.18 14.11 -95.52
CA GLN C 56 -40.56 12.73 -95.15
C GLN C 56 -39.47 11.68 -95.47
N GLU C 57 -39.80 10.40 -95.24
CA GLU C 57 -38.97 9.28 -95.68
C GLU C 57 -39.18 8.96 -97.16
N HIS C 58 -40.00 9.78 -97.82
CA HIS C 58 -40.22 9.72 -99.27
C HIS C 58 -38.88 9.86 -100.01
N SER C 59 -38.14 10.91 -99.67
CA SER C 59 -36.83 11.18 -100.29
C SER C 59 -35.89 9.97 -100.22
N LEU C 60 -35.96 9.22 -99.12
CA LEU C 60 -35.13 8.03 -98.94
C LEU C 60 -35.50 6.90 -99.91
N GLY C 61 -36.80 6.67 -100.09
CA GLY C 61 -37.28 5.69 -101.06
C GLY C 61 -36.86 6.03 -102.48
N VAL C 62 -36.84 7.32 -102.80
CA VAL C 62 -36.45 7.81 -104.12
C VAL C 62 -34.95 7.66 -104.35
N LEU C 63 -34.17 8.22 -103.43
CA LEU C 63 -32.71 8.24 -103.55
C LEU C 63 -32.08 6.84 -103.59
N ALA C 64 -32.71 5.88 -102.92
CA ALA C 64 -32.22 4.50 -102.91
C ALA C 64 -32.24 3.88 -104.31
N VAL C 65 -33.26 4.20 -105.08
CA VAL C 65 -33.41 3.65 -106.43
C VAL C 65 -32.47 4.33 -107.42
N LEU C 66 -32.23 5.63 -107.26
CA LEU C 66 -31.35 6.39 -108.15
C LEU C 66 -29.92 5.85 -108.17
N PHE C 67 -29.34 5.69 -106.98
CA PHE C 67 -27.95 5.26 -106.85
C PHE C 67 -27.75 3.75 -107.07
N VAL C 68 -28.83 2.98 -107.00
CA VAL C 68 -28.78 1.54 -107.29
C VAL C 68 -29.28 1.27 -108.72
N LYS C 69 -29.14 2.25 -109.61
CA LYS C 69 -29.29 2.04 -111.04
C LYS C 69 -28.11 1.23 -111.57
N PHE C 70 -26.91 1.54 -111.05
CA PHE C 70 -25.64 0.98 -111.54
C PHE C 70 -25.54 1.12 -113.06
N SER C 71 -26.04 2.24 -113.57
CA SER C 71 -26.19 2.44 -115.01
C SER C 71 -26.63 3.87 -115.29
N MET C 72 -25.68 4.72 -115.69
CA MET C 72 -25.94 6.13 -115.98
C MET C 72 -26.53 6.82 -114.76
N PRO C 73 -25.67 7.34 -113.86
CA PRO C 73 -26.10 7.80 -112.54
C PRO C 73 -27.43 8.55 -112.57
N SER C 74 -27.47 9.60 -113.38
CA SER C 74 -28.69 10.35 -113.65
C SER C 74 -28.40 11.21 -114.87
N VAL C 75 -27.87 10.55 -115.90
CA VAL C 75 -27.09 11.19 -116.98
C VAL C 75 -25.89 11.97 -116.36
N PRO C 76 -24.99 12.53 -117.19
CA PRO C 76 -23.85 13.28 -116.63
C PRO C 76 -24.20 14.45 -115.70
N ASP C 77 -25.49 14.79 -115.59
CA ASP C 77 -25.99 15.66 -114.53
C ASP C 77 -25.97 14.91 -113.20
N PHE C 78 -24.77 14.60 -112.71
CA PHE C 78 -24.60 14.01 -111.39
C PHE C 78 -24.38 15.12 -110.36
N GLU C 79 -24.21 16.35 -110.85
CA GLU C 79 -24.28 17.54 -110.00
C GLU C 79 -25.72 17.78 -109.52
N THR C 80 -26.68 17.44 -110.37
CA THR C 80 -28.10 17.45 -109.97
C THR C 80 -28.34 16.31 -108.98
N LEU C 81 -27.67 15.18 -109.22
CA LEU C 81 -27.77 14.01 -108.34
C LEU C 81 -27.11 14.23 -106.98
N PHE C 82 -26.04 15.02 -106.92
CA PHE C 82 -25.36 15.30 -105.65
C PHE C 82 -26.06 16.38 -104.84
N SER C 83 -26.38 17.50 -105.49
CA SER C 83 -27.12 18.59 -104.85
C SER C 83 -28.50 18.13 -104.36
N GLN C 84 -29.00 17.03 -104.93
CA GLN C 84 -30.20 16.35 -104.44
C GLN C 84 -29.96 15.70 -103.07
N VAL C 85 -28.88 14.92 -102.97
CA VAL C 85 -28.51 14.26 -101.71
C VAL C 85 -27.93 15.28 -100.71
N GLN C 86 -27.31 16.34 -101.22
CA GLN C 86 -26.69 17.38 -100.38
C GLN C 86 -27.67 18.03 -99.40
N LEU C 87 -28.84 18.43 -99.91
CA LEU C 87 -29.85 19.09 -99.09
C LEU C 87 -30.59 18.12 -98.16
N PHE C 88 -30.79 16.88 -98.60
CA PHE C 88 -31.44 15.84 -97.79
C PHE C 88 -30.65 15.50 -96.53
N ILE C 89 -29.34 15.38 -96.68
CA ILE C 89 -28.45 15.02 -95.58
C ILE C 89 -28.20 16.19 -94.62
N SER C 90 -28.32 17.42 -95.12
CA SER C 90 -27.95 18.62 -94.35
C SER C 90 -28.87 18.92 -93.17
N THR C 91 -29.85 19.81 -93.38
CA THR C 91 -30.74 20.28 -92.31
C THR C 91 -32.16 19.72 -92.42
N CYS C 92 -32.42 18.90 -93.44
CA CYS C 92 -33.69 18.18 -93.54
C CYS C 92 -33.75 17.08 -92.49
N ASN C 93 -32.66 16.32 -92.36
CA ASN C 93 -32.50 15.21 -91.40
C ASN C 93 -33.72 14.31 -91.13
N GLY C 94 -34.81 14.89 -90.63
CA GLY C 94 -35.98 14.13 -90.23
C GLY C 94 -35.91 13.81 -88.76
N GLU C 95 -36.03 12.52 -88.44
CA GLU C 95 -36.09 12.04 -87.06
C GLU C 95 -36.13 10.52 -87.04
N HIS C 96 -37.05 9.96 -87.83
CA HIS C 96 -37.23 8.51 -87.93
C HIS C 96 -36.30 7.89 -88.99
N ILE C 97 -35.12 8.48 -89.16
CA ILE C 97 -34.07 7.90 -89.99
C ILE C 97 -33.53 6.66 -89.26
N ARG C 98 -33.57 6.72 -87.94
CA ARG C 98 -33.20 5.61 -87.06
C ARG C 98 -33.94 4.31 -87.39
N TYR C 99 -35.23 4.42 -87.71
CA TYR C 99 -36.07 3.24 -87.93
C TYR C 99 -36.15 2.84 -89.40
N ALA C 100 -35.27 3.42 -90.22
CA ALA C 100 -35.11 3.01 -91.60
C ALA C 100 -33.65 3.18 -92.02
N THR C 101 -32.77 2.44 -91.37
CA THR C 101 -31.37 2.38 -91.77
C THR C 101 -31.12 1.27 -92.79
N ASP C 102 -32.20 0.61 -93.22
CA ASP C 102 -32.13 -0.42 -94.25
C ASP C 102 -31.55 0.15 -95.54
N THR C 103 -32.19 1.20 -96.06
CA THR C 103 -31.73 1.88 -97.27
C THR C 103 -30.94 3.16 -96.98
N PHE C 104 -30.93 3.63 -95.73
CA PHE C 104 -30.15 4.81 -95.35
C PHE C 104 -28.68 4.48 -95.16
N ALA C 105 -28.40 3.28 -94.64
CA ALA C 105 -27.05 2.75 -94.64
C ALA C 105 -26.60 2.57 -96.09
N GLY C 106 -27.49 2.04 -96.92
CA GLY C 106 -27.23 1.85 -98.35
C GLY C 106 -27.11 3.13 -99.16
N LEU C 107 -27.75 4.20 -98.71
CA LEU C 107 -27.63 5.52 -99.36
C LEU C 107 -26.20 6.06 -99.27
N CYS C 108 -25.59 5.88 -98.10
CA CYS C 108 -24.22 6.34 -97.86
C CYS C 108 -23.17 5.40 -98.48
N HIS C 109 -23.52 4.12 -98.66
CA HIS C 109 -22.63 3.15 -99.31
C HIS C 109 -22.44 3.43 -100.80
N GLN C 110 -23.55 3.69 -101.49
CA GLN C 110 -23.54 3.91 -102.94
C GLN C 110 -22.98 5.29 -103.29
N LEU C 111 -23.34 6.29 -102.50
CA LEU C 111 -22.77 7.63 -102.63
C LEU C 111 -21.26 7.60 -102.48
N THR C 112 -20.78 6.75 -101.56
CA THR C 112 -19.36 6.54 -101.35
C THR C 112 -18.73 5.82 -102.54
N ASN C 113 -19.17 4.58 -102.78
CA ASN C 113 -18.60 3.73 -103.85
C ASN C 113 -18.40 4.46 -105.18
N ALA C 114 -19.32 5.35 -105.51
CA ALA C 114 -19.22 6.16 -106.72
C ALA C 114 -18.12 7.22 -106.60
N LEU C 115 -18.23 8.08 -105.59
CA LEU C 115 -17.26 9.17 -105.37
C LEU C 115 -15.81 8.68 -105.29
N VAL C 116 -15.62 7.48 -104.75
CA VAL C 116 -14.30 6.86 -104.69
C VAL C 116 -13.68 6.73 -106.07
N GLU C 117 -14.37 6.01 -106.95
CA GLU C 117 -13.85 5.73 -108.29
C GLU C 117 -14.08 6.90 -109.27
N ARG C 118 -14.88 7.89 -108.87
CA ARG C 118 -15.14 9.06 -109.72
C ARG C 118 -13.86 9.91 -109.87
N LYS C 119 -13.63 10.83 -108.94
CA LYS C 119 -12.43 11.67 -108.94
C LYS C 119 -11.91 11.79 -107.53
N GLN C 120 -12.69 12.44 -106.66
CA GLN C 120 -12.34 12.60 -105.26
C GLN C 120 -13.57 13.09 -104.48
N PRO C 121 -13.77 12.55 -103.25
CA PRO C 121 -14.74 13.12 -102.32
C PRO C 121 -14.08 13.98 -101.24
N LEU C 122 -13.95 15.28 -101.52
CA LEU C 122 -13.53 16.23 -100.50
C LEU C 122 -14.77 16.95 -99.95
N ARG C 123 -15.75 17.16 -100.82
CA ARG C 123 -17.09 17.53 -100.37
C ARG C 123 -17.83 16.31 -99.80
N GLY C 124 -17.61 15.14 -100.43
CA GLY C 124 -18.25 13.89 -100.01
C GLY C 124 -18.05 13.52 -98.55
N ILE C 125 -16.95 13.99 -97.96
CA ILE C 125 -16.67 13.79 -96.54
C ILE C 125 -17.60 14.66 -95.70
N GLY C 126 -17.67 15.94 -96.04
CA GLY C 126 -18.50 16.91 -95.33
C GLY C 126 -19.96 16.51 -95.22
N ILE C 127 -20.51 15.95 -96.29
CA ILE C 127 -21.90 15.45 -96.30
C ILE C 127 -22.08 14.27 -95.36
N LEU C 128 -21.13 13.33 -95.39
CA LEU C 128 -21.26 12.07 -94.65
C LEU C 128 -21.15 12.23 -93.12
N LYS C 129 -20.65 13.38 -92.66
CA LYS C 129 -20.57 13.67 -91.22
C LYS C 129 -21.95 13.77 -90.59
N GLN C 130 -22.79 14.68 -91.10
CA GLN C 130 -24.13 14.88 -90.56
C GLN C 130 -25.04 13.66 -90.74
N ALA C 131 -24.72 12.80 -91.70
CA ALA C 131 -25.45 11.54 -91.90
C ALA C 131 -25.35 10.61 -90.69
N ILE C 132 -24.25 10.71 -89.96
CA ILE C 132 -24.04 9.89 -88.77
C ILE C 132 -24.82 10.44 -87.56
N ASP C 133 -24.99 11.76 -87.51
CA ASP C 133 -25.39 12.46 -86.26
C ASP C 133 -26.84 12.28 -85.78
N LYS C 134 -27.80 12.14 -86.70
CA LYS C 134 -29.18 11.84 -86.32
C LYS C 134 -29.50 10.35 -86.47
N MET C 135 -28.52 9.57 -86.94
CA MET C 135 -28.63 8.12 -87.00
C MET C 135 -28.23 7.54 -85.65
N GLN C 136 -27.05 7.92 -85.17
CA GLN C 136 -26.61 7.57 -83.81
C GLN C 136 -27.16 8.61 -82.86
N MET C 137 -27.58 8.17 -81.68
CA MET C 137 -28.28 9.05 -80.75
C MET C 137 -27.32 9.78 -79.82
N ASN C 138 -26.76 9.06 -78.84
CA ASN C 138 -26.03 9.68 -77.73
C ASN C 138 -24.51 9.50 -77.77
N THR C 139 -24.03 8.37 -77.22
CA THR C 139 -22.60 8.19 -76.94
C THR C 139 -21.83 7.62 -78.13
N ASN C 140 -22.25 7.99 -79.34
CA ASN C 140 -21.76 7.40 -80.58
C ASN C 140 -22.04 5.90 -80.67
N GLN C 141 -22.58 5.49 -81.83
CA GLN C 141 -22.98 4.10 -82.04
C GLN C 141 -22.42 3.64 -83.38
N LEU C 142 -21.63 2.55 -83.36
CA LEU C 142 -20.85 2.12 -84.52
C LEU C 142 -21.70 1.67 -85.70
N THR C 143 -22.07 2.65 -86.54
CA THR C 143 -22.80 2.35 -87.78
C THR C 143 -21.85 2.14 -88.96
N SER C 144 -22.42 1.63 -90.05
CA SER C 144 -21.67 1.38 -91.27
C SER C 144 -21.11 2.66 -91.90
N ILE C 145 -21.74 3.80 -91.61
CA ILE C 145 -21.31 5.09 -92.17
C ILE C 145 -19.92 5.49 -91.67
N HIS C 146 -19.57 5.10 -90.44
CA HIS C 146 -18.23 5.36 -89.91
C HIS C 146 -17.17 4.69 -90.77
N ALA C 147 -17.44 3.46 -91.18
CA ALA C 147 -16.53 2.74 -92.07
C ALA C 147 -16.30 3.47 -93.39
N ASP C 148 -17.37 4.01 -93.97
CA ASP C 148 -17.30 4.74 -95.25
C ASP C 148 -16.61 6.10 -95.08
N LEU C 149 -17.02 6.85 -94.07
CA LEU C 149 -16.45 8.18 -93.79
C LEU C 149 -14.92 8.13 -93.80
N CYS C 150 -14.36 7.05 -93.28
CA CYS C 150 -12.92 6.83 -93.31
C CYS C 150 -12.42 6.53 -94.72
N GLN C 151 -13.12 5.62 -95.42
CA GLN C 151 -12.76 5.27 -96.79
C GLN C 151 -12.67 6.49 -97.70
N LEU C 152 -13.58 7.45 -97.52
CA LEU C 152 -13.55 8.71 -98.26
C LEU C 152 -12.33 9.53 -97.90
N CYS C 153 -12.19 9.84 -96.61
CA CYS C 153 -11.14 10.74 -96.13
C CYS C 153 -9.76 10.09 -96.07
N LEU C 154 -9.69 8.78 -96.32
CA LEU C 154 -8.41 8.11 -96.52
C LEU C 154 -7.90 8.41 -97.92
N LEU C 155 -8.76 8.14 -98.91
CA LEU C 155 -8.40 8.30 -100.32
C LEU C 155 -8.29 9.77 -100.67
N ALA C 156 -9.31 10.54 -100.35
CA ALA C 156 -9.22 12.00 -100.38
C ALA C 156 -8.29 12.37 -99.24
N LYS C 157 -7.06 12.77 -99.57
CA LYS C 157 -5.98 12.89 -98.58
C LYS C 157 -6.26 14.00 -97.56
N CYS C 158 -7.24 13.74 -96.69
CA CYS C 158 -7.70 14.73 -95.72
C CYS C 158 -8.29 14.01 -94.50
N PHE C 159 -7.40 13.64 -93.57
CA PHE C 159 -7.77 12.81 -92.43
C PHE C 159 -8.33 13.66 -91.27
N LYS C 160 -8.24 14.98 -91.42
CA LYS C 160 -8.63 15.93 -90.39
C LYS C 160 -10.04 15.74 -89.82
N PRO C 161 -11.07 15.63 -90.68
CA PRO C 161 -12.45 15.72 -90.22
C PRO C 161 -13.04 14.47 -89.59
N ALA C 162 -12.48 13.30 -89.91
CA ALA C 162 -13.00 12.04 -89.39
C ALA C 162 -12.56 11.77 -87.95
N LEU C 163 -11.54 12.49 -87.49
CA LEU C 163 -10.98 12.28 -86.15
C LEU C 163 -11.95 12.54 -85.00
N PRO C 164 -12.80 13.58 -85.10
CA PRO C 164 -13.89 13.76 -84.14
C PRO C 164 -14.66 12.48 -83.79
N TYR C 165 -14.84 11.59 -84.77
CA TYR C 165 -15.51 10.32 -84.55
C TYR C 165 -14.55 9.17 -84.22
N LEU C 166 -13.33 9.24 -84.76
CA LEU C 166 -12.30 8.25 -84.43
C LEU C 166 -11.79 8.35 -82.99
N ASP C 167 -11.88 9.54 -82.39
CA ASP C 167 -11.42 9.77 -81.01
C ASP C 167 -12.25 9.01 -79.96
N VAL C 168 -13.56 8.95 -80.16
CA VAL C 168 -14.45 8.22 -79.26
C VAL C 168 -14.48 6.74 -79.66
N ASP C 169 -14.27 5.85 -78.69
CA ASP C 169 -14.39 4.40 -78.90
C ASP C 169 -15.83 3.96 -78.67
N MET C 170 -16.67 4.27 -79.65
CA MET C 170 -18.10 3.98 -79.60
C MET C 170 -18.44 2.52 -79.32
N MET C 171 -19.19 2.27 -78.24
CA MET C 171 -19.78 0.96 -78.02
C MET C 171 -21.14 0.92 -78.73
N ASP C 172 -21.75 -0.26 -78.74
CA ASP C 172 -23.09 -0.47 -79.31
C ASP C 172 -23.10 -0.33 -80.85
N ILE C 173 -23.21 -1.47 -81.54
CA ILE C 173 -23.26 -1.49 -83.01
C ILE C 173 -24.66 -1.14 -83.51
N CYS C 174 -24.76 -0.08 -84.30
CA CYS C 174 -26.04 0.33 -84.91
C CYS C 174 -26.42 -0.62 -86.04
N LYS C 175 -27.44 -1.43 -85.78
CA LYS C 175 -27.96 -2.38 -86.76
C LYS C 175 -29.23 -1.79 -87.39
N GLU C 176 -30.39 -2.03 -86.77
CA GLU C 176 -31.69 -1.52 -87.24
C GLU C 176 -32.05 -2.01 -88.65
N ASN C 177 -32.93 -2.99 -88.72
CA ASN C 177 -33.26 -3.69 -89.97
C ASN C 177 -32.03 -4.39 -90.54
N GLY C 178 -31.28 -5.06 -89.67
CA GLY C 178 -29.99 -5.62 -90.03
C GLY C 178 -28.97 -4.52 -90.26
N ALA C 179 -29.00 -3.96 -91.47
CA ALA C 179 -28.18 -2.80 -91.88
C ALA C 179 -26.80 -2.72 -91.22
N TYR C 180 -26.10 -3.85 -91.15
CA TYR C 180 -24.69 -3.87 -90.79
C TYR C 180 -24.03 -5.16 -91.28
N ASP C 181 -22.80 -5.01 -91.78
CA ASP C 181 -22.07 -6.08 -92.46
C ASP C 181 -20.88 -6.53 -91.62
N ALA C 182 -20.49 -7.79 -91.79
CA ALA C 182 -19.39 -8.38 -91.02
C ALA C 182 -18.00 -7.83 -91.41
N LYS C 183 -17.91 -7.06 -92.50
CA LYS C 183 -16.67 -6.39 -92.89
C LYS C 183 -16.67 -4.88 -92.63
N HIS C 184 -17.84 -4.27 -92.46
CA HIS C 184 -17.91 -2.83 -92.14
C HIS C 184 -17.49 -2.52 -90.71
N PHE C 185 -17.38 -3.56 -89.88
CA PHE C 185 -16.67 -3.47 -88.61
C PHE C 185 -15.17 -3.39 -88.89
N LEU C 186 -14.67 -4.35 -89.68
CA LEU C 186 -13.25 -4.42 -90.06
C LEU C 186 -12.77 -3.16 -90.77
N CYS C 187 -13.62 -2.60 -91.64
CA CYS C 187 -13.28 -1.42 -92.42
C CYS C 187 -12.93 -0.22 -91.55
N TYR C 188 -13.84 0.14 -90.64
CA TYR C 188 -13.63 1.27 -89.73
C TYR C 188 -12.29 1.15 -89.00
N TYR C 189 -12.09 0.04 -88.29
CA TYR C 189 -10.88 -0.16 -87.49
C TYR C 189 -9.64 -0.47 -88.34
N TYR C 190 -9.82 -0.86 -89.60
CA TYR C 190 -8.69 -1.01 -90.51
C TYR C 190 -8.29 0.34 -91.09
N TYR C 191 -9.25 1.06 -91.66
CA TYR C 191 -9.00 2.39 -92.17
C TYR C 191 -8.49 3.31 -91.07
N GLY C 192 -9.25 3.37 -89.97
CA GLY C 192 -8.89 4.17 -88.81
C GLY C 192 -7.46 3.96 -88.38
N GLY C 193 -7.05 2.70 -88.31
CA GLY C 193 -5.67 2.35 -87.99
C GLY C 193 -4.68 3.02 -88.93
N MET C 194 -4.96 2.93 -90.22
CA MET C 194 -4.12 3.55 -91.24
C MET C 194 -4.16 5.06 -91.12
N ILE C 195 -5.35 5.60 -90.84
CA ILE C 195 -5.53 7.05 -90.66
C ILE C 195 -4.55 7.60 -89.63
N TYR C 196 -4.54 7.00 -88.45
CA TYR C 196 -3.63 7.42 -87.39
C TYR C 196 -2.17 7.09 -87.72
N THR C 197 -1.95 6.02 -88.48
CA THR C 197 -0.60 5.62 -88.89
C THR C 197 0.13 6.73 -89.65
N GLY C 198 -0.59 7.41 -90.54
CA GLY C 198 -0.02 8.54 -91.29
C GLY C 198 0.20 9.77 -90.44
N LEU C 199 -0.73 10.02 -89.52
CA LEU C 199 -0.63 11.14 -88.58
C LEU C 199 0.40 10.86 -87.49
N LYS C 200 0.80 9.59 -87.38
CA LYS C 200 1.87 9.13 -86.49
C LYS C 200 1.43 9.16 -85.02
N ASN C 201 0.16 8.78 -84.80
CA ASN C 201 -0.39 8.51 -83.48
C ASN C 201 -0.39 6.98 -83.32
N PHE C 202 0.81 6.43 -83.16
CA PHE C 202 1.03 4.99 -83.24
C PHE C 202 0.27 4.22 -82.16
N GLU C 203 0.09 4.83 -80.99
CA GLU C 203 -0.63 4.19 -79.89
C GLU C 203 -2.05 3.85 -80.32
N ARG C 204 -2.79 4.87 -80.73
CA ARG C 204 -4.18 4.69 -81.14
C ARG C 204 -4.25 3.84 -82.40
N ALA C 205 -3.27 4.02 -83.28
CA ALA C 205 -3.18 3.23 -84.51
C ALA C 205 -3.13 1.73 -84.23
N LEU C 206 -2.29 1.33 -83.28
CA LEU C 206 -2.15 -0.08 -82.92
C LEU C 206 -3.46 -0.64 -82.38
N TYR C 207 -4.07 0.10 -81.46
CA TYR C 207 -5.32 -0.32 -80.83
C TYR C 207 -6.44 -0.58 -81.84
N PHE C 208 -6.46 0.19 -82.92
CA PHE C 208 -7.47 0.03 -83.97
C PHE C 208 -7.27 -1.28 -84.74
N TYR C 209 -6.08 -1.45 -85.32
CA TYR C 209 -5.73 -2.69 -86.02
C TYR C 209 -6.02 -3.92 -85.16
N GLU C 210 -5.78 -3.78 -83.85
CA GLU C 210 -6.00 -4.85 -82.89
C GLU C 210 -7.44 -5.35 -82.92
N GLN C 211 -8.39 -4.43 -82.79
CA GLN C 211 -9.81 -4.78 -82.78
C GLN C 211 -10.30 -5.40 -84.10
N ALA C 212 -9.59 -5.15 -85.18
CA ALA C 212 -9.86 -5.82 -86.46
C ALA C 212 -9.48 -7.30 -86.40
N ILE C 213 -8.32 -7.60 -85.84
CA ILE C 213 -7.80 -8.96 -85.80
C ILE C 213 -8.61 -9.86 -84.85
N THR C 214 -9.16 -9.25 -83.80
CA THR C 214 -9.97 -9.99 -82.83
C THR C 214 -11.23 -10.56 -83.48
N THR C 215 -11.99 -9.70 -84.14
CA THR C 215 -13.30 -10.04 -84.72
C THR C 215 -13.40 -11.50 -85.17
N PRO C 216 -14.44 -12.22 -84.70
CA PRO C 216 -14.52 -13.63 -85.08
C PRO C 216 -14.78 -13.81 -86.56
N ALA C 217 -14.22 -14.86 -87.14
CA ALA C 217 -14.37 -15.14 -88.56
C ALA C 217 -14.10 -16.62 -88.85
N MET C 218 -15.13 -17.32 -89.33
CA MET C 218 -15.01 -18.73 -89.68
C MET C 218 -14.13 -18.93 -90.92
N ALA C 219 -13.96 -17.87 -91.71
CA ALA C 219 -13.04 -17.88 -92.85
C ALA C 219 -12.04 -16.73 -92.75
N VAL C 220 -11.00 -16.79 -93.60
CA VAL C 220 -9.98 -15.76 -93.66
C VAL C 220 -10.44 -14.62 -94.58
N SER C 221 -10.95 -13.56 -93.97
CA SER C 221 -11.26 -12.33 -94.69
C SER C 221 -9.97 -11.59 -95.02
N HIS C 222 -10.05 -10.67 -95.98
CA HIS C 222 -8.86 -10.10 -96.61
C HIS C 222 -8.34 -8.84 -95.89
N ILE C 223 -9.20 -8.21 -95.10
CA ILE C 223 -8.80 -7.06 -94.28
C ILE C 223 -7.91 -7.51 -93.13
N MET C 224 -8.29 -8.64 -92.54
CA MET C 224 -7.63 -9.16 -91.35
C MET C 224 -6.15 -9.48 -91.59
N LEU C 225 -5.80 -9.86 -92.82
CA LEU C 225 -4.40 -10.12 -93.17
C LEU C 225 -3.57 -8.85 -93.25
N GLU C 226 -4.16 -7.77 -93.77
CA GLU C 226 -3.45 -6.51 -93.92
C GLU C 226 -3.27 -5.76 -92.60
N SER C 227 -4.31 -5.72 -91.77
CA SER C 227 -4.23 -5.08 -90.45
C SER C 227 -3.09 -5.68 -89.63
N TYR C 228 -2.94 -7.00 -89.72
CA TYR C 228 -1.88 -7.74 -89.00
C TYR C 228 -0.49 -7.34 -89.46
N LYS C 229 -0.28 -7.25 -90.77
CA LYS C 229 1.02 -6.90 -91.35
C LYS C 229 1.48 -5.52 -90.90
N LYS C 230 0.58 -4.54 -90.98
CA LYS C 230 0.88 -3.18 -90.55
C LYS C 230 0.97 -3.10 -89.02
N TYR C 231 0.08 -3.82 -88.34
CA TYR C 231 0.12 -3.95 -86.88
C TYR C 231 1.49 -4.42 -86.39
N ILE C 232 2.12 -5.32 -87.15
CA ILE C 232 3.48 -5.76 -86.87
C ILE C 232 4.44 -4.58 -86.90
N LEU C 233 4.36 -3.77 -87.95
CA LEU C 233 5.23 -2.62 -88.11
C LEU C 233 5.01 -1.58 -87.01
N VAL C 234 3.76 -1.37 -86.60
CA VAL C 234 3.43 -0.36 -85.59
C VAL C 234 4.11 -0.65 -84.25
N SER C 235 3.99 -1.89 -83.79
CA SER C 235 4.58 -2.30 -82.52
C SER C 235 6.11 -2.28 -82.56
N LEU C 236 6.70 -2.49 -83.73
CA LEU C 236 8.15 -2.47 -83.88
C LEU C 236 8.72 -1.03 -83.94
N ILE C 237 7.85 -0.05 -84.20
CA ILE C 237 8.25 1.36 -84.13
C ILE C 237 7.91 1.92 -82.74
N LEU C 238 6.66 1.74 -82.33
CA LEU C 238 6.18 2.19 -81.02
C LEU C 238 7.00 1.56 -79.90
N LEU C 239 7.03 0.23 -79.91
CA LEU C 239 7.83 -0.54 -78.97
C LEU C 239 9.07 -1.00 -79.72
N GLY C 240 9.83 -1.91 -79.13
CA GLY C 240 10.95 -2.55 -79.83
C GLY C 240 10.73 -4.05 -79.93
N LYS C 241 9.48 -4.46 -80.10
CA LYS C 241 9.11 -5.87 -79.94
C LYS C 241 7.68 -6.17 -80.41
N VAL C 242 7.34 -7.45 -80.41
CA VAL C 242 6.04 -7.93 -80.86
C VAL C 242 4.99 -7.74 -79.78
N GLN C 243 3.94 -6.98 -80.08
CA GLN C 243 2.78 -6.88 -79.20
C GLN C 243 1.88 -8.10 -79.43
N GLN C 244 1.61 -8.84 -78.36
CA GLN C 244 0.73 -10.01 -78.43
C GLN C 244 -0.73 -9.59 -78.42
N LEU C 245 -1.56 -10.43 -79.03
CA LEU C 245 -2.98 -10.15 -79.17
C LEU C 245 -3.73 -10.78 -78.01
N PRO C 246 -5.04 -10.48 -77.91
CA PRO C 246 -5.87 -11.20 -76.96
C PRO C 246 -5.98 -12.70 -77.27
N LYS C 247 -6.37 -13.48 -76.26
CA LYS C 247 -6.62 -14.91 -76.43
C LYS C 247 -7.88 -15.16 -77.26
N TYR C 248 -8.79 -14.18 -77.30
CA TYR C 248 -10.05 -14.31 -78.03
C TYR C 248 -9.98 -13.93 -79.51
N THR C 249 -8.77 -13.81 -80.07
CA THR C 249 -8.62 -13.59 -81.51
C THR C 249 -9.13 -14.80 -82.30
N SER C 250 -9.65 -14.55 -83.50
CA SER C 250 -10.23 -15.62 -84.32
C SER C 250 -9.19 -16.73 -84.59
N GLN C 251 -9.65 -17.98 -84.57
CA GLN C 251 -8.75 -19.13 -84.76
C GLN C 251 -8.08 -19.15 -86.13
N ILE C 252 -8.75 -18.57 -87.12
CA ILE C 252 -8.18 -18.43 -88.47
C ILE C 252 -6.94 -17.53 -88.51
N VAL C 253 -6.72 -16.73 -87.46
CA VAL C 253 -5.57 -15.82 -87.40
C VAL C 253 -4.26 -16.59 -87.17
N GLY C 254 -4.14 -17.21 -85.99
CA GLY C 254 -2.92 -17.93 -85.62
C GLY C 254 -2.63 -19.14 -86.48
N ARG C 255 -3.70 -19.76 -87.01
CA ARG C 255 -3.57 -20.92 -87.88
C ARG C 255 -3.05 -20.57 -89.27
N PHE C 256 -3.64 -19.54 -89.88
CA PHE C 256 -3.36 -19.20 -91.28
C PHE C 256 -2.77 -17.79 -91.48
N ILE C 257 -3.49 -16.76 -91.02
CA ILE C 257 -3.12 -15.36 -91.27
C ILE C 257 -1.70 -15.03 -90.79
N LYS C 258 -1.30 -15.60 -89.66
CA LYS C 258 0.02 -15.31 -89.08
C LYS C 258 1.18 -15.77 -89.97
N PRO C 259 1.25 -17.07 -90.31
CA PRO C 259 2.32 -17.49 -91.22
C PRO C 259 2.17 -16.98 -92.67
N LEU C 260 0.98 -16.51 -93.04
CA LEU C 260 0.78 -15.86 -94.34
C LEU C 260 1.50 -14.52 -94.41
N SER C 261 1.53 -13.80 -93.28
CA SER C 261 2.34 -12.61 -93.14
C SER C 261 3.66 -12.99 -92.45
N ASN C 262 4.47 -13.78 -93.14
CA ASN C 262 5.70 -14.33 -92.57
C ASN C 262 6.88 -13.36 -92.65
N ALA C 263 6.99 -12.64 -93.76
CA ALA C 263 8.10 -11.70 -93.97
C ALA C 263 8.14 -10.55 -92.96
N TYR C 264 7.02 -10.33 -92.27
CA TYR C 264 6.93 -9.29 -91.24
C TYR C 264 7.30 -9.81 -89.85
N HIS C 265 7.03 -11.09 -89.59
CA HIS C 265 7.60 -11.78 -88.43
C HIS C 265 9.10 -11.98 -88.62
N GLU C 266 9.48 -12.30 -89.86
CA GLU C 266 10.89 -12.41 -90.26
C GLU C 266 11.63 -11.09 -90.05
N LEU C 267 10.90 -9.97 -90.15
CA LEU C 267 11.46 -8.65 -89.84
C LEU C 267 11.79 -8.56 -88.36
N ALA C 268 10.80 -8.88 -87.52
CA ALA C 268 11.00 -8.89 -86.07
C ALA C 268 12.11 -9.86 -85.66
N GLN C 269 12.27 -10.93 -86.44
CA GLN C 269 13.36 -11.90 -86.25
C GLN C 269 14.70 -11.19 -86.09
N VAL C 270 15.03 -10.33 -87.06
CA VAL C 270 16.29 -9.61 -87.04
C VAL C 270 16.22 -8.43 -86.07
N TYR C 271 15.03 -7.86 -85.89
CA TYR C 271 14.84 -6.67 -85.05
C TYR C 271 15.36 -6.85 -83.63
N SER C 272 15.01 -7.97 -83.01
CA SER C 272 15.40 -8.23 -81.62
C SER C 272 16.91 -8.39 -81.42
N THR C 273 17.65 -8.66 -82.50
CA THR C 273 19.11 -8.76 -82.43
C THR C 273 19.78 -7.39 -82.38
N ASN C 274 19.05 -6.34 -82.74
CA ASN C 274 19.56 -4.97 -82.76
C ASN C 274 20.73 -4.81 -83.74
N ASN C 275 20.45 -5.16 -85.00
CA ASN C 275 21.43 -5.10 -86.08
C ASN C 275 20.80 -4.46 -87.32
N PRO C 276 20.93 -3.12 -87.47
CA PRO C 276 20.32 -2.43 -88.61
C PRO C 276 20.89 -2.85 -89.97
N SER C 277 22.20 -3.07 -90.04
CA SER C 277 22.86 -3.50 -91.28
C SER C 277 22.33 -4.85 -91.77
N GLU C 278 22.08 -5.76 -90.84
CA GLU C 278 21.52 -7.08 -91.17
C GLU C 278 20.05 -6.94 -91.54
N LEU C 279 19.30 -6.20 -90.72
CA LEU C 279 17.90 -5.91 -90.97
C LEU C 279 17.66 -5.36 -92.37
N ARG C 280 18.53 -4.44 -92.78
CA ARG C 280 18.43 -3.80 -94.08
C ARG C 280 18.54 -4.81 -95.21
N ASN C 281 19.43 -5.78 -95.06
CA ASN C 281 19.62 -6.83 -96.07
C ASN C 281 18.41 -7.76 -96.21
N LEU C 282 17.58 -7.83 -95.17
CA LEU C 282 16.31 -8.56 -95.25
C LEU C 282 15.26 -7.77 -96.03
N VAL C 283 15.21 -6.46 -95.80
CA VAL C 283 14.23 -5.60 -96.45
C VAL C 283 14.49 -5.55 -97.97
N ASN C 284 15.76 -5.54 -98.36
CA ASN C 284 16.16 -5.54 -99.78
C ASN C 284 15.86 -6.85 -100.52
N LYS C 285 15.85 -7.96 -99.79
CA LYS C 285 15.49 -9.26 -100.37
C LYS C 285 14.00 -9.32 -100.68
N HIS C 286 13.17 -9.06 -99.67
CA HIS C 286 11.72 -9.07 -99.82
C HIS C 286 11.14 -7.68 -100.12
N SER C 287 11.96 -6.79 -100.68
CA SER C 287 11.50 -5.47 -101.12
C SER C 287 10.17 -5.60 -101.87
N GLU C 288 10.09 -6.59 -102.75
CA GLU C 288 8.85 -6.90 -103.46
C GLU C 288 7.70 -7.11 -102.47
N THR C 289 7.81 -8.14 -101.64
CA THR C 289 6.74 -8.50 -100.69
C THR C 289 6.26 -7.30 -99.88
N PHE C 290 7.20 -6.44 -99.47
CA PHE C 290 6.87 -5.25 -98.68
C PHE C 290 6.25 -4.16 -99.56
N THR C 291 6.87 -3.88 -100.70
CA THR C 291 6.35 -2.86 -101.63
C THR C 291 5.09 -3.30 -102.37
N ARG C 292 4.86 -4.61 -102.42
CA ARG C 292 3.62 -5.18 -102.98
C ARG C 292 2.41 -4.74 -102.16
N ASP C 293 2.60 -4.63 -100.86
CA ASP C 293 1.53 -4.29 -99.92
C ASP C 293 1.41 -2.78 -99.64
N ASN C 294 2.20 -1.98 -100.35
CA ASN C 294 2.22 -0.51 -100.17
C ASN C 294 2.33 -0.06 -98.70
N ASN C 295 3.20 -0.74 -97.97
CA ASN C 295 3.57 -0.34 -96.61
C ASN C 295 5.09 -0.27 -96.43
N MET C 296 5.81 -0.22 -97.55
CA MET C 296 7.23 0.12 -97.55
C MET C 296 7.32 1.59 -97.15
N GLY C 297 8.33 1.94 -96.36
CA GLY C 297 8.40 3.24 -95.72
C GLY C 297 8.10 3.09 -94.25
N LEU C 298 6.95 2.49 -93.94
CA LEU C 298 6.62 2.10 -92.57
C LEU C 298 7.54 0.98 -92.11
N VAL C 299 7.90 0.10 -93.04
CA VAL C 299 8.92 -0.91 -92.75
C VAL C 299 10.30 -0.24 -92.59
N LYS C 300 10.51 0.86 -93.31
CA LYS C 300 11.75 1.64 -93.17
C LYS C 300 11.73 2.58 -91.96
N GLN C 301 10.53 2.87 -91.44
CA GLN C 301 10.41 3.56 -90.16
C GLN C 301 10.88 2.67 -89.01
N CYS C 302 10.77 1.36 -89.19
CA CYS C 302 11.31 0.40 -88.23
C CYS C 302 12.84 0.38 -88.29
N LEU C 303 13.39 0.55 -89.49
CA LEU C 303 14.84 0.68 -89.67
C LEU C 303 15.40 1.83 -88.83
N SER C 304 14.65 2.92 -88.74
CA SER C 304 15.05 4.08 -87.93
C SER C 304 14.76 3.90 -86.44
N SER C 305 13.64 3.25 -86.09
CA SER C 305 13.28 3.01 -84.69
C SER C 305 14.24 2.04 -84.00
N LEU C 306 14.90 1.20 -84.79
CA LEU C 306 15.94 0.30 -84.28
C LEU C 306 17.20 1.08 -83.90
N TYR C 307 17.59 2.03 -84.76
CA TYR C 307 18.67 2.97 -84.42
C TYR C 307 18.34 3.72 -83.14
N LYS C 308 17.06 4.12 -83.01
CA LYS C 308 16.59 4.83 -81.82
C LYS C 308 16.45 3.91 -80.61
N LYS C 309 16.13 2.63 -80.82
CA LYS C 309 16.17 1.64 -79.75
C LYS C 309 17.60 1.44 -79.26
N ASN C 310 18.54 1.26 -80.21
CA ASN C 310 19.96 1.09 -79.88
C ASN C 310 20.47 2.17 -78.91
N ILE C 311 20.10 3.42 -79.17
CA ILE C 311 20.53 4.54 -78.33
C ILE C 311 19.73 4.57 -77.02
N GLN C 312 18.45 4.23 -77.09
CA GLN C 312 17.60 4.14 -75.89
C GLN C 312 18.17 3.19 -74.84
N ARG C 313 18.86 2.14 -75.28
CA ARG C 313 19.48 1.18 -74.37
C ARG C 313 20.65 1.80 -73.62
N LEU C 314 21.43 2.61 -74.32
CA LEU C 314 22.65 3.21 -73.75
C LEU C 314 22.39 3.93 -72.43
N THR C 315 21.22 4.55 -72.29
CA THR C 315 20.82 5.21 -71.04
C THR C 315 20.96 4.29 -69.82
N LYS C 316 20.62 3.02 -70.01
CA LYS C 316 20.64 2.04 -68.92
C LYS C 316 22.06 1.62 -68.52
N THR C 317 23.01 1.78 -69.45
CA THR C 317 24.40 1.36 -69.22
C THR C 317 25.32 2.53 -68.92
N PHE C 318 25.60 3.35 -69.94
CA PHE C 318 26.47 4.51 -69.79
C PHE C 318 25.65 5.71 -69.30
N LEU C 319 26.29 6.65 -68.62
CA LEU C 319 25.67 7.95 -68.32
C LEU C 319 26.47 9.10 -68.92
N THR C 320 27.76 8.90 -69.17
CA THR C 320 28.57 9.82 -69.96
C THR C 320 29.24 9.03 -71.07
N LEU C 321 28.99 9.43 -72.32
CA LEU C 321 29.55 8.75 -73.48
C LEU C 321 29.93 9.74 -74.58
N SER C 322 30.96 9.39 -75.34
CA SER C 322 31.44 10.24 -76.43
C SER C 322 30.59 10.06 -77.68
N LEU C 323 30.57 11.11 -78.50
CA LEU C 323 29.90 11.09 -79.80
C LEU C 323 30.54 10.04 -80.68
N GLN C 324 31.87 10.00 -80.66
CA GLN C 324 32.63 9.05 -81.45
C GLN C 324 32.37 7.63 -80.96
N ASP C 325 32.40 7.43 -79.65
CA ASP C 325 32.09 6.14 -79.05
C ASP C 325 30.69 5.71 -79.47
N MET C 326 29.72 6.62 -79.33
CA MET C 326 28.35 6.33 -79.72
C MET C 326 28.26 6.01 -81.20
N ALA C 327 28.93 6.81 -82.02
CA ALA C 327 28.94 6.60 -83.47
C ALA C 327 29.46 5.21 -83.83
N SER C 328 30.48 4.76 -83.11
CA SER C 328 31.06 3.42 -83.32
C SER C 328 30.15 2.31 -82.79
N ARG C 329 29.44 2.57 -81.70
CA ARG C 329 28.57 1.56 -81.07
C ARG C 329 27.17 1.48 -81.69
N VAL C 330 26.62 2.61 -82.15
CA VAL C 330 25.28 2.64 -82.76
C VAL C 330 25.35 2.21 -84.25
N GLN C 331 26.54 2.30 -84.84
CA GLN C 331 26.82 1.87 -86.23
C GLN C 331 26.57 2.96 -87.29
N LEU C 332 26.16 4.15 -86.87
CA LEU C 332 25.84 5.23 -87.81
C LEU C 332 27.09 5.85 -88.46
N SER C 333 28.21 5.81 -87.75
CA SER C 333 29.51 6.27 -88.25
C SER C 333 29.61 7.79 -88.35
N GLY C 334 30.71 8.34 -87.82
CA GLY C 334 30.92 9.79 -87.78
C GLY C 334 30.18 10.42 -86.61
N PRO C 335 30.81 11.38 -85.93
CA PRO C 335 30.19 12.00 -84.76
C PRO C 335 28.94 12.82 -85.07
N GLN C 336 28.78 13.25 -86.33
CA GLN C 336 27.61 14.04 -86.71
C GLN C 336 26.38 13.17 -86.62
N GLU C 337 26.40 12.07 -87.36
CA GLU C 337 25.30 11.11 -87.37
C GLU C 337 24.88 10.70 -85.95
N ALA C 338 25.87 10.64 -85.05
CA ALA C 338 25.58 10.41 -83.64
C ALA C 338 24.87 11.63 -83.06
N GLU C 339 25.51 12.78 -83.16
CA GLU C 339 24.95 14.02 -82.64
C GLU C 339 23.57 14.30 -83.22
N LYS C 340 23.37 13.90 -84.48
CA LYS C 340 22.08 14.06 -85.15
C LYS C 340 20.94 13.47 -84.31
N TYR C 341 20.91 12.14 -84.22
CA TYR C 341 19.80 11.46 -83.56
C TYR C 341 19.67 11.82 -82.08
N VAL C 342 20.78 12.24 -81.46
CA VAL C 342 20.72 12.78 -80.11
C VAL C 342 19.75 13.95 -80.12
N LEU C 343 20.04 14.95 -80.96
CA LEU C 343 19.18 16.12 -81.08
C LEU C 343 17.73 15.73 -81.35
N HIS C 344 17.51 14.95 -82.40
CA HIS C 344 16.15 14.60 -82.83
C HIS C 344 15.40 13.90 -81.71
N MET C 345 15.99 12.85 -81.14
CA MET C 345 15.36 12.13 -80.04
C MET C 345 15.01 13.07 -78.91
N ILE C 346 15.91 14.01 -78.62
CA ILE C 346 15.66 15.01 -77.58
C ILE C 346 14.54 15.94 -78.02
N GLU C 347 14.76 16.60 -79.14
CA GLU C 347 13.78 17.53 -79.71
C GLU C 347 12.38 16.94 -79.66
N ASP C 348 12.27 15.69 -80.07
CA ASP C 348 11.01 14.95 -80.01
C ASP C 348 10.64 14.69 -78.55
N GLY C 349 11.59 14.12 -77.82
CA GLY C 349 11.39 13.76 -76.41
C GLY C 349 11.26 12.26 -76.21
N GLU C 350 12.21 11.51 -76.78
CA GLU C 350 12.29 10.06 -76.60
C GLU C 350 13.32 9.68 -75.55
N ILE C 351 14.30 10.56 -75.33
CA ILE C 351 15.42 10.31 -74.42
C ILE C 351 15.77 11.58 -73.63
N PHE C 352 16.28 11.41 -72.41
CA PHE C 352 16.76 12.54 -71.61
C PHE C 352 18.28 12.61 -71.69
N ALA C 353 18.78 13.56 -72.47
CA ALA C 353 20.22 13.72 -72.69
C ALA C 353 20.57 15.14 -73.11
N SER C 354 21.87 15.40 -73.19
CA SER C 354 22.39 16.68 -73.63
C SER C 354 23.81 16.53 -74.16
N ILE C 355 24.32 17.61 -74.76
CA ILE C 355 25.60 17.59 -75.47
C ILE C 355 26.57 18.63 -74.92
N ASN C 356 27.82 18.21 -74.73
CA ASN C 356 28.93 19.12 -74.50
C ASN C 356 29.87 19.05 -75.70
N GLN C 357 29.60 19.89 -76.69
CA GLN C 357 30.38 19.89 -77.93
C GLN C 357 31.85 20.22 -77.71
N LYS C 358 32.15 21.07 -76.73
CA LYS C 358 33.52 21.53 -76.47
C LYS C 358 34.46 20.34 -76.38
N ASP C 359 34.15 19.42 -75.47
CA ASP C 359 34.87 18.16 -75.39
C ASP C 359 34.40 17.24 -76.52
N GLY C 360 33.09 17.26 -76.76
CA GLY C 360 32.46 16.41 -77.78
C GLY C 360 31.87 15.17 -77.14
N MET C 361 31.08 15.38 -76.09
CA MET C 361 30.53 14.30 -75.28
C MET C 361 29.02 14.40 -75.16
N VAL C 362 28.38 13.25 -74.94
CA VAL C 362 26.96 13.20 -74.69
C VAL C 362 26.73 12.86 -73.22
N SER C 363 26.02 13.74 -72.53
CA SER C 363 25.66 13.52 -71.14
C SER C 363 24.19 13.10 -71.08
N PHE C 364 23.92 11.98 -70.41
CA PHE C 364 22.55 11.47 -70.28
C PHE C 364 21.91 11.94 -68.97
N HIS C 365 21.12 13.01 -69.07
CA HIS C 365 20.30 13.50 -67.94
C HIS C 365 19.70 12.32 -67.19
N ASP C 366 18.92 11.52 -67.90
CA ASP C 366 18.34 10.29 -67.36
C ASP C 366 17.25 10.55 -66.30
N ASN C 367 16.73 11.77 -66.23
CA ASN C 367 15.85 12.18 -65.13
C ASN C 367 14.69 13.06 -65.59
N PRO C 368 13.45 12.54 -65.47
CA PRO C 368 12.30 13.33 -65.86
C PRO C 368 11.70 14.13 -64.71
N GLU C 369 10.77 13.54 -63.96
CA GLU C 369 9.87 14.29 -63.08
C GLU C 369 9.79 13.60 -61.73
N LYS C 370 9.63 14.39 -60.66
CA LYS C 370 9.65 13.90 -59.29
C LYS C 370 8.28 13.84 -58.59
N TYR C 371 7.21 14.09 -59.34
CA TYR C 371 5.84 14.02 -58.82
C TYR C 371 5.62 14.93 -57.61
N ASN C 372 6.10 16.16 -57.72
CA ASN C 372 6.20 17.07 -56.58
C ASN C 372 5.46 18.40 -56.78
N ASN C 373 4.53 18.43 -57.73
CA ASN C 373 3.91 19.68 -58.16
C ASN C 373 2.48 19.47 -58.66
N PRO C 374 1.76 20.57 -58.96
CA PRO C 374 0.47 20.47 -59.66
C PRO C 374 0.53 19.70 -60.99
N ALA C 375 1.66 19.79 -61.70
CA ALA C 375 1.83 19.10 -62.99
C ALA C 375 1.24 17.69 -62.99
N MET C 376 1.66 16.87 -62.03
CA MET C 376 1.09 15.55 -61.84
C MET C 376 -0.32 15.66 -61.29
N LEU C 377 -0.45 16.42 -60.20
CA LEU C 377 -1.74 16.65 -59.54
C LEU C 377 -2.88 16.83 -60.54
N HIS C 378 -2.66 17.65 -61.57
CA HIS C 378 -3.64 17.87 -62.63
C HIS C 378 -3.83 16.61 -63.46
N ASN C 379 -2.74 16.02 -63.94
CA ASN C 379 -2.81 14.75 -64.66
C ASN C 379 -3.41 13.64 -63.81
N ILE C 380 -3.08 13.64 -62.52
CA ILE C 380 -3.64 12.70 -61.56
C ILE C 380 -5.16 12.91 -61.47
N ASP C 381 -5.58 14.17 -61.44
CA ASP C 381 -7.00 14.51 -61.44
C ASP C 381 -7.65 14.03 -62.73
N GLN C 382 -7.01 14.31 -63.87
CA GLN C 382 -7.57 14.01 -65.20
C GLN C 382 -7.59 12.50 -65.51
N GLU C 383 -6.43 11.84 -65.38
CA GLU C 383 -6.33 10.39 -65.59
C GLU C 383 -7.34 9.64 -64.72
N MET C 384 -7.56 10.14 -63.50
CA MET C 384 -8.54 9.55 -62.57
C MET C 384 -9.97 9.75 -63.05
N LEU C 385 -10.29 10.97 -63.47
CA LEU C 385 -11.63 11.28 -63.98
C LEU C 385 -12.02 10.42 -65.17
N LYS C 386 -11.03 9.98 -65.95
CA LYS C 386 -11.24 9.07 -67.07
C LYS C 386 -11.56 7.64 -66.62
N CYS C 387 -11.04 7.22 -65.46
CA CYS C 387 -11.43 5.96 -64.83
C CYS C 387 -12.83 6.03 -64.23
N ILE C 388 -13.19 7.19 -63.71
CA ILE C 388 -14.53 7.44 -63.19
C ILE C 388 -15.54 7.52 -64.34
N GLU C 389 -15.15 8.19 -65.42
CA GLU C 389 -15.89 8.18 -66.68
C GLU C 389 -16.17 6.74 -67.12
N LEU C 390 -15.18 5.87 -66.93
CA LEU C 390 -15.29 4.46 -67.28
C LEU C 390 -16.25 3.71 -66.35
N ASP C 391 -16.23 4.06 -65.06
CA ASP C 391 -17.17 3.50 -64.08
C ASP C 391 -18.60 3.93 -64.38
N GLU C 392 -18.79 5.19 -64.77
CA GLU C 392 -20.10 5.72 -65.13
C GLU C 392 -20.74 4.89 -66.24
N ARG C 393 -19.95 4.55 -67.26
CA ARG C 393 -20.41 3.70 -68.36
C ARG C 393 -20.82 2.32 -67.87
N LEU C 394 -19.93 1.68 -67.11
CA LEU C 394 -20.20 0.35 -66.57
C LEU C 394 -21.42 0.31 -65.66
N LYS C 395 -21.61 1.36 -64.85
CA LYS C 395 -22.79 1.46 -63.99
C LYS C 395 -24.08 1.56 -64.81
N ALA C 396 -24.04 2.32 -65.91
CA ALA C 396 -25.17 2.41 -66.83
C ALA C 396 -25.37 1.09 -67.57
N MET C 397 -24.26 0.49 -68.00
CA MET C 397 -24.27 -0.80 -68.70
C MET C 397 -24.75 -1.94 -67.79
N ASP C 398 -24.55 -1.79 -66.48
CA ASP C 398 -25.05 -2.77 -65.51
C ASP C 398 -26.56 -2.60 -65.34
N GLN C 399 -27.04 -1.36 -65.34
CA GLN C 399 -28.47 -1.08 -65.23
C GLN C 399 -29.23 -1.43 -66.51
N GLU C 400 -28.53 -1.48 -67.64
CA GLU C 400 -29.10 -1.96 -68.90
C GLU C 400 -29.60 -3.42 -68.79
N ILE C 401 -28.84 -4.23 -68.07
CA ILE C 401 -29.14 -5.66 -67.90
C ILE C 401 -30.34 -5.89 -66.95
N THR C 402 -30.62 -4.90 -66.11
CA THR C 402 -31.69 -4.97 -65.10
C THR C 402 -33.06 -5.43 -65.64
N VAL C 403 -33.50 -4.84 -66.74
CA VAL C 403 -34.90 -4.93 -67.17
C VAL C 403 -35.23 -6.21 -67.97
N ASN C 404 -34.21 -6.79 -68.60
CA ASN C 404 -34.39 -7.95 -69.49
C ASN C 404 -34.78 -9.24 -68.76
N PRO C 405 -35.30 -10.25 -69.50
CA PRO C 405 -35.80 -11.53 -68.99
C PRO C 405 -35.16 -12.18 -67.74
N GLN C 406 -35.77 -13.27 -67.31
CA GLN C 406 -35.63 -13.78 -65.94
C GLN C 406 -34.57 -14.86 -65.78
N PHE C 407 -34.44 -15.34 -64.54
CA PHE C 407 -33.75 -16.59 -64.26
C PHE C 407 -34.24 -17.18 -62.93
N MET D 5 65.60 50.99 32.67
CA MET D 5 65.44 50.60 34.10
C MET D 5 65.14 49.08 34.22
N ALA D 6 65.84 48.25 33.45
CA ALA D 6 65.63 46.79 33.47
C ALA D 6 66.71 46.10 34.32
N ALA D 7 66.90 46.63 35.52
CA ALA D 7 67.89 46.14 36.48
C ALA D 7 67.39 46.25 37.92
N ALA D 8 66.33 47.03 38.15
CA ALA D 8 65.60 47.07 39.41
C ALA D 8 64.33 46.20 39.36
N VAL D 9 64.14 45.48 38.26
CA VAL D 9 63.02 44.53 38.12
C VAL D 9 63.44 43.14 38.57
N ARG D 10 64.64 42.71 38.16
CA ARG D 10 65.23 41.44 38.62
C ARG D 10 65.69 41.53 40.08
N GLN D 11 65.87 42.76 40.57
CA GLN D 11 66.29 43.01 41.94
C GLN D 11 65.15 42.86 42.94
N ASP D 12 64.00 43.48 42.61
CA ASP D 12 62.84 43.49 43.51
C ASP D 12 62.09 42.16 43.50
N LEU D 13 62.01 41.50 42.35
CA LEU D 13 61.36 40.20 42.23
C LEU D 13 62.12 39.09 42.97
N ALA D 14 63.44 39.24 43.09
CA ALA D 14 64.29 38.23 43.73
C ALA D 14 64.12 38.16 45.25
N GLN D 15 64.01 39.31 45.90
CA GLN D 15 63.92 39.37 47.36
C GLN D 15 62.57 38.89 47.91
N LEU D 16 61.50 39.11 47.15
CA LEU D 16 60.16 38.68 47.54
C LEU D 16 59.90 37.20 47.26
N MET D 17 60.87 36.51 46.65
CA MET D 17 60.74 35.09 46.32
C MET D 17 60.64 34.21 47.56
N ASN D 18 61.32 34.60 48.64
CA ASN D 18 61.20 33.91 49.93
C ASN D 18 61.01 34.91 51.07
N SER D 19 59.76 35.08 51.48
CA SER D 19 59.36 36.06 52.50
C SER D 19 58.73 35.36 53.71
N SER D 20 58.16 36.15 54.62
CA SER D 20 57.44 35.62 55.78
C SER D 20 56.17 36.44 56.06
N GLY D 21 55.36 36.63 55.01
CA GLY D 21 54.09 37.37 55.10
C GLY D 21 52.96 36.63 54.41
N SER D 22 51.73 37.11 54.63
CA SER D 22 50.52 36.46 54.10
C SER D 22 50.35 36.68 52.59
N HIS D 23 49.30 36.10 52.01
CA HIS D 23 49.02 36.22 50.58
C HIS D 23 48.65 37.65 50.16
N LYS D 24 47.96 38.37 51.04
CA LYS D 24 47.63 39.78 50.78
C LYS D 24 48.89 40.66 50.78
N ASP D 25 49.87 40.29 51.60
CA ASP D 25 51.14 41.02 51.72
C ASP D 25 52.06 40.80 50.50
N LEU D 26 51.95 39.63 49.87
CA LEU D 26 52.89 39.24 48.80
C LEU D 26 52.29 39.45 47.40
N ALA D 27 51.03 39.06 47.21
CA ALA D 27 50.35 39.25 45.92
C ALA D 27 50.14 40.75 45.62
N GLY D 28 50.02 41.56 46.66
CA GLY D 28 49.95 43.01 46.51
C GLY D 28 51.28 43.62 46.10
N LYS D 29 52.37 43.07 46.62
CA LYS D 29 53.72 43.53 46.27
C LYS D 29 54.14 43.11 44.86
N TYR D 30 53.81 41.88 44.47
CA TYR D 30 54.18 41.37 43.14
C TYR D 30 53.50 42.12 42.00
N ARG D 31 52.22 42.46 42.16
CA ARG D 31 51.48 43.22 41.16
C ARG D 31 51.99 44.66 41.03
N GLN D 32 52.71 45.14 42.05
CA GLN D 32 53.35 46.45 42.02
C GLN D 32 54.59 46.46 41.11
N ILE D 33 55.18 45.29 40.87
CA ILE D 33 56.32 45.15 39.94
C ILE D 33 55.84 44.94 38.50
N LEU D 34 54.59 44.49 38.34
CA LEU D 34 53.93 44.47 37.03
C LEU D 34 53.74 45.90 36.50
N GLU D 35 53.65 46.87 37.40
CA GLU D 35 53.65 48.29 37.05
C GLU D 35 55.04 48.73 36.56
N LYS D 36 56.07 48.25 37.23
CA LYS D 36 57.47 48.55 36.89
C LYS D 36 57.92 47.90 35.57
N ALA D 37 57.21 46.85 35.15
CA ALA D 37 57.52 46.14 33.91
C ALA D 37 56.80 46.74 32.69
N ILE D 38 55.49 46.98 32.81
CA ILE D 38 54.67 47.49 31.69
C ILE D 38 54.99 48.95 31.33
N GLN D 39 55.39 49.76 32.32
CA GLN D 39 55.65 51.19 32.09
C GLN D 39 56.94 51.49 31.32
N LEU D 40 57.80 50.48 31.17
CA LEU D 40 59.06 50.64 30.42
C LEU D 40 58.82 50.87 28.93
N SER D 41 59.86 51.32 28.22
CA SER D 41 59.73 51.70 26.81
C SER D 41 60.94 51.25 25.98
N GLY D 42 60.70 51.02 24.69
CA GLY D 42 61.76 50.62 23.77
C GLY D 42 62.05 49.13 23.86
N ALA D 43 63.34 48.79 23.90
CA ALA D 43 63.78 47.40 24.04
C ALA D 43 64.11 47.04 25.49
N GLU D 44 63.82 47.96 26.41
CA GLU D 44 64.09 47.75 27.82
C GLU D 44 62.88 47.19 28.54
N GLN D 45 61.71 47.37 27.95
CA GLN D 45 60.48 46.73 28.41
C GLN D 45 60.50 45.24 28.11
N LEU D 46 61.20 44.85 27.05
CA LEU D 46 61.12 43.49 26.50
C LEU D 46 61.74 42.42 27.41
N GLU D 47 62.66 42.80 28.28
CA GLU D 47 63.35 41.85 29.17
C GLU D 47 62.88 41.91 30.63
N ALA D 48 62.21 43.00 31.02
CA ALA D 48 61.68 43.13 32.38
C ALA D 48 60.43 42.27 32.61
N LEU D 49 59.64 42.06 31.55
CA LEU D 49 58.50 41.15 31.60
C LEU D 49 58.97 39.69 31.67
N LYS D 50 60.05 39.38 30.97
CA LYS D 50 60.64 38.03 31.00
C LYS D 50 61.17 37.66 32.39
N ALA D 51 61.58 38.67 33.16
CA ALA D 51 61.95 38.48 34.55
C ALA D 51 60.73 38.21 35.41
N PHE D 52 59.62 38.89 35.10
CA PHE D 52 58.36 38.73 35.84
C PHE D 52 57.72 37.36 35.62
N VAL D 53 57.75 36.86 34.39
CA VAL D 53 57.13 35.57 34.05
C VAL D 53 57.88 34.37 34.61
N GLU D 54 59.22 34.42 34.58
CA GLU D 54 60.05 33.34 35.13
C GLU D 54 59.96 33.23 36.66
N ALA D 55 59.69 34.36 37.32
CA ALA D 55 59.53 34.39 38.77
C ALA D 55 58.22 33.72 39.22
N MET D 56 57.16 33.88 38.42
CA MET D 56 55.86 33.29 38.74
C MET D 56 55.84 31.77 38.54
N VAL D 57 56.40 31.31 37.42
CA VAL D 57 56.50 29.86 37.13
C VAL D 57 57.51 29.17 38.05
N ASN D 58 58.41 29.95 38.66
CA ASN D 58 59.36 29.46 39.65
C ASN D 58 58.70 28.60 40.74
N GLU D 59 59.45 27.64 41.28
CA GLU D 59 58.94 26.73 42.31
C GLU D 59 59.04 27.36 43.70
N ASN D 60 59.87 28.39 43.82
CA ASN D 60 59.98 29.14 45.06
C ASN D 60 58.88 30.20 45.22
N VAL D 61 58.07 30.40 44.17
CA VAL D 61 56.88 31.25 44.23
C VAL D 61 55.61 30.38 44.24
N SER D 62 54.83 30.50 45.31
CA SER D 62 53.61 29.69 45.53
C SER D 62 52.63 29.63 44.37
N LEU D 63 51.75 28.61 44.43
CA LEU D 63 50.70 28.42 43.44
C LEU D 63 49.51 29.38 43.59
N VAL D 64 49.35 29.96 44.78
CA VAL D 64 48.30 30.97 45.01
C VAL D 64 48.71 32.33 44.43
N ILE D 65 50.02 32.52 44.31
CA ILE D 65 50.59 33.73 43.71
C ILE D 65 50.66 33.61 42.18
N SER D 66 50.86 32.40 41.69
CA SER D 66 51.06 32.15 40.26
C SER D 66 49.78 32.24 39.42
N ARG D 67 48.66 31.74 39.95
CA ARG D 67 47.37 31.79 39.25
C ARG D 67 46.64 33.13 39.42
N GLN D 68 47.13 33.96 40.34
CA GLN D 68 46.54 35.27 40.61
C GLN D 68 47.03 36.32 39.62
N LEU D 69 48.34 36.32 39.36
CA LEU D 69 49.01 37.39 38.61
C LEU D 69 49.19 37.10 37.11
N LEU D 70 49.28 35.82 36.74
CA LEU D 70 49.27 35.44 35.32
C LEU D 70 47.89 35.64 34.67
N THR D 71 46.87 35.83 35.51
CA THR D 71 45.56 36.28 35.05
C THR D 71 45.60 37.78 34.72
N ASP D 72 46.23 38.55 35.61
CA ASP D 72 46.44 39.99 35.38
C ASP D 72 47.47 40.28 34.28
N PHE D 73 48.40 39.35 34.09
CA PHE D 73 49.43 39.47 33.07
C PHE D 73 48.87 39.27 31.66
N CYS D 74 47.89 38.39 31.53
CA CYS D 74 47.29 38.06 30.23
C CYS D 74 46.40 39.17 29.68
N THR D 75 45.90 40.04 30.55
CA THR D 75 45.07 41.18 30.14
C THR D 75 45.82 42.51 30.13
N HIS D 76 47.15 42.47 30.32
CA HIS D 76 48.00 43.66 30.17
C HIS D 76 48.77 43.68 28.84
N LEU D 77 48.61 42.62 28.04
CA LEU D 77 49.26 42.53 26.72
C LEU D 77 48.37 42.85 25.49
N PRO D 78 47.02 42.88 25.66
CA PRO D 78 46.20 43.53 24.61
C PRO D 78 46.40 45.05 24.51
N ASN D 79 46.97 45.65 25.56
CA ASN D 79 47.34 47.06 25.56
C ASN D 79 48.47 47.37 24.56
N LEU D 80 49.50 46.52 24.58
CA LEU D 80 50.74 46.77 23.86
C LEU D 80 50.61 46.44 22.36
N PRO D 81 51.54 46.94 21.51
CA PRO D 81 51.49 46.64 20.07
C PRO D 81 51.59 45.15 19.72
N ASP D 82 51.40 44.84 18.44
CA ASP D 82 51.47 43.46 17.95
C ASP D 82 52.90 42.91 17.83
N SER D 83 53.89 43.77 18.01
CA SER D 83 55.30 43.35 18.01
C SER D 83 55.74 42.85 19.39
N THR D 84 55.24 43.50 20.44
CA THR D 84 55.58 43.14 21.82
C THR D 84 54.63 42.12 22.43
N ALA D 85 53.37 42.11 21.96
CA ALA D 85 52.37 41.16 22.44
C ALA D 85 52.72 39.73 22.05
N LYS D 86 53.08 39.53 20.79
CA LYS D 86 53.45 38.21 20.26
C LYS D 86 54.80 37.71 20.79
N GLU D 87 55.70 38.65 21.06
CA GLU D 87 57.02 38.35 21.64
C GLU D 87 56.85 37.76 23.05
N ILE D 88 56.10 38.47 23.89
CA ILE D 88 55.93 38.11 25.30
C ILE D 88 54.98 36.92 25.50
N TYR D 89 53.99 36.75 24.60
CA TYR D 89 53.06 35.62 24.69
C TYR D 89 53.74 34.26 24.48
N HIS D 90 54.64 34.18 23.49
CA HIS D 90 55.39 32.94 23.23
C HIS D 90 56.42 32.63 24.32
N PHE D 91 56.84 33.65 25.06
CA PHE D 91 57.68 33.46 26.23
C PHE D 91 56.88 32.86 27.40
N THR D 92 55.62 33.27 27.52
CA THR D 92 54.74 32.81 28.60
C THR D 92 54.20 31.39 28.36
N LEU D 93 54.24 30.92 27.11
CA LEU D 93 53.69 29.61 26.75
C LEU D 93 54.72 28.47 26.68
N GLU D 94 56.02 28.81 26.81
CA GLU D 94 57.06 27.77 26.93
C GLU D 94 57.81 27.80 28.27
N LYS D 95 57.46 28.75 29.14
CA LYS D 95 57.84 28.70 30.56
C LYS D 95 56.70 28.16 31.43
N ILE D 96 55.48 28.15 30.88
CA ILE D 96 54.35 27.44 31.47
C ILE D 96 54.21 26.03 30.87
N GLN D 97 54.99 25.73 29.83
CA GLN D 97 55.00 24.40 29.21
C GLN D 97 55.65 23.32 30.09
N PRO D 98 56.77 23.63 30.76
CA PRO D 98 57.33 22.70 31.76
C PRO D 98 56.34 22.21 32.83
N ARG D 99 55.36 23.05 33.20
CA ARG D 99 54.28 22.67 34.10
C ARG D 99 52.94 23.08 33.51
N VAL D 100 52.55 22.39 32.42
CA VAL D 100 51.32 22.69 31.69
C VAL D 100 50.07 22.07 32.34
N ILE D 101 50.28 21.22 33.36
CA ILE D 101 49.19 20.57 34.09
C ILE D 101 48.53 21.51 35.11
N SER D 102 49.29 22.53 35.53
CA SER D 102 48.88 23.42 36.61
C SER D 102 48.06 24.61 36.10
N PHE D 103 48.63 25.36 35.17
CA PHE D 103 48.06 26.64 34.74
C PHE D 103 47.32 26.54 33.41
N GLU D 104 46.32 25.65 33.32
CA GLU D 104 45.58 25.45 32.07
C GLU D 104 44.53 26.53 31.81
N GLU D 105 44.13 27.24 32.86
CA GLU D 105 43.24 28.40 32.71
C GLU D 105 44.00 29.58 32.12
N GLN D 106 45.31 29.62 32.38
CA GLN D 106 46.20 30.63 31.79
C GLN D 106 46.60 30.23 30.37
N VAL D 107 46.95 28.96 30.16
CA VAL D 107 47.31 28.43 28.84
C VAL D 107 46.15 28.58 27.84
N ALA D 108 44.92 28.46 28.32
CA ALA D 108 43.74 28.65 27.48
C ALA D 108 43.59 30.09 27.03
N SER D 109 43.59 31.02 27.99
CA SER D 109 43.39 32.45 27.71
C SER D 109 44.57 33.10 26.98
N ILE D 110 45.78 32.63 27.24
CA ILE D 110 46.98 33.17 26.58
C ILE D 110 47.03 32.78 25.10
N ARG D 111 46.71 31.52 24.80
CA ARG D 111 46.74 31.00 23.43
C ARG D 111 45.63 31.56 22.52
N GLN D 112 44.55 32.05 23.13
CA GLN D 112 43.45 32.66 22.39
C GLN D 112 43.85 34.05 21.86
N HIS D 113 44.45 34.87 22.74
CA HIS D 113 44.94 36.20 22.35
C HIS D 113 46.08 36.14 21.34
N LEU D 114 46.84 35.04 21.37
CA LEU D 114 47.94 34.82 20.43
C LEU D 114 47.42 34.52 19.02
N ALA D 115 46.37 33.72 18.93
CA ALA D 115 45.76 33.37 17.65
C ALA D 115 45.09 34.56 16.95
N SER D 116 44.69 35.57 17.72
CA SER D 116 44.10 36.79 17.17
C SER D 116 45.15 37.72 16.55
N ILE D 117 46.35 37.73 17.12
CA ILE D 117 47.45 38.55 16.58
C ILE D 117 47.99 37.92 15.29
N TYR D 118 48.04 36.59 15.24
CA TYR D 118 48.43 35.86 14.02
C TYR D 118 47.50 36.18 12.85
N GLU D 119 46.22 35.87 13.02
CA GLU D 119 45.23 36.04 11.96
C GLU D 119 45.15 37.47 11.44
N LYS D 120 45.22 38.44 12.35
CA LYS D 120 45.27 39.87 12.00
C LYS D 120 46.32 40.20 10.94
N GLU D 121 47.51 39.62 11.08
CA GLU D 121 48.64 39.90 10.19
C GLU D 121 48.76 38.88 9.05
N GLU D 122 47.62 38.50 8.47
CA GLU D 122 47.56 37.56 7.36
C GLU D 122 48.30 36.24 7.62
N ASP D 123 48.15 35.69 8.83
CA ASP D 123 48.72 34.38 9.17
C ASP D 123 47.58 33.41 9.44
N TRP D 124 47.24 32.62 8.43
CA TRP D 124 46.13 31.67 8.51
C TRP D 124 46.61 30.27 8.92
N ARG D 125 47.92 30.13 9.17
CA ARG D 125 48.51 28.84 9.53
C ARG D 125 48.75 28.74 11.04
N ASN D 126 49.58 29.62 11.58
CA ASN D 126 50.02 29.54 12.97
C ASN D 126 48.96 29.97 13.99
N ALA D 127 47.92 30.67 13.53
CA ALA D 127 46.78 30.99 14.37
C ALA D 127 46.02 29.72 14.74
N ALA D 128 45.84 28.85 13.75
CA ALA D 128 45.16 27.57 13.93
C ALA D 128 45.98 26.61 14.78
N GLN D 129 47.27 26.52 14.48
CA GLN D 129 48.18 25.60 15.16
C GLN D 129 48.32 25.87 16.66
N VAL D 130 48.00 27.09 17.10
CA VAL D 130 48.09 27.46 18.50
C VAL D 130 46.82 27.01 19.23
N LEU D 131 45.69 27.07 18.53
CA LEU D 131 44.41 26.58 19.07
C LEU D 131 44.34 25.06 19.14
N VAL D 132 45.10 24.38 18.27
CA VAL D 132 45.26 22.92 18.33
C VAL D 132 45.94 22.54 19.64
N GLY D 133 46.96 23.31 20.02
CA GLY D 133 47.70 23.07 21.25
C GLY D 133 46.92 23.27 22.54
N ILE D 134 45.85 24.07 22.49
CA ILE D 134 45.00 24.29 23.65
C ILE D 134 44.34 22.95 24.04
N PRO D 135 44.66 22.43 25.23
CA PRO D 135 44.12 21.14 25.64
C PRO D 135 42.65 21.25 26.07
N LEU D 136 41.75 21.14 25.09
CA LEU D 136 40.31 21.33 25.33
C LEU D 136 39.71 20.10 26.01
N GLU D 137 39.72 18.97 25.30
CA GLU D 137 39.09 17.74 25.77
C GLU D 137 40.13 16.90 26.53
N THR D 138 41.29 16.71 25.90
CA THR D 138 42.37 15.92 26.47
C THR D 138 42.91 16.50 27.77
N GLY D 139 42.80 17.81 27.95
CA GLY D 139 43.24 18.48 29.16
C GLY D 139 42.53 18.00 30.41
N GLN D 140 43.15 18.26 31.56
CA GLN D 140 42.58 17.91 32.85
C GLN D 140 41.25 18.63 33.09
N LYS D 141 41.20 19.91 32.71
CA LYS D 141 40.02 20.76 32.92
C LYS D 141 38.92 20.44 31.91
N GLN D 142 37.70 20.87 32.23
CA GLN D 142 36.53 20.67 31.37
C GLN D 142 35.95 22.01 30.91
N TYR D 143 35.47 22.05 29.66
CA TYR D 143 35.02 23.31 29.05
C TYR D 143 33.59 23.24 28.50
N ASN D 144 32.99 24.41 28.31
CA ASN D 144 31.61 24.51 27.83
C ASN D 144 31.42 24.28 26.30
N VAL D 145 30.17 24.29 25.87
CA VAL D 145 29.79 24.07 24.46
C VAL D 145 30.21 25.25 23.57
N ASP D 146 29.88 26.46 24.02
CA ASP D 146 30.14 27.67 23.24
C ASP D 146 31.63 28.04 23.09
N TYR D 147 32.50 27.38 23.86
CA TYR D 147 33.96 27.55 23.71
C TYR D 147 34.54 26.52 22.74
N LYS D 148 34.12 25.26 22.89
CA LYS D 148 34.62 24.17 22.04
C LYS D 148 34.08 24.26 20.62
N LEU D 149 32.78 24.52 20.47
CA LEU D 149 32.16 24.69 19.16
C LEU D 149 32.67 25.94 18.43
N GLU D 150 33.14 26.92 19.20
CA GLU D 150 33.75 28.14 18.64
C GLU D 150 35.22 27.92 18.26
N THR D 151 35.93 27.10 19.04
CA THR D 151 37.34 26.82 18.80
C THR D 151 37.53 25.98 17.53
N TYR D 152 36.77 24.90 17.41
CA TYR D 152 36.83 24.04 16.20
C TYR D 152 36.27 24.76 14.97
N LEU D 153 35.41 25.76 15.20
CA LEU D 153 34.93 26.64 14.14
C LEU D 153 36.08 27.44 13.55
N LYS D 154 36.87 28.05 14.42
CA LYS D 154 37.96 28.94 14.02
C LYS D 154 39.18 28.17 13.52
N ILE D 155 39.41 26.97 14.05
CA ILE D 155 40.50 26.11 13.59
C ILE D 155 40.26 25.66 12.14
N ALA D 156 39.07 25.12 11.89
CA ALA D 156 38.70 24.66 10.54
C ALA D 156 38.67 25.81 9.54
N ARG D 157 38.22 26.98 9.98
CA ARG D 157 38.15 28.16 9.12
C ARG D 157 39.53 28.69 8.71
N LEU D 158 40.53 28.47 9.56
CA LEU D 158 41.88 28.97 9.31
C LEU D 158 42.69 28.09 8.36
N TYR D 159 42.59 26.77 8.52
CA TYR D 159 43.30 25.84 7.63
C TYR D 159 42.81 25.91 6.19
N LEU D 160 41.57 26.35 5.98
CA LEU D 160 41.06 26.61 4.64
C LEU D 160 41.65 27.89 4.04
N GLU D 161 41.80 28.92 4.88
CA GLU D 161 42.34 30.21 4.43
C GLU D 161 43.79 30.14 3.94
N ASP D 162 44.52 29.12 4.40
CA ASP D 162 45.87 28.82 3.88
C ASP D 162 45.84 27.74 2.79
N ASP D 163 44.64 27.44 2.28
CA ASP D 163 44.41 26.31 1.37
C ASP D 163 45.01 25.00 1.87
N ASP D 164 44.27 24.34 2.76
CA ASP D 164 44.63 23.01 3.24
C ASP D 164 43.41 22.34 3.85
N PRO D 165 42.50 21.85 2.98
CA PRO D 165 41.27 21.18 3.45
C PRO D 165 41.50 19.79 4.05
N VAL D 166 42.72 19.26 3.95
CA VAL D 166 43.10 18.02 4.63
C VAL D 166 43.04 18.24 6.16
N GLN D 167 43.48 19.42 6.60
CA GLN D 167 43.46 19.79 8.01
C GLN D 167 42.10 20.34 8.45
N ALA D 168 41.52 21.19 7.62
CA ALA D 168 40.24 21.85 7.93
C ALA D 168 39.08 20.88 8.11
N GLU D 169 39.10 19.79 7.34
CA GLU D 169 38.06 18.76 7.44
C GLU D 169 38.14 17.98 8.75
N ALA D 170 39.34 17.84 9.31
CA ALA D 170 39.57 17.04 10.51
C ALA D 170 38.94 17.63 11.78
N TYR D 171 39.01 18.95 11.93
CA TYR D 171 38.53 19.62 13.14
C TYR D 171 37.04 19.99 13.07
N ILE D 172 36.53 20.27 11.88
CA ILE D 172 35.10 20.52 11.68
C ILE D 172 34.29 19.22 11.87
N ASN D 173 34.93 18.07 11.64
CA ASN D 173 34.34 16.77 11.99
C ASN D 173 34.18 16.62 13.51
N ARG D 174 35.17 17.11 14.26
CA ARG D 174 35.11 17.12 15.72
C ARG D 174 34.21 18.23 16.25
N ALA D 175 33.93 19.23 15.41
CA ALA D 175 32.96 20.29 15.72
C ALA D 175 31.52 19.81 15.60
N SER D 176 31.27 18.85 14.71
CA SER D 176 29.92 18.32 14.48
C SER D 176 29.37 17.54 15.68
N LEU D 177 30.27 17.06 16.55
CA LEU D 177 29.87 16.35 17.77
C LEU D 177 29.12 17.26 18.74
N LEU D 178 29.51 18.53 18.76
CA LEU D 178 29.02 19.48 19.77
C LEU D 178 28.08 20.58 19.21
N GLN D 179 27.61 20.41 17.98
CA GLN D 179 26.69 21.38 17.34
C GLN D 179 25.24 21.02 17.56
N ASN D 180 24.96 19.73 17.76
CA ASN D 180 23.63 19.26 18.15
C ASN D 180 23.30 19.69 19.58
N GLU D 181 24.34 19.80 20.39
CA GLU D 181 24.23 20.07 21.82
C GLU D 181 23.99 21.54 22.17
N SER D 182 24.18 22.42 21.20
CA SER D 182 24.13 23.87 21.46
C SER D 182 22.71 24.44 21.39
N THR D 183 22.46 25.45 22.22
CA THR D 183 21.22 26.22 22.22
C THR D 183 21.49 27.64 21.69
N ASN D 184 22.71 27.87 21.21
CA ASN D 184 23.13 29.18 20.70
C ASN D 184 22.64 29.32 19.25
N GLU D 185 21.84 30.36 19.00
CA GLU D 185 21.17 30.51 17.71
C GLU D 185 22.03 31.18 16.63
N GLN D 186 23.19 31.71 17.02
CA GLN D 186 24.12 32.32 16.05
C GLN D 186 25.39 31.47 15.84
N LEU D 187 25.74 30.65 16.83
CA LEU D 187 26.92 29.79 16.74
C LEU D 187 26.68 28.60 15.81
N GLN D 188 25.45 28.07 15.82
CA GLN D 188 25.04 27.03 14.88
C GLN D 188 24.98 27.57 13.45
N ILE D 189 24.63 28.85 13.32
CA ILE D 189 24.61 29.53 12.01
C ILE D 189 26.02 29.68 11.43
N HIS D 190 26.98 30.05 12.27
CA HIS D 190 28.38 30.18 11.81
C HIS D 190 29.08 28.83 11.63
N TYR D 191 28.45 27.75 12.09
CA TYR D 191 28.89 26.38 11.76
C TYR D 191 28.43 25.94 10.35
N LYS D 192 27.22 26.32 9.96
CA LYS D 192 26.68 25.97 8.64
C LYS D 192 27.28 26.83 7.53
N VAL D 193 27.69 28.06 7.86
CA VAL D 193 28.45 28.91 6.95
C VAL D 193 29.86 28.33 6.75
N CYS D 194 30.41 27.73 7.81
CA CYS D 194 31.74 27.13 7.77
C CYS D 194 31.72 25.65 7.35
N TYR D 195 30.56 25.00 7.40
CA TYR D 195 30.43 23.64 6.88
C TYR D 195 30.10 23.62 5.39
N ALA D 196 29.38 24.64 4.93
CA ALA D 196 29.16 24.85 3.50
C ALA D 196 30.49 25.04 2.76
N ARG D 197 31.42 25.73 3.43
CA ARG D 197 32.75 26.00 2.86
C ARG D 197 33.68 24.79 2.88
N VAL D 198 33.49 23.87 3.83
CA VAL D 198 34.27 22.62 3.86
C VAL D 198 33.86 21.69 2.70
N LEU D 199 32.59 21.73 2.31
CA LEU D 199 32.13 21.01 1.13
C LEU D 199 32.51 21.75 -0.16
N ASP D 200 32.69 23.07 -0.06
CA ASP D 200 33.12 23.91 -1.19
C ASP D 200 34.59 23.67 -1.55
N TYR D 201 35.45 23.73 -0.54
CA TYR D 201 36.89 23.50 -0.73
C TYR D 201 37.25 22.02 -0.92
N ARG D 202 36.31 21.11 -0.61
CA ARG D 202 36.46 19.69 -0.91
C ARG D 202 35.75 19.30 -2.20
N ARG D 203 35.29 20.29 -2.96
CA ARG D 203 34.70 20.11 -4.30
C ARG D 203 33.43 19.25 -4.31
N LYS D 204 32.62 19.38 -3.25
CA LYS D 204 31.25 18.89 -3.24
C LYS D 204 30.35 20.11 -3.48
N PHE D 205 30.38 20.61 -4.72
CA PHE D 205 29.74 21.89 -5.07
C PHE D 205 28.22 21.85 -5.01
N ILE D 206 27.63 20.71 -5.38
CA ILE D 206 26.17 20.57 -5.45
C ILE D 206 25.56 20.52 -4.04
N GLU D 207 26.21 19.80 -3.12
CA GLU D 207 25.76 19.74 -1.72
C GLU D 207 26.08 21.04 -0.98
N ALA D 208 27.14 21.72 -1.40
CA ALA D 208 27.51 23.02 -0.86
C ALA D 208 26.44 24.06 -1.18
N ALA D 209 25.85 23.97 -2.36
CA ALA D 209 24.79 24.89 -2.78
C ALA D 209 23.53 24.78 -1.90
N GLN D 210 23.28 23.59 -1.34
CA GLN D 210 22.13 23.36 -0.44
C GLN D 210 22.31 24.03 0.93
N ARG D 211 23.56 24.11 1.40
CA ARG D 211 23.91 24.77 2.67
C ARG D 211 23.81 26.29 2.52
N TYR D 212 24.45 26.81 1.47
CA TYR D 212 24.48 28.25 1.19
C TYR D 212 23.08 28.82 0.92
N ASN D 213 22.31 28.10 0.11
CA ASN D 213 20.94 28.51 -0.22
C ASN D 213 20.05 28.57 1.02
N GLU D 214 20.15 27.55 1.88
CA GLU D 214 19.45 27.51 3.18
C GLU D 214 19.67 28.72 4.07
N LEU D 215 20.92 29.17 4.16
CA LEU D 215 21.32 30.25 5.08
C LEU D 215 20.83 31.64 4.66
N SER D 216 20.62 31.85 3.37
CA SER D 216 20.09 33.12 2.87
C SER D 216 18.59 33.26 3.18
N TYR D 217 17.90 32.15 3.40
CA TYR D 217 16.47 32.17 3.74
C TYR D 217 16.21 32.39 5.24
N LYS D 218 17.24 32.28 6.08
CA LYS D 218 17.10 32.53 7.53
C LYS D 218 17.11 34.03 7.85
N THR D 219 16.07 34.49 8.56
CA THR D 219 15.90 35.91 8.90
C THR D 219 16.79 36.36 10.06
N ILE D 220 17.04 35.44 10.99
CA ILE D 220 17.97 35.68 12.11
C ILE D 220 19.34 36.20 11.62
N VAL D 221 19.78 35.73 10.46
CA VAL D 221 21.00 36.25 9.82
C VAL D 221 20.68 37.63 9.24
N HIS D 222 21.57 38.59 9.48
CA HIS D 222 21.33 39.97 9.07
C HIS D 222 21.25 40.07 7.54
N GLU D 223 20.51 41.06 7.05
CA GLU D 223 20.14 41.12 5.62
C GLU D 223 21.31 41.19 4.64
N SER D 224 22.39 41.88 5.01
CA SER D 224 23.57 42.02 4.15
C SER D 224 24.38 40.72 4.09
N GLU D 225 24.19 39.86 5.09
CA GLU D 225 24.87 38.55 5.14
C GLU D 225 24.08 37.44 4.44
N ARG D 226 22.80 37.69 4.13
CA ARG D 226 22.00 36.75 3.34
C ARG D 226 22.31 36.88 1.85
N LEU D 227 22.85 38.04 1.45
CA LEU D 227 23.30 38.29 0.08
C LEU D 227 24.49 37.42 -0.31
N GLU D 228 25.46 37.32 0.61
CA GLU D 228 26.63 36.43 0.43
C GLU D 228 26.21 34.97 0.50
N ALA D 229 25.31 34.65 1.42
CA ALA D 229 24.79 33.29 1.59
C ALA D 229 24.16 32.77 0.29
N LEU D 230 23.37 33.63 -0.37
CA LEU D 230 22.73 33.26 -1.63
C LEU D 230 23.70 33.21 -2.79
N LYS D 231 24.70 34.09 -2.79
CA LYS D 231 25.66 34.18 -3.90
C LYS D 231 26.68 33.03 -3.92
N HIS D 232 27.09 32.56 -2.75
CA HIS D 232 27.95 31.38 -2.66
C HIS D 232 27.25 30.11 -3.16
N ALA D 233 25.92 30.05 -3.00
CA ALA D 233 25.11 28.97 -3.56
C ALA D 233 25.13 28.99 -5.09
N LEU D 234 25.02 30.21 -5.65
CA LEU D 234 25.05 30.42 -7.10
C LEU D 234 26.33 29.89 -7.74
N HIS D 235 27.48 30.30 -7.20
CA HIS D 235 28.79 29.85 -7.70
C HIS D 235 28.92 28.33 -7.65
N CYS D 236 28.58 27.75 -6.51
CA CYS D 236 28.68 26.30 -6.31
C CYS D 236 27.55 25.52 -7.00
N THR D 237 26.46 26.19 -7.36
CA THR D 237 25.44 25.59 -8.21
C THR D 237 25.92 25.54 -9.67
N ILE D 238 26.60 26.60 -10.11
CA ILE D 238 27.10 26.70 -11.48
C ILE D 238 28.29 25.75 -11.71
N LEU D 239 29.30 25.84 -10.85
CA LEU D 239 30.55 25.10 -11.03
C LEU D 239 30.47 23.59 -10.74
N ALA D 240 29.35 23.16 -10.17
CA ALA D 240 29.11 21.73 -9.97
C ALA D 240 28.93 21.04 -11.32
N SER D 241 29.02 19.71 -11.29
CA SER D 241 28.79 18.89 -12.49
C SER D 241 27.29 18.84 -12.80
N ALA D 242 26.96 18.56 -14.06
CA ALA D 242 25.56 18.60 -14.52
C ALA D 242 24.71 17.50 -13.90
N GLY D 243 24.24 17.76 -12.67
CA GLY D 243 23.31 16.88 -12.00
C GLY D 243 21.89 17.32 -12.29
N GLN D 244 20.93 16.44 -12.04
CA GLN D 244 19.52 16.80 -12.14
C GLN D 244 19.08 17.60 -10.92
N GLN D 245 19.72 17.33 -9.77
CA GLN D 245 19.55 18.15 -8.57
C GLN D 245 19.96 19.60 -8.85
N ARG D 246 21.03 19.76 -9.62
CA ARG D 246 21.55 21.06 -10.04
C ARG D 246 20.55 21.84 -10.89
N SER D 247 19.77 21.13 -11.72
CA SER D 247 18.72 21.74 -12.54
C SER D 247 17.59 22.35 -11.70
N ARG D 248 17.32 21.74 -10.54
CA ARG D 248 16.30 22.24 -9.61
C ARG D 248 16.82 23.41 -8.77
N MET D 249 18.12 23.40 -8.49
CA MET D 249 18.80 24.52 -7.84
C MET D 249 18.80 25.73 -8.77
N LEU D 250 19.23 25.52 -10.01
CA LEU D 250 19.21 26.55 -11.05
C LEU D 250 17.83 27.17 -11.24
N ALA D 251 16.79 26.34 -11.09
CA ALA D 251 15.40 26.82 -11.14
C ALA D 251 15.07 27.71 -9.94
N THR D 252 15.49 27.28 -8.75
CA THR D 252 15.32 28.08 -7.52
C THR D 252 16.07 29.40 -7.60
N LEU D 253 17.18 29.41 -8.34
CA LEU D 253 18.01 30.61 -8.48
C LEU D 253 17.43 31.66 -9.46
N PHE D 254 16.71 31.23 -10.49
CA PHE D 254 16.01 32.19 -11.35
C PHE D 254 14.67 32.62 -10.76
N LYS D 255 14.01 31.69 -10.05
CA LYS D 255 12.76 32.00 -9.34
C LYS D 255 12.93 33.06 -8.27
N ASP D 256 14.10 33.07 -7.62
CA ASP D 256 14.39 34.01 -6.53
C ASP D 256 14.88 35.36 -7.10
N GLU D 257 14.10 36.42 -6.88
CA GLU D 257 14.44 37.77 -7.38
C GLU D 257 15.71 38.33 -6.73
N ARG D 258 16.04 37.82 -5.55
CA ARG D 258 17.24 38.23 -4.83
C ARG D 258 18.51 37.92 -5.64
N CYS D 259 18.45 36.85 -6.45
CA CYS D 259 19.58 36.47 -7.29
C CYS D 259 19.81 37.41 -8.46
N GLN D 260 18.75 38.09 -8.93
CA GLN D 260 18.87 39.08 -10.01
C GLN D 260 19.91 40.14 -9.68
N GLN D 261 20.03 40.46 -8.40
CA GLN D 261 20.99 41.45 -7.92
C GLN D 261 22.45 40.99 -8.07
N LEU D 262 22.66 39.67 -8.06
CA LEU D 262 24.00 39.09 -8.11
C LEU D 262 24.66 39.30 -9.47
N ALA D 263 25.99 39.37 -9.47
CA ALA D 263 26.78 39.69 -10.67
C ALA D 263 26.81 38.58 -11.71
N ALA D 264 26.63 37.34 -11.27
CA ALA D 264 26.59 36.19 -12.17
C ALA D 264 25.15 35.80 -12.53
N TYR D 265 24.31 36.80 -12.78
CA TYR D 265 22.94 36.58 -13.27
C TYR D 265 22.96 36.44 -14.80
N GLY D 266 23.86 37.18 -15.45
CA GLY D 266 24.09 37.02 -16.88
C GLY D 266 24.53 35.61 -17.25
N ILE D 267 25.22 34.95 -16.33
CA ILE D 267 25.59 33.55 -16.50
C ILE D 267 24.40 32.65 -16.17
N LEU D 268 23.74 32.90 -15.04
CA LEU D 268 22.60 32.09 -14.56
C LEU D 268 21.39 32.16 -15.49
N GLU D 269 20.92 33.38 -15.78
CA GLU D 269 19.84 33.61 -16.75
C GLU D 269 20.07 32.74 -17.99
N LYS D 270 21.29 32.81 -18.51
CA LYS D 270 21.68 32.07 -19.71
C LYS D 270 21.96 30.58 -19.44
N MET D 271 22.23 30.23 -18.19
CA MET D 271 22.49 28.85 -17.80
C MET D 271 21.20 28.05 -17.64
N TYR D 272 20.32 28.49 -16.74
CA TYR D 272 19.08 27.78 -16.42
C TYR D 272 18.20 27.59 -17.65
N LEU D 273 18.10 28.63 -18.47
CA LEU D 273 17.23 28.60 -19.65
C LEU D 273 17.92 28.00 -20.88
N ASP D 274 19.13 27.49 -20.69
CA ASP D 274 19.85 26.75 -21.72
C ASP D 274 20.21 27.65 -22.89
N ARG D 275 20.99 28.67 -22.58
CA ARG D 275 21.45 29.64 -23.57
C ARG D 275 22.96 29.55 -23.71
N ILE D 276 23.47 30.00 -24.84
CA ILE D 276 24.89 29.94 -25.13
C ILE D 276 25.64 30.93 -24.24
N ILE D 277 26.83 30.53 -23.80
CA ILE D 277 27.70 31.40 -23.02
C ILE D 277 29.00 31.61 -23.79
N ARG D 278 29.35 32.87 -24.04
CA ARG D 278 30.55 33.18 -24.81
C ARG D 278 31.81 32.90 -23.99
N GLY D 279 32.96 33.13 -24.64
CA GLY D 279 34.26 33.06 -23.97
C GLY D 279 34.73 34.38 -23.37
N ASN D 280 33.93 35.44 -23.50
CA ASN D 280 34.19 36.71 -22.81
C ASN D 280 33.47 36.77 -21.45
N GLN D 281 32.35 36.05 -21.33
CA GLN D 281 31.68 35.82 -20.05
C GLN D 281 32.32 34.66 -19.29
N LEU D 282 33.02 33.79 -20.02
CA LEU D 282 33.88 32.76 -19.42
C LEU D 282 35.00 33.44 -18.62
N GLN D 283 35.55 34.53 -19.17
CA GLN D 283 36.57 35.34 -18.48
C GLN D 283 35.96 36.14 -17.33
N GLU D 284 34.87 36.84 -17.62
CA GLU D 284 34.09 37.57 -16.62
C GLU D 284 33.85 36.69 -15.40
N PHE D 285 33.29 35.51 -15.63
CA PHE D 285 32.95 34.58 -14.57
C PHE D 285 34.20 33.92 -13.98
N ALA D 286 35.23 33.71 -14.80
CA ALA D 286 36.52 33.18 -14.32
C ALA D 286 37.21 34.12 -13.33
N ALA D 287 37.03 35.42 -13.51
CA ALA D 287 37.58 36.42 -12.60
C ALA D 287 36.90 36.41 -11.23
N MET D 288 35.60 36.09 -11.21
CA MET D 288 34.82 36.01 -9.97
C MET D 288 35.19 34.81 -9.10
N LEU D 289 35.67 33.74 -9.74
CA LEU D 289 35.91 32.47 -9.05
C LEU D 289 37.08 32.55 -8.06
N MET D 290 37.10 31.57 -7.16
CA MET D 290 38.17 31.43 -6.19
C MET D 290 39.23 30.51 -6.80
N PRO D 291 40.49 30.60 -6.32
CA PRO D 291 41.58 29.85 -6.95
C PRO D 291 41.40 28.33 -6.98
N HIS D 292 40.90 27.76 -5.89
CA HIS D 292 40.73 26.30 -5.79
C HIS D 292 39.62 25.72 -6.66
N GLN D 293 38.66 26.55 -7.06
CA GLN D 293 37.50 26.08 -7.82
C GLN D 293 37.78 25.73 -9.30
N LYS D 294 38.99 26.01 -9.80
CA LYS D 294 39.31 25.77 -11.22
C LYS D 294 40.06 24.39 -11.51
N ALA D 295 39.70 23.35 -10.72
CA ALA D 295 40.44 22.06 -10.67
C ALA D 295 40.60 21.30 -12.00
N THR D 296 41.84 20.92 -12.36
CA THR D 296 42.17 20.31 -13.66
C THR D 296 42.56 18.84 -13.53
N THR D 297 42.17 18.02 -14.53
CA THR D 297 42.45 16.57 -14.59
C THR D 297 43.00 16.19 -15.99
N ALA D 298 43.90 15.22 -16.05
CA ALA D 298 44.41 14.65 -17.30
C ALA D 298 45.13 15.66 -18.23
N ASP D 299 44.36 16.40 -19.01
CA ASP D 299 44.93 17.30 -20.04
C ASP D 299 45.19 18.73 -19.55
N GLY D 300 44.88 19.01 -18.29
CA GLY D 300 45.12 20.32 -17.70
C GLY D 300 44.02 21.35 -17.95
N SER D 301 42.90 20.91 -18.55
CA SER D 301 41.74 21.77 -18.78
C SER D 301 40.79 21.69 -17.60
N SER D 302 40.07 22.77 -17.37
CA SER D 302 39.15 22.84 -16.25
C SER D 302 37.83 22.16 -16.61
N ILE D 303 36.97 22.01 -15.60
CA ILE D 303 35.57 21.66 -15.83
C ILE D 303 34.93 22.84 -16.54
N LEU D 304 35.23 24.05 -16.05
CA LEU D 304 34.76 25.30 -16.66
C LEU D 304 35.01 25.26 -18.16
N ASP D 305 36.27 25.34 -18.58
CA ASP D 305 36.61 25.51 -19.99
C ASP D 305 36.14 24.38 -20.94
N ARG D 306 35.71 23.24 -20.41
CA ARG D 306 35.18 22.13 -21.24
C ARG D 306 33.66 21.93 -21.06
N ALA D 307 33.21 21.90 -19.81
CA ALA D 307 31.78 21.78 -19.53
C ALA D 307 31.00 23.02 -19.98
N VAL D 308 31.68 24.17 -20.05
CA VAL D 308 31.08 25.41 -20.58
C VAL D 308 30.86 25.30 -22.08
N ILE D 309 31.94 25.14 -22.83
CA ILE D 309 31.87 25.19 -24.30
C ILE D 309 31.00 24.05 -24.85
N GLU D 310 30.91 22.94 -24.12
CA GLU D 310 30.00 21.85 -24.48
C GLU D 310 28.53 22.26 -24.33
N HIS D 311 28.22 23.06 -23.31
CA HIS D 311 26.88 23.64 -23.17
C HIS D 311 26.57 24.55 -24.35
N ASN D 312 27.56 25.29 -24.83
CA ASN D 312 27.39 26.18 -25.98
C ASN D 312 26.89 25.44 -27.22
N LEU D 313 27.44 24.27 -27.48
CA LEU D 313 26.99 23.45 -28.61
C LEU D 313 25.52 23.09 -28.50
N LEU D 314 25.16 22.50 -27.37
CA LEU D 314 23.80 22.03 -27.11
C LEU D 314 22.77 23.16 -27.22
N SER D 315 23.19 24.36 -26.81
CA SER D 315 22.36 25.56 -26.95
C SER D 315 22.26 25.94 -28.44
N ALA D 316 23.40 25.96 -29.13
CA ALA D 316 23.47 26.30 -30.55
C ALA D 316 22.72 25.29 -31.43
N SER D 317 22.70 24.04 -31.00
CA SER D 317 22.12 22.94 -31.78
C SER D 317 20.71 23.23 -32.28
N LYS D 318 19.76 23.37 -31.36
CA LYS D 318 18.35 23.48 -31.73
C LYS D 318 17.95 24.87 -32.23
N LEU D 319 18.79 25.88 -31.95
CA LEU D 319 18.61 27.22 -32.53
C LEU D 319 18.94 27.19 -34.01
N TYR D 320 20.10 26.63 -34.35
CA TYR D 320 20.45 26.35 -35.74
C TYR D 320 19.74 25.10 -36.23
N ASN D 321 19.96 24.78 -37.50
CA ASN D 321 19.69 23.46 -38.04
C ASN D 321 20.92 22.81 -38.68
N ASN D 322 21.92 23.63 -39.01
CA ASN D 322 23.21 23.16 -39.53
C ASN D 322 24.24 24.28 -39.57
N ILE D 323 25.52 23.93 -39.54
CA ILE D 323 26.60 24.92 -39.58
C ILE D 323 27.95 24.28 -39.90
N THR D 324 28.86 25.08 -40.46
CA THR D 324 30.22 24.64 -40.74
C THR D 324 31.04 24.66 -39.46
N PHE D 325 32.14 23.91 -39.46
CA PHE D 325 32.97 23.78 -38.26
C PHE D 325 33.84 25.01 -38.06
N GLU D 326 34.38 25.53 -39.17
CA GLU D 326 35.12 26.78 -39.15
C GLU D 326 34.31 27.85 -38.45
N GLU D 327 33.10 28.07 -38.95
CA GLU D 327 32.24 29.14 -38.46
C GLU D 327 31.60 28.79 -37.12
N LEU D 328 31.47 27.50 -36.82
CA LEU D 328 30.98 27.05 -35.52
C LEU D 328 32.05 27.26 -34.46
N GLY D 329 33.24 26.73 -34.71
CA GLY D 329 34.38 26.92 -33.82
C GLY D 329 34.67 28.38 -33.55
N ALA D 330 34.45 29.23 -34.55
CA ALA D 330 34.60 30.68 -34.41
C ALA D 330 33.62 31.26 -33.40
N LEU D 331 32.41 30.70 -33.34
CA LEU D 331 31.39 31.14 -32.38
C LEU D 331 31.66 30.62 -30.95
N LEU D 332 32.14 29.38 -30.85
CA LEU D 332 32.37 28.75 -29.55
C LEU D 332 33.78 28.98 -29.01
N GLU D 333 34.58 29.75 -29.76
CA GLU D 333 35.92 30.19 -29.34
C GLU D 333 36.90 29.03 -29.12
N ILE D 334 37.18 28.35 -30.24
CA ILE D 334 38.09 27.20 -30.27
C ILE D 334 38.53 26.97 -31.72
N PRO D 335 39.65 26.25 -31.93
CA PRO D 335 39.97 25.81 -33.29
C PRO D 335 38.97 24.76 -33.77
N ALA D 336 38.51 24.92 -35.01
CA ALA D 336 37.43 24.09 -35.58
C ALA D 336 37.60 22.60 -35.30
N ALA D 337 38.83 22.11 -35.49
CA ALA D 337 39.16 20.72 -35.22
C ALA D 337 38.53 20.24 -33.92
N LYS D 338 38.67 21.05 -32.86
CA LYS D 338 38.12 20.71 -31.55
C LYS D 338 36.60 20.58 -31.62
N ALA D 339 35.95 21.62 -32.12
CA ALA D 339 34.48 21.63 -32.22
C ALA D 339 34.00 20.36 -32.90
N GLU D 340 34.51 20.12 -34.10
CA GLU D 340 34.19 18.92 -34.86
C GLU D 340 34.21 17.67 -33.98
N LYS D 341 35.30 17.53 -33.23
CA LYS D 341 35.54 16.32 -32.46
C LYS D 341 34.60 16.19 -31.26
N ILE D 342 34.57 17.22 -30.41
CA ILE D 342 33.74 17.16 -29.19
C ILE D 342 32.25 17.10 -29.56
N ALA D 343 31.88 17.80 -30.63
CA ALA D 343 30.51 17.71 -31.15
C ALA D 343 30.14 16.26 -31.40
N SER D 344 31.07 15.51 -31.99
CA SER D 344 30.88 14.10 -32.26
C SER D 344 30.56 13.34 -30.97
N GLN D 345 31.36 13.57 -29.93
CA GLN D 345 31.13 12.95 -28.62
C GLN D 345 29.67 13.14 -28.17
N MET D 346 29.23 14.39 -28.16
CA MET D 346 27.89 14.72 -27.66
C MET D 346 26.77 14.00 -28.42
N ILE D 347 27.04 13.64 -29.67
CA ILE D 347 26.17 12.75 -30.42
C ILE D 347 26.42 11.31 -29.96
N THR D 348 27.68 10.90 -30.02
CA THR D 348 28.07 9.53 -29.71
C THR D 348 27.57 9.08 -28.35
N GLU D 349 27.87 9.87 -27.32
CA GLU D 349 27.45 9.58 -25.95
C GLU D 349 25.92 9.66 -25.80
N GLY D 350 25.27 10.41 -26.68
CA GLY D 350 23.81 10.44 -26.75
C GLY D 350 23.20 11.57 -25.94
N ARG D 351 23.67 12.79 -26.19
CA ARG D 351 23.17 13.99 -25.52
C ARG D 351 22.60 15.05 -26.48
N MET D 352 22.64 14.78 -27.78
CA MET D 352 22.22 15.74 -28.80
C MET D 352 22.26 15.04 -30.15
N ASN D 353 21.10 14.74 -30.70
CA ASN D 353 21.03 13.99 -31.96
C ASN D 353 21.51 14.86 -33.13
N GLY D 354 21.99 14.19 -34.19
CA GLY D 354 22.60 14.87 -35.33
C GLY D 354 23.67 14.00 -35.95
N PHE D 355 24.41 14.56 -36.90
CA PHE D 355 25.45 13.80 -37.61
C PHE D 355 26.43 14.70 -38.35
N ILE D 356 27.52 14.10 -38.84
CA ILE D 356 28.64 14.83 -39.41
C ILE D 356 28.90 14.47 -40.89
N ASP D 357 29.26 15.49 -41.67
CA ASP D 357 29.68 15.33 -43.07
C ASP D 357 31.06 15.96 -43.22
N GLN D 358 32.10 15.16 -43.00
CA GLN D 358 33.45 15.68 -42.85
C GLN D 358 34.02 16.29 -44.14
N ILE D 359 33.63 15.74 -45.28
CA ILE D 359 34.12 16.25 -46.57
C ILE D 359 33.72 17.70 -46.73
N ASP D 360 32.46 17.98 -46.45
CA ASP D 360 31.94 19.34 -46.49
C ASP D 360 32.53 20.15 -45.36
N GLY D 361 32.47 19.58 -44.17
CA GLY D 361 32.83 20.28 -42.93
C GLY D 361 31.61 20.87 -42.25
N ILE D 362 30.49 20.14 -42.31
CA ILE D 362 29.20 20.60 -41.79
C ILE D 362 28.64 19.58 -40.81
N VAL D 363 27.93 20.07 -39.80
CA VAL D 363 27.17 19.21 -38.89
C VAL D 363 25.71 19.56 -39.06
N HIS D 364 24.83 18.56 -38.91
CA HIS D 364 23.40 18.75 -39.05
C HIS D 364 22.73 18.51 -37.70
N PHE D 365 21.85 19.43 -37.32
CA PHE D 365 21.29 19.49 -35.97
C PHE D 365 19.84 19.06 -35.92
N GLU D 366 19.26 19.16 -34.72
CA GLU D 366 17.82 19.04 -34.52
C GLU D 366 17.05 19.94 -35.48
N THR D 367 16.62 19.35 -36.60
CA THR D 367 15.82 20.04 -37.60
C THR D 367 14.32 19.88 -37.30
N ARG D 368 13.81 18.66 -37.49
CA ARG D 368 12.37 18.36 -37.36
C ARG D 368 11.51 19.27 -38.26
N GLU D 369 12.00 19.48 -39.48
CA GLU D 369 11.43 20.50 -40.38
C GLU D 369 10.29 19.91 -41.24
N ALA D 370 9.95 20.58 -42.32
CA ALA D 370 8.89 20.14 -43.24
C ALA D 370 7.51 20.42 -42.66
N LEU D 371 6.53 19.57 -42.98
CA LEU D 371 5.13 19.83 -42.64
C LEU D 371 4.81 19.85 -41.15
N PRO D 372 5.56 19.10 -40.33
CA PRO D 372 5.40 19.26 -38.88
C PRO D 372 5.56 20.71 -38.42
N THR D 373 6.52 21.42 -39.02
CA THR D 373 6.74 22.84 -38.74
C THR D 373 5.50 23.67 -39.04
N TRP D 374 4.80 23.29 -40.10
CA TRP D 374 3.58 23.97 -40.52
C TRP D 374 2.54 24.01 -39.40
N ASP D 375 2.30 22.87 -38.76
CA ASP D 375 1.34 22.77 -37.65
C ASP D 375 1.67 23.71 -36.49
N LYS D 376 2.96 23.87 -36.19
CA LYS D 376 3.39 24.78 -35.13
C LYS D 376 3.28 26.24 -35.56
N GLN D 377 3.59 26.52 -36.82
CA GLN D 377 3.50 27.88 -37.35
C GLN D 377 2.06 28.34 -37.58
N ILE D 378 1.13 27.39 -37.59
CA ILE D 378 -0.30 27.72 -37.51
C ILE D 378 -0.61 28.15 -36.08
N GLN D 379 -0.24 27.30 -35.12
CA GLN D 379 -0.49 27.57 -33.71
C GLN D 379 0.23 28.83 -33.24
N SER D 380 1.47 29.01 -33.69
CA SER D 380 2.26 30.20 -33.35
C SER D 380 1.51 31.51 -33.61
N LEU D 381 0.75 31.53 -34.70
CA LEU D 381 -0.06 32.71 -35.05
C LEU D 381 -1.48 32.63 -34.49
N CYS D 382 -2.05 31.42 -34.45
CA CYS D 382 -3.42 31.23 -33.93
C CYS D 382 -3.57 31.57 -32.46
N PHE D 383 -2.53 31.32 -31.66
CA PHE D 383 -2.55 31.68 -30.23
C PHE D 383 -2.36 33.19 -30.02
N GLN D 384 -1.73 33.87 -30.98
CA GLN D 384 -1.63 35.34 -30.96
C GLN D 384 -2.98 36.01 -31.20
N VAL D 385 -3.89 35.31 -31.90
CA VAL D 385 -5.27 35.77 -32.08
C VAL D 385 -6.01 35.74 -30.73
N ASN D 386 -5.82 34.67 -29.98
CA ASN D 386 -6.39 34.56 -28.63
C ASN D 386 -5.73 35.50 -27.63
N ASN D 387 -4.42 35.74 -27.79
CA ASN D 387 -3.70 36.69 -26.94
C ASN D 387 -4.13 38.13 -27.19
N LEU D 388 -4.31 38.49 -28.46
CA LEU D 388 -4.78 39.82 -28.82
C LEU D 388 -6.29 39.97 -28.55
N LEU D 389 -7.00 38.85 -28.49
CA LEU D 389 -8.43 38.83 -28.10
C LEU D 389 -8.58 39.15 -26.61
N GLU D 390 -7.88 38.38 -25.78
CA GLU D 390 -7.93 38.56 -24.32
C GLU D 390 -7.63 40.00 -23.91
N LYS D 391 -6.64 40.62 -24.56
CA LYS D 391 -6.18 41.96 -24.21
C LYS D 391 -7.12 43.09 -24.66
N ILE D 392 -8.03 42.79 -25.59
CA ILE D 392 -9.09 43.74 -25.95
C ILE D 392 -10.32 43.53 -25.06
N SER D 393 -10.63 42.26 -24.75
CA SER D 393 -11.71 41.93 -23.81
C SER D 393 -11.42 42.45 -22.40
N GLN D 394 -10.13 42.51 -22.05
CA GLN D 394 -9.67 43.02 -20.76
C GLN D 394 -9.62 44.56 -20.75
N THR D 395 -8.74 45.13 -21.58
CA THR D 395 -8.46 46.57 -21.53
C THR D 395 -9.65 47.43 -21.95
N ALA D 396 -10.40 46.97 -22.94
CA ALA D 396 -11.56 47.71 -23.44
C ALA D 396 -12.84 46.89 -23.26
N PRO D 397 -13.36 46.82 -22.02
CA PRO D 397 -14.61 46.11 -21.78
C PRO D 397 -15.84 46.82 -22.35
N GLU D 398 -15.70 48.11 -22.67
CA GLU D 398 -16.74 48.85 -23.40
C GLU D 398 -16.83 48.36 -24.83
N TRP D 399 -15.72 48.45 -25.57
CA TRP D 399 -15.67 47.97 -26.95
C TRP D 399 -15.88 46.45 -27.04
N THR D 400 -15.57 45.74 -25.96
CA THR D 400 -15.94 44.33 -25.83
C THR D 400 -17.46 44.19 -25.93
N ALA D 401 -18.18 45.00 -25.15
CA ALA D 401 -19.65 45.01 -25.17
C ALA D 401 -20.22 45.59 -26.46
N GLN D 402 -19.47 46.46 -27.13
CA GLN D 402 -19.86 47.03 -28.42
C GLN D 402 -19.74 45.99 -29.53
N ALA D 403 -18.55 45.41 -29.66
CA ALA D 403 -18.27 44.39 -30.68
C ALA D 403 -18.84 43.01 -30.33
N MET D 404 -19.32 42.85 -29.09
CA MET D 404 -20.05 41.63 -28.70
C MET D 404 -21.18 41.32 -29.68
N GLU D 405 -22.04 42.32 -29.91
CA GLU D 405 -23.20 42.17 -30.79
C GLU D 405 -22.88 42.39 -32.27
N ALA D 406 -21.60 42.55 -32.60
CA ALA D 406 -21.13 42.45 -33.98
C ALA D 406 -21.09 41.00 -34.45
N GLN D 407 -21.13 40.06 -33.50
CA GLN D 407 -21.31 38.63 -33.79
C GLN D 407 -22.81 38.29 -33.83
N MET D 408 -23.58 38.90 -32.93
CA MET D 408 -25.00 38.58 -32.74
C MET D 408 -25.88 39.18 -33.83
N ALA D 409 -25.71 40.49 -34.09
CA ALA D 409 -26.47 41.18 -35.12
C ALA D 409 -26.12 40.71 -36.54
N GLN D 410 -24.88 40.23 -36.71
CA GLN D 410 -24.43 39.64 -37.98
C GLN D 410 -24.89 38.19 -38.11
N SER E 15 -32.28 19.27 -13.98
CA SER E 15 -30.85 19.14 -13.59
C SER E 15 -30.18 17.95 -14.30
N ILE E 16 -29.09 18.22 -14.99
CA ILE E 16 -28.38 17.19 -15.77
C ILE E 16 -27.70 16.17 -14.87
N ASP E 17 -27.22 16.61 -13.71
CA ASP E 17 -26.50 15.73 -12.79
C ASP E 17 -27.45 14.77 -12.05
N GLU E 18 -28.30 14.09 -12.82
CA GLU E 18 -29.17 13.07 -12.30
C GLU E 18 -28.41 11.76 -12.24
N ILE E 19 -27.40 11.64 -13.10
CA ILE E 19 -26.68 10.38 -13.31
C ILE E 19 -25.38 10.28 -12.51
N TYR E 20 -24.68 11.41 -12.31
CA TYR E 20 -23.45 11.42 -11.50
C TYR E 20 -23.73 11.15 -10.01
N LYS E 21 -25.01 11.07 -9.66
CA LYS E 21 -25.44 10.59 -8.36
C LYS E 21 -25.23 9.08 -8.28
N TYR E 22 -24.98 8.58 -7.08
CA TYR E 22 -24.74 7.14 -6.86
C TYR E 22 -25.55 6.63 -5.66
N ASP E 23 -26.66 5.96 -5.94
CA ASP E 23 -27.52 5.37 -4.91
C ASP E 23 -27.05 3.93 -4.62
N LYS E 24 -26.42 3.73 -3.47
CA LYS E 24 -25.75 2.47 -3.14
C LYS E 24 -26.68 1.36 -2.69
N LYS E 25 -27.74 1.72 -1.95
CA LYS E 25 -28.70 0.74 -1.46
C LYS E 25 -29.56 0.17 -2.59
N GLN E 26 -29.84 1.00 -3.59
CA GLN E 26 -30.58 0.58 -4.78
C GLN E 26 -29.80 -0.46 -5.59
N GLN E 27 -28.47 -0.38 -5.55
CA GLN E 27 -27.61 -1.34 -6.25
C GLN E 27 -27.71 -2.76 -5.67
N GLN E 28 -27.73 -2.85 -4.35
CA GLN E 28 -27.72 -4.15 -3.67
C GLN E 28 -29.11 -4.82 -3.62
N GLU E 29 -30.16 -4.07 -3.93
CA GLU E 29 -31.50 -4.62 -4.11
C GLU E 29 -31.62 -5.27 -5.48
N ILE E 30 -31.01 -4.63 -6.48
CA ILE E 30 -30.96 -5.16 -7.84
C ILE E 30 -30.00 -6.36 -7.90
N LEU E 31 -28.90 -6.29 -7.15
CA LEU E 31 -27.94 -7.40 -7.04
C LEU E 31 -28.60 -8.68 -6.54
N ALA E 32 -29.47 -8.52 -5.55
CA ALA E 32 -30.21 -9.66 -4.99
C ALA E 32 -31.35 -10.07 -5.93
N ALA E 33 -32.07 -9.10 -6.47
CA ALA E 33 -33.24 -9.35 -7.32
C ALA E 33 -32.88 -10.14 -8.58
N LYS E 34 -31.90 -9.62 -9.32
CA LYS E 34 -31.37 -10.26 -10.54
C LYS E 34 -32.42 -10.39 -11.65
N PRO E 35 -32.47 -9.40 -12.56
CA PRO E 35 -33.18 -9.56 -13.83
C PRO E 35 -32.28 -10.10 -14.95
N TRP E 36 -31.04 -10.48 -14.61
CA TRP E 36 -30.08 -11.06 -15.57
C TRP E 36 -30.07 -12.59 -15.57
N THR E 37 -30.45 -13.20 -14.44
CA THR E 37 -30.60 -14.66 -14.35
C THR E 37 -31.97 -15.13 -14.87
N LYS E 38 -32.85 -14.18 -15.19
CA LYS E 38 -34.20 -14.48 -15.68
C LYS E 38 -34.23 -14.40 -17.21
N ASP E 39 -33.77 -13.27 -17.74
CA ASP E 39 -33.66 -13.06 -19.18
C ASP E 39 -32.18 -13.04 -19.57
N HIS E 40 -31.82 -13.81 -20.58
CA HIS E 40 -30.42 -13.93 -21.01
C HIS E 40 -29.88 -12.66 -21.65
N HIS E 41 -30.71 -11.99 -22.44
CA HIS E 41 -30.32 -10.71 -23.07
C HIS E 41 -31.14 -9.55 -22.50
N TYR E 42 -30.97 -9.32 -21.21
CA TYR E 42 -31.66 -8.26 -20.49
C TYR E 42 -31.01 -6.91 -20.78
N PHE E 43 -29.71 -6.78 -20.48
CA PHE E 43 -28.99 -5.53 -20.68
C PHE E 43 -28.67 -5.31 -22.16
N LYS E 44 -29.17 -4.20 -22.70
CA LYS E 44 -28.98 -3.87 -24.13
C LYS E 44 -28.35 -2.50 -24.39
N TYR E 45 -28.48 -1.55 -23.47
CA TYR E 45 -27.91 -0.20 -23.63
C TYR E 45 -26.66 -0.01 -22.77
N CYS E 46 -25.91 1.04 -23.05
CA CYS E 46 -24.67 1.33 -22.31
C CYS E 46 -24.34 2.83 -22.36
N LYS E 47 -24.52 3.51 -21.23
CA LYS E 47 -24.24 4.94 -21.12
C LYS E 47 -22.81 5.18 -20.62
N ILE E 48 -21.99 5.82 -21.45
CA ILE E 48 -20.58 6.08 -21.14
C ILE E 48 -20.39 7.55 -20.74
N SER E 49 -19.78 7.77 -19.58
CA SER E 49 -19.62 9.12 -19.03
C SER E 49 -18.60 9.96 -19.80
N ALA E 50 -18.40 11.19 -19.34
CA ALA E 50 -17.43 12.09 -19.94
C ALA E 50 -16.00 11.62 -19.68
N LEU E 51 -15.66 11.42 -18.41
CA LEU E 51 -14.31 10.98 -18.01
C LEU E 51 -13.99 9.59 -18.52
N ALA E 52 -14.94 8.67 -18.36
CA ALA E 52 -14.77 7.28 -18.79
C ALA E 52 -14.29 7.18 -20.24
N LEU E 53 -14.92 7.95 -21.13
CA LEU E 53 -14.57 7.93 -22.56
C LEU E 53 -13.14 8.42 -22.80
N LEU E 54 -12.79 9.57 -22.23
CA LEU E 54 -11.47 10.16 -22.44
C LEU E 54 -10.32 9.29 -21.95
N LYS E 55 -10.45 8.75 -20.74
CA LYS E 55 -9.38 7.95 -20.14
C LYS E 55 -9.20 6.61 -20.86
N MET E 56 -10.31 6.00 -21.28
CA MET E 56 -10.25 4.74 -22.04
C MET E 56 -9.57 4.97 -23.40
N VAL E 57 -9.96 6.05 -24.08
CA VAL E 57 -9.33 6.42 -25.35
C VAL E 57 -7.85 6.74 -25.15
N MET E 58 -7.54 7.43 -24.04
CA MET E 58 -6.17 7.78 -23.70
C MET E 58 -5.33 6.55 -23.33
N HIS E 59 -5.94 5.59 -22.65
CA HIS E 59 -5.23 4.37 -22.25
C HIS E 59 -4.87 3.51 -23.46
N ALA E 60 -5.79 3.44 -24.43
CA ALA E 60 -5.59 2.65 -25.64
C ALA E 60 -4.46 3.18 -26.51
N ARG E 61 -4.52 4.47 -26.79
CA ARG E 61 -3.54 5.13 -27.65
C ARG E 61 -2.18 5.24 -26.96
N SER E 62 -2.17 5.46 -25.64
CA SER E 62 -0.92 5.64 -24.89
C SER E 62 0.04 4.47 -25.10
N GLY E 63 -0.49 3.26 -24.96
CA GLY E 63 0.26 2.05 -25.32
C GLY E 63 0.43 1.99 -26.83
N GLY E 64 -0.65 2.27 -27.53
CA GLY E 64 -0.63 2.38 -28.99
C GLY E 64 -0.75 1.03 -29.66
N ASN E 65 0.30 0.64 -30.38
CA ASN E 65 0.30 -0.58 -31.21
C ASN E 65 -0.10 -1.85 -30.46
N LEU E 66 0.14 -1.85 -29.15
CA LEU E 66 -0.06 -3.01 -28.30
C LEU E 66 -1.39 -2.89 -27.58
N GLU E 67 -2.11 -4.01 -27.47
CA GLU E 67 -3.36 -4.05 -26.74
C GLU E 67 -3.06 -4.04 -25.24
N VAL E 68 -3.74 -3.17 -24.51
CA VAL E 68 -3.67 -3.16 -23.05
C VAL E 68 -5.06 -2.93 -22.48
N MET E 69 -5.41 -3.71 -21.45
CA MET E 69 -6.74 -3.62 -20.85
C MET E 69 -6.67 -2.98 -19.48
N GLY E 70 -7.78 -2.36 -19.07
CA GLY E 70 -7.93 -1.81 -17.73
C GLY E 70 -9.24 -2.28 -17.13
N LEU E 71 -9.68 -1.58 -16.09
CA LEU E 71 -10.95 -1.88 -15.44
C LEU E 71 -11.87 -0.67 -15.48
N MET E 72 -13.17 -0.92 -15.60
CA MET E 72 -14.18 0.13 -15.57
C MET E 72 -14.98 0.03 -14.28
N LEU E 73 -15.47 1.17 -13.82
CA LEU E 73 -16.36 1.24 -12.67
C LEU E 73 -17.66 1.91 -13.10
N GLY E 74 -18.78 1.45 -12.53
CA GLY E 74 -20.09 1.97 -12.91
C GLY E 74 -21.24 1.38 -12.11
N LYS E 75 -22.44 1.47 -12.67
CA LYS E 75 -23.65 1.00 -12.00
C LYS E 75 -24.69 0.53 -13.02
N VAL E 76 -25.81 0.00 -12.53
CA VAL E 76 -26.91 -0.47 -13.39
C VAL E 76 -28.17 0.38 -13.22
N ASP E 77 -28.95 0.48 -14.29
CA ASP E 77 -30.22 1.23 -14.29
C ASP E 77 -31.10 0.77 -15.46
N GLY E 78 -32.20 0.11 -15.15
CA GLY E 78 -33.10 -0.44 -16.17
C GLY E 78 -32.43 -1.55 -16.97
N GLU E 79 -32.33 -1.35 -18.27
CA GLU E 79 -31.54 -2.22 -19.15
C GLU E 79 -30.20 -1.59 -19.51
N THR E 80 -29.93 -0.38 -19.01
CA THR E 80 -28.71 0.35 -19.33
C THR E 80 -27.61 0.02 -18.32
N MET E 81 -26.48 -0.48 -18.80
CA MET E 81 -25.30 -0.69 -17.97
C MET E 81 -24.42 0.55 -18.04
N ILE E 82 -24.57 1.42 -17.05
CA ILE E 82 -23.89 2.72 -17.05
C ILE E 82 -22.44 2.59 -16.58
N ILE E 83 -21.54 3.27 -17.30
CA ILE E 83 -20.12 3.31 -16.95
C ILE E 83 -19.78 4.73 -16.51
N MET E 84 -19.28 4.86 -15.29
CA MET E 84 -19.06 6.16 -14.67
C MET E 84 -17.61 6.61 -14.76
N ASP E 85 -16.72 5.75 -14.30
CA ASP E 85 -15.30 6.05 -14.19
C ASP E 85 -14.48 4.83 -14.63
N SER E 86 -13.28 5.09 -15.14
CA SER E 86 -12.39 4.02 -15.56
C SER E 86 -10.96 4.27 -15.11
N PHE E 87 -10.12 3.24 -15.25
CA PHE E 87 -8.70 3.34 -14.95
C PHE E 87 -7.98 2.13 -15.59
N ALA E 88 -6.67 2.06 -15.42
CA ALA E 88 -5.87 1.03 -16.08
C ALA E 88 -5.50 -0.14 -15.17
N LEU E 89 -5.20 -1.27 -15.80
CA LEU E 89 -4.65 -2.44 -15.12
C LEU E 89 -3.30 -2.70 -15.76
N PRO E 90 -2.21 -2.69 -14.96
CA PRO E 90 -0.85 -2.76 -15.53
C PRO E 90 -0.47 -4.18 -16.00
N VAL E 91 -1.36 -4.80 -16.76
CA VAL E 91 -1.19 -6.19 -17.18
C VAL E 91 -0.65 -6.26 -18.60
N GLU E 92 -0.22 -7.46 -18.98
CA GLU E 92 0.32 -7.72 -20.30
C GLU E 92 -0.29 -8.99 -20.86
N GLY E 93 -0.25 -9.12 -22.18
CA GLY E 93 -0.78 -10.29 -22.86
C GLY E 93 -2.29 -10.22 -23.01
N THR E 94 -2.78 -9.02 -23.33
CA THR E 94 -4.19 -8.84 -23.68
C THR E 94 -4.41 -9.45 -25.06
N GLU E 95 -5.51 -10.19 -25.23
CA GLU E 95 -5.84 -10.85 -26.50
C GLU E 95 -5.06 -12.15 -26.74
N THR E 96 -3.85 -12.25 -26.19
CA THR E 96 -3.05 -13.47 -26.29
C THR E 96 -3.27 -14.45 -25.12
N ARG E 97 -3.76 -13.93 -23.99
CA ARG E 97 -4.17 -14.77 -22.86
C ARG E 97 -5.66 -14.61 -22.60
N VAL E 98 -6.31 -15.72 -22.27
CA VAL E 98 -7.71 -15.70 -21.83
C VAL E 98 -7.70 -15.16 -20.40
N ASN E 99 -8.37 -14.03 -20.19
CA ASN E 99 -8.39 -13.35 -18.89
C ASN E 99 -6.97 -12.95 -18.47
N ALA E 100 -6.43 -11.93 -19.13
CA ALA E 100 -5.10 -11.43 -18.83
C ALA E 100 -5.07 -10.53 -17.58
N GLN E 101 -6.24 -10.23 -17.02
CA GLN E 101 -6.34 -9.45 -15.78
C GLN E 101 -5.95 -10.22 -14.52
N ALA E 102 -5.72 -11.53 -14.65
CA ALA E 102 -5.33 -12.39 -13.53
C ALA E 102 -3.94 -12.07 -12.95
N ALA E 103 -3.05 -11.53 -13.78
CA ALA E 103 -1.71 -11.13 -13.34
C ALA E 103 -1.74 -10.10 -12.22
N ALA E 104 -2.67 -9.13 -12.33
CA ALA E 104 -2.80 -8.06 -11.36
C ALA E 104 -4.17 -8.11 -10.67
N TYR E 105 -4.46 -9.24 -10.02
CA TYR E 105 -5.62 -9.33 -9.15
C TYR E 105 -5.47 -8.38 -7.96
N GLU E 106 -4.22 -8.07 -7.61
CA GLU E 106 -3.93 -7.13 -6.55
C GLU E 106 -4.44 -5.73 -6.91
N TYR E 107 -4.11 -5.27 -8.12
CA TYR E 107 -4.39 -3.89 -8.52
C TYR E 107 -5.84 -3.62 -8.94
N MET E 108 -6.69 -4.64 -8.87
CA MET E 108 -8.13 -4.44 -9.06
C MET E 108 -8.76 -4.00 -7.74
N ALA E 109 -8.69 -4.86 -6.73
CA ALA E 109 -9.29 -4.59 -5.43
C ALA E 109 -8.54 -3.50 -4.67
N ALA E 110 -7.22 -3.46 -4.81
CA ALA E 110 -6.40 -2.44 -4.14
C ALA E 110 -6.67 -1.04 -4.68
N TYR E 111 -6.99 -0.94 -5.97
CA TYR E 111 -7.32 0.35 -6.58
C TYR E 111 -8.68 0.86 -6.11
N ILE E 112 -9.67 -0.04 -6.07
CA ILE E 112 -11.03 0.34 -5.65
C ILE E 112 -11.09 0.60 -4.14
N GLU E 113 -10.21 -0.03 -3.37
CA GLU E 113 -10.11 0.21 -1.92
C GLU E 113 -9.53 1.60 -1.63
N ASN E 114 -8.53 2.01 -2.42
CA ASN E 114 -7.98 3.37 -2.35
C ASN E 114 -8.95 4.40 -2.91
N ALA E 115 -9.56 4.08 -4.04
CA ALA E 115 -10.47 4.99 -4.74
C ALA E 115 -11.75 5.29 -3.94
N LYS E 116 -12.21 4.31 -3.16
CA LYS E 116 -13.41 4.49 -2.32
C LYS E 116 -13.17 5.41 -1.14
N GLN E 117 -11.91 5.49 -0.68
CA GLN E 117 -11.54 6.44 0.37
C GLN E 117 -11.59 7.90 -0.12
N VAL E 118 -11.35 8.11 -1.41
CA VAL E 118 -11.27 9.47 -1.97
C VAL E 118 -12.54 9.95 -2.68
N GLY E 119 -13.41 9.04 -3.10
CA GLY E 119 -14.67 9.45 -3.73
C GLY E 119 -15.35 8.41 -4.61
N ARG E 120 -14.56 7.63 -5.34
CA ARG E 120 -15.10 6.63 -6.27
C ARG E 120 -15.75 5.45 -5.54
N LEU E 121 -17.03 5.61 -5.20
CA LEU E 121 -17.79 4.57 -4.51
C LEU E 121 -18.28 3.48 -5.48
N GLU E 122 -18.14 3.73 -6.78
CA GLU E 122 -18.68 2.85 -7.81
C GLU E 122 -18.02 1.47 -7.82
N ASN E 123 -18.81 0.44 -8.11
CA ASN E 123 -18.37 -0.95 -8.07
C ASN E 123 -17.85 -1.44 -9.43
N ALA E 124 -17.26 -2.63 -9.44
CA ALA E 124 -16.75 -3.24 -10.67
C ALA E 124 -17.87 -3.47 -11.68
N ILE E 125 -17.77 -2.80 -12.83
CA ILE E 125 -18.81 -2.88 -13.87
C ILE E 125 -18.35 -3.55 -15.18
N GLY E 126 -17.04 -3.67 -15.41
CA GLY E 126 -16.55 -4.30 -16.64
C GLY E 126 -15.05 -4.19 -16.88
N TRP E 127 -14.64 -4.59 -18.08
CA TRP E 127 -13.24 -4.50 -18.53
C TRP E 127 -13.14 -4.10 -20.00
N TYR E 128 -12.16 -3.25 -20.31
CA TYR E 128 -12.03 -2.66 -21.64
C TYR E 128 -10.63 -2.92 -22.22
N HIS E 129 -10.55 -3.07 -23.54
CA HIS E 129 -9.25 -3.28 -24.19
C HIS E 129 -9.15 -2.56 -25.55
N SER E 130 -7.92 -2.28 -25.96
CA SER E 130 -7.65 -1.58 -27.22
C SER E 130 -7.46 -2.56 -28.38
N HIS E 131 -7.86 -2.14 -29.58
CA HIS E 131 -7.77 -2.96 -30.81
C HIS E 131 -7.21 -2.11 -31.95
N PRO E 132 -5.89 -1.82 -31.91
CA PRO E 132 -5.30 -0.84 -32.83
C PRO E 132 -5.26 -1.28 -34.29
N GLY E 133 -6.13 -0.70 -35.12
CA GLY E 133 -6.12 -0.92 -36.56
C GLY E 133 -6.93 -2.09 -37.09
N TYR E 134 -7.91 -2.56 -36.30
CA TYR E 134 -8.77 -3.66 -36.75
C TYR E 134 -10.12 -3.73 -36.02
N GLY E 135 -10.88 -2.64 -36.10
CA GLY E 135 -12.27 -2.60 -35.66
C GLY E 135 -12.51 -2.89 -34.20
N CYS E 136 -13.78 -2.96 -33.84
CA CYS E 136 -14.21 -3.26 -32.48
C CYS E 136 -15.04 -4.52 -32.45
N TRP E 137 -14.51 -5.55 -31.80
CA TRP E 137 -15.16 -6.85 -31.74
C TRP E 137 -14.49 -7.76 -30.70
N LEU E 138 -15.15 -8.87 -30.38
CA LEU E 138 -14.60 -9.84 -29.44
C LEU E 138 -14.00 -11.04 -30.16
N SER E 139 -12.69 -11.26 -29.97
CA SER E 139 -12.02 -12.42 -30.53
C SER E 139 -12.35 -13.69 -29.72
N GLY E 140 -11.88 -14.82 -30.21
CA GLY E 140 -12.03 -16.10 -29.51
C GLY E 140 -11.39 -16.10 -28.12
N ILE E 141 -10.33 -15.32 -27.95
CA ILE E 141 -9.67 -15.17 -26.65
C ILE E 141 -10.50 -14.25 -25.76
N ASP E 142 -11.08 -13.23 -26.37
CA ASP E 142 -11.93 -12.27 -25.64
C ASP E 142 -13.27 -12.89 -25.17
N VAL E 143 -13.84 -13.77 -25.99
CA VAL E 143 -15.12 -14.41 -25.65
C VAL E 143 -14.98 -15.34 -24.43
N SER E 144 -13.89 -16.11 -24.40
CA SER E 144 -13.62 -17.01 -23.27
C SER E 144 -13.41 -16.23 -21.97
N THR E 145 -12.83 -15.03 -22.07
CA THR E 145 -12.66 -14.14 -20.92
C THR E 145 -14.01 -13.65 -20.39
N GLN E 146 -14.84 -13.16 -21.30
CA GLN E 146 -16.11 -12.52 -20.92
C GLN E 146 -17.16 -13.50 -20.42
N MET E 147 -17.24 -14.67 -21.06
CA MET E 147 -18.16 -15.73 -20.62
C MET E 147 -17.96 -16.06 -19.15
N LEU E 148 -16.71 -16.27 -18.76
CA LEU E 148 -16.38 -16.62 -17.38
C LEU E 148 -16.44 -15.42 -16.45
N ASN E 149 -16.24 -14.21 -17.01
CA ASN E 149 -16.48 -12.98 -16.24
C ASN E 149 -17.95 -12.85 -15.85
N GLN E 150 -18.84 -13.09 -16.81
CA GLN E 150 -20.29 -13.08 -16.54
C GLN E 150 -20.72 -14.26 -15.66
N GLN E 151 -19.99 -15.37 -15.75
CA GLN E 151 -20.28 -16.57 -14.95
C GLN E 151 -20.29 -16.29 -13.45
N PHE E 152 -19.26 -15.58 -12.96
CA PHE E 152 -19.09 -15.34 -11.52
C PHE E 152 -19.29 -13.86 -11.16
N GLN E 153 -18.40 -13.00 -11.66
CA GLN E 153 -18.45 -11.56 -11.35
C GLN E 153 -19.49 -10.89 -12.24
N GLU E 154 -20.75 -11.02 -11.87
CA GLU E 154 -21.89 -10.59 -12.71
C GLU E 154 -21.96 -9.05 -12.77
N PRO E 155 -23.01 -8.47 -13.39
CA PRO E 155 -22.84 -7.25 -14.14
C PRO E 155 -21.39 -6.88 -14.51
N PHE E 156 -20.89 -7.51 -15.56
CA PHE E 156 -19.55 -7.23 -16.10
C PHE E 156 -19.69 -7.09 -17.62
N VAL E 157 -19.33 -5.93 -18.16
CA VAL E 157 -19.45 -5.66 -19.60
C VAL E 157 -18.07 -5.48 -20.24
N ALA E 158 -17.85 -6.15 -21.37
CA ALA E 158 -16.57 -6.10 -22.09
C ALA E 158 -16.59 -5.02 -23.18
N VAL E 159 -15.78 -3.97 -22.98
CA VAL E 159 -15.72 -2.83 -23.91
C VAL E 159 -14.50 -2.96 -24.82
N VAL E 160 -14.62 -2.40 -26.02
CA VAL E 160 -13.53 -2.39 -26.99
C VAL E 160 -13.42 -1.01 -27.62
N ILE E 161 -12.19 -0.58 -27.91
CA ILE E 161 -11.94 0.67 -28.61
C ILE E 161 -10.84 0.48 -29.65
N ASP E 162 -11.01 1.10 -30.81
CA ASP E 162 -10.01 1.10 -31.87
C ASP E 162 -9.41 2.51 -31.98
N PRO E 163 -8.23 2.71 -31.37
CA PRO E 163 -7.65 4.05 -31.33
C PRO E 163 -7.09 4.53 -32.67
N THR E 164 -6.44 3.65 -33.40
CA THR E 164 -5.78 4.03 -34.65
C THR E 164 -6.79 4.49 -35.71
N ARG E 165 -7.96 3.86 -35.73
CA ARG E 165 -9.02 4.22 -36.68
C ARG E 165 -9.89 5.37 -36.18
N THR E 166 -10.14 5.42 -34.88
CA THR E 166 -10.79 6.59 -34.28
C THR E 166 -10.19 7.85 -34.88
N ILE E 167 -8.86 7.85 -34.99
CA ILE E 167 -8.11 8.96 -35.59
C ILE E 167 -8.43 9.12 -37.08
N SER E 168 -8.10 8.10 -37.86
CA SER E 168 -8.17 8.20 -39.33
C SER E 168 -9.60 8.36 -39.83
N ALA E 169 -10.52 7.58 -39.28
CA ALA E 169 -11.94 7.74 -39.58
C ALA E 169 -12.45 9.11 -39.11
N GLY E 170 -11.84 9.62 -38.04
CA GLY E 170 -12.10 10.99 -37.56
C GLY E 170 -13.25 11.09 -36.59
N LYS E 171 -13.55 9.99 -35.88
CA LYS E 171 -14.64 9.97 -34.92
C LYS E 171 -14.49 8.74 -34.02
N VAL E 172 -15.13 8.79 -32.85
CA VAL E 172 -14.95 7.79 -31.81
C VAL E 172 -15.29 6.38 -32.29
N ASN E 173 -14.25 5.60 -32.54
CA ASN E 173 -14.41 4.19 -32.90
C ASN E 173 -14.41 3.38 -31.61
N LEU E 174 -15.59 2.85 -31.25
CA LEU E 174 -15.78 2.19 -29.95
C LEU E 174 -16.87 1.11 -30.04
N GLY E 175 -16.80 0.14 -29.12
CA GLY E 175 -17.80 -0.92 -29.04
C GLY E 175 -18.01 -1.44 -27.62
N ALA E 176 -19.24 -1.89 -27.34
CA ALA E 176 -19.59 -2.47 -26.05
C ALA E 176 -20.41 -3.75 -26.27
N PHE E 177 -19.92 -4.87 -25.75
CA PHE E 177 -20.49 -6.20 -26.04
C PHE E 177 -20.79 -7.00 -24.78
N ARG E 178 -21.66 -8.00 -24.93
CA ARG E 178 -21.91 -9.00 -23.90
C ARG E 178 -22.09 -10.38 -24.53
N THR E 179 -21.51 -11.40 -23.90
CA THR E 179 -21.55 -12.76 -24.44
C THR E 179 -22.80 -13.51 -24.01
N TYR E 180 -23.19 -14.50 -24.81
CA TYR E 180 -24.34 -15.37 -24.51
C TYR E 180 -23.90 -16.64 -23.78
N PRO E 181 -24.87 -17.40 -23.22
CA PRO E 181 -24.55 -18.68 -22.60
C PRO E 181 -24.09 -19.75 -23.60
N LYS E 182 -23.30 -20.71 -23.12
CA LYS E 182 -22.93 -21.88 -23.91
C LYS E 182 -24.02 -22.93 -23.70
N GLY E 183 -25.02 -22.90 -24.57
CA GLY E 183 -26.19 -23.76 -24.46
C GLY E 183 -27.38 -23.12 -25.15
N TYR E 184 -27.87 -22.04 -24.54
CA TYR E 184 -28.86 -21.18 -25.19
C TYR E 184 -28.17 -20.39 -26.31
N LYS E 185 -28.83 -20.26 -27.44
CA LYS E 185 -28.27 -19.54 -28.60
C LYS E 185 -29.20 -18.39 -29.03
N PRO E 186 -28.61 -17.30 -29.55
CA PRO E 186 -29.29 -16.01 -29.73
C PRO E 186 -30.56 -16.00 -30.60
N PRO E 187 -31.38 -14.93 -30.48
CA PRO E 187 -32.52 -14.74 -31.39
C PRO E 187 -32.07 -14.28 -32.78
N ASP E 188 -33.03 -13.96 -33.64
CA ASP E 188 -32.76 -13.67 -35.05
C ASP E 188 -32.34 -12.21 -35.32
N GLU E 189 -33.13 -11.27 -34.84
CA GLU E 189 -32.93 -9.83 -35.13
C GLU E 189 -31.49 -9.37 -34.90
N GLY E 190 -30.74 -9.27 -36.00
CA GLY E 190 -29.34 -8.85 -35.96
C GLY E 190 -28.82 -8.43 -37.33
N PRO E 191 -28.74 -7.09 -37.56
CA PRO E 191 -28.08 -6.57 -38.77
C PRO E 191 -26.55 -6.62 -38.69
N SER E 192 -25.98 -5.95 -37.69
CA SER E 192 -24.52 -5.89 -37.45
C SER E 192 -23.74 -5.24 -38.61
N GLU E 193 -23.22 -4.04 -38.37
CA GLU E 193 -22.57 -3.25 -39.42
C GLU E 193 -21.15 -3.76 -39.73
N TYR E 194 -20.75 -3.60 -41.00
CA TYR E 194 -19.46 -4.13 -41.46
C TYR E 194 -18.29 -3.19 -41.20
N GLN E 195 -17.20 -3.75 -40.69
CA GLN E 195 -15.94 -3.05 -40.56
C GLN E 195 -14.84 -3.94 -41.14
N THR E 196 -13.84 -3.29 -41.75
CA THR E 196 -12.71 -4.00 -42.33
C THR E 196 -12.01 -4.88 -41.29
N ILE E 197 -11.99 -6.18 -41.55
CA ILE E 197 -11.27 -7.13 -40.70
C ILE E 197 -10.06 -7.65 -41.47
N PRO E 198 -8.83 -7.39 -40.97
CA PRO E 198 -7.64 -7.96 -41.59
C PRO E 198 -7.67 -9.49 -41.61
N LEU E 199 -7.28 -10.08 -42.73
CA LEU E 199 -7.45 -11.52 -42.97
C LEU E 199 -6.73 -12.39 -41.96
N ASN E 200 -5.55 -11.95 -41.51
CA ASN E 200 -4.86 -12.59 -40.40
C ASN E 200 -5.77 -12.81 -39.19
N LYS E 201 -6.68 -11.87 -38.94
CA LYS E 201 -7.63 -11.97 -37.83
C LYS E 201 -9.05 -12.41 -38.22
N ILE E 202 -9.42 -12.22 -39.49
CA ILE E 202 -10.79 -12.52 -39.95
C ILE E 202 -11.29 -13.90 -39.53
N GLU E 203 -10.38 -14.87 -39.50
CA GLU E 203 -10.71 -16.23 -39.11
C GLU E 203 -11.17 -16.28 -37.66
N ASP E 204 -10.33 -15.77 -36.77
CA ASP E 204 -10.58 -15.78 -35.32
C ASP E 204 -11.92 -15.11 -35.00
N PHE E 205 -12.14 -13.93 -35.59
CA PHE E 205 -13.42 -13.24 -35.46
C PHE E 205 -14.55 -14.12 -35.98
N GLY E 206 -14.44 -14.51 -37.24
CA GLY E 206 -15.49 -15.27 -37.93
C GLY E 206 -16.10 -16.43 -37.17
N VAL E 207 -15.29 -17.13 -36.37
CA VAL E 207 -15.78 -18.28 -35.62
C VAL E 207 -16.65 -17.83 -34.45
N HIS E 208 -16.08 -17.01 -33.58
CA HIS E 208 -16.71 -16.63 -32.32
C HIS E 208 -17.54 -15.35 -32.39
N CYS E 209 -17.73 -14.80 -33.59
CA CYS E 209 -18.45 -13.53 -33.76
C CYS E 209 -19.93 -13.61 -33.43
N LYS E 210 -20.56 -14.74 -33.76
CA LYS E 210 -22.01 -14.90 -33.57
C LYS E 210 -22.39 -15.39 -32.17
N GLN E 211 -21.39 -15.65 -31.32
CA GLN E 211 -21.64 -16.16 -29.97
C GLN E 211 -22.03 -15.06 -28.97
N TYR E 212 -21.92 -13.79 -29.37
CA TYR E 212 -22.21 -12.66 -28.46
C TYR E 212 -23.17 -11.64 -29.08
N TYR E 213 -23.55 -10.64 -28.29
CA TYR E 213 -24.35 -9.51 -28.79
C TYR E 213 -23.84 -8.17 -28.25
N ALA E 214 -23.94 -7.13 -29.09
CA ALA E 214 -23.44 -5.80 -28.76
C ALA E 214 -24.42 -5.04 -27.87
N LEU E 215 -24.01 -3.85 -27.44
CA LEU E 215 -24.87 -2.97 -26.65
C LEU E 215 -24.97 -1.57 -27.27
N GLU E 216 -26.17 -1.00 -27.22
CA GLU E 216 -26.43 0.31 -27.81
C GLU E 216 -25.74 1.41 -27.00
N VAL E 217 -24.69 1.99 -27.57
CA VAL E 217 -23.87 2.94 -26.86
C VAL E 217 -24.50 4.33 -26.87
N SER E 218 -24.38 5.03 -25.75
CA SER E 218 -24.80 6.44 -25.63
C SER E 218 -23.82 7.19 -24.72
N TYR E 219 -23.63 8.49 -24.99
CA TYR E 219 -22.64 9.30 -24.27
C TYR E 219 -23.31 10.48 -23.55
N PHE E 220 -22.97 10.66 -22.28
CA PHE E 220 -23.55 11.72 -21.46
C PHE E 220 -22.46 12.59 -20.82
N LYS E 221 -22.91 13.64 -20.12
CA LYS E 221 -22.00 14.59 -19.48
C LYS E 221 -22.71 15.35 -18.36
N SER E 222 -21.94 15.86 -17.41
CA SER E 222 -22.48 16.64 -16.28
C SER E 222 -22.72 18.10 -16.69
N SER E 223 -23.15 18.91 -15.71
CA SER E 223 -23.31 20.35 -15.92
C SER E 223 -21.95 21.04 -16.02
N LEU E 224 -21.09 20.75 -15.04
CA LEU E 224 -19.75 21.33 -14.99
C LEU E 224 -18.92 20.93 -16.22
N ASP E 225 -18.92 19.63 -16.53
CA ASP E 225 -18.24 19.12 -17.73
C ASP E 225 -18.69 19.91 -18.96
N ARG E 226 -20.00 20.02 -19.13
CA ARG E 226 -20.59 20.74 -20.27
C ARG E 226 -20.18 22.21 -20.27
N LYS E 227 -20.25 22.85 -19.11
CA LYS E 227 -19.86 24.26 -18.99
C LYS E 227 -18.36 24.47 -19.15
N LEU E 228 -17.55 23.53 -18.68
CA LEU E 228 -16.09 23.62 -18.83
C LEU E 228 -15.65 23.45 -20.29
N LEU E 229 -16.23 22.47 -20.98
CA LEU E 229 -15.91 22.21 -22.38
C LEU E 229 -16.28 23.38 -23.30
N GLU E 230 -17.31 24.14 -22.93
CA GLU E 230 -17.70 25.33 -23.68
C GLU E 230 -16.70 26.46 -23.44
N LEU E 231 -16.30 26.65 -22.18
CA LEU E 231 -15.24 27.61 -21.84
C LEU E 231 -13.89 27.16 -22.40
N LEU E 232 -13.69 25.84 -22.48
CA LEU E 232 -12.47 25.26 -23.05
C LEU E 232 -12.34 25.55 -24.54
N TRP E 233 -13.48 25.56 -25.25
CA TRP E 233 -13.47 25.71 -26.70
C TRP E 233 -13.01 27.08 -27.20
N ASN E 234 -12.94 28.06 -26.30
CA ASN E 234 -12.40 29.39 -26.61
C ASN E 234 -10.99 29.32 -27.21
N LYS E 235 -10.21 28.33 -26.77
CA LYS E 235 -8.81 28.19 -27.19
C LYS E 235 -8.51 26.82 -27.84
N TYR E 236 -9.52 25.98 -28.02
CA TYR E 236 -9.32 24.62 -28.56
C TYR E 236 -9.60 24.53 -30.06
N TRP E 237 -10.22 25.57 -30.63
CA TRP E 237 -10.40 25.66 -32.08
C TRP E 237 -9.06 25.70 -32.81
N VAL E 238 -8.01 26.20 -32.14
CA VAL E 238 -6.66 26.27 -32.70
C VAL E 238 -6.12 24.87 -33.02
N ASN E 239 -6.42 23.92 -32.16
CA ASN E 239 -5.93 22.55 -32.30
C ASN E 239 -6.63 21.78 -33.42
N THR E 240 -7.84 22.20 -33.76
CA THR E 240 -8.61 21.60 -34.85
C THR E 240 -8.02 21.94 -36.22
N LEU E 241 -7.50 23.16 -36.36
CA LEU E 241 -6.92 23.62 -37.63
C LEU E 241 -5.40 23.54 -37.66
N SER E 242 -4.83 22.73 -36.75
CA SER E 242 -3.44 22.30 -36.85
C SER E 242 -3.41 20.83 -36.47
N SER E 243 -4.45 20.10 -36.89
CA SER E 243 -4.68 18.73 -36.48
C SER E 243 -3.77 17.75 -37.23
N SER E 244 -4.00 17.63 -38.53
CA SER E 244 -3.19 16.79 -39.43
C SER E 244 -3.13 15.31 -39.04
N SER E 245 -4.12 14.56 -39.49
CA SER E 245 -4.16 13.11 -39.26
C SER E 245 -3.48 12.40 -40.43
N LEU E 246 -2.15 12.50 -40.48
CA LEU E 246 -1.37 11.87 -41.56
C LEU E 246 -0.12 11.19 -41.01
N LEU E 247 0.80 11.96 -40.47
CA LEU E 247 1.97 11.37 -39.81
C LEU E 247 1.66 10.88 -38.40
N THR E 248 0.49 11.27 -37.88
CA THR E 248 0.02 10.81 -36.58
C THR E 248 -0.23 9.30 -36.59
N ASN E 249 -1.10 8.86 -37.50
CA ASN E 249 -1.48 7.44 -37.63
C ASN E 249 -0.98 6.85 -38.96
N ALA E 250 0.24 7.21 -39.35
CA ALA E 250 0.82 6.80 -40.64
C ALA E 250 0.90 5.29 -40.82
N ASP E 251 1.07 4.56 -39.73
CA ASP E 251 1.28 3.13 -39.76
C ASP E 251 -0.02 2.30 -39.61
N TYR E 252 -1.17 2.93 -39.81
CA TYR E 252 -2.42 2.20 -40.02
C TYR E 252 -2.74 2.13 -41.51
N THR E 253 -2.73 3.30 -42.15
CA THR E 253 -3.07 3.42 -43.56
C THR E 253 -2.06 2.70 -44.43
N THR E 254 -0.78 2.86 -44.14
CA THR E 254 0.28 2.16 -44.87
C THR E 254 0.17 0.64 -44.69
N GLY E 255 -0.37 0.22 -43.55
CA GLY E 255 -0.61 -1.20 -43.27
C GLY E 255 -1.85 -1.76 -43.94
N GLN E 256 -2.96 -1.04 -43.85
CA GLN E 256 -4.23 -1.44 -44.48
C GLN E 256 -4.07 -1.81 -45.96
N VAL E 257 -3.08 -1.22 -46.62
CA VAL E 257 -2.71 -1.58 -47.98
C VAL E 257 -2.33 -3.04 -48.06
N PHE E 258 -1.44 -3.45 -47.15
CA PHE E 258 -0.99 -4.84 -47.08
C PHE E 258 -2.19 -5.79 -46.90
N ASP E 259 -3.15 -5.40 -46.06
CA ASP E 259 -4.41 -6.14 -45.87
C ASP E 259 -5.24 -6.16 -47.16
N LEU E 260 -5.39 -4.98 -47.77
CA LEU E 260 -6.18 -4.83 -48.99
C LEU E 260 -5.65 -5.70 -50.12
N SER E 261 -4.32 -5.68 -50.30
CA SER E 261 -3.66 -6.46 -51.35
C SER E 261 -3.98 -7.95 -51.29
N GLU E 262 -4.00 -8.51 -50.07
CA GLU E 262 -4.32 -9.92 -49.86
C GLU E 262 -5.77 -10.23 -50.20
N LYS E 263 -6.69 -9.38 -49.75
CA LYS E 263 -8.13 -9.58 -50.00
C LYS E 263 -8.48 -9.63 -51.49
N LEU E 264 -7.74 -8.86 -52.30
CA LEU E 264 -7.90 -8.90 -53.76
C LEU E 264 -7.29 -10.18 -54.32
N GLU E 265 -6.07 -10.48 -53.88
CA GLU E 265 -5.36 -11.71 -54.28
C GLU E 265 -6.25 -12.96 -54.23
N GLN E 266 -7.08 -13.04 -53.19
CA GLN E 266 -8.02 -14.15 -53.03
C GLN E 266 -9.13 -14.13 -54.09
N SER E 267 -9.86 -13.01 -54.15
CA SER E 267 -11.00 -12.88 -55.06
C SER E 267 -10.63 -12.92 -56.55
N GLU E 268 -9.36 -12.64 -56.85
CA GLU E 268 -8.83 -12.77 -58.21
C GLU E 268 -8.83 -14.24 -58.64
N ALA E 269 -8.25 -15.09 -57.80
CA ALA E 269 -8.21 -16.52 -58.05
C ALA E 269 -9.57 -17.19 -57.81
N GLN E 270 -10.41 -16.55 -57.00
CA GLN E 270 -11.78 -17.03 -56.76
C GLN E 270 -12.59 -17.06 -58.05
N LEU E 271 -12.45 -16.01 -58.86
CA LEU E 271 -13.05 -15.96 -60.19
C LEU E 271 -12.60 -17.16 -61.01
N GLY E 272 -11.32 -17.52 -60.89
CA GLY E 272 -10.75 -18.66 -61.60
C GLY E 272 -11.19 -20.04 -61.12
N ARG E 273 -10.23 -20.84 -60.67
CA ARG E 273 -10.44 -22.28 -60.50
C ARG E 273 -11.06 -22.65 -59.14
N GLY E 274 -10.27 -22.60 -58.08
CA GLY E 274 -10.72 -23.00 -56.75
C GLY E 274 -10.95 -24.50 -56.66
N SER E 287 -17.18 -15.75 -46.73
CA SER E 287 -16.59 -16.26 -47.96
C SER E 287 -17.61 -16.37 -49.10
N GLU E 288 -17.93 -15.22 -49.70
CA GLU E 288 -18.83 -15.15 -50.86
C GLU E 288 -18.63 -13.81 -51.56
N ASP E 289 -17.87 -13.82 -52.66
CA ASP E 289 -17.45 -12.61 -53.36
C ASP E 289 -16.60 -11.71 -52.45
N LYS E 290 -15.30 -11.99 -52.39
CA LYS E 290 -14.38 -11.21 -51.56
C LYS E 290 -13.75 -10.03 -52.33
N LEU E 291 -14.40 -9.60 -53.42
CA LEU E 291 -14.08 -8.31 -54.04
C LEU E 291 -15.05 -7.23 -53.56
N ALA E 292 -16.27 -7.62 -53.21
CA ALA E 292 -17.25 -6.70 -52.61
C ALA E 292 -16.77 -6.16 -51.26
N LYS E 293 -16.10 -7.00 -50.48
CA LYS E 293 -15.44 -6.55 -49.24
C LYS E 293 -14.27 -5.63 -49.56
N ALA E 294 -13.38 -6.11 -50.43
CA ALA E 294 -12.15 -5.39 -50.81
C ALA E 294 -12.43 -4.04 -51.46
N THR E 295 -13.53 -3.95 -52.20
CA THR E 295 -13.98 -2.69 -52.77
C THR E 295 -14.36 -1.71 -51.66
N ARG E 296 -15.06 -2.24 -50.65
CA ARG E 296 -15.49 -1.44 -49.51
C ARG E 296 -14.30 -1.04 -48.63
N ASP E 297 -13.28 -1.90 -48.58
CA ASP E 297 -12.03 -1.61 -47.86
C ASP E 297 -11.20 -0.55 -48.58
N SER E 298 -11.10 -0.67 -49.90
CA SER E 298 -10.36 0.30 -50.71
C SER E 298 -10.96 1.70 -50.60
N CYS E 299 -12.28 1.78 -50.50
CA CYS E 299 -12.97 3.03 -50.23
C CYS E 299 -12.72 3.46 -48.78
N LYS E 300 -13.07 2.59 -47.83
CA LYS E 300 -12.86 2.85 -46.40
C LYS E 300 -11.50 3.50 -46.11
N THR E 301 -10.42 2.85 -46.54
CA THR E 301 -9.06 3.31 -46.26
C THR E 301 -8.71 4.59 -47.01
N THR E 302 -9.17 4.71 -48.25
CA THR E 302 -8.88 5.89 -49.07
C THR E 302 -9.78 7.08 -48.70
N ILE E 303 -11.06 6.81 -48.39
CA ILE E 303 -11.98 7.82 -47.87
C ILE E 303 -11.30 8.63 -46.75
N GLU E 304 -10.59 7.93 -45.87
CA GLU E 304 -9.80 8.56 -44.81
C GLU E 304 -8.68 9.40 -45.38
N ALA E 305 -7.87 8.78 -46.23
CA ALA E 305 -6.73 9.45 -46.86
C ALA E 305 -7.12 10.76 -47.55
N ILE E 306 -8.32 10.80 -48.13
CA ILE E 306 -8.83 11.99 -48.81
C ILE E 306 -9.29 13.02 -47.78
N HIS E 307 -10.11 12.58 -46.83
CA HIS E 307 -10.56 13.43 -45.73
C HIS E 307 -9.39 14.11 -45.03
N GLY E 308 -8.25 13.42 -44.95
CA GLY E 308 -7.02 14.01 -44.42
C GLY E 308 -6.61 15.23 -45.21
N LEU E 309 -6.56 15.10 -46.54
CA LEU E 309 -6.12 16.19 -47.41
C LEU E 309 -7.16 17.30 -47.56
N MET E 310 -8.38 17.08 -47.09
CA MET E 310 -9.36 18.16 -46.97
C MET E 310 -8.91 19.19 -45.93
N SER E 311 -8.59 18.73 -44.72
CA SER E 311 -8.15 19.63 -43.64
C SER E 311 -6.80 20.28 -43.92
N GLN E 312 -6.01 19.69 -44.83
CA GLN E 312 -4.71 20.24 -45.21
C GLN E 312 -4.88 21.44 -46.14
N VAL E 313 -5.67 21.28 -47.20
CA VAL E 313 -5.92 22.36 -48.15
C VAL E 313 -6.69 23.49 -47.46
N ILE E 314 -7.63 23.12 -46.58
CA ILE E 314 -8.33 24.07 -45.73
C ILE E 314 -7.35 25.01 -45.01
N LYS E 315 -6.24 24.45 -44.54
CA LYS E 315 -5.21 25.23 -43.84
C LYS E 315 -4.35 26.07 -44.82
N ASP E 316 -3.97 25.50 -45.95
CA ASP E 316 -3.21 26.22 -46.98
C ASP E 316 -3.99 27.45 -47.46
N LYS E 317 -5.30 27.28 -47.61
CA LYS E 317 -6.21 28.38 -47.94
C LYS E 317 -6.11 29.47 -46.88
N LEU E 318 -6.24 29.06 -45.62
CA LEU E 318 -6.29 29.98 -44.49
C LEU E 318 -5.00 30.76 -44.29
N PHE E 319 -3.96 30.08 -43.83
CA PHE E 319 -2.83 30.76 -43.21
C PHE E 319 -1.76 31.21 -44.18
N ASN E 320 -1.64 30.55 -45.32
CA ASN E 320 -0.59 30.86 -46.29
C ASN E 320 -0.95 31.99 -47.25
N GLN E 321 -2.22 32.04 -47.66
CA GLN E 321 -2.66 32.91 -48.75
C GLN E 321 -3.26 34.24 -48.27
N ILE E 322 -2.41 35.09 -47.72
CA ILE E 322 -2.79 36.46 -47.31
C ILE E 322 -2.02 37.54 -48.08
N ASN E 323 -0.86 37.19 -48.66
CA ASN E 323 0.13 38.16 -49.11
C ASN E 323 0.63 38.99 -47.93
N ILE E 324 1.67 39.78 -48.16
CA ILE E 324 2.34 40.49 -47.07
C ILE E 324 1.52 41.70 -46.63
N SER F 33 -2.70 40.20 0.65
CA SER F 33 -2.39 39.38 -0.57
C SER F 33 -1.23 38.42 -0.30
N VAL F 34 -1.36 37.18 -0.78
CA VAL F 34 -0.30 36.19 -0.62
C VAL F 34 -0.02 35.48 -1.94
N MET F 35 0.16 36.28 -2.98
CA MET F 35 0.71 35.78 -4.24
C MET F 35 1.84 36.72 -4.70
N ALA F 36 2.53 36.34 -5.78
CA ALA F 36 3.82 36.95 -6.13
C ALA F 36 3.72 38.30 -6.84
N CYS F 37 3.28 38.28 -8.11
CA CYS F 37 3.27 39.47 -8.98
C CYS F 37 4.67 40.04 -9.20
N GLY F 38 5.37 39.49 -10.18
CA GLY F 38 6.70 39.97 -10.56
C GLY F 38 7.11 39.49 -11.93
N VAL F 39 8.36 39.77 -12.31
CA VAL F 39 8.90 39.31 -13.60
C VAL F 39 9.21 37.81 -13.54
N THR F 40 8.23 36.99 -13.95
CA THR F 40 8.29 35.53 -13.78
C THR F 40 9.11 34.86 -14.91
N GLY F 41 8.55 33.82 -15.55
CA GLY F 41 9.25 33.03 -16.54
C GLY F 41 9.43 31.59 -16.08
N SER F 42 10.67 31.22 -15.78
CA SER F 42 11.03 29.90 -15.25
C SER F 42 10.68 28.77 -16.23
N VAL F 43 9.63 27.99 -15.92
CA VAL F 43 9.25 26.84 -16.76
C VAL F 43 8.09 27.18 -17.72
N SER F 44 7.92 26.33 -18.74
CA SER F 44 6.81 26.46 -19.70
C SER F 44 5.87 25.27 -19.56
N VAL F 45 4.57 25.54 -19.46
CA VAL F 45 3.59 24.53 -19.07
C VAL F 45 2.58 24.22 -20.16
N ALA F 46 2.25 22.93 -20.29
CA ALA F 46 1.16 22.46 -21.13
C ALA F 46 0.09 21.84 -20.24
N LEU F 47 -1.08 21.61 -20.80
CA LEU F 47 -2.22 21.11 -20.01
C LEU F 47 -3.17 20.25 -20.85
N HIS F 48 -3.28 18.96 -20.47
CA HIS F 48 -4.23 18.04 -21.11
C HIS F 48 -5.64 18.25 -20.55
N PRO F 49 -6.66 18.24 -21.43
CA PRO F 49 -8.05 18.37 -20.97
C PRO F 49 -8.57 17.18 -20.16
N LEU F 50 -7.94 16.01 -20.31
CA LEU F 50 -8.23 14.85 -19.45
C LEU F 50 -8.07 15.21 -17.98
N VAL F 51 -7.07 16.05 -17.69
CA VAL F 51 -6.81 16.50 -16.32
C VAL F 51 -7.97 17.34 -15.80
N ILE F 52 -8.49 18.22 -16.64
CA ILE F 52 -9.64 19.07 -16.29
C ILE F 52 -10.87 18.22 -15.98
N LEU F 53 -11.09 17.19 -16.78
CA LEU F 53 -12.26 16.33 -16.63
C LEU F 53 -12.17 15.39 -15.42
N ASN F 54 -10.96 14.93 -15.10
CA ASN F 54 -10.74 14.08 -13.92
C ASN F 54 -10.95 14.85 -12.62
N ILE F 55 -10.68 16.15 -12.64
CA ILE F 55 -10.98 17.04 -11.52
C ILE F 55 -12.47 17.35 -11.50
N SER F 56 -13.05 17.58 -12.68
CA SER F 56 -14.47 17.87 -12.83
C SER F 56 -15.36 16.74 -12.33
N ASP F 57 -15.00 15.50 -12.69
CA ASP F 57 -15.68 14.32 -12.16
C ASP F 57 -15.50 14.23 -10.65
N HIS F 58 -14.30 14.55 -10.18
CA HIS F 58 -13.97 14.49 -8.76
C HIS F 58 -14.71 15.54 -7.93
N TRP F 59 -14.96 16.71 -8.50
CA TRP F 59 -15.71 17.77 -7.82
C TRP F 59 -17.19 17.44 -7.74
N ILE F 60 -17.78 17.10 -8.89
CA ILE F 60 -19.22 16.79 -8.99
C ILE F 60 -19.61 15.59 -8.12
N ARG F 61 -18.73 14.59 -8.05
CA ARG F 61 -18.99 13.37 -7.29
C ARG F 61 -18.90 13.60 -5.78
N MET F 62 -17.88 14.37 -5.35
CA MET F 62 -17.71 14.71 -3.92
C MET F 62 -18.68 15.81 -3.48
N ARG F 63 -19.05 16.70 -4.39
CA ARG F 63 -20.11 17.66 -4.16
C ARG F 63 -21.43 16.91 -3.91
N SER F 64 -21.73 15.98 -4.81
CA SER F 64 -22.96 15.19 -4.74
C SER F 64 -23.05 14.33 -3.48
N GLN F 65 -21.91 13.77 -3.06
CA GLN F 65 -21.86 12.93 -1.85
C GLN F 65 -22.39 13.62 -0.60
N GLU F 66 -22.05 14.90 -0.44
CA GLU F 66 -22.36 15.65 0.79
C GLU F 66 -23.47 16.70 0.62
N GLY F 67 -23.99 16.88 -0.59
CA GLY F 67 -25.06 17.84 -0.85
C GLY F 67 -24.63 19.28 -0.69
N ARG F 68 -23.33 19.55 -0.91
CA ARG F 68 -22.78 20.89 -0.83
C ARG F 68 -21.53 20.99 -1.70
N PRO F 69 -21.07 22.23 -1.98
CA PRO F 69 -19.77 22.40 -2.65
C PRO F 69 -18.60 21.90 -1.78
N VAL F 70 -17.60 21.32 -2.42
CA VAL F 70 -16.46 20.72 -1.71
C VAL F 70 -15.13 21.14 -2.33
N GLN F 71 -14.15 21.45 -1.48
CA GLN F 71 -12.77 21.69 -1.92
C GLN F 71 -12.04 20.34 -2.01
N VAL F 72 -12.12 19.71 -3.17
CA VAL F 72 -11.44 18.43 -3.39
C VAL F 72 -9.97 18.67 -3.68
N ILE F 73 -9.13 17.71 -3.30
CA ILE F 73 -7.68 17.81 -3.53
C ILE F 73 -7.15 16.52 -4.14
N GLY F 74 -6.20 16.65 -5.07
CA GLY F 74 -5.60 15.49 -5.72
C GLY F 74 -4.22 15.77 -6.31
N ALA F 75 -3.62 14.74 -6.89
CA ALA F 75 -2.23 14.78 -7.37
C ALA F 75 -2.14 14.93 -8.90
N LEU F 76 -1.05 15.54 -9.36
CA LEU F 76 -0.79 15.75 -10.79
C LEU F 76 0.39 14.89 -11.26
N ILE F 77 0.29 14.35 -12.47
CA ILE F 77 1.37 13.57 -13.07
C ILE F 77 1.46 13.80 -14.58
N GLY F 78 2.63 13.52 -15.15
CA GLY F 78 2.86 13.69 -16.58
C GLY F 78 4.34 13.62 -16.95
N LYS F 79 4.66 14.08 -18.16
CA LYS F 79 6.04 14.07 -18.64
C LYS F 79 6.77 15.34 -18.23
N GLN F 80 8.03 15.20 -17.83
CA GLN F 80 8.91 16.33 -17.54
C GLN F 80 10.22 16.15 -18.28
N GLU F 81 10.49 17.06 -19.22
CA GLU F 81 11.73 17.08 -19.98
C GLU F 81 12.33 18.48 -19.93
N GLY F 82 13.57 18.58 -19.47
CA GLY F 82 14.25 19.88 -19.35
C GLY F 82 13.41 20.88 -18.58
N ARG F 83 13.14 22.02 -19.19
CA ARG F 83 12.31 23.05 -18.57
C ARG F 83 10.82 22.75 -18.74
N ASN F 84 10.44 22.35 -19.95
CA ASN F 84 9.03 22.21 -20.30
C ASN F 84 8.34 21.09 -19.54
N ILE F 85 7.07 21.30 -19.24
CA ILE F 85 6.30 20.37 -18.40
C ILE F 85 4.91 20.14 -18.99
N GLU F 86 4.58 18.88 -19.22
CA GLU F 86 3.24 18.49 -19.66
C GLU F 86 2.53 17.74 -18.55
N VAL F 87 1.27 18.10 -18.31
CA VAL F 87 0.43 17.40 -17.35
C VAL F 87 -0.46 16.47 -18.16
N MET F 88 -0.34 15.16 -17.93
CA MET F 88 -1.10 14.17 -18.70
C MET F 88 -2.36 13.74 -17.96
N ASN F 89 -2.18 13.07 -16.83
CA ASN F 89 -3.29 12.49 -16.08
C ASN F 89 -3.32 13.06 -14.65
N SER F 90 -4.38 12.76 -13.91
CA SER F 90 -4.51 13.20 -12.52
C SER F 90 -5.43 12.28 -11.72
N PHE F 91 -5.15 12.18 -10.42
CA PHE F 91 -5.93 11.34 -9.51
C PHE F 91 -6.11 12.04 -8.16
N GLU F 92 -6.65 11.33 -7.16
CA GLU F 92 -7.08 11.94 -5.91
C GLU F 92 -6.09 11.69 -4.77
N LEU F 93 -6.16 12.53 -3.73
CA LEU F 93 -5.33 12.38 -2.53
C LEU F 93 -6.17 12.47 -1.25
N LEU F 94 -5.71 11.80 -0.21
CA LEU F 94 -6.41 11.78 1.08
C LEU F 94 -5.99 12.98 1.92
N SER F 95 -6.98 13.63 2.54
CA SER F 95 -6.75 14.86 3.31
C SER F 95 -7.56 14.89 4.60
N HIS F 96 -6.96 15.47 5.65
CA HIS F 96 -7.61 15.65 6.94
C HIS F 96 -7.47 17.11 7.38
N THR F 97 -7.97 17.44 8.57
CA THR F 97 -7.98 18.82 9.06
C THR F 97 -7.56 18.96 10.53
N VAL F 98 -6.30 19.29 10.77
CA VAL F 98 -5.80 19.65 12.11
C VAL F 98 -6.12 21.13 12.35
N GLU F 99 -7.13 21.37 13.19
CA GLU F 99 -7.66 22.72 13.44
C GLU F 99 -8.27 23.32 12.16
N GLU F 100 -7.58 24.26 11.53
CA GLU F 100 -8.05 24.87 10.28
C GLU F 100 -7.08 24.61 9.15
N LYS F 101 -6.12 23.71 9.39
CA LYS F 101 -5.01 23.47 8.48
C LYS F 101 -5.23 22.16 7.74
N ILE F 102 -5.23 22.22 6.41
CA ILE F 102 -5.52 21.04 5.59
C ILE F 102 -4.30 20.13 5.53
N ILE F 103 -4.41 18.95 6.12
CA ILE F 103 -3.31 17.98 6.20
C ILE F 103 -3.44 16.92 5.11
N ILE F 104 -2.53 16.95 4.14
CA ILE F 104 -2.44 15.91 3.14
C ILE F 104 -1.91 14.65 3.80
N ASP F 105 -2.76 13.63 3.89
CA ASP F 105 -2.33 12.35 4.43
C ASP F 105 -1.33 11.74 3.43
N LYS F 106 -0.05 11.89 3.75
CA LYS F 106 1.03 11.45 2.86
C LYS F 106 1.11 9.93 2.73
N GLU F 107 0.73 9.22 3.78
CA GLU F 107 0.70 7.76 3.75
C GLU F 107 -0.20 7.22 2.63
N TYR F 108 -1.22 8.00 2.25
CA TYR F 108 -2.05 7.67 1.09
C TYR F 108 -1.32 7.97 -0.23
N TYR F 109 -0.64 9.11 -0.31
CA TYR F 109 0.11 9.48 -1.51
C TYR F 109 1.12 8.40 -1.90
N TYR F 110 1.91 7.96 -0.92
CA TYR F 110 2.93 6.94 -1.15
C TYR F 110 2.33 5.60 -1.58
N THR F 111 1.10 5.33 -1.12
CA THR F 111 0.36 4.13 -1.51
C THR F 111 -0.09 4.23 -2.97
N LYS F 112 -0.67 5.37 -3.34
CA LYS F 112 -1.06 5.61 -4.74
C LYS F 112 0.15 5.85 -5.66
N GLU F 113 1.26 6.32 -5.07
CA GLU F 113 2.51 6.46 -5.81
C GLU F 113 2.99 5.10 -6.31
N GLU F 114 2.69 4.05 -5.56
CA GLU F 114 2.94 2.68 -6.01
C GLU F 114 2.11 2.42 -7.27
N GLN F 115 0.79 2.54 -7.14
CA GLN F 115 -0.13 2.12 -8.20
C GLN F 115 -0.09 2.93 -9.48
N PHE F 116 0.33 4.20 -9.41
CA PHE F 116 0.43 5.02 -10.64
C PHE F 116 1.78 4.81 -11.33
N LYS F 117 2.81 4.45 -10.57
CA LYS F 117 4.08 4.04 -11.15
C LYS F 117 3.98 2.71 -11.88
N GLN F 118 2.99 1.90 -11.49
CA GLN F 118 2.75 0.60 -12.14
C GLN F 118 2.17 0.76 -13.54
N VAL F 119 1.05 1.47 -13.62
CA VAL F 119 0.33 1.59 -14.90
C VAL F 119 1.04 2.53 -15.88
N PHE F 120 1.42 3.72 -15.42
CA PHE F 120 2.17 4.68 -16.22
C PHE F 120 3.58 4.76 -15.64
N LYS F 121 4.44 3.88 -16.12
CA LYS F 121 5.79 3.73 -15.59
C LYS F 121 6.69 4.86 -16.05
N GLU F 122 6.32 5.49 -17.16
CA GLU F 122 7.08 6.60 -17.72
C GLU F 122 6.87 7.88 -16.91
N LEU F 123 5.67 8.04 -16.34
CA LEU F 123 5.24 9.31 -15.79
C LEU F 123 5.89 9.67 -14.45
N GLU F 124 5.92 10.98 -14.18
CA GLU F 124 6.61 11.54 -13.02
C GLU F 124 5.62 12.34 -12.17
N PHE F 125 5.98 12.58 -10.90
CA PHE F 125 5.16 13.42 -10.03
C PHE F 125 5.51 14.88 -10.27
N LEU F 126 4.48 15.70 -10.45
CA LEU F 126 4.66 17.08 -10.89
C LEU F 126 4.12 18.11 -9.90
N GLY F 127 2.88 17.94 -9.45
CA GLY F 127 2.23 18.91 -8.57
C GLY F 127 0.94 18.41 -7.94
N TRP F 128 -0.02 19.32 -7.76
CA TRP F 128 -1.31 18.99 -7.15
C TRP F 128 -2.40 19.99 -7.56
N TYR F 129 -3.65 19.67 -7.24
CA TYR F 129 -4.79 20.52 -7.61
C TYR F 129 -5.80 20.69 -6.49
N THR F 130 -6.66 21.69 -6.65
CA THR F 130 -7.80 21.91 -5.75
C THR F 130 -8.82 22.87 -6.40
N THR F 131 -9.99 23.01 -5.76
CA THR F 131 -11.02 23.92 -6.25
C THR F 131 -11.30 25.04 -5.25
N GLY F 132 -11.91 26.12 -5.74
CA GLY F 132 -12.25 27.28 -4.91
C GLY F 132 -11.95 28.60 -5.61
N GLY F 133 -11.57 29.61 -4.84
CA GLY F 133 -11.22 30.92 -5.39
C GLY F 133 -9.81 30.94 -5.96
N PRO F 134 -9.17 32.12 -5.96
CA PRO F 134 -7.74 32.21 -6.29
C PRO F 134 -6.85 31.69 -5.14
N PRO F 135 -5.51 31.73 -5.31
CA PRO F 135 -4.59 31.25 -4.27
C PRO F 135 -4.75 31.98 -2.93
N ASP F 136 -4.59 31.22 -1.83
CA ASP F 136 -4.89 31.74 -0.49
C ASP F 136 -4.05 30.99 0.57
N PRO F 137 -4.11 31.44 1.84
CA PRO F 137 -3.31 30.81 2.91
C PRO F 137 -3.52 29.32 3.12
N SER F 138 -4.76 28.85 3.00
CA SER F 138 -5.08 27.43 3.23
C SER F 138 -4.40 26.48 2.24
N ASP F 139 -4.04 26.99 1.07
CA ASP F 139 -3.32 26.22 0.06
C ASP F 139 -1.79 26.37 0.17
N ILE F 140 -1.34 27.48 0.75
CA ILE F 140 0.09 27.70 1.01
C ILE F 140 0.61 26.72 2.07
N HIS F 141 -0.24 26.44 3.07
CA HIS F 141 0.06 25.42 4.08
C HIS F 141 0.14 24.02 3.46
N VAL F 142 -0.73 23.76 2.49
CA VAL F 142 -0.72 22.49 1.75
C VAL F 142 0.47 22.43 0.79
N HIS F 143 0.81 23.57 0.19
CA HIS F 143 1.95 23.64 -0.72
C HIS F 143 3.28 23.32 -0.02
N LYS F 144 3.36 23.65 1.27
CA LYS F 144 4.51 23.27 2.10
C LYS F 144 4.62 21.75 2.24
N GLN F 145 3.48 21.08 2.37
CA GLN F 145 3.44 19.61 2.52
C GLN F 145 3.77 18.87 1.21
N VAL F 146 3.53 19.53 0.07
CA VAL F 146 3.95 18.99 -1.23
C VAL F 146 5.41 19.33 -1.48
N CYS F 147 5.88 20.44 -0.93
CA CYS F 147 7.30 20.84 -1.03
C CYS F 147 8.26 19.90 -0.30
N GLU F 148 7.77 19.22 0.73
CA GLU F 148 8.57 18.18 1.41
C GLU F 148 8.78 16.95 0.50
N ILE F 149 7.81 16.69 -0.38
CA ILE F 149 7.84 15.54 -1.28
C ILE F 149 8.74 15.80 -2.49
N ILE F 150 8.59 16.97 -3.12
CA ILE F 150 9.36 17.33 -4.34
C ILE F 150 9.87 18.78 -4.33
N GLU F 151 10.90 19.05 -5.15
CA GLU F 151 11.61 20.34 -5.16
C GLU F 151 11.05 21.38 -6.14
N SER F 152 9.98 21.04 -6.87
CA SER F 152 9.35 21.97 -7.81
C SER F 152 7.89 21.59 -8.06
N PRO F 153 7.03 21.73 -7.02
CA PRO F 153 5.65 21.30 -7.13
C PRO F 153 4.75 22.34 -7.78
N LEU F 154 4.13 21.98 -8.90
CA LEU F 154 3.18 22.85 -9.58
C LEU F 154 1.86 22.88 -8.81
N PHE F 155 1.01 23.84 -9.18
CA PHE F 155 -0.27 24.03 -8.50
C PHE F 155 -1.33 24.59 -9.43
N LEU F 156 -2.40 23.81 -9.65
CA LEU F 156 -3.56 24.24 -10.42
C LEU F 156 -4.71 24.55 -9.46
N LYS F 157 -5.52 25.54 -9.79
CA LYS F 157 -6.72 25.83 -9.03
C LYS F 157 -7.88 26.15 -9.97
N LEU F 158 -9.03 25.50 -9.71
CA LEU F 158 -10.20 25.61 -10.59
C LEU F 158 -11.38 26.21 -9.83
N ASN F 159 -12.07 27.15 -10.46
CA ASN F 159 -13.28 27.75 -9.91
C ASN F 159 -14.51 27.09 -10.55
N PRO F 160 -15.25 26.26 -9.79
CA PRO F 160 -16.34 25.49 -10.37
C PRO F 160 -17.55 26.31 -10.83
N MET F 161 -18.07 27.17 -9.95
CA MET F 161 -19.17 28.06 -10.30
C MET F 161 -18.60 29.44 -10.64
N THR F 162 -17.85 29.50 -11.74
CA THR F 162 -17.10 30.70 -12.10
C THR F 162 -17.96 31.81 -12.68
N LYS F 163 -17.59 33.06 -12.37
CA LYS F 163 -18.19 34.23 -12.99
C LYS F 163 -17.46 34.62 -14.27
N HIS F 164 -16.22 34.16 -14.42
CA HIS F 164 -15.43 34.41 -15.63
C HIS F 164 -16.12 33.85 -16.88
N THR F 165 -16.18 34.67 -17.93
CA THR F 165 -16.55 34.20 -19.26
C THR F 165 -15.39 33.40 -19.87
N ASP F 166 -14.17 33.67 -19.39
CA ASP F 166 -12.99 32.87 -19.72
C ASP F 166 -12.94 31.64 -18.82
N LEU F 167 -11.94 30.79 -19.04
CA LEU F 167 -11.73 29.60 -18.22
C LEU F 167 -11.22 30.02 -16.83
N PRO F 168 -11.71 29.37 -15.77
CA PRO F 168 -11.27 29.66 -14.41
C PRO F 168 -10.17 28.72 -13.88
N VAL F 169 -9.27 28.28 -14.76
CA VAL F 169 -8.20 27.34 -14.39
C VAL F 169 -6.84 28.00 -14.63
N SER F 170 -6.14 28.34 -13.54
CA SER F 170 -4.84 29.01 -13.63
C SER F 170 -3.77 28.21 -12.92
N VAL F 171 -2.56 28.20 -13.49
CA VAL F 171 -1.44 27.44 -12.93
C VAL F 171 -0.46 28.39 -12.24
N PHE F 172 0.14 27.90 -11.16
CA PHE F 172 1.04 28.71 -10.32
C PHE F 172 2.28 27.92 -9.92
N GLU F 173 3.19 28.56 -9.17
CA GLU F 173 4.39 27.90 -8.63
C GLU F 173 4.90 28.60 -7.38
N SER F 174 5.84 27.97 -6.68
CA SER F 174 6.41 28.54 -5.45
C SER F 174 7.56 29.48 -5.74
N VAL F 175 7.45 30.71 -5.24
CA VAL F 175 8.50 31.73 -5.34
C VAL F 175 8.65 32.39 -3.98
N ILE F 176 9.87 32.80 -3.65
CA ILE F 176 10.17 33.31 -2.31
C ILE F 176 11.08 34.55 -2.37
N ASP F 177 10.65 35.63 -1.72
CA ASP F 177 11.34 36.92 -1.72
C ASP F 177 11.45 37.49 -0.31
N ILE F 178 12.17 38.61 -0.18
CA ILE F 178 12.27 39.34 1.09
C ILE F 178 11.06 40.27 1.24
N ILE F 179 10.12 39.89 2.10
CA ILE F 179 8.97 40.74 2.44
C ILE F 179 9.30 41.57 3.70
N ASN F 180 10.07 42.65 3.49
CA ASN F 180 10.54 43.52 4.58
C ASN F 180 11.20 42.75 5.73
N GLY F 181 12.42 42.29 5.49
CA GLY F 181 13.17 41.50 6.47
C GLY F 181 12.57 40.14 6.79
N GLU F 182 11.81 39.57 5.86
CA GLU F 182 11.15 38.28 6.05
C GLU F 182 11.12 37.47 4.75
N ALA F 183 11.96 36.45 4.68
CA ALA F 183 11.92 35.49 3.58
C ALA F 183 10.65 34.64 3.73
N THR F 184 9.80 34.64 2.71
CA THR F 184 8.49 33.98 2.79
C THR F 184 7.93 33.59 1.41
N MET F 185 7.09 32.54 1.39
CA MET F 185 6.60 31.91 0.15
C MET F 185 5.50 32.72 -0.54
N LEU F 186 5.48 32.65 -1.86
CA LEU F 186 4.47 33.31 -2.68
C LEU F 186 4.08 32.44 -3.89
N PHE F 187 3.12 32.90 -4.68
CA PHE F 187 2.64 32.20 -5.88
C PHE F 187 2.83 33.05 -7.14
N ALA F 188 3.77 32.64 -8.00
CA ALA F 188 3.93 33.28 -9.30
C ALA F 188 3.06 32.56 -10.33
N GLU F 189 2.10 33.28 -10.91
CA GLU F 189 1.14 32.69 -11.85
C GLU F 189 1.77 32.42 -13.22
N LEU F 190 1.36 31.32 -13.86
CA LEU F 190 1.83 30.97 -15.21
C LEU F 190 0.68 30.60 -16.13
N THR F 191 0.95 30.66 -17.44
CA THR F 191 -0.04 30.33 -18.46
C THR F 191 0.08 28.86 -18.89
N TYR F 192 -0.84 28.43 -19.74
CA TYR F 192 -0.97 27.02 -20.09
C TYR F 192 -1.47 26.85 -21.52
N THR F 193 -0.66 26.18 -22.35
CA THR F 193 -1.08 25.80 -23.70
C THR F 193 -1.83 24.48 -23.60
N LEU F 194 -2.86 24.30 -24.43
CA LEU F 194 -3.67 23.09 -24.37
C LEU F 194 -3.03 21.95 -25.16
N ALA F 195 -3.40 20.73 -24.79
CA ALA F 195 -2.82 19.51 -25.38
C ALA F 195 -3.45 19.20 -26.73
N THR F 196 -2.71 18.44 -27.52
CA THR F 196 -2.99 18.29 -28.93
C THR F 196 -3.39 16.89 -29.39
N GLU F 197 -3.07 15.86 -28.60
CA GLU F 197 -3.17 14.47 -29.06
C GLU F 197 -4.42 14.20 -29.89
N GLU F 198 -4.23 13.67 -31.09
CA GLU F 198 -5.31 13.44 -32.04
C GLU F 198 -6.38 12.50 -31.49
N ALA F 199 -5.95 11.42 -30.84
CA ALA F 199 -6.87 10.47 -30.21
C ALA F 199 -7.70 11.13 -29.11
N GLU F 200 -7.07 12.02 -28.36
CA GLU F 200 -7.73 12.75 -27.29
C GLU F 200 -8.68 13.81 -27.85
N ARG F 201 -8.18 14.59 -28.80
CA ARG F 201 -8.95 15.67 -29.42
C ARG F 201 -10.36 15.24 -29.83
N ILE F 202 -10.49 14.00 -30.29
CA ILE F 202 -11.78 13.44 -30.68
C ILE F 202 -12.68 13.23 -29.47
N GLY F 203 -12.10 12.76 -28.37
CA GLY F 203 -12.82 12.65 -27.11
C GLY F 203 -13.47 13.96 -26.70
N VAL F 204 -12.72 15.06 -26.88
CA VAL F 204 -13.24 16.39 -26.61
C VAL F 204 -14.33 16.75 -27.61
N ASP F 205 -14.07 16.45 -28.88
CA ASP F 205 -15.00 16.77 -29.96
C ASP F 205 -16.29 15.93 -29.91
N HIS F 206 -16.25 14.81 -29.18
CA HIS F 206 -17.42 13.93 -29.07
C HIS F 206 -18.39 14.31 -27.96
N VAL F 207 -17.86 14.66 -26.78
CA VAL F 207 -18.71 14.96 -25.64
C VAL F 207 -19.14 16.43 -25.65
N ALA F 208 -18.25 17.31 -26.11
CA ALA F 208 -18.57 18.73 -26.28
C ALA F 208 -19.43 18.99 -27.53
N ARG F 209 -19.44 18.03 -28.44
CA ARG F 209 -20.30 18.08 -29.64
C ARG F 209 -20.87 16.69 -29.93
N MET F 210 -22.06 16.41 -29.39
CA MET F 210 -22.66 15.07 -29.42
C MET F 210 -23.61 14.81 -30.61
N THR F 211 -23.41 13.67 -31.27
CA THR F 211 -24.35 13.16 -32.28
C THR F 211 -25.52 12.47 -31.55
N ALA F 212 -26.45 13.28 -31.05
CA ALA F 212 -27.65 12.79 -30.37
C ALA F 212 -28.82 12.75 -31.36
N THR F 213 -28.71 11.84 -32.34
CA THR F 213 -29.66 11.71 -33.45
C THR F 213 -29.54 12.88 -34.44
N GLY F 214 -28.31 13.10 -34.93
CA GLY F 214 -28.00 14.22 -35.83
C GLY F 214 -27.26 13.80 -37.10
N SER F 215 -27.48 12.57 -37.54
CA SER F 215 -26.93 12.08 -38.80
C SER F 215 -27.69 10.85 -39.29
N GLY F 216 -28.50 11.03 -40.34
CA GLY F 216 -29.34 9.97 -40.89
C GLY F 216 -28.73 9.30 -42.10
N GLU F 217 -28.62 10.05 -43.19
CA GLU F 217 -27.94 9.58 -44.39
C GLU F 217 -26.44 9.78 -44.23
N ASN F 218 -25.71 8.68 -44.05
CA ASN F 218 -24.26 8.68 -43.77
C ASN F 218 -23.52 9.99 -44.05
N SER F 219 -23.53 10.42 -45.31
CA SER F 219 -22.89 11.68 -45.76
C SER F 219 -21.37 11.62 -45.75
N THR F 220 -20.78 11.30 -44.59
CA THR F 220 -19.33 11.11 -44.41
C THR F 220 -18.55 12.44 -44.41
N VAL F 221 -18.74 13.25 -45.45
CA VAL F 221 -18.11 14.57 -45.55
C VAL F 221 -18.73 15.58 -44.58
N ALA F 222 -20.48 15.36 -44.28
CA ALA F 222 -21.15 15.96 -43.15
C ALA F 222 -20.58 15.64 -41.76
N GLU F 223 -20.21 14.39 -41.53
CA GLU F 223 -19.72 13.95 -40.22
C GLU F 223 -18.24 14.27 -39.99
N HIS F 224 -17.55 14.72 -41.04
CA HIS F 224 -16.14 15.10 -40.96
C HIS F 224 -15.97 16.63 -40.86
N LEU F 225 -16.54 17.35 -41.83
CA LEU F 225 -16.38 18.81 -41.91
C LEU F 225 -17.19 19.59 -40.88
N ILE F 226 -18.04 18.91 -40.10
CA ILE F 226 -18.70 19.53 -38.95
C ILE F 226 -17.68 20.08 -37.97
N ALA F 227 -16.55 19.39 -37.83
CA ALA F 227 -15.47 19.83 -36.95
C ALA F 227 -14.93 21.18 -37.41
N GLN F 228 -14.48 21.25 -38.66
CA GLN F 228 -13.91 22.49 -39.21
C GLN F 228 -14.92 23.63 -39.27
N HIS F 229 -16.14 23.33 -39.73
CA HIS F 229 -17.19 24.34 -39.90
C HIS F 229 -17.30 25.30 -38.72
N SER F 230 -17.68 24.78 -37.55
CA SER F 230 -17.90 25.59 -36.36
C SER F 230 -16.61 25.90 -35.59
N ALA F 231 -15.50 25.26 -35.97
CA ALA F 231 -14.18 25.60 -35.44
C ALA F 231 -13.64 26.86 -36.11
N ILE F 232 -13.82 26.94 -37.43
CA ILE F 232 -13.41 28.11 -38.21
C ILE F 232 -14.35 29.29 -37.93
N LYS F 233 -15.59 28.98 -37.56
CA LYS F 233 -16.55 30.00 -37.07
C LYS F 233 -15.96 30.75 -35.87
N MET F 234 -15.23 30.02 -35.03
CA MET F 234 -14.53 30.63 -33.90
C MET F 234 -13.38 31.50 -34.40
N LEU F 235 -12.62 30.99 -35.37
CA LEU F 235 -11.55 31.77 -36.00
C LEU F 235 -12.06 33.09 -36.60
N HIS F 236 -13.16 33.01 -37.35
CA HIS F 236 -13.75 34.20 -37.98
C HIS F 236 -14.31 35.17 -36.95
N SER F 237 -14.94 34.64 -35.90
CA SER F 237 -15.45 35.44 -34.80
C SER F 237 -14.34 36.28 -34.16
N ARG F 238 -13.18 35.68 -33.98
CA ARG F 238 -12.04 36.36 -33.33
C ARG F 238 -11.39 37.37 -34.27
N VAL F 239 -11.07 36.91 -35.49
CA VAL F 239 -10.32 37.73 -36.45
C VAL F 239 -11.09 38.98 -36.88
N LYS F 240 -12.41 38.86 -37.01
CA LYS F 240 -13.25 40.00 -37.39
C LYS F 240 -13.35 41.03 -36.25
N LEU F 241 -13.59 40.55 -35.03
CA LEU F 241 -13.76 41.45 -33.88
C LEU F 241 -12.49 42.24 -33.52
N ILE F 242 -11.33 41.74 -33.93
CA ILE F 242 -10.08 42.51 -33.84
C ILE F 242 -10.10 43.62 -34.88
N LEU F 243 -10.47 43.29 -36.11
CA LEU F 243 -10.54 44.26 -37.21
C LEU F 243 -11.61 45.33 -37.01
N GLU F 244 -12.66 45.01 -36.25
CA GLU F 244 -13.66 46.00 -35.86
C GLU F 244 -13.03 47.06 -34.95
N TYR F 245 -12.14 46.62 -34.05
CA TYR F 245 -11.39 47.53 -33.19
C TYR F 245 -10.34 48.34 -33.96
N VAL F 246 -9.75 47.74 -34.99
CA VAL F 246 -8.75 48.41 -35.84
C VAL F 246 -9.33 49.59 -36.62
N LYS F 247 -10.51 49.39 -37.22
CA LYS F 247 -11.18 50.45 -37.99
C LYS F 247 -11.70 51.58 -37.10
N ALA F 248 -12.22 51.22 -35.93
CA ALA F 248 -12.81 52.20 -35.00
C ALA F 248 -11.76 53.01 -34.23
N SER F 249 -10.59 52.41 -34.00
CA SER F 249 -9.48 53.09 -33.32
C SER F 249 -8.94 54.26 -34.16
N GLU F 250 -8.68 54.00 -35.44
CA GLU F 250 -8.22 55.04 -36.36
C GLU F 250 -9.33 56.04 -36.66
N ALA F 251 -10.57 55.54 -36.78
CA ALA F 251 -11.74 56.39 -36.98
C ALA F 251 -11.92 57.36 -35.82
N GLY F 252 -11.50 56.94 -34.63
CA GLY F 252 -11.49 57.81 -33.45
C GLY F 252 -12.63 57.48 -32.49
N GLU F 253 -12.68 58.23 -31.39
CA GLU F 253 -13.70 58.07 -30.34
C GLU F 253 -13.53 56.77 -29.54
N VAL F 254 -13.31 55.65 -30.22
CA VAL F 254 -12.94 54.39 -29.57
C VAL F 254 -11.47 54.49 -29.13
N PRO F 255 -11.21 54.45 -27.80
CA PRO F 255 -9.90 54.75 -27.21
C PRO F 255 -8.69 54.27 -28.02
N PHE F 256 -7.82 55.20 -28.42
CA PHE F 256 -6.60 54.85 -29.13
C PHE F 256 -5.58 54.28 -28.15
N ASN F 257 -5.01 53.13 -28.51
CA ASN F 257 -4.04 52.45 -27.65
C ASN F 257 -2.84 51.97 -28.47
N HIS F 258 -1.65 52.41 -28.07
CA HIS F 258 -0.41 52.08 -28.78
C HIS F 258 0.02 50.62 -28.56
N GLU F 259 -0.09 50.16 -27.31
CA GLU F 259 0.45 48.86 -26.91
C GLU F 259 -0.46 47.65 -27.21
N ILE F 260 -1.60 47.91 -27.87
CA ILE F 260 -2.46 46.83 -28.40
C ILE F 260 -2.37 46.82 -29.92
N LEU F 261 -2.54 47.99 -30.53
CA LEU F 261 -2.39 48.16 -31.99
C LEU F 261 -1.00 47.73 -32.48
N ARG F 262 -0.01 47.84 -31.61
CA ARG F 262 1.36 47.41 -31.91
C ARG F 262 1.43 45.93 -32.28
N GLU F 263 0.82 45.10 -31.45
CA GLU F 263 0.81 43.64 -31.65
C GLU F 263 0.05 43.27 -32.92
N ALA F 264 -0.92 44.09 -33.31
CA ALA F 264 -1.66 43.88 -34.55
C ALA F 264 -0.77 44.07 -35.78
N TYR F 265 0.14 45.04 -35.73
CA TYR F 265 1.08 45.27 -36.84
C TYR F 265 1.91 44.04 -37.12
N ALA F 266 2.37 43.38 -36.06
CA ALA F 266 3.07 42.11 -36.18
C ALA F 266 2.12 41.03 -36.69
N LEU F 267 1.05 40.80 -35.93
CA LEU F 267 0.06 39.74 -36.22
C LEU F 267 -0.29 39.58 -37.71
N CYS F 268 -0.49 40.71 -38.39
CA CYS F 268 -0.98 40.72 -39.77
C CYS F 268 0.13 40.54 -40.82
N HIS F 269 1.33 41.04 -40.54
CA HIS F 269 2.47 40.86 -41.43
C HIS F 269 3.22 39.56 -41.12
N CYS F 270 3.11 39.11 -39.87
CA CYS F 270 3.61 37.78 -39.48
C CYS F 270 2.82 36.65 -40.12
N LEU F 271 1.74 36.97 -40.84
CA LEU F 271 1.03 35.99 -41.66
C LEU F 271 1.94 35.45 -42.77
N PRO F 272 1.63 35.73 -44.04
CA PRO F 272 2.15 34.85 -45.07
C PRO F 272 2.77 33.55 -44.50
N VAL F 273 1.95 32.74 -43.83
CA VAL F 273 2.44 31.60 -43.05
C VAL F 273 3.06 30.55 -43.97
N LEU F 274 4.36 30.71 -44.21
CA LEU F 274 5.16 29.81 -45.04
C LEU F 274 4.80 29.88 -46.53
N SER F 275 5.56 30.70 -47.26
CA SER F 275 5.58 30.66 -48.72
C SER F 275 7.02 30.38 -49.17
N THR F 276 7.69 29.48 -48.44
CA THR F 276 9.09 29.16 -48.70
C THR F 276 9.15 28.08 -49.77
N ASP F 277 10.01 28.29 -50.77
CA ASP F 277 10.12 27.38 -51.91
C ASP F 277 10.15 25.91 -51.50
N LYS F 278 10.81 25.62 -50.38
CA LYS F 278 10.88 24.27 -49.86
C LYS F 278 9.52 23.77 -49.36
N PHE F 279 8.87 24.57 -48.50
CA PHE F 279 7.63 24.14 -47.87
C PHE F 279 6.59 23.61 -48.85
N LYS F 280 6.23 24.42 -49.83
CA LYS F 280 5.15 24.08 -50.75
C LYS F 280 5.48 22.81 -51.54
N THR F 281 6.74 22.65 -51.91
CA THR F 281 7.20 21.42 -52.55
C THR F 281 6.78 20.22 -51.69
N ASP F 282 7.04 20.31 -50.39
CA ASP F 282 6.68 19.25 -49.45
C ASP F 282 5.17 19.08 -49.36
N PHE F 283 4.44 20.18 -49.36
CA PHE F 283 2.99 20.14 -49.32
C PHE F 283 2.46 19.40 -50.55
N TYR F 284 2.95 19.77 -51.74
CA TYR F 284 2.56 19.10 -52.97
C TYR F 284 3.04 17.65 -53.01
N ASP F 285 4.23 17.40 -52.44
CA ASP F 285 4.73 16.03 -52.28
C ASP F 285 3.67 15.13 -51.62
N GLN F 286 3.09 15.62 -50.53
CA GLN F 286 2.04 14.89 -49.81
C GLN F 286 0.80 14.71 -50.67
N CYS F 287 0.35 15.80 -51.28
CA CYS F 287 -0.87 15.79 -52.09
C CYS F 287 -0.80 14.72 -53.18
N ASN F 288 0.31 14.68 -53.91
CA ASN F 288 0.52 13.68 -54.95
C ASN F 288 0.43 12.25 -54.41
N ASP F 289 1.04 12.02 -53.24
CA ASP F 289 0.94 10.73 -52.55
C ASP F 289 -0.51 10.33 -52.29
N VAL F 290 -1.27 11.25 -51.71
CA VAL F 290 -2.68 11.02 -51.45
C VAL F 290 -3.41 10.77 -52.77
N GLY F 291 -3.06 11.55 -53.79
CA GLY F 291 -3.63 11.41 -55.12
C GLY F 291 -3.42 10.02 -55.71
N LEU F 292 -2.19 9.52 -55.60
CA LEU F 292 -1.87 8.17 -56.04
C LEU F 292 -2.83 7.17 -55.41
N MET F 293 -3.09 7.36 -54.12
CA MET F 293 -3.96 6.47 -53.36
C MET F 293 -5.40 6.52 -53.86
N ALA F 294 -5.85 7.70 -54.29
CA ALA F 294 -7.18 7.87 -54.87
C ALA F 294 -7.28 7.23 -56.25
N TYR F 295 -6.22 7.36 -57.05
CA TYR F 295 -6.18 6.77 -58.40
C TYR F 295 -6.31 5.25 -58.33
N LEU F 296 -5.56 4.64 -57.41
CA LEU F 296 -5.61 3.20 -57.20
C LEU F 296 -6.96 2.78 -56.61
N GLY F 297 -7.45 3.57 -55.65
CA GLY F 297 -8.75 3.32 -55.03
C GLY F 297 -9.92 3.39 -56.00
N THR F 298 -9.85 4.34 -56.93
CA THR F 298 -10.90 4.50 -57.95
C THR F 298 -10.87 3.34 -58.97
N ILE F 299 -9.67 2.89 -59.32
CA ILE F 299 -9.51 1.71 -60.19
C ILE F 299 -10.13 0.47 -59.55
N THR F 300 -9.98 0.35 -58.22
CA THR F 300 -10.57 -0.75 -57.48
C THR F 300 -12.09 -0.75 -57.57
N LYS F 301 -12.71 0.41 -57.34
CA LYS F 301 -14.16 0.55 -57.42
C LYS F 301 -14.66 0.32 -58.83
N THR F 302 -13.93 0.84 -59.81
CA THR F 302 -14.22 0.58 -61.23
C THR F 302 -14.11 -0.92 -61.52
N CYS F 303 -13.05 -1.54 -61.02
CA CYS F 303 -12.81 -2.98 -61.20
C CYS F 303 -13.93 -3.85 -60.64
N ASN F 304 -14.48 -3.47 -59.49
CA ASN F 304 -15.62 -4.19 -58.90
C ASN F 304 -16.90 -3.92 -59.69
N THR F 305 -17.20 -2.64 -59.92
CA THR F 305 -18.36 -2.23 -60.72
C THR F 305 -18.29 -2.84 -62.12
N MET F 306 -17.08 -3.05 -62.62
CA MET F 306 -16.86 -3.76 -63.87
C MET F 306 -17.29 -5.22 -63.73
N ASN F 307 -16.74 -5.91 -62.74
CA ASN F 307 -17.04 -7.34 -62.53
C ASN F 307 -18.49 -7.59 -62.10
N GLN F 308 -19.12 -6.57 -61.49
CA GLN F 308 -20.56 -6.57 -61.24
C GLN F 308 -21.32 -6.66 -62.55
N PHE F 309 -20.91 -5.83 -63.50
CA PHE F 309 -21.48 -5.81 -64.85
C PHE F 309 -21.12 -7.08 -65.65
N VAL F 310 -19.86 -7.51 -65.57
CA VAL F 310 -19.37 -8.67 -66.34
C VAL F 310 -20.19 -9.93 -66.06
N ASN F 311 -20.27 -10.32 -64.79
CA ASN F 311 -20.99 -11.53 -64.40
C ASN F 311 -22.47 -11.50 -64.83
N LYS F 312 -23.12 -10.36 -64.67
CA LYS F 312 -24.53 -10.20 -65.06
C LYS F 312 -24.72 -10.26 -66.58
N PHE F 313 -23.71 -9.83 -67.32
CA PHE F 313 -23.69 -9.97 -68.78
C PHE F 313 -23.34 -11.41 -69.17
N ASN F 314 -22.29 -11.97 -68.56
CA ASN F 314 -21.80 -13.31 -68.89
C ASN F 314 -22.67 -14.48 -68.43
N VAL F 315 -23.85 -14.18 -67.90
CA VAL F 315 -24.80 -15.22 -67.54
C VAL F 315 -26.13 -15.03 -68.28
N LEU F 316 -26.68 -13.82 -68.26
CA LEU F 316 -27.94 -13.54 -68.97
C LEU F 316 -27.74 -13.57 -70.49
N TYR F 317 -26.75 -12.81 -70.98
CA TYR F 317 -26.42 -12.81 -72.42
C TYR F 317 -25.69 -14.10 -72.82
N ASP F 318 -24.53 -14.34 -72.22
CA ASP F 318 -23.65 -15.44 -72.59
C ASP F 318 -24.13 -16.76 -71.98
N ARG F 319 -23.77 -17.87 -72.64
CA ARG F 319 -24.10 -19.21 -72.18
C ARG F 319 -22.95 -19.85 -71.39
N GLN F 320 -22.43 -19.11 -70.40
CA GLN F 320 -21.30 -19.54 -69.57
C GLN F 320 -20.07 -19.91 -70.38
N THR G 12 9.64 44.72 -22.65
CA THR G 12 9.24 46.08 -22.16
C THR G 12 7.94 46.04 -21.34
N GLY G 13 7.78 47.04 -20.46
CA GLY G 13 6.64 47.11 -19.55
C GLY G 13 6.98 47.85 -18.26
N GLN G 14 8.15 47.55 -17.70
CA GLN G 14 8.67 48.21 -16.50
C GLN G 14 9.39 49.53 -16.83
N ASN G 15 10.19 49.52 -17.90
CA ASN G 15 10.97 50.70 -18.33
C ASN G 15 10.21 51.64 -19.30
N GLN G 16 8.88 51.56 -19.29
CA GLN G 16 8.02 52.64 -19.76
C GLN G 16 7.01 53.03 -18.67
N GLU G 17 7.37 52.72 -17.42
CA GLU G 17 6.70 53.25 -16.23
C GLU G 17 7.73 53.96 -15.33
N GLN G 18 8.93 53.40 -15.26
CA GLN G 18 10.08 54.07 -14.65
C GLN G 18 10.57 55.23 -15.52
N PHE G 19 10.61 55.03 -16.84
CA PHE G 19 11.06 56.07 -17.78
C PHE G 19 9.92 56.86 -18.45
N LEU G 20 8.67 56.61 -18.07
CA LEU G 20 7.53 57.44 -18.48
C LEU G 20 7.04 58.35 -17.34
N LEU G 21 7.28 57.95 -16.10
CA LEU G 21 7.13 58.84 -14.94
C LEU G 21 8.11 60.00 -15.01
N LEU G 22 9.30 59.74 -15.56
CA LEU G 22 10.34 60.75 -15.73
C LEU G 22 10.33 61.40 -17.13
N ALA G 23 9.32 61.09 -17.94
CA ALA G 23 9.14 61.70 -19.27
C ALA G 23 8.15 62.88 -19.24
N LYS G 24 7.26 62.90 -18.24
CA LYS G 24 6.37 64.04 -18.00
C LYS G 24 7.08 65.11 -17.18
N SER G 25 7.64 64.69 -16.04
CA SER G 25 8.36 65.60 -15.14
C SER G 25 9.80 65.79 -15.60
N ALA G 26 9.97 66.44 -16.74
CA ALA G 26 11.30 66.67 -17.33
C ALA G 26 11.23 67.77 -18.38
N LYS G 27 12.18 68.71 -18.28
CA LYS G 27 12.24 69.85 -19.20
C LYS G 27 12.90 69.42 -20.51
N GLY G 28 13.44 70.37 -21.27
CA GLY G 28 14.05 70.07 -22.56
C GLY G 28 15.42 69.40 -22.50
N ALA G 29 16.27 69.87 -21.59
CA ALA G 29 17.61 69.30 -21.40
C ALA G 29 17.59 68.01 -20.59
N ALA G 30 16.55 67.85 -19.76
CA ALA G 30 16.32 66.60 -19.03
C ALA G 30 15.92 65.46 -19.96
N LEU G 31 15.20 65.81 -21.03
CA LEU G 31 14.80 64.84 -22.07
C LEU G 31 15.91 64.59 -23.10
N ALA G 32 16.79 65.58 -23.30
CA ALA G 32 17.97 65.43 -24.17
C ALA G 32 18.94 64.37 -23.62
N THR G 33 18.94 64.21 -22.30
CA THR G 33 19.68 63.12 -21.64
C THR G 33 18.85 61.83 -21.61
N LEU G 34 17.58 61.95 -21.19
CA LEU G 34 16.67 60.80 -21.04
C LEU G 34 16.43 60.01 -22.34
N ILE G 35 16.49 60.69 -23.48
CA ILE G 35 16.34 60.03 -24.78
C ILE G 35 17.49 59.05 -25.06
N HIS G 36 18.70 59.39 -24.61
CA HIS G 36 19.85 58.47 -24.74
C HIS G 36 19.83 57.32 -23.71
N GLN G 37 19.04 57.46 -22.64
CA GLN G 37 18.93 56.44 -21.59
C GLN G 37 17.97 55.32 -21.98
N VAL G 38 16.77 55.71 -22.42
CA VAL G 38 15.71 54.76 -22.79
C VAL G 38 16.07 53.95 -24.05
N LEU G 39 16.76 54.59 -24.99
CA LEU G 39 17.21 53.94 -26.22
C LEU G 39 18.26 52.88 -25.91
N GLU G 40 19.33 53.30 -25.23
CA GLU G 40 20.40 52.38 -24.87
C GLU G 40 20.09 51.70 -23.53
N ALA G 41 19.14 50.78 -23.59
CA ALA G 41 18.72 50.00 -22.41
C ALA G 41 17.94 48.77 -22.89
N PRO G 42 18.60 47.60 -22.96
CA PRO G 42 17.97 46.41 -23.56
C PRO G 42 16.70 45.97 -22.83
N GLY G 43 15.74 45.45 -23.59
CA GLY G 43 14.40 45.16 -23.08
C GLY G 43 13.38 46.15 -23.63
N VAL G 44 13.76 47.41 -23.72
CA VAL G 44 12.91 48.48 -24.26
C VAL G 44 13.10 48.59 -25.77
N TYR G 45 12.39 47.75 -26.52
CA TYR G 45 12.42 47.78 -27.99
C TYR G 45 11.21 48.51 -28.59
N VAL G 46 10.18 48.73 -27.78
CA VAL G 46 8.98 49.45 -28.21
C VAL G 46 9.16 50.95 -28.02
N PHE G 47 8.67 51.74 -28.97
CA PHE G 47 8.72 53.19 -28.91
C PHE G 47 7.41 53.79 -29.38
N GLY G 48 6.31 53.38 -28.76
CA GLY G 48 4.99 53.92 -29.05
C GLY G 48 4.71 55.15 -28.20
N GLU G 49 5.02 55.05 -26.91
CA GLU G 49 4.73 56.12 -25.96
C GLU G 49 5.73 57.26 -26.04
N LEU G 50 7.00 56.95 -25.82
CA LEU G 50 8.05 57.96 -25.63
C LEU G 50 8.16 58.99 -26.75
N LEU G 51 7.94 58.59 -27.99
CA LEU G 51 7.94 59.52 -29.11
C LEU G 51 6.66 60.34 -29.16
N ASP G 52 5.53 59.73 -28.80
CA ASP G 52 4.24 60.42 -28.78
C ASP G 52 3.95 60.98 -27.37
N MET G 53 4.66 62.05 -27.02
CA MET G 53 4.49 62.74 -25.75
C MET G 53 4.57 64.25 -25.96
N PRO G 54 3.65 65.03 -25.35
CA PRO G 54 3.71 66.48 -25.50
C PRO G 54 5.07 67.11 -25.13
N ASN G 55 5.74 66.53 -24.15
CA ASN G 55 7.03 67.05 -23.66
C ASN G 55 8.11 67.01 -24.72
N VAL G 56 8.21 65.90 -25.44
CA VAL G 56 9.24 65.72 -26.46
C VAL G 56 8.91 66.49 -27.76
N ARG G 57 7.62 66.77 -28.00
CA ARG G 57 7.20 67.44 -29.23
C ARG G 57 7.61 68.91 -29.32
N GLU G 58 7.90 69.54 -28.18
CA GLU G 58 8.47 70.90 -28.19
C GLU G 58 9.95 70.89 -28.59
N LEU G 59 10.64 69.79 -28.29
CA LEU G 59 12.05 69.62 -28.67
C LEU G 59 12.19 69.56 -30.19
N ALA G 60 11.20 68.95 -30.85
CA ALA G 60 11.17 68.85 -32.30
C ALA G 60 11.41 70.20 -32.95
N GLU G 61 12.41 70.26 -33.83
CA GLU G 61 12.75 71.49 -34.56
C GLU G 61 13.05 72.67 -33.62
N SER G 62 13.75 72.37 -32.52
CA SER G 62 14.18 73.39 -31.56
C SER G 62 15.69 73.28 -31.38
N ASP G 63 16.21 73.78 -30.27
CA ASP G 63 17.63 73.63 -29.95
C ASP G 63 18.01 72.17 -29.68
N PHE G 64 17.03 71.39 -29.19
CA PHE G 64 17.20 69.95 -29.02
C PHE G 64 16.47 69.19 -30.14
N ALA G 65 16.93 69.42 -31.38
CA ALA G 65 16.37 68.77 -32.56
C ALA G 65 17.13 67.51 -32.99
N SER G 66 18.43 67.45 -32.67
CA SER G 66 19.25 66.28 -32.98
C SER G 66 18.78 65.05 -32.19
N THR G 67 18.52 65.24 -30.90
CA THR G 67 18.01 64.16 -30.05
C THR G 67 16.56 63.78 -30.36
N PHE G 68 15.82 64.67 -31.01
CA PHE G 68 14.44 64.39 -31.46
C PHE G 68 14.41 63.50 -32.71
N ARG G 69 15.23 63.83 -33.70
CA ARG G 69 15.32 63.05 -34.93
C ARG G 69 15.75 61.61 -34.65
N LEU G 70 16.60 61.43 -33.64
CA LEU G 70 17.11 60.12 -33.24
C LEU G 70 16.01 59.20 -32.70
N LEU G 71 15.07 59.76 -31.92
CA LEU G 71 13.96 58.99 -31.34
C LEU G 71 12.96 58.52 -32.41
N THR G 72 12.90 59.23 -33.53
CA THR G 72 12.07 58.83 -34.66
C THR G 72 12.69 57.64 -35.40
N VAL G 73 14.02 57.61 -35.52
CA VAL G 73 14.73 56.52 -36.22
C VAL G 73 14.48 55.17 -35.55
N PHE G 74 14.62 55.14 -34.22
CA PHE G 74 14.39 53.92 -33.44
C PHE G 74 12.90 53.56 -33.34
N ALA G 75 12.03 54.56 -33.51
CA ALA G 75 10.58 54.36 -33.41
C ALA G 75 9.88 54.34 -34.78
N TYR G 76 10.64 54.25 -35.87
CA TYR G 76 10.07 54.23 -37.23
C TYR G 76 11.07 53.68 -38.28
N GLY G 77 12.23 54.31 -38.38
CA GLY G 77 13.20 54.00 -39.44
C GLY G 77 14.05 52.75 -39.24
N THR G 78 15.20 52.71 -39.91
CA THR G 78 16.11 51.56 -39.89
C THR G 78 17.58 52.00 -39.81
N TYR G 79 18.50 51.05 -39.95
CA TYR G 79 19.95 51.32 -39.86
C TYR G 79 20.46 52.04 -41.10
N ALA G 80 19.93 51.67 -42.26
CA ALA G 80 20.26 52.36 -43.50
C ALA G 80 19.89 53.85 -43.41
N ASP G 81 18.81 54.15 -42.68
CA ASP G 81 18.39 55.53 -42.44
C ASP G 81 19.33 56.25 -41.48
N TYR G 82 19.84 55.53 -40.47
CA TYR G 82 20.84 56.10 -39.56
C TYR G 82 22.13 56.50 -40.30
N LEU G 83 22.63 55.61 -41.15
CA LEU G 83 23.86 55.89 -41.91
C LEU G 83 23.67 56.97 -42.98
N ALA G 84 22.43 57.18 -43.41
CA ALA G 84 22.08 58.29 -44.28
C ALA G 84 22.06 59.62 -43.51
N GLU G 85 21.58 59.57 -42.27
CA GLU G 85 21.49 60.75 -41.40
C GLU G 85 22.57 60.76 -40.30
N ALA G 86 23.78 60.33 -40.63
CA ALA G 86 24.86 60.14 -39.64
C ALA G 86 25.29 61.43 -38.91
N ARG G 87 25.13 62.58 -39.56
CA ARG G 87 25.51 63.88 -38.98
C ARG G 87 24.29 64.65 -38.44
N ASN G 88 23.14 64.54 -39.10
CA ASN G 88 21.91 65.19 -38.64
C ASN G 88 21.38 64.58 -37.33
N LEU G 89 21.78 63.35 -37.03
CA LEU G 89 21.54 62.72 -35.74
C LEU G 89 22.79 62.81 -34.87
N PRO G 90 22.65 62.60 -33.54
CA PRO G 90 23.85 62.54 -32.69
C PRO G 90 24.62 61.24 -32.90
N PRO G 91 25.95 61.25 -32.67
CA PRO G 91 26.73 60.02 -32.81
C PRO G 91 26.27 58.91 -31.85
N LEU G 92 26.13 57.70 -32.38
CA LEU G 92 25.69 56.54 -31.58
C LEU G 92 26.84 55.61 -31.24
N THR G 93 26.69 54.87 -30.15
CA THR G 93 27.63 53.82 -29.77
C THR G 93 27.19 52.50 -30.37
N GLU G 94 28.01 51.46 -30.20
CA GLU G 94 27.70 50.13 -30.75
C GLU G 94 26.44 49.50 -30.15
N ALA G 95 26.25 49.67 -28.84
CA ALA G 95 25.08 49.08 -28.16
C ALA G 95 23.76 49.63 -28.67
N GLN G 96 23.76 50.88 -29.14
CA GLN G 96 22.59 51.48 -29.79
C GLN G 96 22.51 51.07 -31.27
N LYS G 97 23.66 50.95 -31.93
CA LYS G 97 23.71 50.46 -33.31
C LYS G 97 23.20 49.03 -33.42
N ASN G 98 23.50 48.21 -32.41
CA ASN G 98 22.98 46.83 -32.34
C ASN G 98 21.46 46.80 -32.20
N LYS G 99 20.93 47.56 -31.23
CA LYS G 99 19.48 47.64 -31.00
C LYS G 99 18.71 48.12 -32.23
N LEU G 100 19.36 48.92 -33.07
CA LEU G 100 18.81 49.32 -34.35
C LEU G 100 18.98 48.18 -35.38
N ARG G 101 20.13 47.52 -35.35
CA ARG G 101 20.38 46.35 -36.21
C ARG G 101 19.46 45.17 -35.89
N HIS G 102 18.88 45.17 -34.69
CA HIS G 102 17.85 44.20 -34.31
C HIS G 102 16.54 44.61 -34.97
N LEU G 103 16.15 45.85 -34.70
CA LEU G 103 14.86 46.38 -35.16
C LEU G 103 14.79 46.55 -36.69
N SER G 104 15.95 46.77 -37.32
CA SER G 104 16.00 46.89 -38.79
C SER G 104 15.76 45.55 -39.49
N VAL G 105 15.98 44.45 -38.78
CA VAL G 105 15.66 43.11 -39.29
C VAL G 105 14.20 42.80 -39.02
N VAL G 106 13.72 43.15 -37.84
CA VAL G 106 12.32 42.92 -37.43
C VAL G 106 11.35 43.48 -38.47
N THR G 107 11.70 44.61 -39.07
CA THR G 107 10.92 45.20 -40.15
C THR G 107 10.99 44.32 -41.41
N LEU G 108 12.21 43.98 -41.83
CA LEU G 108 12.42 43.06 -42.95
C LEU G 108 11.76 41.71 -42.71
N ALA G 109 11.69 41.31 -41.44
CA ALA G 109 11.09 40.03 -41.04
C ALA G 109 9.55 40.00 -41.16
N ALA G 110 8.90 41.10 -40.80
CA ALA G 110 7.43 41.20 -40.90
C ALA G 110 6.97 41.04 -42.35
N LYS G 111 7.68 41.71 -43.27
CA LYS G 111 7.42 41.58 -44.70
C LYS G 111 7.87 40.20 -45.22
N VAL G 112 9.18 40.01 -45.25
CA VAL G 112 9.80 38.82 -45.85
C VAL G 112 10.19 37.85 -44.73
N LYS G 113 9.50 36.72 -44.64
CA LYS G 113 9.70 35.78 -43.53
C LYS G 113 10.93 34.88 -43.73
N CYS G 114 11.18 34.49 -44.99
CA CYS G 114 12.42 33.78 -45.36
C CYS G 114 13.47 34.77 -45.88
N ILE G 115 14.44 35.11 -45.04
CA ILE G 115 15.48 36.07 -45.38
C ILE G 115 16.78 35.38 -45.81
N PRO G 116 17.29 35.70 -47.00
CA PRO G 116 18.64 35.27 -47.38
C PRO G 116 19.70 36.01 -46.57
N TYR G 117 20.87 35.40 -46.41
CA TYR G 117 21.94 35.99 -45.60
C TYR G 117 22.41 37.34 -46.16
N ALA G 118 22.85 37.33 -47.42
CA ALA G 118 23.38 38.54 -48.07
C ALA G 118 22.52 39.78 -47.82
N VAL G 119 21.20 39.57 -47.81
CA VAL G 119 20.24 40.63 -47.49
C VAL G 119 20.63 41.42 -46.25
N LEU G 120 21.01 40.68 -45.21
CA LEU G 120 21.26 41.27 -43.90
C LEU G 120 22.64 41.92 -43.78
N LEU G 121 23.47 41.78 -44.81
CA LEU G 121 24.72 42.53 -44.91
C LEU G 121 24.47 43.91 -45.52
N GLU G 122 23.37 44.03 -46.26
CA GLU G 122 23.04 45.24 -47.01
C GLU G 122 22.23 46.22 -46.16
N ALA G 123 21.14 45.72 -45.58
CA ALA G 123 20.24 46.54 -44.77
C ALA G 123 20.85 46.90 -43.41
N LEU G 124 21.86 46.16 -42.98
CA LEU G 124 22.56 46.42 -41.72
C LEU G 124 24.03 46.83 -41.88
N ALA G 125 24.51 46.89 -43.13
CA ALA G 125 25.89 47.29 -43.43
C ALA G 125 26.92 46.50 -42.63
N LEU G 126 26.72 45.19 -42.53
CA LEU G 126 27.58 44.33 -41.74
C LEU G 126 28.62 43.65 -42.62
N ARG G 127 29.63 43.06 -41.96
CA ARG G 127 30.84 42.59 -42.65
C ARG G 127 30.86 41.08 -42.93
N ASN G 128 30.28 40.27 -42.06
CA ASN G 128 30.24 38.83 -42.29
C ASN G 128 29.11 38.10 -41.54
N VAL G 129 28.94 36.84 -41.90
CA VAL G 129 27.94 35.97 -41.29
C VAL G 129 28.17 35.94 -39.78
N ARG G 130 29.41 35.69 -39.39
CA ARG G 130 29.77 35.58 -37.98
C ARG G 130 29.11 36.66 -37.15
N GLN G 131 29.22 37.91 -37.61
CA GLN G 131 28.57 39.01 -36.94
C GLN G 131 27.08 38.87 -37.04
N LEU G 132 26.59 38.80 -38.27
CA LEU G 132 25.17 38.71 -38.53
C LEU G 132 24.54 37.73 -37.55
N GLU G 133 25.02 36.50 -37.58
CA GLU G 133 24.52 35.46 -36.69
C GLU G 133 24.51 36.00 -35.25
N ASP G 134 25.68 36.40 -34.77
CA ASP G 134 25.80 36.94 -33.42
C ASP G 134 24.71 37.97 -33.13
N LEU G 135 24.53 38.92 -34.03
CA LEU G 135 23.50 39.94 -33.86
C LEU G 135 22.10 39.32 -33.82
N VAL G 136 21.88 38.33 -34.68
CA VAL G 136 20.61 37.64 -34.70
C VAL G 136 20.44 36.84 -33.41
N ILE G 137 21.52 36.28 -32.89
CA ILE G 137 21.49 35.57 -31.61
C ILE G 137 20.84 36.49 -30.58
N GLU G 138 21.42 37.68 -30.46
CA GLU G 138 20.97 38.66 -29.48
C GLU G 138 19.51 39.04 -29.72
N ALA G 139 19.11 39.14 -30.99
CA ALA G 139 17.73 39.47 -31.35
C ALA G 139 16.76 38.51 -30.68
N VAL G 140 16.93 37.22 -30.94
CA VAL G 140 16.08 36.20 -30.34
C VAL G 140 16.33 36.10 -28.84
N TYR G 141 17.58 36.31 -28.43
CA TYR G 141 17.95 36.28 -27.01
C TYR G 141 17.24 37.36 -26.19
N ALA G 142 17.02 38.53 -26.79
CA ALA G 142 16.27 39.60 -26.13
C ALA G 142 14.75 39.42 -26.28
N ASP G 143 14.32 38.24 -26.71
CA ASP G 143 12.91 37.91 -26.93
C ASP G 143 12.22 38.85 -27.92
N VAL G 144 12.90 39.12 -29.03
CA VAL G 144 12.36 39.93 -30.13
C VAL G 144 11.79 39.01 -31.21
N LEU G 145 12.62 38.07 -31.68
CA LEU G 145 12.28 37.17 -32.78
C LEU G 145 12.22 35.71 -32.34
N ARG G 146 11.68 34.86 -33.22
CA ARG G 146 11.77 33.41 -33.11
C ARG G 146 12.27 32.90 -34.47
N GLY G 147 12.93 31.74 -34.48
CA GLY G 147 13.34 31.12 -35.75
C GLY G 147 14.63 30.31 -35.71
N SER G 148 15.33 30.29 -36.84
CA SER G 148 16.54 29.49 -37.01
C SER G 148 17.31 29.89 -38.29
N LEU G 149 18.43 29.24 -38.54
CA LEU G 149 19.25 29.52 -39.73
C LEU G 149 19.55 28.27 -40.54
N ASP G 150 20.01 28.48 -41.77
CA ASP G 150 20.32 27.40 -42.71
C ASP G 150 21.66 27.71 -43.39
N GLN G 151 22.75 27.25 -42.79
CA GLN G 151 24.09 27.67 -43.16
C GLN G 151 24.46 27.44 -44.62
N ARG G 152 24.33 26.20 -45.10
CA ARG G 152 24.64 25.90 -46.49
C ARG G 152 23.74 26.69 -47.44
N ASN G 153 22.44 26.73 -47.13
CA ASN G 153 21.45 27.44 -47.97
C ASN G 153 21.46 28.97 -47.82
N GLN G 154 22.14 29.48 -46.80
CA GLN G 154 22.29 30.93 -46.56
C GLN G 154 20.95 31.61 -46.24
N ARG G 155 20.21 31.02 -45.29
CA ARG G 155 18.85 31.47 -44.97
C ARG G 155 18.70 31.89 -43.52
N LEU G 156 17.63 32.65 -43.26
CA LEU G 156 17.19 32.98 -41.91
C LEU G 156 15.67 32.93 -41.87
N GLU G 157 15.14 31.78 -41.46
CA GLU G 157 13.69 31.62 -41.32
C GLU G 157 13.26 32.26 -40.01
N VAL G 158 12.09 32.90 -40.03
CA VAL G 158 11.61 33.66 -38.88
C VAL G 158 10.22 33.17 -38.47
N ASP G 159 10.18 32.30 -37.47
CA ASP G 159 8.92 31.72 -36.96
C ASP G 159 7.97 32.77 -36.36
N TYR G 160 8.52 33.82 -35.75
CA TYR G 160 7.73 34.92 -35.22
C TYR G 160 8.61 36.14 -34.97
N SER G 161 8.05 37.32 -35.24
CA SER G 161 8.71 38.59 -34.92
C SER G 161 7.72 39.52 -34.24
N ILE G 162 8.18 40.29 -33.27
CA ILE G 162 7.34 41.32 -32.66
C ILE G 162 7.17 42.49 -33.62
N GLY G 163 6.20 43.35 -33.35
CA GLY G 163 5.96 44.55 -34.14
C GLY G 163 6.46 45.77 -33.41
N ARG G 164 7.43 46.47 -33.98
CA ARG G 164 8.03 47.65 -33.34
C ARG G 164 7.07 48.83 -33.31
N ASP G 165 6.57 49.21 -34.48
CA ASP G 165 5.77 50.42 -34.64
C ASP G 165 4.29 50.20 -34.36
N ILE G 166 3.61 51.30 -34.09
CA ILE G 166 2.15 51.32 -34.00
C ILE G 166 1.62 51.77 -35.37
N GLN G 167 2.23 52.86 -35.88
CA GLN G 167 1.88 53.45 -37.17
C GLN G 167 0.40 53.82 -37.28
N ARG G 168 0.07 55.01 -36.76
CA ARG G 168 -1.24 55.62 -36.99
C ARG G 168 -1.25 56.26 -38.38
N GLN G 169 -0.07 56.46 -38.94
CA GLN G 169 0.11 56.83 -40.34
C GLN G 169 -0.50 55.76 -41.25
N ASP G 170 -0.05 54.52 -41.08
CA ASP G 170 -0.49 53.39 -41.91
C ASP G 170 -1.26 52.36 -41.08
N LEU G 171 -2.30 52.82 -40.37
CA LEU G 171 -3.17 51.92 -39.61
C LEU G 171 -4.14 51.21 -40.55
N SER G 172 -4.35 51.80 -41.73
CA SER G 172 -5.11 51.16 -42.81
C SER G 172 -4.31 50.03 -43.47
N ALA G 173 -2.98 50.13 -43.45
CA ALA G 173 -2.09 49.06 -43.94
C ALA G 173 -2.16 47.82 -43.04
N ILE G 174 -2.51 48.03 -41.77
CA ILE G 174 -2.79 46.94 -40.84
C ILE G 174 -4.23 46.44 -41.03
N ALA G 175 -5.17 47.36 -41.22
CA ALA G 175 -6.60 47.03 -41.38
C ALA G 175 -6.89 46.18 -42.62
N ARG G 176 -6.31 46.55 -43.76
CA ARG G 176 -6.57 45.86 -45.04
C ARG G 176 -6.11 44.40 -45.02
N THR G 177 -4.90 44.16 -44.52
CA THR G 177 -4.39 42.79 -44.36
C THR G 177 -5.32 41.96 -43.48
N LEU G 178 -5.93 42.59 -42.47
CA LEU G 178 -6.93 41.92 -41.61
C LEU G 178 -8.23 41.60 -42.36
N GLN G 179 -8.65 42.49 -43.24
CA GLN G 179 -9.86 42.28 -44.03
C GLN G 179 -9.73 41.09 -44.98
N GLU G 180 -8.57 40.95 -45.63
CA GLU G 180 -8.32 39.85 -46.55
C GLU G 180 -8.43 38.48 -45.88
N TRP G 181 -8.08 38.43 -44.59
CA TRP G 181 -8.22 37.22 -43.79
C TRP G 181 -9.68 37.00 -43.37
N CYS G 182 -10.38 38.09 -43.04
CA CYS G 182 -11.82 38.03 -42.76
C CYS G 182 -12.58 37.58 -44.00
N VAL G 183 -12.14 38.06 -45.17
CA VAL G 183 -12.67 37.57 -46.45
C VAL G 183 -12.39 36.09 -46.59
N GLY G 184 -11.12 35.72 -46.37
CA GLY G 184 -10.70 34.31 -46.44
C GLY G 184 -11.51 33.40 -45.54
N CYS G 185 -11.82 33.87 -44.34
CA CYS G 185 -12.67 33.12 -43.40
C CYS G 185 -14.02 32.80 -44.02
N GLU G 186 -14.61 33.79 -44.69
CA GLU G 186 -15.88 33.59 -45.38
C GLU G 186 -15.70 32.70 -46.62
N VAL G 187 -14.61 32.93 -47.36
CA VAL G 187 -14.29 32.13 -48.55
C VAL G 187 -14.42 30.64 -48.26
N VAL G 188 -13.82 30.22 -47.14
CA VAL G 188 -13.83 28.81 -46.76
C VAL G 188 -15.16 28.43 -46.11
N LEU G 189 -15.62 29.20 -45.14
CA LEU G 189 -16.87 28.90 -44.40
C LEU G 189 -18.02 28.55 -45.34
N SER G 190 -18.28 29.43 -46.30
CA SER G 190 -19.31 29.18 -47.31
C SER G 190 -18.89 28.06 -48.25
N GLY G 191 -17.59 28.00 -48.56
CA GLY G 191 -17.03 26.91 -49.37
C GLY G 191 -17.22 25.53 -48.77
N ILE G 192 -17.23 25.44 -47.44
CA ILE G 192 -17.52 24.19 -46.73
C ILE G 192 -18.99 23.85 -46.90
N GLU G 193 -19.86 24.77 -46.48
CA GLU G 193 -21.32 24.56 -46.46
C GLU G 193 -21.90 24.14 -47.82
N GLU G 194 -21.27 24.59 -48.91
CA GLU G 194 -21.60 24.12 -50.25
C GLU G 194 -21.24 22.65 -50.44
N GLN G 195 -19.98 22.33 -50.12
CA GLN G 195 -19.47 20.97 -50.30
C GLN G 195 -20.08 19.97 -49.31
N VAL G 196 -20.45 20.44 -48.13
CA VAL G 196 -21.12 19.60 -47.13
C VAL G 196 -22.56 19.29 -47.57
N SER G 197 -23.26 20.30 -48.07
CA SER G 197 -24.62 20.13 -48.58
C SER G 197 -24.67 19.30 -49.88
N ARG G 198 -23.57 19.33 -50.63
CA ARG G 198 -23.46 18.54 -51.88
C ARG G 198 -23.08 17.06 -51.63
N ALA G 199 -22.24 16.80 -50.63
CA ALA G 199 -21.86 15.43 -50.27
C ALA G 199 -23.03 14.66 -49.68
N ASN G 200 -23.93 15.38 -48.99
CA ASN G 200 -25.22 14.82 -48.55
C ASN G 200 -26.21 14.70 -49.72
N GLN G 201 -26.16 15.63 -50.66
CA GLN G 201 -27.01 15.59 -51.86
C GLN G 201 -26.65 14.44 -52.80
N HIS G 202 -25.36 14.14 -52.92
CA HIS G 202 -24.91 13.01 -53.74
C HIS G 202 -25.19 11.68 -53.05
N LYS G 203 -25.32 11.70 -51.72
CA LYS G 203 -25.77 10.54 -50.96
C LYS G 203 -27.29 10.32 -51.12
N GLU G 204 -28.05 11.42 -51.14
CA GLU G 204 -29.50 11.37 -51.39
C GLU G 204 -29.82 11.23 -52.89
N GLN G 205 -28.84 11.52 -53.74
CA GLN G 205 -28.94 11.21 -55.17
C GLN G 205 -28.91 9.69 -55.38
N GLN G 206 -27.93 9.04 -54.76
CA GLN G 206 -27.75 7.58 -54.92
C GLN G 206 -28.80 6.76 -54.16
N LEU G 207 -29.12 7.19 -52.93
CA LEU G 207 -30.14 6.50 -52.11
C LEU G 207 -31.52 6.50 -52.79
N GLY G 208 -31.86 7.61 -53.45
CA GLY G 208 -33.08 7.70 -54.24
C GLY G 208 -32.99 6.88 -55.51
N LEU G 209 -31.84 6.95 -56.20
CA LEU G 209 -31.61 6.20 -57.44
C LEU G 209 -31.45 4.69 -57.23
N LYS G 210 -31.06 4.28 -56.02
CA LYS G 210 -30.94 2.86 -55.69
C LYS G 210 -32.28 2.24 -55.26
N GLN G 211 -33.23 3.07 -54.83
CA GLN G 211 -34.61 2.62 -54.59
C GLN G 211 -35.36 2.36 -55.89
N GLN G 212 -34.99 3.08 -56.94
CA GLN G 212 -35.55 2.86 -58.29
C GLN G 212 -35.01 1.58 -58.94
N ILE G 213 -33.78 1.20 -58.61
CA ILE G 213 -33.18 -0.04 -59.13
C ILE G 213 -33.80 -1.29 -58.51
N GLU G 214 -34.09 -1.24 -57.21
CA GLU G 214 -34.67 -2.36 -56.46
C GLU G 214 -36.15 -2.59 -56.79
N SER G 215 -36.89 -1.50 -57.00
CA SER G 215 -38.33 -1.58 -57.31
C SER G 215 -38.63 -2.12 -58.73
N GLU G 216 -37.61 -2.18 -59.58
CA GLU G 216 -37.72 -2.82 -60.90
C GLU G 216 -37.99 -4.33 -60.77
N VAL G 217 -37.47 -4.93 -59.71
CA VAL G 217 -37.55 -6.38 -59.49
C VAL G 217 -38.98 -6.85 -59.16
N ALA G 218 -39.82 -5.93 -58.69
CA ALA G 218 -41.21 -6.25 -58.31
C ALA G 218 -42.10 -6.72 -59.48
N ASN G 219 -41.66 -6.46 -60.72
CA ASN G 219 -42.41 -6.84 -61.90
C ASN G 219 -42.30 -8.34 -62.18
N PHE H 15 -1.70 34.08 -81.50
CA PHE H 15 -2.60 35.10 -80.87
C PHE H 15 -4.00 35.02 -81.47
N SER H 16 -4.11 35.36 -82.76
CA SER H 16 -5.37 35.23 -83.50
C SER H 16 -5.26 34.33 -84.75
N PHE H 17 -4.06 33.80 -85.01
CA PHE H 17 -3.85 32.91 -86.17
C PHE H 17 -4.59 31.59 -85.98
N LYS H 18 -4.85 31.24 -84.72
CA LYS H 18 -5.57 30.02 -84.37
C LYS H 18 -7.02 30.06 -84.83
N LYS H 19 -7.70 31.16 -84.49
CA LYS H 19 -9.10 31.35 -84.86
C LYS H 19 -9.28 31.54 -86.37
N LEU H 20 -8.23 32.01 -87.04
CA LEU H 20 -8.25 32.25 -88.48
C LEU H 20 -7.92 30.99 -89.30
N LEU H 21 -7.05 30.13 -88.77
CA LEU H 21 -6.75 28.84 -89.42
C LEU H 21 -8.00 27.95 -89.47
N ASP H 22 -8.81 27.99 -88.40
CA ASP H 22 -10.08 27.27 -88.36
C ASP H 22 -10.94 27.58 -89.58
N GLN H 23 -11.01 28.86 -89.94
CA GLN H 23 -11.82 29.30 -91.08
C GLN H 23 -11.33 28.73 -92.41
N CYS H 24 -10.02 28.64 -92.59
CA CYS H 24 -9.43 28.11 -93.82
C CYS H 24 -9.77 26.64 -94.04
N GLU H 25 -9.66 25.84 -92.97
CA GLU H 25 -9.91 24.40 -93.03
C GLU H 25 -11.35 24.07 -93.37
N ASN H 26 -12.26 24.92 -92.91
CA ASN H 26 -13.69 24.75 -93.19
C ASN H 26 -13.98 24.97 -94.67
N GLN H 27 -13.46 26.07 -95.21
CA GLN H 27 -13.65 26.42 -96.62
C GLN H 27 -13.06 25.39 -97.61
N GLU H 28 -12.28 24.43 -97.11
CA GLU H 28 -11.81 23.32 -97.93
C GLU H 28 -12.94 22.38 -98.31
N LEU H 29 -13.74 21.99 -97.32
CA LEU H 29 -14.86 21.07 -97.53
C LEU H 29 -16.18 21.82 -97.76
N GLU H 30 -16.27 23.05 -97.27
CA GLU H 30 -17.50 23.85 -97.35
C GLU H 30 -17.87 24.24 -98.79
N ALA H 31 -17.12 25.18 -99.34
CA ALA H 31 -17.51 25.86 -100.59
C ALA H 31 -17.42 24.99 -101.85
N PRO H 32 -16.26 24.35 -102.09
CA PRO H 32 -16.03 23.77 -103.40
C PRO H 32 -16.64 22.38 -103.57
N GLY H 33 -16.88 22.01 -104.83
CA GLY H 33 -17.25 20.64 -105.18
C GLY H 33 -16.16 19.66 -104.78
N GLY H 34 -14.92 20.16 -104.72
CA GLY H 34 -13.81 19.40 -104.20
C GLY H 34 -12.60 20.29 -103.91
N ILE H 35 -12.16 21.02 -104.93
CA ILE H 35 -10.90 21.78 -104.88
C ILE H 35 -11.15 23.22 -104.40
N ALA H 36 -10.43 23.62 -103.35
CA ALA H 36 -10.57 24.94 -102.75
C ALA H 36 -9.83 26.02 -103.55
N THR H 37 -9.94 27.27 -103.08
CA THR H 37 -9.31 28.41 -103.75
C THR H 37 -7.77 28.30 -103.69
N PRO H 38 -7.07 28.78 -104.75
CA PRO H 38 -5.59 28.75 -104.73
C PRO H 38 -4.89 29.53 -103.61
N PRO H 39 -5.44 30.70 -103.20
CA PRO H 39 -4.88 31.37 -102.01
C PRO H 39 -5.24 30.67 -100.69
N VAL H 40 -6.36 29.93 -100.66
CA VAL H 40 -6.76 29.15 -99.48
C VAL H 40 -5.82 27.96 -99.27
N TYR H 41 -5.34 27.38 -100.37
CA TYR H 41 -4.29 26.35 -100.30
C TYR H 41 -2.95 26.92 -99.84
N GLY H 42 -2.65 28.14 -100.26
CA GLY H 42 -1.41 28.83 -99.86
C GLY H 42 -1.32 29.15 -98.38
N GLN H 43 -2.47 29.32 -97.73
CA GLN H 43 -2.53 29.65 -96.30
C GLN H 43 -2.63 28.41 -95.42
N LEU H 44 -3.36 27.40 -95.87
CA LEU H 44 -3.47 26.14 -95.14
C LEU H 44 -2.14 25.42 -95.01
N LEU H 45 -1.33 25.45 -96.07
CA LEU H 45 0.00 24.85 -96.04
C LEU H 45 0.92 25.59 -95.06
N ALA H 46 0.93 26.92 -95.16
CA ALA H 46 1.81 27.76 -94.32
C ALA H 46 1.37 27.82 -92.85
N LEU H 47 0.07 27.70 -92.60
CA LEU H 47 -0.46 27.70 -91.22
C LEU H 47 -0.17 26.39 -90.48
N TYR H 48 -0.15 25.28 -91.21
CA TYR H 48 0.27 24.00 -90.64
C TYR H 48 1.75 24.04 -90.24
N LEU H 49 2.57 24.74 -91.03
CA LEU H 49 3.99 24.94 -90.71
C LEU H 49 4.15 25.85 -89.49
N LEU H 50 3.29 26.86 -89.38
CA LEU H 50 3.28 27.76 -88.21
C LEU H 50 3.02 27.02 -86.91
N HIS H 51 2.06 26.10 -86.93
CA HIS H 51 1.76 25.26 -85.77
C HIS H 51 2.35 23.86 -85.96
N ASN H 52 3.65 23.84 -86.29
CA ASN H 52 4.44 22.62 -86.52
C ASN H 52 3.61 21.34 -86.64
N ASP H 53 2.85 21.24 -87.73
CA ASP H 53 2.09 20.04 -88.04
C ASP H 53 2.51 19.54 -89.43
N MET H 54 3.68 18.93 -89.49
CA MET H 54 4.30 18.50 -90.75
C MET H 54 3.55 17.35 -91.43
N ASN H 55 2.94 16.48 -90.63
CA ASN H 55 2.13 15.41 -91.18
C ASN H 55 0.93 15.97 -91.94
N ASN H 56 0.26 16.95 -91.35
CA ASN H 56 -0.83 17.67 -92.02
C ASN H 56 -0.36 18.45 -93.24
N ALA H 57 0.83 19.02 -93.14
CA ALA H 57 1.45 19.76 -94.25
C ALA H 57 1.90 18.84 -95.38
N ARG H 58 2.29 17.61 -95.04
CA ARG H 58 2.71 16.62 -96.02
C ARG H 58 1.54 16.13 -96.88
N TYR H 59 0.47 15.68 -96.22
CA TYR H 59 -0.70 15.14 -96.92
C TYR H 59 -1.57 16.21 -97.59
N LEU H 60 -1.43 17.47 -97.16
CA LEU H 60 -2.08 18.59 -97.84
C LEU H 60 -1.47 18.81 -99.21
N TRP H 61 -0.15 18.75 -99.29
CA TRP H 61 0.58 18.94 -100.54
C TRP H 61 0.26 17.86 -101.58
N LYS H 62 0.01 16.63 -101.11
CA LYS H 62 -0.26 15.50 -102.01
C LYS H 62 -1.72 15.47 -102.49
N ARG H 63 -2.57 16.27 -101.86
CA ARG H 63 -3.98 16.38 -102.27
C ARG H 63 -4.19 17.41 -103.38
N ILE H 64 -3.29 18.39 -103.49
CA ILE H 64 -3.46 19.49 -104.46
C ILE H 64 -3.48 18.91 -105.88
N PRO H 65 -4.41 19.37 -106.73
CA PRO H 65 -4.38 18.90 -108.12
C PRO H 65 -3.18 19.49 -108.85
N PRO H 66 -2.62 18.75 -109.84
CA PRO H 66 -1.47 19.27 -110.57
C PRO H 66 -1.75 20.57 -111.33
N ALA H 67 -3.03 20.89 -111.54
CA ALA H 67 -3.44 22.14 -112.18
C ALA H 67 -3.05 23.37 -111.36
N ILE H 68 -3.53 23.45 -110.12
CA ILE H 68 -3.24 24.59 -109.24
C ILE H 68 -1.76 24.62 -108.88
N LYS H 69 -1.18 23.43 -108.69
CA LYS H 69 0.26 23.30 -108.40
C LYS H 69 1.12 24.05 -109.41
N SER H 70 0.90 23.78 -110.69
CA SER H 70 1.71 24.36 -111.77
C SER H 70 1.46 25.85 -111.98
N ALA H 71 0.18 26.24 -111.94
CA ALA H 71 -0.21 27.64 -112.10
C ALA H 71 0.28 28.47 -110.91
N ASN H 72 -0.04 28.01 -109.71
CA ASN H 72 0.35 28.69 -108.47
C ASN H 72 1.76 28.24 -108.06
N SER H 73 2.78 28.90 -108.61
CA SER H 73 4.18 28.53 -108.36
C SER H 73 4.73 29.10 -107.04
N GLU H 74 4.01 30.04 -106.43
CA GLU H 74 4.36 30.58 -105.10
C GLU H 74 4.08 29.53 -104.01
N LEU H 75 3.09 28.67 -104.27
CA LEU H 75 2.74 27.57 -103.38
C LEU H 75 3.92 26.60 -103.20
N GLY H 76 4.72 26.45 -104.26
CA GLY H 76 5.95 25.65 -104.20
C GLY H 76 6.99 26.25 -103.26
N GLY H 77 7.05 27.58 -103.22
CA GLY H 77 7.94 28.30 -102.32
C GLY H 77 7.60 28.12 -100.84
N ILE H 78 6.35 27.81 -100.54
CA ILE H 78 5.91 27.54 -99.18
C ILE H 78 6.19 26.08 -98.80
N TRP H 79 6.02 25.17 -99.76
CA TRP H 79 6.34 23.75 -99.56
C TRP H 79 7.85 23.51 -99.42
N SER H 80 8.65 24.38 -100.05
CA SER H 80 10.11 24.32 -99.91
C SER H 80 10.56 24.60 -98.48
N VAL H 81 9.75 25.38 -97.75
CA VAL H 81 10.01 25.64 -96.32
C VAL H 81 9.75 24.38 -95.51
N GLY H 82 8.60 23.74 -95.74
CA GLY H 82 8.21 22.52 -95.04
C GLY H 82 9.22 21.38 -95.13
N GLN H 83 9.94 21.31 -96.25
CA GLN H 83 11.02 20.33 -96.43
C GLN H 83 12.08 20.46 -95.34
N ARG H 84 12.46 21.70 -95.05
CA ARG H 84 13.53 21.99 -94.09
C ARG H 84 13.10 21.75 -92.64
N ILE H 85 11.82 21.89 -92.35
CA ILE H 85 11.28 21.57 -91.03
C ILE H 85 11.24 20.06 -90.82
N TRP H 86 10.93 19.33 -91.88
CA TRP H 86 10.98 17.87 -91.85
C TRP H 86 12.43 17.41 -91.73
N GLN H 87 13.30 17.97 -92.58
CA GLN H 87 14.72 17.67 -92.56
C GLN H 87 15.43 18.22 -91.31
N ARG H 88 14.85 19.27 -90.71
CA ARG H 88 15.44 19.98 -89.57
C ARG H 88 16.80 20.57 -89.91
N ASP H 89 16.90 21.13 -91.12
CA ASP H 89 17.99 22.01 -91.51
C ASP H 89 17.56 23.43 -91.16
N PHE H 90 17.81 23.81 -89.90
CA PHE H 90 17.28 25.04 -89.33
C PHE H 90 17.75 26.32 -90.06
N PRO H 91 19.02 26.35 -90.52
CA PRO H 91 19.45 27.47 -91.36
C PRO H 91 18.74 27.51 -92.72
N GLY H 92 18.37 26.33 -93.23
CA GLY H 92 17.58 26.23 -94.45
C GLY H 92 16.17 26.78 -94.31
N ILE H 93 15.61 26.70 -93.11
CA ILE H 93 14.27 27.24 -92.86
C ILE H 93 14.26 28.76 -93.06
N TYR H 94 15.27 29.42 -92.52
CA TYR H 94 15.35 30.89 -92.55
C TYR H 94 15.74 31.42 -93.93
N THR H 95 16.40 30.57 -94.73
CA THR H 95 16.69 30.89 -96.13
C THR H 95 15.39 30.88 -96.95
N THR H 96 14.57 29.85 -96.73
CA THR H 96 13.33 29.67 -97.49
C THR H 96 12.20 30.59 -97.04
N ILE H 97 12.27 31.09 -95.82
CA ILE H 97 11.31 32.09 -95.35
C ILE H 97 11.61 33.45 -95.97
N ASN H 98 12.89 33.79 -96.10
CA ASN H 98 13.33 35.00 -96.79
C ASN H 98 13.57 34.72 -98.28
N ALA H 99 12.47 34.58 -99.03
CA ALA H 99 12.54 34.24 -100.46
C ALA H 99 11.32 34.71 -101.26
N HIS H 100 10.14 34.17 -100.93
CA HIS H 100 8.90 34.48 -101.69
C HIS H 100 8.01 35.50 -100.96
N GLN H 101 7.77 36.64 -101.62
CA GLN H 101 6.87 37.67 -101.10
C GLN H 101 5.46 37.43 -101.62
N TRP H 102 4.61 36.86 -100.77
CA TRP H 102 3.20 36.68 -101.08
C TRP H 102 2.42 37.54 -100.11
N SER H 103 2.38 38.86 -100.38
CA SER H 103 1.75 39.83 -99.50
C SER H 103 0.23 39.66 -99.43
N GLU H 104 -0.39 40.31 -98.43
CA GLU H 104 -1.83 40.20 -98.15
C GLU H 104 -2.19 38.80 -97.63
N THR H 105 -2.04 37.79 -98.49
CA THR H 105 -2.42 36.42 -98.18
C THR H 105 -1.46 35.77 -97.17
N VAL H 106 -0.19 35.64 -97.53
CA VAL H 106 0.76 34.77 -96.83
C VAL H 106 1.92 35.49 -96.11
N GLN H 107 2.33 36.65 -96.61
CA GLN H 107 3.48 37.38 -96.03
C GLN H 107 3.33 37.71 -94.54
N PRO H 108 2.09 38.00 -94.06
CA PRO H 108 1.89 38.13 -92.62
C PRO H 108 2.16 36.85 -91.81
N ILE H 109 1.73 35.70 -92.31
CA ILE H 109 1.96 34.42 -91.62
C ILE H 109 3.35 33.83 -91.84
N MET H 110 4.11 34.36 -92.80
CA MET H 110 5.51 33.97 -93.02
C MET H 110 6.43 34.58 -91.96
N GLU H 111 6.11 35.79 -91.52
CA GLU H 111 6.89 36.47 -90.47
C GLU H 111 6.65 35.85 -89.10
N ALA H 112 5.42 35.43 -88.85
CA ALA H 112 5.07 34.71 -87.63
C ALA H 112 5.69 33.30 -87.61
N LEU H 113 5.83 32.71 -88.79
CA LEU H 113 6.45 31.38 -88.93
C LEU H 113 7.92 31.39 -88.53
N ARG H 114 8.64 32.45 -88.90
CA ARG H 114 10.07 32.58 -88.59
C ARG H 114 10.32 32.75 -87.10
N ASP H 115 9.35 33.33 -86.40
CA ASP H 115 9.47 33.58 -84.96
C ASP H 115 9.21 32.31 -84.14
N ALA H 116 8.19 31.54 -84.53
CA ALA H 116 7.88 30.28 -83.85
C ALA H 116 9.01 29.25 -84.02
N THR H 117 9.64 29.25 -85.19
CA THR H 117 10.79 28.38 -85.47
C THR H 117 12.02 28.81 -84.69
N ARG H 118 12.15 30.11 -84.42
CA ARG H 118 13.29 30.64 -83.68
C ARG H 118 13.28 30.20 -82.21
N ARG H 119 12.19 30.48 -81.50
CA ARG H 119 12.07 30.13 -80.08
C ARG H 119 11.93 28.62 -79.84
N ARG H 120 11.45 27.89 -80.85
CA ARG H 120 11.54 26.43 -80.86
C ARG H 120 13.01 26.02 -80.76
N ALA H 121 13.83 26.58 -81.66
CA ALA H 121 15.25 26.27 -81.73
C ALA H 121 16.08 26.86 -80.58
N PHE H 122 15.51 27.80 -79.83
CA PHE H 122 16.16 28.36 -78.65
C PHE H 122 15.80 27.53 -77.42
N ALA H 123 14.51 27.30 -77.22
CA ALA H 123 14.02 26.43 -76.15
C ALA H 123 14.56 25.01 -76.31
N LEU H 124 14.82 24.62 -77.56
CA LEU H 124 15.48 23.36 -77.88
C LEU H 124 16.95 23.38 -77.47
N VAL H 125 17.72 24.29 -78.08
CA VAL H 125 19.17 24.36 -77.87
C VAL H 125 19.53 24.56 -76.40
N SER H 126 18.72 25.33 -75.69
CA SER H 126 18.94 25.59 -74.26
C SER H 126 18.92 24.30 -73.44
N GLN H 127 17.96 23.42 -73.72
CA GLN H 127 17.79 22.18 -72.95
C GLN H 127 18.53 20.98 -73.57
N ALA H 128 19.04 21.15 -74.77
CA ALA H 128 19.75 20.09 -75.48
C ALA H 128 21.28 20.20 -75.40
N TYR H 129 21.78 21.36 -74.97
CA TYR H 129 23.23 21.61 -74.95
C TYR H 129 23.70 22.27 -73.65
N THR H 130 24.68 21.65 -73.00
CA THR H 130 25.41 22.29 -71.90
C THR H 130 26.41 23.27 -72.50
N SER H 131 27.10 22.82 -73.55
CA SER H 131 28.00 23.67 -74.33
C SER H 131 27.71 23.48 -75.82
N ILE H 132 27.95 24.54 -76.59
CA ILE H 132 27.64 24.55 -78.02
C ILE H 132 28.49 25.60 -78.74
N ILE H 133 28.78 25.36 -80.02
CA ILE H 133 29.56 26.28 -80.84
C ILE H 133 28.70 27.51 -81.17
N ALA H 134 29.31 28.70 -81.11
CA ALA H 134 28.59 29.94 -81.37
C ALA H 134 28.09 30.02 -82.82
N ASP H 135 28.93 29.57 -83.74
CA ASP H 135 28.59 29.56 -85.17
C ASP H 135 27.41 28.64 -85.47
N ASP H 136 27.41 27.43 -84.89
CA ASP H 136 26.27 26.53 -85.01
C ASP H 136 25.04 27.13 -84.36
N PHE H 137 25.21 27.56 -83.11
CA PHE H 137 24.12 28.20 -82.36
C PHE H 137 23.53 29.37 -83.14
N ALA H 138 24.38 30.15 -83.80
CA ALA H 138 23.94 31.27 -84.60
C ALA H 138 23.04 30.82 -85.75
N ALA H 139 23.50 29.82 -86.50
CA ALA H 139 22.74 29.30 -87.64
C ALA H 139 21.49 28.52 -87.21
N PHE H 140 21.60 27.79 -86.10
CA PHE H 140 20.47 27.01 -85.57
C PHE H 140 19.27 27.88 -85.17
N VAL H 141 19.54 29.08 -84.66
CA VAL H 141 18.48 30.05 -84.35
C VAL H 141 18.24 31.03 -85.50
N GLY H 142 19.26 31.25 -86.34
CA GLY H 142 19.12 32.03 -87.58
C GLY H 142 19.95 33.30 -87.64
N LEU H 143 20.10 33.97 -86.50
CA LEU H 143 20.82 35.25 -86.43
C LEU H 143 22.32 35.09 -86.74
N PRO H 144 23.00 36.22 -87.04
CA PRO H 144 24.45 36.18 -87.27
C PRO H 144 25.26 35.98 -85.98
N VAL H 145 26.58 35.97 -86.10
CA VAL H 145 27.46 35.66 -84.97
C VAL H 145 27.33 36.69 -83.84
N GLU H 146 27.32 37.97 -84.20
CA GLU H 146 27.26 39.04 -83.19
C GLU H 146 25.92 39.10 -82.45
N GLU H 147 24.83 39.17 -83.20
CA GLU H 147 23.48 39.25 -82.62
C GLU H 147 23.18 38.05 -81.73
N ALA H 148 23.71 36.89 -82.10
CA ALA H 148 23.59 35.68 -81.29
C ALA H 148 24.41 35.79 -80.01
N VAL H 149 25.67 36.21 -80.14
CA VAL H 149 26.54 36.43 -78.98
C VAL H 149 25.95 37.47 -78.03
N LYS H 150 25.28 38.49 -78.57
CA LYS H 150 24.67 39.53 -77.73
C LYS H 150 23.36 39.05 -77.12
N GLY H 151 22.47 38.52 -77.96
CA GLY H 151 21.15 38.05 -77.52
C GLY H 151 21.16 37.17 -76.28
N ILE H 152 22.19 36.34 -76.15
CA ILE H 152 22.37 35.46 -74.99
C ILE H 152 22.98 36.16 -73.78
N LEU H 153 23.89 37.11 -74.01
CA LEU H 153 24.53 37.84 -72.91
C LEU H 153 23.55 38.72 -72.12
N GLU H 154 22.47 39.13 -72.78
CA GLU H 154 21.35 39.80 -72.11
C GLU H 154 20.67 38.85 -71.13
N GLN H 155 20.43 37.62 -71.59
CA GLN H 155 19.79 36.58 -70.79
C GLN H 155 20.60 36.20 -69.54
N GLY H 156 21.93 36.35 -69.62
CA GLY H 156 22.82 35.95 -68.53
C GLY H 156 23.50 34.62 -68.79
N TRP H 157 23.42 34.16 -70.04
CA TRP H 157 24.11 32.93 -70.46
C TRP H 157 25.62 33.14 -70.40
N GLN H 158 26.33 32.11 -69.95
CA GLN H 158 27.78 32.15 -69.90
C GLN H 158 28.35 32.10 -71.32
N ALA H 159 29.37 32.92 -71.57
CA ALA H 159 29.98 33.04 -72.89
C ALA H 159 31.49 32.82 -72.80
N ASP H 160 32.06 32.21 -73.85
CA ASP H 160 33.48 31.86 -73.87
C ASP H 160 34.17 32.38 -75.12
N SER H 161 35.20 33.21 -74.91
CA SER H 161 36.05 33.68 -76.00
C SER H 161 37.06 32.59 -76.40
N THR H 162 37.84 32.86 -77.45
CA THR H 162 38.87 31.94 -77.96
C THR H 162 38.29 30.70 -78.64
N THR H 163 37.63 29.85 -77.87
CA THR H 163 37.04 28.62 -78.41
C THR H 163 35.71 28.87 -79.11
N ARG H 164 35.12 30.05 -78.87
CA ARG H 164 33.79 30.39 -79.42
C ARG H 164 32.76 29.36 -79.00
N MET H 165 32.43 29.37 -77.72
CA MET H 165 31.51 28.40 -77.13
C MET H 165 30.52 29.04 -76.18
N VAL H 166 29.27 29.16 -76.63
CA VAL H 166 28.18 29.63 -75.79
C VAL H 166 27.85 28.52 -74.81
N LEU H 167 27.49 28.90 -73.60
CA LEU H 167 27.13 27.96 -72.56
C LEU H 167 25.73 28.30 -72.04
N PRO H 168 24.70 27.63 -72.59
CA PRO H 168 23.30 27.89 -72.21
C PRO H 168 22.94 27.62 -70.75
N ARG H 169 22.10 28.49 -70.20
CA ARG H 169 21.45 28.27 -68.89
C ARG H 169 20.09 27.63 -69.17
N LYS H 170 19.77 26.56 -68.46
CA LYS H 170 18.54 25.80 -68.71
C LYS H 170 17.32 26.47 -68.06
N PRO H 171 16.28 26.79 -68.87
CA PRO H 171 15.02 27.31 -68.32
C PRO H 171 14.03 26.19 -67.99
N GLU H 198 -15.94 26.98 -54.76
CA GLU H 198 -14.61 26.45 -54.42
C GLU H 198 -13.96 25.73 -55.60
N GLN H 199 -12.64 25.89 -55.73
CA GLN H 199 -11.87 25.24 -56.78
C GLN H 199 -11.39 23.86 -56.36
N GLN H 200 -10.63 23.83 -55.27
CA GLN H 200 -9.93 22.60 -54.86
C GLN H 200 -10.83 21.65 -54.07
N LEU H 201 -11.59 22.18 -53.13
CA LEU H 201 -12.50 21.37 -52.30
C LEU H 201 -13.63 20.71 -53.12
N ALA H 202 -14.10 21.41 -54.16
CA ALA H 202 -15.11 20.87 -55.06
C ALA H 202 -14.64 19.58 -55.73
N ARG H 203 -13.38 19.59 -56.18
CA ARG H 203 -12.78 18.42 -56.81
C ARG H 203 -12.70 17.25 -55.82
N LEU H 204 -12.21 17.54 -54.61
CA LEU H 204 -12.04 16.52 -53.57
C LEU H 204 -13.37 15.89 -53.17
N THR H 205 -14.33 16.73 -52.76
CA THR H 205 -15.64 16.29 -52.27
C THR H 205 -16.32 15.31 -53.23
N ASP H 206 -16.11 15.52 -54.53
CA ASP H 206 -16.63 14.60 -55.55
C ASP H 206 -16.00 13.21 -55.42
N TYR H 207 -14.68 13.17 -55.28
CA TYR H 207 -13.97 11.89 -55.18
C TYR H 207 -14.33 11.14 -53.89
N VAL H 208 -14.78 11.88 -52.88
CA VAL H 208 -15.34 11.26 -51.68
C VAL H 208 -16.71 10.70 -52.01
N ALA H 209 -17.63 11.58 -52.39
CA ALA H 209 -19.02 11.20 -52.65
C ALA H 209 -19.15 10.11 -53.71
N PHE H 210 -18.21 10.07 -54.66
CA PHE H 210 -18.15 9.02 -55.67
C PHE H 210 -17.81 7.67 -55.04
N LEU H 211 -16.69 7.60 -54.34
CA LEU H 211 -16.24 6.38 -53.67
C LEU H 211 -17.19 6.00 -52.53
N GLU H 212 -17.79 7.02 -51.91
CA GLU H 212 -18.77 6.83 -50.84
C GLU H 212 -20.04 6.14 -51.32
N ASN H 213 -20.54 6.55 -52.49
CA ASN H 213 -21.88 6.18 -52.96
C ASN H 213 -22.95 6.69 -52.00
N VAL I 30 -56.61 0.04 8.84
CA VAL I 30 -56.17 1.44 9.18
C VAL I 30 -57.39 2.37 9.26
N GLU I 31 -57.81 2.71 10.48
CA GLU I 31 -58.99 3.57 10.70
C GLU I 31 -59.10 4.05 12.15
N ASN I 32 -59.62 5.27 12.32
CA ASN I 32 -59.97 5.80 13.65
C ASN I 32 -61.19 6.73 13.53
N PRO I 33 -62.27 6.45 14.30
CA PRO I 33 -63.47 7.31 14.25
C PRO I 33 -63.33 8.64 15.00
N SER I 34 -62.66 8.61 16.15
CA SER I 34 -62.42 9.83 16.93
C SER I 34 -61.33 10.67 16.28
N LEU I 35 -61.75 11.49 15.31
CA LEU I 35 -60.84 12.33 14.54
C LEU I 35 -61.55 13.61 14.10
N ASP I 36 -61.02 14.77 14.49
CA ASP I 36 -61.60 16.07 14.15
C ASP I 36 -60.81 16.71 12.99
N LEU I 37 -61.39 16.63 11.79
CA LEU I 37 -60.77 17.18 10.60
C LEU I 37 -60.77 18.72 10.62
N GLU I 38 -61.73 19.29 11.33
CA GLU I 38 -61.88 20.74 11.42
C GLU I 38 -60.67 21.39 12.06
N GLN I 39 -60.12 20.73 13.09
CA GLN I 39 -58.90 21.19 13.73
C GLN I 39 -57.69 20.88 12.87
N TYR I 40 -57.66 19.68 12.28
CA TYR I 40 -56.57 19.25 11.40
C TYR I 40 -56.29 20.24 10.25
N ALA I 41 -57.33 20.88 9.75
CA ALA I 41 -57.19 21.88 8.69
C ALA I 41 -56.92 23.27 9.26
N ALA I 42 -57.41 23.55 10.46
CA ALA I 42 -57.34 24.89 11.07
C ALA I 42 -55.92 25.43 11.26
N SER I 43 -55.05 24.63 11.88
CA SER I 43 -53.70 25.10 12.24
C SER I 43 -52.68 25.04 11.10
N TYR I 44 -53.08 24.50 9.95
CA TYR I 44 -52.18 24.33 8.80
C TYR I 44 -52.61 25.18 7.59
N SER I 45 -51.67 25.41 6.68
CA SER I 45 -51.93 26.15 5.42
C SER I 45 -50.82 25.88 4.40
N GLY I 46 -50.95 26.49 3.22
CA GLY I 46 -50.02 26.24 2.14
C GLY I 46 -50.23 24.84 1.60
N LEU I 47 -49.15 24.19 1.16
CA LEU I 47 -49.22 22.85 0.60
C LEU I 47 -49.49 21.83 1.71
N MET I 48 -49.01 22.14 2.91
CA MET I 48 -49.18 21.27 4.07
C MET I 48 -50.65 20.90 4.30
N ARG I 49 -51.57 21.81 4.03
CA ARG I 49 -53.00 21.51 4.13
C ARG I 49 -53.41 20.42 3.16
N ILE I 50 -52.93 20.54 1.92
CA ILE I 50 -53.25 19.56 0.88
C ILE I 50 -52.55 18.22 1.13
N GLU I 51 -51.29 18.26 1.54
CA GLU I 51 -50.53 17.02 1.82
C GLU I 51 -51.13 16.22 2.98
N ARG I 52 -51.48 16.90 4.06
CA ARG I 52 -52.00 16.24 5.26
C ARG I 52 -53.43 15.76 5.08
N LEU I 53 -54.28 16.58 4.46
CA LEU I 53 -55.67 16.20 4.17
C LEU I 53 -55.74 14.97 3.27
N GLN I 54 -54.80 14.87 2.33
CA GLN I 54 -54.76 13.75 1.38
C GLN I 54 -54.24 12.46 2.02
N PHE I 55 -53.33 12.57 2.98
CA PHE I 55 -52.83 11.40 3.71
C PHE I 55 -53.87 10.83 4.67
N ILE I 56 -54.75 11.70 5.18
CA ILE I 56 -55.85 11.29 6.04
C ILE I 56 -56.90 10.54 5.23
N ALA I 57 -57.34 11.14 4.14
CA ALA I 57 -58.28 10.50 3.20
C ALA I 57 -57.76 9.14 2.72
N ASP I 58 -56.45 9.05 2.51
CA ASP I 58 -55.80 7.81 2.09
C ASP I 58 -55.99 6.70 3.14
N HIS I 59 -55.29 6.80 4.26
CA HIS I 59 -55.26 5.72 5.25
C HIS I 59 -56.51 5.67 6.14
N CYS I 60 -57.29 6.75 6.22
CA CYS I 60 -58.52 6.77 7.02
C CYS I 60 -59.77 6.80 6.16
N PRO I 61 -60.44 5.64 5.98
CA PRO I 61 -61.76 5.61 5.35
C PRO I 61 -62.86 5.96 6.36
N THR I 62 -64.11 6.01 5.88
CA THR I 62 -65.26 6.54 6.64
C THR I 62 -65.21 8.07 6.75
N LEU I 63 -64.06 8.61 7.14
CA LEU I 63 -63.77 10.05 7.05
C LEU I 63 -62.97 10.39 5.78
N ARG I 64 -63.16 9.59 4.72
CA ARG I 64 -62.69 9.92 3.37
C ARG I 64 -63.78 10.69 2.64
N VAL I 65 -65.02 10.47 3.04
CA VAL I 65 -66.17 11.27 2.61
C VAL I 65 -65.88 12.75 2.86
N GLU I 66 -65.37 13.04 4.06
CA GLU I 66 -65.12 14.40 4.51
C GLU I 66 -63.79 14.94 3.99
N ALA I 67 -62.73 14.16 4.22
CA ALA I 67 -61.35 14.62 3.98
C ALA I 67 -61.05 15.08 2.56
N LEU I 68 -61.75 14.50 1.58
CA LEU I 68 -61.55 14.87 0.18
C LEU I 68 -62.33 16.15 -0.20
N LYS I 69 -63.39 16.46 0.53
CA LYS I 69 -64.14 17.71 0.34
C LYS I 69 -63.35 18.93 0.82
N MET I 70 -62.57 18.74 1.89
CA MET I 70 -61.82 19.83 2.52
C MET I 70 -60.52 20.16 1.76
N ALA I 71 -59.96 19.19 1.06
CA ALA I 71 -58.83 19.41 0.17
C ALA I 71 -59.29 20.12 -1.09
N LEU I 72 -60.47 19.75 -1.60
CA LEU I 72 -61.04 20.34 -2.82
C LEU I 72 -61.21 21.85 -2.73
N SER I 73 -61.82 22.31 -1.64
CA SER I 73 -62.20 23.73 -1.49
C SER I 73 -61.00 24.68 -1.49
N PHE I 74 -59.96 24.37 -0.72
CA PHE I 74 -58.76 25.23 -0.65
C PHE I 74 -57.87 25.11 -1.89
N VAL I 75 -58.00 24.00 -2.63
CA VAL I 75 -57.31 23.85 -3.92
C VAL I 75 -57.90 24.80 -4.97
N GLN I 76 -59.19 25.10 -4.85
CA GLN I 76 -59.86 26.05 -5.76
C GLN I 76 -59.46 27.51 -5.46
N ARG I 77 -58.91 27.77 -4.27
CA ARG I 77 -58.21 29.02 -3.99
C ARG I 77 -56.72 28.82 -4.26
N THR I 78 -55.96 29.92 -4.19
CA THR I 78 -54.51 29.90 -4.45
C THR I 78 -54.14 29.44 -5.88
N PHE I 79 -55.02 29.73 -6.84
CA PHE I 79 -54.82 29.40 -8.27
C PHE I 79 -54.09 28.06 -8.51
N ASN I 80 -54.79 26.96 -8.24
CA ASN I 80 -54.18 25.62 -8.26
C ASN I 80 -54.97 24.62 -9.13
N VAL I 81 -54.36 24.22 -10.25
CA VAL I 81 -54.93 23.20 -11.15
C VAL I 81 -54.25 21.84 -11.00
N ASP I 82 -52.93 21.85 -10.80
CA ASP I 82 -52.17 20.61 -10.59
C ASP I 82 -52.75 19.76 -9.46
N MET I 83 -53.27 20.43 -8.42
CA MET I 83 -53.87 19.75 -7.27
C MET I 83 -55.35 19.43 -7.48
N TYR I 84 -56.07 20.27 -8.23
CA TYR I 84 -57.49 20.02 -8.51
C TYR I 84 -57.68 18.79 -9.41
N GLU I 85 -56.84 18.68 -10.43
CA GLU I 85 -56.84 17.52 -11.32
C GLU I 85 -56.45 16.22 -10.57
N GLU I 86 -55.67 16.38 -9.50
CA GLU I 86 -55.31 15.27 -8.61
C GLU I 86 -56.43 14.99 -7.59
N ILE I 87 -56.79 15.99 -6.80
CA ILE I 87 -57.74 15.84 -5.69
C ILE I 87 -59.14 15.45 -6.16
N HIS I 88 -59.68 16.19 -7.13
CA HIS I 88 -61.05 15.92 -7.59
C HIS I 88 -61.19 14.57 -8.28
N ARG I 89 -60.11 14.07 -8.88
CA ARG I 89 -60.11 12.73 -9.46
C ARG I 89 -60.30 11.66 -8.38
N LYS I 90 -59.79 11.92 -7.18
CA LYS I 90 -60.01 11.02 -6.04
C LYS I 90 -61.44 11.09 -5.51
N LEU I 91 -62.04 12.28 -5.53
CA LEU I 91 -63.46 12.47 -5.15
C LEU I 91 -64.38 11.57 -5.95
N SER I 92 -64.08 11.39 -7.23
CA SER I 92 -64.85 10.51 -8.11
C SER I 92 -64.73 9.05 -7.67
N GLU I 93 -63.50 8.57 -7.54
CA GLU I 93 -63.25 7.19 -7.12
C GLU I 93 -63.64 6.93 -5.66
N ALA I 94 -63.70 8.00 -4.86
CA ALA I 94 -64.19 7.91 -3.48
C ALA I 94 -65.68 7.63 -3.47
N THR I 95 -66.45 8.48 -4.15
CA THR I 95 -67.91 8.30 -4.24
C THR I 95 -68.27 7.04 -5.03
N ARG I 96 -67.38 6.60 -5.92
CA ARG I 96 -67.57 5.35 -6.67
C ARG I 96 -67.61 4.15 -5.74
N GLU I 97 -66.66 4.10 -4.81
CA GLU I 97 -66.57 3.00 -3.84
C GLU I 97 -67.63 3.11 -2.74
N LEU I 98 -68.20 4.30 -2.56
CA LEU I 98 -69.29 4.52 -1.60
C LEU I 98 -70.65 4.08 -2.14
N GLN I 99 -70.77 3.94 -3.46
CA GLN I 99 -71.96 3.36 -4.08
C GLN I 99 -71.90 1.82 -4.13
N ASN I 100 -70.79 1.24 -3.65
CA ASN I 100 -70.64 -0.22 -3.55
C ASN I 100 -71.07 -0.78 -2.19
N ALA I 101 -71.58 0.07 -1.30
CA ALA I 101 -72.10 -0.36 0.00
C ALA I 101 -73.58 -0.77 -0.05
N PRO I 102 -74.45 0.03 -0.72
CA PRO I 102 -75.84 -0.41 -0.89
C PRO I 102 -75.98 -1.63 -1.79
N PRO I 113 -70.52 14.74 -6.92
CA PRO I 113 -69.65 15.77 -7.49
C PRO I 113 -69.35 15.54 -8.96
N ALA I 114 -68.98 16.60 -9.67
CA ALA I 114 -68.68 16.54 -11.10
C ALA I 114 -67.47 17.41 -11.45
N LEU I 115 -66.72 17.00 -12.47
CA LEU I 115 -65.53 17.73 -12.92
C LEU I 115 -65.93 19.09 -13.51
N ASP I 116 -65.78 20.14 -12.72
CA ASP I 116 -66.17 21.49 -13.13
C ASP I 116 -65.13 22.04 -14.12
N THR I 117 -65.22 21.58 -15.37
CA THR I 117 -64.28 21.99 -16.42
C THR I 117 -64.47 23.45 -16.85
N ALA I 118 -65.61 24.03 -16.49
CA ALA I 118 -65.83 25.48 -16.63
C ALA I 118 -64.85 26.26 -15.74
N TRP I 119 -64.55 25.70 -14.56
CA TRP I 119 -63.59 26.30 -13.63
C TRP I 119 -62.13 25.92 -13.96
N VAL I 120 -61.91 24.69 -14.40
CA VAL I 120 -60.54 24.20 -14.68
C VAL I 120 -59.88 25.05 -15.77
N GLU I 121 -60.68 25.55 -16.71
CA GLU I 121 -60.20 26.50 -17.72
C GLU I 121 -59.96 27.88 -17.10
N ALA I 122 -60.91 28.34 -16.28
CA ALA I 122 -60.91 29.69 -15.71
C ALA I 122 -59.63 30.02 -14.94
N THR I 123 -59.29 29.19 -13.95
CA THR I 123 -58.09 29.38 -13.14
C THR I 123 -56.80 29.18 -13.95
N ARG I 124 -56.87 28.31 -14.95
CA ARG I 124 -55.69 27.89 -15.72
C ARG I 124 -55.14 29.00 -16.61
N LYS I 125 -55.98 29.62 -17.43
CA LYS I 125 -55.54 30.72 -18.28
C LYS I 125 -55.26 31.97 -17.46
N LYS I 126 -56.03 32.18 -16.38
CA LYS I 126 -55.75 33.25 -15.42
C LYS I 126 -54.33 33.11 -14.89
N ALA I 127 -54.01 31.91 -14.40
CA ALA I 127 -52.68 31.63 -13.85
C ALA I 127 -51.59 31.71 -14.91
N LEU I 128 -51.84 31.10 -16.08
CA LEU I 128 -50.85 31.01 -17.16
C LEU I 128 -50.36 32.39 -17.64
N LEU I 129 -51.28 33.37 -17.65
CA LEU I 129 -50.93 34.73 -18.05
C LEU I 129 -50.32 35.54 -16.90
N LYS I 130 -50.74 35.24 -15.66
CA LYS I 130 -50.15 35.88 -14.48
C LYS I 130 -48.66 35.53 -14.32
N LEU I 131 -48.26 34.36 -14.82
CA LEU I 131 -46.85 33.97 -14.90
C LEU I 131 -46.08 34.97 -15.76
N GLU I 132 -46.63 35.25 -16.94
CA GLU I 132 -45.97 36.12 -17.91
C GLU I 132 -45.91 37.58 -17.46
N LYS I 133 -46.86 37.98 -16.62
CA LYS I 133 -46.84 39.31 -16.00
C LYS I 133 -45.67 39.41 -15.03
N LEU I 134 -45.56 38.41 -14.16
CA LEU I 134 -44.45 38.34 -13.19
C LEU I 134 -43.11 38.08 -13.88
N ASP I 135 -43.13 37.39 -15.02
CA ASP I 135 -41.93 37.20 -15.85
C ASP I 135 -41.35 38.53 -16.27
N THR I 136 -42.18 39.36 -16.89
CA THR I 136 -41.77 40.69 -17.33
C THR I 136 -41.45 41.60 -16.14
N ASP I 137 -42.15 41.41 -15.02
CA ASP I 137 -41.87 42.17 -13.79
C ASP I 137 -40.44 41.94 -13.29
N LEU I 138 -40.01 40.68 -13.31
CA LEU I 138 -38.64 40.34 -12.94
C LEU I 138 -37.64 40.79 -14.01
N LYS I 139 -38.01 40.60 -15.27
CA LYS I 139 -37.15 40.99 -16.40
C LYS I 139 -36.99 42.51 -16.53
N ASN I 140 -38.00 43.26 -16.06
CA ASN I 140 -37.92 44.71 -15.99
C ASN I 140 -37.40 45.20 -14.62
N TYR I 141 -37.31 44.30 -13.65
CA TYR I 141 -36.55 44.54 -12.42
C TYR I 141 -35.06 44.30 -12.65
N LYS I 142 -34.74 43.33 -13.50
CA LYS I 142 -33.36 43.06 -13.90
C LYS I 142 -32.77 44.18 -14.77
N GLY I 143 -33.63 44.85 -15.54
CA GLY I 143 -33.22 46.00 -16.34
C GLY I 143 -32.93 47.25 -15.52
N ASN I 144 -33.52 47.32 -14.31
CA ASN I 144 -33.29 48.43 -13.38
C ASN I 144 -31.93 48.35 -12.69
N SER I 145 -31.49 47.13 -12.37
CA SER I 145 -30.23 46.89 -11.64
C SER I 145 -30.33 47.32 -10.18
N ILE I 146 -31.46 47.03 -9.54
CA ILE I 146 -31.66 47.30 -8.13
C ILE I 146 -31.53 45.98 -7.38
N LYS I 147 -30.85 46.00 -6.24
CA LYS I 147 -30.56 44.78 -5.48
C LYS I 147 -31.79 44.22 -4.75
N GLU I 148 -32.56 45.11 -4.13
CA GLU I 148 -33.73 44.70 -3.33
C GLU I 148 -34.99 44.52 -4.18
N SER I 149 -35.08 45.24 -5.30
CA SER I 149 -36.25 45.14 -6.19
C SER I 149 -36.31 43.82 -6.96
N ILE I 150 -35.14 43.28 -7.30
CA ILE I 150 -35.05 42.00 -8.02
C ILE I 150 -35.36 40.82 -7.09
N ARG I 151 -34.92 40.90 -5.83
CA ARG I 151 -35.26 39.88 -4.83
C ARG I 151 -36.76 39.91 -4.51
N ARG I 152 -37.37 41.09 -4.59
CA ARG I 152 -38.82 41.24 -4.44
C ARG I 152 -39.56 40.57 -5.60
N GLY I 153 -39.04 40.73 -6.81
CA GLY I 153 -39.58 40.04 -7.98
C GLY I 153 -39.46 38.53 -7.84
N HIS I 154 -38.26 38.05 -7.55
CA HIS I 154 -37.99 36.61 -7.38
C HIS I 154 -38.95 35.93 -6.43
N ASP I 155 -39.15 36.55 -5.25
CA ASP I 155 -40.03 35.99 -4.24
C ASP I 155 -41.50 35.92 -4.69
N ASP I 156 -41.89 36.80 -5.61
CA ASP I 156 -43.24 36.75 -6.21
C ASP I 156 -43.37 35.59 -7.22
N LEU I 157 -42.32 35.34 -7.99
CA LEU I 157 -42.31 34.27 -8.99
C LEU I 157 -42.46 32.90 -8.34
N GLY I 158 -41.56 32.61 -7.39
CA GLY I 158 -41.59 31.36 -6.65
C GLY I 158 -42.91 31.11 -5.97
N ASP I 159 -43.53 32.17 -5.46
CA ASP I 159 -44.83 32.09 -4.81
C ASP I 159 -45.93 31.59 -5.75
N HIS I 160 -46.04 32.20 -6.93
CA HIS I 160 -47.13 31.82 -7.85
C HIS I 160 -46.86 30.54 -8.64
N TYR I 161 -45.61 30.05 -8.62
CA TYR I 161 -45.34 28.71 -9.12
C TYR I 161 -45.61 27.65 -8.05
N LEU I 162 -45.43 28.00 -6.79
CA LEU I 162 -45.90 27.17 -5.67
C LEU I 162 -47.42 27.06 -5.71
N ASP I 163 -48.08 28.21 -5.86
CA ASP I 163 -49.54 28.29 -5.95
C ASP I 163 -50.12 27.24 -6.89
N CYS I 164 -49.56 27.14 -8.09
CA CYS I 164 -50.06 26.23 -9.12
C CYS I 164 -49.63 24.77 -8.94
N GLY I 165 -49.01 24.44 -7.81
CA GLY I 165 -48.58 23.07 -7.52
C GLY I 165 -47.24 22.66 -8.11
N ASP I 166 -46.62 23.56 -8.88
CA ASP I 166 -45.34 23.28 -9.51
C ASP I 166 -44.21 23.49 -8.51
N LEU I 167 -43.49 22.42 -8.20
CA LEU I 167 -42.48 22.45 -7.14
C LEU I 167 -41.10 22.74 -7.71
N SER I 168 -40.71 21.97 -8.72
CA SER I 168 -39.38 22.08 -9.35
C SER I 168 -39.09 23.49 -9.85
N ASN I 169 -40.12 24.17 -10.36
CA ASN I 169 -40.00 25.56 -10.77
C ASN I 169 -39.95 26.48 -9.56
N ALA I 170 -40.92 26.33 -8.67
CA ALA I 170 -40.98 27.11 -7.43
C ALA I 170 -39.64 27.06 -6.68
N LEU I 171 -39.03 25.89 -6.67
CA LEU I 171 -37.70 25.66 -6.10
C LEU I 171 -36.67 26.70 -6.54
N LYS I 172 -36.53 26.85 -7.85
CA LYS I 172 -35.44 27.62 -8.44
C LYS I 172 -35.55 29.12 -8.16
N CYS I 173 -36.77 29.65 -8.13
CA CYS I 173 -37.00 31.09 -7.95
C CYS I 173 -36.28 31.68 -6.75
N TYR I 174 -36.29 30.95 -5.64
CA TYR I 174 -35.61 31.40 -4.42
C TYR I 174 -34.10 31.22 -4.53
N SER I 175 -33.66 30.21 -5.28
CA SER I 175 -32.22 29.93 -5.44
C SER I 175 -31.46 31.10 -6.07
N ARG I 176 -32.01 31.67 -7.14
CA ARG I 176 -31.40 32.83 -7.80
C ARG I 176 -31.52 34.11 -6.96
N ALA I 177 -32.51 34.16 -6.07
CA ALA I 177 -32.67 35.28 -5.13
C ALA I 177 -31.53 35.40 -4.11
N ARG I 178 -30.65 34.40 -4.05
CA ARG I 178 -29.43 34.47 -3.23
C ARG I 178 -28.43 35.49 -3.76
N ASP I 179 -28.34 35.60 -5.09
CA ASP I 179 -27.41 36.52 -5.73
C ASP I 179 -27.76 37.99 -5.46
N TYR I 180 -29.04 38.32 -5.57
CA TYR I 180 -29.51 39.70 -5.37
C TYR I 180 -29.77 39.98 -3.89
N CYS I 181 -28.68 40.05 -3.12
CA CYS I 181 -28.74 40.28 -1.67
C CYS I 181 -27.55 41.12 -1.21
N THR I 182 -27.62 41.57 0.04
CA THR I 182 -26.55 42.34 0.66
C THR I 182 -26.37 41.94 2.12
N SER I 183 -27.43 42.15 2.91
CA SER I 183 -27.41 41.88 4.35
C SER I 183 -27.46 40.38 4.67
N ALA I 184 -27.28 40.07 5.96
CA ALA I 184 -27.43 38.71 6.47
C ALA I 184 -28.90 38.30 6.51
N LYS I 185 -29.77 39.24 6.87
CA LYS I 185 -31.22 39.00 6.93
C LYS I 185 -31.82 38.64 5.56
N HIS I 186 -31.26 39.18 4.47
CA HIS I 186 -31.72 38.85 3.12
C HIS I 186 -31.28 37.45 2.69
N VAL I 187 -30.07 37.05 3.09
CA VAL I 187 -29.56 35.70 2.82
C VAL I 187 -30.26 34.66 3.70
N ILE I 188 -30.85 35.10 4.81
CA ILE I 188 -31.67 34.23 5.68
C ILE I 188 -33.13 34.17 5.20
N ASN I 189 -33.73 35.35 5.00
CA ASN I 189 -35.15 35.44 4.57
C ASN I 189 -35.45 34.71 3.27
N MET I 190 -34.41 34.42 2.49
CA MET I 190 -34.51 33.52 1.35
C MET I 190 -34.22 32.07 1.76
N CYS I 191 -33.13 31.86 2.53
CA CYS I 191 -32.76 30.51 3.01
C CYS I 191 -33.87 29.82 3.80
N LEU I 192 -34.75 30.60 4.43
CA LEU I 192 -35.94 30.08 5.07
C LEU I 192 -36.91 29.51 4.03
N ASN I 193 -37.11 30.24 2.94
CA ASN I 193 -37.97 29.79 1.84
C ASN I 193 -37.39 28.59 1.12
N VAL I 194 -36.07 28.57 0.95
CA VAL I 194 -35.34 27.45 0.33
C VAL I 194 -35.75 26.14 0.98
N ILE I 195 -35.85 26.15 2.31
CA ILE I 195 -36.20 24.98 3.08
C ILE I 195 -37.68 24.65 2.90
N LYS I 196 -38.54 25.67 3.05
CA LYS I 196 -39.99 25.49 2.92
C LYS I 196 -40.37 24.56 1.79
N VAL I 197 -39.74 24.74 0.63
CA VAL I 197 -40.05 23.96 -0.56
C VAL I 197 -39.38 22.58 -0.52
N SER I 198 -38.15 22.51 -0.04
CA SER I 198 -37.43 21.23 0.09
C SER I 198 -38.06 20.28 1.12
N VAL I 199 -39.09 20.74 1.83
CA VAL I 199 -39.91 19.89 2.70
C VAL I 199 -41.07 19.24 1.92
N TYR I 200 -41.72 20.01 1.06
CA TYR I 200 -42.78 19.50 0.20
C TYR I 200 -42.22 18.56 -0.87
N LEU I 201 -40.99 18.84 -1.32
CA LEU I 201 -40.25 17.98 -2.26
C LEU I 201 -39.81 16.66 -1.63
N GLN I 202 -39.54 16.68 -0.33
CA GLN I 202 -39.03 15.53 0.42
C GLN I 202 -37.60 15.18 0.03
N ASN I 203 -36.77 16.22 -0.07
CA ASN I 203 -35.33 16.09 -0.08
C ASN I 203 -34.83 16.74 1.21
N TRP I 204 -34.91 15.96 2.29
CA TRP I 204 -34.63 16.46 3.64
C TRP I 204 -33.13 16.68 3.82
N SER I 205 -32.31 16.01 3.02
CA SER I 205 -30.86 16.21 3.02
C SER I 205 -30.48 17.67 2.74
N HIS I 206 -31.22 18.32 1.84
CA HIS I 206 -30.98 19.72 1.50
C HIS I 206 -31.79 20.68 2.40
N VAL I 207 -32.82 20.17 3.05
CA VAL I 207 -33.48 20.90 4.14
C VAL I 207 -32.45 21.22 5.22
N LEU I 208 -31.66 20.23 5.59
CA LEU I 208 -30.65 20.37 6.64
C LEU I 208 -29.39 21.12 6.17
N SER I 209 -29.04 20.97 4.89
CA SER I 209 -27.87 21.66 4.33
C SER I 209 -28.02 23.18 4.41
N TYR I 210 -29.25 23.68 4.26
CA TYR I 210 -29.54 25.12 4.29
C TYR I 210 -30.02 25.63 5.66
N VAL I 211 -30.39 24.72 6.57
CA VAL I 211 -30.57 25.08 7.97
C VAL I 211 -29.19 25.28 8.61
N SER I 212 -28.25 24.38 8.30
CA SER I 212 -26.87 24.47 8.80
C SER I 212 -26.17 25.75 8.33
N LYS I 213 -26.51 26.19 7.11
CA LYS I 213 -26.04 27.46 6.59
C LYS I 213 -26.74 28.63 7.29
N ALA I 214 -28.07 28.59 7.28
CA ALA I 214 -28.90 29.67 7.85
C ALA I 214 -28.69 29.88 9.36
N GLU I 215 -28.38 28.80 10.09
CA GLU I 215 -28.11 28.89 11.53
C GLU I 215 -26.87 29.74 11.80
N SER I 216 -25.72 29.32 11.24
CA SER I 216 -24.46 30.04 11.41
C SER I 216 -24.24 31.05 10.27
N THR I 217 -25.25 31.88 10.01
CA THR I 217 -25.17 32.91 8.97
C THR I 217 -24.78 34.28 9.55
N PRO I 218 -25.64 34.88 10.41
CA PRO I 218 -25.29 36.21 10.91
C PRO I 218 -24.41 36.15 12.16
N GLU I 219 -23.20 35.59 12.02
CA GLU I 219 -22.27 35.40 13.13
C GLU I 219 -22.88 34.64 14.32
N ILE I 220 -23.43 33.47 14.04
CA ILE I 220 -24.06 32.60 15.06
C ILE I 220 -25.33 33.25 15.68
N ALA I 221 -26.30 33.53 14.81
CA ALA I 221 -27.63 34.06 15.19
C ALA I 221 -27.58 35.43 15.89
N GLU I 222 -26.78 36.35 15.34
CA GLU I 222 -26.58 37.72 15.89
C GLU I 222 -26.01 37.74 17.33
N GLN I 223 -25.27 36.68 17.68
CA GLN I 223 -24.57 36.54 18.97
C GLN I 223 -25.46 36.25 20.19
N ARG I 224 -26.16 37.25 20.71
CA ARG I 224 -26.95 37.11 21.95
C ARG I 224 -28.44 36.78 21.72
N GLY I 225 -28.94 37.06 20.52
CA GLY I 225 -30.36 36.86 20.20
C GLY I 225 -31.15 38.16 20.27
N GLU I 226 -30.60 39.22 19.68
CA GLU I 226 -31.23 40.54 19.62
C GLU I 226 -31.53 41.19 20.98
N ARG I 227 -30.62 41.02 21.93
CA ARG I 227 -30.68 41.68 23.25
C ARG I 227 -31.97 41.37 24.05
N ASP I 228 -31.94 40.27 24.79
CA ASP I 228 -33.01 39.90 25.74
C ASP I 228 -34.41 39.80 25.12
N SER I 229 -34.76 38.60 24.63
CA SER I 229 -36.09 38.29 24.07
C SER I 229 -36.35 39.03 22.73
N GLN I 230 -36.44 38.25 21.66
CA GLN I 230 -36.58 38.79 20.30
C GLN I 230 -38.03 38.73 19.81
N THR I 231 -38.52 39.82 19.25
CA THR I 231 -39.84 39.87 18.61
C THR I 231 -39.87 38.92 17.41
N GLN I 232 -38.76 38.89 16.67
CA GLN I 232 -38.59 37.99 15.54
C GLN I 232 -38.25 36.58 16.04
N ALA I 233 -39.25 35.71 16.10
CA ALA I 233 -39.06 34.32 16.50
C ALA I 233 -38.57 33.53 15.29
N ILE I 234 -37.25 33.42 15.14
CA ILE I 234 -36.64 32.88 13.92
C ILE I 234 -36.08 31.46 14.10
N LEU I 235 -35.24 31.26 15.10
CA LEU I 235 -34.65 29.93 15.38
C LEU I 235 -35.69 28.91 15.85
N THR I 236 -36.80 29.41 16.39
CA THR I 236 -37.97 28.58 16.71
C THR I 236 -38.52 27.89 15.46
N LYS I 237 -38.35 28.53 14.31
CA LYS I 237 -38.70 27.94 13.01
C LYS I 237 -37.57 27.03 12.55
N LEU I 238 -36.32 27.53 12.61
CA LEU I 238 -35.14 26.80 12.13
C LEU I 238 -34.93 25.45 12.82
N LYS I 239 -35.42 25.33 14.05
CA LYS I 239 -35.37 24.07 14.78
C LYS I 239 -36.64 23.21 14.60
N CYS I 240 -37.73 23.83 14.16
CA CYS I 240 -38.93 23.10 13.72
C CYS I 240 -38.62 22.19 12.52
N ALA I 241 -37.78 22.70 11.61
CA ALA I 241 -37.39 21.96 10.39
C ALA I 241 -36.21 21.03 10.64
N ALA I 242 -35.16 21.55 11.29
CA ALA I 242 -33.98 20.76 11.66
C ALA I 242 -34.37 19.48 12.38
N GLY I 243 -35.46 19.54 13.14
CA GLY I 243 -36.01 18.37 13.81
C GLY I 243 -36.84 17.50 12.88
N LEU I 244 -37.86 18.10 12.26
CA LEU I 244 -38.76 17.35 11.38
C LEU I 244 -38.02 16.67 10.23
N ALA I 245 -36.92 17.26 9.78
CA ALA I 245 -36.06 16.65 8.79
C ALA I 245 -35.35 15.40 9.35
N GLU I 246 -34.98 15.47 10.62
CA GLU I 246 -34.39 14.31 11.29
C GLU I 246 -35.45 13.27 11.68
N LEU I 247 -36.68 13.71 11.94
CA LEU I 247 -37.80 12.80 12.25
C LEU I 247 -37.95 11.73 11.17
N ALA I 248 -38.04 12.17 9.92
CA ALA I 248 -38.10 11.27 8.78
C ALA I 248 -36.83 10.44 8.64
N ALA I 249 -35.69 11.05 9.00
CA ALA I 249 -34.38 10.41 8.92
C ALA I 249 -34.03 9.50 10.12
N ARG I 250 -35.05 9.06 10.86
CA ARG I 250 -34.89 8.06 11.94
C ARG I 250 -34.12 8.48 13.20
N LYS I 251 -33.40 9.60 13.15
CA LYS I 251 -32.67 10.11 14.32
C LYS I 251 -33.64 10.77 15.29
N TYR I 252 -34.38 9.94 16.03
CA TYR I 252 -35.43 10.43 16.92
C TYR I 252 -34.83 11.18 18.11
N LYS I 253 -33.61 10.81 18.49
CA LYS I 253 -32.90 11.50 19.56
C LYS I 253 -32.38 12.87 19.10
N GLN I 254 -31.79 12.91 17.91
CA GLN I 254 -31.37 14.18 17.31
C GLN I 254 -32.58 15.05 17.00
N ALA I 255 -33.69 14.41 16.65
CA ALA I 255 -34.96 15.11 16.40
C ALA I 255 -35.52 15.74 17.67
N ALA I 256 -35.46 15.00 18.77
CA ALA I 256 -35.92 15.50 20.06
C ALA I 256 -35.11 16.72 20.51
N LYS I 257 -33.80 16.71 20.26
CA LYS I 257 -32.93 17.85 20.61
C LYS I 257 -33.36 19.13 19.90
N CYS I 258 -33.78 19.01 18.65
CA CYS I 258 -34.25 20.17 17.89
C CYS I 258 -35.71 20.54 18.20
N LEU I 259 -36.54 19.54 18.53
CA LEU I 259 -37.95 19.79 18.85
C LEU I 259 -38.21 20.21 20.31
N LEU I 260 -37.28 19.87 21.21
CA LEU I 260 -37.37 20.31 22.63
C LEU I 260 -36.99 21.78 22.82
N LEU I 261 -36.09 22.27 21.97
CA LEU I 261 -35.67 23.68 21.99
C LEU I 261 -36.71 24.62 21.38
N ALA I 262 -37.71 24.05 20.70
CA ALA I 262 -38.80 24.83 20.10
C ALA I 262 -39.56 25.63 21.16
N SER I 263 -39.27 26.93 21.23
CA SER I 263 -39.93 27.83 22.16
C SER I 263 -41.33 28.19 21.66
N PHE I 264 -42.15 28.76 22.54
CA PHE I 264 -43.55 29.07 22.23
C PHE I 264 -43.72 30.51 21.71
N ASP I 265 -42.71 31.00 20.98
CA ASP I 265 -42.78 32.31 20.29
C ASP I 265 -43.44 32.18 18.92
N HIS I 266 -43.08 31.11 18.20
CA HIS I 266 -43.55 30.90 16.82
C HIS I 266 -44.96 30.30 16.77
N CYS I 267 -45.29 29.44 17.75
CA CYS I 267 -46.61 28.80 17.85
C CYS I 267 -47.15 28.29 16.50
N ASP I 268 -48.10 29.02 15.89
CA ASP I 268 -48.74 28.58 14.63
C ASP I 268 -47.91 29.00 13.39
N PHE I 269 -47.11 28.05 12.89
CA PHE I 269 -46.37 28.22 11.65
C PHE I 269 -46.91 27.17 10.67
N PRO I 270 -48.09 27.46 10.06
CA PRO I 270 -48.89 26.47 9.28
C PRO I 270 -48.20 25.78 8.08
N GLU I 271 -47.14 26.37 7.51
CA GLU I 271 -46.50 25.81 6.32
C GLU I 271 -45.47 24.70 6.59
N LEU I 272 -45.28 24.33 7.87
CA LEU I 272 -44.51 23.16 8.25
C LEU I 272 -45.25 22.28 9.27
N LEU I 273 -45.22 22.68 10.54
CA LEU I 273 -45.79 21.86 11.62
C LEU I 273 -46.33 22.70 12.77
N SER I 274 -47.55 22.35 13.19
CA SER I 274 -48.26 23.08 14.25
C SER I 274 -47.56 22.90 15.60
N PRO I 275 -47.87 23.78 16.57
CA PRO I 275 -47.31 23.64 17.91
C PRO I 275 -47.97 22.51 18.71
N SER I 276 -49.24 22.22 18.40
CA SER I 276 -49.94 21.09 19.01
C SER I 276 -49.30 19.75 18.62
N ASN I 277 -48.59 19.72 17.49
CA ASN I 277 -47.82 18.55 17.07
C ASN I 277 -46.37 18.55 17.58
N VAL I 278 -45.73 19.72 17.60
CA VAL I 278 -44.36 19.85 18.15
C VAL I 278 -44.26 19.20 19.54
N ALA I 279 -45.35 19.27 20.31
CA ALA I 279 -45.44 18.59 21.61
C ALA I 279 -45.56 17.07 21.46
N ILE I 280 -46.44 16.64 20.55
CA ILE I 280 -46.66 15.22 20.29
C ILE I 280 -45.39 14.56 19.72
N TYR I 281 -44.73 15.28 18.82
CA TYR I 281 -43.59 14.75 18.06
C TYR I 281 -42.34 14.68 18.93
N GLY I 282 -41.89 15.84 19.42
CA GLY I 282 -40.68 15.93 20.23
C GLY I 282 -40.76 15.23 21.57
N GLY I 283 -41.98 15.11 22.11
CA GLY I 283 -42.21 14.42 23.37
C GLY I 283 -42.02 12.92 23.24
N LEU I 284 -42.78 12.30 22.33
CA LEU I 284 -42.66 10.86 22.08
C LEU I 284 -41.28 10.48 21.55
N CYS I 285 -40.63 11.40 20.83
CA CYS I 285 -39.26 11.18 20.34
C CYS I 285 -38.25 11.03 21.48
N ALA I 286 -38.17 12.06 22.33
CA ALA I 286 -37.27 12.03 23.48
C ALA I 286 -37.57 10.80 24.33
N LEU I 287 -38.82 10.70 24.76
CA LEU I 287 -39.31 9.59 25.58
C LEU I 287 -38.65 8.24 25.26
N ALA I 288 -38.61 7.91 23.97
CA ALA I 288 -38.08 6.62 23.53
C ALA I 288 -36.56 6.54 23.68
N THR I 289 -35.85 7.54 23.16
CA THR I 289 -34.39 7.50 23.05
C THR I 289 -33.64 8.17 24.21
N PHE I 290 -34.37 8.85 25.09
CA PHE I 290 -33.76 9.49 26.25
C PHE I 290 -33.78 8.55 27.45
N ASP I 291 -32.71 8.58 28.24
CA ASP I 291 -32.66 7.86 29.52
C ASP I 291 -33.55 8.55 30.54
N ARG I 292 -33.67 7.97 31.73
CA ARG I 292 -34.47 8.57 32.79
C ARG I 292 -33.88 9.91 33.26
N GLN I 293 -32.55 10.00 33.24
CA GLN I 293 -31.83 11.18 33.74
C GLN I 293 -32.14 12.44 32.92
N GLU I 294 -31.89 12.35 31.61
CA GLU I 294 -32.10 13.49 30.72
C GLU I 294 -33.57 13.86 30.60
N LEU I 295 -34.46 12.89 30.78
CA LEU I 295 -35.91 13.15 30.78
C LEU I 295 -36.30 14.26 31.77
N GLN I 296 -36.16 13.99 33.07
CA GLN I 296 -36.54 14.97 34.09
C GLN I 296 -35.92 16.34 33.82
N ARG I 297 -34.68 16.33 33.35
CA ARG I 297 -33.91 17.55 33.15
C ARG I 297 -34.32 18.29 31.88
N ASN I 298 -34.23 17.60 30.75
CA ASN I 298 -34.46 18.21 29.44
C ASN I 298 -35.88 18.07 28.90
N VAL I 299 -36.79 17.49 29.69
CA VAL I 299 -38.17 17.26 29.26
C VAL I 299 -39.19 17.71 30.31
N ILE I 300 -39.21 17.06 31.47
CA ILE I 300 -40.31 17.19 32.42
C ILE I 300 -40.28 18.51 33.21
N SER I 301 -39.11 18.87 33.75
CA SER I 301 -38.98 20.08 34.57
C SER I 301 -38.34 21.28 33.85
N SER I 302 -38.32 21.23 32.52
CA SER I 302 -37.80 22.34 31.70
C SER I 302 -38.96 23.21 31.22
N SER I 303 -38.92 24.49 31.58
CA SER I 303 -39.98 25.44 31.23
C SER I 303 -40.13 25.62 29.72
N SER I 304 -39.00 25.68 29.01
CA SER I 304 -38.99 25.88 27.55
C SER I 304 -40.04 25.03 26.85
N PHE I 305 -39.99 23.73 27.10
CA PHE I 305 -40.90 22.79 26.48
C PHE I 305 -42.17 22.57 27.30
N LYS I 306 -42.13 22.92 28.59
CA LYS I 306 -43.28 22.75 29.49
C LYS I 306 -44.58 23.31 28.90
N LEU I 307 -44.51 24.49 28.29
CA LEU I 307 -45.70 25.12 27.69
C LEU I 307 -46.34 24.27 26.59
N PHE I 308 -45.51 23.57 25.82
CA PHE I 308 -46.01 22.70 24.75
C PHE I 308 -46.68 21.45 25.32
N LEU I 309 -46.19 20.96 26.45
CA LEU I 309 -46.80 19.82 27.13
C LEU I 309 -48.19 20.15 27.63
N GLU I 310 -48.35 21.35 28.19
CA GLU I 310 -49.66 21.82 28.64
C GLU I 310 -50.70 21.64 27.54
N LEU I 311 -50.31 21.96 26.30
CA LEU I 311 -51.21 21.89 25.16
C LEU I 311 -51.75 20.48 24.97
N GLU I 312 -50.87 19.50 25.09
CA GLU I 312 -51.23 18.09 24.91
C GLU I 312 -51.30 17.36 26.25
N PRO I 313 -52.51 17.20 26.80
CA PRO I 313 -52.64 16.57 28.12
C PRO I 313 -52.37 15.07 28.13
N GLN I 314 -52.68 14.38 27.04
CA GLN I 314 -52.43 12.94 26.96
C GLN I 314 -50.95 12.63 26.85
N VAL I 315 -50.26 13.38 25.98
CA VAL I 315 -48.81 13.23 25.79
C VAL I 315 -48.07 13.52 27.09
N ARG I 316 -48.55 14.50 27.84
CA ARG I 316 -47.99 14.87 29.13
C ARG I 316 -48.10 13.72 30.14
N ASP I 317 -49.25 13.05 30.17
CA ASP I 317 -49.51 11.97 31.13
C ASP I 317 -48.64 10.72 30.92
N ILE I 318 -48.33 10.39 29.68
CA ILE I 318 -47.51 9.23 29.36
C ILE I 318 -46.03 9.47 29.69
N ILE I 319 -45.57 10.70 29.47
CA ILE I 319 -44.21 11.09 29.85
C ILE I 319 -44.06 11.07 31.37
N PHE I 320 -45.12 11.45 32.07
CA PHE I 320 -45.15 11.47 33.53
C PHE I 320 -45.26 10.07 34.12
N LYS I 321 -46.24 9.29 33.67
CA LYS I 321 -46.47 7.94 34.18
C LYS I 321 -45.31 6.97 33.89
N PHE I 322 -44.48 7.30 32.90
CA PHE I 322 -43.21 6.61 32.68
C PHE I 322 -42.24 6.91 33.82
N TYR I 323 -42.01 8.20 34.07
CA TYR I 323 -41.08 8.66 35.11
C TYR I 323 -41.57 8.29 36.51
N GLU I 324 -42.88 8.43 36.73
CA GLU I 324 -43.51 7.98 37.98
C GLU I 324 -43.57 6.45 38.06
N SER I 325 -43.26 5.77 36.96
CA SER I 325 -43.15 4.31 36.89
C SER I 325 -44.47 3.61 37.19
N LYS I 326 -45.56 4.22 36.72
CA LYS I 326 -46.89 3.62 36.78
C LYS I 326 -47.22 3.14 35.37
N TYR I 327 -46.64 2.00 35.02
CA TYR I 327 -46.62 1.53 33.64
C TYR I 327 -47.94 0.95 33.16
N ALA I 328 -48.70 0.37 34.09
CA ALA I 328 -50.04 -0.16 33.77
C ALA I 328 -50.88 0.85 32.98
N SER I 329 -50.85 2.10 33.43
CA SER I 329 -51.55 3.18 32.74
C SER I 329 -50.76 3.70 31.55
N CYS I 330 -49.47 3.95 31.75
CA CYS I 330 -48.59 4.53 30.73
C CYS I 330 -48.83 3.97 29.33
N LEU I 331 -48.88 2.65 29.22
CA LEU I 331 -49.11 1.99 27.94
C LEU I 331 -50.58 1.95 27.57
N LYS I 332 -51.44 1.80 28.58
CA LYS I 332 -52.89 1.84 28.37
C LYS I 332 -53.27 3.10 27.58
N MET I 333 -52.75 4.24 28.02
CA MET I 333 -52.92 5.52 27.34
C MET I 333 -52.39 5.47 25.91
N LEU I 334 -51.12 5.10 25.79
CA LEU I 334 -50.39 5.16 24.52
C LEU I 334 -51.04 4.30 23.43
N ASP I 335 -51.50 3.11 23.81
CA ASP I 335 -52.18 2.19 22.87
C ASP I 335 -53.36 2.84 22.18
N GLU I 336 -54.21 3.49 22.97
CA GLU I 336 -55.43 4.10 22.44
C GLU I 336 -55.16 5.40 21.68
N MET I 337 -53.98 5.99 21.90
CA MET I 337 -53.53 7.13 21.09
C MET I 337 -52.98 6.70 19.73
N LYS I 338 -52.44 5.48 19.67
CA LYS I 338 -51.86 4.93 18.42
C LYS I 338 -52.80 5.03 17.22
N ASP I 339 -54.10 4.88 17.48
CA ASP I 339 -55.11 4.95 16.42
C ASP I 339 -55.11 6.31 15.71
N ASN I 340 -55.04 7.38 16.49
CA ASN I 340 -55.03 8.74 15.96
C ASN I 340 -53.67 9.15 15.41
N LEU I 341 -52.61 8.80 16.13
CA LEU I 341 -51.23 9.19 15.75
C LEU I 341 -50.76 8.56 14.43
N LEU I 342 -51.33 7.42 14.07
CA LEU I 342 -51.03 6.79 12.80
C LEU I 342 -51.63 7.57 11.63
N LEU I 343 -52.84 8.09 11.82
CA LEU I 343 -53.52 8.83 10.75
C LEU I 343 -52.82 10.16 10.44
N ASP I 344 -52.09 10.69 11.43
CA ASP I 344 -51.23 11.86 11.25
C ASP I 344 -50.26 11.61 10.10
N MET I 345 -49.91 12.66 9.37
CA MET I 345 -49.06 12.54 8.20
C MET I 345 -47.63 12.15 8.57
N TYR I 346 -46.99 12.95 9.42
CA TYR I 346 -45.56 12.79 9.73
C TYR I 346 -45.24 11.85 10.91
N LEU I 347 -46.26 11.40 11.63
CA LEU I 347 -46.04 10.50 12.78
C LEU I 347 -46.48 9.05 12.50
N ALA I 348 -46.87 8.77 11.26
CA ALA I 348 -47.14 7.41 10.82
C ALA I 348 -45.88 6.55 10.65
N PRO I 349 -44.82 7.08 10.00
CA PRO I 349 -43.68 6.24 9.61
C PRO I 349 -42.67 5.94 10.72
N HIS I 350 -42.98 6.31 11.95
CA HIS I 350 -42.14 6.00 13.11
C HIS I 350 -42.98 5.45 14.26
N VAL I 351 -44.13 4.86 13.93
CA VAL I 351 -45.11 4.43 14.92
C VAL I 351 -44.71 3.10 15.59
N ARG I 352 -43.75 2.39 15.01
CA ARG I 352 -43.26 1.13 15.60
C ARG I 352 -41.98 1.37 16.40
N THR I 353 -40.96 1.92 15.74
CA THR I 353 -39.65 2.13 16.36
C THR I 353 -39.75 2.97 17.62
N LEU I 354 -40.70 3.91 17.64
CA LEU I 354 -40.94 4.70 18.85
C LEU I 354 -41.70 3.87 19.89
N TYR I 355 -42.92 3.47 19.55
CA TYR I 355 -43.81 2.76 20.47
C TYR I 355 -43.17 1.53 21.09
N THR I 356 -42.42 0.78 20.29
CA THR I 356 -41.75 -0.43 20.77
C THR I 356 -40.53 -0.07 21.63
N GLN I 357 -39.76 0.96 21.21
CA GLN I 357 -38.56 1.37 21.94
C GLN I 357 -38.87 1.94 23.32
N ILE I 358 -40.06 2.53 23.46
CA ILE I 358 -40.54 3.00 24.77
C ILE I 358 -40.88 1.80 25.65
N ARG I 359 -41.65 0.86 25.10
CA ARG I 359 -41.99 -0.38 25.81
C ARG I 359 -40.71 -1.05 26.33
N ASN I 360 -39.72 -1.18 25.45
CA ASN I 360 -38.42 -1.74 25.82
C ASN I 360 -37.76 -0.96 26.95
N ARG I 361 -37.69 0.36 26.79
CA ARG I 361 -37.11 1.23 27.81
C ARG I 361 -37.73 0.97 29.18
N ALA I 362 -39.06 0.98 29.22
CA ALA I 362 -39.81 0.76 30.47
C ALA I 362 -39.55 -0.63 31.04
N LEU I 363 -39.54 -1.64 30.18
CA LEU I 363 -39.27 -3.01 30.59
C LEU I 363 -37.89 -3.13 31.28
N ILE I 364 -36.91 -2.36 30.81
CA ILE I 364 -35.60 -2.31 31.45
C ILE I 364 -35.72 -1.59 32.80
N GLN I 365 -36.35 -0.42 32.77
CA GLN I 365 -36.44 0.45 33.94
C GLN I 365 -37.25 -0.14 35.08
N TYR I 366 -38.24 -0.98 34.76
CA TYR I 366 -39.03 -1.66 35.78
C TYR I 366 -38.21 -2.69 36.54
N PHE I 367 -37.34 -3.41 35.83
CA PHE I 367 -36.63 -4.56 36.39
C PHE I 367 -35.33 -4.19 37.09
N SER I 368 -34.45 -3.47 36.39
CA SER I 368 -33.12 -3.12 36.90
C SER I 368 -33.04 -2.85 38.40
N PRO I 369 -33.96 -2.03 38.94
CA PRO I 369 -33.99 -1.80 40.38
C PRO I 369 -34.16 -3.07 41.21
N TYR I 370 -35.03 -3.97 40.75
CA TYR I 370 -35.24 -5.23 41.43
C TYR I 370 -34.06 -6.18 41.19
N VAL I 371 -33.74 -6.98 42.21
CA VAL I 371 -32.84 -8.12 42.04
C VAL I 371 -33.64 -9.38 41.69
N SER I 372 -34.87 -9.46 42.20
CA SER I 372 -35.80 -10.54 41.85
C SER I 372 -37.20 -9.99 41.72
N ALA I 373 -37.80 -10.16 40.54
CA ALA I 373 -39.12 -9.59 40.23
C ALA I 373 -40.13 -10.67 39.87
N ASP I 374 -41.35 -10.53 40.38
CA ASP I 374 -42.44 -11.43 40.04
C ASP I 374 -42.96 -11.08 38.65
N MET I 375 -43.09 -12.11 37.80
CA MET I 375 -43.50 -11.91 36.42
C MET I 375 -44.99 -11.60 36.29
N HIS I 376 -45.80 -12.17 37.19
CA HIS I 376 -47.25 -11.96 37.15
C HIS I 376 -47.60 -10.50 37.39
N ARG I 377 -46.89 -9.87 38.31
CA ARG I 377 -47.06 -8.44 38.58
C ARG I 377 -46.62 -7.63 37.37
N MET I 378 -45.47 -8.01 36.82
CA MET I 378 -44.93 -7.34 35.64
C MET I 378 -45.82 -7.55 34.41
N ALA I 379 -46.56 -8.66 34.39
CA ALA I 379 -47.44 -8.98 33.27
C ALA I 379 -48.55 -7.94 33.07
N ALA I 380 -49.45 -7.82 34.05
CA ALA I 380 -50.54 -6.85 33.99
C ALA I 380 -50.02 -5.42 33.94
N ALA I 381 -48.83 -5.20 34.51
CA ALA I 381 -48.16 -3.90 34.45
C ALA I 381 -47.78 -3.50 33.02
N PHE I 382 -47.53 -4.48 32.16
CA PHE I 382 -47.24 -4.22 30.75
C PHE I 382 -48.33 -4.77 29.82
N ASN I 383 -49.59 -4.62 30.25
CA ASN I 383 -50.77 -4.98 29.44
C ASN I 383 -50.57 -6.19 28.55
N THR I 384 -50.37 -7.34 29.16
CA THR I 384 -50.10 -8.58 28.44
C THR I 384 -50.29 -9.80 29.35
N THR I 385 -49.88 -10.97 28.89
CA THR I 385 -49.98 -12.21 29.65
C THR I 385 -48.62 -12.68 30.15
N VAL I 386 -48.66 -13.66 31.05
CA VAL I 386 -47.45 -14.20 31.65
C VAL I 386 -46.61 -14.88 30.57
N ALA I 387 -47.25 -15.78 29.83
CA ALA I 387 -46.59 -16.49 28.74
C ALA I 387 -46.00 -15.50 27.73
N ALA I 388 -46.76 -14.48 27.39
CA ALA I 388 -46.29 -13.46 26.47
C ALA I 388 -45.04 -12.80 27.03
N LEU I 389 -45.14 -12.31 28.26
CA LEU I 389 -44.00 -11.68 28.92
C LEU I 389 -42.76 -12.56 28.86
N GLU I 390 -42.95 -13.87 29.06
CA GLU I 390 -41.84 -14.82 29.03
C GLU I 390 -41.03 -14.67 27.75
N ASP I 391 -41.69 -14.80 26.61
CA ASP I 391 -41.02 -14.65 25.31
C ASP I 391 -40.55 -13.21 25.11
N GLU I 392 -41.36 -12.24 25.50
CA GLU I 392 -40.99 -10.83 25.37
C GLU I 392 -39.60 -10.62 25.92
N LEU I 393 -39.41 -10.99 27.19
CA LEU I 393 -38.12 -10.83 27.84
C LEU I 393 -37.04 -11.66 27.16
N THR I 394 -37.37 -12.91 26.83
CA THR I 394 -36.41 -13.84 26.22
C THR I 394 -35.55 -13.16 25.16
N GLN I 395 -36.21 -12.58 24.15
CA GLN I 395 -35.52 -11.86 23.08
C GLN I 395 -34.60 -10.81 23.66
N LEU I 396 -35.13 -10.06 24.63
CA LEU I 396 -34.42 -8.91 25.19
C LEU I 396 -33.23 -9.34 26.03
N ILE I 397 -33.29 -10.55 26.58
CA ILE I 397 -32.15 -11.11 27.28
C ILE I 397 -31.01 -11.31 26.30
N LEU I 398 -31.30 -12.05 25.23
CA LEU I 398 -30.30 -12.36 24.21
C LEU I 398 -29.69 -11.07 23.68
N GLU I 399 -30.53 -10.23 23.09
CA GLU I 399 -30.09 -9.02 22.43
C GLU I 399 -29.78 -7.92 23.44
N GLY I 400 -30.81 -7.49 24.14
CA GLY I 400 -30.74 -6.29 24.96
C GLY I 400 -29.92 -6.40 26.23
N LEU I 401 -30.04 -5.38 27.06
CA LEU I 401 -29.24 -5.25 28.26
C LEU I 401 -29.96 -5.82 29.50
N ILE I 402 -30.97 -6.66 29.29
CA ILE I 402 -31.65 -7.31 30.40
C ILE I 402 -30.78 -8.50 30.86
N SER I 403 -29.80 -8.19 31.71
CA SER I 403 -28.90 -9.22 32.25
C SER I 403 -29.62 -10.00 33.36
N ALA I 404 -30.47 -10.94 32.93
CA ALA I 404 -31.35 -11.68 33.85
C ALA I 404 -31.84 -12.96 33.20
N ARG I 405 -31.96 -14.01 33.99
CA ARG I 405 -32.44 -15.30 33.49
C ARG I 405 -33.92 -15.49 33.82
N VAL I 406 -34.50 -16.55 33.28
CA VAL I 406 -35.93 -16.83 33.46
C VAL I 406 -36.16 -18.17 34.17
N ASP I 407 -36.94 -18.12 35.24
CA ASP I 407 -37.38 -19.32 35.96
C ASP I 407 -38.84 -19.56 35.57
N SER I 408 -39.05 -20.34 34.51
CA SER I 408 -40.40 -20.57 33.99
C SER I 408 -41.21 -21.59 34.80
N HIS I 409 -40.58 -22.24 35.79
CA HIS I 409 -41.28 -23.16 36.68
C HIS I 409 -42.26 -22.40 37.57
N SER I 410 -41.73 -21.47 38.36
CA SER I 410 -42.55 -20.63 39.24
C SER I 410 -42.84 -19.25 38.62
N LYS I 411 -42.35 -19.02 37.40
CA LYS I 411 -42.58 -17.76 36.66
C LYS I 411 -42.04 -16.55 37.43
N ILE I 412 -40.73 -16.50 37.57
CA ILE I 412 -40.01 -15.41 38.24
C ILE I 412 -38.90 -14.94 37.31
N LEU I 413 -38.45 -13.69 37.50
CA LEU I 413 -37.26 -13.21 36.81
C LEU I 413 -36.21 -12.81 37.84
N TYR I 414 -35.06 -13.48 37.80
CA TYR I 414 -33.93 -13.19 38.68
C TYR I 414 -32.88 -12.39 37.93
N ALA I 415 -32.27 -11.43 38.62
CA ALA I 415 -31.14 -10.70 38.06
C ALA I 415 -29.94 -11.62 37.98
N ARG I 416 -29.21 -11.54 36.87
CA ARG I 416 -28.03 -12.34 36.63
C ARG I 416 -26.84 -11.42 36.52
N ASP I 417 -25.93 -11.49 37.49
CA ASP I 417 -24.74 -10.65 37.50
C ASP I 417 -23.49 -11.46 37.18
N VAL I 418 -22.44 -10.75 36.81
CA VAL I 418 -21.25 -11.35 36.24
C VAL I 418 -20.20 -11.68 37.28
N ASP I 419 -19.60 -12.86 37.15
CA ASP I 419 -18.45 -13.24 37.95
C ASP I 419 -17.19 -12.64 37.32
N GLN I 420 -16.86 -11.43 37.76
CA GLN I 420 -15.69 -10.70 37.28
C GLN I 420 -14.50 -11.63 37.07
N ARG I 421 -14.11 -12.31 38.14
CA ARG I 421 -12.97 -13.21 38.15
C ARG I 421 -13.02 -14.19 36.99
N SER I 422 -14.10 -14.95 36.91
CA SER I 422 -14.28 -15.94 35.85
C SER I 422 -14.04 -15.34 34.48
N THR I 423 -14.58 -14.15 34.27
CA THR I 423 -14.53 -13.48 32.98
C THR I 423 -13.10 -13.28 32.48
N THR I 424 -12.30 -12.55 33.24
CA THR I 424 -10.95 -12.19 32.80
C THR I 424 -10.07 -13.44 32.61
N PHE I 425 -10.21 -14.41 33.51
CA PHE I 425 -9.55 -15.71 33.35
C PHE I 425 -9.99 -16.35 32.03
N GLU I 426 -11.28 -16.68 31.97
CA GLU I 426 -11.87 -17.38 30.83
C GLU I 426 -11.31 -16.91 29.49
N LYS I 427 -11.45 -15.62 29.22
CA LYS I 427 -11.06 -15.06 27.93
C LYS I 427 -9.55 -15.11 27.68
N SER I 428 -8.76 -14.95 28.74
CA SER I 428 -7.30 -14.93 28.61
C SER I 428 -6.78 -16.27 28.09
N LEU I 429 -7.31 -17.38 28.62
CA LEU I 429 -7.03 -18.71 28.10
C LEU I 429 -7.35 -18.77 26.61
N LEU I 430 -8.58 -18.35 26.29
CA LEU I 430 -9.13 -18.49 24.95
C LEU I 430 -8.37 -17.63 23.95
N MET I 431 -8.14 -16.36 24.27
CA MET I 431 -7.33 -15.45 23.45
C MET I 431 -5.94 -16.01 23.19
N GLY I 432 -5.27 -16.40 24.28
CA GLY I 432 -3.94 -17.02 24.18
C GLY I 432 -3.94 -18.24 23.27
N LYS I 433 -4.99 -19.06 23.37
CA LYS I 433 -5.17 -20.22 22.50
C LYS I 433 -5.37 -19.81 21.03
N GLU I 434 -6.04 -18.68 20.81
CA GLU I 434 -6.19 -18.11 19.46
C GLU I 434 -4.83 -17.67 18.93
N PHE I 435 -4.10 -16.90 19.75
CA PHE I 435 -2.75 -16.47 19.42
C PHE I 435 -1.85 -17.66 19.08
N GLN I 436 -1.95 -18.74 19.83
CA GLN I 436 -1.22 -19.97 19.55
C GLN I 436 -1.61 -20.57 18.20
N ARG I 437 -2.90 -20.53 17.88
CA ARG I 437 -3.39 -21.10 16.62
C ARG I 437 -2.87 -20.34 15.40
N ARG I 438 -2.84 -19.00 15.47
CA ARG I 438 -2.31 -18.18 14.39
C ARG I 438 -0.80 -18.34 14.25
N ALA I 439 -0.13 -18.52 15.39
CA ALA I 439 1.31 -18.74 15.41
C ALA I 439 1.69 -20.03 14.67
N LYS I 440 0.87 -21.07 14.83
CA LYS I 440 1.02 -22.28 14.03
C LYS I 440 0.94 -21.92 12.55
N ALA I 441 -0.12 -21.18 12.21
CA ALA I 441 -0.42 -20.83 10.82
C ALA I 441 0.65 -19.99 10.14
N MET I 442 1.08 -18.92 10.80
CA MET I 442 2.10 -18.04 10.23
C MET I 442 3.52 -18.62 10.31
N MET I 443 3.68 -19.76 10.97
CA MET I 443 4.95 -20.51 10.96
C MET I 443 5.02 -21.37 9.69
N LEU I 444 3.90 -22.00 9.36
CA LEU I 444 3.73 -22.69 8.08
C LEU I 444 3.71 -21.72 6.92
N ARG I 445 3.12 -20.54 7.14
CA ARG I 445 3.05 -19.51 6.12
C ARG I 445 4.44 -18.91 5.83
N ALA I 446 5.30 -18.90 6.84
CA ALA I 446 6.70 -18.53 6.66
C ALA I 446 7.43 -19.58 5.84
N ALA I 447 7.01 -20.84 5.98
CA ALA I 447 7.60 -21.95 5.25
C ALA I 447 7.20 -22.03 3.77
N VAL I 448 5.90 -21.89 3.49
CA VAL I 448 5.40 -22.02 2.11
C VAL I 448 5.93 -20.95 1.15
N LEU I 449 6.08 -19.73 1.66
CA LEU I 449 6.61 -18.63 0.86
C LEU I 449 8.13 -18.75 0.73
N ARG I 450 8.77 -19.23 1.79
CA ARG I 450 10.20 -19.55 1.80
C ARG I 450 10.57 -20.61 0.75
N ASN I 451 9.64 -21.52 0.46
CA ASN I 451 9.82 -22.55 -0.57
C ASN I 451 9.16 -22.24 -1.92
N GLN I 452 8.58 -21.04 -2.06
CA GLN I 452 7.92 -20.61 -3.30
C GLN I 452 6.82 -21.58 -3.75
N ILE I 453 5.97 -21.97 -2.79
CA ILE I 453 4.92 -22.97 -3.04
C ILE I 453 3.67 -22.28 -3.62
N HIS I 454 3.32 -22.64 -4.86
CA HIS I 454 2.04 -22.20 -5.45
C HIS I 454 1.68 -22.97 -6.73
N VAL I 455 0.38 -23.10 -6.98
CA VAL I 455 -0.14 -23.81 -8.14
C VAL I 455 -0.31 -22.83 -9.31
N LYS I 456 0.54 -22.94 -10.33
CA LYS I 456 0.49 -22.04 -11.50
C LYS I 456 -0.64 -22.40 -12.48
N SER I 457 -0.93 -21.45 -13.38
CA SER I 457 -2.07 -21.57 -14.31
C SER I 457 -1.74 -22.16 -15.70
N PRO I 458 -0.81 -21.53 -16.44
CA PRO I 458 -0.67 -21.89 -17.87
C PRO I 458 0.01 -23.23 -18.09
N VAL J 34 -62.08 94.32 42.38
CA VAL J 34 -63.07 94.15 41.27
C VAL J 34 -64.36 93.49 41.79
N ASP J 35 -64.25 92.23 42.20
CA ASP J 35 -65.39 91.47 42.74
C ASP J 35 -65.29 91.34 44.26
N LEU J 36 -65.32 92.50 44.93
CA LEU J 36 -65.20 92.57 46.38
C LEU J 36 -66.45 92.02 47.06
N GLU J 37 -67.57 92.04 46.35
CA GLU J 37 -68.83 91.44 46.79
C GLU J 37 -68.70 89.95 47.08
N ASN J 38 -68.40 89.17 46.04
CA ASN J 38 -68.44 87.71 46.11
C ASN J 38 -67.38 87.10 47.02
N GLN J 39 -66.29 87.82 47.24
CA GLN J 39 -65.24 87.37 48.14
C GLN J 39 -65.68 87.37 49.60
N TYR J 40 -66.42 88.41 50.01
CA TYR J 40 -66.80 88.55 51.41
C TYR J 40 -68.06 87.76 51.79
N TYR J 41 -68.95 87.52 50.83
CA TYR J 41 -70.13 86.66 51.08
C TYR J 41 -69.76 85.17 51.10
N ASN J 42 -68.63 84.83 50.49
CA ASN J 42 -68.00 83.52 50.68
C ASN J 42 -67.45 83.41 52.11
N SER J 43 -66.86 84.50 52.61
CA SER J 43 -66.35 84.59 53.99
C SER J 43 -67.42 84.90 55.04
N LYS J 44 -68.56 85.47 54.61
CA LYS J 44 -69.69 85.73 55.50
C LYS J 44 -70.49 84.45 55.73
N ALA J 45 -70.67 83.68 54.67
CA ALA J 45 -71.30 82.36 54.75
C ALA J 45 -70.30 81.25 55.14
N LEU J 46 -69.05 81.64 55.42
CA LEU J 46 -67.97 80.69 55.74
C LEU J 46 -68.10 80.10 57.14
N LYS J 47 -68.26 80.97 58.14
CA LYS J 47 -68.29 80.54 59.55
C LYS J 47 -69.46 79.61 59.84
N GLU J 48 -70.64 80.19 60.12
CA GLU J 48 -71.87 79.42 60.36
C GLU J 48 -71.80 78.48 61.58
N ASP J 49 -70.99 77.42 61.47
CA ASP J 49 -70.92 76.32 62.45
C ASP J 49 -72.07 75.33 62.19
N ASP J 50 -73.30 75.83 62.23
CA ASP J 50 -74.47 75.04 61.82
C ASP J 50 -74.49 74.88 60.29
N PRO J 51 -74.97 73.71 59.80
CA PRO J 51 -75.28 73.60 58.37
C PRO J 51 -76.57 74.34 58.01
N LYS J 52 -77.44 74.54 59.01
CA LYS J 52 -78.73 75.21 58.85
C LYS J 52 -78.61 76.55 58.12
N ALA J 53 -79.06 76.58 56.87
CA ALA J 53 -79.03 77.79 56.01
C ALA J 53 -77.63 78.27 55.63
N ALA J 54 -76.58 77.53 56.01
CA ALA J 54 -75.21 77.84 55.62
C ALA J 54 -75.05 77.67 54.12
N LEU J 55 -75.74 76.68 53.56
CA LEU J 55 -75.62 76.31 52.16
C LEU J 55 -76.53 77.14 51.22
N SER J 56 -77.47 77.89 51.79
CA SER J 56 -78.33 78.78 51.00
C SER J 56 -77.64 80.13 50.76
N SER J 57 -76.91 80.62 51.77
CA SER J 57 -76.11 81.85 51.64
C SER J 57 -74.83 81.63 50.83
N PHE J 58 -74.30 80.41 50.85
CA PHE J 58 -73.20 80.02 49.96
C PHE J 58 -73.63 80.09 48.49
N GLN J 59 -74.86 79.64 48.21
CA GLN J 59 -75.38 79.59 46.85
C GLN J 59 -75.70 80.99 46.31
N LYS J 60 -75.93 81.96 47.19
CA LYS J 60 -76.11 83.35 46.78
C LYS J 60 -74.79 84.02 46.37
N VAL J 61 -73.66 83.38 46.66
CA VAL J 61 -72.35 83.85 46.20
C VAL J 61 -72.10 83.32 44.78
N LEU J 62 -72.29 82.02 44.60
CA LEU J 62 -72.16 81.37 43.30
C LEU J 62 -73.14 81.95 42.28
N GLU J 63 -74.42 82.05 42.67
CA GLU J 63 -75.48 82.47 41.76
C GLU J 63 -75.66 83.99 41.63
N LEU J 64 -74.66 84.74 42.08
CA LEU J 64 -74.45 86.10 41.60
C LEU J 64 -73.62 85.99 40.31
N GLU J 65 -74.07 85.13 39.41
CA GLU J 65 -73.32 84.72 38.22
C GLU J 65 -71.90 84.28 38.53
N GLY J 66 -71.66 82.97 38.52
CA GLY J 66 -70.32 82.42 38.64
C GLY J 66 -69.54 82.71 37.38
N GLU J 67 -69.12 83.97 37.22
CA GLU J 67 -68.50 84.46 35.98
C GLU J 67 -67.06 83.96 35.85
N LYS J 68 -66.24 84.31 36.83
CA LYS J 68 -64.85 83.85 36.90
C LYS J 68 -64.82 82.39 37.36
N GLY J 69 -65.60 82.07 38.40
CA GLY J 69 -65.72 80.71 38.90
C GLY J 69 -64.71 80.36 39.99
N GLU J 70 -63.93 81.34 40.43
CA GLU J 70 -62.95 81.13 41.50
C GLU J 70 -63.66 81.11 42.86
N TRP J 71 -64.65 81.97 43.02
CA TRP J 71 -65.46 82.03 44.24
C TRP J 71 -66.79 81.28 44.06
N GLY J 72 -67.06 80.84 42.85
CA GLY J 72 -68.10 79.85 42.59
C GLY J 72 -67.62 78.47 43.02
N PHE J 73 -66.32 78.23 42.85
CA PHE J 73 -65.68 76.98 43.27
C PHE J 73 -65.60 76.87 44.79
N LYS J 74 -65.02 77.88 45.43
CA LYS J 74 -64.86 77.90 46.90
C LYS J 74 -66.18 78.03 47.65
N ALA J 75 -67.24 78.46 46.97
CA ALA J 75 -68.59 78.41 47.53
C ALA J 75 -69.12 76.96 47.53
N LEU J 76 -68.98 76.29 46.39
CA LEU J 76 -69.43 74.90 46.24
C LEU J 76 -68.52 73.89 46.95
N LYS J 77 -67.21 74.15 46.93
CA LYS J 77 -66.22 73.34 47.65
C LYS J 77 -66.59 73.19 49.13
N GLN J 78 -67.04 74.29 49.73
CA GLN J 78 -67.45 74.32 51.14
C GLN J 78 -68.81 73.64 51.32
N MET J 79 -69.69 73.77 50.33
CA MET J 79 -70.99 73.09 50.35
C MET J 79 -70.87 71.57 50.31
N ILE J 80 -69.84 71.07 49.61
CA ILE J 80 -69.57 69.64 49.56
C ILE J 80 -69.16 69.10 50.93
N LYS J 81 -68.22 69.79 51.58
CA LYS J 81 -67.72 69.36 52.88
C LYS J 81 -68.79 69.38 54.00
N ILE J 82 -69.93 70.04 53.74
CA ILE J 82 -71.08 70.02 54.64
C ILE J 82 -72.14 68.98 54.21
N ASN J 83 -72.25 68.70 52.92
CA ASN J 83 -73.26 67.74 52.40
C ASN J 83 -72.97 66.26 52.70
N PHE J 84 -71.79 65.77 52.33
CA PHE J 84 -71.44 64.33 52.53
C PHE J 84 -71.23 63.98 54.00
N LYS J 85 -70.70 64.95 54.76
CA LYS J 85 -70.39 64.73 56.18
C LYS J 85 -71.67 64.72 57.02
N LEU J 86 -72.65 65.53 56.63
CA LEU J 86 -73.96 65.55 57.29
C LEU J 86 -75.03 64.85 56.44
N THR J 87 -74.89 63.54 56.28
CA THR J 87 -75.93 62.60 55.80
C THR J 87 -76.35 62.65 54.32
N ASN J 88 -76.40 63.84 53.72
CA ASN J 88 -77.07 64.00 52.43
C ASN J 88 -76.13 63.85 51.21
N PHE J 89 -76.05 62.62 50.69
CA PHE J 89 -75.20 62.29 49.53
C PHE J 89 -75.85 62.49 48.15
N PRO J 90 -77.18 62.21 48.03
CA PRO J 90 -77.86 62.57 46.79
C PRO J 90 -77.81 64.06 46.49
N GLU J 91 -77.98 64.89 47.52
CA GLU J 91 -77.85 66.34 47.39
C GLU J 91 -76.42 66.75 47.08
N MET J 92 -75.45 66.01 47.60
CA MET J 92 -74.04 66.30 47.40
C MET J 92 -73.62 66.13 45.93
N MET J 93 -74.01 65.02 45.31
CA MET J 93 -73.55 64.69 43.95
C MET J 93 -73.97 65.71 42.89
N ASN J 94 -75.09 66.42 43.14
CA ASN J 94 -75.49 67.55 42.30
C ASN J 94 -74.46 68.66 42.34
N ARG J 95 -74.04 69.02 43.56
CA ARG J 95 -73.05 70.07 43.77
C ARG J 95 -71.65 69.59 43.38
N TYR J 96 -71.43 68.29 43.50
CA TYR J 96 -70.14 67.69 43.15
C TYR J 96 -69.83 67.89 41.68
N LYS J 97 -70.84 67.67 40.84
CA LYS J 97 -70.69 67.79 39.39
C LYS J 97 -70.74 69.26 38.92
N GLN J 98 -71.32 70.13 39.74
CA GLN J 98 -71.23 71.57 39.53
C GLN J 98 -69.77 72.02 39.63
N LEU J 99 -69.07 71.53 40.64
CA LEU J 99 -67.66 71.85 40.86
C LEU J 99 -66.76 71.42 39.72
N LEU J 100 -67.06 70.26 39.13
CA LEU J 100 -66.21 69.69 38.09
C LEU J 100 -66.30 70.44 36.75
N THR J 101 -67.24 71.38 36.65
CA THR J 101 -67.30 72.28 35.49
C THR J 101 -66.10 73.24 35.50
N TYR J 102 -65.72 73.70 36.69
CA TYR J 102 -64.58 74.60 36.85
C TYR J 102 -63.25 73.83 36.88
N ILE J 103 -62.83 73.33 35.71
CA ILE J 103 -61.52 72.69 35.57
C ILE J 103 -60.82 73.17 34.29
N ARG J 104 -61.52 73.10 33.16
CA ARG J 104 -61.02 73.69 31.91
C ARG J 104 -61.02 75.22 31.96
N SER J 105 -61.95 75.79 32.73
CA SER J 105 -62.01 77.23 32.96
C SER J 105 -62.11 77.52 34.46
N ALA J 106 -61.89 78.79 34.82
CA ALA J 106 -62.03 79.28 36.20
C ALA J 106 -60.82 79.02 37.11
N VAL J 107 -60.51 77.76 37.34
CA VAL J 107 -59.46 77.36 38.29
C VAL J 107 -58.38 76.55 37.59
N THR J 108 -57.13 76.73 38.00
CA THR J 108 -56.00 75.97 37.45
C THR J 108 -56.02 74.52 37.93
N ARG J 109 -55.34 73.64 37.21
CA ARG J 109 -55.35 72.20 37.54
C ARG J 109 -54.58 71.89 38.83
N ASN J 110 -53.70 72.81 39.26
CA ASN J 110 -52.94 72.63 40.49
C ASN J 110 -53.82 72.64 41.74
N TYR J 111 -54.60 73.70 41.91
CA TYR J 111 -55.51 73.81 43.05
C TYR J 111 -56.72 72.88 42.92
N SER J 112 -57.23 72.71 41.70
CA SER J 112 -58.39 71.83 41.45
C SER J 112 -58.03 70.34 41.60
N GLU J 113 -56.75 70.00 41.49
CA GLU J 113 -56.28 68.62 41.72
C GLU J 113 -56.39 68.25 43.20
N LYS J 114 -55.90 69.12 44.07
CA LYS J 114 -55.98 68.91 45.51
C LYS J 114 -57.40 68.98 46.06
N SER J 115 -58.28 69.71 45.37
CA SER J 115 -59.67 69.89 45.79
C SER J 115 -60.45 68.57 45.82
N ILE J 116 -60.30 67.77 44.78
CA ILE J 116 -61.00 66.49 44.67
C ILE J 116 -60.23 65.39 45.42
N ASN J 117 -58.91 65.56 45.56
CA ASN J 117 -58.08 64.64 46.37
C ASN J 117 -58.60 64.50 47.80
N SER J 118 -58.63 65.63 48.51
CA SER J 118 -59.01 65.65 49.92
C SER J 118 -60.50 65.38 50.15
N ILE J 119 -61.35 65.80 49.21
CA ILE J 119 -62.80 65.53 49.28
C ILE J 119 -63.10 64.03 49.06
N LEU J 120 -62.20 63.34 48.36
CA LEU J 120 -62.27 61.87 48.27
C LEU J 120 -61.58 61.19 49.47
N ASP J 121 -60.57 61.83 50.04
CA ASP J 121 -59.91 61.33 51.27
C ASP J 121 -60.86 61.33 52.47
N TYR J 122 -61.73 62.34 52.56
CA TYR J 122 -62.73 62.41 53.62
C TYR J 122 -63.80 61.32 53.44
N ILE J 123 -64.24 61.11 52.20
CA ILE J 123 -65.27 60.11 51.90
C ILE J 123 -64.69 58.67 51.84
N SER J 124 -63.39 58.56 51.58
CA SER J 124 -62.72 57.25 51.56
C SER J 124 -62.68 56.60 52.95
N THR J 125 -62.19 57.36 53.92
CA THR J 125 -62.09 56.89 55.32
C THR J 125 -63.46 56.81 56.00
N SER J 126 -64.32 57.79 55.70
CA SER J 126 -65.66 57.87 56.30
C SER J 126 -66.60 56.80 55.74
N LYS J 127 -67.21 57.06 54.59
CA LYS J 127 -68.18 56.12 54.00
C LYS J 127 -67.46 54.97 53.28
N GLN J 128 -68.24 53.96 52.94
CA GLN J 128 -67.69 52.71 52.41
C GLN J 128 -67.61 52.76 50.89
N MET J 129 -67.33 51.59 50.29
CA MET J 129 -67.29 51.41 48.84
C MET J 129 -68.57 51.88 48.13
N ASP J 130 -69.71 51.61 48.74
CA ASP J 130 -71.01 51.88 48.10
C ASP J 130 -71.39 53.36 47.97
N LEU J 131 -70.69 54.25 48.69
CA LEU J 131 -70.84 55.69 48.47
C LEU J 131 -69.55 56.37 47.97
N LEU J 132 -68.46 55.61 47.89
CA LEU J 132 -67.18 56.12 47.41
C LEU J 132 -67.01 55.93 45.90
N GLN J 133 -67.58 54.86 45.36
CA GLN J 133 -67.32 54.44 43.98
C GLN J 133 -68.09 55.26 42.94
N GLU J 134 -69.22 55.85 43.31
CA GLU J 134 -70.01 56.67 42.38
C GLU J 134 -69.28 57.97 42.05
N PHE J 135 -68.50 58.46 43.01
CA PHE J 135 -67.75 59.71 42.85
C PHE J 135 -66.44 59.48 42.08
N TYR J 136 -65.82 58.30 42.26
CA TYR J 136 -64.63 57.95 41.48
C TYR J 136 -64.91 57.86 39.98
N GLU J 137 -66.09 57.32 39.63
CA GLU J 137 -66.51 57.21 38.24
C GLU J 137 -66.93 58.56 37.66
N THR J 138 -67.81 59.28 38.36
CA THR J 138 -68.31 60.57 37.88
C THR J 138 -67.22 61.66 37.83
N THR J 139 -66.11 61.45 38.54
CA THR J 139 -64.93 62.31 38.42
C THR J 139 -64.27 62.12 37.06
N LEU J 140 -63.96 60.86 36.73
CA LEU J 140 -63.32 60.52 35.46
C LEU J 140 -64.16 60.90 34.24
N GLU J 141 -65.48 60.95 34.40
CA GLU J 141 -66.38 61.42 33.34
C GLU J 141 -66.08 62.86 32.96
N ALA J 142 -65.88 63.70 33.97
CA ALA J 142 -65.47 65.08 33.76
C ALA J 142 -64.02 65.17 33.29
N LEU J 143 -63.17 64.25 33.75
CA LEU J 143 -61.76 64.21 33.34
C LEU J 143 -61.56 63.59 31.95
N LYS J 144 -62.45 63.87 31.01
CA LYS J 144 -62.20 63.58 29.60
C LYS J 144 -61.11 64.53 29.11
N ASP J 145 -59.89 64.32 29.60
CA ASP J 145 -58.79 65.27 29.45
C ASP J 145 -57.55 64.60 28.88
N ALA J 146 -56.82 65.35 28.06
CA ALA J 146 -55.61 64.86 27.38
C ALA J 146 -54.32 65.26 28.11
N LYS J 147 -54.25 66.53 28.53
CA LYS J 147 -53.06 67.06 29.22
C LYS J 147 -53.00 66.64 30.69
N ASN J 148 -54.12 66.18 31.23
CA ASN J 148 -54.13 65.51 32.54
C ASN J 148 -53.45 64.16 32.44
N ASP J 149 -52.23 64.05 32.96
CA ASP J 149 -51.48 62.80 32.95
C ASP J 149 -51.54 62.14 34.32
N ARG J 150 -50.99 62.80 35.34
CA ARG J 150 -51.04 62.30 36.72
C ARG J 150 -52.36 62.65 37.41
N LEU J 151 -53.10 63.61 36.85
CA LEU J 151 -54.45 63.93 37.32
C LEU J 151 -55.42 62.85 36.85
N TRP J 152 -55.27 62.46 35.60
CA TRP J 152 -56.07 61.38 34.99
C TRP J 152 -55.68 60.00 35.52
N PHE J 153 -54.38 59.75 35.62
CA PHE J 153 -53.84 58.43 35.99
C PHE J 153 -54.13 58.02 37.44
N LYS J 154 -54.02 58.97 38.37
CA LYS J 154 -54.15 58.67 39.80
C LYS J 154 -55.59 58.40 40.25
N THR J 155 -56.58 58.96 39.55
CA THR J 155 -57.99 58.62 39.77
C THR J 155 -58.32 57.26 39.17
N ASN J 156 -57.73 56.99 38.00
CA ASN J 156 -57.97 55.75 37.27
C ASN J 156 -57.24 54.55 37.90
N THR J 157 -56.08 54.80 38.51
CA THR J 157 -55.36 53.78 39.28
C THR J 157 -56.16 53.36 40.51
N LYS J 158 -56.78 54.34 41.17
CA LYS J 158 -57.56 54.09 42.38
C LYS J 158 -59.01 53.66 42.09
N LEU J 159 -59.45 53.77 40.84
CA LEU J 159 -60.69 53.14 40.41
C LEU J 159 -60.47 51.64 40.20
N GLY J 160 -59.25 51.27 39.80
CA GLY J 160 -58.88 49.86 39.59
C GLY J 160 -58.65 49.03 40.85
N LYS J 161 -58.68 49.69 42.01
CA LYS J 161 -58.55 49.01 43.32
C LYS J 161 -59.91 48.64 43.91
N LEU J 162 -60.89 49.52 43.75
CA LEU J 162 -62.27 49.29 44.23
C LEU J 162 -62.94 48.14 43.49
N TYR J 163 -62.59 47.97 42.21
CA TYR J 163 -63.21 46.93 41.36
C TYR J 163 -62.71 45.52 41.68
N LEU J 164 -61.61 45.39 42.41
CA LEU J 164 -61.11 44.10 42.85
C LEU J 164 -61.91 43.58 44.07
N GLU J 165 -62.23 44.50 44.99
CA GLU J 165 -63.10 44.18 46.14
C GLU J 165 -64.54 43.89 45.68
N ARG J 166 -64.98 44.64 44.68
CA ARG J 166 -66.32 44.51 44.09
C ARG J 166 -66.56 43.14 43.44
N GLU J 167 -65.49 42.53 42.90
CA GLU J 167 -65.56 41.36 42.01
C GLU J 167 -66.10 41.78 40.64
N GLU J 168 -65.64 42.95 40.18
CA GLU J 168 -66.07 43.56 38.92
C GLU J 168 -64.91 43.51 37.94
N TYR J 169 -64.55 42.29 37.54
CA TYR J 169 -63.33 42.05 36.77
C TYR J 169 -63.46 42.44 35.29
N GLY J 170 -64.70 42.45 34.78
CA GLY J 170 -64.95 42.78 33.38
C GLY J 170 -64.55 44.19 33.02
N LYS J 171 -65.14 45.16 33.71
CA LYS J 171 -64.81 46.57 33.51
C LYS J 171 -63.41 46.90 34.00
N LEU J 172 -62.93 46.15 34.99
CA LEU J 172 -61.59 46.37 35.53
C LEU J 172 -60.49 46.17 34.48
N GLN J 173 -60.72 45.27 33.53
CA GLN J 173 -59.77 45.06 32.44
C GLN J 173 -59.70 46.25 31.49
N LYS J 174 -60.84 46.89 31.24
CA LYS J 174 -60.89 48.11 30.42
C LYS J 174 -60.11 49.24 31.09
N ILE J 175 -60.22 49.32 32.42
CA ILE J 175 -59.48 50.31 33.20
C ILE J 175 -57.98 50.08 33.05
N LEU J 176 -57.56 48.81 33.17
CA LEU J 176 -56.15 48.45 33.01
C LEU J 176 -55.63 48.62 31.57
N ARG J 177 -56.51 48.47 30.59
CA ARG J 177 -56.17 48.70 29.19
C ARG J 177 -55.84 50.17 28.90
N GLN J 178 -56.60 51.07 29.53
CA GLN J 178 -56.34 52.50 29.42
C GLN J 178 -55.07 52.89 30.19
N LEU J 179 -54.90 52.35 31.39
CA LEU J 179 -53.72 52.60 32.23
C LEU J 179 -52.42 52.18 31.54
N HIS J 180 -52.42 50.96 31.01
CA HIS J 180 -51.25 50.42 30.30
C HIS J 180 -50.92 51.25 29.05
N GLN J 181 -51.95 51.75 28.37
CA GLN J 181 -51.78 52.56 27.17
C GLN J 181 -51.39 54.02 27.46
N SER J 182 -51.40 54.42 28.73
CA SER J 182 -50.94 55.76 29.13
C SER J 182 -49.43 55.90 28.99
N CYS J 183 -48.70 54.84 29.35
CA CYS J 183 -47.24 54.83 29.24
C CYS J 183 -46.79 54.28 27.87
N GLN J 184 -47.29 53.11 27.52
CA GLN J 184 -46.97 52.47 26.24
C GLN J 184 -48.05 52.72 25.20
N THR J 196 -41.73 53.72 36.14
CA THR J 196 -42.19 54.55 37.24
C THR J 196 -43.62 54.22 37.68
N GLN J 197 -44.57 54.47 36.78
CA GLN J 197 -46.00 54.34 37.10
C GLN J 197 -46.53 52.97 36.73
N LEU J 198 -44.68 52.44 34.58
CA LEU J 198 -45.38 51.25 34.16
C LEU J 198 -45.43 50.10 35.19
N LEU J 199 -44.63 50.17 36.26
CA LEU J 199 -44.60 49.09 37.27
C LEU J 199 -45.89 49.02 38.10
N GLU J 200 -46.35 50.17 38.59
CA GLU J 200 -47.59 50.25 39.38
C GLU J 200 -48.86 49.85 38.59
N ILE J 201 -48.76 49.82 37.27
CA ILE J 201 -49.81 49.25 36.42
C ILE J 201 -49.72 47.71 36.42
N TYR J 202 -48.50 47.19 36.25
CA TYR J 202 -48.25 45.74 36.32
C TYR J 202 -48.51 45.15 37.72
N ALA J 203 -48.49 46.00 38.75
CA ALA J 203 -48.85 45.59 40.10
C ALA J 203 -50.32 45.18 40.16
N LEU J 204 -51.19 46.01 39.58
CA LEU J 204 -52.64 45.76 39.55
C LEU J 204 -53.03 44.64 38.57
N GLU J 205 -52.19 44.37 37.57
CA GLU J 205 -52.41 43.26 36.63
C GLU J 205 -52.07 41.92 37.28
N ILE J 206 -50.97 41.87 38.04
CA ILE J 206 -50.59 40.68 38.79
C ILE J 206 -51.52 40.43 39.98
N GLN J 207 -52.18 41.49 40.47
CA GLN J 207 -53.11 41.39 41.59
C GLN J 207 -54.49 40.83 41.19
N MET J 208 -54.91 41.10 39.96
CA MET J 208 -56.18 40.59 39.44
C MET J 208 -56.07 39.10 39.08
N TYR J 209 -54.98 38.72 38.40
CA TYR J 209 -54.76 37.34 37.98
C TYR J 209 -54.30 36.41 39.11
N THR J 210 -53.90 36.98 40.24
CA THR J 210 -53.65 36.19 41.46
C THR J 210 -54.98 35.77 42.09
N ALA J 211 -56.02 36.58 41.90
CA ALA J 211 -57.39 36.23 42.33
C ALA J 211 -58.08 35.29 41.33
N GLN J 212 -57.65 35.35 40.07
CA GLN J 212 -58.26 34.58 38.98
C GLN J 212 -57.63 33.18 38.81
N LYS J 213 -56.33 33.07 39.09
CA LYS J 213 -55.53 31.86 38.87
C LYS J 213 -55.21 31.64 37.39
N ASN J 214 -54.66 32.66 36.75
CA ASN J 214 -54.16 32.56 35.38
C ASN J 214 -52.64 32.56 35.37
N ASN J 215 -52.06 31.36 35.46
CA ASN J 215 -50.61 31.19 35.56
C ASN J 215 -49.90 31.37 34.23
N LYS J 216 -50.63 31.24 33.13
CA LYS J 216 -50.06 31.37 31.80
C LYS J 216 -49.75 32.83 31.43
N LYS J 217 -50.57 33.74 31.96
CA LYS J 217 -50.35 35.17 31.77
C LYS J 217 -49.47 35.75 32.87
N LEU J 218 -49.72 35.35 34.12
CA LEU J 218 -48.92 35.79 35.26
C LEU J 218 -47.41 35.56 35.04
N LYS J 219 -47.06 34.42 34.47
CA LYS J 219 -45.66 34.10 34.17
C LYS J 219 -45.09 35.08 33.15
N ALA J 220 -45.88 35.40 32.13
CA ALA J 220 -45.49 36.39 31.13
C ALA J 220 -45.42 37.80 31.75
N LEU J 221 -46.34 38.10 32.66
CA LEU J 221 -46.40 39.42 33.31
C LEU J 221 -45.22 39.68 34.24
N TYR J 222 -44.85 38.69 35.06
CA TYR J 222 -43.74 38.85 36.01
C TYR J 222 -42.40 39.01 35.29
N GLU J 223 -42.18 38.19 34.26
CA GLU J 223 -40.97 38.29 33.44
C GLU J 223 -40.82 39.65 32.77
N GLN J 224 -41.95 40.26 32.41
CA GLN J 224 -41.98 41.59 31.82
C GLN J 224 -41.94 42.72 32.85
N SER J 225 -42.32 42.41 34.10
CA SER J 225 -42.24 43.38 35.20
C SER J 225 -40.93 43.30 35.98
N LEU J 226 -39.89 42.69 35.38
CA LEU J 226 -38.53 42.76 35.91
C LEU J 226 -37.62 43.65 35.05
N HIS J 227 -38.05 43.94 33.82
CA HIS J 227 -37.35 44.89 32.94
C HIS J 227 -37.84 46.31 33.23
N ILE J 228 -39.09 46.42 33.65
CA ILE J 228 -39.71 47.69 34.06
C ILE J 228 -39.37 48.02 35.52
N LYS J 229 -38.92 47.00 36.27
CA LYS J 229 -38.49 47.16 37.66
C LYS J 229 -37.21 47.98 37.80
N SER J 230 -36.48 48.15 36.70
CA SER J 230 -35.26 48.93 36.68
C SER J 230 -35.55 50.44 36.63
N ALA J 231 -36.21 50.89 35.56
CA ALA J 231 -36.47 52.34 35.36
C ALA J 231 -37.67 52.82 36.18
N ILE J 232 -37.43 53.05 37.47
CA ILE J 232 -38.49 53.43 38.41
C ILE J 232 -37.88 53.89 39.74
N PRO J 233 -38.53 54.86 40.42
CA PRO J 233 -38.30 55.09 41.86
C PRO J 233 -38.61 53.85 42.71
N HIS J 234 -39.07 54.02 43.96
CA HIS J 234 -39.20 52.88 44.87
C HIS J 234 -40.44 52.94 45.78
N PRO J 235 -41.48 52.15 45.46
CA PRO J 235 -42.66 52.00 46.32
C PRO J 235 -42.75 50.61 46.98
N LEU J 236 -43.81 50.40 47.76
CA LEU J 236 -44.15 49.07 48.30
C LEU J 236 -44.42 48.09 47.16
N ILE J 237 -45.05 48.58 46.11
CA ILE J 237 -45.40 47.78 44.93
C ILE J 237 -44.26 46.90 44.39
N MET J 238 -43.01 47.35 44.55
CA MET J 238 -41.85 46.55 44.12
C MET J 238 -41.69 45.21 44.87
N GLY J 239 -42.46 45.01 45.94
CA GLY J 239 -42.56 43.70 46.60
C GLY J 239 -43.85 42.93 46.32
N VAL J 240 -44.86 43.63 45.81
CA VAL J 240 -46.14 43.01 45.45
C VAL J 240 -45.98 42.09 44.24
N ILE J 241 -45.08 42.46 43.33
CA ILE J 241 -44.79 41.66 42.13
C ILE J 241 -43.79 40.53 42.40
N ARG J 242 -42.89 40.73 43.36
CA ARG J 242 -41.85 39.76 43.68
C ARG J 242 -42.40 38.53 44.42
N GLU J 243 -43.37 38.77 45.29
CA GLU J 243 -44.04 37.69 46.02
C GLU J 243 -44.90 36.82 45.07
N CYS J 244 -45.64 37.47 44.17
CA CYS J 244 -46.43 36.75 43.16
C CYS J 244 -45.54 36.12 42.09
N GLY J 245 -44.36 36.69 41.86
CA GLY J 245 -43.39 36.15 40.92
C GLY J 245 -42.67 34.92 41.43
N GLY J 246 -42.39 34.90 42.73
CA GLY J 246 -41.83 33.71 43.38
C GLY J 246 -42.79 32.53 43.35
N LYS J 247 -44.10 32.82 43.38
CA LYS J 247 -45.14 31.79 43.30
C LYS J 247 -45.18 31.04 41.98
N MET J 248 -44.67 31.66 40.91
CA MET J 248 -44.55 31.00 39.61
C MET J 248 -43.15 30.40 39.38
N HIS J 249 -42.40 30.24 40.48
CA HIS J 249 -41.18 29.43 40.48
C HIS J 249 -41.25 28.30 41.51
N LEU J 250 -42.22 28.37 42.44
CA LEU J 250 -42.60 27.23 43.27
C LEU J 250 -43.47 26.30 42.43
N ARG J 251 -44.47 26.88 41.78
CA ARG J 251 -45.37 26.16 40.87
C ARG J 251 -44.57 25.47 39.77
N GLU J 252 -43.65 26.23 39.16
CA GLU J 252 -42.81 25.76 38.07
C GLU J 252 -41.82 24.67 38.52
N GLY J 253 -41.42 24.73 39.80
CA GLY J 253 -40.56 23.71 40.39
C GLY J 253 -39.23 24.27 40.84
N GLU J 254 -38.64 25.13 40.02
CA GLU J 254 -37.33 25.72 40.31
C GLU J 254 -37.40 26.61 41.55
N PHE J 255 -37.21 25.99 42.72
CA PHE J 255 -37.36 26.67 44.00
C PHE J 255 -36.24 27.68 44.32
N GLU J 256 -35.14 27.61 43.56
CA GLU J 256 -34.06 28.57 43.72
C GLU J 256 -34.44 29.96 43.21
N LYS J 257 -35.42 30.02 42.31
CA LYS J 257 -35.93 31.28 41.78
C LYS J 257 -37.20 31.77 42.50
N ALA J 258 -37.68 31.00 43.48
CA ALA J 258 -38.77 31.42 44.36
C ALA J 258 -38.20 31.86 45.71
N HIS J 259 -37.34 31.02 46.28
CA HIS J 259 -36.58 31.33 47.49
C HIS J 259 -36.13 32.79 47.58
N THR J 260 -35.32 33.23 46.62
CA THR J 260 -34.79 34.60 46.60
C THR J 260 -35.88 35.63 46.34
N ASP J 261 -36.91 35.26 45.59
CA ASP J 261 -38.06 36.14 45.34
C ASP J 261 -38.83 36.49 46.61
N PHE J 262 -39.00 35.51 47.50
CA PHE J 262 -39.76 35.72 48.74
C PHE J 262 -38.96 36.43 49.85
N PHE J 263 -37.64 36.53 49.70
CA PHE J 263 -36.81 37.29 50.63
C PHE J 263 -36.93 38.78 50.37
N GLU J 264 -36.96 39.15 49.10
CA GLU J 264 -37.06 40.56 48.68
C GLU J 264 -38.46 41.12 48.90
N ALA J 265 -39.49 40.29 48.67
CA ALA J 265 -40.87 40.69 48.90
C ALA J 265 -41.19 40.84 50.38
N PHE J 266 -40.60 39.97 51.20
CA PHE J 266 -40.70 40.06 52.67
C PHE J 266 -40.11 41.37 53.19
N LYS J 267 -39.02 41.81 52.57
CA LYS J 267 -38.34 43.05 52.96
C LYS J 267 -39.13 44.32 52.64
N ASN J 268 -39.95 44.28 51.58
CA ASN J 268 -40.80 45.41 51.21
C ASN J 268 -42.01 45.57 52.17
N TYR J 269 -42.49 44.46 52.72
CA TYR J 269 -43.54 44.50 53.75
C TYR J 269 -42.94 44.85 55.11
N ASP J 270 -41.64 44.60 55.26
CA ASP J 270 -40.91 44.97 56.47
C ASP J 270 -40.79 46.48 56.65
N GLU J 271 -40.59 47.20 55.55
CA GLU J 271 -40.45 48.66 55.60
C GLU J 271 -41.81 49.33 55.81
N SER J 272 -42.77 48.98 54.96
CA SER J 272 -44.10 49.58 54.98
C SER J 272 -45.10 48.64 55.66
N GLY J 273 -46.30 48.48 55.08
CA GLY J 273 -47.34 47.66 55.68
C GLY J 273 -47.01 46.17 55.63
N SER J 274 -47.57 45.43 56.59
CA SER J 274 -47.27 44.00 56.76
C SER J 274 -48.53 43.12 56.85
N PRO J 275 -49.40 43.18 55.84
CA PRO J 275 -50.50 42.20 55.76
C PRO J 275 -50.02 40.87 55.21
N ARG J 276 -49.04 40.92 54.30
CA ARG J 276 -48.46 39.72 53.71
C ARG J 276 -47.16 39.28 54.40
N ARG J 277 -46.56 40.15 55.20
CA ARG J 277 -45.32 39.82 55.91
C ARG J 277 -45.47 38.59 56.81
N THR J 278 -46.64 38.45 57.45
CA THR J 278 -46.93 37.31 58.32
C THR J 278 -47.13 36.00 57.56
N THR J 279 -47.55 36.09 56.30
CA THR J 279 -47.69 34.90 55.43
C THR J 279 -46.63 34.83 54.31
N CYS J 280 -45.83 35.88 54.15
CA CYS J 280 -44.73 35.89 53.16
C CYS J 280 -43.55 35.09 53.67
N LEU J 281 -43.31 35.12 54.98
CA LEU J 281 -42.26 34.30 55.60
C LEU J 281 -42.59 32.81 55.50
N LYS J 282 -43.87 32.46 55.42
CA LYS J 282 -44.28 31.07 55.18
C LYS J 282 -43.74 30.53 53.86
N TYR J 283 -43.60 31.41 52.86
CA TYR J 283 -43.08 31.02 51.55
C TYR J 283 -41.55 31.13 51.45
N LEU J 284 -40.94 31.94 52.31
CA LEU J 284 -39.47 32.01 52.43
C LEU J 284 -38.91 30.76 53.12
N VAL J 285 -39.61 30.29 54.15
CA VAL J 285 -39.23 29.06 54.88
C VAL J 285 -39.57 27.82 54.05
N LEU J 286 -40.78 27.78 53.48
CA LEU J 286 -41.21 26.68 52.61
C LEU J 286 -40.26 26.49 51.43
N ALA J 287 -39.66 27.58 50.95
CA ALA J 287 -38.64 27.52 49.92
C ALA J 287 -37.39 26.81 50.42
N ASN J 288 -36.84 27.30 51.54
CA ASN J 288 -35.58 26.77 52.10
C ASN J 288 -35.59 25.28 52.42
N MET J 289 -36.75 24.77 52.86
CA MET J 289 -36.92 23.34 53.08
C MET J 289 -37.00 22.60 51.74
N LEU J 290 -37.92 23.03 50.89
CA LEU J 290 -38.09 22.44 49.55
C LEU J 290 -36.94 22.75 48.61
N MET J 291 -36.11 23.73 48.96
CA MET J 291 -34.85 23.97 48.27
C MET J 291 -33.91 22.78 48.49
N LYS J 292 -34.18 22.01 49.54
CA LYS J 292 -33.51 20.73 49.80
C LYS J 292 -32.03 20.94 50.08
N SER J 293 -31.74 21.93 50.93
CA SER J 293 -30.38 22.41 51.17
C SER J 293 -30.37 23.56 52.17
N GLY J 294 -31.25 24.54 51.96
CA GLY J 294 -31.35 25.73 52.79
C GLY J 294 -31.34 25.47 54.27
N ILE J 295 -32.45 24.94 54.79
CA ILE J 295 -32.62 24.61 56.22
C ILE J 295 -32.00 25.63 57.21
N ASN J 296 -32.01 26.90 56.84
CA ASN J 296 -31.43 27.99 57.65
C ASN J 296 -32.22 29.31 57.47
N PRO J 297 -33.50 29.33 57.93
CA PRO J 297 -34.36 30.49 57.67
C PRO J 297 -34.23 31.65 58.67
N PHE J 298 -34.46 31.38 59.95
CA PHE J 298 -34.55 32.41 60.98
C PHE J 298 -33.20 32.97 61.42
N ASP J 299 -32.12 32.38 60.91
CA ASP J 299 -30.77 32.86 61.17
C ASP J 299 -30.34 33.93 60.17
N SER J 300 -31.24 34.33 59.27
CA SER J 300 -30.91 35.23 58.17
C SER J 300 -30.68 36.67 58.64
N GLN J 301 -31.72 37.50 58.64
CA GLN J 301 -31.59 38.92 58.94
C GLN J 301 -32.87 39.50 59.54
N GLU J 302 -33.89 39.69 58.69
CA GLU J 302 -35.17 40.28 59.11
C GLU J 302 -36.12 39.25 59.72
N ALA J 303 -35.77 37.97 59.61
CA ALA J 303 -36.57 36.89 60.18
C ALA J 303 -36.15 36.56 61.62
N LYS J 304 -35.19 37.31 62.18
CA LYS J 304 -34.71 37.06 63.54
C LYS J 304 -35.71 37.51 64.63
N PRO J 305 -36.23 38.76 64.57
CA PRO J 305 -37.18 39.19 65.59
C PRO J 305 -38.64 38.76 65.34
N TYR J 306 -38.92 38.27 64.13
CA TYR J 306 -40.27 37.79 63.79
C TYR J 306 -40.35 36.26 63.67
N LYS J 307 -39.28 35.56 64.06
CA LYS J 307 -39.32 34.10 64.22
C LYS J 307 -40.20 33.74 65.40
N ASN J 308 -40.26 34.65 66.37
CA ASN J 308 -41.06 34.50 67.58
C ASN J 308 -42.55 34.60 67.26
N ASP J 309 -42.90 35.54 66.37
CA ASP J 309 -44.28 35.76 65.90
C ASP J 309 -45.11 34.47 65.99
N PRO J 310 -46.21 34.49 66.78
CA PRO J 310 -47.00 33.28 67.04
C PRO J 310 -47.85 32.77 65.88
N GLU J 311 -47.83 33.47 64.74
CA GLU J 311 -48.50 32.99 63.52
C GLU J 311 -47.59 32.01 62.77
N ILE J 312 -46.35 32.43 62.50
CA ILE J 312 -45.39 31.62 61.76
C ILE J 312 -44.61 30.63 62.62
N LEU J 313 -44.90 30.60 63.93
CA LEU J 313 -44.24 29.66 64.85
C LEU J 313 -44.66 28.21 64.60
N ALA J 314 -45.72 28.02 63.81
CA ALA J 314 -46.10 26.69 63.31
C ALA J 314 -45.05 26.14 62.33
N MET J 315 -44.42 27.04 61.58
CA MET J 315 -43.36 26.67 60.61
C MET J 315 -41.96 26.58 61.24
N THR J 316 -41.77 27.23 62.39
CA THR J 316 -40.50 27.14 63.13
C THR J 316 -40.30 25.73 63.71
N ASN J 317 -41.39 25.08 64.10
CA ASN J 317 -41.35 23.68 64.58
C ASN J 317 -41.03 22.68 63.46
N LEU J 318 -41.38 23.03 62.23
CA LEU J 318 -41.18 22.15 61.09
C LEU J 318 -39.78 22.22 60.50
N VAL J 319 -39.16 23.42 60.51
CA VAL J 319 -37.83 23.59 59.89
C VAL J 319 -36.75 22.78 60.63
N SER J 320 -36.84 22.73 61.95
CA SER J 320 -35.93 21.92 62.75
C SER J 320 -36.31 20.43 62.68
N ALA J 321 -37.62 20.15 62.55
CA ALA J 321 -38.10 18.78 62.34
C ALA J 321 -37.66 18.24 60.98
N TYR J 322 -37.63 19.12 59.98
CA TYR J 322 -37.11 18.79 58.65
C TYR J 322 -35.60 18.62 58.70
N GLN J 323 -34.92 19.56 59.36
CA GLN J 323 -33.47 19.55 59.50
C GLN J 323 -32.98 18.31 60.25
N ASN J 324 -33.65 17.98 61.35
CA ASN J 324 -33.30 16.82 62.17
C ASN J 324 -33.89 15.51 61.64
N ASN J 325 -34.76 15.61 60.64
CA ASN J 325 -35.37 14.44 59.99
C ASN J 325 -36.23 13.64 60.95
N ASP J 326 -37.06 14.33 61.72
CA ASP J 326 -37.98 13.68 62.64
C ASP J 326 -39.38 13.75 62.04
N ILE J 327 -39.92 12.60 61.68
CA ILE J 327 -41.21 12.53 60.98
C ILE J 327 -42.39 12.53 61.94
N THR J 328 -42.33 11.70 62.96
CA THR J 328 -43.39 11.64 63.97
C THR J 328 -43.64 13.01 64.61
N GLU J 329 -42.57 13.79 64.72
CA GLU J 329 -42.65 15.18 65.17
C GLU J 329 -43.28 16.08 64.09
N PHE J 330 -42.79 15.93 62.86
CA PHE J 330 -43.26 16.72 61.72
C PHE J 330 -44.76 16.55 61.51
N GLU J 331 -45.23 15.31 61.53
CA GLU J 331 -46.65 14.99 61.28
C GLU J 331 -47.56 15.37 62.44
N LYS J 332 -47.01 15.42 63.65
CA LYS J 332 -47.75 15.92 64.81
C LYS J 332 -48.06 17.40 64.68
N ILE J 333 -47.13 18.15 64.10
CA ILE J 333 -47.29 19.59 63.88
C ILE J 333 -48.37 19.86 62.82
N LEU J 334 -48.50 18.95 61.85
CA LEU J 334 -49.52 19.05 60.81
C LEU J 334 -50.92 18.77 61.35
N LYS J 335 -51.02 17.87 62.32
CA LYS J 335 -52.30 17.50 62.92
C LYS J 335 -52.83 18.59 63.86
N THR J 336 -51.96 19.06 64.75
CA THR J 336 -52.33 20.11 65.73
C THR J 336 -52.51 21.46 65.04
N ASN J 337 -51.45 21.96 64.41
CA ASN J 337 -51.52 23.18 63.60
C ASN J 337 -51.98 22.82 62.19
N HIS J 338 -53.27 22.49 62.07
CA HIS J 338 -53.89 22.14 60.81
C HIS J 338 -54.39 23.40 60.12
N SER J 339 -55.04 24.28 60.89
CA SER J 339 -55.52 25.57 60.40
C SER J 339 -54.39 26.46 59.85
N ASN J 340 -53.25 26.46 60.53
CA ASN J 340 -52.09 27.26 60.12
C ASN J 340 -51.49 26.83 58.77
N ILE J 341 -51.27 25.54 58.62
CA ILE J 341 -50.51 24.99 57.48
C ILE J 341 -51.42 24.44 56.39
N MET J 342 -52.30 23.52 56.76
CA MET J 342 -53.09 22.76 55.76
C MET J 342 -54.28 23.52 55.16
N ASP J 343 -54.51 24.76 55.58
CA ASP J 343 -55.52 25.60 54.95
C ASP J 343 -54.94 26.45 53.83
N ASP J 344 -53.64 26.75 53.92
CA ASP J 344 -52.94 27.51 52.89
C ASP J 344 -52.73 26.61 51.67
N PRO J 345 -53.26 27.00 50.49
CA PRO J 345 -53.15 26.14 49.31
C PRO J 345 -51.76 26.07 48.67
N PHE J 346 -50.86 26.97 49.06
CA PHE J 346 -49.46 26.92 48.60
C PHE J 346 -48.55 26.07 49.51
N ILE J 347 -49.05 25.69 50.68
CA ILE J 347 -48.37 24.70 51.54
C ILE J 347 -49.06 23.33 51.47
N ARG J 348 -50.36 23.34 51.15
CA ARG J 348 -51.14 22.12 50.97
C ARG J 348 -50.73 21.33 49.71
N GLU J 349 -50.21 22.03 48.70
CA GLU J 349 -49.73 21.42 47.46
C GLU J 349 -48.43 20.63 47.70
N HIS J 350 -47.43 21.31 48.24
CA HIS J 350 -46.07 20.76 48.38
C HIS J 350 -45.84 19.99 49.69
N ILE J 351 -46.91 19.63 50.39
CA ILE J 351 -46.79 18.93 51.68
C ILE J 351 -46.18 17.53 51.55
N GLU J 352 -46.57 16.79 50.52
CA GLU J 352 -46.13 15.40 50.37
C GLU J 352 -44.73 15.29 49.77
N GLU J 353 -44.42 16.15 48.80
CA GLU J 353 -43.07 16.22 48.24
C GLU J 353 -42.05 16.53 49.34
N LEU J 354 -42.46 17.36 50.29
CA LEU J 354 -41.64 17.67 51.46
C LEU J 354 -41.52 16.48 52.41
N LEU J 355 -42.61 15.75 52.59
CA LEU J 355 -42.62 14.58 53.47
C LEU J 355 -41.72 13.45 52.93
N ARG J 356 -41.74 13.26 51.61
CA ARG J 356 -40.83 12.31 50.95
C ARG J 356 -39.38 12.65 51.24
N ASN J 357 -38.99 13.87 50.89
CA ASN J 357 -37.60 14.34 51.04
C ASN J 357 -36.99 13.95 52.39
N ILE J 358 -37.82 13.91 53.42
CA ILE J 358 -37.42 13.43 54.74
C ILE J 358 -37.47 11.90 54.76
N ARG J 359 -38.64 11.34 54.44
CA ARG J 359 -38.85 9.88 54.46
C ARG J 359 -37.66 9.09 53.92
N THR J 360 -37.20 9.51 52.75
CA THR J 360 -36.03 8.91 52.11
C THR J 360 -34.80 9.14 53.00
N GLN J 361 -34.58 10.40 53.36
CA GLN J 361 -33.44 10.78 54.21
C GLN J 361 -33.32 9.85 55.41
N VAL J 362 -34.45 9.60 56.08
CA VAL J 362 -34.51 8.72 57.23
C VAL J 362 -34.09 7.30 56.84
N LEU J 363 -34.69 6.82 55.75
CA LEU J 363 -34.44 5.45 55.31
C LEU J 363 -32.98 5.17 55.01
N ILE J 364 -32.27 6.15 54.45
CA ILE J 364 -30.85 5.99 54.10
C ILE J 364 -30.03 5.58 55.32
N LYS J 365 -30.26 6.29 56.42
CA LYS J 365 -29.54 6.02 57.67
C LYS J 365 -29.91 4.65 58.24
N LEU J 366 -31.20 4.32 58.17
CA LEU J 366 -31.70 3.04 58.68
C LEU J 366 -31.05 1.85 57.98
N ILE J 367 -31.02 1.89 56.65
CA ILE J 367 -30.51 0.78 55.85
C ILE J 367 -28.98 0.66 55.86
N LYS J 368 -28.29 1.79 55.94
CA LYS J 368 -26.81 1.83 55.89
C LYS J 368 -26.12 0.64 56.55
N PRO J 369 -26.40 0.39 57.84
CA PRO J 369 -25.78 -0.76 58.51
C PRO J 369 -26.21 -2.12 57.97
N TYR J 370 -27.48 -2.23 57.55
CA TYR J 370 -27.98 -3.49 57.00
C TYR J 370 -27.34 -3.81 55.65
N THR J 371 -27.36 -5.10 55.30
CA THR J 371 -27.16 -5.55 53.93
C THR J 371 -28.48 -6.12 53.39
N ARG J 372 -29.18 -6.89 54.23
CA ARG J 372 -30.46 -7.48 53.86
C ARG J 372 -31.51 -7.13 54.91
N ILE J 373 -32.70 -6.74 54.46
CA ILE J 373 -33.72 -6.17 55.34
C ILE J 373 -35.15 -6.42 54.84
N HIS J 374 -36.06 -6.69 55.78
CA HIS J 374 -37.48 -6.91 55.48
C HIS J 374 -38.16 -5.61 55.07
N ILE J 375 -39.08 -5.71 54.11
CA ILE J 375 -39.95 -4.59 53.77
C ILE J 375 -41.00 -4.36 54.86
N PRO J 376 -41.60 -5.43 55.41
CA PRO J 376 -42.55 -5.25 56.51
C PRO J 376 -42.01 -4.43 57.69
N PHE J 377 -40.71 -4.56 57.98
CA PHE J 377 -40.09 -3.79 59.06
C PHE J 377 -39.94 -2.32 58.68
N ILE J 378 -39.50 -2.08 57.44
CA ILE J 378 -39.35 -0.72 56.95
C ILE J 378 -40.72 -0.05 56.90
N SER J 379 -41.74 -0.82 56.52
CA SER J 379 -43.13 -0.36 56.55
C SER J 379 -43.50 0.21 57.91
N LYS J 380 -43.32 -0.60 58.96
CA LYS J 380 -43.63 -0.16 60.32
C LYS J 380 -42.75 1.02 60.74
N GLU J 381 -41.47 0.97 60.37
CA GLU J 381 -40.49 1.97 60.79
C GLU J 381 -40.85 3.38 60.27
N LEU J 382 -40.97 3.52 58.96
CA LEU J 382 -41.43 4.79 58.37
C LEU J 382 -42.94 4.99 58.56
N ASN J 383 -43.63 3.91 58.93
CA ASN J 383 -45.05 3.95 59.29
C ASN J 383 -45.89 4.31 58.07
N ILE J 384 -46.15 3.29 57.26
CA ILE J 384 -46.62 3.47 55.90
C ILE J 384 -46.97 2.12 55.27
N ASP J 385 -47.87 2.11 54.30
CA ASP J 385 -48.28 0.88 53.62
C ASP J 385 -47.11 0.27 52.83
N VAL J 386 -47.02 -1.06 52.83
CA VAL J 386 -45.92 -1.79 52.20
C VAL J 386 -45.73 -1.39 50.75
N ALA J 387 -46.80 -1.46 49.98
CA ALA J 387 -46.76 -1.12 48.57
C ALA J 387 -46.10 0.24 48.36
N ASP J 388 -46.54 1.24 49.13
CA ASP J 388 -46.01 2.60 49.03
C ASP J 388 -44.52 2.66 49.33
N VAL J 389 -44.06 1.84 50.28
CA VAL J 389 -42.64 1.73 50.58
C VAL J 389 -41.90 1.13 49.40
N GLU J 390 -42.36 -0.04 48.98
CA GLU J 390 -41.80 -0.75 47.84
C GLU J 390 -41.62 0.21 46.67
N SER J 391 -42.65 0.99 46.39
CA SER J 391 -42.60 2.00 45.33
C SER J 391 -41.49 3.00 45.60
N LEU J 392 -41.54 3.65 46.76
CA LEU J 392 -40.58 4.70 47.09
C LEU J 392 -39.15 4.20 46.98
N LEU J 393 -38.91 2.98 47.44
CA LEU J 393 -37.60 2.35 47.33
C LEU J 393 -37.06 2.39 45.90
N VAL J 394 -37.89 1.98 44.94
CA VAL J 394 -37.50 1.90 43.53
C VAL J 394 -36.99 3.24 43.03
N GLN J 395 -37.67 4.32 43.42
CA GLN J 395 -37.40 5.65 42.89
C GLN J 395 -35.98 6.09 43.27
N CYS J 396 -35.64 5.88 44.53
CA CYS J 396 -34.30 6.14 45.03
C CYS J 396 -33.27 5.37 44.22
N ILE J 397 -33.58 4.12 43.91
CA ILE J 397 -32.71 3.26 43.13
C ILE J 397 -32.67 3.72 41.67
N LEU J 398 -33.81 4.14 41.14
CA LEU J 398 -33.89 4.64 39.77
C LEU J 398 -32.98 5.85 39.57
N ASP J 399 -33.16 6.86 40.42
CA ASP J 399 -32.31 8.05 40.39
C ASP J 399 -30.91 7.74 40.93
N ASN J 400 -30.78 6.61 41.63
CA ASN J 400 -29.50 6.03 42.03
C ASN J 400 -28.90 6.74 43.24
N THR J 401 -29.69 6.77 44.32
CA THR J 401 -29.23 7.27 45.62
C THR J 401 -29.03 6.10 46.55
N ILE J 402 -30.09 5.32 46.76
CA ILE J 402 -30.00 4.06 47.50
C ILE J 402 -29.33 3.02 46.60
N HIS J 403 -28.17 2.52 47.03
CA HIS J 403 -27.51 1.42 46.34
C HIS J 403 -28.11 0.10 46.81
N GLY J 404 -29.09 -0.41 46.07
CA GLY J 404 -29.79 -1.64 46.47
C GLY J 404 -30.72 -2.19 45.42
N ARG J 405 -31.20 -3.41 45.66
CA ARG J 405 -32.13 -4.06 44.75
C ARG J 405 -33.14 -4.91 45.51
N ILE J 406 -34.32 -5.07 44.92
CA ILE J 406 -35.48 -5.67 45.60
C ILE J 406 -35.78 -7.10 45.14
N ASP J 407 -35.93 -8.01 46.11
CA ASP J 407 -36.50 -9.34 45.85
C ASP J 407 -38.00 -9.27 46.14
N GLN J 408 -38.78 -9.10 45.09
CA GLN J 408 -40.22 -8.90 45.21
C GLN J 408 -40.94 -10.11 45.82
N VAL J 409 -40.44 -11.30 45.51
CA VAL J 409 -41.06 -12.53 45.99
C VAL J 409 -40.91 -12.67 47.51
N ASN J 410 -39.76 -12.27 48.04
CA ASN J 410 -39.46 -12.43 49.46
C ASN J 410 -39.76 -11.21 50.33
N GLN J 411 -40.24 -10.13 49.70
CA GLN J 411 -40.60 -8.90 50.43
C GLN J 411 -39.44 -8.41 51.31
N LEU J 412 -38.34 -8.03 50.65
CA LEU J 412 -37.13 -7.63 51.35
C LEU J 412 -36.32 -6.64 50.53
N LEU J 413 -35.11 -6.33 50.97
CA LEU J 413 -34.19 -5.52 50.19
C LEU J 413 -32.74 -5.91 50.46
N GLU J 414 -32.17 -6.71 49.56
CA GLU J 414 -30.74 -6.97 49.55
C GLU J 414 -30.07 -5.67 49.10
N LEU J 415 -28.98 -5.29 49.78
CA LEU J 415 -28.33 -4.01 49.54
C LEU J 415 -26.94 -4.18 48.94
N ASP J 416 -26.60 -3.27 48.03
CA ASP J 416 -25.29 -3.26 47.40
C ASP J 416 -24.27 -3.09 48.51
N HIS J 417 -23.17 -3.83 48.39
CA HIS J 417 -22.16 -3.87 49.43
C HIS J 417 -21.05 -4.84 49.04
N GLN J 418 -21.44 -6.01 48.54
CA GLN J 418 -20.50 -7.06 48.15
C GLN J 418 -19.35 -6.50 47.31
N LYS J 419 -18.29 -6.08 48.01
CA LYS J 419 -17.15 -5.37 47.42
C LYS J 419 -15.88 -6.20 47.53
N ARG J 420 -15.15 -6.31 46.43
CA ARG J 420 -13.89 -7.05 46.40
C ARG J 420 -12.95 -6.45 45.36
N GLY J 421 -11.79 -7.07 45.19
CA GLY J 421 -10.81 -6.63 44.20
C GLY J 421 -11.30 -6.77 42.77
N GLY J 422 -12.15 -5.84 42.35
CA GLY J 422 -12.65 -5.79 40.97
C GLY J 422 -11.65 -5.16 40.01
N ALA J 423 -10.63 -4.49 40.55
CA ALA J 423 -9.62 -3.79 39.75
C ALA J 423 -8.72 -4.75 38.99
N ARG J 424 -8.09 -5.67 39.71
CA ARG J 424 -7.18 -6.67 39.12
C ARG J 424 -7.76 -7.29 37.84
N TYR J 425 -8.99 -7.76 37.94
CA TYR J 425 -9.62 -8.51 36.85
C TYR J 425 -9.98 -7.62 35.66
N THR J 426 -10.54 -6.44 35.94
CA THR J 426 -10.88 -5.47 34.91
C THR J 426 -9.64 -4.89 34.21
N ALA J 427 -8.60 -4.63 35.00
CA ALA J 427 -7.34 -4.10 34.45
C ALA J 427 -6.68 -5.13 33.53
N LEU J 428 -6.54 -6.36 34.03
CA LEU J 428 -5.99 -7.48 33.25
C LEU J 428 -6.82 -7.76 31.99
N ASP J 429 -8.14 -7.56 32.10
CA ASP J 429 -9.06 -7.68 30.97
C ASP J 429 -8.57 -6.86 29.77
N LYS J 430 -8.16 -5.62 30.04
CA LYS J 430 -7.66 -4.71 29.01
C LYS J 430 -6.38 -5.25 28.38
N TRP J 431 -5.41 -5.61 29.23
CA TRP J 431 -4.13 -6.17 28.78
C TRP J 431 -4.35 -7.42 27.94
N THR J 432 -5.33 -8.24 28.32
CA THR J 432 -5.70 -9.42 27.55
C THR J 432 -6.22 -9.01 26.17
N ASN J 433 -7.03 -7.95 26.12
CA ASN J 433 -7.58 -7.46 24.86
C ASN J 433 -6.53 -6.88 23.91
N GLN J 434 -5.60 -6.10 24.45
CA GLN J 434 -4.56 -5.47 23.63
C GLN J 434 -3.66 -6.51 22.98
N LEU J 435 -3.30 -7.54 23.73
CA LEU J 435 -2.52 -8.65 23.20
C LEU J 435 -3.24 -9.37 22.05
N ASN J 436 -4.56 -9.52 22.18
CA ASN J 436 -5.38 -10.14 21.14
C ASN J 436 -5.26 -9.41 19.82
N SER J 437 -5.46 -8.09 19.86
CA SER J 437 -5.35 -7.25 18.67
C SER J 437 -3.89 -7.06 18.24
N LEU J 438 -2.96 -7.16 19.19
CA LEU J 438 -1.53 -7.00 18.90
C LEU J 438 -0.95 -8.15 18.08
N ASN J 439 -1.10 -9.38 18.57
CA ASN J 439 -0.49 -10.54 17.93
C ASN J 439 -0.98 -10.76 16.50
N GLN J 440 -2.25 -10.45 16.24
CA GLN J 440 -2.81 -10.51 14.89
C GLN J 440 -2.20 -9.48 13.96
N ALA J 441 -1.83 -8.32 14.51
CA ALA J 441 -1.12 -7.28 13.74
C ALA J 441 0.30 -7.70 13.37
N VAL J 442 0.91 -8.58 14.17
CA VAL J 442 2.23 -9.14 13.88
C VAL J 442 2.11 -10.31 12.89
N VAL J 443 0.98 -11.02 12.91
CA VAL J 443 0.71 -12.10 11.93
C VAL J 443 0.39 -11.51 10.56
N SER J 444 -0.40 -10.44 10.52
CA SER J 444 -0.77 -9.79 9.26
C SER J 444 0.40 -9.03 8.61
N LYS J 445 1.48 -8.82 9.35
CA LYS J 445 2.75 -8.35 8.78
C LYS J 445 3.32 -9.43 7.87
N LEU J 446 3.58 -10.61 8.44
CA LEU J 446 4.13 -11.75 7.69
C LEU J 446 3.01 -12.52 6.97
N ALA J 447 2.82 -12.21 5.69
CA ALA J 447 1.80 -12.83 4.85
C ALA J 447 0.37 -12.47 5.30
N SER K 7 27.25 -56.14 -21.74
CA SER K 7 28.65 -55.73 -21.46
C SER K 7 28.77 -54.42 -20.66
N ALA K 8 27.81 -53.51 -20.84
CA ALA K 8 27.84 -52.21 -20.16
C ALA K 8 27.13 -52.20 -18.80
N LEU K 9 26.05 -52.98 -18.66
CA LEU K 9 25.22 -52.99 -17.44
C LEU K 9 25.90 -53.63 -16.21
N GLU K 10 26.94 -54.42 -16.40
CA GLU K 10 27.63 -55.10 -15.30
C GLU K 10 28.87 -54.34 -14.80
N GLN K 11 29.08 -53.12 -15.32
CA GLN K 11 30.31 -52.37 -15.04
C GLN K 11 30.17 -51.39 -13.88
N PHE K 12 29.10 -50.60 -13.90
CA PHE K 12 28.91 -49.52 -12.92
C PHE K 12 28.15 -49.94 -11.65
N VAL K 13 28.15 -51.24 -11.35
CA VAL K 13 27.74 -51.75 -10.05
C VAL K 13 28.90 -51.57 -9.07
N ASN K 14 30.12 -51.58 -9.61
CA ASN K 14 31.33 -51.35 -8.83
C ASN K 14 31.61 -49.86 -8.60
N SER K 15 31.13 -49.00 -9.51
CA SER K 15 31.32 -47.56 -9.40
C SER K 15 30.55 -46.94 -8.23
N VAL K 16 29.46 -47.59 -7.81
CA VAL K 16 28.68 -47.16 -6.66
C VAL K 16 29.41 -47.51 -5.36
N ARG K 17 29.96 -48.72 -5.31
CA ARG K 17 30.69 -49.22 -4.14
C ARG K 17 32.02 -48.50 -3.92
N GLN K 18 32.65 -48.04 -5.00
CA GLN K 18 33.90 -47.30 -4.92
C GLN K 18 33.69 -45.88 -4.36
N LEU K 19 32.60 -45.24 -4.76
CA LEU K 19 32.20 -43.95 -4.17
C LEU K 19 31.71 -44.12 -2.74
N SER K 20 31.07 -45.25 -2.45
CA SER K 20 30.65 -45.57 -1.09
C SER K 20 31.87 -45.75 -0.19
N ALA K 21 31.73 -45.34 1.08
CA ALA K 21 32.83 -45.28 2.03
C ALA K 21 33.96 -44.36 1.54
N GLN K 22 33.59 -43.10 1.25
CA GLN K 22 34.53 -42.07 0.83
C GLN K 22 34.14 -40.70 1.41
N GLY K 23 35.01 -39.72 1.20
CA GLY K 23 34.73 -38.34 1.60
C GLY K 23 33.69 -37.66 0.72
N GLN K 24 33.63 -38.06 -0.55
CA GLN K 24 32.67 -37.51 -1.51
C GLN K 24 31.87 -38.61 -2.23
N MET K 25 30.54 -38.44 -2.25
CA MET K 25 29.64 -39.28 -3.04
C MET K 25 28.83 -38.41 -4.00
N THR K 26 29.33 -37.21 -4.30
CA THR K 26 28.63 -36.27 -5.17
C THR K 26 28.68 -36.67 -6.65
N GLN K 27 29.52 -37.64 -6.98
CA GLN K 27 29.55 -38.24 -8.31
C GLN K 27 28.52 -39.35 -8.43
N LEU K 28 28.07 -39.89 -7.29
CA LEU K 28 26.95 -40.83 -7.26
C LEU K 28 25.62 -40.13 -7.53
N CYS K 29 25.58 -38.81 -7.34
CA CYS K 29 24.43 -37.99 -7.68
C CYS K 29 24.22 -37.88 -9.20
N GLU K 30 25.26 -38.17 -9.99
CA GLU K 30 25.16 -38.18 -11.44
C GLU K 30 24.96 -39.58 -12.02
N LEU K 31 25.35 -40.63 -11.29
CA LEU K 31 25.10 -42.01 -11.71
C LEU K 31 23.62 -42.40 -11.60
N ILE K 32 22.97 -41.96 -10.51
CA ILE K 32 21.55 -42.26 -10.28
C ILE K 32 20.65 -41.46 -11.25
N ASN K 33 21.12 -40.28 -11.67
CA ASN K 33 20.38 -39.44 -12.61
C ASN K 33 20.52 -39.90 -14.07
N LYS K 34 21.66 -40.51 -14.41
CA LYS K 34 21.90 -41.00 -15.77
C LYS K 34 21.14 -42.30 -16.05
N SER K 35 21.54 -43.38 -15.39
CA SER K 35 20.87 -44.70 -15.50
C SER K 35 21.10 -45.42 -16.84
N GLY K 36 20.90 -44.71 -17.95
CA GLY K 36 20.96 -45.31 -19.28
C GLY K 36 19.58 -45.50 -19.90
N GLU K 37 18.56 -44.94 -19.25
CA GLU K 37 17.16 -45.02 -19.69
C GLU K 37 16.64 -46.47 -19.78
N LEU K 38 16.97 -47.15 -20.87
CA LEU K 38 16.49 -48.51 -21.10
C LEU K 38 17.31 -49.53 -20.29
N LEU K 39 17.04 -49.59 -18.99
CA LEU K 39 17.70 -50.55 -18.10
C LEU K 39 17.07 -51.92 -18.30
N ALA K 40 17.90 -52.92 -18.62
CA ALA K 40 17.40 -54.24 -18.96
C ALA K 40 16.80 -54.96 -17.75
N LYS K 41 16.11 -56.05 -18.03
CA LYS K 41 15.62 -56.99 -17.01
C LYS K 41 16.72 -57.48 -16.05
N ASN K 42 17.97 -57.15 -16.34
CA ASN K 42 19.13 -57.70 -15.64
C ASN K 42 19.39 -57.15 -14.24
N LEU K 43 18.76 -56.01 -13.89
CA LEU K 43 19.00 -55.37 -12.60
C LEU K 43 18.44 -56.13 -11.40
N SER K 44 17.56 -57.11 -11.66
CA SER K 44 17.08 -58.04 -10.62
C SER K 44 18.24 -58.84 -10.01
N HIS K 45 19.17 -59.26 -10.86
CA HIS K 45 20.36 -60.00 -10.41
C HIS K 45 21.29 -59.08 -9.61
N LEU K 46 21.60 -57.92 -10.18
CA LEU K 46 22.61 -57.00 -9.62
C LEU K 46 22.27 -56.49 -8.22
N ASP K 47 21.02 -56.66 -7.79
CA ASP K 47 20.60 -56.23 -6.46
C ASP K 47 20.80 -57.31 -5.39
N THR K 48 21.31 -58.49 -5.78
CA THR K 48 21.53 -59.57 -4.82
C THR K 48 22.96 -59.61 -4.28
N VAL K 49 23.95 -59.42 -5.15
CA VAL K 49 25.35 -59.35 -4.75
C VAL K 49 25.67 -57.87 -4.58
N LEU K 50 25.15 -57.29 -3.50
CA LEU K 50 25.13 -55.83 -3.35
C LEU K 50 25.19 -55.33 -1.89
N GLY K 51 24.30 -55.81 -1.05
CA GLY K 51 24.21 -55.36 0.36
C GLY K 51 25.51 -55.50 1.12
N ALA K 52 26.42 -54.53 0.94
CA ALA K 52 27.76 -54.57 1.52
C ALA K 52 27.88 -53.66 2.75
N LEU K 53 27.84 -52.35 2.54
CA LEU K 53 27.91 -51.38 3.64
C LEU K 53 26.51 -51.29 4.26
N ASP K 54 25.53 -50.95 3.44
CA ASP K 54 24.11 -51.12 3.77
C ASP K 54 23.27 -50.96 2.50
N VAL K 55 23.64 -51.72 1.47
CA VAL K 55 22.94 -51.75 0.17
C VAL K 55 23.10 -50.47 -0.69
N GLN K 56 23.70 -49.42 -0.12
CA GLN K 56 24.00 -48.16 -0.86
C GLN K 56 22.75 -47.49 -1.46
N GLU K 57 22.98 -46.40 -2.21
CA GLU K 57 21.92 -45.76 -3.00
C GLU K 57 21.70 -46.50 -4.33
N HIS K 58 22.39 -47.62 -4.50
CA HIS K 58 22.19 -48.53 -5.63
C HIS K 58 20.73 -49.01 -5.69
N SER K 59 20.24 -49.50 -4.56
CA SER K 59 18.85 -49.98 -4.46
C SER K 59 17.84 -48.94 -4.93
N LEU K 60 18.12 -47.67 -4.65
CA LEU K 60 17.23 -46.58 -5.05
C LEU K 60 17.19 -46.39 -6.57
N GLY K 61 18.35 -46.45 -7.21
CA GLY K 61 18.43 -46.38 -8.67
C GLY K 61 17.69 -47.53 -9.35
N VAL K 62 17.74 -48.70 -8.73
CA VAL K 62 17.06 -49.89 -9.26
C VAL K 62 15.55 -49.79 -9.09
N LEU K 63 15.11 -49.55 -7.85
CA LEU K 63 13.69 -49.51 -7.51
C LEU K 63 12.91 -48.41 -8.25
N ALA K 64 13.58 -47.31 -8.58
CA ALA K 64 12.95 -46.21 -9.33
C ALA K 64 12.52 -46.65 -10.72
N VAL K 65 13.33 -47.49 -11.36
CA VAL K 65 13.05 -47.96 -12.72
C VAL K 65 11.95 -49.03 -12.73
N LEU K 66 11.92 -49.88 -11.71
CA LEU K 66 10.92 -50.96 -11.60
C LEU K 66 9.49 -50.43 -11.56
N PHE K 67 9.24 -49.49 -10.65
CA PHE K 67 7.89 -48.96 -10.44
C PHE K 67 7.46 -47.94 -11.51
N VAL K 68 8.43 -47.41 -12.25
CA VAL K 68 8.13 -46.50 -13.37
C VAL K 68 8.19 -47.27 -14.71
N LYS K 69 7.94 -48.57 -14.66
CA LYS K 69 7.66 -49.35 -15.88
C LYS K 69 6.29 -48.97 -16.43
N PHE K 70 5.32 -48.77 -15.53
CA PHE K 70 3.92 -48.55 -15.89
C PHE K 70 3.41 -49.63 -16.85
N SER K 71 3.89 -50.86 -16.65
CA SER K 71 3.66 -51.96 -17.58
C SER K 71 4.18 -53.26 -16.98
N MET K 72 3.27 -54.07 -16.45
CA MET K 72 3.60 -55.35 -15.82
C MET K 72 4.58 -55.12 -14.67
N PRO K 73 4.06 -54.86 -13.46
CA PRO K 73 4.88 -54.40 -12.33
C PRO K 73 6.24 -55.11 -12.26
N SER K 74 6.19 -56.42 -12.16
CA SER K 74 7.37 -57.28 -12.21
C SER K 74 6.86 -58.68 -12.45
N VAL K 75 6.00 -58.82 -13.46
CA VAL K 75 5.03 -59.92 -13.60
C VAL K 75 4.16 -60.01 -12.32
N PRO K 76 3.14 -60.88 -12.30
CA PRO K 76 2.29 -60.99 -11.09
C PRO K 76 3.02 -61.30 -9.78
N ASP K 77 4.31 -61.59 -9.83
CA ASP K 77 5.18 -61.62 -8.66
C ASP K 77 5.44 -60.19 -8.19
N PHE K 78 4.38 -59.53 -7.70
CA PHE K 78 4.51 -58.21 -7.10
C PHE K 78 4.70 -58.36 -5.58
N GLU K 79 4.56 -59.60 -5.09
CA GLU K 79 5.00 -59.95 -3.74
C GLU K 79 6.52 -59.95 -3.65
N THR K 80 7.18 -60.33 -4.75
CA THR K 80 8.63 -60.21 -4.86
C THR K 80 9.01 -58.73 -4.96
N LEU K 81 8.17 -57.97 -5.66
CA LEU K 81 8.37 -56.53 -5.81
C LEU K 81 8.13 -55.75 -4.51
N PHE K 82 7.21 -56.21 -3.66
CA PHE K 82 6.94 -55.53 -2.38
C PHE K 82 7.96 -55.89 -1.32
N SER K 83 8.22 -57.20 -1.16
CA SER K 83 9.23 -57.66 -0.21
C SER K 83 10.62 -57.13 -0.54
N GLN K 84 10.81 -56.70 -1.80
CA GLN K 84 12.02 -55.99 -2.22
C GLN K 84 12.07 -54.59 -1.59
N VAL K 85 10.98 -53.83 -1.72
CA VAL K 85 10.88 -52.49 -1.15
C VAL K 85 10.73 -52.54 0.38
N GLN K 86 10.14 -53.63 0.88
CA GLN K 86 9.88 -53.80 2.31
C GLN K 86 11.16 -53.76 3.15
N LEU K 87 12.19 -54.49 2.72
CA LEU K 87 13.46 -54.54 3.45
C LEU K 87 14.31 -53.28 3.28
N PHE K 88 14.21 -52.64 2.11
CA PHE K 88 14.94 -51.40 1.83
C PHE K 88 14.49 -50.26 2.73
N ILE K 89 13.17 -50.15 2.92
CA ILE K 89 12.58 -49.07 3.72
C ILE K 89 12.75 -49.31 5.24
N SER K 90 12.87 -50.58 5.63
CA SER K 90 12.87 -50.94 7.05
C SER K 90 14.11 -50.49 7.83
N THR K 91 15.10 -51.39 7.98
CA THR K 91 16.28 -51.12 8.79
C THR K 91 17.55 -50.88 7.95
N CYS K 92 17.43 -50.96 6.64
CA CYS K 92 18.51 -50.60 5.74
C CYS K 92 18.74 -49.09 5.76
N ASN K 93 17.64 -48.34 5.67
CA ASN K 93 17.61 -46.87 5.67
C ASN K 93 18.75 -46.14 4.93
N GLY K 94 19.99 -46.34 5.36
CA GLY K 94 21.13 -45.61 4.82
C GLY K 94 21.42 -44.40 5.68
N GLU K 95 21.48 -43.23 5.04
CA GLU K 95 21.86 -41.99 5.70
C GLU K 95 21.72 -40.82 4.72
N HIS K 96 22.31 -41.00 3.55
CA HIS K 96 22.28 -39.99 2.49
C HIS K 96 21.04 -40.13 1.60
N ILE K 97 19.93 -40.58 2.18
CA ILE K 97 18.63 -40.57 1.52
C ILE K 97 18.17 -39.12 1.40
N ARG K 98 18.58 -38.31 2.36
CA ARG K 98 18.32 -36.86 2.38
C ARG K 98 18.79 -36.15 1.10
N TYR K 99 19.95 -36.56 0.57
CA TYR K 99 20.55 -35.89 -0.57
C TYR K 99 20.18 -36.55 -1.91
N ALA K 100 19.19 -37.44 -1.86
CA ALA K 100 18.62 -38.02 -3.06
C ALA K 100 17.13 -38.29 -2.84
N THR K 101 16.37 -37.23 -2.61
CA THR K 101 14.90 -37.31 -2.53
C THR K 101 14.27 -37.11 -3.91
N ASP K 102 15.10 -37.00 -4.94
CA ASP K 102 14.65 -36.88 -6.32
C ASP K 102 13.81 -38.09 -6.70
N THR K 103 14.40 -39.28 -6.58
CA THR K 103 13.72 -40.54 -6.87
C THR K 103 13.19 -41.25 -5.61
N PHE K 104 13.56 -40.78 -4.42
CA PHE K 104 13.07 -41.36 -3.17
C PHE K 104 11.67 -40.85 -2.84
N ALA K 105 11.41 -39.59 -3.14
CA ALA K 105 10.06 -39.06 -3.11
C ALA K 105 9.21 -39.83 -4.12
N GLY K 106 9.78 -40.05 -5.32
CA GLY K 106 9.12 -40.80 -6.37
C GLY K 106 8.92 -42.29 -6.11
N LEU K 107 9.79 -42.87 -5.27
CA LEU K 107 9.65 -44.27 -4.86
C LEU K 107 8.38 -44.49 -4.04
N CYS K 108 8.09 -43.54 -3.15
CA CYS K 108 6.90 -43.60 -2.30
C CYS K 108 5.61 -43.19 -3.04
N HIS K 109 5.76 -42.39 -4.09
CA HIS K 109 4.61 -42.00 -4.93
C HIS K 109 4.07 -43.15 -5.76
N GLN K 110 4.97 -43.89 -6.41
CA GLN K 110 4.59 -45.00 -7.29
C GLN K 110 4.12 -46.21 -6.48
N LEU K 111 4.80 -46.49 -5.37
CA LEU K 111 4.38 -47.55 -4.44
C LEU K 111 2.97 -47.28 -3.92
N THR K 112 2.67 -46.00 -3.70
CA THR K 112 1.34 -45.59 -3.28
C THR K 112 0.32 -45.75 -4.41
N ASN K 113 0.53 -45.01 -5.50
CA ASN K 113 -0.39 -45.01 -6.64
C ASN K 113 -0.88 -46.41 -7.07
N ALA K 114 0.02 -47.39 -6.99
CA ALA K 114 -0.31 -48.78 -7.31
C ALA K 114 -1.19 -49.41 -6.23
N LEU K 115 -0.71 -49.40 -4.99
CA LEU K 115 -1.44 -49.98 -3.86
C LEU K 115 -2.87 -49.44 -3.70
N VAL K 116 -3.05 -48.17 -4.05
CA VAL K 116 -4.36 -47.53 -4.02
C VAL K 116 -5.35 -48.28 -4.91
N GLU K 117 -5.02 -48.37 -6.19
CA GLU K 117 -5.90 -48.99 -7.18
C GLU K 117 -5.82 -50.52 -7.19
N ARG K 118 -4.82 -51.08 -6.51
CA ARG K 118 -4.67 -52.54 -6.42
C ARG K 118 -5.81 -53.17 -5.63
N LYS K 119 -5.68 -53.24 -4.30
CA LYS K 119 -6.73 -53.76 -3.43
C LYS K 119 -6.82 -52.88 -2.20
N GLN K 120 -5.77 -52.88 -1.38
CA GLN K 120 -5.71 -52.07 -0.18
C GLN K 120 -4.27 -52.03 0.35
N PRO K 121 -3.81 -50.87 0.83
CA PRO K 121 -2.56 -50.77 1.57
C PRO K 121 -2.80 -50.67 3.07
N LEU K 122 -2.85 -51.81 3.76
CA LEU K 122 -2.85 -51.84 5.22
C LEU K 122 -1.44 -52.14 5.71
N ARG K 123 -0.69 -52.95 4.96
CA ARG K 123 0.75 -53.06 5.13
C ARG K 123 1.46 -51.84 4.54
N GLY K 124 0.94 -51.34 3.42
CA GLY K 124 1.52 -50.18 2.72
C GLY K 124 1.68 -48.93 3.57
N ILE K 125 0.83 -48.79 4.60
CA ILE K 125 0.94 -47.69 5.56
C ILE K 125 2.15 -47.89 6.47
N GLY K 126 2.27 -49.10 7.02
CA GLY K 126 3.38 -49.44 7.92
C GLY K 126 4.76 -49.19 7.34
N ILE K 127 4.92 -49.51 6.06
CA ILE K 127 6.19 -49.28 5.34
C ILE K 127 6.48 -47.78 5.18
N LEU K 128 5.44 -47.01 4.82
CA LEU K 128 5.62 -45.58 4.50
C LEU K 128 5.95 -44.71 5.73
N LYS K 129 5.74 -45.23 6.94
CA LYS K 129 6.08 -44.51 8.17
C LYS K 129 7.59 -44.29 8.30
N GLN K 130 8.35 -45.39 8.29
CA GLN K 130 9.82 -45.32 8.42
C GLN K 130 10.48 -44.58 7.25
N ALA K 131 9.81 -44.54 6.10
CA ALA K 131 10.30 -43.78 4.94
C ALA K 131 10.44 -42.29 5.24
N ILE K 132 9.59 -41.78 6.12
CA ILE K 132 9.62 -40.38 6.51
C ILE K 132 10.75 -40.08 7.50
N ASP K 133 11.10 -41.06 8.33
CA ASP K 133 11.89 -40.81 9.55
C ASP K 133 13.38 -40.50 9.38
N LYS K 134 14.02 -41.08 8.36
CA LYS K 134 15.42 -40.72 8.05
C LYS K 134 15.50 -39.73 6.89
N MET K 135 14.35 -39.35 6.34
CA MET K 135 14.27 -38.30 5.33
C MET K 135 14.18 -36.95 6.04
N GLN K 136 13.22 -36.81 6.95
CA GLN K 136 13.14 -35.64 7.81
C GLN K 136 14.05 -35.85 9.01
N MET K 137 14.71 -34.79 9.43
CA MET K 137 15.74 -34.91 10.46
C MET K 137 15.15 -34.77 11.87
N ASN K 138 14.80 -33.53 12.26
CA ASN K 138 14.48 -33.22 13.66
C ASN K 138 12.99 -32.95 13.94
N THR K 139 12.55 -31.72 13.74
CA THR K 139 11.24 -31.25 14.21
C THR K 139 10.12 -31.54 13.22
N ASN K 140 10.24 -32.64 12.49
CA ASN K 140 9.36 -32.97 11.37
C ASN K 140 9.43 -31.92 10.25
N GLN K 141 9.57 -32.41 9.01
CA GLN K 141 9.73 -31.55 7.85
C GLN K 141 8.78 -32.01 6.77
N LEU K 142 7.91 -31.11 6.30
CA LEU K 142 6.79 -31.46 5.42
C LEU K 142 7.24 -31.97 4.05
N THR K 143 7.48 -33.28 3.97
CA THR K 143 7.81 -33.94 2.70
C THR K 143 6.55 -34.44 1.99
N SER K 144 6.74 -34.82 0.73
CA SER K 144 5.66 -35.35 -0.10
C SER K 144 5.12 -36.69 0.43
N ILE K 145 5.92 -37.42 1.19
CA ILE K 145 5.52 -38.71 1.77
C ILE K 145 4.36 -38.56 2.77
N HIS K 146 4.34 -37.44 3.50
CA HIS K 146 3.22 -37.17 4.42
C HIS K 146 1.89 -37.14 3.67
N ALA K 147 1.89 -36.49 2.51
CA ALA K 147 0.71 -36.44 1.66
C ALA K 147 0.21 -37.83 1.26
N ASP K 148 1.14 -38.72 0.89
CA ASP K 148 0.81 -40.08 0.49
C ASP K 148 0.36 -40.94 1.67
N LEU K 149 1.12 -40.89 2.77
CA LEU K 149 0.80 -41.65 3.98
C LEU K 149 -0.67 -41.49 4.38
N CYS K 150 -1.20 -40.29 4.20
CA CYS K 150 -2.60 -40.01 4.45
C CYS K 150 -3.49 -40.66 3.39
N GLN K 151 -3.12 -40.50 2.12
CA GLN K 151 -3.88 -41.08 1.00
C GLN K 151 -4.07 -42.59 1.17
N LEU K 152 -3.04 -43.27 1.67
CA LEU K 152 -3.11 -44.70 1.95
C LEU K 152 -4.09 -44.98 3.08
N CYS K 153 -3.84 -44.36 4.23
CA CYS K 153 -4.60 -44.63 5.45
C CYS K 153 -5.98 -43.96 5.47
N LEU K 154 -6.27 -43.14 4.47
CA LEU K 154 -7.63 -42.65 4.25
C LEU K 154 -8.45 -43.75 3.59
N LEU K 155 -7.94 -44.26 2.48
CA LEU K 155 -8.64 -45.26 1.68
C LEU K 155 -8.67 -46.60 2.40
N ALA K 156 -7.51 -47.06 2.84
CA ALA K 156 -7.44 -48.17 3.79
C ALA K 156 -7.98 -47.63 5.10
N LYS K 157 -9.19 -48.04 5.47
CA LYS K 157 -9.94 -47.39 6.56
C LYS K 157 -9.26 -47.59 7.93
N CYS K 158 -8.13 -46.92 8.10
CA CYS K 158 -7.30 -47.09 9.29
C CYS K 158 -6.50 -45.80 9.52
N PHE K 159 -7.14 -44.84 10.20
CA PHE K 159 -6.57 -43.51 10.37
C PHE K 159 -5.63 -43.44 11.59
N LYS K 160 -5.59 -44.53 12.35
CA LYS K 160 -4.82 -44.62 13.59
C LYS K 160 -3.34 -44.23 13.47
N PRO K 161 -2.61 -44.81 12.50
CA PRO K 161 -1.15 -44.70 12.50
C PRO K 161 -0.57 -43.40 11.98
N ALA K 162 -1.33 -42.66 11.15
CA ALA K 162 -0.84 -41.41 10.57
C ALA K 162 -0.91 -40.24 11.54
N LEU K 163 -1.67 -40.39 12.62
CA LEU K 163 -1.88 -39.32 13.59
C LEU K 163 -0.60 -38.84 14.31
N PRO K 164 0.31 -39.77 14.66
CA PRO K 164 1.63 -39.39 15.15
C PRO K 164 2.30 -38.26 14.36
N TYR K 165 2.11 -38.24 13.04
CA TYR K 165 2.67 -37.19 12.19
C TYR K 165 1.69 -36.03 11.96
N LEU K 166 0.39 -36.31 11.96
CA LEU K 166 -0.63 -35.26 11.84
C LEU K 166 -0.71 -34.35 13.08
N ASP K 167 -0.32 -34.87 14.24
CA ASP K 167 -0.36 -34.11 15.50
C ASP K 167 0.63 -32.93 15.51
N VAL K 168 1.82 -33.14 14.96
CA VAL K 168 2.83 -32.08 14.88
C VAL K 168 2.57 -31.22 13.64
N ASP K 169 2.52 -29.90 13.82
CA ASP K 169 2.40 -28.97 12.69
C ASP K 169 3.79 -28.60 12.18
N MET K 170 4.37 -29.55 11.44
CA MET K 170 5.72 -29.43 10.89
C MET K 170 5.94 -28.17 10.05
N MET K 171 6.91 -27.35 10.44
CA MET K 171 7.39 -26.27 9.57
C MET K 171 8.50 -26.82 8.67
N ASP K 172 8.94 -26.00 7.72
CA ASP K 172 10.05 -26.33 6.81
C ASP K 172 9.67 -27.43 5.81
N ILE K 173 9.44 -27.04 4.55
CA ILE K 173 9.08 -27.98 3.48
C ILE K 173 10.33 -28.69 2.96
N CYS K 174 10.34 -30.02 3.05
CA CYS K 174 11.43 -30.83 2.52
C CYS K 174 11.38 -30.88 1.00
N LYS K 175 12.33 -30.19 0.37
CA LYS K 175 12.44 -30.16 -1.09
C LYS K 175 13.56 -31.13 -1.51
N GLU K 176 14.80 -30.64 -1.55
CA GLU K 176 15.98 -31.46 -1.91
C GLU K 176 15.88 -32.03 -3.33
N ASN K 177 16.59 -31.41 -4.27
CA ASN K 177 16.50 -31.73 -5.70
C ASN K 177 15.09 -31.46 -6.22
N GLY K 178 14.52 -30.33 -5.80
CA GLY K 178 13.11 -30.01 -6.07
C GLY K 178 12.22 -30.90 -5.23
N ALA K 179 11.98 -32.12 -5.74
CA ALA K 179 11.23 -33.17 -5.05
C ALA K 179 10.09 -32.69 -4.14
N TYR K 180 9.31 -31.73 -4.63
CA TYR K 180 8.05 -31.36 -4.00
C TYR K 180 7.13 -30.65 -4.99
N ASP K 181 5.85 -30.98 -4.90
CA ASP K 181 4.83 -30.55 -5.86
C ASP K 181 3.87 -29.56 -5.21
N ALA K 182 3.31 -28.67 -6.03
CA ALA K 182 2.38 -27.64 -5.56
C ALA K 182 1.02 -28.16 -5.09
N LYS K 183 0.74 -29.44 -5.35
CA LYS K 183 -0.48 -30.09 -4.84
C LYS K 183 -0.23 -31.07 -3.68
N HIS K 184 1.02 -31.53 -3.49
CA HIS K 184 1.33 -32.41 -2.37
C HIS K 184 1.36 -31.68 -1.02
N PHE K 185 1.35 -30.35 -1.07
CA PHE K 185 1.02 -29.53 0.09
C PHE K 185 -0.48 -29.63 0.36
N LEU K 186 -1.28 -29.38 -0.68
CA LEU K 186 -2.74 -29.44 -0.58
C LEU K 186 -3.25 -30.81 -0.14
N CYS K 187 -2.60 -31.87 -0.64
CA CYS K 187 -3.00 -33.24 -0.35
C CYS K 187 -2.96 -33.54 1.15
N TYR K 188 -1.80 -33.31 1.76
CA TYR K 188 -1.62 -33.54 3.20
C TYR K 188 -2.72 -32.87 4.01
N TYR K 189 -2.84 -31.55 3.86
CA TYR K 189 -3.81 -30.78 4.64
C TYR K 189 -5.26 -30.98 4.19
N TYR K 190 -5.47 -31.53 2.99
CA TYR K 190 -6.82 -31.91 2.55
C TYR K 190 -7.21 -33.26 3.13
N TYR K 191 -6.35 -34.26 2.92
CA TYR K 191 -6.57 -35.58 3.49
C TYR K 191 -6.65 -35.50 5.00
N GLY K 192 -5.61 -34.91 5.61
CA GLY K 192 -5.54 -34.74 7.06
C GLY K 192 -6.83 -34.17 7.63
N GLY K 193 -7.35 -33.13 6.98
CA GLY K 193 -8.62 -32.53 7.38
C GLY K 193 -9.74 -33.55 7.42
N MET K 194 -9.84 -34.35 6.35
CA MET K 194 -10.84 -35.39 6.28
C MET K 194 -10.58 -36.48 7.32
N ILE K 195 -9.31 -36.81 7.54
CA ILE K 195 -8.93 -37.80 8.54
C ILE K 195 -9.52 -37.45 9.90
N TYR K 196 -9.27 -36.24 10.36
CA TYR K 196 -9.81 -35.79 11.64
C TYR K 196 -11.33 -35.63 11.60
N THR K 197 -11.87 -35.30 10.43
CA THR K 197 -13.32 -35.13 10.26
C THR K 197 -14.09 -36.40 10.63
N GLY K 198 -13.57 -37.55 10.24
CA GLY K 198 -14.19 -38.84 10.59
C GLY K 198 -14.02 -39.20 12.06
N LEU K 199 -12.85 -38.87 12.61
CA LEU K 199 -12.56 -39.10 14.03
C LEU K 199 -13.28 -38.08 14.91
N LYS K 200 -13.78 -37.02 14.29
CA LYS K 200 -14.61 -35.99 14.93
C LYS K 200 -13.79 -35.09 15.86
N ASN K 201 -12.57 -34.79 15.42
CA ASN K 201 -11.72 -33.78 16.04
C ASN K 201 -11.86 -32.52 15.18
N PHE K 202 -13.03 -31.90 15.27
CA PHE K 202 -13.41 -30.84 14.34
C PHE K 202 -12.51 -29.61 14.41
N GLU K 203 -11.95 -29.33 15.58
CA GLU K 203 -11.03 -28.20 15.74
C GLU K 203 -9.83 -28.35 14.81
N ARG K 204 -9.11 -29.47 14.97
CA ARG K 204 -7.92 -29.72 14.18
C ARG K 204 -8.29 -29.91 12.70
N ALA K 205 -9.45 -30.51 12.47
CA ALA K 205 -9.96 -30.71 11.11
C ALA K 205 -10.10 -29.39 10.37
N LEU K 206 -10.69 -28.40 11.02
CA LEU K 206 -10.90 -27.10 10.41
C LEU K 206 -9.58 -26.43 10.06
N TYR K 207 -8.66 -26.45 11.02
CA TYR K 207 -7.34 -25.82 10.85
C TYR K 207 -6.57 -26.40 9.65
N PHE K 208 -6.76 -27.68 9.37
CA PHE K 208 -6.10 -28.33 8.23
C PHE K 208 -6.65 -27.83 6.90
N TYR K 209 -7.96 -27.96 6.71
CA TYR K 209 -8.63 -27.45 5.51
C TYR K 209 -8.27 -25.99 5.25
N GLU K 210 -8.14 -25.23 6.33
CA GLU K 210 -7.78 -23.80 6.26
C GLU K 210 -6.48 -23.59 5.51
N GLN K 211 -5.43 -24.28 5.93
CA GLN K 211 -4.10 -24.13 5.31
C GLN K 211 -4.07 -24.56 3.84
N ALA K 212 -5.02 -25.39 3.43
CA ALA K 212 -5.18 -25.73 2.02
C ALA K 212 -5.69 -24.55 1.22
N ILE K 213 -6.69 -23.86 1.75
CA ILE K 213 -7.34 -22.75 1.04
C ILE K 213 -6.42 -21.54 0.91
N THR K 214 -5.53 -21.36 1.90
CA THR K 214 -4.57 -20.25 1.88
C THR K 214 -3.62 -20.34 0.70
N THR K 215 -2.96 -21.49 0.58
CA THR K 215 -1.92 -21.74 -0.43
C THR K 215 -2.12 -20.93 -1.72
N PRO K 216 -1.08 -20.19 -2.15
CA PRO K 216 -1.27 -19.36 -3.35
C PRO K 216 -1.45 -20.21 -4.59
N ALA K 217 -2.26 -19.74 -5.51
CA ALA K 217 -2.54 -20.46 -6.75
C ALA K 217 -3.05 -19.50 -7.82
N MET K 218 -2.27 -19.38 -8.89
CA MET K 218 -2.66 -18.52 -10.02
C MET K 218 -3.87 -19.09 -10.78
N ALA K 219 -4.12 -20.40 -10.61
CA ALA K 219 -5.30 -21.05 -11.18
C ALA K 219 -6.10 -21.76 -10.10
N VAL K 220 -7.32 -22.17 -10.44
CA VAL K 220 -8.19 -22.91 -9.52
C VAL K 220 -7.86 -24.40 -9.58
N SER K 221 -7.09 -24.87 -8.60
CA SER K 221 -6.84 -26.29 -8.42
C SER K 221 -8.08 -26.95 -7.82
N HIS K 222 -8.15 -28.27 -7.94
CA HIS K 222 -9.38 -29.01 -7.68
C HIS K 222 -9.54 -29.44 -6.21
N ILE K 223 -8.43 -29.49 -5.48
CA ILE K 223 -8.45 -29.79 -4.04
C ILE K 223 -9.05 -28.63 -3.27
N MET K 224 -8.67 -27.41 -3.69
CA MET K 224 -9.04 -26.19 -2.97
C MET K 224 -10.55 -25.97 -2.94
N LEU K 225 -11.25 -26.45 -3.96
CA LEU K 225 -12.72 -26.36 -3.98
C LEU K 225 -13.38 -27.29 -2.98
N GLU K 226 -12.82 -28.49 -2.83
CA GLU K 226 -13.40 -29.49 -1.92
C GLU K 226 -13.13 -29.17 -0.45
N SER K 227 -11.90 -28.77 -0.13
CA SER K 227 -11.55 -28.39 1.24
C SER K 227 -12.49 -27.31 1.75
N TYR K 228 -12.82 -26.35 0.88
CA TYR K 228 -13.72 -25.23 1.20
C TYR K 228 -15.14 -25.70 1.54
N LYS K 229 -15.66 -26.61 0.71
CA LYS K 229 -17.02 -27.13 0.90
C LYS K 229 -17.18 -27.84 2.24
N LYS K 230 -16.23 -28.71 2.57
CA LYS K 230 -16.23 -29.43 3.83
C LYS K 230 -15.90 -28.49 5.00
N TYR K 231 -14.94 -27.59 4.77
CA TYR K 231 -14.60 -26.53 5.73
C TYR K 231 -15.84 -25.75 6.16
N ILE K 232 -16.74 -25.50 5.22
CA ILE K 232 -18.03 -24.87 5.52
C ILE K 232 -18.81 -25.68 6.53
N LEU K 233 -18.90 -26.98 6.27
CA LEU K 233 -19.65 -27.87 7.15
C LEU K 233 -19.02 -27.96 8.54
N VAL K 234 -17.69 -27.95 8.61
CA VAL K 234 -16.99 -28.10 9.89
C VAL K 234 -17.31 -26.95 10.84
N SER K 235 -17.22 -25.72 10.34
CA SER K 235 -17.49 -24.54 11.15
C SER K 235 -18.96 -24.45 11.57
N LEU K 236 -19.86 -24.99 10.75
CA LEU K 236 -21.28 -24.98 11.08
C LEU K 236 -21.67 -26.04 12.11
N ILE K 237 -20.80 -27.03 12.32
CA ILE K 237 -21.00 -28.01 13.40
C ILE K 237 -20.23 -27.56 14.65
N LEU K 238 -18.94 -27.28 14.48
CA LEU K 238 -18.08 -26.81 15.56
C LEU K 238 -18.64 -25.54 16.18
N LEU K 239 -18.83 -24.53 15.32
CA LEU K 239 -19.42 -23.27 15.72
C LEU K 239 -20.87 -23.30 15.24
N GLY K 240 -21.53 -22.16 15.28
CA GLY K 240 -22.86 -22.03 14.68
C GLY K 240 -22.87 -20.99 13.59
N LYS K 241 -21.76 -20.89 12.86
CA LYS K 241 -21.54 -19.77 11.95
C LYS K 241 -20.33 -19.98 11.03
N VAL K 242 -20.16 -19.04 10.11
CA VAL K 242 -19.10 -19.09 9.11
C VAL K 242 -17.77 -18.61 9.70
N GLN K 243 -16.77 -19.48 9.69
CA GLN K 243 -15.40 -19.08 10.05
C GLN K 243 -14.76 -18.40 8.85
N GLN K 244 -14.29 -17.17 9.06
CA GLN K 244 -13.61 -16.42 8.01
C GLN K 244 -12.17 -16.86 7.88
N LEU K 245 -11.64 -16.70 6.68
CA LEU K 245 -10.30 -17.12 6.35
C LEU K 245 -9.33 -15.96 6.57
N PRO K 246 -8.02 -16.24 6.46
CA PRO K 246 -7.04 -15.15 6.44
C PRO K 246 -7.20 -14.23 5.23
N LYS K 247 -6.65 -13.02 5.33
CA LYS K 247 -6.62 -12.07 4.22
C LYS K 247 -5.67 -12.52 3.11
N TYR K 248 -4.71 -13.38 3.47
CA TYR K 248 -3.71 -13.87 2.50
C TYR K 248 -4.14 -15.11 1.71
N THR K 249 -5.42 -15.46 1.73
CA THR K 249 -5.94 -16.54 0.88
C THR K 249 -5.81 -16.17 -0.60
N SER K 250 -5.62 -17.19 -1.44
CA SER K 250 -5.41 -16.97 -2.87
C SER K 250 -6.60 -16.21 -3.47
N GLN K 251 -6.32 -15.30 -4.38
CA GLN K 251 -7.37 -14.47 -5.01
C GLN K 251 -8.37 -15.30 -5.81
N ILE K 252 -7.94 -16.43 -6.35
CA ILE K 252 -8.82 -17.36 -7.05
C ILE K 252 -9.91 -17.97 -6.15
N VAL K 253 -9.74 -17.86 -4.83
CA VAL K 253 -10.71 -18.41 -3.88
C VAL K 253 -12.00 -17.56 -3.85
N GLY K 254 -11.88 -16.32 -3.38
CA GLY K 254 -13.03 -15.43 -3.23
C GLY K 254 -13.67 -15.04 -4.54
N ARG K 255 -12.88 -15.01 -5.61
CA ARG K 255 -13.37 -14.68 -6.94
C ARG K 255 -14.20 -15.82 -7.55
N PHE K 256 -13.68 -17.03 -7.49
CA PHE K 256 -14.27 -18.18 -8.20
C PHE K 256 -14.72 -19.32 -7.27
N ILE K 257 -13.80 -19.86 -6.48
CA ILE K 257 -14.05 -21.05 -5.65
C ILE K 257 -15.24 -20.86 -4.71
N LYS K 258 -15.38 -19.66 -4.15
CA LYS K 258 -16.45 -19.38 -3.18
C LYS K 258 -17.86 -19.51 -3.78
N PRO K 259 -18.18 -18.74 -4.85
CA PRO K 259 -19.49 -18.92 -5.48
C PRO K 259 -19.67 -20.26 -6.21
N LEU K 260 -18.58 -20.97 -6.50
CA LEU K 260 -18.66 -22.31 -7.07
C LEU K 260 -19.22 -23.31 -6.05
N SER K 261 -18.85 -23.12 -4.78
CA SER K 261 -19.46 -23.86 -3.67
C SER K 261 -20.57 -23.02 -3.06
N ASN K 262 -21.63 -22.79 -3.84
CA ASN K 262 -22.72 -21.90 -3.45
C ASN K 262 -23.75 -22.57 -2.55
N ALA K 263 -24.07 -23.83 -2.83
CA ALA K 263 -25.08 -24.58 -2.07
C ALA K 263 -24.70 -24.78 -0.60
N TYR K 264 -23.41 -24.59 -0.28
CA TYR K 264 -22.92 -24.73 1.09
C TYR K 264 -22.97 -23.40 1.85
N HIS K 265 -22.79 -22.28 1.13
CA HIS K 265 -23.11 -20.95 1.68
C HIS K 265 -24.62 -20.80 1.84
N GLU K 266 -25.35 -21.33 0.86
CA GLU K 266 -26.81 -21.38 0.90
C GLU K 266 -27.31 -22.19 2.11
N LEU K 267 -26.52 -23.14 2.55
CA LEU K 267 -26.80 -23.89 3.78
C LEU K 267 -26.70 -22.95 4.99
N ALA K 268 -25.57 -22.26 5.09
CA ALA K 268 -25.36 -21.30 6.17
C ALA K 268 -26.42 -20.21 6.15
N GLN K 269 -26.92 -19.89 4.95
CA GLN K 269 -28.03 -18.95 4.78
C GLN K 269 -29.18 -19.26 5.73
N VAL K 270 -29.65 -20.50 5.70
CA VAL K 270 -30.77 -20.92 6.53
C VAL K 270 -30.31 -21.19 7.95
N TYR K 271 -29.05 -21.61 8.10
CA TYR K 271 -28.50 -21.97 9.41
C TYR K 271 -28.64 -20.87 10.45
N SER K 272 -28.27 -19.64 10.07
CA SER K 272 -28.29 -18.51 11.00
C SER K 272 -29.69 -18.12 11.47
N THR K 273 -30.72 -18.56 10.74
CA THR K 273 -32.11 -18.30 11.13
C THR K 273 -32.59 -19.24 12.24
N ASN K 274 -31.84 -20.33 12.46
CA ASN K 274 -32.18 -21.34 13.47
C ASN K 274 -33.53 -22.00 13.21
N ASN K 275 -33.65 -22.58 12.02
CA ASN K 275 -34.87 -23.24 11.57
C ASN K 275 -34.52 -24.58 10.92
N PRO K 276 -34.52 -25.67 11.71
CA PRO K 276 -34.18 -26.99 11.17
C PRO K 276 -35.15 -27.50 10.09
N SER K 277 -36.44 -27.25 10.28
CA SER K 277 -37.46 -27.68 9.30
C SER K 277 -37.25 -27.05 7.93
N GLU K 278 -36.87 -25.77 7.93
CA GLU K 278 -36.58 -25.05 6.69
C GLU K 278 -35.26 -25.53 6.11
N LEU K 279 -34.24 -25.61 6.96
CA LEU K 279 -32.92 -26.11 6.57
C LEU K 279 -33.02 -27.46 5.87
N ARG K 280 -33.84 -28.34 6.41
CA ARG K 280 -34.02 -29.69 5.87
C ARG K 280 -34.55 -29.65 4.44
N ASN K 281 -35.48 -28.73 4.17
CA ASN K 281 -36.06 -28.58 2.84
C ASN K 281 -35.05 -28.07 1.80
N LEU K 282 -33.98 -27.43 2.25
CA LEU K 282 -32.88 -27.04 1.37
C LEU K 282 -32.00 -28.23 1.03
N VAL K 283 -31.73 -29.07 2.03
CA VAL K 283 -30.86 -30.24 1.83
C VAL K 283 -31.52 -31.23 0.87
N ASN K 284 -32.84 -31.37 0.96
CA ASN K 284 -33.60 -32.27 0.07
C ASN K 284 -33.67 -31.80 -1.38
N LYS K 285 -33.60 -30.48 -1.59
CA LYS K 285 -33.56 -29.91 -2.94
C LYS K 285 -32.23 -30.21 -3.62
N HIS K 286 -31.14 -29.81 -2.97
CA HIS K 286 -29.79 -30.04 -3.50
C HIS K 286 -29.15 -31.34 -2.98
N SER K 287 -29.99 -32.29 -2.58
CA SER K 287 -29.52 -33.63 -2.18
C SER K 287 -28.46 -34.14 -3.16
N GLU K 288 -28.74 -33.97 -4.44
CA GLU K 288 -27.79 -34.30 -5.50
C GLU K 288 -26.45 -33.60 -5.26
N THR K 289 -26.45 -32.27 -5.29
CA THR K 289 -25.22 -31.48 -5.17
C THR K 289 -24.38 -31.89 -3.95
N PHE K 290 -25.07 -32.20 -2.84
CA PHE K 290 -24.39 -32.61 -1.61
C PHE K 290 -23.91 -34.06 -1.71
N THR K 291 -24.77 -34.96 -2.17
CA THR K 291 -24.42 -36.37 -2.31
C THR K 291 -23.46 -36.64 -3.47
N ARG K 292 -23.40 -35.70 -4.42
CA ARG K 292 -22.45 -35.75 -5.52
C ARG K 292 -21.02 -35.67 -5.00
N ASP K 293 -20.84 -34.87 -3.94
CA ASP K 293 -19.52 -34.62 -3.37
C ASP K 293 -19.15 -35.58 -2.22
N ASN K 294 -20.00 -36.58 -1.99
CA ASN K 294 -19.80 -37.57 -0.92
C ASN K 294 -19.44 -36.95 0.44
N ASN K 295 -20.16 -35.88 0.77
CA ASN K 295 -20.10 -35.27 2.10
C ASN K 295 -21.50 -35.07 2.71
N MET K 296 -22.48 -35.77 2.15
CA MET K 296 -23.79 -35.90 2.77
C MET K 296 -23.59 -36.74 4.03
N GLY K 297 -24.30 -36.40 5.10
CA GLY K 297 -24.04 -36.96 6.41
C GLY K 297 -23.38 -35.90 7.27
N LEU K 298 -22.27 -35.35 6.78
CA LEU K 298 -21.63 -34.21 7.42
C LEU K 298 -22.52 -32.99 7.28
N VAL K 299 -23.22 -32.88 6.15
CA VAL K 299 -24.23 -31.85 5.99
C VAL K 299 -25.41 -32.12 6.93
N LYS K 300 -25.69 -33.41 7.19
CA LYS K 300 -26.73 -33.79 8.14
C LYS K 300 -26.28 -33.72 9.60
N GLN K 301 -24.96 -33.71 9.82
CA GLN K 301 -24.43 -33.41 11.15
C GLN K 301 -24.67 -31.94 11.52
N CYS K 302 -24.76 -31.08 10.51
CA CYS K 302 -25.14 -29.68 10.72
C CYS K 302 -26.62 -29.57 11.11
N LEU K 303 -27.45 -30.44 10.52
CA LEU K 303 -28.87 -30.52 10.88
C LEU K 303 -29.04 -30.78 12.38
N SER K 304 -28.16 -31.61 12.93
CA SER K 304 -28.18 -31.93 14.36
C SER K 304 -27.53 -30.84 15.23
N SER K 305 -26.44 -30.24 14.73
CA SER K 305 -25.74 -29.18 15.48
C SER K 305 -26.59 -27.91 15.61
N LEU K 306 -27.54 -27.73 14.69
CA LEU K 306 -28.50 -26.62 14.78
C LEU K 306 -29.51 -26.85 15.90
N TYR K 307 -30.00 -28.08 16.01
CA TYR K 307 -30.82 -28.48 17.16
C TYR K 307 -30.06 -28.23 18.46
N LYS K 308 -28.77 -28.57 18.45
CA LYS K 308 -27.90 -28.39 19.62
C LYS K 308 -27.55 -26.90 19.85
N LYS K 309 -27.47 -26.11 18.78
CA LYS K 309 -27.33 -24.67 18.92
C LYS K 309 -28.59 -24.06 19.53
N ASN K 310 -29.75 -24.46 19.02
CA ASN K 310 -31.04 -24.00 19.55
C ASN K 310 -31.13 -24.13 21.07
N ILE K 311 -30.70 -25.27 21.59
CA ILE K 311 -30.74 -25.54 23.02
C ILE K 311 -29.63 -24.79 23.75
N GLN K 312 -28.46 -24.69 23.11
CA GLN K 312 -27.33 -23.91 23.66
C GLN K 312 -27.70 -22.45 23.96
N ARG K 313 -28.60 -21.88 23.16
CA ARG K 313 -29.06 -20.52 23.38
C ARG K 313 -29.91 -20.39 24.64
N LEU K 314 -30.74 -21.40 24.89
CA LEU K 314 -31.67 -21.36 26.02
C LEU K 314 -30.99 -21.07 27.35
N THR K 315 -29.76 -21.55 27.51
CA THR K 315 -28.96 -21.27 28.71
C THR K 315 -28.87 -19.77 29.02
N LYS K 316 -28.74 -18.97 27.98
CA LYS K 316 -28.59 -17.52 28.12
C LYS K 316 -29.88 -16.82 28.54
N THR K 317 -31.02 -17.46 28.26
CA THR K 317 -32.32 -16.87 28.53
C THR K 317 -32.99 -17.48 29.77
N PHE K 318 -33.43 -18.73 29.65
CA PHE K 318 -34.08 -19.42 30.75
C PHE K 318 -33.03 -20.10 31.63
N LEU K 319 -33.34 -20.30 32.91
CA LEU K 319 -32.52 -21.13 33.79
C LEU K 319 -33.30 -22.32 34.34
N THR K 320 -34.63 -22.21 34.40
CA THR K 320 -35.50 -23.34 34.67
C THR K 320 -36.54 -23.41 33.56
N LEU K 321 -36.58 -24.54 32.86
CA LEU K 321 -37.53 -24.73 31.76
C LEU K 321 -38.06 -26.16 31.72
N SER K 322 -39.30 -26.31 31.25
CA SER K 322 -39.95 -27.61 31.16
C SER K 322 -39.50 -28.38 29.92
N LEU K 323 -39.57 -29.70 30.01
CA LEU K 323 -39.28 -30.58 28.87
C LEU K 323 -40.27 -30.30 27.76
N GLN K 324 -41.53 -30.13 28.13
CA GLN K 324 -42.60 -29.86 27.18
C GLN K 324 -42.40 -28.50 26.53
N ASP K 325 -42.09 -27.50 27.35
CA ASP K 325 -41.78 -26.17 26.84
C ASP K 325 -40.61 -26.24 25.87
N MET K 326 -39.53 -26.92 26.28
CA MET K 326 -38.37 -27.08 25.43
C MET K 326 -38.72 -27.81 24.14
N ALA K 327 -39.49 -28.89 24.27
CA ALA K 327 -39.92 -29.67 23.11
C ALA K 327 -40.67 -28.80 22.10
N SER K 328 -41.52 -27.90 22.62
CA SER K 328 -42.28 -27.00 21.77
C SER K 328 -41.40 -25.89 21.16
N ARG K 329 -40.40 -25.44 21.91
CA ARG K 329 -39.52 -24.35 21.46
C ARG K 329 -38.36 -24.81 20.56
N VAL K 330 -37.84 -26.01 20.81
CA VAL K 330 -36.73 -26.56 20.01
C VAL K 330 -37.23 -27.20 18.70
N GLN K 331 -38.53 -27.54 18.68
CA GLN K 331 -39.23 -28.10 17.51
C GLN K 331 -39.15 -29.63 17.39
N LEU K 332 -38.50 -30.29 18.33
CA LEU K 332 -38.32 -31.75 18.26
C LEU K 332 -39.60 -32.53 18.56
N SER K 333 -40.49 -31.93 19.36
CA SER K 333 -41.81 -32.50 19.66
C SER K 333 -41.75 -33.70 20.61
N GLY K 334 -42.58 -33.67 21.65
CA GLY K 334 -42.60 -34.72 22.68
C GLY K 334 -41.49 -34.51 23.69
N PRO K 335 -41.79 -34.74 24.99
CA PRO K 335 -40.81 -34.47 26.03
C PRO K 335 -39.60 -35.40 25.99
N GLN K 336 -39.74 -36.56 25.33
CA GLN K 336 -38.64 -37.51 25.26
C GLN K 336 -37.54 -36.90 24.41
N GLU K 337 -37.89 -36.54 23.17
CA GLU K 337 -36.95 -35.94 22.22
C GLU K 337 -36.23 -34.75 22.85
N ALA K 338 -36.93 -34.02 23.72
CA ALA K 338 -36.30 -32.95 24.50
C ALA K 338 -35.32 -33.56 25.49
N GLU K 339 -35.82 -34.44 26.35
CA GLU K 339 -34.98 -35.09 27.37
C GLU K 339 -33.79 -35.80 26.73
N LYS K 340 -33.99 -36.34 25.53
CA LYS K 340 -32.92 -37.01 24.78
C LYS K 340 -31.68 -36.12 24.66
N TYR K 341 -31.78 -35.06 23.87
CA TYR K 341 -30.62 -34.22 23.58
C TYR K 341 -30.06 -33.55 24.83
N VAL K 342 -30.90 -33.35 25.84
CA VAL K 342 -30.41 -32.89 27.14
C VAL K 342 -29.34 -33.86 27.61
N LEU K 343 -29.72 -35.14 27.74
CA LEU K 343 -28.80 -36.17 28.17
C LEU K 343 -27.53 -36.18 27.31
N HIS K 344 -27.71 -36.31 25.99
CA HIS K 344 -26.57 -36.44 25.08
C HIS K 344 -25.62 -35.24 25.19
N MET K 345 -26.17 -34.04 25.10
CA MET K 345 -25.35 -32.83 25.23
C MET K 345 -24.60 -32.83 26.55
N ILE K 346 -25.25 -33.26 27.62
CA ILE K 346 -24.61 -33.37 28.93
C ILE K 346 -23.54 -34.46 28.88
N GLU K 347 -23.98 -35.68 28.58
CA GLU K 347 -23.08 -36.84 28.51
C GLU K 347 -21.80 -36.49 27.75
N ASP K 348 -21.96 -35.82 26.61
CA ASP K 348 -20.84 -35.33 25.83
C ASP K 348 -20.13 -34.22 26.58
N GLY K 349 -20.90 -33.22 27.01
CA GLY K 349 -20.37 -32.06 27.71
C GLY K 349 -20.37 -30.82 26.85
N GLU K 350 -21.53 -30.53 26.26
CA GLU K 350 -21.73 -29.31 25.47
C GLU K 350 -22.48 -28.25 26.27
N ILE K 351 -23.24 -28.68 27.27
CA ILE K 351 -24.10 -27.79 28.07
C ILE K 351 -24.06 -28.22 29.54
N PHE K 352 -24.23 -27.25 30.44
CA PHE K 352 -24.34 -27.53 31.88
C PHE K 352 -25.80 -27.50 32.31
N ALA K 353 -26.37 -28.68 32.51
CA ALA K 353 -27.78 -28.81 32.86
C ALA K 353 -28.08 -30.13 33.59
N SER K 354 -29.30 -30.25 34.07
CA SER K 354 -29.76 -31.47 34.73
C SER K 354 -31.28 -31.57 34.67
N ILE K 355 -31.80 -32.73 35.06
CA ILE K 355 -33.22 -33.05 34.91
C ILE K 355 -33.87 -33.40 36.25
N ASN K 356 -35.06 -32.84 36.47
CA ASN K 356 -35.94 -33.28 37.54
C ASN K 356 -37.17 -33.93 36.91
N GLN K 357 -37.09 -35.23 36.68
CA GLN K 357 -38.16 -35.96 36.02
C GLN K 357 -39.47 -35.92 36.81
N LYS K 358 -39.38 -35.91 38.15
CA LYS K 358 -40.57 -35.96 39.01
C LYS K 358 -41.59 -34.92 38.58
N ASP K 359 -41.16 -33.67 38.54
CA ASP K 359 -41.97 -32.60 38.00
C ASP K 359 -41.93 -32.68 36.47
N GLY K 360 -40.75 -32.97 35.93
CA GLY K 360 -40.53 -33.05 34.48
C GLY K 360 -39.95 -31.75 33.96
N MET K 361 -38.88 -31.30 34.62
CA MET K 361 -38.27 -30.00 34.34
C MET K 361 -36.78 -30.14 34.06
N VAL K 362 -36.25 -29.19 33.30
CA VAL K 362 -34.82 -29.11 33.03
C VAL K 362 -34.26 -27.93 33.79
N SER K 363 -33.29 -28.21 34.65
CA SER K 363 -32.58 -27.16 35.39
C SER K 363 -31.22 -26.95 34.75
N PHE K 364 -30.91 -25.70 34.43
CA PHE K 364 -29.64 -25.35 33.80
C PHE K 364 -28.63 -24.90 34.84
N HIS K 365 -27.76 -25.84 35.24
CA HIS K 365 -26.62 -25.55 36.11
C HIS K 365 -25.97 -24.23 35.71
N ASP K 366 -25.51 -24.17 34.47
CA ASP K 366 -24.97 -22.94 33.88
C ASP K 366 -23.61 -22.53 34.51
N ASN K 367 -22.95 -23.46 35.19
CA ASN K 367 -21.75 -23.15 35.99
C ASN K 367 -20.67 -24.22 35.90
N PRO K 368 -19.51 -23.87 35.32
CA PRO K 368 -18.42 -24.82 35.22
C PRO K 368 -17.44 -24.76 36.40
N GLU K 369 -16.43 -23.89 36.30
CA GLU K 369 -15.25 -23.97 37.15
C GLU K 369 -14.90 -22.57 37.66
N LYS K 370 -14.37 -22.51 38.88
CA LYS K 370 -14.10 -21.24 39.57
C LYS K 370 -12.62 -20.86 39.65
N TYR K 371 -11.76 -21.61 38.95
CA TYR K 371 -10.31 -21.33 38.90
C TYR K 371 -9.68 -21.25 40.28
N ASN K 372 -10.01 -22.21 41.13
CA ASN K 372 -9.68 -22.16 42.56
C ASN K 372 -8.86 -23.35 43.06
N ASN K 373 -8.21 -24.06 42.13
CA ASN K 373 -7.57 -25.32 42.47
C ASN K 373 -6.37 -25.60 41.56
N PRO K 374 -5.63 -26.69 41.85
CA PRO K 374 -4.60 -27.15 40.93
C PRO K 374 -5.10 -27.43 39.51
N ALA K 375 -6.35 -27.88 39.37
CA ALA K 375 -6.93 -28.20 38.07
C ALA K 375 -6.55 -27.18 36.99
N MET K 376 -6.79 -25.89 37.27
CA MET K 376 -6.37 -24.81 36.39
C MET K 376 -4.87 -24.65 36.45
N LEU K 377 -4.36 -24.51 37.67
CA LEU K 377 -2.93 -24.35 37.93
C LEU K 377 -2.07 -25.24 37.02
N HIS K 378 -2.45 -26.52 36.89
CA HIS K 378 -1.76 -27.47 36.01
C HIS K 378 -1.94 -27.08 34.54
N ASN K 379 -3.20 -26.87 34.13
CA ASN K 379 -3.49 -26.38 32.78
C ASN K 379 -2.83 -25.04 32.48
N ILE K 380 -2.82 -24.16 33.48
CA ILE K 380 -2.14 -22.88 33.40
C ILE K 380 -0.64 -23.09 33.17
N ASP K 381 -0.07 -24.04 33.88
CA ASP K 381 1.34 -24.42 33.70
C ASP K 381 1.56 -24.96 32.29
N GLN K 382 0.68 -25.87 31.86
CA GLN K 382 0.83 -26.56 30.58
C GLN K 382 0.56 -25.65 29.37
N GLU K 383 -0.59 -24.98 29.36
CA GLU K 383 -0.92 -24.04 28.30
C GLU K 383 0.16 -22.97 28.13
N MET K 384 0.76 -22.56 29.26
CA MET K 384 1.85 -21.58 29.24
C MET K 384 3.13 -22.16 28.63
N LEU K 385 3.50 -23.37 29.04
CA LEU K 385 4.68 -24.04 28.51
C LEU K 385 4.63 -24.21 26.99
N LYS K 386 3.42 -24.33 26.44
CA LYS K 386 3.22 -24.41 25.00
C LYS K 386 3.44 -23.07 24.29
N CYS K 387 3.20 -21.96 24.99
CA CYS K 387 3.55 -20.62 24.49
C CYS K 387 5.06 -20.38 24.56
N ILE K 388 5.70 -20.94 25.58
CA ILE K 388 7.15 -20.88 25.73
C ILE K 388 7.83 -21.78 24.68
N GLU K 389 7.25 -22.97 24.47
CA GLU K 389 7.64 -23.85 23.37
C GLU K 389 7.59 -23.09 22.04
N LEU K 390 6.57 -22.25 21.89
CA LEU K 390 6.38 -21.44 20.68
C LEU K 390 7.46 -20.34 20.57
N ASP K 391 7.82 -19.74 21.72
CA ASP K 391 8.90 -18.76 21.77
C ASP K 391 10.25 -19.38 21.42
N GLU K 392 10.50 -20.59 21.93
CA GLU K 392 11.72 -21.34 21.64
C GLU K 392 11.93 -21.50 20.13
N ARG K 393 10.86 -21.85 19.42
CA ARG K 393 10.89 -21.99 17.97
C ARG K 393 11.22 -20.67 17.30
N LEU K 394 10.49 -19.61 17.67
CA LEU K 394 10.69 -18.28 17.11
C LEU K 394 12.11 -17.75 17.36
N LYS K 395 12.64 -18.02 18.55
CA LYS K 395 14.02 -17.62 18.88
C LYS K 395 15.05 -18.33 17.98
N ALA K 396 14.82 -19.61 17.73
CA ALA K 396 15.66 -20.38 16.79
C ALA K 396 15.46 -19.88 15.37
N MET K 397 14.20 -19.63 15.00
CA MET K 397 13.85 -19.12 13.68
C MET K 397 14.38 -17.69 13.43
N ASP K 398 14.56 -16.93 14.52
CA ASP K 398 15.16 -15.61 14.44
C ASP K 398 16.68 -15.73 14.21
N GLN K 399 17.30 -16.70 14.86
CA GLN K 399 18.73 -16.95 14.69
C GLN K 399 19.06 -17.57 13.31
N GLU K 400 18.08 -18.21 12.69
CA GLU K 400 18.21 -18.71 11.31
C GLU K 400 18.50 -17.57 10.33
N ILE K 401 17.87 -16.42 10.56
CA ILE K 401 17.99 -15.26 9.67
C ILE K 401 19.34 -14.54 9.86
N THR K 402 20.00 -14.77 11.00
CA THR K 402 21.27 -14.14 11.35
C THR K 402 22.36 -14.23 10.26
N VAL K 403 22.56 -15.42 9.71
CA VAL K 403 23.76 -15.72 8.91
C VAL K 403 23.65 -15.29 7.43
N ASN K 404 22.43 -15.17 6.92
CA ASN K 404 22.19 -14.86 5.50
C ASN K 404 22.55 -13.40 5.12
N PRO K 405 22.66 -13.11 3.81
CA PRO K 405 23.06 -11.81 3.23
C PRO K 405 22.64 -10.51 3.95
N GLN K 406 23.14 -9.41 3.41
CA GLN K 406 23.27 -8.14 4.14
C GLN K 406 22.09 -7.19 3.96
N PHE K 407 22.21 -6.03 4.61
CA PHE K 407 21.38 -4.86 4.30
C PHE K 407 22.09 -3.59 4.76
N MET L 5 -38.49 17.79 144.00
CA MET L 5 -38.01 19.02 144.71
C MET L 5 -37.85 20.18 143.69
N ALA L 6 -38.83 20.36 142.80
CA ALA L 6 -38.79 21.43 141.78
C ALA L 6 -39.67 22.61 142.22
N ALA L 7 -39.47 23.04 143.45
CA ALA L 7 -40.22 24.14 144.07
C ALA L 7 -39.34 24.99 145.00
N ALA L 8 -38.18 24.44 145.38
CA ALA L 8 -37.14 25.19 146.08
C ALA L 8 -36.04 25.67 145.13
N VAL L 9 -36.24 25.45 143.82
CA VAL L 9 -35.31 25.95 142.79
C VAL L 9 -35.76 27.32 142.29
N ARG L 10 -37.06 27.48 142.04
CA ARG L 10 -37.63 28.79 141.68
C ARG L 10 -37.67 29.74 142.89
N GLN L 11 -37.57 29.19 144.09
CA GLN L 11 -37.59 29.95 145.34
C GLN L 11 -36.23 30.61 145.61
N ASP L 12 -35.16 29.83 145.49
CA ASP L 12 -33.81 30.30 145.78
C ASP L 12 -33.24 31.20 144.69
N LEU L 13 -33.56 30.91 143.44
CA LEU L 13 -33.12 31.73 142.30
C LEU L 13 -33.77 33.12 142.29
N ALA L 14 -34.97 33.22 142.84
CA ALA L 14 -35.74 34.48 142.84
C ALA L 14 -35.18 35.53 143.79
N GLN L 15 -34.77 35.10 144.98
CA GLN L 15 -34.28 36.03 146.02
C GLN L 15 -32.90 36.61 145.70
N LEU L 16 -32.06 35.82 145.03
CA LEU L 16 -30.71 36.27 144.64
C LEU L 16 -30.72 37.16 143.40
N MET L 17 -31.88 37.35 142.78
CA MET L 17 -32.01 38.15 141.56
C MET L 17 -31.67 39.64 141.81
N ASN L 18 -31.99 40.14 143.00
CA ASN L 18 -31.62 41.50 143.41
C ASN L 18 -31.01 41.50 144.81
N SER L 19 -29.67 41.52 144.86
CA SER L 19 -28.92 41.46 146.11
C SER L 19 -28.07 42.71 146.29
N SER L 20 -27.18 42.68 147.30
CA SER L 20 -26.24 43.78 147.54
C SER L 20 -24.87 43.23 147.95
N GLY L 21 -24.36 42.30 147.14
CA GLY L 21 -23.05 41.70 147.35
C GLY L 21 -22.22 41.67 146.07
N SER L 22 -20.93 41.34 146.21
CA SER L 22 -20.00 41.34 145.08
C SER L 22 -20.21 40.15 144.14
N HIS L 23 -19.42 40.09 143.06
CA HIS L 23 -19.52 39.01 142.07
C HIS L 23 -19.13 37.64 142.64
N LYS L 24 -18.15 37.62 143.54
CA LYS L 24 -17.73 36.39 144.21
C LYS L 24 -18.84 35.86 145.13
N ASP L 25 -19.59 36.78 145.73
CA ASP L 25 -20.70 36.45 146.63
C ASP L 25 -21.93 35.88 145.90
N LEU L 26 -22.14 36.32 144.66
CA LEU L 26 -23.36 35.98 143.91
C LEU L 26 -23.14 34.83 142.92
N ALA L 27 -22.03 34.87 142.18
CA ALA L 27 -21.70 33.79 141.23
C ALA L 27 -21.41 32.48 141.94
N GLY L 28 -20.92 32.56 143.18
CA GLY L 28 -20.73 31.38 144.02
C GLY L 28 -22.04 30.79 144.50
N LYS L 29 -23.01 31.65 144.81
CA LYS L 29 -24.34 31.20 145.24
C LYS L 29 -25.17 30.62 144.10
N TYR L 30 -25.10 31.23 142.92
CA TYR L 30 -25.87 30.76 141.76
C TYR L 30 -25.43 29.37 141.28
N ARG L 31 -24.13 29.10 141.27
CA ARG L 31 -23.61 27.79 140.87
C ARG L 31 -23.96 26.69 141.88
N GLN L 32 -24.32 27.10 143.10
CA GLN L 32 -24.79 26.18 144.12
C GLN L 32 -26.22 25.68 143.84
N ILE L 33 -26.98 26.45 143.06
CA ILE L 33 -28.34 26.05 142.63
C ILE L 33 -28.29 25.18 141.36
N LEU L 34 -27.20 25.28 140.60
CA LEU L 34 -26.92 24.36 139.50
C LEU L 34 -26.72 22.93 140.03
N GLU L 35 -26.27 22.81 141.28
CA GLU L 35 -26.19 21.53 141.98
C GLU L 35 -27.60 21.01 142.31
N LYS L 36 -28.47 21.92 142.73
CA LYS L 36 -29.87 21.60 143.08
C LYS L 36 -30.73 21.25 141.85
N ALA L 37 -30.28 21.67 140.67
CA ALA L 37 -31.00 21.40 139.42
C ALA L 37 -30.57 20.07 138.77
N ILE L 38 -29.25 19.85 138.66
CA ILE L 38 -28.70 18.64 138.01
C ILE L 38 -28.95 17.36 138.81
N GLN L 39 -28.97 17.46 140.14
CA GLN L 39 -29.11 16.28 141.01
C GLN L 39 -30.52 15.67 141.03
N LEU L 40 -31.50 16.39 140.49
CA LEU L 40 -32.89 15.90 140.43
C LEU L 40 -33.03 14.72 139.48
N SER L 41 -34.15 14.01 139.57
CA SER L 41 -34.37 12.77 138.80
C SER L 41 -35.80 12.66 138.27
N GLY L 42 -35.95 11.95 137.15
CA GLY L 42 -37.25 11.74 136.53
C GLY L 42 -37.68 12.92 135.68
N ALA L 43 -38.94 13.34 135.83
CA ALA L 43 -39.48 14.50 135.12
C ALA L 43 -39.45 15.77 135.98
N GLU L 44 -38.82 15.68 137.15
CA GLU L 44 -38.71 16.79 138.07
C GLU L 44 -37.43 17.57 137.87
N GLN L 45 -36.45 16.92 137.26
CA GLN L 45 -35.23 17.58 136.82
C GLN L 45 -35.50 18.49 135.62
N LEU L 46 -36.50 18.13 134.81
CA LEU L 46 -36.71 18.76 133.51
C LEU L 46 -37.18 20.22 133.59
N GLU L 47 -37.79 20.61 134.71
CA GLU L 47 -38.32 21.97 134.88
C GLU L 47 -37.48 22.86 135.80
N ALA L 48 -36.62 22.25 136.61
CA ALA L 48 -35.72 23.01 137.50
C ALA L 48 -34.57 23.68 136.75
N LEU L 49 -34.13 23.05 135.66
CA LEU L 49 -33.13 23.64 134.78
C LEU L 49 -33.71 24.80 133.97
N LYS L 50 -34.98 24.68 133.58
CA LYS L 50 -35.70 25.75 132.87
C LYS L 50 -35.86 27.00 133.74
N ALA L 51 -35.94 26.81 135.05
CA ALA L 51 -35.95 27.92 136.00
C ALA L 51 -34.56 28.57 136.09
N PHE L 52 -33.52 27.75 136.02
CA PHE L 52 -32.14 28.23 136.07
C PHE L 52 -31.73 29.05 134.84
N VAL L 53 -32.16 28.59 133.65
CA VAL L 53 -31.79 29.24 132.39
C VAL L 53 -32.51 30.59 132.18
N GLU L 54 -33.78 30.65 132.56
CA GLU L 54 -34.55 31.90 132.46
C GLU L 54 -34.07 32.99 133.42
N ALA L 55 -33.50 32.58 134.55
CA ALA L 55 -32.96 33.52 135.53
C ALA L 55 -31.66 34.17 135.04
N MET L 56 -30.85 33.42 134.31
CA MET L 56 -29.57 33.94 133.77
C MET L 56 -29.78 34.92 132.61
N VAL L 57 -30.67 34.56 131.69
CA VAL L 57 -31.01 35.45 130.56
C VAL L 57 -31.80 36.69 131.01
N ASN L 58 -32.42 36.60 132.19
CA ASN L 58 -33.12 37.73 132.82
C ASN L 58 -32.28 39.01 132.81
N GLU L 59 -32.97 40.15 132.73
CA GLU L 59 -32.30 41.46 132.70
C GLU L 59 -32.00 41.97 134.11
N ASN L 60 -32.62 41.36 135.12
CA ASN L 60 -32.31 41.64 136.52
C ASN L 60 -31.09 40.85 137.03
N VAL L 61 -30.57 39.93 136.21
CA VAL L 61 -29.32 39.22 136.50
C VAL L 61 -28.20 39.74 135.58
N SER L 62 -27.16 40.32 136.20
CA SER L 62 -26.04 40.96 135.51
C SER L 62 -25.33 40.11 134.43
N LEU L 63 -24.63 40.80 133.53
CA LEU L 63 -23.93 40.16 132.39
C LEU L 63 -22.64 39.44 132.80
N VAL L 64 -22.11 39.78 133.96
CA VAL L 64 -20.93 39.10 134.51
C VAL L 64 -21.33 37.75 135.12
N ILE L 65 -22.59 37.64 135.54
CA ILE L 65 -23.16 36.40 136.08
C ILE L 65 -23.64 35.48 134.96
N SER L 66 -24.11 36.07 133.86
CA SER L 66 -24.72 35.32 132.75
C SER L 66 -23.70 34.57 131.88
N ARG L 67 -22.55 35.18 131.62
CA ARG L 67 -21.50 34.54 130.81
C ARG L 67 -20.60 33.60 131.62
N GLN L 68 -20.72 33.66 132.95
CA GLN L 68 -19.94 32.80 133.85
C GLN L 68 -20.56 31.41 133.99
N LEU L 69 -21.88 31.37 134.16
CA LEU L 69 -22.60 30.15 134.53
C LEU L 69 -23.21 29.38 133.36
N LEU L 70 -23.53 30.08 132.27
CA LEU L 70 -23.96 29.41 131.03
C LEU L 70 -22.78 28.70 130.34
N THR L 71 -21.56 29.02 130.76
CA THR L 71 -20.38 28.24 130.39
C THR L 71 -20.34 26.93 131.17
N ASP L 72 -20.61 27.01 132.47
CA ASP L 72 -20.71 25.82 133.33
C ASP L 72 -21.96 24.98 133.05
N PHE L 73 -23.01 25.63 132.55
CA PHE L 73 -24.25 24.96 132.20
C PHE L 73 -24.12 24.10 130.93
N CYS L 74 -23.31 24.58 129.98
CA CYS L 74 -23.12 23.89 128.69
C CYS L 74 -22.28 22.62 128.81
N THR L 75 -21.49 22.50 129.87
CA THR L 75 -20.66 21.31 130.11
C THR L 75 -21.23 20.39 131.20
N HIS L 76 -22.45 20.68 131.66
CA HIS L 76 -23.17 19.79 132.58
C HIS L 76 -24.27 18.96 131.87
N LEU L 77 -24.45 19.19 130.57
CA LEU L 77 -25.43 18.44 129.76
C LEU L 77 -24.88 17.31 128.88
N PRO L 78 -23.54 17.25 128.64
CA PRO L 78 -22.96 16.00 128.13
C PRO L 78 -23.01 14.84 129.14
N ASN L 79 -23.19 15.15 130.41
CA ASN L 79 -23.40 14.13 131.46
C ASN L 79 -24.70 13.36 131.28
N LEU L 80 -25.78 14.10 131.00
CA LEU L 80 -27.13 13.54 131.01
C LEU L 80 -27.44 12.77 129.72
N PRO L 81 -28.51 11.94 129.71
CA PRO L 81 -28.89 11.18 128.50
C PRO L 81 -29.24 12.06 127.29
N ASP L 82 -29.44 11.42 126.13
CA ASP L 82 -29.79 12.12 124.88
C ASP L 82 -31.25 12.58 124.84
N SER L 83 -32.06 12.17 125.81
CA SER L 83 -33.45 12.61 125.91
C SER L 83 -33.56 13.94 126.66
N THR L 84 -32.73 14.12 127.68
CA THR L 84 -32.73 15.35 128.50
C THR L 84 -31.76 16.42 127.98
N ALA L 85 -30.69 15.99 127.31
CA ALA L 85 -29.71 16.91 126.74
C ALA L 85 -30.31 17.74 125.61
N LYS L 86 -31.02 17.07 124.70
CA LYS L 86 -31.67 17.73 123.55
C LYS L 86 -32.87 18.59 123.96
N GLU L 87 -33.56 18.17 125.03
CA GLU L 87 -34.69 18.90 125.58
C GLU L 87 -34.22 20.26 126.12
N ILE L 88 -33.20 20.22 126.97
CA ILE L 88 -32.71 21.41 127.67
C ILE L 88 -31.87 22.33 126.75
N TYR L 89 -31.20 21.76 125.75
CA TYR L 89 -30.40 22.56 124.80
C TYR L 89 -31.27 23.48 123.95
N HIS L 90 -32.40 22.98 123.45
CA HIS L 90 -33.32 23.78 122.66
C HIS L 90 -34.05 24.84 123.48
N PHE L 91 -34.14 24.63 124.79
CA PHE L 91 -34.65 25.63 125.71
C PHE L 91 -33.65 26.78 125.91
N THR L 92 -32.36 26.43 125.92
CA THR L 92 -31.28 27.41 126.11
C THR L 92 -30.99 28.24 124.86
N LEU L 93 -31.42 27.75 123.69
CA LEU L 93 -31.14 28.44 122.42
C LEU L 93 -32.28 29.33 121.90
N GLU L 94 -33.44 29.31 122.56
CA GLU L 94 -34.54 30.25 122.25
C GLU L 94 -34.88 31.20 123.40
N LYS L 95 -34.20 31.04 124.54
CA LYS L 95 -34.20 32.07 125.58
C LYS L 95 -32.93 32.93 125.52
N ILE L 96 -31.92 32.45 124.79
CA ILE L 96 -30.75 33.25 124.43
C ILE L 96 -30.95 33.88 123.03
N GLN L 97 -32.01 33.48 122.33
CA GLN L 97 -32.33 34.04 121.01
C GLN L 97 -32.84 35.49 121.08
N PRO L 98 -33.70 35.82 122.07
CA PRO L 98 -34.07 37.23 122.29
C PRO L 98 -32.89 38.21 122.44
N ARG L 99 -31.76 37.73 122.98
CA ARG L 99 -30.53 38.52 123.05
C ARG L 99 -29.36 37.69 122.54
N VAL L 100 -29.36 37.42 121.23
CA VAL L 100 -28.34 36.59 120.59
C VAL L 100 -27.04 37.36 120.28
N ILE L 101 -27.06 38.67 120.48
CA ILE L 101 -25.89 39.52 120.23
C ILE L 101 -24.91 39.49 121.41
N SER L 102 -25.40 39.10 122.59
CA SER L 102 -24.61 39.11 123.81
C SER L 102 -23.82 37.80 124.03
N PHE L 103 -24.52 36.68 124.04
CA PHE L 103 -23.95 35.39 124.45
C PHE L 103 -23.61 34.51 123.25
N GLU L 104 -22.79 35.01 122.33
CA GLU L 104 -22.43 34.26 121.13
C GLU L 104 -21.38 33.18 121.39
N GLU L 105 -20.63 33.31 122.48
CA GLU L 105 -19.68 32.27 122.90
C GLU L 105 -20.44 31.08 123.48
N GLN L 106 -21.62 31.35 124.05
CA GLN L 106 -22.51 30.30 124.54
C GLN L 106 -23.33 29.69 123.40
N VAL L 107 -23.85 30.53 122.51
CA VAL L 107 -24.61 30.06 121.34
C VAL L 107 -23.76 29.17 120.42
N ALA L 108 -22.46 29.46 120.35
CA ALA L 108 -21.53 28.64 119.55
C ALA L 108 -21.34 27.26 120.17
N SER L 109 -20.98 27.22 121.45
CA SER L 109 -20.70 25.96 122.15
C SER L 109 -21.95 25.10 122.41
N ILE L 110 -23.10 25.75 122.60
CA ILE L 110 -24.37 25.04 122.83
C ILE L 110 -24.85 24.34 121.55
N ARG L 111 -24.76 25.05 120.42
CA ARG L 111 -25.22 24.50 119.13
C ARG L 111 -24.33 23.38 118.57
N GLN L 112 -23.09 23.32 119.01
CA GLN L 112 -22.16 22.25 118.60
C GLN L 112 -22.53 20.92 119.27
N HIS L 113 -22.77 20.96 120.59
CA HIS L 113 -23.19 19.76 121.34
C HIS L 113 -24.56 19.25 120.90
N LEU L 114 -25.41 20.15 120.41
CA LEU L 114 -26.75 19.80 119.90
C LEU L 114 -26.66 19.02 118.59
N ALA L 115 -25.76 19.45 117.71
CA ALA L 115 -25.57 18.80 116.40
C ALA L 115 -24.99 17.39 116.53
N SER L 116 -24.27 17.13 117.63
CA SER L 116 -23.72 15.78 117.88
C SER L 116 -24.78 14.80 118.37
N ILE L 117 -25.79 15.28 119.10
CA ILE L 117 -26.89 14.44 119.57
C ILE L 117 -27.81 14.09 118.40
N TYR L 118 -28.03 15.05 117.50
CA TYR L 118 -28.80 14.81 116.27
C TYR L 118 -28.20 13.70 115.42
N GLU L 119 -26.96 13.91 114.98
CA GLU L 119 -26.28 12.99 114.07
C GLU L 119 -26.18 11.58 114.62
N LYS L 120 -25.89 11.47 115.92
CA LYS L 120 -25.86 10.19 116.61
C LYS L 120 -27.12 9.35 116.41
N GLU L 121 -28.29 9.99 116.47
CA GLU L 121 -29.57 9.29 116.35
C GLU L 121 -30.11 9.31 114.91
N GLU L 122 -29.22 9.09 113.94
CA GLU L 122 -29.56 9.04 112.52
C GLU L 122 -30.37 10.25 112.03
N ASP L 123 -29.96 11.45 112.46
CA ASP L 123 -30.55 12.69 111.99
C ASP L 123 -29.51 13.49 111.23
N TRP L 124 -29.55 13.37 109.90
CA TRP L 124 -28.57 14.01 109.02
C TRP L 124 -29.08 15.37 108.51
N ARG L 125 -30.27 15.77 108.96
CA ARG L 125 -30.90 17.01 108.52
C ARG L 125 -30.72 18.12 109.56
N ASN L 126 -31.28 17.90 110.74
CA ASN L 126 -31.33 18.93 111.78
C ASN L 126 -30.00 19.19 112.49
N ALA L 127 -29.05 18.26 112.34
CA ALA L 127 -27.69 18.48 112.83
C ALA L 127 -27.01 19.58 112.04
N ALA L 128 -27.21 19.56 110.71
CA ALA L 128 -26.65 20.55 109.81
C ALA L 128 -27.32 21.91 109.99
N GLN L 129 -28.65 21.90 110.08
CA GLN L 129 -29.44 23.13 110.20
C GLN L 129 -29.14 23.94 111.45
N VAL L 130 -28.57 23.30 112.47
CA VAL L 130 -28.24 23.97 113.72
C VAL L 130 -26.88 24.67 113.58
N LEU L 131 -25.97 24.04 112.81
CA LEU L 131 -24.67 24.63 112.53
C LEU L 131 -24.77 25.81 111.54
N VAL L 132 -25.80 25.80 110.70
CA VAL L 132 -26.10 26.94 109.82
C VAL L 132 -26.44 28.16 110.66
N GLY L 133 -27.22 27.94 111.71
CA GLY L 133 -27.64 29.01 112.62
C GLY L 133 -26.52 29.63 113.43
N ILE L 134 -25.42 28.91 113.63
CA ILE L 134 -24.26 29.44 114.35
C ILE L 134 -23.68 30.61 113.55
N PRO L 135 -23.72 31.83 114.12
CA PRO L 135 -23.24 33.00 113.40
C PRO L 135 -21.72 33.07 113.37
N LEU L 136 -21.12 32.40 112.38
CA LEU L 136 -19.67 32.29 112.27
C LEU L 136 -19.05 33.59 111.77
N GLU L 137 -19.38 33.95 110.53
CA GLU L 137 -18.81 35.12 109.87
C GLU L 137 -19.68 36.33 110.12
N THR L 138 -20.99 36.17 109.88
CA THR L 138 -21.96 37.24 110.04
C THR L 138 -22.06 37.75 111.48
N GLY L 139 -21.76 36.87 112.43
CA GLY L 139 -21.78 37.24 113.84
C GLY L 139 -20.82 38.35 114.19
N GLN L 140 -21.07 38.99 115.33
CA GLN L 140 -20.22 40.06 115.85
C GLN L 140 -18.80 39.55 116.12
N LYS L 141 -18.72 38.35 116.70
CA LYS L 141 -17.43 37.75 117.07
C LYS L 141 -16.68 37.19 115.86
N GLN L 142 -15.38 36.96 116.03
CA GLN L 142 -14.50 36.42 114.99
C GLN L 142 -13.93 35.07 115.41
N TYR L 143 -13.80 34.15 114.44
CA TYR L 143 -13.38 32.76 114.72
C TYR L 143 -12.18 32.30 113.89
N ASN L 144 -11.53 31.26 114.37
CA ASN L 144 -10.31 30.74 113.73
C ASN L 144 -10.57 29.87 112.46
N VAL L 145 -9.48 29.45 111.82
CA VAL L 145 -9.53 28.63 110.60
C VAL L 145 -10.03 27.21 110.87
N ASP L 146 -9.46 26.57 111.88
CA ASP L 146 -9.77 25.18 112.22
C ASP L 146 -11.20 24.96 112.76
N TYR L 147 -11.90 26.03 113.11
CA TYR L 147 -13.31 25.96 113.52
C TYR L 147 -14.24 26.14 112.32
N LYS L 148 -13.95 27.14 111.48
CA LYS L 148 -14.78 27.43 110.30
C LYS L 148 -14.65 26.37 109.22
N LEU L 149 -13.41 25.94 108.94
CA LEU L 149 -13.15 24.89 107.95
C LEU L 149 -13.68 23.52 108.41
N GLU L 150 -13.82 23.35 109.72
CA GLU L 150 -14.41 22.14 110.31
C GLU L 150 -15.94 22.20 110.31
N THR L 151 -16.51 23.39 110.51
CA THR L 151 -17.95 23.58 110.54
C THR L 151 -18.58 23.38 109.16
N TYR L 152 -18.02 24.03 108.13
CA TYR L 152 -18.49 23.87 106.75
C TYR L 152 -18.20 22.46 106.21
N LEU L 153 -17.21 21.79 106.80
CA LEU L 153 -16.93 20.38 106.49
C LEU L 153 -18.10 19.51 106.92
N LYS L 154 -18.54 19.72 108.16
CA LYS L 154 -19.59 18.89 108.77
C LYS L 154 -20.99 19.24 108.25
N ILE L 155 -21.20 20.52 107.90
CA ILE L 155 -22.46 20.96 107.32
C ILE L 155 -22.68 20.31 105.94
N ALA L 156 -21.67 20.41 105.08
CA ALA L 156 -21.73 19.83 103.73
C ALA L 156 -21.84 18.30 103.79
N ARG L 157 -21.15 17.68 104.74
CA ARG L 157 -21.17 16.23 104.91
C ARG L 157 -22.54 15.71 105.35
N LEU L 158 -23.29 16.53 106.07
CA LEU L 158 -24.60 16.13 106.62
C LEU L 158 -25.74 16.23 105.59
N TYR L 159 -25.75 17.30 104.80
CA TYR L 159 -26.77 17.47 103.77
C TYR L 159 -26.70 16.41 102.66
N LEU L 160 -25.51 15.83 102.47
CA LEU L 160 -25.34 14.69 101.56
C LEU L 160 -25.92 13.41 102.16
N GLU L 161 -25.72 13.22 103.46
CA GLU L 161 -26.20 12.01 104.15
C GLU L 161 -27.73 11.89 104.16
N ASP L 162 -28.44 13.01 104.01
CA ASP L 162 -29.89 13.02 103.84
C ASP L 162 -30.28 13.09 102.35
N ASP L 163 -29.31 12.86 101.46
CA ASP L 163 -29.47 13.07 100.02
C ASP L 163 -30.06 14.43 99.67
N ASP L 164 -29.19 15.45 99.64
CA ASP L 164 -29.58 16.78 99.21
C ASP L 164 -28.30 17.57 98.85
N PRO L 165 -27.73 17.27 97.66
CA PRO L 165 -26.52 17.96 97.20
C PRO L 165 -26.74 19.42 96.78
N VAL L 166 -27.99 19.85 96.69
CA VAL L 166 -28.31 21.26 96.45
C VAL L 166 -27.81 22.10 97.64
N GLN L 167 -27.98 21.57 98.85
CA GLN L 167 -27.53 22.22 100.08
C GLN L 167 -26.06 21.97 100.36
N ALA L 168 -25.61 20.73 100.19
CA ALA L 168 -24.24 20.33 100.49
C ALA L 168 -23.20 21.06 99.63
N GLU L 169 -23.55 21.37 98.39
CA GLU L 169 -22.65 22.09 97.49
C GLU L 169 -22.46 23.55 97.90
N ALA L 170 -23.47 24.14 98.54
CA ALA L 170 -23.45 25.56 98.91
C ALA L 170 -22.44 25.90 100.02
N TYR L 171 -22.31 25.03 101.01
CA TYR L 171 -21.45 25.28 102.17
C TYR L 171 -20.00 24.81 101.97
N ILE L 172 -19.80 23.76 101.16
CA ILE L 172 -18.46 23.32 100.78
C ILE L 172 -17.79 24.32 99.84
N ASN L 173 -18.59 25.08 99.09
CA ASN L 173 -18.09 26.22 98.32
C ASN L 173 -17.54 27.32 99.24
N ARG L 174 -18.22 27.55 100.36
CA ARG L 174 -17.78 28.52 101.37
C ARG L 174 -16.64 27.96 102.23
N ALA L 175 -16.48 26.63 102.22
CA ALA L 175 -15.36 25.96 102.87
C ALA L 175 -14.06 26.08 102.07
N SER L 176 -14.17 26.18 100.74
CA SER L 176 -13.00 26.29 99.86
C SER L 176 -12.25 27.62 100.03
N LEU L 177 -12.93 28.64 100.56
CA LEU L 177 -12.30 29.93 100.83
C LEU L 177 -11.21 29.83 101.92
N LEU L 178 -11.43 28.94 102.88
CA LEU L 178 -10.59 28.85 104.08
C LEU L 178 -9.73 27.59 104.16
N GLN L 179 -9.64 26.84 103.07
CA GLN L 179 -8.89 25.59 103.04
C GLN L 179 -7.42 25.84 102.49
N ASN L 180 -7.25 26.91 101.71
CA ASN L 180 -5.90 27.40 101.33
C ASN L 180 -5.14 28.01 102.51
N GLU L 181 -5.91 28.57 103.43
CA GLU L 181 -5.38 29.31 104.58
C GLU L 181 -4.89 28.43 105.72
N SER L 182 -5.23 27.14 105.69
CA SER L 182 -4.95 26.23 106.81
C SER L 182 -3.55 25.62 106.75
N THR L 183 -2.97 25.40 107.93
CA THR L 183 -1.70 24.70 108.09
C THR L 183 -1.94 23.32 108.72
N ASN L 184 -3.21 22.95 108.88
CA ASN L 184 -3.58 21.68 109.50
C ASN L 184 -3.50 20.57 108.44
N GLU L 185 -2.68 19.56 108.72
CA GLU L 185 -2.36 18.52 107.72
C GLU L 185 -3.40 17.40 107.65
N GLN L 186 -4.35 17.37 108.59
CA GLN L 186 -5.43 16.37 108.57
C GLN L 186 -6.79 16.99 108.22
N LEU L 187 -6.96 18.28 108.48
CA LEU L 187 -8.21 18.97 108.17
C LEU L 187 -8.36 19.24 106.66
N GLN L 188 -7.25 19.52 105.99
CA GLN L 188 -7.23 19.62 104.53
C GLN L 188 -7.49 18.26 103.86
N ILE L 189 -7.05 17.19 104.52
CA ILE L 189 -7.31 15.82 104.03
C ILE L 189 -8.80 15.47 104.11
N HIS L 190 -9.44 15.83 105.21
CA HIS L 190 -10.88 15.58 105.38
C HIS L 190 -11.75 16.52 104.54
N TYR L 191 -11.15 17.58 103.98
CA TYR L 191 -11.82 18.42 102.98
C TYR L 191 -11.82 17.76 101.58
N LYS L 192 -10.71 17.09 101.22
CA LYS L 192 -10.60 16.43 99.91
C LYS L 192 -11.38 15.10 99.86
N VAL L 193 -11.53 14.46 101.02
CA VAL L 193 -12.41 13.29 101.16
C VAL L 193 -13.88 13.73 101.04
N CYS L 194 -14.18 14.93 101.52
CA CYS L 194 -15.54 15.48 101.47
C CYS L 194 -15.81 16.29 100.21
N TYR L 195 -14.77 16.70 99.48
CA TYR L 195 -14.93 17.36 98.19
C TYR L 195 -15.03 16.35 97.04
N ALA L 196 -14.35 15.21 97.19
CA ALA L 196 -14.50 14.10 96.27
C ALA L 196 -15.95 13.60 96.26
N ARG L 197 -16.58 13.62 97.43
CA ARG L 197 -17.96 13.17 97.58
C ARG L 197 -19.00 14.17 97.06
N VAL L 198 -18.66 15.46 97.07
CA VAL L 198 -19.55 16.49 96.49
C VAL L 198 -19.58 16.37 94.95
N LEU L 199 -18.47 15.96 94.35
CA LEU L 199 -18.43 15.67 92.92
C LEU L 199 -19.06 14.31 92.61
N ASP L 200 -19.04 13.41 93.59
CA ASP L 200 -19.65 12.08 93.47
C ASP L 200 -21.19 12.17 93.47
N TYR L 201 -21.73 12.87 94.47
CA TYR L 201 -23.19 13.05 94.59
C TYR L 201 -23.75 14.07 93.58
N ARG L 202 -22.88 14.85 92.96
CA ARG L 202 -23.28 15.73 91.84
C ARG L 202 -22.98 15.09 90.47
N ARG L 203 -22.62 13.81 90.47
CA ARG L 203 -22.45 13.02 89.24
C ARG L 203 -21.35 13.52 88.32
N LYS L 204 -20.28 14.04 88.92
CA LYS L 204 -19.02 14.29 88.22
C LYS L 204 -18.09 13.14 88.61
N PHE L 205 -18.38 11.96 88.08
CA PHE L 205 -17.73 10.71 88.50
C PHE L 205 -16.24 10.64 88.08
N ILE L 206 -15.92 11.19 86.91
CA ILE L 206 -14.56 11.11 86.36
C ILE L 206 -13.61 12.02 87.15
N GLU L 207 -14.05 13.22 87.50
CA GLU L 207 -13.25 14.13 88.32
C GLU L 207 -13.22 13.69 89.78
N ALA L 208 -14.27 13.00 90.22
CA ALA L 208 -14.31 12.43 91.57
C ALA L 208 -13.26 11.34 91.72
N ALA L 209 -13.03 10.57 90.66
CA ALA L 209 -12.01 9.51 90.67
C ALA L 209 -10.58 10.05 90.87
N GLN L 210 -10.33 11.28 90.41
CA GLN L 210 -9.03 11.94 90.58
C GLN L 210 -8.75 12.36 92.02
N ARG L 211 -9.81 12.72 92.75
CA ARG L 211 -9.72 13.09 94.17
C ARG L 211 -9.49 11.86 95.04
N TYR L 212 -10.32 10.84 94.82
CA TYR L 212 -10.25 9.59 95.57
C TYR L 212 -8.93 8.86 95.37
N ASN L 213 -8.48 8.78 94.12
CA ASN L 213 -7.22 8.11 93.78
C ASN L 213 -6.03 8.80 94.43
N GLU L 214 -6.02 10.12 94.39
CA GLU L 214 -4.99 10.92 95.07
C GLU L 214 -4.84 10.68 96.58
N LEU L 215 -5.94 10.52 97.28
CA LEU L 215 -5.95 10.37 98.75
C LEU L 215 -5.43 9.01 99.24
N SER L 216 -5.56 7.98 98.41
CA SER L 216 -5.03 6.66 98.74
C SER L 216 -3.51 6.62 98.64
N TYR L 217 -2.92 7.53 97.86
CA TYR L 217 -1.46 7.60 97.72
C TYR L 217 -0.78 8.39 98.86
N LYS L 218 -1.56 9.13 99.66
CA LYS L 218 -1.00 9.89 100.80
C LYS L 218 -0.74 8.99 102.01
N THR L 219 0.49 9.01 102.51
CA THR L 219 0.91 8.16 103.64
C THR L 219 0.43 8.68 104.99
N ILE L 220 0.34 10.00 105.12
CA ILE L 220 -0.23 10.65 106.32
C ILE L 220 -1.61 10.08 106.70
N VAL L 221 -2.39 9.71 105.69
CA VAL L 221 -3.67 9.02 105.92
C VAL L 221 -3.36 7.58 106.34
N HIS L 222 -4.04 7.10 107.38
CA HIS L 222 -3.77 5.76 107.93
C HIS L 222 -4.10 4.67 106.91
N GLU L 223 -3.40 3.54 107.00
CA GLU L 223 -3.42 2.52 105.95
C GLU L 223 -4.80 1.92 105.62
N SER L 224 -5.64 1.76 106.64
CA SER L 224 -6.98 1.20 106.45
C SER L 224 -7.93 2.21 105.78
N GLU L 225 -7.58 3.49 105.85
CA GLU L 225 -8.36 4.56 105.22
C GLU L 225 -7.93 4.86 103.77
N ARG L 226 -6.77 4.34 103.37
CA ARG L 226 -6.32 4.44 101.98
C ARG L 226 -7.01 3.39 101.10
N LEU L 227 -7.49 2.31 101.73
CA LEU L 227 -8.25 1.27 101.05
C LEU L 227 -9.60 1.77 100.54
N GLU L 228 -10.28 2.54 101.39
CA GLU L 228 -11.54 3.18 101.01
C GLU L 228 -11.31 4.28 99.98
N ALA L 229 -10.24 5.05 100.19
CA ALA L 229 -9.85 6.12 99.26
C ALA L 229 -9.65 5.59 97.83
N LEU L 230 -8.99 4.45 97.71
CA LEU L 230 -8.74 3.83 96.40
C LEU L 230 -10.00 3.20 95.81
N LYS L 231 -10.86 2.64 96.68
CA LYS L 231 -12.06 1.93 96.22
C LYS L 231 -13.17 2.86 95.74
N HIS L 232 -13.30 4.03 96.38
CA HIS L 232 -14.25 5.04 95.91
C HIS L 232 -13.85 5.60 94.52
N ALA L 233 -12.55 5.62 94.23
CA ALA L 233 -12.05 5.99 92.91
C ALA L 233 -12.47 4.96 91.85
N LEU L 234 -12.39 3.68 92.22
CA LEU L 234 -12.77 2.56 91.35
C LEU L 234 -14.24 2.67 90.90
N HIS L 235 -15.14 2.81 91.87
CA HIS L 235 -16.57 2.95 91.59
C HIS L 235 -16.87 4.13 90.67
N CYS L 236 -16.30 5.29 91.00
CA CYS L 236 -16.52 6.50 90.22
C CYS L 236 -15.72 6.52 88.90
N THR L 237 -14.70 5.68 88.80
CA THR L 237 -14.02 5.47 87.51
C THR L 237 -14.87 4.59 86.60
N ILE L 238 -15.52 3.58 87.17
CA ILE L 238 -16.35 2.66 86.40
C ILE L 238 -17.66 3.33 85.95
N LEU L 239 -18.39 3.92 86.90
CA LEU L 239 -19.72 4.48 86.63
C LEU L 239 -19.75 5.78 85.83
N ALA L 240 -18.57 6.37 85.62
CA ALA L 240 -18.46 7.54 84.76
C ALA L 240 -18.73 7.15 83.31
N SER L 241 -18.98 8.15 82.48
CA SER L 241 -19.16 7.94 81.05
C SER L 241 -17.82 7.64 80.38
N ALA L 242 -17.88 6.99 79.22
CA ALA L 242 -16.67 6.53 78.54
C ALA L 242 -15.82 7.68 78.01
N GLY L 243 -15.01 8.24 78.91
CA GLY L 243 -14.04 9.26 78.54
C GLY L 243 -12.70 8.61 78.24
N GLN L 244 -11.81 9.34 77.57
CA GLN L 244 -10.45 8.88 77.34
C GLN L 244 -9.62 9.04 78.60
N GLN L 245 -9.95 10.06 79.41
CA GLN L 245 -9.36 10.23 80.74
C GLN L 245 -9.67 9.00 81.61
N ARG L 246 -10.88 8.48 81.47
CA ARG L 246 -11.32 7.28 82.18
C ARG L 246 -10.51 6.04 81.81
N SER L 247 -10.07 5.96 80.55
CA SER L 247 -9.23 4.86 80.08
C SER L 247 -7.85 4.86 80.75
N ARG L 248 -7.35 6.04 81.10
CA ARG L 248 -6.05 6.19 81.79
C ARG L 248 -6.20 5.93 83.28
N MET L 249 -7.37 6.25 83.84
CA MET L 249 -7.70 5.89 85.22
C MET L 249 -7.80 4.37 85.35
N LEU L 250 -8.58 3.76 84.46
CA LEU L 250 -8.72 2.30 84.42
C LEU L 250 -7.37 1.59 84.29
N ALA L 251 -6.44 2.20 83.57
CA ALA L 251 -5.08 1.68 83.46
C ALA L 251 -4.33 1.78 84.79
N THR L 252 -4.45 2.91 85.46
CA THR L 252 -3.87 3.12 86.80
C THR L 252 -4.45 2.14 87.82
N LEU L 253 -5.70 1.75 87.62
CA LEU L 253 -6.39 0.84 88.53
C LEU L 253 -6.00 -0.64 88.37
N PHE L 254 -5.63 -1.07 87.17
CA PHE L 254 -5.08 -2.42 86.99
C PHE L 254 -3.59 -2.46 87.32
N LYS L 255 -2.88 -1.38 87.01
CA LYS L 255 -1.45 -1.25 87.37
C LYS L 255 -1.20 -1.32 88.88
N ASP L 256 -2.14 -0.80 89.66
CA ASP L 256 -2.02 -0.75 91.12
C ASP L 256 -2.47 -2.08 91.75
N GLU L 257 -1.54 -2.80 92.38
CA GLU L 257 -1.84 -4.10 93.01
C GLU L 257 -2.82 -3.97 94.17
N ARG L 258 -2.87 -2.79 94.76
CA ARG L 258 -3.78 -2.51 95.87
C ARG L 258 -5.25 -2.70 95.45
N CYS L 259 -5.54 -2.43 94.17
CA CYS L 259 -6.88 -2.59 93.64
C CYS L 259 -7.32 -4.06 93.50
N GLN L 260 -6.35 -4.96 93.32
CA GLN L 260 -6.65 -6.40 93.26
C GLN L 260 -7.42 -6.88 94.48
N GLN L 261 -7.14 -6.25 95.62
CA GLN L 261 -7.82 -6.59 96.87
C GLN L 261 -9.31 -6.21 96.86
N LEU L 262 -9.66 -5.19 96.06
CA LEU L 262 -11.03 -4.68 96.02
C LEU L 262 -12.00 -5.67 95.39
N ALA L 263 -13.27 -5.59 95.80
CA ALA L 263 -14.30 -6.55 95.40
C ALA L 263 -14.74 -6.40 93.95
N ALA L 264 -14.60 -5.20 93.39
CA ALA L 264 -14.94 -4.94 91.99
C ALA L 264 -13.70 -5.02 91.08
N TYR L 265 -12.84 -6.01 91.33
CA TYR L 265 -11.70 -6.30 90.46
C TYR L 265 -12.15 -7.19 89.30
N GLY L 266 -13.10 -8.08 89.57
CA GLY L 266 -13.72 -8.90 88.52
C GLY L 266 -14.41 -8.04 87.46
N ILE L 267 -14.90 -6.89 87.88
CA ILE L 267 -15.46 -5.90 86.94
C ILE L 267 -14.34 -5.13 86.25
N LEU L 268 -13.38 -4.64 87.04
CA LEU L 268 -12.26 -3.84 86.52
C LEU L 268 -11.34 -4.61 85.57
N GLU L 269 -10.83 -5.76 86.03
CA GLU L 269 -10.02 -6.66 85.19
C GLU L 269 -10.69 -6.81 83.83
N LYS L 270 -11.98 -7.10 83.84
CA LYS L 270 -12.77 -7.29 82.63
C LYS L 270 -13.13 -5.98 81.92
N MET L 271 -13.10 -4.86 82.65
CA MET L 271 -13.40 -3.55 82.09
C MET L 271 -12.22 -2.97 81.31
N TYR L 272 -11.08 -2.80 81.99
CA TYR L 272 -9.89 -2.17 81.40
C TYR L 272 -9.41 -2.91 80.17
N LEU L 273 -9.42 -4.24 80.24
CA LEU L 273 -8.91 -5.08 79.16
C LEU L 273 -9.97 -5.37 78.10
N ASP L 274 -11.14 -4.75 78.23
CA ASP L 274 -12.20 -4.82 77.22
C ASP L 274 -12.75 -6.22 77.08
N ARG L 275 -13.29 -6.72 78.19
CA ARG L 275 -13.88 -8.04 78.27
C ARG L 275 -15.36 -7.91 78.53
N ILE L 276 -16.11 -8.97 78.17
CA ILE L 276 -17.56 -8.97 78.33
C ILE L 276 -17.91 -9.05 79.80
N ILE L 277 -18.97 -8.35 80.19
CA ILE L 277 -19.50 -8.38 81.54
C ILE L 277 -20.93 -8.92 81.49
N ARG L 278 -21.19 -10.00 82.23
CA ARG L 278 -22.53 -10.61 82.22
C ARG L 278 -23.54 -9.75 82.98
N GLY L 279 -24.78 -10.23 83.00
CA GLY L 279 -25.84 -9.63 83.79
C GLY L 279 -25.97 -10.18 85.20
N ASN L 280 -25.11 -11.14 85.58
CA ASN L 280 -25.02 -11.60 86.98
C ASN L 280 -23.96 -10.82 87.77
N GLN L 281 -22.94 -10.32 87.07
CA GLN L 281 -21.97 -9.36 87.64
C GLN L 281 -22.52 -7.92 87.59
N LEU L 282 -23.48 -7.69 86.70
CA LEU L 282 -24.26 -6.45 86.69
C LEU L 282 -25.04 -6.31 88.01
N GLN L 283 -25.58 -7.43 88.49
CA GLN L 283 -26.28 -7.50 89.79
C GLN L 283 -25.29 -7.39 90.94
N GLU L 284 -24.24 -8.21 90.89
CA GLU L 284 -23.15 -8.18 91.85
C GLU L 284 -22.69 -6.74 92.07
N PHE L 285 -22.35 -6.07 90.98
CA PHE L 285 -21.86 -4.70 91.03
C PHE L 285 -22.96 -3.71 91.35
N ALA L 286 -24.20 -4.00 90.92
CA ALA L 286 -25.36 -3.17 91.28
C ALA L 286 -25.64 -3.15 92.77
N ALA L 287 -25.35 -4.26 93.45
CA ALA L 287 -25.53 -4.36 94.91
C ALA L 287 -24.50 -3.51 95.67
N MET L 288 -23.29 -3.37 95.11
CA MET L 288 -22.22 -2.58 95.72
C MET L 288 -22.48 -1.07 95.63
N LEU L 289 -23.24 -0.65 94.62
CA LEU L 289 -23.44 0.77 94.36
C LEU L 289 -24.26 1.48 95.43
N MET L 290 -24.16 2.80 95.42
CA MET L 290 -24.94 3.65 96.31
C MET L 290 -26.23 4.04 95.57
N PRO L 291 -27.28 4.39 96.32
CA PRO L 291 -28.60 4.64 95.70
C PRO L 291 -28.61 5.73 94.63
N HIS L 292 -27.90 6.83 94.88
CA HIS L 292 -27.89 7.97 93.96
C HIS L 292 -27.14 7.72 92.65
N GLN L 293 -26.24 6.75 92.64
CA GLN L 293 -25.38 6.50 91.48
C GLN L 293 -26.09 5.82 90.29
N LYS L 294 -27.35 5.39 90.46
CA LYS L 294 -28.06 4.66 89.39
C LYS L 294 -29.00 5.57 88.50
N ALA L 295 -28.59 6.83 88.27
CA ALA L 295 -29.44 7.88 87.68
C ALA L 295 -30.06 7.58 86.29
N THR L 296 -31.38 7.73 86.17
CA THR L 296 -32.15 7.37 84.96
C THR L 296 -32.76 8.58 84.24
N THR L 297 -32.83 8.50 82.91
CA THR L 297 -33.47 9.56 82.12
C THR L 297 -34.31 8.98 80.97
N ALA L 298 -35.31 9.75 80.55
CA ALA L 298 -36.19 9.38 79.42
C ALA L 298 -36.92 8.05 79.62
N ASP L 299 -36.26 6.94 79.30
CA ASP L 299 -36.90 5.62 79.31
C ASP L 299 -36.79 4.87 80.65
N GLY L 300 -36.16 5.49 81.63
CA GLY L 300 -36.03 4.91 82.96
C GLY L 300 -34.89 3.92 83.11
N SER L 301 -34.05 3.79 82.09
CA SER L 301 -32.89 2.91 82.14
C SER L 301 -31.68 3.67 82.64
N SER L 302 -30.80 2.95 83.31
CA SER L 302 -29.61 3.54 83.88
C SER L 302 -28.52 3.70 82.82
N ILE L 303 -27.45 4.40 83.19
CA ILE L 303 -26.22 4.37 82.41
C ILE L 303 -25.66 2.96 82.50
N LEU L 304 -25.66 2.40 83.72
CA LEU L 304 -25.23 1.03 83.97
C LEU L 304 -25.87 0.09 82.96
N ASP L 305 -27.19 -0.12 83.07
CA ASP L 305 -27.87 -1.15 82.29
C ASP L 305 -27.80 -0.98 80.75
N ARG L 306 -27.39 0.19 80.26
CA ARG L 306 -27.22 0.42 78.80
C ARG L 306 -25.76 0.54 78.38
N ALA L 307 -24.99 1.34 79.12
CA ALA L 307 -23.56 1.47 78.84
C ALA L 307 -22.80 0.18 79.11
N VAL L 308 -23.34 -0.64 80.01
CA VAL L 308 -22.78 -1.98 80.27
C VAL L 308 -22.97 -2.91 79.08
N ILE L 309 -24.23 -3.18 78.75
CA ILE L 309 -24.56 -4.20 77.74
C ILE L 309 -24.01 -3.80 76.37
N GLU L 310 -23.84 -2.50 76.13
CA GLU L 310 -23.20 -2.03 74.91
C GLU L 310 -21.70 -2.37 74.87
N HIS L 311 -21.04 -2.33 76.02
CA HIS L 311 -19.66 -2.79 76.12
C HIS L 311 -19.57 -4.28 75.82
N ASN L 312 -20.57 -5.05 76.24
CA ASN L 312 -20.61 -6.49 75.97
C ASN L 312 -20.57 -6.82 74.48
N LEU L 313 -21.30 -6.06 73.67
CA LEU L 313 -21.27 -6.25 72.22
C LEU L 313 -19.87 -6.05 71.65
N LEU L 314 -19.29 -4.90 71.95
CA LEU L 314 -17.97 -4.51 71.44
C LEU L 314 -16.89 -5.53 71.83
N SER L 315 -17.03 -6.10 73.02
CA SER L 315 -16.15 -7.17 73.46
C SER L 315 -16.42 -8.45 72.65
N ALA L 316 -17.70 -8.80 72.51
CA ALA L 316 -18.11 -9.99 71.75
C ALA L 316 -17.75 -9.89 70.27
N SER L 317 -17.75 -8.67 69.74
CA SER L 317 -17.54 -8.43 68.31
C SER L 317 -16.29 -9.13 67.75
N LYS L 318 -15.12 -8.72 68.22
CA LYS L 318 -13.85 -9.18 67.65
C LYS L 318 -13.47 -10.59 68.09
N LEU L 319 -14.06 -11.07 69.18
CA LEU L 319 -13.90 -12.46 69.60
C LEU L 319 -14.62 -13.39 68.64
N TYR L 320 -15.89 -13.09 68.36
CA TYR L 320 -16.64 -13.76 67.31
C TYR L 320 -16.24 -13.22 65.94
N ASN L 321 -16.83 -13.81 64.91
CA ASN L 321 -16.87 -13.20 63.58
C ASN L 321 -18.30 -13.02 63.05
N ASN L 322 -19.26 -13.74 63.64
CA ASN L 322 -20.68 -13.60 63.32
C ASN L 322 -21.54 -14.38 64.32
N ILE L 323 -22.79 -13.96 64.46
CA ILE L 323 -23.72 -14.62 65.41
C ILE L 323 -25.18 -14.22 65.13
N THR L 324 -26.10 -15.09 65.51
CA THR L 324 -27.53 -14.82 65.42
C THR L 324 -27.97 -13.90 66.55
N PHE L 325 -29.11 -13.24 66.37
CA PHE L 325 -29.59 -12.26 67.35
C PHE L 325 -30.22 -12.96 68.54
N GLU L 326 -30.98 -14.02 68.26
CA GLU L 326 -31.54 -14.86 69.30
C GLU L 326 -30.45 -15.30 70.27
N GLU L 327 -29.40 -15.91 69.74
CA GLU L 327 -28.32 -16.47 70.54
C GLU L 327 -27.37 -15.38 71.07
N LEU L 328 -27.31 -14.24 70.37
CA LEU L 328 -26.55 -13.08 70.87
C LEU L 328 -27.25 -12.44 72.05
N GLY L 329 -28.53 -12.09 71.86
CA GLY L 329 -29.35 -11.53 72.92
C GLY L 329 -29.38 -12.42 74.16
N ALA L 330 -29.35 -13.73 73.95
CA ALA L 330 -29.29 -14.70 75.04
C ALA L 330 -28.01 -14.56 75.86
N LEU L 331 -26.91 -14.22 75.20
CA LEU L 331 -25.61 -14.01 75.88
C LEU L 331 -25.54 -12.66 76.60
N LEU L 332 -26.10 -11.63 75.99
CA LEU L 332 -26.05 -10.28 76.54
C LEU L 332 -27.23 -9.95 77.47
N GLU L 333 -28.11 -10.93 77.68
CA GLU L 333 -29.22 -10.85 78.63
C GLU L 333 -30.23 -9.76 78.30
N ILE L 334 -30.89 -9.95 77.15
CA ILE L 334 -31.89 -9.03 76.63
C ILE L 334 -32.74 -9.77 75.58
N PRO L 335 -33.95 -9.26 75.27
CA PRO L 335 -34.68 -9.79 74.12
C PRO L 335 -33.98 -9.44 72.80
N ALA L 336 -33.84 -10.43 71.92
CA ALA L 336 -33.06 -10.28 70.68
C ALA L 336 -33.32 -8.97 69.95
N ALA L 337 -34.59 -8.61 69.84
CA ALA L 337 -35.01 -7.35 69.20
C ALA L 337 -34.11 -6.20 69.62
N LYS L 338 -33.87 -6.10 70.93
CA LYS L 338 -33.02 -5.04 71.47
C LYS L 338 -31.60 -5.14 70.92
N ALA L 339 -30.98 -6.31 71.05
CA ALA L 339 -29.62 -6.52 70.59
C ALA L 339 -29.48 -6.08 69.14
N GLU L 340 -30.32 -6.64 68.29
CA GLU L 340 -30.35 -6.29 66.87
C GLU L 340 -30.29 -4.77 66.68
N LYS L 341 -31.13 -4.05 67.41
CA LYS L 341 -31.29 -2.62 67.23
C LYS L 341 -30.09 -1.83 67.72
N ILE L 342 -29.71 -2.02 68.98
CA ILE L 342 -28.59 -1.27 69.56
C ILE L 342 -27.28 -1.62 68.85
N ALA L 343 -27.12 -2.88 68.44
CA ALA L 343 -25.97 -3.30 67.65
C ALA L 343 -25.85 -2.43 66.42
N SER L 344 -26.99 -2.16 65.78
CA SER L 344 -27.04 -1.30 64.61
C SER L 344 -26.47 0.08 64.93
N GLN L 345 -26.93 0.68 66.03
CA GLN L 345 -26.41 1.98 66.46
C GLN L 345 -24.89 1.99 66.49
N MET L 346 -24.31 1.02 67.19
CA MET L 346 -22.86 0.97 67.39
C MET L 346 -22.09 0.91 66.07
N ILE L 347 -22.73 0.37 65.04
CA ILE L 347 -22.20 0.45 63.69
C ILE L 347 -22.48 1.85 63.14
N THR L 348 -23.74 2.24 63.18
CA THR L 348 -24.19 3.50 62.61
C THR L 348 -23.38 4.68 63.13
N GLU L 349 -23.29 4.80 64.46
CA GLU L 349 -22.55 5.88 65.09
C GLU L 349 -21.04 5.77 64.84
N GLY L 350 -20.58 4.56 64.53
CA GLY L 350 -19.20 4.35 64.08
C GLY L 350 -18.27 3.98 65.21
N ARG L 351 -18.65 2.94 65.96
CA ARG L 351 -17.85 2.46 67.09
C ARG L 351 -17.44 0.98 66.96
N MET L 352 -17.88 0.33 65.89
CA MET L 352 -17.65 -1.10 65.70
C MET L 352 -18.13 -1.47 64.30
N ASN L 353 -17.20 -1.72 63.39
CA ASN L 353 -17.57 -2.01 62.00
C ASN L 353 -18.25 -3.37 61.88
N GLY L 354 -19.07 -3.53 60.85
CA GLY L 354 -19.88 -4.72 60.66
C GLY L 354 -21.18 -4.38 59.95
N PHE L 355 -22.08 -5.35 59.87
CA PHE L 355 -23.35 -5.16 59.16
C PHE L 355 -24.39 -6.22 59.50
N ILE L 356 -25.64 -5.98 59.06
CA ILE L 356 -26.78 -6.80 59.46
C ILE L 356 -27.47 -7.47 58.26
N ASP L 357 -27.91 -8.71 58.48
CA ASP L 357 -28.71 -9.48 57.52
C ASP L 357 -30.00 -9.91 58.21
N GLN L 358 -31.03 -9.07 58.12
CA GLN L 358 -32.23 -9.21 58.94
C GLN L 358 -33.06 -10.45 58.60
N ILE L 359 -33.07 -10.85 57.34
CA ILE L 359 -33.83 -12.02 56.91
C ILE L 359 -33.31 -13.25 57.64
N ASP L 360 -32.00 -13.41 57.66
CA ASP L 360 -31.36 -14.50 58.38
C ASP L 360 -31.51 -14.29 59.87
N GLY L 361 -31.20 -13.08 60.32
CA GLY L 361 -31.11 -12.76 61.74
C GLY L 361 -29.70 -12.86 62.27
N ILE L 362 -28.73 -12.48 61.43
CA ILE L 362 -27.30 -12.60 61.74
C ILE L 362 -26.61 -11.25 61.60
N VAL L 363 -25.60 -11.02 62.42
CA VAL L 363 -24.72 -9.86 62.29
C VAL L 363 -23.33 -10.38 61.99
N HIS L 364 -22.58 -9.62 61.20
CA HIS L 364 -21.22 -9.99 60.83
C HIS L 364 -20.24 -8.99 61.42
N PHE L 365 -19.19 -9.51 62.04
CA PHE L 365 -18.29 -8.72 62.87
C PHE L 365 -16.93 -8.50 62.21
N GLU L 366 -16.04 -7.85 62.97
CA GLU L 366 -14.62 -7.77 62.63
C GLU L 366 -14.04 -9.15 62.33
N THR L 367 -14.02 -9.49 61.04
CA THR L 367 -13.44 -10.73 60.56
C THR L 367 -11.95 -10.57 60.24
N ARG L 368 -11.65 -9.82 59.18
CA ARG L 368 -10.28 -9.65 58.66
C ARG L 368 -9.60 -11.00 58.36
N GLU L 369 -10.36 -11.91 57.79
CA GLU L 369 -9.94 -13.30 57.64
C GLU L 369 -9.17 -13.51 56.33
N ALA L 370 -9.06 -14.77 55.90
CA ALA L 370 -8.36 -15.13 54.66
C ALA L 370 -6.84 -15.08 54.84
N LEU L 371 -6.11 -14.73 53.79
CA LEU L 371 -4.65 -14.84 53.79
C LEU L 371 -3.94 -13.91 54.77
N PRO L 372 -4.53 -12.74 55.09
CA PRO L 372 -3.95 -11.93 56.16
C PRO L 372 -3.81 -12.70 57.47
N THR L 373 -4.79 -13.55 57.78
CA THR L 373 -4.74 -14.41 58.96
C THR L 373 -3.53 -15.34 58.94
N TRP L 374 -3.20 -15.81 57.74
CA TRP L 374 -2.06 -16.70 57.54
C TRP L 374 -0.75 -16.09 58.05
N ASP L 375 -0.50 -14.83 57.70
CA ASP L 375 0.70 -14.12 58.14
C ASP L 375 0.83 -14.03 59.67
N LYS L 376 -0.31 -13.84 60.35
CA LYS L 376 -0.33 -13.80 61.81
C LYS L 376 -0.14 -15.19 62.43
N GLN L 377 -0.74 -16.20 61.81
CA GLN L 377 -0.62 -17.59 62.27
C GLN L 377 0.74 -18.19 62.01
N ILE L 378 1.51 -17.58 61.12
CA ILE L 378 2.93 -17.87 60.98
C ILE L 378 3.67 -17.30 62.18
N GLN L 379 3.47 -16.00 62.42
CA GLN L 379 4.12 -15.29 63.52
C GLN L 379 3.73 -15.88 64.88
N SER L 380 2.44 -16.21 65.02
CA SER L 380 1.92 -16.80 66.26
C SER L 380 2.74 -18.02 66.70
N LEU L 381 3.18 -18.81 65.74
CA LEU L 381 4.01 -19.99 66.02
C LEU L 381 5.50 -19.69 65.95
N CYS L 382 5.91 -18.80 65.04
CA CYS L 382 7.32 -18.44 64.88
C CYS L 382 7.91 -17.75 66.12
N PHE L 383 7.09 -16.96 66.82
CA PHE L 383 7.54 -16.29 68.05
C PHE L 383 7.61 -17.27 69.23
N GLN L 384 6.84 -18.36 69.16
CA GLN L 384 6.92 -19.44 70.15
C GLN L 384 8.25 -20.21 70.05
N VAL L 385 8.83 -20.21 68.85
CA VAL L 385 10.16 -20.78 68.63
C VAL L 385 11.22 -19.96 69.36
N ASN L 386 11.11 -18.63 69.26
CA ASN L 386 11.99 -17.72 69.98
C ASN L 386 11.73 -17.70 71.49
N ASN L 387 10.48 -17.89 71.90
CA ASN L 387 10.12 -18.00 73.31
C ASN L 387 10.64 -19.28 73.95
N LEU L 388 10.53 -20.38 73.22
CA LEU L 388 11.05 -21.68 73.69
C LEU L 388 12.58 -21.73 73.57
N LEU L 389 13.15 -20.91 72.68
CA LEU L 389 14.61 -20.75 72.57
C LEU L 389 15.19 -20.03 73.78
N GLU L 390 14.64 -18.85 74.08
CA GLU L 390 15.08 -18.05 75.23
C GLU L 390 15.07 -18.83 76.54
N LYS L 391 14.03 -19.65 76.73
CA LYS L 391 13.84 -20.40 77.97
C LYS L 391 14.76 -21.62 78.11
N ILE L 392 15.37 -22.07 77.02
CA ILE L 392 16.41 -23.12 77.07
C ILE L 392 17.78 -22.47 77.24
N SER L 393 18.00 -21.34 76.57
CA SER L 393 19.23 -20.56 76.73
C SER L 393 19.39 -20.01 78.16
N GLN L 394 18.24 -19.74 78.79
CA GLN L 394 18.19 -19.25 80.18
C GLN L 394 18.33 -20.40 81.18
N THR L 395 17.35 -21.31 81.20
CA THR L 395 17.25 -22.34 82.23
C THR L 395 18.40 -23.34 82.18
N ALA L 396 18.81 -23.71 80.96
CA ALA L 396 19.88 -24.68 80.76
C ALA L 396 21.05 -24.03 80.03
N PRO L 397 21.86 -23.22 80.73
CA PRO L 397 23.04 -22.60 80.11
C PRO L 397 24.16 -23.61 79.84
N GLU L 398 24.11 -24.78 80.47
CA GLU L 398 25.01 -25.89 80.15
C GLU L 398 24.67 -26.46 78.78
N TRP L 399 23.43 -26.93 78.61
CA TRP L 399 22.98 -27.46 77.32
C TRP L 399 22.97 -26.39 76.22
N THR L 400 22.87 -25.13 76.62
CA THR L 400 23.08 -24.01 75.71
C THR L 400 24.50 -24.07 75.14
N ALA L 401 25.48 -24.23 76.02
CA ALA L 401 26.89 -24.36 75.63
C ALA L 401 27.19 -25.69 74.91
N GLN L 402 26.40 -26.73 75.20
CA GLN L 402 26.53 -28.02 74.53
C GLN L 402 26.01 -27.96 73.10
N ALA L 403 24.76 -27.52 72.96
CA ALA L 403 24.11 -27.39 71.66
C ALA L 403 24.60 -26.17 70.87
N MET L 404 25.35 -25.27 71.51
CA MET L 404 25.99 -24.14 70.82
C MET L 404 26.79 -24.63 69.61
N GLU L 405 27.68 -25.59 69.85
CA GLU L 405 28.55 -26.13 68.81
C GLU L 405 27.90 -27.24 67.97
N ALA L 406 26.60 -27.47 68.19
CA ALA L 406 25.79 -28.28 67.27
C ALA L 406 25.45 -27.48 66.02
N GLN L 407 25.61 -26.16 66.08
CA GLN L 407 25.55 -25.28 64.90
C GLN L 407 26.92 -25.15 64.25
N MET L 408 27.97 -25.08 65.08
CA MET L 408 29.34 -24.82 64.63
C MET L 408 29.99 -26.05 64.00
N ALA L 409 29.92 -27.18 64.69
CA ALA L 409 30.48 -28.45 64.18
C ALA L 409 29.72 -28.98 62.97
N GLN L 410 28.42 -28.64 62.87
CA GLN L 410 27.61 -28.99 61.70
C GLN L 410 27.83 -28.01 60.56
N SER M 15 38.82 1.12 63.10
CA SER M 15 37.54 1.60 63.69
C SER M 15 36.58 2.08 62.60
N ILE M 16 35.37 1.52 62.59
CA ILE M 16 34.37 1.83 61.57
C ILE M 16 33.84 3.26 61.72
N ASP M 17 33.74 3.76 62.96
CA ASP M 17 33.19 5.09 63.22
C ASP M 17 34.18 6.19 62.84
N GLU M 18 34.72 6.11 61.63
CA GLU M 18 35.57 7.14 61.08
C GLU M 18 34.71 8.22 60.46
N ILE M 19 33.50 7.84 60.05
CA ILE M 19 32.59 8.69 59.27
C ILE M 19 31.55 9.42 60.13
N TYR M 20 31.07 8.78 61.21
CA TYR M 20 30.12 9.43 62.12
C TYR M 20 30.75 10.59 62.90
N LYS M 21 32.06 10.76 62.74
CA LYS M 21 32.76 11.95 63.22
C LYS M 21 32.40 13.14 62.34
N TYR M 22 32.42 14.33 62.92
CA TYR M 22 32.10 15.57 62.20
C TYR M 22 33.13 16.66 62.47
N ASP M 23 34.03 16.88 61.52
CA ASP M 23 35.06 17.92 61.61
C ASP M 23 34.53 19.22 61.00
N LYS M 24 34.21 20.19 61.86
CA LYS M 24 33.49 21.40 61.44
C LYS M 24 34.39 22.44 60.77
N LYS M 25 35.63 22.56 61.23
CA LYS M 25 36.56 23.55 60.66
C LYS M 25 37.02 23.13 59.25
N GLN M 26 37.11 21.82 59.03
CA GLN M 26 37.45 21.28 57.70
C GLN M 26 36.37 21.59 56.66
N GLN M 27 35.12 21.68 57.12
CA GLN M 27 33.99 22.01 56.24
C GLN M 27 34.07 23.44 55.68
N GLN M 28 34.43 24.39 56.55
CA GLN M 28 34.45 25.81 56.17
C GLN M 28 35.72 26.22 55.39
N GLU M 29 36.72 25.34 55.37
CA GLU M 29 37.89 25.51 54.51
C GLU M 29 37.56 25.06 53.08
N ILE M 30 36.79 23.99 52.97
CA ILE M 30 36.31 23.50 51.69
C ILE M 30 35.24 24.44 51.13
N LEU M 31 34.40 24.99 52.00
CA LEU M 31 33.37 25.97 51.61
C LEU M 31 33.98 27.20 50.95
N ALA M 32 35.11 27.66 51.49
CA ALA M 32 35.83 28.79 50.93
C ALA M 32 36.63 28.39 49.68
N ALA M 33 37.29 27.23 49.75
CA ALA M 33 38.14 26.75 48.65
C ALA M 33 37.37 26.54 47.36
N LYS M 34 36.30 25.74 47.46
CA LYS M 34 35.39 25.46 46.34
C LYS M 34 36.06 24.72 45.17
N PRO M 35 35.98 23.38 45.17
CA PRO M 35 36.29 22.58 43.98
C PRO M 35 35.07 22.33 43.09
N TRP M 36 33.94 22.96 43.42
CA TRP M 36 32.70 22.83 42.63
C TRP M 36 32.50 23.99 41.64
N THR M 37 33.10 25.14 41.92
CA THR M 37 33.10 26.27 40.98
C THR M 37 34.21 26.15 39.93
N LYS M 38 35.09 25.15 40.09
CA LYS M 38 36.21 24.93 39.17
C LYS M 38 35.84 23.85 38.15
N ASP M 39 35.38 22.71 38.65
CA ASP M 39 34.90 21.61 37.80
C ASP M 39 33.39 21.47 37.97
N HIS M 40 32.68 21.41 36.83
CA HIS M 40 31.21 21.36 36.85
C HIS M 40 30.67 20.04 37.39
N HIS M 41 31.33 18.92 37.06
CA HIS M 41 30.94 17.60 37.56
C HIS M 41 32.01 17.03 38.49
N TYR M 42 32.22 17.74 39.59
CA TYR M 42 33.20 17.36 40.61
C TYR M 42 32.67 16.21 41.47
N PHE M 43 31.53 16.45 42.11
CA PHE M 43 30.92 15.46 43.01
C PHE M 43 30.25 14.34 42.22
N LYS M 44 30.72 13.12 42.41
CA LYS M 44 30.20 11.95 41.69
C LYS M 44 29.68 10.80 42.57
N TYR M 45 30.17 10.70 43.81
CA TYR M 45 29.74 9.64 44.73
C TYR M 45 28.79 10.19 45.81
N CYS M 46 28.13 9.28 46.53
CA CYS M 46 27.19 9.67 47.58
C CYS M 46 27.02 8.56 48.62
N LYS M 47 27.59 8.78 49.81
CA LYS M 47 27.51 7.81 50.90
C LYS M 47 26.32 8.11 51.80
N ILE M 48 25.38 7.16 51.87
CA ILE M 48 24.15 7.30 52.65
C ILE M 48 24.26 6.49 53.94
N SER M 49 24.00 7.15 55.07
CA SER M 49 24.17 6.52 56.40
C SER M 49 23.07 5.49 56.70
N ALA M 50 23.16 4.89 57.88
CA ALA M 50 22.17 3.91 58.32
C ALA M 50 20.82 4.56 58.58
N LEU M 51 20.82 5.58 59.44
CA LEU M 51 19.59 6.29 59.81
C LEU M 51 18.98 7.03 58.63
N ALA M 52 19.82 7.73 57.87
CA ALA M 52 19.37 8.50 56.71
C ALA M 52 18.52 7.65 55.75
N LEU M 53 18.97 6.44 55.45
CA LEU M 53 18.25 5.53 54.54
C LEU M 53 16.88 5.15 55.09
N LEU M 54 16.84 4.71 56.34
CA LEU M 54 15.59 4.25 56.97
C LEU M 54 14.53 5.33 57.05
N LYS M 55 14.91 6.52 57.51
CA LYS M 55 13.95 7.61 57.69
C LYS M 55 13.43 8.15 56.35
N MET M 56 14.30 8.23 55.35
CA MET M 56 13.88 8.66 54.02
C MET M 56 12.90 7.66 53.41
N VAL M 57 13.21 6.37 53.52
CA VAL M 57 12.31 5.30 53.06
C VAL M 57 10.99 5.34 53.84
N MET M 58 11.07 5.58 55.14
CA MET M 58 9.89 5.68 56.00
C MET M 58 9.05 6.91 55.69
N HIS M 59 9.70 8.02 55.35
CA HIS M 59 8.99 9.26 55.04
C HIS M 59 8.21 9.13 53.71
N ALA M 60 8.83 8.46 52.75
CA ALA M 60 8.22 8.27 51.42
C ALA M 60 6.97 7.41 51.48
N ARG M 61 7.10 6.25 52.12
CA ARG M 61 6.01 5.28 52.22
C ARG M 61 4.91 5.77 53.18
N SER M 62 5.29 6.49 54.24
CA SER M 62 4.32 6.97 55.23
C SER M 62 3.21 7.79 54.59
N GLY M 63 3.59 8.74 53.75
CA GLY M 63 2.63 9.47 52.91
C GLY M 63 2.06 8.52 51.86
N GLY M 64 2.94 7.75 51.24
CA GLY M 64 2.54 6.71 50.30
C GLY M 64 2.32 7.26 48.90
N ASN M 65 1.07 7.17 48.44
CA ASN M 65 0.70 7.54 47.06
C ASN M 65 1.13 8.95 46.65
N LEU M 66 1.24 9.83 47.64
CA LEU M 66 1.54 11.24 47.40
C LEU M 66 3.03 11.50 47.62
N GLU M 67 3.60 12.34 46.76
CA GLU M 67 4.98 12.74 46.89
C GLU M 67 5.10 13.76 48.03
N VAL M 68 6.05 13.53 48.93
CA VAL M 68 6.38 14.49 49.98
C VAL M 68 7.89 14.58 50.14
N MET M 69 8.42 15.80 50.25
CA MET M 69 9.86 16.02 50.36
C MET M 69 10.24 16.45 51.77
N GLY M 70 11.48 16.15 52.14
CA GLY M 70 12.05 16.62 53.38
C GLY M 70 13.41 17.25 53.14
N LEU M 71 14.19 17.38 54.21
CA LEU M 71 15.54 17.91 54.11
C LEU M 71 16.55 16.89 54.63
N MET M 72 17.73 16.88 54.01
CA MET M 72 18.83 16.01 54.43
C MET M 72 19.93 16.86 55.04
N LEU M 73 20.66 16.27 55.98
CA LEU M 73 21.83 16.89 56.58
C LEU M 73 23.04 15.99 56.36
N GLY M 74 24.21 16.60 56.13
CA GLY M 74 25.42 15.84 55.85
C GLY M 74 26.65 16.71 55.70
N LYS M 75 27.66 16.16 55.04
CA LYS M 75 28.94 16.84 54.86
C LYS M 75 29.60 16.40 53.55
N VAL M 76 30.75 17.02 53.23
CA VAL M 76 31.51 16.71 52.02
C VAL M 76 32.85 16.05 52.34
N ASP M 77 33.33 15.20 51.43
CA ASP M 77 34.62 14.53 51.58
C ASP M 77 35.10 14.01 50.21
N GLY M 78 36.16 14.61 49.68
CA GLY M 78 36.69 14.27 48.36
C GLY M 78 35.70 14.62 47.26
N GLU M 79 35.26 13.61 46.51
CA GLU M 79 34.18 13.76 45.55
C GLU M 79 32.86 13.17 46.08
N THR M 80 32.90 12.63 47.29
CA THR M 80 31.72 12.00 47.90
C THR M 80 30.91 13.02 48.69
N MET M 81 29.64 13.18 48.34
CA MET M 81 28.70 13.99 49.11
C MET M 81 27.99 13.10 50.12
N ILE M 82 28.50 13.09 51.36
CA ILE M 82 28.02 12.19 52.40
C ILE M 82 26.74 12.73 53.03
N ILE M 83 25.77 11.84 53.23
CA ILE M 83 24.50 12.17 53.89
C ILE M 83 24.47 11.43 55.22
N MET M 84 24.34 12.20 56.31
CA MET M 84 24.46 11.66 57.67
C MET M 84 23.10 11.40 58.31
N ASP M 85 22.27 12.43 58.31
CA ASP M 85 20.97 12.41 58.98
C ASP M 85 19.93 13.10 58.11
N SER M 86 18.67 12.69 58.24
CA SER M 86 17.57 13.29 57.49
C SER M 86 16.37 13.54 58.38
N PHE M 87 15.42 14.29 57.84
CA PHE M 87 14.15 14.55 58.50
C PHE M 87 13.16 15.09 57.47
N ALA M 88 11.93 15.38 57.90
CA ALA M 88 10.86 15.78 56.99
C ALA M 88 10.62 17.30 56.97
N LEU M 89 10.02 17.75 55.87
CA LEU M 89 9.54 19.12 55.73
C LEU M 89 8.04 19.01 55.49
N PRO M 90 7.22 19.64 56.37
CA PRO M 90 5.76 19.45 56.29
C PRO M 90 5.10 20.24 55.15
N VAL M 91 5.68 20.11 53.95
CA VAL M 91 5.24 20.88 52.79
C VAL M 91 4.35 20.04 51.89
N GLU M 92 3.68 20.72 50.95
CA GLU M 92 2.78 20.07 50.02
C GLU M 92 3.06 20.60 48.63
N GLY M 93 2.66 19.83 47.62
CA GLY M 93 2.84 20.22 46.23
C GLY M 93 4.24 19.92 45.75
N THR M 94 4.77 18.77 46.18
CA THR M 94 6.04 18.27 45.66
C THR M 94 5.81 17.78 44.24
N GLU M 95 6.72 18.13 43.33
CA GLU M 95 6.62 17.74 41.91
C GLU M 95 5.66 18.64 41.11
N THR M 96 4.63 19.19 41.77
CA THR M 96 3.68 20.11 41.12
C THR M 96 4.11 21.58 41.24
N ARG M 97 4.93 21.89 42.23
CA ARG M 97 5.53 23.23 42.36
C ARG M 97 7.05 23.15 42.23
N VAL M 98 7.63 24.13 41.55
CA VAL M 98 9.08 24.28 41.47
C VAL M 98 9.53 24.83 42.82
N ASN M 99 10.36 24.07 43.52
CA ASN M 99 10.80 24.40 44.87
C ASN M 99 9.61 24.52 45.83
N ALA M 100 9.05 23.37 46.19
CA ALA M 100 7.90 23.31 47.11
C ALA M 100 8.32 23.49 48.57
N GLN M 101 9.62 23.51 48.83
CA GLN M 101 10.15 23.73 50.18
C GLN M 101 10.02 25.19 50.67
N ALA M 102 9.61 26.10 49.77
CA ALA M 102 9.44 27.52 50.12
C ALA M 102 8.31 27.80 51.12
N ALA M 103 7.31 26.92 51.14
CA ALA M 103 6.18 27.04 52.08
C ALA M 103 6.64 27.01 53.54
N ALA M 104 7.60 26.14 53.83
CA ALA M 104 8.12 25.97 55.18
C ALA M 104 9.60 26.34 55.25
N TYR M 105 9.93 27.59 54.89
CA TYR M 105 11.27 28.12 55.12
C TYR M 105 11.56 28.22 56.60
N GLU M 106 10.50 28.35 57.39
CA GLU M 106 10.61 28.35 58.84
C GLU M 106 11.17 27.02 59.37
N TYR M 107 10.57 25.92 58.92
CA TYR M 107 10.90 24.59 59.46
C TYR M 107 12.20 23.97 58.94
N MET M 108 12.91 24.69 58.07
CA MET M 108 14.26 24.29 57.68
C MET M 108 15.27 24.77 58.72
N ALA M 109 15.38 26.10 58.87
CA ALA M 109 16.33 26.70 59.81
C ALA M 109 15.96 26.46 61.27
N ALA M 110 14.65 26.46 61.57
CA ALA M 110 14.18 26.22 62.93
C ALA M 110 14.46 24.80 63.39
N TYR M 111 14.42 23.83 62.47
CA TYR M 111 14.73 22.44 62.79
C TYR M 111 16.21 22.25 63.09
N ILE M 112 17.07 22.85 62.26
CA ILE M 112 18.52 22.72 62.40
C ILE M 112 19.02 23.51 63.61
N GLU M 113 18.31 24.57 63.98
CA GLU M 113 18.63 25.35 65.18
C GLU M 113 18.32 24.56 66.46
N ASN M 114 17.20 23.83 66.45
CA ASN M 114 16.85 22.93 67.54
C ASN M 114 17.76 21.70 67.57
N ALA M 115 18.00 21.13 66.38
CA ALA M 115 18.79 19.91 66.25
C ALA M 115 20.25 20.09 66.64
N LYS M 116 20.80 21.29 66.42
CA LYS M 116 22.19 21.59 66.78
C LYS M 116 22.39 21.72 68.30
N GLN M 117 21.32 22.08 69.02
CA GLN M 117 21.36 22.11 70.48
C GLN M 117 21.45 20.70 71.08
N VAL M 118 20.90 19.71 70.39
CA VAL M 118 20.84 18.33 70.91
C VAL M 118 21.92 17.38 70.38
N GLY M 119 22.53 17.70 69.24
CA GLY M 119 23.60 16.87 68.71
C GLY M 119 23.89 16.99 67.23
N ARG M 120 22.84 17.16 66.42
CA ARG M 120 22.99 17.23 64.96
C ARG M 120 23.66 18.53 64.51
N LEU M 121 25.00 18.53 64.51
CA LEU M 121 25.79 19.68 64.09
C LEU M 121 25.88 19.81 62.56
N GLU M 122 25.41 18.77 61.85
CA GLU M 122 25.55 18.70 60.39
C GLU M 122 24.74 19.78 59.66
N ASN M 123 25.30 20.28 58.57
CA ASN M 123 24.72 21.38 57.80
C ASN M 123 23.81 20.89 56.67
N ALA M 124 23.11 21.84 56.05
CA ALA M 124 22.20 21.52 54.94
C ALA M 124 22.98 20.92 53.77
N ILE M 125 22.65 19.67 53.43
CA ILE M 125 23.35 18.94 52.35
C ILE M 125 22.48 18.62 51.13
N GLY M 126 21.15 18.67 51.25
CA GLY M 126 20.28 18.38 50.12
C GLY M 126 18.79 18.28 50.43
N TRP M 127 18.02 17.83 49.44
CA TRP M 127 16.58 17.60 49.59
C TRP M 127 16.14 16.34 48.84
N TYR M 128 15.21 15.59 49.44
CA TYR M 128 14.81 14.28 48.94
C TYR M 128 13.30 14.22 48.76
N HIS M 129 12.83 13.47 47.76
CA HIS M 129 11.39 13.30 47.52
C HIS M 129 11.01 11.88 47.07
N SER M 130 9.75 11.51 47.32
CA SER M 130 9.25 10.18 46.98
C SER M 130 8.64 10.18 45.58
N HIS M 131 8.75 9.04 44.90
CA HIS M 131 8.23 8.84 43.53
C HIS M 131 7.48 7.50 43.45
N PRO M 132 6.28 7.43 44.04
CA PRO M 132 5.58 6.15 44.19
C PRO M 132 5.08 5.52 42.88
N GLY M 133 5.76 4.47 42.45
CA GLY M 133 5.33 3.67 41.30
C GLY M 133 5.82 4.13 39.93
N TYR M 134 6.92 4.89 39.89
CA TYR M 134 7.48 5.35 38.61
C TYR M 134 8.96 5.74 38.68
N GLY M 135 9.79 4.81 39.14
CA GLY M 135 11.24 4.95 39.08
C GLY M 135 11.84 6.10 39.85
N CYS M 136 13.15 6.28 39.71
CA CYS M 136 13.90 7.35 40.35
C CYS M 136 14.54 8.23 39.29
N TRP M 137 14.07 9.48 39.22
CA TRP M 137 14.56 10.44 38.22
C TRP M 137 14.09 11.85 38.55
N LEU M 138 14.67 12.84 37.87
CA LEU M 138 14.29 14.24 38.06
C LEU M 138 13.39 14.71 36.93
N SER M 139 12.17 15.12 37.28
CA SER M 139 11.22 15.68 36.32
C SER M 139 11.60 17.12 35.98
N GLY M 140 10.88 17.70 35.01
CA GLY M 140 11.07 19.09 34.63
C GLY M 140 10.85 20.08 35.76
N ILE M 141 9.96 19.70 36.69
CA ILE M 141 9.71 20.52 37.88
C ILE M 141 10.85 20.34 38.87
N ASP M 142 11.38 19.12 38.97
CA ASP M 142 12.49 18.81 39.86
C ASP M 142 13.83 19.44 39.41
N VAL M 143 14.05 19.51 38.10
CA VAL M 143 15.29 20.09 37.57
C VAL M 143 15.37 21.60 37.84
N SER M 144 14.25 22.29 37.66
CA SER M 144 14.18 23.73 37.95
C SER M 144 14.43 24.03 39.44
N THR M 145 13.99 23.12 40.30
CA THR M 145 14.24 23.24 41.74
C THR M 145 15.73 23.10 42.05
N GLN M 146 16.34 22.05 41.51
CA GLN M 146 17.72 21.70 41.84
C GLN M 146 18.76 22.67 41.25
N MET M 147 18.52 23.12 40.02
CA MET M 147 19.39 24.11 39.37
C MET M 147 19.57 25.36 40.23
N LEU M 148 18.45 25.88 40.71
CA LEU M 148 18.46 27.09 41.54
C LEU M 148 18.91 26.79 42.97
N ASN M 149 18.72 25.56 43.43
CA ASN M 149 19.29 25.12 44.70
C ASN M 149 20.82 25.14 44.66
N GLN M 150 21.39 24.60 43.57
CA GLN M 150 22.84 24.63 43.36
C GLN M 150 23.35 26.05 43.08
N GLN M 151 22.49 26.89 42.49
CA GLN M 151 22.84 28.27 42.18
C GLN M 151 23.28 29.07 43.42
N PHE M 152 22.52 28.96 44.51
CA PHE M 152 22.78 29.73 45.73
C PHE M 152 23.24 28.85 46.89
N GLN M 153 22.36 27.98 47.37
CA GLN M 153 22.65 27.11 48.50
C GLN M 153 23.48 25.92 48.03
N GLU M 154 24.79 26.15 47.85
CA GLU M 154 25.68 25.16 47.24
C GLU M 154 25.93 23.97 48.19
N PRO M 155 26.84 23.03 47.83
CA PRO M 155 26.62 21.63 48.16
C PRO M 155 25.18 21.25 48.56
N PHE M 156 24.34 21.07 47.54
CA PHE M 156 22.95 20.63 47.72
C PHE M 156 22.68 19.51 46.71
N VAL M 157 22.32 18.32 47.20
CA VAL M 157 22.09 17.16 46.33
C VAL M 157 20.62 16.72 46.38
N ALA M 158 20.03 16.50 45.21
CA ALA M 158 18.61 16.11 45.10
C ALA M 158 18.45 14.59 45.05
N VAL M 159 17.87 14.01 46.10
CA VAL M 159 17.70 12.57 46.20
C VAL M 159 16.27 12.17 45.82
N VAL M 160 16.13 10.95 45.31
CA VAL M 160 14.83 10.41 44.94
C VAL M 160 14.72 8.96 45.44
N ILE M 161 13.52 8.57 45.85
CA ILE M 161 13.23 7.20 46.26
C ILE M 161 11.88 6.75 45.72
N ASP M 162 11.82 5.50 45.26
CA ASP M 162 10.57 4.89 44.79
C ASP M 162 10.13 3.83 45.80
N PRO M 163 9.20 4.19 46.71
CA PRO M 163 8.81 3.28 47.79
C PRO M 163 8.00 2.09 47.30
N THR M 164 7.06 2.33 46.40
CA THR M 164 6.13 1.28 45.97
C THR M 164 6.87 0.15 45.24
N ARG M 165 7.90 0.50 44.46
CA ARG M 165 8.71 -0.51 43.74
C ARG M 165 9.81 -1.12 44.59
N THR M 166 10.40 -0.32 45.48
CA THR M 166 11.33 -0.85 46.47
C THR M 166 10.74 -2.13 47.03
N ILE M 167 9.44 -2.09 47.34
CA ILE M 167 8.70 -3.23 47.86
C ILE M 167 8.60 -4.37 46.83
N SER M 168 7.96 -4.10 45.70
CA SER M 168 7.64 -5.14 44.71
C SER M 168 8.88 -5.73 44.06
N ALA M 169 9.82 -4.87 43.68
CA ALA M 169 11.11 -5.33 43.17
C ALA M 169 11.89 -6.08 44.26
N GLY M 170 11.66 -5.69 45.51
CA GLY M 170 12.21 -6.42 46.66
C GLY M 170 13.59 -5.97 47.09
N LYS M 171 13.92 -4.73 46.79
CA LYS M 171 15.22 -4.16 47.16
C LYS M 171 15.18 -2.63 47.03
N VAL M 172 16.10 -1.96 47.71
CA VAL M 172 16.09 -0.50 47.84
C VAL M 172 16.12 0.18 46.48
N ASN M 173 14.97 0.71 46.07
CA ASN M 173 14.85 1.52 44.85
C ASN M 173 15.11 2.98 45.22
N LEU M 174 16.26 3.50 44.81
CA LEU M 174 16.73 4.82 45.24
C LEU M 174 17.60 5.47 44.17
N GLY M 175 17.68 6.79 44.20
CA GLY M 175 18.54 7.55 43.29
C GLY M 175 19.05 8.86 43.88
N ALA M 176 20.25 9.25 43.44
CA ALA M 176 20.87 10.51 43.87
C ALA M 176 21.43 11.23 42.64
N PHE M 177 20.97 12.47 42.40
CA PHE M 177 21.28 13.20 41.18
C PHE M 177 21.81 14.61 41.45
N ARG M 178 22.48 15.18 40.44
CA ARG M 178 22.88 16.58 40.44
C ARG M 178 22.72 17.17 39.05
N THR M 179 22.21 18.40 38.97
CA THR M 179 21.94 19.04 37.69
C THR M 179 23.17 19.77 37.15
N TYR M 180 23.21 19.95 35.83
CA TYR M 180 24.29 20.67 35.16
C TYR M 180 23.92 22.15 34.95
N PRO M 181 24.90 22.99 34.56
CA PRO M 181 24.61 24.38 34.24
C PRO M 181 23.78 24.55 32.97
N LYS M 182 23.04 25.65 32.90
CA LYS M 182 22.34 26.03 31.68
C LYS M 182 23.30 26.85 30.83
N GLY M 183 24.03 26.15 29.96
CA GLY M 183 25.08 26.76 29.13
C GLY M 183 26.11 25.72 28.75
N TYR M 184 26.87 25.27 29.74
CA TYR M 184 27.75 24.10 29.59
C TYR M 184 26.86 22.85 29.52
N LYS M 185 27.22 21.93 28.63
CA LYS M 185 26.45 20.69 28.45
C LYS M 185 27.36 19.46 28.65
N PRO M 186 26.78 18.35 29.16
CA PRO M 186 27.54 17.21 29.71
C PRO M 186 28.51 16.50 28.75
N PRO M 187 29.45 15.71 29.31
CA PRO M 187 30.33 14.86 28.50
C PRO M 187 29.59 13.64 27.95
N ASP M 188 30.31 12.75 27.28
CA ASP M 188 29.69 11.63 26.55
C ASP M 188 29.39 10.41 27.43
N GLU M 189 30.40 9.95 28.18
CA GLU M 189 30.30 8.70 28.96
C GLU M 189 29.02 8.62 29.81
N GLY M 190 28.03 7.88 29.30
CA GLY M 190 26.75 7.71 29.98
C GLY M 190 25.96 6.52 29.45
N PRO M 191 25.98 5.38 30.19
CA PRO M 191 25.11 4.25 29.87
C PRO M 191 23.65 4.46 30.31
N SER M 192 23.44 4.69 31.61
CA SER M 192 22.11 4.95 32.21
C SER M 192 21.12 3.79 32.04
N GLU M 193 20.80 3.12 33.15
CA GLU M 193 19.96 1.92 33.14
C GLU M 193 18.47 2.24 32.95
N TYR M 194 17.75 1.33 32.30
CA TYR M 194 16.33 1.55 31.98
C TYR M 194 15.39 1.14 33.12
N GLN M 195 14.43 2.02 33.41
CA GLN M 195 13.34 1.69 34.30
C GLN M 195 12.03 2.08 33.64
N THR M 196 10.99 1.31 33.92
CA THR M 196 9.67 1.55 33.36
C THR M 196 9.18 2.96 33.71
N ILE M 197 8.93 3.77 32.69
CA ILE M 197 8.37 5.09 32.86
C ILE M 197 6.94 5.09 32.33
N PRO M 198 5.93 5.32 33.20
CA PRO M 198 4.56 5.48 32.73
C PRO M 198 4.41 6.61 31.70
N LEU M 199 3.65 6.34 30.64
CA LEU M 199 3.57 7.25 29.48
C LEU M 199 3.05 8.64 29.83
N ASN M 200 2.10 8.71 30.75
CA ASN M 200 1.67 9.99 31.33
C ASN M 200 2.85 10.87 31.77
N LYS M 201 3.90 10.25 32.30
CA LYS M 201 5.11 10.95 32.75
C LYS M 201 6.29 10.88 31.77
N ILE M 202 6.33 9.87 30.90
CA ILE M 202 7.47 9.67 30.00
C ILE M 202 7.89 10.93 29.26
N GLU M 203 6.92 11.75 28.90
CA GLU M 203 7.18 13.00 28.18
C GLU M 203 8.02 13.95 29.05
N ASP M 204 7.52 14.24 30.24
CA ASP M 204 8.16 15.17 31.18
C ASP M 204 9.60 14.76 31.46
N PHE M 205 9.80 13.48 31.75
CA PHE M 205 11.12 12.91 31.94
C PHE M 205 11.97 13.12 30.69
N GLY M 206 11.46 12.60 29.57
CA GLY M 206 12.18 12.61 28.30
C GLY M 206 12.84 13.91 27.90
N VAL M 207 12.20 15.03 28.22
CA VAL M 207 12.73 16.33 27.85
C VAL M 207 13.94 16.69 28.73
N HIS M 208 13.73 16.70 30.03
CA HIS M 208 14.73 17.19 30.99
C HIS M 208 15.65 16.11 31.54
N CYS M 209 15.58 14.89 31.00
CA CYS M 209 16.36 13.77 31.53
C CYS M 209 17.86 13.89 31.29
N LYS M 210 18.24 14.46 30.14
CA LYS M 210 19.65 14.57 29.77
C LYS M 210 20.34 15.82 30.32
N GLN M 211 19.59 16.67 31.02
CA GLN M 211 20.13 17.91 31.57
C GLN M 211 20.90 17.72 32.88
N TYR M 212 20.84 16.52 33.47
CA TYR M 212 21.49 16.26 34.76
C TYR M 212 22.36 14.99 34.72
N TYR M 213 23.06 14.73 35.83
CA TYR M 213 23.83 13.50 36.01
C TYR M 213 23.65 12.90 37.41
N ALA M 214 23.64 11.56 37.47
CA ALA M 214 23.41 10.83 38.72
C ALA M 214 24.69 10.76 39.57
N LEU M 215 24.56 10.19 40.76
CA LEU M 215 25.69 10.00 41.65
C LEU M 215 25.78 8.53 42.10
N GLU M 216 27.00 8.01 42.17
CA GLU M 216 27.26 6.63 42.55
C GLU M 216 26.96 6.42 44.03
N VAL M 217 25.87 5.71 44.30
CA VAL M 217 25.37 5.55 45.67
C VAL M 217 26.15 4.44 46.39
N SER M 218 26.43 4.68 47.68
CA SER M 218 27.03 3.67 48.57
C SER M 218 26.42 3.80 49.97
N TYR M 219 26.32 2.68 50.69
CA TYR M 219 25.67 2.64 52.00
C TYR M 219 26.63 2.17 53.09
N PHE M 220 26.68 2.91 54.19
CA PHE M 220 27.59 2.60 55.32
C PHE M 220 26.82 2.47 56.64
N LYS M 221 27.55 2.11 57.69
CA LYS M 221 26.97 1.92 59.02
C LYS M 221 28.04 2.03 60.11
N SER M 222 27.61 2.34 61.33
CA SER M 222 28.51 2.47 62.47
C SER M 222 28.82 1.09 63.09
N SER M 223 29.58 1.09 64.18
CA SER M 223 29.84 -0.14 64.93
C SER M 223 28.60 -0.58 65.69
N LEU M 224 28.00 0.35 66.43
CA LEU M 224 26.80 0.07 67.21
C LEU M 224 25.64 -0.36 66.32
N ASP M 225 25.40 0.41 65.25
CA ASP M 225 24.37 0.06 64.27
C ASP M 225 24.57 -1.38 63.80
N ARG M 226 25.79 -1.71 63.39
CA ARG M 226 26.14 -3.05 62.90
C ARG M 226 25.91 -4.11 63.97
N LYS M 227 26.36 -3.82 65.19
CA LYS M 227 26.20 -4.75 66.31
C LYS M 227 24.73 -4.89 66.74
N LEU M 228 23.97 -3.80 66.68
CA LEU M 228 22.54 -3.83 67.03
C LEU M 228 21.72 -4.64 66.02
N LEU M 229 21.99 -4.42 64.73
CA LEU M 229 21.28 -5.13 63.67
C LEU M 229 21.53 -6.64 63.68
N GLU M 230 22.70 -7.04 64.16
CA GLU M 230 23.02 -8.46 64.30
C GLU M 230 22.26 -9.06 65.47
N LEU M 231 22.23 -8.33 66.59
CA LEU M 231 21.43 -8.73 67.75
C LEU M 231 19.92 -8.65 67.43
N LEU M 232 19.55 -7.70 66.58
CA LEU M 232 18.18 -7.53 66.13
C LEU M 232 17.70 -8.72 65.30
N TRP M 233 18.59 -9.29 64.50
CA TRP M 233 18.23 -10.36 63.57
C TRP M 233 17.82 -11.68 64.25
N ASN M 234 18.11 -11.82 65.54
CA ASN M 234 17.68 -12.97 66.33
C ASN M 234 16.18 -13.20 66.25
N LYS M 235 15.41 -12.10 66.15
CA LYS M 235 13.96 -12.15 66.14
C LYS M 235 13.31 -11.53 64.88
N TYR M 236 14.13 -11.10 63.92
CA TYR M 236 13.64 -10.43 62.71
C TYR M 236 13.50 -11.37 61.51
N TRP M 237 14.08 -12.57 61.60
CA TRP M 237 13.87 -13.61 60.59
C TRP M 237 12.40 -14.00 60.48
N VAL M 238 11.64 -13.85 61.58
CA VAL M 238 10.21 -14.15 61.61
C VAL M 238 9.42 -13.27 60.63
N ASN M 239 9.83 -12.01 60.52
CA ASN M 239 9.15 -11.03 59.67
C ASN M 239 9.43 -11.25 58.18
N THR M 240 10.55 -11.91 57.88
CA THR M 240 10.92 -12.24 56.51
C THR M 240 10.03 -13.34 55.92
N LEU M 241 9.64 -14.31 56.76
CA LEU M 241 8.80 -15.43 56.33
C LEU M 241 7.33 -15.25 56.70
N SER M 242 6.93 -14.01 56.97
CA SER M 242 5.53 -13.62 57.00
C SER M 242 5.42 -12.26 56.31
N SER M 243 6.19 -12.10 55.25
CA SER M 243 6.37 -10.81 54.58
C SER M 243 5.18 -10.49 53.69
N SER M 244 5.03 -11.28 52.63
CA SER M 244 3.90 -11.17 51.69
C SER M 244 3.77 -9.79 51.02
N SER M 245 4.51 -9.62 49.92
CA SER M 245 4.43 -8.40 49.13
C SER M 245 3.37 -8.56 48.05
N LEU M 246 2.10 -8.57 48.46
CA LEU M 246 0.99 -8.72 47.51
C LEU M 246 -0.13 -7.74 47.79
N LEU M 247 -0.79 -7.86 48.95
CA LEU M 247 -1.80 -6.88 49.34
C LEU M 247 -1.16 -5.62 49.93
N THR M 248 0.14 -5.68 50.21
CA THR M 248 0.90 -4.51 50.69
C THR M 248 0.93 -3.42 49.62
N ASN M 249 1.47 -3.77 48.45
CA ASN M 249 1.62 -2.83 47.33
C ASN M 249 0.71 -3.20 46.15
N ALA M 250 -0.52 -3.61 46.46
CA ALA M 250 -1.47 -4.12 45.46
C ALA M 250 -1.79 -3.11 44.36
N ASP M 251 -1.73 -1.83 44.71
CA ASP M 251 -2.10 -0.75 43.80
C ASP M 251 -0.93 -0.15 43.00
N TYR M 252 0.20 -0.86 42.95
CA TYR M 252 1.24 -0.57 41.96
C TYR M 252 1.14 -1.54 40.79
N THR M 253 1.09 -2.84 41.10
CA THR M 253 1.04 -3.88 40.08
C THR M 253 -0.26 -3.84 39.28
N THR M 254 -1.39 -3.65 39.97
CA THR M 254 -2.67 -3.50 39.29
C THR M 254 -2.72 -2.25 38.39
N GLY M 255 -1.94 -1.24 38.76
CA GLY M 255 -1.81 -0.02 37.97
C GLY M 255 -0.88 -0.17 36.77
N GLN M 256 0.30 -0.74 37.00
CA GLN M 256 1.29 -0.98 35.93
C GLN M 256 0.69 -1.66 34.70
N VAL M 257 -0.36 -2.45 34.91
CA VAL M 257 -1.12 -3.04 33.82
C VAL M 257 -1.70 -1.96 32.91
N PHE M 258 -2.35 -0.98 33.54
CA PHE M 258 -2.92 0.15 32.81
C PHE M 258 -1.85 0.86 31.97
N ASP M 259 -0.66 1.03 32.55
CA ASP M 259 0.51 1.59 31.83
C ASP M 259 0.94 0.68 30.68
N LEU M 260 1.05 -0.61 30.98
CA LEU M 260 1.50 -1.59 30.00
C LEU M 260 0.57 -1.62 28.79
N SER M 261 -0.74 -1.64 29.05
CA SER M 261 -1.75 -1.68 28.00
C SER M 261 -1.61 -0.56 26.98
N GLU M 262 -1.33 0.65 27.47
CA GLU M 262 -1.13 1.80 26.60
C GLU M 262 0.12 1.67 25.74
N LYS M 263 1.23 1.25 26.34
CA LYS M 263 2.51 1.11 25.63
C LYS M 263 2.42 0.14 24.45
N LEU M 264 1.58 -0.89 24.60
CA LEU M 264 1.33 -1.84 23.51
C LEU M 264 0.45 -1.19 22.46
N GLU M 265 -0.63 -0.55 22.91
CA GLU M 265 -1.57 0.15 22.04
C GLU M 265 -0.87 1.04 21.01
N GLN M 266 0.20 1.70 21.44
CA GLN M 266 1.01 2.54 20.57
C GLN M 266 1.78 1.72 19.53
N SER M 267 2.59 0.77 19.99
CA SER M 267 3.46 -0.02 19.12
C SER M 267 2.68 -0.92 18.15
N GLU M 268 1.42 -1.21 18.47
CA GLU M 268 0.53 -1.96 17.58
C GLU M 268 0.23 -1.14 16.33
N ALA M 269 -0.20 0.10 16.53
CA ALA M 269 -0.48 1.02 15.43
C ALA M 269 0.80 1.55 14.78
N GLN M 270 1.91 1.51 15.53
CA GLN M 270 3.22 1.91 15.00
C GLN M 270 3.63 1.01 13.84
N LEU M 271 3.41 -0.30 14.00
CA LEU M 271 3.63 -1.26 12.93
C LEU M 271 2.84 -0.85 11.68
N GLY M 272 1.61 -0.39 11.89
CA GLY M 272 0.74 0.05 10.81
C GLY M 272 1.12 1.35 10.13
N ARG M 273 0.23 2.35 10.20
CA ARG M 273 0.29 3.53 9.32
C ARG M 273 1.20 4.64 9.86
N GLY M 274 0.72 5.37 10.88
CA GLY M 274 1.46 6.51 11.42
C GLY M 274 1.50 7.69 10.48
N SER M 287 11.29 7.00 21.31
CA SER M 287 10.31 6.63 20.28
C SER M 287 10.96 5.87 19.12
N GLU M 288 11.25 4.59 19.35
CA GLU M 288 11.79 3.69 18.34
C GLU M 288 11.58 2.23 18.78
N ASP M 289 10.56 1.60 18.22
CA ASP M 289 10.10 0.28 18.64
C ASP M 289 9.67 0.29 20.11
N LYS M 290 8.41 0.66 20.35
CA LYS M 290 7.85 0.70 21.70
C LYS M 290 7.18 -0.63 22.11
N LEU M 291 7.56 -1.72 21.46
CA LEU M 291 7.24 -3.06 21.94
C LEU M 291 8.41 -3.63 22.71
N ALA M 292 9.63 -3.23 22.35
CA ALA M 292 10.83 -3.63 23.08
C ALA M 292 10.81 -3.10 24.52
N LYS M 293 10.29 -1.90 24.71
CA LYS M 293 10.06 -1.35 26.05
C LYS M 293 8.97 -2.14 26.76
N ALA M 294 7.82 -2.27 26.09
CA ALA M 294 6.63 -2.94 26.65
C ALA M 294 6.88 -4.40 27.00
N THR M 295 7.73 -5.06 26.22
CA THR M 295 8.15 -6.42 26.53
C THR M 295 8.95 -6.45 27.83
N ARG M 296 9.82 -5.47 28.00
CA ARG M 296 10.65 -5.36 29.20
C ARG M 296 9.80 -4.96 30.42
N ASP M 297 8.74 -4.18 30.18
CA ASP M 297 7.80 -3.81 31.22
C ASP M 297 6.94 -5.00 31.66
N SER M 298 6.46 -5.79 30.68
CA SER M 298 5.63 -6.96 30.95
C SER M 298 6.40 -8.00 31.76
N CYS M 299 7.70 -8.11 31.51
CA CYS M 299 8.58 -8.92 32.34
C CYS M 299 8.79 -8.26 33.70
N LYS M 300 9.29 -7.03 33.69
CA LYS M 300 9.51 -6.25 34.93
C LYS M 300 8.37 -6.42 35.96
N THR M 301 7.15 -6.11 35.53
CA THR M 301 5.98 -6.15 36.41
C THR M 301 5.60 -7.57 36.84
N THR M 302 5.70 -8.51 35.91
CA THR M 302 5.35 -9.91 36.18
C THR M 302 6.45 -10.63 36.97
N ILE M 303 7.72 -10.35 36.64
CA ILE M 303 8.87 -10.85 37.41
C ILE M 303 8.62 -10.65 38.92
N GLU M 304 8.10 -9.48 39.27
CA GLU M 304 7.72 -9.17 40.65
C GLU M 304 6.59 -10.07 41.12
N ALA M 305 5.51 -10.10 40.36
CA ALA M 305 4.33 -10.90 40.68
C ALA M 305 4.66 -12.37 40.94
N ILE M 306 5.66 -12.89 40.21
CA ILE M 306 6.10 -14.27 40.38
C ILE M 306 6.94 -14.40 41.64
N HIS M 307 7.94 -13.53 41.78
CA HIS M 307 8.79 -13.47 42.98
C HIS M 307 7.95 -13.42 44.26
N GLY M 308 6.80 -12.75 44.18
CA GLY M 308 5.84 -12.72 45.28
C GLY M 308 5.38 -14.12 45.65
N LEU M 309 4.95 -14.88 44.64
CA LEU M 309 4.43 -16.23 44.87
C LEU M 309 5.51 -17.27 45.20
N MET M 310 6.78 -16.90 45.04
CA MET M 310 7.89 -17.72 45.55
C MET M 310 7.87 -17.77 47.07
N SER M 311 7.85 -16.60 47.71
CA SER M 311 7.83 -16.52 49.18
C SER M 311 6.55 -17.06 49.80
N GLN M 312 5.47 -17.14 49.00
CA GLN M 312 4.20 -17.70 49.45
C GLN M 312 4.25 -19.22 49.54
N VAL M 313 4.68 -19.86 48.47
CA VAL M 313 4.80 -21.32 48.44
C VAL M 313 5.87 -21.78 49.43
N ILE M 314 6.96 -21.00 49.53
CA ILE M 314 7.98 -21.22 50.56
C ILE M 314 7.35 -21.36 51.95
N LYS M 315 6.35 -20.53 52.24
CA LYS M 315 5.66 -20.57 53.53
C LYS M 315 4.69 -21.76 53.65
N ASP M 316 3.94 -22.03 52.59
CA ASP M 316 3.01 -23.19 52.55
C ASP M 316 3.79 -24.49 52.79
N LYS M 317 4.97 -24.58 52.20
CA LYS M 317 5.88 -25.70 52.42
C LYS M 317 6.22 -25.81 53.90
N LEU M 318 6.64 -24.68 54.47
CA LEU M 318 7.11 -24.64 55.86
C LEU M 318 6.04 -24.98 56.87
N PHE M 319 5.09 -24.07 57.06
CA PHE M 319 4.26 -24.06 58.27
C PHE M 319 3.02 -24.94 58.21
N ASN M 320 2.52 -25.18 56.99
CA ASN M 320 1.29 -25.96 56.83
C ASN M 320 1.53 -27.46 56.78
N GLN M 321 2.62 -27.88 56.17
CA GLN M 321 2.86 -29.30 55.84
C GLN M 321 3.73 -30.03 56.86
N ILE M 322 3.17 -30.24 58.04
CA ILE M 322 3.82 -31.03 59.10
C ILE M 322 3.01 -32.27 59.48
N ASN M 323 1.70 -32.28 59.18
CA ASN M 323 0.75 -33.22 59.79
C ASN M 323 0.72 -33.03 61.31
N ILE M 324 -0.24 -33.69 61.96
CA ILE M 324 -0.48 -33.45 63.38
C ILE M 324 0.58 -34.14 64.24
N SER N 33 17.13 -1.88 95.42
CA SER N 33 16.42 -2.05 94.11
C SER N 33 15.27 -1.06 93.98
N VAL N 34 15.13 -0.47 92.79
CA VAL N 34 14.04 0.47 92.52
C VAL N 34 13.32 0.14 91.21
N MET N 35 12.96 -1.13 91.06
CA MET N 35 12.05 -1.56 90.01
C MET N 35 10.96 -2.46 90.63
N ALA N 36 9.97 -2.82 89.83
CA ALA N 36 8.71 -3.40 90.34
C ALA N 36 8.79 -4.88 90.72
N CYS N 37 8.87 -5.75 89.71
CA CYS N 37 8.80 -7.21 89.88
C CYS N 37 7.48 -7.66 90.51
N GLY N 38 6.47 -7.86 89.65
CA GLY N 38 5.17 -8.34 90.08
C GLY N 38 4.34 -8.86 88.92
N VAL N 39 3.08 -9.20 89.19
CA VAL N 39 2.15 -9.66 88.15
C VAL N 39 1.67 -8.47 87.28
N THR N 40 2.39 -8.23 86.18
CA THR N 40 2.19 -7.02 85.34
C THR N 40 1.02 -7.18 84.36
N GLY N 41 1.27 -6.90 83.07
CA GLY N 41 0.22 -6.92 82.05
C GLY N 41 0.01 -5.53 81.47
N SER N 42 -1.14 -4.94 81.78
CA SER N 42 -1.49 -3.56 81.36
C SER N 42 -1.56 -3.41 79.83
N VAL N 43 -0.58 -2.73 79.23
CA VAL N 43 -0.56 -2.48 77.76
C VAL N 43 0.32 -3.48 77.01
N SER N 44 0.12 -3.56 75.69
CA SER N 44 0.92 -4.41 74.80
C SER N 44 1.71 -3.53 73.84
N VAL N 45 3.01 -3.79 73.74
CA VAL N 45 3.93 -2.87 73.07
C VAL N 45 4.56 -3.47 71.81
N ALA N 46 4.69 -2.64 70.79
CA ALA N 46 5.46 -2.95 69.59
C ALA N 46 6.64 -1.99 69.49
N LEU N 47 7.59 -2.30 68.62
CA LEU N 47 8.83 -1.53 68.51
C LEU N 47 9.41 -1.54 67.10
N HIS N 48 9.46 -0.37 66.48
CA HIS N 48 10.08 -0.19 65.16
C HIS N 48 11.60 -0.12 65.29
N PRO N 49 12.34 -0.80 64.38
CA PRO N 49 13.81 -0.72 64.38
C PRO N 49 14.38 0.66 64.02
N LEU N 50 13.60 1.48 63.32
CA LEU N 50 13.96 2.87 63.07
C LEU N 50 14.24 3.62 64.37
N VAL N 51 13.49 3.29 65.41
CA VAL N 51 13.66 3.89 66.73
C VAL N 51 15.01 3.51 67.33
N ILE N 52 15.38 2.23 67.20
CA ILE N 52 16.67 1.73 67.68
C ILE N 52 17.84 2.44 66.99
N LEU N 53 17.70 2.64 65.68
CA LEU N 53 18.76 3.28 64.88
C LEU N 53 18.89 4.78 65.12
N ASN N 54 17.77 5.46 65.39
CA ASN N 54 17.77 6.90 65.70
C ASN N 54 18.42 7.18 67.06
N ILE N 55 18.31 6.22 67.98
CA ILE N 55 19.00 6.29 69.26
C ILE N 55 20.47 5.92 69.06
N SER N 56 20.73 4.90 68.24
CA SER N 56 22.08 4.46 67.93
C SER N 56 22.93 5.54 67.27
N ASP N 57 22.34 6.25 66.31
CA ASP N 57 22.99 7.41 65.69
C ASP N 57 23.22 8.50 66.74
N HIS N 58 22.23 8.70 67.61
CA HIS N 58 22.30 9.72 68.64
C HIS N 58 23.35 9.43 69.72
N TRP N 59 23.57 8.15 70.03
CA TRP N 59 24.61 7.75 70.99
C TRP N 59 26.01 7.89 70.41
N ILE N 60 26.22 7.33 69.22
CA ILE N 60 27.52 7.35 68.55
C ILE N 60 27.99 8.77 68.23
N ARG N 61 27.05 9.65 67.86
CA ARG N 61 27.36 11.03 67.51
C ARG N 61 27.71 11.88 68.74
N MET N 62 26.96 11.70 69.83
CA MET N 62 27.22 12.42 71.09
C MET N 62 28.39 11.81 71.85
N ARG N 63 28.60 10.50 71.71
CA ARG N 63 29.81 9.84 72.21
C ARG N 63 31.04 10.43 71.51
N SER N 64 30.97 10.49 70.19
CA SER N 64 32.07 10.99 69.37
C SER N 64 32.38 12.46 69.65
N GLN N 65 31.35 13.27 69.89
CA GLN N 65 31.53 14.69 70.18
C GLN N 65 32.46 14.96 71.36
N GLU N 66 32.34 14.16 72.41
CA GLU N 66 33.06 14.40 73.67
C GLU N 66 34.20 13.41 73.94
N GLY N 67 34.38 12.42 73.07
CA GLY N 67 35.45 11.43 73.24
C GLY N 67 35.24 10.50 74.43
N ARG N 68 33.99 10.29 74.80
CA ARG N 68 33.63 9.42 75.92
C ARG N 68 32.21 8.88 75.73
N PRO N 69 31.85 7.81 76.48
CA PRO N 69 30.44 7.38 76.51
C PRO N 69 29.52 8.45 77.11
N VAL N 70 28.30 8.55 76.55
CA VAL N 70 27.34 9.59 76.97
C VAL N 70 25.95 9.00 77.18
N GLN N 71 25.28 9.42 78.26
CA GLN N 71 23.88 9.10 78.50
C GLN N 71 23.00 10.10 77.75
N VAL N 72 22.69 9.79 76.50
CA VAL N 72 21.82 10.65 75.69
C VAL N 72 20.35 10.42 76.06
N ILE N 73 19.54 11.46 75.93
CA ILE N 73 18.11 11.38 76.24
C ILE N 73 17.28 11.98 75.11
N GLY N 74 16.14 11.35 74.82
CA GLY N 74 15.24 11.83 73.77
C GLY N 74 13.81 11.35 73.93
N ALA N 75 12.96 11.78 73.01
CA ALA N 75 11.51 11.56 73.08
C ALA N 75 11.02 10.45 72.15
N LEU N 76 9.93 9.78 72.54
CA LEU N 76 9.32 8.71 71.75
C LEU N 76 7.96 9.15 71.20
N ILE N 77 7.67 8.74 69.96
CA ILE N 77 6.37 9.02 69.32
C ILE N 77 5.90 7.85 68.45
N GLY N 78 4.60 7.79 68.20
CA GLY N 78 4.01 6.73 67.38
C GLY N 78 2.49 6.68 67.49
N LYS N 79 1.91 5.57 67.06
CA LYS N 79 0.46 5.39 67.10
C LYS N 79 0.03 4.78 68.44
N GLN N 80 -1.09 5.28 68.97
CA GLN N 80 -1.70 4.72 70.17
C GLN N 80 -3.19 4.47 69.91
N GLU N 81 -3.57 3.20 69.93
CA GLU N 81 -4.96 2.79 69.75
C GLU N 81 -5.36 1.84 70.87
N GLY N 82 -6.42 2.19 71.60
CA GLY N 82 -6.87 1.38 72.72
C GLY N 82 -5.75 1.09 73.69
N ARG N 83 -5.52 -0.20 73.97
CA ARG N 83 -4.43 -0.62 74.85
C ARG N 83 -3.10 -0.65 74.13
N ASN N 84 -3.10 -1.19 72.92
CA ASN N 84 -1.86 -1.46 72.18
C ASN N 84 -1.14 -0.19 71.77
N ILE N 85 0.20 -0.26 71.77
CA ILE N 85 1.03 0.90 71.52
C ILE N 85 2.17 0.55 70.57
N GLU N 86 2.28 1.30 69.49
CA GLU N 86 3.39 1.16 68.54
C GLU N 86 4.28 2.39 68.62
N VAL N 87 5.58 2.16 68.67
CA VAL N 87 6.56 3.24 68.63
C VAL N 87 7.08 3.29 67.21
N MET N 88 6.87 4.42 66.53
CA MET N 88 7.27 4.57 65.13
C MET N 88 8.62 5.26 65.01
N ASN N 89 8.68 6.53 65.40
CA ASN N 89 9.88 7.34 65.23
C ASN N 89 10.36 7.87 66.58
N SER N 90 11.54 8.50 66.60
CA SER N 90 12.10 9.09 67.82
C SER N 90 13.08 10.21 67.51
N PHE N 91 13.16 11.17 68.43
CA PHE N 91 14.05 12.32 68.28
C PHE N 91 14.67 12.69 69.63
N GLU N 92 15.37 13.83 69.70
CA GLU N 92 16.19 14.18 70.86
C GLU N 92 15.54 15.23 71.76
N LEU N 93 15.98 15.29 73.02
CA LEU N 93 15.49 16.29 73.99
C LEU N 93 16.65 16.98 74.70
N LEU N 94 16.42 18.22 75.11
CA LEU N 94 17.42 19.04 75.78
C LEU N 94 17.39 18.74 77.27
N SER N 95 18.58 18.58 77.86
CA SER N 95 18.71 18.21 79.27
C SER N 95 19.84 18.99 79.98
N HIS N 96 19.62 19.31 81.25
CA HIS N 96 20.61 19.98 82.09
C HIS N 96 20.77 19.21 83.41
N THR N 97 21.61 19.71 84.31
CA THR N 97 21.91 19.01 85.57
C THR N 97 21.93 19.94 86.79
N VAL N 98 20.82 19.96 87.54
CA VAL N 98 20.75 20.64 88.84
C VAL N 98 21.31 19.69 89.90
N GLU N 99 22.52 19.98 90.36
CA GLU N 99 23.26 19.10 91.28
C GLU N 99 23.57 17.74 90.63
N GLU N 100 22.85 16.69 91.01
CA GLU N 100 23.04 15.35 90.41
C GLU N 100 21.77 14.89 89.71
N LYS N 101 20.82 15.80 89.54
CA LYS N 101 19.48 15.48 89.07
C LYS N 101 19.33 15.92 87.62
N ILE N 102 18.98 15.00 86.74
CA ILE N 102 18.90 15.29 85.31
C ILE N 102 17.60 16.03 85.02
N ILE N 103 17.74 17.30 84.62
CA ILE N 103 16.59 18.17 84.34
C ILE N 103 16.30 18.21 82.83
N ILE N 104 15.17 17.63 82.43
CA ILE N 104 14.69 17.74 81.06
C ILE N 104 14.20 19.16 80.83
N ASP N 105 14.91 19.90 79.97
CA ASP N 105 14.49 21.25 79.62
C ASP N 105 13.21 21.13 78.80
N LYS N 106 12.07 21.34 79.48
CA LYS N 106 10.75 21.18 78.87
C LYS N 106 10.46 22.22 77.80
N GLU N 107 11.04 23.41 77.94
CA GLU N 107 10.89 24.48 76.95
C GLU N 107 11.37 24.03 75.56
N TYR N 108 12.34 23.10 75.54
CA TYR N 108 12.77 22.48 74.29
C TYR N 108 11.77 21.46 73.77
N TYR N 109 11.23 20.62 74.66
CA TYR N 109 10.24 19.62 74.28
C TYR N 109 9.03 20.26 73.58
N TYR N 110 8.49 21.32 74.18
CA TYR N 110 7.33 22.01 73.63
C TYR N 110 7.64 22.66 72.28
N THR N 111 8.90 23.05 72.07
CA THR N 111 9.35 23.60 70.79
C THR N 111 9.40 22.50 69.72
N LYS N 112 9.98 21.36 70.06
CA LYS N 112 10.00 20.21 69.14
C LYS N 112 8.63 19.55 69.01
N GLU N 113 7.79 19.69 70.03
CA GLU N 113 6.40 19.22 69.96
C GLU N 113 5.66 19.93 68.85
N GLU N 114 6.01 21.19 68.59
CA GLU N 114 5.50 21.92 67.44
C GLU N 114 5.91 21.20 66.16
N GLN N 115 7.23 21.06 65.96
CA GLN N 115 7.77 20.58 64.70
C GLN N 115 7.48 19.12 64.35
N PHE N 116 7.26 18.27 65.35
CA PHE N 116 6.92 16.87 65.09
C PHE N 116 5.41 16.69 64.85
N LYS N 117 4.59 17.55 65.43
CA LYS N 117 3.15 17.60 65.11
C LYS N 117 2.91 18.10 63.68
N GLN N 118 3.86 18.85 63.13
CA GLN N 118 3.75 19.36 61.76
C GLN N 118 3.95 18.25 60.73
N VAL N 119 5.08 17.55 60.82
CA VAL N 119 5.45 16.54 59.82
C VAL N 119 4.61 15.26 59.96
N PHE N 120 4.53 14.73 61.18
CA PHE N 120 3.70 13.56 61.47
C PHE N 120 2.52 14.02 62.32
N LYS N 121 1.45 14.44 61.64
CA LYS N 121 0.29 15.04 62.29
C LYS N 121 -0.56 13.98 62.98
N GLU N 122 -0.44 12.74 62.51
CA GLU N 122 -1.17 11.62 63.08
C GLU N 122 -0.60 11.19 64.42
N LEU N 123 0.71 11.34 64.59
CA LEU N 123 1.44 10.72 65.71
C LEU N 123 1.22 11.41 67.06
N GLU N 124 1.42 10.64 68.11
CA GLU N 124 1.15 11.06 69.48
C GLU N 124 2.42 10.95 70.32
N PHE N 125 2.45 11.64 71.45
CA PHE N 125 3.56 11.53 72.40
C PHE N 125 3.33 10.32 73.30
N LEU N 126 4.36 9.49 73.43
CA LEU N 126 4.23 8.19 74.10
C LEU N 126 5.15 8.03 75.32
N GLY N 127 6.43 8.33 75.16
CA GLY N 127 7.41 8.15 76.23
C GLY N 127 8.76 8.81 75.97
N TRP N 128 9.83 8.17 76.44
CA TRP N 128 11.19 8.70 76.28
C TRP N 128 12.23 7.58 76.35
N TYR N 129 13.48 7.91 76.01
CA TYR N 129 14.55 6.93 76.01
C TYR N 129 15.86 7.45 76.61
N THR N 130 16.76 6.52 76.92
CA THR N 130 18.11 6.85 77.38
C THR N 130 19.03 5.62 77.27
N THR N 131 20.32 5.81 77.49
CA THR N 131 21.29 4.71 77.47
C THR N 131 21.97 4.54 78.83
N GLY N 132 22.54 3.36 79.05
CA GLY N 132 23.22 3.03 80.31
C GLY N 132 22.91 1.63 80.77
N GLY N 133 22.88 1.44 82.09
CA GLY N 133 22.56 0.14 82.69
C GLY N 133 21.05 -0.12 82.71
N PRO N 134 20.57 -0.93 83.67
CA PRO N 134 19.14 -1.09 83.89
C PRO N 134 18.53 0.14 84.59
N PRO N 135 17.21 0.12 84.87
CA PRO N 135 16.56 1.26 85.52
C PRO N 135 17.16 1.61 86.89
N ASP N 136 17.21 2.91 87.19
CA ASP N 136 17.92 3.40 88.38
C ASP N 136 17.32 4.74 88.84
N PRO N 137 17.77 5.25 90.01
CA PRO N 137 17.22 6.50 90.56
C PRO N 137 17.30 7.73 89.65
N SER N 138 18.41 7.88 88.92
CA SER N 138 18.60 9.04 88.04
C SER N 138 17.56 9.15 86.91
N ASP N 139 16.97 8.02 86.53
CA ASP N 139 15.91 7.99 85.52
C ASP N 139 14.51 8.09 86.13
N ILE N 140 14.36 7.70 87.40
CA ILE N 140 13.09 7.86 88.12
C ILE N 140 12.77 9.35 88.35
N HIS N 141 13.81 10.13 88.62
CA HIS N 141 13.67 11.59 88.73
C HIS N 141 13.27 12.21 87.39
N VAL N 142 13.81 11.68 86.30
CA VAL N 142 13.45 12.12 84.96
C VAL N 142 12.04 11.65 84.58
N HIS N 143 11.69 10.44 85.02
CA HIS N 143 10.36 9.87 84.76
C HIS N 143 9.25 10.72 85.39
N LYS N 144 9.55 11.34 86.53
CA LYS N 144 8.64 12.29 87.17
C LYS N 144 8.39 13.52 86.29
N GLN N 145 9.44 14.00 85.62
CA GLN N 145 9.34 15.16 84.74
C GLN N 145 8.58 14.87 83.43
N VAL N 146 8.58 13.61 83.01
CA VAL N 146 7.77 13.17 81.86
C VAL N 146 6.33 12.90 82.32
N CYS N 147 6.17 12.48 83.57
CA CYS N 147 4.83 12.26 84.17
C CYS N 147 4.01 13.55 84.31
N GLU N 148 4.67 14.69 84.44
CA GLU N 148 3.97 15.99 84.44
C GLU N 148 3.38 16.30 83.05
N ILE N 149 4.04 15.81 82.00
CA ILE N 149 3.61 16.06 80.62
C ILE N 149 2.46 15.14 80.20
N ILE N 150 2.57 13.84 80.50
CA ILE N 150 1.56 12.85 80.12
C ILE N 150 1.24 11.83 81.22
N GLU N 151 0.07 11.18 81.11
CA GLU N 151 -0.47 10.29 82.16
C GLU N 151 -0.08 8.81 82.01
N SER N 152 0.71 8.48 80.98
CA SER N 152 1.16 7.10 80.77
C SER N 152 2.46 7.08 79.95
N PRO N 153 3.57 7.58 80.52
CA PRO N 153 4.82 7.69 79.78
C PRO N 153 5.63 6.39 79.77
N LEU N 154 5.87 5.85 78.58
CA LEU N 154 6.70 4.66 78.42
C LEU N 154 8.18 5.02 78.60
N PHE N 155 9.01 3.99 78.75
CA PHE N 155 10.43 4.19 79.00
C PHE N 155 11.26 3.04 78.41
N LEU N 156 12.12 3.37 77.45
CA LEU N 156 13.07 2.43 76.87
C LEU N 156 14.47 2.74 77.41
N LYS N 157 15.27 1.69 77.62
CA LYS N 157 16.66 1.88 78.00
C LYS N 157 17.54 0.91 77.24
N LEU N 158 18.63 1.43 76.68
CA LEU N 158 19.53 0.67 75.82
C LEU N 158 20.94 0.62 76.41
N ASN N 159 21.53 -0.57 76.41
CA ASN N 159 22.91 -0.76 76.86
C ASN N 159 23.83 -0.83 75.65
N PRO N 160 24.64 0.22 75.41
CA PRO N 160 25.44 0.29 74.18
C PRO N 160 26.55 -0.76 74.09
N MET N 161 27.40 -0.85 75.12
CA MET N 161 28.46 -1.85 75.16
C MET N 161 27.98 -3.03 76.01
N THR N 162 26.98 -3.74 75.50
CA THR N 162 26.29 -4.79 76.26
C THR N 162 27.10 -6.09 76.37
N LYS N 163 26.97 -6.75 77.52
CA LYS N 163 27.52 -8.09 77.72
C LYS N 163 26.51 -9.17 77.31
N HIS N 164 25.23 -8.80 77.23
CA HIS N 164 24.18 -9.72 76.79
C HIS N 164 24.43 -10.22 75.37
N THR N 165 24.29 -11.53 75.19
CA THR N 165 24.22 -12.13 73.86
C THR N 165 22.86 -11.82 73.23
N ASP N 166 21.86 -11.57 74.07
CA ASP N 166 20.55 -11.08 73.64
C ASP N 166 20.60 -9.56 73.42
N LEU N 167 19.49 -8.99 72.96
CA LEU N 167 19.39 -7.54 72.79
C LEU N 167 19.30 -6.86 74.15
N PRO N 168 20.00 -5.71 74.32
CA PRO N 168 19.99 -4.98 75.60
C PRO N 168 18.96 -3.82 75.65
N VAL N 169 17.82 -4.00 74.97
CA VAL N 169 16.80 -2.96 74.90
C VAL N 169 15.51 -3.47 75.55
N SER N 170 15.19 -2.94 76.73
CA SER N 170 14.00 -3.36 77.47
C SER N 170 13.08 -2.19 77.73
N VAL N 171 11.77 -2.45 77.66
CA VAL N 171 10.75 -1.42 77.85
C VAL N 171 10.11 -1.55 79.23
N PHE N 172 9.78 -0.41 79.84
CA PHE N 172 9.25 -0.37 81.21
C PHE N 172 8.06 0.62 81.30
N GLU N 173 7.48 0.72 82.50
CA GLU N 173 6.41 1.70 82.77
C GLU N 173 6.34 2.06 84.25
N SER N 174 5.56 3.09 84.58
CA SER N 174 5.41 3.54 85.96
C SER N 174 4.34 2.75 86.71
N VAL N 175 4.74 2.16 87.84
CA VAL N 175 3.83 1.44 88.73
C VAL N 175 4.13 1.87 90.16
N ILE N 176 3.10 1.91 91.00
CA ILE N 176 3.23 2.45 92.37
C ILE N 176 2.48 1.58 93.39
N ASP N 177 3.21 1.18 94.43
CA ASP N 177 2.69 0.29 95.48
C ASP N 177 3.04 0.81 96.86
N ILE N 178 2.52 0.15 97.89
CA ILE N 178 2.86 0.47 99.28
C ILE N 178 4.16 -0.24 99.67
N ILE N 179 5.25 0.53 99.77
CA ILE N 179 6.54 0.02 100.25
C ILE N 179 6.64 0.28 101.75
N ASN N 180 5.98 -0.57 102.54
CA ASN N 180 5.93 -0.45 104.00
C ASN N 180 5.52 0.94 104.49
N GLY N 181 4.23 1.24 104.34
CA GLY N 181 3.67 2.55 104.71
C GLY N 181 4.17 3.71 103.86
N GLU N 182 4.58 3.43 102.62
CA GLU N 182 5.11 4.45 101.72
C GLU N 182 4.70 4.18 100.27
N ALA N 183 3.75 4.96 99.78
CA ALA N 183 3.39 4.94 98.36
C ALA N 183 4.55 5.54 97.56
N THR N 184 5.08 4.78 96.61
CA THR N 184 6.28 5.20 95.87
C THR N 184 6.40 4.52 94.49
N MET N 185 7.08 5.20 93.56
CA MET N 185 7.14 4.80 92.15
C MET N 185 8.10 3.64 91.89
N LEU N 186 7.75 2.79 90.92
CA LEU N 186 8.59 1.66 90.51
C LEU N 186 8.52 1.46 88.98
N PHE N 187 9.28 0.50 88.47
CA PHE N 187 9.32 0.17 87.05
C PHE N 187 8.91 -1.27 86.78
N ALA N 188 7.73 -1.47 86.19
CA ALA N 188 7.29 -2.79 85.74
C ALA N 188 7.77 -3.02 84.31
N GLU N 189 8.61 -4.02 84.11
CA GLU N 189 9.21 -4.31 82.80
C GLU N 189 8.20 -4.96 81.85
N LEU N 190 8.29 -4.62 80.56
CA LEU N 190 7.43 -5.21 79.53
C LEU N 190 8.24 -5.66 78.32
N THR N 191 7.63 -6.55 77.52
CA THR N 191 8.26 -7.09 76.32
C THR N 191 7.85 -6.29 75.09
N TYR N 192 8.45 -6.62 73.95
CA TYR N 192 8.32 -5.83 72.73
C TYR N 192 8.37 -6.71 71.49
N THR N 193 7.31 -6.68 70.70
CA THR N 193 7.30 -7.34 69.39
C THR N 193 7.88 -6.38 68.37
N LEU N 194 8.62 -6.90 67.39
CA LEU N 194 9.26 -6.05 66.40
C LEU N 194 8.31 -5.67 65.26
N ALA N 195 8.62 -4.56 64.61
CA ALA N 195 7.77 -4.01 63.56
C ALA N 195 7.97 -4.73 62.23
N THR N 196 6.96 -4.63 61.37
CA THR N 196 6.85 -5.49 60.20
C THR N 196 6.93 -4.78 58.84
N GLU N 197 6.70 -3.47 58.82
CA GLU N 197 6.48 -2.76 57.54
C GLU N 197 7.43 -3.20 56.44
N GLU N 198 6.85 -3.58 55.30
CA GLU N 198 7.60 -4.13 54.17
C GLU N 198 8.65 -3.16 53.65
N ALA N 199 8.27 -1.88 53.53
CA ALA N 199 9.19 -0.84 53.08
C ALA N 199 10.38 -0.68 54.04
N GLU N 200 10.08 -0.79 55.34
CA GLU N 200 11.09 -0.69 56.38
C GLU N 200 11.98 -1.92 56.39
N ARG N 201 11.36 -3.09 56.38
CA ARG N 201 12.06 -4.38 56.44
C ARG N 201 13.25 -4.44 55.46
N ILE N 202 13.09 -3.82 54.30
CA ILE N 202 14.15 -3.77 53.29
C ILE N 202 15.30 -2.89 53.75
N GLY N 203 14.98 -1.77 54.38
CA GLY N 203 15.99 -0.91 55.00
C GLY N 203 16.87 -1.68 55.97
N VAL N 204 16.26 -2.57 56.75
CA VAL N 204 16.99 -3.44 57.68
C VAL N 204 17.81 -4.46 56.89
N ASP N 205 17.19 -5.04 55.87
CA ASP N 205 17.83 -6.07 55.05
C ASP N 205 18.97 -5.50 54.18
N HIS N 206 18.99 -4.18 53.97
CA HIS N 206 20.02 -3.54 53.16
C HIS N 206 21.30 -3.17 53.94
N VAL N 207 21.16 -2.60 55.14
CA VAL N 207 22.33 -2.18 55.94
C VAL N 207 22.90 -3.35 56.73
N ALA N 208 22.04 -4.24 57.22
CA ALA N 208 22.48 -5.44 57.93
C ALA N 208 23.01 -6.51 56.97
N ARG N 209 22.66 -6.39 55.69
CA ARG N 209 23.18 -7.27 54.64
C ARG N 209 23.45 -6.45 53.37
N MET N 210 24.70 -5.98 53.23
CA MET N 210 25.09 -5.02 52.18
C MET N 210 25.62 -5.65 50.89
N THR N 211 25.09 -5.18 49.75
CA THR N 211 25.64 -5.50 48.43
C THR N 211 26.86 -4.60 48.18
N ALA N 212 28.00 -4.98 48.77
CA ALA N 212 29.26 -4.27 48.59
C ALA N 212 30.09 -4.95 47.50
N THR N 213 29.59 -4.87 46.26
CA THR N 213 30.17 -5.54 45.09
C THR N 213 29.94 -7.06 45.14
N GLY N 214 28.67 -7.44 45.30
CA GLY N 214 28.27 -8.85 45.43
C GLY N 214 27.15 -9.29 44.49
N SER N 215 27.06 -8.62 43.33
CA SER N 215 26.11 -9.00 42.29
C SER N 215 26.51 -8.39 40.93
N GLY N 216 27.00 -9.23 40.02
CA GLY N 216 27.48 -8.80 38.70
C GLY N 216 26.44 -9.02 37.61
N GLU N 217 26.16 -10.29 37.31
CA GLU N 217 25.09 -10.64 36.38
C GLU N 217 23.75 -10.63 37.11
N ASN N 218 22.93 -9.63 36.80
CA ASN N 218 21.64 -9.38 37.46
C ASN N 218 21.08 -10.53 38.30
N SER N 219 20.82 -11.67 37.65
CA SER N 219 20.31 -12.88 38.31
C SER N 219 18.85 -12.75 38.75
N THR N 220 18.57 -11.73 39.56
CA THR N 220 17.20 -11.38 40.01
C THR N 220 16.66 -12.34 41.08
N VAL N 221 16.69 -13.64 40.78
CA VAL N 221 16.26 -14.68 41.74
C VAL N 221 17.26 -14.88 42.88
N ALA N 222 18.97 -14.63 42.42
CA ALA N 222 20.01 -14.43 43.40
C ALA N 222 19.80 -13.26 44.37
N GLU N 223 19.33 -12.11 43.87
CA GLU N 223 19.16 -10.93 44.70
C GLU N 223 17.85 -10.92 45.50
N HIS N 224 16.98 -11.89 45.23
CA HIS N 224 15.71 -12.03 45.95
C HIS N 224 15.80 -13.12 47.02
N LEU N 225 16.17 -14.34 46.61
CA LEU N 225 16.19 -15.50 47.52
C LEU N 225 17.35 -15.49 48.53
N ILE N 226 18.27 -14.55 48.39
CA ILE N 226 19.29 -14.32 49.42
C ILE N 226 18.65 -14.01 50.78
N ALA N 227 17.52 -13.31 50.75
CA ALA N 227 16.78 -12.99 51.96
C ALA N 227 16.31 -14.26 52.67
N GLN N 228 15.57 -15.10 51.94
CA GLN N 228 15.03 -16.34 52.51
C GLN N 228 16.11 -17.33 52.93
N HIS N 229 17.12 -17.49 52.07
CA HIS N 229 18.20 -18.45 52.31
C HIS N 229 18.76 -18.41 53.74
N SER N 230 19.36 -17.29 54.12
CA SER N 230 19.98 -17.14 55.43
C SER N 230 18.98 -16.75 56.54
N ALA N 231 17.75 -16.42 56.15
CA ALA N 231 16.66 -16.21 57.13
C ALA N 231 16.13 -17.55 57.61
N ILE N 232 15.95 -18.49 56.69
CA ILE N 232 15.50 -19.84 57.03
C ILE N 232 16.61 -20.62 57.74
N LYS N 233 17.86 -20.26 57.45
CA LYS N 233 19.01 -20.78 58.20
C LYS N 233 18.86 -20.50 59.69
N MET N 234 18.29 -19.34 60.02
CA MET N 234 17.99 -18.98 61.40
C MET N 234 16.87 -19.86 61.92
N LEU N 235 15.82 -20.06 61.12
CA LEU N 235 14.71 -20.95 61.48
C LEU N 235 15.19 -22.37 61.78
N HIS N 236 16.04 -22.90 60.92
CA HIS N 236 16.57 -24.26 61.10
C HIS N 236 17.50 -24.35 62.31
N SER N 237 18.30 -23.32 62.52
CA SER N 237 19.18 -23.23 63.68
C SER N 237 18.39 -23.33 64.98
N ARG N 238 17.25 -22.66 65.03
CA ARG N 238 16.41 -22.63 66.24
C ARG N 238 15.65 -23.94 66.42
N VAL N 239 14.98 -24.38 65.37
CA VAL N 239 14.10 -25.56 65.42
C VAL N 239 14.87 -26.85 65.74
N LYS N 240 16.07 -26.96 65.22
CA LYS N 240 16.92 -28.13 65.48
C LYS N 240 17.44 -28.15 66.92
N LEU N 241 17.93 -27.00 67.41
CA LEU N 241 18.50 -26.91 68.76
C LEU N 241 17.46 -27.14 69.88
N ILE N 242 16.19 -26.94 69.58
CA ILE N 242 15.11 -27.34 70.49
C ILE N 242 14.99 -28.86 70.50
N LEU N 243 14.98 -29.47 69.32
CA LEU N 243 14.88 -30.92 69.17
C LEU N 243 16.10 -31.68 69.73
N GLU N 244 17.25 -31.02 69.75
CA GLU N 244 18.43 -31.59 70.41
C GLU N 244 18.20 -31.71 71.93
N TYR N 245 17.53 -30.71 72.50
CA TYR N 245 17.14 -30.74 73.91
C TYR N 245 16.04 -31.77 74.19
N VAL N 246 15.14 -31.96 73.24
CA VAL N 246 14.03 -32.93 73.36
C VAL N 246 14.53 -34.38 73.43
N LYS N 247 15.48 -34.73 72.56
CA LYS N 247 16.06 -36.08 72.54
C LYS N 247 16.92 -36.37 73.77
N ALA N 248 17.69 -35.37 74.21
CA ALA N 248 18.61 -35.52 75.34
C ALA N 248 17.90 -35.52 76.69
N SER N 249 16.76 -34.84 76.78
CA SER N 249 15.97 -34.80 78.01
C SER N 249 15.38 -36.17 78.34
N GLU N 250 14.77 -36.81 77.34
CA GLU N 250 14.22 -38.17 77.50
C GLU N 250 15.34 -39.19 77.65
N ALA N 251 16.42 -39.01 76.89
CA ALA N 251 17.60 -39.87 77.00
C ALA N 251 18.19 -39.84 78.41
N GLY N 252 18.05 -38.70 79.09
CA GLY N 252 18.45 -38.56 80.48
C GLY N 252 19.73 -37.77 80.62
N GLU N 253 20.16 -37.59 81.87
CA GLU N 253 21.38 -36.86 82.23
C GLU N 253 21.28 -35.35 81.98
N VAL N 254 20.74 -34.95 80.83
CA VAL N 254 20.40 -33.56 80.56
C VAL N 254 19.12 -33.22 81.34
N PRO N 255 19.21 -32.29 82.32
CA PRO N 255 18.14 -32.01 83.29
C PRO N 255 16.72 -32.08 82.73
N PHE N 256 15.90 -32.97 83.30
CA PHE N 256 14.50 -33.09 82.90
C PHE N 256 13.70 -31.94 83.49
N ASN N 257 12.91 -31.28 82.65
CA ASN N 257 12.11 -30.13 83.07
C ASN N 257 10.70 -30.21 82.50
N HIS N 258 9.70 -30.18 83.38
CA HIS N 258 8.30 -30.30 83.00
C HIS N 258 7.78 -29.04 82.33
N GLU N 259 8.14 -27.88 82.86
CA GLU N 259 7.55 -26.60 82.44
C GLU N 259 8.21 -25.98 81.19
N ILE N 260 9.16 -26.69 80.59
CA ILE N 260 9.71 -26.32 79.29
C ILE N 260 9.24 -27.31 78.21
N LEU N 261 9.39 -28.60 78.51
CA LEU N 261 8.90 -29.67 77.63
C LEU N 261 7.38 -29.58 77.38
N ARG N 262 6.67 -28.99 78.34
CA ARG N 262 5.23 -28.77 78.21
C ARG N 262 4.89 -27.90 77.01
N GLU N 263 5.58 -26.77 76.88
CA GLU N 263 5.36 -25.84 75.78
C GLU N 263 5.71 -26.44 74.43
N ALA N 264 6.65 -27.40 74.43
CA ALA N 264 7.02 -28.13 73.23
C ALA N 264 5.88 -29.01 72.73
N TYR N 265 5.14 -29.63 73.65
CA TYR N 265 3.98 -30.45 73.28
C TYR N 265 2.95 -29.65 72.49
N ALA N 266 2.71 -28.42 72.94
CA ALA N 266 1.84 -27.49 72.21
C ALA N 266 2.49 -27.10 70.90
N LEU N 267 3.68 -26.52 70.97
CA LEU N 267 4.43 -26.00 69.80
C LEU N 267 4.36 -26.89 68.57
N CYS N 268 4.51 -28.21 68.77
CA CYS N 268 4.61 -29.17 67.66
C CYS N 268 3.26 -29.63 67.11
N HIS N 269 2.25 -29.72 67.97
CA HIS N 269 0.90 -30.08 67.54
C HIS N 269 0.09 -28.84 67.12
N CYS N 270 0.47 -27.69 67.67
CA CYS N 270 -0.06 -26.40 67.22
C CYS N 270 0.39 -26.04 65.81
N LEU N 271 1.28 -26.85 65.22
CA LEU N 271 1.62 -26.70 63.80
C LEU N 271 0.40 -26.94 62.92
N PRO N 272 0.39 -28.01 62.11
CA PRO N 272 -0.48 -27.99 60.95
C PRO N 272 -1.09 -26.60 60.69
N VAL N 273 -0.24 -25.62 60.40
CA VAL N 273 -0.63 -24.20 60.36
C VAL N 273 -1.60 -23.98 59.21
N LEU N 274 -2.89 -24.13 59.52
CA LEU N 274 -3.99 -23.93 58.58
C LEU N 274 -4.05 -24.99 57.47
N SER N 275 -4.88 -26.01 57.70
CA SER N 275 -5.30 -26.95 56.67
C SER N 275 -6.82 -26.90 56.57
N THR N 276 -7.37 -25.69 56.69
CA THR N 276 -8.81 -25.48 56.68
C THR N 276 -9.29 -25.37 55.24
N ASP N 277 -10.35 -26.11 54.92
CA ASP N 277 -10.88 -26.16 53.55
C ASP N 277 -10.97 -24.77 52.89
N LYS N 278 -11.34 -23.77 53.68
CA LYS N 278 -11.43 -22.39 53.19
C LYS N 278 -10.06 -21.84 52.84
N PHE N 279 -9.11 -21.92 53.77
CA PHE N 279 -7.80 -21.30 53.61
C PHE N 279 -7.14 -21.64 52.27
N LYS N 280 -6.95 -22.93 52.01
CA LYS N 280 -6.21 -23.38 50.83
C LYS N 280 -6.88 -22.92 49.54
N THR N 281 -8.21 -22.93 49.52
CA THR N 281 -8.97 -22.37 48.41
C THR N 281 -8.47 -20.96 48.11
N ASP N 282 -8.37 -20.15 49.15
CA ASP N 282 -7.90 -18.76 49.02
C ASP N 282 -6.44 -18.71 48.56
N PHE N 283 -5.61 -19.61 49.09
CA PHE N 283 -4.21 -19.69 48.67
C PHE N 283 -4.12 -20.00 47.18
N TYR N 284 -4.86 -21.01 46.73
CA TYR N 284 -4.89 -21.36 45.31
C TYR N 284 -5.52 -20.25 44.47
N ASP N 285 -6.54 -19.58 45.02
CA ASP N 285 -7.14 -18.41 44.37
C ASP N 285 -6.06 -17.41 43.97
N GLN N 286 -5.16 -17.11 44.90
CA GLN N 286 -4.05 -16.19 44.64
C GLN N 286 -3.11 -16.74 43.58
N CYS N 287 -2.70 -17.98 43.73
CA CYS N 287 -1.77 -18.62 42.82
C CYS N 287 -2.24 -18.53 41.38
N ASN N 288 -3.49 -18.89 41.14
CA ASN N 288 -4.09 -18.81 39.81
C ASN N 288 -4.03 -17.40 39.23
N ASP N 289 -4.33 -16.39 40.07
CA ASP N 289 -4.22 -14.98 39.68
C ASP N 289 -2.81 -14.65 39.20
N VAL N 290 -1.82 -15.02 40.00
CA VAL N 290 -0.42 -14.79 39.65
C VAL N 290 -0.10 -15.54 38.35
N GLY N 291 -0.60 -16.76 38.25
CA GLY N 291 -0.42 -17.58 37.05
C GLY N 291 -0.95 -16.92 35.79
N LEU N 292 -2.17 -16.38 35.90
CA LEU N 292 -2.76 -15.63 34.79
C LEU N 292 -1.81 -14.54 34.32
N MET N 293 -1.20 -13.85 35.28
CA MET N 293 -0.27 -12.76 34.99
C MET N 293 0.98 -13.23 34.26
N ALA N 294 1.44 -14.44 34.59
CA ALA N 294 2.58 -15.05 33.91
C ALA N 294 2.23 -15.48 32.50
N TYR N 295 1.03 -16.03 32.33
CA TYR N 295 0.57 -16.48 31.00
C TYR N 295 0.50 -15.31 30.03
N LEU N 296 -0.06 -14.19 30.49
CA LEU N 296 -0.15 -12.98 29.68
C LEU N 296 1.23 -12.36 29.45
N GLY N 297 2.06 -12.36 30.48
CA GLY N 297 3.43 -11.85 30.40
C GLY N 297 4.30 -12.64 29.42
N THR N 298 4.13 -13.96 29.41
CA THR N 298 4.88 -14.83 28.49
C THR N 298 4.43 -14.63 27.03
N ILE N 299 3.12 -14.45 26.83
CA ILE N 299 2.58 -14.14 25.51
C ILE N 299 3.16 -12.83 24.97
N THR N 300 3.36 -11.86 25.86
CA THR N 300 3.95 -10.57 25.50
C THR N 300 5.38 -10.75 24.98
N LYS N 301 6.18 -11.49 25.72
CA LYS N 301 7.58 -11.75 25.34
C LYS N 301 7.66 -12.56 24.05
N THR N 302 6.77 -13.54 23.92
CA THR N 302 6.64 -14.31 22.69
C THR N 302 6.25 -13.39 21.54
N CYS N 303 5.28 -12.51 21.78
CA CYS N 303 4.79 -11.57 20.77
C CYS N 303 5.88 -10.63 20.26
N ASN N 304 6.76 -10.19 21.15
CA ASN N 304 7.89 -9.34 20.76
C ASN N 304 8.94 -10.15 20.01
N THR N 305 9.35 -11.27 20.61
CA THR N 305 10.31 -12.19 20.00
C THR N 305 9.79 -12.68 18.64
N MET N 306 8.47 -12.79 18.51
CA MET N 306 7.82 -13.09 17.24
C MET N 306 8.06 -11.95 16.24
N ASN N 307 7.70 -10.73 16.62
CA ASN N 307 7.83 -9.57 15.74
C ASN N 307 9.29 -9.19 15.46
N GLN N 308 10.19 -9.58 16.37
CA GLN N 308 11.63 -9.49 16.12
C GLN N 308 12.01 -10.38 14.93
N PHE N 309 11.49 -11.61 14.95
CA PHE N 309 11.69 -12.58 13.86
C PHE N 309 10.96 -12.17 12.57
N VAL N 310 9.71 -11.70 12.70
CA VAL N 310 8.88 -11.34 11.56
C VAL N 310 9.54 -10.28 10.68
N ASN N 311 9.90 -9.15 11.26
CA ASN N 311 10.52 -8.05 10.51
C ASN N 311 11.81 -8.46 9.82
N LYS N 312 12.64 -9.25 10.50
CA LYS N 312 13.90 -9.73 9.93
C LYS N 312 13.68 -10.72 8.79
N PHE N 313 12.58 -11.46 8.85
CA PHE N 313 12.17 -12.34 7.76
C PHE N 313 11.52 -11.54 6.63
N ASN N 314 10.60 -10.64 6.99
CA ASN N 314 9.85 -9.84 6.00
C ASN N 314 10.64 -8.74 5.29
N VAL N 315 11.95 -8.69 5.52
CA VAL N 315 12.82 -7.75 4.80
C VAL N 315 13.92 -8.49 4.03
N LEU N 316 14.62 -9.41 4.70
CA LEU N 316 15.67 -10.19 4.04
C LEU N 316 15.08 -11.18 3.03
N TYR N 317 14.11 -11.99 3.48
CA TYR N 317 13.43 -12.94 2.59
C TYR N 317 12.45 -12.21 1.66
N ASP N 318 11.46 -11.55 2.26
CA ASP N 318 10.37 -10.92 1.51
C ASP N 318 10.79 -9.59 0.91
N ARG N 319 10.12 -9.19 -0.17
CA ARG N 319 10.37 -7.91 -0.85
C ARG N 319 9.38 -6.83 -0.40
N GLN N 320 9.25 -6.67 0.93
CA GLN N 320 8.32 -5.71 1.54
C GLN N 320 6.87 -5.91 1.09
N THR O 12 -0.60 -19.84 85.29
CA THR O 12 0.09 -20.58 86.41
C THR O 12 1.54 -20.12 86.59
N GLY O 13 2.06 -20.30 87.80
CA GLY O 13 3.41 -19.85 88.17
C GLY O 13 3.53 -19.52 89.65
N GLN O 14 2.52 -18.83 90.17
CA GLN O 14 2.43 -18.47 91.59
C GLN O 14 1.83 -19.61 92.43
N ASN O 15 0.79 -20.24 91.91
CA ASN O 15 0.08 -21.32 92.61
C ASN O 15 0.65 -22.73 92.33
N GLN O 16 1.91 -22.79 91.90
CA GLN O 16 2.74 -23.98 92.03
C GLN O 16 4.06 -23.63 92.76
N GLU O 17 4.01 -22.55 93.53
CA GLU O 17 5.04 -22.22 94.53
C GLU O 17 4.39 -22.07 95.90
N GLN O 18 3.19 -21.49 95.94
CA GLN O 18 2.34 -21.48 97.13
C GLN O 18 1.79 -22.88 97.42
N PHE O 19 1.37 -23.60 96.38
CA PHE O 19 0.82 -24.95 96.53
C PHE O 19 1.83 -26.09 96.25
N LEU O 20 3.09 -25.74 95.99
CA LEU O 20 4.17 -26.74 95.93
C LEU O 20 5.06 -26.71 97.17
N LEU O 21 5.12 -25.56 97.86
CA LEU O 21 5.70 -25.47 99.19
C LEU O 21 4.90 -26.31 100.20
N LEU O 22 3.58 -26.38 99.98
CA LEU O 22 2.67 -27.15 100.82
C LEU O 22 2.38 -28.57 100.27
N ALA O 23 3.08 -28.95 99.20
CA ALA O 23 2.97 -30.31 98.62
C ALA O 23 4.08 -31.24 99.13
N LYS O 24 5.20 -30.68 99.58
CA LYS O 24 6.26 -31.45 100.24
C LYS O 24 5.94 -31.63 101.73
N SER O 25 5.66 -30.53 102.41
CA SER O 25 5.34 -30.54 103.83
C SER O 25 3.86 -30.87 104.06
N ALA O 26 3.47 -32.09 103.72
CA ALA O 26 2.08 -32.53 103.84
C ALA O 26 2.00 -34.06 103.81
N LYS O 27 1.25 -34.60 104.76
CA LYS O 27 1.09 -36.06 104.88
C LYS O 27 0.05 -36.55 103.86
N GLY O 28 -0.54 -37.71 104.11
CA GLY O 28 -1.52 -38.30 103.20
C GLY O 28 -2.89 -37.65 103.20
N ALA O 29 -3.40 -37.31 104.39
CA ALA O 29 -4.70 -36.65 104.52
C ALA O 29 -4.62 -35.14 104.25
N ALA O 30 -3.43 -34.57 104.42
CA ALA O 30 -3.18 -33.17 104.06
C ALA O 30 -3.20 -32.98 102.54
N LEU O 31 -2.75 -34.00 101.80
CA LEU O 31 -2.78 -34.00 100.33
C LEU O 31 -4.16 -34.40 99.78
N ALA O 32 -4.92 -35.19 100.54
CA ALA O 32 -6.30 -35.56 100.17
C ALA O 32 -7.21 -34.32 100.14
N THR O 33 -6.88 -33.32 100.96
CA THR O 33 -7.53 -32.03 100.92
C THR O 33 -6.90 -31.11 99.87
N LEU O 34 -5.56 -31.03 99.87
CA LEU O 34 -4.81 -30.15 98.95
C LEU O 34 -5.03 -30.44 97.46
N ILE O 35 -5.30 -31.69 97.12
CA ILE O 35 -5.60 -32.08 95.74
C ILE O 35 -6.90 -31.44 95.23
N HIS O 36 -7.90 -31.28 96.11
CA HIS O 36 -9.14 -30.58 95.75
C HIS O 36 -8.98 -29.05 95.71
N GLN O 37 -7.92 -28.52 96.32
CA GLN O 37 -7.67 -27.08 96.36
C GLN O 37 -7.01 -26.58 95.08
N VAL O 38 -5.93 -27.26 94.69
CA VAL O 38 -5.15 -26.89 93.50
C VAL O 38 -5.94 -27.09 92.20
N LEU O 39 -6.76 -28.13 92.15
CA LEU O 39 -7.61 -28.41 91.00
C LEU O 39 -8.66 -27.33 90.82
N GLU O 40 -9.44 -27.10 91.87
CA GLU O 40 -10.49 -26.09 91.85
C GLU O 40 -9.92 -24.72 92.24
N ALA O 41 -9.14 -24.15 91.32
CA ALA O 41 -8.52 -22.84 91.52
C ALA O 41 -8.07 -22.31 90.16
N PRO O 42 -8.86 -21.41 89.53
CA PRO O 42 -8.57 -20.97 88.15
C PRO O 42 -7.21 -20.28 88.01
N GLY O 43 -6.58 -20.48 86.85
CA GLY O 43 -5.20 -20.04 86.64
C GLY O 43 -4.24 -21.22 86.61
N VAL O 44 -4.48 -22.19 87.49
CA VAL O 44 -3.68 -23.42 87.56
C VAL O 44 -4.27 -24.48 86.63
N TYR O 45 -3.89 -24.42 85.35
CA TYR O 45 -4.31 -25.41 84.35
C TYR O 45 -3.24 -26.46 84.05
N VAL O 46 -2.00 -26.19 84.48
CA VAL O 46 -0.89 -27.11 84.30
C VAL O 46 -0.81 -28.08 85.47
N PHE O 47 -0.50 -29.34 85.18
CA PHE O 47 -0.35 -30.38 86.19
C PHE O 47 0.87 -31.26 85.87
N GLY O 48 2.03 -30.63 85.73
CA GLY O 48 3.27 -31.33 85.51
C GLY O 48 3.93 -31.71 86.82
N GLU O 49 3.97 -30.76 87.74
CA GLU O 49 4.65 -30.95 89.03
C GLU O 49 3.82 -31.77 90.00
N LEU O 50 2.63 -31.27 90.32
CA LEU O 50 1.80 -31.81 91.41
C LEU O 50 1.53 -33.32 91.33
N LEU O 51 1.36 -33.85 90.13
CA LEU O 51 1.16 -35.29 89.97
C LEU O 51 2.48 -36.05 90.10
N ASP O 52 3.58 -35.45 89.63
CA ASP O 52 4.91 -36.06 89.73
C ASP O 52 5.64 -35.57 90.99
N MET O 53 5.19 -36.08 92.14
CA MET O 53 5.79 -35.76 93.44
C MET O 53 5.85 -37.02 94.30
N PRO O 54 6.99 -37.27 94.97
CA PRO O 54 7.09 -38.45 95.84
C PRO O 54 5.97 -38.56 96.88
N ASN O 55 5.51 -37.41 97.39
CA ASN O 55 4.49 -37.36 98.44
C ASN O 55 3.16 -37.95 97.99
N VAL O 56 2.74 -37.60 96.78
CA VAL O 56 1.46 -38.04 96.25
C VAL O 56 1.52 -39.49 95.75
N ARG O 57 2.71 -39.98 95.40
CA ARG O 57 2.87 -41.32 94.84
C ARG O 57 2.65 -42.45 95.88
N GLU O 58 2.77 -42.13 97.17
CA GLU O 58 2.40 -43.09 98.21
C GLU O 58 0.87 -43.23 98.35
N LEU O 59 0.15 -42.16 98.04
CA LEU O 59 -1.32 -42.17 98.06
C LEU O 59 -1.87 -43.12 96.99
N ALA O 60 -1.18 -43.18 95.86
CA ALA O 60 -1.56 -44.06 94.76
C ALA O 60 -1.77 -45.48 95.27
N GLU O 61 -2.96 -46.02 94.98
CA GLU O 61 -3.32 -47.39 95.38
C GLU O 61 -3.19 -47.62 96.88
N SER O 62 -3.60 -46.62 97.66
CA SER O 62 -3.62 -46.70 99.11
C SER O 62 -5.04 -46.37 99.60
N ASP O 63 -5.16 -45.95 100.86
CA ASP O 63 -6.46 -45.52 101.39
C ASP O 63 -6.93 -44.21 100.72
N PHE O 64 -5.98 -43.40 100.28
CA PHE O 64 -6.28 -42.20 99.51
C PHE O 64 -5.99 -42.44 98.02
N ALA O 65 -6.73 -43.38 97.43
CA ALA O 65 -6.59 -43.73 96.02
C ALA O 65 -7.61 -43.02 95.13
N SER O 66 -8.76 -42.66 95.68
CA SER O 66 -9.79 -41.91 94.92
C SER O 66 -9.29 -40.52 94.53
N THR O 67 -8.67 -39.82 95.49
CA THR O 67 -8.09 -38.49 95.24
C THR O 67 -6.84 -38.54 94.35
N PHE O 68 -6.19 -39.71 94.27
CA PHE O 68 -5.04 -39.90 93.37
C PHE O 68 -5.46 -40.08 91.91
N ARG O 69 -6.46 -40.91 91.67
CA ARG O 69 -6.98 -41.13 90.31
C ARG O 69 -7.50 -39.83 89.68
N LEU O 70 -8.06 -38.97 90.52
CA LEU O 70 -8.61 -37.68 90.09
C LEU O 70 -7.53 -36.74 89.55
N LEU O 71 -6.36 -36.73 90.20
CA LEU O 71 -5.24 -35.85 89.78
C LEU O 71 -4.64 -36.29 88.44
N THR O 72 -4.80 -37.57 88.11
CA THR O 72 -4.37 -38.09 86.81
C THR O 72 -5.31 -37.65 85.68
N VAL O 73 -6.61 -37.58 85.97
CA VAL O 73 -7.61 -37.17 84.97
C VAL O 73 -7.37 -35.74 84.49
N PHE O 74 -7.14 -34.83 85.44
CA PHE O 74 -6.87 -33.41 85.11
C PHE O 74 -5.47 -33.21 84.53
N ALA O 75 -4.56 -34.14 84.82
CA ALA O 75 -3.18 -34.06 84.34
C ALA O 75 -2.88 -35.00 83.17
N TYR O 76 -3.91 -35.58 82.56
CA TYR O 76 -3.74 -36.53 81.44
C TYR O 76 -5.05 -36.72 80.62
N GLY O 77 -6.11 -37.17 81.29
CA GLY O 77 -7.36 -37.55 80.63
C GLY O 77 -8.28 -36.40 80.20
N THR O 78 -9.56 -36.73 80.02
CA THR O 78 -10.57 -35.77 79.54
C THR O 78 -11.89 -35.91 80.32
N TYR O 79 -12.93 -35.21 79.87
CA TYR O 79 -14.25 -35.23 80.53
C TYR O 79 -14.98 -36.55 80.28
N ALA O 80 -14.84 -37.09 79.08
CA ALA O 80 -15.40 -38.40 78.75
C ALA O 80 -14.83 -39.49 79.67
N ASP O 81 -13.57 -39.32 80.06
CA ASP O 81 -12.92 -40.23 81.01
C ASP O 81 -13.47 -40.05 82.42
N TYR O 82 -13.77 -38.81 82.80
CA TYR O 82 -14.40 -38.54 84.10
C TYR O 82 -15.77 -39.22 84.21
N LEU O 83 -16.60 -39.07 83.18
CA LEU O 83 -17.95 -39.66 83.19
C LEU O 83 -17.92 -41.19 83.08
N ALA O 84 -16.83 -41.74 82.57
CA ALA O 84 -16.59 -43.18 82.59
C ALA O 84 -16.19 -43.65 84.00
N GLU O 85 -15.41 -42.83 84.71
CA GLU O 85 -14.93 -43.16 86.06
C GLU O 85 -15.65 -42.35 87.14
N ALA O 86 -16.96 -42.15 86.97
CA ALA O 86 -17.73 -41.25 87.86
C ALA O 86 -17.78 -41.68 89.33
N ARG O 87 -17.66 -42.99 89.58
CA ARG O 87 -17.69 -43.53 90.94
C ARG O 87 -16.29 -43.86 91.49
N ASN O 88 -15.39 -44.31 90.62
CA ASN O 88 -14.01 -44.59 91.01
C ASN O 88 -13.22 -43.33 91.38
N LEU O 89 -13.68 -42.18 90.89
CA LEU O 89 -13.18 -40.88 91.31
C LEU O 89 -14.12 -40.26 92.34
N PRO O 90 -13.66 -39.24 93.10
CA PRO O 90 -14.57 -38.54 94.00
C PRO O 90 -15.54 -37.64 93.21
N PRO O 91 -16.75 -37.39 93.76
CA PRO O 91 -17.69 -36.48 93.09
C PRO O 91 -17.13 -35.07 92.90
N LEU O 92 -17.30 -34.51 91.71
CA LEU O 92 -16.81 -33.17 91.38
C LEU O 92 -17.94 -32.15 91.34
N THR O 93 -17.59 -30.88 91.59
CA THR O 93 -18.52 -29.77 91.45
C THR O 93 -18.43 -29.22 90.02
N GLU O 94 -19.30 -28.26 89.70
CA GLU O 94 -19.33 -27.66 88.35
C GLU O 94 -18.05 -26.91 88.00
N ALA O 95 -17.49 -26.18 88.96
CA ALA O 95 -16.27 -25.39 88.73
C ALA O 95 -15.06 -26.26 88.35
N GLN O 96 -15.03 -27.49 88.84
CA GLN O 96 -14.03 -28.48 88.43
C GLN O 96 -14.39 -29.15 87.11
N LYS O 97 -15.69 -29.40 86.91
CA LYS O 97 -16.17 -29.94 85.63
C LYS O 97 -15.91 -28.99 84.46
N ASN O 98 -16.03 -27.69 84.72
CA ASN O 98 -15.69 -26.67 83.73
C ASN O 98 -14.21 -26.68 83.37
N LYS O 99 -13.35 -26.66 84.38
CA LYS O 99 -11.89 -26.68 84.18
C LYS O 99 -11.42 -27.93 83.42
N LEU O 100 -12.18 -29.02 83.54
CA LEU O 100 -11.93 -30.22 82.74
C LEU O 100 -12.52 -30.04 81.33
N ARG O 101 -13.69 -29.42 81.24
CA ARG O 101 -14.32 -29.08 79.95
C ARG O 101 -13.51 -28.05 79.15
N HIS O 102 -12.62 -27.33 79.81
CA HIS O 102 -11.67 -26.45 79.13
C HIS O 102 -10.54 -27.28 78.57
N LEU O 103 -9.93 -28.07 79.45
CA LEU O 103 -8.77 -28.89 79.12
C LEU O 103 -9.09 -30.03 78.14
N SER O 104 -10.33 -30.51 78.16
CA SER O 104 -10.78 -31.56 77.24
C SER O 104 -10.91 -31.06 75.80
N VAL O 105 -11.07 -29.74 75.64
CA VAL O 105 -11.08 -29.11 74.32
C VAL O 105 -9.65 -28.82 73.88
N VAL O 106 -8.83 -28.33 74.80
CA VAL O 106 -7.42 -28.02 74.53
C VAL O 106 -6.70 -29.21 73.87
N THR O 107 -7.06 -30.42 74.30
CA THR O 107 -6.52 -31.65 73.71
C THR O 107 -7.04 -31.81 72.28
N LEU O 108 -8.36 -31.73 72.11
CA LEU O 108 -8.97 -31.77 70.78
C LEU O 108 -8.45 -30.66 69.89
N ALA O 109 -8.08 -29.53 70.50
CA ALA O 109 -7.58 -28.36 69.77
C ALA O 109 -6.15 -28.56 69.22
N ALA O 110 -5.29 -29.20 70.00
CA ALA O 110 -3.91 -29.45 69.58
C ALA O 110 -3.88 -30.34 68.32
N LYS O 111 -4.72 -31.37 68.33
CA LYS O 111 -4.87 -32.25 67.16
C LYS O 111 -5.62 -31.52 66.03
N VAL O 112 -6.92 -31.29 66.25
CA VAL O 112 -7.82 -30.75 65.24
C VAL O 112 -8.01 -29.25 65.50
N LYS O 113 -7.48 -28.40 64.61
CA LYS O 113 -7.48 -26.96 64.85
C LYS O 113 -8.83 -26.31 64.46
N CYS O 114 -9.47 -26.83 63.41
CA CYS O 114 -10.84 -26.44 63.04
C CYS O 114 -11.85 -27.43 63.62
N ILE O 115 -12.50 -27.03 64.71
CA ILE O 115 -13.46 -27.90 65.40
C ILE O 115 -14.90 -27.54 65.02
N PRO O 116 -15.67 -28.53 64.52
CA PRO O 116 -17.12 -28.34 64.38
C PRO O 116 -17.82 -28.26 65.74
N TYR O 117 -18.97 -27.59 65.79
CA TYR O 117 -19.69 -27.41 67.05
C TYR O 117 -20.13 -28.74 67.68
N ALA O 118 -20.88 -29.53 66.92
CA ALA O 118 -21.41 -30.82 67.40
C ALA O 118 -20.37 -31.66 68.14
N VAL O 119 -19.13 -31.61 67.64
CA VAL O 119 -17.98 -32.28 68.27
C VAL O 119 -17.92 -32.01 69.77
N LEU O 120 -18.10 -30.74 70.13
CA LEU O 120 -17.90 -30.29 71.51
C LEU O 120 -19.10 -30.57 72.41
N LEU O 121 -20.19 -31.07 71.84
CA LEU O 121 -21.32 -31.59 72.61
C LEU O 121 -21.05 -33.04 73.02
N GLU O 122 -20.20 -33.72 72.25
CA GLU O 122 -19.93 -35.15 72.43
C GLU O 122 -18.79 -35.38 73.42
N ALA O 123 -17.66 -34.73 73.20
CA ALA O 123 -16.48 -34.87 74.04
C ALA O 123 -16.65 -34.21 75.40
N LEU O 124 -17.60 -33.28 75.51
CA LEU O 124 -17.88 -32.58 76.77
C LEU O 124 -19.28 -32.87 77.33
N ALA O 125 -20.06 -33.69 76.63
CA ALA O 125 -21.41 -34.07 77.09
C ALA O 125 -22.28 -32.86 77.44
N LEU O 126 -22.22 -31.84 76.59
CA LEU O 126 -22.94 -30.60 76.82
C LEU O 126 -24.26 -30.58 76.06
N ARG O 127 -25.11 -29.62 76.41
CA ARG O 127 -26.51 -29.61 75.98
C ARG O 127 -26.81 -28.68 74.80
N ASN O 128 -26.12 -27.55 74.72
CA ASN O 128 -26.33 -26.62 73.61
C ASN O 128 -25.16 -25.69 73.34
N VAL O 129 -25.25 -24.99 72.22
CA VAL O 129 -24.25 -24.03 71.80
C VAL O 129 -24.05 -22.99 72.88
N ARG O 130 -25.17 -22.43 73.36
CA ARG O 130 -25.14 -21.39 74.38
C ARG O 130 -24.15 -21.72 75.49
N GLN O 131 -24.21 -22.93 76.01
CA GLN O 131 -23.27 -23.38 77.02
C GLN O 131 -21.89 -23.48 76.42
N LEU O 132 -21.76 -24.28 75.38
CA LEU O 132 -20.49 -24.49 74.71
C LEU O 132 -19.75 -23.17 74.59
N GLU O 133 -20.38 -22.22 73.90
CA GLU O 133 -19.79 -20.90 73.71
C GLU O 133 -19.33 -20.36 75.05
N ASP O 134 -20.26 -20.24 75.99
CA ASP O 134 -19.93 -19.74 77.33
C ASP O 134 -18.69 -20.42 77.90
N LEU O 135 -18.63 -21.75 77.82
CA LEU O 135 -17.46 -22.49 78.32
C LEU O 135 -16.22 -22.12 77.53
N VAL O 136 -16.38 -21.96 76.22
CA VAL O 136 -15.25 -21.56 75.39
C VAL O 136 -14.84 -20.13 75.72
N ILE O 137 -15.81 -19.27 76.03
CA ILE O 137 -15.51 -17.91 76.46
C ILE O 137 -14.50 -17.97 77.58
N GLU O 138 -14.85 -18.73 78.62
CA GLU O 138 -14.03 -18.85 79.81
C GLU O 138 -12.66 -19.42 79.48
N ALA O 139 -12.62 -20.36 78.54
CA ALA O 139 -11.35 -20.97 78.11
C ALA O 139 -10.36 -19.91 77.65
N VAL O 140 -10.78 -19.09 76.69
CA VAL O 140 -9.93 -18.00 76.19
C VAL O 140 -9.76 -16.92 77.25
N TYR O 141 -10.82 -16.70 78.04
CA TYR O 141 -10.78 -15.70 79.12
C TYR O 141 -9.75 -16.03 80.20
N ALA O 142 -9.56 -17.32 80.48
CA ALA O 142 -8.52 -17.75 81.43
C ALA O 142 -7.14 -17.86 80.76
N ASP O 143 -6.99 -17.28 79.56
CA ASP O 143 -5.74 -17.31 78.79
C ASP O 143 -5.24 -18.73 78.51
N VAL O 144 -6.15 -19.61 78.11
CA VAL O 144 -5.84 -20.98 77.71
C VAL O 144 -5.71 -21.05 76.19
N LEU O 145 -6.75 -20.59 75.49
CA LEU O 145 -6.83 -20.67 74.03
C LEU O 145 -6.85 -19.30 73.36
N ARG O 146 -6.69 -19.30 72.03
CA ARG O 146 -6.93 -18.13 71.19
C ARG O 146 -7.84 -18.60 70.05
N GLY O 147 -8.61 -17.69 69.46
CA GLY O 147 -9.43 -18.02 68.29
C GLY O 147 -10.76 -17.28 68.15
N SER O 148 -11.74 -17.96 67.55
CA SER O 148 -13.05 -17.36 67.24
C SER O 148 -14.06 -18.44 66.85
N LEU O 149 -15.30 -18.02 66.57
CA LEU O 149 -16.35 -18.94 66.17
C LEU O 149 -17.02 -18.52 64.87
N ASP O 150 -17.77 -19.45 64.27
CA ASP O 150 -18.46 -19.23 63.00
C ASP O 150 -19.88 -19.80 63.11
N GLN O 151 -20.82 -18.96 63.54
CA GLN O 151 -22.15 -19.40 63.95
C GLN O 151 -22.93 -20.17 62.89
N ARG O 152 -23.09 -19.57 61.70
CA ARG O 152 -23.80 -20.23 60.62
C ARG O 152 -23.10 -21.52 60.24
N ASN O 153 -21.78 -21.46 60.10
CA ASN O 153 -20.98 -22.62 59.68
C ASN O 153 -20.74 -23.68 60.78
N GLN O 154 -21.05 -23.32 62.03
CA GLN O 154 -20.94 -24.23 63.19
C GLN O 154 -19.49 -24.65 63.46
N ARG O 155 -18.60 -23.66 63.53
CA ARG O 155 -17.16 -23.90 63.65
C ARG O 155 -16.56 -23.27 64.91
N LEU O 156 -15.37 -23.75 65.26
CA LEU O 156 -14.54 -23.15 66.31
C LEU O 156 -13.08 -23.21 65.87
N GLU O 157 -12.62 -22.14 65.24
CA GLU O 157 -11.23 -22.04 64.82
C GLU O 157 -10.37 -21.70 66.03
N VAL O 158 -9.18 -22.30 66.10
CA VAL O 158 -8.31 -22.14 67.27
C VAL O 158 -6.93 -21.63 66.83
N ASP O 159 -6.74 -20.32 66.96
CA ASP O 159 -5.48 -19.66 66.57
C ASP O 159 -4.27 -20.12 67.40
N TYR O 160 -4.50 -20.45 68.67
CA TYR O 160 -3.46 -21.00 69.54
C TYR O 160 -4.06 -21.67 70.77
N SER O 161 -3.45 -22.78 71.20
CA SER O 161 -3.84 -23.46 72.43
C SER O 161 -2.59 -23.78 73.22
N ILE O 162 -2.67 -23.68 74.54
CA ILE O 162 -1.58 -24.12 75.41
C ILE O 162 -1.52 -25.65 75.45
N GLY O 163 -0.40 -26.19 75.92
CA GLY O 163 -0.24 -27.63 76.09
C GLY O 163 -0.35 -28.01 77.55
N ARG O 164 -1.35 -28.83 77.89
CA ARG O 164 -1.59 -29.23 79.27
C ARG O 164 -0.51 -30.18 79.79
N ASP O 165 -0.31 -31.27 79.06
CA ASP O 165 0.57 -32.35 79.53
C ASP O 165 2.04 -32.15 79.15
N ILE O 166 2.90 -32.86 79.87
CA ILE O 166 4.31 -32.96 79.55
C ILE O 166 4.50 -34.25 78.75
N GLN O 167 3.93 -35.33 79.27
CA GLN O 167 3.98 -36.67 78.67
C GLN O 167 5.41 -37.15 78.43
N ARG O 168 5.99 -37.71 79.49
CA ARG O 168 7.26 -38.43 79.38
C ARG O 168 6.98 -39.84 78.83
N GLN O 169 5.71 -40.25 78.89
CA GLN O 169 5.22 -41.44 78.20
C GLN O 169 5.44 -41.31 76.69
N ASP O 170 4.91 -40.23 76.12
CA ASP O 170 5.00 -39.99 74.67
C ASP O 170 5.83 -38.74 74.37
N LEU O 171 7.06 -38.71 74.88
CA LEU O 171 7.99 -37.62 74.60
C LEU O 171 8.60 -37.81 73.21
N SER O 172 8.56 -39.05 72.71
CA SER O 172 8.93 -39.36 71.34
C SER O 172 7.87 -38.89 70.34
N ALA O 173 6.61 -38.83 70.77
CA ALA O 173 5.51 -38.29 69.95
C ALA O 173 5.65 -36.78 69.74
N ILE O 174 6.35 -36.12 70.67
CA ILE O 174 6.73 -34.72 70.53
C ILE O 174 8.01 -34.60 69.69
N ALA O 175 8.96 -35.51 69.92
CA ALA O 175 10.25 -35.48 69.21
C ALA O 175 10.12 -35.70 67.69
N ARG O 176 9.31 -36.68 67.29
CA ARG O 176 9.16 -37.04 65.87
C ARG O 176 8.56 -35.91 65.04
N THR O 177 7.49 -35.30 65.55
CA THR O 177 6.88 -34.13 64.91
C THR O 177 7.90 -33.00 64.74
N LEU O 178 8.80 -32.84 65.71
CA LEU O 178 9.90 -31.86 65.60
C LEU O 178 10.91 -32.23 64.52
N GLN O 179 11.20 -33.52 64.37
CA GLN O 179 12.15 -33.99 63.35
C GLN O 179 11.65 -33.71 61.94
N GLU O 180 10.37 -33.95 61.69
CA GLU O 180 9.77 -33.73 60.38
C GLU O 180 9.87 -32.25 59.93
N TRP O 181 9.84 -31.34 60.91
CA TRP O 181 10.02 -29.91 60.64
C TRP O 181 11.50 -29.59 60.41
N CYS O 182 12.39 -30.23 61.18
CA CYS O 182 13.84 -30.13 60.96
C CYS O 182 14.22 -30.67 59.60
N VAL O 183 13.58 -31.76 59.19
CA VAL O 183 13.72 -32.29 57.83
C VAL O 183 13.22 -31.24 56.83
N GLY O 184 12.01 -30.72 57.06
CA GLY O 184 11.42 -29.69 56.21
C GLY O 184 12.31 -28.47 56.05
N CYS O 185 12.96 -28.04 57.13
CA CYS O 185 13.89 -26.93 57.09
C CYS O 185 15.02 -27.19 56.09
N GLU O 186 15.54 -28.41 56.10
CA GLU O 186 16.57 -28.82 55.15
C GLU O 186 16.00 -28.97 53.74
N VAL O 187 14.80 -29.55 53.64
CA VAL O 187 14.11 -29.72 52.36
C VAL O 187 14.12 -28.41 51.56
N VAL O 188 13.77 -27.33 52.24
CA VAL O 188 13.68 -26.03 51.59
C VAL O 188 15.07 -25.39 51.45
N LEU O 189 15.83 -25.35 52.54
CA LEU O 189 17.17 -24.73 52.53
C LEU O 189 18.01 -25.17 51.34
N SER O 190 18.14 -26.48 51.17
CA SER O 190 18.87 -27.03 50.02
C SER O 190 18.11 -26.77 48.72
N GLY O 191 16.78 -26.85 48.79
CA GLY O 191 15.91 -26.55 47.66
C GLY O 191 16.07 -25.14 47.13
N ILE O 192 16.37 -24.19 48.01
CA ILE O 192 16.67 -22.81 47.62
C ILE O 192 18.01 -22.78 46.89
N GLU O 193 19.06 -23.25 47.57
CA GLU O 193 20.43 -23.17 47.07
C GLU O 193 20.63 -23.78 45.68
N GLU O 194 19.82 -24.80 45.38
CA GLU O 194 19.78 -25.37 44.04
C GLU O 194 19.19 -24.37 43.04
N GLN O 195 18.01 -23.85 43.36
CA GLN O 195 17.30 -22.92 42.48
C GLN O 195 17.99 -21.57 42.36
N VAL O 196 18.68 -21.14 43.42
CA VAL O 196 19.46 -19.90 43.40
C VAL O 196 20.70 -20.05 42.52
N SER O 197 21.39 -21.17 42.64
CA SER O 197 22.57 -21.46 41.82
C SER O 197 22.20 -21.72 40.36
N ARG O 198 20.97 -22.18 40.11
CA ARG O 198 20.47 -22.41 38.75
C ARG O 198 19.98 -21.14 38.06
N ALA O 199 19.36 -20.23 38.80
CA ALA O 199 18.88 -18.96 38.25
C ALA O 199 20.06 -18.05 37.86
N ASN O 200 21.18 -18.18 38.58
CA ASN O 200 22.44 -17.54 38.19
C ASN O 200 23.11 -18.27 37.04
N GLN O 201 22.98 -19.61 37.00
CA GLN O 201 23.53 -20.42 35.91
C GLN O 201 22.80 -20.19 34.59
N HIS O 202 21.48 -19.97 34.65
CA HIS O 202 20.71 -19.67 33.44
C HIS O 202 20.94 -18.23 32.96
N LYS O 203 21.37 -17.36 33.88
CA LYS O 203 21.81 -16.01 33.53
C LYS O 203 23.22 -16.04 32.89
N GLU O 204 24.09 -16.90 33.40
CA GLU O 204 25.42 -17.12 32.81
C GLU O 204 25.38 -18.04 31.57
N GLN O 205 24.28 -18.77 31.42
CA GLN O 205 24.00 -19.52 30.19
C GLN O 205 23.72 -18.54 29.05
N GLN O 206 22.82 -17.59 29.30
CA GLN O 206 22.40 -16.61 28.29
C GLN O 206 23.47 -15.56 28.01
N LEU O 207 24.12 -15.04 29.05
CA LEU O 207 25.19 -14.04 28.90
C LEU O 207 26.36 -14.57 28.06
N GLY O 208 26.69 -15.85 28.24
CA GLY O 208 27.71 -16.51 27.42
C GLY O 208 27.21 -16.76 26.00
N LEU O 209 25.96 -17.21 25.89
CA LEU O 209 25.35 -17.49 24.57
C LEU O 209 25.02 -16.22 23.77
N LYS O 210 24.87 -15.09 24.45
CA LYS O 210 24.61 -13.82 23.76
C LYS O 210 25.91 -13.14 23.30
N GLN O 211 27.04 -13.52 23.90
CA GLN O 211 28.35 -13.07 23.41
C GLN O 211 28.73 -13.80 22.11
N GLN O 212 28.24 -15.02 21.95
CA GLN O 212 28.44 -15.78 20.72
C GLN O 212 27.59 -15.27 19.56
N ILE O 213 26.42 -14.70 19.88
CA ILE O 213 25.53 -14.12 18.86
C ILE O 213 26.10 -12.81 18.29
N GLU O 214 26.68 -11.99 19.16
CA GLU O 214 27.24 -10.69 18.77
C GLU O 214 28.55 -10.82 18.00
N SER O 215 29.38 -11.80 18.36
CA SER O 215 30.68 -12.02 17.71
C SER O 215 30.56 -12.59 16.29
N GLU O 216 29.37 -13.08 15.92
CA GLU O 216 29.07 -13.50 14.55
C GLU O 216 29.14 -12.33 13.57
N VAL O 217 28.79 -11.14 14.05
CA VAL O 217 28.70 -9.94 13.21
C VAL O 217 30.07 -9.44 12.74
N ALA O 218 31.14 -9.82 13.45
CA ALA O 218 32.51 -9.41 13.13
C ALA O 218 33.01 -9.90 11.77
N ASN O 219 32.35 -10.91 11.20
CA ASN O 219 32.76 -11.47 9.91
C ASN O 219 32.36 -10.58 8.74
N PHE P 15 -6.99 -52.19 33.58
CA PHE P 15 -5.84 -52.64 34.41
C PHE P 15 -4.68 -53.11 33.53
N SER P 16 -4.89 -54.20 32.81
CA SER P 16 -3.91 -54.70 31.84
C SER P 16 -4.48 -54.82 30.41
N PHE P 17 -5.75 -54.47 30.22
CA PHE P 17 -6.38 -54.51 28.89
C PHE P 17 -5.77 -53.46 27.97
N LYS P 18 -5.20 -52.41 28.56
CA LYS P 18 -4.55 -51.32 27.82
C LYS P 18 -3.29 -51.80 27.12
N LYS P 19 -2.42 -52.49 27.87
CA LYS P 19 -1.16 -53.02 27.34
C LYS P 19 -1.40 -54.15 26.33
N LEU P 20 -2.54 -54.84 26.45
CA LEU P 20 -2.90 -55.94 25.57
C LEU P 20 -3.58 -55.47 24.27
N LEU P 21 -4.35 -54.40 24.33
CA LEU P 21 -4.96 -53.81 23.14
C LEU P 21 -3.88 -53.29 22.18
N ASP P 22 -2.82 -52.72 22.74
CA ASP P 22 -1.68 -52.27 21.94
C ASP P 22 -1.15 -53.37 21.03
N GLN P 23 -1.05 -54.58 21.57
CA GLN P 23 -0.54 -55.73 20.82
C GLN P 23 -1.44 -56.10 19.63
N CYS P 24 -2.76 -56.02 19.83
CA CYS P 24 -3.72 -56.34 18.77
C CYS P 24 -3.62 -55.40 17.58
N GLU P 25 -3.51 -54.11 17.86
CA GLU P 25 -3.45 -53.07 16.83
C GLU P 25 -2.20 -53.19 15.96
N ASN P 26 -1.11 -53.62 16.58
CA ASN P 26 0.16 -53.82 15.87
C ASN P 26 0.05 -54.97 14.87
N GLN P 27 -0.48 -56.09 15.33
CA GLN P 27 -0.66 -57.28 14.49
C GLN P 27 -1.61 -57.08 13.29
N GLU P 28 -2.31 -55.96 13.25
CA GLU P 28 -3.12 -55.60 12.09
C GLU P 28 -2.24 -55.23 10.90
N LEU P 29 -1.25 -54.38 11.13
CA LEU P 29 -0.34 -53.93 10.08
C LEU P 29 0.93 -54.78 10.02
N GLU P 30 1.29 -55.40 11.14
CA GLU P 30 2.53 -56.17 11.24
C GLU P 30 2.53 -57.43 10.37
N ALA P 31 1.76 -58.43 10.78
CA ALA P 31 1.86 -59.79 10.21
C ALA P 31 1.34 -59.93 8.78
N PRO P 32 0.10 -59.49 8.52
CA PRO P 32 -0.56 -59.86 7.29
C PRO P 32 -0.19 -58.98 6.10
N GLY P 33 -0.33 -59.53 4.90
CA GLY P 33 -0.23 -58.75 3.67
C GLY P 33 -1.27 -57.64 3.65
N GLY P 34 -2.38 -57.87 4.35
CA GLY P 34 -3.39 -56.84 4.54
C GLY P 34 -4.36 -57.22 5.66
N ILE P 35 -4.99 -58.39 5.52
CA ILE P 35 -6.08 -58.81 6.40
C ILE P 35 -5.56 -59.61 7.59
N ALA P 36 -5.91 -59.16 8.81
CA ALA P 36 -5.46 -59.80 10.05
C ALA P 36 -6.27 -61.05 10.38
N THR P 37 -5.91 -61.72 11.48
CA THR P 37 -6.56 -62.95 11.92
C THR P 37 -8.03 -62.68 12.33
N PRO P 38 -8.94 -63.65 12.08
CA PRO P 38 -10.35 -63.47 12.47
C PRO P 38 -10.62 -63.27 13.98
N PRO P 39 -9.86 -63.94 14.86
CA PRO P 39 -9.98 -63.62 16.30
C PRO P 39 -9.34 -62.29 16.70
N VAL P 40 -8.35 -61.82 15.93
CA VAL P 40 -7.72 -60.51 16.15
C VAL P 40 -8.69 -59.38 15.81
N TYR P 41 -9.54 -59.59 14.78
CA TYR P 41 -10.63 -58.65 14.46
C TYR P 41 -11.72 -58.66 15.54
N GLY P 42 -11.99 -59.82 16.11
CA GLY P 42 -12.97 -59.97 17.19
C GLY P 42 -12.61 -59.26 18.48
N GLN P 43 -11.32 -59.09 18.72
CA GLN P 43 -10.82 -58.42 19.94
C GLN P 43 -10.61 -56.92 19.74
N LEU P 44 -10.16 -56.52 18.56
CA LEU P 44 -9.98 -55.10 18.25
C LEU P 44 -11.30 -54.33 18.26
N LEU P 45 -12.36 -54.94 17.75
CA LEU P 45 -13.70 -54.34 17.77
C LEU P 45 -14.21 -54.19 19.20
N ALA P 46 -14.11 -55.26 19.99
CA ALA P 46 -14.62 -55.27 21.37
C ALA P 46 -13.78 -54.41 22.33
N LEU P 47 -12.48 -54.29 22.06
CA LEU P 47 -11.60 -53.46 22.90
C LEU P 47 -11.80 -51.97 22.67
N TYR P 48 -12.15 -51.58 21.44
CA TYR P 48 -12.54 -50.20 21.15
C TYR P 48 -13.83 -49.83 21.88
N LEU P 49 -14.75 -50.80 22.00
CA LEU P 49 -16.00 -50.60 22.75
C LEU P 49 -15.72 -50.48 24.26
N LEU P 50 -14.75 -51.27 24.74
CA LEU P 50 -14.31 -51.20 26.14
C LEU P 50 -13.79 -49.83 26.54
N HIS P 51 -12.98 -49.25 25.66
CA HIS P 51 -12.46 -47.89 25.86
C HIS P 51 -13.24 -46.90 24.99
N ASN P 52 -14.57 -46.96 25.11
CA ASN P 52 -15.52 -46.10 24.38
C ASN P 52 -14.92 -45.28 23.24
N ASP P 53 -14.50 -45.97 22.19
CA ASP P 53 -13.98 -45.34 20.98
C ASP P 53 -14.82 -45.82 19.80
N MET P 54 -16.03 -45.26 19.68
CA MET P 54 -17.01 -45.69 18.70
C MET P 54 -16.63 -45.33 17.26
N ASN P 55 -15.91 -44.22 17.10
CA ASN P 55 -15.39 -43.83 15.78
C ASN P 55 -14.41 -44.88 15.27
N ASN P 56 -13.49 -45.31 16.12
CA ASN P 56 -12.55 -46.39 15.80
C ASN P 56 -13.26 -47.73 15.57
N ALA P 57 -14.31 -47.98 16.34
CA ALA P 57 -15.13 -49.19 16.18
C ALA P 57 -15.97 -49.17 14.91
N ARG P 58 -16.38 -47.98 14.48
CA ARG P 58 -17.18 -47.81 13.26
C ARG P 58 -16.34 -48.11 12.01
N TYR P 59 -15.19 -47.45 11.89
CA TYR P 59 -14.32 -47.61 10.71
C TYR P 59 -13.56 -48.94 10.68
N LEU P 60 -13.44 -49.59 11.82
CA LEU P 60 -12.89 -50.96 11.88
C LEU P 60 -13.84 -51.94 11.21
N TRP P 61 -15.13 -51.82 11.50
CA TRP P 61 -16.15 -52.69 10.93
C TRP P 61 -16.25 -52.58 9.40
N LYS P 62 -16.02 -51.37 8.88
CA LYS P 62 -16.13 -51.11 7.44
C LYS P 62 -14.89 -51.55 6.66
N ARG P 63 -13.80 -51.84 7.37
CA ARG P 63 -12.56 -52.32 6.76
C ARG P 63 -12.55 -53.84 6.57
N ILE P 64 -13.33 -54.57 7.38
CA ILE P 64 -13.32 -56.03 7.35
C ILE P 64 -13.76 -56.51 5.95
N PRO P 65 -13.06 -57.50 5.38
CA PRO P 65 -13.53 -58.03 4.10
C PRO P 65 -14.81 -58.84 4.28
N PRO P 66 -15.69 -58.86 3.27
CA PRO P 66 -16.95 -59.60 3.40
C PRO P 66 -16.74 -61.11 3.61
N ALA P 67 -15.55 -61.62 3.30
CA ALA P 67 -15.19 -63.02 3.54
C ALA P 67 -15.21 -63.39 5.02
N ILE P 68 -14.39 -62.70 5.81
CA ILE P 68 -14.31 -62.98 7.25
C ILE P 68 -15.62 -62.61 7.94
N LYS P 69 -16.24 -61.52 7.49
CA LYS P 69 -17.55 -61.10 8.01
C LYS P 69 -18.58 -62.23 8.02
N SER P 70 -18.75 -62.87 6.86
CA SER P 70 -19.76 -63.92 6.69
C SER P 70 -19.41 -65.21 7.43
N ALA P 71 -18.15 -65.60 7.36
CA ALA P 71 -17.66 -66.80 8.03
C ALA P 71 -17.70 -66.63 9.55
N ASN P 72 -17.12 -65.54 10.02
CA ASN P 72 -17.07 -65.23 11.45
C ASN P 72 -18.35 -64.46 11.86
N SER P 73 -19.41 -65.22 12.17
CA SER P 73 -20.72 -64.63 12.52
C SER P 73 -20.80 -64.16 13.97
N GLU P 74 -19.85 -64.57 14.80
CA GLU P 74 -19.75 -64.09 16.20
C GLU P 74 -19.29 -62.63 16.23
N LEU P 75 -18.52 -62.24 15.21
CA LEU P 75 -18.06 -60.85 15.04
C LEU P 75 -19.24 -59.89 14.88
N GLY P 76 -20.31 -60.37 14.25
CA GLY P 76 -21.55 -59.59 14.14
C GLY P 76 -22.22 -59.35 15.47
N GLY P 77 -22.13 -60.34 16.37
CA GLY P 77 -22.64 -60.20 17.73
C GLY P 77 -21.93 -59.15 18.57
N ILE P 78 -20.68 -58.86 18.23
CA ILE P 78 -19.91 -57.81 18.91
C ILE P 78 -20.23 -56.43 18.33
N TRP P 79 -20.44 -56.38 17.01
CA TRP P 79 -20.83 -55.14 16.34
C TRP P 79 -22.26 -54.72 16.71
N SER P 80 -23.11 -55.70 17.04
CA SER P 80 -24.47 -55.41 17.50
C SER P 80 -24.48 -54.67 18.84
N VAL P 81 -23.41 -54.86 19.64
CA VAL P 81 -23.23 -54.13 20.89
C VAL P 81 -22.90 -52.66 20.58
N GLY P 82 -21.94 -52.45 19.68
CA GLY P 82 -21.50 -51.11 19.30
C GLY P 82 -22.60 -50.20 18.79
N GLN P 83 -23.61 -50.79 18.15
CA GLN P 83 -24.80 -50.06 17.71
C GLN P 83 -25.49 -49.35 18.87
N ARG P 84 -25.64 -50.08 19.97
CA ARG P 84 -26.36 -49.57 21.14
C ARG P 84 -25.58 -48.50 21.91
N ILE P 85 -24.26 -48.55 21.84
CA ILE P 85 -23.41 -47.51 22.44
C ILE P 85 -23.49 -46.23 21.61
N TRP P 86 -23.55 -46.38 20.29
CA TRP P 86 -23.77 -45.25 19.39
C TRP P 86 -25.15 -44.67 19.60
N GLN P 87 -26.15 -45.56 19.60
CA GLN P 87 -27.55 -45.17 19.82
C GLN P 87 -27.81 -44.73 21.26
N ARG P 88 -26.98 -45.20 22.20
CA ARG P 88 -27.14 -44.95 23.63
C ARG P 88 -28.48 -45.48 24.15
N ASP P 89 -28.83 -46.67 23.67
CA ASP P 89 -29.90 -47.48 24.25
C ASP P 89 -29.24 -48.38 25.29
N PHE P 90 -29.09 -47.84 26.49
CA PHE P 90 -28.29 -48.46 27.55
C PHE P 90 -28.81 -49.85 27.96
N PRO P 91 -30.14 -50.05 28.01
CA PRO P 91 -30.66 -51.40 28.26
C PRO P 91 -30.36 -52.36 27.11
N GLY P 92 -30.28 -51.83 25.89
CA GLY P 92 -29.87 -52.61 24.72
C GLY P 92 -28.43 -53.08 24.79
N ILE P 93 -27.56 -52.31 25.43
CA ILE P 93 -26.15 -52.70 25.60
C ILE P 93 -26.04 -53.98 26.41
N TYR P 94 -26.79 -54.04 27.52
CA TYR P 94 -26.70 -55.17 28.45
C TYR P 94 -27.40 -56.42 27.91
N THR P 95 -28.34 -56.24 26.98
CA THR P 95 -28.97 -57.34 26.27
C THR P 95 -27.98 -57.99 25.31
N THR P 96 -27.24 -57.15 24.59
CA THR P 96 -26.30 -57.61 23.57
C THR P 96 -24.99 -58.13 24.17
N ILE P 97 -24.65 -57.72 25.38
CA ILE P 97 -23.49 -58.27 26.08
C ILE P 97 -23.80 -59.69 26.59
N ASN P 98 -25.04 -59.89 27.07
CA ASN P 98 -25.51 -61.21 27.49
C ASN P 98 -26.18 -61.95 26.32
N ALA P 99 -25.36 -62.43 25.38
CA ALA P 99 -25.85 -63.08 24.16
C ALA P 99 -24.87 -64.07 23.55
N HIS P 100 -23.71 -63.57 23.11
CA HIS P 100 -22.71 -64.41 22.41
C HIS P 100 -21.54 -64.81 23.34
N GLN P 101 -21.37 -66.12 23.53
CA GLN P 101 -20.25 -66.65 24.31
C GLN P 101 -19.07 -66.94 23.39
N TRP P 102 -18.09 -66.05 23.39
CA TRP P 102 -16.85 -66.26 22.65
C TRP P 102 -15.75 -66.36 23.69
N SER P 103 -15.65 -67.53 24.32
CA SER P 103 -14.68 -67.78 25.39
C SER P 103 -13.24 -67.75 24.90
N GLU P 104 -12.30 -67.67 25.85
CA GLU P 104 -10.86 -67.55 25.58
C GLU P 104 -10.52 -66.19 24.95
N THR P 105 -11.02 -65.96 23.74
CA THR P 105 -10.72 -64.75 22.97
C THR P 105 -11.41 -63.50 23.53
N VAL P 106 -12.75 -63.52 23.56
CA VAL P 106 -13.54 -62.30 23.76
C VAL P 106 -14.37 -62.28 25.07
N GLN P 107 -14.78 -63.45 25.57
CA GLN P 107 -15.64 -63.52 26.78
C GLN P 107 -15.04 -62.82 28.02
N PRO P 108 -13.70 -62.87 28.18
CA PRO P 108 -13.08 -62.05 29.25
C PRO P 108 -13.26 -60.53 29.08
N ILE P 109 -13.11 -60.02 27.86
CA ILE P 109 -13.27 -58.57 27.60
C ILE P 109 -14.73 -58.14 27.46
N MET P 110 -15.66 -59.08 27.32
CA MET P 110 -17.11 -58.79 27.32
C MET P 110 -17.62 -58.47 28.72
N GLU P 111 -17.06 -59.14 29.72
CA GLU P 111 -17.44 -58.93 31.12
C GLU P 111 -16.90 -57.60 31.64
N ALA P 112 -15.69 -57.24 31.20
CA ALA P 112 -15.10 -55.93 31.51
C ALA P 112 -15.83 -54.80 30.80
N LEU P 113 -16.37 -55.08 29.61
CA LEU P 113 -17.14 -54.10 28.84
C LEU P 113 -18.44 -53.70 29.55
N ARG P 114 -19.10 -54.68 30.17
CA ARG P 114 -20.37 -54.44 30.87
C ARG P 114 -20.18 -53.58 32.12
N ASP P 115 -18.99 -53.66 32.72
CA ASP P 115 -18.68 -52.93 33.94
C ASP P 115 -18.35 -51.46 33.64
N ALA P 116 -17.58 -51.23 32.59
CA ALA P 116 -17.22 -49.87 32.18
C ALA P 116 -18.45 -49.08 31.71
N THR P 117 -19.38 -49.77 31.05
CA THR P 117 -20.65 -49.18 30.62
C THR P 117 -21.57 -48.87 31.81
N ARG P 118 -21.47 -49.67 32.86
CA ARG P 118 -22.30 -49.50 34.06
C ARG P 118 -21.94 -48.22 34.82
N ARG P 119 -20.67 -48.09 35.20
CA ARG P 119 -20.21 -46.92 35.97
C ARG P 119 -20.18 -45.63 35.14
N ARG P 120 -20.07 -45.78 33.82
CA ARG P 120 -20.31 -44.67 32.90
C ARG P 120 -21.73 -44.15 33.11
N ALA P 121 -22.69 -45.06 33.06
CA ALA P 121 -24.12 -44.73 33.20
C ALA P 121 -24.51 -44.36 34.63
N PHE P 122 -23.66 -44.65 35.62
CA PHE P 122 -23.90 -44.24 37.00
C PHE P 122 -23.30 -42.86 37.25
N ALA P 123 -22.03 -42.69 36.89
CA ALA P 123 -21.37 -41.39 36.96
C ALA P 123 -22.09 -40.36 36.08
N LEU P 124 -22.72 -40.84 35.02
CA LEU P 124 -23.57 -40.02 34.17
C LEU P 124 -24.86 -39.62 34.88
N VAL P 125 -25.67 -40.62 35.23
CA VAL P 125 -26.98 -40.39 35.83
C VAL P 125 -26.90 -39.57 37.12
N SER P 126 -25.84 -39.79 37.90
CA SER P 126 -25.63 -39.05 39.14
C SER P 126 -25.53 -37.54 38.91
N GLN P 127 -24.78 -37.14 37.88
CA GLN P 127 -24.54 -35.73 37.57
C GLN P 127 -25.54 -35.13 36.58
N ALA P 128 -26.35 -35.98 35.97
CA ALA P 128 -27.34 -35.56 34.97
C ALA P 128 -28.75 -35.43 35.54
N TYR P 129 -28.99 -35.99 36.72
CA TYR P 129 -30.35 -36.03 37.30
C TYR P 129 -30.37 -35.67 38.78
N THR P 130 -31.21 -34.67 39.13
CA THR P 130 -31.52 -34.38 40.52
C THR P 130 -32.53 -35.40 41.01
N SER P 131 -33.53 -35.66 40.16
CA SER P 131 -34.51 -36.72 40.40
C SER P 131 -34.65 -37.56 39.13
N ILE P 132 -34.99 -38.84 39.32
CA ILE P 132 -35.10 -39.80 38.21
C ILE P 132 -36.00 -40.98 38.61
N ILE P 133 -36.64 -41.58 37.62
CA ILE P 133 -37.53 -42.72 37.85
C ILE P 133 -36.67 -43.96 38.15
N ALA P 134 -37.11 -44.75 39.11
CA ALA P 134 -36.36 -45.95 39.53
C ALA P 134 -36.28 -46.98 38.41
N ASP P 135 -37.37 -47.15 37.69
CA ASP P 135 -37.45 -48.10 36.57
C ASP P 135 -36.50 -47.71 35.43
N ASP P 136 -36.48 -46.42 35.08
CA ASP P 136 -35.52 -45.91 34.09
C ASP P 136 -34.10 -46.09 34.61
N PHE P 137 -33.86 -45.59 35.82
CA PHE P 137 -32.56 -45.72 36.48
C PHE P 137 -32.06 -47.16 36.49
N ALA P 138 -32.99 -48.08 36.77
CA ALA P 138 -32.67 -49.50 36.78
C ALA P 138 -32.17 -49.98 35.42
N ALA P 139 -32.93 -49.65 34.37
CA ALA P 139 -32.57 -50.07 33.01
C ALA P 139 -31.36 -49.33 32.47
N PHE P 140 -31.22 -48.05 32.83
CA PHE P 140 -30.07 -47.22 32.38
C PHE P 140 -28.72 -47.75 32.89
N VAL P 141 -28.72 -48.31 34.11
CA VAL P 141 -27.51 -48.95 34.65
C VAL P 141 -27.50 -50.46 34.39
N GLY P 142 -28.68 -51.06 34.21
CA GLY P 142 -28.80 -52.46 33.78
C GLY P 142 -29.48 -53.39 34.78
N LEU P 143 -29.24 -53.15 36.07
CA LEU P 143 -29.77 -54.00 37.16
C LEU P 143 -31.30 -53.95 37.24
N PRO P 144 -31.92 -54.92 37.93
CA PRO P 144 -33.38 -54.89 38.15
C PRO P 144 -33.81 -53.83 39.16
N VAL P 145 -35.11 -53.77 39.45
CA VAL P 145 -35.66 -52.71 40.30
C VAL P 145 -35.12 -52.78 41.73
N GLU P 146 -35.08 -53.98 42.30
CA GLU P 146 -34.63 -54.16 43.69
C GLU P 146 -33.14 -53.86 43.88
N GLU P 147 -32.29 -54.52 43.08
CA GLU P 147 -30.83 -54.34 43.18
C GLU P 147 -30.43 -52.88 42.96
N ALA P 148 -31.17 -52.19 42.10
CA ALA P 148 -30.95 -50.76 41.87
C ALA P 148 -31.37 -49.94 43.09
N VAL P 149 -32.56 -50.23 43.62
CA VAL P 149 -33.05 -49.56 44.83
C VAL P 149 -32.12 -49.79 46.01
N LYS P 150 -31.52 -50.98 46.09
CA LYS P 150 -30.59 -51.30 47.18
C LYS P 150 -29.22 -50.67 46.95
N GLY P 151 -28.65 -50.89 45.76
CA GLY P 151 -27.32 -50.39 45.40
C GLY P 151 -27.09 -48.93 45.74
N ILE P 152 -28.13 -48.11 45.58
CA ILE P 152 -28.07 -46.68 45.89
C ILE P 152 -28.25 -46.38 47.39
N LEU P 153 -29.07 -47.15 48.08
CA LEU P 153 -29.31 -46.94 49.52
C LEU P 153 -28.06 -47.20 50.36
N GLU P 154 -27.16 -48.04 49.86
CA GLU P 154 -25.84 -48.24 50.45
C GLU P 154 -25.02 -46.95 50.35
N GLN P 155 -25.05 -46.34 49.17
CA GLN P 155 -24.32 -45.09 48.91
C GLN P 155 -24.80 -43.93 49.78
N GLY P 156 -26.06 -43.96 50.19
CA GLY P 156 -26.67 -42.87 50.97
C GLY P 156 -27.52 -41.96 50.11
N TRP P 157 -27.84 -42.41 48.90
CA TRP P 157 -28.74 -41.68 48.01
C TRP P 157 -30.14 -41.64 48.60
N GLN P 158 -30.81 -40.51 48.46
CA GLN P 158 -32.19 -40.35 48.93
C GLN P 158 -33.12 -41.16 48.04
N ALA P 159 -34.08 -41.84 48.66
CA ALA P 159 -35.02 -42.72 47.97
C ALA P 159 -36.46 -42.35 48.31
N ASP P 160 -37.35 -42.48 47.34
CA ASP P 160 -38.75 -42.09 47.49
C ASP P 160 -39.71 -43.22 47.13
N SER P 161 -40.55 -43.61 48.08
CA SER P 161 -41.61 -44.58 47.85
C SER P 161 -42.80 -43.90 47.16
N THR P 162 -43.80 -44.70 46.79
CA THR P 162 -45.03 -44.21 46.13
C THR P 162 -44.80 -43.77 44.68
N THR P 163 -44.04 -42.69 44.49
CA THR P 163 -43.76 -42.17 43.16
C THR P 163 -42.65 -42.95 42.45
N ARG P 164 -41.90 -43.75 43.21
CA ARG P 164 -40.75 -44.50 42.66
C ARG P 164 -39.75 -43.55 42.01
N MET P 165 -39.08 -42.77 42.86
CA MET P 165 -38.16 -41.75 42.39
C MET P 165 -36.86 -41.74 43.21
N VAL P 166 -35.79 -42.25 42.61
CA VAL P 166 -34.46 -42.17 43.21
C VAL P 166 -33.99 -40.73 43.11
N LEU P 167 -33.27 -40.28 44.13
CA LEU P 167 -32.74 -38.92 44.16
C LEU P 167 -31.22 -39.00 44.36
N PRO P 168 -30.46 -38.94 43.26
CA PRO P 168 -28.99 -39.04 43.30
C PRO P 168 -28.28 -37.94 44.08
N ARG P 169 -27.22 -38.32 44.80
CA ARG P 169 -26.27 -37.40 45.41
C ARG P 169 -25.11 -37.23 44.43
N LYS P 170 -24.72 -35.98 44.16
CA LYS P 170 -23.69 -35.70 43.15
C LYS P 170 -22.27 -35.92 43.70
N PRO P 171 -21.46 -36.78 43.04
CA PRO P 171 -20.06 -36.96 43.41
C PRO P 171 -19.13 -36.01 42.65
N GLU P 198 13.08 -29.46 44.57
CA GLU P 198 11.84 -28.73 44.75
C GLU P 198 10.86 -28.97 43.59
N GLN P 199 9.57 -29.06 43.93
CA GLN P 199 8.52 -29.26 42.94
C GLN P 199 8.00 -27.94 42.38
N GLN P 200 7.50 -27.11 43.29
CA GLN P 200 6.78 -25.89 42.90
C GLN P 200 7.73 -24.74 42.55
N LEU P 201 8.74 -24.52 43.39
CA LEU P 201 9.73 -23.44 43.18
C LEU P 201 10.56 -23.63 41.90
N ALA P 202 10.86 -24.88 41.56
CA ALA P 202 11.59 -25.21 40.33
C ALA P 202 10.83 -24.72 39.10
N ARG P 203 9.52 -24.93 39.09
CA ARG P 203 8.66 -24.49 38.00
C ARG P 203 8.68 -22.96 37.89
N LEU P 204 8.52 -22.28 39.03
CA LEU P 204 8.47 -20.82 39.07
C LEU P 204 9.78 -20.19 38.60
N THR P 205 10.88 -20.58 39.24
CA THR P 205 12.21 -20.03 38.95
C THR P 205 12.56 -20.07 37.45
N ASP P 206 12.07 -21.09 36.76
CA ASP P 206 12.25 -21.19 35.32
C ASP P 206 11.53 -20.07 34.59
N TYR P 207 10.27 -19.82 34.97
CA TYR P 207 9.47 -18.78 34.33
C TYR P 207 10.02 -17.38 34.60
N VAL P 208 10.77 -17.24 35.68
CA VAL P 208 11.51 -16.01 35.95
C VAL P 208 12.71 -15.96 35.00
N ALA P 209 13.61 -16.92 35.13
CA ALA P 209 14.86 -16.96 34.36
C ALA P 209 14.62 -16.93 32.85
N PHE P 210 13.49 -17.49 32.41
CA PHE P 210 13.09 -17.43 31.00
C PHE P 210 12.75 -16.00 30.56
N LEU P 211 11.82 -15.38 31.27
CA LEU P 211 11.41 -14.00 30.99
C LEU P 211 12.54 -13.02 31.26
N GLU P 212 13.37 -13.35 32.26
CA GLU P 212 14.55 -12.56 32.62
C GLU P 212 15.59 -12.51 31.50
N ASN P 213 15.85 -13.65 30.89
CA ASN P 213 16.99 -13.83 29.97
C ASN P 213 18.31 -13.63 30.72
N VAL Q 30 147.97 26.71 -88.77
CA VAL Q 30 147.21 25.86 -89.73
C VAL Q 30 147.77 26.06 -91.15
N GLU Q 31 148.54 25.08 -91.64
CA GLU Q 31 149.17 25.16 -92.97
C GLU Q 31 149.78 23.82 -93.40
N ASN Q 32 149.74 23.56 -94.72
CA ASN Q 32 150.44 22.43 -95.32
C ASN Q 32 150.90 22.78 -96.75
N PRO Q 33 152.22 22.65 -97.04
CA PRO Q 33 152.73 22.97 -98.38
C PRO Q 33 152.42 21.90 -99.43
N SER Q 34 152.52 20.63 -99.04
CA SER Q 34 152.21 19.52 -99.95
C SER Q 34 150.69 19.39 -100.15
N LEU Q 35 150.18 20.18 -101.09
CA LEU Q 35 148.74 20.24 -101.37
C LEU Q 35 148.51 20.57 -102.84
N ASP Q 36 147.81 19.68 -103.55
CA ASP Q 36 147.51 19.88 -104.97
C ASP Q 36 146.07 20.38 -105.15
N LEU Q 37 145.93 21.68 -105.41
CA LEU Q 37 144.62 22.30 -105.60
C LEU Q 37 143.98 21.87 -106.91
N GLU Q 38 144.81 21.50 -107.89
CA GLU Q 38 144.36 21.09 -109.21
C GLU Q 38 143.48 19.84 -109.14
N GLN Q 39 143.87 18.91 -108.28
CA GLN Q 39 143.09 17.70 -108.04
C GLN Q 39 141.87 18.02 -107.17
N TYR Q 40 142.08 18.84 -106.14
CA TYR Q 40 140.99 19.26 -105.24
C TYR Q 40 139.79 19.86 -105.97
N ALA Q 41 140.05 20.57 -107.06
CA ALA Q 41 138.98 21.15 -107.88
C ALA Q 41 138.45 20.16 -108.93
N ALA Q 42 139.33 19.26 -109.39
CA ALA Q 42 139.00 18.33 -110.49
C ALA Q 42 137.80 17.42 -110.23
N SER Q 43 137.80 16.74 -109.10
CA SER Q 43 136.77 15.72 -108.79
C SER Q 43 135.44 16.29 -108.26
N TYR Q 44 135.40 17.60 -108.02
CA TYR Q 44 134.21 18.26 -107.44
C TYR Q 44 133.56 19.25 -108.42
N SER Q 45 132.30 19.58 -108.16
CA SER Q 45 131.55 20.56 -108.95
C SER Q 45 130.32 21.05 -108.19
N GLY Q 46 129.57 21.96 -108.80
CA GLY Q 46 128.42 22.56 -108.13
C GLY Q 46 128.91 23.51 -107.05
N LEU Q 47 128.15 23.59 -105.95
CA LEU Q 47 128.50 24.48 -104.84
C LEU Q 47 129.70 23.91 -104.08
N MET Q 48 129.81 22.60 -104.09
CA MET Q 48 130.90 21.89 -103.39
C MET Q 48 132.28 22.42 -103.81
N ARG Q 49 132.44 22.81 -105.07
CA ARG Q 49 133.69 23.39 -105.54
C ARG Q 49 133.97 24.71 -104.82
N ILE Q 50 132.94 25.55 -104.71
CA ILE Q 50 133.07 26.84 -104.06
C ILE Q 50 133.24 26.71 -102.54
N GLU Q 51 132.49 25.80 -101.91
CA GLU Q 51 132.58 25.59 -100.46
C GLU Q 51 133.96 25.05 -100.04
N ARG Q 52 134.48 24.07 -100.79
CA ARG Q 52 135.76 23.43 -100.47
C ARG Q 52 136.96 24.33 -100.77
N LEU Q 53 136.94 25.00 -101.93
CA LEU Q 53 137.99 25.95 -102.30
C LEU Q 53 138.11 27.10 -101.30
N GLN Q 54 136.98 27.54 -100.77
CA GLN Q 54 136.95 28.65 -99.81
C GLN Q 54 137.43 28.23 -98.41
N PHE Q 55 137.18 26.98 -98.03
CA PHE Q 55 137.67 26.46 -96.75
C PHE Q 55 139.19 26.23 -96.77
N ILE Q 56 139.73 25.91 -97.95
CA ILE Q 56 141.17 25.75 -98.14
C ILE Q 56 141.88 27.10 -98.04
N ALA Q 57 141.39 28.07 -98.82
CA ALA Q 57 141.90 29.45 -98.76
C ALA Q 57 141.85 30.01 -97.33
N ASP Q 58 140.80 29.67 -96.59
CA ASP Q 58 140.64 30.09 -95.19
C ASP Q 58 141.78 29.57 -94.31
N HIS Q 59 141.77 28.28 -94.02
CA HIS Q 59 142.72 27.70 -93.07
C HIS Q 59 144.12 27.47 -93.62
N CYS Q 60 144.28 27.44 -94.95
CA CYS Q 60 145.60 27.26 -95.57
C CYS Q 60 146.08 28.54 -96.26
N PRO Q 61 147.00 29.29 -95.60
CA PRO Q 61 147.69 30.40 -96.25
C PRO Q 61 148.87 29.91 -97.09
N THR Q 62 149.55 30.83 -97.78
CA THR Q 62 150.57 30.52 -98.80
C THR Q 62 149.94 29.99 -100.09
N LEU Q 63 149.03 29.02 -99.96
CA LEU Q 63 148.15 28.58 -101.05
C LEU Q 63 146.77 29.25 -100.98
N ARG Q 64 146.72 30.45 -100.41
CA ARG Q 64 145.55 31.33 -100.48
C ARG Q 64 145.65 32.22 -101.72
N VAL Q 65 146.90 32.46 -102.15
CA VAL Q 65 147.20 33.09 -103.44
C VAL Q 65 146.46 32.34 -104.56
N GLU Q 66 146.57 31.02 -104.52
CA GLU Q 66 146.02 30.15 -105.55
C GLU Q 66 144.53 29.89 -105.34
N ALA Q 67 144.17 29.46 -104.14
CA ALA Q 67 142.82 28.95 -103.83
C ALA Q 67 141.69 29.93 -104.11
N LEU Q 68 141.96 31.23 -103.99
CA LEU Q 68 140.95 32.25 -104.25
C LEU Q 68 140.79 32.56 -105.74
N LYS Q 69 141.83 32.29 -106.54
CA LYS Q 69 141.75 32.44 -107.99
C LYS Q 69 140.89 31.35 -108.62
N MET Q 70 140.92 30.15 -108.05
CA MET Q 70 140.20 28.99 -108.59
C MET Q 70 138.71 29.00 -108.25
N ALA Q 71 138.36 29.64 -107.13
CA ALA Q 71 136.96 29.86 -106.77
C ALA Q 71 136.36 30.96 -107.66
N LEU Q 72 137.15 32.00 -107.93
CA LEU Q 72 136.71 33.13 -108.76
C LEU Q 72 136.24 32.71 -110.15
N SER Q 73 137.05 31.91 -110.83
CA SER Q 73 136.79 31.56 -112.24
C SER Q 73 135.49 30.79 -112.45
N PHE Q 74 135.23 29.78 -111.64
CA PHE Q 74 134.00 28.97 -111.77
C PHE Q 74 132.76 29.70 -111.24
N VAL Q 75 132.95 30.68 -110.36
CA VAL Q 75 131.86 31.54 -109.91
C VAL Q 75 131.36 32.44 -111.05
N GLN Q 76 132.26 32.81 -111.96
CA GLN Q 76 131.89 33.60 -113.14
C GLN Q 76 131.11 32.79 -114.19
N ARG Q 77 131.20 31.46 -114.11
CA ARG Q 77 130.28 30.58 -114.82
C ARG Q 77 129.12 30.23 -113.91
N THR Q 78 128.11 29.55 -114.45
CA THR Q 78 126.89 29.16 -113.71
C THR Q 78 126.10 30.36 -113.17
N PHE Q 79 126.15 31.49 -113.88
CA PHE Q 79 125.41 32.73 -113.52
C PHE Q 79 125.32 32.99 -112.01
N ASN Q 80 126.45 33.35 -111.40
CA ASN Q 80 126.57 33.47 -109.95
C ASN Q 80 127.14 34.83 -109.50
N VAL Q 81 126.29 35.65 -108.87
CA VAL Q 81 126.70 36.94 -108.30
C VAL Q 81 126.85 36.90 -106.77
N ASP Q 82 125.95 36.16 -106.11
CA ASP Q 82 126.02 35.98 -104.65
C ASP Q 82 127.39 35.48 -104.19
N MET Q 83 128.03 34.62 -104.99
CA MET Q 83 129.35 34.08 -104.69
C MET Q 83 130.50 34.98 -105.19
N TYR Q 84 130.30 35.70 -106.28
CA TYR Q 84 131.31 36.62 -106.80
C TYR Q 84 131.54 37.81 -105.85
N GLU Q 85 130.44 38.37 -105.34
CA GLU Q 85 130.49 39.45 -104.37
C GLU Q 85 131.13 38.99 -103.05
N GLU Q 86 131.03 37.69 -102.77
CA GLU Q 86 131.68 37.07 -101.61
C GLU Q 86 133.15 36.75 -101.91
N ILE Q 87 133.39 35.94 -102.94
CA ILE Q 87 134.72 35.43 -103.27
C ILE Q 87 135.70 36.55 -103.65
N HIS Q 88 135.30 37.41 -104.58
CA HIS Q 88 136.20 38.46 -105.07
C HIS Q 88 136.55 39.48 -103.98
N ARG Q 89 135.66 39.68 -103.02
CA ARG Q 89 135.94 40.55 -101.88
C ARG Q 89 137.09 39.99 -101.03
N LYS Q 90 137.20 38.67 -100.96
CA LYS Q 90 138.33 38.02 -100.28
C LYS Q 90 139.63 38.16 -101.06
N LEU Q 91 139.55 38.10 -102.39
CA LEU Q 91 140.73 38.31 -103.26
C LEU Q 91 141.40 39.65 -102.97
N SER Q 92 140.60 40.67 -102.69
CA SER Q 92 141.12 41.99 -102.36
C SER Q 92 141.88 41.96 -101.04
N GLU Q 93 141.24 41.47 -99.99
CA GLU Q 93 141.85 41.37 -98.66
C GLU Q 93 143.00 40.34 -98.62
N ALA Q 94 142.98 39.38 -99.53
CA ALA Q 94 144.07 38.43 -99.68
C ALA Q 94 145.33 39.13 -100.21
N THR Q 95 145.19 39.81 -101.35
CA THR Q 95 146.31 40.56 -101.95
C THR Q 95 146.73 41.74 -101.07
N ARG Q 96 145.80 42.26 -100.26
CA ARG Q 96 146.10 43.33 -99.30
C ARG Q 96 147.12 42.87 -98.25
N GLU Q 97 146.91 41.68 -97.71
CA GLU Q 97 147.81 41.12 -96.70
C GLU Q 97 149.11 40.58 -97.31
N LEU Q 98 149.11 40.34 -98.62
CA LEU Q 98 150.32 39.91 -99.34
C LEU Q 98 151.24 41.09 -99.68
N GLN Q 99 150.71 42.32 -99.65
CA GLN Q 99 151.53 43.52 -99.79
C GLN Q 99 152.14 43.96 -98.44
N ASN Q 100 151.81 43.25 -97.37
CA ASN Q 100 152.38 43.51 -96.04
C ASN Q 100 153.65 42.68 -95.75
N ALA Q 101 154.10 41.89 -96.72
CA ALA Q 101 155.35 41.12 -96.59
C ALA Q 101 156.60 41.92 -97.02
N PRO Q 102 156.54 42.64 -98.16
CA PRO Q 102 157.68 43.50 -98.52
C PRO Q 102 157.83 44.69 -97.57
N PRO Q 113 144.14 42.24 -108.85
CA PRO Q 113 142.76 42.07 -109.32
C PRO Q 113 141.89 43.28 -108.98
N ALA Q 114 140.81 43.45 -109.75
CA ALA Q 114 139.88 44.58 -109.57
C ALA Q 114 138.43 44.12 -109.70
N LEU Q 115 137.53 44.80 -108.99
CA LEU Q 115 136.09 44.47 -109.02
C LEU Q 115 135.51 44.79 -110.40
N ASP Q 116 135.35 43.75 -111.22
CA ASP Q 116 134.85 43.89 -112.57
C ASP Q 116 133.34 44.15 -112.53
N THR Q 117 132.97 45.39 -112.20
CA THR Q 117 131.57 45.80 -112.10
C THR Q 117 130.87 45.84 -113.46
N ALA Q 118 131.65 45.87 -114.55
CA ALA Q 118 131.12 45.68 -115.90
C ALA Q 118 130.51 44.28 -116.05
N TRP Q 119 131.12 43.29 -115.40
CA TRP Q 119 130.61 41.92 -115.40
C TRP Q 119 129.51 41.68 -114.34
N VAL Q 120 129.66 42.30 -113.17
CA VAL Q 120 128.70 42.10 -112.08
C VAL Q 120 127.29 42.53 -112.50
N GLU Q 121 127.19 43.55 -113.34
CA GLU Q 121 125.93 43.95 -113.95
C GLU Q 121 125.46 42.94 -115.00
N ALA Q 122 126.39 42.51 -115.86
CA ALA Q 122 126.10 41.64 -117.01
C ALA Q 122 125.39 40.35 -116.64
N THR Q 123 125.99 39.59 -115.73
CA THR Q 123 125.41 38.32 -115.26
C THR Q 123 124.13 38.53 -114.46
N ARG Q 124 124.05 39.67 -113.76
CA ARG Q 124 122.96 39.94 -112.82
C ARG Q 124 121.61 40.16 -113.51
N LYS Q 125 121.58 41.06 -114.49
CA LYS Q 125 120.34 41.31 -115.24
C LYS Q 125 120.02 40.13 -116.17
N LYS Q 126 121.05 39.48 -116.71
CA LYS Q 126 120.86 38.24 -117.47
C LYS Q 126 120.12 37.21 -116.62
N ALA Q 127 120.64 36.98 -115.41
CA ALA Q 127 120.05 36.01 -114.49
C ALA Q 127 118.66 36.45 -114.01
N LEU Q 128 118.52 37.73 -113.65
CA LEU Q 128 117.26 38.26 -113.10
C LEU Q 128 116.08 38.09 -114.05
N LEU Q 129 116.33 38.23 -115.35
CA LEU Q 129 115.28 38.06 -116.36
C LEU Q 129 115.07 36.58 -116.74
N LYS Q 130 116.13 35.78 -116.66
CA LYS Q 130 116.02 34.32 -116.88
C LYS Q 130 115.12 33.65 -115.82
N LEU Q 131 115.08 34.23 -114.62
CA LEU Q 131 114.14 33.80 -113.58
C LEU Q 131 112.70 33.95 -114.07
N GLU Q 132 112.39 35.12 -114.62
CA GLU Q 132 111.05 35.45 -115.05
C GLU Q 132 110.61 34.63 -116.27
N LYS Q 133 111.57 34.20 -117.08
CA LYS Q 133 111.30 33.29 -118.19
C LYS Q 133 110.87 31.93 -117.66
N LEU Q 134 111.65 31.40 -116.72
CA LEU Q 134 111.34 30.12 -116.09
C LEU Q 134 110.10 30.21 -115.20
N ASP Q 135 109.84 31.39 -114.63
CA ASP Q 135 108.59 31.66 -113.89
C ASP Q 135 107.38 31.40 -114.75
N THR Q 136 107.33 32.07 -115.91
CA THR Q 136 106.23 31.91 -116.85
C THR Q 136 106.20 30.50 -117.44
N ASP Q 137 107.37 29.89 -117.62
CA ASP Q 137 107.45 28.50 -118.11
C ASP Q 137 106.74 27.52 -117.17
N LEU Q 138 106.95 27.70 -115.86
CA LEU Q 138 106.25 26.88 -114.86
C LEU Q 138 104.78 27.27 -114.77
N LYS Q 139 104.49 28.57 -114.82
CA LYS Q 139 103.10 29.07 -114.75
C LYS Q 139 102.28 28.70 -115.98
N ASN Q 140 102.95 28.52 -117.12
CA ASN Q 140 102.30 28.02 -118.33
C ASN Q 140 102.39 26.50 -118.46
N TYR Q 141 103.20 25.85 -117.62
CA TYR Q 141 103.15 24.40 -117.42
C TYR Q 141 102.02 24.04 -116.46
N LYS Q 142 101.76 24.90 -115.47
CA LYS Q 142 100.64 24.73 -114.55
C LYS Q 142 99.29 24.94 -115.24
N GLY Q 143 99.26 25.78 -116.27
CA GLY Q 143 98.05 25.99 -117.09
C GLY Q 143 97.71 24.81 -117.99
N ASN Q 144 98.73 24.00 -118.32
CA ASN Q 144 98.54 22.79 -119.14
C ASN Q 144 97.91 21.64 -118.38
N SER Q 145 98.26 21.51 -117.09
CA SER Q 145 97.80 20.41 -116.22
C SER Q 145 98.41 19.07 -116.62
N ILE Q 146 99.71 19.09 -116.91
CA ILE Q 146 100.46 17.87 -117.22
C ILE Q 146 101.32 17.54 -116.00
N LYS Q 147 101.37 16.25 -115.64
CA LYS Q 147 102.06 15.81 -114.43
C LYS Q 147 103.58 15.86 -114.56
N GLU Q 148 104.09 15.40 -115.70
CA GLU Q 148 105.54 15.33 -115.92
C GLU Q 148 106.13 16.64 -116.43
N SER Q 149 105.34 17.46 -117.11
CA SER Q 149 105.79 18.75 -117.64
C SER Q 149 106.01 19.79 -116.55
N ILE Q 150 105.20 19.75 -115.51
CA ILE Q 150 105.32 20.68 -114.37
C ILE Q 150 106.53 20.33 -113.48
N ARG Q 151 106.80 19.02 -113.31
CA ARG Q 151 107.99 18.58 -112.58
C ARG Q 151 109.27 18.93 -113.36
N ARG Q 152 109.19 18.94 -114.68
CA ARG Q 152 110.28 19.39 -115.55
C ARG Q 152 110.55 20.88 -115.38
N GLY Q 153 109.47 21.67 -115.27
CA GLY Q 153 109.58 23.09 -114.97
C GLY Q 153 110.22 23.33 -113.61
N HIS Q 154 109.66 22.70 -112.59
CA HIS Q 154 110.16 22.83 -111.20
C HIS Q 154 111.65 22.60 -111.08
N ASP Q 155 112.13 21.51 -111.69
CA ASP Q 155 113.55 21.16 -111.63
C ASP Q 155 114.44 22.19 -112.33
N ASP Q 156 113.90 22.91 -113.30
CA ASP Q 156 114.63 24.02 -113.95
C ASP Q 156 114.72 25.26 -113.05
N LEU Q 157 113.63 25.54 -112.32
CA LEU Q 157 113.59 26.70 -111.41
C LEU Q 157 114.62 26.57 -110.29
N GLY Q 158 114.55 25.46 -109.56
CA GLY Q 158 115.48 25.16 -108.47
C GLY Q 158 116.93 25.20 -108.91
N ASP Q 159 117.19 24.74 -110.14
CA ASP Q 159 118.53 24.76 -110.71
C ASP Q 159 119.09 26.17 -110.86
N HIS Q 160 118.32 27.07 -111.46
CA HIS Q 160 118.83 28.43 -111.72
C HIS Q 160 118.78 29.34 -110.48
N TYR Q 161 118.07 28.92 -109.44
CA TYR Q 161 118.17 29.61 -108.15
C TYR Q 161 119.37 29.09 -107.35
N LEU Q 162 119.72 27.81 -107.53
CA LEU Q 162 120.99 27.28 -107.02
C LEU Q 162 122.17 27.99 -107.70
N ASP Q 163 122.09 28.08 -109.04
CA ASP Q 163 123.11 28.78 -109.84
C ASP Q 163 123.52 30.12 -109.25
N CYS Q 164 122.53 30.95 -108.90
CA CYS Q 164 122.77 32.30 -108.39
C CYS Q 164 123.17 32.36 -106.91
N GLY Q 165 123.42 31.21 -106.28
CA GLY Q 165 123.84 31.15 -104.88
C GLY Q 165 122.70 31.20 -103.87
N ASP Q 166 121.46 31.35 -104.35
CA ASP Q 166 120.30 31.43 -103.47
C ASP Q 166 119.87 30.03 -103.06
N LEU Q 167 119.94 29.74 -101.77
CA LEU Q 167 119.70 28.40 -101.26
C LEU Q 167 118.25 28.22 -100.83
N SER Q 168 117.77 29.14 -99.99
CA SER Q 168 116.42 29.08 -99.43
C SER Q 168 115.35 29.01 -100.51
N ASN Q 169 115.57 29.70 -101.62
CA ASN Q 169 114.68 29.63 -102.77
C ASN Q 169 114.86 28.31 -103.51
N ALA Q 170 116.11 27.99 -103.84
CA ALA Q 170 116.43 26.73 -104.52
C ALA Q 170 115.84 25.53 -103.79
N LEU Q 171 115.89 25.58 -102.47
CA LEU Q 171 115.28 24.58 -101.59
C LEU Q 171 113.84 24.25 -101.98
N LYS Q 172 113.01 25.28 -102.06
CA LYS Q 172 111.55 25.11 -102.18
C LYS Q 172 111.13 24.52 -103.53
N CYS Q 173 111.84 24.86 -104.60
CA CYS Q 173 111.49 24.41 -105.96
C CYS Q 173 111.30 22.90 -106.07
N TYR Q 174 112.18 22.15 -105.42
CA TYR Q 174 112.10 20.69 -105.44
C TYR Q 174 110.99 20.18 -104.51
N SER Q 175 110.71 20.91 -103.44
CA SER Q 175 109.68 20.53 -102.48
C SER Q 175 108.29 20.42 -103.11
N ARG Q 176 107.91 21.42 -103.92
CA ARG Q 176 106.63 21.42 -104.61
C ARG Q 176 106.60 20.39 -105.75
N ALA Q 177 107.76 20.04 -106.27
CA ALA Q 177 107.87 18.99 -107.31
C ALA Q 177 107.48 17.60 -106.81
N ARG Q 178 107.28 17.45 -105.50
CA ARG Q 178 106.75 16.21 -104.91
C ARG Q 178 105.30 15.95 -105.30
N ASP Q 179 104.51 17.03 -105.39
CA ASP Q 179 103.09 16.93 -105.72
C ASP Q 179 102.85 16.45 -107.15
N TYR Q 180 103.62 17.00 -108.09
CA TYR Q 180 103.49 16.65 -109.51
C TYR Q 180 104.30 15.41 -109.86
N CYS Q 181 103.85 14.27 -109.35
CA CYS Q 181 104.52 12.97 -109.54
C CYS Q 181 103.50 11.85 -109.66
N THR Q 182 104.00 10.67 -110.05
CA THR Q 182 103.18 9.46 -110.15
C THR Q 182 103.96 8.24 -109.69
N SER Q 183 105.05 7.95 -110.38
CA SER Q 183 105.89 6.77 -110.10
C SER Q 183 106.73 6.92 -108.83
N ALA Q 184 107.38 5.82 -108.44
CA ALA Q 184 108.32 5.81 -107.33
C ALA Q 184 109.63 6.51 -107.72
N LYS Q 185 110.06 6.31 -108.97
CA LYS Q 185 111.26 6.95 -109.51
C LYS Q 185 111.19 8.48 -109.52
N HIS Q 186 110.00 9.03 -109.73
CA HIS Q 186 109.80 10.49 -109.71
C HIS Q 186 109.85 11.06 -108.29
N VAL Q 187 109.32 10.31 -107.32
CA VAL Q 187 109.37 10.69 -105.91
C VAL Q 187 110.79 10.51 -105.34
N ILE Q 188 111.61 9.68 -105.99
CA ILE Q 188 113.02 9.52 -105.65
C ILE Q 188 113.90 10.57 -106.35
N ASN Q 189 113.75 10.68 -107.67
CA ASN Q 189 114.55 11.63 -108.48
C ASN Q 189 114.44 13.09 -108.04
N MET Q 190 113.40 13.39 -107.26
CA MET Q 190 113.28 14.66 -106.57
C MET Q 190 113.88 14.58 -105.17
N CYS Q 191 113.55 13.52 -104.42
CA CYS Q 191 114.09 13.30 -103.06
C CYS Q 191 115.62 13.28 -103.00
N LEU Q 192 116.25 12.90 -104.11
CA LEU Q 192 117.70 12.99 -104.25
C LEU Q 192 118.14 14.46 -104.28
N ASN Q 193 117.43 15.29 -105.04
CA ASN Q 193 117.71 16.73 -105.12
C ASN Q 193 117.43 17.43 -103.80
N VAL Q 194 116.35 17.02 -103.12
CA VAL Q 194 115.99 17.55 -101.79
C VAL Q 194 117.18 17.52 -100.85
N ILE Q 195 117.91 16.41 -100.88
CA ILE Q 195 119.07 16.21 -100.04
C ILE Q 195 120.23 17.09 -100.50
N LYS Q 196 120.52 17.05 -101.81
CA LYS Q 196 121.61 17.83 -102.41
C LYS Q 196 121.72 19.23 -101.82
N VAL Q 197 120.59 19.91 -101.67
CA VAL Q 197 120.55 21.28 -101.18
C VAL Q 197 120.66 21.34 -99.66
N SER Q 198 120.01 20.41 -98.96
CA SER Q 198 120.08 20.34 -97.49
C SER Q 198 121.49 19.99 -96.97
N VAL Q 199 122.42 19.68 -97.87
CA VAL Q 199 123.84 19.51 -97.54
C VAL Q 199 124.59 20.85 -97.58
N TYR Q 200 124.31 21.66 -98.59
CA TYR Q 200 124.90 23.00 -98.70
C TYR Q 200 124.34 23.94 -97.63
N LEU Q 201 123.07 23.72 -97.27
CA LEU Q 201 122.42 24.45 -96.19
C LEU Q 201 122.96 24.09 -94.80
N GLN Q 202 123.40 22.84 -94.66
CA GLN Q 202 123.90 22.29 -93.39
C GLN Q 202 122.78 22.11 -92.36
N ASN Q 203 121.66 21.58 -92.84
CA ASN Q 203 120.62 21.00 -92.01
C ASN Q 203 120.63 19.51 -92.29
N TRP Q 204 121.56 18.82 -91.64
CA TRP Q 204 121.81 17.40 -91.89
C TRP Q 204 120.69 16.54 -91.32
N SER Q 205 119.95 17.07 -90.34
CA SER Q 205 118.79 16.39 -89.78
C SER Q 205 117.73 16.08 -90.85
N HIS Q 206 117.56 17.00 -91.80
CA HIS Q 206 116.61 16.80 -92.90
C HIS Q 206 117.26 16.12 -94.11
N VAL Q 207 118.58 16.13 -94.18
CA VAL Q 207 119.31 15.27 -95.11
C VAL Q 207 118.93 13.81 -94.85
N LEU Q 208 118.96 13.42 -93.58
CA LEU Q 208 118.67 12.04 -93.17
C LEU Q 208 117.18 11.71 -93.18
N SER Q 209 116.32 12.71 -92.91
CA SER Q 209 114.88 12.50 -92.93
C SER Q 209 114.37 12.08 -94.31
N TYR Q 210 115.01 12.60 -95.36
CA TYR Q 210 114.62 12.31 -96.74
C TYR Q 210 115.45 11.19 -97.40
N VAL Q 211 116.58 10.82 -96.78
CA VAL Q 211 117.27 9.58 -97.15
C VAL Q 211 116.47 8.39 -96.61
N SER Q 212 116.00 8.51 -95.36
CA SER Q 212 115.18 7.46 -94.73
C SER Q 212 113.87 7.23 -95.49
N LYS Q 213 113.33 8.29 -96.06
CA LYS Q 213 112.16 8.19 -96.94
C LYS Q 213 112.54 7.57 -98.28
N ALA Q 214 113.55 8.15 -98.92
CA ALA Q 214 114.00 7.72 -100.26
C ALA Q 214 114.50 6.28 -100.29
N GLU Q 215 115.10 5.81 -99.20
CA GLU Q 215 115.58 4.42 -99.10
C GLU Q 215 114.43 3.42 -99.19
N SER Q 216 113.48 3.55 -98.27
CA SER Q 216 112.30 2.67 -98.24
C SER Q 216 111.13 3.29 -99.02
N THR Q 217 111.40 3.71 -100.26
CA THR Q 217 110.37 4.29 -101.13
C THR Q 217 109.78 3.24 -102.11
N PRO Q 218 110.60 2.71 -103.04
CA PRO Q 218 110.02 1.76 -103.99
C PRO Q 218 110.01 0.31 -103.45
N GLU Q 219 109.28 0.08 -102.37
CA GLU Q 219 109.22 -1.22 -101.69
C GLU Q 219 110.60 -1.78 -101.34
N ILE Q 220 111.39 -0.98 -100.61
CA ILE Q 220 112.74 -1.36 -100.15
C ILE Q 220 113.72 -1.53 -101.33
N ALA Q 221 113.89 -0.45 -102.10
CA ALA Q 221 114.85 -0.37 -103.22
C ALA Q 221 114.58 -1.37 -104.36
N GLU Q 222 113.31 -1.49 -104.75
CA GLU Q 222 112.86 -2.41 -105.82
C GLU Q 222 113.15 -3.90 -105.51
N GLN Q 223 113.23 -4.22 -104.21
CA GLN Q 223 113.40 -5.59 -103.70
C GLN Q 223 114.81 -6.18 -103.86
N ARG Q 224 115.17 -6.62 -105.07
CA ARG Q 224 116.46 -7.31 -105.31
C ARG Q 224 117.60 -6.39 -105.77
N GLY Q 225 117.26 -5.22 -106.30
CA GLY Q 225 118.24 -4.29 -106.86
C GLY Q 225 118.32 -4.39 -108.37
N GLU Q 226 117.17 -4.40 -109.03
CA GLU Q 226 117.05 -4.44 -110.50
C GLU Q 226 117.69 -5.68 -111.16
N ARG Q 227 117.55 -6.83 -110.52
CA ARG Q 227 118.00 -8.12 -111.08
C ARG Q 227 119.49 -8.18 -111.45
N ASP Q 228 120.32 -8.54 -110.46
CA ASP Q 228 121.75 -8.79 -110.64
C ASP Q 228 122.54 -7.63 -111.28
N SER Q 229 123.05 -6.73 -110.44
CA SER Q 229 123.89 -5.60 -110.87
C SER Q 229 123.11 -4.55 -111.67
N GLN Q 230 122.96 -3.35 -111.09
CA GLN Q 230 122.14 -2.28 -111.68
C GLN Q 230 123.00 -1.23 -112.37
N THR Q 231 122.61 -0.84 -113.59
CA THR Q 231 123.26 0.25 -114.33
C THR Q 231 123.08 1.57 -113.57
N GLN Q 232 121.88 1.74 -113.00
CA GLN Q 232 121.56 2.90 -112.17
C GLN Q 232 122.17 2.73 -110.77
N ALA Q 233 123.33 3.34 -110.53
CA ALA Q 233 123.98 3.31 -109.22
C ALA Q 233 123.35 4.36 -108.33
N ILE Q 234 122.32 3.96 -107.56
CA ILE Q 234 121.47 4.89 -106.82
C ILE Q 234 121.76 4.89 -105.32
N LEU Q 235 121.71 3.72 -104.68
CA LEU Q 235 121.99 3.59 -103.24
C LEU Q 235 123.44 3.91 -102.88
N THR Q 236 124.34 3.78 -103.86
CA THR Q 236 125.73 4.23 -103.74
C THR Q 236 125.81 5.74 -103.45
N LYS Q 237 124.82 6.48 -103.93
CA LYS Q 237 124.69 7.90 -103.64
C LYS Q 237 123.99 8.07 -102.28
N LEU Q 238 122.88 7.35 -102.09
CA LEU Q 238 122.06 7.46 -100.86
C LEU Q 238 122.82 7.14 -99.58
N LYS Q 239 123.87 6.33 -99.70
CA LYS Q 239 124.74 6.02 -98.57
C LYS Q 239 125.95 6.95 -98.48
N CYS Q 240 126.29 7.62 -99.58
CA CYS Q 240 127.28 8.71 -99.56
C CYS Q 240 126.83 9.86 -98.66
N ALA Q 241 125.53 10.17 -98.68
CA ALA Q 241 124.94 11.24 -97.87
C ALA Q 241 124.57 10.78 -96.47
N ALA Q 242 123.90 9.63 -96.38
CA ALA Q 242 123.53 9.02 -95.09
C ALA Q 242 124.73 8.92 -94.16
N GLY Q 243 125.91 8.69 -94.75
CA GLY Q 243 127.16 8.68 -94.01
C GLY Q 243 127.70 10.07 -93.70
N LEU Q 244 127.89 10.88 -94.73
CA LEU Q 244 128.45 12.23 -94.57
C LEU Q 244 127.60 13.10 -93.63
N ALA Q 245 126.30 12.85 -93.60
CA ALA Q 245 125.41 13.51 -92.65
C ALA Q 245 125.69 13.07 -91.21
N GLU Q 246 126.02 11.80 -91.04
CA GLU Q 246 126.42 11.28 -89.75
C GLU Q 246 127.84 11.68 -89.37
N LEU Q 247 128.72 11.86 -90.37
CA LEU Q 247 130.10 12.31 -90.13
C LEU Q 247 130.14 13.60 -89.32
N ALA Q 248 129.37 14.58 -89.78
CA ALA Q 248 129.24 15.84 -89.06
C ALA Q 248 128.55 15.64 -87.70
N ALA Q 249 127.62 14.69 -87.64
CA ALA Q 249 126.87 14.38 -86.42
C ALA Q 249 127.60 13.45 -85.44
N ARG Q 250 128.92 13.35 -85.56
CA ARG Q 250 129.79 12.63 -84.59
C ARG Q 250 129.66 11.10 -84.54
N LYS Q 251 128.62 10.53 -85.14
CA LYS Q 251 128.45 9.08 -85.17
C LYS Q 251 129.39 8.47 -86.22
N TYR Q 252 130.66 8.37 -85.87
CA TYR Q 252 131.68 7.91 -86.81
C TYR Q 252 131.52 6.44 -87.13
N LYS Q 253 130.95 5.67 -86.19
CA LYS Q 253 130.66 4.26 -86.38
C LYS Q 253 129.46 4.06 -87.31
N GLN Q 254 128.39 4.83 -87.07
CA GLN Q 254 127.24 4.82 -87.96
C GLN Q 254 127.62 5.36 -89.34
N ALA Q 255 128.56 6.31 -89.36
CA ALA Q 255 129.08 6.89 -90.61
C ALA Q 255 129.87 5.87 -91.41
N ALA Q 256 130.69 5.09 -90.72
CA ALA Q 256 131.48 4.04 -91.36
C ALA Q 256 130.58 2.97 -91.98
N LYS Q 257 129.47 2.64 -91.32
CA LYS Q 257 128.52 1.65 -91.85
C LYS Q 257 127.93 2.09 -93.19
N CYS Q 258 127.67 3.38 -93.33
CA CYS Q 258 127.14 3.92 -94.58
C CYS Q 258 128.23 4.18 -95.62
N LEU Q 259 129.45 4.52 -95.18
CA LEU Q 259 130.57 4.77 -96.10
C LEU Q 259 131.30 3.51 -96.56
N LEU Q 260 131.22 2.42 -95.79
CA LEU Q 260 131.81 1.13 -96.17
C LEU Q 260 130.99 0.40 -97.24
N LEU Q 261 129.67 0.61 -97.23
CA LEU Q 261 128.77 0.03 -98.23
C LEU Q 261 128.84 0.75 -99.58
N ALA Q 262 129.49 1.91 -99.62
CA ALA Q 262 129.67 2.67 -100.85
C ALA Q 262 130.44 1.86 -101.90
N SER Q 263 129.70 1.33 -102.87
CA SER Q 263 130.28 0.57 -103.97
C SER Q 263 130.92 1.49 -104.99
N PHE Q 264 131.73 0.93 -105.88
CA PHE Q 264 132.49 1.70 -106.86
C PHE Q 264 131.73 1.85 -108.20
N ASP Q 265 130.40 1.91 -108.13
CA ASP Q 265 129.55 2.17 -109.30
C ASP Q 265 129.40 3.66 -109.55
N HIS Q 266 129.22 4.42 -108.47
CA HIS Q 266 128.97 5.87 -108.56
C HIS Q 266 130.26 6.68 -108.75
N CYS Q 267 131.37 6.21 -108.17
CA CYS Q 267 132.69 6.86 -108.27
C CYS Q 267 132.64 8.40 -108.14
N ASP Q 268 132.73 9.14 -109.25
CA ASP Q 268 132.75 10.61 -109.24
C ASP Q 268 131.34 11.21 -109.20
N PHE Q 269 130.89 11.56 -107.99
CA PHE Q 269 129.63 12.29 -107.79
C PHE Q 269 130.00 13.64 -107.18
N PRO Q 270 130.46 14.59 -108.03
CA PRO Q 270 131.07 15.85 -107.60
C PRO Q 270 130.26 16.78 -106.68
N GLU Q 271 128.92 16.66 -106.67
CA GLU Q 271 128.08 17.58 -105.89
C GLU Q 271 127.92 17.21 -104.41
N LEU Q 272 128.57 16.13 -103.98
CA LEU Q 272 128.69 15.79 -102.57
C LEU Q 272 130.14 15.46 -102.17
N LEU Q 273 130.59 14.25 -102.47
CA LEU Q 273 131.91 13.78 -102.02
C LEU Q 273 132.52 12.80 -103.00
N SER Q 274 133.80 13.04 -103.30
CA SER Q 274 134.56 12.24 -104.25
C SER Q 274 134.80 10.83 -103.72
N PRO Q 275 135.14 9.88 -104.61
CA PRO Q 275 135.44 8.52 -104.17
C PRO Q 275 136.83 8.42 -103.52
N SER Q 276 137.75 9.30 -103.91
CA SER Q 276 139.07 9.38 -103.28
C SER Q 276 138.97 9.81 -101.80
N ASN Q 277 137.88 10.49 -101.46
CA ASN Q 277 137.59 10.85 -100.07
C ASN Q 277 136.76 9.79 -99.33
N VAL Q 278 135.78 9.19 -100.00
CA VAL Q 278 134.98 8.10 -99.42
C VAL Q 278 135.89 7.03 -98.77
N ALA Q 279 137.06 6.80 -99.37
CA ALA Q 279 138.08 5.90 -98.81
C ALA Q 279 138.76 6.50 -97.56
N ILE Q 280 139.13 7.78 -97.65
CA ILE Q 280 139.77 8.49 -96.53
C ILE Q 280 138.82 8.61 -95.34
N TYR Q 281 137.56 8.93 -95.66
CA TYR Q 281 136.55 9.23 -94.64
C TYR Q 281 136.06 7.96 -93.92
N GLY Q 282 135.48 7.03 -94.68
CA GLY Q 282 134.94 5.79 -94.12
C GLY Q 282 135.99 4.85 -93.54
N GLY Q 283 137.22 4.93 -94.05
CA GLY Q 283 138.33 4.14 -93.54
C GLY Q 283 138.76 4.58 -92.16
N LEU Q 284 139.13 5.84 -92.03
CA LEU Q 284 139.53 6.40 -90.73
C LEU Q 284 138.39 6.38 -89.71
N CYS Q 285 137.14 6.48 -90.19
CA CYS Q 285 135.97 6.39 -89.32
C CYS Q 285 135.85 5.00 -88.66
N ALA Q 286 135.77 3.96 -89.47
CA ALA Q 286 135.70 2.59 -88.96
C ALA Q 286 136.87 2.31 -88.05
N LEU Q 287 138.08 2.50 -88.58
CA LEU Q 287 139.33 2.31 -87.85
C LEU Q 287 139.24 2.67 -86.37
N ALA Q 288 138.71 3.85 -86.08
CA ALA Q 288 138.63 4.36 -84.72
C ALA Q 288 137.61 3.62 -83.88
N THR Q 289 136.39 3.49 -84.40
CA THR Q 289 135.26 2.98 -83.62
C THR Q 289 134.99 1.48 -83.81
N PHE Q 290 135.69 0.84 -84.73
CA PHE Q 290 135.55 -0.61 -84.95
C PHE Q 290 136.58 -1.38 -84.12
N ASP Q 291 136.15 -2.52 -83.59
CA ASP Q 291 137.07 -3.45 -82.91
C ASP Q 291 137.96 -4.14 -83.95
N ARG Q 292 138.89 -4.96 -83.48
CA ARG Q 292 139.77 -5.70 -84.38
C ARG Q 292 139.00 -6.72 -85.22
N GLN Q 293 137.94 -7.30 -84.63
CA GLN Q 293 137.16 -8.35 -85.27
C GLN Q 293 136.44 -7.85 -86.52
N GLU Q 294 135.64 -6.80 -86.35
CA GLU Q 294 134.85 -6.26 -87.45
C GLU Q 294 135.73 -5.63 -88.52
N LEU Q 295 136.91 -5.15 -88.13
CA LEU Q 295 137.89 -4.60 -89.08
C LEU Q 295 138.20 -5.58 -90.21
N GLN Q 296 138.87 -6.69 -89.89
CA GLN Q 296 139.24 -7.68 -90.90
C GLN Q 296 138.06 -8.07 -91.78
N ARG Q 297 136.89 -8.20 -91.15
CA ARG Q 297 135.70 -8.69 -91.82
C ARG Q 297 135.05 -7.62 -92.70
N ASN Q 298 134.70 -6.49 -92.08
CA ASN Q 298 133.95 -5.43 -92.76
C ASN Q 298 134.81 -4.31 -93.36
N VAL Q 299 136.14 -4.46 -93.31
CA VAL Q 299 137.06 -3.43 -93.82
C VAL Q 299 138.16 -4.02 -94.70
N ILE Q 300 139.04 -4.83 -94.12
CA ILE Q 300 140.29 -5.22 -94.77
C ILE Q 300 140.10 -6.27 -95.87
N SER Q 301 139.34 -7.33 -95.58
CA SER Q 301 139.14 -8.43 -96.55
C SER Q 301 137.79 -8.40 -97.27
N SER Q 302 137.11 -7.24 -97.25
CA SER Q 302 135.84 -7.07 -97.96
C SER Q 302 136.09 -6.39 -99.30
N SER Q 303 135.69 -7.07 -100.38
CA SER Q 303 135.92 -6.58 -101.73
C SER Q 303 135.19 -5.26 -102.00
N SER Q 304 133.96 -5.14 -101.51
CA SER Q 304 133.12 -3.95 -101.70
C SER Q 304 133.91 -2.67 -101.51
N PHE Q 305 134.57 -2.55 -100.36
CA PHE Q 305 135.34 -1.37 -100.02
C PHE Q 305 136.79 -1.49 -100.47
N LYS Q 306 137.26 -2.70 -100.73
CA LYS Q 306 138.66 -2.95 -101.13
C LYS Q 306 139.11 -2.05 -102.28
N LEU Q 307 138.23 -1.86 -103.28
CA LEU Q 307 138.55 -1.01 -104.43
C LEU Q 307 138.84 0.45 -104.05
N PHE Q 308 138.14 0.95 -103.03
CA PHE Q 308 138.33 2.32 -102.57
C PHE Q 308 139.66 2.45 -101.82
N LEU Q 309 140.07 1.39 -101.13
CA LEU Q 309 141.35 1.38 -100.43
C LEU Q 309 142.52 1.45 -101.41
N GLU Q 310 142.41 0.71 -102.50
CA GLU Q 310 143.40 0.76 -103.58
C GLU Q 310 143.71 2.20 -103.98
N LEU Q 311 142.65 3.02 -104.07
CA LEU Q 311 142.77 4.41 -104.49
C LEU Q 311 143.69 5.21 -103.56
N GLU Q 312 143.52 4.98 -102.26
CA GLU Q 312 144.31 5.67 -101.23
C GLU Q 312 145.34 4.73 -100.61
N PRO Q 313 146.61 4.82 -101.06
CA PRO Q 313 147.63 3.91 -100.56
C PRO Q 313 148.08 4.17 -99.13
N GLN Q 314 148.05 5.44 -98.70
CA GLN Q 314 148.45 5.80 -97.34
C GLN Q 314 147.40 5.35 -96.33
N VAL Q 315 146.13 5.60 -96.65
CA VAL Q 315 145.01 5.20 -95.80
C VAL Q 315 144.99 3.67 -95.64
N ARG Q 316 145.31 2.97 -96.72
CA ARG Q 316 145.39 1.51 -96.72
C ARG Q 316 146.47 0.99 -95.77
N ASP Q 317 147.62 1.66 -95.77
CA ASP Q 317 148.77 1.23 -94.95
C ASP Q 317 148.54 1.37 -93.44
N ILE Q 318 147.82 2.41 -93.03
CA ILE Q 318 147.55 2.65 -91.61
C ILE Q 318 146.50 1.67 -91.06
N ILE Q 319 145.52 1.32 -91.90
CA ILE Q 319 144.52 0.30 -91.54
C ILE Q 319 145.19 -1.07 -91.40
N PHE Q 320 146.18 -1.32 -92.26
CA PHE Q 320 146.92 -2.57 -92.26
C PHE Q 320 147.90 -2.66 -91.10
N LYS Q 321 148.73 -1.64 -90.93
CA LYS Q 321 149.75 -1.62 -89.86
C LYS Q 321 149.15 -1.61 -88.45
N PHE Q 322 147.89 -1.19 -88.33
CA PHE Q 322 147.11 -1.35 -87.10
C PHE Q 322 146.83 -2.83 -86.85
N TYR Q 323 146.24 -3.49 -87.84
CA TYR Q 323 145.87 -4.90 -87.74
C TYR Q 323 147.11 -5.80 -87.64
N GLU Q 324 148.14 -5.47 -88.41
CA GLU Q 324 149.43 -6.16 -88.32
C GLU Q 324 150.17 -5.79 -87.03
N SER Q 325 149.66 -4.79 -86.30
CA SER Q 325 150.18 -4.38 -84.99
C SER Q 325 151.62 -3.88 -85.06
N LYS Q 326 151.94 -3.18 -86.15
CA LYS Q 326 153.21 -2.50 -86.30
C LYS Q 326 152.95 -1.01 -86.08
N TYR Q 327 152.84 -0.64 -84.81
CA TYR Q 327 152.31 0.66 -84.43
C TYR Q 327 153.32 1.79 -84.60
N ALA Q 328 154.61 1.49 -84.46
CA ALA Q 328 155.67 2.47 -84.68
C ALA Q 328 155.47 3.23 -85.99
N SER Q 329 155.14 2.50 -87.04
CA SER Q 329 154.86 3.08 -88.35
C SER Q 329 153.44 3.64 -88.42
N CYS Q 330 152.47 2.84 -87.98
CA CYS Q 330 151.05 3.19 -88.06
C CYS Q 330 150.77 4.65 -87.74
N LEU Q 331 151.31 5.13 -86.63
CA LEU Q 331 151.11 6.51 -86.20
C LEU Q 331 152.06 7.47 -86.93
N LYS Q 332 153.28 7.01 -87.20
CA LYS Q 332 154.24 7.79 -87.97
C LYS Q 332 153.59 8.29 -89.26
N MET Q 333 152.94 7.37 -89.98
CA MET Q 333 152.17 7.69 -91.18
C MET Q 333 151.07 8.72 -90.90
N LEU Q 334 150.22 8.40 -89.94
CA LEU Q 334 149.01 9.15 -89.66
C LEU Q 334 149.31 10.60 -89.27
N ASP Q 335 150.35 10.80 -88.46
CA ASP Q 335 150.78 12.13 -88.03
C ASP Q 335 151.05 13.06 -89.21
N GLU Q 336 151.80 12.57 -90.18
CA GLU Q 336 152.19 13.37 -91.34
C GLU Q 336 151.06 13.55 -92.35
N MET Q 337 150.03 12.71 -92.25
CA MET Q 337 148.80 12.90 -93.03
C MET Q 337 147.88 13.95 -92.40
N LYS Q 338 147.96 14.12 -91.08
CA LYS Q 338 147.13 15.10 -90.34
C LYS Q 338 147.19 16.51 -90.94
N ASP Q 339 148.36 16.89 -91.45
CA ASP Q 339 148.57 18.21 -92.05
C ASP Q 339 147.61 18.45 -93.24
N ASN Q 340 147.50 17.46 -94.12
CA ASN Q 340 146.64 17.53 -95.30
C ASN Q 340 145.16 17.31 -94.97
N LEU Q 341 144.87 16.35 -94.10
CA LEU Q 341 143.48 15.98 -93.75
C LEU Q 341 142.74 17.08 -93.01
N LEU Q 342 143.47 17.95 -92.32
CA LEU Q 342 142.88 19.11 -91.65
C LEU Q 342 142.41 20.16 -92.65
N LEU Q 343 143.18 20.36 -93.72
CA LEU Q 343 142.84 21.36 -94.73
C LEU Q 343 141.60 20.97 -95.52
N ASP Q 344 141.32 19.67 -95.58
CA ASP Q 344 140.08 19.15 -96.16
C ASP Q 344 138.88 19.80 -95.47
N MET Q 345 137.80 19.97 -96.23
CA MET Q 345 136.62 20.67 -95.71
C MET Q 345 135.89 19.84 -94.65
N TYR Q 346 135.50 18.62 -94.99
CA TYR Q 346 134.65 17.80 -94.11
C TYR Q 346 135.40 16.90 -93.12
N LEU Q 347 136.73 16.83 -93.22
CA LEU Q 347 137.53 15.99 -92.32
C LEU Q 347 138.34 16.81 -91.29
N ALA Q 348 138.13 18.12 -91.28
CA ALA Q 348 138.70 18.99 -90.25
C ALA Q 348 138.03 18.83 -88.88
N PRO Q 349 136.68 18.80 -88.82
CA PRO Q 349 135.98 18.88 -87.53
C PRO Q 349 135.92 17.57 -86.74
N HIS Q 350 136.62 16.53 -87.20
CA HIS Q 350 136.69 15.26 -86.48
C HIS Q 350 138.14 14.78 -86.39
N VAL Q 351 139.09 15.72 -86.47
CA VAL Q 351 140.51 15.39 -86.56
C VAL Q 351 141.12 15.01 -85.21
N ARG Q 352 140.42 15.29 -84.11
CA ARG Q 352 140.88 14.91 -82.78
C ARG Q 352 140.23 13.61 -82.32
N THR Q 353 138.89 13.60 -82.29
CA THR Q 353 138.13 12.46 -81.80
C THR Q 353 138.48 11.18 -82.55
N LEU Q 354 138.80 11.29 -83.84
CA LEU Q 354 139.25 10.15 -84.60
C LEU Q 354 140.70 9.79 -84.25
N TYR Q 355 141.61 10.72 -84.53
CA TYR Q 355 143.05 10.50 -84.35
C TYR Q 355 143.41 10.01 -82.95
N THR Q 356 142.76 10.60 -81.94
CA THR Q 356 143.01 10.23 -80.56
C THR Q 356 142.37 8.87 -80.23
N GLN Q 357 141.15 8.62 -80.74
CA GLN Q 357 140.43 7.37 -80.48
C GLN Q 357 141.13 6.16 -81.08
N ILE Q 358 141.83 6.38 -82.19
CA ILE Q 358 142.65 5.33 -82.81
C ILE Q 358 143.87 5.04 -81.93
N ARG Q 359 144.57 6.10 -81.51
CA ARG Q 359 145.71 5.96 -80.60
C ARG Q 359 145.30 5.14 -79.37
N ASN Q 360 144.18 5.53 -78.78
CA ASN Q 360 143.61 4.81 -77.63
C ASN Q 360 143.37 3.34 -77.95
N ARG Q 361 142.67 3.08 -79.04
CA ARG Q 361 142.37 1.73 -79.48
C ARG Q 361 143.64 0.87 -79.55
N ALA Q 362 144.66 1.41 -80.22
CA ALA Q 362 145.93 0.70 -80.38
C ALA Q 362 146.63 0.47 -79.04
N LEU Q 363 146.61 1.49 -78.19
CA LEU Q 363 147.20 1.39 -76.85
C LEU Q 363 146.57 0.25 -76.04
N ILE Q 364 145.28 0.02 -76.23
CA ILE Q 364 144.60 -1.11 -75.60
C ILE Q 364 145.06 -2.40 -76.24
N GLN Q 365 145.02 -2.43 -77.58
CA GLN Q 365 145.29 -3.64 -78.35
C GLN Q 365 146.73 -4.13 -78.22
N TYR Q 366 147.66 -3.20 -78.00
CA TYR Q 366 149.06 -3.55 -77.79
C TYR Q 366 149.25 -4.29 -76.47
N PHE Q 367 148.55 -3.85 -75.44
CA PHE Q 367 148.79 -4.32 -74.08
C PHE Q 367 148.01 -5.58 -73.72
N SER Q 368 146.70 -5.55 -73.92
CA SER Q 368 145.80 -6.65 -73.53
C SER Q 368 146.38 -8.05 -73.69
N PRO Q 369 146.99 -8.34 -74.86
CA PRO Q 369 147.65 -9.64 -75.04
C PRO Q 369 148.73 -9.93 -74.00
N TYR Q 370 149.54 -8.92 -73.67
CA TYR Q 370 150.57 -9.07 -72.66
C TYR Q 370 149.97 -9.12 -71.26
N VAL Q 371 150.58 -9.91 -70.38
CA VAL Q 371 150.30 -9.85 -68.94
C VAL Q 371 151.26 -8.85 -68.28
N SER Q 372 152.48 -8.74 -68.82
CA SER Q 372 153.47 -7.75 -68.36
C SER Q 372 154.23 -7.19 -69.55
N ALA Q 373 154.16 -5.88 -69.73
CA ALA Q 373 154.74 -5.20 -70.90
C ALA Q 373 155.77 -4.16 -70.48
N ASP Q 374 156.88 -4.13 -71.21
CA ASP Q 374 157.92 -3.13 -70.99
C ASP Q 374 157.46 -1.81 -71.58
N MET Q 375 157.56 -0.75 -70.78
CA MET Q 375 157.10 0.57 -71.18
C MET Q 375 158.03 1.23 -72.21
N HIS Q 376 159.33 0.96 -72.11
CA HIS Q 376 160.32 1.54 -73.02
C HIS Q 376 160.09 1.10 -74.45
N ARG Q 377 159.75 -0.17 -74.62
CA ARG Q 377 159.41 -0.71 -75.92
C ARG Q 377 158.11 -0.08 -76.43
N MET Q 378 157.14 0.02 -75.54
CA MET Q 378 155.85 0.63 -75.86
C MET Q 378 155.98 2.12 -76.16
N ALA Q 379 157.00 2.76 -75.58
CA ALA Q 379 157.24 4.19 -75.77
C ALA Q 379 157.53 4.55 -77.22
N ALA Q 380 158.65 4.05 -77.75
CA ALA Q 380 159.02 4.32 -79.15
C ALA Q 380 157.98 3.74 -80.13
N ALA Q 381 157.29 2.69 -79.70
CA ALA Q 381 156.20 2.10 -80.49
C ALA Q 381 155.02 3.05 -80.67
N PHE Q 382 154.82 3.96 -79.72
CA PHE Q 382 153.79 4.98 -79.83
C PHE Q 382 154.37 6.39 -79.93
N ASN Q 383 155.46 6.52 -80.67
CA ASN Q 383 156.10 7.81 -80.99
C ASN Q 383 156.01 8.84 -79.87
N THR Q 384 156.66 8.53 -78.75
CA THR Q 384 156.62 9.38 -77.56
C THR Q 384 157.74 9.01 -76.59
N THR Q 385 157.70 9.55 -75.37
CA THR Q 385 158.69 9.26 -74.33
C THR Q 385 158.12 8.38 -73.23
N VAL Q 386 159.02 7.88 -72.39
CA VAL Q 386 158.65 7.00 -71.28
C VAL Q 386 157.76 7.75 -70.30
N ALA Q 387 158.25 8.91 -69.88
CA ALA Q 387 157.51 9.75 -68.96
C ALA Q 387 156.14 10.11 -69.53
N ALA Q 388 156.10 10.46 -70.81
CA ALA Q 388 154.84 10.78 -71.47
C ALA Q 388 153.90 9.59 -71.40
N LEU Q 389 154.40 8.43 -71.83
CA LEU Q 389 153.61 7.21 -71.79
C LEU Q 389 153.02 6.97 -70.40
N GLU Q 390 153.82 7.23 -69.37
CA GLU Q 390 153.38 7.03 -67.99
C GLU Q 390 152.06 7.74 -67.72
N ASP Q 391 152.04 9.05 -67.97
CA ASP Q 391 150.82 9.84 -67.80
C ASP Q 391 149.74 9.43 -68.80
N GLU Q 392 150.14 9.18 -70.05
CA GLU Q 392 149.20 8.75 -71.08
C GLU Q 392 148.34 7.62 -70.57
N LEU Q 393 148.98 6.55 -70.12
CA LEU Q 393 148.28 5.40 -69.58
C LEU Q 393 147.48 5.75 -68.33
N THR Q 394 148.09 6.52 -67.43
CA THR Q 394 147.47 6.89 -66.16
C THR Q 394 145.99 7.26 -66.33
N GLN Q 395 145.73 8.24 -67.19
CA GLN Q 395 144.38 8.68 -67.49
C GLN Q 395 143.52 7.50 -67.92
N LEU Q 396 144.08 6.69 -68.82
CA LEU Q 396 143.35 5.60 -69.44
C LEU Q 396 143.05 4.50 -68.45
N ILE Q 397 143.88 4.38 -67.42
CA ILE Q 397 143.63 3.43 -66.35
C ILE Q 397 142.36 3.85 -65.63
N LEU Q 398 142.36 5.10 -65.15
CA LEU Q 398 141.22 5.62 -64.42
C LEU Q 398 139.96 5.47 -65.23
N GLU Q 399 139.95 6.10 -66.39
CA GLU Q 399 138.75 6.15 -67.22
C GLU Q 399 138.56 4.85 -67.98
N GLY Q 400 139.51 4.57 -68.87
CA GLY Q 400 139.36 3.51 -69.85
C GLY Q 400 139.41 2.11 -69.31
N LEU Q 401 139.50 1.16 -70.23
CA LEU Q 401 139.46 -0.26 -69.92
C LEU Q 401 140.85 -0.86 -69.76
N ILE Q 402 141.87 -0.03 -69.56
CA ILE Q 402 143.22 -0.51 -69.31
C ILE Q 402 143.30 -0.97 -67.84
N SER Q 403 142.87 -2.20 -67.58
CA SER Q 403 142.90 -2.77 -66.23
C SER Q 403 144.33 -3.20 -65.89
N ALA Q 404 145.14 -2.22 -65.52
CA ALA Q 404 146.58 -2.45 -65.30
C ALA Q 404 147.17 -1.32 -64.46
N ARG Q 405 148.11 -1.67 -63.59
CA ARG Q 405 148.77 -0.69 -62.73
C ARG Q 405 150.12 -0.29 -63.31
N VAL Q 406 150.75 0.71 -62.70
CA VAL Q 406 152.03 1.25 -63.17
C VAL Q 406 153.13 1.09 -62.12
N ASP Q 407 154.23 0.48 -62.54
CA ASP Q 407 155.44 0.39 -61.71
C ASP Q 407 156.43 1.40 -62.25
N SER Q 408 156.39 2.61 -61.71
CA SER Q 408 157.24 3.70 -62.20
C SER Q 408 158.69 3.62 -61.70
N HIS Q 409 158.99 2.68 -60.80
CA HIS Q 409 160.36 2.46 -60.35
C HIS Q 409 161.22 1.90 -61.47
N SER Q 410 160.83 0.74 -62.00
CA SER Q 410 161.54 0.10 -63.11
C SER Q 410 160.85 0.37 -64.47
N LYS Q 411 159.77 1.16 -64.45
CA LYS Q 411 159.02 1.55 -65.65
C LYS Q 411 158.50 0.34 -66.43
N ILE Q 412 157.54 -0.34 -65.80
CA ILE Q 412 156.89 -1.52 -66.37
C ILE Q 412 155.38 -1.32 -66.24
N LEU Q 413 154.61 -2.01 -67.07
CA LEU Q 413 153.17 -2.06 -66.90
C LEU Q 413 152.73 -3.51 -66.70
N TYR Q 414 152.12 -3.78 -65.54
CA TYR Q 414 151.60 -5.10 -65.19
C TYR Q 414 150.09 -5.12 -65.37
N ALA Q 415 149.57 -6.23 -65.88
CA ALA Q 415 148.14 -6.43 -65.95
C ALA Q 415 147.58 -6.61 -64.54
N ARG Q 416 146.43 -5.98 -64.27
CA ARG Q 416 145.78 -6.06 -62.98
C ARG Q 416 144.42 -6.72 -63.18
N ASP Q 417 144.27 -7.92 -62.64
CA ASP Q 417 143.01 -8.65 -62.77
C ASP Q 417 142.25 -8.68 -61.46
N VAL Q 418 140.96 -8.99 -61.56
CA VAL Q 418 140.03 -8.81 -60.46
C VAL Q 418 139.87 -10.07 -59.62
N ASP Q 419 139.86 -9.89 -58.30
CA ASP Q 419 139.55 -10.97 -57.38
C ASP Q 419 138.03 -11.10 -57.30
N GLN Q 420 137.48 -11.94 -58.16
CA GLN Q 420 136.05 -12.21 -58.23
C GLN Q 420 135.43 -12.28 -56.84
N ARG Q 421 135.96 -13.18 -56.02
CA ARG Q 421 135.48 -13.44 -54.68
C ARG Q 421 135.34 -12.13 -53.89
N SER Q 422 136.46 -11.41 -53.77
CA SER Q 422 136.48 -10.14 -53.04
C SER Q 422 135.36 -9.21 -53.48
N THR Q 423 135.16 -9.14 -54.79
CA THR Q 423 134.19 -8.22 -55.38
C THR Q 423 132.77 -8.44 -54.85
N THR Q 424 132.23 -9.64 -55.06
CA THR Q 424 130.85 -9.94 -54.70
C THR Q 424 130.62 -9.79 -53.19
N PHE Q 425 131.57 -10.24 -52.39
CA PHE Q 425 131.56 -10.03 -50.94
C PHE Q 425 131.49 -8.53 -50.64
N GLU Q 426 132.57 -7.83 -50.99
CA GLU Q 426 132.74 -6.41 -50.72
C GLU Q 426 131.45 -5.62 -50.89
N LYS Q 427 130.88 -5.68 -52.09
CA LYS Q 427 129.69 -4.89 -52.42
C LYS Q 427 128.46 -5.30 -51.62
N SER Q 428 128.33 -6.59 -51.34
CA SER Q 428 127.15 -7.12 -50.63
C SER Q 428 127.05 -6.52 -49.22
N LEU Q 429 128.17 -6.46 -48.52
CA LEU Q 429 128.26 -5.74 -47.24
C LEU Q 429 127.77 -4.32 -47.40
N LEU Q 430 128.36 -3.63 -48.37
CA LEU Q 430 128.16 -2.20 -48.57
C LEU Q 430 126.71 -1.90 -48.96
N MET Q 431 126.18 -2.63 -49.94
CA MET Q 431 124.77 -2.51 -50.36
C MET Q 431 123.83 -2.73 -49.18
N GLY Q 432 124.03 -3.84 -48.47
CA GLY Q 432 123.24 -4.15 -47.28
C GLY Q 432 123.29 -3.04 -46.25
N LYS Q 433 124.46 -2.45 -46.08
CA LYS Q 433 124.64 -1.30 -45.17
C LYS Q 433 123.89 -0.07 -45.68
N GLU Q 434 123.80 0.09 -47.01
CA GLU Q 434 122.99 1.16 -47.60
C GLU Q 434 121.51 0.92 -47.33
N PHE Q 435 121.06 -0.32 -47.60
CA PHE Q 435 119.68 -0.72 -47.33
C PHE Q 435 119.32 -0.48 -45.86
N GLN Q 436 120.24 -0.80 -44.96
CA GLN Q 436 120.05 -0.53 -43.52
C GLN Q 436 119.90 0.97 -43.25
N ARG Q 437 120.70 1.78 -43.94
CA ARG Q 437 120.66 3.24 -43.74
C ARG Q 437 119.33 3.86 -44.18
N ARG Q 438 118.80 3.40 -45.31
CA ARG Q 438 117.49 3.90 -45.81
C ARG Q 438 116.35 3.41 -44.92
N ALA Q 439 116.49 2.19 -44.39
CA ALA Q 439 115.51 1.62 -43.47
C ALA Q 439 115.39 2.45 -42.20
N LYS Q 440 116.51 2.96 -41.70
CA LYS Q 440 116.50 3.92 -40.60
C LYS Q 440 115.67 5.12 -41.00
N ALA Q 441 115.99 5.67 -42.18
CA ALA Q 441 115.37 6.90 -42.68
C ALA Q 441 113.87 6.78 -42.89
N MET Q 442 113.44 5.73 -43.59
CA MET Q 442 112.00 5.55 -43.86
C MET Q 442 111.21 5.03 -42.65
N MET Q 443 111.91 4.71 -41.56
CA MET Q 443 111.25 4.40 -40.28
C MET Q 443 110.92 5.70 -39.54
N LEU Q 444 111.87 6.64 -39.56
CA LEU Q 444 111.64 8.01 -39.07
C LEU Q 444 110.65 8.74 -39.97
N ARG Q 445 110.71 8.47 -41.27
CA ARG Q 445 109.80 9.10 -42.23
C ARG Q 445 108.37 8.60 -42.08
N ALA Q 446 108.23 7.35 -41.62
CA ALA Q 446 106.93 6.81 -41.23
C ALA Q 446 106.40 7.51 -39.99
N ALA Q 447 107.32 7.91 -39.11
CA ALA Q 447 106.97 8.58 -37.86
C ALA Q 447 106.56 10.05 -38.05
N VAL Q 448 107.34 10.81 -38.82
CA VAL Q 448 107.08 12.25 -38.99
C VAL Q 448 105.72 12.55 -39.68
N LEU Q 449 105.36 11.71 -40.64
CA LEU Q 449 104.10 11.87 -41.35
C LEU Q 449 102.94 11.38 -40.49
N ARG Q 450 103.20 10.32 -39.72
CA ARG Q 450 102.26 9.78 -38.74
C ARG Q 450 101.90 10.83 -37.67
N ASN Q 451 102.83 11.73 -37.36
CA ASN Q 451 102.62 12.81 -36.40
C ASN Q 451 102.30 14.17 -37.05
N GLN Q 452 102.15 14.22 -38.37
CA GLN Q 452 101.84 15.45 -39.11
C GLN Q 452 102.86 16.57 -38.84
N ILE Q 453 104.13 16.22 -38.90
CA ILE Q 453 105.21 17.15 -38.56
C ILE Q 453 105.58 18.01 -39.78
N HIS Q 454 105.37 19.32 -39.66
CA HIS Q 454 105.84 20.29 -40.66
C HIS Q 454 105.77 21.73 -40.16
N VAL Q 455 106.67 22.58 -40.67
CA VAL Q 455 106.74 23.99 -40.28
C VAL Q 455 105.86 24.83 -41.21
N LYS Q 456 104.75 25.34 -40.69
CA LYS Q 456 103.80 26.13 -41.51
C LYS Q 456 104.27 27.58 -41.73
N SER Q 457 103.64 28.24 -42.70
CA SER Q 457 104.03 29.59 -43.13
C SER Q 457 103.32 30.76 -42.43
N PRO Q 458 101.97 30.82 -42.51
CA PRO Q 458 101.29 32.06 -42.12
C PRO Q 458 101.21 32.29 -40.60
N VAL R 34 128.60 -26.75 -171.64
CA VAL R 34 128.82 -25.33 -172.06
C VAL R 34 130.33 -25.03 -172.15
N ASP R 35 131.00 -25.06 -171.00
CA ASP R 35 132.46 -24.80 -170.94
C ASP R 35 133.23 -26.10 -170.72
N LEU R 36 133.09 -27.01 -171.68
CA LEU R 36 133.72 -28.32 -171.62
C LEU R 36 135.24 -28.21 -171.79
N GLU R 37 135.68 -27.12 -172.41
CA GLU R 37 137.11 -26.79 -172.53
C GLU R 37 137.81 -26.64 -171.19
N ASN R 38 137.38 -25.65 -170.41
CA ASN R 38 138.07 -25.27 -169.17
C ASN R 38 138.02 -26.31 -168.06
N GLN R 39 137.00 -27.18 -168.11
CA GLN R 39 136.87 -28.27 -167.15
C GLN R 39 137.95 -29.33 -167.32
N TYR R 40 138.27 -29.67 -168.57
CA TYR R 40 139.22 -30.76 -168.84
C TYR R 40 140.69 -30.30 -168.81
N TYR R 41 140.97 -29.03 -169.10
CA TYR R 41 142.34 -28.49 -168.96
C TYR R 41 142.71 -28.22 -167.50
N ASN R 42 141.70 -28.08 -166.64
CA ASN R 42 141.90 -28.13 -165.19
C ASN R 42 142.26 -29.55 -164.76
N SER R 43 141.62 -30.54 -165.37
CA SER R 43 141.91 -31.97 -165.12
C SER R 43 143.13 -32.50 -165.91
N LYS R 44 143.50 -31.83 -167.00
CA LYS R 44 144.69 -32.18 -167.77
C LYS R 44 145.95 -31.67 -167.09
N ALA R 45 145.86 -30.45 -166.56
CA ALA R 45 146.93 -29.86 -165.75
C ALA R 45 146.86 -30.30 -164.28
N LEU R 46 145.92 -31.19 -163.95
CA LEU R 46 145.69 -31.63 -162.58
C LEU R 46 146.76 -32.61 -162.08
N LYS R 47 147.02 -33.64 -162.87
CA LYS R 47 147.94 -34.71 -162.46
C LYS R 47 149.37 -34.19 -162.26
N GLU R 48 150.13 -34.10 -163.35
CA GLU R 48 151.50 -33.57 -163.32
C GLU R 48 152.48 -34.36 -162.44
N ASP R 49 152.28 -34.30 -161.12
CA ASP R 49 153.21 -34.84 -160.09
C ASP R 49 154.35 -33.84 -159.84
N ASP R 50 155.07 -33.50 -160.92
CA ASP R 50 156.06 -32.42 -160.88
C ASP R 50 155.36 -31.05 -160.80
N PRO R 51 155.96 -30.09 -160.09
CA PRO R 51 155.51 -28.70 -160.21
C PRO R 51 155.97 -28.06 -161.53
N LYS R 52 157.03 -28.61 -162.12
CA LYS R 52 157.62 -28.14 -163.37
C LYS R 52 156.57 -27.95 -164.47
N ALA R 53 156.26 -26.69 -164.78
CA ALA R 53 155.29 -26.33 -165.82
C ALA R 53 153.84 -26.74 -165.51
N ALA R 54 153.58 -27.29 -164.32
CA ALA R 54 152.23 -27.63 -163.89
C ALA R 54 151.40 -26.36 -163.73
N LEU R 55 152.06 -25.30 -163.26
CA LEU R 55 151.40 -24.03 -162.94
C LEU R 55 151.24 -23.09 -164.14
N SER R 56 151.91 -23.40 -165.25
CA SER R 56 151.75 -22.63 -166.49
C SER R 56 150.53 -23.11 -167.29
N SER R 57 150.30 -24.43 -167.28
CA SER R 57 149.12 -25.02 -167.93
C SER R 57 147.85 -24.80 -167.12
N PHE R 58 147.99 -24.68 -165.79
CA PHE R 58 146.88 -24.28 -164.93
C PHE R 58 146.42 -22.86 -165.27
N GLN R 59 147.38 -21.97 -165.53
CA GLN R 59 147.09 -20.56 -165.82
C GLN R 59 146.45 -20.37 -167.20
N LYS R 60 146.67 -21.32 -168.11
CA LYS R 60 145.98 -21.31 -169.41
C LYS R 60 144.50 -21.72 -169.31
N VAL R 61 144.08 -22.26 -168.17
CA VAL R 61 142.67 -22.54 -167.90
C VAL R 61 141.98 -21.28 -167.39
N LEU R 62 142.60 -20.66 -166.38
CA LEU R 62 142.11 -19.40 -165.80
C LEU R 62 142.06 -18.28 -166.85
N GLU R 63 143.17 -18.11 -167.58
CA GLU R 63 143.31 -17.00 -168.52
C GLU R 63 142.73 -17.27 -169.91
N LEU R 64 141.89 -18.30 -170.03
CA LEU R 64 140.91 -18.38 -171.10
C LEU R 64 139.67 -17.59 -170.63
N GLU R 65 139.91 -16.37 -170.16
CA GLU R 65 138.92 -15.55 -169.47
C GLU R 65 138.20 -16.29 -168.34
N GLY R 66 138.59 -15.98 -167.10
CA GLY R 66 137.89 -16.50 -165.92
C GLY R 66 136.54 -15.82 -165.81
N GLU R 67 135.61 -16.24 -166.67
CA GLU R 67 134.31 -15.59 -166.82
C GLU R 67 133.39 -15.95 -165.65
N LYS R 68 133.12 -17.24 -165.49
CA LYS R 68 132.33 -17.75 -164.38
C LYS R 68 133.16 -17.73 -163.10
N GLY R 69 134.41 -18.19 -163.20
CA GLY R 69 135.33 -18.16 -162.06
C GLY R 69 135.29 -19.42 -161.20
N GLU R 70 134.53 -20.41 -161.62
CA GLU R 70 134.43 -21.69 -160.89
C GLU R 70 135.66 -22.55 -161.19
N TRP R 71 136.13 -22.52 -162.43
CA TRP R 71 137.33 -23.25 -162.85
C TRP R 71 138.55 -22.31 -162.91
N GLY R 72 138.31 -21.02 -162.73
CA GLY R 72 139.37 -20.07 -162.43
C GLY R 72 139.83 -20.22 -160.99
N PHE R 73 138.88 -20.56 -160.11
CA PHE R 73 139.16 -20.83 -158.69
C PHE R 73 139.93 -22.13 -158.50
N LYS R 74 139.39 -23.23 -159.04
CA LYS R 74 140.01 -24.55 -158.91
C LYS R 74 141.34 -24.68 -159.66
N ALA R 75 141.59 -23.76 -160.61
CA ALA R 75 142.90 -23.65 -161.25
C ALA R 75 143.90 -23.01 -160.29
N LEU R 76 143.51 -21.89 -159.70
CA LEU R 76 144.36 -21.17 -158.75
C LEU R 76 144.48 -21.87 -157.39
N LYS R 77 143.38 -22.48 -156.93
CA LYS R 77 143.37 -23.27 -155.70
C LYS R 77 144.46 -24.35 -155.70
N GLN R 78 144.63 -25.00 -156.85
CA GLN R 78 145.65 -26.03 -157.04
C GLN R 78 147.05 -25.42 -157.16
N MET R 79 147.13 -24.23 -157.75
CA MET R 79 148.40 -23.49 -157.85
C MET R 79 148.94 -23.07 -156.49
N ILE R 80 148.03 -22.75 -155.57
CA ILE R 80 148.42 -22.40 -154.20
C ILE R 80 149.04 -23.59 -153.48
N LYS R 81 148.40 -24.75 -153.56
CA LYS R 81 148.88 -25.95 -152.87
C LYS R 81 150.23 -26.46 -153.40
N ILE R 82 150.66 -25.95 -154.56
CA ILE R 82 151.99 -26.22 -155.11
C ILE R 82 153.01 -25.11 -154.78
N ASN R 83 152.54 -23.86 -154.65
CA ASN R 83 153.44 -22.72 -154.37
C ASN R 83 154.01 -22.66 -152.95
N PHE R 84 153.15 -22.69 -151.94
CA PHE R 84 153.61 -22.60 -150.53
C PHE R 84 154.36 -23.84 -150.07
N LYS R 85 153.95 -24.99 -150.58
CA LYS R 85 154.53 -26.28 -150.18
C LYS R 85 155.93 -26.44 -150.79
N LEU R 86 156.11 -25.93 -152.02
CA LEU R 86 157.41 -25.95 -152.68
C LEU R 86 158.07 -24.56 -152.68
N THR R 87 158.43 -24.11 -151.48
CA THR R 87 159.35 -22.98 -151.25
C THR R 87 158.89 -21.55 -151.55
N ASN R 88 158.11 -21.36 -152.61
CA ASN R 88 157.87 -20.01 -153.16
C ASN R 88 156.61 -19.32 -152.59
N PHE R 89 156.81 -18.55 -151.51
CA PHE R 89 155.71 -17.83 -150.83
C PHE R 89 155.41 -16.43 -151.39
N PRO R 90 156.45 -15.69 -151.84
CA PRO R 90 156.17 -14.43 -152.54
C PRO R 90 155.33 -14.64 -153.80
N GLU R 91 155.64 -15.70 -154.56
CA GLU R 91 154.86 -16.07 -155.74
C GLU R 91 153.45 -16.52 -155.37
N MET R 92 153.33 -17.16 -154.20
CA MET R 92 152.05 -17.67 -153.73
C MET R 92 151.05 -16.56 -153.42
N MET R 93 151.50 -15.53 -152.71
CA MET R 93 150.61 -14.46 -152.23
C MET R 93 149.94 -13.67 -153.36
N ASN R 94 150.58 -13.61 -154.53
CA ASN R 94 149.97 -13.05 -155.73
C ASN R 94 148.74 -13.86 -156.15
N ARG R 95 148.91 -15.18 -156.19
CA ARG R 95 147.84 -16.09 -156.58
C ARG R 95 146.80 -16.20 -155.46
N TYR R 96 147.25 -16.02 -154.23
CA TYR R 96 146.37 -16.10 -153.06
C TYR R 96 145.30 -15.03 -153.12
N LYS R 97 145.71 -13.82 -153.50
CA LYS R 97 144.80 -12.67 -153.57
C LYS R 97 143.98 -12.67 -154.87
N GLN R 98 144.47 -13.39 -155.89
CA GLN R 98 143.66 -13.66 -157.08
C GLN R 98 142.44 -14.51 -156.71
N LEU R 99 142.66 -15.52 -155.88
CA LEU R 99 141.58 -16.41 -155.42
C LEU R 99 140.50 -15.69 -154.63
N LEU R 100 140.92 -14.72 -153.81
CA LEU R 100 140.00 -14.01 -152.92
C LEU R 100 139.06 -13.05 -153.66
N THR R 101 139.30 -12.84 -154.96
CA THR R 101 138.36 -12.10 -155.81
C THR R 101 137.06 -12.89 -156.01
N TYR R 102 137.19 -14.21 -156.17
CA TYR R 102 136.04 -15.10 -156.35
C TYR R 102 135.39 -15.46 -155.00
N ILE R 103 134.70 -14.50 -154.39
CA ILE R 103 133.91 -14.73 -153.17
C ILE R 103 132.53 -14.08 -153.26
N ARG R 104 132.50 -12.80 -153.61
CA ARG R 104 131.23 -12.10 -153.90
C ARG R 104 130.60 -12.60 -155.22
N SER R 105 131.46 -13.03 -156.15
CA SER R 105 131.01 -13.62 -157.41
C SER R 105 131.73 -14.95 -157.65
N ALA R 106 131.22 -15.74 -158.60
CA ALA R 106 131.82 -17.00 -159.04
C ALA R 106 131.50 -18.22 -158.17
N VAL R 107 131.95 -18.18 -156.91
CA VAL R 107 131.82 -19.32 -156.00
C VAL R 107 130.98 -18.93 -154.78
N THR R 108 130.19 -19.88 -154.27
CA THR R 108 129.38 -19.66 -153.07
C THR R 108 130.28 -19.63 -151.83
N ARG R 109 129.76 -19.05 -150.74
CA ARG R 109 130.55 -18.89 -149.51
C ARG R 109 130.79 -20.24 -148.80
N ASN R 110 129.96 -21.25 -149.11
CA ASN R 110 130.10 -22.58 -148.52
C ASN R 110 131.40 -23.27 -148.93
N TYR R 111 131.61 -23.40 -150.23
CA TYR R 111 132.83 -24.02 -150.76
C TYR R 111 134.07 -23.12 -150.58
N SER R 112 133.89 -21.80 -150.75
CA SER R 112 135.00 -20.85 -150.60
C SER R 112 135.44 -20.69 -149.14
N GLU R 113 134.57 -21.04 -148.19
CA GLU R 113 134.92 -21.03 -146.77
C GLU R 113 135.93 -22.13 -146.45
N LYS R 114 135.64 -23.35 -146.91
CA LYS R 114 136.53 -24.49 -146.70
C LYS R 114 137.84 -24.37 -147.48
N SER R 115 137.83 -23.62 -148.59
CA SER R 115 139.01 -23.44 -149.43
C SER R 115 140.17 -22.75 -148.71
N ILE R 116 139.86 -21.68 -147.99
CA ILE R 116 140.86 -20.92 -147.25
C ILE R 116 141.15 -21.57 -145.89
N ASN R 117 140.17 -22.30 -145.34
CA ASN R 117 140.37 -23.07 -144.11
C ASN R 117 141.54 -24.04 -144.20
N SER R 118 141.46 -24.98 -145.15
CA SER R 118 142.45 -26.02 -145.31
C SER R 118 143.79 -25.51 -145.86
N ILE R 119 143.76 -24.47 -146.68
CA ILE R 119 145.00 -23.83 -147.18
C ILE R 119 145.75 -23.09 -146.08
N LEU R 120 145.01 -22.65 -145.04
CA LEU R 120 145.64 -22.12 -143.83
C LEU R 120 146.04 -23.23 -142.85
N ASP R 121 145.30 -24.34 -142.84
CA ASP R 121 145.68 -25.52 -142.03
C ASP R 121 146.99 -26.15 -142.48
N TYR R 122 147.25 -26.16 -143.79
CA TYR R 122 148.51 -26.66 -144.33
C TYR R 122 149.68 -25.74 -143.95
N ILE R 123 149.47 -24.43 -144.05
CA ILE R 123 150.50 -23.43 -143.74
C ILE R 123 150.65 -23.21 -142.22
N SER R 124 149.60 -23.52 -141.46
CA SER R 124 149.64 -23.39 -140.00
C SER R 124 150.61 -24.40 -139.37
N THR R 125 150.43 -25.67 -139.73
CA THR R 125 151.27 -26.76 -139.23
C THR R 125 152.67 -26.74 -139.86
N SER R 126 152.74 -26.41 -141.15
CA SER R 126 154.02 -26.39 -141.88
C SER R 126 154.89 -25.18 -141.47
N LYS R 127 154.63 -24.01 -142.05
CA LYS R 127 155.44 -22.82 -141.77
C LYS R 127 155.03 -22.18 -140.44
N GLN R 128 155.87 -21.26 -139.99
CA GLN R 128 155.73 -20.68 -138.66
C GLN R 128 154.85 -19.42 -138.71
N MET R 129 154.83 -18.69 -137.59
CA MET R 129 154.13 -17.40 -137.47
C MET R 129 154.51 -16.40 -138.55
N ASP R 130 155.80 -16.35 -138.90
CA ASP R 130 156.32 -15.31 -139.80
C ASP R 130 155.90 -15.48 -141.28
N LEU R 131 155.39 -16.65 -141.65
CA LEU R 131 154.76 -16.84 -142.97
C LEU R 131 153.26 -17.16 -142.90
N LEU R 132 152.74 -17.33 -141.69
CA LEU R 132 151.32 -17.61 -141.48
C LEU R 132 150.49 -16.33 -141.28
N GLN R 133 151.09 -15.32 -140.66
CA GLN R 133 150.36 -14.12 -140.23
C GLN R 133 150.04 -13.13 -141.36
N GLU R 134 150.83 -13.14 -142.44
CA GLU R 134 150.58 -12.25 -143.58
C GLU R 134 149.31 -12.66 -144.33
N PHE R 135 149.02 -13.95 -144.33
CA PHE R 135 147.84 -14.50 -145.01
C PHE R 135 146.58 -14.35 -144.17
N TYR R 136 146.71 -14.41 -142.84
CA TYR R 136 145.57 -14.14 -141.94
C TYR R 136 145.05 -12.72 -142.07
N GLU R 137 145.97 -11.76 -142.22
CA GLU R 137 145.62 -10.35 -142.38
C GLU R 137 145.05 -10.08 -143.78
N THR R 138 145.76 -10.51 -144.82
CA THR R 138 145.34 -10.28 -146.21
C THR R 138 144.04 -11.01 -146.58
N THR R 139 143.67 -12.03 -145.79
CA THR R 139 142.36 -12.68 -145.93
C THR R 139 141.25 -11.74 -145.47
N LEU R 140 141.39 -11.22 -144.25
CA LEU R 140 140.40 -10.31 -143.67
C LEU R 140 140.23 -9.01 -144.47
N GLU R 141 141.28 -8.59 -145.19
CA GLU R 141 141.20 -7.44 -146.10
C GLU R 141 140.16 -7.67 -147.20
N ALA R 142 140.18 -8.86 -147.79
CA ALA R 142 139.18 -9.27 -148.77
C ALA R 142 137.81 -9.51 -148.10
N LEU R 143 137.81 -9.99 -146.86
CA LEU R 143 136.58 -10.22 -146.11
C LEU R 143 135.97 -8.95 -145.52
N LYS R 144 136.02 -7.84 -146.27
CA LYS R 144 135.24 -6.65 -145.94
C LYS R 144 133.77 -6.98 -146.22
N ASP R 145 133.21 -7.86 -145.39
CA ASP R 145 131.91 -8.47 -145.65
C ASP R 145 130.97 -8.32 -144.45
N ALA R 146 129.69 -8.14 -144.75
CA ALA R 146 128.65 -7.94 -143.74
C ALA R 146 127.90 -9.23 -143.40
N LYS R 147 127.52 -9.99 -144.43
CA LYS R 147 126.77 -11.24 -144.25
C LYS R 147 127.65 -12.40 -143.80
N ASN R 148 128.97 -12.26 -143.95
CA ASN R 148 129.93 -13.18 -143.34
C ASN R 148 129.95 -12.98 -141.83
N ASP R 149 129.36 -13.91 -141.09
CA ASP R 149 129.33 -13.87 -139.63
C ASP R 149 130.37 -14.82 -139.05
N ARG R 150 130.19 -16.12 -139.31
CA ARG R 150 131.15 -17.14 -138.86
C ARG R 150 132.34 -17.27 -139.81
N LEU R 151 132.20 -16.75 -141.03
CA LEU R 151 133.31 -16.68 -141.98
C LEU R 151 134.25 -15.55 -141.57
N TRP R 152 133.65 -14.41 -141.20
CA TRP R 152 134.40 -13.25 -140.71
C TRP R 152 134.98 -13.48 -139.31
N PHE R 153 134.16 -14.05 -138.42
CA PHE R 153 134.53 -14.22 -137.00
C PHE R 153 135.66 -15.22 -136.76
N LYS R 154 135.65 -16.33 -137.49
CA LYS R 154 136.62 -17.42 -137.26
C LYS R 154 138.04 -17.11 -137.74
N THR R 155 138.16 -16.24 -138.75
CA THR R 155 139.46 -15.74 -139.17
C THR R 155 139.98 -14.68 -138.19
N ASN R 156 139.06 -13.86 -137.69
CA ASN R 156 139.39 -12.78 -136.77
C ASN R 156 139.69 -13.29 -135.35
N THR R 157 139.03 -14.38 -134.97
CA THR R 157 139.33 -15.07 -133.70
C THR R 157 140.73 -15.66 -133.71
N LYS R 158 141.12 -16.23 -134.85
CA LYS R 158 142.43 -16.85 -135.01
C LYS R 158 143.54 -15.86 -135.38
N LEU R 159 143.18 -14.63 -135.73
CA LEU R 159 144.15 -13.54 -135.82
C LEU R 159 144.51 -13.04 -134.43
N GLY R 160 143.56 -13.12 -133.50
CA GLY R 160 143.77 -12.71 -132.11
C GLY R 160 144.60 -13.65 -131.24
N LYS R 161 144.95 -14.81 -131.80
CA LYS R 161 145.80 -15.79 -131.12
C LYS R 161 147.28 -15.60 -131.47
N LEU R 162 147.56 -15.28 -132.73
CA LEU R 162 148.93 -15.03 -133.21
C LEU R 162 149.54 -13.77 -132.59
N TYR R 163 148.69 -12.78 -132.31
CA TYR R 163 149.14 -11.51 -131.76
C TYR R 163 149.54 -11.59 -130.28
N LEU R 164 149.15 -12.65 -129.59
CA LEU R 164 149.57 -12.88 -128.20
C LEU R 164 151.00 -13.43 -128.14
N GLU R 165 151.34 -14.33 -129.07
CA GLU R 165 152.71 -14.84 -129.21
C GLU R 165 153.66 -13.76 -129.70
N ARG R 166 153.15 -12.92 -130.60
CA ARG R 166 153.89 -11.79 -131.19
C ARG R 166 154.31 -10.73 -130.14
N GLU R 167 153.50 -10.58 -129.09
CA GLU R 167 153.59 -9.46 -128.14
C GLU R 167 153.09 -8.17 -128.81
N GLU R 168 152.02 -8.31 -129.59
CA GLU R 168 151.43 -7.21 -130.37
C GLU R 168 150.08 -6.87 -129.75
N TYR R 169 150.13 -6.33 -128.53
CA TYR R 169 148.92 -6.15 -127.71
C TYR R 169 148.10 -4.93 -128.15
N GLY R 170 148.74 -3.96 -128.80
CA GLY R 170 148.07 -2.74 -129.25
C GLY R 170 146.98 -3.01 -130.27
N LYS R 171 147.36 -3.61 -131.39
CA LYS R 171 146.42 -3.97 -132.44
C LYS R 171 145.49 -5.11 -131.99
N LEU R 172 145.96 -5.95 -131.08
CA LEU R 172 145.15 -7.07 -130.57
C LEU R 172 143.88 -6.59 -129.87
N GLN R 173 143.94 -5.43 -129.24
CA GLN R 173 142.76 -4.85 -128.59
C GLN R 173 141.71 -4.40 -129.62
N LYS R 174 142.17 -3.87 -130.75
CA LYS R 174 141.25 -3.49 -131.83
C LYS R 174 140.55 -4.71 -132.41
N ILE R 175 141.28 -5.83 -132.50
CA ILE R 175 140.71 -7.10 -132.96
C ILE R 175 139.62 -7.56 -131.99
N LEU R 176 139.90 -7.49 -130.69
CA LEU R 176 138.93 -7.86 -129.66
C LEU R 176 137.72 -6.91 -129.59
N ARG R 177 137.94 -5.64 -129.93
CA ARG R 177 136.85 -4.66 -129.99
C ARG R 177 135.84 -4.97 -131.09
N GLN R 178 136.35 -5.43 -132.22
CA GLN R 178 135.49 -5.85 -133.32
C GLN R 178 134.78 -7.17 -133.00
N LEU R 179 135.52 -8.11 -132.41
CA LEU R 179 134.96 -9.41 -132.03
C LEU R 179 133.82 -9.27 -131.01
N HIS R 180 134.06 -8.48 -129.97
CA HIS R 180 133.06 -8.23 -128.93
C HIS R 180 131.81 -7.53 -129.50
N GLN R 181 132.02 -6.64 -130.47
CA GLN R 181 130.92 -5.92 -131.11
C GLN R 181 130.16 -6.74 -132.17
N SER R 182 130.65 -7.93 -132.49
CA SER R 182 129.95 -8.84 -133.40
C SER R 182 128.69 -9.43 -132.76
N CYS R 183 128.78 -9.77 -131.47
CA CYS R 183 127.65 -10.31 -130.72
C CYS R 183 126.84 -9.20 -130.06
N GLN R 184 127.53 -8.33 -129.30
CA GLN R 184 126.89 -7.21 -128.61
C GLN R 184 127.05 -5.91 -129.40
N THR R 196 127.59 -18.31 -126.87
CA THR R 196 128.16 -19.30 -127.78
C THR R 196 129.59 -18.95 -128.22
N GLN R 197 129.73 -17.83 -128.92
CA GLN R 197 131.00 -17.44 -129.52
C GLN R 197 131.77 -16.48 -128.61
N LEU R 198 129.52 -15.34 -127.27
CA LEU R 198 130.34 -14.34 -126.60
C LEU R 198 131.39 -14.88 -125.61
N LEU R 199 131.34 -16.17 -125.24
CA LEU R 199 132.30 -16.75 -124.28
C LEU R 199 133.71 -16.86 -124.85
N GLU R 200 133.82 -17.39 -126.06
CA GLU R 200 135.12 -17.56 -126.73
C GLU R 200 135.82 -16.22 -127.05
N ILE R 201 135.07 -15.12 -127.00
CA ILE R 201 135.65 -13.77 -127.06
C ILE R 201 136.24 -13.40 -125.69
N TYR R 202 135.46 -13.64 -124.63
CA TYR R 202 135.92 -13.41 -123.25
C TYR R 202 137.08 -14.32 -122.85
N ALA R 203 137.25 -15.44 -123.55
CA ALA R 203 138.40 -16.32 -123.35
C ALA R 203 139.70 -15.62 -123.74
N LEU R 204 139.69 -14.96 -124.91
CA LEU R 204 140.86 -14.24 -125.41
C LEU R 204 141.12 -12.91 -124.67
N GLU R 205 140.08 -12.36 -124.05
CA GLU R 205 140.23 -11.16 -123.21
C GLU R 205 140.89 -11.49 -121.87
N ILE R 206 140.49 -12.61 -121.26
CA ILE R 206 141.09 -13.09 -120.03
C ILE R 206 142.51 -13.62 -120.26
N GLN R 207 142.80 -14.04 -121.49
CA GLN R 207 144.12 -14.55 -121.86
C GLN R 207 145.16 -13.46 -122.07
N MET R 208 144.72 -12.29 -122.55
CA MET R 208 145.61 -11.15 -122.76
C MET R 208 145.98 -10.48 -121.43
N TYR R 209 144.98 -10.28 -120.57
CA TYR R 209 145.19 -9.62 -119.28
C TYR R 209 145.82 -10.53 -118.22
N THR R 210 145.86 -11.84 -118.48
CA THR R 210 146.65 -12.77 -117.65
C THR R 210 148.15 -12.60 -117.95
N ALA R 211 148.47 -12.21 -119.18
CA ALA R 211 149.85 -11.87 -119.57
C ALA R 211 150.25 -10.46 -119.12
N GLN R 212 149.25 -9.59 -118.98
CA GLN R 212 149.46 -8.18 -118.64
C GLN R 212 149.51 -7.92 -117.13
N LYS R 213 148.74 -8.70 -116.37
CA LYS R 213 148.53 -8.53 -114.92
C LYS R 213 147.62 -7.34 -114.58
N ASN R 214 146.45 -7.33 -115.20
CA ASN R 214 145.41 -6.34 -114.90
C ASN R 214 144.28 -7.02 -114.13
N ASN R 215 144.41 -7.02 -112.81
CA ASN R 215 143.45 -7.68 -111.92
C ASN R 215 142.14 -6.92 -111.75
N LYS R 216 142.18 -5.62 -112.03
CA LYS R 216 141.01 -4.75 -111.87
C LYS R 216 139.98 -4.99 -112.98
N LYS R 217 140.47 -5.33 -114.17
CA LYS R 217 139.60 -5.67 -115.30
C LYS R 217 139.28 -7.16 -115.32
N LEU R 218 140.29 -8.00 -115.08
CA LEU R 218 140.10 -9.45 -115.03
C LEU R 218 138.96 -9.87 -114.08
N LYS R 219 138.89 -9.21 -112.93
CA LYS R 219 137.83 -9.48 -111.95
C LYS R 219 136.46 -9.12 -112.52
N ALA R 220 136.38 -8.00 -113.22
CA ALA R 220 135.15 -7.59 -113.90
C ALA R 220 134.82 -8.53 -115.07
N LEU R 221 135.85 -8.99 -115.78
CA LEU R 221 135.67 -9.89 -116.92
C LEU R 221 135.17 -11.28 -116.54
N TYR R 222 135.74 -11.87 -115.48
CA TYR R 222 135.33 -13.21 -115.04
C TYR R 222 133.90 -13.24 -114.51
N GLU R 223 133.55 -12.22 -113.72
CA GLU R 223 132.19 -12.08 -113.19
C GLU R 223 131.15 -11.96 -114.31
N GLN R 224 131.55 -11.33 -115.42
CA GLN R 224 130.68 -11.17 -116.59
C GLN R 224 130.73 -12.38 -117.52
N SER R 225 131.78 -13.19 -117.42
CA SER R 225 131.88 -14.44 -118.20
C SER R 225 131.35 -15.66 -117.45
N LEU R 226 130.54 -15.43 -116.41
CA LEU R 226 129.76 -16.50 -115.77
C LEU R 226 128.26 -16.42 -116.08
N HIS R 227 127.82 -15.25 -116.59
CA HIS R 227 126.44 -15.07 -117.07
C HIS R 227 126.35 -15.50 -118.54
N ILE R 228 127.46 -15.34 -119.27
CA ILE R 228 127.58 -15.77 -120.66
C ILE R 228 127.96 -17.27 -120.75
N LYS R 229 128.45 -17.81 -119.63
CA LYS R 229 128.79 -19.24 -119.52
C LYS R 229 127.56 -20.16 -119.58
N SER R 230 126.37 -19.57 -119.38
CA SER R 230 125.12 -20.31 -119.43
C SER R 230 124.67 -20.56 -120.88
N ALA R 231 124.41 -19.49 -121.63
CA ALA R 231 123.89 -19.59 -123.01
C ALA R 231 124.99 -19.90 -124.00
N ILE R 232 125.39 -21.17 -124.06
CA ILE R 232 126.51 -21.62 -124.91
C ILE R 232 126.56 -23.16 -124.98
N PRO R 233 126.98 -23.73 -126.14
CA PRO R 233 127.45 -25.11 -126.20
C PRO R 233 128.66 -25.36 -125.26
N HIS R 234 129.57 -26.27 -125.62
CA HIS R 234 130.63 -26.67 -124.68
C HIS R 234 132.00 -26.92 -125.34
N PRO R 235 132.94 -25.96 -125.19
CA PRO R 235 134.33 -26.14 -125.63
C PRO R 235 135.33 -26.28 -124.47
N LEU R 236 136.61 -26.41 -124.81
CA LEU R 236 137.70 -26.37 -123.83
C LEU R 236 137.74 -25.00 -123.14
N ILE R 237 137.45 -23.96 -123.91
CA ILE R 237 137.43 -22.57 -123.41
C ILE R 237 136.66 -22.37 -122.08
N MET R 238 135.64 -23.18 -121.84
CA MET R 238 134.89 -23.11 -120.56
C MET R 238 135.72 -23.46 -119.32
N GLY R 239 136.94 -23.96 -119.51
CA GLY R 239 137.92 -24.13 -118.42
C GLY R 239 139.06 -23.10 -118.41
N VAL R 240 139.25 -22.41 -119.53
CA VAL R 240 140.27 -21.37 -119.65
C VAL R 240 139.91 -20.15 -118.80
N ILE R 241 138.61 -19.88 -118.67
CA ILE R 241 138.12 -18.75 -117.86
C ILE R 241 137.99 -19.11 -116.38
N ARG R 242 137.73 -20.38 -116.09
CA ARG R 242 137.54 -20.84 -114.72
C ARG R 242 138.84 -20.90 -113.93
N GLU R 243 139.92 -21.28 -114.60
CA GLU R 243 141.25 -21.30 -113.99
C GLU R 243 141.76 -19.88 -113.70
N CYS R 244 141.57 -18.97 -114.65
CA CYS R 244 141.93 -17.56 -114.45
C CYS R 244 140.98 -16.85 -113.48
N GLY R 245 139.75 -17.34 -113.39
CA GLY R 245 138.76 -16.80 -112.44
C GLY R 245 139.03 -17.22 -111.01
N GLY R 246 139.51 -18.45 -110.82
CA GLY R 246 139.93 -18.92 -109.50
C GLY R 246 141.13 -18.15 -108.97
N LYS R 247 141.98 -17.68 -109.87
CA LYS R 247 143.16 -16.87 -109.52
C LYS R 247 142.80 -15.51 -108.90
N MET R 248 141.62 -15.00 -109.20
CA MET R 248 141.12 -13.75 -108.60
C MET R 248 140.22 -14.02 -107.40
N HIS R 249 140.30 -15.23 -106.86
CA HIS R 249 139.74 -15.55 -105.54
C HIS R 249 140.82 -16.08 -104.57
N LEU R 250 141.97 -16.48 -105.10
CA LEU R 250 143.18 -16.70 -104.30
C LEU R 250 143.79 -15.35 -103.94
N ARG R 251 143.95 -14.51 -104.96
CA ARG R 251 144.44 -13.14 -104.81
C ARG R 251 143.56 -12.37 -103.83
N GLU R 252 142.24 -12.46 -104.04
CA GLU R 252 141.26 -11.77 -103.22
C GLU R 252 141.22 -12.28 -101.78
N GLY R 253 141.54 -13.57 -101.61
CA GLY R 253 141.64 -14.17 -100.28
C GLY R 253 140.65 -15.29 -100.08
N GLU R 254 139.43 -15.09 -100.55
CA GLU R 254 138.36 -16.08 -100.40
C GLU R 254 138.67 -17.35 -101.17
N PHE R 255 139.39 -18.26 -100.52
CA PHE R 255 139.89 -19.49 -101.16
C PHE R 255 138.80 -20.52 -101.45
N GLU R 256 137.62 -20.34 -100.87
CA GLU R 256 136.49 -21.22 -101.14
C GLU R 256 135.93 -21.00 -102.54
N LYS R 257 136.16 -19.81 -103.11
CA LYS R 257 135.73 -19.48 -104.47
C LYS R 257 136.84 -19.68 -105.51
N ALA R 258 138.03 -20.09 -105.06
CA ALA R 258 139.13 -20.49 -105.96
C ALA R 258 139.22 -22.01 -106.03
N HIS R 259 139.22 -22.64 -104.85
CA HIS R 259 139.15 -24.10 -104.71
C HIS R 259 138.25 -24.78 -105.75
N THR R 260 136.96 -24.44 -105.74
CA THR R 260 136.00 -25.03 -106.65
C THR R 260 136.24 -24.62 -108.10
N ASP R 261 136.78 -23.42 -108.30
CA ASP R 261 137.12 -22.94 -109.65
C ASP R 261 138.21 -23.78 -110.32
N PHE R 262 139.20 -24.20 -109.54
CA PHE R 262 140.32 -24.98 -110.09
C PHE R 262 140.00 -26.47 -110.28
N PHE R 263 138.90 -26.94 -109.69
CA PHE R 263 138.45 -28.32 -109.91
C PHE R 263 137.78 -28.47 -111.27
N GLU R 264 136.98 -27.46 -111.63
CA GLU R 264 136.25 -27.45 -112.90
C GLU R 264 137.16 -27.18 -114.08
N ALA R 265 138.15 -26.31 -113.90
CA ALA R 265 139.14 -25.99 -114.93
C ALA R 265 140.07 -27.16 -115.19
N PHE R 266 140.44 -27.88 -114.13
CA PHE R 266 141.23 -29.11 -114.23
C PHE R 266 140.51 -30.17 -115.05
N LYS R 267 139.19 -30.25 -114.90
CA LYS R 267 138.37 -31.23 -115.61
C LYS R 267 138.25 -30.96 -117.11
N ASN R 268 138.32 -29.68 -117.51
CA ASN R 268 138.30 -29.31 -118.92
C ASN R 268 139.61 -29.62 -119.64
N TYR R 269 140.74 -29.57 -118.92
CA TYR R 269 142.03 -30.00 -119.47
C TYR R 269 142.15 -31.53 -119.45
N ASP R 270 141.37 -32.17 -118.58
CA ASP R 270 141.31 -33.63 -118.49
C ASP R 270 140.67 -34.27 -119.74
N GLU R 271 139.65 -33.60 -120.29
CA GLU R 271 138.95 -34.11 -121.47
C GLU R 271 139.78 -33.88 -122.73
N SER R 272 140.20 -32.63 -122.92
CA SER R 272 140.94 -32.22 -124.11
C SER R 272 142.45 -32.10 -123.79
N GLY R 273 143.10 -31.03 -124.27
CA GLY R 273 144.54 -30.85 -124.07
C GLY R 273 144.90 -30.54 -122.63
N SER R 274 146.12 -30.92 -122.24
CA SER R 274 146.58 -30.80 -120.87
C SER R 274 147.94 -30.08 -120.73
N PRO R 275 148.04 -28.85 -121.26
CA PRO R 275 149.22 -28.03 -120.97
C PRO R 275 149.14 -27.40 -119.57
N ARG R 276 147.92 -27.08 -119.14
CA ARG R 276 147.68 -26.49 -117.82
C ARG R 276 147.27 -27.52 -116.77
N ARG R 277 146.86 -28.72 -117.21
CA ARG R 277 146.45 -29.78 -116.28
C ARG R 277 147.56 -30.15 -115.28
N THR R 278 148.81 -30.15 -115.74
CA THR R 278 149.97 -30.43 -114.88
C THR R 278 150.26 -29.34 -113.86
N THR R 279 149.89 -28.09 -114.17
CA THR R 279 150.04 -26.96 -113.25
C THR R 279 148.71 -26.45 -112.66
N CYS R 280 147.58 -26.96 -113.17
CA CYS R 280 146.26 -26.60 -112.65
C CYS R 280 145.98 -27.33 -111.34
N LEU R 281 146.46 -28.56 -111.23
CA LEU R 281 146.35 -29.33 -109.99
C LEU R 281 147.16 -28.69 -108.86
N LYS R 282 148.23 -27.96 -109.20
CA LYS R 282 148.99 -27.20 -108.21
C LYS R 282 148.14 -26.15 -107.50
N TYR R 283 147.14 -25.62 -108.21
CA TYR R 283 146.23 -24.61 -107.64
C TYR R 283 145.00 -25.24 -106.97
N LEU R 284 144.65 -26.47 -107.34
CA LEU R 284 143.59 -27.22 -106.66
C LEU R 284 144.06 -27.71 -105.28
N VAL R 285 145.32 -28.15 -105.21
CA VAL R 285 145.92 -28.60 -103.96
C VAL R 285 146.26 -27.40 -103.07
N LEU R 286 146.89 -26.38 -103.65
CA LEU R 286 147.22 -25.13 -102.93
C LEU R 286 145.99 -24.49 -102.31
N ALA R 287 144.83 -24.66 -102.96
CA ALA R 287 143.56 -24.20 -102.41
C ALA R 287 143.19 -25.00 -101.15
N ASN R 288 143.15 -26.32 -101.28
CA ASN R 288 142.73 -27.21 -100.19
C ASN R 288 143.54 -27.07 -98.89
N MET R 289 144.83 -26.78 -99.03
CA MET R 289 145.68 -26.50 -97.86
C MET R 289 145.36 -25.13 -97.30
N LEU R 290 145.41 -24.11 -98.15
CA LEU R 290 145.11 -22.73 -97.75
C LEU R 290 143.62 -22.52 -97.45
N MET R 291 142.78 -23.47 -97.88
CA MET R 291 141.38 -23.50 -97.47
C MET R 291 141.29 -23.76 -95.97
N LYS R 292 142.36 -24.32 -95.42
CA LYS R 292 142.55 -24.48 -93.97
C LYS R 292 141.49 -25.43 -93.40
N SER R 293 141.31 -26.55 -94.10
CA SER R 293 140.22 -27.49 -93.81
C SER R 293 140.25 -28.67 -94.78
N GLY R 294 140.38 -28.37 -96.07
CA GLY R 294 140.38 -29.37 -97.13
C GLY R 294 141.26 -30.58 -96.86
N ILE R 295 142.57 -30.37 -96.95
CA ILE R 295 143.59 -31.43 -96.73
C ILE R 295 143.22 -32.83 -97.28
N ASN R 296 142.49 -32.86 -98.41
CA ASN R 296 142.03 -34.12 -99.04
C ASN R 296 141.97 -33.98 -100.57
N PRO R 297 143.14 -33.82 -101.23
CA PRO R 297 143.15 -33.54 -102.67
C PRO R 297 143.09 -34.76 -103.59
N PHE R 298 144.04 -35.68 -103.44
CA PHE R 298 144.21 -36.81 -104.36
C PHE R 298 143.20 -37.94 -104.15
N ASP R 299 142.38 -37.81 -103.11
CA ASP R 299 141.31 -38.76 -102.84
C ASP R 299 140.01 -38.39 -103.56
N SER R 300 140.05 -37.34 -104.37
CA SER R 300 138.86 -36.80 -105.01
C SER R 300 138.32 -37.70 -106.14
N GLN R 301 138.75 -37.47 -107.38
CA GLN R 301 138.21 -38.18 -108.54
C GLN R 301 139.23 -38.27 -109.68
N GLU R 302 139.47 -37.16 -110.37
CA GLU R 302 140.38 -37.11 -111.50
C GLU R 302 141.84 -36.93 -111.08
N ALA R 303 142.06 -36.62 -109.80
CA ALA R 303 143.41 -36.47 -109.27
C ALA R 303 143.99 -37.80 -108.74
N LYS R 304 143.25 -38.90 -108.88
CA LYS R 304 143.71 -40.20 -108.42
C LYS R 304 144.83 -40.82 -109.27
N PRO R 305 144.65 -40.89 -110.61
CA PRO R 305 145.72 -41.46 -111.44
C PRO R 305 146.84 -40.48 -111.81
N TYR R 306 146.64 -39.19 -111.55
CA TYR R 306 147.66 -38.16 -111.83
C TYR R 306 148.31 -37.61 -110.55
N LYS R 307 147.99 -38.21 -109.40
CA LYS R 307 148.72 -37.92 -108.16
C LYS R 307 150.15 -38.46 -108.26
N ASN R 308 150.31 -39.51 -109.06
CA ASN R 308 151.60 -40.14 -109.32
C ASN R 308 152.51 -39.25 -110.15
N ASP R 309 151.91 -38.60 -111.15
CA ASP R 309 152.59 -37.64 -112.03
C ASP R 309 153.80 -37.00 -111.35
N PRO R 310 155.02 -37.20 -111.90
CA PRO R 310 156.25 -36.74 -111.24
C PRO R 310 156.50 -35.22 -111.25
N GLU R 311 155.60 -34.45 -111.87
CA GLU R 311 155.65 -32.98 -111.82
C GLU R 311 155.01 -32.47 -110.53
N ILE R 312 153.77 -32.90 -110.28
CA ILE R 312 153.00 -32.47 -109.11
C ILE R 312 153.29 -33.30 -107.84
N LEU R 313 154.19 -34.27 -107.94
CA LEU R 313 154.57 -35.09 -106.78
C LEU R 313 155.36 -34.28 -105.74
N ALA R 314 155.84 -33.09 -106.13
CA ALA R 314 156.41 -32.14 -105.18
C ALA R 314 155.36 -31.59 -104.20
N MET R 315 154.11 -31.48 -104.66
CA MET R 315 152.99 -31.02 -103.84
C MET R 315 152.32 -32.15 -103.05
N THR R 316 152.49 -33.40 -103.49
CA THR R 316 151.97 -34.57 -102.75
C THR R 316 152.71 -34.76 -101.42
N ASN R 317 154.00 -34.42 -101.40
CA ASN R 317 154.80 -34.46 -100.17
C ASN R 317 154.41 -33.38 -99.16
N LEU R 318 153.89 -32.26 -99.66
CA LEU R 318 153.51 -31.13 -98.82
C LEU R 318 152.12 -31.27 -98.19
N VAL R 319 151.17 -31.87 -98.91
CA VAL R 319 149.80 -31.98 -98.40
C VAL R 319 149.72 -32.86 -97.15
N SER R 320 150.49 -33.95 -97.12
CA SER R 320 150.57 -34.80 -95.95
C SER R 320 151.44 -34.16 -94.86
N ALA R 321 152.46 -33.40 -95.27
CA ALA R 321 153.29 -32.64 -94.34
C ALA R 321 152.49 -31.50 -93.68
N TYR R 322 151.57 -30.92 -94.44
CA TYR R 322 150.63 -29.92 -93.93
C TYR R 322 149.60 -30.58 -93.02
N GLN R 323 149.06 -31.71 -93.48
CA GLN R 323 148.04 -32.46 -92.73
C GLN R 323 148.59 -32.98 -91.39
N ASN R 324 149.80 -33.53 -91.43
CA ASN R 324 150.45 -34.06 -90.22
C ASN R 324 151.17 -32.98 -89.40
N ASN R 325 151.26 -31.76 -89.95
CA ASN R 325 151.85 -30.62 -89.26
C ASN R 325 153.34 -30.84 -88.97
N ASP R 326 154.06 -31.33 -89.98
CA ASP R 326 155.50 -31.53 -89.87
C ASP R 326 156.20 -30.42 -90.64
N ILE R 327 156.90 -29.55 -89.92
CA ILE R 327 157.53 -28.37 -90.52
C ILE R 327 158.90 -28.67 -91.10
N THR R 328 159.74 -29.35 -90.32
CA THR R 328 161.07 -29.73 -90.79
C THR R 328 161.00 -30.54 -92.09
N GLU R 329 159.94 -31.33 -92.23
CA GLU R 329 159.65 -32.06 -93.46
C GLU R 329 159.18 -31.12 -94.57
N PHE R 330 158.24 -30.24 -94.21
CA PHE R 330 157.67 -29.26 -95.16
C PHE R 330 158.75 -28.38 -95.78
N GLU R 331 159.63 -27.85 -94.94
CA GLU R 331 160.68 -26.93 -95.38
C GLU R 331 161.82 -27.61 -96.14
N LYS R 332 162.01 -28.91 -95.89
CA LYS R 332 162.96 -29.71 -96.66
C LYS R 332 162.49 -29.87 -98.11
N ILE R 333 161.18 -30.00 -98.30
CA ILE R 333 160.59 -30.13 -99.64
C ILE R 333 160.73 -28.83 -100.42
N LEU R 334 160.70 -27.70 -99.72
CA LEU R 334 160.88 -26.38 -100.34
C LEU R 334 162.31 -26.15 -100.80
N LYS R 335 163.27 -26.68 -100.04
CA LYS R 335 164.69 -26.53 -100.36
C LYS R 335 165.11 -27.40 -101.55
N THR R 336 164.72 -28.68 -101.50
CA THR R 336 165.06 -29.64 -102.56
C THR R 336 164.27 -29.34 -103.85
N ASN R 337 162.95 -29.41 -103.76
CA ASN R 337 162.07 -29.02 -104.86
C ASN R 337 161.82 -27.51 -104.81
N HIS R 338 162.86 -26.77 -105.19
CA HIS R 338 162.82 -25.30 -105.22
C HIS R 338 162.31 -24.84 -106.57
N SER R 339 162.81 -25.46 -107.64
CA SER R 339 162.37 -25.18 -109.01
C SER R 339 160.88 -25.46 -109.23
N ASN R 340 160.38 -26.54 -108.63
CA ASN R 340 158.96 -26.92 -108.75
C ASN R 340 158.00 -25.92 -108.11
N ILE R 341 158.30 -25.51 -106.88
CA ILE R 341 157.39 -24.74 -106.05
C ILE R 341 157.72 -23.25 -106.05
N MET R 342 158.96 -22.92 -105.69
CA MET R 342 159.36 -21.52 -105.44
C MET R 342 159.61 -20.70 -106.72
N ASP R 343 159.47 -21.30 -107.89
CA ASP R 343 159.54 -20.54 -109.14
C ASP R 343 158.16 -20.07 -109.61
N ASP R 344 157.12 -20.80 -109.22
CA ASP R 344 155.74 -20.43 -109.55
C ASP R 344 155.34 -19.23 -108.68
N PRO R 345 154.94 -18.11 -109.30
CA PRO R 345 154.61 -16.91 -108.53
C PRO R 345 153.27 -16.96 -107.79
N PHE R 346 152.43 -17.94 -108.12
CA PHE R 346 151.17 -18.15 -107.37
C PHE R 346 151.33 -19.07 -106.16
N ILE R 347 152.47 -19.76 -106.05
CA ILE R 347 152.82 -20.52 -104.84
C ILE R 347 153.88 -19.77 -104.01
N ARG R 348 154.67 -18.93 -104.67
CA ARG R 348 155.67 -18.09 -104.02
C ARG R 348 155.04 -16.99 -103.15
N GLU R 349 153.84 -16.55 -103.52
CA GLU R 349 153.11 -15.53 -102.77
C GLU R 349 152.58 -16.08 -101.43
N HIS R 350 151.84 -17.18 -101.51
CA HIS R 350 151.13 -17.74 -100.35
C HIS R 350 151.97 -18.76 -99.54
N ILE R 351 153.29 -18.79 -99.75
CA ILE R 351 154.16 -19.75 -99.05
C ILE R 351 154.23 -19.53 -97.53
N GLU R 352 154.30 -18.27 -97.11
CA GLU R 352 154.48 -17.95 -95.70
C GLU R 352 153.17 -18.02 -94.91
N GLU R 353 152.07 -17.56 -95.52
CA GLU R 353 150.75 -17.69 -94.91
C GLU R 353 150.43 -19.16 -94.64
N LEU R 354 150.89 -20.03 -95.55
CA LEU R 354 150.74 -21.48 -95.39
C LEU R 354 151.64 -22.02 -94.27
N LEU R 355 152.87 -21.50 -94.19
CA LEU R 355 153.82 -21.90 -93.16
C LEU R 355 153.34 -21.53 -91.75
N ARG R 356 152.76 -20.34 -91.61
CA ARG R 356 152.14 -19.92 -90.36
C ARG R 356 151.07 -20.89 -89.90
N ASN R 357 150.07 -21.10 -90.77
CA ASN R 357 148.93 -21.97 -90.47
C ASN R 357 149.34 -23.27 -89.80
N ILE R 358 150.50 -23.79 -90.17
CA ILE R 358 151.09 -24.95 -89.53
C ILE R 358 151.77 -24.53 -88.23
N ARG R 359 152.72 -23.58 -88.34
CA ARG R 359 153.51 -23.11 -87.18
C ARG R 359 152.66 -22.94 -85.92
N THR R 360 151.54 -22.25 -86.06
CA THR R 360 150.59 -22.06 -84.98
C THR R 360 150.04 -23.41 -84.54
N GLN R 361 149.53 -24.18 -85.51
CA GLN R 361 148.96 -25.51 -85.25
C GLN R 361 149.88 -26.33 -84.36
N VAL R 362 151.17 -26.34 -84.70
CA VAL R 362 152.18 -27.06 -83.93
C VAL R 362 152.27 -26.51 -82.52
N LEU R 363 152.35 -25.18 -82.41
CA LEU R 363 152.52 -24.53 -81.12
C LEU R 363 151.39 -24.84 -80.14
N ILE R 364 150.16 -24.92 -80.64
CA ILE R 364 148.99 -25.19 -79.80
C ILE R 364 149.16 -26.48 -79.01
N LYS R 365 149.61 -27.53 -79.70
CA LYS R 365 149.82 -28.83 -79.09
C LYS R 365 150.96 -28.79 -78.08
N LEU R 366 152.04 -28.07 -78.44
CA LEU R 366 153.22 -27.93 -77.58
C LEU R 366 152.86 -27.29 -76.24
N ILE R 367 152.14 -26.18 -76.29
CA ILE R 367 151.82 -25.41 -75.09
C ILE R 367 150.73 -26.04 -74.22
N LYS R 368 149.78 -26.73 -74.85
CA LYS R 368 148.63 -27.33 -74.14
C LYS R 368 148.96 -27.86 -72.74
N PRO R 369 149.94 -28.79 -72.64
CA PRO R 369 150.31 -29.33 -71.33
C PRO R 369 150.91 -28.29 -70.39
N TYR R 370 151.69 -27.36 -70.92
CA TYR R 370 152.33 -26.32 -70.11
C TYR R 370 151.29 -25.36 -69.54
N THR R 371 151.66 -24.69 -68.45
CA THR R 371 151.00 -23.48 -67.99
C THR R 371 151.96 -22.29 -68.16
N ARG R 372 153.23 -22.49 -67.83
CA ARG R 372 154.25 -21.45 -67.98
C ARG R 372 155.44 -21.99 -68.78
N ILE R 373 155.92 -21.20 -69.73
CA ILE R 373 156.90 -21.66 -70.72
C ILE R 373 157.81 -20.54 -71.21
N HIS R 374 159.09 -20.88 -71.42
CA HIS R 374 160.07 -19.95 -71.96
C HIS R 374 159.84 -19.66 -73.44
N ILE R 375 160.06 -18.41 -73.84
CA ILE R 375 160.07 -18.05 -75.25
C ILE R 375 161.31 -18.59 -75.97
N PRO R 376 162.51 -18.50 -75.33
CA PRO R 376 163.71 -19.08 -75.93
C PRO R 376 163.55 -20.56 -76.34
N PHE R 377 162.79 -21.33 -75.57
CA PHE R 377 162.56 -22.75 -75.89
C PHE R 377 161.62 -22.88 -77.10
N ILE R 378 160.56 -22.09 -77.12
CA ILE R 378 159.62 -22.11 -78.23
C ILE R 378 160.34 -21.64 -79.50
N SER R 379 161.22 -20.66 -79.35
CA SER R 379 162.09 -20.22 -80.44
C SER R 379 162.83 -21.37 -81.10
N LYS R 380 163.58 -22.13 -80.29
CA LYS R 380 164.32 -23.28 -80.79
C LYS R 380 163.38 -24.34 -81.36
N GLU R 381 162.25 -24.57 -80.68
CA GLU R 381 161.31 -25.64 -81.05
C GLU R 381 160.73 -25.43 -82.45
N LEU R 382 160.09 -24.29 -82.65
CA LEU R 382 159.59 -23.94 -83.99
C LEU R 382 160.73 -23.51 -84.91
N ASN R 383 161.90 -23.22 -84.33
CA ASN R 383 163.12 -22.92 -85.07
C ASN R 383 162.96 -21.60 -85.83
N ILE R 384 163.18 -20.51 -85.10
CA ILE R 384 162.74 -19.19 -85.52
C ILE R 384 163.25 -18.13 -84.54
N ASP R 385 163.44 -16.90 -85.02
CA ASP R 385 163.90 -15.80 -84.17
C ASP R 385 162.88 -15.47 -83.07
N VAL R 386 163.38 -15.14 -81.88
CA VAL R 386 162.54 -14.88 -80.71
C VAL R 386 161.49 -13.84 -80.99
N ALA R 387 161.92 -12.69 -81.48
CA ALA R 387 161.01 -11.58 -81.79
C ALA R 387 159.85 -12.06 -82.65
N ASP R 388 160.16 -12.81 -83.70
CA ASP R 388 159.13 -13.32 -84.62
C ASP R 388 158.14 -14.26 -83.90
N VAL R 389 158.63 -15.05 -82.95
CA VAL R 389 157.77 -15.90 -82.13
C VAL R 389 156.87 -15.03 -81.27
N GLU R 390 157.50 -14.16 -80.49
CA GLU R 390 156.78 -13.23 -79.63
C GLU R 390 155.64 -12.56 -80.40
N SER R 391 155.94 -12.08 -81.61
CA SER R 391 154.93 -11.48 -82.47
C SER R 391 153.81 -12.47 -82.78
N LEU R 392 154.17 -13.62 -83.33
CA LEU R 392 153.19 -14.61 -83.75
C LEU R 392 152.26 -15.00 -82.60
N LEU R 393 152.84 -15.16 -81.40
CA LEU R 393 152.07 -15.46 -80.21
C LEU R 393 150.91 -14.48 -80.01
N VAL R 394 151.22 -13.20 -80.09
CA VAL R 394 150.23 -12.13 -79.86
C VAL R 394 149.03 -12.30 -80.78
N GLN R 395 149.29 -12.62 -82.04
CA GLN R 395 148.25 -12.65 -83.06
C GLN R 395 147.20 -13.71 -82.72
N CYS R 396 147.68 -14.89 -82.33
CA CYS R 396 146.83 -15.97 -81.87
C CYS R 396 145.96 -15.52 -80.70
N ILE R 397 146.58 -14.77 -79.79
CA ILE R 397 145.87 -14.23 -78.62
C ILE R 397 144.89 -13.13 -79.04
N LEU R 398 145.30 -12.29 -79.98
CA LEU R 398 144.45 -11.22 -80.49
C LEU R 398 143.16 -11.78 -81.08
N ASP R 399 143.30 -12.71 -82.03
CA ASP R 399 142.15 -13.38 -82.62
C ASP R 399 141.52 -14.37 -81.64
N ASN R 400 142.26 -14.71 -80.59
CA ASN R 400 141.74 -15.46 -79.44
C ASN R 400 141.63 -16.96 -79.72
N THR R 401 142.75 -17.55 -80.11
CA THR R 401 142.88 -18.99 -80.29
C THR R 401 143.70 -19.56 -79.15
N ILE R 402 144.93 -19.05 -79.01
CA ILE R 402 145.76 -19.38 -77.85
C ILE R 402 145.24 -18.61 -76.64
N HIS R 403 144.81 -19.33 -75.62
CA HIS R 403 144.42 -18.72 -74.35
C HIS R 403 145.67 -18.51 -73.49
N GLY R 404 146.25 -17.31 -73.56
CA GLY R 404 147.49 -17.02 -72.84
C GLY R 404 147.89 -15.56 -72.86
N ARG R 405 148.88 -15.21 -72.04
CA ARG R 405 149.39 -13.85 -71.97
C ARG R 405 150.88 -13.83 -71.72
N ILE R 406 151.53 -12.77 -72.19
CA ILE R 406 153.00 -12.69 -72.25
C ILE R 406 153.60 -11.77 -71.18
N ASP R 407 154.59 -12.29 -70.44
CA ASP R 407 155.44 -11.45 -69.59
C ASP R 407 156.68 -11.08 -70.39
N GLN R 408 156.65 -9.88 -70.96
CA GLN R 408 157.70 -9.42 -71.85
C GLN R 408 159.05 -9.29 -71.16
N VAL R 409 159.03 -8.92 -69.88
CA VAL R 409 160.26 -8.73 -69.12
C VAL R 409 160.98 -10.04 -68.90
N ASN R 410 160.23 -11.11 -68.65
CA ASN R 410 160.81 -12.40 -68.32
C ASN R 410 160.96 -13.35 -69.51
N GLN R 411 160.54 -12.90 -70.70
CA GLN R 411 160.66 -13.71 -71.92
C GLN R 411 160.03 -15.10 -71.74
N LEU R 412 158.72 -15.13 -71.52
CA LEU R 412 158.01 -16.37 -71.24
C LEU R 412 156.56 -16.28 -71.72
N LEU R 413 155.76 -17.28 -71.37
CA LEU R 413 154.33 -17.22 -71.63
C LEU R 413 153.55 -17.98 -70.55
N GLU R 414 153.01 -17.24 -69.58
CA GLU R 414 152.03 -17.77 -68.64
C GLU R 414 150.74 -18.04 -69.44
N LEU R 415 150.12 -19.20 -69.21
CA LEU R 415 148.97 -19.63 -69.99
C LEU R 415 147.71 -19.65 -69.15
N ASP R 416 146.60 -19.27 -69.78
CA ASP R 416 145.30 -19.31 -69.15
C ASP R 416 145.04 -20.75 -68.74
N HIS R 417 144.45 -20.92 -67.56
CA HIS R 417 144.24 -22.23 -66.97
C HIS R 417 143.62 -22.10 -65.59
N GLN R 418 144.16 -21.18 -64.80
CA GLN R 418 143.69 -20.96 -63.42
C GLN R 418 142.16 -20.89 -63.36
N LYS R 419 141.53 -22.05 -63.17
CA LYS R 419 140.08 -22.21 -63.24
C LYS R 419 139.50 -22.62 -61.90
N ARG R 420 138.42 -21.95 -61.49
CA ARG R 420 137.72 -22.26 -60.23
C ARG R 420 136.23 -21.89 -60.34
N GLY R 421 135.49 -22.08 -59.24
CA GLY R 421 134.07 -21.74 -59.20
C GLY R 421 133.80 -20.25 -59.35
N GLY R 422 133.87 -19.78 -60.58
CA GLY R 422 133.55 -18.40 -60.91
C GLY R 422 132.06 -18.13 -61.02
N ALA R 423 131.27 -19.20 -61.10
CA ALA R 423 129.80 -19.10 -61.24
C ALA R 423 129.12 -18.55 -59.98
N ARG R 424 129.37 -19.21 -58.84
CA ARG R 424 128.79 -18.80 -57.55
C ARG R 424 128.87 -17.28 -57.32
N TYR R 425 130.07 -16.73 -57.50
CA TYR R 425 130.33 -15.32 -57.19
C TYR R 425 129.66 -14.36 -58.18
N THR R 426 129.75 -14.68 -59.47
CA THR R 426 129.10 -13.89 -60.52
C THR R 426 127.58 -13.95 -60.45
N ALA R 427 127.04 -15.13 -60.15
CA ALA R 427 125.59 -15.31 -60.02
C ALA R 427 125.06 -14.52 -58.83
N LEU R 428 125.69 -14.69 -57.68
CA LEU R 428 125.34 -13.94 -56.46
C LEU R 428 125.50 -12.43 -56.67
N ASP R 429 126.48 -12.03 -57.46
CA ASP R 429 126.69 -10.64 -57.84
C ASP R 429 125.39 -10.01 -58.36
N LYS R 430 124.70 -10.74 -59.23
CA LYS R 430 123.44 -10.27 -59.82
C LYS R 430 122.36 -10.10 -58.75
N TRP R 431 122.18 -11.15 -57.94
CA TRP R 431 121.21 -11.14 -56.84
C TRP R 431 121.48 -9.97 -55.89
N THR R 432 122.75 -9.70 -55.64
CA THR R 432 123.15 -8.56 -54.82
C THR R 432 122.71 -7.25 -55.46
N ASN R 433 122.88 -7.15 -56.78
CA ASN R 433 122.49 -5.95 -57.51
C ASN R 433 120.99 -5.71 -57.54
N GLN R 434 120.21 -6.76 -57.77
CA GLN R 434 118.75 -6.64 -57.83
C GLN R 434 118.15 -6.17 -56.51
N LEU R 435 118.66 -6.71 -55.41
CA LEU R 435 118.25 -6.27 -54.07
C LEU R 435 118.55 -4.80 -53.83
N ASN R 436 119.69 -4.32 -54.35
CA ASN R 436 120.08 -2.91 -54.23
C ASN R 436 119.03 -1.99 -54.85
N SER R 437 118.68 -2.28 -56.10
CA SER R 437 117.66 -1.52 -56.82
C SER R 437 116.24 -1.78 -56.28
N LEU R 438 116.03 -2.98 -55.72
CA LEU R 438 114.72 -3.35 -55.18
C LEU R 438 114.35 -2.58 -53.91
N ASN R 439 115.21 -2.63 -52.90
CA ASN R 439 114.90 -2.01 -51.61
C ASN R 439 114.68 -0.50 -51.68
N GLN R 440 115.40 0.16 -52.59
CA GLN R 440 115.21 1.59 -52.84
C GLN R 440 113.85 1.89 -53.48
N ALA R 441 113.35 0.95 -54.30
CA ALA R 441 112.02 1.06 -54.88
C ALA R 441 110.91 0.92 -53.83
N VAL R 442 111.19 0.18 -52.75
CA VAL R 442 110.27 0.04 -51.62
C VAL R 442 110.35 1.25 -50.68
N VAL R 443 111.52 1.88 -50.60
CA VAL R 443 111.69 3.11 -49.83
C VAL R 443 111.03 4.32 -50.53
N SER R 444 111.18 4.39 -51.85
CA SER R 444 110.59 5.47 -52.65
C SER R 444 109.05 5.37 -52.76
N LYS R 445 108.49 4.21 -52.40
CA LYS R 445 107.05 4.06 -52.21
C LYS R 445 106.60 4.90 -51.01
N LEU R 446 107.15 4.59 -49.84
CA LEU R 446 106.82 5.30 -48.60
C LEU R 446 107.62 6.60 -48.49
N ALA R 447 106.98 7.72 -48.88
CA ALA R 447 107.60 9.05 -48.87
C ALA R 447 108.73 9.17 -49.88
N SER S 7 92.98 32.86 0.89
CA SER S 7 91.87 31.91 1.24
C SER S 7 91.63 30.83 0.18
N ALA S 8 91.88 31.15 -1.08
CA ALA S 8 91.65 30.20 -2.19
C ALA S 8 92.86 29.32 -2.52
N LEU S 9 94.08 29.87 -2.37
CA LEU S 9 95.31 29.17 -2.75
C LEU S 9 95.70 27.98 -1.84
N GLU S 10 95.15 27.92 -0.63
CA GLU S 10 95.47 26.85 0.31
C GLU S 10 94.45 25.69 0.29
N GLN S 11 93.52 25.72 -0.67
CA GLN S 11 92.40 24.77 -0.71
C GLN S 11 92.68 23.56 -1.61
N PHE S 12 93.14 23.82 -2.83
CA PHE S 12 93.31 22.76 -3.84
C PHE S 12 94.70 22.08 -3.82
N VAL S 13 95.40 22.19 -2.69
CA VAL S 13 96.59 21.37 -2.42
C VAL S 13 96.12 19.97 -1.98
N ASN S 14 94.93 19.92 -1.37
CA ASN S 14 94.31 18.68 -0.95
C ASN S 14 93.58 17.97 -2.10
N SER S 15 93.12 18.74 -3.10
CA SER S 15 92.42 18.18 -4.25
C SER S 15 93.33 17.33 -5.14
N VAL S 16 94.64 17.59 -5.12
CA VAL S 16 95.62 16.81 -5.85
C VAL S 16 95.87 15.47 -5.14
N ARG S 17 96.00 15.52 -3.82
CA ARG S 17 96.24 14.33 -3.00
C ARG S 17 95.03 13.38 -2.96
N GLN S 18 93.82 13.93 -3.07
CA GLN S 18 92.60 13.13 -3.09
C GLN S 18 92.45 12.36 -4.40
N LEU S 19 92.80 12.99 -5.52
CA LEU S 19 92.85 12.32 -6.81
C LEU S 19 94.00 11.32 -6.88
N SER S 20 95.11 11.64 -6.21
CA SER S 20 96.25 10.73 -6.11
C SER S 20 95.85 9.48 -5.34
N ALA S 21 96.42 8.34 -5.73
CA ALA S 21 96.03 7.03 -5.20
C ALA S 21 94.55 6.72 -5.46
N GLN S 22 94.15 6.79 -6.73
CA GLN S 22 92.78 6.48 -7.17
C GLN S 22 92.80 5.77 -8.52
N GLY S 23 91.61 5.33 -8.97
CA GLY S 23 91.45 4.73 -10.29
C GLY S 23 91.50 5.76 -11.41
N GLN S 24 91.09 6.99 -11.12
CA GLN S 24 91.11 8.09 -12.10
C GLN S 24 91.82 9.34 -11.57
N MET S 25 92.73 9.87 -12.38
CA MET S 25 93.38 11.16 -12.12
C MET S 25 93.14 12.11 -13.29
N THR S 26 92.10 11.83 -14.09
CA THR S 26 91.79 12.64 -15.28
C THR S 26 91.19 14.01 -14.93
N GLN S 27 90.80 14.19 -13.68
CA GLN S 27 90.36 15.49 -13.18
C GLN S 27 91.56 16.33 -12.74
N LEU S 28 92.70 15.68 -12.48
CA LEU S 28 93.96 16.37 -12.21
C LEU S 28 94.53 16.99 -13.49
N CYS S 29 94.09 16.48 -14.65
CA CYS S 29 94.44 17.05 -15.94
C CYS S 29 93.80 18.42 -16.19
N GLU S 30 92.75 18.74 -15.42
CA GLU S 30 92.10 20.05 -15.49
C GLU S 30 92.56 21.01 -14.39
N LEU S 31 93.07 20.48 -13.28
CA LEU S 31 93.63 21.33 -12.21
C LEU S 31 94.97 21.96 -12.61
N ILE S 32 95.81 21.18 -13.29
CA ILE S 32 97.12 21.66 -13.75
C ILE S 32 96.98 22.66 -14.90
N ASN S 33 95.93 22.51 -15.70
CA ASN S 33 95.66 23.42 -16.82
C ASN S 33 95.02 24.75 -16.39
N LYS S 34 94.25 24.72 -15.29
CA LYS S 34 93.59 25.92 -14.77
C LYS S 34 94.57 26.84 -14.03
N SER S 35 95.06 26.39 -12.88
CA SER S 35 96.07 27.11 -12.08
C SER S 35 95.54 28.37 -11.37
N GLY S 36 94.82 29.23 -12.10
CA GLY S 36 94.37 30.51 -11.59
C GLY S 36 95.19 31.68 -12.12
N GLU S 37 96.05 31.40 -13.10
CA GLU S 37 96.92 32.40 -13.73
C GLU S 37 97.87 33.08 -12.74
N LEU S 38 97.37 34.07 -12.01
CA LEU S 38 98.18 34.84 -11.07
C LEU S 38 98.40 34.06 -9.77
N LEU S 39 99.28 33.06 -9.82
CA LEU S 39 99.64 32.27 -8.65
C LEU S 39 100.59 33.07 -7.77
N ALA S 40 100.23 33.26 -6.51
CA ALA S 40 100.99 34.12 -5.61
C ALA S 40 102.36 33.52 -5.27
N LYS S 41 103.20 34.35 -4.66
CA LYS S 41 104.48 33.91 -4.07
C LYS S 41 104.34 32.75 -3.08
N ASN S 42 103.10 32.38 -2.74
CA ASN S 42 102.81 31.43 -1.67
C ASN S 42 103.09 29.96 -2.01
N LEU S 43 103.25 29.63 -3.29
CA LEU S 43 103.44 28.23 -3.70
C LEU S 43 104.79 27.64 -3.29
N SER S 44 105.74 28.49 -2.89
CA SER S 44 107.01 28.05 -2.30
C SER S 44 106.78 27.24 -1.02
N HIS S 45 105.83 27.69 -0.20
CA HIS S 45 105.47 26.99 1.03
C HIS S 45 104.78 25.67 0.72
N LEU S 46 103.76 25.72 -0.15
CA LEU S 46 102.89 24.57 -0.42
C LEU S 46 103.62 23.36 -1.01
N ASP S 47 104.86 23.56 -1.48
CA ASP S 47 105.66 22.47 -2.03
C ASP S 47 106.51 21.75 -0.97
N THR S 48 106.43 22.17 0.29
CA THR S 48 107.21 21.54 1.37
C THR S 48 106.41 20.48 2.13
N VAL S 49 105.14 20.77 2.45
CA VAL S 49 104.25 19.80 3.09
C VAL S 49 103.47 19.12 1.97
N LEU S 50 104.16 18.26 1.23
CA LEU S 50 103.63 17.75 -0.04
C LEU S 50 104.09 16.33 -0.41
N GLY S 51 105.40 16.10 -0.42
CA GLY S 51 105.97 14.81 -0.82
C GLY S 51 105.43 13.63 -0.03
N ALA S 52 104.25 13.15 -0.43
CA ALA S 52 103.54 12.08 0.29
C ALA S 52 103.68 10.73 -0.40
N LEU S 53 103.05 10.58 -1.56
CA LEU S 53 103.14 9.34 -2.34
C LEU S 53 104.47 9.37 -3.10
N ASP S 54 104.66 10.41 -3.91
CA ASP S 54 105.96 10.78 -4.46
C ASP S 54 105.91 12.19 -5.06
N VAL S 55 105.43 13.12 -4.23
CA VAL S 55 105.32 14.56 -4.59
C VAL S 55 104.23 14.88 -5.64
N GLN S 56 103.60 13.86 -6.23
CA GLN S 56 102.49 14.05 -7.18
C GLN S 56 102.83 14.91 -8.42
N GLU S 57 101.83 15.17 -9.25
CA GLU S 57 101.96 16.13 -10.36
C GLU S 57 101.78 17.57 -9.86
N HIS S 58 101.65 17.73 -8.55
CA HIS S 58 101.62 19.03 -7.89
C HIS S 58 102.89 19.82 -8.21
N SER S 59 104.04 19.19 -8.00
CA SER S 59 105.34 19.82 -8.27
C SER S 59 105.43 20.37 -9.68
N LEU S 60 104.82 19.68 -10.64
CA LEU S 60 104.82 20.11 -12.04
C LEU S 60 104.02 21.39 -12.26
N GLY S 61 102.85 21.47 -11.64
CA GLY S 61 102.03 22.68 -11.69
C GLY S 61 102.73 23.89 -11.09
N VAL S 62 103.50 23.65 -10.03
CA VAL S 62 104.26 24.71 -9.35
C VAL S 62 105.44 25.16 -10.19
N LEU S 63 106.29 24.21 -10.59
CA LEU S 63 107.52 24.52 -11.34
C LEU S 63 107.28 25.19 -12.69
N ALA S 64 106.14 24.90 -13.32
CA ALA S 64 105.78 25.52 -14.59
C ALA S 64 105.59 27.03 -14.46
N VAL S 65 105.02 27.47 -13.33
CA VAL S 65 104.75 28.90 -13.11
C VAL S 65 106.03 29.65 -12.72
N LEU S 66 106.91 29.00 -11.97
CA LEU S 66 108.17 29.62 -11.55
C LEU S 66 109.07 30.05 -12.71
N PHE S 67 109.30 29.12 -13.63
CA PHE S 67 110.21 29.37 -14.76
C PHE S 67 109.57 30.20 -15.88
N VAL S 68 108.23 30.30 -15.88
CA VAL S 68 107.52 31.15 -16.84
C VAL S 68 107.13 32.49 -16.19
N LYS S 69 107.90 32.90 -15.18
CA LYS S 69 107.83 34.27 -14.67
C LYS S 69 108.43 35.23 -15.69
N PHE S 70 109.53 34.80 -16.32
CA PHE S 70 110.32 35.65 -17.23
C PHE S 70 110.66 36.98 -16.56
N SER S 71 110.93 36.93 -15.25
CA SER S 71 111.10 38.13 -14.43
C SER S 71 111.56 37.74 -13.03
N MET S 72 112.86 37.89 -12.78
CA MET S 72 113.46 37.55 -11.48
C MET S 72 113.20 36.08 -11.18
N PRO S 73 114.10 35.18 -11.63
CA PRO S 73 113.83 33.72 -11.60
C PRO S 73 113.15 33.27 -10.31
N SER S 74 113.80 33.56 -9.19
CA SER S 74 113.24 33.33 -7.86
C SER S 74 114.11 34.14 -6.90
N VAL S 75 114.31 35.41 -7.25
CA VAL S 75 115.44 36.23 -6.76
C VAL S 75 116.77 35.51 -7.09
N PRO S 76 117.93 36.16 -6.84
CA PRO S 76 119.22 35.51 -7.15
C PRO S 76 119.46 34.14 -6.48
N ASP S 77 118.57 33.73 -5.58
CA ASP S 77 118.50 32.35 -5.11
C ASP S 77 117.94 31.45 -6.22
N PHE S 78 118.70 31.31 -7.30
CA PHE S 78 118.35 30.36 -8.37
C PHE S 78 119.02 29.02 -8.11
N GLU S 79 119.89 28.98 -7.10
CA GLU S 79 120.39 27.72 -6.54
C GLU S 79 119.28 26.99 -5.77
N THR S 80 118.39 27.77 -5.14
CA THR S 80 117.19 27.22 -4.53
C THR S 80 116.23 26.76 -5.62
N LEU S 81 116.18 27.51 -6.71
CA LEU S 81 115.36 27.18 -7.87
C LEU S 81 115.86 25.95 -8.64
N PHE S 82 117.17 25.72 -8.67
CA PHE S 82 117.72 24.56 -9.37
C PHE S 82 117.64 23.29 -8.52
N SER S 83 118.08 23.39 -7.26
CA SER S 83 117.99 22.26 -6.33
C SER S 83 116.53 21.82 -6.11
N GLN S 84 115.59 22.70 -6.41
CA GLN S 84 114.16 22.38 -6.44
C GLN S 84 113.85 21.43 -7.60
N VAL S 85 114.29 21.80 -8.80
CA VAL S 85 114.08 20.99 -10.00
C VAL S 85 114.99 19.76 -10.00
N GLN S 86 116.15 19.87 -9.35
CA GLN S 86 117.12 18.78 -9.28
C GLN S 86 116.55 17.50 -8.67
N LEU S 87 115.87 17.64 -7.53
CA LEU S 87 115.30 16.49 -6.82
C LEU S 87 114.04 15.93 -7.50
N PHE S 88 113.26 16.81 -8.13
CA PHE S 88 112.04 16.41 -8.84
C PHE S 88 112.35 15.52 -10.04
N ILE S 89 113.39 15.87 -10.78
CA ILE S 89 113.78 15.15 -11.99
C ILE S 89 114.52 13.83 -11.65
N SER S 90 115.16 13.77 -10.49
CA SER S 90 116.03 12.65 -10.15
C SER S 90 115.28 11.33 -9.89
N THR S 91 115.00 11.03 -8.62
CA THR S 91 114.39 9.75 -8.24
C THR S 91 112.92 9.88 -7.83
N CYS S 92 112.39 11.10 -7.86
CA CYS S 92 110.96 11.31 -7.65
C CYS S 92 110.17 10.79 -8.85
N ASN S 93 110.63 11.13 -10.06
CA ASN S 93 110.03 10.75 -11.35
C ASN S 93 108.50 10.71 -11.44
N GLY S 94 107.86 9.87 -10.63
CA GLY S 94 106.43 9.66 -10.70
C GLY S 94 106.11 8.47 -11.58
N GLU S 95 105.26 8.69 -12.57
CA GLU S 95 104.78 7.62 -13.45
C GLU S 95 103.91 8.22 -14.55
N HIS S 96 102.93 9.03 -14.13
CA HIS S 96 102.00 9.69 -15.05
C HIS S 96 102.55 11.02 -15.57
N ILE S 97 103.88 11.09 -15.72
CA ILE S 97 104.52 12.22 -16.39
C ILE S 97 104.19 12.13 -17.88
N ARG S 98 104.03 10.90 -18.36
CA ARG S 98 103.61 10.62 -19.73
C ARG S 98 102.32 11.34 -20.15
N TYR S 99 101.36 11.41 -19.23
CA TYR S 99 100.04 11.98 -19.53
C TYR S 99 99.94 13.46 -19.19
N ALA S 100 101.09 14.08 -18.90
CA ALA S 100 101.16 15.52 -18.71
C ALA S 100 102.52 16.03 -19.21
N THR S 101 102.75 15.85 -20.52
CA THR S 101 103.93 16.43 -21.16
C THR S 101 103.64 17.83 -21.69
N ASP S 102 102.45 18.35 -21.39
CA ASP S 102 102.05 19.70 -21.77
C ASP S 102 103.01 20.71 -21.15
N THR S 103 103.13 20.68 -19.82
CA THR S 103 104.03 21.55 -19.06
C THR S 103 105.36 20.89 -18.69
N PHE S 104 105.46 19.56 -18.88
CA PHE S 104 106.71 18.84 -18.59
C PHE S 104 107.72 19.01 -19.72
N ALA S 105 107.23 19.05 -20.96
CA ALA S 105 108.05 19.45 -22.10
C ALA S 105 108.50 20.89 -21.88
N GLY S 106 107.58 21.74 -21.43
CA GLY S 106 107.87 23.15 -21.13
C GLY S 106 108.78 23.38 -19.93
N LEU S 107 108.77 22.46 -18.97
CA LEU S 107 109.68 22.53 -17.81
C LEU S 107 111.14 22.42 -18.25
N CYS S 108 111.41 21.52 -19.19
CA CYS S 108 112.75 21.30 -19.71
C CYS S 108 113.19 22.38 -20.72
N HIS S 109 112.22 23.01 -21.38
CA HIS S 109 112.49 24.11 -22.32
C HIS S 109 112.98 25.37 -21.60
N GLN S 110 112.28 25.74 -20.53
CA GLN S 110 112.60 26.96 -19.78
C GLN S 110 113.87 26.79 -18.94
N LEU S 111 114.04 25.62 -18.32
CA LEU S 111 115.26 25.28 -17.60
C LEU S 111 116.47 25.35 -18.53
N THR S 112 116.28 24.94 -19.78
CA THR S 112 117.31 25.03 -20.80
C THR S 112 117.58 26.48 -21.19
N ASN S 113 116.56 27.15 -21.75
CA ASN S 113 116.70 28.53 -22.24
C ASN S 113 117.43 29.47 -21.28
N ALA S 114 117.21 29.28 -19.98
CA ALA S 114 117.88 30.07 -18.95
C ALA S 114 119.36 29.69 -18.83
N LEU S 115 119.61 28.40 -18.56
CA LEU S 115 120.98 27.89 -18.40
C LEU S 115 121.91 28.21 -19.58
N VAL S 116 121.34 28.24 -20.78
CA VAL S 116 122.07 28.60 -21.99
C VAL S 116 122.69 30.00 -21.85
N GLU S 117 121.83 30.99 -21.64
CA GLU S 117 122.26 32.38 -21.57
C GLU S 117 122.83 32.77 -20.20
N ARG S 118 122.67 31.90 -19.19
CA ARG S 118 123.21 32.16 -17.85
C ARG S 118 124.74 32.13 -17.87
N LYS S 119 125.33 30.93 -17.70
CA LYS S 119 126.78 30.76 -17.76
C LYS S 119 127.10 29.50 -18.55
N GLN S 120 126.72 28.35 -18.00
CA GLN S 120 126.92 27.06 -18.64
C GLN S 120 126.09 25.99 -17.93
N PRO S 121 125.48 25.07 -18.70
CA PRO S 121 124.88 23.88 -18.14
C PRO S 121 125.77 22.65 -18.31
N LEU S 122 126.62 22.39 -17.33
CA LEU S 122 127.37 21.13 -17.26
C LEU S 122 126.66 20.18 -16.30
N ARG S 123 126.08 20.73 -15.23
CA ARG S 123 125.11 20.01 -14.42
C ARG S 123 123.78 19.89 -15.14
N GLY S 124 123.38 20.95 -15.85
CA GLY S 124 122.12 20.99 -16.59
C GLY S 124 121.89 19.85 -17.57
N ILE S 125 122.99 19.27 -18.07
CA ILE S 125 122.93 18.11 -18.96
C ILE S 125 122.54 16.87 -18.16
N GLY S 126 123.24 16.66 -17.03
CA GLY S 126 123.00 15.51 -16.17
C GLY S 126 121.56 15.36 -15.71
N ILE S 127 120.93 16.49 -15.39
CA ILE S 127 119.51 16.50 -14.97
C ILE S 127 118.60 16.11 -16.14
N LEU S 128 118.86 16.65 -17.32
CA LEU S 128 117.97 16.47 -18.48
C LEU S 128 117.96 15.05 -19.03
N LYS S 129 118.95 14.24 -18.66
CA LYS S 129 119.00 12.83 -19.08
C LYS S 129 117.83 12.03 -18.50
N GLN S 130 117.71 12.01 -17.18
CA GLN S 130 116.64 11.25 -16.51
C GLN S 130 115.24 11.78 -16.84
N ALA S 131 115.15 13.04 -17.25
CA ALA S 131 113.88 13.64 -17.68
C ALA S 131 113.29 12.93 -18.89
N ILE S 132 114.17 12.38 -19.73
CA ILE S 132 113.74 11.66 -20.93
C ILE S 132 113.26 10.24 -20.60
N ASP S 133 113.83 9.64 -19.56
CA ASP S 133 113.74 8.17 -19.33
C ASP S 133 112.39 7.62 -18.86
N LYS S 134 111.63 8.38 -18.07
CA LYS S 134 110.28 7.97 -17.69
C LYS S 134 109.22 8.66 -18.53
N MET S 135 109.66 9.53 -19.45
CA MET S 135 108.77 10.16 -20.43
C MET S 135 108.61 9.22 -21.62
N GLN S 136 109.74 8.79 -22.20
CA GLN S 136 109.74 7.77 -23.25
C GLN S 136 109.74 6.41 -22.57
N MET S 137 109.00 5.46 -23.15
CA MET S 137 108.79 4.18 -22.51
C MET S 137 109.88 3.18 -22.88
N ASN S 138 109.83 2.66 -24.10
CA ASN S 138 110.63 1.49 -24.49
C ASN S 138 111.78 1.82 -25.45
N THR S 139 111.50 1.84 -26.76
CA THR S 139 112.53 1.85 -27.79
C THR S 139 113.00 3.26 -28.14
N ASN S 140 113.01 4.14 -27.16
CA ASN S 140 113.25 5.57 -27.34
C ASN S 140 112.20 6.22 -28.24
N GLN S 141 111.67 7.36 -27.79
CA GLN S 141 110.61 8.06 -28.48
C GLN S 141 110.98 9.54 -28.59
N LEU S 142 111.03 10.05 -29.82
CA LEU S 142 111.58 11.40 -30.10
C LEU S 142 110.77 12.53 -29.46
N THR S 143 111.10 12.84 -28.21
CA THR S 143 110.50 13.98 -27.51
C THR S 143 111.31 15.27 -27.72
N SER S 144 110.70 16.39 -27.32
CA SER S 144 111.33 17.70 -27.41
C SER S 144 112.57 17.83 -26.52
N ILE S 145 112.64 17.02 -25.46
CA ILE S 145 113.77 17.05 -24.54
C ILE S 145 115.08 16.63 -25.22
N HIS S 146 115.00 15.71 -26.19
CA HIS S 146 116.19 15.31 -26.95
C HIS S 146 116.80 16.50 -27.66
N ALA S 147 115.96 17.34 -28.25
CA ALA S 147 116.41 18.56 -28.91
C ALA S 147 117.16 19.49 -27.96
N ASP S 148 116.65 19.65 -26.75
CA ASP S 148 117.27 20.52 -25.74
C ASP S 148 118.57 19.91 -25.19
N LEU S 149 118.52 18.63 -24.83
CA LEU S 149 119.69 17.91 -24.29
C LEU S 149 120.93 18.15 -25.15
N CYS S 150 120.73 18.20 -26.47
CA CYS S 150 121.80 18.51 -27.41
C CYS S 150 122.22 19.97 -27.31
N GLN S 151 121.24 20.87 -27.30
CA GLN S 151 121.50 22.31 -27.20
C GLN S 151 122.36 22.65 -25.99
N LEU S 152 122.12 21.96 -24.87
CA LEU S 152 122.92 22.14 -23.66
C LEU S 152 124.35 21.65 -23.88
N CYS S 153 124.47 20.38 -24.26
CA CYS S 153 125.78 19.72 -24.38
C CYS S 153 126.54 20.11 -25.64
N LEU S 154 125.92 20.87 -26.53
CA LEU S 154 126.62 21.51 -27.63
C LEU S 154 127.38 22.72 -27.10
N LEU S 155 126.65 23.60 -26.44
CA LEU S 155 127.20 24.87 -25.94
C LEU S 155 128.15 24.61 -24.79
N ALA S 156 127.68 23.87 -23.79
CA ALA S 156 128.57 23.32 -22.78
C ALA S 156 129.41 22.26 -23.47
N LYS S 157 130.68 22.57 -23.72
CA LYS S 157 131.52 21.76 -24.63
C LYS S 157 131.77 20.36 -24.07
N CYS S 158 130.72 19.54 -24.07
CA CYS S 158 130.76 18.20 -23.50
C CYS S 158 129.73 17.32 -24.21
N PHE S 159 130.14 16.75 -25.33
CA PHE S 159 129.23 15.99 -26.20
C PHE S 159 129.11 14.54 -25.75
N LYS S 160 129.93 14.14 -24.77
CA LYS S 160 129.99 12.77 -24.28
C LYS S 160 128.66 12.14 -23.89
N PRO S 161 127.86 12.84 -23.05
CA PRO S 161 126.71 12.18 -22.41
C PRO S 161 125.45 12.04 -23.26
N ALA S 162 125.31 12.88 -24.29
CA ALA S 162 124.13 12.84 -25.15
C ALA S 162 124.15 11.70 -26.18
N LEU S 163 125.34 11.14 -26.40
CA LEU S 163 125.53 10.10 -27.40
C LEU S 163 124.73 8.81 -27.16
N PRO S 164 124.62 8.37 -25.89
CA PRO S 164 123.70 7.29 -25.55
C PRO S 164 122.32 7.38 -26.21
N TYR S 165 121.79 8.60 -26.36
CA TYR S 165 120.51 8.82 -27.01
C TYR S 165 120.63 9.13 -28.52
N LEU S 166 121.74 9.76 -28.91
CA LEU S 166 122.01 10.00 -30.34
C LEU S 166 122.30 8.72 -31.13
N ASP S 167 122.81 7.69 -30.45
CA ASP S 167 123.15 6.40 -31.10
C ASP S 167 121.92 5.65 -31.62
N VAL S 168 120.83 5.68 -30.87
CA VAL S 168 119.58 5.03 -31.28
C VAL S 168 118.79 5.99 -32.19
N ASP S 169 118.36 5.49 -33.35
CA ASP S 169 117.49 6.26 -34.25
C ASP S 169 116.03 6.02 -33.87
N MET S 170 115.62 6.67 -32.80
CA MET S 170 114.27 6.55 -32.24
C MET S 170 113.15 6.84 -33.25
N MET S 171 112.26 5.86 -33.46
CA MET S 171 111.02 6.11 -34.18
C MET S 171 109.97 6.58 -33.18
N ASP S 172 108.81 7.00 -33.69
CA ASP S 172 107.67 7.42 -32.87
C ASP S 172 107.91 8.76 -32.14
N ILE S 173 107.29 9.83 -32.62
CA ILE S 173 107.41 11.17 -32.02
C ILE S 173 106.51 11.29 -30.79
N CYS S 174 107.11 11.57 -29.63
CA CYS S 174 106.36 11.78 -28.39
C CYS S 174 105.66 13.13 -28.41
N LYS S 175 104.34 13.09 -28.55
CA LYS S 175 103.51 14.29 -28.56
C LYS S 175 102.86 14.45 -27.17
N GLU S 176 101.70 13.83 -26.97
CA GLU S 176 100.97 13.86 -25.69
C GLU S 176 100.57 15.29 -25.27
N ASN S 177 99.31 15.64 -25.48
CA ASN S 177 98.80 17.01 -25.29
C ASN S 177 99.50 17.98 -26.25
N GLY S 178 99.65 17.55 -27.50
CA GLY S 178 100.45 18.29 -28.48
C GLY S 178 101.92 18.18 -28.13
N ALA S 179 102.36 19.05 -27.23
CA ALA S 179 103.72 19.05 -26.66
C ALA S 179 104.83 18.62 -27.63
N TYR S 180 104.77 19.12 -28.86
CA TYR S 180 105.88 18.99 -29.80
C TYR S 180 105.78 20.04 -30.89
N ASP S 181 106.93 20.59 -31.26
CA ASP S 181 107.04 21.73 -32.16
C ASP S 181 107.67 21.31 -33.49
N ALA S 182 107.32 22.02 -34.56
CA ALA S 182 107.82 21.72 -35.90
C ALA S 182 109.31 22.03 -36.11
N LYS S 183 109.94 22.72 -35.15
CA LYS S 183 111.38 22.97 -35.18
C LYS S 183 112.18 22.12 -34.19
N HIS S 184 111.53 21.56 -33.17
CA HIS S 184 112.22 20.68 -32.20
C HIS S 184 112.57 19.31 -32.79
N PHE S 185 111.99 19.01 -33.94
CA PHE S 185 112.47 17.92 -34.78
C PHE S 185 113.78 18.34 -35.44
N LEU S 186 113.77 19.51 -36.09
CA LEU S 186 114.96 20.07 -36.76
C LEU S 186 116.13 20.27 -35.81
N CYS S 187 115.83 20.72 -34.60
CA CYS S 187 116.86 21.00 -33.60
C CYS S 187 117.71 19.76 -33.28
N TYR S 188 117.03 18.68 -32.89
CA TYR S 188 117.72 17.42 -32.55
C TYR S 188 118.67 17.00 -33.65
N TYR S 189 118.13 16.84 -34.86
CA TYR S 189 118.93 16.36 -35.99
C TYR S 189 119.90 17.41 -36.56
N TYR S 190 119.68 18.69 -36.22
CA TYR S 190 120.63 19.73 -36.57
C TYR S 190 121.78 19.76 -35.58
N TYR S 191 121.46 19.85 -34.30
CA TYR S 191 122.46 19.81 -33.25
C TYR S 191 123.24 18.51 -33.31
N GLY S 192 122.51 17.40 -33.29
CA GLY S 192 123.11 16.07 -33.38
C GLY S 192 124.14 15.97 -34.49
N GLY S 193 123.78 16.47 -35.67
CA GLY S 193 124.67 16.50 -36.82
C GLY S 193 125.97 17.21 -36.49
N MET S 194 125.85 18.38 -35.88
CA MET S 194 127.01 19.15 -35.46
C MET S 194 127.80 18.44 -34.37
N ILE S 195 127.08 17.81 -33.44
CA ILE S 195 127.70 17.04 -32.36
C ILE S 195 128.69 16.02 -32.91
N TYR S 196 128.22 15.18 -33.84
CA TYR S 196 129.08 14.17 -34.46
C TYR S 196 130.14 14.80 -35.36
N THR S 197 129.83 15.97 -35.95
CA THR S 197 130.77 16.69 -36.82
C THR S 197 132.08 17.02 -36.09
N GLY S 198 131.97 17.45 -34.84
CA GLY S 198 133.15 17.75 -34.02
C GLY S 198 133.91 16.51 -33.59
N LEU S 199 133.16 15.45 -33.27
CA LEU S 199 133.75 14.16 -32.90
C LEU S 199 134.32 13.43 -34.11
N LYS S 200 133.93 13.90 -35.30
CA LYS S 200 134.46 13.41 -36.58
C LYS S 200 133.93 12.01 -36.93
N ASN S 201 132.65 11.80 -36.59
CA ASN S 201 131.89 10.64 -37.03
C ASN S 201 131.03 11.10 -38.21
N PHE S 202 131.70 11.34 -39.33
CA PHE S 202 131.08 12.02 -40.47
C PHE S 202 129.90 11.26 -41.07
N GLU S 203 129.94 9.93 -41.00
CA GLU S 203 128.86 9.10 -41.53
C GLU S 203 127.55 9.42 -40.82
N ARG S 204 127.55 9.29 -39.50
CA ARG S 204 126.36 9.55 -38.70
C ARG S 204 125.99 11.02 -38.77
N ALA S 205 127.00 11.89 -38.82
CA ALA S 205 126.80 13.33 -38.94
C ALA S 205 125.97 13.68 -40.18
N LEU S 206 126.34 13.10 -41.32
CA LEU S 206 125.63 13.36 -42.57
C LEU S 206 124.18 12.91 -42.51
N TYR S 207 123.96 11.70 -41.99
CA TYR S 207 122.63 11.14 -41.88
C TYR S 207 121.67 11.99 -41.04
N PHE S 208 122.22 12.67 -40.03
CA PHE S 208 121.42 13.54 -39.17
C PHE S 208 120.97 14.80 -39.91
N TYR S 209 121.92 15.56 -40.46
CA TYR S 209 121.62 16.74 -41.27
C TYR S 209 120.60 16.41 -42.36
N GLU S 210 120.72 15.21 -42.92
CA GLU S 210 119.82 14.74 -43.98
C GLU S 210 118.36 14.78 -43.54
N GLN S 211 118.07 14.16 -42.40
CA GLN S 211 116.69 14.10 -41.88
C GLN S 211 116.11 15.48 -41.53
N ALA S 212 116.98 16.46 -41.30
CA ALA S 212 116.54 17.85 -41.12
C ALA S 212 116.02 18.44 -42.43
N ILE S 213 116.76 18.22 -43.51
CA ILE S 213 116.44 18.80 -44.81
C ILE S 213 115.16 18.20 -45.40
N THR S 214 114.91 16.93 -45.09
CA THR S 214 113.71 16.24 -45.58
C THR S 214 112.43 16.88 -45.06
N THR S 215 112.36 17.03 -43.74
CA THR S 215 111.16 17.51 -43.03
C THR S 215 110.33 18.49 -43.86
N PRO S 216 109.01 18.23 -44.01
CA PRO S 216 108.21 19.12 -44.84
C PRO S 216 108.08 20.50 -44.23
N ALA S 217 108.05 21.52 -45.07
CA ALA S 217 107.94 22.89 -44.61
C ALA S 217 107.39 23.78 -45.72
N MET S 218 106.20 24.36 -45.47
CA MET S 218 105.57 25.26 -46.43
C MET S 218 106.35 26.58 -46.55
N ALA S 219 107.17 26.90 -45.55
CA ALA S 219 108.06 28.06 -45.59
C ALA S 219 109.51 27.65 -45.34
N VAL S 220 110.43 28.57 -45.61
CA VAL S 220 111.86 28.35 -45.38
C VAL S 220 112.21 28.66 -43.93
N SER S 221 112.30 27.61 -43.11
CA SER S 221 112.80 27.73 -41.75
C SER S 221 114.33 27.91 -41.78
N HIS S 222 114.87 28.39 -40.67
CA HIS S 222 116.25 28.90 -40.64
C HIS S 222 117.28 27.81 -40.31
N ILE S 223 116.82 26.71 -39.69
CA ILE S 223 117.69 25.56 -39.40
C ILE S 223 118.03 24.83 -40.68
N MET S 224 117.03 24.70 -41.55
CA MET S 224 117.15 23.91 -42.78
C MET S 224 118.22 24.46 -43.73
N LEU S 225 118.45 25.77 -43.69
CA LEU S 225 119.51 26.39 -44.49
C LEU S 225 120.91 26.06 -43.99
N GLU S 226 121.06 26.02 -42.67
CA GLU S 226 122.37 25.74 -42.07
C GLU S 226 122.77 24.27 -42.17
N SER S 227 121.82 23.36 -41.90
CA SER S 227 122.09 21.93 -42.02
C SER S 227 122.60 21.57 -43.41
N TYR S 228 122.00 22.20 -44.43
CA TYR S 228 122.38 22.00 -45.83
C TYR S 228 123.82 22.45 -46.12
N LYS S 229 124.19 23.62 -45.63
CA LYS S 229 125.53 24.18 -45.85
C LYS S 229 126.63 23.27 -45.27
N LYS S 230 126.42 22.82 -44.04
CA LYS S 230 127.37 21.93 -43.38
C LYS S 230 127.29 20.52 -43.99
N TYR S 231 126.08 20.07 -44.31
CA TYR S 231 125.86 18.81 -45.02
C TYR S 231 126.68 18.75 -46.31
N ILE S 232 126.79 19.88 -47.00
CA ILE S 232 127.64 19.99 -48.19
C ILE S 232 129.10 19.67 -47.84
N LEU S 233 129.59 20.29 -46.77
CA LEU S 233 130.97 20.08 -46.34
C LEU S 233 131.23 18.63 -45.91
N VAL S 234 130.25 18.02 -45.26
CA VAL S 234 130.41 16.65 -44.73
C VAL S 234 130.65 15.65 -45.87
N SER S 235 129.81 15.72 -46.90
CA SER S 235 129.93 14.81 -48.05
C SER S 235 131.21 15.03 -48.84
N LEU S 236 131.72 16.28 -48.84
CA LEU S 236 132.95 16.60 -49.55
C LEU S 236 134.21 16.15 -48.78
N ILE S 237 134.08 15.87 -47.49
CA ILE S 237 135.16 15.29 -46.70
C ILE S 237 135.02 13.76 -46.67
N LEU S 238 133.84 13.29 -46.28
CA LEU S 238 133.53 11.85 -46.23
C LEU S 238 133.72 11.21 -47.60
N LEU S 239 133.02 11.75 -48.59
CA LEU S 239 133.13 11.33 -49.98
C LEU S 239 134.00 12.36 -50.68
N GLY S 240 134.06 12.28 -52.00
CA GLY S 240 134.72 13.33 -52.80
C GLY S 240 133.74 13.99 -53.73
N LYS S 241 132.50 14.14 -53.28
CA LYS S 241 131.40 14.52 -54.16
C LYS S 241 130.12 14.88 -53.41
N VAL S 242 129.13 15.34 -54.17
CA VAL S 242 127.84 15.76 -53.63
C VAL S 242 126.94 14.57 -53.36
N GLN S 243 126.53 14.39 -52.10
CA GLN S 243 125.50 13.41 -51.76
C GLN S 243 124.14 13.99 -52.07
N GLN S 244 123.36 13.28 -52.90
CA GLN S 244 122.02 13.71 -53.24
C GLN S 244 121.04 13.33 -52.14
N LEU S 245 119.97 14.11 -52.05
CA LEU S 245 118.96 13.94 -51.02
C LEU S 245 117.85 13.04 -51.53
N PRO S 246 116.91 12.65 -50.65
CA PRO S 246 115.71 11.96 -51.11
C PRO S 246 114.84 12.83 -52.02
N LYS S 247 113.96 12.19 -52.79
CA LYS S 247 113.01 12.89 -53.64
C LYS S 247 111.92 13.55 -52.79
N TYR S 248 111.72 13.07 -51.57
CA TYR S 248 110.69 13.60 -50.68
C TYR S 248 111.14 14.82 -49.82
N THR S 249 112.27 15.43 -50.16
CA THR S 249 112.69 16.68 -49.51
C THR S 249 111.70 17.81 -49.79
N SER S 250 111.55 18.72 -48.84
CA SER S 250 110.59 19.81 -48.96
C SER S 250 110.87 20.63 -50.22
N GLN S 251 109.81 21.06 -50.90
CA GLN S 251 109.93 21.82 -52.15
C GLN S 251 110.64 23.16 -51.97
N ILE S 252 110.52 23.74 -50.78
CA ILE S 252 111.24 24.98 -50.44
C ILE S 252 112.77 24.83 -50.43
N VAL S 253 113.26 23.58 -50.40
CA VAL S 253 114.70 23.32 -50.39
C VAL S 253 115.33 23.59 -51.75
N GLY S 254 114.95 22.80 -52.76
CA GLY S 254 115.51 22.92 -54.10
C GLY S 254 115.19 24.23 -54.81
N ARG S 255 114.05 24.81 -54.46
CA ARG S 255 113.60 26.08 -55.02
C ARG S 255 114.41 27.26 -54.47
N PHE S 256 114.56 27.32 -53.15
CA PHE S 256 115.14 28.49 -52.47
C PHE S 256 116.41 28.19 -51.69
N ILE S 257 116.33 27.26 -50.74
CA ILE S 257 117.44 26.97 -49.82
C ILE S 257 118.74 26.60 -50.54
N LYS S 258 118.63 25.86 -51.64
CA LYS S 258 119.80 25.39 -52.39
C LYS S 258 120.62 26.53 -52.99
N PRO S 259 120.00 27.38 -53.84
CA PRO S 259 120.76 28.52 -54.36
C PRO S 259 121.10 29.60 -53.31
N LEU S 260 120.42 29.59 -52.17
CA LEU S 260 120.77 30.47 -51.06
C LEU S 260 122.12 30.09 -50.45
N SER S 261 122.40 28.79 -50.40
CA SER S 261 123.72 28.29 -50.03
C SER S 261 124.51 27.99 -51.29
N ASN S 262 124.83 29.05 -52.04
CA ASN S 262 125.48 28.92 -53.35
C ASN S 262 126.99 28.76 -53.25
N ALA S 263 127.62 29.48 -52.33
CA ALA S 263 129.07 29.44 -52.16
C ALA S 263 129.61 28.07 -51.74
N TYR S 264 128.73 27.21 -51.26
CA TYR S 264 129.09 25.85 -50.86
C TYR S 264 128.95 24.84 -52.03
N HIS S 265 127.99 25.09 -52.92
CA HIS S 265 127.93 24.39 -54.22
C HIS S 265 129.09 24.85 -55.10
N GLU S 266 129.39 26.15 -55.03
CA GLU S 266 130.53 26.74 -55.71
C GLU S 266 131.85 26.13 -55.24
N LEU S 267 131.87 25.67 -53.98
CA LEU S 267 133.02 24.93 -53.45
C LEU S 267 133.17 23.58 -54.16
N ALA S 268 132.08 22.83 -54.21
CA ALA S 268 132.05 21.54 -54.91
C ALA S 268 132.39 21.72 -56.38
N GLN S 269 132.02 22.88 -56.94
CA GLN S 269 132.37 23.24 -58.31
C GLN S 269 133.85 22.99 -58.60
N VAL S 270 134.71 23.56 -57.76
CA VAL S 270 136.16 23.43 -57.92
C VAL S 270 136.63 22.06 -57.42
N TYR S 271 135.94 21.51 -56.42
CA TYR S 271 136.32 20.25 -55.79
C TYR S 271 136.48 19.10 -56.79
N SER S 272 135.50 18.94 -57.67
CA SER S 272 135.51 17.85 -58.63
C SER S 272 136.65 17.92 -59.66
N THR S 273 137.25 19.10 -59.82
CA THR S 273 138.39 19.28 -60.72
C THR S 273 139.69 18.77 -60.11
N ASN S 274 139.70 18.57 -58.79
CA ASN S 274 140.89 18.12 -58.05
C ASN S 274 142.05 19.09 -58.17
N ASN S 275 141.78 20.32 -57.76
CA ASN S 275 142.76 21.40 -57.81
C ASN S 275 142.73 22.20 -56.49
N PRO S 276 143.59 21.81 -55.52
CA PRO S 276 143.61 22.50 -54.23
C PRO S 276 144.02 23.98 -54.29
N SER S 277 145.00 24.29 -55.15
CA SER S 277 145.46 25.67 -55.32
C SER S 277 144.34 26.60 -55.80
N GLU S 278 143.52 26.10 -56.72
CA GLU S 278 142.38 26.84 -57.23
C GLU S 278 141.27 26.93 -56.18
N LEU S 279 140.97 25.78 -55.57
CA LEU S 279 139.98 25.70 -54.49
C LEU S 279 140.27 26.71 -53.39
N ARG S 280 141.54 26.82 -53.02
CA ARG S 280 141.96 27.73 -51.97
C ARG S 280 141.64 29.19 -52.32
N ASN S 281 141.82 29.57 -53.58
CA ASN S 281 141.53 30.93 -54.03
C ASN S 281 140.04 31.27 -54.01
N LEU S 282 139.18 30.25 -54.03
CA LEU S 282 137.74 30.44 -53.83
C LEU S 282 137.40 30.68 -52.36
N VAL S 283 138.05 29.94 -51.48
CA VAL S 283 137.79 30.05 -50.04
C VAL S 283 138.23 31.43 -49.52
N ASN S 284 139.32 31.96 -50.05
CA ASN S 284 139.84 33.29 -49.68
C ASN S 284 138.95 34.45 -50.17
N LYS S 285 138.25 34.24 -51.27
CA LYS S 285 137.31 35.24 -51.80
C LYS S 285 136.09 35.34 -50.89
N HIS S 286 135.42 34.21 -50.67
CA HIS S 286 134.23 34.17 -49.82
C HIS S 286 134.55 33.80 -48.36
N SER S 287 135.79 34.06 -47.93
CA SER S 287 136.19 33.87 -46.54
C SER S 287 135.12 34.41 -45.61
N GLU S 288 134.61 35.60 -45.92
CA GLU S 288 133.50 36.19 -45.19
C GLU S 288 132.31 35.23 -45.12
N THR S 289 131.73 34.91 -46.27
CA THR S 289 130.53 34.06 -46.33
C THR S 289 130.69 32.76 -45.53
N PHE S 290 131.88 32.18 -45.57
CA PHE S 290 132.16 30.94 -44.85
C PHE S 290 132.35 31.21 -43.36
N THR S 291 133.16 32.22 -43.03
CA THR S 291 133.41 32.57 -41.62
C THR S 291 132.21 33.25 -40.95
N ARG S 292 131.30 33.79 -41.76
CA ARG S 292 130.05 34.37 -41.27
C ARG S 292 129.19 33.29 -40.62
N ASP S 293 129.25 32.08 -41.17
CA ASP S 293 128.43 30.95 -40.73
C ASP S 293 129.14 30.07 -39.67
N ASN S 294 130.32 30.49 -39.22
CA ASN S 294 131.11 29.74 -38.24
C ASN S 294 131.26 28.26 -38.56
N ASN S 295 131.52 27.97 -39.84
CA ASN S 295 131.88 26.64 -40.30
C ASN S 295 133.16 26.65 -41.14
N MET S 296 133.93 27.74 -41.04
CA MET S 296 135.28 27.78 -41.57
C MET S 296 136.11 26.85 -40.71
N GLY S 297 137.04 26.14 -41.33
CA GLY S 297 137.74 25.03 -40.67
C GLY S 297 137.22 23.73 -41.24
N LEU S 298 135.90 23.53 -41.16
CA LEU S 298 135.26 22.40 -41.82
C LEU S 298 135.35 22.56 -43.34
N VAL S 299 135.27 23.80 -43.81
CA VAL S 299 135.52 24.10 -45.22
C VAL S 299 137.01 23.86 -45.54
N LYS S 300 137.88 24.10 -44.57
CA LYS S 300 139.31 23.82 -44.72
C LYS S 300 139.66 22.36 -44.52
N GLN S 301 138.76 21.60 -43.87
CA GLN S 301 138.90 20.14 -43.82
C GLN S 301 138.66 19.53 -45.20
N CYS S 302 137.86 20.21 -46.03
CA CYS S 302 137.67 19.80 -47.41
C CYS S 302 138.93 20.06 -48.22
N LEU S 303 139.63 21.15 -47.91
CA LEU S 303 140.92 21.46 -48.53
C LEU S 303 141.90 20.30 -48.35
N SER S 304 141.87 19.69 -47.17
CA SER S 304 142.75 18.55 -46.86
C SER S 304 142.22 17.23 -47.45
N SER S 305 140.91 17.03 -47.45
CA SER S 305 140.31 15.80 -48.00
C SER S 305 140.49 15.70 -49.51
N LEU S 306 140.67 16.84 -50.17
CA LEU S 306 140.97 16.88 -51.60
C LEU S 306 142.40 16.39 -51.86
N TYR S 307 143.34 16.83 -51.04
CA TYR S 307 144.71 16.30 -51.07
C TYR S 307 144.68 14.79 -50.87
N LYS S 308 143.84 14.35 -49.93
CA LYS S 308 143.69 12.92 -49.63
C LYS S 308 142.92 12.18 -50.73
N LYS S 309 141.99 12.84 -51.40
CA LYS S 309 141.35 12.27 -52.58
C LYS S 309 142.36 12.10 -53.72
N ASN S 310 143.13 13.15 -53.98
CA ASN S 310 144.18 13.11 -55.00
C ASN S 310 145.07 11.87 -54.89
N ILE S 311 145.49 11.55 -53.67
CA ILE S 311 146.36 10.40 -53.41
C ILE S 311 145.56 9.10 -53.49
N GLN S 312 144.31 9.13 -53.01
CA GLN S 312 143.41 7.97 -53.10
C GLN S 312 143.24 7.47 -54.53
N ARG S 313 143.27 8.38 -55.49
CA ARG S 313 143.15 8.02 -56.90
C ARG S 313 144.38 7.25 -57.40
N LEU S 314 145.56 7.65 -56.94
CA LEU S 314 146.82 7.06 -57.40
C LEU S 314 146.84 5.54 -57.27
N THR S 315 146.20 5.01 -56.23
CA THR S 315 146.08 3.57 -56.03
C THR S 315 145.53 2.85 -57.27
N LYS S 316 144.58 3.48 -57.94
CA LYS S 316 143.92 2.89 -59.11
C LYS S 316 144.82 2.88 -60.35
N THR S 317 145.81 3.78 -60.39
CA THR S 317 146.68 3.93 -61.54
C THR S 317 148.06 3.31 -61.31
N PHE S 318 148.86 3.94 -60.46
CA PHE S 318 150.20 3.46 -60.14
C PHE S 318 150.12 2.43 -59.01
N LEU S 319 151.08 1.51 -58.95
CA LEU S 319 151.25 0.65 -57.79
C LEU S 319 152.62 0.84 -57.13
N THR S 320 153.60 1.31 -57.89
CA THR S 320 154.88 1.76 -57.33
C THR S 320 155.13 3.18 -57.83
N LEU S 321 155.29 4.10 -56.89
CA LEU S 321 155.53 5.50 -57.22
C LEU S 321 156.52 6.15 -56.25
N SER S 322 157.27 7.12 -56.76
CA SER S 322 158.27 7.83 -55.97
C SER S 322 157.63 8.92 -55.12
N LEU S 323 158.28 9.25 -54.02
CA LEU S 323 157.87 10.34 -53.16
C LEU S 323 157.93 11.64 -53.92
N GLN S 324 159.01 11.81 -54.67
CA GLN S 324 159.22 13.00 -55.46
C GLN S 324 158.17 13.11 -56.56
N ASP S 325 157.93 11.99 -57.25
CA ASP S 325 156.88 11.94 -58.27
C ASP S 325 155.53 12.30 -57.65
N MET S 326 155.22 11.69 -56.52
CA MET S 326 153.97 11.97 -55.82
C MET S 326 153.90 13.43 -55.42
N ALA S 327 154.99 13.94 -54.85
CA ALA S 327 155.07 15.34 -54.43
C ALA S 327 154.76 16.29 -55.58
N SER S 328 155.28 15.96 -56.76
CA SER S 328 155.05 16.76 -57.96
C SER S 328 153.63 16.61 -58.50
N ARG S 329 153.05 15.41 -58.35
CA ARG S 329 151.71 15.13 -58.88
C ARG S 329 150.57 15.54 -57.92
N VAL S 330 150.80 15.43 -56.61
CA VAL S 330 149.79 15.81 -55.62
C VAL S 330 149.79 17.32 -55.36
N GLN S 331 150.90 17.99 -55.70
CA GLN S 331 151.07 19.46 -55.62
C GLN S 331 151.59 19.95 -54.25
N LEU S 332 151.85 19.03 -53.32
CA LEU S 332 152.29 19.42 -51.98
C LEU S 332 153.74 19.91 -51.93
N SER S 333 154.56 19.44 -52.87
CA SER S 333 155.96 19.89 -53.04
C SER S 333 156.89 19.37 -51.93
N GLY S 334 158.03 18.82 -52.34
CA GLY S 334 158.99 18.23 -51.42
C GLY S 334 158.58 16.83 -51.02
N PRO S 335 159.55 15.90 -50.94
CA PRO S 335 159.21 14.51 -50.63
C PRO S 335 158.67 14.30 -49.22
N GLN S 336 158.93 15.24 -48.31
CA GLN S 336 158.46 15.10 -46.93
C GLN S 336 156.95 15.21 -46.95
N GLU S 337 156.45 16.33 -47.47
CA GLU S 337 155.01 16.58 -47.55
C GLU S 337 154.28 15.41 -48.20
N ALA S 338 154.94 14.75 -49.15
CA ALA S 338 154.41 13.52 -49.73
C ALA S 338 154.42 12.42 -48.68
N GLU S 339 155.60 12.13 -48.13
CA GLU S 339 155.74 11.07 -47.13
C GLU S 339 154.83 11.32 -45.93
N LYS S 340 154.60 12.59 -45.61
CA LYS S 340 153.70 12.96 -44.53
C LYS S 340 152.34 12.29 -44.67
N TYR S 341 151.58 12.74 -45.66
CA TYR S 341 150.20 12.26 -45.82
C TYR S 341 150.12 10.77 -46.09
N VAL S 342 151.17 10.18 -46.65
CA VAL S 342 151.26 8.73 -46.76
C VAL S 342 151.11 8.13 -45.37
N LEU S 343 151.99 8.53 -44.46
CA LEU S 343 151.94 8.06 -43.07
C LEU S 343 150.55 8.27 -42.46
N HIS S 344 150.08 9.52 -42.48
CA HIS S 344 148.82 9.87 -41.83
C HIS S 344 147.66 9.04 -42.39
N MET S 345 147.51 9.01 -43.70
CA MET S 345 146.46 8.22 -44.34
C MET S 345 146.55 6.76 -43.92
N ILE S 346 147.76 6.24 -43.84
CA ILE S 346 147.99 4.88 -43.39
C ILE S 346 147.62 4.75 -41.90
N GLU S 347 148.30 5.54 -41.08
CA GLU S 347 148.07 5.55 -39.63
C GLU S 347 146.59 5.56 -39.31
N ASP S 348 145.86 6.43 -40.00
CA ASP S 348 144.40 6.50 -39.89
C ASP S 348 143.79 5.24 -40.47
N GLY S 349 144.16 4.92 -41.70
CA GLY S 349 143.62 3.77 -42.43
C GLY S 349 142.67 4.18 -43.54
N GLU S 350 143.11 5.11 -44.38
CA GLU S 350 142.36 5.54 -45.56
C GLU S 350 142.88 4.87 -46.84
N ILE S 351 144.14 4.44 -46.81
CA ILE S 351 144.81 3.87 -47.98
C ILE S 351 145.71 2.70 -47.55
N PHE S 352 145.88 1.72 -48.44
CA PHE S 352 146.80 0.60 -48.21
C PHE S 352 148.11 0.84 -48.96
N ALA S 353 149.14 1.24 -48.21
CA ALA S 353 150.43 1.56 -48.80
C ALA S 353 151.58 1.42 -47.78
N SER S 354 152.80 1.56 -48.27
CA SER S 354 153.99 1.52 -47.43
C SER S 354 155.15 2.24 -48.10
N ILE S 355 156.23 2.43 -47.34
CA ILE S 355 157.36 3.24 -47.78
C ILE S 355 158.67 2.46 -47.77
N ASN S 356 159.45 2.62 -48.83
CA ASN S 356 160.84 2.19 -48.87
C ASN S 356 161.72 3.43 -48.93
N GLN S 357 162.09 3.96 -47.77
CA GLN S 357 162.88 5.18 -47.70
C GLN S 357 164.26 5.05 -48.37
N LYS S 358 164.85 3.86 -48.29
CA LYS S 358 166.19 3.63 -48.81
C LYS S 358 166.32 4.15 -50.24
N ASP S 359 165.44 3.65 -51.10
CA ASP S 359 165.33 4.17 -52.46
C ASP S 359 164.57 5.49 -52.41
N GLY S 360 163.52 5.53 -51.59
CA GLY S 360 162.67 6.71 -51.47
C GLY S 360 161.42 6.56 -52.30
N MET S 361 160.75 5.41 -52.14
CA MET S 361 159.61 5.03 -52.96
C MET S 361 158.40 4.68 -52.11
N VAL S 362 157.21 4.86 -52.69
CA VAL S 362 155.97 4.47 -52.05
C VAL S 362 155.43 3.25 -52.77
N SER S 363 155.22 2.18 -52.02
CA SER S 363 154.64 0.96 -52.54
C SER S 363 153.19 0.87 -52.07
N PHE S 364 152.27 0.68 -53.01
CA PHE S 364 150.85 0.59 -52.70
C PHE S 364 150.42 -0.86 -52.53
N HIS S 365 150.36 -1.31 -51.28
CA HIS S 365 149.81 -2.63 -50.93
C HIS S 365 148.57 -2.92 -51.76
N ASP S 366 147.57 -2.06 -51.62
CA ASP S 366 146.34 -2.13 -52.43
C ASP S 366 145.46 -3.34 -52.08
N ASN S 367 145.70 -3.96 -50.92
CA ASN S 367 145.06 -5.22 -50.58
C ASN S 367 144.65 -5.31 -49.12
N PRO S 368 143.32 -5.40 -48.86
CA PRO S 368 142.85 -5.51 -47.49
C PRO S 368 142.66 -6.96 -47.04
N GLU S 369 141.48 -7.52 -47.26
CA GLU S 369 141.06 -8.75 -46.59
C GLU S 369 140.45 -9.71 -47.60
N LYS S 370 140.63 -11.00 -47.36
CA LYS S 370 140.24 -12.06 -48.30
C LYS S 370 138.99 -12.85 -47.89
N TYR S 371 138.32 -12.42 -46.83
CA TYR S 371 137.08 -13.06 -46.35
C TYR S 371 137.26 -14.55 -46.07
N ASN S 372 138.34 -14.89 -45.38
CA ASN S 372 138.79 -16.27 -45.23
C ASN S 372 138.91 -16.72 -43.78
N ASN S 373 138.27 -16.01 -42.87
CA ASN S 373 138.47 -16.22 -41.45
C ASN S 373 137.23 -15.88 -40.63
N PRO S 374 137.27 -16.16 -39.32
CA PRO S 374 136.21 -15.67 -38.42
C PRO S 374 136.00 -14.16 -38.46
N ALA S 375 137.05 -13.39 -38.70
CA ALA S 375 136.98 -11.93 -38.74
C ALA S 375 135.73 -11.44 -39.46
N MET S 376 135.52 -11.92 -40.69
CA MET S 376 134.30 -11.62 -41.44
C MET S 376 133.14 -12.37 -40.82
N LEU S 377 133.31 -13.68 -40.66
CA LEU S 377 132.28 -14.55 -40.08
C LEU S 377 131.55 -13.88 -38.91
N HIS S 378 132.31 -13.27 -37.99
CA HIS S 378 131.73 -12.55 -36.85
C HIS S 378 130.97 -11.30 -37.33
N ASN S 379 131.62 -10.47 -38.14
CA ASN S 379 130.96 -9.31 -38.74
C ASN S 379 129.75 -9.70 -39.58
N ILE S 380 129.87 -10.81 -40.31
CA ILE S 380 128.78 -11.36 -41.09
C ILE S 380 127.63 -11.74 -40.18
N ASP S 381 127.95 -12.36 -39.05
CA ASP S 381 126.96 -12.69 -38.03
C ASP S 381 126.31 -11.41 -37.47
N GLN S 382 127.13 -10.43 -37.14
CA GLN S 382 126.66 -9.19 -36.50
C GLN S 382 125.88 -8.28 -37.45
N GLU S 383 126.47 -7.97 -38.60
CA GLU S 383 125.79 -7.16 -39.63
C GLU S 383 124.44 -7.76 -40.02
N MET S 384 124.37 -9.10 -40.05
CA MET S 384 123.13 -9.82 -40.36
C MET S 384 122.10 -9.67 -39.23
N LEU S 385 122.54 -9.85 -37.99
CA LEU S 385 121.66 -9.71 -36.83
C LEU S 385 121.00 -8.32 -36.76
N LYS S 386 121.69 -7.32 -37.28
CA LYS S 386 121.15 -5.96 -37.35
C LYS S 386 120.07 -5.80 -38.43
N CYS S 387 120.15 -6.61 -39.49
CA CYS S 387 119.06 -6.69 -40.48
C CYS S 387 117.86 -7.46 -39.92
N ILE S 388 118.12 -8.46 -39.09
CA ILE S 388 117.07 -9.22 -38.42
C ILE S 388 116.41 -8.36 -37.33
N GLU S 389 117.23 -7.60 -36.60
CA GLU S 389 116.76 -6.57 -35.68
C GLU S 389 115.80 -5.61 -36.40
N LEU S 390 116.14 -5.29 -37.64
CA LEU S 390 115.33 -4.40 -38.47
C LEU S 390 114.01 -5.07 -38.88
N ASP S 391 114.06 -6.36 -39.17
CA ASP S 391 112.85 -7.14 -39.49
C ASP S 391 111.93 -7.24 -38.28
N GLU S 392 112.51 -7.44 -37.10
CA GLU S 392 111.76 -7.51 -35.85
C GLU S 392 110.91 -6.26 -35.65
N ARG S 393 111.50 -5.10 -35.90
CA ARG S 393 110.80 -3.82 -35.81
C ARG S 393 109.64 -3.75 -36.80
N LEU S 394 109.94 -4.06 -38.06
CA LEU S 394 108.93 -4.03 -39.13
C LEU S 394 107.78 -5.01 -38.87
N LYS S 395 108.10 -6.18 -38.34
CA LYS S 395 107.07 -7.16 -37.98
C LYS S 395 106.16 -6.65 -36.87
N ALA S 396 106.74 -5.98 -35.88
CA ALA S 396 105.97 -5.33 -34.82
C ALA S 396 105.16 -4.15 -35.37
N MET S 397 105.81 -3.36 -36.24
CA MET S 397 105.17 -2.21 -36.88
C MET S 397 104.05 -2.62 -37.85
N ASP S 398 104.14 -3.84 -38.40
CA ASP S 398 103.08 -4.39 -39.23
C ASP S 398 101.89 -4.81 -38.36
N GLN S 399 102.18 -5.39 -37.19
CA GLN S 399 101.14 -5.80 -36.25
C GLN S 399 100.45 -4.60 -35.57
N GLU S 400 101.14 -3.46 -35.52
CA GLU S 400 100.55 -2.21 -35.03
C GLU S 400 99.33 -1.79 -35.88
N ILE S 401 99.43 -2.02 -37.19
CA ILE S 401 98.38 -1.65 -38.14
C ILE S 401 97.16 -2.58 -38.06
N THR S 402 97.36 -3.78 -37.52
CA THR S 402 96.32 -4.81 -37.41
C THR S 402 95.00 -4.33 -36.79
N VAL S 403 95.08 -3.63 -35.66
CA VAL S 403 93.91 -3.40 -34.80
C VAL S 403 93.05 -2.21 -35.23
N ASN S 404 93.65 -1.26 -35.94
CA ASN S 404 92.96 -0.01 -36.33
C ASN S 404 91.84 -0.22 -37.38
N PRO S 405 90.95 0.78 -37.53
CA PRO S 405 89.76 0.77 -38.40
C PRO S 405 89.83 0.04 -39.75
N GLN S 406 88.67 -0.01 -40.41
CA GLN S 406 88.38 -1.00 -41.45
C GLN S 406 88.75 -0.54 -42.85
N PHE S 407 88.61 -1.47 -43.81
CA PHE S 407 88.99 -1.24 -45.19
C PHE S 407 88.37 -2.31 -46.10
N MET T 5 196.06 -104.43 -91.71
CA MET T 5 194.74 -104.20 -91.06
C MET T 5 193.68 -103.68 -92.02
N ALA T 6 193.91 -102.57 -92.71
CA ALA T 6 192.94 -102.02 -93.67
C ALA T 6 193.33 -102.40 -95.11
N ALA T 7 193.62 -103.68 -95.30
CA ALA T 7 194.03 -104.23 -96.59
C ALA T 7 193.47 -105.65 -96.81
N ALA T 8 193.02 -106.29 -95.74
CA ALA T 8 192.29 -107.55 -95.81
C ALA T 8 190.77 -107.31 -95.73
N VAL T 9 190.35 -106.04 -95.71
CA VAL T 9 188.93 -105.68 -95.72
C VAL T 9 188.44 -105.47 -97.16
N ARG T 10 189.25 -104.78 -97.97
CA ARG T 10 188.95 -104.64 -99.41
C ARG T 10 189.19 -105.94 -100.18
N GLN T 11 189.95 -106.85 -99.58
CA GLN T 11 190.27 -108.14 -100.17
C GLN T 11 189.11 -109.12 -100.03
N ASP T 12 188.56 -109.22 -98.82
CA ASP T 12 187.49 -110.17 -98.52
C ASP T 12 186.12 -109.73 -99.07
N LEU T 13 185.86 -108.42 -99.06
CA LEU T 13 184.61 -107.87 -99.60
C LEU T 13 184.52 -108.00 -101.12
N ALA T 14 185.67 -108.03 -101.79
CA ALA T 14 185.72 -108.08 -103.27
C ALA T 14 185.34 -109.45 -103.83
N GLN T 15 185.80 -110.52 -103.18
CA GLN T 15 185.57 -111.89 -103.67
C GLN T 15 184.12 -112.35 -103.48
N LEU T 16 183.47 -111.88 -102.42
CA LEU T 16 182.06 -112.23 -102.14
C LEU T 16 181.07 -111.42 -102.98
N MET T 17 181.57 -110.48 -103.77
CA MET T 17 180.72 -109.60 -104.59
C MET T 17 179.97 -110.40 -105.68
N ASN T 18 180.61 -111.45 -106.19
CA ASN T 18 179.96 -112.36 -107.15
C ASN T 18 180.20 -113.82 -106.76
N SER T 19 179.21 -114.42 -106.09
CA SER T 19 179.30 -115.79 -105.59
C SER T 19 178.22 -116.67 -106.22
N SER T 20 178.07 -117.89 -105.70
CA SER T 20 177.02 -118.81 -106.14
C SER T 20 176.40 -119.56 -104.95
N GLY T 21 175.99 -118.79 -103.94
CA GLY T 21 175.35 -119.32 -102.74
C GLY T 21 174.09 -118.55 -102.36
N SER T 22 173.33 -119.10 -101.42
CA SER T 22 172.04 -118.50 -101.01
C SER T 22 172.23 -117.23 -100.17
N HIS T 23 171.11 -116.61 -99.78
CA HIS T 23 171.16 -115.39 -98.98
C HIS T 23 171.70 -115.61 -97.54
N LYS T 24 171.41 -116.79 -96.97
CA LYS T 24 171.94 -117.15 -95.65
C LYS T 24 173.46 -117.36 -95.71
N ASP T 25 173.96 -117.85 -96.84
CA ASP T 25 175.40 -118.07 -97.07
C ASP T 25 176.19 -116.77 -97.26
N LEU T 26 175.54 -115.74 -97.81
CA LEU T 26 176.24 -114.50 -98.19
C LEU T 26 176.06 -113.39 -97.16
N ALA T 27 174.84 -113.21 -96.66
CA ALA T 27 174.55 -112.21 -95.63
C ALA T 27 175.23 -112.55 -94.30
N GLY T 28 175.45 -113.84 -94.06
CA GLY T 28 176.21 -114.29 -92.90
C GLY T 28 177.70 -114.00 -93.03
N LYS T 29 178.23 -114.13 -94.24
CA LYS T 29 179.64 -113.82 -94.52
C LYS T 29 179.95 -112.32 -94.50
N TYR T 30 179.05 -111.52 -95.06
CA TYR T 30 179.24 -110.06 -95.11
C TYR T 30 179.25 -109.41 -93.73
N ARG T 31 178.36 -109.86 -92.84
CA ARG T 31 178.31 -109.33 -91.46
C ARG T 31 179.55 -109.74 -90.65
N GLN T 32 180.26 -110.76 -91.10
CA GLN T 32 181.52 -111.18 -90.49
C GLN T 32 182.67 -110.21 -90.81
N ILE T 33 182.54 -109.44 -91.91
CA ILE T 33 183.52 -108.40 -92.28
C ILE T 33 183.20 -107.07 -91.58
N LEU T 34 181.95 -106.90 -91.15
CA LEU T 34 181.57 -105.79 -90.28
C LEU T 34 182.28 -105.89 -88.91
N GLU T 35 182.61 -107.12 -88.52
CA GLU T 35 183.45 -107.38 -87.34
C GLU T 35 184.89 -106.94 -87.59
N LYS T 36 185.39 -107.21 -88.79
CA LYS T 36 186.75 -106.85 -89.20
C LYS T 36 186.94 -105.34 -89.41
N ALA T 37 185.83 -104.62 -89.61
CA ALA T 37 185.86 -103.17 -89.81
C ALA T 37 185.76 -102.40 -88.48
N ILE T 38 184.80 -102.77 -87.64
CA ILE T 38 184.56 -102.07 -86.35
C ILE T 38 185.68 -102.28 -85.33
N GLN T 39 186.32 -103.45 -85.35
CA GLN T 39 187.36 -103.79 -84.37
C GLN T 39 188.69 -103.05 -84.55
N LEU T 40 188.86 -102.40 -85.69
CA LEU T 40 190.07 -101.63 -85.99
C LEU T 40 190.20 -100.39 -85.09
N SER T 41 191.40 -99.82 -85.05
CA SER T 41 191.69 -98.69 -84.15
C SER T 41 192.55 -97.61 -84.80
N GLY T 42 192.40 -96.37 -84.33
CA GLY T 42 193.16 -95.24 -84.84
C GLY T 42 192.56 -94.70 -86.13
N ALA T 43 193.42 -94.44 -87.11
CA ALA T 43 192.99 -93.96 -88.43
C ALA T 43 192.90 -95.10 -89.46
N GLU T 44 193.08 -96.34 -89.00
CA GLU T 44 193.11 -97.54 -89.85
C GLU T 44 191.65 -98.16 -89.83
N GLN T 45 190.83 -97.79 -88.84
CA GLN T 45 189.38 -98.07 -88.83
C GLN T 45 188.59 -97.19 -89.81
N LEU T 46 189.08 -95.97 -90.05
CA LEU T 46 188.33 -94.95 -90.78
C LEU T 46 188.12 -95.26 -92.26
N GLU T 47 188.98 -96.09 -92.84
CA GLU T 47 188.90 -96.43 -94.27
C GLU T 47 188.36 -97.84 -94.56
N ALA T 48 188.36 -98.71 -93.56
CA ALA T 48 187.81 -100.06 -93.70
C ALA T 48 186.28 -100.08 -93.73
N LEU T 49 185.66 -99.13 -93.03
CA LEU T 49 184.20 -98.95 -93.07
C LEU T 49 183.77 -98.37 -94.42
N LYS T 50 184.58 -97.48 -94.97
CA LYS T 50 184.33 -96.90 -96.29
C LYS T 50 184.37 -97.94 -97.41
N ALA T 51 185.16 -98.99 -97.21
CA ALA T 51 185.18 -100.13 -98.12
C ALA T 51 183.90 -100.97 -97.98
N PHE T 52 183.42 -101.10 -96.74
CA PHE T 52 182.20 -101.86 -96.44
C PHE T 52 180.93 -101.19 -97.01
N VAL T 53 180.85 -99.86 -96.91
CA VAL T 53 179.66 -99.11 -97.34
C VAL T 53 179.55 -99.04 -98.88
N GLU T 54 180.68 -98.87 -99.57
CA GLU T 54 180.69 -98.84 -101.03
C GLU T 54 180.37 -100.19 -101.67
N ALA T 55 180.67 -101.28 -100.96
CA ALA T 55 180.36 -102.63 -101.43
C ALA T 55 178.85 -102.93 -101.37
N MET T 56 178.17 -102.39 -100.35
CA MET T 56 176.73 -102.60 -100.19
C MET T 56 175.91 -101.81 -101.20
N VAL T 57 176.27 -100.54 -101.40
CA VAL T 57 175.59 -99.69 -102.39
C VAL T 57 175.90 -100.12 -103.83
N ASN T 58 176.99 -100.87 -104.01
CA ASN T 58 177.37 -101.46 -105.29
C ASN T 58 176.20 -102.18 -105.98
N GLU T 59 176.20 -102.18 -107.31
CA GLU T 59 175.13 -102.80 -108.09
C GLU T 59 175.40 -104.31 -108.29
N ASN T 60 176.63 -104.74 -108.04
CA ASN T 60 176.97 -106.17 -108.03
C ASN T 60 176.63 -106.87 -106.70
N VAL T 61 176.21 -106.09 -105.69
CA VAL T 61 175.70 -106.64 -104.43
C VAL T 61 174.18 -106.46 -104.36
N SER T 62 173.45 -107.58 -104.29
CA SER T 62 171.98 -107.61 -104.31
C SER T 62 171.29 -106.69 -103.30
N LEU T 63 170.00 -106.43 -103.58
CA LEU T 63 169.17 -105.55 -102.74
C LEU T 63 168.70 -106.22 -101.45
N VAL T 64 168.72 -107.54 -101.41
CA VAL T 64 168.38 -108.30 -100.19
C VAL T 64 169.55 -108.25 -99.19
N ILE T 65 170.77 -108.07 -99.72
CA ILE T 65 171.99 -107.94 -98.91
C ILE T 65 172.18 -106.51 -98.43
N SER T 66 171.74 -105.54 -99.24
CA SER T 66 171.96 -104.11 -98.96
C SER T 66 171.08 -103.55 -97.85
N ARG T 67 169.81 -103.96 -97.81
CA ARG T 67 168.87 -103.52 -96.77
C ARG T 67 168.98 -104.30 -95.46
N GLN T 68 169.72 -105.41 -95.49
CA GLN T 68 169.93 -106.25 -94.31
C GLN T 68 171.05 -105.72 -93.42
N LEU T 69 172.16 -105.32 -94.05
CA LEU T 69 173.40 -104.98 -93.34
C LEU T 69 173.58 -103.49 -93.06
N LEU T 70 172.99 -102.62 -93.88
CA LEU T 70 172.97 -101.18 -93.60
C LEU T 70 172.04 -100.85 -92.43
N THR T 71 171.18 -101.81 -92.06
CA THR T 71 170.41 -101.73 -90.82
C THR T 71 171.33 -102.03 -89.62
N ASP T 72 172.16 -103.08 -89.75
CA ASP T 72 173.15 -103.43 -88.73
C ASP T 72 174.31 -102.42 -88.66
N PHE T 73 174.58 -101.75 -89.78
CA PHE T 73 175.63 -100.74 -89.85
C PHE T 73 175.25 -99.46 -89.11
N CYS T 74 173.96 -99.10 -89.17
CA CYS T 74 173.46 -97.86 -88.56
C CYS T 74 173.42 -97.93 -87.03
N THR T 75 173.38 -99.14 -86.47
CA THR T 75 173.38 -99.33 -85.01
C THR T 75 174.74 -99.76 -84.45
N HIS T 76 175.79 -99.74 -85.29
CA HIS T 76 177.17 -99.98 -84.84
C HIS T 76 177.98 -98.69 -84.72
N LEU T 77 177.37 -97.55 -85.08
CA LEU T 77 178.02 -96.24 -84.99
C LEU T 77 177.63 -95.37 -83.77
N PRO T 78 176.52 -95.70 -83.06
CA PRO T 78 176.34 -95.12 -81.72
C PRO T 78 177.36 -95.62 -80.68
N ASN T 79 178.02 -96.74 -80.97
CA ASN T 79 179.12 -97.26 -80.14
C ASN T 79 180.34 -96.34 -80.15
N LEU T 80 180.71 -95.87 -81.34
CA LEU T 80 181.97 -95.17 -81.56
C LEU T 80 181.88 -93.70 -81.12
N PRO T 81 183.03 -93.01 -80.95
CA PRO T 81 183.01 -91.59 -80.56
C PRO T 81 182.31 -90.66 -81.55
N ASP T 82 182.15 -89.40 -81.16
CA ASP T 82 181.50 -88.39 -82.01
C ASP T 82 182.39 -87.87 -83.15
N SER T 83 183.67 -88.26 -83.15
CA SER T 83 184.58 -87.91 -84.23
C SER T 83 184.49 -88.90 -85.40
N THR T 84 184.31 -90.18 -85.08
CA THR T 84 184.20 -91.25 -86.09
C THR T 84 182.76 -91.50 -86.54
N ALA T 85 181.79 -91.24 -85.67
CA ALA T 85 180.38 -91.43 -85.99
C ALA T 85 179.92 -90.45 -87.07
N LYS T 86 180.27 -89.17 -86.91
CA LYS T 86 179.91 -88.11 -87.86
C LYS T 86 180.69 -88.23 -89.19
N GLU T 87 181.91 -88.74 -89.12
CA GLU T 87 182.75 -88.98 -90.30
C GLU T 87 182.09 -90.04 -91.20
N ILE T 88 181.77 -91.17 -90.60
CA ILE T 88 181.25 -92.33 -91.34
C ILE T 88 179.78 -92.15 -91.75
N TYR T 89 178.99 -91.40 -90.97
CA TYR T 89 177.58 -91.14 -91.30
C TYR T 89 177.43 -90.31 -92.60
N HIS T 90 178.25 -89.27 -92.75
CA HIS T 90 178.22 -88.43 -93.97
C HIS T 90 178.75 -89.17 -95.20
N PHE T 91 179.57 -90.21 -94.98
CA PHE T 91 179.99 -91.09 -96.06
C PHE T 91 178.85 -92.01 -96.52
N THR T 92 178.02 -92.45 -95.58
CA THR T 92 176.90 -93.35 -95.87
C THR T 92 175.71 -92.62 -96.50
N LEU T 93 175.65 -91.30 -96.36
CA LEU T 93 174.51 -90.51 -96.88
C LEU T 93 174.75 -89.87 -98.25
N GLU T 94 175.97 -89.96 -98.78
CA GLU T 94 176.25 -89.52 -100.16
C GLU T 94 176.70 -90.66 -101.09
N LYS T 95 176.82 -91.87 -100.55
CA LYS T 95 176.93 -93.09 -101.38
C LYS T 95 175.58 -93.80 -101.49
N ILE T 96 174.64 -93.44 -100.60
CA ILE T 96 173.24 -93.84 -100.72
C ILE T 96 172.43 -92.75 -101.44
N GLN T 97 173.05 -91.58 -101.66
CA GLN T 97 172.40 -90.48 -102.38
C GLN T 97 172.21 -90.76 -103.88
N PRO T 98 173.23 -91.37 -104.56
CA PRO T 98 173.04 -91.82 -105.95
C PRO T 98 171.81 -92.72 -106.18
N ARG T 99 171.43 -93.50 -105.17
CA ARG T 99 170.20 -94.30 -105.22
C ARG T 99 169.40 -94.09 -103.94
N VAL T 100 168.85 -92.89 -103.79
CA VAL T 100 168.10 -92.49 -102.58
C VAL T 100 166.65 -92.97 -102.62
N ILE T 101 166.22 -93.54 -103.76
CA ILE T 101 164.86 -94.05 -103.92
C ILE T 101 164.71 -95.47 -103.32
N SER T 102 165.83 -96.17 -103.15
CA SER T 102 165.83 -97.55 -102.68
C SER T 102 165.88 -97.68 -101.16
N PHE T 103 166.90 -97.08 -100.54
CA PHE T 103 167.20 -97.27 -99.12
C PHE T 103 166.71 -96.11 -98.25
N GLU T 104 165.40 -95.81 -98.33
CA GLU T 104 164.86 -94.67 -97.57
C GLU T 104 164.62 -95.01 -96.09
N GLU T 105 164.55 -96.30 -95.77
CA GLU T 105 164.46 -96.74 -94.38
C GLU T 105 165.81 -96.58 -93.70
N GLN T 106 166.89 -96.68 -94.49
CA GLN T 106 168.25 -96.43 -94.01
C GLN T 106 168.56 -94.93 -93.95
N VAL T 107 168.17 -94.20 -94.99
CA VAL T 107 168.35 -92.74 -95.04
C VAL T 107 167.60 -92.03 -93.89
N ALA T 108 166.45 -92.58 -93.50
CA ALA T 108 165.69 -92.04 -92.37
C ALA T 108 166.43 -92.24 -91.03
N SER T 109 166.82 -93.50 -90.74
CA SER T 109 167.50 -93.85 -89.47
C SER T 109 168.92 -93.31 -89.36
N ILE T 110 169.62 -93.18 -90.48
CA ILE T 110 170.99 -92.64 -90.50
C ILE T 110 170.99 -91.14 -90.20
N ARG T 111 170.07 -90.40 -90.83
CA ARG T 111 169.99 -88.93 -90.67
C ARG T 111 169.51 -88.49 -89.29
N GLN T 112 168.80 -89.38 -88.58
CA GLN T 112 168.34 -89.09 -87.23
C GLN T 112 169.51 -89.13 -86.22
N HIS T 113 170.34 -90.17 -86.31
CA HIS T 113 171.53 -90.31 -85.46
C HIS T 113 172.57 -89.21 -85.72
N LEU T 114 172.59 -88.70 -86.95
CA LEU T 114 173.49 -87.61 -87.33
C LEU T 114 173.08 -86.29 -86.70
N ALA T 115 171.78 -86.02 -86.66
CA ALA T 115 171.24 -84.80 -86.06
C ALA T 115 171.44 -84.73 -84.53
N SER T 116 171.57 -85.89 -83.90
CA SER T 116 171.82 -85.97 -82.46
C SER T 116 173.28 -85.65 -82.11
N ILE T 117 174.21 -86.00 -83.00
CA ILE T 117 175.63 -85.70 -82.80
C ILE T 117 175.89 -84.21 -83.02
N TYR T 118 175.20 -83.62 -84.00
CA TYR T 118 175.28 -82.18 -84.25
C TYR T 118 174.83 -81.38 -83.02
N GLU T 119 173.59 -81.58 -82.60
CA GLU T 119 172.99 -80.81 -81.51
C GLU T 119 173.80 -80.93 -80.21
N LYS T 120 174.27 -82.14 -79.92
CA LYS T 120 175.16 -82.40 -78.76
C LYS T 120 176.34 -81.44 -78.68
N GLU T 121 176.98 -81.17 -79.81
CA GLU T 121 178.18 -80.33 -79.86
C GLU T 121 177.84 -78.86 -80.21
N GLU T 122 176.78 -78.34 -79.62
CA GLU T 122 176.33 -76.95 -79.82
C GLU T 122 176.20 -76.55 -81.30
N ASP T 123 175.61 -77.45 -82.09
CA ASP T 123 175.31 -77.15 -83.49
C ASP T 123 173.79 -77.16 -83.68
N TRP T 124 173.21 -75.96 -83.66
CA TRP T 124 171.76 -75.81 -83.76
C TRP T 124 171.32 -75.54 -85.22
N ARG T 125 172.28 -75.54 -86.14
CA ARG T 125 172.03 -75.26 -87.54
C ARG T 125 171.97 -76.54 -88.38
N ASN T 126 173.08 -77.27 -88.40
CA ASN T 126 173.22 -78.44 -89.28
C ASN T 126 172.46 -79.69 -88.80
N ALA T 127 172.05 -79.69 -87.53
CA ALA T 127 171.18 -80.75 -87.01
C ALA T 127 169.80 -80.66 -87.67
N ALA T 128 169.29 -79.43 -87.79
CA ALA T 128 168.01 -79.16 -88.43
C ALA T 128 168.05 -79.43 -89.92
N GLN T 129 169.10 -78.95 -90.58
CA GLN T 129 169.26 -79.07 -92.03
C GLN T 129 169.33 -80.53 -92.52
N VAL T 130 169.68 -81.45 -91.63
CA VAL T 130 169.78 -82.87 -91.99
C VAL T 130 168.39 -83.50 -91.92
N LEU T 131 167.57 -83.05 -90.96
CA LEU T 131 166.20 -83.51 -90.83
C LEU T 131 165.29 -82.96 -91.94
N VAL T 132 165.65 -81.81 -92.48
CA VAL T 132 164.97 -81.25 -93.66
C VAL T 132 165.15 -82.19 -94.85
N GLY T 133 166.37 -82.70 -95.00
CA GLY T 133 166.70 -83.63 -96.09
C GLY T 133 166.00 -84.97 -96.03
N ILE T 134 165.56 -85.40 -94.84
CA ILE T 134 164.83 -86.64 -94.69
C ILE T 134 163.51 -86.54 -95.45
N PRO T 135 163.33 -87.37 -96.50
CA PRO T 135 162.12 -87.29 -97.32
C PRO T 135 160.90 -87.91 -96.62
N LEU T 136 160.23 -87.10 -95.80
CA LEU T 136 159.12 -87.58 -94.97
C LEU T 136 157.86 -87.77 -95.81
N GLU T 137 157.35 -86.67 -96.35
CA GLU T 137 156.10 -86.67 -97.11
C GLU T 137 156.40 -86.90 -98.59
N THR T 138 157.33 -86.11 -99.10
CA THR T 138 157.72 -86.15 -100.51
C THR T 138 158.31 -87.50 -100.92
N GLY T 139 158.93 -88.20 -99.97
CA GLY T 139 159.49 -89.51 -100.22
C GLY T 139 158.47 -90.54 -100.68
N GLN T 140 158.98 -91.60 -101.31
CA GLN T 140 158.15 -92.71 -101.76
C GLN T 140 157.42 -93.38 -100.60
N LYS T 141 158.13 -93.57 -99.49
CA LYS T 141 157.59 -94.25 -98.30
C LYS T 141 156.64 -93.35 -97.53
N GLN T 142 155.83 -93.97 -96.67
CA GLN T 142 154.86 -93.27 -95.83
C GLN T 142 155.18 -93.48 -94.35
N TYR T 143 154.97 -92.43 -93.54
CA TYR T 143 155.37 -92.44 -92.13
C TYR T 143 154.23 -92.10 -91.15
N ASN T 144 154.45 -92.48 -89.88
CA ASN T 144 153.59 -92.27 -88.69
C ASN T 144 153.34 -90.82 -88.31
N VAL T 145 152.32 -90.60 -87.48
CA VAL T 145 152.06 -89.28 -86.86
C VAL T 145 153.16 -88.92 -85.87
N ASP T 146 153.50 -89.86 -84.99
CA ASP T 146 154.48 -89.63 -83.92
C ASP T 146 155.93 -89.43 -84.42
N TYR T 147 156.20 -89.74 -85.68
CA TYR T 147 157.51 -89.48 -86.29
C TYR T 147 157.54 -88.12 -86.98
N LYS T 148 156.48 -87.80 -87.73
CA LYS T 148 156.40 -86.52 -88.45
C LYS T 148 156.19 -85.33 -87.51
N LEU T 149 155.29 -85.48 -86.54
CA LEU T 149 155.02 -84.44 -85.54
C LEU T 149 156.22 -84.23 -84.60
N GLU T 150 157.06 -85.26 -84.45
CA GLU T 150 158.30 -85.17 -83.68
C GLU T 150 159.45 -84.55 -84.48
N THR T 151 159.48 -84.82 -85.79
CA THR T 151 160.52 -84.29 -86.67
C THR T 151 160.38 -82.78 -86.87
N TYR T 152 159.17 -82.32 -87.19
CA TYR T 152 158.89 -80.89 -87.36
C TYR T 152 158.99 -80.14 -86.02
N LEU T 153 158.81 -80.87 -84.92
CA LEU T 153 159.01 -80.32 -83.58
C LEU T 153 160.49 -79.96 -83.38
N LYS T 154 161.36 -80.91 -83.73
CA LYS T 154 162.80 -80.76 -83.51
C LYS T 154 163.45 -79.82 -84.52
N ILE T 155 162.92 -79.80 -85.75
CA ILE T 155 163.41 -78.88 -86.79
C ILE T 155 163.13 -77.43 -86.40
N ALA T 156 161.89 -77.13 -86.02
CA ALA T 156 161.50 -75.78 -85.60
C ALA T 156 162.23 -75.34 -84.33
N ARG T 157 162.45 -76.28 -83.42
CA ARG T 157 163.15 -76.00 -82.16
C ARG T 157 164.63 -75.66 -82.36
N LEU T 158 165.23 -76.20 -83.42
CA LEU T 158 166.66 -76.00 -83.70
C LEU T 158 166.97 -74.67 -84.40
N TYR T 159 166.13 -74.29 -85.36
CA TYR T 159 166.31 -73.02 -86.08
C TYR T 159 166.14 -71.80 -85.16
N LEU T 160 165.38 -71.96 -84.08
CA LEU T 160 165.26 -70.93 -83.05
C LEU T 160 166.53 -70.83 -82.19
N GLU T 161 167.11 -71.99 -81.87
CA GLU T 161 168.33 -72.03 -81.05
C GLU T 161 169.54 -71.35 -81.70
N ASP T 162 169.54 -71.26 -83.03
CA ASP T 162 170.55 -70.49 -83.77
C ASP T 162 170.07 -69.07 -84.10
N ASP T 163 168.99 -68.65 -83.43
CA ASP T 163 168.28 -67.40 -83.76
C ASP T 163 167.99 -67.24 -85.25
N ASP T 164 166.91 -67.88 -85.70
CA ASP T 164 166.42 -67.73 -87.07
C ASP T 164 164.95 -68.15 -87.13
N PRO T 165 164.04 -67.29 -86.63
CA PRO T 165 162.61 -67.60 -86.64
C PRO T 165 161.96 -67.56 -88.04
N VAL T 166 162.68 -67.08 -89.05
CA VAL T 166 162.24 -67.15 -90.44
C VAL T 166 162.11 -68.62 -90.86
N GLN T 167 163.06 -69.44 -90.43
CA GLN T 167 163.07 -70.87 -90.73
C GLN T 167 162.20 -71.67 -89.76
N ALA T 168 162.29 -71.35 -88.47
CA ALA T 168 161.56 -72.07 -87.44
C ALA T 168 160.05 -71.98 -87.58
N GLU T 169 159.55 -70.85 -88.08
CA GLU T 169 158.13 -70.65 -88.29
C GLU T 169 157.59 -71.50 -89.44
N ALA T 170 158.45 -71.79 -90.43
CA ALA T 170 158.03 -72.52 -91.63
C ALA T 170 157.68 -74.00 -91.37
N TYR T 171 158.45 -74.66 -90.52
CA TYR T 171 158.26 -76.10 -90.25
C TYR T 171 157.25 -76.39 -89.15
N ILE T 172 157.14 -75.49 -88.17
CA ILE T 172 156.11 -75.60 -87.12
C ILE T 172 154.71 -75.36 -87.71
N ASN T 173 154.63 -74.59 -88.80
CA ASN T 173 153.39 -74.45 -89.57
C ASN T 173 152.98 -75.78 -90.21
N ARG T 174 153.97 -76.53 -90.70
CA ARG T 174 153.74 -77.86 -91.27
C ARG T 174 153.54 -78.92 -90.18
N ALA T 175 153.96 -78.61 -88.95
CA ALA T 175 153.71 -79.44 -87.79
C ALA T 175 152.27 -79.33 -87.28
N SER T 176 151.65 -78.17 -87.49
CA SER T 176 150.27 -77.93 -87.04
C SER T 176 149.24 -78.77 -87.81
N LEU T 177 149.60 -79.23 -89.00
CA LEU T 177 148.72 -80.10 -89.80
C LEU T 177 148.49 -81.44 -89.12
N LEU T 178 149.50 -81.93 -88.41
CA LEU T 178 149.50 -83.29 -87.87
C LEU T 178 149.40 -83.36 -86.34
N GLN T 179 149.06 -82.24 -85.68
CA GLN T 179 148.92 -82.20 -84.23
C GLN T 179 147.49 -82.43 -83.78
N ASN T 180 146.53 -82.12 -84.65
CA ASN T 180 145.12 -82.46 -84.42
C ASN T 180 144.89 -83.96 -84.50
N GLU T 181 145.69 -84.62 -85.34
CA GLU T 181 145.53 -86.04 -85.66
C GLU T 181 146.14 -86.97 -84.59
N SER T 182 146.92 -86.43 -83.66
CA SER T 182 147.64 -87.26 -82.69
C SER T 182 146.80 -87.62 -81.47
N THR T 183 147.05 -88.83 -80.94
CA THR T 183 146.45 -89.30 -79.70
C THR T 183 147.52 -89.36 -78.59
N ASN T 184 148.72 -88.87 -78.89
CA ASN T 184 149.83 -88.87 -77.95
C ASN T 184 149.69 -87.70 -77.00
N GLU T 185 149.62 -88.00 -75.70
CA GLU T 185 149.28 -86.98 -74.70
C GLU T 185 150.49 -86.15 -74.25
N GLN T 186 151.69 -86.55 -74.65
CA GLN T 186 152.88 -85.79 -74.31
C GLN T 186 153.55 -85.11 -75.52
N LEU T 187 153.28 -85.62 -76.72
CA LEU T 187 153.80 -85.03 -77.95
C LEU T 187 153.06 -83.74 -78.31
N GLN T 188 151.75 -83.70 -78.04
CA GLN T 188 150.96 -82.48 -78.19
C GLN T 188 151.38 -81.42 -77.17
N ILE T 189 151.81 -81.87 -75.99
CA ILE T 189 152.32 -80.97 -74.96
C ILE T 189 153.65 -80.31 -75.38
N HIS T 190 154.55 -81.09 -75.97
CA HIS T 190 155.82 -80.54 -76.46
C HIS T 190 155.69 -79.72 -77.74
N TYR T 191 154.52 -79.79 -78.37
CA TYR T 191 154.17 -78.88 -79.48
C TYR T 191 153.73 -77.50 -78.98
N LYS T 192 152.99 -77.46 -77.88
CA LYS T 192 152.50 -76.20 -77.29
C LYS T 192 153.61 -75.46 -76.54
N VAL T 193 154.58 -76.20 -76.01
CA VAL T 193 155.80 -75.63 -75.43
C VAL T 193 156.67 -75.03 -76.53
N CYS T 194 156.66 -75.67 -77.70
CA CYS T 194 157.44 -75.21 -78.85
C CYS T 194 156.68 -74.23 -79.76
N TYR T 195 155.36 -74.15 -79.61
CA TYR T 195 154.55 -73.16 -80.33
C TYR T 195 154.46 -71.84 -79.55
N ALA T 196 154.47 -71.93 -78.23
CA ALA T 196 154.59 -70.75 -77.37
C ALA T 196 155.88 -70.00 -77.65
N ARG T 197 156.95 -70.74 -77.93
CA ARG T 197 158.27 -70.17 -78.22
C ARG T 197 158.37 -69.56 -79.63
N VAL T 198 157.60 -70.07 -80.58
CA VAL T 198 157.56 -69.50 -81.93
C VAL T 198 156.85 -68.13 -81.91
N LEU T 199 155.88 -67.96 -81.02
CA LEU T 199 155.23 -66.66 -80.82
C LEU T 199 156.12 -65.74 -79.96
N ASP T 200 156.97 -66.35 -79.13
CA ASP T 200 157.92 -65.61 -78.29
C ASP T 200 159.06 -65.00 -79.13
N TYR T 201 159.69 -65.82 -79.96
CA TYR T 201 160.78 -65.35 -80.84
C TYR T 201 160.29 -64.53 -82.04
N ARG T 202 158.98 -64.58 -82.31
CA ARG T 202 158.37 -63.71 -83.31
C ARG T 202 157.71 -62.48 -82.67
N ARG T 203 157.96 -62.26 -81.38
CA ARG T 203 157.54 -61.06 -80.65
C ARG T 203 156.02 -60.87 -80.57
N LYS T 204 155.30 -61.98 -80.48
CA LYS T 204 153.90 -61.97 -80.10
C LYS T 204 153.86 -62.38 -78.63
N PHE T 205 154.30 -61.46 -77.77
CA PHE T 205 154.52 -61.74 -76.34
C PHE T 205 153.21 -61.98 -75.56
N ILE T 206 152.15 -61.26 -75.93
CA ILE T 206 150.87 -61.33 -75.22
C ILE T 206 150.16 -62.67 -75.49
N GLU T 207 150.18 -63.12 -76.75
CA GLU T 207 149.62 -64.42 -77.12
C GLU T 207 150.51 -65.57 -76.64
N ALA T 208 151.81 -65.33 -76.55
CA ALA T 208 152.76 -66.30 -76.02
C ALA T 208 152.49 -66.58 -74.54
N ALA T 209 152.09 -65.55 -73.80
CA ALA T 209 151.75 -65.69 -72.38
C ALA T 209 150.55 -66.60 -72.14
N GLN T 210 149.62 -66.66 -73.10
CA GLN T 210 148.44 -67.53 -73.02
C GLN T 210 148.79 -69.02 -73.19
N ARG T 211 149.81 -69.31 -74.00
CA ARG T 211 150.30 -70.67 -74.22
C ARG T 211 151.07 -71.17 -73.00
N TYR T 212 152.00 -70.35 -72.54
CA TYR T 212 152.85 -70.68 -71.39
C TYR T 212 152.02 -70.85 -70.10
N ASN T 213 151.09 -69.93 -69.87
CA ASN T 213 150.23 -69.99 -68.69
C ASN T 213 149.35 -71.24 -68.67
N GLU T 214 148.80 -71.59 -69.84
CA GLU T 214 148.03 -72.84 -70.01
C GLU T 214 148.77 -74.12 -69.60
N LEU T 215 150.04 -74.21 -70.00
CA LEU T 215 150.85 -75.44 -69.79
C LEU T 215 151.25 -75.70 -68.35
N SER T 216 151.35 -74.64 -67.55
CA SER T 216 151.65 -74.77 -66.12
C SER T 216 150.46 -75.31 -65.34
N TYR T 217 149.25 -75.14 -65.87
CA TYR T 217 148.03 -75.66 -65.22
C TYR T 217 147.76 -77.14 -65.52
N LYS T 218 148.44 -77.72 -66.51
CA LYS T 218 148.29 -79.14 -66.85
C LYS T 218 149.08 -80.04 -65.89
N THR T 219 148.37 -81.00 -65.27
CA THR T 219 148.96 -81.90 -64.27
C THR T 219 149.79 -83.01 -64.91
N ILE T 220 149.39 -83.46 -66.10
CA ILE T 220 150.16 -84.43 -66.89
C ILE T 220 151.64 -84.03 -67.05
N VAL T 221 151.89 -82.73 -67.16
CA VAL T 221 153.25 -82.21 -67.18
C VAL T 221 153.81 -82.30 -65.76
N HIS T 222 155.04 -82.79 -65.63
CA HIS T 222 155.66 -83.00 -64.32
C HIS T 222 155.84 -81.67 -63.57
N GLU T 223 155.82 -81.72 -62.24
CA GLU T 223 155.72 -80.51 -61.40
C GLU T 223 156.86 -79.49 -61.58
N SER T 224 158.08 -79.97 -61.81
CA SER T 224 159.24 -79.09 -61.99
C SER T 224 159.21 -78.40 -63.36
N GLU T 225 158.47 -78.97 -64.30
CA GLU T 225 158.31 -78.39 -65.65
C GLU T 225 157.13 -77.41 -65.76
N ARG T 226 156.25 -77.38 -64.75
CA ARG T 226 155.16 -76.40 -64.68
C ARG T 226 155.68 -75.07 -64.14
N LEU T 227 156.79 -75.12 -63.42
CA LEU T 227 157.47 -73.91 -62.92
C LEU T 227 158.04 -73.06 -64.06
N GLU T 228 158.67 -73.72 -65.03
CA GLU T 228 159.18 -73.04 -66.23
C GLU T 228 158.03 -72.56 -67.11
N ALA T 229 157.00 -73.40 -67.23
CA ALA T 229 155.81 -73.06 -68.01
C ALA T 229 155.16 -71.76 -67.52
N LEU T 230 155.05 -71.61 -66.20
CA LEU T 230 154.47 -70.41 -65.60
C LEU T 230 155.40 -69.21 -65.69
N LYS T 231 156.70 -69.43 -65.60
CA LYS T 231 157.67 -68.33 -65.60
C LYS T 231 157.90 -67.72 -66.98
N HIS T 232 157.85 -68.54 -68.03
CA HIS T 232 157.91 -68.01 -69.41
C HIS T 232 156.69 -67.14 -69.74
N ALA T 233 155.54 -67.44 -69.13
CA ALA T 233 154.34 -66.60 -69.25
C ALA T 233 154.56 -65.23 -68.62
N LEU T 234 155.20 -65.23 -67.45
CA LEU T 234 155.52 -64.00 -66.71
C LEU T 234 156.36 -63.03 -67.54
N HIS T 235 157.48 -63.53 -68.08
CA HIS T 235 158.38 -62.72 -68.91
C HIS T 235 157.65 -62.14 -70.12
N CYS T 236 156.90 -62.98 -70.83
CA CYS T 236 156.18 -62.55 -72.02
C CYS T 236 154.90 -61.77 -71.70
N THR T 237 154.41 -61.86 -70.47
CA THR T 237 153.34 -60.98 -70.00
C THR T 237 153.90 -59.58 -69.69
N ILE T 238 155.09 -59.51 -69.10
CA ILE T 238 155.72 -58.23 -68.75
C ILE T 238 156.22 -57.49 -69.99
N LEU T 239 157.00 -58.18 -70.83
CA LEU T 239 157.65 -57.53 -71.98
C LEU T 239 156.73 -57.21 -73.16
N ALA T 240 155.49 -57.68 -73.11
CA ALA T 240 154.48 -57.31 -74.10
C ALA T 240 154.13 -55.84 -73.97
N SER T 241 153.48 -55.30 -74.99
CA SER T 241 152.99 -53.93 -74.96
C SER T 241 151.76 -53.84 -74.05
N ALA T 242 151.48 -52.63 -73.56
CA ALA T 242 150.41 -52.41 -72.59
C ALA T 242 149.02 -52.65 -73.18
N GLY T 243 148.62 -53.92 -73.25
CA GLY T 243 147.29 -54.29 -73.67
C GLY T 243 146.38 -54.41 -72.46
N GLN T 244 145.07 -54.41 -72.69
CA GLN T 244 144.11 -54.66 -71.63
C GLN T 244 144.05 -56.15 -71.30
N GLN T 245 144.28 -56.98 -72.31
CA GLN T 245 144.44 -58.42 -72.11
C GLN T 245 145.61 -58.70 -71.16
N ARG T 246 146.68 -57.92 -71.32
CA ARG T 246 147.87 -58.02 -70.47
C ARG T 246 147.57 -57.69 -69.00
N SER T 247 146.63 -56.77 -68.76
CA SER T 247 146.20 -56.42 -67.40
C SER T 247 145.49 -57.57 -66.69
N ARG T 248 144.80 -58.41 -67.47
CA ARG T 248 144.11 -59.58 -66.93
C ARG T 248 145.08 -60.74 -66.70
N MET T 249 146.11 -60.82 -67.53
CA MET T 249 147.20 -61.77 -67.33
C MET T 249 147.98 -61.42 -66.06
N LEU T 250 148.37 -60.15 -65.94
CA LEU T 250 149.04 -59.64 -64.75
C LEU T 250 148.25 -59.90 -63.46
N ALA T 251 146.92 -59.84 -63.57
CA ALA T 251 146.03 -60.18 -62.45
C ALA T 251 146.10 -61.67 -62.12
N THR T 252 146.08 -62.51 -63.14
CA THR T 252 146.22 -63.96 -62.97
C THR T 252 147.58 -64.33 -62.37
N LEU T 253 148.59 -63.52 -62.66
CA LEU T 253 149.95 -63.77 -62.17
C LEU T 253 150.17 -63.39 -60.70
N PHE T 254 149.46 -62.38 -60.19
CA PHE T 254 149.51 -62.08 -58.76
C PHE T 254 148.55 -62.98 -57.97
N LYS T 255 147.42 -63.32 -58.56
CA LYS T 255 146.46 -64.25 -57.95
C LYS T 255 147.05 -65.64 -57.71
N ASP T 256 147.95 -66.07 -58.60
CA ASP T 256 148.57 -67.39 -58.52
C ASP T 256 149.77 -67.37 -57.57
N GLU T 257 149.67 -68.11 -56.45
CA GLU T 257 150.75 -68.16 -55.44
C GLU T 257 152.03 -68.80 -56.00
N ARG T 258 151.88 -69.61 -57.02
CA ARG T 258 153.02 -70.26 -57.67
C ARG T 258 154.00 -69.23 -58.26
N CYS T 259 153.48 -68.08 -58.68
CA CYS T 259 154.30 -67.01 -59.24
C CYS T 259 155.16 -66.31 -58.18
N GLN T 260 154.70 -66.31 -56.93
CA GLN T 260 155.47 -65.72 -55.82
C GLN T 260 156.87 -66.32 -55.74
N GLN T 261 156.99 -67.59 -56.09
CA GLN T 261 158.28 -68.30 -56.09
C GLN T 261 159.24 -67.77 -57.16
N LEU T 262 158.70 -67.22 -58.24
CA LEU T 262 159.50 -66.75 -59.37
C LEU T 262 160.33 -65.51 -59.01
N ALA T 263 161.46 -65.36 -59.69
CA ALA T 263 162.44 -64.31 -59.38
C ALA T 263 161.99 -62.91 -59.79
N ALA T 264 161.11 -62.83 -60.78
CA ALA T 264 160.56 -61.55 -61.22
C ALA T 264 159.20 -61.27 -60.59
N TYR T 265 159.07 -61.57 -59.29
CA TYR T 265 157.89 -61.21 -58.51
C TYR T 265 158.01 -59.78 -57.99
N GLY T 266 159.24 -59.36 -57.68
CA GLY T 266 159.52 -57.97 -57.33
C GLY T 266 159.16 -57.02 -58.44
N ILE T 267 159.25 -57.48 -59.69
CA ILE T 267 158.82 -56.71 -60.85
C ILE T 267 157.30 -56.80 -60.99
N LEU T 268 156.75 -58.02 -60.91
CA LEU T 268 155.31 -58.26 -61.09
C LEU T 268 154.46 -57.61 -59.99
N GLU T 269 154.77 -57.91 -58.72
CA GLU T 269 154.11 -57.27 -57.58
C GLU T 269 153.98 -55.78 -57.83
N LYS T 270 155.09 -55.17 -58.22
CA LYS T 270 155.16 -53.74 -58.48
C LYS T 270 154.54 -53.34 -59.83
N MET T 271 154.42 -54.30 -60.75
CA MET T 271 153.83 -54.04 -62.06
C MET T 271 152.31 -54.02 -62.01
N TYR T 272 151.72 -55.14 -61.59
CA TYR T 272 150.26 -55.30 -61.57
C TYR T 272 149.57 -54.24 -60.73
N LEU T 273 150.16 -53.93 -59.59
CA LEU T 273 149.57 -52.97 -58.65
C LEU T 273 149.94 -51.52 -58.94
N ASP T 274 150.63 -51.30 -60.07
CA ASP T 274 150.92 -49.94 -60.54
C ASP T 274 151.90 -49.24 -59.59
N ARG T 275 153.08 -49.84 -59.40
CA ARG T 275 154.12 -49.29 -58.54
C ARG T 275 155.34 -48.93 -59.37
N ILE T 276 156.16 -48.03 -58.83
CA ILE T 276 157.35 -47.55 -59.53
C ILE T 276 158.38 -48.66 -59.59
N ILE T 277 159.09 -48.74 -60.71
CA ILE T 277 160.19 -49.68 -60.89
C ILE T 277 161.47 -48.88 -61.12
N ARG T 278 162.48 -49.11 -60.30
CA ARG T 278 163.75 -48.38 -60.41
C ARG T 278 164.56 -48.86 -61.62
N GLY T 279 165.70 -48.22 -61.82
CA GLY T 279 166.65 -48.61 -62.85
C GLY T 279 167.69 -49.62 -62.39
N ASN T 280 167.62 -50.03 -61.11
CA ASN T 280 168.44 -51.14 -60.61
C ASN T 280 167.72 -52.48 -60.74
N GLN T 281 166.38 -52.44 -60.71
CA GLN T 281 165.54 -53.61 -61.03
C GLN T 281 165.34 -53.73 -62.55
N LEU T 282 165.52 -52.62 -63.28
CA LEU T 282 165.60 -52.63 -64.74
C LEU T 282 166.81 -53.48 -65.18
N GLN T 283 167.92 -53.35 -64.46
CA GLN T 283 169.12 -54.16 -64.69
C GLN T 283 168.92 -55.61 -64.25
N GLU T 284 168.43 -55.78 -63.03
CA GLU T 284 168.07 -57.09 -62.48
C GLU T 284 167.24 -57.86 -63.50
N PHE T 285 166.15 -57.24 -63.95
CA PHE T 285 165.24 -57.88 -64.89
C PHE T 285 165.83 -57.97 -66.30
N ALA T 286 166.68 -57.01 -66.66
CA ALA T 286 167.40 -57.04 -67.95
C ALA T 286 168.36 -58.23 -68.05
N ALA T 287 168.94 -58.61 -66.92
CA ALA T 287 169.85 -59.77 -66.87
C ALA T 287 169.10 -61.10 -67.06
N MET T 288 167.85 -61.16 -66.61
CA MET T 288 167.01 -62.35 -66.74
C MET T 288 166.55 -62.59 -68.18
N LEU T 289 166.44 -61.52 -68.97
CA LEU T 289 165.87 -61.60 -70.31
C LEU T 289 166.75 -62.38 -71.29
N MET T 290 166.13 -62.79 -72.38
CA MET T 290 166.82 -63.47 -73.47
C MET T 290 167.27 -62.39 -74.46
N PRO T 291 168.31 -62.69 -75.26
CA PRO T 291 168.89 -61.67 -76.15
C PRO T 291 167.91 -61.04 -77.15
N HIS T 292 167.06 -61.86 -77.74
CA HIS T 292 166.12 -61.40 -78.77
C HIS T 292 164.99 -60.51 -78.23
N GLN T 293 164.69 -60.62 -76.94
CA GLN T 293 163.55 -59.90 -76.35
C GLN T 293 163.77 -58.39 -76.16
N LYS T 294 164.99 -57.88 -76.40
CA LYS T 294 165.29 -56.46 -76.17
C LYS T 294 165.17 -55.53 -77.46
N ALA T 295 164.22 -55.88 -78.35
CA ALA T 295 164.12 -55.30 -79.72
C ALA T 295 163.99 -53.76 -79.80
N THR T 296 164.84 -53.12 -80.60
CA THR T 296 164.94 -51.65 -80.70
C THR T 296 164.49 -51.11 -82.07
N THR T 297 163.90 -49.92 -82.07
CA THR T 297 163.51 -49.24 -83.32
C THR T 297 163.80 -47.75 -83.28
N ALA T 298 163.99 -47.17 -84.46
CA ALA T 298 164.22 -45.73 -84.65
C ALA T 298 165.45 -45.21 -83.88
N ASP T 299 165.28 -44.92 -82.59
CA ASP T 299 166.35 -44.27 -81.81
C ASP T 299 167.27 -45.26 -81.08
N GLY T 300 167.02 -46.55 -81.25
CA GLY T 300 167.86 -47.59 -80.65
C GLY T 300 167.52 -47.92 -79.20
N SER T 301 166.42 -47.36 -78.69
CA SER T 301 165.97 -47.66 -77.33
C SER T 301 164.99 -48.81 -77.35
N SER T 302 164.97 -49.56 -76.26
CA SER T 302 164.13 -50.72 -76.17
C SER T 302 162.69 -50.29 -75.80
N ILE T 303 161.79 -51.25 -75.86
CA ILE T 303 160.47 -51.09 -75.25
C ILE T 303 160.68 -51.02 -73.74
N LEU T 304 161.52 -51.91 -73.22
CA LEU T 304 161.90 -51.94 -71.80
C LEU T 304 162.27 -50.53 -71.35
N ASP T 305 163.40 -50.02 -71.80
CA ASP T 305 163.96 -48.77 -71.28
C ASP T 305 163.06 -47.52 -71.46
N ARG T 306 162.02 -47.59 -72.29
CA ARG T 306 161.07 -46.46 -72.45
C ARG T 306 159.69 -46.75 -71.85
N ALA T 307 159.15 -47.91 -72.14
CA ALA T 307 157.86 -48.32 -71.56
C ALA T 307 157.96 -48.52 -70.04
N VAL T 308 159.16 -48.84 -69.55
CA VAL T 308 159.41 -48.96 -68.11
C VAL T 308 159.35 -47.59 -67.44
N ILE T 309 160.25 -46.69 -67.83
CA ILE T 309 160.41 -45.41 -67.15
C ILE T 309 159.13 -44.55 -67.27
N GLU T 310 158.36 -44.76 -68.33
CA GLU T 310 157.06 -44.11 -68.47
C GLU T 310 156.04 -44.61 -67.42
N HIS T 311 156.10 -45.90 -67.10
CA HIS T 311 155.30 -46.44 -66.01
C HIS T 311 155.68 -45.81 -64.67
N ASN T 312 156.98 -45.54 -64.48
CA ASN T 312 157.47 -44.90 -63.27
C ASN T 312 156.82 -43.54 -63.00
N LEU T 313 156.66 -42.75 -64.05
CA LEU T 313 155.99 -41.44 -63.93
C LEU T 313 154.56 -41.61 -63.42
N LEU T 314 153.79 -42.43 -64.13
CA LEU T 314 152.38 -42.65 -63.83
C LEU T 314 152.16 -43.16 -62.41
N SER T 315 153.10 -43.97 -61.94
CA SER T 315 153.10 -44.43 -60.56
C SER T 315 153.41 -43.27 -59.61
N ALA T 316 154.47 -42.51 -59.95
CA ALA T 316 154.89 -41.35 -59.14
C ALA T 316 153.84 -40.26 -59.08
N SER T 317 153.07 -40.13 -60.17
CA SER T 317 152.09 -39.04 -60.31
C SER T 317 151.15 -38.90 -59.11
N LYS T 318 150.34 -39.92 -58.87
CA LYS T 318 149.27 -39.82 -57.86
C LYS T 318 149.78 -39.99 -56.42
N LEU T 319 150.98 -40.55 -56.27
CA LEU T 319 151.64 -40.61 -54.96
C LEU T 319 152.08 -39.21 -54.55
N TYR T 320 152.78 -38.52 -55.45
CA TYR T 320 153.10 -37.11 -55.27
C TYR T 320 151.89 -36.24 -55.59
N ASN T 321 152.06 -34.93 -55.40
CA ASN T 321 151.18 -33.94 -56.00
C ASN T 321 151.93 -32.92 -56.88
N ASN T 322 153.24 -32.83 -56.70
CA ASN T 322 154.11 -32.00 -57.53
C ASN T 322 155.59 -32.29 -57.26
N ILE T 323 156.45 -32.00 -58.23
CA ILE T 323 157.89 -32.24 -58.10
C ILE T 323 158.70 -31.50 -59.16
N THR T 324 159.97 -31.20 -58.85
CA THR T 324 160.88 -30.60 -59.80
C THR T 324 161.41 -31.64 -60.76
N PHE T 325 161.91 -31.18 -61.91
CA PHE T 325 162.36 -32.09 -62.96
C PHE T 325 163.73 -32.66 -62.63
N GLU T 326 164.61 -31.81 -62.09
CA GLU T 326 165.90 -32.25 -61.61
C GLU T 326 165.73 -33.44 -60.67
N GLU T 327 164.92 -33.24 -59.63
CA GLU T 327 164.73 -34.24 -58.58
C GLU T 327 163.83 -35.39 -59.05
N LEU T 328 162.97 -35.13 -60.02
CA LEU T 328 162.16 -36.18 -60.63
C LEU T 328 163.03 -37.09 -61.50
N GLY T 329 163.75 -36.49 -62.44
CA GLY T 329 164.67 -37.21 -63.29
C GLY T 329 165.69 -38.02 -62.50
N ALA T 330 166.10 -37.49 -61.35
CA ALA T 330 167.00 -38.20 -60.44
C ALA T 330 166.38 -39.50 -59.90
N LEU T 331 165.06 -39.48 -59.67
CA LEU T 331 164.32 -40.66 -59.20
C LEU T 331 164.08 -41.69 -60.30
N LEU T 332 163.78 -41.21 -61.50
CA LEU T 332 163.45 -42.08 -62.63
C LEU T 332 164.68 -42.48 -63.47
N GLU T 333 165.86 -42.01 -63.04
CA GLU T 333 167.16 -42.39 -63.63
C GLU T 333 167.29 -41.97 -65.11
N ILE T 334 167.31 -40.66 -65.29
CA ILE T 334 167.42 -40.03 -66.61
C ILE T 334 167.84 -38.57 -66.42
N PRO T 335 168.40 -37.93 -67.47
CA PRO T 335 168.60 -36.48 -67.41
C PRO T 335 167.27 -35.74 -67.41
N ALA T 336 167.13 -34.76 -66.52
CA ALA T 336 165.86 -34.05 -66.29
C ALA T 336 165.14 -33.67 -67.58
N ALA T 337 165.91 -33.13 -68.53
CA ALA T 337 165.39 -32.76 -69.85
C ALA T 337 164.43 -33.81 -70.38
N LYS T 338 164.86 -35.07 -70.31
CA LYS T 338 164.05 -36.19 -70.79
C LYS T 338 162.73 -36.28 -70.03
N ALA T 339 162.82 -36.35 -68.70
CA ALA T 339 161.64 -36.46 -67.86
C ALA T 339 160.62 -35.39 -68.23
N GLU T 340 161.06 -34.14 -68.18
CA GLU T 340 160.24 -32.99 -68.55
C GLU T 340 159.47 -33.26 -69.84
N LYS T 341 160.19 -33.73 -70.86
CA LYS T 341 159.62 -33.90 -72.19
C LYS T 341 158.62 -35.05 -72.26
N ILE T 342 159.05 -36.25 -71.86
CA ILE T 342 158.17 -37.43 -71.94
C ILE T 342 156.97 -37.28 -71.01
N ALA T 343 157.17 -36.65 -69.86
CA ALA T 343 156.07 -36.33 -68.95
C ALA T 343 155.00 -35.54 -69.69
N SER T 344 155.44 -34.57 -70.51
CA SER T 344 154.52 -33.78 -71.33
C SER T 344 153.68 -34.66 -72.24
N GLN T 345 154.33 -35.60 -72.95
CA GLN T 345 153.62 -36.55 -73.81
C GLN T 345 152.47 -37.22 -73.06
N MET T 346 152.79 -37.82 -71.92
CA MET T 346 151.80 -38.58 -71.15
C MET T 346 150.58 -37.74 -70.75
N ILE T 347 150.77 -36.42 -70.64
CA ILE T 347 149.65 -35.50 -70.50
C ILE T 347 149.02 -35.29 -71.85
N THR T 348 149.84 -34.88 -72.82
CA THR T 348 149.37 -34.55 -74.16
C THR T 348 148.54 -35.67 -74.76
N GLU T 349 149.09 -36.88 -74.78
CA GLU T 349 148.39 -38.05 -75.34
C GLU T 349 147.16 -38.43 -74.51
N GLY T 350 147.16 -38.04 -73.24
CA GLY T 350 145.97 -38.16 -72.39
C GLY T 350 145.98 -39.44 -71.58
N ARG T 351 147.07 -39.65 -70.84
CA ARG T 351 147.22 -40.83 -69.98
C ARG T 351 147.46 -40.49 -68.50
N MET T 352 147.53 -39.19 -68.18
CA MET T 352 147.84 -38.73 -66.84
C MET T 352 147.66 -37.23 -66.80
N ASN T 353 146.60 -36.75 -66.15
CA ASN T 353 146.31 -35.31 -66.13
C ASN T 353 147.34 -34.56 -65.29
N GLY T 354 147.50 -33.28 -65.58
CA GLY T 354 148.52 -32.44 -64.95
C GLY T 354 149.01 -31.38 -65.91
N PHE T 355 150.06 -30.65 -65.52
CA PHE T 355 150.59 -29.56 -66.34
C PHE T 355 151.99 -29.13 -65.91
N ILE T 356 152.62 -28.30 -66.74
CA ILE T 356 154.02 -27.93 -66.59
C ILE T 356 154.23 -26.43 -66.39
N ASP T 357 155.19 -26.10 -65.52
CA ASP T 357 155.64 -24.71 -65.29
C ASP T 357 157.15 -24.67 -65.52
N GLN T 358 157.53 -24.37 -66.76
CA GLN T 358 158.92 -24.55 -67.20
C GLN T 358 159.89 -23.57 -66.55
N ILE T 359 159.43 -22.36 -66.25
CA ILE T 359 160.27 -21.35 -65.61
C ILE T 359 160.75 -21.85 -64.27
N ASP T 360 159.83 -22.39 -63.48
CA ASP T 360 160.16 -22.99 -62.20
C ASP T 360 160.93 -24.27 -62.40
N GLY T 361 160.41 -25.12 -63.28
CA GLY T 361 160.93 -26.47 -63.48
C GLY T 361 160.16 -27.49 -62.66
N ILE T 362 158.84 -27.28 -62.55
CA ILE T 362 157.96 -28.11 -61.73
C ILE T 362 156.81 -28.65 -62.56
N VAL T 363 156.36 -29.85 -62.23
CA VAL T 363 155.15 -30.42 -62.81
C VAL T 363 154.15 -30.59 -61.69
N HIS T 364 152.87 -30.44 -62.00
CA HIS T 364 151.79 -30.58 -61.02
C HIS T 364 150.94 -31.79 -61.38
N PHE T 365 150.67 -32.63 -60.40
CA PHE T 365 150.06 -33.95 -60.62
C PHE T 365 148.62 -34.01 -60.15
N GLU T 366 148.04 -35.21 -60.26
CA GLU T 366 146.76 -35.54 -59.64
C GLU T 366 146.74 -35.14 -58.16
N THR T 367 146.21 -33.95 -57.91
CA THR T 367 146.04 -33.44 -56.56
C THR T 367 144.66 -33.84 -56.00
N ARG T 368 143.60 -33.23 -56.55
CA ARG T 368 142.22 -33.41 -56.05
C ARG T 368 142.09 -33.08 -54.57
N GLU T 369 142.76 -32.02 -54.15
CA GLU T 369 142.94 -31.70 -52.74
C GLU T 369 141.77 -30.84 -52.22
N ALA T 370 141.97 -30.18 -51.08
CA ALA T 370 140.96 -29.31 -50.46
C ALA T 370 139.88 -30.15 -49.75
N LEU T 371 138.65 -29.64 -49.72
CA LEU T 371 137.59 -30.24 -48.91
C LEU T 371 137.16 -31.64 -49.35
N PRO T 372 137.29 -31.97 -50.64
CA PRO T 372 137.06 -33.36 -51.03
C PRO T 372 137.92 -34.34 -50.24
N THR T 373 139.18 -33.96 -49.99
CA THR T 373 140.10 -34.77 -49.19
C THR T 373 139.55 -35.02 -47.78
N TRP T 374 138.89 -33.99 -47.24
CA TRP T 374 138.30 -34.06 -45.90
C TRP T 374 137.31 -35.23 -45.78
N ASP T 375 136.43 -35.37 -46.77
CA ASP T 375 135.43 -36.47 -46.76
C ASP T 375 136.08 -37.85 -46.74
N LYS T 376 137.20 -38.02 -47.45
CA LYS T 376 137.93 -39.28 -47.46
C LYS T 376 138.68 -39.51 -46.14
N GLN T 377 139.24 -38.43 -45.59
CA GLN T 377 139.96 -38.51 -44.31
C GLN T 377 139.05 -38.70 -43.10
N ILE T 378 137.76 -38.42 -43.28
CA ILE T 378 136.74 -38.82 -42.31
C ILE T 378 136.54 -40.33 -42.41
N GLN T 379 136.27 -40.81 -43.62
CA GLN T 379 136.06 -42.23 -43.87
C GLN T 379 137.28 -43.07 -43.53
N SER T 380 138.46 -42.57 -43.88
CA SER T 380 139.72 -43.24 -43.59
C SER T 380 139.84 -43.64 -42.11
N LEU T 381 139.34 -42.77 -41.23
CA LEU T 381 139.36 -43.04 -39.78
C LEU T 381 138.07 -43.70 -39.30
N CYS T 382 136.94 -43.33 -39.89
CA CYS T 382 135.65 -43.91 -39.51
C CYS T 382 135.54 -45.40 -39.78
N PHE T 383 136.17 -45.87 -40.85
CA PHE T 383 136.19 -47.31 -41.16
C PHE T 383 137.14 -48.08 -40.25
N GLN T 384 138.15 -47.39 -39.69
CA GLN T 384 139.04 -48.00 -38.68
C GLN T 384 138.31 -48.25 -37.37
N VAL T 385 137.27 -47.47 -37.10
CA VAL T 385 136.40 -47.69 -35.95
C VAL T 385 135.63 -49.01 -36.11
N ASN T 386 135.11 -49.24 -37.31
CA ASN T 386 134.43 -50.50 -37.63
C ASN T 386 135.39 -51.68 -37.73
N ASN T 387 136.61 -51.44 -38.19
CA ASN T 387 137.64 -52.48 -38.25
C ASN T 387 138.12 -52.89 -36.86
N LEU T 388 138.30 -51.91 -35.98
CA LEU T 388 138.69 -52.20 -34.60
C LEU T 388 137.49 -52.73 -33.78
N LEU T 389 136.27 -52.44 -34.24
CA LEU T 389 135.06 -53.01 -33.64
C LEU T 389 134.94 -54.51 -33.94
N GLU T 390 135.00 -54.85 -35.23
CA GLU T 390 134.92 -56.24 -35.68
C GLU T 390 135.92 -57.14 -34.97
N LYS T 391 137.14 -56.64 -34.78
CA LYS T 391 138.23 -57.43 -34.20
C LYS T 391 138.13 -57.62 -32.70
N ILE T 392 137.31 -56.81 -32.02
CA ILE T 392 136.99 -57.02 -30.60
C ILE T 392 135.78 -57.94 -30.46
N SER T 393 134.79 -57.77 -31.35
CA SER T 393 133.62 -58.65 -31.40
C SER T 393 134.00 -60.08 -31.77
N GLN T 394 135.07 -60.21 -32.56
CA GLN T 394 135.60 -61.51 -32.98
C GLN T 394 136.50 -62.13 -31.90
N THR T 395 137.62 -61.47 -31.60
CA THR T 395 138.66 -62.03 -30.74
C THR T 395 138.20 -62.21 -29.29
N ALA T 396 137.43 -61.25 -28.80
CA ALA T 396 136.93 -61.27 -27.42
C ALA T 396 135.41 -61.32 -27.41
N PRO T 397 134.82 -62.50 -27.68
CA PRO T 397 133.36 -62.63 -27.64
C PRO T 397 132.80 -62.61 -26.20
N GLU T 398 133.67 -62.82 -25.21
CA GLU T 398 133.29 -62.62 -23.80
C GLU T 398 133.09 -61.14 -23.51
N TRP T 399 134.13 -60.34 -23.74
CA TRP T 399 134.05 -58.89 -23.53
C TRP T 399 133.03 -58.23 -24.49
N THR T 400 132.78 -58.88 -25.63
CA THR T 400 131.68 -58.48 -26.50
C THR T 400 130.36 -58.59 -25.74
N ALA T 401 130.13 -59.73 -25.09
CA ALA T 401 128.93 -59.95 -24.29
C ALA T 401 128.90 -59.09 -23.01
N GLN T 402 130.08 -58.73 -22.50
CA GLN T 402 130.20 -57.85 -21.32
C GLN T 402 129.83 -56.41 -21.68
N ALA T 403 130.52 -55.88 -22.69
CA ALA T 403 130.30 -54.52 -23.15
C ALA T 403 129.02 -54.37 -24.00
N MET T 404 128.40 -55.49 -24.38
CA MET T 404 127.09 -55.48 -25.05
C MET T 404 126.10 -54.64 -24.26
N GLU T 405 125.95 -54.96 -22.98
CA GLU T 405 124.99 -54.28 -22.10
C GLU T 405 125.53 -52.99 -21.50
N ALA T 406 126.71 -52.56 -21.92
CA ALA T 406 127.19 -51.20 -21.66
C ALA T 406 126.49 -50.18 -22.57
N GLN T 407 125.85 -50.67 -23.63
CA GLN T 407 124.95 -49.87 -24.46
C GLN T 407 123.52 -49.92 -23.91
N MET T 408 123.12 -51.10 -23.43
CA MET T 408 121.74 -51.36 -22.98
C MET T 408 121.45 -50.75 -21.62
N ALA T 409 122.33 -51.00 -20.64
CA ALA T 409 122.17 -50.46 -19.28
C ALA T 409 122.37 -48.94 -19.24
N GLN T 410 123.15 -48.40 -20.18
CA GLN T 410 123.32 -46.95 -20.32
C GLN T 410 122.17 -46.33 -21.11
N SER U 15 102.65 -60.97 -41.29
CA SER U 15 103.74 -61.07 -42.31
C SER U 15 103.74 -59.85 -43.22
N ILE U 16 104.88 -59.18 -43.31
CA ILE U 16 105.02 -57.95 -44.11
C ILE U 16 104.94 -58.24 -45.61
N ASP U 17 105.44 -59.41 -46.04
CA ASP U 17 105.45 -59.77 -47.46
C ASP U 17 104.06 -60.16 -47.97
N GLU U 18 103.09 -59.32 -47.68
CA GLU U 18 101.74 -59.47 -48.20
C GLU U 18 101.66 -58.87 -49.59
N ILE U 19 102.55 -57.90 -49.85
CA ILE U 19 102.51 -57.06 -51.05
C ILE U 19 103.45 -57.56 -52.17
N TYR U 20 104.60 -58.12 -51.80
CA TYR U 20 105.54 -58.68 -52.78
C TYR U 20 104.99 -59.93 -53.47
N LYS U 21 103.83 -60.40 -53.00
CA LYS U 21 103.05 -61.43 -53.68
C LYS U 21 102.40 -60.83 -54.94
N TYR U 22 102.20 -61.65 -55.95
CA TYR U 22 101.60 -61.21 -57.22
C TYR U 22 100.51 -62.19 -57.68
N ASP U 23 99.24 -61.81 -57.46
CA ASP U 23 98.09 -62.59 -57.87
C ASP U 23 97.67 -62.18 -59.30
N LYS U 24 97.95 -63.04 -60.27
CA LYS U 24 97.81 -62.71 -61.68
C LYS U 24 96.36 -62.78 -62.20
N LYS U 25 95.59 -63.74 -61.69
CA LYS U 25 94.19 -63.90 -62.11
C LYS U 25 93.31 -62.76 -61.58
N GLN U 26 93.65 -62.26 -60.39
CA GLN U 26 92.94 -61.11 -59.81
C GLN U 26 93.13 -59.84 -60.64
N GLN U 27 94.29 -59.73 -61.30
CA GLN U 27 94.57 -58.57 -62.16
C GLN U 27 93.66 -58.51 -63.38
N GLN U 28 93.44 -59.67 -64.02
CA GLN U 28 92.65 -59.73 -65.26
C GLN U 28 91.14 -59.70 -65.04
N GLU U 29 90.70 -59.87 -63.80
CA GLU U 29 89.31 -59.67 -63.41
C GLU U 29 89.03 -58.18 -63.23
N ILE U 30 89.99 -57.47 -62.66
CA ILE U 30 89.92 -56.01 -62.51
C ILE U 30 90.08 -55.32 -63.86
N LEU U 31 90.95 -55.87 -64.72
CA LEU U 31 91.14 -55.36 -66.09
C LEU U 31 89.84 -55.38 -66.89
N ALA U 32 89.07 -56.45 -66.74
CA ALA U 32 87.79 -56.57 -67.41
C ALA U 32 86.71 -55.73 -66.72
N ALA U 33 86.70 -55.75 -65.38
CA ALA U 33 85.69 -55.04 -64.59
C ALA U 33 85.73 -53.53 -64.81
N LYS U 34 86.91 -52.95 -64.63
CA LYS U 34 87.15 -51.52 -64.86
C LYS U 34 86.35 -50.60 -63.93
N PRO U 35 86.96 -50.22 -62.78
CA PRO U 35 86.43 -49.11 -61.97
C PRO U 35 87.03 -47.75 -62.37
N TRP U 36 87.81 -47.73 -63.45
CA TRP U 36 88.42 -46.48 -63.96
C TRP U 36 87.62 -45.84 -65.10
N THR U 37 86.83 -46.65 -65.83
CA THR U 37 85.91 -46.13 -66.84
C THR U 37 84.58 -45.66 -66.24
N LYS U 38 84.39 -45.90 -64.94
CA LYS U 38 83.17 -45.53 -64.24
C LYS U 38 83.38 -44.20 -63.51
N ASP U 39 84.43 -44.14 -62.70
CA ASP U 39 84.80 -42.91 -61.99
C ASP U 39 86.10 -42.36 -62.59
N HIS U 40 86.10 -41.07 -62.90
CA HIS U 40 87.25 -40.44 -63.56
C HIS U 40 88.47 -40.33 -62.64
N HIS U 41 88.24 -40.04 -61.36
CA HIS U 41 89.32 -39.96 -60.37
C HIS U 41 89.19 -41.07 -59.34
N TYR U 42 89.30 -42.30 -59.82
CA TYR U 42 89.22 -43.49 -58.98
C TYR U 42 90.52 -43.71 -58.20
N PHE U 43 91.62 -43.84 -58.94
CA PHE U 43 92.92 -44.09 -58.33
C PHE U 43 93.49 -42.83 -57.70
N LYS U 44 93.73 -42.87 -56.39
CA LYS U 44 94.24 -41.71 -55.64
C LYS U 44 95.54 -41.96 -54.87
N TYR U 45 95.81 -43.20 -54.49
CA TYR U 45 97.04 -43.54 -53.74
C TYR U 45 98.07 -44.20 -54.64
N CYS U 46 99.31 -44.30 -54.15
CA CYS U 46 100.41 -44.91 -54.91
C CYS U 46 101.50 -45.45 -53.99
N LYS U 47 101.57 -46.77 -53.85
CA LYS U 47 102.57 -47.43 -53.01
C LYS U 47 103.82 -47.78 -53.81
N ILE U 48 104.95 -47.20 -53.41
CA ILE U 48 106.23 -47.38 -54.11
C ILE U 48 107.12 -48.33 -53.31
N SER U 49 107.62 -49.37 -53.96
CA SER U 49 108.40 -50.42 -53.29
C SER U 49 109.81 -49.94 -52.90
N ALA U 50 110.58 -50.84 -52.29
CA ALA U 50 111.95 -50.53 -51.89
C ALA U 50 112.86 -50.37 -53.10
N LEU U 51 112.87 -51.39 -53.97
CA LEU U 51 113.71 -51.36 -55.18
C LEU U 51 113.30 -50.28 -56.16
N ALA U 52 111.99 -50.16 -56.39
CA ALA U 52 111.44 -49.17 -57.32
C ALA U 52 111.96 -47.75 -57.03
N LEU U 53 111.94 -47.37 -55.75
CA LEU U 53 112.41 -46.04 -55.34
C LEU U 53 113.88 -45.82 -55.65
N LEU U 54 114.72 -46.76 -55.23
CA LEU U 54 116.17 -46.65 -55.40
C LEU U 54 116.61 -46.56 -56.86
N LYS U 55 116.05 -47.43 -57.71
CA LYS U 55 116.45 -47.49 -59.12
C LYS U 55 115.97 -46.24 -59.89
N MET U 56 114.76 -45.77 -59.58
CA MET U 56 114.25 -44.55 -60.18
C MET U 56 115.09 -43.34 -59.80
N VAL U 57 115.43 -43.23 -58.52
CA VAL U 57 116.31 -42.16 -58.04
C VAL U 57 117.70 -42.28 -58.67
N MET U 58 118.19 -43.51 -58.79
CA MET U 58 119.49 -43.77 -59.43
C MET U 58 119.48 -43.47 -60.93
N HIS U 59 118.38 -43.77 -61.61
CA HIS U 59 118.26 -43.52 -63.04
C HIS U 59 118.25 -42.01 -63.34
N ALA U 60 117.56 -41.24 -62.50
CA ALA U 60 117.43 -39.79 -62.67
C ALA U 60 118.77 -39.07 -62.51
N ARG U 61 119.45 -39.38 -61.41
CA ARG U 61 120.73 -38.74 -61.09
C ARG U 61 121.85 -39.22 -62.01
N SER U 62 121.81 -40.49 -62.42
CA SER U 62 122.87 -41.07 -63.28
C SER U 62 123.07 -40.26 -64.54
N GLY U 63 121.96 -39.95 -65.22
CA GLY U 63 121.98 -39.01 -66.35
C GLY U 63 122.27 -37.61 -65.83
N GLY U 64 121.59 -37.24 -64.75
CA GLY U 64 121.86 -35.99 -64.06
C GLY U 64 121.10 -34.83 -64.69
N ASN U 65 121.86 -33.88 -65.23
CA ASN U 65 121.31 -32.62 -65.77
C ASN U 65 120.21 -32.82 -66.83
N LEU U 66 120.26 -33.96 -67.51
CA LEU U 66 119.36 -34.24 -68.61
C LEU U 66 118.22 -35.14 -68.11
N GLU U 67 117.02 -34.87 -68.61
CA GLU U 67 115.86 -35.68 -68.29
C GLU U 67 115.92 -36.99 -69.07
N VAL U 68 115.74 -38.11 -68.39
CA VAL U 68 115.62 -39.41 -69.05
C VAL U 68 114.51 -40.21 -68.38
N MET U 69 113.67 -40.85 -69.21
CA MET U 69 112.54 -41.62 -68.70
C MET U 69 112.77 -43.12 -68.86
N GLY U 70 112.12 -43.89 -67.98
CA GLY U 70 112.13 -45.35 -68.07
C GLY U 70 110.73 -45.87 -67.99
N LEU U 71 110.60 -47.16 -67.69
CA LEU U 71 109.30 -47.79 -67.50
C LEU U 71 109.20 -48.41 -66.11
N MET U 72 107.99 -48.37 -65.54
CA MET U 72 107.70 -48.96 -64.25
C MET U 72 106.82 -50.20 -64.44
N LEU U 73 106.97 -51.16 -63.54
CA LEU U 73 106.13 -52.35 -63.51
C LEU U 73 105.46 -52.45 -62.14
N GLY U 74 104.21 -52.90 -62.12
CA GLY U 74 103.44 -52.97 -60.88
C GLY U 74 102.07 -53.60 -61.05
N LYS U 75 101.18 -53.31 -60.11
CA LYS U 75 99.83 -53.87 -60.10
C LYS U 75 98.84 -52.90 -59.45
N VAL U 76 97.56 -53.28 -59.46
CA VAL U 76 96.49 -52.46 -58.86
C VAL U 76 95.87 -53.15 -57.62
N ASP U 77 95.40 -52.33 -56.69
CA ASP U 77 94.75 -52.83 -55.46
C ASP U 77 93.91 -51.71 -54.83
N GLY U 78 92.59 -51.87 -54.87
CA GLY U 78 91.67 -50.86 -54.35
C GLY U 78 91.73 -49.58 -55.17
N GLU U 79 92.10 -48.48 -54.52
CA GLU U 79 92.38 -47.22 -55.20
C GLU U 79 93.89 -46.97 -55.30
N THR U 80 94.69 -47.89 -54.76
CA THR U 80 96.15 -47.74 -54.75
C THR U 80 96.77 -48.36 -56.01
N MET U 81 97.49 -47.54 -56.77
CA MET U 81 98.28 -48.04 -57.91
C MET U 81 99.69 -48.37 -57.44
N ILE U 82 99.92 -49.65 -57.14
CA ILE U 82 101.17 -50.10 -56.55
C ILE U 82 102.25 -50.27 -57.62
N ILE U 83 103.45 -49.77 -57.30
CA ILE U 83 104.61 -49.90 -58.17
C ILE U 83 105.61 -50.84 -57.50
N MET U 84 105.94 -51.93 -58.19
CA MET U 84 106.74 -53.01 -57.62
C MET U 84 108.22 -52.92 -58.02
N ASP U 85 108.45 -52.84 -59.33
CA ASP U 85 109.79 -52.86 -59.90
C ASP U 85 109.88 -51.85 -61.05
N SER U 86 111.07 -51.32 -61.29
CA SER U 86 111.29 -50.37 -62.36
C SER U 86 112.57 -50.69 -63.14
N PHE U 87 112.73 -50.01 -64.26
CA PHE U 87 113.93 -50.11 -65.07
C PHE U 87 113.96 -48.93 -66.06
N ALA U 88 114.99 -48.87 -66.89
CA ALA U 88 115.19 -47.73 -67.78
C ALA U 88 114.76 -48.01 -69.22
N LEU U 89 114.48 -46.92 -69.95
CA LEU U 89 114.22 -46.96 -71.39
C LEU U 89 115.30 -46.08 -72.02
N PRO U 90 116.12 -46.66 -72.93
CA PRO U 90 117.27 -45.92 -73.48
C PRO U 90 116.89 -44.86 -74.52
N VAL U 91 115.90 -44.03 -74.17
CA VAL U 91 115.35 -43.05 -75.09
C VAL U 91 115.92 -41.67 -74.82
N GLU U 92 115.69 -40.76 -75.76
CA GLU U 92 116.18 -39.40 -75.67
C GLU U 92 115.05 -38.45 -76.04
N GLY U 93 115.17 -37.20 -75.60
CA GLY U 93 114.18 -36.19 -75.89
C GLY U 93 112.97 -36.28 -74.97
N THR U 94 113.24 -36.57 -73.69
CA THR U 94 112.21 -36.53 -72.66
C THR U 94 111.87 -35.08 -72.39
N GLU U 95 110.58 -34.77 -72.27
CA GLU U 95 110.10 -33.41 -72.04
C GLU U 95 110.09 -32.54 -73.31
N THR U 96 110.97 -32.82 -74.28
CA THR U 96 111.01 -32.09 -75.56
C THR U 96 110.15 -32.77 -76.65
N ARG U 97 109.89 -34.07 -76.48
CA ARG U 97 108.96 -34.78 -77.36
C ARG U 97 107.76 -35.30 -76.56
N VAL U 98 106.58 -35.21 -77.17
CA VAL U 98 105.36 -35.80 -76.61
C VAL U 98 105.48 -37.31 -76.83
N ASN U 99 105.49 -38.07 -75.73
CA ASN U 99 105.69 -39.51 -75.77
C ASN U 99 107.05 -39.87 -76.41
N ALA U 100 108.12 -39.63 -75.67
CA ALA U 100 109.48 -39.92 -76.14
C ALA U 100 109.82 -41.42 -76.05
N GLN U 101 108.94 -42.21 -75.44
CA GLN U 101 109.13 -43.67 -75.33
C GLN U 101 108.89 -44.41 -76.65
N ALA U 102 108.39 -43.70 -77.67
CA ALA U 102 108.13 -44.31 -78.98
C ALA U 102 109.38 -44.76 -79.73
N ALA U 103 110.52 -44.11 -79.44
CA ALA U 103 111.79 -44.48 -80.07
C ALA U 103 112.18 -45.93 -79.76
N ALA U 104 111.94 -46.35 -78.53
CA ALA U 104 112.29 -47.70 -78.10
C ALA U 104 111.05 -48.50 -77.70
N TYR U 105 110.12 -48.65 -78.64
CA TYR U 105 108.99 -49.55 -78.46
C TYR U 105 109.47 -51.00 -78.36
N GLU U 106 110.63 -51.28 -78.96
CA GLU U 106 111.27 -52.58 -78.87
C GLU U 106 111.64 -52.91 -77.42
N TYR U 107 112.31 -51.98 -76.75
CA TYR U 107 112.87 -52.23 -75.41
C TYR U 107 111.86 -52.17 -74.26
N MET U 108 110.58 -51.91 -74.57
CA MET U 108 109.52 -52.03 -73.59
C MET U 108 109.07 -53.49 -73.50
N ALA U 109 108.53 -54.03 -74.60
CA ALA U 109 108.03 -55.40 -74.64
C ALA U 109 109.14 -56.43 -74.57
N ALA U 110 110.29 -56.14 -75.18
CA ALA U 110 111.44 -57.04 -75.15
C ALA U 110 112.02 -57.19 -73.75
N TYR U 111 111.96 -56.13 -72.95
CA TYR U 111 112.46 -56.17 -71.57
C TYR U 111 111.54 -57.00 -70.68
N ILE U 112 110.24 -56.80 -70.82
CA ILE U 112 109.25 -57.51 -70.01
C ILE U 112 109.14 -58.98 -70.42
N GLU U 113 109.46 -59.28 -71.68
CA GLU U 113 109.49 -60.66 -72.17
C GLU U 113 110.69 -61.42 -71.59
N ASN U 114 111.83 -60.75 -71.49
CA ASN U 114 113.01 -61.30 -70.82
C ASN U 114 112.82 -61.39 -69.30
N ALA U 115 112.28 -60.31 -68.73
CA ALA U 115 112.09 -60.21 -67.28
C ALA U 115 111.08 -61.22 -66.73
N LYS U 116 110.07 -61.57 -67.53
CA LYS U 116 109.07 -62.56 -67.12
C LYS U 116 109.62 -63.99 -67.08
N GLN U 117 110.65 -64.26 -67.88
CA GLN U 117 111.35 -65.55 -67.84
C GLN U 117 112.14 -65.74 -66.54
N VAL U 118 112.61 -64.64 -65.95
CA VAL U 118 113.48 -64.70 -64.77
C VAL U 118 112.76 -64.46 -63.43
N GLY U 119 111.60 -63.81 -63.46
CA GLY U 119 110.85 -63.57 -62.23
C GLY U 119 109.84 -62.44 -62.24
N ARG U 120 110.17 -61.34 -62.93
CA ARG U 120 109.30 -60.17 -62.96
C ARG U 120 108.03 -60.41 -63.81
N LEU U 121 107.01 -60.97 -63.16
CA LEU U 121 105.73 -61.25 -63.80
C LEU U 121 104.85 -60.00 -63.93
N GLU U 122 105.26 -58.92 -63.26
CA GLU U 122 104.45 -57.70 -63.17
C GLU U 122 104.28 -57.01 -64.53
N ASN U 123 103.09 -56.44 -64.74
CA ASN U 123 102.72 -55.82 -66.01
C ASN U 123 103.04 -54.33 -66.06
N ALA U 124 102.90 -53.74 -67.24
CA ALA U 124 103.16 -52.31 -67.44
C ALA U 124 102.23 -51.46 -66.58
N ILE U 125 102.80 -50.69 -65.66
CA ILE U 125 102.02 -49.87 -64.71
C ILE U 125 102.20 -48.36 -64.89
N GLY U 126 103.27 -47.92 -65.57
CA GLY U 126 103.49 -46.49 -65.77
C GLY U 126 104.82 -46.10 -66.38
N TRP U 127 105.10 -44.79 -66.39
CA TRP U 127 106.37 -44.24 -66.88
C TRP U 127 106.84 -43.08 -66.00
N TYR U 128 108.15 -43.01 -65.77
CA TYR U 128 108.74 -42.05 -64.84
C TYR U 128 109.83 -41.24 -65.52
N HIS U 129 109.99 -39.98 -65.11
CA HIS U 129 111.04 -39.11 -65.67
C HIS U 129 111.67 -38.19 -64.62
N SER U 130 112.91 -37.76 -64.89
CA SER U 130 113.65 -36.90 -63.98
C SER U 130 113.42 -35.43 -64.31
N HIS U 131 113.45 -34.58 -63.28
CA HIS U 131 113.24 -33.12 -63.41
C HIS U 131 114.31 -32.37 -62.60
N PRO U 132 115.55 -32.34 -63.10
CA PRO U 132 116.68 -31.84 -62.31
C PRO U 132 116.66 -30.33 -62.03
N GLY U 133 116.34 -29.96 -60.80
CA GLY U 133 116.41 -28.57 -60.34
C GLY U 133 115.17 -27.73 -60.56
N TYR U 134 114.00 -28.37 -60.70
CA TYR U 134 112.75 -27.62 -60.86
C TYR U 134 111.50 -28.44 -60.50
N GLY U 135 111.47 -28.93 -59.27
CA GLY U 135 110.26 -29.53 -58.69
C GLY U 135 109.74 -30.76 -59.40
N CYS U 136 108.59 -31.23 -58.93
CA CYS U 136 107.91 -32.39 -59.49
C CYS U 136 106.54 -31.99 -59.99
N TRP U 137 106.35 -32.06 -61.31
CA TRP U 137 105.09 -31.67 -61.94
C TRP U 137 105.05 -32.12 -63.41
N LEU U 138 103.87 -32.03 -64.01
CA LEU U 138 103.69 -32.40 -65.41
C LEU U 138 103.63 -31.17 -66.29
N SER U 139 104.58 -31.07 -67.22
CA SER U 139 104.59 -29.98 -68.20
C SER U 139 103.54 -30.22 -69.29
N GLY U 140 103.38 -29.23 -70.18
CA GLY U 140 102.48 -29.36 -71.32
C GLY U 140 102.84 -30.49 -72.26
N ILE U 141 104.12 -30.83 -72.32
CA ILE U 141 104.59 -31.96 -73.12
C ILE U 141 104.28 -33.27 -72.38
N ASP U 142 104.43 -33.25 -71.06
CA ASP U 142 104.14 -34.41 -70.22
C ASP U 142 102.65 -34.75 -70.15
N VAL U 143 101.78 -33.74 -70.14
CA VAL U 143 100.33 -33.95 -70.08
C VAL U 143 99.80 -34.62 -71.35
N SER U 144 100.28 -34.18 -72.51
CA SER U 144 99.90 -34.78 -73.80
C SER U 144 100.34 -36.25 -73.89
N THR U 145 101.48 -36.57 -73.28
CA THR U 145 101.96 -37.95 -73.21
C THR U 145 101.04 -38.82 -72.36
N GLN U 146 100.71 -38.34 -71.16
CA GLN U 146 99.95 -39.12 -70.18
C GLN U 146 98.48 -39.30 -70.56
N MET U 147 97.86 -38.25 -71.09
CA MET U 147 96.47 -38.32 -71.57
C MET U 147 96.28 -39.48 -72.55
N LEU U 148 97.16 -39.56 -73.53
CA LEU U 148 97.08 -40.59 -74.55
C LEU U 148 97.58 -41.94 -74.03
N ASN U 149 98.46 -41.93 -73.03
CA ASN U 149 98.82 -43.17 -72.32
C ASN U 149 97.62 -43.78 -71.60
N GLN U 150 96.86 -42.94 -70.90
CA GLN U 150 95.63 -43.39 -70.24
C GLN U 150 94.52 -43.73 -71.25
N GLN U 151 94.55 -43.09 -72.40
CA GLN U 151 93.57 -43.34 -73.47
C GLN U 151 93.53 -44.81 -73.91
N PHE U 152 94.70 -45.40 -74.15
CA PHE U 152 94.80 -46.77 -74.66
C PHE U 152 95.38 -47.74 -73.63
N GLN U 153 96.65 -47.54 -73.27
CA GLN U 153 97.35 -48.42 -72.34
C GLN U 153 96.95 -48.05 -70.91
N GLU U 154 95.78 -48.52 -70.49
CA GLU U 154 95.17 -48.09 -69.21
C GLU U 154 95.93 -48.71 -68.02
N PRO U 155 95.45 -48.54 -66.78
CA PRO U 155 96.34 -48.35 -65.64
C PRO U 155 97.79 -47.98 -65.99
N PHE U 156 98.00 -46.70 -66.28
CA PHE U 156 99.33 -46.15 -66.54
C PHE U 156 99.47 -44.87 -65.72
N VAL U 157 100.46 -44.82 -64.84
CA VAL U 157 100.69 -43.66 -63.96
C VAL U 157 102.02 -42.96 -64.27
N ALA U 158 101.97 -41.62 -64.39
CA ALA U 158 103.16 -40.83 -64.74
C ALA U 158 103.87 -40.31 -63.49
N VAL U 159 105.07 -40.82 -63.24
CA VAL U 159 105.83 -40.46 -62.04
C VAL U 159 106.90 -39.41 -62.40
N VAL U 160 107.24 -38.59 -61.41
CA VAL U 160 108.28 -37.57 -61.56
C VAL U 160 109.18 -37.58 -60.34
N ILE U 161 110.48 -37.32 -60.56
CA ILE U 161 111.45 -37.19 -59.47
C ILE U 161 112.39 -36.02 -59.76
N ASP U 162 112.70 -35.26 -58.71
CA ASP U 162 113.68 -34.16 -58.79
C ASP U 162 114.95 -34.57 -58.04
N PRO U 163 115.96 -35.06 -58.77
CA PRO U 163 117.17 -35.57 -58.13
C PRO U 163 118.04 -34.49 -57.49
N THR U 164 118.21 -33.36 -58.18
CA THR U 164 119.12 -32.32 -57.72
C THR U 164 118.65 -31.71 -56.40
N ARG U 165 117.32 -31.58 -56.22
CA ARG U 165 116.75 -31.03 -54.98
C ARG U 165 116.58 -32.07 -53.89
N THR U 166 116.25 -33.30 -54.28
CA THR U 166 116.25 -34.40 -53.35
C THR U 166 117.52 -34.31 -52.49
N ILE U 167 118.64 -34.03 -53.14
CA ILE U 167 119.92 -33.86 -52.48
C ILE U 167 119.94 -32.63 -51.57
N SER U 168 119.76 -31.45 -52.15
CA SER U 168 119.93 -30.18 -51.42
C SER U 168 118.89 -30.00 -50.32
N ALA U 169 117.63 -30.30 -50.63
CA ALA U 169 116.57 -30.29 -49.62
C ALA U 169 116.83 -31.36 -48.56
N GLY U 170 117.47 -32.45 -48.96
CA GLY U 170 117.93 -33.48 -48.03
C GLY U 170 116.90 -34.56 -47.74
N LYS U 171 115.98 -34.77 -48.69
CA LYS U 171 114.95 -35.79 -48.54
C LYS U 171 114.29 -36.07 -49.90
N VAL U 172 113.65 -37.23 -50.01
CA VAL U 172 113.15 -37.72 -51.30
C VAL U 172 112.16 -36.73 -51.94
N ASN U 173 112.63 -36.03 -52.97
CA ASN U 173 111.78 -35.15 -53.76
C ASN U 173 111.19 -35.97 -54.91
N LEU U 174 109.88 -36.24 -54.82
CA LEU U 174 109.20 -37.16 -55.75
C LEU U 174 107.74 -36.78 -55.92
N GLY U 175 107.16 -37.18 -57.06
CA GLY U 175 105.74 -36.96 -57.33
C GLY U 175 105.12 -38.03 -58.21
N ALA U 176 103.83 -38.27 -58.01
CA ALA U 176 103.06 -39.24 -58.79
C ALA U 176 101.72 -38.61 -59.20
N PHE U 177 101.47 -38.55 -60.51
CA PHE U 177 100.32 -37.81 -61.04
C PHE U 177 99.48 -38.65 -62.02
N ARG U 178 98.24 -38.20 -62.22
CA ARG U 178 97.36 -38.75 -63.25
C ARG U 178 96.55 -37.63 -63.90
N THR U 179 96.41 -37.67 -65.22
CA THR U 179 95.72 -36.62 -65.96
C THR U 179 94.20 -36.86 -66.03
N TYR U 180 93.45 -35.78 -66.20
CA TYR U 180 91.99 -35.85 -66.33
C TYR U 180 91.57 -35.89 -67.81
N PRO U 181 90.29 -36.18 -68.08
CA PRO U 181 89.79 -36.14 -69.46
C PRO U 181 89.72 -34.72 -70.03
N LYS U 182 89.82 -34.62 -71.35
CA LYS U 182 89.61 -33.36 -72.05
C LYS U 182 88.11 -33.24 -72.33
N GLY U 183 87.40 -32.63 -71.39
CA GLY U 183 85.93 -32.53 -71.44
C GLY U 183 85.37 -32.36 -70.04
N TYR U 184 85.46 -33.42 -69.26
CA TYR U 184 85.19 -33.36 -67.82
C TYR U 184 86.33 -32.61 -67.14
N LYS U 185 85.98 -31.76 -66.18
CA LYS U 185 86.97 -30.94 -65.46
C LYS U 185 86.88 -31.19 -63.94
N PRO U 186 88.03 -31.10 -63.23
CA PRO U 186 88.19 -31.61 -61.85
C PRO U 186 87.32 -31.01 -60.73
N PRO U 187 87.31 -31.65 -59.53
CA PRO U 187 86.78 -31.10 -58.26
C PRO U 187 87.74 -30.18 -57.46
N ASP U 188 87.37 -29.76 -56.24
CA ASP U 188 88.16 -28.78 -55.46
C ASP U 188 89.38 -29.38 -54.75
N GLU U 189 89.17 -30.46 -54.02
CA GLU U 189 90.19 -31.06 -53.14
C GLU U 189 91.55 -31.21 -53.83
N GLY U 190 92.43 -30.26 -53.55
CA GLY U 190 93.78 -30.23 -54.10
C GLY U 190 94.55 -29.22 -53.29
N PRO U 191 95.20 -29.70 -52.22
CA PRO U 191 95.95 -28.73 -51.43
C PRO U 191 97.04 -28.10 -52.29
N SER U 192 97.87 -28.95 -52.90
CA SER U 192 98.78 -28.55 -53.96
C SER U 192 99.81 -27.58 -53.36
N GLU U 193 100.85 -28.18 -52.82
CA GLU U 193 101.90 -27.45 -52.11
C GLU U 193 102.80 -26.71 -53.10
N TYR U 194 103.34 -25.57 -52.66
CA TYR U 194 104.16 -24.72 -53.51
C TYR U 194 105.62 -25.18 -53.56
N GLN U 195 106.15 -25.25 -54.76
CA GLN U 195 107.57 -25.47 -54.98
C GLN U 195 108.08 -24.43 -55.97
N THR U 196 109.32 -24.01 -55.77
CA THR U 196 109.96 -23.02 -56.64
C THR U 196 109.94 -23.49 -58.09
N ILE U 197 109.29 -22.71 -58.95
CA ILE U 197 109.27 -22.98 -60.38
C ILE U 197 110.10 -21.90 -61.08
N PRO U 198 111.21 -22.29 -61.75
CA PRO U 198 111.97 -21.32 -62.56
C PRO U 198 111.12 -20.66 -63.64
N LEU U 199 111.26 -19.35 -63.80
CA LEU U 199 110.37 -18.55 -64.67
C LEU U 199 110.40 -19.00 -66.13
N ASN U 200 111.56 -19.42 -66.61
CA ASN U 200 111.66 -20.06 -67.92
C ASN U 200 110.64 -21.19 -68.12
N LYS U 201 110.35 -21.94 -67.05
CA LYS U 201 109.37 -23.03 -67.09
C LYS U 201 108.00 -22.68 -66.49
N ILE U 202 107.94 -21.67 -65.61
CA ILE U 202 106.69 -21.32 -64.91
C ILE U 202 105.49 -21.19 -65.84
N GLU U 203 105.72 -20.69 -67.04
CA GLU U 203 104.67 -20.50 -68.04
C GLU U 203 104.08 -21.85 -68.44
N ASP U 204 104.96 -22.75 -68.90
CA ASP U 204 104.56 -24.07 -69.38
C ASP U 204 103.76 -24.83 -68.32
N PHE U 205 104.27 -24.82 -67.09
CA PHE U 205 103.56 -25.40 -65.95
C PHE U 205 102.21 -24.74 -65.77
N GLY U 206 102.24 -23.42 -65.59
CA GLY U 206 101.05 -22.63 -65.29
C GLY U 206 99.83 -22.92 -66.14
N VAL U 207 100.03 -23.22 -67.41
CA VAL U 207 98.92 -23.48 -68.32
C VAL U 207 98.29 -24.83 -68.03
N HIS U 208 99.11 -25.88 -68.09
CA HIS U 208 98.62 -27.25 -68.02
C HIS U 208 98.64 -27.85 -66.60
N CYS U 209 98.92 -27.03 -65.58
CA CYS U 209 99.03 -27.51 -64.21
C CYS U 209 97.70 -27.97 -63.61
N LYS U 210 96.61 -27.30 -63.94
CA LYS U 210 95.29 -27.61 -63.38
C LYS U 210 94.54 -28.72 -64.13
N GLN U 211 95.13 -29.23 -65.22
CA GLN U 211 94.49 -30.26 -66.03
C GLN U 211 94.64 -31.68 -65.45
N TYR U 212 95.46 -31.84 -64.41
CA TYR U 212 95.72 -33.15 -63.82
C TYR U 212 95.54 -33.16 -62.30
N TYR U 213 95.67 -34.34 -61.70
CA TYR U 213 95.66 -34.50 -60.24
C TYR U 213 96.74 -35.48 -59.76
N ALA U 214 97.31 -35.17 -58.60
CA ALA U 214 98.40 -35.95 -58.02
C ALA U 214 97.88 -37.21 -57.32
N LEU U 215 98.80 -38.05 -56.84
CA LEU U 215 98.46 -39.25 -56.09
C LEU U 215 99.20 -39.29 -54.76
N GLU U 216 98.49 -39.73 -53.71
CA GLU U 216 99.05 -39.79 -52.36
C GLU U 216 100.11 -40.89 -52.28
N VAL U 217 101.37 -40.48 -52.17
CA VAL U 217 102.49 -41.40 -52.22
C VAL U 217 102.71 -42.05 -50.85
N SER U 218 103.05 -43.34 -50.88
CA SER U 218 103.43 -44.10 -49.69
C SER U 218 104.55 -45.10 -50.04
N TYR U 219 105.44 -45.37 -49.08
CA TYR U 219 106.60 -46.22 -49.32
C TYR U 219 106.59 -47.44 -48.42
N PHE U 220 106.81 -48.62 -49.01
CA PHE U 220 106.80 -49.89 -48.27
C PHE U 220 108.11 -50.67 -48.47
N LYS U 221 108.22 -51.79 -47.77
CA LYS U 221 109.41 -52.64 -47.82
C LYS U 221 109.09 -54.06 -47.35
N SER U 222 109.89 -55.01 -47.79
CA SER U 222 109.72 -56.42 -47.42
C SER U 222 110.34 -56.72 -46.05
N SER U 223 110.31 -57.98 -45.64
CA SER U 223 110.96 -58.42 -44.40
C SER U 223 112.48 -58.43 -44.58
N LEU U 224 112.94 -59.05 -45.65
CA LEU U 224 114.36 -59.14 -45.97
C LEU U 224 114.98 -57.76 -46.19
N ASP U 225 114.32 -56.94 -47.01
CA ASP U 225 114.76 -55.55 -47.23
C ASP U 225 114.95 -54.83 -45.89
N ARG U 226 113.93 -54.91 -45.04
CA ARG U 226 113.96 -54.29 -43.72
C ARG U 226 115.10 -54.83 -42.85
N LYS U 227 115.25 -56.15 -42.84
CA LYS U 227 116.31 -56.79 -42.06
C LYS U 227 117.71 -56.53 -42.63
N LEU U 228 117.81 -56.43 -43.95
CA LEU U 228 119.10 -56.12 -44.60
C LEU U 228 119.54 -54.69 -44.33
N LEU U 229 118.61 -53.74 -44.45
CA LEU U 229 118.90 -52.32 -44.21
C LEU U 229 119.33 -52.04 -42.77
N GLU U 230 118.84 -52.84 -41.83
CA GLU U 230 119.25 -52.71 -40.43
C GLU U 230 120.66 -53.26 -40.23
N LEU U 231 120.95 -54.40 -40.85
CA LEU U 231 122.30 -54.96 -40.85
C LEU U 231 123.26 -54.08 -41.66
N LEU U 232 122.73 -53.44 -42.70
CA LEU U 232 123.50 -52.51 -43.53
C LEU U 232 123.93 -51.26 -42.76
N TRP U 233 123.08 -50.79 -41.85
CA TRP U 233 123.34 -49.55 -41.12
C TRP U 233 124.53 -49.61 -40.16
N ASN U 234 125.00 -50.82 -39.86
CA ASN U 234 126.20 -51.01 -39.04
C ASN U 234 127.41 -50.25 -39.59
N LYS U 235 127.48 -50.13 -40.91
CA LYS U 235 128.61 -49.50 -41.58
C LYS U 235 128.22 -48.31 -42.47
N TYR U 236 126.94 -47.93 -42.46
CA TYR U 236 126.44 -46.85 -43.33
C TYR U 236 126.33 -45.50 -42.60
N TRP U 237 126.44 -45.52 -41.28
CA TRP U 237 126.53 -44.28 -40.51
C TRP U 237 127.76 -43.45 -40.88
N VAL U 238 128.82 -44.12 -41.36
CA VAL U 238 130.05 -43.46 -41.79
C VAL U 238 129.80 -42.53 -42.97
N ASN U 239 128.93 -42.94 -43.88
CA ASN U 239 128.62 -42.17 -45.08
C ASN U 239 127.76 -40.93 -44.78
N THR U 240 127.02 -40.97 -43.68
CA THR U 240 126.19 -39.84 -43.24
C THR U 240 127.04 -38.67 -42.73
N LEU U 241 128.15 -38.98 -42.07
CA LEU U 241 129.04 -37.96 -41.51
C LEU U 241 130.27 -37.71 -42.37
N SER U 242 130.19 -38.10 -43.64
CA SER U 242 131.13 -37.64 -44.67
C SER U 242 130.31 -37.36 -45.93
N SER U 243 129.13 -36.81 -45.73
CA SER U 243 128.13 -36.64 -46.78
C SER U 243 128.47 -35.45 -47.66
N SER U 244 128.37 -34.26 -47.08
CA SER U 244 128.71 -33.01 -47.76
C SER U 244 127.93 -32.74 -49.04
N SER U 245 126.74 -32.15 -48.87
CA SER U 245 125.91 -31.74 -50.00
C SER U 245 126.24 -30.31 -50.40
N LEU U 246 127.40 -30.11 -51.01
CA LEU U 246 127.84 -28.79 -51.43
C LEU U 246 128.45 -28.81 -52.82
N LEU U 247 129.58 -29.48 -52.98
CA LEU U 247 130.16 -29.66 -54.31
C LEU U 247 129.46 -30.77 -55.09
N THR U 248 128.64 -31.56 -54.41
CA THR U 248 127.83 -32.61 -55.05
C THR U 248 126.82 -31.99 -56.01
N ASN U 249 125.96 -31.12 -55.49
CA ASN U 249 124.90 -30.46 -56.27
C ASN U 249 125.15 -28.95 -56.40
N ALA U 250 126.41 -28.58 -56.63
CA ALA U 250 126.83 -27.18 -56.69
C ALA U 250 126.11 -26.37 -57.76
N ASP U 251 125.72 -27.03 -58.84
CA ASP U 251 125.13 -26.37 -59.99
C ASP U 251 123.58 -26.34 -59.97
N TYR U 252 122.98 -26.59 -58.81
CA TYR U 252 121.57 -26.26 -58.59
C TYR U 252 121.46 -24.95 -57.82
N THR U 253 122.18 -24.86 -56.71
CA THR U 253 122.13 -23.68 -55.84
C THR U 253 122.69 -22.44 -56.52
N THR U 254 123.81 -22.60 -57.21
CA THR U 254 124.40 -21.50 -57.98
C THR U 254 123.46 -21.05 -59.11
N GLY U 255 122.65 -21.97 -59.63
CA GLY U 255 121.65 -21.66 -60.65
C GLY U 255 120.40 -20.99 -60.10
N GLN U 256 119.86 -21.54 -59.02
CA GLN U 256 118.66 -20.98 -58.37
C GLN U 256 118.76 -19.47 -58.10
N VAL U 257 119.99 -19.00 -57.90
CA VAL U 257 120.27 -17.56 -57.79
C VAL U 257 119.80 -16.83 -59.03
N PHE U 258 120.22 -17.34 -60.19
CA PHE U 258 119.84 -16.77 -61.48
C PHE U 258 118.31 -16.69 -61.60
N ASP U 259 117.62 -17.76 -61.17
CA ASP U 259 116.14 -17.78 -61.11
C ASP U 259 115.61 -16.74 -60.14
N LEU U 260 116.18 -16.71 -58.94
CA LEU U 260 115.75 -15.79 -57.89
C LEU U 260 115.86 -14.33 -58.34
N SER U 261 117.00 -13.99 -58.94
CA SER U 261 117.26 -12.63 -59.42
C SER U 261 116.17 -12.10 -60.36
N GLU U 262 115.73 -12.96 -61.27
CA GLU U 262 114.67 -12.60 -62.22
C GLU U 262 113.33 -12.38 -61.53
N LYS U 263 112.96 -13.27 -60.62
CA LYS U 263 111.69 -13.15 -59.89
C LYS U 263 111.55 -11.85 -59.12
N LEU U 264 112.68 -11.34 -58.61
CA LEU U 264 112.70 -10.05 -57.93
C LEU U 264 112.58 -8.92 -58.94
N GLU U 265 113.38 -9.02 -59.99
CA GLU U 265 113.36 -8.04 -61.10
C GLU U 265 111.95 -7.69 -61.57
N GLN U 266 111.09 -8.71 -61.62
CA GLN U 266 109.68 -8.52 -62.01
C GLN U 266 108.89 -7.74 -60.95
N SER U 267 108.90 -8.25 -59.72
CA SER U 267 108.12 -7.66 -58.62
C SER U 267 108.58 -6.25 -58.23
N GLU U 268 109.82 -5.91 -58.56
CA GLU U 268 110.35 -4.56 -58.36
C GLU U 268 109.61 -3.56 -59.25
N ALA U 269 109.54 -3.88 -60.55
CA ALA U 269 108.82 -3.05 -61.51
C ALA U 269 107.31 -3.18 -61.38
N GLN U 270 106.84 -4.31 -60.81
CA GLN U 270 105.42 -4.52 -60.54
C GLN U 270 104.89 -3.46 -59.57
N LEU U 271 105.66 -3.16 -58.53
CA LEU U 271 105.33 -2.08 -57.61
C LEU U 271 105.13 -0.77 -58.36
N GLY U 272 105.99 -0.54 -59.35
CA GLY U 272 105.92 0.66 -60.18
C GLY U 272 104.73 0.74 -61.13
N ARG U 273 105.02 0.80 -62.43
CA ARG U 273 104.02 1.21 -63.43
C ARG U 273 103.13 0.07 -63.94
N GLY U 274 103.68 -0.81 -64.77
CA GLY U 274 102.92 -1.89 -65.39
C GLY U 274 101.90 -1.40 -66.41
N SER U 287 100.41 -14.83 -60.99
CA SER U 287 100.80 -13.43 -61.16
C SER U 287 100.01 -12.51 -60.21
N GLU U 288 100.43 -12.49 -58.95
CA GLU U 288 99.87 -11.61 -57.92
C GLU U 288 100.84 -11.51 -56.74
N ASP U 289 101.59 -10.40 -56.69
CA ASP U 289 102.68 -10.22 -55.73
C ASP U 289 103.75 -11.30 -55.90
N LYS U 290 104.68 -11.04 -56.82
CA LYS U 290 105.79 -11.98 -57.09
C LYS U 290 107.04 -11.69 -56.24
N LEU U 291 106.85 -11.00 -55.11
CA LEU U 291 107.88 -10.92 -54.08
C LEU U 291 107.59 -11.96 -52.99
N ALA U 292 106.33 -12.29 -52.77
CA ALA U 292 105.94 -13.34 -51.82
C ALA U 292 106.46 -14.71 -52.25
N LYS U 293 106.48 -14.96 -53.56
CA LYS U 293 107.12 -16.15 -54.11
C LYS U 293 108.63 -16.07 -53.91
N ALA U 294 109.22 -14.97 -54.37
CA ALA U 294 110.67 -14.77 -54.34
C ALA U 294 111.25 -14.78 -52.93
N THR U 295 110.47 -14.31 -51.96
CA THR U 295 110.84 -14.39 -50.56
C THR U 295 110.92 -15.86 -50.12
N ARG U 296 109.94 -16.63 -50.55
CA ARG U 296 109.87 -18.06 -50.23
C ARG U 296 110.97 -18.84 -50.94
N ASP U 297 111.34 -18.38 -52.13
CA ASP U 297 112.46 -18.97 -52.89
C ASP U 297 113.81 -18.66 -52.24
N SER U 298 113.99 -17.40 -51.82
CA SER U 298 115.24 -16.97 -51.17
C SER U 298 115.48 -17.74 -49.88
N CYS U 299 114.40 -18.06 -49.16
CA CYS U 299 114.47 -18.92 -48.00
C CYS U 299 114.75 -20.35 -48.44
N LYS U 300 113.87 -20.89 -49.28
CA LYS U 300 114.02 -22.26 -49.82
C LYS U 300 115.46 -22.61 -50.18
N THR U 301 116.05 -21.79 -51.05
CA THR U 301 117.40 -22.05 -51.56
C THR U 301 118.47 -21.88 -50.49
N THR U 302 118.30 -20.86 -49.63
CA THR U 302 119.28 -20.58 -48.58
C THR U 302 119.13 -21.53 -47.40
N ILE U 303 117.89 -21.88 -47.05
CA ILE U 303 117.61 -22.90 -46.03
C ILE U 303 118.47 -24.13 -46.28
N GLU U 304 118.58 -24.53 -47.55
CA GLU U 304 119.44 -25.65 -47.96
C GLU U 304 120.90 -25.32 -47.70
N ALA U 305 121.35 -24.18 -48.22
CA ALA U 305 122.73 -23.73 -48.08
C ALA U 305 123.21 -23.72 -46.63
N ILE U 306 122.30 -23.38 -45.72
CA ILE U 306 122.60 -23.34 -44.28
C ILE U 306 122.66 -24.76 -43.72
N HIS U 307 121.61 -25.54 -44.00
CA HIS U 307 121.55 -26.96 -43.61
C HIS U 307 122.82 -27.71 -44.03
N GLY U 308 123.38 -27.34 -45.17
CA GLY U 308 124.65 -27.89 -45.62
C GLY U 308 125.76 -27.64 -44.63
N LEU U 309 125.89 -26.38 -44.19
CA LEU U 309 126.94 -25.99 -43.26
C LEU U 309 126.71 -26.47 -41.83
N MET U 310 125.51 -26.97 -41.53
CA MET U 310 125.26 -27.66 -40.26
C MET U 310 126.06 -28.96 -40.18
N SER U 311 125.93 -29.81 -41.19
CA SER U 311 126.64 -31.09 -41.24
C SER U 311 128.15 -30.92 -41.38
N GLN U 312 128.59 -29.75 -41.86
CA GLN U 312 130.03 -29.45 -41.98
C GLN U 312 130.66 -29.15 -40.63
N VAL U 313 130.05 -28.23 -39.88
CA VAL U 313 130.55 -27.86 -38.55
C VAL U 313 130.42 -29.05 -37.61
N ILE U 314 129.33 -29.81 -37.74
CA ILE U 314 129.15 -31.07 -37.01
C ILE U 314 130.39 -31.98 -37.16
N LYS U 315 130.95 -32.03 -38.37
CA LYS U 315 132.15 -32.83 -38.65
C LYS U 315 133.44 -32.20 -38.09
N ASP U 316 133.59 -30.89 -38.25
CA ASP U 316 134.76 -30.16 -37.71
C ASP U 316 134.82 -30.35 -36.20
N LYS U 317 133.67 -30.31 -35.54
CA LYS U 317 133.56 -30.60 -34.11
C LYS U 317 134.09 -32.00 -33.81
N LEU U 318 133.59 -32.98 -34.56
CA LEU U 318 133.90 -34.39 -34.34
C LEU U 318 135.37 -34.71 -34.54
N PHE U 319 135.80 -34.72 -35.80
CA PHE U 319 137.03 -35.40 -36.19
C PHE U 319 138.31 -34.58 -36.04
N ASN U 320 138.19 -33.26 -36.12
CA ASN U 320 139.35 -32.37 -36.06
C ASN U 320 139.80 -32.03 -34.63
N GLN U 321 138.82 -31.86 -33.74
CA GLN U 321 139.08 -31.29 -32.40
C GLN U 321 139.24 -32.34 -31.31
N ILE U 322 140.35 -33.07 -31.37
CA ILE U 322 140.72 -34.05 -30.35
C ILE U 322 142.05 -33.72 -29.67
N ASN U 323 142.89 -32.91 -30.32
CA ASN U 323 144.32 -32.80 -29.99
C ASN U 323 145.01 -34.16 -30.17
N ILE U 324 146.34 -34.16 -30.09
CA ILE U 324 147.11 -35.36 -30.40
C ILE U 324 147.04 -36.37 -29.26
N SER V 33 136.60 -78.73 -47.76
CA SER V 33 136.56 -77.26 -48.02
C SER V 33 136.96 -76.94 -49.46
N VAL V 34 136.24 -76.00 -50.09
CA VAL V 34 136.55 -75.58 -51.45
C VAL V 34 136.59 -74.06 -51.57
N MET V 35 137.31 -73.43 -50.63
CA MET V 35 137.66 -72.02 -50.76
C MET V 35 139.16 -71.86 -50.49
N ALA V 36 139.68 -70.65 -50.69
CA ALA V 36 141.13 -70.42 -50.80
C ALA V 36 141.87 -70.36 -49.45
N CYS V 37 141.65 -69.29 -48.69
CA CYS V 37 142.40 -69.01 -47.45
C CYS V 37 143.91 -68.87 -47.69
N GLY V 38 144.32 -67.67 -48.04
CA GLY V 38 145.74 -67.36 -48.26
C GLY V 38 146.01 -65.86 -48.26
N VAL V 39 147.24 -65.48 -48.58
CA VAL V 39 147.63 -64.06 -48.69
C VAL V 39 147.06 -63.43 -49.97
N THR V 40 145.86 -62.85 -49.85
CA THR V 40 145.09 -62.37 -51.02
C THR V 40 145.56 -60.97 -51.48
N GLY V 41 144.62 -60.04 -51.65
CA GLY V 41 144.91 -58.70 -52.19
C GLY V 41 144.22 -58.49 -53.53
N SER V 42 145.00 -58.44 -54.60
CA SER V 42 144.51 -58.31 -55.97
C SER V 42 143.73 -57.00 -56.19
N VAL V 43 142.41 -57.07 -56.32
CA VAL V 43 141.57 -55.89 -56.60
C VAL V 43 140.92 -55.32 -55.32
N SER V 44 140.45 -54.08 -55.40
CA SER V 44 139.74 -53.42 -54.30
C SER V 44 138.29 -53.16 -54.72
N VAL V 45 137.35 -53.54 -53.86
CA VAL V 45 135.93 -53.59 -54.23
C VAL V 45 135.07 -52.61 -53.45
N ALA V 46 134.13 -52.01 -54.16
CA ALA V 46 133.07 -51.20 -53.54
C ALA V 46 131.73 -51.87 -53.81
N LEU V 47 130.69 -51.43 -53.10
CA LEU V 47 129.39 -52.06 -53.17
C LEU V 47 128.23 -51.08 -52.94
N HIS V 48 127.41 -50.88 -53.97
CA HIS V 48 126.19 -50.06 -53.86
C HIS V 48 125.06 -50.82 -53.18
N PRO V 49 124.31 -50.16 -52.27
CA PRO V 49 123.17 -50.81 -51.61
C PRO V 49 121.99 -51.10 -52.55
N LEU V 50 121.92 -50.40 -53.67
CA LEU V 50 120.94 -50.71 -54.71
C LEU V 50 121.06 -52.16 -55.16
N VAL V 51 122.31 -52.65 -55.21
CA VAL V 51 122.59 -54.03 -55.61
C VAL V 51 122.00 -55.01 -54.59
N ILE V 52 122.17 -54.69 -53.31
CA ILE V 52 121.64 -55.52 -52.22
C ILE V 52 120.11 -55.60 -52.30
N LEU V 53 119.46 -54.47 -52.59
CA LEU V 53 118.00 -54.39 -52.65
C LEU V 53 117.41 -55.07 -53.90
N ASN V 54 118.12 -55.01 -55.02
CA ASN V 54 117.69 -55.68 -56.26
C ASN V 54 117.76 -57.20 -56.13
N ILE V 55 118.68 -57.69 -55.31
CA ILE V 55 118.77 -59.11 -54.98
C ILE V 55 117.70 -59.46 -53.95
N SER V 56 117.50 -58.56 -52.98
CA SER V 56 116.50 -58.75 -51.93
C SER V 56 115.08 -58.83 -52.49
N ASP V 57 114.77 -57.94 -53.43
CA ASP V 57 113.49 -58.00 -54.16
C ASP V 57 113.39 -59.29 -54.95
N HIS V 58 114.50 -59.70 -55.57
CA HIS V 58 114.55 -60.90 -56.39
C HIS V 58 114.40 -62.19 -55.58
N TRP V 59 114.90 -62.20 -54.34
CA TRP V 59 114.76 -63.36 -53.45
C TRP V 59 113.33 -63.48 -52.91
N ILE V 60 112.81 -62.38 -52.37
CA ILE V 60 111.46 -62.35 -51.77
C ILE V 60 110.37 -62.67 -52.79
N ARG V 61 110.55 -62.20 -54.03
CA ARG V 61 109.57 -62.40 -55.10
C ARG V 61 109.58 -63.85 -55.62
N MET V 62 110.77 -64.42 -55.80
CA MET V 62 110.91 -65.82 -56.24
C MET V 62 110.64 -66.81 -55.11
N ARG V 63 110.94 -66.41 -53.87
CA ARG V 63 110.53 -67.17 -52.69
C ARG V 63 109.01 -67.24 -52.62
N SER V 64 108.37 -66.08 -52.77
CA SER V 64 106.92 -65.97 -52.70
C SER V 64 106.22 -66.75 -53.82
N GLN V 65 106.81 -66.75 -55.01
CA GLN V 65 106.23 -67.47 -56.16
C GLN V 65 105.99 -68.96 -55.89
N GLU V 66 106.95 -69.59 -55.21
CA GLU V 66 106.93 -71.05 -55.01
C GLU V 66 106.58 -71.49 -53.58
N GLY V 67 106.41 -70.54 -52.66
CA GLY V 67 106.09 -70.86 -51.28
C GLY V 67 107.20 -71.55 -50.52
N ARG V 68 108.45 -71.30 -50.94
CA ARG V 68 109.63 -71.87 -50.30
C ARG V 68 110.84 -70.97 -50.54
N PRO V 69 111.92 -71.17 -49.76
CA PRO V 69 113.18 -70.48 -50.06
C PRO V 69 113.76 -70.89 -51.42
N VAL V 70 114.37 -69.94 -52.12
CA VAL V 70 114.90 -70.18 -53.47
C VAL V 70 116.31 -69.61 -53.63
N GLN V 71 117.18 -70.39 -54.28
CA GLN V 71 118.52 -69.92 -54.68
C GLN V 71 118.41 -69.18 -56.02
N VAL V 72 118.15 -67.88 -55.95
CA VAL V 72 118.05 -67.05 -57.15
C VAL V 72 119.45 -66.68 -57.64
N ILE V 73 119.59 -66.51 -58.96
CA ILE V 73 120.87 -66.17 -59.57
C ILE V 73 120.69 -65.00 -60.54
N GLY V 74 121.67 -64.11 -60.57
CA GLY V 74 121.64 -62.95 -61.47
C GLY V 74 123.01 -62.35 -61.75
N ALA V 75 123.03 -61.32 -62.58
CA ALA V 75 124.27 -60.73 -63.11
C ALA V 75 124.62 -59.41 -62.40
N LEU V 76 125.92 -59.12 -62.33
CA LEU V 76 126.43 -57.88 -61.73
C LEU V 76 127.02 -56.95 -62.80
N ILE V 77 126.80 -55.65 -62.63
CA ILE V 77 127.37 -54.63 -63.53
C ILE V 77 127.77 -53.36 -62.77
N GLY V 78 128.66 -52.58 -63.38
CA GLY V 78 129.14 -51.33 -62.78
C GLY V 78 130.37 -50.79 -63.46
N LYS V 79 131.05 -49.86 -62.80
CA LYS V 79 132.25 -49.24 -63.35
C LYS V 79 133.49 -50.05 -63.00
N GLN V 80 134.40 -50.18 -63.95
CA GLN V 80 135.71 -50.81 -63.72
C GLN V 80 136.81 -49.90 -64.25
N GLU V 81 137.63 -49.40 -63.32
CA GLU V 81 138.78 -48.56 -63.66
C GLU V 81 140.03 -49.11 -62.99
N GLY V 82 141.05 -49.39 -63.78
CA GLY V 82 142.30 -49.95 -63.27
C GLY V 82 142.04 -51.19 -62.42
N ARG V 83 142.52 -51.16 -61.17
CA ARG V 83 142.31 -52.26 -60.24
C ARG V 83 140.94 -52.18 -59.58
N ASN V 84 140.56 -50.98 -59.14
CA ASN V 84 139.36 -50.79 -58.34
C ASN V 84 138.08 -51.10 -59.11
N ILE V 85 137.09 -51.63 -58.40
CA ILE V 85 135.84 -52.08 -59.00
C ILE V 85 134.65 -51.64 -58.17
N GLU V 86 133.71 -50.95 -58.81
CA GLU V 86 132.45 -50.56 -58.18
C GLU V 86 131.31 -51.34 -58.82
N VAL V 87 130.43 -51.87 -57.97
CA VAL V 87 129.22 -52.53 -58.43
C VAL V 87 128.10 -51.52 -58.29
N MET V 88 127.46 -51.16 -59.40
CA MET V 88 126.39 -50.16 -59.39
C MET V 88 125.01 -50.81 -59.33
N ASN V 89 124.65 -51.51 -60.40
CA ASN V 89 123.30 -52.10 -60.53
C ASN V 89 123.41 -53.62 -60.70
N SER V 90 122.25 -54.29 -60.67
CA SER V 90 122.20 -55.74 -60.86
C SER V 90 120.84 -56.20 -61.36
N PHE V 91 120.84 -57.29 -62.14
CA PHE V 91 119.62 -57.84 -62.70
C PHE V 91 119.67 -59.37 -62.67
N GLU V 92 118.70 -60.03 -63.32
CA GLU V 92 118.51 -61.48 -63.17
C GLU V 92 119.05 -62.27 -64.37
N LEU V 93 119.30 -63.56 -64.16
CA LEU V 93 119.75 -64.47 -65.22
C LEU V 93 118.93 -65.76 -65.23
N LEU V 94 118.81 -66.36 -66.43
CA LEU V 94 118.04 -67.59 -66.61
C LEU V 94 118.93 -68.79 -66.31
N SER V 95 118.38 -69.74 -65.56
CA SER V 95 119.13 -70.92 -65.13
C SER V 95 118.30 -72.20 -65.21
N HIS V 96 118.98 -73.31 -65.54
CA HIS V 96 118.35 -74.64 -65.61
C HIS V 96 119.20 -75.63 -64.80
N THR V 97 118.80 -76.91 -64.80
CA THR V 97 119.49 -77.92 -63.98
C THR V 97 119.70 -79.25 -64.74
N VAL V 98 120.91 -79.44 -65.28
CA VAL V 98 121.33 -80.73 -65.84
C VAL V 98 121.82 -81.62 -64.69
N GLU V 99 121.01 -82.59 -64.33
CA GLU V 99 121.25 -83.45 -63.15
C GLU V 99 121.25 -82.64 -61.84
N GLU V 100 122.41 -82.39 -61.26
CA GLU V 100 122.53 -81.58 -60.05
C GLU V 100 123.35 -80.33 -60.29
N LYS V 101 123.62 -80.04 -61.57
CA LYS V 101 124.54 -78.99 -61.96
C LYS V 101 123.74 -77.79 -62.49
N ILE V 102 123.94 -76.62 -61.89
CA ILE V 102 123.18 -75.42 -62.24
C ILE V 102 123.72 -74.83 -63.54
N ILE V 103 122.90 -74.88 -64.59
CA ILE V 103 123.28 -74.41 -65.92
C ILE V 103 122.74 -72.99 -66.15
N ILE V 104 123.65 -72.02 -66.22
CA ILE V 104 123.29 -70.65 -66.60
C ILE V 104 122.96 -70.64 -68.09
N ASP V 105 121.69 -70.40 -68.41
CA ASP V 105 121.29 -70.28 -69.81
C ASP V 105 121.92 -69.01 -70.37
N LYS V 106 123.02 -69.18 -71.09
CA LYS V 106 123.80 -68.06 -71.61
C LYS V 106 123.06 -67.29 -72.71
N GLU V 107 122.21 -67.98 -73.47
CA GLU V 107 121.40 -67.35 -74.51
C GLU V 107 120.53 -66.24 -73.93
N TYR V 108 120.15 -66.36 -72.65
CA TYR V 108 119.44 -65.29 -71.95
C TYR V 108 120.38 -64.14 -71.56
N TYR V 109 121.57 -64.46 -71.07
CA TYR V 109 122.55 -63.43 -70.70
C TYR V 109 122.87 -62.50 -71.88
N TYR V 110 123.15 -63.08 -73.04
CA TYR V 110 123.48 -62.31 -74.24
C TYR V 110 122.32 -61.45 -74.71
N THR V 111 121.09 -61.91 -74.45
CA THR V 111 119.88 -61.14 -74.74
C THR V 111 119.75 -59.92 -73.81
N LYS V 112 119.94 -60.15 -72.51
CA LYS V 112 119.93 -59.05 -71.53
C LYS V 112 121.19 -58.19 -71.63
N GLU V 113 122.28 -58.76 -72.13
CA GLU V 113 123.49 -57.98 -72.39
C GLU V 113 123.23 -56.90 -73.43
N GLU V 114 122.31 -57.17 -74.35
CA GLU V 114 121.84 -56.16 -75.28
C GLU V 114 121.18 -55.03 -74.51
N GLN V 115 120.13 -55.36 -73.76
CA GLN V 115 119.27 -54.36 -73.12
C GLN V 115 119.92 -53.55 -72.00
N PHE V 116 120.94 -54.09 -71.33
CA PHE V 116 121.63 -53.33 -70.28
C PHE V 116 122.73 -52.44 -70.87
N LYS V 117 123.30 -52.84 -72.01
CA LYS V 117 124.22 -51.97 -72.75
C LYS V 117 123.51 -50.77 -73.36
N GLN V 118 122.19 -50.91 -73.58
CA GLN V 118 121.39 -49.82 -74.12
C GLN V 118 121.18 -48.70 -73.10
N VAL V 119 120.64 -49.06 -71.93
CA VAL V 119 120.27 -48.07 -70.92
C VAL V 119 121.49 -47.48 -70.20
N PHE V 120 122.38 -48.36 -69.73
CA PHE V 120 123.63 -47.95 -69.11
C PHE V 120 124.77 -48.33 -70.05
N LYS V 121 125.07 -47.41 -70.96
CA LYS V 121 126.04 -47.65 -72.02
C LYS V 121 127.47 -47.60 -71.49
N GLU V 122 127.65 -46.91 -70.37
CA GLU V 122 128.95 -46.77 -69.73
C GLU V 122 129.37 -48.05 -69.02
N LEU V 123 128.38 -48.80 -68.51
CA LEU V 123 128.63 -49.91 -67.58
C LEU V 123 129.18 -51.16 -68.24
N GLU V 124 129.88 -51.96 -67.42
CA GLU V 124 130.60 -53.14 -67.87
C GLU V 124 130.10 -54.37 -67.11
N PHE V 125 130.36 -55.55 -67.67
CA PHE V 125 130.02 -56.80 -66.98
C PHE V 125 131.15 -57.15 -66.01
N LEU V 126 130.76 -57.46 -64.77
CA LEU V 126 131.71 -57.63 -63.68
C LEU V 126 131.68 -59.03 -63.05
N GLY V 127 130.50 -59.52 -62.69
CA GLY V 127 130.36 -60.81 -62.01
C GLY V 127 128.94 -61.32 -61.94
N TRP V 128 128.61 -62.00 -60.83
CA TRP V 128 127.27 -62.56 -60.63
C TRP V 128 126.97 -62.77 -59.15
N TYR V 129 125.71 -63.08 -58.84
CA TYR V 129 125.28 -63.27 -57.45
C TYR V 129 124.38 -64.48 -57.25
N THR V 130 124.23 -64.87 -55.99
CA THR V 130 123.28 -65.93 -55.59
C THR V 130 123.04 -65.88 -54.08
N THR V 131 122.07 -66.67 -53.60
CA THR V 131 121.77 -66.75 -52.17
C THR V 131 122.00 -68.16 -51.63
N GLY V 132 122.15 -68.25 -50.31
CA GLY V 132 122.39 -69.53 -49.64
C GLY V 132 123.45 -69.42 -48.55
N GLY V 133 124.19 -70.49 -48.33
CA GLY V 133 125.28 -70.50 -47.34
C GLY V 133 126.53 -69.82 -47.85
N PRO V 134 127.70 -70.23 -47.33
CA PRO V 134 128.98 -69.79 -47.91
C PRO V 134 129.29 -70.49 -49.25
N PRO V 135 130.44 -70.17 -49.88
CA PRO V 135 130.81 -70.78 -51.17
C PRO V 135 130.89 -72.32 -51.13
N ASP V 136 130.47 -72.96 -52.21
CA ASP V 136 130.32 -74.41 -52.25
C ASP V 136 130.46 -74.93 -53.68
N PRO V 137 130.49 -76.27 -53.86
CA PRO V 137 130.67 -76.87 -55.20
C PRO V 137 129.65 -76.44 -56.26
N SER V 138 128.39 -76.30 -55.89
CA SER V 138 127.32 -75.95 -56.84
C SER V 138 127.51 -74.57 -57.49
N ASP V 139 128.24 -73.69 -56.81
CA ASP V 139 128.56 -72.37 -57.34
C ASP V 139 129.89 -72.32 -58.10
N ILE V 140 130.80 -73.26 -57.78
CA ILE V 140 132.06 -73.40 -58.51
C ILE V 140 131.82 -73.86 -59.94
N HIS V 141 130.84 -74.75 -60.12
CA HIS V 141 130.39 -75.19 -61.45
C HIS V 141 129.79 -74.04 -62.24
N VAL V 142 129.05 -73.17 -61.55
CA VAL V 142 128.47 -71.97 -62.17
C VAL V 142 129.56 -70.93 -62.46
N HIS V 143 130.54 -70.83 -61.57
CA HIS V 143 131.65 -69.88 -61.74
C HIS V 143 132.48 -70.20 -62.98
N LYS V 144 132.56 -71.49 -63.34
CA LYS V 144 133.18 -71.94 -64.59
C LYS V 144 132.44 -71.41 -65.81
N GLN V 145 131.10 -71.39 -65.74
CA GLN V 145 130.26 -70.90 -66.85
C GLN V 145 130.31 -69.37 -67.01
N VAL V 146 130.62 -68.65 -65.93
CA VAL V 146 130.84 -67.21 -65.99
C VAL V 146 132.28 -66.92 -66.43
N CYS V 147 133.21 -67.82 -66.10
CA CYS V 147 134.61 -67.72 -66.53
C CYS V 147 134.78 -67.85 -68.06
N GLU V 148 133.88 -68.55 -68.73
CA GLU V 148 133.88 -68.62 -70.20
C GLU V 148 133.53 -67.25 -70.81
N ILE V 149 132.69 -66.49 -70.11
CA ILE V 149 132.23 -65.19 -70.58
C ILE V 149 133.28 -64.10 -70.36
N ILE V 150 133.87 -64.05 -69.18
CA ILE V 150 134.85 -63.02 -68.82
C ILE V 150 136.06 -63.57 -68.07
N GLU V 151 137.16 -62.80 -68.08
CA GLU V 151 138.46 -63.24 -67.52
C GLU V 151 138.69 -62.86 -66.04
N SER V 152 137.72 -62.21 -65.41
CA SER V 152 137.83 -61.84 -64.00
C SER V 152 136.45 -61.65 -63.36
N PRO V 153 135.67 -62.76 -63.23
CA PRO V 153 134.30 -62.67 -62.74
C PRO V 153 134.20 -62.64 -61.22
N LEU V 154 133.66 -61.55 -60.67
CA LEU V 154 133.42 -61.44 -59.23
C LEU V 154 132.23 -62.30 -58.82
N PHE V 155 132.09 -62.50 -57.51
CA PHE V 155 131.05 -63.37 -56.96
C PHE V 155 130.60 -62.90 -55.59
N LEU V 156 129.32 -62.52 -55.49
CA LEU V 156 128.69 -62.17 -54.23
C LEU V 156 127.77 -63.30 -53.79
N LYS V 157 127.69 -63.54 -52.48
CA LYS V 157 126.74 -64.51 -51.95
C LYS V 157 126.07 -63.95 -50.69
N LEU V 158 124.75 -64.06 -50.64
CA LEU V 158 123.94 -63.48 -49.56
C LEU V 158 123.19 -64.56 -48.80
N ASN V 159 123.21 -64.48 -47.48
CA ASN V 159 122.45 -65.40 -46.63
C ASN V 159 121.16 -64.70 -46.16
N PRO V 160 120.00 -65.14 -46.69
CA PRO V 160 118.74 -64.42 -46.41
C PRO V 160 118.26 -64.52 -44.96
N MET V 161 118.18 -65.73 -44.43
CA MET V 161 117.78 -65.95 -43.04
C MET V 161 119.05 -66.15 -42.21
N THR V 162 119.85 -65.09 -42.11
CA THR V 162 121.18 -65.18 -41.49
C THR V 162 121.14 -65.24 -39.97
N LYS V 163 122.07 -66.00 -39.40
CA LYS V 163 122.30 -66.03 -37.95
C LYS V 163 123.29 -64.94 -37.52
N HIS V 164 124.09 -64.45 -38.47
CA HIS V 164 125.05 -63.37 -38.19
C HIS V 164 124.35 -62.11 -37.71
N THR V 165 124.88 -61.52 -36.64
CA THR V 165 124.49 -60.18 -36.23
C THR V 165 125.11 -59.15 -37.18
N ASP V 166 126.21 -59.53 -37.84
CA ASP V 166 126.80 -58.75 -38.92
C ASP V 166 126.06 -59.01 -40.22
N LEU V 167 126.45 -58.30 -41.28
CA LEU V 167 125.87 -58.52 -42.61
C LEU V 167 126.33 -59.87 -43.17
N PRO V 168 125.42 -60.62 -43.84
CA PRO V 168 125.77 -61.90 -44.43
C PRO V 168 126.11 -61.84 -45.93
N VAL V 169 126.72 -60.74 -46.37
CA VAL V 169 127.05 -60.53 -47.79
C VAL V 169 128.56 -60.42 -47.93
N SER V 170 129.19 -61.44 -48.53
CA SER V 170 130.64 -61.47 -48.70
C SER V 170 131.00 -61.64 -50.17
N VAL V 171 132.08 -60.96 -50.59
CA VAL V 171 132.53 -60.99 -51.98
C VAL V 171 133.75 -61.87 -52.12
N PHE V 172 133.85 -62.57 -53.25
CA PHE V 172 134.92 -63.54 -53.50
C PHE V 172 135.47 -63.40 -54.93
N GLU V 173 136.47 -64.22 -55.26
CA GLU V 173 137.02 -64.27 -56.63
C GLU V 173 137.66 -65.63 -56.92
N SER V 174 138.01 -65.86 -58.19
CA SER V 174 138.62 -67.13 -58.61
C SER V 174 140.14 -67.13 -58.42
N VAL V 175 140.63 -68.11 -57.67
CA VAL V 175 142.07 -68.31 -57.45
C VAL V 175 142.39 -69.79 -57.63
N ILE V 176 143.57 -70.10 -58.14
CA ILE V 176 143.93 -71.47 -58.49
C ILE V 176 145.35 -71.82 -58.06
N ASP V 177 145.48 -72.93 -57.33
CA ASP V 177 146.75 -73.38 -56.77
C ASP V 177 146.96 -74.88 -57.01
N ILE V 178 148.14 -75.38 -56.65
CA ILE V 178 148.44 -76.82 -56.71
C ILE V 178 147.92 -77.51 -55.45
N ILE V 179 146.82 -78.24 -55.57
CA ILE V 179 146.27 -79.06 -54.48
C ILE V 179 146.82 -80.49 -54.60
N ASN V 180 148.07 -80.67 -54.15
CA ASN V 180 148.79 -81.96 -54.24
C ASN V 180 148.77 -82.58 -55.64
N GLY V 181 149.56 -82.00 -56.54
CA GLY V 181 149.61 -82.44 -57.93
C GLY V 181 148.34 -82.23 -58.73
N GLU V 182 147.52 -81.25 -58.32
CA GLU V 182 146.25 -80.95 -58.98
C GLU V 182 145.96 -79.45 -59.00
N ALA V 183 146.13 -78.83 -60.17
CA ALA V 183 145.73 -77.44 -60.37
C ALA V 183 144.20 -77.39 -60.35
N THR V 184 143.63 -76.58 -59.46
CA THR V 184 142.18 -76.54 -59.26
C THR V 184 141.70 -75.22 -58.66
N MET V 185 140.43 -74.88 -58.95
CA MET V 185 139.85 -73.56 -58.61
C MET V 185 139.47 -73.43 -57.14
N LEU V 186 139.59 -72.21 -56.62
CA LEU V 186 139.23 -71.89 -55.24
C LEU V 186 138.61 -70.48 -55.16
N PHE V 187 138.17 -70.10 -53.96
CA PHE V 187 137.55 -68.79 -53.71
C PHE V 187 138.33 -67.98 -52.66
N ALA V 188 139.00 -66.93 -53.10
CA ALA V 188 139.67 -65.99 -52.18
C ALA V 188 138.68 -64.89 -51.80
N GLU V 189 138.35 -64.79 -50.52
CA GLU V 189 137.37 -63.85 -50.03
C GLU V 189 137.93 -62.42 -49.99
N LEU V 190 137.08 -61.43 -50.29
CA LEU V 190 137.45 -60.02 -50.24
C LEU V 190 136.41 -59.18 -49.48
N THR V 191 136.84 -58.00 -49.04
CA THR V 191 135.99 -57.07 -48.30
C THR V 191 135.35 -56.05 -49.26
N TYR V 192 134.47 -55.22 -48.71
CA TYR V 192 133.63 -54.33 -49.52
C TYR V 192 133.32 -53.04 -48.77
N THR V 193 133.73 -51.91 -49.34
CA THR V 193 133.35 -50.61 -48.81
C THR V 193 132.00 -50.24 -49.41
N LEU V 194 131.16 -49.55 -48.63
CA LEU V 194 129.82 -49.19 -49.09
C LEU V 194 129.84 -47.91 -49.94
N ALA V 195 128.82 -47.78 -50.78
CA ALA V 195 128.72 -46.65 -51.72
C ALA V 195 128.20 -45.39 -51.04
N THR V 196 128.50 -44.26 -51.65
CA THR V 196 128.35 -42.96 -50.99
C THR V 196 127.31 -42.02 -51.62
N GLU V 197 126.93 -42.25 -52.89
CA GLU V 197 126.18 -41.26 -53.66
C GLU V 197 125.09 -40.58 -52.84
N GLU V 198 125.12 -39.25 -52.83
CA GLU V 198 124.20 -38.44 -52.03
C GLU V 198 122.74 -38.68 -52.40
N ALA V 199 122.45 -38.77 -53.69
CA ALA V 199 121.09 -39.05 -54.17
C ALA V 199 120.60 -40.43 -53.71
N GLU V 200 121.52 -41.40 -53.70
CA GLU V 200 121.23 -42.76 -53.27
C GLU V 200 121.05 -42.82 -51.76
N ARG V 201 122.01 -42.22 -51.03
CA ARG V 201 122.01 -42.22 -49.57
C ARG V 201 120.65 -41.86 -48.96
N ILE V 202 119.94 -40.95 -49.62
CA ILE V 202 118.61 -40.52 -49.19
C ILE V 202 117.59 -41.64 -49.37
N GLY V 203 117.69 -42.36 -50.49
CA GLY V 203 116.87 -43.54 -50.72
C GLY V 203 116.99 -44.56 -49.59
N VAL V 204 118.21 -44.74 -49.10
CA VAL V 204 118.46 -45.61 -47.93
C VAL V 204 117.86 -45.00 -46.68
N ASP V 205 118.07 -43.70 -46.51
CA ASP V 205 117.60 -42.97 -45.33
C ASP V 205 116.07 -42.85 -45.28
N HIS V 206 115.40 -43.03 -46.43
CA HIS V 206 113.95 -42.91 -46.51
C HIS V 206 113.20 -44.21 -46.18
N VAL V 207 113.68 -45.33 -46.70
CA VAL V 207 112.99 -46.62 -46.50
C VAL V 207 113.42 -47.28 -45.19
N ALA V 208 114.69 -47.11 -44.82
CA ALA V 208 115.21 -47.59 -43.52
C ALA V 208 114.78 -46.69 -42.36
N ARG V 209 114.36 -45.46 -42.67
CA ARG V 209 113.82 -44.52 -41.68
C ARG V 209 112.63 -43.75 -42.29
N MET V 210 111.43 -44.28 -42.09
CA MET V 210 110.21 -43.78 -42.75
C MET V 210 109.44 -42.74 -41.95
N THR V 211 109.08 -41.64 -42.62
CA THR V 211 108.14 -40.66 -42.07
C THR V 211 106.72 -41.20 -42.24
N ALA V 212 106.32 -42.09 -41.34
CA ALA V 212 104.96 -42.66 -41.32
C ALA V 212 104.10 -41.89 -40.32
N THR V 213 103.82 -40.63 -40.64
CA THR V 213 103.09 -39.69 -39.76
C THR V 213 103.95 -39.24 -38.58
N GLY V 214 105.14 -38.73 -38.87
CA GLY V 214 106.12 -38.33 -37.84
C GLY V 214 106.67 -36.92 -38.02
N SER V 215 105.88 -36.04 -38.65
CA SER V 215 106.25 -34.64 -38.80
C SER V 215 105.00 -33.80 -39.14
N GLY V 216 104.54 -33.00 -38.17
CA GLY V 216 103.36 -32.15 -38.32
C GLY V 216 103.70 -30.70 -38.66
N GLU V 217 104.30 -30.01 -37.70
CA GLU V 217 104.77 -28.64 -37.93
C GLU V 217 106.14 -28.70 -38.61
N ASN V 218 106.17 -28.33 -39.90
CA ASN V 218 107.37 -28.42 -40.75
C ASN V 218 108.69 -28.62 -40.02
N SER V 219 109.07 -27.65 -39.19
CA SER V 219 110.30 -27.69 -38.39
C SER V 219 111.57 -27.49 -39.24
N THR V 220 111.73 -28.34 -40.26
CA THR V 220 112.84 -28.25 -41.23
C THR V 220 114.19 -28.70 -40.66
N VAL V 221 114.58 -28.12 -39.53
CA VAL V 221 115.84 -28.49 -38.83
C VAL V 221 115.75 -29.85 -38.14
N ALA V 222 114.12 -30.29 -37.68
CA ALA V 222 113.72 -31.59 -37.17
C ALA V 222 113.84 -32.66 -38.25
N GLU V 223 113.46 -32.32 -39.48
CA GLU V 223 113.49 -33.27 -40.59
C GLU V 223 114.86 -33.41 -41.24
N HIS V 224 115.82 -32.56 -40.84
CA HIS V 224 117.19 -32.62 -41.35
C HIS V 224 118.13 -33.30 -40.34
N LEU V 225 118.16 -32.78 -39.12
CA LEU V 225 119.09 -33.28 -38.08
C LEU V 225 118.71 -34.64 -37.49
N ILE V 226 117.54 -35.17 -37.84
CA ILE V 226 117.18 -36.55 -37.50
C ILE V 226 118.21 -37.55 -38.06
N ALA V 227 118.74 -37.24 -39.24
CA ALA V 227 119.77 -38.07 -39.86
C ALA V 227 121.00 -38.14 -38.98
N GLN V 228 121.57 -36.98 -38.65
CA GLN V 228 122.79 -36.92 -37.83
C GLN V 228 122.58 -37.47 -36.41
N HIS V 229 121.47 -37.09 -35.78
CA HIS V 229 121.17 -37.49 -34.40
C HIS V 229 121.45 -38.96 -34.11
N SER V 230 120.70 -39.85 -34.78
CA SER V 230 120.81 -41.29 -34.55
C SER V 230 121.96 -41.95 -35.36
N ALA V 231 122.57 -41.20 -36.28
CA ALA V 231 123.77 -41.65 -36.97
C ALA V 231 125.00 -41.47 -36.07
N ILE V 232 125.06 -40.34 -35.37
CA ILE V 232 126.15 -40.08 -34.42
C ILE V 232 125.99 -40.95 -33.17
N LYS V 233 124.75 -41.32 -32.85
CA LYS V 233 124.46 -42.31 -31.79
C LYS V 233 125.20 -43.61 -32.07
N MET V 234 125.29 -43.98 -33.35
CA MET V 234 126.06 -45.15 -33.77
C MET V 234 127.54 -44.90 -33.55
N LEU V 235 128.02 -43.71 -33.94
CA LEU V 235 129.42 -43.32 -33.72
C LEU V 235 129.81 -43.39 -32.23
N HIS V 236 128.96 -42.85 -31.37
CA HIS V 236 129.22 -42.85 -29.93
C HIS V 236 129.17 -44.25 -29.34
N SER V 237 128.22 -45.05 -29.82
CA SER V 237 128.09 -46.46 -29.41
C SER V 237 129.39 -47.22 -29.68
N ARG V 238 129.99 -46.99 -30.84
CA ARG V 238 131.21 -47.70 -31.25
C ARG V 238 132.42 -47.17 -30.48
N VAL V 239 132.60 -45.85 -30.49
CA VAL V 239 133.80 -45.22 -29.92
C VAL V 239 133.92 -45.46 -28.41
N LYS V 240 132.80 -45.47 -27.71
CA LYS V 240 132.79 -45.72 -26.27
C LYS V 240 133.12 -47.18 -25.95
N LEU V 241 132.50 -48.12 -26.67
CA LEU V 241 132.71 -49.55 -26.41
C LEU V 241 134.13 -50.03 -26.70
N ILE V 242 134.87 -49.29 -27.53
CA ILE V 242 136.31 -49.53 -27.70
C ILE V 242 137.05 -49.06 -26.46
N LEU V 243 136.73 -47.87 -25.98
CA LEU V 243 137.35 -47.30 -24.78
C LEU V 243 137.03 -48.08 -23.49
N GLU V 244 135.88 -48.77 -23.47
CA GLU V 244 135.55 -49.67 -22.36
C GLU V 244 136.54 -50.84 -22.33
N TYR V 245 136.90 -51.34 -23.51
CA TYR V 245 137.91 -52.40 -23.64
C TYR V 245 139.32 -51.91 -23.29
N VAL V 246 139.62 -50.64 -23.62
CA VAL V 246 140.93 -50.04 -23.33
C VAL V 246 141.20 -49.90 -21.83
N LYS V 247 140.20 -49.44 -21.08
CA LYS V 247 140.33 -49.28 -19.62
C LYS V 247 140.39 -50.63 -18.89
N ALA V 248 139.61 -51.60 -19.36
CA ALA V 248 139.54 -52.92 -18.72
C ALA V 248 140.75 -53.81 -19.03
N SER V 249 141.36 -53.60 -20.19
CA SER V 249 142.55 -54.35 -20.59
C SER V 249 143.74 -54.01 -19.69
N GLU V 250 143.99 -52.72 -19.48
CA GLU V 250 145.06 -52.26 -18.59
C GLU V 250 144.73 -52.56 -17.13
N ALA V 251 143.45 -52.40 -16.77
CA ALA V 251 142.97 -52.75 -15.43
C ALA V 251 143.20 -54.22 -15.11
N GLY V 252 143.16 -55.07 -16.14
CA GLY V 252 143.49 -56.48 -16.02
C GLY V 252 142.25 -57.36 -16.04
N GLU V 253 142.47 -58.67 -15.93
CA GLU V 253 141.40 -59.68 -15.93
C GLU V 253 140.71 -59.83 -17.30
N VAL V 254 140.38 -58.72 -17.95
CA VAL V 254 139.92 -58.73 -19.34
C VAL V 254 141.13 -58.97 -20.25
N PRO V 255 141.15 -60.12 -20.97
CA PRO V 255 142.32 -60.59 -21.72
C PRO V 255 143.16 -59.50 -22.39
N PHE V 256 144.44 -59.41 -22.02
CA PHE V 256 145.36 -58.47 -22.64
C PHE V 256 145.77 -58.96 -24.03
N ASN V 257 145.66 -58.09 -25.02
CA ASN V 257 145.99 -58.43 -26.40
C ASN V 257 146.82 -57.33 -27.06
N HIS V 258 147.99 -57.71 -27.56
CA HIS V 258 148.93 -56.76 -28.17
C HIS V 258 148.45 -56.30 -29.55
N GLU V 259 147.93 -57.24 -30.36
CA GLU V 259 147.63 -56.98 -31.76
C GLU V 259 146.26 -56.34 -32.01
N ILE V 260 145.54 -56.01 -30.94
CA ILE V 260 144.31 -55.20 -31.02
C ILE V 260 144.57 -53.82 -30.44
N LEU V 261 145.15 -53.78 -29.24
CA LEU V 261 145.56 -52.51 -28.59
C LEU V 261 146.53 -51.71 -29.44
N ARG V 262 147.30 -52.40 -30.28
CA ARG V 262 148.23 -51.76 -31.21
C ARG V 262 147.52 -50.80 -32.17
N GLU V 263 146.45 -51.29 -32.79
CA GLU V 263 145.68 -50.50 -33.75
C GLU V 263 145.00 -49.31 -33.08
N ALA V 264 144.70 -49.44 -31.79
CA ALA V 264 144.14 -48.34 -31.01
C ALA V 264 145.13 -47.19 -30.84
N TYR V 265 146.42 -47.52 -30.64
CA TYR V 265 147.46 -46.49 -30.55
C TYR V 265 147.50 -45.60 -31.78
N ALA V 266 147.38 -46.23 -32.95
CA ALA V 266 147.28 -45.49 -34.21
C ALA V 266 145.97 -44.71 -34.25
N LEU V 267 144.86 -45.44 -34.15
CA LEU V 267 143.50 -44.87 -34.25
C LEU V 267 143.32 -43.52 -33.55
N CYS V 268 143.86 -43.41 -32.33
CA CYS V 268 143.65 -42.24 -31.49
C CYS V 268 144.60 -41.07 -31.78
N HIS V 269 145.82 -41.38 -32.20
CA HIS V 269 146.78 -40.34 -32.59
C HIS V 269 146.65 -39.97 -34.06
N CYS V 270 146.15 -40.91 -34.87
CA CYS V 270 145.77 -40.66 -36.25
C CYS V 270 144.58 -39.71 -36.37
N LEU V 271 143.96 -39.36 -35.24
CA LEU V 271 142.94 -38.31 -35.21
C LEU V 271 143.54 -36.97 -35.64
N PRO V 272 143.60 -35.97 -34.74
CA PRO V 272 143.66 -34.60 -35.22
C PRO V 272 143.39 -34.50 -36.73
N VAL V 273 142.18 -34.87 -37.15
CA VAL V 273 141.85 -35.03 -38.57
C VAL V 273 141.91 -33.68 -39.28
N LEU V 274 143.09 -33.35 -39.78
CA LEU V 274 143.36 -32.12 -40.52
C LEU V 274 143.30 -30.86 -39.64
N SER V 275 144.46 -30.44 -39.17
CA SER V 275 144.65 -29.12 -38.58
C SER V 275 145.74 -28.40 -39.39
N THR V 276 145.70 -28.58 -40.71
CA THR V 276 146.70 -28.01 -41.61
C THR V 276 146.28 -26.59 -41.97
N ASP V 277 147.23 -25.66 -41.87
CA ASP V 277 146.97 -24.23 -42.12
C ASP V 277 146.12 -24.00 -43.37
N LYS V 278 146.38 -24.79 -44.41
CA LYS V 278 145.62 -24.70 -45.65
C LYS V 278 144.16 -25.13 -45.46
N PHE V 279 143.96 -26.32 -44.90
CA PHE V 279 142.62 -26.90 -44.77
C PHE V 279 141.59 -25.94 -44.19
N LYS V 280 141.86 -25.45 -42.98
CA LYS V 280 140.90 -24.63 -42.27
C LYS V 280 140.56 -23.36 -43.02
N THR V 281 141.55 -22.77 -43.69
CA THR V 281 141.33 -21.64 -44.56
C THR V 281 140.22 -21.97 -45.55
N ASP V 282 140.33 -23.13 -46.18
CA ASP V 282 139.34 -23.59 -47.13
C ASP V 282 137.97 -23.82 -46.47
N PHE V 283 137.99 -24.40 -45.26
CA PHE V 283 136.76 -24.62 -44.51
C PHE V 283 136.06 -23.29 -44.24
N TYR V 284 136.82 -22.31 -43.74
CA TYR V 284 136.27 -20.98 -43.50
C TYR V 284 135.87 -20.27 -44.80
N ASP V 285 136.63 -20.50 -45.87
CA ASP V 285 136.27 -20.01 -47.21
C ASP V 285 134.83 -20.39 -47.55
N GLN V 286 134.49 -21.66 -47.33
CA GLN V 286 133.14 -22.16 -47.57
C GLN V 286 132.12 -21.48 -46.67
N CYS V 287 132.42 -21.44 -45.38
CA CYS V 287 131.51 -20.89 -44.39
C CYS V 287 131.10 -19.46 -44.75
N ASN V 288 132.09 -18.63 -45.07
CA ASN V 288 131.83 -17.24 -45.47
C ASN V 288 130.91 -17.16 -46.69
N ASP V 289 131.14 -18.03 -47.68
CA ASP V 289 130.27 -18.13 -48.86
C ASP V 289 128.83 -18.40 -48.47
N VAL V 290 128.63 -19.41 -47.63
CA VAL V 290 127.30 -19.76 -47.15
C VAL V 290 126.72 -18.57 -46.39
N GLY V 291 127.55 -17.94 -45.57
CA GLY V 291 127.15 -16.75 -44.81
C GLY V 291 126.66 -15.63 -45.69
N LEU V 292 127.39 -15.35 -46.76
CA LEU V 292 126.98 -14.34 -47.74
C LEU V 292 125.56 -14.63 -48.22
N MET V 293 125.30 -15.91 -48.49
CA MET V 293 123.99 -16.33 -49.00
C MET V 293 122.89 -16.11 -47.98
N ALA V 294 123.21 -16.27 -46.70
CA ALA V 294 122.25 -16.01 -45.62
C ALA V 294 122.00 -14.51 -45.44
N TYR V 295 123.04 -13.70 -45.58
CA TYR V 295 122.92 -12.25 -45.46
C TYR V 295 122.00 -11.69 -46.53
N LEU V 296 122.19 -12.14 -47.77
CA LEU V 296 121.34 -11.72 -48.89
C LEU V 296 119.91 -12.27 -48.73
N GLY V 297 119.82 -13.53 -48.30
CA GLY V 297 118.52 -14.16 -48.06
C GLY V 297 117.70 -13.48 -46.98
N THR V 298 118.36 -13.04 -45.92
CA THR V 298 117.70 -12.34 -44.82
C THR V 298 117.23 -10.95 -45.24
N ILE V 299 118.04 -10.27 -46.05
CA ILE V 299 117.67 -8.97 -46.60
C ILE V 299 116.41 -9.10 -47.46
N THR V 300 116.30 -10.21 -48.20
CA THR V 300 115.13 -10.48 -49.02
C THR V 300 113.86 -10.59 -48.18
N LYS V 301 113.94 -11.39 -47.12
CA LYS V 301 112.81 -11.58 -46.21
C LYS V 301 112.44 -10.29 -45.50
N THR V 302 113.45 -9.54 -45.08
CA THR V 302 113.25 -8.23 -44.50
C THR V 302 112.59 -7.30 -45.51
N CYS V 303 113.08 -7.33 -46.75
CA CYS V 303 112.55 -6.49 -47.82
C CYS V 303 111.08 -6.75 -48.11
N ASN V 304 110.67 -8.02 -48.05
CA ASN V 304 109.26 -8.38 -48.24
C ASN V 304 108.43 -7.97 -47.03
N THR V 305 108.89 -8.38 -45.85
CA THR V 305 108.24 -8.01 -44.60
C THR V 305 108.16 -6.49 -44.45
N MET V 306 109.14 -5.79 -45.01
CA MET V 306 109.12 -4.33 -45.09
C MET V 306 107.96 -3.87 -45.97
N ASN V 307 107.92 -4.36 -47.21
CA ASN V 307 106.89 -3.96 -48.17
C ASN V 307 105.49 -4.43 -47.78
N GLN V 308 105.41 -5.51 -46.99
CA GLN V 308 104.17 -5.94 -46.36
C GLN V 308 103.66 -4.84 -45.42
N PHE V 309 104.56 -4.31 -44.60
CA PHE V 309 104.27 -3.20 -43.68
C PHE V 309 104.01 -1.88 -44.42
N VAL V 310 104.83 -1.59 -45.44
CA VAL V 310 104.74 -0.33 -46.18
C VAL V 310 103.35 -0.13 -46.79
N ASN V 311 102.91 -1.08 -47.60
CA ASN V 311 101.61 -0.98 -48.27
C ASN V 311 100.45 -0.82 -47.29
N LYS V 312 100.49 -1.56 -46.19
CA LYS V 312 99.44 -1.50 -45.16
C LYS V 312 99.45 -0.16 -44.42
N PHE V 313 100.62 0.45 -44.31
CA PHE V 313 100.75 1.80 -43.76
C PHE V 313 100.34 2.84 -44.80
N ASN V 314 100.86 2.71 -46.02
CA ASN V 314 100.60 3.67 -47.10
C ASN V 314 99.19 3.66 -47.70
N VAL V 315 98.28 2.88 -47.12
CA VAL V 315 96.88 2.89 -47.53
C VAL V 315 95.95 3.26 -46.36
N LEU V 316 96.13 2.63 -45.20
CA LEU V 316 95.32 2.95 -44.01
C LEU V 316 95.68 4.33 -43.45
N TYR V 317 96.97 4.57 -43.21
CA TYR V 317 97.43 5.88 -42.73
C TYR V 317 97.42 6.93 -43.84
N ASP V 318 98.20 6.66 -44.89
CA ASP V 318 98.39 7.61 -46.00
C ASP V 318 97.21 7.61 -46.97
N ARG V 319 97.01 8.74 -47.67
CA ARG V 319 95.96 8.88 -48.68
C ARG V 319 96.50 8.63 -50.10
N GLN V 320 97.19 7.51 -50.29
CA GLN V 320 97.80 7.13 -51.57
C GLN V 320 98.76 8.20 -52.11
N THR W 12 152.48 -57.75 -41.65
CA THR W 12 152.82 -58.81 -40.65
C THR W 12 151.61 -59.72 -40.33
N GLY W 13 151.89 -60.94 -39.89
CA GLY W 13 150.86 -61.95 -39.63
C GLY W 13 151.38 -63.37 -39.82
N GLN W 14 152.13 -63.58 -40.91
CA GLN W 14 152.77 -64.87 -41.21
C GLN W 14 154.11 -65.02 -40.49
N ASN W 15 154.91 -63.96 -40.46
CA ASN W 15 156.24 -63.97 -39.82
C ASN W 15 156.25 -63.60 -38.32
N GLN W 16 155.09 -63.75 -37.68
CA GLN W 16 155.01 -63.90 -36.22
C GLN W 16 154.24 -65.19 -35.87
N GLU W 17 154.21 -66.13 -36.82
CA GLU W 17 153.80 -67.51 -36.58
C GLU W 17 154.92 -68.46 -36.99
N GLN W 18 155.61 -68.13 -38.08
CA GLN W 18 156.86 -68.79 -38.46
C GLN W 18 157.99 -68.44 -37.50
N PHE W 19 158.08 -67.17 -37.10
CA PHE W 19 159.14 -66.70 -36.18
C PHE W 19 158.68 -66.59 -34.71
N LEU W 20 157.44 -67.00 -34.40
CA LEU W 20 156.99 -67.14 -33.01
C LEU W 20 156.94 -68.60 -32.56
N LEU W 21 156.76 -69.53 -33.52
CA LEU W 21 156.96 -70.96 -33.28
C LEU W 21 158.42 -71.25 -32.91
N LEU W 22 159.34 -70.48 -33.50
CA LEU W 22 160.79 -70.62 -33.24
C LEU W 22 161.30 -69.65 -32.16
N ALA W 23 160.39 -68.92 -31.50
CA ALA W 23 160.73 -68.02 -30.40
C ALA W 23 160.52 -68.67 -29.03
N LYS W 24 159.66 -69.70 -28.96
CA LYS W 24 159.50 -70.52 -27.76
C LYS W 24 160.56 -71.61 -27.71
N SER W 25 160.67 -72.37 -28.79
CA SER W 25 161.63 -73.47 -28.89
C SER W 25 163.00 -72.94 -29.32
N ALA W 26 163.64 -72.15 -28.45
CA ALA W 26 164.94 -71.55 -28.74
C ALA W 26 165.61 -71.08 -27.45
N LYS W 27 166.88 -71.44 -27.31
CA LYS W 27 167.65 -71.08 -26.12
C LYS W 27 168.14 -69.63 -26.23
N GLY W 28 169.19 -69.29 -25.49
CA GLY W 28 169.72 -67.93 -25.48
C GLY W 28 170.49 -67.51 -26.73
N ALA W 29 171.34 -68.41 -27.23
CA ALA W 29 172.13 -68.15 -28.43
C ALA W 29 171.33 -68.35 -29.71
N ALA W 30 170.26 -69.15 -29.63
CA ALA W 30 169.32 -69.32 -30.74
C ALA W 30 168.49 -68.05 -30.95
N LEU W 31 168.20 -67.33 -29.86
CA LEU W 31 167.48 -66.04 -29.92
C LEU W 31 168.41 -64.87 -30.26
N ALA W 32 169.69 -64.99 -29.91
CA ALA W 32 170.70 -63.99 -30.28
C ALA W 32 170.88 -63.90 -31.80
N THR W 33 170.63 -65.02 -32.48
CA THR W 33 170.60 -65.05 -33.95
C THR W 33 169.20 -64.65 -34.47
N LEU W 34 168.15 -65.24 -33.89
CA LEU W 34 166.76 -65.01 -34.32
C LEU W 34 166.30 -63.55 -34.21
N ILE W 35 166.86 -62.80 -33.26
CA ILE W 35 166.53 -61.38 -33.11
C ILE W 35 167.01 -60.56 -34.32
N HIS W 36 168.15 -60.93 -34.90
CA HIS W 36 168.63 -60.28 -36.13
C HIS W 36 167.86 -60.72 -37.39
N GLN W 37 167.15 -61.84 -37.32
CA GLN W 37 166.38 -62.37 -38.45
C GLN W 37 165.03 -61.68 -38.60
N VAL W 38 164.29 -61.62 -37.49
CA VAL W 38 162.94 -61.02 -37.48
C VAL W 38 162.97 -59.51 -37.72
N LEU W 39 164.01 -58.84 -37.21
CA LEU W 39 164.18 -57.40 -37.41
C LEU W 39 164.45 -57.09 -38.87
N GLU W 40 165.48 -57.72 -39.43
CA GLU W 40 165.86 -57.52 -40.83
C GLU W 40 165.06 -58.47 -41.72
N ALA W 41 163.77 -58.17 -41.88
CA ALA W 41 162.87 -58.95 -42.71
C ALA W 41 161.63 -58.11 -42.99
N PRO W 42 161.56 -57.47 -44.17
CA PRO W 42 160.47 -56.53 -44.45
C PRO W 42 159.07 -57.17 -44.40
N GLY W 43 158.09 -56.39 -43.95
CA GLY W 43 156.74 -56.91 -43.67
C GLY W 43 156.48 -56.98 -42.18
N VAL W 44 157.51 -57.37 -41.42
CA VAL W 44 157.43 -57.45 -39.97
C VAL W 44 157.84 -56.11 -39.35
N TYR W 45 156.89 -55.18 -39.26
CA TYR W 45 157.11 -53.88 -38.62
C TYR W 45 156.57 -53.80 -37.19
N VAL W 46 155.72 -54.75 -36.82
CA VAL W 46 155.16 -54.83 -35.47
C VAL W 46 156.08 -55.62 -34.55
N PHE W 47 156.21 -55.16 -33.31
CA PHE W 47 157.03 -55.83 -32.30
C PHE W 47 156.31 -55.84 -30.95
N GLY W 48 155.09 -56.37 -30.95
CA GLY W 48 154.32 -56.53 -29.73
C GLY W 48 154.63 -57.85 -29.04
N GLU W 49 154.68 -58.93 -29.83
CA GLU W 49 154.88 -60.27 -29.30
C GLU W 49 156.35 -60.54 -28.95
N LEU W 50 157.20 -60.43 -29.96
CA LEU W 50 158.61 -60.88 -29.85
C LEU W 50 159.39 -60.30 -28.67
N LEU W 51 159.14 -59.04 -28.33
CA LEU W 51 159.78 -58.43 -27.16
C LEU W 51 159.16 -58.92 -25.86
N ASP W 52 157.85 -59.13 -25.87
CA ASP W 52 157.14 -59.61 -24.68
C ASP W 52 157.01 -61.15 -24.73
N MET W 53 158.13 -61.82 -24.47
CA MET W 53 158.20 -63.28 -24.42
C MET W 53 159.11 -63.71 -23.26
N PRO W 54 158.67 -64.72 -22.46
CA PRO W 54 159.52 -65.20 -21.36
C PRO W 54 160.93 -65.60 -21.78
N ASN W 55 161.07 -66.14 -23.00
CA ASN W 55 162.35 -66.63 -23.50
C ASN W 55 163.39 -65.51 -23.65
N VAL W 56 162.96 -64.38 -24.20
CA VAL W 56 163.84 -63.25 -24.45
C VAL W 56 164.14 -62.46 -23.16
N ARG W 57 163.25 -62.55 -22.17
CA ARG W 57 163.41 -61.78 -20.93
C ARG W 57 164.55 -62.28 -20.04
N GLU W 58 164.99 -63.52 -20.21
CA GLU W 58 166.18 -64.02 -19.52
C GLU W 58 167.47 -63.44 -20.14
N LEU W 59 167.42 -63.15 -21.44
CA LEU W 59 168.55 -62.54 -22.13
C LEU W 59 168.83 -61.13 -21.61
N ALA W 60 167.76 -60.42 -21.25
CA ALA W 60 167.85 -59.08 -20.69
C ALA W 60 168.86 -59.04 -19.55
N GLU W 61 169.83 -58.15 -19.66
CA GLU W 61 170.85 -57.95 -18.64
C GLU W 61 171.62 -59.25 -18.34
N SER W 62 171.92 -60.02 -19.39
CA SER W 62 172.70 -61.25 -19.28
C SER W 62 173.88 -61.15 -20.24
N ASP W 63 174.45 -62.30 -20.63
CA ASP W 63 175.52 -62.33 -21.63
C ASP W 63 175.01 -61.89 -23.01
N PHE W 64 173.74 -62.13 -23.27
CA PHE W 64 173.08 -61.65 -24.49
C PHE W 64 172.22 -60.43 -24.18
N ALA W 65 172.87 -59.36 -23.73
CA ALA W 65 172.19 -58.10 -23.40
C ALA W 65 172.22 -57.08 -24.55
N SER W 66 173.23 -57.16 -25.42
CA SER W 66 173.32 -56.27 -26.58
C SER W 66 172.18 -56.53 -27.57
N THR W 67 171.91 -57.80 -27.85
CA THR W 67 170.80 -58.18 -28.74
C THR W 67 169.43 -57.93 -28.10
N PHE W 68 169.36 -57.83 -26.78
CA PHE W 68 168.11 -57.49 -26.07
C PHE W 68 167.76 -56.00 -26.17
N ARG W 69 168.74 -55.15 -25.94
CA ARG W 69 168.55 -53.69 -26.04
C ARG W 69 168.11 -53.28 -27.43
N LEU W 70 168.60 -54.00 -28.44
CA LEU W 70 168.28 -53.73 -29.84
C LEU W 70 166.79 -53.98 -30.16
N LEU W 71 166.22 -55.04 -29.58
CA LEU W 71 164.81 -55.39 -29.81
C LEU W 71 163.85 -54.36 -29.17
N THR W 72 164.33 -53.66 -28.14
CA THR W 72 163.56 -52.59 -27.51
C THR W 72 163.53 -51.34 -28.39
N VAL W 73 164.64 -51.05 -29.07
CA VAL W 73 164.73 -49.87 -29.93
C VAL W 73 163.72 -49.94 -31.09
N PHE W 74 163.66 -51.10 -31.75
CA PHE W 74 162.71 -51.30 -32.85
C PHE W 74 161.27 -51.45 -32.37
N ALA W 75 161.09 -51.85 -31.11
CA ALA W 75 159.77 -52.04 -30.52
C ALA W 75 159.33 -50.91 -29.57
N TYR W 76 160.06 -49.79 -29.59
CA TYR W 76 159.75 -48.64 -28.73
C TYR W 76 160.42 -47.33 -29.22
N GLY W 77 161.74 -47.34 -29.32
CA GLY W 77 162.52 -46.12 -29.62
C GLY W 77 162.53 -45.67 -31.07
N THR W 78 163.55 -44.87 -31.42
CA THR W 78 163.69 -44.30 -32.76
C THR W 78 165.15 -44.35 -33.25
N TYR W 79 165.42 -43.72 -34.38
CA TYR W 79 166.77 -43.70 -34.98
C TYR W 79 167.74 -42.83 -34.19
N ALA W 80 167.24 -41.71 -33.68
CA ALA W 80 168.04 -40.83 -32.83
C ALA W 80 168.51 -41.58 -31.58
N ASP W 81 167.68 -42.51 -31.10
CA ASP W 81 168.03 -43.36 -29.97
C ASP W 81 169.08 -44.40 -30.36
N TYR W 82 169.01 -44.92 -31.57
CA TYR W 82 170.03 -45.84 -32.07
C TYR W 82 171.41 -45.18 -32.15
N LEU W 83 171.46 -43.97 -32.70
CA LEU W 83 172.73 -43.24 -32.84
C LEU W 83 173.28 -42.77 -31.49
N ALA W 84 172.41 -42.64 -30.50
CA ALA W 84 172.83 -42.37 -29.12
C ALA W 84 173.43 -43.62 -28.48
N GLU W 85 172.86 -44.79 -28.80
CA GLU W 85 173.29 -46.08 -28.24
C GLU W 85 174.07 -46.92 -29.26
N ALA W 86 174.89 -46.27 -30.08
CA ALA W 86 175.56 -46.94 -31.21
C ALA W 86 176.52 -48.07 -30.81
N ARG W 87 177.08 -47.99 -29.61
CA ARG W 87 178.01 -49.01 -29.11
C ARG W 87 177.34 -49.99 -28.13
N ASN W 88 176.40 -49.50 -27.32
CA ASN W 88 175.66 -50.36 -26.39
C ASN W 88 174.73 -51.36 -27.10
N LEU W 89 174.38 -51.05 -28.34
CA LEU W 89 173.67 -51.98 -29.22
C LEU W 89 174.67 -52.63 -30.19
N PRO W 90 174.27 -53.75 -30.84
CA PRO W 90 175.13 -54.32 -31.87
C PRO W 90 175.11 -53.47 -33.14
N PRO W 91 176.20 -53.49 -33.93
CA PRO W 91 176.22 -52.76 -35.20
C PRO W 91 175.12 -53.20 -36.17
N LEU W 92 174.42 -52.24 -36.78
CA LEU W 92 173.34 -52.53 -37.73
C LEU W 92 173.77 -52.29 -39.17
N THR W 93 173.11 -52.98 -40.09
CA THR W 93 173.28 -52.76 -41.52
C THR W 93 172.27 -51.71 -42.00
N GLU W 94 172.39 -51.31 -43.26
CA GLU W 94 171.50 -50.30 -43.85
C GLU W 94 170.02 -50.75 -43.88
N ALA W 95 169.79 -52.02 -44.22
CA ALA W 95 168.42 -52.55 -44.32
C ALA W 95 167.66 -52.50 -42.99
N GLN W 96 168.40 -52.60 -41.88
CA GLN W 96 167.81 -52.43 -40.54
C GLN W 96 167.71 -50.95 -40.17
N LYS W 97 168.69 -50.15 -40.59
CA LYS W 97 168.65 -48.70 -40.39
C LYS W 97 167.47 -48.07 -41.12
N ASN W 98 167.15 -48.59 -42.31
CA ASN W 98 165.98 -48.13 -43.07
C ASN W 98 164.67 -48.46 -42.35
N LYS W 99 164.51 -49.71 -41.93
CA LYS W 99 163.32 -50.15 -41.20
C LYS W 99 163.08 -49.37 -39.90
N LEU W 100 164.16 -48.86 -39.32
CA LEU W 100 164.07 -47.95 -38.18
C LEU W 100 163.73 -46.53 -38.65
N ARG W 101 164.33 -46.11 -39.76
CA ARG W 101 164.02 -44.83 -40.41
C ARG W 101 162.58 -44.74 -40.93
N HIS W 102 161.95 -45.89 -41.12
CA HIS W 102 160.52 -45.96 -41.45
C HIS W 102 159.72 -45.72 -40.18
N LEU W 103 160.02 -46.53 -39.16
CA LEU W 103 159.29 -46.52 -37.90
C LEU W 103 159.52 -45.24 -37.09
N SER W 104 160.67 -44.60 -37.28
CA SER W 104 160.97 -43.33 -36.60
C SER W 104 160.15 -42.17 -37.15
N VAL W 105 159.66 -42.31 -38.38
CA VAL W 105 158.73 -41.34 -38.97
C VAL W 105 157.31 -41.65 -38.53
N VAL W 106 156.95 -42.93 -38.52
CA VAL W 106 155.61 -43.37 -38.13
C VAL W 106 155.21 -42.81 -36.77
N THR W 107 156.19 -42.70 -35.87
CA THR W 107 155.98 -42.08 -34.56
C THR W 107 155.74 -40.57 -34.71
N LEU W 108 156.62 -39.89 -35.43
CA LEU W 108 156.43 -38.47 -35.73
C LEU W 108 155.14 -38.21 -36.47
N ALA W 109 154.70 -39.20 -37.27
CA ALA W 109 153.47 -39.10 -38.05
C ALA W 109 152.20 -39.18 -37.21
N ALA W 110 152.19 -40.06 -36.21
CA ALA W 110 151.03 -40.20 -35.32
C ALA W 110 150.74 -38.90 -34.57
N LYS W 111 151.80 -38.26 -34.08
CA LYS W 111 151.69 -36.96 -33.43
C LYS W 111 151.40 -35.85 -34.45
N VAL W 112 152.39 -35.56 -35.27
CA VAL W 112 152.35 -34.45 -36.23
C VAL W 112 152.02 -35.00 -37.62
N LYS W 113 150.82 -34.68 -38.12
CA LYS W 113 150.35 -35.25 -39.38
C LYS W 113 150.91 -34.53 -40.61
N CYS W 114 151.08 -33.21 -40.50
CA CYS W 114 151.78 -32.41 -41.52
C CYS W 114 153.26 -32.21 -41.13
N ILE W 115 154.14 -32.97 -41.75
CA ILE W 115 155.57 -32.94 -41.45
C ILE W 115 156.33 -32.09 -42.48
N PRO W 116 157.08 -31.07 -42.00
CA PRO W 116 158.03 -30.38 -42.86
C PRO W 116 159.22 -31.28 -43.24
N TYR W 117 159.84 -31.00 -44.37
CA TYR W 117 160.96 -31.83 -44.85
C TYR W 117 162.15 -31.83 -43.88
N ALA W 118 162.68 -30.64 -43.58
CA ALA W 118 163.84 -30.48 -42.69
C ALA W 118 163.75 -31.34 -41.43
N VAL W 119 162.53 -31.45 -40.89
CA VAL W 119 162.26 -32.31 -39.73
C VAL W 119 162.85 -33.71 -39.90
N LEU W 120 162.65 -34.28 -41.08
CA LEU W 120 162.99 -35.66 -41.34
C LEU W 120 164.49 -35.86 -41.65
N LEU W 121 165.23 -34.76 -41.76
CA LEU W 121 166.69 -34.82 -41.83
C LEU W 121 167.29 -34.89 -40.42
N GLU W 122 166.53 -34.42 -39.43
CA GLU W 122 166.99 -34.30 -38.04
C GLU W 122 166.72 -35.59 -37.25
N ALA W 123 165.48 -36.05 -37.29
CA ALA W 123 165.07 -37.25 -36.57
C ALA W 123 165.60 -38.53 -37.20
N LEU W 124 166.00 -38.46 -38.47
CA LEU W 124 166.56 -39.62 -39.17
C LEU W 124 168.03 -39.43 -39.59
N ALA W 125 168.62 -38.28 -39.27
CA ALA W 125 170.03 -38.00 -39.58
C ALA W 125 170.37 -38.25 -41.04
N LEU W 126 169.48 -37.80 -41.93
CA LEU W 126 169.65 -38.04 -43.36
C LEU W 126 170.27 -36.83 -44.05
N ARG W 127 170.70 -37.02 -45.29
CA ARG W 127 171.55 -36.05 -45.99
C ARG W 127 170.81 -35.15 -46.98
N ASN W 128 169.77 -35.67 -47.64
CA ASN W 128 168.99 -34.86 -48.57
C ASN W 128 167.58 -35.38 -48.83
N VAL W 129 166.81 -34.55 -49.51
CA VAL W 129 165.43 -34.87 -49.88
C VAL W 129 165.41 -36.17 -50.67
N ARG W 130 166.28 -36.26 -51.68
CA ARG W 130 166.34 -37.42 -52.55
C ARG W 130 166.27 -38.72 -51.74
N GLN W 131 167.08 -38.82 -50.69
CA GLN W 131 167.04 -39.98 -49.83
C GLN W 131 165.72 -40.03 -49.09
N LEU W 132 165.44 -38.95 -48.37
CA LEU W 132 164.22 -38.87 -47.58
C LEU W 132 163.05 -39.43 -48.37
N GLU W 133 162.80 -38.82 -49.52
CA GLU W 133 161.72 -39.26 -50.39
C GLU W 133 161.81 -40.77 -50.60
N ASP W 134 162.95 -41.21 -51.14
CA ASP W 134 163.17 -42.64 -51.37
C ASP W 134 162.78 -43.49 -50.16
N LEU W 135 163.25 -43.10 -48.99
CA LEU W 135 162.91 -43.82 -47.76
C LEU W 135 161.41 -43.77 -47.50
N VAL W 136 160.81 -42.61 -47.74
CA VAL W 136 159.37 -42.48 -47.57
C VAL W 136 158.64 -43.32 -48.61
N ILE W 137 159.18 -43.40 -49.83
CA ILE W 137 158.63 -44.27 -50.85
C ILE W 137 158.45 -45.66 -50.28
N GLU W 138 159.55 -46.19 -49.76
CA GLU W 138 159.57 -47.54 -49.22
C GLU W 138 158.58 -47.69 -48.05
N ALA W 139 158.46 -46.64 -47.23
CA ALA W 139 157.53 -46.64 -46.11
C ALA W 139 156.11 -46.97 -46.57
N VAL W 140 155.60 -46.17 -47.51
CA VAL W 140 154.27 -46.40 -48.07
C VAL W 140 154.24 -47.68 -48.90
N TYR W 141 155.34 -47.96 -49.59
CA TYR W 141 155.46 -49.17 -50.41
C TYR W 141 155.35 -50.46 -49.59
N ALA W 142 155.86 -50.44 -48.35
CA ALA W 142 155.73 -51.58 -47.45
C ALA W 142 154.39 -51.57 -46.70
N ASP W 143 153.44 -50.75 -47.17
CA ASP W 143 152.10 -50.61 -46.57
C ASP W 143 152.15 -50.21 -45.08
N VAL W 144 153.01 -49.24 -44.78
CA VAL W 144 153.13 -48.66 -43.44
C VAL W 144 152.29 -47.38 -43.36
N LEU W 145 152.54 -46.46 -44.28
CA LEU W 145 151.91 -45.13 -44.29
C LEU W 145 151.03 -44.92 -45.53
N ARG W 146 150.25 -43.85 -45.48
CA ARG W 146 149.53 -43.32 -46.65
C ARG W 146 149.84 -41.81 -46.71
N GLY W 147 149.76 -41.22 -47.90
CA GLY W 147 149.93 -39.77 -48.05
C GLY W 147 150.57 -39.28 -49.35
N SER W 148 151.28 -38.17 -49.25
CA SER W 148 151.90 -37.50 -50.41
C SER W 148 152.91 -36.44 -49.97
N LEU W 149 153.54 -35.78 -50.94
CA LEU W 149 154.52 -34.74 -50.66
C LEU W 149 154.21 -33.43 -51.40
N ASP W 150 154.87 -32.36 -50.96
CA ASP W 150 154.66 -31.01 -51.51
C ASP W 150 156.03 -30.34 -51.71
N GLN W 151 156.62 -30.53 -52.89
CA GLN W 151 158.03 -30.20 -53.13
C GLN W 151 158.39 -28.74 -52.86
N ARG W 152 157.68 -27.81 -53.49
CA ARG W 152 157.96 -26.39 -53.29
C ARG W 152 157.75 -26.02 -51.83
N ASN W 153 156.65 -26.49 -51.25
CA ASN W 153 156.30 -26.17 -49.86
C ASN W 153 157.09 -26.95 -48.80
N GLN W 154 157.81 -27.99 -49.22
CA GLN W 154 158.67 -28.79 -48.34
C GLN W 154 157.87 -29.54 -47.27
N ARG W 155 156.82 -30.23 -47.70
CA ARG W 155 155.88 -30.90 -46.79
C ARG W 155 155.80 -32.41 -47.01
N LEU W 156 155.28 -33.10 -46.00
CA LEU W 156 154.93 -34.51 -46.09
C LEU W 156 153.61 -34.74 -45.34
N GLU W 157 152.51 -34.69 -46.08
CA GLU W 157 151.19 -34.94 -45.49
C GLU W 157 151.01 -36.44 -45.34
N VAL W 158 150.38 -36.85 -44.25
CA VAL W 158 150.24 -38.27 -43.92
C VAL W 158 148.76 -38.62 -43.71
N ASP W 159 148.14 -39.17 -44.76
CA ASP W 159 146.71 -39.54 -44.74
C ASP W 159 146.41 -40.65 -43.72
N TYR W 160 147.35 -41.57 -43.51
CA TYR W 160 147.21 -42.61 -42.50
C TYR W 160 148.57 -43.23 -42.17
N SER W 161 148.77 -43.58 -40.90
CA SER W 161 149.95 -44.30 -40.45
C SER W 161 149.53 -45.43 -39.53
N ILE W 162 150.21 -46.57 -39.62
CA ILE W 162 149.99 -47.66 -38.68
C ILE W 162 150.60 -47.31 -37.32
N GLY W 163 150.21 -48.05 -36.28
CA GLY W 163 150.75 -47.88 -34.93
C GLY W 163 151.73 -48.99 -34.61
N ARG W 164 152.99 -48.63 -34.38
CA ARG W 164 154.04 -49.62 -34.11
C ARG W 164 153.86 -50.28 -32.74
N ASP W 165 153.79 -49.44 -31.70
CA ASP W 165 153.80 -49.92 -30.32
C ASP W 165 152.42 -50.28 -29.80
N ILE W 166 152.41 -51.08 -28.73
CA ILE W 166 151.21 -51.36 -27.97
C ILE W 166 151.19 -50.40 -26.78
N GLN W 167 152.35 -50.31 -26.09
CA GLN W 167 152.55 -49.46 -24.93
C GLN W 167 151.54 -49.73 -23.79
N ARG W 168 151.86 -50.74 -22.98
CA ARG W 168 151.15 -50.99 -21.73
C ARG W 168 151.67 -50.01 -20.66
N GLN W 169 152.83 -49.43 -20.93
CA GLN W 169 153.36 -48.31 -20.16
C GLN W 169 152.39 -47.12 -20.20
N ASP W 170 152.05 -46.69 -21.42
CA ASP W 170 151.18 -45.53 -21.64
C ASP W 170 149.87 -45.96 -22.32
N LEU W 171 149.18 -46.92 -21.72
CA LEU W 171 147.87 -47.36 -22.22
C LEU W 171 146.80 -46.35 -21.79
N SER W 172 147.10 -45.57 -20.75
CA SER W 172 146.27 -44.45 -20.34
C SER W 172 146.38 -43.25 -21.31
N ALA W 173 147.54 -43.12 -21.97
CA ALA W 173 147.73 -42.10 -23.02
C ALA W 173 146.89 -42.40 -24.26
N ILE W 174 146.54 -43.67 -24.44
CA ILE W 174 145.60 -44.09 -25.48
C ILE W 174 144.16 -43.92 -24.98
N ALA W 175 143.92 -44.26 -23.72
CA ALA W 175 142.59 -44.19 -23.12
C ALA W 175 142.03 -42.77 -23.04
N ARG W 176 142.86 -41.81 -22.62
CA ARG W 176 142.42 -40.42 -22.42
C ARG W 176 141.99 -39.76 -23.73
N THR W 177 142.80 -39.93 -24.77
CA THR W 177 142.46 -39.44 -26.09
C THR W 177 141.12 -40.02 -26.58
N LEU W 178 140.85 -41.27 -26.22
CA LEU W 178 139.55 -41.91 -26.54
C LEU W 178 138.40 -41.29 -25.75
N GLN W 179 138.64 -40.93 -24.50
CA GLN W 179 137.62 -40.31 -23.65
C GLN W 179 137.19 -38.95 -24.20
N GLU W 180 138.14 -38.14 -24.63
CA GLU W 180 137.85 -36.81 -25.18
C GLU W 180 136.94 -36.88 -26.41
N TRP W 181 137.05 -37.96 -27.18
CA TRP W 181 136.18 -38.21 -28.33
C TRP W 181 134.80 -38.70 -27.87
N CYS W 182 134.78 -39.56 -26.84
CA CYS W 182 133.52 -39.99 -26.22
C CYS W 182 132.79 -38.80 -25.62
N VAL W 183 133.54 -37.88 -25.01
CA VAL W 183 133.00 -36.61 -24.53
C VAL W 183 132.44 -35.82 -25.72
N GLY W 184 133.25 -35.69 -26.76
CA GLY W 184 132.84 -34.99 -27.99
C GLY W 184 131.57 -35.54 -28.60
N CYS W 185 131.43 -36.87 -28.59
CA CYS W 185 130.22 -37.52 -29.08
C CYS W 185 128.99 -37.03 -28.33
N GLU W 186 129.11 -36.92 -27.01
CA GLU W 186 128.04 -36.40 -26.17
C GLU W 186 127.84 -34.89 -26.40
N VAL W 187 128.95 -34.16 -26.50
CA VAL W 187 128.93 -32.71 -26.75
C VAL W 187 127.98 -32.38 -27.89
N VAL W 188 128.11 -33.12 -28.99
CA VAL W 188 127.29 -32.89 -30.17
C VAL W 188 125.90 -33.50 -30.01
N LEU W 189 125.83 -34.77 -29.61
CA LEU W 189 124.55 -35.48 -29.48
C LEU W 189 123.52 -34.67 -28.72
N SER W 190 123.89 -34.21 -27.53
CA SER W 190 123.02 -33.36 -26.72
C SER W 190 122.86 -31.98 -27.38
N GLY W 191 123.94 -31.48 -27.98
CA GLY W 191 123.91 -30.22 -28.73
C GLY W 191 122.92 -30.21 -29.87
N ILE W 192 122.72 -31.37 -30.50
CA ILE W 192 121.71 -31.52 -31.55
C ILE W 192 120.32 -31.43 -30.94
N GLU W 193 120.06 -32.32 -29.97
CA GLU W 193 118.74 -32.47 -29.35
C GLU W 193 118.18 -31.17 -28.77
N GLU W 194 119.07 -30.29 -28.32
CA GLU W 194 118.71 -28.94 -27.90
C GLU W 194 118.24 -28.11 -29.08
N GLN W 195 119.06 -28.07 -30.12
CA GLN W 195 118.78 -27.26 -31.31
C GLN W 195 117.61 -27.80 -32.14
N VAL W 196 117.41 -29.13 -32.11
CA VAL W 196 116.27 -29.76 -32.79
C VAL W 196 114.97 -29.45 -32.05
N SER W 197 114.99 -29.53 -30.72
CA SER W 197 113.83 -29.22 -29.90
C SER W 197 113.51 -27.71 -29.92
N ARG W 198 114.52 -26.88 -30.16
CA ARG W 198 114.34 -25.43 -30.25
C ARG W 198 113.81 -24.97 -31.62
N ALA W 199 114.25 -25.62 -32.70
CA ALA W 199 113.78 -25.30 -34.05
C ALA W 199 112.30 -25.68 -34.23
N ASN W 200 111.87 -26.73 -33.53
CA ASN W 200 110.44 -27.07 -33.42
C ASN W 200 109.69 -26.14 -32.47
N GLN W 201 110.36 -25.69 -31.41
CA GLN W 201 109.78 -24.73 -30.46
C GLN W 201 109.58 -23.33 -31.06
N HIS W 202 110.51 -22.91 -31.93
CA HIS W 202 110.37 -21.64 -32.63
C HIS W 202 109.32 -21.70 -33.75
N LYS W 203 109.06 -22.91 -34.23
CA LYS W 203 107.95 -23.16 -35.17
C LYS W 203 106.60 -23.16 -34.43
N GLU W 204 106.57 -23.73 -33.22
CA GLU W 204 105.37 -23.69 -32.36
C GLU W 204 105.21 -22.35 -31.64
N GLN W 205 106.29 -21.56 -31.58
CA GLN W 205 106.24 -20.17 -31.12
C GLN W 205 105.46 -19.32 -32.12
N GLN W 206 105.83 -19.45 -33.40
CA GLN W 206 105.21 -18.66 -34.47
C GLN W 206 103.80 -19.14 -34.81
N LEU W 207 103.60 -20.45 -34.89
CA LEU W 207 102.28 -21.03 -35.20
C LEU W 207 101.22 -20.63 -34.16
N GLY W 208 101.64 -20.58 -32.90
CA GLY W 208 100.77 -20.09 -31.82
C GLY W 208 100.56 -18.58 -31.90
N LEU W 209 101.64 -17.84 -32.16
CA LEU W 209 101.58 -16.38 -32.28
C LEU W 209 100.88 -15.89 -33.55
N LYS W 210 100.82 -16.73 -34.58
CA LYS W 210 100.10 -16.37 -35.81
C LYS W 210 98.61 -16.69 -35.72
N GLN W 211 98.22 -17.57 -34.79
CA GLN W 211 96.80 -17.80 -34.49
C GLN W 211 96.19 -16.63 -33.70
N GLN W 212 97.03 -15.95 -32.91
CA GLN W 212 96.61 -14.76 -32.18
C GLN W 212 96.45 -13.53 -33.09
N ILE W 213 97.22 -13.49 -34.18
CA ILE W 213 97.13 -12.40 -35.17
C ILE W 213 95.83 -12.50 -36.00
N GLU W 214 95.46 -13.72 -36.36
CA GLU W 214 94.27 -13.96 -37.19
C GLU W 214 92.97 -13.80 -36.41
N SER W 215 92.97 -14.19 -35.14
CA SER W 215 91.78 -14.10 -34.28
C SER W 215 91.42 -12.66 -33.89
N GLU W 216 92.34 -11.72 -34.12
CA GLU W 216 92.08 -10.29 -33.93
C GLU W 216 91.02 -9.79 -34.93
N VAL W 217 90.98 -10.39 -36.11
CA VAL W 217 90.10 -9.95 -37.20
C VAL W 217 88.62 -10.25 -36.91
N ALA W 218 88.35 -11.20 -36.01
CA ALA W 218 86.98 -11.60 -35.65
C ALA W 218 86.15 -10.48 -35.00
N ASN W 219 86.81 -9.43 -34.51
CA ASN W 219 86.12 -8.33 -33.85
C ASN W 219 85.44 -7.41 -34.86
N PHE X 15 144.98 -1.40 -18.08
CA PHE X 15 144.73 -2.48 -17.08
C PHE X 15 143.61 -2.07 -16.12
N SER X 16 143.86 -1.04 -15.31
CA SER X 16 142.86 -0.49 -14.41
C SER X 16 142.60 1.00 -14.64
N PHE X 17 143.32 1.61 -15.60
CA PHE X 17 143.13 3.04 -15.91
C PHE X 17 141.77 3.28 -16.54
N LYS X 18 141.21 2.24 -17.14
CA LYS X 18 139.89 2.30 -17.77
C LYS X 18 138.78 2.51 -16.74
N LYS X 19 138.80 1.69 -15.70
CA LYS X 19 137.80 1.76 -14.62
C LYS X 19 137.95 3.04 -13.79
N LEU X 20 139.14 3.61 -13.78
CA LEU X 20 139.44 4.83 -13.03
C LEU X 20 139.11 6.11 -13.82
N LEU X 21 139.27 6.08 -15.14
CA LEU X 21 138.87 7.20 -15.99
C LEU X 21 137.36 7.43 -15.92
N ASP X 22 136.59 6.35 -15.86
CA ASP X 22 135.14 6.42 -15.70
C ASP X 22 134.75 7.29 -14.52
N GLN X 23 135.46 7.13 -13.41
CA GLN X 23 135.19 7.88 -12.18
C GLN X 23 135.42 9.38 -12.35
N CYS X 24 136.48 9.75 -13.08
CA CYS X 24 136.81 11.16 -13.32
C CYS X 24 135.73 11.88 -14.12
N GLU X 25 135.25 11.23 -15.18
CA GLU X 25 134.24 11.81 -16.06
C GLU X 25 132.91 12.06 -15.36
N ASN X 26 132.58 11.18 -14.42
CA ASN X 26 131.36 11.32 -13.64
C ASN X 26 131.42 12.55 -12.75
N GLN X 27 132.53 12.69 -12.02
CA GLN X 27 132.74 13.82 -11.11
C GLN X 27 132.76 15.20 -11.79
N GLU X 28 132.80 15.21 -13.13
CA GLU X 28 132.67 16.45 -13.89
C GLU X 28 131.25 17.02 -13.80
N LEU X 29 130.26 16.15 -14.02
CA LEU X 29 128.86 16.56 -13.98
C LEU X 29 128.22 16.31 -12.61
N GLU X 30 128.78 15.36 -11.86
CA GLU X 30 128.23 14.97 -10.55
C GLU X 30 128.32 16.07 -9.50
N ALA X 31 129.53 16.32 -9.00
CA ALA X 31 129.75 17.13 -7.80
C ALA X 31 129.48 18.64 -7.99
N PRO X 32 130.11 19.26 -9.01
CA PRO X 32 130.12 20.72 -9.06
C PRO X 32 128.87 21.34 -9.67
N GLY X 33 128.61 22.59 -9.30
CA GLY X 33 127.58 23.39 -9.96
C GLY X 33 127.88 23.55 -11.44
N GLY X 34 129.17 23.46 -11.78
CA GLY X 34 129.60 23.43 -13.17
C GLY X 34 131.04 22.99 -13.32
N ILE X 35 131.94 23.69 -12.62
CA ILE X 35 133.38 23.51 -12.79
C ILE X 35 133.94 22.48 -11.78
N ALA X 36 134.61 21.46 -12.32
CA ALA X 36 135.17 20.38 -11.49
C ALA X 36 136.48 20.79 -10.81
N THR X 37 137.04 19.87 -10.02
CA THR X 37 138.28 20.12 -9.28
C THR X 37 139.46 20.30 -10.23
N PRO X 38 140.44 21.17 -9.87
CA PRO X 38 141.63 21.36 -10.73
C PRO X 38 142.50 20.12 -10.98
N PRO X 39 142.65 19.22 -10.00
CA PRO X 39 143.34 17.95 -10.28
C PRO X 39 142.51 16.97 -11.09
N VAL X 40 141.18 17.09 -11.02
CA VAL X 40 140.26 16.27 -11.83
C VAL X 40 140.34 16.65 -13.31
N TYR X 41 140.55 17.95 -13.59
CA TYR X 41 140.81 18.43 -14.95
C TYR X 41 142.17 17.96 -15.46
N GLY X 42 143.16 17.91 -14.57
CA GLY X 42 144.51 17.44 -14.91
C GLY X 42 144.58 15.97 -15.30
N GLN X 43 143.65 15.16 -14.79
CA GLN X 43 143.63 13.73 -15.08
C GLN X 43 142.73 13.38 -16.27
N LEU X 44 141.63 14.10 -16.43
CA LEU X 44 140.73 13.90 -17.57
C LEU X 44 141.41 14.23 -18.90
N LEU X 45 142.21 15.29 -18.91
CA LEU X 45 142.97 15.67 -20.11
C LEU X 45 144.01 14.61 -20.46
N ALA X 46 144.79 14.20 -19.46
CA ALA X 46 145.87 13.22 -19.67
C ALA X 46 145.37 11.80 -19.95
N LEU X 47 144.20 11.44 -19.41
CA LEU X 47 143.61 10.11 -19.65
C LEU X 47 143.02 9.97 -21.05
N TYR X 48 142.50 11.07 -21.60
CA TYR X 48 142.06 11.11 -22.99
C TYR X 48 143.25 10.92 -23.94
N LEU X 49 144.41 11.47 -23.57
CA LEU X 49 145.63 11.29 -24.35
C LEU X 49 146.14 9.84 -24.26
N LEU X 50 145.98 9.24 -23.08
CA LEU X 50 146.34 7.83 -22.86
C LEU X 50 145.56 6.89 -23.77
N HIS X 51 144.26 7.14 -23.89
CA HIS X 51 143.40 6.37 -24.79
C HIS X 51 143.13 7.17 -26.07
N ASN X 52 144.22 7.64 -26.69
CA ASN X 52 144.20 8.42 -27.93
C ASN X 52 142.82 8.93 -28.37
N ASP X 53 142.27 9.85 -27.59
CA ASP X 53 141.00 10.51 -27.93
C ASP X 53 141.24 12.02 -27.98
N MET X 54 141.85 12.47 -29.07
CA MET X 54 142.28 13.86 -29.22
C MET X 54 141.12 14.83 -29.39
N ASN X 55 140.03 14.36 -30.00
CA ASN X 55 138.82 15.17 -30.11
C ASN X 55 138.25 15.49 -28.73
N ASN X 56 138.18 14.47 -27.86
CA ASN X 56 137.77 14.67 -26.46
C ASN X 56 138.75 15.55 -25.68
N ALA X 57 140.03 15.39 -25.96
CA ALA X 57 141.08 16.20 -25.33
C ALA X 57 141.07 17.65 -25.81
N ARG X 58 140.66 17.86 -27.07
CA ARG X 58 140.57 19.19 -27.65
C ARG X 58 139.45 20.00 -27.00
N TYR X 59 138.23 19.44 -27.00
CA TYR X 59 137.05 20.14 -26.47
C TYR X 59 137.02 20.22 -24.93
N LEU X 60 137.79 19.36 -24.27
CA LEU X 60 137.98 19.46 -22.82
C LEU X 60 138.75 20.71 -22.46
N TRP X 61 139.82 20.97 -23.21
CA TRP X 61 140.67 22.14 -23.00
C TRP X 61 139.92 23.47 -23.20
N LYS X 62 138.98 23.49 -24.14
CA LYS X 62 138.23 24.71 -24.47
C LYS X 62 137.09 24.97 -23.49
N ARG X 63 136.75 23.98 -22.66
CA ARG X 63 135.72 24.12 -21.64
C ARG X 63 136.25 24.71 -20.33
N ILE X 64 137.55 24.55 -20.07
CA ILE X 64 138.15 24.98 -18.80
C ILE X 64 137.99 26.50 -18.65
N PRO X 65 137.58 26.98 -17.46
CA PRO X 65 137.51 28.42 -17.29
C PRO X 65 138.91 29.03 -17.23
N PRO X 66 139.07 30.28 -17.70
CA PRO X 66 140.40 30.90 -17.68
C PRO X 66 140.99 31.05 -16.27
N ALA X 67 140.14 30.95 -15.24
CA ALA X 67 140.58 31.00 -13.84
C ALA X 67 141.49 29.84 -13.47
N ILE X 68 140.99 28.61 -13.62
CA ILE X 68 141.76 27.42 -13.31
C ILE X 68 142.95 27.27 -14.26
N LYS X 69 142.74 27.62 -15.53
CA LYS X 69 143.81 27.60 -16.55
C LYS X 69 145.06 28.35 -16.09
N SER X 70 144.88 29.58 -15.65
CA SER X 70 146.00 30.46 -15.26
C SER X 70 146.65 30.04 -13.95
N ALA X 71 145.82 29.67 -12.97
CA ALA X 71 146.30 29.22 -11.67
C ALA X 71 147.03 27.88 -11.79
N ASN X 72 146.37 26.92 -12.43
CA ASN X 72 146.93 25.59 -12.63
C ASN X 72 147.77 25.56 -13.91
N SER X 73 149.04 25.94 -13.79
CA SER X 73 149.95 26.03 -14.93
C SER X 73 150.55 24.68 -15.35
N GLU X 74 150.42 23.67 -14.49
CA GLU X 74 150.85 22.31 -14.81
C GLU X 74 149.90 21.67 -15.84
N LEU X 75 148.64 22.11 -15.82
CA LEU X 75 147.62 21.68 -16.78
C LEU X 75 148.02 22.05 -18.21
N GLY X 76 148.72 23.18 -18.37
CA GLY X 76 149.26 23.58 -19.65
C GLY X 76 150.35 22.64 -20.16
N GLY X 77 151.14 22.10 -19.24
CA GLY X 77 152.16 21.11 -19.56
C GLY X 77 151.61 19.79 -20.09
N ILE X 78 150.37 19.46 -19.73
CA ILE X 78 149.69 18.26 -20.22
C ILE X 78 149.05 18.53 -21.60
N TRP X 79 148.53 19.73 -21.79
CA TRP X 79 147.96 20.13 -23.08
C TRP X 79 149.05 20.30 -24.15
N SER X 80 150.26 20.65 -23.73
CA SER X 80 151.41 20.74 -24.64
C SER X 80 151.77 19.38 -25.23
N VAL X 81 151.45 18.31 -24.51
CA VAL X 81 151.63 16.94 -25.00
C VAL X 81 150.62 16.65 -26.11
N GLY X 82 149.35 16.96 -25.84
CA GLY X 82 148.25 16.74 -26.79
C GLY X 82 148.44 17.39 -28.15
N GLN X 83 149.13 18.53 -28.16
CA GLN X 83 149.49 19.22 -29.40
C GLN X 83 150.29 18.30 -30.33
N ARG X 84 151.27 17.61 -29.76
CA ARG X 84 152.19 16.77 -30.52
C ARG X 84 151.54 15.48 -31.02
N ILE X 85 150.53 14.99 -30.32
CA ILE X 85 149.75 13.83 -30.76
C ILE X 85 148.85 14.23 -31.93
N TRP X 86 148.30 15.44 -31.88
CA TRP X 86 147.54 15.99 -32.99
C TRP X 86 148.45 16.25 -34.18
N GLN X 87 149.57 16.91 -33.92
CA GLN X 87 150.57 17.20 -34.95
C GLN X 87 151.30 15.95 -35.41
N ARG X 88 151.34 14.93 -34.56
CA ARG X 88 152.09 13.69 -34.82
C ARG X 88 153.58 13.95 -35.01
N ASP X 89 154.11 14.85 -34.19
CA ASP X 89 155.55 15.01 -34.00
C ASP X 89 155.95 14.09 -32.87
N PHE X 90 156.21 12.83 -33.21
CA PHE X 90 156.41 11.76 -32.23
C PHE X 90 157.59 12.00 -31.29
N PRO X 91 158.70 12.59 -31.79
CA PRO X 91 159.79 12.96 -30.88
C PRO X 91 159.39 14.09 -29.93
N GLY X 92 158.49 14.96 -30.39
CA GLY X 92 157.93 16.00 -29.55
C GLY X 92 157.08 15.48 -28.41
N ILE X 93 156.43 14.34 -28.63
CA ILE X 93 155.60 13.72 -27.57
C ILE X 93 156.48 13.32 -26.39
N TYR X 94 157.62 12.70 -26.68
CA TYR X 94 158.51 12.18 -25.63
C TYR X 94 159.29 13.28 -24.92
N THR X 95 159.44 14.43 -25.59
CA THR X 95 160.03 15.61 -24.97
C THR X 95 159.08 16.20 -23.93
N THR X 96 157.80 16.28 -24.32
CA THR X 96 156.76 16.89 -23.47
C THR X 96 156.30 15.97 -22.33
N ILE X 97 156.50 14.67 -22.48
CA ILE X 97 156.21 13.72 -21.39
C ILE X 97 157.29 13.81 -20.32
N ASN X 98 158.55 13.97 -20.76
CA ASN X 98 159.67 14.18 -19.85
C ASN X 98 159.89 15.68 -19.58
N ALA X 99 159.00 16.26 -18.78
CA ALA X 99 159.04 17.71 -18.51
C ALA X 99 158.40 18.10 -17.17
N HIS X 100 157.09 17.86 -17.02
CA HIS X 100 156.35 18.26 -15.83
C HIS X 100 156.10 17.10 -14.86
N GLN X 101 156.62 17.22 -13.64
CA GLN X 101 156.39 16.22 -12.59
C GLN X 101 155.17 16.61 -11.78
N TRP X 102 154.05 15.94 -12.05
CA TRP X 102 152.84 16.10 -11.27
C TRP X 102 152.58 14.78 -10.58
N SER X 103 153.32 14.52 -9.51
CA SER X 103 153.22 13.25 -8.79
C SER X 103 151.88 13.06 -8.09
N GLU X 104 151.62 11.82 -7.66
CA GLU X 104 150.35 11.41 -7.04
C GLU X 104 149.19 11.44 -8.06
N THR X 105 148.86 12.62 -8.55
CA THR X 105 147.75 12.82 -9.46
C THR X 105 148.04 12.28 -10.87
N VAL X 106 149.05 12.84 -11.53
CA VAL X 106 149.24 12.64 -12.97
C VAL X 106 150.52 11.86 -13.37
N GLN X 107 151.57 11.93 -12.55
CA GLN X 107 152.85 11.28 -12.89
C GLN X 107 152.74 9.76 -13.15
N PRO X 108 151.82 9.06 -12.44
CA PRO X 108 151.55 7.66 -12.80
C PRO X 108 150.97 7.45 -14.20
N ILE X 109 150.03 8.30 -14.60
CA ILE X 109 149.40 8.19 -15.93
C ILE X 109 150.25 8.80 -17.06
N MET X 110 151.28 9.56 -16.71
CA MET X 110 152.23 10.10 -17.68
C MET X 110 153.20 9.02 -18.18
N GLU X 111 153.56 8.10 -17.29
CA GLU X 111 154.46 7.00 -17.62
C GLU X 111 153.76 5.96 -18.48
N ALA X 112 152.47 5.73 -18.20
CA ALA X 112 151.64 4.85 -19.02
C ALA X 112 151.35 5.45 -20.38
N LEU X 113 151.27 6.78 -20.45
CA LEU X 113 151.06 7.50 -21.71
C LEU X 113 152.22 7.32 -22.69
N ARG X 114 153.44 7.34 -22.16
CA ARG X 114 154.65 7.21 -22.99
C ARG X 114 154.78 5.81 -23.59
N ASP X 115 154.23 4.82 -22.90
CA ASP X 115 154.30 3.43 -23.33
C ASP X 115 153.27 3.13 -24.44
N ALA X 116 152.06 3.65 -24.29
CA ALA X 116 151.01 3.49 -25.31
C ALA X 116 151.37 4.18 -26.62
N THR X 117 152.03 5.34 -26.52
CA THR X 117 152.52 6.07 -27.68
C THR X 117 153.69 5.36 -28.37
N ARG X 118 154.48 4.63 -27.59
CA ARG X 118 155.63 3.90 -28.13
C ARG X 118 155.20 2.74 -29.02
N ARG X 119 154.38 1.84 -28.49
CA ARG X 119 153.92 0.65 -29.22
C ARG X 119 152.94 1.00 -30.35
N ARG X 120 152.25 2.13 -30.21
CA ARG X 120 151.50 2.71 -31.33
C ARG X 120 152.46 2.98 -32.48
N ALA X 121 153.55 3.69 -32.18
CA ALA X 121 154.55 4.07 -33.18
C ALA X 121 155.42 2.91 -33.66
N PHE X 122 155.40 1.79 -32.94
CA PHE X 122 156.11 0.57 -33.36
C PHE X 122 155.21 -0.29 -34.25
N ALA X 123 153.99 -0.56 -33.76
CA ALA X 123 152.99 -1.27 -34.55
C ALA X 123 152.65 -0.50 -35.83
N LEU X 124 152.78 0.83 -35.76
CA LEU X 124 152.64 1.68 -36.94
C LEU X 124 153.81 1.51 -37.90
N VAL X 125 155.02 1.82 -37.44
CA VAL X 125 156.23 1.80 -38.28
C VAL X 125 156.47 0.42 -38.90
N SER X 126 156.15 -0.64 -38.16
CA SER X 126 156.31 -2.01 -38.65
C SER X 126 155.48 -2.28 -39.91
N GLN X 127 154.23 -1.82 -39.90
CA GLN X 127 153.31 -2.07 -41.02
C GLN X 127 153.30 -0.95 -42.07
N ALA X 128 153.95 0.16 -41.76
CA ALA X 128 154.01 1.31 -42.66
C ALA X 128 155.30 1.40 -43.47
N TYR X 129 156.32 0.63 -43.07
CA TYR X 129 157.64 0.73 -43.70
C TYR X 129 158.26 -0.64 -43.99
N THR X 130 158.64 -0.87 -45.24
CA THR X 130 159.47 -2.02 -45.61
C THR X 130 160.91 -1.71 -45.23
N SER X 131 161.34 -0.48 -45.54
CA SER X 131 162.63 0.03 -45.12
C SER X 131 162.46 1.42 -44.50
N ILE X 132 163.35 1.76 -43.56
CA ILE X 132 163.27 3.02 -42.82
C ILE X 132 164.64 3.39 -42.25
N ILE X 133 164.87 4.69 -42.08
CA ILE X 133 166.14 5.18 -41.53
C ILE X 133 166.18 4.91 -40.03
N ALA X 134 167.34 4.48 -39.53
CA ALA X 134 167.48 4.14 -38.11
C ALA X 134 167.29 5.36 -37.21
N ASP X 135 167.83 6.49 -37.65
CA ASP X 135 167.71 7.75 -36.91
C ASP X 135 166.25 8.23 -36.80
N ASP X 136 165.51 8.16 -37.91
CA ASP X 136 164.07 8.47 -37.90
C ASP X 136 163.33 7.46 -37.01
N PHE X 137 163.56 6.18 -37.28
CA PHE X 137 162.97 5.09 -36.49
C PHE X 137 163.22 5.28 -34.99
N ALA X 138 164.44 5.69 -34.65
CA ALA X 138 164.82 5.95 -33.26
C ALA X 138 163.95 7.04 -32.65
N ALA X 139 163.85 8.17 -33.34
CA ALA X 139 163.08 9.31 -32.84
C ALA X 139 161.56 9.05 -32.89
N PHE X 140 161.10 8.33 -33.92
CA PHE X 140 159.68 7.99 -34.06
C PHE X 140 159.14 7.13 -32.91
N VAL X 141 159.98 6.24 -32.38
CA VAL X 141 159.62 5.44 -31.21
C VAL X 141 160.12 6.08 -29.90
N GLY X 142 161.18 6.89 -29.99
CA GLY X 142 161.64 7.71 -28.86
C GLY X 142 163.04 7.39 -28.38
N LEU X 143 163.41 6.11 -28.42
CA LEU X 143 164.71 5.65 -27.92
C LEU X 143 165.89 6.21 -28.73
N PRO X 144 167.12 6.16 -28.18
CA PRO X 144 168.30 6.58 -28.93
C PRO X 144 168.70 5.59 -30.03
N VAL X 145 169.79 5.88 -30.74
CA VAL X 145 170.20 5.09 -31.91
C VAL X 145 170.55 3.65 -31.53
N GLU X 146 171.31 3.48 -30.44
CA GLU X 146 171.75 2.14 -30.02
C GLU X 146 170.60 1.26 -29.51
N GLU X 147 169.83 1.76 -28.55
CA GLU X 147 168.72 1.02 -27.97
C GLU X 147 167.68 0.62 -29.02
N ALA X 148 167.50 1.49 -30.02
CA ALA X 148 166.63 1.19 -31.16
C ALA X 148 167.22 0.08 -32.04
N VAL X 149 168.50 0.21 -32.38
CA VAL X 149 169.20 -0.79 -33.16
C VAL X 149 169.20 -2.15 -32.45
N LYS X 150 169.29 -2.14 -31.12
CA LYS X 150 169.28 -3.37 -30.33
C LYS X 150 167.86 -3.94 -30.19
N GLY X 151 166.94 -3.09 -29.75
CA GLY X 151 165.54 -3.49 -29.52
C GLY X 151 164.91 -4.29 -30.66
N ILE X 152 165.27 -3.94 -31.90
CA ILE X 152 164.78 -4.63 -33.09
C ILE X 152 165.55 -5.94 -33.40
N LEU X 153 166.85 -5.97 -33.13
CA LEU X 153 167.67 -7.16 -33.38
C LEU X 153 167.27 -8.35 -32.50
N GLU X 154 166.70 -8.06 -31.34
CA GLU X 154 166.08 -9.08 -30.48
C GLU X 154 164.87 -9.70 -31.18
N GLN X 155 164.04 -8.85 -31.75
CA GLN X 155 162.84 -9.27 -32.47
C GLN X 155 163.15 -10.15 -33.69
N GLY X 156 164.32 -9.96 -34.28
CA GLY X 156 164.71 -10.68 -35.50
C GLY X 156 164.54 -9.83 -36.76
N TRP X 157 164.36 -8.53 -36.57
CA TRP X 157 164.27 -7.58 -37.68
C TRP X 157 165.60 -7.50 -38.40
N GLN X 158 165.55 -7.42 -39.72
CA GLN X 158 166.75 -7.29 -40.54
C GLN X 158 167.35 -5.89 -40.34
N ALA X 159 168.67 -5.83 -40.21
CA ALA X 159 169.40 -4.58 -39.95
C ALA X 159 170.49 -4.38 -41.00
N ASP X 160 170.73 -3.12 -41.36
CA ASP X 160 171.69 -2.77 -42.40
C ASP X 160 172.71 -1.74 -41.93
N SER X 161 173.98 -2.10 -41.98
CA SER X 161 175.08 -1.17 -41.68
C SER X 161 175.33 -0.26 -42.88
N THR X 162 176.23 0.71 -42.72
CA THR X 162 176.61 1.67 -43.77
C THR X 162 175.52 2.69 -44.07
N THR X 163 174.40 2.22 -44.63
CA THR X 163 173.29 3.10 -44.98
C THR X 163 172.43 3.47 -43.77
N ARG X 164 172.58 2.72 -42.68
CA ARG X 164 171.77 2.92 -41.47
C ARG X 164 170.28 2.78 -41.81
N MET X 165 169.87 1.55 -42.12
CA MET X 165 168.51 1.27 -42.54
C MET X 165 167.96 0.02 -41.87
N VAL X 166 167.06 0.22 -40.92
CA VAL X 166 166.34 -0.89 -40.30
C VAL X 166 165.31 -1.41 -41.30
N LEU X 167 165.10 -2.72 -41.29
CA LEU X 167 164.15 -3.35 -42.19
C LEU X 167 163.15 -4.15 -41.36
N PRO X 168 161.98 -3.54 -41.06
CA PRO X 168 160.95 -4.17 -40.22
C PRO X 168 160.34 -5.46 -40.79
N ARG X 169 160.08 -6.40 -39.91
CA ARG X 169 159.29 -7.60 -40.20
C ARG X 169 157.84 -7.29 -39.79
N LYS X 170 156.89 -7.57 -40.67
CA LYS X 170 155.49 -7.23 -40.42
C LYS X 170 154.80 -8.24 -39.49
N PRO X 171 154.23 -7.77 -38.35
CA PRO X 171 153.44 -8.63 -37.47
C PRO X 171 151.95 -8.64 -37.84
N GLU X 198 125.68 -24.92 -27.25
CA GLU X 198 126.40 -24.83 -28.51
C GLU X 198 126.68 -23.37 -28.91
N GLN X 199 127.85 -23.14 -29.48
CA GLN X 199 128.25 -21.81 -29.95
C GLN X 199 127.81 -21.57 -31.39
N GLN X 200 128.28 -22.42 -32.30
CA GLN X 200 128.12 -22.21 -33.74
C GLN X 200 126.75 -22.65 -34.24
N LEU X 201 126.31 -23.83 -33.82
CA LEU X 201 125.01 -24.37 -34.24
C LEU X 201 123.82 -23.53 -33.76
N ALA X 202 123.95 -22.95 -32.56
CA ALA X 202 122.92 -22.07 -32.01
C ALA X 202 122.68 -20.87 -32.91
N ARG X 203 123.76 -20.29 -33.43
CA ARG X 203 123.68 -19.16 -34.35
C ARG X 203 122.97 -19.57 -35.64
N LEU X 204 123.36 -20.71 -36.21
CA LEU X 204 122.81 -21.20 -37.48
C LEU X 204 121.32 -21.51 -37.36
N THR X 205 120.97 -22.36 -36.40
CA THR X 205 119.59 -22.80 -36.20
C THR X 205 118.59 -21.64 -36.11
N ASP X 206 119.05 -20.51 -35.54
CA ASP X 206 118.24 -19.30 -35.48
C ASP X 206 117.94 -18.76 -36.88
N TYR X 207 118.98 -18.67 -37.71
CA TYR X 207 118.84 -18.14 -39.06
C TYR X 207 117.97 -19.04 -39.94
N VAL X 208 117.88 -20.31 -39.58
CA VAL X 208 116.93 -21.22 -40.21
C VAL X 208 115.53 -20.89 -39.72
N ALA X 209 115.32 -21.04 -38.41
CA ALA X 209 114.00 -20.86 -37.79
C ALA X 209 113.41 -19.47 -38.06
N PHE X 210 114.28 -18.47 -38.21
CA PHE X 210 113.86 -17.12 -38.58
C PHE X 210 113.29 -17.08 -40.00
N LEU X 211 114.09 -17.52 -40.97
CA LEU X 211 113.68 -17.55 -42.36
C LEU X 211 112.54 -18.54 -42.59
N GLU X 212 112.56 -19.61 -41.80
CA GLU X 212 111.52 -20.65 -41.84
C GLU X 212 110.15 -20.11 -41.43
N ASN X 213 110.13 -19.30 -40.37
CA ASN X 213 108.88 -18.91 -39.70
C ASN X 213 108.17 -20.14 -39.13
N VAL Y 30 40.66 67.12 -16.21
CA VAL Y 30 41.81 66.34 -15.64
C VAL Y 30 41.39 65.69 -14.32
N GLU Y 31 41.14 64.37 -14.35
CA GLU Y 31 40.69 63.64 -13.15
C GLU Y 31 40.72 62.11 -13.35
N ASN Y 32 41.03 61.37 -12.28
CA ASN Y 32 40.91 59.91 -12.26
C ASN Y 32 40.52 59.43 -10.85
N PRO Y 33 39.42 58.67 -10.73
CA PRO Y 33 38.99 58.17 -9.41
C PRO Y 33 39.83 56.99 -8.89
N SER Y 34 40.20 56.07 -9.78
CA SER Y 34 41.03 54.91 -9.43
C SER Y 34 42.48 55.36 -9.20
N LEU Y 35 42.76 55.83 -8.00
CA LEU Y 35 44.08 56.34 -7.62
C LEU Y 35 44.33 56.11 -6.13
N ASP Y 36 45.41 55.38 -5.81
CA ASP Y 36 45.78 55.08 -4.43
C ASP Y 36 46.91 56.00 -3.97
N LEU Y 37 46.56 57.01 -3.18
CA LEU Y 37 47.52 57.97 -2.65
C LEU Y 37 48.44 57.35 -1.61
N GLU Y 38 47.95 56.31 -0.94
CA GLU Y 38 48.69 55.62 0.12
C GLU Y 38 49.97 54.99 -0.43
N GLN Y 39 49.89 54.42 -1.63
CA GLN Y 39 51.05 53.87 -2.30
C GLN Y 39 51.92 54.98 -2.88
N TYR Y 40 51.28 55.99 -3.47
CA TYR Y 40 51.99 57.14 -4.05
C TYR Y 40 52.93 57.83 -3.06
N ALA Y 41 52.56 57.84 -1.79
CA ALA Y 41 53.41 58.42 -0.74
C ALA Y 41 54.39 57.40 -0.16
N ALA Y 42 54.01 56.12 -0.18
CA ALA Y 42 54.81 55.05 0.43
C ALA Y 42 56.23 54.91 -0.11
N SER Y 43 56.37 54.81 -1.43
CA SER Y 43 57.67 54.54 -2.07
C SER Y 43 58.58 55.76 -2.23
N TYR Y 44 58.07 56.95 -1.89
CA TYR Y 44 58.82 58.21 -2.06
C TYR Y 44 59.14 58.89 -0.71
N SER Y 45 60.12 59.78 -0.73
CA SER Y 45 60.51 60.56 0.45
C SER Y 45 61.34 61.78 0.04
N GLY Y 46 61.75 62.57 1.03
CA GLY Y 46 62.47 63.81 0.76
C GLY Y 46 61.52 64.83 0.15
N LEU Y 47 62.03 65.66 -0.76
CA LEU Y 47 61.23 66.69 -1.41
C LEU Y 47 60.27 66.05 -2.41
N MET Y 48 60.69 64.92 -2.98
CA MET Y 48 59.90 64.19 -3.97
C MET Y 48 58.48 63.88 -3.46
N ARG Y 49 58.34 63.60 -2.16
CA ARG Y 49 57.02 63.37 -1.57
C ARG Y 49 56.16 64.63 -1.68
N ILE Y 50 56.75 65.78 -1.36
CA ILE Y 50 56.03 67.05 -1.40
C ILE Y 50 55.74 67.49 -2.85
N GLU Y 51 56.71 67.32 -3.75
CA GLU Y 51 56.52 67.70 -5.16
C GLU Y 51 55.44 66.87 -5.84
N ARG Y 52 55.45 65.56 -5.62
CA ARG Y 52 54.50 64.64 -6.27
C ARG Y 52 53.09 64.75 -5.68
N LEU Y 53 53.00 64.83 -4.35
CA LEU Y 53 51.70 65.01 -3.68
C LEU Y 53 51.02 66.32 -4.10
N GLN Y 54 51.81 67.37 -4.32
CA GLN Y 54 51.27 68.67 -4.72
C GLN Y 54 50.82 68.71 -6.18
N PHE Y 55 51.50 67.96 -7.05
CA PHE Y 55 51.11 67.85 -8.45
C PHE Y 55 49.82 67.04 -8.63
N ILE Y 56 49.60 66.08 -7.73
CA ILE Y 56 48.37 65.28 -7.73
C ILE Y 56 47.19 66.13 -7.28
N ALA Y 57 47.33 66.79 -6.14
CA ALA Y 57 46.31 67.72 -5.63
C ALA Y 57 45.96 68.79 -6.67
N ASP Y 58 46.96 69.24 -7.43
CA ASP Y 58 46.76 70.22 -8.49
C ASP Y 58 45.83 69.70 -9.59
N HIS Y 59 46.32 68.77 -10.40
CA HIS Y 59 45.57 68.31 -11.58
C HIS Y 59 44.44 67.32 -11.25
N CYS Y 60 44.48 66.69 -10.07
CA CYS Y 60 43.43 65.74 -9.68
C CYS Y 60 42.56 66.29 -8.54
N PRO Y 61 41.36 66.80 -8.87
CA PRO Y 61 40.37 67.14 -7.86
C PRO Y 61 39.60 65.92 -7.39
N THR Y 62 38.70 66.10 -6.42
CA THR Y 62 38.02 65.01 -5.70
C THR Y 62 38.96 64.30 -4.71
N LEU Y 63 40.16 63.94 -5.18
CA LEU Y 63 41.26 63.50 -4.33
C LEU Y 63 42.25 64.65 -4.02
N ARG Y 64 41.74 65.88 -4.01
CA ARG Y 64 42.47 67.05 -3.51
C ARG Y 64 42.17 67.21 -2.02
N VAL Y 65 41.00 66.72 -1.61
CA VAL Y 65 40.64 66.58 -0.20
C VAL Y 65 41.74 65.82 0.54
N GLU Y 66 42.17 64.72 -0.07
CA GLU Y 66 43.13 63.81 0.54
C GLU Y 66 44.56 64.29 0.35
N ALA Y 67 44.91 64.59 -0.91
CA ALA Y 67 46.29 64.85 -1.31
C ALA Y 67 46.98 66.00 -0.58
N LEU Y 68 46.20 66.99 -0.15
CA LEU Y 68 46.74 68.13 0.58
C LEU Y 68 46.95 67.83 2.07
N LYS Y 69 46.21 66.86 2.60
CA LYS Y 69 46.41 66.41 3.98
C LYS Y 69 47.71 65.63 4.15
N MET Y 70 48.08 64.87 3.12
CA MET Y 70 49.26 64.00 3.16
C MET Y 70 50.57 64.76 2.94
N ALA Y 71 50.50 65.88 2.22
CA ALA Y 71 51.64 66.78 2.09
C ALA Y 71 51.86 67.56 3.39
N LEU Y 72 50.76 67.96 4.04
CA LEU Y 72 50.81 68.72 5.28
C LEU Y 72 51.58 68.00 6.39
N SER Y 73 51.26 66.73 6.61
CA SER Y 73 51.79 65.98 7.75
C SER Y 73 53.31 65.80 7.71
N PHE Y 74 53.85 65.41 6.55
CA PHE Y 74 55.30 65.22 6.39
C PHE Y 74 56.09 66.54 6.30
N VAL Y 75 55.40 67.61 5.92
CA VAL Y 75 56.00 68.95 5.95
C VAL Y 75 56.23 69.41 7.40
N GLN Y 76 55.39 68.97 8.32
CA GLN Y 76 55.55 69.27 9.75
C GLN Y 76 56.71 68.50 10.40
N ARG Y 77 57.15 67.43 9.76
CA ARG Y 77 58.43 66.79 10.09
C ARG Y 77 59.52 67.38 9.18
N THR Y 78 60.77 67.02 9.45
CA THR Y 78 61.93 67.50 8.69
C THR Y 78 62.11 69.02 8.76
N PHE Y 79 61.72 69.63 9.89
CA PHE Y 79 61.84 71.08 10.13
C PHE Y 79 61.63 71.95 8.88
N ASN Y 80 60.38 72.03 8.42
CA ASN Y 80 60.05 72.69 7.14
C ASN Y 80 58.93 73.74 7.29
N VAL Y 81 59.30 75.02 7.13
CA VAL Y 81 58.34 76.13 7.15
C VAL Y 81 58.03 76.67 5.74
N ASP Y 82 59.06 76.71 4.88
CA ASP Y 82 58.89 77.14 3.48
C ASP Y 82 57.77 76.36 2.78
N MET Y 83 57.65 75.07 3.09
CA MET Y 83 56.62 74.21 2.50
C MET Y 83 55.28 74.26 3.26
N TYR Y 84 55.31 74.48 4.56
CA TYR Y 84 54.08 74.59 5.37
C TYR Y 84 53.30 75.85 5.01
N GLU Y 85 54.01 76.97 4.85
CA GLU Y 85 53.41 78.23 4.42
C GLU Y 85 52.86 78.14 3.00
N GLU Y 86 53.43 77.25 2.19
CA GLU Y 86 52.94 76.95 0.84
C GLU Y 86 51.76 75.96 0.88
N ILE Y 87 52.00 74.79 1.45
CA ILE Y 87 51.03 73.69 1.44
C ILE Y 87 49.75 74.02 2.21
N HIS Y 88 49.87 74.50 3.44
CA HIS Y 88 48.70 74.79 4.27
C HIS Y 88 47.83 75.92 3.70
N ARG Y 89 48.46 76.85 2.97
CA ARG Y 89 47.72 77.91 2.30
C ARG Y 89 46.78 77.33 1.23
N LYS Y 90 47.20 76.23 0.59
CA LYS Y 90 46.36 75.52 -0.38
C LYS Y 90 45.20 74.77 0.30
N LEU Y 91 45.47 74.21 1.49
CA LEU Y 91 44.41 73.55 2.28
C LEU Y 91 43.23 74.47 2.55
N SER Y 92 43.52 75.74 2.80
CA SER Y 92 42.48 76.74 3.02
C SER Y 92 41.64 76.95 1.76
N GLU Y 93 42.30 77.24 0.64
CA GLU Y 93 41.61 77.46 -0.63
C GLU Y 93 40.97 76.18 -1.19
N ALA Y 94 41.48 75.03 -0.76
CA ALA Y 94 40.88 73.75 -1.11
C ALA Y 94 39.54 73.58 -0.42
N THR Y 95 39.53 73.72 0.90
CA THR Y 95 38.29 73.62 1.69
C THR Y 95 37.32 74.77 1.38
N ARG Y 96 37.87 75.91 0.92
CA ARG Y 96 37.04 77.05 0.49
C ARG Y 96 36.17 76.69 -0.71
N GLU Y 97 36.77 76.03 -1.70
CA GLU Y 97 36.07 75.63 -2.90
C GLU Y 97 35.17 74.41 -2.67
N LEU Y 98 35.42 73.66 -1.60
CA LEU Y 98 34.57 72.52 -1.19
C LEU Y 98 33.30 72.96 -0.45
N GLN Y 99 33.29 74.18 0.07
CA GLN Y 99 32.07 74.77 0.65
C GLN Y 99 31.19 75.44 -0.41
N ASN Y 100 31.65 75.43 -1.66
CA ASN Y 100 30.88 75.96 -2.80
C ASN Y 100 30.02 74.89 -3.50
N ALA Y 101 30.05 73.65 -2.99
CA ALA Y 101 29.20 72.56 -3.53
C ALA Y 101 27.79 72.51 -2.90
N PRO Y 102 27.69 72.65 -1.56
CA PRO Y 102 26.34 72.71 -0.96
C PRO Y 102 25.59 73.98 -1.34
N PRO Y 113 40.44 72.98 8.80
CA PRO Y 113 41.82 73.24 9.22
C PRO Y 113 42.09 74.71 9.51
N ALA Y 114 43.11 74.98 10.33
CA ALA Y 114 43.48 76.35 10.71
C ALA Y 114 45.00 76.53 10.72
N LEU Y 115 45.46 77.75 10.42
CA LEU Y 115 46.89 78.07 10.41
C LEU Y 115 47.47 77.99 11.82
N ASP Y 116 48.12 76.88 12.13
CA ASP Y 116 48.70 76.64 13.45
C ASP Y 116 49.96 77.49 13.62
N THR Y 117 49.77 78.79 13.89
CA THR Y 117 50.86 79.74 14.05
C THR Y 117 51.66 79.49 15.35
N ALA Y 118 51.07 78.75 16.28
CA ALA Y 118 51.79 78.25 17.44
C ALA Y 118 52.93 77.31 17.03
N TRP Y 119 52.69 76.53 15.98
CA TRP Y 119 53.69 75.63 15.43
C TRP Y 119 54.65 76.32 14.45
N VAL Y 120 54.13 77.24 13.65
CA VAL Y 120 54.94 77.94 12.63
C VAL Y 120 56.10 78.69 13.28
N GLU Y 121 55.89 79.20 14.48
CA GLU Y 121 56.96 79.81 15.28
C GLU Y 121 57.91 78.74 15.83
N ALA Y 122 57.34 77.65 16.36
CA ALA Y 122 58.10 76.59 17.04
C ALA Y 122 59.22 75.99 16.19
N THR Y 123 58.87 75.50 15.01
CA THR Y 123 59.84 74.90 14.09
C THR Y 123 60.82 75.93 13.53
N ARG Y 124 60.35 77.17 13.40
CA ARG Y 124 61.12 78.22 12.74
C ARG Y 124 62.33 78.68 13.54
N LYS Y 125 62.13 79.01 14.81
CA LYS Y 125 63.25 79.42 15.67
C LYS Y 125 64.13 78.22 16.03
N LYS Y 126 63.53 77.05 16.17
CA LYS Y 126 64.28 75.80 16.33
C LYS Y 126 65.24 75.62 15.17
N ALA Y 127 64.72 75.73 13.96
CA ALA Y 127 65.53 75.56 12.74
C ALA Y 127 66.56 76.69 12.59
N LEU Y 128 66.13 77.93 12.81
CA LEU Y 128 66.99 79.11 12.62
C LEU Y 128 68.26 79.07 13.48
N LEU Y 129 68.14 78.54 14.70
CA LEU Y 129 69.28 78.42 15.61
C LEU Y 129 70.11 77.16 15.32
N LYS Y 130 69.47 76.10 14.84
CA LYS Y 130 70.17 74.88 14.42
C LYS Y 130 71.12 75.14 13.25
N LEU Y 131 70.77 76.12 12.41
CA LEU Y 131 71.66 76.59 11.34
C LEU Y 131 72.96 77.10 11.93
N GLU Y 132 72.85 77.95 12.95
CA GLU Y 132 74.00 78.60 13.56
C GLU Y 132 74.88 77.62 14.33
N LYS Y 133 74.28 76.53 14.83
CA LYS Y 133 75.03 75.46 15.46
C LYS Y 133 75.89 74.75 14.43
N LEU Y 134 75.28 74.37 13.30
CA LEU Y 134 75.99 73.73 12.20
C LEU Y 134 76.98 74.68 11.51
N ASP Y 135 76.66 75.98 11.53
CA ASP Y 135 77.59 77.02 11.04
C ASP Y 135 78.91 76.97 11.78
N THR Y 136 78.83 77.05 13.10
CA THR Y 136 80.01 77.00 13.96
C THR Y 136 80.68 75.62 13.90
N ASP Y 137 79.89 74.56 13.72
CA ASP Y 137 80.43 73.20 13.58
C ASP Y 137 81.35 73.10 12.36
N LEU Y 138 80.92 73.69 11.24
CA LEU Y 138 81.75 73.73 10.03
C LEU Y 138 82.93 74.69 10.20
N LYS Y 139 82.68 75.85 10.81
CA LYS Y 139 83.72 76.85 11.04
C LYS Y 139 84.77 76.40 12.04
N ASN Y 140 84.38 75.50 12.96
CA ASN Y 140 85.32 74.87 13.88
C ASN Y 140 85.87 73.54 13.34
N TYR Y 141 85.27 73.03 12.27
CA TYR Y 141 85.88 71.96 11.47
C TYR Y 141 86.93 72.52 10.51
N LYS Y 142 86.70 73.73 10.01
CA LYS Y 142 87.67 74.44 9.16
C LYS Y 142 88.90 74.88 9.95
N GLY Y 143 88.73 75.16 11.24
CA GLY Y 143 89.84 75.49 12.13
C GLY Y 143 90.73 74.31 12.48
N ASN Y 144 90.17 73.09 12.38
CA ASN Y 144 90.93 71.85 12.62
C ASN Y 144 91.87 71.50 11.45
N SER Y 145 91.43 71.77 10.23
CA SER Y 145 92.19 71.43 9.00
C SER Y 145 92.21 69.92 8.75
N ILE Y 146 91.06 69.27 8.94
CA ILE Y 146 90.90 67.85 8.66
C ILE Y 146 90.11 67.71 7.37
N LYS Y 147 90.53 66.79 6.51
CA LYS Y 147 89.92 66.64 5.19
C LYS Y 147 88.53 66.00 5.23
N GLU Y 148 88.39 64.95 6.04
CA GLU Y 148 87.15 64.19 6.12
C GLU Y 148 86.14 64.81 7.09
N SER Y 149 86.63 65.52 8.10
CA SER Y 149 85.76 66.15 9.11
C SER Y 149 85.00 67.37 8.56
N ILE Y 150 85.63 68.09 7.63
CA ILE Y 150 85.01 69.26 7.00
C ILE Y 150 83.94 68.84 5.98
N ARG Y 151 84.19 67.74 5.26
CA ARG Y 151 83.19 67.18 4.35
C ARG Y 151 81.98 66.63 5.11
N ARG Y 152 82.23 66.15 6.33
CA ARG Y 152 81.17 65.69 7.23
C ARG Y 152 80.31 66.86 7.69
N GLY Y 153 80.96 67.98 7.99
CA GLY Y 153 80.26 69.22 8.32
C GLY Y 153 79.42 69.69 7.15
N HIS Y 154 80.04 69.83 5.98
CA HIS Y 154 79.37 70.30 4.77
C HIS Y 154 78.07 69.54 4.46
N ASP Y 155 78.15 68.22 4.52
CA ASP Y 155 76.99 67.37 4.23
C ASP Y 155 75.86 67.55 5.24
N ASP Y 156 76.19 67.96 6.47
CA ASP Y 156 75.17 68.29 7.48
C ASP Y 156 74.48 69.62 7.18
N LEU Y 157 75.25 70.60 6.70
CA LEU Y 157 74.71 71.93 6.37
C LEU Y 157 73.69 71.87 5.25
N GLY Y 158 74.11 71.29 4.12
CA GLY Y 158 73.25 71.11 2.98
C GLY Y 158 71.97 70.37 3.30
N ASP Y 159 72.08 69.39 4.19
CA ASP Y 159 70.92 68.60 4.63
C ASP Y 159 69.87 69.46 5.33
N HIS Y 160 70.28 70.27 6.30
CA HIS Y 160 69.32 71.05 7.07
C HIS Y 160 68.84 72.31 6.35
N TYR Y 161 69.51 72.70 5.27
CA TYR Y 161 68.99 73.75 4.40
C TYR Y 161 68.00 73.16 3.38
N LEU Y 162 68.21 71.92 2.99
CA LEU Y 162 67.20 71.17 2.22
C LEU Y 162 65.94 70.99 3.07
N ASP Y 163 66.14 70.54 4.32
CA ASP Y 163 65.04 70.35 5.28
C ASP Y 163 64.06 71.51 5.28
N CYS Y 164 64.59 72.73 5.38
CA CYS Y 164 63.77 73.93 5.48
C CYS Y 164 63.20 74.43 4.14
N GLY Y 165 63.35 73.65 3.08
CA GLY Y 165 62.81 74.01 1.77
C GLY Y 165 63.70 74.92 0.94
N ASP Y 166 64.82 75.37 1.51
CA ASP Y 166 65.74 76.27 0.82
C ASP Y 166 66.64 75.48 -0.12
N LEU Y 167 66.52 75.74 -1.42
CA LEU Y 167 67.22 74.96 -2.44
C LEU Y 167 68.55 75.59 -2.81
N SER Y 168 68.52 76.88 -3.15
CA SER Y 168 69.69 77.63 -3.60
C SER Y 168 70.84 77.57 -2.59
N ASN Y 169 70.49 77.58 -1.30
CA ASN Y 169 71.48 77.42 -0.24
C ASN Y 169 71.94 75.97 -0.15
N ALA Y 170 70.97 75.05 -0.05
CA ALA Y 170 71.26 73.61 0.00
C ALA Y 170 72.18 73.18 -1.13
N LEU Y 171 71.95 73.75 -2.31
CA LEU Y 171 72.79 73.55 -3.49
C LEU Y 171 74.29 73.71 -3.19
N LYS Y 172 74.64 74.87 -2.63
CA LYS Y 172 76.04 75.27 -2.50
C LYS Y 172 76.84 74.40 -1.52
N CYS Y 173 76.19 73.95 -0.44
CA CYS Y 173 76.85 73.17 0.62
C CYS Y 173 77.64 71.98 0.09
N TYR Y 174 77.06 71.28 -0.87
CA TYR Y 174 77.73 70.12 -1.46
C TYR Y 174 78.81 70.55 -2.45
N SER Y 175 78.63 71.69 -3.10
CA SER Y 175 79.60 72.20 -4.07
C SER Y 175 80.99 72.42 -3.45
N ARG Y 176 81.02 73.07 -2.29
CA ARG Y 176 82.28 73.31 -1.56
C ARG Y 176 82.87 72.03 -0.98
N ALA Y 177 82.01 71.03 -0.73
CA ALA Y 177 82.46 69.72 -0.24
C ALA Y 177 83.31 68.94 -1.26
N ARG Y 178 83.38 69.44 -2.50
CA ARG Y 178 84.29 68.89 -3.52
C ARG Y 178 85.77 69.14 -3.19
N ASP Y 179 86.06 70.30 -2.62
CA ASP Y 179 87.43 70.68 -2.28
C ASP Y 179 88.01 69.80 -1.17
N TYR Y 180 87.21 69.54 -0.13
CA TYR Y 180 87.66 68.75 1.02
C TYR Y 180 87.46 67.24 0.75
N CYS Y 181 88.26 66.70 -0.17
CA CYS Y 181 88.18 65.30 -0.57
C CYS Y 181 89.58 64.75 -0.90
N THR Y 182 89.64 63.44 -1.06
CA THR Y 182 90.88 62.75 -1.43
C THR Y 182 90.60 61.62 -2.41
N SER Y 183 89.80 60.65 -1.97
CA SER Y 183 89.48 59.47 -2.76
C SER Y 183 88.49 59.75 -3.91
N ALA Y 184 88.29 58.74 -4.75
CA ALA Y 184 87.30 58.78 -5.83
C ALA Y 184 85.89 58.66 -5.25
N LYS Y 185 85.74 57.82 -4.23
CA LYS Y 185 84.45 57.62 -3.56
C LYS Y 185 83.92 58.90 -2.90
N HIS Y 186 84.81 59.75 -2.39
CA HIS Y 186 84.41 61.03 -1.79
C HIS Y 186 83.95 62.04 -2.84
N VAL Y 187 84.62 62.05 -4.00
CA VAL Y 187 84.23 62.92 -5.12
C VAL Y 187 82.94 62.41 -5.78
N ILE Y 188 82.61 61.13 -5.59
CA ILE Y 188 81.34 60.56 -6.06
C ILE Y 188 80.23 60.77 -5.04
N ASN Y 189 80.47 60.38 -3.79
CA ASN Y 189 79.48 60.48 -2.72
C ASN Y 189 78.94 61.90 -2.50
N MET Y 190 79.68 62.89 -2.99
CA MET Y 190 79.18 64.26 -3.07
C MET Y 190 78.49 64.50 -4.43
N CYS Y 191 79.12 64.09 -5.53
CA CYS Y 191 78.55 64.25 -6.88
C CYS Y 191 77.16 63.63 -7.03
N LEU Y 192 76.88 62.60 -6.22
CA LEU Y 192 75.53 62.03 -6.15
C LEU Y 192 74.56 63.03 -5.53
N ASN Y 193 74.97 63.68 -4.44
CA ASN Y 193 74.15 64.70 -3.79
C ASN Y 193 73.96 65.93 -4.67
N VAL Y 194 75.01 66.31 -5.39
CA VAL Y 194 74.97 67.44 -6.34
C VAL Y 194 73.78 67.31 -7.27
N ILE Y 195 73.57 66.09 -7.75
CA ILE Y 195 72.48 65.81 -8.67
C ILE Y 195 71.15 65.85 -7.93
N LYS Y 196 71.07 65.17 -6.79
CA LYS Y 196 69.83 65.10 -5.99
C LYS Y 196 69.10 66.44 -5.94
N VAL Y 197 69.85 67.51 -5.72
CA VAL Y 197 69.27 68.85 -5.58
C VAL Y 197 68.95 69.48 -6.94
N SER Y 198 69.83 69.29 -7.93
CA SER Y 198 69.60 69.80 -9.29
C SER Y 198 68.41 69.14 -10.01
N VAL Y 199 67.80 68.14 -9.37
CA VAL Y 199 66.53 67.55 -9.83
C VAL Y 199 65.33 68.33 -9.28
N TYR Y 200 65.38 68.68 -7.99
CA TYR Y 200 64.33 69.48 -7.37
C TYR Y 200 64.34 70.90 -7.91
N LEU Y 201 65.52 71.40 -8.24
CA LEU Y 201 65.70 72.72 -8.88
C LEU Y 201 65.17 72.76 -10.32
N GLN Y 202 65.25 71.61 -11.00
CA GLN Y 202 64.87 71.48 -12.42
C GLN Y 202 65.83 72.22 -13.36
N ASN Y 203 67.12 72.03 -13.08
CA ASN Y 203 68.19 72.34 -14.02
C ASN Y 203 68.81 71.01 -14.39
N TRP Y 204 68.15 70.34 -15.33
CA TRP Y 204 68.51 68.98 -15.72
C TRP Y 204 69.81 68.97 -16.53
N SER Y 205 70.14 70.11 -17.13
CA SER Y 205 71.40 70.26 -17.86
C SER Y 205 72.62 70.01 -16.97
N HIS Y 206 72.52 70.43 -15.71
CA HIS Y 206 73.60 70.22 -14.74
C HIS Y 206 73.44 68.90 -13.97
N VAL Y 207 72.24 68.33 -13.98
CA VAL Y 207 72.04 66.95 -13.55
C VAL Y 207 72.92 66.01 -14.38
N LEU Y 208 72.89 66.21 -15.70
CA LEU Y 208 73.65 65.37 -16.63
C LEU Y 208 75.14 65.72 -16.67
N SER Y 209 75.49 66.99 -16.44
CA SER Y 209 76.90 67.41 -16.42
C SER Y 209 77.69 66.73 -15.32
N TYR Y 210 77.03 66.45 -14.18
CA TYR Y 210 77.67 65.80 -13.04
C TYR Y 210 77.44 64.28 -12.98
N VAL Y 211 76.49 63.77 -13.75
CA VAL Y 211 76.40 62.32 -13.98
C VAL Y 211 77.53 61.90 -14.93
N SER Y 212 77.76 62.69 -15.98
CA SER Y 212 78.84 62.44 -16.93
C SER Y 212 80.21 62.47 -16.27
N LYS Y 213 80.36 63.33 -15.26
CA LYS Y 213 81.57 63.38 -14.44
C LYS Y 213 81.64 62.16 -13.52
N ALA Y 214 80.57 61.96 -12.75
CA ALA Y 214 80.51 60.88 -11.76
C ALA Y 214 80.62 59.49 -12.36
N GLU Y 215 80.13 59.31 -13.60
CA GLU Y 215 80.22 58.02 -14.29
C GLU Y 215 81.68 57.64 -14.56
N SER Y 216 82.39 58.51 -15.28
CA SER Y 216 83.79 58.28 -15.61
C SER Y 216 84.72 58.94 -14.58
N THR Y 217 84.45 58.68 -13.30
CA THR Y 217 85.27 59.22 -12.20
C THR Y 217 86.34 58.22 -11.73
N PRO Y 218 85.94 57.06 -11.16
CA PRO Y 218 86.95 56.13 -10.66
C PRO Y 218 87.46 55.18 -11.74
N GLU Y 219 88.08 55.74 -12.78
CA GLU Y 219 88.57 54.98 -13.94
C GLU Y 219 87.49 54.10 -14.59
N ILE Y 220 86.37 54.72 -14.96
CA ILE Y 220 85.23 54.04 -15.61
C ILE Y 220 84.56 53.02 -14.68
N ALA Y 221 84.06 53.52 -13.53
CA ALA Y 221 83.30 52.72 -12.55
C ALA Y 221 84.08 51.56 -11.92
N GLU Y 222 85.33 51.82 -11.53
CA GLU Y 222 86.25 50.82 -10.94
C GLU Y 222 86.53 49.62 -11.85
N GLN Y 223 86.43 49.85 -13.16
CA GLN Y 223 86.75 48.87 -14.21
C GLN Y 223 85.71 47.74 -14.40
N ARG Y 224 85.70 46.75 -13.50
CA ARG Y 224 84.84 45.55 -13.66
C ARG Y 224 83.50 45.65 -12.92
N GLY Y 225 83.41 46.53 -11.93
CA GLY Y 225 82.23 46.66 -11.09
C GLY Y 225 82.37 45.94 -9.77
N GLU Y 226 83.52 46.13 -9.11
CA GLU Y 226 83.83 45.54 -7.80
C GLU Y 226 83.81 44.00 -7.75
N ARG Y 227 84.31 43.37 -8.81
CA ARG Y 227 84.49 41.90 -8.89
C ARG Y 227 83.20 41.10 -8.67
N ASP Y 228 82.45 40.87 -9.75
CA ASP Y 228 81.26 39.99 -9.77
C ASP Y 228 80.18 40.36 -8.73
N SER Y 229 79.24 41.21 -9.13
CA SER Y 229 78.09 41.62 -8.30
C SER Y 229 78.50 42.47 -7.09
N GLN Y 230 78.09 43.74 -7.11
CA GLN Y 230 78.49 44.72 -6.09
C GLN Y 230 77.37 44.95 -5.07
N THR Y 231 77.73 44.95 -3.79
CA THR Y 231 76.79 45.28 -2.71
C THR Y 231 76.35 46.74 -2.83
N GLN Y 232 77.29 47.60 -3.21
CA GLN Y 232 77.02 49.01 -3.46
C GLN Y 232 76.36 49.17 -4.85
N ALA Y 233 75.03 49.30 -4.87
CA ALA Y 233 74.30 49.53 -6.11
C ALA Y 233 74.34 51.02 -6.45
N ILE Y 234 75.33 51.42 -7.25
CA ILE Y 234 75.64 52.83 -7.47
C ILE Y 234 75.20 53.33 -8.84
N LEU Y 235 75.62 52.65 -9.90
CA LEU Y 235 75.24 53.01 -11.28
C LEU Y 235 73.74 52.83 -11.56
N THR Y 236 73.10 51.95 -10.79
CA THR Y 236 71.65 51.79 -10.80
C THR Y 236 70.95 53.10 -10.43
N LYS Y 237 71.61 53.92 -9.62
CA LYS Y 237 71.13 55.25 -9.28
C LYS Y 237 71.54 56.24 -10.38
N LEU Y 238 72.80 56.19 -10.79
CA LEU Y 238 73.35 57.11 -11.81
C LEU Y 238 72.62 57.06 -13.16
N LYS Y 239 72.00 55.92 -13.47
CA LYS Y 239 71.20 55.77 -14.67
C LYS Y 239 69.71 56.07 -14.44
N CYS Y 240 69.27 56.03 -13.17
CA CYS Y 240 67.94 56.52 -12.79
C CYS Y 240 67.78 58.02 -13.10
N ALA Y 241 68.86 58.78 -12.87
CA ALA Y 241 68.86 60.23 -13.09
C ALA Y 241 69.20 60.58 -14.54
N ALA Y 242 70.26 59.96 -15.06
CA ALA Y 242 70.68 60.15 -16.46
C ALA Y 242 69.51 59.94 -17.42
N GLY Y 243 68.60 59.03 -17.06
CA GLY Y 243 67.37 58.80 -17.82
C GLY Y 243 66.30 59.85 -17.55
N LEU Y 244 65.93 60.01 -16.27
CA LEU Y 244 64.87 60.94 -15.89
C LEU Y 244 65.18 62.38 -16.32
N ALA Y 245 66.46 62.73 -16.38
CA ALA Y 245 66.89 64.02 -16.90
C ALA Y 245 66.62 64.12 -18.40
N GLU Y 246 66.81 63.02 -19.11
CA GLU Y 246 66.50 62.96 -20.54
C GLU Y 246 64.99 62.86 -20.79
N LEU Y 247 64.26 62.23 -19.88
CA LEU Y 247 62.79 62.13 -19.98
C LEU Y 247 62.15 63.50 -20.18
N ALA Y 248 62.51 64.45 -19.30
CA ALA Y 248 62.03 65.82 -19.40
C ALA Y 248 62.57 66.49 -20.67
N ALA Y 249 63.79 66.10 -21.07
CA ALA Y 249 64.45 66.66 -22.27
C ALA Y 249 64.04 65.99 -23.59
N ARG Y 250 62.88 65.32 -23.60
CA ARG Y 250 62.25 64.77 -24.83
C ARG Y 250 62.97 63.60 -25.52
N LYS Y 251 64.22 63.31 -25.15
CA LYS Y 251 64.95 62.19 -25.72
C LYS Y 251 64.48 60.88 -25.09
N TYR Y 252 63.31 60.41 -25.53
CA TYR Y 252 62.66 59.25 -24.94
C TYR Y 252 63.45 57.98 -25.27
N LYS Y 253 64.14 57.98 -26.41
CA LYS Y 253 65.00 56.86 -26.81
C LYS Y 253 66.28 56.82 -25.97
N GLN Y 254 66.91 57.98 -25.80
CA GLN Y 254 68.08 58.08 -24.93
C GLN Y 254 67.69 57.81 -23.47
N ALA Y 255 66.47 58.19 -23.11
CA ALA Y 255 65.92 57.93 -21.76
C ALA Y 255 65.70 56.44 -21.52
N ALA Y 256 65.17 55.75 -22.52
CA ALA Y 256 64.97 54.31 -22.45
C ALA Y 256 66.28 53.56 -22.26
N LYS Y 257 67.34 54.00 -22.94
CA LYS Y 257 68.66 53.38 -22.83
C LYS Y 257 69.19 53.43 -21.39
N CYS Y 258 68.93 54.55 -20.70
CA CYS Y 258 69.36 54.69 -19.31
C CYS Y 258 68.38 54.03 -18.33
N LEU Y 259 67.09 53.99 -18.66
CA LEU Y 259 66.09 53.36 -17.78
C LEU Y 259 65.97 51.84 -17.95
N LEU Y 260 66.38 51.31 -19.10
CA LEU Y 260 66.40 49.85 -19.33
C LEU Y 260 67.57 49.15 -18.62
N LEU Y 261 68.69 49.87 -18.46
CA LEU Y 261 69.87 49.36 -17.73
C LEU Y 261 69.68 49.36 -16.21
N ALA Y 262 68.64 50.05 -15.72
CA ALA Y 262 68.32 50.09 -14.30
C ALA Y 262 68.08 48.69 -13.74
N SER Y 263 69.08 48.16 -13.05
CA SER Y 263 68.99 46.85 -12.42
C SER Y 263 68.16 46.93 -11.13
N PHE Y 264 67.76 45.77 -10.62
CA PHE Y 264 66.88 45.69 -9.44
C PHE Y 264 67.68 45.56 -8.13
N ASP Y 265 68.87 46.18 -8.09
CA ASP Y 265 69.69 46.27 -6.86
C ASP Y 265 69.25 47.45 -6.00
N HIS Y 266 68.97 48.58 -6.65
CA HIS Y 266 68.64 49.83 -5.95
C HIS Y 266 67.17 49.89 -5.51
N CYS Y 267 66.28 49.28 -6.31
CA CYS Y 267 64.84 49.23 -6.01
C CYS Y 267 64.26 50.56 -5.48
N ASP Y 268 64.03 50.66 -4.17
CA ASP Y 268 63.42 51.86 -3.57
C ASP Y 268 64.46 52.94 -3.27
N PHE Y 269 64.58 53.90 -4.19
CA PHE Y 269 65.40 55.08 -3.99
C PHE Y 269 64.46 56.29 -3.98
N PRO Y 270 63.78 56.53 -2.85
CA PRO Y 270 62.66 57.49 -2.74
C PRO Y 270 62.91 58.96 -3.12
N GLU Y 271 64.17 59.41 -3.10
CA GLU Y 271 64.48 60.82 -3.36
C GLU Y 271 64.59 61.18 -4.85
N LEU Y 272 64.37 60.21 -5.73
CA LEU Y 272 64.23 60.48 -7.17
C LEU Y 272 62.99 59.78 -7.75
N LEU Y 273 63.10 58.47 -8.03
CA LEU Y 273 62.03 57.74 -8.72
C LEU Y 273 61.97 56.28 -8.28
N SER Y 274 60.76 55.83 -7.98
CA SER Y 274 60.51 54.49 -7.50
C SER Y 274 60.79 53.45 -8.59
N PRO Y 275 60.97 52.17 -8.21
CA PRO Y 275 61.17 51.12 -9.21
C PRO Y 275 59.86 50.74 -9.92
N SER Y 276 58.73 50.92 -9.24
CA SER Y 276 57.41 50.71 -9.86
C SER Y 276 57.15 51.69 -11.01
N ASN Y 277 57.83 52.83 -10.98
CA ASN Y 277 57.78 53.81 -12.06
C ASN Y 277 58.86 53.59 -13.12
N VAL Y 278 60.07 53.23 -12.71
CA VAL Y 278 61.16 52.91 -13.65
C VAL Y 278 60.68 51.93 -14.73
N ALA Y 279 59.78 51.02 -14.36
CA ALA Y 279 59.13 50.11 -15.31
C ALA Y 279 58.14 50.82 -16.22
N ILE Y 280 57.30 51.66 -15.63
CA ILE Y 280 56.30 52.43 -16.39
C ILE Y 280 56.98 53.41 -17.34
N TYR Y 281 58.03 54.06 -16.87
CA TYR Y 281 58.70 55.14 -17.60
C TYR Y 281 59.55 54.60 -18.75
N GLY Y 282 60.54 53.76 -18.42
CA GLY Y 282 61.46 53.20 -19.41
C GLY Y 282 60.81 52.25 -20.40
N GLY Y 283 59.72 51.61 -19.97
CA GLY Y 283 58.95 50.70 -20.83
C GLY Y 283 58.22 51.45 -21.94
N LEU Y 284 57.37 52.38 -21.54
CA LEU Y 284 56.62 53.20 -22.50
C LEU Y 284 57.55 54.06 -23.36
N CYS Y 285 58.70 54.45 -22.82
CA CYS Y 285 59.70 55.22 -23.58
C CYS Y 285 60.26 54.41 -24.74
N ALA Y 286 60.85 53.25 -24.44
CA ALA Y 286 61.40 52.38 -25.47
C ALA Y 286 60.32 52.04 -26.50
N LEU Y 287 59.22 51.48 -26.00
CA LEU Y 287 58.06 51.11 -26.81
C LEU Y 287 57.82 52.03 -27.99
N ALA Y 288 57.79 53.34 -27.72
CA ALA Y 288 57.50 54.33 -28.75
C ALA Y 288 58.63 54.47 -29.76
N THR Y 289 59.85 54.67 -29.27
CA THR Y 289 60.98 55.03 -30.13
C THR Y 289 61.85 53.85 -30.57
N PHE Y 290 61.58 52.67 -30.04
CA PHE Y 290 62.30 51.46 -30.45
C PHE Y 290 61.57 50.76 -31.58
N ASP Y 291 62.34 50.21 -32.52
CA ASP Y 291 61.80 49.34 -33.56
C ASP Y 291 61.39 47.99 -32.97
N ARG Y 292 60.79 47.12 -33.80
CA ARG Y 292 60.40 45.79 -33.35
C ARG Y 292 61.62 44.94 -32.96
N GLN Y 293 62.73 45.13 -33.67
CA GLN Y 293 63.94 44.34 -33.48
C GLN Y 293 64.56 44.54 -32.11
N GLU Y 294 64.86 45.79 -31.77
CA GLU Y 294 65.49 46.12 -30.50
C GLU Y 294 64.57 45.83 -29.31
N LEU Y 295 63.25 45.89 -29.54
CA LEU Y 295 62.27 45.56 -28.51
C LEU Y 295 62.51 44.17 -27.91
N GLN Y 296 62.30 43.13 -28.71
CA GLN Y 296 62.48 41.75 -28.24
C GLN Y 296 63.82 41.56 -27.53
N ARG Y 297 64.85 42.20 -28.08
CA ARG Y 297 66.22 42.01 -27.62
C ARG Y 297 66.49 42.79 -26.34
N ASN Y 298 66.27 44.11 -26.39
CA ASN Y 298 66.63 45.02 -25.29
C ASN Y 298 65.47 45.32 -24.34
N VAL Y 299 64.32 44.69 -24.54
CA VAL Y 299 63.14 44.93 -23.69
C VAL Y 299 62.49 43.64 -23.20
N ILE Y 300 61.94 42.86 -24.13
CA ILE Y 300 61.04 41.75 -23.77
C ILE Y 300 61.78 40.53 -23.20
N SER Y 301 62.84 40.09 -23.86
CA SER Y 301 63.58 38.88 -23.44
C SER Y 301 64.89 39.17 -22.70
N SER Y 302 65.04 40.40 -22.20
CA SER Y 302 66.21 40.77 -21.41
C SER Y 302 65.88 40.67 -19.92
N SER Y 303 66.64 39.84 -19.21
CA SER Y 303 66.41 39.61 -17.78
C SER Y 303 66.59 40.87 -16.94
N SER Y 304 67.60 41.67 -17.26
CA SER Y 304 67.91 42.91 -16.53
C SER Y 304 66.66 43.72 -16.21
N PHE Y 305 65.88 44.01 -17.25
CA PHE Y 305 64.66 44.80 -17.10
C PHE Y 305 63.44 43.92 -16.83
N LYS Y 306 63.53 42.64 -17.15
CA LYS Y 306 62.41 41.69 -16.97
C LYS Y 306 61.79 41.77 -15.57
N LEU Y 307 62.63 41.88 -14.54
CA LEU Y 307 62.15 41.98 -13.14
C LEU Y 307 61.27 43.19 -12.90
N PHE Y 308 61.58 44.30 -13.55
CA PHE Y 308 60.80 45.53 -13.42
C PHE Y 308 59.44 45.40 -14.12
N LEU Y 309 59.40 44.65 -15.23
CA LEU Y 309 58.15 44.41 -15.94
C LEU Y 309 57.19 43.59 -15.08
N GLU Y 310 57.72 42.58 -14.40
CA GLU Y 310 56.93 41.77 -13.47
C GLU Y 310 56.12 42.66 -12.52
N LEU Y 311 56.78 43.72 -12.02
CA LEU Y 311 56.16 44.63 -11.06
C LEU Y 311 54.90 45.28 -11.63
N GLU Y 312 54.99 45.71 -12.90
CA GLU Y 312 53.88 46.36 -13.58
C GLU Y 312 53.23 45.44 -14.60
N PRO Y 313 52.09 44.80 -14.23
CA PRO Y 313 51.45 43.83 -15.12
C PRO Y 313 50.77 44.46 -16.34
N GLN Y 314 50.24 45.67 -16.19
CA GLN Y 314 49.57 46.36 -17.29
C GLN Y 314 50.57 46.83 -18.33
N VAL Y 315 51.67 47.43 -17.87
CA VAL Y 315 52.75 47.91 -18.74
C VAL Y 315 53.34 46.74 -19.53
N ARG Y 316 53.47 45.60 -18.86
CA ARG Y 316 53.97 44.38 -19.47
C ARG Y 316 53.08 43.89 -20.61
N ASP Y 317 51.76 43.95 -20.41
CA ASP Y 317 50.78 43.47 -21.40
C ASP Y 317 50.74 44.29 -22.69
N ILE Y 318 50.94 45.60 -22.58
CA ILE Y 318 50.92 46.49 -23.76
C ILE Y 318 52.19 46.33 -24.59
N ILE Y 319 53.33 46.12 -23.93
CA ILE Y 319 54.60 45.84 -24.62
C ILE Y 319 54.51 44.50 -25.36
N PHE Y 320 53.82 43.55 -24.74
CA PHE Y 320 53.64 42.21 -25.31
C PHE Y 320 52.64 42.22 -26.47
N LYS Y 321 51.45 42.78 -26.24
CA LYS Y 321 50.39 42.81 -27.25
C LYS Y 321 50.75 43.63 -28.49
N PHE Y 322 51.72 44.54 -28.35
CA PHE Y 322 52.33 45.22 -29.49
C PHE Y 322 53.15 44.23 -30.32
N TYR Y 323 54.08 43.54 -29.65
CA TYR Y 323 54.96 42.57 -30.32
C TYR Y 323 54.18 41.37 -30.86
N GLU Y 324 53.21 40.90 -30.09
CA GLU Y 324 52.29 39.84 -30.53
C GLU Y 324 51.30 40.36 -31.58
N SER Y 325 51.27 41.68 -31.78
CA SER Y 325 50.49 42.33 -32.82
C SER Y 325 48.98 42.11 -32.64
N LYS Y 326 48.54 42.13 -31.38
CA LYS Y 326 47.13 42.09 -31.04
C LYS Y 326 46.75 43.50 -30.60
N TYR Y 327 46.55 44.37 -31.59
CA TYR Y 327 46.48 45.81 -31.36
C TYR Y 327 45.13 46.25 -30.79
N ALA Y 328 44.06 45.53 -31.11
CA ALA Y 328 42.73 45.81 -30.56
C ALA Y 328 42.77 45.99 -29.05
N SER Y 329 43.49 45.09 -28.39
CA SER Y 329 43.68 45.16 -26.95
C SER Y 329 44.76 46.16 -26.57
N CYS Y 330 45.90 46.09 -27.25
CA CYS Y 330 47.08 46.93 -26.94
C CYS Y 330 46.72 48.38 -26.61
N LEU Y 331 45.90 49.00 -27.44
CA LEU Y 331 45.48 50.39 -27.24
C LEU Y 331 44.32 50.49 -26.25
N LYS Y 332 43.43 49.50 -26.27
CA LYS Y 332 42.34 49.42 -25.29
C LYS Y 332 42.90 49.57 -23.86
N MET Y 333 43.94 48.79 -23.56
CA MET Y 333 44.66 48.88 -22.29
C MET Y 333 45.22 50.28 -22.04
N LEU Y 334 46.02 50.75 -23.01
CA LEU Y 334 46.79 51.98 -22.87
C LEU Y 334 45.88 53.21 -22.64
N ASP Y 335 44.76 53.27 -23.35
CA ASP Y 335 43.78 54.35 -23.20
C ASP Y 335 43.31 54.52 -21.77
N GLU Y 336 42.95 53.42 -21.13
CA GLU Y 336 42.42 53.45 -19.78
C GLU Y 336 43.51 53.66 -18.73
N MET Y 337 44.77 53.43 -19.10
CA MET Y 337 45.90 53.78 -18.25
C MET Y 337 46.25 55.27 -18.32
N LYS Y 338 45.94 55.90 -19.45
CA LYS Y 338 46.22 57.34 -19.66
C LYS Y 338 45.69 58.22 -18.52
N ASP Y 339 44.53 57.84 -17.97
CA ASP Y 339 43.90 58.58 -16.88
C ASP Y 339 44.81 58.69 -15.65
N ASN Y 340 45.42 57.57 -15.27
CA ASN Y 340 46.31 57.49 -14.11
C ASN Y 340 47.70 58.06 -14.41
N LEU Y 341 48.24 57.74 -15.59
CA LEU Y 341 49.60 58.15 -15.97
C LEU Y 341 49.74 59.67 -16.15
N LEU Y 342 48.65 60.36 -16.44
CA LEU Y 342 48.65 61.83 -16.53
C LEU Y 342 48.79 62.46 -15.15
N LEU Y 343 48.13 61.88 -14.15
CA LEU Y 343 48.17 62.41 -12.77
C LEU Y 343 49.57 62.29 -12.15
N ASP Y 344 50.34 61.32 -12.62
CA ASP Y 344 51.74 61.17 -12.24
C ASP Y 344 52.48 62.46 -12.50
N MET Y 345 53.50 62.75 -11.69
CA MET Y 345 54.23 64.00 -11.79
C MET Y 345 55.09 64.06 -13.06
N TYR Y 346 55.97 63.09 -13.25
CA TYR Y 346 56.97 63.11 -14.33
C TYR Y 346 56.52 62.49 -15.66
N LEU Y 347 55.35 61.84 -15.68
CA LEU Y 347 54.84 61.20 -16.90
C LEU Y 347 53.66 61.95 -17.55
N ALA Y 348 53.32 63.11 -16.98
CA ALA Y 348 52.34 64.00 -17.57
C ALA Y 348 52.83 64.70 -18.86
N PRO Y 349 54.07 65.26 -18.83
CA PRO Y 349 54.50 66.12 -19.93
C PRO Y 349 54.98 65.42 -21.21
N HIS Y 350 54.81 64.10 -21.27
CA HIS Y 350 55.16 63.32 -22.45
C HIS Y 350 54.03 62.36 -22.82
N VAL Y 351 52.81 62.71 -22.42
CA VAL Y 351 51.66 61.81 -22.56
C VAL Y 351 51.09 61.81 -23.98
N ARG Y 352 51.48 62.77 -24.82
CA ARG Y 352 51.05 62.81 -26.22
C ARG Y 352 52.10 62.21 -27.14
N THR Y 353 53.32 62.76 -27.08
CA THR Y 353 54.41 62.34 -27.97
C THR Y 353 54.70 60.85 -27.85
N LEU Y 354 54.50 60.29 -26.65
CA LEU Y 354 54.65 58.85 -26.46
C LEU Y 354 53.42 58.11 -27.01
N TYR Y 355 52.25 58.39 -26.42
CA TYR Y 355 50.99 57.69 -26.78
C TYR Y 355 50.70 57.73 -28.27
N THR Y 356 50.95 58.87 -28.91
CA THR Y 356 50.69 59.03 -30.34
C THR Y 356 51.78 58.32 -31.18
N GLN Y 357 53.04 58.40 -30.75
CA GLN Y 357 54.15 57.78 -31.46
C GLN Y 357 54.08 56.25 -31.46
N ILE Y 358 53.48 55.69 -30.41
CA ILE Y 358 53.22 54.25 -30.32
C ILE Y 358 52.12 53.86 -31.31
N ARG Y 359 51.02 54.61 -31.30
CA ARG Y 359 49.92 54.40 -32.26
C ARG Y 359 50.47 54.38 -33.69
N ASN Y 360 51.27 55.40 -34.01
CA ASN Y 360 51.93 55.50 -35.30
C ASN Y 360 52.77 54.28 -35.61
N ARG Y 361 53.64 53.92 -34.68
CA ARG Y 361 54.50 52.75 -34.83
C ARG Y 361 53.69 51.51 -35.20
N ALA Y 362 52.64 51.26 -34.43
CA ALA Y 362 51.78 50.09 -34.64
C ALA Y 362 51.06 50.14 -35.99
N LEU Y 363 50.58 51.32 -36.35
CA LEU Y 363 49.91 51.53 -37.63
C LEU Y 363 50.82 51.17 -38.81
N ILE Y 364 52.12 51.45 -38.67
CA ILE Y 364 53.11 51.04 -39.67
C ILE Y 364 53.27 49.53 -39.64
N GLN Y 365 53.49 49.00 -38.44
CA GLN Y 365 53.81 47.59 -38.24
C GLN Y 365 52.66 46.65 -38.63
N TYR Y 366 51.42 47.11 -38.49
CA TYR Y 366 50.25 46.33 -38.91
C TYR Y 366 50.20 46.16 -40.42
N PHE Y 367 50.54 47.22 -41.15
CA PHE Y 367 50.34 47.27 -42.60
C PHE Y 367 51.49 46.69 -43.40
N SER Y 368 52.71 47.18 -43.15
CA SER Y 368 53.91 46.78 -43.90
C SER Y 368 53.96 45.31 -44.35
N PRO Y 369 53.67 44.36 -43.43
CA PRO Y 369 53.58 42.95 -43.82
C PRO Y 369 52.57 42.66 -44.92
N TYR Y 370 51.40 43.30 -44.85
CA TYR Y 370 50.37 43.15 -45.88
C TYR Y 370 50.76 43.90 -47.16
N VAL Y 371 50.39 43.33 -48.31
CA VAL Y 371 50.45 44.06 -49.58
C VAL Y 371 49.10 44.75 -49.83
N SER Y 372 48.02 44.13 -49.35
CA SER Y 372 46.69 44.74 -49.42
C SER Y 372 45.93 44.43 -48.14
N ALA Y 373 45.50 45.47 -47.43
CA ALA Y 373 44.85 45.34 -46.14
C ALA Y 373 43.45 45.94 -46.15
N ASP Y 374 42.51 45.23 -45.53
CA ASP Y 374 41.14 45.72 -45.37
C ASP Y 374 41.11 46.77 -44.28
N MET Y 375 40.51 47.92 -44.57
CA MET Y 375 40.47 49.05 -43.64
C MET Y 375 39.50 48.81 -42.48
N HIS Y 376 38.42 48.10 -42.75
CA HIS Y 376 37.40 47.83 -41.74
C HIS Y 376 37.96 46.99 -40.60
N ARG Y 377 38.79 46.01 -40.95
CA ARG Y 377 39.48 45.18 -39.97
C ARG Y 377 40.46 46.03 -39.19
N MET Y 378 41.21 46.86 -39.91
CA MET Y 378 42.19 47.76 -39.29
C MET Y 378 41.52 48.81 -38.42
N ALA Y 379 40.28 49.16 -38.75
CA ALA Y 379 39.52 50.17 -38.00
C ALA Y 379 39.31 49.76 -36.54
N ALA Y 380 38.55 48.69 -36.32
CA ALA Y 380 38.28 48.21 -34.96
C ALA Y 380 39.56 47.75 -34.26
N ALA Y 381 40.55 47.34 -35.04
CA ALA Y 381 41.87 46.99 -34.52
C ALA Y 381 42.59 48.18 -33.89
N PHE Y 382 42.29 49.38 -34.37
CA PHE Y 382 42.86 50.60 -33.80
C PHE Y 382 41.79 51.49 -33.16
N ASN Y 383 40.83 50.84 -32.49
CA ASN Y 383 39.80 51.53 -31.70
C ASN Y 383 39.34 52.86 -32.30
N THR Y 384 38.72 52.79 -33.47
CA THR Y 384 38.29 53.98 -34.20
C THR Y 384 37.29 53.61 -35.29
N THR Y 385 36.97 54.56 -36.17
CA THR Y 385 36.04 54.32 -37.29
C THR Y 385 36.76 54.27 -38.63
N VAL Y 386 36.04 53.81 -39.65
CA VAL Y 386 36.58 53.67 -40.99
C VAL Y 386 36.98 55.03 -41.54
N ALA Y 387 36.03 55.97 -41.48
CA ALA Y 387 36.27 57.33 -41.93
C ALA Y 387 37.45 57.94 -41.20
N ALA Y 388 37.49 57.75 -39.89
CA ALA Y 388 38.61 58.25 -39.09
C ALA Y 388 39.92 57.68 -39.59
N LEU Y 389 39.97 56.36 -39.70
CA LEU Y 389 41.16 55.67 -40.19
C LEU Y 389 41.62 56.25 -41.53
N GLU Y 390 40.67 56.55 -42.41
CA GLU Y 390 40.96 57.12 -43.73
C GLU Y 390 41.86 58.35 -43.60
N ASP Y 391 41.40 59.35 -42.84
CA ASP Y 391 42.19 60.57 -42.61
C ASP Y 391 43.46 60.28 -41.80
N GLU Y 392 43.34 59.41 -40.78
CA GLU Y 392 44.50 59.03 -39.98
C GLU Y 392 45.67 58.64 -40.87
N LEU Y 393 45.43 57.68 -41.75
CA LEU Y 393 46.46 57.22 -42.68
C LEU Y 393 46.89 58.33 -43.64
N THR Y 394 45.92 59.06 -44.19
CA THR Y 394 46.19 60.12 -45.16
C THR Y 394 47.42 60.96 -44.77
N GLN Y 395 47.37 61.55 -43.58
CA GLN Y 395 48.49 62.35 -43.05
C GLN Y 395 49.79 61.55 -43.09
N LEU Y 396 49.69 60.30 -42.63
CA LEU Y 396 50.86 59.44 -42.48
C LEU Y 396 51.43 59.04 -43.83
N ILE Y 397 50.59 59.00 -44.85
CA ILE Y 397 51.06 58.74 -46.22
C ILE Y 397 51.96 59.89 -46.64
N LEU Y 398 51.43 61.11 -46.56
CA LEU Y 398 52.17 62.30 -46.97
C LEU Y 398 53.49 62.38 -46.22
N GLU Y 399 53.39 62.45 -44.90
CA GLU Y 399 54.56 62.66 -44.06
C GLU Y 399 55.34 61.36 -43.90
N GLY Y 400 54.69 60.39 -43.25
CA GLY Y 400 55.37 59.19 -42.78
C GLY Y 400 55.79 58.22 -43.85
N LEU Y 401 56.19 57.03 -43.40
CA LEU Y 401 56.75 56.01 -44.27
C LEU Y 401 55.69 55.01 -44.72
N ILE Y 402 54.41 55.37 -44.61
CA ILE Y 402 53.33 54.51 -45.10
C ILE Y 402 53.25 54.67 -46.62
N SER Y 403 54.09 53.92 -47.34
CA SER Y 403 54.12 53.96 -48.80
C SER Y 403 52.95 53.16 -49.35
N ALA Y 404 51.77 53.78 -49.33
CA ALA Y 404 50.52 53.11 -49.69
C ALA Y 404 49.44 54.13 -50.04
N ARG Y 405 48.61 53.80 -51.02
CA ARG Y 405 47.52 54.68 -51.44
C ARG Y 405 46.20 54.25 -50.82
N VAL Y 406 45.16 55.06 -51.00
CA VAL Y 406 43.84 54.80 -50.42
C VAL Y 406 42.78 54.63 -51.49
N ASP Y 407 42.06 53.51 -51.42
CA ASP Y 407 40.89 53.27 -52.27
C ASP Y 407 39.65 53.49 -51.41
N SER Y 408 39.15 54.72 -51.41
CA SER Y 408 38.01 55.09 -50.56
C SER Y 408 36.66 54.63 -51.11
N HIS Y 409 36.63 54.07 -52.32
CA HIS Y 409 35.42 53.51 -52.90
C HIS Y 409 34.99 52.26 -52.15
N SER Y 410 35.85 51.25 -52.12
CA SER Y 410 35.60 50.01 -51.40
C SER Y 410 36.29 49.99 -50.02
N LYS Y 411 36.96 51.08 -49.66
CA LYS Y 411 37.65 51.23 -48.37
C LYS Y 411 38.70 50.14 -48.15
N ILE Y 412 39.75 50.20 -48.94
CA ILE Y 412 40.88 49.27 -48.87
C ILE Y 412 42.16 50.10 -48.84
N LEU Y 413 43.24 49.52 -48.32
CA LEU Y 413 44.56 50.13 -48.42
C LEU Y 413 45.50 49.20 -49.17
N TYR Y 414 46.01 49.66 -50.30
CA TYR Y 414 46.96 48.91 -51.12
C TYR Y 414 48.36 49.44 -50.88
N ALA Y 415 49.34 48.53 -50.85
CA ALA Y 415 50.73 48.92 -50.80
C ALA Y 415 51.13 49.54 -52.13
N ARG Y 416 51.90 50.62 -52.06
CA ARG Y 416 52.37 51.32 -53.25
C ARG Y 416 53.88 51.25 -53.27
N ASP Y 417 54.40 50.50 -54.25
CA ASP Y 417 55.84 50.33 -54.40
C ASP Y 417 56.35 51.06 -55.62
N VAL Y 418 57.66 51.25 -55.66
CA VAL Y 418 58.28 52.15 -56.63
C VAL Y 418 58.75 51.42 -57.88
N ASP Y 419 58.49 52.04 -59.03
CA ASP Y 419 59.02 51.56 -60.31
C ASP Y 419 60.44 52.07 -60.45
N GLN Y 420 61.39 51.26 -59.97
CA GLN Y 420 62.81 51.57 -60.02
C GLN Y 420 63.20 52.24 -61.34
N ARG Y 421 62.91 51.55 -62.43
CA ARG Y 421 63.24 52.02 -63.78
C ARG Y 421 62.76 53.44 -64.02
N SER Y 422 61.47 53.66 -63.84
CA SER Y 422 60.86 54.98 -64.04
C SER Y 422 61.61 56.06 -63.28
N THR Y 423 61.97 55.76 -62.03
CA THR Y 423 62.60 56.70 -61.13
C THR Y 423 63.90 57.26 -61.70
N THR Y 424 64.87 56.39 -61.97
CA THR Y 424 66.20 56.82 -62.41
C THR Y 424 66.15 57.56 -63.75
N PHE Y 425 65.31 57.07 -64.67
CA PHE Y 425 65.03 57.78 -65.92
C PHE Y 425 64.49 59.18 -65.63
N GLU Y 426 63.30 59.21 -65.05
CA GLU Y 426 62.57 60.45 -64.75
C GLU Y 426 63.47 61.58 -64.28
N LYS Y 427 64.20 61.32 -63.19
CA LYS Y 427 65.03 62.35 -62.57
C LYS Y 427 66.20 62.77 -63.44
N SER Y 428 66.77 61.84 -64.20
CA SER Y 428 67.93 62.14 -65.04
C SER Y 428 67.61 63.18 -66.11
N LEU Y 429 66.45 63.04 -66.75
CA LEU Y 429 65.93 64.07 -67.66
C LEU Y 429 65.86 65.41 -66.96
N LEU Y 430 65.21 65.39 -65.79
CA LEU Y 430 64.87 66.61 -65.06
C LEU Y 430 66.14 67.30 -64.55
N MET Y 431 67.04 66.54 -63.92
CA MET Y 431 68.32 67.06 -63.47
C MET Y 431 69.12 67.67 -64.61
N GLY Y 432 69.25 66.93 -65.70
CA GLY Y 432 69.93 67.40 -66.90
C GLY Y 432 69.33 68.69 -67.42
N LYS Y 433 68.01 68.78 -67.38
CA LYS Y 433 67.30 70.00 -67.77
C LYS Y 433 67.60 71.16 -66.80
N GLU Y 434 67.78 70.85 -65.52
CA GLU Y 434 68.20 71.85 -64.52
C GLU Y 434 69.61 72.33 -64.84
N PHE Y 435 70.52 71.38 -65.06
CA PHE Y 435 71.90 71.69 -65.45
C PHE Y 435 71.95 72.57 -66.69
N GLN Y 436 71.11 72.26 -67.68
CA GLN Y 436 71.00 73.09 -68.88
C GLN Y 436 70.53 74.51 -68.55
N ARG Y 437 69.58 74.62 -67.62
CA ARG Y 437 69.04 75.94 -67.24
C ARG Y 437 70.08 76.83 -66.57
N ARG Y 438 70.89 76.26 -65.67
CA ARG Y 438 71.96 77.00 -65.00
C ARG Y 438 73.08 77.36 -65.97
N ALA Y 439 73.33 76.48 -66.93
CA ALA Y 439 74.33 76.71 -67.97
C ALA Y 439 73.97 77.93 -68.82
N LYS Y 440 72.68 78.08 -69.12
CA LYS Y 440 72.18 79.31 -69.77
C LYS Y 440 72.55 80.51 -68.91
N ALA Y 441 72.20 80.42 -67.62
CA ALA Y 441 72.37 81.52 -66.66
C ALA Y 441 73.82 81.94 -66.47
N MET Y 442 74.70 80.97 -66.22
CA MET Y 442 76.12 81.28 -66.00
C MET Y 442 76.88 81.61 -67.29
N MET Y 443 76.24 81.45 -68.44
CA MET Y 443 76.79 81.91 -69.73
C MET Y 443 76.51 83.41 -69.90
N LEU Y 444 75.30 83.82 -69.55
CA LEU Y 444 74.93 85.24 -69.46
C LEU Y 444 75.67 85.93 -68.33
N ARG Y 445 75.87 85.19 -67.23
CA ARG Y 445 76.59 85.73 -66.08
C ARG Y 445 78.08 85.93 -66.37
N ALA Y 446 78.62 85.10 -67.26
CA ALA Y 446 79.98 85.29 -67.78
C ALA Y 446 80.04 86.54 -68.65
N ALA Y 447 78.94 86.84 -69.34
CA ALA Y 447 78.85 88.00 -70.22
C ALA Y 447 78.71 89.34 -69.47
N VAL Y 448 77.81 89.39 -68.49
CA VAL Y 448 77.54 90.65 -67.76
C VAL Y 448 78.75 91.18 -66.98
N LEU Y 449 79.51 90.26 -66.40
CA LEU Y 449 80.70 90.62 -65.63
C LEU Y 449 81.85 90.97 -66.58
N ARG Y 450 81.91 90.26 -67.70
CA ARG Y 450 82.86 90.54 -68.79
C ARG Y 450 82.67 91.95 -69.36
N ASN Y 451 81.44 92.45 -69.33
CA ASN Y 451 81.13 93.82 -69.78
C ASN Y 451 80.99 94.86 -68.66
N GLN Y 452 81.27 94.46 -67.42
CA GLN Y 452 81.19 95.35 -66.25
C GLN Y 452 79.81 95.99 -66.10
N ILE Y 453 78.76 95.18 -66.23
CA ILE Y 453 77.38 95.67 -66.21
C ILE Y 453 76.87 95.79 -64.77
N HIS Y 454 76.56 97.02 -64.32
CA HIS Y 454 75.91 97.25 -63.03
C HIS Y 454 75.37 98.67 -62.89
N VAL Y 455 74.29 98.81 -62.13
CA VAL Y 455 73.65 100.10 -61.89
C VAL Y 455 74.24 100.76 -60.65
N LYS Y 456 75.03 101.83 -60.84
CA LYS Y 456 75.70 102.53 -59.73
C LYS Y 456 74.76 103.44 -58.92
N SER Y 457 75.22 103.84 -57.73
CA SER Y 457 74.40 104.63 -56.79
C SER Y 457 74.53 106.15 -56.89
N PRO Y 458 75.76 106.70 -56.72
CA PRO Y 458 75.86 108.14 -56.53
C PRO Y 458 75.64 108.96 -57.80
N VAL Z 34 84.16 -3.29 39.74
CA VAL Z 34 83.43 -2.35 40.65
C VAL Z 34 81.93 -2.69 40.67
N ASP Z 35 81.26 -2.50 39.53
CA ASP Z 35 79.82 -2.80 39.40
C ASP Z 35 79.61 -4.08 38.60
N LEU Z 36 80.12 -5.18 39.14
CA LEU Z 36 80.04 -6.48 38.48
C LEU Z 36 78.61 -7.02 38.49
N GLU Z 37 77.81 -6.54 39.45
CA GLU Z 37 76.38 -6.84 39.53
C GLU Z 37 75.61 -6.42 38.27
N ASN Z 38 75.58 -5.12 38.01
CA ASN Z 38 74.74 -4.55 36.95
C ASN Z 38 75.14 -4.96 35.54
N GLN Z 39 76.41 -5.32 35.36
CA GLN Z 39 76.90 -5.78 34.06
C GLN Z 39 76.33 -7.14 33.67
N TYR Z 40 76.23 -8.06 34.63
CA TYR Z 40 75.78 -9.42 34.34
C TYR Z 40 74.25 -9.57 34.31
N TYR Z 41 73.52 -8.73 35.05
CA TYR Z 41 72.04 -8.72 34.97
C TYR Z 41 71.53 -8.04 33.71
N ASN Z 42 72.36 -7.20 33.10
CA ASN Z 42 72.14 -6.71 31.74
C ASN Z 42 72.32 -7.86 30.73
N SER Z 43 73.32 -8.71 30.98
CA SER Z 43 73.60 -9.90 30.16
C SER Z 43 72.73 -11.12 30.51
N LYS Z 44 72.18 -11.15 31.72
CA LYS Z 44 71.26 -12.20 32.16
C LYS Z 44 69.87 -11.95 31.58
N ALA Z 45 69.45 -10.68 31.59
CA ALA Z 45 68.19 -10.26 30.96
C ALA Z 45 68.35 -10.00 29.45
N LEU Z 46 69.55 -10.26 28.91
CA LEU Z 46 69.86 -9.97 27.51
C LEU Z 46 69.24 -10.97 26.55
N LYS Z 47 69.43 -12.27 26.83
CA LYS Z 47 68.97 -13.32 25.93
C LYS Z 47 67.45 -13.34 25.79
N GLU Z 48 66.76 -14.00 26.72
CA GLU Z 48 65.29 -14.05 26.76
C GLU Z 48 64.65 -14.70 25.52
N ASP Z 49 64.75 -14.03 24.36
CA ASP Z 49 64.06 -14.41 23.11
C ASP Z 49 62.61 -13.91 23.14
N ASP Z 50 61.85 -14.32 24.16
CA ASP Z 50 60.53 -13.78 24.44
C ASP Z 50 60.65 -12.35 24.99
N PRO Z 51 59.68 -11.47 24.64
CA PRO Z 51 59.57 -10.19 25.36
C PRO Z 51 58.97 -10.37 26.75
N LYS Z 52 58.22 -11.47 26.94
CA LYS Z 52 57.56 -11.80 28.21
C LYS Z 52 58.52 -11.72 29.41
N ALA Z 53 58.33 -10.68 30.23
CA ALA Z 53 59.13 -10.45 31.43
C ALA Z 53 60.62 -10.12 31.17
N ALA Z 54 61.00 -10.00 29.89
CA ALA Z 54 62.35 -9.59 29.53
C ALA Z 54 62.63 -8.17 29.98
N LEU Z 55 61.60 -7.33 29.89
CA LEU Z 55 61.70 -5.90 30.18
C LEU Z 55 61.53 -5.55 31.66
N SER Z 56 61.09 -6.51 32.47
CA SER Z 56 61.00 -6.32 33.92
C SER Z 56 62.34 -6.60 34.61
N SER Z 57 63.06 -7.62 34.12
CA SER Z 57 64.41 -7.93 34.60
C SER Z 57 65.46 -6.94 34.10
N PHE Z 58 65.21 -6.35 32.93
CA PHE Z 58 66.04 -5.25 32.43
C PHE Z 58 65.93 -4.03 33.36
N GLN Z 59 64.72 -3.75 33.83
CA GLN Z 59 64.47 -2.59 34.68
C GLN Z 59 65.05 -2.76 36.10
N LYS Z 60 65.26 -4.01 36.52
CA LYS Z 60 65.94 -4.28 37.79
C LYS Z 60 67.46 -4.02 37.72
N VAL Z 61 67.99 -3.85 36.50
CA VAL Z 61 69.40 -3.46 36.32
C VAL Z 61 69.52 -1.93 36.43
N LEU Z 62 68.66 -1.24 35.69
CA LEU Z 62 68.60 0.23 35.72
C LEU Z 62 68.26 0.75 37.11
N GLU Z 63 67.22 0.18 37.72
CA GLU Z 63 66.70 0.67 39.00
C GLU Z 63 67.41 0.10 40.23
N LEU Z 64 68.58 -0.50 40.03
CA LEU Z 64 69.57 -0.64 41.10
C LEU Z 64 70.39 0.65 41.13
N GLU Z 65 69.67 1.78 41.14
CA GLU Z 65 70.24 3.12 40.97
C GLU Z 65 71.12 3.23 39.71
N GLY Z 66 70.58 3.85 38.66
CA GLY Z 66 71.37 4.16 37.48
C GLY Z 66 72.36 5.27 37.80
N GLU Z 67 73.42 4.91 38.54
CA GLU Z 67 74.38 5.87 39.08
C GLU Z 67 75.31 6.41 37.99
N LYS Z 68 76.04 5.48 37.35
CA LYS Z 68 76.91 5.81 36.23
C LYS Z 68 76.08 6.04 34.97
N GLY Z 69 75.11 5.16 34.73
CA GLY Z 69 74.19 5.29 33.60
C GLY Z 69 74.66 4.62 32.33
N GLU Z 70 75.78 3.90 32.39
CA GLU Z 70 76.32 3.18 31.24
C GLU Z 70 75.53 1.89 31.03
N TRP Z 71 75.16 1.22 32.13
CA TRP Z 71 74.35 0.00 32.08
C TRP Z 71 72.87 0.31 32.36
N GLY Z 72 72.58 1.55 32.74
CA GLY Z 72 71.21 2.06 32.70
C GLY Z 72 70.79 2.36 31.27
N PHE Z 73 71.75 2.78 30.45
CA PHE Z 73 71.53 3.06 29.03
C PHE Z 73 71.31 1.75 28.24
N LYS Z 74 72.25 0.82 28.37
CA LYS Z 74 72.19 -0.46 27.65
C LYS Z 74 71.06 -1.37 28.13
N ALA Z 75 70.52 -1.09 29.32
CA ALA Z 75 69.30 -1.75 29.79
C ALA Z 75 68.08 -1.19 29.06
N LEU Z 76 67.99 0.14 29.00
CA LEU Z 76 66.87 0.81 28.32
C LEU Z 76 66.98 0.75 26.79
N LYS Z 77 68.20 0.81 26.27
CA LYS Z 77 68.46 0.67 24.83
C LYS Z 77 67.87 -0.63 24.29
N GLN Z 78 68.02 -1.71 25.05
CA GLN Z 78 67.48 -3.02 24.69
C GLN Z 78 65.96 -3.08 24.88
N MET Z 79 65.45 -2.35 25.88
CA MET Z 79 64.00 -2.26 26.11
C MET Z 79 63.28 -1.54 24.97
N ILE Z 80 63.94 -0.57 24.36
CA ILE Z 80 63.40 0.14 23.20
C ILE Z 80 63.24 -0.79 22.01
N LYS Z 81 64.30 -1.54 21.71
CA LYS Z 81 64.29 -2.44 20.55
C LYS Z 81 63.26 -3.58 20.67
N ILE Z 82 62.72 -3.80 21.88
CA ILE Z 82 61.63 -4.75 22.12
C ILE Z 82 60.25 -4.06 22.12
N ASN Z 83 60.19 -2.79 22.55
CA ASN Z 83 58.91 -2.06 22.65
C ASN Z 83 58.29 -1.63 21.31
N PHE Z 84 59.05 -0.91 20.47
CA PHE Z 84 58.52 -0.44 19.18
C PHE Z 84 58.30 -1.58 18.17
N LYS Z 85 59.15 -2.59 18.23
CA LYS Z 85 59.08 -3.72 17.29
C LYS Z 85 57.90 -4.64 17.61
N LEU Z 86 57.59 -4.78 18.91
CA LEU Z 86 56.41 -5.55 19.35
C LEU Z 86 55.28 -4.64 19.82
N THR Z 87 54.71 -3.90 18.86
CA THR Z 87 53.41 -3.20 18.99
C THR Z 87 53.30 -1.97 19.89
N ASN Z 88 53.99 -1.96 21.02
CA ASN Z 88 53.72 -0.96 22.08
C ASN Z 88 54.59 0.31 21.97
N PHE Z 89 54.06 1.32 21.26
CA PHE Z 89 54.75 2.61 21.07
C PHE Z 89 54.51 3.65 22.17
N PRO Z 90 53.29 3.70 22.74
CA PRO Z 90 53.09 4.56 23.92
C PRO Z 90 54.00 4.19 25.10
N GLU Z 91 54.17 2.89 25.32
CA GLU Z 91 55.08 2.38 26.35
C GLU Z 91 56.54 2.68 25.99
N MET Z 92 56.84 2.66 24.69
CA MET Z 92 58.20 2.92 24.22
C MET Z 92 58.67 4.35 24.49
N MET Z 93 57.82 5.33 24.19
CA MET Z 93 58.22 6.75 24.28
C MET Z 93 58.57 7.19 25.71
N ASN Z 94 58.00 6.52 26.72
CA ASN Z 94 58.41 6.73 28.12
C ASN Z 94 59.88 6.33 28.33
N ARG Z 95 60.23 5.15 27.83
CA ARG Z 95 61.60 4.63 27.95
C ARG Z 95 62.54 5.38 27.01
N TYR Z 96 62.00 5.86 25.89
CA TYR Z 96 62.78 6.62 24.90
C TYR Z 96 63.35 7.89 25.50
N LYS Z 97 62.52 8.59 26.28
CA LYS Z 97 62.93 9.84 26.92
C LYS Z 97 63.74 9.61 28.20
N GLN Z 98 63.62 8.43 28.79
CA GLN Z 98 64.54 8.01 29.86
C GLN Z 98 65.97 7.91 29.33
N LEU Z 99 66.12 7.32 28.15
CA LEU Z 99 67.44 7.17 27.51
C LEU Z 99 68.11 8.50 27.20
N LEU Z 100 67.30 9.48 26.79
CA LEU Z 100 67.83 10.78 26.38
C LEU Z 100 68.36 11.62 27.54
N THR Z 101 68.12 11.17 28.78
CA THR Z 101 68.75 11.80 29.96
C THR Z 101 70.25 11.53 29.99
N TYR Z 102 70.65 10.31 29.59
CA TYR Z 102 72.06 9.93 29.52
C TYR Z 102 72.73 10.43 28.24
N ILE Z 103 72.97 11.74 28.16
CA ILE Z 103 73.72 12.33 27.03
C ILE Z 103 74.74 13.36 27.55
N ARG Z 104 74.29 14.29 28.38
CA ARG Z 104 75.19 15.22 29.07
C ARG Z 104 76.04 14.51 30.14
N SER Z 105 75.47 13.45 30.71
CA SER Z 105 76.18 12.59 31.67
C SER Z 105 76.04 11.13 31.28
N ALA Z 106 76.87 10.28 31.89
CA ALA Z 106 76.83 8.82 31.72
C ALA Z 106 77.54 8.29 30.48
N VAL Z 107 77.06 8.67 29.30
CA VAL Z 107 77.57 8.14 28.04
C VAL Z 107 78.13 9.28 27.18
N THR Z 108 79.20 8.99 26.43
CA THR Z 108 79.80 9.97 25.52
C THR Z 108 78.91 10.17 24.29
N ARG Z 109 79.09 11.29 23.60
CA ARG Z 109 78.26 11.63 22.45
C ARG Z 109 78.53 10.72 21.24
N ASN Z 110 79.69 10.07 21.23
CA ASN Z 110 80.04 9.16 20.13
C ASN Z 110 79.14 7.93 20.08
N TYR Z 111 79.07 7.20 21.18
CA TYR Z 111 78.22 6.02 21.27
C TYR Z 111 76.72 6.38 21.32
N SER Z 112 76.38 7.47 22.02
CA SER Z 112 74.97 7.91 22.13
C SER Z 112 74.43 8.48 20.82
N GLU Z 113 75.32 8.90 19.92
CA GLU Z 113 74.92 9.37 18.58
C GLU Z 113 74.41 8.20 17.73
N LYS Z 114 75.18 7.11 17.71
CA LYS Z 114 74.79 5.92 16.96
C LYS Z 114 73.57 5.21 17.56
N SER Z 115 73.36 5.38 18.86
CA SER Z 115 72.25 4.73 19.57
C SER Z 115 70.88 5.17 19.06
N ILE Z 116 70.70 6.48 18.86
CA ILE Z 116 69.45 7.03 18.37
C ILE Z 116 69.38 6.95 16.84
N ASN Z 117 70.53 6.92 16.17
CA ASN Z 117 70.59 6.72 14.72
C ASN Z 117 69.89 5.43 14.28
N SER Z 118 70.38 4.31 14.79
CA SER Z 118 69.88 2.98 14.39
C SER Z 118 68.46 2.69 14.94
N ILE Z 119 68.13 3.23 16.11
CA ILE Z 119 66.78 3.10 16.67
C ILE Z 119 65.74 3.90 15.86
N LEU Z 120 66.20 4.95 15.18
CA LEU Z 120 65.36 5.66 14.21
C LEU Z 120 65.38 4.99 12.82
N ASP Z 121 66.48 4.33 12.47
CA ASP Z 121 66.58 3.55 11.23
C ASP Z 121 65.62 2.34 11.23
N TYR Z 122 65.45 1.71 12.39
CA TYR Z 122 64.51 0.60 12.53
C TYR Z 122 63.06 1.08 12.41
N ILE Z 123 62.75 2.21 13.03
CA ILE Z 123 61.40 2.78 13.03
C ILE Z 123 61.10 3.52 11.71
N SER Z 124 62.15 3.98 11.02
CA SER Z 124 62.00 4.67 9.72
C SER Z 124 61.48 3.72 8.65
N THR Z 125 62.14 2.58 8.49
CA THR Z 125 61.76 1.57 7.50
C THR Z 125 60.50 0.81 7.91
N SER Z 126 60.36 0.53 9.22
CA SER Z 126 59.22 -0.23 9.74
C SER Z 126 57.93 0.60 9.74
N LYS Z 127 57.75 1.44 10.76
CA LYS Z 127 56.53 2.24 10.87
C LYS Z 127 56.59 3.47 9.97
N GLN Z 128 55.44 4.11 9.81
CA GLN Z 128 55.29 5.19 8.84
C GLN Z 128 55.61 6.55 9.48
N MET Z 129 55.30 7.61 8.76
CA MET Z 129 55.44 9.00 9.23
C MET Z 129 54.74 9.25 10.58
N ASP Z 130 53.56 8.66 10.76
CA ASP Z 130 52.72 8.96 11.92
C ASP Z 130 53.23 8.38 13.26
N LEU Z 131 54.18 7.45 13.21
CA LEU Z 131 54.88 7.00 14.41
C LEU Z 131 56.37 7.33 14.40
N LEU Z 132 56.88 7.87 13.30
CA LEU Z 132 58.29 8.25 13.17
C LEU Z 132 58.54 9.70 13.58
N GLN Z 133 57.57 10.57 13.36
CA GLN Z 133 57.75 12.01 13.52
C GLN Z 133 57.71 12.49 14.98
N GLU Z 134 57.04 11.75 15.86
CA GLU Z 134 56.96 12.11 17.28
C GLU Z 134 58.33 11.94 17.95
N PHE Z 135 59.10 10.98 17.48
CA PHE Z 135 60.43 10.68 18.02
C PHE Z 135 61.50 11.64 17.47
N TYR Z 136 61.33 12.08 16.22
CA TYR Z 136 62.23 13.09 15.64
C TYR Z 136 62.16 14.42 16.39
N GLU Z 137 60.95 14.80 16.80
CA GLU Z 137 60.73 16.04 17.55
C GLU Z 137 61.21 15.92 18.99
N THR Z 138 60.78 14.86 19.68
CA THR Z 138 61.14 14.66 21.08
C THR Z 138 62.65 14.38 21.29
N THR Z 139 63.35 13.99 20.22
CA THR Z 139 64.81 13.88 20.24
C THR Z 139 65.44 15.26 20.34
N LEU Z 140 65.05 16.14 19.42
CA LEU Z 140 65.57 17.51 19.38
C LEU Z 140 65.26 18.31 20.64
N GLU Z 141 64.16 17.98 21.33
CA GLU Z 141 63.84 18.59 22.63
C GLU Z 141 64.93 18.34 23.64
N ALA Z 142 65.42 17.09 23.70
CA ALA Z 142 66.53 16.73 24.55
C ALA Z 142 67.85 17.31 24.03
N LEU Z 143 67.98 17.42 22.72
CA LEU Z 143 69.17 18.00 22.08
C LEU Z 143 69.21 19.53 22.14
N LYS Z 144 68.75 20.12 23.25
CA LYS Z 144 69.01 21.54 23.50
C LYS Z 144 70.50 21.71 23.81
N ASP Z 145 71.32 21.52 22.77
CA ASP Z 145 72.77 21.40 22.93
C ASP Z 145 73.50 22.38 22.02
N ALA Z 146 74.64 22.87 22.51
CA ALA Z 146 75.47 23.86 21.80
C ALA Z 146 76.65 23.20 21.06
N LYS Z 147 77.33 22.28 21.73
CA LYS Z 147 78.51 21.61 21.16
C LYS Z 147 78.12 20.49 20.19
N ASN Z 148 76.86 20.05 20.23
CA ASN Z 148 76.31 19.18 19.19
C ASN Z 148 76.14 19.97 17.90
N ASP Z 149 77.02 19.72 16.93
CA ASP Z 149 76.95 20.38 15.62
C ASP Z 149 76.34 19.44 14.59
N ARG Z 150 77.01 18.31 14.32
CA ARG Z 150 76.51 17.30 13.39
C ARG Z 150 75.50 16.35 14.05
N LEU Z 151 75.50 16.32 15.39
CA LEU Z 151 74.49 15.58 16.15
C LEU Z 151 73.17 16.34 16.11
N TRP Z 152 73.26 17.65 16.29
CA TRP Z 152 72.10 18.55 16.23
C TRP Z 152 71.58 18.71 14.79
N PHE Z 153 72.51 18.93 13.86
CA PHE Z 153 72.17 19.25 12.47
C PHE Z 153 71.51 18.10 11.70
N LYS Z 154 71.99 16.88 11.92
CA LYS Z 154 71.51 15.72 11.15
C LYS Z 154 70.12 15.24 11.56
N THR Z 155 69.71 15.49 12.79
CA THR Z 155 68.34 15.22 13.23
C THR Z 155 67.41 16.31 12.70
N ASN Z 156 67.90 17.55 12.68
CA ASN Z 156 67.13 18.70 12.24
C ASN Z 156 66.99 18.76 10.71
N THR Z 157 68.00 18.27 10.00
CA THR Z 157 67.94 18.12 8.54
C THR Z 157 66.89 17.09 8.15
N LYS Z 158 66.81 16.00 8.90
CA LYS Z 158 65.86 14.92 8.64
C LYS Z 158 64.47 15.15 9.24
N LEU Z 159 64.34 16.17 10.09
CA LEU Z 159 63.02 16.66 10.50
C LEU Z 159 62.41 17.52 9.38
N GLY Z 160 63.28 18.19 8.63
CA GLY Z 160 62.85 19.03 7.51
C GLY Z 160 62.42 18.28 6.25
N LYS Z 161 62.59 16.96 6.24
CA LYS Z 161 62.16 16.12 5.13
C LYS Z 161 60.75 15.55 5.35
N LEU Z 162 60.43 15.19 6.59
CA LEU Z 162 59.10 14.69 6.95
C LEU Z 162 58.01 15.75 6.82
N TYR Z 163 58.37 17.01 7.06
CA TYR Z 163 57.43 18.12 7.02
C TYR Z 163 57.01 18.51 5.59
N LEU Z 164 57.76 18.05 4.58
CA LEU Z 164 57.40 18.27 3.18
C LEU Z 164 56.30 17.31 2.73
N GLU Z 165 56.40 16.04 3.17
CA GLU Z 165 55.36 15.04 2.93
C GLU Z 165 54.07 15.36 3.70
N ARG Z 166 54.26 15.90 4.91
CA ARG Z 166 53.15 16.29 5.80
C ARG Z 166 52.30 17.43 5.21
N GLU Z 167 52.92 18.30 4.42
CA GLU Z 167 52.34 19.59 3.99
C GLU Z 167 52.32 20.56 5.19
N GLU Z 168 53.39 20.54 5.97
CA GLU Z 168 53.55 21.35 7.19
C GLU Z 168 54.62 22.41 6.94
N TYR Z 169 54.30 23.34 6.04
CA TYR Z 169 55.28 24.29 5.53
C TYR Z 169 55.58 25.42 6.50
N GLY Z 170 54.64 25.71 7.40
CA GLY Z 170 54.79 26.79 8.38
C GLY Z 170 55.94 26.56 9.33
N LYS Z 171 55.88 25.44 10.06
CA LYS Z 171 56.95 25.07 10.97
C LYS Z 171 58.24 24.68 10.24
N LEU Z 172 58.09 24.18 9.01
CA LEU Z 172 59.25 23.78 8.20
C LEU Z 172 60.19 24.95 7.92
N GLN Z 173 59.64 26.16 7.81
CA GLN Z 173 60.46 27.35 7.59
C GLN Z 173 61.29 27.70 8.83
N LYS Z 174 60.73 27.49 10.02
CA LYS Z 174 61.46 27.71 11.27
C LYS Z 174 62.62 26.73 11.38
N ILE Z 175 62.41 25.50 10.92
CA ILE Z 175 63.45 24.48 10.90
C ILE Z 175 64.59 24.92 9.97
N LEU Z 176 64.24 25.40 8.78
CA LEU Z 176 65.22 25.89 7.81
C LEU Z 176 65.93 27.18 8.28
N ARG Z 177 65.24 27.99 9.08
CA ARG Z 177 65.85 29.19 9.67
C ARG Z 177 66.96 28.86 10.67
N GLN Z 178 66.75 27.81 11.46
CA GLN Z 178 67.76 27.33 12.39
C GLN Z 178 68.92 26.66 11.66
N LEU Z 179 68.59 25.84 10.66
CA LEU Z 179 69.60 25.16 9.84
C LEU Z 179 70.52 26.14 9.12
N HIS Z 180 69.93 27.14 8.47
CA HIS Z 180 70.68 28.18 7.75
C HIS Z 180 71.58 28.99 8.71
N GLN Z 181 71.08 29.24 9.92
CA GLN Z 181 71.84 29.99 10.92
C GLN Z 181 72.92 29.16 11.64
N SER Z 182 72.96 27.86 11.38
CA SER Z 182 74.03 27.00 11.93
C SER Z 182 75.37 27.28 11.26
N CYS Z 183 75.35 27.52 9.94
CA CYS Z 183 76.56 27.84 9.18
C CYS Z 183 76.80 29.35 9.15
N GLN Z 184 75.78 30.10 8.71
CA GLN Z 184 75.86 31.56 8.63
C GLN Z 184 75.24 32.20 9.86
N THR Z 196 79.62 22.97 2.45
CA THR Z 196 79.56 21.56 2.82
C THR Z 196 78.16 21.09 3.18
N GLN Z 197 77.60 21.65 4.26
CA GLN Z 197 76.32 21.21 4.82
C GLN Z 197 75.17 22.05 4.27
N LEU Z 198 76.70 24.35 3.63
CA LEU Z 198 75.50 25.20 3.48
C LEU Z 198 74.69 24.77 2.24
N LEU Z 199 75.25 23.91 1.40
CA LEU Z 199 74.56 23.46 0.18
C LEU Z 199 73.34 22.57 0.49
N GLU Z 200 73.55 21.59 1.36
CA GLU Z 200 72.46 20.66 1.74
C GLU Z 200 71.30 21.35 2.48
N ILE Z 201 71.52 22.57 2.97
CA ILE Z 201 70.44 23.41 3.49
C ILE Z 201 69.68 24.05 2.33
N TYR Z 202 70.42 24.60 1.36
CA TYR Z 202 69.83 25.18 0.15
C TYR Z 202 69.12 24.14 -0.72
N ALA Z 203 69.47 22.87 -0.56
CA ALA Z 203 68.78 21.77 -1.23
C ALA Z 203 67.32 21.68 -0.75
N LEU Z 204 67.13 21.75 0.56
CA LEU Z 204 65.80 21.68 1.18
C LEU Z 204 64.98 22.97 1.01
N GLU Z 205 65.66 24.09 0.78
CA GLU Z 205 64.98 25.37 0.49
C GLU Z 205 64.45 25.39 -0.94
N ILE Z 206 65.23 24.88 -1.89
CA ILE Z 206 64.81 24.76 -3.29
C ILE Z 206 63.75 23.67 -3.46
N GLN Z 207 63.72 22.70 -2.54
CA GLN Z 207 62.75 21.60 -2.58
C GLN Z 207 61.36 22.02 -2.06
N MET Z 208 61.32 22.97 -1.12
CA MET Z 208 60.05 23.47 -0.57
C MET Z 208 59.36 24.43 -1.55
N TYR Z 209 60.14 25.34 -2.13
CA TYR Z 209 59.61 26.33 -3.08
C TYR Z 209 59.35 25.76 -4.48
N THR Z 210 59.85 24.56 -4.77
CA THR Z 210 59.47 23.83 -5.98
C THR Z 210 58.05 23.24 -5.84
N ALA Z 211 57.66 22.94 -4.59
CA ALA Z 211 56.28 22.52 -4.28
C ALA Z 211 55.33 23.70 -4.15
N GLN Z 212 55.88 24.87 -3.82
CA GLN Z 212 55.09 26.09 -3.57
C GLN Z 212 54.85 26.91 -4.86
N LYS Z 213 55.83 26.89 -5.77
CA LYS Z 213 55.85 27.71 -6.99
C LYS Z 213 56.18 29.18 -6.72
N ASN Z 214 57.29 29.39 -6.01
CA ASN Z 214 57.81 30.73 -5.77
C ASN Z 214 59.07 30.93 -6.60
N ASN Z 215 58.88 31.44 -7.81
CA ASN Z 215 59.96 31.61 -8.77
C ASN Z 215 60.83 32.84 -8.47
N LYS Z 216 60.29 33.78 -7.70
CA LYS Z 216 61.00 35.01 -7.36
C LYS Z 216 62.11 34.76 -6.33
N LYS Z 217 61.87 33.80 -5.44
CA LYS Z 217 62.86 33.39 -4.44
C LYS Z 217 63.76 32.29 -4.97
N LEU Z 218 63.17 31.30 -5.66
CA LEU Z 218 63.93 30.20 -6.25
C LEU Z 218 65.07 30.68 -7.15
N LYS Z 219 64.80 31.73 -7.93
CA LYS Z 219 65.82 32.33 -8.81
C LYS Z 219 66.96 32.93 -7.98
N ALA Z 220 66.62 33.60 -6.89
CA ALA Z 220 67.61 34.14 -5.96
C ALA Z 220 68.36 33.01 -5.24
N LEU Z 221 67.65 31.93 -4.90
CA LEU Z 221 68.25 30.80 -4.19
C LEU Z 221 69.25 30.01 -5.03
N TYR Z 222 68.91 29.74 -6.29
CA TYR Z 222 69.79 28.97 -7.17
C TYR Z 222 71.06 29.75 -7.50
N GLU Z 223 70.93 31.04 -7.77
CA GLU Z 223 72.08 31.91 -8.02
C GLU Z 223 73.04 31.96 -6.83
N GLN Z 224 72.49 31.86 -5.62
CA GLN Z 224 73.28 31.85 -4.39
C GLN Z 224 73.80 30.46 -4.03
N SER Z 225 73.16 29.41 -4.56
CA SER Z 225 73.62 28.03 -4.37
C SER Z 225 74.58 27.55 -5.48
N LEU Z 226 75.16 28.49 -6.24
CA LEU Z 226 76.25 28.19 -7.15
C LEU Z 226 77.59 28.72 -6.65
N HIS Z 227 77.56 29.64 -5.68
CA HIS Z 227 78.77 30.13 -5.00
C HIS Z 227 79.11 29.22 -3.83
N ILE Z 228 78.08 28.61 -3.24
CA ILE Z 228 78.22 27.62 -2.16
C ILE Z 228 78.50 26.23 -2.73
N LYS Z 229 78.22 26.05 -4.02
CA LYS Z 229 78.48 24.80 -4.74
C LYS Z 229 79.98 24.51 -4.89
N SER Z 230 80.81 25.54 -4.70
CA SER Z 230 82.26 25.40 -4.78
C SER Z 230 82.85 24.78 -3.51
N ALA Z 231 82.70 25.46 -2.37
CA ALA Z 231 83.30 25.01 -1.11
C ALA Z 231 82.47 23.90 -0.45
N ILE Z 232 82.64 22.68 -0.96
CA ILE Z 232 81.86 21.52 -0.51
C ILE Z 232 82.46 20.22 -1.07
N PRO Z 233 82.37 19.11 -0.31
CA PRO Z 233 82.53 17.76 -0.87
C PRO Z 233 81.48 17.46 -1.97
N HIS Z 234 81.05 16.21 -2.12
CA HIS Z 234 80.20 15.84 -3.26
C HIS Z 234 79.10 14.83 -2.91
N PRO Z 235 77.83 15.30 -2.77
CA PRO Z 235 76.69 14.42 -2.60
C PRO Z 235 75.77 14.39 -3.83
N LEU Z 236 74.69 13.63 -3.73
CA LEU Z 236 73.62 13.64 -4.74
C LEU Z 236 72.98 15.03 -4.82
N ILE Z 237 72.85 15.68 -3.67
CA ILE Z 237 72.25 17.02 -3.57
C ILE Z 237 72.78 18.03 -4.60
N MET Z 238 74.03 17.89 -5.04
CA MET Z 238 74.60 18.77 -6.07
C MET Z 238 73.90 18.68 -7.45
N GLY Z 239 73.02 17.69 -7.62
CA GLY Z 239 72.14 17.62 -8.78
C GLY Z 239 70.69 18.01 -8.51
N VAL Z 240 70.30 18.03 -7.24
CA VAL Z 240 68.95 18.43 -6.82
C VAL Z 240 68.72 19.92 -7.07
N ILE Z 241 69.77 20.72 -6.92
CA ILE Z 241 69.71 22.16 -7.15
C ILE Z 241 69.88 22.54 -8.63
N ARG Z 242 70.63 21.72 -9.38
CA ARG Z 242 70.89 21.98 -10.79
C ARG Z 242 69.68 21.74 -11.69
N GLU Z 243 68.89 20.72 -11.34
CA GLU Z 243 67.65 20.41 -12.05
C GLU Z 243 66.59 21.48 -11.81
N CYS Z 244 66.45 21.92 -10.56
CA CYS Z 244 65.53 23.02 -10.21
C CYS Z 244 66.04 24.39 -10.71
N GLY Z 245 67.36 24.52 -10.85
CA GLY Z 245 67.98 25.73 -11.39
C GLY Z 245 67.82 25.89 -12.90
N GLY Z 246 67.86 24.76 -13.62
CA GLY Z 246 67.57 24.74 -15.05
C GLY Z 246 66.12 25.11 -15.35
N LYS Z 247 65.22 24.78 -14.43
CA LYS Z 247 63.80 25.13 -14.55
C LYS Z 247 63.52 26.64 -14.53
N MET Z 248 64.41 27.41 -13.92
CA MET Z 248 64.31 28.87 -13.92
C MET Z 248 65.16 29.51 -15.03
N HIS Z 249 65.53 28.70 -16.02
CA HIS Z 249 66.07 29.20 -17.28
C HIS Z 249 65.23 28.72 -18.49
N LEU Z 250 64.37 27.71 -18.28
CA LEU Z 250 63.31 27.38 -19.23
C LEU Z 250 62.18 28.39 -19.07
N ARG Z 251 61.77 28.60 -17.82
CA ARG Z 251 60.76 29.58 -17.47
C ARG Z 251 61.17 30.97 -17.97
N GLU Z 252 62.41 31.34 -17.67
CA GLU Z 252 62.97 32.64 -18.03
C GLU Z 252 63.10 32.81 -19.55
N GLY Z 253 63.31 31.70 -20.25
CA GLY Z 253 63.36 31.70 -21.71
C GLY Z 253 64.70 31.26 -22.24
N GLU Z 254 65.77 31.73 -21.60
CA GLU Z 254 67.14 31.41 -22.03
C GLU Z 254 67.43 29.92 -21.88
N PHE Z 255 67.08 29.16 -22.92
CA PHE Z 255 67.17 27.69 -22.89
C PHE Z 255 68.60 27.16 -22.92
N GLU Z 256 69.56 28.02 -23.26
CA GLU Z 256 70.97 27.65 -23.24
C GLU Z 256 71.51 27.48 -21.82
N LYS Z 257 70.85 28.13 -20.85
CA LYS Z 257 71.22 28.01 -19.43
C LYS Z 257 70.36 26.99 -18.66
N ALA Z 258 69.43 26.34 -19.35
CA ALA Z 258 68.66 25.22 -18.81
C ALA Z 258 69.21 23.91 -19.37
N HIS Z 259 69.37 23.87 -20.69
CA HIS Z 259 70.00 22.76 -21.40
C HIS Z 259 71.19 22.15 -20.64
N THR Z 260 72.21 22.95 -20.37
CA THR Z 260 73.42 22.48 -19.68
C THR Z 260 73.14 22.13 -18.21
N ASP Z 261 72.18 22.82 -17.60
CA ASP Z 261 71.77 22.53 -16.21
C ASP Z 261 71.18 21.12 -16.05
N PHE Z 262 70.39 20.69 -17.03
CA PHE Z 262 69.73 19.38 -16.98
C PHE Z 262 70.65 18.21 -17.37
N PHE Z 263 71.80 18.51 -17.97
CA PHE Z 263 72.79 17.47 -18.28
C PHE Z 263 73.56 17.08 -17.02
N GLU Z 264 73.90 18.07 -16.20
CA GLU Z 264 74.66 17.85 -14.97
C GLU Z 264 73.79 17.22 -13.87
N ALA Z 265 72.53 17.62 -13.80
CA ALA Z 265 71.58 17.05 -12.84
C ALA Z 265 71.24 15.60 -13.19
N PHE Z 266 71.14 15.30 -14.48
CA PHE Z 266 70.92 13.94 -14.97
C PHE Z 266 72.08 13.02 -14.58
N LYS Z 267 73.30 13.55 -14.60
CA LYS Z 267 74.51 12.80 -14.25
C LYS Z 267 74.61 12.45 -12.77
N ASN Z 268 74.04 13.30 -11.90
CA ASN Z 268 74.00 13.03 -10.46
C ASN Z 268 73.00 11.94 -10.07
N TYR Z 269 71.91 11.82 -10.84
CA TYR Z 269 70.96 10.73 -10.66
C TYR Z 269 71.49 9.44 -11.30
N ASP Z 270 72.40 9.60 -12.27
CA ASP Z 270 73.05 8.47 -12.93
C ASP Z 270 73.99 7.70 -11.98
N GLU Z 271 74.67 8.43 -11.11
CA GLU Z 271 75.61 7.81 -10.15
C GLU Z 271 74.85 7.15 -9.00
N SER Z 272 73.96 7.92 -8.37
CA SER Z 272 73.21 7.45 -7.21
C SER Z 272 71.78 7.06 -7.61
N GLY Z 273 70.78 7.47 -6.81
CA GLY Z 273 69.40 7.13 -7.08
C GLY Z 273 68.83 7.82 -8.31
N SER Z 274 67.84 7.18 -8.92
CA SER Z 274 67.26 7.66 -10.18
C SER Z 274 65.74 7.75 -10.15
N PRO Z 275 65.18 8.50 -9.19
CA PRO Z 275 63.74 8.81 -9.25
C PRO Z 275 63.45 9.92 -10.25
N ARG Z 276 64.39 10.86 -10.38
CA ARG Z 276 64.26 11.98 -11.32
C ARG Z 276 64.99 11.74 -12.66
N ARG Z 277 65.88 10.74 -12.70
CA ARG Z 277 66.63 10.43 -13.93
C ARG Z 277 65.71 10.08 -15.10
N THR Z 278 64.60 9.39 -14.80
CA THR Z 278 63.60 9.03 -15.81
C THR Z 278 62.80 10.23 -16.33
N THR Z 279 62.65 11.27 -15.50
CA THR Z 279 61.98 12.52 -15.91
C THR Z 279 62.94 13.71 -16.11
N CYS Z 280 64.21 13.55 -15.74
CA CYS Z 280 65.22 14.59 -15.92
C CYS Z 280 65.67 14.66 -17.37
N LEU Z 281 65.72 13.48 -18.02
CA LEU Z 281 66.04 13.41 -19.44
C LEU Z 281 64.95 14.07 -20.29
N LYS Z 282 63.72 14.10 -19.78
CA LYS Z 282 62.64 14.81 -20.46
C LYS Z 282 62.92 16.30 -20.60
N TYR Z 283 63.66 16.87 -19.64
CA TYR Z 283 64.03 18.29 -19.66
C TYR Z 283 65.34 18.55 -20.41
N LEU Z 284 66.20 17.53 -20.52
CA LEU Z 284 67.41 17.62 -21.34
C LEU Z 284 67.07 17.58 -22.83
N VAL Z 285 66.10 16.75 -23.20
CA VAL Z 285 65.65 16.65 -24.59
C VAL Z 285 64.77 17.86 -24.96
N LEU Z 286 63.84 18.20 -24.07
CA LEU Z 286 62.97 19.37 -24.25
C LEU Z 286 63.77 20.65 -24.43
N ALA Z 287 64.93 20.73 -23.79
CA ALA Z 287 65.86 21.83 -23.98
C ALA Z 287 66.41 21.84 -25.40
N ASN Z 288 66.99 20.72 -25.83
CA ASN Z 288 67.64 20.61 -27.15
C ASN Z 288 66.75 20.92 -28.34
N MET Z 289 65.46 20.58 -28.24
CA MET Z 289 64.48 20.93 -29.26
C MET Z 289 64.16 22.42 -29.19
N LEU Z 290 63.77 22.89 -28.01
CA LEU Z 290 63.46 24.30 -27.78
C LEU Z 290 64.69 25.20 -27.83
N MET Z 291 65.88 24.60 -27.73
CA MET Z 291 67.14 25.30 -27.99
C MET Z 291 67.19 25.73 -29.45
N LYS Z 292 66.39 25.06 -30.29
CA LYS Z 292 66.17 25.44 -31.69
C LYS Z 292 67.48 25.33 -32.48
N SER Z 293 68.17 24.21 -32.28
CA SER Z 293 69.52 23.99 -32.81
C SER Z 293 70.05 22.62 -32.41
N GLY Z 294 69.92 22.29 -31.12
CA GLY Z 294 70.41 21.03 -30.56
C GLY Z 294 70.08 19.80 -31.37
N ILE Z 295 68.81 19.39 -31.34
CA ILE Z 295 68.31 18.21 -32.07
C ILE Z 295 69.26 17.00 -32.10
N ASN Z 296 70.04 16.81 -31.03
CA ASN Z 296 71.02 15.73 -30.90
C ASN Z 296 71.14 15.24 -29.45
N PRO Z 297 70.07 14.63 -28.90
CA PRO Z 297 70.07 14.28 -27.47
C PRO Z 297 70.71 12.92 -27.14
N PHE Z 298 70.20 11.85 -27.74
CA PHE Z 298 70.59 10.47 -27.36
C PHE Z 298 71.95 10.05 -27.91
N ASP Z 299 72.56 10.90 -28.72
CA ASP Z 299 73.91 10.68 -29.25
C ASP Z 299 74.99 11.22 -28.30
N SER Z 300 74.59 11.74 -27.13
CA SER Z 300 75.51 12.41 -26.20
C SER Z 300 76.45 11.43 -25.50
N GLN Z 301 76.07 10.94 -24.32
CA GLN Z 301 76.95 10.11 -23.50
C GLN Z 301 76.15 9.14 -22.62
N GLU Z 302 75.53 9.68 -21.56
CA GLU Z 302 74.78 8.87 -20.59
C GLU Z 302 73.35 8.60 -21.06
N ALA Z 303 72.92 9.28 -22.12
CA ALA Z 303 71.59 9.07 -22.69
C ALA Z 303 71.57 7.96 -23.75
N LYS Z 304 72.71 7.32 -24.00
CA LYS Z 304 72.79 6.25 -25.00
C LYS Z 304 72.10 4.94 -24.59
N PRO Z 305 72.39 4.42 -23.37
CA PRO Z 305 71.73 3.18 -22.96
C PRO Z 305 70.34 3.37 -22.34
N TYR Z 306 69.97 4.60 -22.04
CA TYR Z 306 68.65 4.91 -21.47
C TYR Z 306 67.74 5.61 -22.47
N LYS Z 307 68.16 5.73 -23.74
CA LYS Z 307 67.28 6.17 -24.81
C LYS Z 307 66.21 5.10 -25.09
N ASN Z 308 66.58 3.86 -24.80
CA ASN Z 308 65.68 2.72 -24.95
C ASN Z 308 64.56 2.73 -23.91
N ASP Z 309 64.92 3.09 -22.68
CA ASP Z 309 63.98 3.23 -21.55
C ASP Z 309 62.55 3.55 -22.04
N PRO Z 310 61.58 2.66 -21.74
CA PRO Z 310 60.21 2.81 -22.27
C PRO Z 310 59.37 3.94 -21.67
N GLU Z 311 59.92 4.67 -20.71
CA GLU Z 311 59.27 5.87 -20.18
C GLU Z 311 59.53 7.07 -21.07
N ILE Z 312 60.81 7.33 -21.35
CA ILE Z 312 61.24 8.47 -22.17
C ILE Z 312 61.21 8.21 -23.68
N LEU Z 313 60.79 7.01 -24.08
CA LEU Z 313 60.69 6.66 -25.50
C LEU Z 313 59.54 7.41 -26.19
N ALA Z 314 58.66 8.04 -25.40
CA ALA Z 314 57.67 8.98 -25.93
C ALA Z 314 58.32 10.24 -26.50
N MET Z 315 59.45 10.65 -25.91
CA MET Z 315 60.21 11.83 -26.37
C MET Z 315 61.22 11.50 -27.48
N THR Z 316 61.61 10.24 -27.60
CA THR Z 316 62.49 9.79 -28.68
C THR Z 316 61.79 9.86 -30.04
N ASN Z 317 60.48 9.62 -30.06
CA ASN Z 317 59.65 9.76 -31.27
C ASN Z 317 59.49 11.21 -31.71
N LEU Z 318 59.55 12.14 -30.75
CA LEU Z 318 59.35 13.56 -31.02
C LEU Z 318 60.61 14.28 -31.51
N VAL Z 319 61.78 13.88 -31.01
CA VAL Z 319 63.03 14.55 -31.39
C VAL Z 319 63.35 14.38 -32.88
N SER Z 320 63.10 13.19 -33.41
CA SER Z 320 63.28 12.93 -34.85
C SER Z 320 62.11 13.53 -35.65
N ALA Z 321 60.92 13.57 -35.07
CA ALA Z 321 59.76 14.25 -35.68
C ALA Z 321 59.97 15.77 -35.74
N TYR Z 322 60.62 16.32 -34.73
CA TYR Z 322 61.03 17.72 -34.71
C TYR Z 322 62.16 17.98 -35.70
N GLN Z 323 63.16 17.11 -35.68
CA GLN Z 323 64.32 17.21 -36.58
C GLN Z 323 63.91 17.11 -38.05
N ASN Z 324 63.04 16.14 -38.36
CA ASN Z 324 62.54 15.93 -39.73
C ASN Z 324 61.38 16.84 -40.11
N ASN Z 325 60.84 17.57 -39.13
CA ASN Z 325 59.76 18.53 -39.36
C ASN Z 325 58.47 17.86 -39.83
N ASP Z 326 58.11 16.76 -39.18
CA ASP Z 326 56.89 16.05 -39.49
C ASP Z 326 55.87 16.35 -38.41
N ILE Z 327 54.81 17.06 -38.77
CA ILE Z 327 53.81 17.52 -37.80
C ILE Z 327 52.75 16.47 -37.52
N THR Z 328 52.19 15.89 -38.59
CA THR Z 328 51.18 14.84 -38.46
C THR Z 328 51.69 13.68 -37.60
N GLU Z 329 53.00 13.41 -37.69
CA GLU Z 329 53.68 12.44 -36.83
C GLU Z 329 53.82 12.96 -35.40
N PHE Z 330 54.28 14.21 -35.28
CA PHE Z 330 54.48 14.86 -33.97
C PHE Z 330 53.20 14.88 -33.14
N GLU Z 331 52.10 15.30 -33.77
CA GLU Z 331 50.81 15.44 -33.09
C GLU Z 331 50.13 14.10 -32.79
N LYS Z 332 50.47 13.07 -33.56
CA LYS Z 332 49.99 11.71 -33.28
C LYS Z 332 50.62 11.18 -32.00
N ILE Z 333 51.88 11.54 -31.76
CA ILE Z 333 52.58 11.14 -30.55
C ILE Z 333 51.98 11.83 -29.31
N LEU Z 334 51.48 13.06 -29.49
CA LEU Z 334 50.84 13.81 -28.41
C LEU Z 334 49.48 13.22 -28.03
N LYS Z 335 48.77 12.69 -29.02
CA LYS Z 335 47.44 12.12 -28.81
C LYS Z 335 47.51 10.75 -28.13
N THR Z 336 48.38 9.89 -28.64
CA THR Z 336 48.56 8.54 -28.10
C THR Z 336 49.27 8.58 -26.74
N ASN Z 337 50.49 9.12 -26.73
CA ASN Z 337 51.23 9.34 -25.49
C ASN Z 337 50.82 10.70 -24.90
N HIS Z 338 49.61 10.72 -24.36
CA HIS Z 338 49.05 11.92 -23.72
C HIS Z 338 49.46 11.96 -22.25
N SER Z 339 49.34 10.82 -21.59
CA SER Z 339 49.74 10.68 -20.19
C SER Z 339 51.22 10.98 -19.97
N ASN Z 340 52.07 10.54 -20.91
CA ASN Z 340 53.51 10.75 -20.80
C ASN Z 340 53.92 12.23 -20.90
N ILE Z 341 53.37 12.93 -21.88
CA ILE Z 341 53.82 14.27 -22.22
C ILE Z 341 52.91 15.35 -21.66
N MET Z 342 51.62 15.26 -21.97
CA MET Z 342 50.68 16.34 -21.66
C MET Z 342 50.21 16.41 -20.20
N ASP Z 343 50.68 15.50 -19.36
CA ASP Z 343 50.41 15.57 -17.92
C ASP Z 343 51.51 16.34 -17.17
N ASP Z 344 52.73 16.33 -17.73
CA ASP Z 344 53.85 17.05 -17.16
C ASP Z 344 53.65 18.55 -17.43
N PRO Z 345 53.61 19.39 -16.36
CA PRO Z 345 53.34 20.81 -16.55
C PRO Z 345 54.51 21.62 -17.13
N PHE Z 346 55.71 21.03 -17.15
CA PHE Z 346 56.88 21.67 -17.79
C PHE Z 346 57.02 21.34 -19.27
N ILE Z 347 56.26 20.35 -19.76
CA ILE Z 347 56.14 20.08 -21.20
C ILE Z 347 54.81 20.61 -21.74
N ARG Z 348 53.80 20.70 -20.88
CA ARG Z 348 52.49 21.24 -21.23
C ARG Z 348 52.53 22.75 -21.52
N GLU Z 349 53.49 23.45 -20.88
CA GLU Z 349 53.68 24.90 -21.09
C GLU Z 349 54.26 25.20 -22.47
N HIS Z 350 55.39 24.57 -22.78
CA HIS Z 350 56.17 24.87 -24.01
C HIS Z 350 55.75 24.02 -25.23
N ILE Z 351 54.59 23.38 -25.16
CA ILE Z 351 54.13 22.51 -26.26
C ILE Z 351 53.84 23.29 -27.55
N GLU Z 352 53.23 24.46 -27.43
CA GLU Z 352 52.82 25.23 -28.60
C GLU Z 352 53.96 26.02 -29.22
N GLU Z 353 54.82 26.60 -28.39
CA GLU Z 353 56.02 27.27 -28.89
C GLU Z 353 56.89 26.29 -29.70
N LEU Z 354 56.91 25.04 -29.26
CA LEU Z 354 57.62 23.98 -29.97
C LEU Z 354 56.92 23.63 -31.29
N LEU Z 355 55.59 23.60 -31.26
CA LEU Z 355 54.79 23.27 -32.45
C LEU Z 355 54.93 24.35 -33.54
N ARG Z 356 54.97 25.62 -33.12
CA ARG Z 356 55.24 26.73 -34.05
C ARG Z 356 56.57 26.54 -34.77
N ASN Z 357 57.64 26.45 -33.99
CA ASN Z 357 59.02 26.31 -34.51
C ASN Z 357 59.10 25.35 -35.70
N ILE Z 358 58.27 24.31 -35.67
CA ILE Z 358 58.15 23.37 -36.78
C ILE Z 358 57.21 23.95 -37.83
N ARG Z 359 55.99 24.29 -37.43
CA ARG Z 359 54.96 24.81 -38.35
C ARG Z 359 55.51 25.78 -39.37
N THR Z 360 56.26 26.76 -38.87
CA THR Z 360 56.92 27.74 -39.74
C THR Z 360 57.92 27.04 -40.64
N GLN Z 361 58.80 26.24 -40.03
CA GLN Z 361 59.83 25.49 -40.77
C GLN Z 361 59.23 24.77 -41.98
N VAL Z 362 58.09 24.10 -41.76
CA VAL Z 362 57.38 23.40 -42.82
C VAL Z 362 56.90 24.36 -43.90
N LEU Z 363 56.28 25.45 -43.46
CA LEU Z 363 55.70 26.40 -44.39
C LEU Z 363 56.73 27.01 -45.34
N ILE Z 364 57.94 27.25 -44.84
CA ILE Z 364 59.01 27.83 -45.65
C ILE Z 364 59.27 27.00 -46.91
N LYS Z 365 59.37 25.68 -46.71
CA LYS Z 365 59.62 24.76 -47.81
C LYS Z 365 58.44 24.71 -48.79
N LEU Z 366 57.22 24.71 -48.24
CA LEU Z 366 55.99 24.68 -49.04
C LEU Z 366 55.89 25.87 -49.98
N ILE Z 367 56.11 27.06 -49.45
CA ILE Z 367 55.94 28.29 -50.22
C ILE Z 367 57.08 28.55 -51.21
N LYS Z 368 58.30 28.14 -50.86
CA LYS Z 368 59.50 28.40 -51.68
C LYS Z 368 59.25 28.36 -53.20
N PRO Z 369 58.70 27.24 -53.72
CA PRO Z 369 58.43 27.15 -55.15
C PRO Z 369 57.33 28.11 -55.63
N TYR Z 370 56.32 28.34 -54.80
CA TYR Z 370 55.24 29.26 -55.15
C TYR Z 370 55.72 30.70 -55.24
N THR Z 371 54.98 31.51 -55.99
CA THR Z 371 55.04 32.96 -55.88
C THR Z 371 53.73 33.49 -55.29
N ARG Z 372 52.61 32.94 -55.75
CA ARG Z 372 51.29 33.31 -55.25
C ARG Z 372 50.53 32.07 -54.81
N ILE Z 373 49.89 32.16 -53.65
CA ILE Z 373 49.32 30.99 -52.98
C ILE Z 373 48.09 31.34 -52.13
N HIS Z 374 47.10 30.45 -52.14
CA HIS Z 374 45.87 30.61 -51.34
C HIS Z 374 46.16 30.38 -49.85
N ILE Z 375 45.50 31.16 -49.00
CA ILE Z 375 45.52 30.90 -47.56
C ILE Z 375 44.69 29.67 -47.20
N PRO Z 376 43.50 29.50 -47.80
CA PRO Z 376 42.72 28.27 -47.57
C PRO Z 376 43.50 26.97 -47.78
N PHE Z 377 44.40 26.94 -48.77
CA PHE Z 377 45.22 25.75 -49.02
C PHE Z 377 46.27 25.56 -47.92
N ILE Z 378 46.91 26.64 -47.52
CA ILE Z 378 47.91 26.59 -46.46
C ILE Z 378 47.24 26.18 -45.16
N SER Z 379 46.02 26.68 -44.94
CA SER Z 379 45.17 26.27 -43.83
C SER Z 379 45.05 24.75 -43.74
N LYS Z 380 44.58 24.14 -44.82
CA LYS Z 380 44.43 22.69 -44.88
C LYS Z 380 45.78 21.98 -44.73
N GLU Z 381 46.81 22.51 -45.38
CA GLU Z 381 48.13 21.88 -45.42
C GLU Z 381 48.74 21.75 -44.03
N LEU Z 382 48.91 22.88 -43.34
CA LEU Z 382 49.38 22.86 -41.95
C LEU Z 382 48.28 22.37 -40.99
N ASN Z 383 47.04 22.36 -41.49
CA ASN Z 383 45.89 21.81 -40.76
C ASN Z 383 45.60 22.67 -39.53
N ILE Z 384 44.88 23.77 -39.77
CA ILE Z 384 44.79 24.86 -38.81
C ILE Z 384 43.78 25.89 -39.31
N ASP Z 385 43.19 26.64 -38.39
CA ASP Z 385 42.23 27.69 -38.75
C ASP Z 385 42.89 28.80 -39.55
N VAL Z 386 42.15 29.33 -40.52
CA VAL Z 386 42.67 30.36 -41.44
C VAL Z 386 43.25 31.56 -40.70
N ALA Z 387 42.45 32.13 -39.81
CA ALA Z 387 42.87 33.30 -39.04
C ALA Z 387 44.24 33.06 -38.38
N ASP Z 388 44.37 31.90 -37.73
CA ASP Z 388 45.62 31.54 -37.05
C ASP Z 388 46.81 31.46 -38.02
N VAL Z 389 46.56 30.98 -39.23
CA VAL Z 389 47.58 30.95 -40.28
C VAL Z 389 47.95 32.37 -40.66
N GLU Z 390 46.94 33.14 -41.04
CA GLU Z 390 47.11 34.53 -41.43
C GLU Z 390 47.97 35.25 -40.39
N SER Z 391 47.65 35.05 -39.12
CA SER Z 391 48.43 35.63 -38.02
C SER Z 391 49.88 35.16 -38.08
N LEU Z 392 50.08 33.84 -38.05
CA LEU Z 392 51.42 33.27 -38.02
C LEU Z 392 52.28 33.79 -39.18
N LEU Z 393 51.68 33.88 -40.37
CA LEU Z 393 52.36 34.42 -41.54
C LEU Z 393 52.99 35.78 -41.27
N VAL Z 394 52.21 36.68 -40.69
CA VAL Z 394 52.66 38.06 -40.41
C VAL Z 394 53.92 38.08 -39.57
N GLN Z 395 53.96 37.20 -38.56
CA GLN Z 395 55.05 37.20 -37.59
C GLN Z 395 56.38 36.89 -38.27
N CYS Z 396 56.37 35.87 -39.12
CA CYS Z 396 57.53 35.51 -39.92
C CYS Z 396 57.98 36.70 -40.76
N ILE Z 397 57.03 37.42 -41.33
CA ILE Z 397 57.30 38.60 -42.14
C ILE Z 397 57.81 39.75 -41.27
N LEU Z 398 57.22 39.90 -40.08
CA LEU Z 398 57.63 40.95 -39.14
C LEU Z 398 59.10 40.78 -38.75
N ASP Z 399 59.45 39.60 -38.27
CA ASP Z 399 60.84 39.29 -37.94
C ASP Z 399 61.69 39.11 -39.20
N ASN Z 400 61.03 38.93 -40.34
CA ASN Z 400 61.65 38.98 -41.67
C ASN Z 400 62.39 37.69 -41.99
N THR Z 401 61.65 36.59 -41.95
CA THR Z 401 62.13 35.28 -42.36
C THR Z 401 61.48 34.91 -43.69
N ILE Z 402 60.14 34.87 -43.69
CA ILE Z 402 59.37 34.69 -44.91
C ILE Z 402 59.40 36.00 -45.69
N HIS Z 403 59.96 35.98 -46.89
CA HIS Z 403 59.92 37.12 -47.78
C HIS Z 403 58.60 37.11 -48.54
N GLY Z 404 57.61 37.84 -48.04
CA GLY Z 404 56.27 37.86 -48.65
C GLY Z 404 55.33 38.89 -48.07
N ARG Z 405 54.20 39.09 -48.73
CA ARG Z 405 53.18 40.03 -48.27
C ARG Z 405 51.78 39.53 -48.58
N ILE Z 406 50.82 39.96 -47.76
CA ILE Z 406 49.47 39.41 -47.75
C ILE Z 406 48.42 40.33 -48.39
N ASP Z 407 47.64 39.79 -49.33
CA ASP Z 407 46.43 40.45 -49.82
C ASP Z 407 45.26 39.93 -49.00
N GLN Z 408 44.87 40.71 -47.99
CA GLN Z 408 43.84 40.30 -47.05
C GLN Z 408 42.49 40.12 -47.71
N VAL Z 409 42.20 40.93 -48.73
CA VAL Z 409 40.90 40.87 -49.40
C VAL Z 409 40.75 39.58 -50.19
N ASN Z 410 41.84 39.11 -50.80
CA ASN Z 410 41.79 37.93 -51.66
C ASN Z 410 42.17 36.63 -50.97
N GLN Z 411 42.52 36.70 -49.67
CA GLN Z 411 42.87 35.52 -48.89
C GLN Z 411 43.97 34.71 -49.57
N LEU Z 412 45.13 35.32 -49.71
CA LEU Z 412 46.25 34.69 -50.43
C LEU Z 412 47.59 35.18 -49.88
N LEU Z 413 48.67 34.83 -50.55
CA LEU Z 413 49.99 35.36 -50.22
C LEU Z 413 50.87 35.47 -51.46
N GLU Z 414 50.95 36.68 -52.01
CA GLU Z 414 51.95 37.00 -53.04
C GLU Z 414 53.31 37.00 -52.35
N LEU Z 415 54.30 36.39 -52.99
CA LEU Z 415 55.61 36.21 -52.38
C LEU Z 415 56.69 37.02 -53.08
N ASP Z 416 57.62 37.54 -52.30
CA ASP Z 416 58.76 38.27 -52.83
C ASP Z 416 59.51 37.34 -53.74
N HIS Z 417 59.97 37.87 -54.87
CA HIS Z 417 60.59 37.08 -55.90
C HIS Z 417 60.95 37.96 -57.09
N GLN Z 418 60.02 38.83 -57.49
CA GLN Z 418 60.18 39.71 -58.63
C GLN Z 418 61.55 40.38 -58.60
N LYS Z 419 62.51 39.71 -59.23
CA LYS Z 419 63.91 40.10 -59.21
C LYS Z 419 64.37 40.44 -60.63
N ARG Z 420 65.01 41.60 -60.76
CA ARG Z 420 65.54 42.07 -62.04
C ARG Z 420 66.77 42.94 -61.80
N GLY Z 421 67.33 43.50 -62.86
CA GLY Z 421 68.50 44.37 -62.76
C GLY Z 421 68.19 45.67 -62.01
N GLY Z 422 68.15 45.58 -60.68
CA GLY Z 422 67.95 46.73 -59.82
C GLY Z 422 69.22 47.52 -59.59
N ALA Z 423 70.36 46.93 -59.92
CA ALA Z 423 71.68 47.55 -59.72
C ALA Z 423 71.91 48.73 -60.64
N ARG Z 424 71.77 48.49 -61.95
CA ARG Z 424 71.95 49.53 -62.98
C ARG Z 424 71.28 50.85 -62.60
N TYR Z 425 69.99 50.76 -62.23
CA TYR Z 425 69.17 51.95 -61.99
C TYR Z 425 69.57 52.66 -60.70
N THR Z 426 69.79 51.89 -59.63
CA THR Z 426 70.22 52.44 -58.34
C THR Z 426 71.63 53.03 -58.41
N ALA Z 427 72.53 52.36 -59.13
CA ALA Z 427 73.90 52.85 -59.29
C ALA Z 427 73.92 54.16 -60.06
N LEU Z 428 73.25 54.17 -61.22
CA LEU Z 428 73.10 55.38 -62.04
C LEU Z 428 72.41 56.52 -61.28
N ASP Z 429 71.48 56.17 -60.41
CA ASP Z 429 70.80 57.13 -59.53
C ASP Z 429 71.82 58.00 -58.77
N LYS Z 430 72.85 57.36 -58.24
CA LYS Z 430 73.90 58.05 -57.50
C LYS Z 430 74.68 59.00 -58.41
N TRP Z 431 75.13 58.47 -59.55
CA TRP Z 431 75.86 59.27 -60.54
C TRP Z 431 75.05 60.48 -60.98
N THR Z 432 73.74 60.28 -61.14
CA THR Z 432 72.83 61.37 -61.47
C THR Z 432 72.83 62.42 -60.37
N ASN Z 433 72.82 61.98 -59.12
CA ASN Z 433 72.81 62.89 -57.98
C ASN Z 433 74.10 63.69 -57.83
N GLN Z 434 75.25 63.02 -58.00
CA GLN Z 434 76.55 63.69 -57.86
C GLN Z 434 76.73 64.80 -58.89
N LEU Z 435 76.32 64.52 -60.12
CA LEU Z 435 76.36 65.53 -61.19
C LEU Z 435 75.50 66.75 -60.85
N ASN Z 436 74.35 66.52 -60.22
CA ASN Z 436 73.44 67.59 -59.81
C ASN Z 436 74.14 68.56 -58.87
N SER Z 437 74.74 68.00 -57.82
CA SER Z 437 75.48 68.80 -56.85
C SER Z 437 76.80 69.33 -57.41
N LEU Z 438 77.38 68.60 -58.37
CA LEU Z 438 78.65 68.98 -58.98
C LEU Z 438 78.55 70.24 -59.85
N ASN Z 439 77.65 70.21 -60.82
CA ASN Z 439 77.53 71.32 -61.79
C ASN Z 439 77.18 72.66 -61.13
N GLN Z 440 76.40 72.62 -60.06
CA GLN Z 440 76.06 73.82 -59.29
C GLN Z 440 77.28 74.38 -58.55
N ALA Z 441 78.19 73.50 -58.14
CA ALA Z 441 79.46 73.91 -57.52
C ALA Z 441 80.39 74.60 -58.53
N VAL Z 442 80.26 74.24 -59.81
CA VAL Z 442 81.02 74.87 -60.88
C VAL Z 442 80.39 76.21 -61.30
N VAL Z 443 79.06 76.31 -61.17
CA VAL Z 443 78.34 77.57 -61.42
C VAL Z 443 78.59 78.58 -60.32
N SER Z 444 78.61 78.12 -59.06
CA SER Z 444 78.86 79.00 -57.91
C SER Z 444 80.32 79.46 -57.81
N LYS Z 445 81.22 78.82 -58.56
CA LYS Z 445 82.57 79.33 -58.77
C LYS Z 445 82.52 80.64 -59.56
N LEU Z 446 81.98 80.57 -60.78
CA LEU Z 446 81.86 81.74 -61.66
C LEU Z 446 80.61 82.57 -61.30
N ALA Z 447 80.82 83.62 -60.52
CA ALA Z 447 79.75 84.52 -60.04
C ALA Z 447 78.78 83.81 -59.10
N SER AA 7 77.18 127.68 -96.80
CA SER AA 7 78.51 127.45 -97.44
C SER AA 7 79.27 126.25 -96.87
N ALA AA 8 79.08 125.97 -95.58
CA ALA AA 8 79.80 124.88 -94.90
C ALA AA 8 79.06 123.53 -94.97
N LEU AA 9 77.73 123.56 -94.94
CA LEU AA 9 76.92 122.33 -94.88
C LEU AA 9 76.90 121.50 -96.17
N GLU AA 10 77.27 122.11 -97.30
CA GLU AA 10 77.27 121.40 -98.59
C GLU AA 10 78.65 120.82 -98.96
N GLN AA 11 79.60 120.88 -98.03
CA GLN AA 11 81.00 120.51 -98.32
C GLN AA 11 81.32 119.06 -97.96
N PHE AA 12 80.95 118.65 -96.74
CA PHE AA 12 81.32 117.34 -96.22
C PHE AA 12 80.30 116.22 -96.52
N VAL AA 13 79.49 116.42 -97.54
CA VAL AA 13 78.69 115.35 -98.14
C VAL AA 13 79.59 114.52 -99.06
N ASN AA 14 80.61 115.16 -99.60
CA ASN AA 14 81.62 114.51 -100.45
C ASN AA 14 82.70 113.80 -99.63
N SER AA 15 82.95 114.28 -98.41
CA SER AA 15 83.95 113.68 -97.52
C SER AA 15 83.56 112.27 -97.04
N VAL AA 16 82.25 112.00 -97.01
CA VAL AA 16 81.75 110.67 -96.65
C VAL AA 16 81.94 109.69 -97.81
N ARG AA 17 81.63 110.16 -99.02
CA ARG AA 17 81.77 109.34 -100.23
C ARG AA 17 83.22 109.05 -100.60
N GLN AA 18 84.13 109.95 -100.24
CA GLN AA 18 85.57 109.77 -100.50
C GLN AA 18 86.17 108.71 -99.57
N LEU AA 19 85.74 108.70 -98.31
CA LEU AA 19 86.11 107.65 -97.35
C LEU AA 19 85.44 106.33 -97.70
N SER AA 20 84.22 106.39 -98.23
CA SER AA 20 83.52 105.19 -98.70
C SER AA 20 84.26 104.57 -99.88
N ALA AA 21 84.23 103.24 -99.95
CA ALA AA 21 85.02 102.47 -100.93
C ALA AA 21 86.52 102.72 -100.77
N GLN AA 22 87.02 102.49 -99.54
CA GLN AA 22 88.45 102.61 -99.22
C GLN AA 22 88.88 101.54 -98.22
N GLY AA 23 90.18 101.47 -97.95
CA GLY AA 23 90.73 100.58 -96.94
C GLY AA 23 90.42 101.02 -95.51
N GLN AA 24 90.29 102.33 -95.32
CA GLN AA 24 89.99 102.90 -93.99
C GLN AA 24 88.79 103.86 -94.05
N MET AA 25 87.85 103.66 -93.12
CA MET AA 25 86.74 104.58 -92.89
C MET AA 25 86.75 105.06 -91.44
N THR AA 26 87.90 104.96 -90.78
CA THR AA 26 88.02 105.34 -89.37
C THR AA 26 88.01 106.86 -89.15
N GLN AA 27 88.15 107.62 -90.25
CA GLN AA 27 87.98 109.07 -90.20
C GLN AA 27 86.51 109.46 -90.33
N LEU AA 28 85.69 108.55 -90.85
CA LEU AA 28 84.24 108.72 -90.88
C LEU AA 28 83.64 108.55 -89.47
N CYS AA 29 84.38 107.89 -88.57
CA CYS AA 29 83.99 107.78 -87.17
C CYS AA 29 84.09 109.11 -86.42
N GLU AA 30 84.84 110.06 -86.97
CA GLU AA 30 84.96 111.40 -86.39
C GLU AA 30 84.02 112.42 -87.06
N LEU AA 31 83.62 112.17 -88.31
CA LEU AA 31 82.65 113.04 -89.00
C LEU AA 31 81.24 112.89 -88.43
N ILE AA 32 80.84 111.65 -88.11
CA ILE AA 32 79.51 111.37 -87.55
C ILE AA 32 79.41 111.86 -86.10
N ASN AA 33 80.53 111.88 -85.39
CA ASN AA 33 80.58 112.36 -84.00
C ASN AA 33 80.60 113.90 -83.89
N LYS AA 34 81.18 114.57 -84.89
CA LYS AA 34 81.26 116.03 -84.90
C LYS AA 34 79.92 116.68 -85.27
N SER AA 35 79.50 116.51 -86.52
CA SER AA 35 78.20 117.01 -87.03
C SER AA 35 78.13 118.53 -87.20
N GLY AA 36 78.53 119.28 -86.18
CA GLY AA 36 78.39 120.73 -86.16
C GLY AA 36 77.26 121.20 -85.24
N GLU AA 37 76.70 120.27 -84.48
CA GLU AA 37 75.61 120.53 -83.54
C GLU AA 37 74.35 121.07 -84.22
N LEU AA 38 74.33 122.38 -84.50
CA LEU AA 38 73.17 123.02 -85.12
C LEU AA 38 73.10 122.74 -86.63
N LEU AA 39 72.68 121.52 -86.98
CA LEU AA 39 72.51 121.12 -88.38
C LEU AA 39 71.23 121.72 -88.91
N ALA AA 40 71.33 122.48 -89.99
CA ALA AA 40 70.18 123.21 -90.53
C ALA AA 40 69.11 122.28 -91.10
N LYS AA 41 67.95 122.86 -91.38
CA LYS AA 41 66.87 122.19 -92.13
C LYS AA 41 67.32 121.62 -93.49
N ASN AA 42 68.55 121.93 -93.90
CA ASN AA 42 69.04 121.62 -95.24
C ASN AA 42 69.39 120.14 -95.49
N LEU AA 43 69.54 119.35 -94.43
CA LEU AA 43 69.95 117.94 -94.58
C LEU AA 43 68.88 117.05 -95.22
N SER AA 44 67.64 117.53 -95.30
CA SER AA 44 66.57 116.86 -96.04
C SER AA 44 66.92 116.72 -97.53
N HIS AA 45 67.51 117.77 -98.09
CA HIS AA 45 67.97 117.75 -99.48
C HIS AA 45 69.15 116.80 -99.67
N LEU AA 46 70.16 116.94 -98.82
CA LEU AA 46 71.42 116.23 -98.97
C LEU AA 46 71.30 114.71 -98.90
N ASP AA 47 70.15 114.21 -98.43
CA ASP AA 47 69.89 112.78 -98.34
C ASP AA 47 69.26 112.21 -99.61
N THR AA 48 69.01 113.05 -100.62
CA THR AA 48 68.41 112.58 -101.89
C THR AA 48 69.45 112.27 -102.97
N VAL AA 49 70.46 113.13 -103.11
CA VAL AA 49 71.57 112.91 -104.04
C VAL AA 49 72.69 112.25 -103.25
N LEU AA 50 72.48 110.98 -102.90
CA LEU AA 50 73.31 110.30 -101.90
C LEU AA 50 73.48 108.79 -102.10
N GLY AA 51 72.36 108.07 -102.21
CA GLY AA 51 72.40 106.61 -102.35
C GLY AA 51 73.24 106.11 -103.51
N ALA AA 52 74.55 106.04 -103.29
CA ALA AA 52 75.52 105.68 -104.33
C ALA AA 52 75.99 104.23 -104.20
N LEU AA 53 76.77 103.94 -103.16
CA LEU AA 53 77.26 102.58 -102.89
C LEU AA 53 76.13 101.80 -102.22
N ASP AA 54 75.67 102.32 -101.08
CA ASP AA 54 74.41 101.90 -100.47
C ASP AA 54 73.99 102.92 -99.39
N VAL AA 55 73.97 104.19 -99.79
CA VAL AA 55 73.56 105.32 -98.92
C VAL AA 55 74.56 105.66 -97.79
N GLN AA 56 75.61 104.84 -97.61
CA GLN AA 56 76.68 105.11 -96.64
C GLN AA 56 76.19 105.26 -95.19
N GLU AA 57 77.11 105.58 -94.28
CA GLU AA 57 76.77 105.96 -92.90
C GLU AA 57 76.32 107.42 -92.81
N HIS AA 58 76.21 108.07 -93.97
CA HIS AA 58 75.66 109.43 -94.09
C HIS AA 58 74.23 109.47 -93.53
N SER AA 59 73.40 108.55 -94.00
CA SER AA 59 72.00 108.45 -93.55
C SER AA 59 71.89 108.39 -92.03
N LEU AA 60 72.83 107.71 -91.38
CA LEU AA 60 72.84 107.58 -89.92
C LEU AA 60 73.12 108.91 -89.23
N GLY AA 61 74.08 109.66 -89.75
CA GLY AA 61 74.38 110.99 -89.21
C GLY AA 61 73.20 111.94 -89.34
N VAL AA 62 72.44 111.81 -90.44
CA VAL AA 62 71.26 112.64 -90.68
C VAL AA 62 70.11 112.24 -89.76
N LEU AA 63 69.75 110.96 -89.77
CA LEU AA 63 68.61 110.46 -89.00
C LEU AA 63 68.75 110.65 -87.48
N ALA AA 64 69.98 110.64 -86.98
CA ALA AA 64 70.25 110.86 -85.56
C ALA AA 64 69.82 112.26 -85.11
N VAL AA 65 70.03 113.25 -85.96
CA VAL AA 65 69.70 114.65 -85.65
C VAL AA 65 68.19 114.91 -85.75
N LEU AA 66 67.54 114.27 -86.71
CA LEU AA 66 66.08 114.42 -86.90
C LEU AA 66 65.26 114.02 -85.68
N PHE AA 67 65.51 112.82 -85.17
CA PHE AA 67 64.74 112.26 -84.06
C PHE AA 67 65.16 112.83 -82.69
N VAL AA 68 66.34 113.44 -82.63
CA VAL AA 68 66.79 114.12 -81.40
C VAL AA 68 66.54 115.64 -81.51
N LYS AA 69 65.55 116.04 -82.31
CA LYS AA 69 65.03 117.41 -82.26
C LYS AA 69 64.24 117.62 -80.96
N PHE AA 70 63.49 116.59 -80.56
CA PHE AA 70 62.55 116.67 -79.44
C PHE AA 70 61.64 117.89 -79.56
N SER AA 71 61.25 118.20 -80.79
CA SER AA 71 60.54 119.43 -81.11
C SER AA 71 60.08 119.41 -82.57
N MET AA 72 58.80 119.10 -82.78
CA MET AA 72 58.21 119.02 -84.12
C MET AA 72 58.97 117.98 -84.97
N PRO AA 73 58.55 116.70 -84.91
CA PRO AA 73 59.35 115.60 -85.46
C PRO AA 73 59.98 115.93 -86.82
N SER AA 74 59.13 116.32 -87.77
CA SER AA 74 59.56 116.82 -89.06
C SER AA 74 58.33 117.48 -89.67
N VAL AA 75 57.71 118.36 -88.88
CA VAL AA 75 56.30 118.77 -89.04
C VAL AA 75 55.40 117.52 -89.02
N PRO AA 76 54.05 117.68 -89.04
CA PRO AA 76 53.17 116.50 -89.04
C PRO AA 76 53.38 115.49 -90.17
N ASP AA 77 54.23 115.81 -91.14
CA ASP AA 77 54.76 114.84 -92.10
C ASP AA 77 55.76 113.92 -91.40
N PHE AA 78 55.26 113.11 -90.46
CA PHE AA 78 56.08 112.08 -89.82
C PHE AA 78 55.93 110.76 -90.59
N GLU AA 79 55.03 110.74 -91.56
CA GLU AA 79 54.98 109.67 -92.56
C GLU AA 79 56.17 109.77 -93.52
N THR AA 80 56.60 111.00 -93.80
CA THR AA 80 57.84 111.24 -94.55
C THR AA 80 59.03 110.84 -93.68
N LEU AA 81 58.92 111.12 -92.38
CA LEU AA 81 59.96 110.77 -91.41
C LEU AA 81 60.08 109.25 -91.17
N PHE AA 82 58.96 108.52 -91.25
CA PHE AA 82 58.99 107.06 -91.06
C PHE AA 82 59.44 106.33 -92.32
N SER AA 83 58.85 106.68 -93.46
CA SER AA 83 59.23 106.10 -94.75
C SER AA 83 60.70 106.39 -95.08
N GLN AA 84 61.27 107.41 -94.44
CA GLN AA 84 62.70 107.70 -94.50
C GLN AA 84 63.51 106.62 -93.78
N VAL AA 85 63.12 106.34 -92.53
CA VAL AA 85 63.78 105.31 -91.72
C VAL AA 85 63.42 103.90 -92.21
N GLN AA 86 62.24 103.76 -92.80
CA GLN AA 86 61.74 102.46 -93.29
C GLN AA 86 62.67 101.82 -94.33
N LEU AA 87 63.10 102.61 -95.31
CA LEU AA 87 63.97 102.13 -96.39
C LEU AA 87 65.42 101.93 -95.94
N PHE AA 88 65.88 102.77 -95.01
CA PHE AA 88 67.24 102.67 -94.47
C PHE AA 88 67.45 101.37 -93.69
N ILE AA 89 66.46 100.98 -92.89
CA ILE AA 89 66.54 99.79 -92.05
C ILE AA 89 66.33 98.50 -92.86
N SER AA 90 65.62 98.60 -93.99
CA SER AA 90 65.20 97.42 -94.76
C SER AA 90 66.35 96.70 -95.47
N THR AA 91 66.57 97.00 -96.75
CA THR AA 91 67.56 96.31 -97.57
C THR AA 91 68.81 97.15 -97.87
N CYS AA 92 68.84 98.38 -97.37
CA CYS AA 92 70.04 99.23 -97.45
C CYS AA 92 71.12 98.68 -96.51
N ASN AA 93 70.71 98.36 -95.28
CA ASN AA 93 71.58 97.82 -94.21
C ASN AA 93 73.01 98.37 -94.11
N GLY AA 94 73.82 98.20 -95.16
CA GLY AA 94 75.22 98.57 -95.14
C GLY AA 94 76.07 97.38 -94.76
N GLU AA 95 76.90 97.56 -93.73
CA GLU AA 95 77.85 96.54 -93.31
C GLU AA 95 78.57 97.01 -92.04
N HIS AA 96 79.09 98.23 -92.10
CA HIS AA 96 79.81 98.84 -90.98
C HIS AA 96 78.86 99.55 -90.00
N ILE AA 97 77.64 99.03 -89.88
CA ILE AA 97 76.70 99.50 -88.85
C ILE AA 97 77.22 99.03 -87.49
N ARG AA 98 77.91 97.88 -87.50
CA ARG AA 98 78.58 97.32 -86.32
C ARG AA 98 79.53 98.31 -85.65
N TYR AA 99 80.27 99.08 -86.44
CA TYR AA 99 81.30 99.99 -85.92
C TYR AA 99 80.78 101.41 -85.68
N ALA AA 100 79.47 101.56 -85.74
CA ALA AA 100 78.82 102.82 -85.37
C ALA AA 100 77.46 102.52 -84.76
N THR AA 101 77.47 101.83 -83.62
CA THR AA 101 76.25 101.61 -82.83
C THR AA 101 76.06 102.73 -81.81
N ASP AA 102 76.91 103.74 -81.86
CA ASP AA 102 76.81 104.91 -81.00
C ASP AA 102 75.46 105.61 -81.23
N THR AA 103 75.20 106.00 -82.47
CA THR AA 103 73.94 106.64 -82.86
C THR AA 103 72.92 105.66 -83.49
N PHE AA 104 73.36 104.45 -83.81
CA PHE AA 104 72.45 103.44 -84.38
C PHE AA 104 71.61 102.78 -83.29
N ALA AA 105 72.22 102.58 -82.12
CA ALA AA 105 71.46 102.19 -80.94
C ALA AA 105 70.46 103.30 -80.61
N GLY AA 106 70.93 104.54 -80.68
CA GLY AA 106 70.09 105.72 -80.45
C GLY AA 106 69.02 105.97 -81.49
N LEU AA 107 69.24 105.52 -82.73
CA LEU AA 107 68.23 105.63 -83.79
C LEU AA 107 66.99 104.80 -83.47
N CYS AA 108 67.22 103.60 -82.93
CA CYS AA 108 66.13 102.69 -82.57
C CYS AA 108 65.47 103.07 -81.24
N HIS AA 109 66.19 103.76 -80.37
CA HIS AA 109 65.64 104.25 -79.09
C HIS AA 109 64.62 105.37 -79.29
N GLN AA 110 64.97 106.35 -80.14
CA GLN AA 110 64.12 107.51 -80.37
C GLN AA 110 62.91 107.15 -81.25
N LEU AA 111 63.13 106.31 -82.26
CA LEU AA 111 62.05 105.78 -83.09
C LEU AA 111 61.03 105.03 -82.23
N THR AA 112 61.53 104.33 -81.22
CA THR AA 112 60.69 103.61 -80.26
C THR AA 112 59.94 104.59 -79.36
N ASN AA 113 60.69 105.37 -78.57
CA ASN AA 113 60.10 106.31 -77.60
C ASN AA 113 58.94 107.14 -78.16
N ALA AA 114 59.05 107.54 -79.43
CA ALA AA 114 57.99 108.29 -80.10
C ALA AA 114 56.77 107.42 -80.40
N LEU AA 115 56.99 106.33 -81.14
CA LEU AA 115 55.91 105.40 -81.52
C LEU AA 115 55.11 104.88 -80.33
N VAL AA 116 55.78 104.71 -79.18
CA VAL AA 116 55.12 104.29 -77.94
C VAL AA 116 54.01 105.27 -77.57
N GLU AA 117 54.38 106.54 -77.38
CA GLU AA 117 53.44 107.56 -76.93
C GLU AA 117 52.59 108.14 -78.07
N ARG AA 118 52.95 107.82 -79.32
CA ARG AA 118 52.19 108.30 -80.49
C ARG AA 118 50.79 107.65 -80.52
N LYS AA 119 50.69 106.46 -81.13
CA LYS AA 119 49.42 105.72 -81.19
C LYS AA 119 49.71 104.24 -80.94
N GLN AA 120 50.44 103.62 -81.87
CA GLN AA 120 50.82 102.22 -81.75
C GLN AA 120 51.91 101.90 -82.78
N PRO AA 121 52.92 101.10 -82.38
CA PRO AA 121 53.86 100.53 -83.34
C PRO AA 121 53.54 99.07 -83.67
N LEU AA 122 52.73 98.85 -84.69
CA LEU AA 122 52.52 97.51 -85.24
C LEU AA 122 53.40 97.33 -86.48
N ARG AA 123 53.58 98.41 -87.23
CA ARG AA 123 54.63 98.47 -88.25
C ARG AA 123 56.00 98.65 -87.58
N GLY AA 124 56.04 99.45 -86.52
CA GLY AA 124 57.28 99.75 -85.80
C GLY AA 124 58.04 98.53 -85.32
N ILE AA 125 57.33 97.43 -85.08
CA ILE AA 125 57.95 96.17 -84.70
C ILE AA 125 58.66 95.55 -85.90
N GLY AA 126 57.96 95.48 -87.04
CA GLY AA 126 58.51 94.91 -88.27
C GLY AA 126 59.83 95.53 -88.72
N ILE AA 127 59.93 96.85 -88.57
CA ILE AA 127 61.16 97.58 -88.92
C ILE AA 127 62.31 97.21 -87.96
N LEU AA 128 62.01 97.14 -86.67
CA LEU AA 128 63.04 96.95 -85.65
C LEU AA 128 63.67 95.54 -85.66
N LYS AA 129 63.03 94.59 -86.34
CA LYS AA 129 63.57 93.23 -86.49
C LYS AA 129 64.87 93.23 -87.29
N GLN AA 130 64.82 93.73 -88.51
CA GLN AA 130 66.00 93.76 -89.39
C GLN AA 130 67.12 94.65 -88.87
N ALA AA 131 66.77 95.62 -88.01
CA ALA AA 131 67.76 96.47 -87.35
C ALA AA 131 68.73 95.68 -86.47
N ILE AA 132 68.25 94.57 -85.91
CA ILE AA 132 69.06 93.71 -85.07
C ILE AA 132 70.01 92.82 -85.90
N ASP AA 133 69.58 92.45 -87.10
CA ASP AA 133 70.19 91.33 -87.85
C ASP AA 133 71.58 91.57 -88.47
N LYS AA 134 71.88 92.79 -88.90
CA LYS AA 134 73.23 93.13 -89.38
C LYS AA 134 74.05 93.86 -88.30
N MET AA 135 73.44 94.09 -87.14
CA MET AA 135 74.13 94.63 -85.97
C MET AA 135 74.79 93.48 -85.22
N GLN AA 136 73.99 92.46 -84.87
CA GLN AA 136 74.51 91.23 -84.28
C GLN AA 136 74.96 90.31 -85.43
N MET AA 137 76.06 89.61 -85.22
CA MET AA 137 76.65 88.82 -86.29
C MET AA 137 76.10 87.40 -86.35
N ASN AA 138 76.50 86.56 -85.40
CA ASN AA 138 76.26 85.12 -85.48
C ASN AA 138 75.20 84.59 -84.50
N THR AA 139 75.64 84.27 -83.28
CA THR AA 139 74.81 83.50 -82.34
C THR AA 139 73.89 84.37 -81.50
N ASN AA 140 73.42 85.47 -82.10
CA ASN AA 140 72.68 86.51 -81.39
C ASN AA 140 73.50 87.17 -80.29
N GLN AA 141 73.49 88.50 -80.27
CA GLN AA 141 74.29 89.28 -79.33
C GLN AA 141 73.40 90.35 -78.69
N LEU AA 142 73.32 90.34 -77.37
CA LEU AA 142 72.35 91.14 -76.62
C LEU AA 142 72.57 92.65 -76.77
N THR AA 143 71.99 93.23 -77.82
CA THR AA 143 72.02 94.68 -78.02
C THR AA 143 70.81 95.36 -77.38
N SER AA 144 70.88 96.69 -77.31
CA SER AA 144 69.83 97.51 -76.73
C SER AA 144 68.53 97.44 -77.54
N ILE AA 145 68.63 97.09 -78.83
CA ILE AA 145 67.46 96.99 -79.70
C ILE AA 145 66.52 95.86 -79.27
N HIS AA 146 67.07 94.78 -78.71
CA HIS AA 146 66.23 93.70 -78.18
C HIS AA 146 65.31 94.22 -77.08
N ALA AA 147 65.84 95.06 -76.20
CA ALA AA 147 65.05 95.67 -75.14
C ALA AA 147 63.88 96.48 -75.70
N ASP AA 148 64.13 97.25 -76.75
CA ASP AA 148 63.09 98.08 -77.38
C ASP AA 148 62.07 97.24 -78.15
N LEU AA 149 62.55 96.30 -78.96
CA LEU AA 149 61.68 95.43 -79.75
C LEU AA 149 60.57 94.81 -78.89
N CYS AA 150 60.90 94.48 -77.65
CA CYS AA 150 59.94 93.98 -76.69
C CYS AA 150 58.99 95.08 -76.23
N GLN AA 151 59.54 96.23 -75.87
CA GLN AA 151 58.73 97.38 -75.44
C GLN AA 151 57.65 97.75 -76.46
N LEU AA 152 57.99 97.67 -77.75
CA LEU AA 152 57.03 97.91 -78.83
C LEU AA 152 55.95 96.84 -78.86
N CYS AA 153 56.36 95.59 -78.98
CA CYS AA 153 55.44 94.47 -79.14
C CYS AA 153 54.76 94.04 -77.83
N LEU AA 154 55.16 94.63 -76.72
CA LEU AA 154 54.42 94.49 -75.46
C LEU AA 154 53.18 95.40 -75.51
N LEU AA 155 53.42 96.68 -75.78
CA LEU AA 155 52.38 97.69 -75.79
C LEU AA 155 51.45 97.50 -76.98
N ALA AA 156 52.03 97.42 -78.17
CA ALA AA 156 51.29 96.95 -79.35
C ALA AA 156 51.02 95.47 -79.11
N LYS AA 157 49.78 95.13 -78.80
CA LYS AA 157 49.43 93.80 -78.27
C LYS AA 157 49.66 92.69 -79.31
N CYS AA 158 50.94 92.41 -79.59
CA CYS AA 158 51.34 91.47 -80.62
C CYS AA 158 52.72 90.90 -80.27
N PHE AA 159 52.71 89.85 -79.44
CA PHE AA 159 53.93 89.27 -78.90
C PHE AA 159 54.55 88.24 -79.85
N LYS AA 160 53.81 87.94 -80.93
CA LYS AA 160 54.21 86.92 -81.91
C LYS AA 160 55.63 87.07 -82.48
N PRO AA 161 55.98 88.27 -82.98
CA PRO AA 161 57.19 88.40 -83.80
C PRO AA 161 58.51 88.49 -83.02
N ALA AA 162 58.46 88.89 -81.76
CA ALA AA 162 59.67 89.05 -80.96
C ALA AA 162 60.20 87.71 -80.42
N LEU AA 163 59.36 86.67 -80.46
CA LEU AA 163 59.72 85.36 -79.92
C LEU AA 163 60.91 84.69 -80.62
N PRO AA 164 61.02 84.80 -81.95
CA PRO AA 164 62.23 84.37 -82.65
C PRO AA 164 63.55 84.78 -81.97
N TYR AA 165 63.58 85.97 -81.37
CA TYR AA 165 64.76 86.45 -80.65
C TYR AA 165 64.72 86.12 -79.15
N LEU AA 166 63.52 86.07 -78.56
CA LEU AA 166 63.37 85.67 -77.16
C LEU AA 166 63.70 84.19 -76.91
N ASP AA 167 63.54 83.35 -77.94
CA ASP AA 167 63.81 81.90 -77.82
C ASP AA 167 65.28 81.59 -77.59
N VAL AA 168 66.17 82.31 -78.25
CA VAL AA 168 67.61 82.13 -78.08
C VAL AA 168 68.09 82.94 -76.86
N ASP AA 169 68.83 82.29 -75.97
CA ASP AA 169 69.44 82.98 -74.83
C ASP AA 169 70.82 83.49 -75.22
N MET AA 170 70.81 84.58 -75.98
CA MET AA 170 72.01 85.22 -76.50
C MET AA 170 73.04 85.58 -75.44
N MET AA 171 74.26 85.03 -75.57
CA MET AA 171 75.40 85.50 -74.79
C MET AA 171 76.05 86.67 -75.51
N ASP AA 172 77.03 87.30 -74.85
CA ASP AA 172 77.82 88.39 -75.42
C ASP AA 172 76.98 89.67 -75.62
N ILE AA 173 77.21 90.66 -74.76
CA ILE AA 173 76.51 91.95 -74.83
C ILE AA 173 77.14 92.84 -75.90
N CYS AA 174 76.32 93.24 -76.88
CA CYS AA 174 76.76 94.16 -77.94
C CYS AA 174 76.89 95.59 -77.39
N LYS AA 175 78.13 96.03 -77.25
CA LYS AA 175 78.43 97.39 -76.77
C LYS AA 175 78.78 98.26 -77.98
N GLU AA 176 80.06 98.28 -78.38
CA GLU AA 176 80.56 99.05 -79.53
C GLU AA 176 80.30 100.56 -79.37
N ASN AA 177 81.36 101.29 -79.02
CA ASN AA 177 81.28 102.72 -78.68
C ASN AA 177 80.39 102.91 -77.44
N GLY AA 178 80.58 102.05 -76.45
CA GLY AA 178 79.70 102.01 -75.28
C GLY AA 178 78.35 101.46 -75.68
N ALA AA 179 77.50 102.33 -76.21
CA ALA AA 179 76.17 101.98 -76.76
C ALA AA 179 75.45 100.83 -76.06
N TYR AA 180 75.48 100.83 -74.73
CA TYR AA 180 74.64 99.96 -73.93
C TYR AA 180 74.47 100.50 -72.51
N ASP AA 181 73.25 100.37 -72.00
CA ASP AA 181 72.84 100.98 -70.74
C ASP AA 181 72.60 99.90 -69.68
N ALA AA 182 72.80 100.27 -68.41
CA ALA AA 182 72.63 99.34 -67.30
C ALA AA 182 71.18 98.92 -67.02
N LYS AA 183 70.21 99.59 -67.66
CA LYS AA 183 68.80 99.22 -67.57
C LYS AA 183 68.26 98.52 -68.83
N HIS AA 184 68.93 98.68 -69.98
CA HIS AA 184 68.50 98.00 -71.21
C HIS AA 184 68.78 96.49 -71.18
N PHE AA 185 69.58 96.06 -70.21
CA PHE AA 185 69.67 94.65 -69.86
C PHE AA 185 68.39 94.25 -69.11
N LEU AA 186 68.05 95.01 -68.07
CA LEU AA 186 66.85 94.77 -67.28
C LEU AA 186 65.57 94.80 -68.10
N CYS AA 187 65.51 95.72 -69.06
CA CYS AA 187 64.33 95.90 -69.90
C CYS AA 187 63.99 94.63 -70.68
N TYR AA 188 64.96 94.11 -71.44
CA TYR AA 188 64.77 92.89 -72.24
C TYR AA 188 64.20 91.77 -71.39
N TYR AA 189 64.91 91.41 -70.32
CA TYR AA 189 64.51 90.30 -69.46
C TYR AA 189 63.31 90.60 -68.56
N TYR AA 190 62.98 91.89 -68.39
CA TYR AA 190 61.76 92.26 -67.70
C TYR AA 190 60.55 92.17 -68.63
N TYR AA 191 60.65 92.84 -69.78
CA TYR AA 191 59.60 92.76 -70.79
C TYR AA 191 59.40 91.33 -71.23
N GLY AA 192 60.48 90.68 -71.65
CA GLY AA 192 60.46 89.28 -72.09
C GLY AA 192 59.72 88.39 -71.11
N GLY AA 193 60.02 88.54 -69.83
CA GLY AA 193 59.32 87.81 -68.78
C GLY AA 193 57.81 88.01 -68.84
N MET AA 194 57.40 89.26 -68.97
CA MET AA 194 55.99 89.60 -69.08
C MET AA 194 55.39 89.06 -70.38
N ILE AA 195 56.17 89.14 -71.46
CA ILE AA 195 55.74 88.62 -72.76
C ILE AA 195 55.31 87.16 -72.65
N TYR AA 196 56.17 86.32 -72.10
CA TYR AA 196 55.86 84.90 -71.91
C TYR AA 196 54.76 84.69 -70.86
N THR AA 197 54.69 85.59 -69.88
CA THR AA 197 53.67 85.51 -68.82
C THR AA 197 52.25 85.53 -69.40
N GLY AA 198 52.02 86.37 -70.40
CA GLY AA 198 50.72 86.45 -71.07
C GLY AA 198 50.44 85.24 -71.95
N LEU AA 199 51.48 84.76 -72.62
CA LEU AA 199 51.39 83.56 -73.46
C LEU AA 199 51.31 82.28 -72.62
N LYS AA 200 51.65 82.41 -71.34
CA LYS AA 200 51.52 81.34 -70.34
C LYS AA 200 52.58 80.26 -70.52
N ASN AA 201 53.78 80.72 -70.90
CA ASN AA 201 54.97 79.89 -70.91
C ASN AA 201 55.74 80.21 -69.63
N PHE AA 202 55.19 79.76 -68.51
CA PHE AA 202 55.64 80.18 -67.18
C PHE AA 202 57.09 79.78 -66.89
N GLU AA 203 57.55 78.67 -67.46
CA GLU AA 203 58.92 78.21 -67.26
C GLU AA 203 59.90 79.27 -67.77
N ARG AA 204 59.78 79.61 -69.04
CA ARG AA 204 60.66 80.60 -69.66
C ARG AA 204 60.45 81.97 -69.03
N ALA AA 205 59.20 82.27 -68.69
CA ALA AA 205 58.86 83.53 -68.03
C ALA AA 205 59.65 83.73 -66.73
N LEU AA 206 59.68 82.69 -65.90
CA LEU AA 206 60.39 82.76 -64.62
C LEU AA 206 61.89 82.99 -64.83
N TYR AA 207 62.47 82.24 -65.75
CA TYR AA 207 63.91 82.34 -66.04
C TYR AA 207 64.33 83.74 -66.47
N PHE AA 208 63.45 84.44 -67.18
CA PHE AA 208 63.72 85.81 -67.63
C PHE AA 208 63.76 86.80 -66.46
N TYR AA 209 62.68 86.86 -65.69
CA TYR AA 209 62.62 87.69 -64.49
C TYR AA 209 63.81 87.44 -63.57
N GLU AA 210 64.23 86.18 -63.50
CA GLU AA 210 65.37 85.77 -62.69
C GLU AA 210 66.64 86.55 -63.04
N GLN AA 211 67.00 86.54 -64.33
CA GLN AA 211 68.21 87.22 -64.79
C GLN AA 211 68.17 88.74 -64.58
N ALA AA 212 66.98 89.30 -64.46
CA ALA AA 212 66.82 90.71 -64.10
C ALA AA 212 67.24 90.96 -62.66
N ILE AA 213 66.80 90.09 -61.75
CA ILE AA 213 67.05 90.26 -60.32
C ILE AA 213 68.52 90.06 -59.98
N THR AA 214 69.20 89.20 -60.73
CA THR AA 214 70.63 88.93 -60.52
C THR AA 214 71.47 90.17 -60.73
N THR AA 215 71.32 90.78 -61.90
CA THR AA 215 72.13 91.92 -62.34
C THR AA 215 72.62 92.79 -61.19
N PRO AA 216 73.95 93.04 -61.13
CA PRO AA 216 74.45 93.84 -60.00
C PRO AA 216 73.96 95.28 -60.05
N ALA AA 217 73.73 95.86 -58.89
CA ALA AA 217 73.24 97.23 -58.79
C ALA AA 217 73.55 97.81 -57.42
N MET AA 218 74.38 98.87 -57.41
CA MET AA 218 74.73 99.55 -56.17
C MET AA 218 73.54 100.31 -55.58
N ALA AA 219 72.54 100.60 -56.41
CA ALA AA 219 71.29 101.22 -55.96
C ALA AA 219 70.09 100.36 -56.37
N VAL AA 220 68.93 100.68 -55.81
CA VAL AA 220 67.68 99.99 -56.12
C VAL AA 220 67.05 100.64 -57.36
N SER AA 221 67.25 99.99 -58.51
CA SER AA 221 66.56 100.37 -59.74
C SER AA 221 65.10 99.89 -59.67
N HIS AA 222 64.26 100.47 -60.53
CA HIS AA 222 62.81 100.35 -60.40
C HIS AA 222 62.23 99.13 -61.14
N ILE AA 223 62.99 98.60 -62.11
CA ILE AA 223 62.60 97.39 -62.84
C ILE AA 223 62.74 96.18 -61.92
N MET AA 224 63.82 96.17 -61.15
CA MET AA 224 64.18 95.03 -60.31
C MET AA 224 63.12 94.73 -59.24
N LEU AA 225 62.40 95.75 -58.79
CA LEU AA 225 61.31 95.57 -57.83
C LEU AA 225 60.09 94.89 -58.46
N GLU AA 226 59.79 95.26 -59.70
CA GLU AA 226 58.62 94.72 -60.40
C GLU AA 226 58.82 93.28 -60.86
N SER AA 227 59.99 92.98 -61.42
CA SER AA 227 60.31 91.62 -61.86
C SER AA 227 60.16 90.63 -60.70
N TYR AA 228 60.60 91.05 -59.51
CA TYR AA 228 60.52 90.24 -58.30
C TYR AA 228 59.07 89.93 -57.90
N LYS AA 229 58.22 90.95 -57.92
CA LYS AA 229 56.82 90.80 -57.54
C LYS AA 229 56.09 89.80 -58.43
N LYS AA 230 56.27 89.93 -59.74
CA LYS AA 230 55.67 89.02 -60.71
C LYS AA 230 56.34 87.65 -60.67
N TYR AA 231 57.66 87.64 -60.52
CA TYR AA 231 58.44 86.42 -60.32
C TYR AA 231 57.89 85.58 -59.16
N ILE AA 232 57.45 86.25 -58.09
CA ILE AA 232 56.78 85.59 -56.97
C ILE AA 232 55.53 84.86 -57.44
N LEU AA 233 54.71 85.55 -58.22
CA LEU AA 233 53.47 84.97 -58.72
C LEU AA 233 53.72 83.79 -59.67
N VAL AA 234 54.76 83.90 -60.50
CA VAL AA 234 55.06 82.86 -61.48
C VAL AA 234 55.37 81.52 -60.81
N SER AA 235 56.25 81.55 -59.81
CA SER AA 235 56.65 80.34 -59.10
C SER AA 235 55.49 79.73 -58.30
N LEU AA 236 54.56 80.57 -57.84
CA LEU AA 236 53.39 80.11 -57.09
C LEU AA 236 52.32 79.48 -57.99
N ILE AA 237 52.37 79.75 -59.29
CA ILE AA 237 51.49 79.09 -60.26
C ILE AA 237 52.20 77.87 -60.86
N LEU AA 238 53.40 78.09 -61.37
CA LEU AA 238 54.23 77.01 -61.95
C LEU AA 238 54.47 75.91 -60.93
N LEU AA 239 55.03 76.32 -59.80
CA LEU AA 239 55.27 75.42 -58.68
C LEU AA 239 54.18 75.70 -57.66
N GLY AA 240 54.33 75.15 -56.44
CA GLY AA 240 53.45 75.50 -55.33
C GLY AA 240 54.23 76.13 -54.19
N LYS AA 241 55.25 76.91 -54.54
CA LYS AA 241 56.22 77.36 -53.55
C LYS AA 241 57.16 78.45 -54.10
N VAL AA 242 58.00 78.98 -53.20
CA VAL AA 242 58.95 80.04 -53.52
C VAL AA 242 60.18 79.48 -54.20
N GLN AA 243 60.46 79.93 -55.42
CA GLN AA 243 61.72 79.62 -56.09
C GLN AA 243 62.80 80.56 -55.56
N GLN AA 244 63.88 79.98 -55.04
CA GLN AA 244 64.99 80.77 -54.54
C GLN AA 244 65.89 81.22 -55.68
N LEU AA 245 66.57 82.35 -55.44
CA LEU AA 245 67.42 82.97 -56.44
C LEU AA 245 68.84 82.47 -56.28
N PRO AA 246 69.73 82.82 -57.22
CA PRO AA 246 71.14 82.56 -57.03
C PRO AA 246 71.72 83.34 -55.85
N LYS AA 247 72.88 82.87 -55.36
CA LYS AA 247 73.59 83.56 -54.29
C LYS AA 247 74.23 84.87 -54.79
N TYR AA 248 74.43 84.96 -56.11
CA TYR AA 248 75.06 86.15 -56.71
C TYR AA 248 74.08 87.28 -57.06
N THR AA 249 72.85 87.24 -56.53
CA THR AA 249 71.91 88.34 -56.69
C THR AA 249 72.43 89.59 -55.98
N SER AA 250 72.08 90.76 -56.52
CA SER AA 250 72.55 92.03 -55.97
C SER AA 250 72.15 92.17 -54.51
N GLN AA 251 73.05 92.73 -53.70
CA GLN AA 251 72.81 92.87 -52.25
C GLN AA 251 71.63 93.77 -51.94
N ILE AA 252 71.36 94.73 -52.83
CA ILE AA 252 70.20 95.61 -52.69
C ILE AA 252 68.86 94.88 -52.78
N VAL AA 253 68.88 93.64 -53.28
CA VAL AA 253 67.66 92.84 -53.43
C VAL AA 253 67.16 92.34 -52.07
N GLY AA 254 67.94 91.46 -51.42
CA GLY AA 254 67.55 90.86 -50.15
C GLY AA 254 67.45 91.86 -49.00
N ARG AA 255 68.23 92.93 -49.09
CA ARG AA 255 68.22 93.99 -48.08
C ARG AA 255 66.97 94.86 -48.16
N PHE AA 256 66.63 95.31 -49.36
CA PHE AA 256 65.57 96.30 -49.57
C PHE AA 256 64.40 95.81 -50.44
N ILE AA 257 64.70 95.39 -51.67
CA ILE AA 257 63.68 95.03 -52.65
C ILE AA 257 62.72 93.93 -52.14
N LYS AA 258 63.26 92.97 -51.39
CA LYS AA 258 62.46 91.84 -50.90
C LYS AA 258 61.36 92.26 -49.93
N PRO AA 259 61.72 92.93 -48.81
CA PRO AA 259 60.65 93.41 -47.92
C PRO AA 259 59.80 94.55 -48.50
N LEU AA 260 60.27 95.21 -49.55
CA LEU AA 260 59.48 96.22 -50.26
C LEU AA 260 58.30 95.57 -51.00
N SER AA 261 58.54 94.38 -51.54
CA SER AA 261 57.48 93.55 -52.11
C SER AA 261 57.03 92.54 -51.05
N ASN AA 262 56.43 93.04 -49.97
CA ASN AA 262 56.06 92.22 -48.82
C ASN AA 262 54.73 91.50 -48.99
N ALA AA 263 53.75 92.19 -49.59
CA ALA AA 263 52.42 91.63 -49.79
C ALA AA 263 52.39 90.39 -50.68
N TYR AA 264 53.47 90.18 -51.45
CA TYR AA 264 53.60 89.03 -52.33
C TYR AA 264 54.26 87.84 -51.63
N HIS AA 265 55.16 88.12 -50.69
CA HIS AA 265 55.64 87.10 -49.75
C HIS AA 265 54.53 86.71 -48.79
N GLU AA 266 53.77 87.72 -48.37
CA GLU AA 266 52.59 87.53 -47.53
C GLU AA 266 51.55 86.64 -48.24
N LEU AA 267 51.53 86.68 -49.57
CA LEU AA 267 50.70 85.78 -50.36
C LEU AA 267 51.17 84.34 -50.20
N ALA AA 268 52.46 84.12 -50.43
CA ALA AA 268 53.06 82.80 -50.25
C ALA AA 268 52.89 82.29 -48.83
N GLN AA 269 52.86 83.23 -47.87
CA GLN AA 269 52.58 82.91 -46.46
C GLN AA 269 51.36 82.01 -46.32
N VAL AA 270 50.25 82.44 -46.90
CA VAL AA 270 49.00 81.69 -46.83
C VAL AA 270 49.02 80.52 -47.81
N TYR AA 271 49.73 80.69 -48.92
CA TYR AA 271 49.76 79.68 -49.98
C TYR AA 271 50.19 78.29 -49.48
N SER AA 272 51.26 78.25 -48.71
CA SER AA 272 51.81 76.98 -48.22
C SER AA 272 50.88 76.24 -47.26
N THR AA 273 49.90 76.94 -46.68
CA THR AA 273 48.91 76.32 -45.81
C THR AA 273 47.83 75.57 -46.58
N ASN AA 274 47.71 75.86 -47.88
CA ASN AA 274 46.71 75.25 -48.76
C ASN AA 274 45.29 75.57 -48.30
N ASN AA 275 45.01 76.86 -48.22
CA ASN AA 275 43.71 77.37 -47.79
C ASN AA 275 43.25 78.50 -48.71
N PRO AA 276 42.48 78.17 -49.77
CA PRO AA 276 42.04 79.20 -50.73
C PRO AA 276 41.10 80.26 -50.12
N SER AA 277 40.21 79.84 -49.23
CA SER AA 277 39.28 80.77 -48.57
C SER AA 277 40.01 81.82 -47.76
N GLU AA 278 41.08 81.41 -47.08
CA GLU AA 278 41.91 82.33 -46.31
C GLU AA 278 42.74 83.21 -47.23
N LEU AA 279 43.38 82.58 -48.22
CA LEU AA 279 44.16 83.27 -49.23
C LEU AA 279 43.37 84.40 -49.87
N ARG AA 280 42.11 84.12 -50.19
CA ARG AA 280 41.24 85.08 -50.85
C ARG AA 280 41.04 86.32 -49.99
N ASN AA 281 40.90 86.13 -48.67
CA ASN AA 281 40.71 87.24 -47.74
C ASN AA 281 41.94 88.13 -47.61
N LEU AA 282 43.11 87.61 -47.96
CA LEU AA 282 44.33 88.42 -48.05
C LEU AA 282 44.34 89.27 -49.31
N VAL AA 283 43.92 88.69 -50.43
CA VAL AA 283 43.91 89.39 -51.70
C VAL AA 283 42.93 90.57 -51.68
N ASN AA 284 41.79 90.38 -51.00
CA ASN AA 284 40.78 91.44 -50.86
C ASN AA 284 41.20 92.60 -49.97
N LYS AA 285 42.09 92.32 -49.00
CA LYS AA 285 42.63 93.37 -48.13
C LYS AA 285 43.58 94.26 -48.91
N HIS AA 286 44.59 93.65 -49.52
CA HIS AA 286 45.59 94.38 -50.30
C HIS AA 286 45.24 94.44 -51.80
N SER AA 287 43.95 94.32 -52.12
CA SER AA 287 43.47 94.48 -53.50
C SER AA 287 44.12 95.69 -54.14
N GLU AA 288 44.17 96.80 -53.40
CA GLU AA 288 44.87 98.01 -53.83
C GLU AA 288 46.32 97.69 -54.24
N THR AA 289 47.12 97.24 -53.28
CA THR AA 289 48.55 96.98 -53.51
C THR AA 289 48.79 96.09 -54.75
N PHE AA 290 47.93 95.10 -54.94
CA PHE AA 290 48.04 94.20 -56.08
C PHE AA 290 47.56 94.87 -57.37
N THR AA 291 46.40 95.51 -57.33
CA THR AA 291 45.84 96.21 -58.49
C THR AA 291 46.59 97.50 -58.84
N ARG AA 292 47.32 98.04 -57.88
CA ARG AA 292 48.19 99.20 -58.09
C ARG AA 292 49.31 98.86 -59.08
N ASP AA 293 49.78 97.61 -59.01
CA ASP AA 293 50.90 97.15 -59.83
C ASP AA 293 50.46 96.49 -61.15
N ASN AA 294 49.15 96.52 -61.44
CA ASN AA 294 48.58 95.92 -62.64
C ASN AA 294 49.05 94.48 -62.90
N ASN AA 295 49.09 93.70 -61.82
CA ASN AA 295 49.33 92.26 -61.90
C ASN AA 295 48.26 91.46 -61.13
N MET AA 296 47.14 92.11 -60.83
CA MET AA 296 45.95 91.42 -60.36
C MET AA 296 45.43 90.59 -61.52
N GLY AA 297 44.94 89.40 -61.22
CA GLY AA 297 44.63 88.41 -62.26
C GLY AA 297 45.67 87.32 -62.22
N LEU AA 298 46.94 87.72 -62.33
CA LEU AA 298 48.05 86.78 -62.13
C LEU AA 298 48.10 86.36 -60.67
N VAL AA 299 47.77 87.28 -59.77
CA VAL AA 299 47.61 86.93 -58.35
C VAL AA 299 46.38 86.03 -58.17
N LYS AA 300 45.36 86.22 -58.99
CA LYS AA 300 44.18 85.35 -58.99
C LYS AA 300 44.39 84.04 -59.74
N GLN AA 301 45.41 83.98 -60.60
CA GLN AA 301 45.83 82.72 -61.20
C GLN AA 301 46.48 81.81 -60.14
N CYS AA 302 47.06 82.42 -59.11
CA CYS AA 302 47.58 81.67 -57.96
C CYS AA 302 46.43 81.10 -57.13
N LEU AA 303 45.33 81.85 -57.03
CA LEU AA 303 44.12 81.38 -56.36
C LEU AA 303 43.63 80.06 -56.97
N SER AA 304 43.74 79.97 -58.30
CA SER AA 304 43.34 78.75 -59.02
C SER AA 304 44.39 77.64 -58.95
N SER AA 305 45.68 78.01 -59.01
CA SER AA 305 46.76 77.01 -58.95
C SER AA 305 46.84 76.33 -57.58
N LEU AA 306 46.33 76.99 -56.54
CA LEU AA 306 46.23 76.41 -55.22
C LEU AA 306 45.15 75.33 -55.17
N TYR AA 307 44.00 75.61 -55.79
CA TYR AA 307 42.97 74.60 -55.97
C TYR AA 307 43.53 73.40 -56.72
N LYS AA 308 44.35 73.68 -57.73
CA LYS AA 308 44.97 72.64 -58.54
C LYS AA 308 46.11 71.94 -57.79
N LYS AA 309 46.80 72.65 -56.90
CA LYS AA 309 47.77 72.02 -56.02
C LYS AA 309 47.07 71.08 -55.04
N ASN AA 310 45.98 71.56 -54.43
CA ASN AA 310 45.19 70.75 -53.51
C ASN AA 310 44.83 69.38 -54.10
N ILE AA 311 44.40 69.37 -55.36
CA ILE AA 311 44.01 68.12 -56.03
C ILE AA 311 45.25 67.32 -56.42
N GLN AA 312 46.31 68.01 -56.83
CA GLN AA 312 47.58 67.36 -57.16
C GLN AA 312 48.13 66.50 -56.01
N ARG AA 313 47.87 66.92 -54.78
CA ARG AA 313 48.32 66.18 -53.60
C ARG AA 313 47.56 64.87 -53.44
N LEU AA 314 46.27 64.89 -53.74
CA LEU AA 314 45.40 63.73 -53.55
C LEU AA 314 45.95 62.48 -54.23
N THR AA 315 46.59 62.66 -55.39
CA THR AA 315 47.23 61.55 -56.11
C THR AA 315 48.16 60.72 -55.21
N LYS AA 316 48.89 61.41 -54.34
CA LYS AA 316 49.87 60.76 -53.46
C LYS AA 316 49.22 59.97 -52.34
N THR AA 317 47.97 60.31 -51.98
CA THR AA 317 47.27 59.70 -50.86
C THR AA 317 46.22 58.70 -51.34
N PHE AA 318 45.14 59.21 -51.90
CA PHE AA 318 44.05 58.36 -52.40
C PHE AA 318 44.37 57.92 -53.83
N LEU AA 319 43.83 56.77 -54.23
CA LEU AA 319 43.85 56.37 -55.65
C LEU AA 319 42.44 56.21 -56.21
N THR AA 320 41.45 55.95 -55.34
CA THR AA 320 40.05 56.01 -55.72
C THR AA 320 39.34 56.93 -54.74
N LEU AA 321 38.71 57.98 -55.27
CA LEU AA 321 38.00 58.96 -54.44
C LEU AA 321 36.73 59.43 -55.11
N SER AA 322 35.74 59.78 -54.30
CA SER AA 322 34.45 60.25 -54.78
C SER AA 322 34.51 61.73 -55.16
N LEU AA 323 33.63 62.11 -56.08
CA LEU AA 323 33.48 63.51 -56.47
C LEU AA 323 33.01 64.34 -55.28
N GLN AA 324 32.06 63.78 -54.53
CA GLN AA 324 31.53 64.44 -53.35
C GLN AA 324 32.60 64.57 -52.27
N ASP AA 325 33.34 63.48 -52.04
CA ASP AA 325 34.46 63.50 -51.11
C ASP AA 325 35.47 64.57 -51.52
N MET AA 326 35.84 64.56 -52.79
CA MET AA 326 36.78 65.55 -53.32
C MET AA 326 36.23 66.96 -53.15
N ALA AA 327 34.96 67.15 -53.51
CA ALA AA 327 34.29 68.44 -53.38
C ALA AA 327 34.37 68.97 -51.95
N SER AA 328 34.18 68.07 -50.99
CA SER AA 328 34.25 68.45 -49.59
C SER AA 328 35.68 68.71 -49.12
N ARG AA 329 36.65 67.98 -49.68
CA ARG AA 329 38.05 68.11 -49.28
C ARG AA 329 38.80 69.25 -49.99
N VAL AA 330 38.45 69.50 -51.24
CA VAL AA 330 39.11 70.57 -52.01
C VAL AA 330 38.50 71.94 -51.70
N GLN AA 331 37.28 71.93 -51.14
CA GLN AA 331 36.56 73.13 -50.70
C GLN AA 331 35.71 73.81 -51.79
N LEU AA 332 35.70 73.26 -53.00
CA LEU AA 332 34.96 73.87 -54.11
C LEU AA 332 33.44 73.71 -54.00
N SER AA 333 33.00 72.66 -53.31
CA SER AA 333 31.57 72.43 -53.02
C SER AA 333 30.76 71.98 -54.24
N GLY AA 334 29.99 70.92 -54.08
CA GLY AA 334 29.21 70.34 -55.18
C GLY AA 334 30.07 69.45 -56.06
N PRO AA 335 29.52 68.30 -56.50
CA PRO AA 335 30.31 67.36 -57.29
C PRO AA 335 30.69 67.89 -58.68
N GLN AA 336 29.97 68.89 -59.17
CA GLN AA 336 30.27 69.45 -60.49
C GLN AA 336 31.62 70.15 -60.41
N GLU AA 337 31.73 71.12 -59.50
CA GLU AA 337 32.96 71.89 -59.32
C GLU AA 337 34.16 70.97 -59.14
N ALA AA 338 33.93 69.82 -58.51
CA ALA AA 338 34.95 68.79 -58.41
C ALA AA 338 35.22 68.22 -59.81
N GLU AA 339 34.19 67.68 -60.43
CA GLU AA 339 34.32 67.07 -61.75
C GLU AA 339 34.89 68.05 -62.76
N LYS AA 340 34.59 69.34 -62.59
CA LYS AA 340 35.12 70.40 -63.45
C LYS AA 340 36.63 70.33 -63.53
N TYR AA 341 37.30 70.67 -62.44
CA TYR AA 341 38.76 70.77 -62.44
C TYR AA 341 39.44 69.45 -62.76
N VAL AA 342 38.77 68.33 -62.47
CA VAL AA 342 39.27 67.03 -62.90
C VAL AA 342 39.45 67.07 -64.41
N LEU AA 343 38.36 67.36 -65.12
CA LEU AA 343 38.40 67.45 -66.58
C LEU AA 343 39.50 68.40 -67.04
N HIS AA 344 39.46 69.65 -66.56
CA HIS AA 344 40.40 70.68 -67.02
C HIS AA 344 41.85 70.25 -66.78
N MET AA 345 42.17 69.83 -65.56
CA MET AA 345 43.52 69.37 -65.24
C MET AA 345 43.94 68.25 -66.18
N ILE AA 346 43.01 67.33 -66.47
CA ILE AA 346 43.27 66.25 -67.40
C ILE AA 346 43.45 66.80 -68.81
N GLU AA 347 42.42 67.47 -69.30
CA GLU AA 347 42.42 68.07 -70.65
C GLU AA 347 43.74 68.80 -70.91
N ASP AA 348 44.16 69.59 -69.93
CA ASP AA 348 45.46 70.28 -69.99
C ASP AA 348 46.58 69.26 -69.90
N GLY AA 349 46.53 68.41 -68.87
CA GLY AA 349 47.56 67.40 -68.63
C GLY AA 349 48.42 67.74 -67.43
N GLU AA 350 47.77 68.07 -66.31
CA GLU AA 350 48.46 68.33 -65.05
C GLU AA 350 48.42 67.11 -64.12
N ILE AA 351 47.42 66.25 -64.32
CA ILE AA 351 47.17 65.08 -63.46
C ILE AA 351 46.74 63.88 -64.31
N PHE AA 352 47.08 62.68 -63.84
CA PHE AA 352 46.64 61.44 -64.48
C PHE AA 352 45.45 60.85 -63.73
N ALA AA 353 44.26 61.02 -64.29
CA ALA AA 353 43.02 60.57 -63.65
C ALA AA 353 41.90 60.35 -64.66
N SER AA 354 40.79 59.80 -64.18
CA SER AA 354 39.61 59.58 -65.00
C SER AA 354 38.36 59.50 -64.12
N ILE AA 355 37.20 59.48 -64.76
CA ILE AA 355 35.91 59.57 -64.08
C ILE AA 355 35.01 58.37 -64.40
N ASN AA 356 34.39 57.82 -63.36
CA ASN AA 356 33.28 56.87 -63.51
C ASN AA 356 32.02 57.55 -63.00
N GLN AA 357 31.33 58.24 -63.89
CA GLN AA 357 30.12 58.99 -63.52
C GLN AA 357 29.00 58.09 -62.99
N LYS AA 358 28.91 56.87 -63.50
CA LYS AA 358 27.83 55.94 -63.12
C LYS AA 358 27.73 55.84 -61.60
N ASP AA 359 28.83 55.48 -60.96
CA ASP AA 359 28.92 55.50 -59.51
C ASP AA 359 29.10 56.94 -59.05
N GLY AA 360 29.93 57.69 -59.77
CA GLY AA 360 30.23 59.08 -59.45
C GLY AA 360 31.55 59.16 -58.70
N MET AA 361 32.57 58.52 -59.27
CA MET AA 361 33.87 58.38 -58.63
C MET AA 361 35.00 58.88 -59.53
N VAL AA 362 36.09 59.31 -58.91
CA VAL AA 362 37.29 59.70 -59.63
C VAL AA 362 38.36 58.63 -59.41
N SER AA 363 38.85 58.07 -60.50
CA SER AA 363 39.92 57.09 -60.45
C SER AA 363 41.21 57.76 -60.90
N PHE AA 364 42.26 57.64 -60.09
CA PHE AA 364 43.54 58.24 -60.40
C PHE AA 364 44.47 57.25 -61.08
N HIS AA 365 44.52 57.30 -62.41
CA HIS AA 365 45.48 56.53 -63.21
C HIS AA 365 46.84 56.50 -62.52
N ASP AA 366 47.41 57.69 -62.31
CA ASP AA 366 48.66 57.84 -61.57
C ASP AA 366 49.89 57.29 -62.32
N ASN AA 367 49.76 57.07 -63.64
CA ASN AA 367 50.78 56.37 -64.42
C ASN AA 367 51.01 56.97 -65.80
N PRO AA 368 52.21 57.52 -66.04
CA PRO AA 368 52.50 58.11 -67.34
C PRO AA 368 53.16 57.14 -68.30
N GLU AA 369 54.49 57.07 -68.28
CA GLU AA 369 55.26 56.46 -69.36
C GLU AA 369 56.32 55.54 -68.79
N LYS AA 370 56.61 54.45 -69.51
CA LYS AA 370 57.52 53.40 -69.04
C LYS AA 370 58.90 53.39 -69.71
N TYR AA 371 59.20 54.39 -70.53
CA TYR AA 371 60.50 54.53 -71.20
C TYR AA 371 60.86 53.31 -72.04
N ASN AA 372 59.89 52.83 -72.82
CA ASN AA 372 59.98 51.54 -73.50
C ASN AA 372 59.83 51.62 -75.02
N ASN AA 373 60.02 52.80 -75.58
CA ASN AA 373 59.69 53.05 -76.98
C ASN AA 373 60.57 54.13 -77.58
N PRO AA 374 60.46 54.35 -78.90
CA PRO AA 374 61.09 55.51 -79.53
C PRO AA 374 60.73 56.87 -78.89
N ALA AA 375 59.51 57.01 -78.38
CA ALA AA 375 59.03 58.25 -77.77
C ALA AA 375 60.10 58.91 -76.90
N MET AA 376 60.65 58.15 -75.97
CA MET AA 376 61.76 58.62 -75.15
C MET AA 376 63.02 58.67 -75.99
N LEU AA 377 63.32 57.56 -76.66
CA LEU AA 377 64.50 57.45 -77.52
C LEU AA 377 64.76 58.73 -78.33
N HIS AA 378 63.70 59.27 -78.94
CA HIS AA 378 63.80 60.53 -79.70
C HIS AA 378 64.10 61.71 -78.77
N ASN AA 379 63.31 61.85 -77.71
CA ASN AA 379 63.57 62.88 -76.69
C ASN AA 379 64.96 62.72 -76.06
N ILE AA 380 65.36 61.47 -75.83
CA ILE AA 380 66.68 61.16 -75.32
C ILE AA 380 67.76 61.64 -76.30
N ASP AA 381 67.51 61.39 -77.59
CA ASP AA 381 68.40 61.89 -78.64
C ASP AA 381 68.44 63.41 -78.65
N GLN AA 382 67.27 64.04 -78.57
CA GLN AA 382 67.14 65.50 -78.66
C GLN AA 382 67.66 66.24 -77.43
N GLU AA 383 67.17 65.85 -76.25
CA GLU AA 383 67.66 66.43 -74.99
C GLU AA 383 69.17 66.31 -74.85
N MET AA 384 69.74 65.20 -75.35
CA MET AA 384 71.18 64.98 -75.34
C MET AA 384 71.91 65.92 -76.30
N LEU AA 385 71.39 66.05 -77.52
CA LEU AA 385 71.97 66.95 -78.52
C LEU AA 385 72.05 68.39 -78.03
N LYS AA 386 71.11 68.78 -77.18
CA LYS AA 386 71.12 70.12 -76.57
C LYS AA 386 72.22 70.29 -75.51
N CYS AA 387 72.61 69.19 -74.86
CA CYS AA 387 73.78 69.20 -73.96
C CYS AA 387 75.09 69.24 -74.75
N ILE AA 388 75.10 68.59 -75.91
CA ILE AA 388 76.24 68.61 -76.81
C ILE AA 388 76.37 69.99 -77.46
N GLU AA 389 75.22 70.55 -77.85
CA GLU AA 389 75.13 71.96 -78.29
C GLU AA 389 75.76 72.88 -77.24
N LEU AA 390 75.51 72.57 -75.97
CA LEU AA 390 76.03 73.34 -74.85
C LEU AA 390 77.55 73.17 -74.71
N ASP AA 391 78.04 71.95 -74.94
CA ASP AA 391 79.48 71.67 -74.94
C ASP AA 391 80.19 72.40 -76.07
N GLU AA 392 79.57 72.42 -77.24
CA GLU AA 392 80.10 73.12 -78.41
C GLU AA 392 80.38 74.59 -78.09
N ARG AA 393 79.43 75.23 -77.42
CA ARG AA 393 79.57 76.62 -76.99
C ARG AA 393 80.73 76.80 -76.02
N LEU AA 394 80.76 75.97 -74.99
CA LEU AA 394 81.82 76.01 -73.98
C LEU AA 394 83.21 75.76 -74.57
N LYS AA 395 83.31 74.85 -75.53
CA LYS AA 395 84.56 74.58 -76.23
C LYS AA 395 85.04 75.80 -77.03
N ALA AA 396 84.11 76.49 -77.68
CA ALA AA 396 84.41 77.73 -78.38
C ALA AA 396 84.74 78.85 -77.39
N MET AA 397 83.99 78.92 -76.30
CA MET AA 397 84.20 79.90 -75.24
C MET AA 397 85.52 79.68 -74.50
N ASP AA 398 85.99 78.43 -74.48
CA ASP AA 398 87.30 78.10 -73.90
C ASP AA 398 88.42 78.58 -74.84
N GLN AA 399 88.21 78.41 -76.15
CA GLN AA 399 89.19 78.87 -77.14
C GLN AA 399 89.23 80.40 -77.27
N GLU AA 400 88.16 81.07 -76.89
CA GLU AA 400 88.13 82.53 -76.82
C GLU AA 400 89.17 83.08 -75.83
N ILE AA 401 89.36 82.37 -74.73
CA ILE AA 401 90.29 82.78 -73.67
C ILE AA 401 91.76 82.55 -74.07
N THR AA 402 91.97 81.67 -75.06
CA THR AA 402 93.32 81.30 -75.53
C THR AA 402 94.23 82.48 -75.87
N VAL AA 403 93.72 83.45 -76.62
CA VAL AA 403 94.56 84.48 -77.27
C VAL AA 403 94.93 85.66 -76.35
N ASN AA 404 94.10 85.92 -75.35
CA ASN AA 404 94.28 87.08 -74.46
C ASN AA 404 95.51 86.98 -73.52
N PRO AA 405 95.92 88.12 -72.90
CA PRO AA 405 97.09 88.25 -72.03
C PRO AA 405 97.50 87.08 -71.13
N GLN AA 406 98.64 87.26 -70.46
CA GLN AA 406 99.44 86.16 -69.94
C GLN AA 406 99.15 85.81 -68.48
N PHE AA 407 99.89 84.82 -67.98
CA PHE AA 407 100.01 84.58 -66.55
C PHE AA 407 101.30 83.80 -66.25
N MET BA 5 54.39 -59.90 -54.78
CA MET BA 5 55.55 -60.74 -54.33
C MET BA 5 56.41 -59.95 -53.31
N ALA BA 6 55.77 -59.24 -52.37
CA ALA BA 6 56.48 -58.45 -51.34
C ALA BA 6 56.55 -59.21 -50.01
N ALA BA 7 56.99 -60.48 -50.10
CA ALA BA 7 57.12 -61.37 -48.95
C ALA BA 7 58.33 -62.29 -49.08
N ALA BA 8 58.88 -62.41 -50.31
CA ALA BA 8 60.15 -63.08 -50.55
C ALA BA 8 61.30 -62.07 -50.66
N VAL BA 9 61.02 -60.80 -50.39
CA VAL BA 9 62.05 -59.75 -50.36
C VAL BA 9 62.59 -59.58 -48.95
N ARG BA 10 61.69 -59.56 -47.95
CA ARG BA 10 62.09 -59.53 -46.54
C ARG BA 10 62.67 -60.88 -46.08
N GLN BA 11 62.37 -61.93 -46.84
CA GLN BA 11 62.85 -63.28 -46.55
C GLN BA 11 64.31 -63.47 -46.97
N ASP BA 12 64.64 -63.05 -48.18
CA ASP BA 12 65.98 -63.23 -48.74
C ASP BA 12 67.00 -62.24 -48.17
N LEU BA 13 66.57 -61.01 -47.90
CA LEU BA 13 67.44 -59.98 -47.29
C LEU BA 13 67.82 -60.33 -45.84
N ALA BA 14 66.96 -61.05 -45.15
CA ALA BA 14 67.17 -61.39 -43.73
C ALA BA 14 68.28 -62.44 -43.52
N GLN BA 15 68.32 -63.45 -44.37
CA GLN BA 15 69.28 -64.55 -44.23
C GLN BA 15 70.72 -64.15 -44.58
N LEU BA 16 70.87 -63.23 -45.53
CA LEU BA 16 72.19 -62.74 -45.94
C LEU BA 16 72.77 -61.69 -44.99
N MET BA 17 71.99 -61.30 -43.97
CA MET BA 17 72.41 -60.28 -43.02
C MET BA 17 73.61 -60.74 -42.17
N ASN BA 18 73.68 -62.03 -41.89
CA ASN BA 18 74.83 -62.62 -41.19
C ASN BA 18 75.31 -63.88 -41.90
N SER BA 19 76.35 -63.74 -42.71
CA SER BA 19 76.89 -64.84 -43.53
C SER BA 19 78.35 -65.11 -43.15
N SER BA 20 79.01 -65.96 -43.94
CA SER BA 20 80.44 -66.24 -43.76
C SER BA 20 81.15 -66.33 -45.13
N GLY BA 21 80.95 -65.31 -45.96
CA GLY BA 21 81.56 -65.23 -47.29
C GLY BA 21 82.18 -63.87 -47.55
N SER BA 22 82.95 -63.75 -48.62
CA SER BA 22 83.67 -62.52 -48.95
C SER BA 22 82.75 -61.41 -49.48
N HIS BA 23 83.31 -60.25 -49.77
CA HIS BA 23 82.54 -59.10 -50.28
C HIS BA 23 81.97 -59.35 -51.68
N LYS BA 24 82.71 -60.08 -52.51
CA LYS BA 24 82.23 -60.44 -53.86
C LYS BA 24 81.05 -61.41 -53.77
N ASP BA 25 81.06 -62.26 -52.75
CA ASP BA 25 79.99 -63.25 -52.51
C ASP BA 25 78.69 -62.61 -52.00
N LEU BA 26 78.81 -61.50 -51.25
CA LEU BA 26 77.66 -60.91 -50.58
C LEU BA 26 77.09 -59.69 -51.33
N ALA BA 27 77.97 -58.81 -51.82
CA ALA BA 27 77.54 -57.66 -52.61
C ALA BA 27 76.91 -58.07 -53.95
N GLY BA 28 77.34 -59.21 -54.48
CA GLY BA 28 76.74 -59.79 -55.67
C GLY BA 28 75.34 -60.34 -55.41
N LYS BA 29 75.16 -60.94 -54.23
CA LYS BA 29 73.84 -61.48 -53.84
C LYS BA 29 72.83 -60.38 -53.49
N TYR BA 30 73.29 -59.33 -52.80
CA TYR BA 30 72.39 -58.23 -52.40
C TYR BA 30 71.84 -57.45 -53.60
N ARG BA 31 72.67 -57.20 -54.62
CA ARG BA 31 72.23 -56.50 -55.83
C ARG BA 31 71.25 -57.34 -56.66
N GLN BA 32 71.23 -58.65 -56.42
CA GLN BA 32 70.27 -59.55 -57.05
C GLN BA 32 68.86 -59.39 -56.47
N ILE BA 33 68.76 -58.88 -55.23
CA ILE BA 33 67.47 -58.59 -54.59
C ILE BA 33 66.96 -57.20 -54.97
N LEU BA 34 67.87 -56.32 -55.40
CA LEU BA 34 67.50 -55.04 -56.01
C LEU BA 34 66.74 -55.26 -57.32
N GLU BA 35 67.00 -56.39 -57.98
CA GLU BA 35 66.23 -56.83 -59.15
C GLU BA 35 64.81 -57.26 -58.73
N LYS BA 36 64.73 -57.97 -57.61
CA LYS BA 36 63.45 -58.45 -57.06
C LYS BA 36 62.58 -57.33 -56.50
N ALA BA 37 63.19 -56.18 -56.19
CA ALA BA 37 62.46 -55.02 -55.67
C ALA BA 37 61.95 -54.09 -56.77
N ILE BA 38 62.81 -53.75 -57.74
CA ILE BA 38 62.47 -52.82 -58.82
C ILE BA 38 61.46 -53.40 -59.82
N GLN BA 39 61.50 -54.72 -60.04
CA GLN BA 39 60.64 -55.37 -61.04
C GLN BA 39 59.16 -55.47 -60.62
N LEU BA 40 58.87 -55.23 -59.35
CA LEU BA 40 57.49 -55.27 -58.83
C LEU BA 40 56.62 -54.16 -59.41
N SER BA 41 55.30 -54.29 -59.26
CA SER BA 41 54.35 -53.37 -59.87
C SER BA 41 53.19 -53.02 -58.93
N GLY BA 42 52.62 -51.83 -59.11
CA GLY BA 42 51.49 -51.36 -58.31
C GLY BA 42 51.93 -50.82 -56.97
N ALA BA 43 51.21 -51.21 -55.91
CA ALA BA 43 51.55 -50.82 -54.54
C ALA BA 43 52.36 -51.90 -53.80
N GLU BA 44 52.76 -52.96 -54.52
CA GLU BA 44 53.55 -54.07 -53.93
C GLU BA 44 55.05 -53.83 -54.17
N GLN BA 45 55.40 -52.94 -55.12
CA GLN BA 45 56.77 -52.43 -55.27
C GLN BA 45 57.15 -51.44 -54.15
N LEU BA 46 56.16 -50.73 -53.62
CA LEU BA 46 56.41 -49.61 -52.70
C LEU BA 46 56.98 -50.02 -51.34
N GLU BA 47 56.75 -51.27 -50.93
CA GLU BA 47 57.21 -51.77 -49.63
C GLU BA 47 58.43 -52.70 -49.70
N ALA BA 48 58.70 -53.27 -50.88
CA ALA BA 48 59.87 -54.13 -51.07
C ALA BA 48 61.19 -53.35 -51.11
N LEU BA 49 61.13 -52.11 -51.61
CA LEU BA 49 62.29 -51.21 -51.59
C LEU BA 49 62.58 -50.73 -50.16
N LYS BA 50 61.52 -50.51 -49.38
CA LYS BA 50 61.67 -50.12 -47.98
C LYS BA 50 62.32 -51.21 -47.13
N ALA BA 51 62.14 -52.46 -47.53
CA ALA BA 51 62.85 -53.58 -46.91
C ALA BA 51 64.33 -53.59 -47.31
N PHE BA 52 64.61 -53.22 -48.56
CA PHE BA 52 65.98 -53.17 -49.08
C PHE BA 52 66.80 -52.04 -48.44
N VAL BA 53 66.20 -50.87 -48.23
CA VAL BA 53 66.90 -49.71 -47.68
C VAL BA 53 67.21 -49.86 -46.18
N GLU BA 54 66.27 -50.42 -45.42
CA GLU BA 54 66.48 -50.65 -43.99
C GLU BA 54 67.54 -51.72 -43.70
N ALA BA 55 67.71 -52.66 -44.62
CA ALA BA 55 68.72 -53.71 -44.48
C ALA BA 55 70.15 -53.17 -44.69
N MET BA 56 70.30 -52.19 -45.59
CA MET BA 56 71.60 -51.59 -45.87
C MET BA 56 72.06 -50.67 -44.73
N VAL BA 57 71.17 -49.84 -44.22
CA VAL BA 57 71.47 -48.95 -43.10
C VAL BA 57 71.65 -49.71 -41.78
N ASN BA 58 71.12 -50.94 -41.74
CA ASN BA 58 71.30 -51.85 -40.60
C ASN BA 58 72.76 -51.96 -40.16
N GLU BA 59 72.97 -52.19 -38.87
CA GLU BA 59 74.31 -52.32 -38.30
C GLU BA 59 74.88 -53.73 -38.47
N ASN BA 60 74.01 -54.68 -38.76
CA ASN BA 60 74.42 -56.05 -39.05
C ASN BA 60 74.86 -56.22 -40.52
N VAL BA 61 74.67 -55.18 -41.34
CA VAL BA 61 75.17 -55.15 -42.72
C VAL BA 61 76.37 -54.19 -42.81
N SER BA 62 77.54 -54.74 -43.17
CA SER BA 62 78.82 -54.00 -43.23
C SER BA 62 78.78 -52.69 -44.03
N LEU BA 63 79.78 -51.85 -43.76
CA LEU BA 63 79.93 -50.54 -44.41
C LEU BA 63 80.45 -50.63 -45.83
N VAL BA 64 81.09 -51.75 -46.19
CA VAL BA 64 81.55 -51.98 -47.56
C VAL BA 64 80.37 -52.38 -48.46
N ILE BA 65 79.34 -52.96 -47.85
CA ILE BA 65 78.11 -53.34 -48.55
C ILE BA 65 77.15 -52.15 -48.68
N SER BA 66 77.17 -51.26 -47.69
CA SER BA 66 76.23 -50.14 -47.62
C SER BA 66 76.53 -49.00 -48.61
N ARG BA 67 77.80 -48.69 -48.82
CA ARG BA 67 78.22 -47.64 -49.76
C ARG BA 67 78.30 -48.13 -51.21
N GLN BA 68 78.23 -49.44 -51.40
CA GLN BA 68 78.29 -50.05 -52.74
C GLN BA 68 76.92 -50.02 -53.42
N LEU BA 69 75.88 -50.39 -52.67
CA LEU BA 69 74.55 -50.63 -53.22
C LEU BA 69 73.59 -49.43 -53.14
N LEU BA 70 73.80 -48.54 -52.16
CA LEU BA 70 73.04 -47.28 -52.11
C LEU BA 70 73.49 -46.32 -53.21
N THR BA 71 74.64 -46.61 -53.84
CA THR BA 71 75.05 -45.93 -55.06
C THR BA 71 74.24 -46.45 -56.26
N ASP BA 72 74.07 -47.77 -56.33
CA ASP BA 72 73.24 -48.40 -57.36
C ASP BA 72 71.74 -48.15 -57.14
N PHE BA 73 71.35 -47.94 -55.89
CA PHE BA 73 69.96 -47.65 -55.53
C PHE BA 73 69.52 -46.26 -55.96
N CYS BA 74 70.45 -45.31 -55.89
CA CYS BA 74 70.16 -43.91 -56.22
C CYS BA 74 69.99 -43.67 -57.73
N THR BA 75 70.53 -44.56 -58.56
CA THR BA 75 70.41 -44.46 -60.02
C THR BA 75 69.36 -45.43 -60.60
N HIS BA 76 68.61 -46.11 -59.74
CA HIS BA 76 67.48 -46.95 -60.16
C HIS BA 76 66.12 -46.26 -59.94
N LEU BA 77 66.13 -45.07 -59.35
CA LEU BA 77 64.90 -44.29 -59.11
C LEU BA 77 64.60 -43.15 -60.10
N PRO BA 78 65.59 -42.72 -60.92
CA PRO BA 78 65.24 -41.91 -62.09
C PRO BA 78 64.45 -42.67 -63.17
N ASN BA 79 64.50 -44.01 -63.11
CA ASN BA 79 63.69 -44.87 -63.99
C ASN BA 79 62.20 -44.73 -63.70
N LEU BA 80 61.84 -44.75 -62.42
CA LEU BA 80 60.44 -44.87 -61.99
C LEU BA 80 59.72 -43.50 -62.09
N PRO BA 81 58.38 -43.50 -62.03
CA PRO BA 81 57.61 -42.25 -62.08
C PRO BA 81 57.90 -41.28 -60.93
N ASP BA 82 57.34 -40.06 -61.02
CA ASP BA 82 57.52 -39.02 -60.00
C ASP BA 82 56.70 -39.26 -58.73
N SER BA 83 55.81 -40.25 -58.76
CA SER BA 83 55.02 -40.63 -57.58
C SER BA 83 55.79 -41.62 -56.68
N THR BA 84 56.54 -42.53 -57.30
CA THR BA 84 57.31 -43.55 -56.58
C THR BA 84 58.74 -43.10 -56.27
N ALA BA 85 59.30 -42.21 -57.10
CA ALA BA 85 60.65 -41.68 -56.89
C ALA BA 85 60.72 -40.80 -55.63
N LYS BA 86 59.76 -39.90 -55.47
CA LYS BA 86 59.69 -38.99 -54.33
C LYS BA 86 59.30 -39.71 -53.03
N GLU BA 87 58.50 -40.78 -53.16
CA GLU BA 87 58.09 -41.62 -52.03
C GLU BA 87 59.32 -42.33 -51.43
N ILE BA 88 60.08 -43.01 -52.30
CA ILE BA 88 61.22 -43.83 -51.88
C ILE BA 88 62.44 -42.98 -51.50
N TYR BA 89 62.61 -41.81 -52.12
CA TYR BA 89 63.73 -40.90 -51.79
C TYR BA 89 63.67 -40.37 -50.36
N HIS BA 90 62.48 -39.94 -49.93
CA HIS BA 90 62.28 -39.44 -48.56
C HIS BA 90 62.39 -40.56 -47.51
N PHE BA 91 62.18 -41.80 -47.92
CA PHE BA 91 62.42 -42.95 -47.05
C PHE BA 91 63.92 -43.21 -46.87
N THR BA 92 64.70 -42.99 -47.93
CA THR BA 92 66.15 -43.19 -47.91
C THR BA 92 66.91 -42.08 -47.18
N LEU BA 93 66.28 -40.90 -47.02
CA LEU BA 93 66.93 -39.75 -46.39
C LEU BA 93 66.63 -39.57 -44.89
N GLU BA 94 65.71 -40.38 -44.34
CA GLU BA 94 65.47 -40.40 -42.89
C GLU BA 94 65.80 -41.75 -42.23
N LYS BA 95 66.23 -42.73 -43.02
CA LYS BA 95 66.88 -43.94 -42.50
C LYS BA 95 68.40 -43.86 -42.63
N ILE BA 96 68.88 -42.92 -43.44
CA ILE BA 96 70.29 -42.53 -43.49
C ILE BA 96 70.54 -41.32 -42.58
N GLN BA 97 69.48 -40.71 -42.06
CA GLN BA 97 69.61 -39.58 -41.13
C GLN BA 97 70.14 -39.98 -39.74
N PRO BA 98 69.68 -41.12 -39.18
CA PRO BA 98 70.29 -41.65 -37.95
C PRO BA 98 71.82 -41.80 -37.98
N ARG BA 99 72.38 -42.08 -39.16
CA ARG BA 99 73.83 -42.11 -39.36
C ARG BA 99 74.20 -41.30 -40.60
N VAL BA 100 74.04 -39.97 -40.49
CA VAL BA 100 74.30 -39.05 -41.60
C VAL BA 100 75.78 -38.70 -41.75
N ILE BA 101 76.61 -39.13 -40.79
CA ILE BA 101 78.06 -38.88 -40.83
C ILE BA 101 78.79 -39.88 -41.73
N SER BA 102 78.15 -41.03 -41.99
CA SER BA 102 78.76 -42.11 -42.77
C SER BA 102 78.54 -41.99 -44.28
N PHE BA 103 77.27 -41.90 -44.68
CA PHE BA 103 76.89 -41.98 -46.10
C PHE BA 103 76.60 -40.61 -46.70
N GLU BA 104 77.57 -39.70 -46.63
CA GLU BA 104 77.36 -38.34 -47.15
C GLU BA 104 77.49 -38.25 -48.66
N GLU BA 105 78.13 -39.24 -49.27
CA GLU BA 105 78.20 -39.32 -50.74
C GLU BA 105 76.86 -39.79 -51.30
N GLN BA 106 76.11 -40.54 -50.50
CA GLN BA 106 74.76 -40.96 -50.83
C GLN BA 106 73.74 -39.85 -50.54
N VAL BA 107 73.88 -39.21 -49.38
CA VAL BA 107 73.01 -38.09 -48.98
C VAL BA 107 73.11 -36.93 -49.96
N ALA BA 108 74.30 -36.73 -50.54
CA ALA BA 108 74.50 -35.69 -51.56
C ALA BA 108 73.76 -36.02 -52.86
N SER BA 109 74.01 -37.21 -53.40
CA SER BA 109 73.41 -37.64 -54.68
C SER BA 109 71.90 -37.90 -54.60
N ILE BA 110 71.42 -38.35 -53.45
CA ILE BA 110 69.97 -38.61 -53.25
C ILE BA 110 69.18 -37.30 -53.18
N ARG BA 111 69.70 -36.31 -52.44
CA ARG BA 111 69.02 -35.03 -52.28
C ARG BA 111 68.99 -34.16 -53.54
N GLN BA 112 69.92 -34.42 -54.48
CA GLN BA 112 69.94 -33.71 -55.76
C GLN BA 112 68.81 -34.18 -56.67
N HIS BA 113 68.63 -35.49 -56.79
CA HIS BA 113 67.54 -36.07 -57.58
C HIS BA 113 66.15 -35.73 -57.02
N LEU BA 114 66.07 -35.53 -55.71
CA LEU BA 114 64.84 -35.15 -55.03
C LEU BA 114 64.43 -33.72 -55.37
N ALA BA 115 65.41 -32.81 -55.42
CA ALA BA 115 65.16 -31.40 -55.75
C ALA BA 115 64.71 -31.20 -57.20
N SER BA 116 65.06 -32.13 -58.08
CA SER BA 116 64.64 -32.07 -59.48
C SER BA 116 63.18 -32.50 -59.67
N ILE BA 117 62.71 -33.43 -58.84
CA ILE BA 117 61.31 -33.87 -58.89
C ILE BA 117 60.40 -32.79 -58.31
N TYR BA 118 60.85 -32.11 -57.26
CA TYR BA 118 60.13 -30.97 -56.69
C TYR BA 118 59.91 -29.86 -57.71
N GLU BA 119 61.01 -29.31 -58.23
CA GLU BA 119 60.97 -28.17 -59.15
C GLU BA 119 60.13 -28.45 -60.40
N LYS BA 120 60.26 -29.66 -60.94
CA LYS BA 120 59.44 -30.11 -62.07
C LYS BA 120 57.94 -29.93 -61.87
N GLU BA 121 57.44 -30.26 -60.67
CA GLU BA 121 56.02 -30.17 -60.35
C GLU BA 121 55.64 -28.82 -59.70
N GLU BA 122 56.20 -27.73 -60.22
CA GLU BA 122 55.92 -26.37 -59.73
C GLU BA 122 56.10 -26.20 -58.20
N ASP BA 123 57.17 -26.79 -57.66
CA ASP BA 123 57.52 -26.63 -56.25
C ASP BA 123 58.85 -25.88 -56.15
N TRP BA 124 58.77 -24.56 -55.95
CA TRP BA 124 59.95 -23.70 -55.89
C TRP BA 124 60.44 -23.51 -54.45
N ARG BA 125 59.77 -24.15 -53.50
CA ARG BA 125 60.08 -24.02 -52.08
C ARG BA 125 60.89 -25.20 -51.57
N ASN BA 126 60.30 -26.40 -51.64
CA ASN BA 126 60.89 -27.61 -51.05
C ASN BA 126 62.07 -28.18 -51.84
N ALA BA 127 62.21 -27.77 -53.10
CA ALA BA 127 63.39 -28.11 -53.90
C ALA BA 127 64.63 -27.44 -53.31
N ALA BA 128 64.49 -26.17 -52.94
CA ALA BA 128 65.58 -25.40 -52.33
C ALA BA 128 65.91 -25.90 -50.94
N GLN BA 129 64.88 -26.14 -50.13
CA GLN BA 129 65.04 -26.57 -48.75
C GLN BA 129 65.75 -27.92 -48.59
N VAL BA 130 65.74 -28.76 -49.63
CA VAL BA 130 66.43 -30.06 -49.55
C VAL BA 130 67.92 -29.88 -49.91
N LEU BA 131 68.24 -28.90 -50.77
CA LEU BA 131 69.64 -28.56 -51.09
C LEU BA 131 70.32 -27.81 -49.94
N VAL BA 132 69.54 -27.11 -49.12
CA VAL BA 132 70.05 -26.48 -47.89
C VAL BA 132 70.55 -27.56 -46.94
N GLY BA 133 69.78 -28.65 -46.84
CA GLY BA 133 70.13 -29.78 -45.97
C GLY BA 133 71.38 -30.54 -46.37
N ILE BA 134 71.76 -30.48 -47.65
CA ILE BA 134 72.98 -31.13 -48.12
C ILE BA 134 74.19 -30.48 -47.44
N PRO BA 135 74.92 -31.26 -46.62
CA PRO BA 135 76.05 -30.69 -45.88
C PRO BA 135 77.28 -30.49 -46.77
N LEU BA 136 77.33 -29.34 -47.42
CA LEU BA 136 78.38 -29.04 -48.40
C LEU BA 136 79.70 -28.69 -47.70
N GLU BA 137 79.69 -27.58 -46.96
CA GLU BA 137 80.89 -27.06 -46.31
C GLU BA 137 80.98 -27.62 -44.89
N THR BA 138 79.87 -27.51 -44.16
CA THR BA 138 79.78 -27.97 -42.78
C THR BA 138 80.00 -29.47 -42.65
N GLY BA 139 79.67 -30.22 -43.69
CA GLY BA 139 79.86 -31.67 -43.70
C GLY BA 139 81.31 -32.09 -43.53
N GLN BA 140 81.50 -33.36 -43.14
CA GLN BA 140 82.82 -33.93 -42.96
C GLN BA 140 83.59 -33.94 -44.29
N LYS BA 141 82.89 -34.28 -45.37
CA LYS BA 141 83.50 -34.38 -46.68
C LYS BA 141 83.74 -33.01 -47.31
N GLN BA 142 84.61 -32.99 -48.34
CA GLN BA 142 84.95 -31.76 -49.07
C GLN BA 142 84.54 -31.89 -50.55
N TYR BA 143 84.06 -30.79 -51.14
CA TYR BA 143 83.49 -30.80 -52.51
C TYR BA 143 84.12 -29.79 -53.46
N ASN BA 144 83.89 -30.02 -54.77
CA ASN BA 144 84.31 -29.23 -55.96
C ASN BA 144 83.77 -27.82 -56.03
N VAL BA 145 84.40 -26.98 -56.86
CA VAL BA 145 83.90 -25.64 -57.17
C VAL BA 145 82.61 -25.72 -57.98
N ASP BA 146 82.61 -26.56 -59.03
CA ASP BA 146 81.47 -26.68 -59.94
C ASP BA 146 80.22 -27.33 -59.32
N TYR BA 147 80.36 -27.93 -58.14
CA TYR BA 147 79.23 -28.46 -57.39
C TYR BA 147 78.65 -27.42 -56.41
N LYS BA 148 79.53 -26.74 -55.68
CA LYS BA 148 79.11 -25.74 -54.70
C LYS BA 148 78.56 -24.47 -55.36
N LEU BA 149 79.25 -24.00 -56.39
CA LEU BA 149 78.80 -22.82 -57.16
C LEU BA 149 77.51 -23.10 -57.94
N GLU BA 150 77.25 -24.37 -58.25
CA GLU BA 150 76.02 -24.79 -58.91
C GLU BA 150 74.87 -24.97 -57.90
N THR BA 151 75.19 -25.44 -56.70
CA THR BA 151 74.19 -25.66 -55.65
C THR BA 151 73.62 -24.34 -55.12
N TYR BA 152 74.49 -23.39 -54.79
CA TYR BA 152 74.06 -22.08 -54.32
C TYR BA 152 73.40 -21.27 -55.45
N LEU BA 153 73.72 -21.60 -56.69
CA LEU BA 153 73.05 -21.03 -57.87
C LEU BA 153 71.58 -21.43 -57.88
N LYS BA 154 71.33 -22.73 -57.70
CA LYS BA 154 70.00 -23.30 -57.78
C LYS BA 154 69.16 -23.00 -56.54
N ILE BA 155 69.80 -22.91 -55.38
CA ILE BA 155 69.13 -22.55 -54.13
C ILE BA 155 68.58 -21.12 -54.19
N ALA BA 156 69.45 -20.19 -54.57
CA ALA BA 156 69.07 -18.77 -54.69
C ALA BA 156 68.01 -18.56 -55.79
N ARG BA 157 68.12 -19.31 -56.88
CA ARG BA 157 67.18 -19.21 -58.00
C ARG BA 157 65.77 -19.70 -57.62
N LEU BA 158 65.70 -20.65 -56.69
CA LEU BA 158 64.42 -21.25 -56.28
C LEU BA 158 63.64 -20.40 -55.28
N TYR BA 159 64.33 -19.82 -54.30
CA TYR BA 159 63.68 -18.95 -53.32
C TYR BA 159 63.09 -17.68 -53.94
N LEU BA 160 63.63 -17.25 -55.08
CA LEU BA 160 63.06 -16.14 -55.85
C LEU BA 160 61.79 -16.55 -56.59
N GLU BA 161 61.78 -17.77 -57.12
CA GLU BA 161 60.63 -18.29 -57.86
C GLU BA 161 59.37 -18.45 -57.00
N ASP BA 162 59.55 -18.58 -55.68
CA ASP BA 162 58.44 -18.57 -54.73
C ASP BA 162 58.23 -17.18 -54.12
N ASP BA 163 58.85 -16.16 -54.72
CA ASP BA 163 58.90 -14.80 -54.17
C ASP BA 163 59.33 -14.77 -52.70
N ASP BA 164 60.63 -14.83 -52.47
CA ASP BA 164 61.21 -14.69 -51.13
C ASP BA 164 62.69 -14.32 -51.25
N PRO BA 165 62.97 -13.05 -51.58
CA PRO BA 165 64.37 -12.58 -51.73
C PRO BA 165 65.13 -12.46 -50.41
N VAL BA 166 64.44 -12.60 -49.28
CA VAL BA 166 65.09 -12.66 -47.97
C VAL BA 166 65.98 -13.91 -47.90
N GLN BA 167 65.48 -15.02 -48.45
CA GLN BA 167 66.21 -16.30 -48.50
C GLN BA 167 67.19 -16.37 -49.68
N ALA BA 168 66.73 -15.91 -50.84
CA ALA BA 168 67.54 -15.99 -52.07
C ALA BA 168 68.84 -15.18 -51.99
N GLU BA 169 68.80 -14.05 -51.27
CA GLU BA 169 69.98 -13.20 -51.11
C GLU BA 169 71.04 -13.84 -50.22
N ALA BA 170 70.61 -14.67 -49.27
CA ALA BA 170 71.51 -15.29 -48.30
C ALA BA 170 72.49 -16.31 -48.92
N TYR BA 171 72.00 -17.11 -49.86
CA TYR BA 171 72.80 -18.19 -50.45
C TYR BA 171 73.62 -17.75 -51.66
N ILE BA 172 73.13 -16.75 -52.40
CA ILE BA 172 73.90 -16.16 -53.51
C ILE BA 172 75.08 -15.34 -52.97
N ASN BA 173 74.96 -14.84 -51.74
CA ASN BA 173 76.09 -14.22 -51.05
C ASN BA 173 77.19 -15.24 -50.76
N ARG BA 174 76.79 -16.45 -50.39
CA ARG BA 174 77.71 -17.55 -50.15
C ARG BA 174 78.21 -18.16 -51.47
N ALA BA 175 77.49 -17.92 -52.56
CA ALA BA 175 77.91 -18.30 -53.92
C ALA BA 175 79.01 -17.39 -54.46
N SER BA 176 79.02 -16.13 -54.04
CA SER BA 176 80.01 -15.15 -54.52
C SER BA 176 81.44 -15.45 -54.04
N LEU BA 177 81.56 -16.22 -52.96
CA LEU BA 177 82.86 -16.65 -52.44
C LEU BA 177 83.60 -17.56 -53.42
N LEU BA 178 82.84 -18.38 -54.16
CA LEU BA 178 83.40 -19.45 -55.00
C LEU BA 178 83.26 -19.21 -56.51
N GLN BA 179 82.89 -17.98 -56.91
CA GLN BA 179 82.74 -17.63 -58.33
C GLN BA 179 84.03 -17.04 -58.92
N ASN BA 180 84.84 -16.42 -58.07
CA ASN BA 180 86.18 -15.97 -58.46
C ASN BA 180 87.11 -17.15 -58.74
N GLU BA 181 86.88 -18.25 -58.02
CA GLU BA 181 87.74 -19.44 -58.04
C GLU BA 181 87.48 -20.35 -59.25
N SER BA 182 86.40 -20.13 -59.99
CA SER BA 182 85.99 -21.04 -61.08
C SER BA 182 86.69 -20.71 -62.41
N THR BA 183 86.94 -21.76 -63.18
CA THR BA 183 87.44 -21.63 -64.56
C THR BA 183 86.38 -22.06 -65.57
N ASN BA 184 85.16 -22.31 -65.07
CA ASN BA 184 84.06 -22.74 -65.91
C ASN BA 184 83.45 -21.51 -66.58
N GLU BA 185 83.40 -21.52 -67.92
CA GLU BA 185 83.01 -20.35 -68.70
C GLU BA 185 81.49 -20.20 -68.87
N GLN BA 186 80.72 -21.21 -68.48
CA GLN BA 186 79.25 -21.14 -68.54
C GLN BA 186 78.61 -21.04 -67.14
N LEU BA 187 79.30 -21.53 -66.12
CA LEU BA 187 78.81 -21.47 -64.74
C LEU BA 187 78.89 -20.07 -64.15
N GLN BA 188 79.96 -19.34 -64.50
CA GLN BA 188 80.08 -17.93 -64.14
C GLN BA 188 79.03 -17.08 -64.86
N ILE BA 189 78.66 -17.48 -66.08
CA ILE BA 189 77.61 -16.80 -66.84
C ILE BA 189 76.23 -16.97 -66.18
N HIS BA 190 75.93 -18.18 -65.72
CA HIS BA 190 74.66 -18.44 -65.04
C HIS BA 190 74.61 -17.90 -63.61
N TYR BA 191 75.77 -17.47 -63.09
CA TYR BA 191 75.83 -16.72 -61.83
C TYR BA 191 75.46 -15.24 -62.02
N LYS BA 192 75.91 -14.65 -63.14
CA LYS BA 192 75.63 -13.23 -63.44
C LYS BA 192 74.19 -13.03 -63.92
N VAL BA 193 73.62 -14.05 -64.56
CA VAL BA 193 72.18 -14.06 -64.91
C VAL BA 193 71.33 -14.18 -63.64
N CYS BA 194 71.83 -14.92 -62.66
CA CYS BA 194 71.14 -15.12 -61.38
C CYS BA 194 71.49 -14.07 -60.32
N TYR BA 195 72.58 -13.33 -60.52
CA TYR BA 195 72.94 -12.21 -59.63
C TYR BA 195 72.26 -10.92 -60.08
N ALA BA 196 72.08 -10.77 -61.40
CA ALA BA 196 71.29 -9.66 -61.94
C ALA BA 196 69.84 -9.70 -61.41
N ARG BA 197 69.31 -10.91 -61.26
CA ARG BA 197 67.94 -11.13 -60.76
C ARG BA 197 67.80 -10.93 -59.25
N VAL BA 198 68.86 -11.15 -58.49
CA VAL BA 198 68.86 -10.87 -57.04
C VAL BA 198 68.82 -9.37 -56.77
N LEU BA 199 69.46 -8.59 -57.64
CA LEU BA 199 69.39 -7.13 -57.56
C LEU BA 199 68.06 -6.61 -58.13
N ASP BA 200 67.45 -7.39 -59.03
CA ASP BA 200 66.15 -7.06 -59.62
C ASP BA 200 65.01 -7.25 -58.62
N TYR BA 201 64.97 -8.43 -57.98
CA TYR BA 201 63.94 -8.73 -56.96
C TYR BA 201 64.18 -8.01 -55.63
N ARG BA 202 65.39 -7.46 -55.44
CA ARG BA 202 65.68 -6.59 -54.28
C ARG BA 202 65.59 -5.10 -54.64
N ARG BA 203 65.07 -4.80 -55.83
CA ARG BA 203 64.77 -3.42 -56.26
C ARG BA 203 66.00 -2.51 -56.35
N LYS BA 204 67.14 -3.09 -56.74
CA LYS BA 204 68.31 -2.34 -57.18
C LYS BA 204 68.32 -2.39 -58.70
N PHE BA 205 67.39 -1.64 -59.29
CA PHE BA 205 67.10 -1.72 -60.72
C PHE BA 205 68.24 -1.15 -61.60
N ILE BA 206 68.91 -0.11 -61.11
CA ILE BA 206 69.98 0.58 -61.88
C ILE BA 206 71.24 -0.29 -61.98
N GLU BA 207 71.61 -0.94 -60.86
CA GLU BA 207 72.76 -1.85 -60.85
C GLU BA 207 72.42 -3.16 -61.55
N ALA BA 208 71.14 -3.55 -61.52
CA ALA BA 208 70.66 -4.73 -62.24
C ALA BA 208 70.79 -4.56 -63.76
N ALA BA 209 70.56 -3.34 -64.25
CA ALA BA 209 70.70 -3.02 -65.67
C ALA BA 209 72.14 -3.20 -66.19
N GLN BA 210 73.13 -2.99 -65.31
CA GLN BA 210 74.54 -3.15 -65.67
C GLN BA 210 74.93 -4.63 -65.85
N ARG BA 211 74.27 -5.51 -65.09
CA ARG BA 211 74.49 -6.96 -65.18
C ARG BA 211 73.86 -7.53 -66.44
N TYR BA 212 72.59 -7.18 -66.65
CA TYR BA 212 71.82 -7.64 -67.80
C TYR BA 212 72.40 -7.17 -69.13
N ASN BA 213 72.79 -5.89 -69.18
CA ASN BA 213 73.38 -5.29 -70.39
C ASN BA 213 74.71 -5.97 -70.76
N GLU BA 214 75.54 -6.21 -69.75
CA GLU BA 214 76.81 -6.95 -69.92
C GLU BA 214 76.66 -8.32 -70.60
N LEU BA 215 75.65 -9.08 -70.17
CA LEU BA 215 75.46 -10.46 -70.62
C LEU BA 215 74.99 -10.61 -72.07
N SER BA 216 74.29 -9.59 -72.57
CA SER BA 216 73.86 -9.58 -73.97
C SER BA 216 75.02 -9.33 -74.94
N TYR BA 217 76.10 -8.72 -74.45
CA TYR BA 217 77.29 -8.46 -75.27
C TYR BA 217 78.24 -9.65 -75.36
N LYS BA 218 78.05 -10.66 -74.49
CA LYS BA 218 78.89 -11.86 -74.53
C LYS BA 218 78.44 -12.84 -75.63
N THR BA 219 79.39 -13.22 -76.50
CA THR BA 219 79.11 -14.10 -77.64
C THR BA 219 78.99 -15.58 -77.25
N ILE BA 220 79.76 -15.99 -76.23
CA ILE BA 220 79.65 -17.32 -75.64
C ILE BA 220 78.20 -17.72 -75.28
N VAL BA 221 77.41 -16.74 -74.85
CA VAL BA 221 75.98 -16.93 -74.62
C VAL BA 221 75.28 -17.02 -75.98
N HIS BA 222 74.39 -18.00 -76.15
CA HIS BA 222 73.72 -18.23 -77.44
C HIS BA 222 72.85 -17.04 -77.83
N GLU BA 223 72.67 -16.83 -79.14
CA GLU BA 223 72.08 -15.58 -79.67
C GLU BA 223 70.66 -15.27 -79.19
N SER BA 224 69.83 -16.30 -79.01
CA SER BA 224 68.44 -16.10 -78.55
C SER BA 224 68.38 -15.75 -77.06
N GLU BA 225 69.45 -16.07 -76.33
CA GLU BA 225 69.56 -15.75 -74.90
C GLU BA 225 70.17 -14.36 -74.64
N ARG BA 226 70.77 -13.75 -75.65
CA ARG BA 226 71.28 -12.38 -75.56
C ARG BA 226 70.14 -11.37 -75.73
N LEU BA 227 69.05 -11.80 -76.37
CA LEU BA 227 67.84 -10.98 -76.54
C LEU BA 227 67.14 -10.72 -75.21
N GLU BA 228 67.01 -11.78 -74.40
CA GLU BA 228 66.44 -11.75 -73.05
C GLU BA 228 67.38 -10.94 -72.11
N ALA BA 229 68.70 -11.16 -72.26
CA ALA BA 229 69.73 -10.43 -71.51
C ALA BA 229 69.65 -8.92 -71.70
N LEU BA 230 69.47 -8.49 -72.94
CA LEU BA 230 69.36 -7.07 -73.27
C LEU BA 230 68.01 -6.48 -72.83
N LYS BA 231 66.93 -7.26 -72.93
CA LYS BA 231 65.59 -6.78 -72.60
C LYS BA 231 65.34 -6.62 -71.10
N HIS BA 232 65.92 -7.50 -70.29
CA HIS BA 232 65.85 -7.37 -68.82
C HIS BA 232 66.60 -6.10 -68.35
N ALA BA 233 67.64 -5.69 -69.07
CA ALA BA 233 68.34 -4.44 -68.79
C ALA BA 233 67.45 -3.24 -69.07
N LEU BA 234 66.70 -3.30 -70.17
CA LEU BA 234 65.75 -2.26 -70.56
C LEU BA 234 64.70 -1.99 -69.48
N HIS BA 235 64.03 -3.05 -69.03
CA HIS BA 235 63.00 -2.94 -67.98
C HIS BA 235 63.57 -2.34 -66.70
N CYS BA 236 64.71 -2.85 -66.26
CA CYS BA 236 65.35 -2.37 -65.03
C CYS BA 236 66.07 -1.03 -65.21
N THR BA 237 66.36 -0.64 -66.44
CA THR BA 237 66.85 0.72 -66.72
C THR BA 237 65.70 1.71 -66.64
N ILE BA 238 64.52 1.31 -67.13
CA ILE BA 238 63.36 2.18 -67.13
C ILE BA 238 62.78 2.35 -65.72
N LEU BA 239 62.52 1.23 -65.05
CA LEU BA 239 61.82 1.24 -63.75
C LEU BA 239 62.66 1.74 -62.58
N ALA BA 240 63.96 1.92 -62.80
CA ALA BA 240 64.83 2.52 -61.81
C ALA BA 240 64.49 3.99 -61.59
N SER BA 241 64.99 4.55 -60.49
CA SER BA 241 64.81 5.98 -60.20
C SER BA 241 65.72 6.81 -61.11
N ALA BA 242 65.35 8.07 -61.30
CA ALA BA 242 66.04 8.95 -62.24
C ALA BA 242 67.46 9.29 -61.79
N GLY BA 243 68.39 8.37 -62.06
CA GLY BA 243 69.80 8.60 -61.81
C GLY BA 243 70.45 9.16 -63.07
N GLN BA 244 71.64 9.73 -62.90
CA GLN BA 244 72.43 10.19 -64.05
C GLN BA 244 73.11 8.99 -64.72
N GLN BA 245 73.42 7.97 -63.93
CA GLN BA 245 73.90 6.69 -64.47
C GLN BA 245 72.85 6.09 -65.40
N ARG BA 246 71.57 6.22 -65.01
CA ARG BA 246 70.43 5.75 -65.80
C ARG BA 246 70.32 6.45 -67.16
N SER BA 247 70.70 7.73 -67.20
CA SER BA 247 70.72 8.51 -68.45
C SER BA 247 71.75 7.99 -69.46
N ARG BA 248 72.86 7.44 -68.95
CA ARG BA 248 73.91 6.86 -69.80
C ARG BA 248 73.53 5.45 -70.26
N MET BA 249 72.78 4.73 -69.43
CA MET BA 249 72.20 3.44 -69.80
C MET BA 249 71.17 3.63 -70.90
N LEU BA 250 70.25 4.56 -70.68
CA LEU BA 250 69.24 4.91 -71.68
C LEU BA 250 69.85 5.31 -73.03
N ALA BA 251 71.01 5.97 -72.98
CA ALA BA 251 71.76 6.32 -74.18
C ALA BA 251 72.30 5.07 -74.88
N THR BA 252 72.87 4.15 -74.11
CA THR BA 252 73.36 2.87 -74.62
C THR BA 252 72.22 2.04 -75.22
N LEU BA 253 71.01 2.19 -74.70
CA LEU BA 253 69.84 1.44 -75.16
C LEU BA 253 69.25 1.96 -76.48
N PHE BA 254 69.35 3.26 -76.76
CA PHE BA 254 68.94 3.79 -78.08
C PHE BA 254 70.05 3.61 -79.11
N LYS BA 255 71.31 3.73 -78.67
CA LYS BA 255 72.47 3.50 -79.54
C LYS BA 255 72.52 2.08 -80.09
N ASP BA 256 72.06 1.11 -79.29
CA ASP BA 256 72.08 -0.30 -79.67
C ASP BA 256 70.85 -0.65 -80.52
N GLU BA 257 71.08 -1.03 -81.79
CA GLU BA 257 69.99 -1.37 -82.72
C GLU BA 257 69.23 -2.62 -82.28
N ARG BA 258 69.89 -3.47 -81.49
CA ARG BA 258 69.28 -4.69 -80.98
C ARG BA 258 68.05 -4.38 -80.10
N CYS BA 259 68.08 -3.23 -79.44
CA CYS BA 259 66.97 -2.79 -78.59
C CYS BA 259 65.73 -2.38 -79.40
N GLN BA 260 65.93 -1.91 -80.64
CA GLN BA 260 64.81 -1.54 -81.52
C GLN BA 260 63.82 -2.70 -81.67
N GLN BA 261 64.34 -3.93 -81.65
CA GLN BA 261 63.53 -5.13 -81.76
C GLN BA 261 62.61 -5.35 -80.56
N LEU BA 262 63.03 -4.83 -79.39
CA LEU BA 262 62.29 -5.04 -78.14
C LEU BA 262 60.95 -4.28 -78.14
N ALA BA 263 59.98 -4.81 -77.40
CA ALA BA 263 58.61 -4.29 -77.40
C ALA BA 263 58.45 -2.95 -76.68
N ALA BA 264 59.35 -2.67 -75.73
CA ALA BA 264 59.33 -1.39 -75.02
C ALA BA 264 60.30 -0.38 -75.62
N TYR BA 265 60.34 -0.31 -76.95
CA TYR BA 265 61.10 0.70 -77.67
C TYR BA 265 60.29 1.99 -77.80
N GLY BA 266 58.96 1.85 -77.94
CA GLY BA 266 58.05 3.01 -77.89
C GLY BA 266 58.12 3.77 -76.58
N ILE BA 267 58.44 3.05 -75.51
CA ILE BA 267 58.68 3.66 -74.20
C ILE BA 267 60.09 4.26 -74.17
N LEU BA 268 61.09 3.47 -74.58
CA LEU BA 268 62.48 3.91 -74.54
C LEU BA 268 62.79 5.09 -75.48
N GLU BA 269 62.45 4.94 -76.77
CA GLU BA 269 62.56 6.06 -77.74
C GLU BA 269 62.06 7.36 -77.10
N LYS BA 270 60.88 7.29 -76.51
CA LYS BA 270 60.25 8.44 -75.85
C LYS BA 270 60.86 8.76 -74.49
N MET BA 271 61.52 7.79 -73.87
CA MET BA 271 62.15 8.00 -72.58
C MET BA 271 63.49 8.72 -72.70
N TYR BA 272 64.42 8.14 -73.46
CA TYR BA 272 65.78 8.68 -73.60
C TYR BA 272 65.79 10.10 -74.16
N LEU BA 273 64.94 10.34 -75.14
CA LEU BA 273 64.90 11.63 -75.82
C LEU BA 273 63.99 12.63 -75.10
N ASP BA 274 63.48 12.24 -73.93
CA ASP BA 274 62.73 13.11 -73.03
C ASP BA 274 61.44 13.53 -73.68
N ARG BA 275 60.62 12.52 -73.96
CA ARG BA 275 59.32 12.72 -74.54
C ARG BA 275 58.28 12.27 -73.53
N ILE BA 276 57.10 12.86 -73.65
CA ILE BA 276 56.00 12.55 -72.76
C ILE BA 276 55.48 11.13 -73.05
N ILE BA 277 55.07 10.44 -71.99
CA ILE BA 277 54.50 9.10 -72.10
C ILE BA 277 53.07 9.14 -71.57
N ARG BA 278 52.13 8.69 -72.38
CA ARG BA 278 50.72 8.74 -72.00
C ARG BA 278 50.37 7.67 -70.96
N GLY BA 279 49.10 7.67 -70.56
CA GLY BA 279 48.53 6.65 -69.68
C GLY BA 279 47.97 5.42 -70.41
N ASN BA 280 48.04 5.41 -71.74
CA ASN BA 280 47.71 4.20 -72.53
C ASN BA 280 48.96 3.33 -72.81
N GLN BA 281 50.13 3.97 -72.85
CA GLN BA 281 51.40 3.26 -72.90
C GLN BA 281 51.87 2.89 -71.49
N LEU BA 282 51.32 3.58 -70.49
CA LEU BA 282 51.45 3.20 -69.08
C LEU BA 282 50.83 1.81 -68.85
N GLN BA 283 49.68 1.58 -69.48
CA GLN BA 283 49.00 0.27 -69.44
C GLN BA 283 49.77 -0.77 -70.24
N GLU BA 284 50.10 -0.42 -71.48
CA GLU BA 284 50.92 -1.26 -72.36
C GLU BA 284 52.15 -1.76 -71.62
N PHE BA 285 52.91 -0.83 -71.05
CA PHE BA 285 54.14 -1.16 -70.34
C PHE BA 285 53.88 -1.81 -68.98
N ALA BA 286 52.76 -1.47 -68.34
CA ALA BA 286 52.34 -2.11 -67.08
C ALA BA 286 52.04 -3.59 -67.26
N ALA BA 287 51.52 -3.96 -68.44
CA ALA BA 287 51.23 -5.36 -68.75
C ALA BA 287 52.50 -6.19 -68.93
N MET BA 288 53.56 -5.56 -69.44
CA MET BA 288 54.85 -6.24 -69.65
C MET BA 288 55.60 -6.52 -68.33
N LEU BA 289 55.34 -5.72 -67.29
CA LEU BA 289 56.10 -5.80 -66.05
C LEU BA 289 55.82 -7.07 -65.26
N MET BA 290 56.73 -7.36 -64.34
CA MET BA 290 56.60 -8.49 -63.44
C MET BA 290 55.87 -7.99 -62.18
N PRO BA 291 55.22 -8.91 -61.43
CA PRO BA 291 54.39 -8.50 -60.29
C PRO BA 291 55.14 -7.71 -59.20
N HIS BA 292 56.36 -8.13 -58.87
CA HIS BA 292 57.18 -7.52 -57.81
C HIS BA 292 57.70 -6.11 -58.14
N GLN BA 293 57.78 -5.79 -59.43
CA GLN BA 293 58.35 -4.49 -59.88
C GLN BA 293 57.43 -3.27 -59.69
N LYS BA 294 56.17 -3.50 -59.32
CA LYS BA 294 55.22 -2.41 -59.14
C LYS BA 294 55.11 -2.25 -57.64
N ALA BA 295 56.21 -2.48 -56.92
CA ALA BA 295 56.30 -2.35 -55.46
C ALA BA 295 55.82 -0.98 -54.97
N THR BA 296 54.92 -0.97 -53.99
CA THR BA 296 54.30 0.29 -53.53
C THR BA 296 54.80 0.67 -52.13
N THR BA 297 54.96 1.97 -51.90
CA THR BA 297 55.34 2.49 -50.58
C THR BA 297 54.56 3.75 -50.22
N ALA BA 298 54.42 3.99 -48.91
CA ALA BA 298 53.75 5.18 -48.37
C ALA BA 298 52.29 5.31 -48.83
N ASP BA 299 52.07 5.88 -50.02
CA ASP BA 299 50.72 6.20 -50.51
C ASP BA 299 50.06 5.10 -51.34
N GLY BA 300 50.77 3.97 -51.54
CA GLY BA 300 50.22 2.84 -52.28
C GLY BA 300 50.37 2.94 -53.79
N SER BA 301 51.10 3.95 -54.26
CA SER BA 301 51.38 4.12 -55.69
C SER BA 301 52.67 3.40 -56.08
N SER BA 302 52.72 2.93 -57.32
CA SER BA 302 53.87 2.19 -57.83
C SER BA 302 55.00 3.12 -58.20
N ILE BA 303 56.16 2.55 -58.52
CA ILE BA 303 57.23 3.33 -59.13
C ILE BA 303 56.74 3.75 -60.51
N LEU BA 304 56.14 2.80 -61.23
CA LEU BA 304 55.53 3.05 -62.53
C LEU BA 304 54.64 4.29 -62.47
N ASP BA 305 53.49 4.17 -61.80
CA ASP BA 305 52.46 5.21 -61.84
C ASP BA 305 52.89 6.57 -61.32
N ARG BA 306 54.04 6.65 -60.63
CA ARG BA 306 54.54 7.92 -60.12
C ARG BA 306 55.81 8.39 -60.84
N ALA BA 307 56.78 7.51 -61.03
CA ALA BA 307 58.00 7.84 -61.78
C ALA BA 307 57.71 8.09 -63.26
N VAL BA 308 56.63 7.50 -63.76
CA VAL BA 308 56.17 7.76 -65.13
C VAL BA 308 55.62 9.19 -65.29
N ILE BA 309 54.55 9.48 -64.57
CA ILE BA 309 53.82 10.75 -64.73
C ILE BA 309 54.71 11.93 -64.37
N GLU BA 310 55.68 11.71 -63.48
CA GLU BA 310 56.66 12.75 -63.15
C GLU BA 310 57.59 13.05 -64.35
N HIS BA 311 57.92 12.01 -65.12
CA HIS BA 311 58.66 12.21 -66.36
C HIS BA 311 57.86 13.05 -67.36
N ASN BA 312 56.54 12.82 -67.40
CA ASN BA 312 55.64 13.58 -68.27
C ASN BA 312 55.72 15.10 -68.04
N LEU BA 313 55.77 15.50 -66.77
CA LEU BA 313 55.89 16.92 -66.42
C LEU BA 313 57.17 17.52 -66.98
N LEU BA 314 58.29 16.88 -66.66
CA LEU BA 314 59.62 17.35 -67.06
C LEU BA 314 59.75 17.45 -68.58
N SER BA 315 59.10 16.55 -69.30
CA SER BA 315 59.02 16.60 -70.76
C SER BA 315 58.17 17.79 -71.19
N ALA BA 316 56.99 17.91 -70.58
CA ALA BA 316 56.05 18.99 -70.90
C ALA BA 316 56.62 20.37 -70.55
N SER BA 317 57.46 20.42 -69.52
CA SER BA 317 58.00 21.68 -69.01
C SER BA 317 58.62 22.58 -70.08
N LYS BA 318 59.70 22.11 -70.70
CA LYS BA 318 60.46 22.94 -71.63
C LYS BA 318 59.82 23.06 -73.02
N LEU BA 319 58.89 22.16 -73.34
CA LEU BA 319 58.07 22.27 -74.57
C LEU BA 319 57.11 23.43 -74.42
N TYR BA 320 56.38 23.46 -73.31
CA TYR BA 320 55.56 24.61 -72.94
C TYR BA 320 56.42 25.73 -72.35
N ASN BA 321 55.77 26.85 -72.03
CA ASN BA 321 56.33 27.85 -71.13
C ASN BA 321 55.42 28.13 -69.93
N ASN BA 322 54.14 27.75 -70.04
CA ASN BA 322 53.18 27.84 -68.93
C ASN BA 322 51.88 27.10 -69.26
N ILE BA 323 51.16 26.68 -68.24
CA ILE BA 323 49.88 25.96 -68.42
C ILE BA 323 49.06 25.92 -67.13
N THR BA 324 47.74 25.79 -67.28
CA THR BA 324 46.82 25.64 -66.15
C THR BA 324 46.89 24.21 -65.62
N PHE BA 325 46.46 24.04 -64.37
CA PHE BA 325 46.54 22.72 -63.71
C PHE BA 325 45.43 21.81 -64.20
N GLU BA 326 44.23 22.37 -64.37
CA GLU BA 326 43.11 21.63 -64.96
C GLU BA 326 43.54 20.99 -66.27
N GLU BA 327 44.05 21.82 -67.17
CA GLU BA 327 44.40 21.38 -68.52
C GLU BA 327 45.71 20.60 -68.54
N LEU BA 328 46.58 20.85 -67.55
CA LEU BA 328 47.80 20.06 -67.39
C LEU BA 328 47.48 18.66 -66.90
N GLY BA 329 46.76 18.59 -65.78
CA GLY BA 329 46.30 17.32 -65.22
C GLY BA 329 45.53 16.48 -66.23
N ALA BA 330 44.77 17.14 -67.10
CA ALA BA 330 44.05 16.47 -68.18
C ALA BA 330 44.99 15.77 -69.17
N LEU BA 331 46.15 16.39 -69.41
CA LEU BA 331 47.16 15.81 -70.31
C LEU BA 331 47.96 14.68 -69.66
N LEU BA 332 48.26 14.82 -68.37
CA LEU BA 332 49.07 13.84 -67.65
C LEU BA 332 48.23 12.74 -66.98
N GLU BA 333 46.91 12.80 -67.19
CA GLU BA 333 45.97 11.75 -66.76
C GLU BA 333 45.93 11.60 -65.23
N ILE BA 334 45.47 12.66 -64.57
CA ILE BA 334 45.34 12.73 -63.11
C ILE BA 334 44.40 13.88 -62.75
N PRO BA 335 43.84 13.86 -61.52
CA PRO BA 335 43.13 15.05 -61.04
C PRO BA 335 44.09 16.22 -60.81
N ALA BA 336 43.71 17.41 -61.27
CA ALA BA 336 44.58 18.60 -61.25
C ALA BA 336 45.31 18.79 -59.92
N ALA BA 337 44.57 18.64 -58.83
CA ALA BA 337 45.13 18.74 -57.48
C ALA BA 337 46.49 18.02 -57.39
N LYS BA 338 46.54 16.80 -57.91
CA LYS BA 338 47.76 16.00 -57.89
C LYS BA 338 48.87 16.69 -58.66
N ALA BA 339 48.59 17.03 -59.92
CA ALA BA 339 49.58 17.68 -60.78
C ALA BA 339 50.19 18.89 -60.06
N GLU BA 340 49.32 19.80 -59.64
CA GLU BA 340 49.73 20.99 -58.90
C GLU BA 340 50.76 20.64 -57.81
N LYS BA 341 50.44 19.61 -57.02
CA LYS BA 341 51.24 19.26 -55.86
C LYS BA 341 52.58 18.64 -56.24
N ILE BA 342 52.56 17.58 -57.04
CA ILE BA 342 53.80 16.88 -57.42
C ILE BA 342 54.70 17.79 -58.26
N ALA BA 343 54.09 18.62 -59.10
CA ALA BA 343 54.85 19.63 -59.84
C ALA BA 343 55.67 20.48 -58.90
N SER BA 344 55.05 20.87 -57.78
CA SER BA 344 55.74 21.65 -56.76
C SER BA 344 56.99 20.91 -56.26
N GLN BA 345 56.85 19.64 -55.93
CA GLN BA 345 57.98 18.82 -55.49
C GLN BA 345 59.14 18.93 -56.45
N MET BA 346 58.88 18.68 -57.73
CA MET BA 346 59.93 18.66 -58.75
C MET BA 346 60.67 19.99 -58.84
N ILE BA 347 60.02 21.08 -58.46
CA ILE BA 347 60.69 22.36 -58.28
C ILE BA 347 61.43 22.35 -56.96
N THR BA 348 60.70 22.04 -55.89
CA THR BA 348 61.23 22.09 -54.53
C THR BA 348 62.51 21.26 -54.40
N GLU BA 349 62.44 20.00 -54.80
CA GLU BA 349 63.58 19.09 -54.74
C GLU BA 349 64.71 19.52 -55.69
N GLY BA 350 64.36 20.28 -56.73
CA GLY BA 350 65.35 20.91 -57.61
C GLY BA 350 65.66 20.07 -58.84
N ARG BA 351 64.62 19.70 -59.57
CA ARG BA 351 64.75 18.91 -60.80
C ARG BA 351 64.16 19.59 -62.05
N MET BA 352 63.59 20.78 -61.86
CA MET BA 352 62.90 21.49 -62.94
C MET BA 352 62.52 22.86 -62.41
N ASN BA 353 63.22 23.90 -62.86
CA ASN BA 353 62.97 25.26 -62.36
C ASN BA 353 61.62 25.78 -62.84
N GLY BA 354 61.05 26.73 -62.09
CA GLY BA 354 59.71 27.24 -62.33
C GLY BA 354 59.04 27.65 -61.04
N PHE BA 355 57.76 27.98 -61.12
CA PHE BA 355 57.01 28.45 -59.93
C PHE BA 355 55.50 28.40 -60.14
N ILE BA 356 54.76 28.61 -59.04
CA ILE BA 356 53.32 28.41 -59.02
C ILE BA 356 52.54 29.68 -58.65
N ASP BA 357 51.40 29.88 -59.31
CA ASP BA 357 50.46 30.97 -59.02
C ASP BA 357 49.10 30.34 -58.75
N GLN BA 358 48.85 30.02 -57.48
CA GLN BA 358 47.71 29.18 -57.11
C GLN BA 358 46.36 29.85 -57.34
N ILE BA 359 46.30 31.18 -57.18
CA ILE BA 359 45.05 31.91 -57.39
C ILE BA 359 44.56 31.74 -58.82
N ASP BA 360 45.49 31.90 -59.76
CA ASP BA 360 45.18 31.68 -61.17
C ASP BA 360 44.96 30.21 -61.43
N GLY BA 361 45.89 29.39 -60.93
CA GLY BA 361 45.92 27.96 -61.22
C GLY BA 361 46.86 27.67 -62.38
N ILE BA 362 47.98 28.40 -62.42
CA ILE BA 362 48.95 28.30 -63.52
C ILE BA 362 50.34 28.02 -62.96
N VAL BA 363 51.13 27.27 -63.72
CA VAL BA 363 52.54 27.06 -63.41
C VAL BA 363 53.34 27.67 -64.56
N HIS BA 364 54.51 28.21 -64.24
CA HIS BA 364 55.39 28.82 -65.23
C HIS BA 364 56.67 28.01 -65.35
N PHE BA 365 57.05 27.71 -66.58
CA PHE BA 365 58.10 26.75 -66.87
C PHE BA 365 59.38 27.40 -67.35
N GLU BA 366 60.35 26.57 -67.72
CA GLU BA 366 61.54 27.00 -68.44
C GLU BA 366 61.19 27.85 -69.65
N THR BA 367 61.20 29.16 -69.44
CA THR BA 367 60.98 30.14 -70.49
C THR BA 367 62.32 30.54 -71.12
N ARG BA 368 63.14 31.26 -70.37
CA ARG BA 368 64.42 31.83 -70.86
C ARG BA 368 64.21 32.69 -72.10
N GLU BA 369 63.15 33.49 -72.08
CA GLU BA 369 62.70 34.21 -73.27
C GLU BA 369 63.39 35.58 -73.37
N ALA BA 370 62.82 36.49 -74.17
CA ALA BA 370 63.35 37.84 -74.37
C ALA BA 370 64.58 37.82 -75.30
N LEU BA 371 65.53 38.73 -75.09
CA LEU BA 371 66.64 38.94 -76.02
C LEU BA 371 67.62 37.76 -76.13
N PRO BA 372 67.77 36.95 -75.06
CA PRO BA 372 68.53 35.72 -75.23
C PRO BA 372 68.01 34.84 -76.37
N THR BA 373 66.69 34.76 -76.51
CA THR BA 373 66.05 34.02 -77.59
C THR BA 373 66.48 34.54 -78.95
N TRP BA 374 66.65 35.85 -79.04
CA TRP BA 374 67.08 36.51 -80.27
C TRP BA 374 68.40 35.95 -80.79
N ASP BA 375 69.39 35.82 -79.91
CA ASP BA 375 70.70 35.27 -80.28
C ASP BA 375 70.61 33.85 -80.86
N LYS BA 376 69.72 33.04 -80.31
CA LYS BA 376 69.52 31.67 -80.81
C LYS BA 376 68.77 31.67 -82.13
N GLN BA 377 67.78 32.55 -82.26
CA GLN BA 377 67.00 32.67 -83.50
C GLN BA 377 67.77 33.31 -84.64
N ILE BA 378 68.88 33.97 -84.33
CA ILE BA 378 69.85 34.38 -85.33
C ILE BA 378 70.59 33.13 -85.81
N GLN BA 379 71.16 32.40 -84.86
CA GLN BA 379 71.92 31.18 -85.18
C GLN BA 379 71.05 30.13 -85.84
N SER BA 380 69.82 29.96 -85.36
CA SER BA 380 68.88 29.01 -85.92
C SER BA 380 68.73 29.16 -87.44
N LEU BA 381 68.76 30.41 -87.91
CA LEU BA 381 68.66 30.70 -89.34
C LEU BA 381 70.03 30.81 -90.01
N CYS BA 382 71.02 31.35 -89.29
CA CYS BA 382 72.37 31.50 -89.83
C CYS BA 382 73.06 30.17 -90.16
N PHE BA 383 72.79 29.14 -89.37
CA PHE BA 383 73.33 27.81 -89.62
C PHE BA 383 72.62 27.11 -90.79
N GLN BA 384 71.37 27.51 -91.07
CA GLN BA 384 70.64 27.01 -92.25
C GLN BA 384 71.24 27.57 -93.54
N VAL BA 385 71.88 28.73 -93.46
CA VAL BA 385 72.60 29.30 -94.60
C VAL BA 385 73.82 28.43 -94.93
N ASN BA 386 74.54 28.01 -93.90
CA ASN BA 386 75.67 27.09 -94.06
C ASN BA 386 75.25 25.68 -94.46
N ASN BA 387 74.08 25.24 -93.96
CA ASN BA 387 73.53 23.93 -94.34
C ASN BA 387 73.06 23.90 -95.80
N LEU BA 388 72.42 24.97 -96.23
CA LEU BA 388 71.98 25.09 -97.62
C LEU BA 388 73.16 25.41 -98.55
N LEU BA 389 74.24 25.97 -98.00
CA LEU BA 389 75.49 26.18 -98.73
C LEU BA 389 76.19 24.85 -99.03
N GLU BA 390 76.42 24.07 -97.98
CA GLU BA 390 77.08 22.76 -98.11
C GLU BA 390 76.40 21.86 -99.14
N LYS BA 391 75.07 21.87 -99.13
CA LYS BA 391 74.29 20.99 -100.00
C LYS BA 391 74.24 21.43 -101.47
N ILE BA 392 74.61 22.67 -101.76
CA ILE BA 392 74.78 23.14 -103.14
C ILE BA 392 76.22 22.90 -103.59
N SER BA 393 77.18 23.12 -102.69
CA SER BA 393 78.59 22.82 -102.97
C SER BA 393 78.83 21.32 -103.18
N GLN BA 394 78.01 20.50 -102.53
CA GLN BA 394 78.07 19.05 -102.66
C GLN BA 394 77.33 18.57 -103.92
N THR BA 395 76.01 18.78 -103.95
CA THR BA 395 75.15 18.21 -105.00
C THR BA 395 75.45 18.77 -106.39
N ALA BA 396 75.72 20.07 -106.46
CA ALA BA 396 76.01 20.75 -107.72
C ALA BA 396 77.42 21.33 -107.72
N PRO BA 397 78.44 20.47 -107.91
CA PRO BA 397 79.82 20.96 -107.98
C PRO BA 397 80.12 21.72 -109.28
N GLU BA 398 79.27 21.57 -110.28
CA GLU BA 398 79.35 22.40 -111.50
C GLU BA 398 78.93 23.83 -111.18
N TRP BA 399 77.70 24.00 -110.68
CA TRP BA 399 77.21 25.34 -110.31
C TRP BA 399 78.01 25.94 -109.15
N THR BA 400 78.64 25.09 -108.35
CA THR BA 400 79.63 25.53 -107.37
C THR BA 400 80.77 26.26 -108.08
N ALA BA 401 81.31 25.63 -109.11
CA ALA BA 401 82.39 26.23 -109.93
C ALA BA 401 81.91 27.42 -110.77
N GLN BA 402 80.62 27.44 -111.11
CA GLN BA 402 80.02 28.55 -111.84
C GLN BA 402 79.86 29.77 -110.93
N ALA BA 403 79.17 29.57 -109.81
CA ALA BA 403 78.92 30.64 -108.84
C ALA BA 403 80.15 30.96 -107.98
N MET BA 404 81.20 30.14 -108.06
CA MET BA 404 82.48 30.43 -107.41
C MET BA 404 82.97 31.83 -107.79
N GLU BA 405 83.04 32.09 -109.10
CA GLU BA 405 83.53 33.37 -109.61
C GLU BA 405 82.46 34.46 -109.66
N ALA BA 406 81.28 34.18 -109.11
CA ALA BA 406 80.28 35.22 -108.82
C ALA BA 406 80.68 36.01 -107.56
N GLN BA 407 81.61 35.47 -106.77
CA GLN BA 407 82.26 36.19 -105.68
C GLN BA 407 83.50 36.93 -106.19
N MET BA 408 84.24 36.29 -107.10
CA MET BA 408 85.53 36.80 -107.59
C MET BA 408 85.37 37.94 -108.60
N ALA BA 409 84.51 37.73 -109.61
CA ALA BA 409 84.24 38.74 -110.63
C ALA BA 409 83.49 39.96 -110.06
N GLN BA 410 82.71 39.74 -108.99
CA GLN BA 410 82.01 40.82 -108.29
C GLN BA 410 82.95 41.53 -107.30
N SER CA 15 109.28 29.63 -93.73
CA SER CA 15 108.45 28.74 -92.84
C SER CA 15 108.13 29.46 -91.53
N ILE CA 16 106.84 29.54 -91.21
CA ILE CA 16 106.37 30.23 -90.01
C ILE CA 16 106.76 29.48 -88.73
N ASP CA 17 106.79 28.15 -88.79
CA ASP CA 17 107.09 27.33 -87.62
C ASP CA 17 108.58 27.36 -87.28
N GLU CA 18 109.13 28.56 -87.19
CA GLU CA 18 110.50 28.77 -86.75
C GLU CA 18 110.53 28.82 -85.22
N ILE CA 19 109.39 29.19 -84.63
CA ILE CA 19 109.28 29.46 -83.20
C ILE CA 19 108.75 28.28 -82.38
N TYR CA 20 107.84 27.49 -82.96
CA TYR CA 20 107.32 26.29 -82.28
C TYR CA 20 108.38 25.20 -82.13
N LYS CA 21 109.55 25.43 -82.71
CA LYS CA 21 110.73 24.61 -82.46
C LYS CA 21 111.27 24.91 -81.07
N TYR CA 22 111.89 23.92 -80.43
CA TYR CA 22 112.45 24.06 -79.09
C TYR CA 22 113.88 23.49 -79.03
N ASP CA 23 114.87 24.39 -79.05
CA ASP CA 23 116.28 24.02 -78.94
C ASP CA 23 116.69 24.02 -77.47
N LYS CA 24 116.88 22.83 -76.90
CA LYS CA 24 117.08 22.65 -75.46
C LYS CA 24 118.51 22.97 -74.98
N LYS CA 25 119.51 22.64 -75.81
CA LYS CA 25 120.90 22.90 -75.45
C LYS CA 25 121.22 24.39 -75.49
N GLN CA 26 120.58 25.12 -76.39
CA GLN CA 26 120.74 26.57 -76.48
C GLN CA 26 120.20 27.28 -75.23
N GLN CA 27 119.18 26.69 -74.60
CA GLN CA 27 118.61 27.24 -73.37
C GLN CA 27 119.59 27.20 -72.20
N GLN CA 28 120.31 26.09 -72.06
CA GLN CA 28 121.20 25.89 -70.92
C GLN CA 28 122.56 26.59 -71.07
N GLU CA 29 122.86 27.05 -72.28
CA GLU CA 29 124.02 27.91 -72.52
C GLU CA 29 123.72 29.34 -72.11
N ILE CA 30 122.49 29.78 -72.38
CA ILE CA 30 122.00 31.10 -71.97
C ILE CA 30 121.78 31.14 -70.45
N LEU CA 31 121.29 30.02 -69.89
CA LEU CA 31 121.10 29.89 -68.44
C LEU CA 31 122.41 30.09 -67.67
N ALA CA 32 123.50 29.53 -68.21
CA ALA CA 32 124.82 29.70 -67.62
C ALA CA 32 125.39 31.08 -67.91
N ALA CA 33 125.23 31.55 -69.15
CA ALA CA 33 125.81 32.82 -69.59
C ALA CA 33 125.24 34.00 -68.80
N LYS CA 34 123.91 34.11 -68.78
CA LYS CA 34 123.20 35.13 -68.02
C LYS CA 34 123.48 36.57 -68.51
N PRO CA 35 122.63 37.07 -69.43
CA PRO CA 35 122.60 38.51 -69.73
C PRO CA 35 121.60 39.28 -68.85
N TRP CA 36 121.01 38.61 -67.86
CA TRP CA 36 120.07 39.24 -66.93
C TRP CA 36 120.72 39.68 -65.62
N THR CA 37 121.83 39.04 -65.24
CA THR CA 37 122.64 39.47 -64.08
C THR CA 37 123.61 40.61 -64.42
N LYS CA 38 123.70 40.95 -65.72
CA LYS CA 38 124.60 41.99 -66.20
C LYS CA 38 123.84 43.30 -66.36
N ASP CA 39 122.72 43.24 -67.10
CA ASP CA 39 121.83 44.39 -67.28
C ASP CA 39 120.52 44.12 -66.55
N HIS CA 40 120.08 45.09 -65.75
CA HIS CA 40 118.87 44.94 -64.93
C HIS CA 40 117.59 44.91 -65.76
N HIS CA 41 117.53 45.71 -66.82
CA HIS CA 41 116.37 45.71 -67.73
C HIS CA 41 116.76 45.21 -69.12
N TYR CA 42 117.17 43.93 -69.15
CA TYR CA 42 117.58 43.27 -70.38
C TYR CA 42 116.36 42.85 -71.21
N PHE CA 43 115.49 42.04 -70.61
CA PHE CA 43 114.30 41.55 -71.30
C PHE CA 43 113.23 42.62 -71.39
N LYS CA 44 112.85 42.97 -72.63
CA LYS CA 44 111.86 44.02 -72.89
C LYS CA 44 110.65 43.58 -73.73
N TYR CA 45 110.81 42.55 -74.56
CA TYR CA 45 109.71 42.08 -75.41
C TYR CA 45 109.11 40.77 -74.87
N CYS CA 46 107.95 40.39 -75.38
CA CYS CA 46 107.27 39.17 -74.94
C CYS CA 46 106.33 38.63 -76.03
N LYS CA 47 106.74 37.53 -76.65
CA LYS CA 47 105.95 36.89 -77.70
C LYS CA 47 105.03 35.81 -77.11
N ILE CA 48 103.72 36.01 -77.27
CA ILE CA 48 102.69 35.11 -76.73
C ILE CA 48 102.12 34.24 -77.86
N SER CA 49 102.12 32.92 -77.67
CA SER CA 49 101.70 31.97 -78.71
C SER CA 49 100.19 31.97 -78.91
N ALA CA 50 99.73 31.13 -79.83
CA ALA CA 50 98.30 30.99 -80.11
C ALA CA 50 97.57 30.34 -78.94
N LEU CA 51 98.04 29.16 -78.53
CA LEU CA 51 97.41 28.42 -77.44
C LEU CA 51 97.53 29.16 -76.12
N ALA CA 52 98.71 29.68 -75.82
CA ALA CA 52 98.98 30.39 -74.58
C ALA CA 52 97.96 31.49 -74.31
N LEU CA 53 97.65 32.27 -75.34
CA LEU CA 53 96.69 33.36 -75.22
C LEU CA 53 95.28 32.85 -74.88
N LEU CA 54 94.81 31.88 -75.65
CA LEU CA 54 93.45 31.35 -75.47
C LEU CA 54 93.21 30.73 -74.11
N LYS CA 55 94.15 29.91 -73.65
CA LYS CA 55 93.99 29.20 -72.37
C LYS CA 55 94.08 30.16 -71.18
N MET CA 56 94.97 31.15 -71.26
CA MET CA 56 95.08 32.16 -70.21
C MET CA 56 93.81 32.99 -70.10
N VAL CA 57 93.29 33.42 -71.26
CA VAL CA 57 92.02 34.15 -71.31
C VAL CA 57 90.88 33.28 -70.79
N MET CA 58 90.89 32.00 -71.16
CA MET CA 58 89.87 31.05 -70.71
C MET CA 58 89.97 30.75 -69.21
N HIS CA 59 91.19 30.70 -68.68
CA HIS CA 59 91.39 30.45 -67.26
C HIS CA 59 90.89 31.61 -66.41
N ALA CA 60 91.13 32.83 -66.88
CA ALA CA 60 90.73 34.04 -66.16
C ALA CA 60 89.21 34.19 -66.06
N ARG CA 61 88.55 34.06 -67.20
CA ARG CA 61 87.11 34.21 -67.29
C ARG CA 61 86.37 33.04 -66.64
N SER CA 62 86.93 31.82 -66.75
CA SER CA 62 86.28 30.62 -66.20
C SER CA 62 85.97 30.78 -64.71
N GLY CA 63 86.96 31.22 -63.94
CA GLY CA 63 86.74 31.60 -62.55
C GLY CA 63 85.89 32.86 -62.49
N GLY CA 64 86.23 33.83 -63.34
CA GLY CA 64 85.44 35.04 -63.50
C GLY CA 64 85.80 36.09 -62.45
N ASN CA 65 84.82 36.41 -61.60
CA ASN CA 65 84.95 37.50 -60.61
C ASN CA 65 86.16 37.38 -59.69
N LEU CA 66 86.63 36.15 -59.50
CA LEU CA 66 87.70 35.85 -58.58
C LEU CA 66 89.01 35.71 -59.35
N GLU CA 67 90.09 36.24 -58.77
CA GLU CA 67 91.41 36.12 -59.36
C GLU CA 67 91.93 34.70 -59.13
N VAL CA 68 92.43 34.06 -60.20
CA VAL CA 68 93.10 32.77 -60.09
C VAL CA 68 94.33 32.76 -60.98
N MET CA 69 95.44 32.26 -60.46
CA MET CA 69 96.69 32.24 -61.20
C MET CA 69 97.06 30.83 -61.64
N GLY CA 70 97.81 30.74 -62.73
CA GLY CA 70 98.36 29.48 -63.19
C GLY CA 70 99.84 29.62 -63.46
N LEU CA 71 100.39 28.69 -64.23
CA LEU CA 71 101.78 28.72 -64.61
C LEU CA 71 101.92 28.75 -66.13
N MET CA 72 102.94 29.45 -66.61
CA MET CA 72 103.26 29.52 -68.02
C MET CA 72 104.55 28.74 -68.30
N LEU CA 73 104.64 28.20 -69.51
CA LEU CA 73 105.86 27.53 -69.97
C LEU CA 73 106.34 28.22 -71.25
N GLY CA 74 107.65 28.31 -71.42
CA GLY CA 74 108.22 29.01 -72.57
C GLY CA 74 109.73 28.94 -72.64
N LYS CA 75 110.32 29.88 -73.37
CA LYS CA 75 111.77 29.93 -73.58
C LYS CA 75 112.24 31.37 -73.79
N VAL CA 76 113.56 31.56 -73.90
CA VAL CA 76 114.16 32.88 -74.11
C VAL CA 76 114.82 32.98 -75.49
N ASP CA 77 114.83 34.19 -76.04
CA ASP CA 77 115.45 34.47 -77.34
C ASP CA 77 115.73 35.97 -77.47
N GLY CA 78 117.01 36.35 -77.47
CA GLY CA 78 117.42 37.75 -77.54
C GLY CA 78 117.00 38.51 -76.30
N GLU CA 79 116.18 39.54 -76.49
CA GLU CA 79 115.53 40.24 -75.38
C GLU CA 79 114.06 39.83 -75.22
N THR CA 80 113.60 38.94 -76.09
CA THR CA 80 112.20 38.50 -76.07
C THR CA 80 112.03 37.28 -75.16
N MET CA 81 111.15 37.40 -74.16
CA MET CA 81 110.77 36.27 -73.32
C MET CA 81 109.53 35.61 -73.91
N ILE CA 82 109.75 34.54 -74.69
CA ILE CA 82 108.69 33.88 -75.43
C ILE CA 82 107.88 32.94 -74.52
N ILE CA 83 106.56 33.01 -74.66
CA ILE CA 83 105.65 32.13 -73.93
C ILE CA 83 104.98 31.18 -74.93
N MET CA 84 105.16 29.88 -74.71
CA MET CA 84 104.75 28.86 -75.67
C MET CA 84 103.43 28.22 -75.30
N ASP CA 85 103.36 27.72 -74.07
CA ASP CA 85 102.20 26.97 -73.57
C ASP CA 85 101.91 27.39 -72.13
N SER CA 86 100.65 27.28 -71.73
CA SER CA 86 100.23 27.61 -70.37
C SER CA 86 99.27 26.57 -69.81
N PHE CA 87 99.02 26.67 -68.51
CA PHE CA 87 98.06 25.83 -67.82
C PHE CA 87 97.74 26.45 -66.46
N ALA CA 88 96.87 25.80 -65.69
CA ALA CA 88 96.39 26.36 -64.44
C ALA CA 88 97.08 25.77 -63.20
N LEU CA 89 97.04 26.55 -62.12
CA LEU CA 89 97.47 26.09 -60.80
C LEU CA 89 96.23 26.18 -59.90
N PRO CA 90 95.82 25.05 -59.30
CA PRO CA 90 94.55 25.04 -58.54
C PRO CA 90 94.66 25.70 -57.17
N VAL CA 91 95.21 26.92 -57.14
CA VAL CA 91 95.48 27.63 -55.90
C VAL CA 91 94.42 28.67 -55.63
N GLU CA 92 94.43 29.19 -54.40
CA GLU CA 92 93.47 30.20 -53.97
C GLU CA 92 94.21 31.31 -53.25
N GLY CA 93 93.58 32.47 -53.17
CA GLY CA 93 94.15 33.62 -52.50
C GLY CA 93 95.17 34.33 -53.36
N THR CA 94 94.86 34.44 -54.65
CA THR CA 94 95.66 35.25 -55.57
C THR CA 94 95.39 36.72 -55.25
N GLU CA 95 96.46 37.52 -55.22
CA GLU CA 95 96.36 38.95 -54.90
C GLU CA 95 96.23 39.24 -53.40
N THR CA 96 95.64 38.32 -52.63
CA THR CA 96 95.52 38.45 -51.18
C THR CA 96 96.69 37.82 -50.42
N ARG CA 97 97.39 36.87 -51.05
CA ARG CA 97 98.63 36.32 -50.50
C ARG CA 97 99.81 36.64 -51.42
N VAL CA 98 100.95 36.95 -50.80
CA VAL CA 98 102.20 37.12 -51.52
C VAL CA 98 102.68 35.72 -51.90
N ASN CA 99 102.80 35.47 -53.20
CA ASN CA 99 103.15 34.14 -53.72
C ASN CA 99 102.13 33.08 -53.29
N ALA CA 100 100.95 33.14 -53.91
CA ALA CA 100 99.88 32.20 -53.61
C ALA CA 100 100.09 30.83 -54.28
N GLN CA 101 101.11 30.72 -55.12
CA GLN CA 101 101.47 29.45 -55.78
C GLN CA 101 102.13 28.44 -54.85
N ALA CA 102 102.46 28.86 -53.62
CA ALA CA 102 103.11 27.98 -52.65
C ALA CA 102 102.21 26.84 -52.15
N ALA CA 103 100.90 27.04 -52.19
CA ALA CA 103 99.94 26.02 -51.79
C ALA CA 103 100.06 24.74 -52.62
N ALA CA 104 100.29 24.92 -53.92
CA ALA CA 104 100.40 23.81 -54.85
C ALA CA 104 101.80 23.77 -55.49
N TYR CA 105 102.83 23.65 -54.67
CA TYR CA 105 104.18 23.38 -55.16
C TYR CA 105 104.24 22.02 -55.82
N GLU CA 106 103.35 21.11 -55.40
CA GLU CA 106 103.23 19.79 -55.99
C GLU CA 106 102.82 19.88 -57.46
N TYR CA 107 101.77 20.65 -57.73
CA TYR CA 107 101.17 20.70 -59.08
C TYR CA 107 101.94 21.57 -60.10
N MET CA 108 103.05 22.16 -59.68
CA MET CA 108 103.96 22.84 -60.61
C MET CA 108 104.90 21.81 -61.25
N ALA CA 109 105.73 21.18 -60.43
CA ALA CA 109 106.69 20.19 -60.91
C ALA CA 109 106.03 18.91 -61.41
N ALA CA 110 104.94 18.49 -60.76
CA ALA CA 110 104.22 17.28 -61.15
C ALA CA 110 103.55 17.43 -62.51
N TYR CA 111 103.10 18.65 -62.83
CA TYR CA 111 102.48 18.92 -64.13
C TYR CA 111 103.52 18.90 -65.26
N ILE CA 112 104.66 19.53 -65.02
CA ILE CA 112 105.74 19.61 -66.02
C ILE CA 112 106.42 18.25 -66.21
N GLU CA 113 106.41 17.42 -65.16
CA GLU CA 113 106.95 16.06 -65.24
C GLU CA 113 106.05 15.16 -66.09
N ASN CA 114 104.73 15.32 -65.96
CA ASN CA 114 103.75 14.64 -66.81
C ASN CA 114 103.76 15.18 -68.23
N ALA CA 115 103.81 16.51 -68.34
CA ALA CA 115 103.75 17.20 -69.63
C ALA CA 115 104.97 16.93 -70.52
N LYS CA 116 106.14 16.73 -69.89
CA LYS CA 116 107.36 16.43 -70.63
C LYS CA 116 107.37 15.02 -71.23
N GLN CA 117 106.63 14.10 -70.60
CA GLN CA 117 106.45 12.76 -71.15
C GLN CA 117 105.60 12.75 -72.43
N VAL CA 118 104.69 13.71 -72.56
CA VAL CA 118 103.75 13.76 -73.70
C VAL CA 118 104.14 14.73 -74.82
N GLY CA 119 104.99 15.72 -74.54
CA GLY CA 119 105.45 16.65 -75.57
C GLY CA 119 105.97 17.98 -75.10
N ARG CA 120 105.36 18.54 -74.06
CA ARG CA 120 105.73 19.86 -73.55
C ARG CA 120 107.10 19.84 -72.85
N LEU CA 121 108.15 20.00 -73.63
CA LEU CA 121 109.53 20.04 -73.12
C LEU CA 121 109.89 21.40 -72.51
N GLU CA 122 109.03 22.40 -72.72
CA GLU CA 122 109.31 23.77 -72.31
C GLU CA 122 109.40 23.92 -70.79
N ASN CA 123 110.30 24.81 -70.35
CA ASN CA 123 110.59 25.02 -68.91
C ASN CA 123 109.75 26.13 -68.31
N ALA CA 124 109.83 26.26 -66.99
CA ALA CA 124 109.10 27.30 -66.26
C ALA CA 124 109.54 28.70 -66.71
N ILE CA 125 108.60 29.45 -67.28
CA ILE CA 125 108.89 30.79 -67.82
C ILE CA 125 108.19 31.94 -67.08
N GLY CA 126 107.14 31.65 -66.31
CA GLY CA 126 106.44 32.71 -65.58
C GLY CA 126 105.15 32.30 -64.89
N TRP CA 127 104.42 33.30 -64.40
CA TRP CA 127 103.12 33.08 -63.76
C TRP CA 127 102.13 34.20 -64.13
N TYR CA 128 100.86 33.83 -64.34
CA TYR CA 128 99.85 34.76 -64.84
C TYR CA 128 98.63 34.78 -63.92
N HIS CA 129 97.97 35.93 -63.81
CA HIS CA 129 96.76 36.05 -62.98
C HIS CA 129 95.71 36.96 -63.60
N SER CA 130 94.45 36.75 -63.22
CA SER CA 130 93.32 37.51 -63.75
C SER CA 130 93.03 38.73 -62.88
N HIS CA 131 92.55 39.80 -63.51
CA HIS CA 131 92.23 41.07 -62.82
C HIS CA 131 90.86 41.58 -63.31
N PRO CA 132 89.77 40.94 -62.87
CA PRO CA 132 88.45 41.20 -63.43
C PRO CA 132 87.87 42.58 -63.10
N GLY CA 133 87.86 43.46 -64.10
CA GLY CA 133 87.23 44.78 -63.99
C GLY CA 133 88.09 45.91 -63.45
N TYR CA 134 89.41 45.77 -63.53
CA TYR CA 134 90.33 46.83 -63.06
C TYR CA 134 91.73 46.77 -63.69
N GLY CA 135 91.78 46.81 -65.01
CA GLY CA 135 93.03 46.97 -65.76
C GLY CA 135 94.06 45.89 -65.56
N CYS CA 136 95.23 46.11 -66.15
CA CYS CA 136 96.35 45.19 -66.06
C CYS CA 136 97.54 45.89 -65.41
N TRP CA 137 97.91 45.42 -64.22
CA TRP CA 137 99.00 46.02 -63.47
C TRP CA 137 99.40 45.14 -62.29
N LEU CA 138 100.54 45.45 -61.67
CA LEU CA 138 101.02 44.69 -60.51
C LEU CA 138 100.73 45.45 -59.22
N SER CA 139 99.94 44.83 -58.34
CA SER CA 139 99.68 45.39 -57.02
C SER CA 139 100.86 45.20 -56.09
N GLY CA 140 100.77 45.79 -54.90
CA GLY CA 140 101.79 45.61 -53.87
C GLY CA 140 102.01 44.17 -53.44
N ILE CA 141 100.95 43.36 -53.54
CA ILE CA 141 101.05 41.93 -53.25
C ILE CA 141 101.72 41.21 -54.42
N ASP CA 142 101.40 41.65 -55.63
CA ASP CA 142 101.99 41.07 -56.86
C ASP CA 142 103.47 41.39 -57.01
N VAL CA 143 103.89 42.60 -56.61
CA VAL CA 143 105.30 43.00 -56.73
C VAL CA 143 106.19 42.17 -55.80
N SER CA 144 105.73 41.94 -54.57
CA SER CA 144 106.48 41.12 -53.61
C SER CA 144 106.63 39.67 -54.10
N THR CA 145 105.62 39.17 -54.82
CA THR CA 145 105.68 37.84 -55.41
C THR CA 145 106.75 37.78 -56.50
N GLN CA 146 106.70 38.75 -57.42
CA GLN CA 146 107.56 38.73 -58.61
C GLN CA 146 109.02 39.02 -58.30
N MET CA 147 109.28 39.95 -57.38
CA MET CA 147 110.65 40.26 -56.94
C MET CA 147 111.39 39.00 -56.48
N LEU CA 148 110.74 38.24 -55.62
CA LEU CA 148 111.33 37.02 -55.07
C LEU CA 148 111.30 35.87 -56.09
N ASN CA 149 110.35 35.90 -57.02
CA ASN CA 149 110.38 34.97 -58.15
C ASN CA 149 111.62 35.18 -59.03
N GLN CA 150 111.91 36.44 -59.34
CA GLN CA 150 113.13 36.78 -60.10
C GLN CA 150 114.40 36.55 -59.28
N GLN CA 151 114.29 36.67 -57.96
CA GLN CA 151 115.42 36.46 -57.06
C GLN CA 151 116.06 35.07 -57.21
N PHE CA 152 115.24 34.03 -57.25
CA PHE CA 152 115.71 32.64 -57.29
C PHE CA 152 115.40 31.96 -58.63
N GLN CA 153 114.11 31.77 -58.92
CA GLN CA 153 113.66 31.09 -60.13
C GLN CA 153 113.71 32.07 -61.30
N GLU CA 154 114.90 32.30 -61.84
CA GLU CA 154 115.14 33.35 -62.84
C GLU CA 154 114.49 32.96 -64.20
N PRO CA 155 114.73 33.75 -65.27
CA PRO CA 155 113.68 33.96 -66.26
C PRO CA 155 112.25 33.59 -65.84
N PHE CA 156 111.62 34.49 -65.09
CA PHE CA 156 110.24 34.34 -64.65
C PHE CA 156 109.53 35.66 -64.92
N VAL CA 157 108.47 35.64 -65.74
CA VAL CA 157 107.73 36.85 -66.11
C VAL CA 157 106.29 36.81 -65.57
N ALA CA 158 105.86 37.91 -64.96
CA ALA CA 158 104.53 38.00 -64.35
C ALA CA 158 103.53 38.61 -65.33
N VAL CA 159 102.58 37.81 -65.79
CA VAL CA 159 101.57 38.24 -66.75
C VAL CA 159 100.26 38.59 -66.05
N VAL CA 160 99.51 39.51 -66.66
CA VAL CA 160 98.20 39.90 -66.14
C VAL CA 160 97.20 39.98 -67.29
N ILE CA 161 95.95 39.63 -67.02
CA ILE CA 161 94.87 39.74 -67.99
C ILE CA 161 93.60 40.26 -67.31
N ASP CA 162 92.89 41.14 -67.99
CA ASP CA 162 91.61 41.66 -67.51
C ASP CA 162 90.49 41.09 -68.39
N PRO CA 163 89.83 40.02 -67.92
CA PRO CA 163 88.83 39.36 -68.74
C PRO CA 163 87.54 40.15 -68.93
N THR CA 164 87.06 40.80 -67.86
CA THR CA 164 85.78 41.49 -67.91
C THR CA 164 85.81 42.68 -68.88
N ARG CA 165 86.95 43.36 -68.97
CA ARG CA 165 87.11 44.50 -69.89
C ARG CA 165 87.51 44.07 -71.29
N THR CA 166 88.32 43.03 -71.40
CA THR CA 166 88.61 42.42 -72.70
C THR CA 166 87.30 42.32 -73.48
N ILE CA 167 86.25 41.88 -72.79
CA ILE CA 167 84.91 41.75 -73.37
C ILE CA 167 84.33 43.11 -73.74
N SER CA 168 84.14 43.97 -72.74
CA SER CA 168 83.42 45.24 -72.94
C SER CA 168 84.16 46.20 -73.86
N ALA CA 169 85.46 46.33 -73.66
CA ALA CA 169 86.32 47.10 -74.56
C ALA CA 169 86.33 46.49 -75.96
N GLY CA 170 86.19 45.16 -76.02
CA GLY CA 170 86.01 44.45 -77.28
C GLY CA 170 87.32 44.04 -77.94
N LYS CA 171 88.37 43.90 -77.13
CA LYS CA 171 89.67 43.49 -77.63
C LYS CA 171 90.56 43.02 -76.47
N VAL CA 172 91.60 42.26 -76.78
CA VAL CA 172 92.42 41.57 -75.78
C VAL CA 172 93.05 42.56 -74.79
N ASN CA 173 92.49 42.59 -73.58
CA ASN CA 173 93.05 43.38 -72.49
C ASN CA 173 94.05 42.51 -71.73
N LEU CA 174 95.33 42.84 -71.88
CA LEU CA 174 96.41 41.99 -71.36
C LEU CA 174 97.65 42.82 -71.02
N GLY CA 175 98.47 42.29 -70.12
CA GLY CA 175 99.74 42.94 -69.75
C GLY CA 175 100.83 41.95 -69.34
N ALA CA 176 102.08 42.33 -69.60
CA ALA CA 176 103.25 41.53 -69.22
C ALA CA 176 104.31 42.43 -68.59
N PHE CA 177 104.68 42.13 -67.34
CA PHE CA 177 105.54 43.01 -66.54
C PHE CA 177 106.75 42.28 -65.95
N ARG CA 178 107.75 43.06 -65.56
CA ARG CA 178 108.91 42.56 -64.80
C ARG CA 178 109.32 43.59 -63.76
N THR CA 179 109.64 43.13 -62.55
CA THR CA 179 110.00 44.02 -61.45
C THR CA 179 111.49 44.38 -61.44
N TYR CA 180 111.81 45.53 -60.86
CA TYR CA 180 113.19 45.98 -60.72
C TYR CA 180 113.78 45.57 -59.36
N PRO CA 181 115.10 45.70 -59.20
CA PRO CA 181 115.72 45.43 -57.90
C PRO CA 181 115.34 46.44 -56.81
N LYS CA 182 115.39 46.00 -55.56
CA LYS CA 182 115.24 46.89 -54.42
C LYS CA 182 116.61 47.47 -54.09
N GLY CA 183 116.91 48.62 -54.69
CA GLY CA 183 118.23 49.25 -54.56
C GLY CA 183 118.49 50.12 -55.76
N TYR CA 184 118.70 49.47 -56.91
CA TYR CA 184 118.75 50.16 -58.19
C TYR CA 184 117.33 50.61 -58.55
N LYS CA 185 117.20 51.82 -59.08
CA LYS CA 185 115.90 52.38 -59.45
C LYS CA 185 115.88 52.77 -60.94
N PRO CA 186 114.71 52.65 -61.59
CA PRO CA 186 114.58 52.68 -63.05
C PRO CA 186 115.09 53.94 -63.77
N PRO CA 187 115.30 53.84 -65.10
CA PRO CA 187 115.63 55.01 -65.92
C PRO CA 187 114.40 55.90 -66.14
N ASP CA 188 114.55 56.94 -66.97
CA ASP CA 188 113.50 57.95 -67.15
C ASP CA 188 112.44 57.54 -68.18
N GLU CA 189 112.87 57.14 -69.37
CA GLU CA 189 111.97 56.83 -70.49
C GLU CA 189 110.82 55.88 -70.09
N GLY CA 190 109.65 56.48 -69.85
CA GLY CA 190 108.47 55.73 -69.44
C GLY CA 190 107.20 56.55 -69.62
N PRO CA 191 106.44 56.28 -70.71
CA PRO CA 191 105.13 56.91 -70.89
C PRO CA 191 104.03 56.29 -70.02
N SER CA 192 103.77 54.99 -70.21
CA SER CA 192 102.72 54.24 -69.48
C SER CA 192 101.30 54.79 -69.71
N GLU CA 193 100.49 54.02 -70.45
CA GLU CA 193 99.14 54.45 -70.83
C GLU CA 193 98.16 54.35 -69.66
N TYR CA 194 97.16 55.24 -69.65
CA TYR CA 194 96.19 55.32 -68.55
C TYR CA 194 95.03 54.33 -68.73
N GLN CA 195 94.72 53.63 -67.65
CA GLN CA 195 93.52 52.81 -67.56
C GLN CA 195 92.80 53.13 -66.27
N THR CA 196 91.47 53.06 -66.31
CA THR CA 196 90.65 53.33 -65.15
C THR CA 196 91.01 52.42 -63.99
N ILE CA 197 91.44 53.03 -62.89
CA ILE CA 197 91.74 52.30 -61.66
C ILE CA 197 90.68 52.64 -60.62
N PRO CA 198 89.89 51.63 -60.17
CA PRO CA 198 88.94 51.86 -59.08
C PRO CA 198 89.62 52.36 -57.81
N LEU CA 199 89.03 53.36 -57.16
CA LEU CA 199 89.66 54.07 -56.03
C LEU CA 199 90.01 53.16 -54.85
N ASN CA 200 89.15 52.17 -54.59
CA ASN CA 200 89.47 51.12 -53.62
C ASN CA 200 90.85 50.49 -53.85
N LYS CA 201 91.25 50.36 -55.11
CA LYS CA 201 92.56 49.81 -55.48
C LYS CA 201 93.62 50.86 -55.88
N ILE CA 202 93.18 52.04 -56.30
CA ILE CA 202 94.11 53.09 -56.79
C ILE CA 202 95.30 53.33 -55.86
N GLU CA 203 95.06 53.23 -54.55
CA GLU CA 203 96.09 53.44 -53.55
C GLU CA 203 97.18 52.39 -53.69
N ASP CA 204 96.76 51.13 -53.62
CA ASP CA 204 97.68 49.98 -53.68
C ASP CA 204 98.55 50.04 -54.93
N PHE CA 205 97.92 50.28 -56.07
CA PHE CA 205 98.62 50.48 -57.33
C PHE CA 205 99.60 51.63 -57.21
N GLY CA 206 99.06 52.80 -56.87
CA GLY CA 206 99.82 54.05 -56.83
C GLY CA 206 101.17 53.97 -56.12
N VAL CA 207 101.27 53.18 -55.06
CA VAL CA 207 102.51 53.06 -54.29
C VAL CA 207 103.56 52.26 -55.08
N HIS CA 208 103.20 51.03 -55.44
CA HIS CA 208 104.14 50.08 -56.02
C HIS CA 208 104.16 50.08 -57.55
N CYS CA 209 103.47 51.04 -58.18
CA CYS CA 209 103.37 51.08 -59.64
C CYS CA 209 104.68 51.41 -60.34
N LYS CA 210 105.48 52.29 -59.73
CA LYS CA 210 106.73 52.75 -60.35
C LYS CA 210 107.92 51.85 -60.07
N GLN CA 211 107.71 50.80 -59.28
CA GLN CA 211 108.79 49.88 -58.93
C GLN CA 211 109.10 48.83 -60.00
N TYR CA 212 108.27 48.75 -61.04
CA TYR CA 212 108.44 47.74 -62.10
C TYR CA 212 108.41 48.36 -63.49
N TYR CA 213 108.65 47.51 -64.50
CA TYR CA 213 108.52 47.93 -65.91
C TYR CA 213 107.83 46.84 -66.75
N ALA CA 214 107.02 47.30 -67.72
CA ALA CA 214 106.24 46.42 -68.57
C ALA CA 214 107.08 45.81 -69.70
N LEU CA 215 106.47 44.91 -70.47
CA LEU CA 215 107.14 44.30 -71.62
C LEU CA 215 106.29 44.47 -72.88
N GLU CA 216 106.95 44.74 -74.00
CA GLU CA 216 106.29 44.96 -75.29
C GLU CA 216 105.70 43.64 -75.81
N VAL CA 217 104.38 43.54 -75.77
CA VAL CA 217 103.69 42.30 -76.11
C VAL CA 217 103.55 42.15 -77.62
N SER CA 218 103.72 40.92 -78.10
CA SER CA 218 103.48 40.57 -79.50
C SER CA 218 102.86 39.16 -79.57
N TYR CA 219 102.03 38.93 -80.58
CA TYR CA 219 101.29 37.66 -80.72
C TYR CA 219 101.63 36.95 -82.03
N PHE CA 220 101.94 35.65 -81.94
CA PHE CA 220 102.30 34.86 -83.11
C PHE CA 220 101.43 33.62 -83.25
N LYS CA 221 101.65 32.87 -84.33
CA LYS CA 221 100.87 31.67 -84.63
C LYS CA 221 101.63 30.76 -85.59
N SER CA 222 101.30 29.47 -85.57
CA SER CA 222 101.92 28.48 -86.46
C SER CA 222 101.28 28.49 -87.84
N SER CA 223 101.72 27.57 -88.71
CA SER CA 223 101.11 27.40 -90.03
C SER CA 223 99.75 26.72 -89.90
N LEU CA 224 99.70 25.62 -89.15
CA LEU CA 224 98.47 24.88 -88.94
C LEU CA 224 97.42 25.72 -88.22
N ASP CA 225 97.83 26.37 -87.14
CA ASP CA 225 96.94 27.28 -86.41
C ASP CA 225 96.32 28.30 -87.37
N ARG CA 226 97.17 28.94 -88.17
CA ARG CA 226 96.75 29.94 -89.14
C ARG CA 226 95.79 29.36 -90.17
N LYS CA 227 96.14 28.18 -90.69
CA LYS CA 227 95.31 27.51 -91.68
C LYS CA 227 93.99 26.97 -91.09
N LEU CA 228 94.03 26.53 -89.84
CA LEU CA 228 92.82 26.05 -89.15
C LEU CA 228 91.84 27.19 -88.85
N LEU CA 229 92.36 28.30 -88.36
CA LEU CA 229 91.53 29.48 -88.04
C LEU CA 229 90.84 30.07 -89.28
N GLU CA 230 91.47 29.93 -90.44
CA GLU CA 230 90.87 30.38 -91.70
C GLU CA 230 89.75 29.44 -92.13
N LEU CA 231 89.98 28.14 -92.01
CA LEU CA 231 88.95 27.13 -92.26
C LEU CA 231 87.86 27.20 -91.20
N LEU CA 232 88.24 27.58 -89.97
CA LEU CA 232 87.30 27.77 -88.87
C LEU CA 232 86.34 28.93 -89.12
N TRP CA 233 86.82 29.99 -89.76
CA TRP CA 233 86.03 31.20 -89.96
C TRP CA 233 84.84 31.04 -90.91
N ASN CA 234 84.81 29.94 -91.66
CA ASN CA 234 83.67 29.60 -92.51
C ASN CA 234 82.35 29.56 -91.74
N LYS CA 235 82.40 29.17 -90.48
CA LYS CA 235 81.21 29.01 -89.65
C LYS CA 235 81.24 29.84 -88.36
N TYR CA 236 82.28 30.67 -88.18
CA TYR CA 236 82.45 31.47 -86.96
C TYR CA 236 81.95 32.91 -87.10
N TRP CA 237 81.69 33.33 -88.34
CA TRP CA 237 81.05 34.63 -88.59
C TRP CA 237 79.66 34.71 -87.94
N VAL CA 238 79.00 33.57 -87.79
CA VAL CA 238 77.67 33.48 -87.16
C VAL CA 238 77.71 33.95 -85.71
N ASN CA 239 78.80 33.63 -85.01
CA ASN CA 239 78.94 33.96 -83.60
C ASN CA 239 79.24 35.44 -83.38
N THR CA 240 79.79 36.09 -84.40
CA THR CA 240 80.08 37.52 -84.35
C THR CA 240 78.79 38.36 -84.38
N LEU CA 241 77.80 37.91 -85.14
CA LEU CA 241 76.54 38.62 -85.28
C LEU CA 241 75.43 38.05 -84.41
N SER CA 242 75.81 37.29 -83.40
CA SER CA 242 74.92 36.94 -82.29
C SER CA 242 75.74 37.05 -81.00
N SER CA 243 76.61 38.06 -80.96
CA SER CA 243 77.59 38.22 -79.90
C SER CA 243 76.97 38.78 -78.62
N SER CA 244 76.55 40.04 -78.68
CA SER CA 244 75.86 40.73 -77.59
C SER CA 244 76.67 40.82 -76.29
N SER CA 245 77.52 41.83 -76.20
CA SER CA 245 78.29 42.10 -74.99
C SER CA 245 77.50 43.04 -74.08
N LEU CA 246 76.45 42.52 -73.47
CA LEU CA 246 75.61 43.33 -72.57
C LEU CA 246 75.24 42.57 -71.30
N LEU CA 247 74.48 41.49 -71.44
CA LEU CA 247 74.19 40.63 -70.28
C LEU CA 247 75.35 39.69 -69.97
N THR CA 248 76.32 39.58 -70.89
CA THR CA 248 77.52 38.78 -70.67
C THR CA 248 78.36 39.36 -69.54
N ASN CA 249 78.76 40.62 -69.68
CA ASN CA 249 79.59 41.31 -68.67
C ASN CA 249 78.82 42.44 -67.97
N ALA CA 250 77.56 42.17 -67.65
CA ALA CA 250 76.64 43.18 -67.07
C ALA CA 250 77.15 43.77 -65.75
N ASP CA 251 77.90 42.96 -65.00
CA ASP CA 251 78.35 43.35 -63.68
C ASP CA 251 79.75 43.99 -63.65
N TYR CA 252 80.24 44.44 -64.81
CA TYR CA 252 81.40 45.34 -64.85
C TYR CA 252 80.92 46.77 -65.06
N THR CA 253 80.07 46.97 -66.07
CA THR CA 253 79.57 48.30 -66.42
C THR CA 253 78.69 48.88 -65.32
N THR CA 254 77.80 48.05 -64.76
CA THR CA 254 76.96 48.47 -63.64
C THR CA 254 77.80 48.81 -62.40
N GLY CA 255 78.97 48.16 -62.27
CA GLY CA 255 79.90 48.45 -61.19
C GLY CA 255 80.74 49.71 -61.40
N GLN CA 256 81.31 49.85 -62.59
CA GLN CA 256 82.11 51.03 -62.96
C GLN CA 256 81.42 52.36 -62.64
N VAL CA 257 80.09 52.35 -62.66
CA VAL CA 257 79.30 53.49 -62.22
C VAL CA 257 79.62 53.84 -60.77
N PHE CA 258 79.59 52.83 -59.92
CA PHE CA 258 79.89 52.99 -58.49
C PHE CA 258 81.27 53.61 -58.31
N ASP CA 259 82.24 53.14 -59.12
CA ASP CA 259 83.59 53.72 -59.14
C ASP CA 259 83.58 55.17 -59.63
N LEU CA 260 82.88 55.40 -60.73
CA LEU CA 260 82.80 56.73 -61.34
C LEU CA 260 82.22 57.76 -60.38
N SER CA 261 81.13 57.39 -59.72
CA SER CA 261 80.45 58.25 -58.76
C SER CA 261 81.38 58.78 -57.67
N GLU CA 262 82.23 57.91 -57.14
CA GLU CA 262 83.19 58.29 -56.10
C GLU CA 262 84.25 59.25 -56.63
N LYS CA 263 84.78 58.98 -57.81
CA LYS CA 263 85.83 59.83 -58.40
C LYS CA 263 85.36 61.27 -58.62
N LEU CA 264 84.08 61.44 -58.93
CA LEU CA 264 83.48 62.78 -59.05
C LEU CA 264 83.31 63.41 -57.68
N GLU CA 265 82.75 62.63 -56.75
CA GLU CA 265 82.55 63.06 -55.37
C GLU CA 265 83.78 63.75 -54.77
N GLN CA 266 84.96 63.20 -55.08
CA GLN CA 266 86.23 63.79 -54.63
C GLN CA 266 86.52 65.13 -55.29
N SER CA 267 86.55 65.14 -56.62
CA SER CA 267 86.89 66.35 -57.38
C SER CA 267 85.89 67.50 -57.22
N GLU CA 268 84.67 67.17 -56.81
CA GLU CA 268 83.66 68.17 -56.49
C GLU CA 268 84.08 68.98 -55.26
N ALA CA 269 84.43 68.28 -54.18
CA ALA CA 269 84.91 68.92 -52.96
C ALA CA 269 86.33 69.45 -53.09
N GLN CA 270 87.09 68.90 -54.04
CA GLN CA 270 88.44 69.37 -54.34
C GLN CA 270 88.42 70.84 -54.82
N LEU CA 271 87.45 71.15 -55.68
CA LEU CA 271 87.22 72.53 -56.11
C LEU CA 271 87.01 73.44 -54.90
N GLY CA 272 86.27 72.92 -53.91
CA GLY CA 272 86.00 73.66 -52.68
C GLY CA 272 87.19 73.85 -51.73
N ARG CA 273 87.07 73.31 -50.52
CA ARG CA 273 87.97 73.69 -49.41
C ARG CA 273 89.28 72.88 -49.37
N GLY CA 274 89.20 71.62 -48.96
CA GLY CA 274 90.39 70.78 -48.80
C GLY CA 274 91.27 71.22 -47.65
N SER CA 287 96.94 62.46 -57.82
CA SER CA 287 96.10 63.43 -57.11
C SER CA 287 96.35 64.85 -57.61
N GLU CA 288 95.79 65.17 -58.78
CA GLU CA 288 95.84 66.52 -59.37
C GLU CA 288 94.75 66.64 -60.45
N ASP CA 289 93.64 67.29 -60.09
CA ASP CA 289 92.44 67.36 -60.93
C ASP CA 289 91.88 65.97 -61.20
N LYS CA 290 91.06 65.48 -60.28
CA LYS CA 290 90.44 64.16 -60.40
C LYS CA 290 89.07 64.23 -61.10
N LEU CA 291 88.83 65.29 -61.88
CA LEU CA 291 87.73 65.31 -62.82
C LEU CA 291 88.22 64.95 -64.22
N ALA CA 292 89.47 65.26 -64.52
CA ALA CA 292 90.09 64.86 -65.79
C ALA CA 292 90.17 63.34 -65.93
N LYS CA 293 90.42 62.64 -64.82
CA LYS CA 293 90.36 61.18 -64.79
C LYS CA 293 88.92 60.71 -64.98
N ALA CA 294 88.03 61.25 -64.13
CA ALA CA 294 86.61 60.87 -64.12
C ALA CA 294 85.91 61.13 -65.44
N THR CA 295 86.31 62.19 -66.14
CA THR CA 295 85.82 62.48 -67.48
C THR CA 295 86.23 61.37 -68.45
N ARG CA 296 87.49 60.95 -68.32
CA ARG CA 296 88.03 59.88 -69.16
C ARG CA 296 87.41 58.53 -68.82
N ASP CA 297 87.04 58.34 -67.56
CA ASP CA 297 86.34 57.13 -67.12
C ASP CA 297 84.90 57.10 -67.61
N SER CA 298 84.21 58.24 -67.52
CA SER CA 298 82.83 58.35 -67.99
C SER CA 298 82.71 58.07 -69.48
N CYS CA 299 83.73 58.49 -70.24
CA CYS CA 299 83.82 58.14 -71.66
C CYS CA 299 84.16 56.66 -71.81
N LYS CA 300 85.28 56.24 -71.22
CA LYS CA 300 85.73 54.84 -71.25
C LYS CA 300 84.57 53.85 -71.07
N THR CA 301 83.84 53.99 -69.97
CA THR CA 301 82.75 53.07 -69.62
C THR CA 301 81.55 53.18 -70.56
N THR CA 302 81.23 54.41 -70.96
CA THR CA 302 80.09 54.64 -71.85
C THR CA 302 80.43 54.33 -73.32
N ILE CA 303 81.65 54.65 -73.75
CA ILE CA 303 82.16 54.26 -75.08
C ILE CA 303 81.85 52.78 -75.34
N GLU CA 304 82.06 51.95 -74.32
CA GLU CA 304 81.74 50.52 -74.39
C GLU CA 304 80.24 50.31 -74.53
N ALA CA 305 79.48 50.91 -73.61
CA ALA CA 305 78.02 50.79 -73.61
C ALA CA 305 77.38 51.15 -74.96
N ILE CA 306 77.97 52.12 -75.65
CA ILE CA 306 77.49 52.55 -76.97
C ILE CA 306 77.88 51.53 -78.04
N HIS CA 307 79.16 51.17 -78.06
CA HIS CA 307 79.69 50.14 -78.97
C HIS CA 307 78.86 48.86 -78.89
N GLY CA 308 78.36 48.54 -77.70
CA GLY CA 308 77.46 47.42 -77.52
C GLY CA 308 76.21 47.57 -78.37
N LEU CA 309 75.57 48.73 -78.29
CA LEU CA 309 74.32 48.98 -79.01
C LEU CA 309 74.52 49.19 -80.51
N MET CA 310 75.76 49.34 -80.96
CA MET CA 310 76.07 49.31 -82.38
C MET CA 310 75.79 47.93 -82.97
N SER CA 311 76.37 46.89 -82.36
CA SER CA 311 76.19 45.51 -82.83
C SER CA 311 74.75 45.01 -82.67
N GLN CA 312 73.99 45.65 -81.79
CA GLN CA 312 72.58 45.30 -81.58
C GLN CA 312 71.71 45.80 -82.73
N VAL CA 313 71.82 47.09 -83.06
CA VAL CA 313 71.04 47.68 -84.14
C VAL CA 313 71.46 47.06 -85.47
N ILE CA 314 72.76 46.79 -85.62
CA ILE CA 314 73.29 46.05 -86.77
C ILE CA 314 72.50 44.75 -87.00
N LYS CA 315 72.16 44.06 -85.91
CA LYS CA 315 71.41 42.80 -85.99
C LYS CA 315 69.92 43.04 -86.29
N ASP CA 316 69.31 44.03 -85.63
CA ASP CA 316 67.91 44.39 -85.88
C ASP CA 316 67.70 44.75 -87.36
N LYS CA 317 68.66 45.47 -87.93
CA LYS CA 317 68.66 45.78 -89.35
C LYS CA 317 68.65 44.49 -90.17
N LEU CA 318 69.57 43.59 -89.84
CA LEU CA 318 69.77 42.35 -90.59
C LEU CA 318 68.56 41.42 -90.56
N PHE CA 319 68.35 40.80 -89.41
CA PHE CA 319 67.51 39.59 -89.34
C PHE CA 319 66.02 39.84 -89.18
N ASN CA 320 65.66 40.98 -88.60
CA ASN CA 320 64.25 41.30 -88.33
C ASN CA 320 63.52 41.94 -89.52
N GLN CA 321 64.22 42.79 -90.26
CA GLN CA 321 63.59 43.66 -91.27
C GLN CA 321 63.67 43.08 -92.68
N ILE CA 322 62.93 42.01 -92.92
CA ILE CA 322 62.81 41.39 -94.24
C ILE CA 322 61.37 41.39 -94.76
N ASN CA 323 60.39 41.50 -93.86
CA ASN CA 323 59.00 41.16 -94.15
C ASN CA 323 58.88 39.68 -94.56
N ILE CA 324 57.65 39.19 -94.68
CA ILE CA 324 57.42 37.75 -94.89
C ILE CA 324 57.72 37.35 -96.34
N SER DA 33 84.92 -1.31 -95.12
CA SER DA 33 84.46 -0.12 -94.34
C SER DA 33 84.14 -0.50 -92.89
N VAL DA 34 84.55 0.34 -91.95
CA VAL DA 34 84.27 0.10 -90.53
C VAL DA 34 83.71 1.35 -89.86
N MET DA 35 82.71 1.95 -90.51
CA MET DA 35 81.90 2.98 -89.88
C MET DA 35 80.41 2.65 -90.09
N ALA DA 36 79.53 3.43 -89.47
CA ALA DA 36 78.12 3.06 -89.33
C ALA DA 36 77.25 3.29 -90.58
N CYS DA 37 76.98 4.58 -90.88
CA CYS DA 37 76.06 4.97 -91.95
C CYS DA 37 74.63 4.43 -91.71
N GLY DA 38 73.85 5.18 -90.93
CA GLY DA 38 72.49 4.78 -90.59
C GLY DA 38 71.68 5.94 -90.02
N VAL DA 39 70.47 5.64 -89.55
CA VAL DA 39 69.60 6.63 -88.92
C VAL DA 39 70.09 6.96 -87.50
N THR DA 40 70.94 7.98 -87.40
CA THR DA 40 71.64 8.31 -86.15
C THR DA 40 70.76 9.16 -85.20
N GLY DA 41 71.29 10.28 -84.70
CA GLY DA 41 70.59 11.12 -83.72
C GLY DA 41 71.32 11.12 -82.38
N SER DA 42 70.70 10.48 -81.39
CA SER DA 42 71.28 10.31 -80.06
C SER DA 42 71.56 11.64 -79.35
N VAL DA 43 72.83 12.03 -79.24
CA VAL DA 43 73.22 13.26 -78.52
C VAL DA 43 73.47 14.44 -79.48
N SER DA 44 73.46 15.65 -78.93
CA SER DA 44 73.75 16.87 -79.68
C SER DA 44 75.06 17.50 -79.16
N VAL DA 45 75.97 17.83 -80.08
CA VAL DA 45 77.34 18.18 -79.72
C VAL DA 45 77.70 19.63 -80.05
N ALA DA 46 78.45 20.25 -79.15
CA ALA DA 46 79.07 21.56 -79.38
C ALA DA 46 80.58 21.39 -79.35
N LEU DA 47 81.30 22.41 -79.81
CA LEU DA 47 82.75 22.33 -79.96
C LEU DA 47 83.43 23.68 -79.77
N HIS DA 48 84.26 23.79 -78.74
CA HIS DA 48 85.07 24.99 -78.50
C HIS DA 48 86.31 24.99 -79.39
N PRO DA 49 86.66 26.17 -79.97
CA PRO DA 49 87.87 26.28 -80.79
C PRO DA 49 89.19 26.13 -80.00
N LEU DA 50 89.14 26.36 -78.69
CA LEU DA 50 90.29 26.09 -77.82
C LEU DA 50 90.73 24.62 -77.94
N VAL DA 51 89.76 23.73 -78.12
CA VAL DA 51 90.04 22.30 -78.27
C VAL DA 51 90.81 22.05 -79.56
N ILE DA 52 90.38 22.71 -80.64
CA ILE DA 52 91.05 22.60 -81.95
C ILE DA 52 92.51 23.07 -81.86
N LEU DA 53 92.73 24.19 -81.16
CA LEU DA 53 94.07 24.78 -81.04
C LEU DA 53 95.01 23.98 -80.13
N ASN DA 54 94.45 23.36 -79.07
CA ASN DA 54 95.23 22.50 -78.16
C ASN DA 54 95.70 21.21 -78.85
N ILE DA 55 94.91 20.73 -79.82
CA ILE DA 55 95.29 19.60 -80.66
C ILE DA 55 96.30 20.07 -81.73
N SER DA 56 96.05 21.25 -82.29
CA SER DA 56 96.92 21.84 -83.30
C SER DA 56 98.33 22.12 -82.78
N ASP DA 57 98.42 22.67 -81.56
CA ASP DA 57 99.71 22.84 -80.88
C ASP DA 57 100.36 21.47 -80.62
N HIS DA 58 99.55 20.50 -80.23
CA HIS DA 58 100.03 19.16 -79.92
C HIS DA 58 100.53 18.39 -81.15
N TRP DA 59 99.92 18.63 -82.31
CA TRP DA 59 100.36 18.01 -83.57
C TRP DA 59 101.67 18.63 -84.07
N ILE DA 60 101.70 19.96 -84.16
CA ILE DA 60 102.86 20.70 -84.67
C ILE DA 60 104.10 20.48 -83.81
N ARG DA 61 103.91 20.38 -82.50
CA ARG DA 61 105.02 20.19 -81.55
C ARG DA 61 105.58 18.77 -81.61
N MET DA 62 104.71 17.76 -81.68
CA MET DA 62 105.12 16.36 -81.79
C MET DA 62 105.60 16.01 -83.21
N ARG DA 63 105.03 16.68 -84.21
CA ARG DA 63 105.53 16.60 -85.58
C ARG DA 63 106.97 17.13 -85.64
N SER DA 64 107.16 18.31 -85.06
CA SER DA 64 108.46 18.97 -85.03
C SER DA 64 109.52 18.18 -84.28
N GLN DA 65 109.12 17.54 -83.18
CA GLN DA 65 110.04 16.73 -82.36
C GLN DA 65 110.76 15.64 -83.16
N GLU DA 66 110.03 14.98 -84.05
CA GLU DA 66 110.54 13.80 -84.77
C GLU DA 66 110.85 14.05 -86.26
N GLY DA 67 110.56 15.25 -86.76
CA GLY DA 67 110.81 15.60 -88.16
C GLY DA 67 109.93 14.84 -89.14
N ARG DA 68 108.74 14.45 -88.68
CA ARG DA 68 107.77 13.74 -89.52
C ARG DA 68 106.35 13.98 -89.00
N PRO DA 69 105.32 13.67 -89.82
CA PRO DA 69 103.94 13.68 -89.32
C PRO DA 69 103.71 12.63 -88.23
N VAL DA 70 102.89 12.97 -87.24
CA VAL DA 70 102.65 12.10 -86.08
C VAL DA 70 101.17 12.00 -85.78
N GLN DA 71 100.70 10.78 -85.48
CA GLN DA 71 99.36 10.55 -84.97
C GLN DA 71 99.35 10.75 -83.45
N VAL DA 72 99.12 11.99 -83.02
CA VAL DA 72 99.05 12.31 -81.59
C VAL DA 72 97.68 11.92 -81.03
N ILE DA 73 97.65 11.56 -79.75
CA ILE DA 73 96.41 11.14 -79.08
C ILE DA 73 96.28 11.88 -77.76
N GLY DA 74 95.05 12.26 -77.41
CA GLY DA 74 94.78 12.94 -76.15
C GLY DA 74 93.33 12.84 -75.70
N ALA DA 75 93.04 13.42 -74.53
CA ALA DA 75 91.75 13.28 -73.87
C ALA DA 75 90.86 14.52 -74.03
N LEU DA 76 89.55 14.31 -74.01
CA LEU DA 76 88.56 15.39 -74.12
C LEU DA 76 87.81 15.59 -72.81
N ILE DA 77 87.52 16.85 -72.48
CA ILE DA 77 86.75 17.19 -71.27
C ILE DA 77 85.84 18.40 -71.51
N GLY DA 78 84.81 18.52 -70.69
CA GLY DA 78 83.86 19.62 -70.78
C GLY DA 78 82.61 19.38 -69.96
N LYS DA 79 81.57 20.16 -70.25
CA LYS DA 79 80.30 20.05 -69.53
C LYS DA 79 79.40 19.01 -70.20
N GLN DA 80 78.71 18.22 -69.39
CA GLN DA 80 77.70 17.29 -69.88
C GLN DA 80 76.41 17.49 -69.08
N GLU DA 81 75.35 17.91 -69.77
CA GLU DA 81 74.03 18.09 -69.18
C GLU DA 81 72.99 17.38 -70.04
N GLY DA 82 72.23 16.48 -69.43
CA GLY DA 82 71.23 15.70 -70.14
C GLY DA 82 71.80 15.04 -71.38
N ARG DA 83 71.20 15.33 -72.53
CA ARG DA 83 71.68 14.80 -73.80
C ARG DA 83 72.85 15.62 -74.34
N ASN DA 84 72.72 16.94 -74.28
CA ASN DA 84 73.66 17.83 -74.94
C ASN DA 84 75.04 17.79 -74.32
N ILE DA 85 76.06 17.95 -75.15
CA ILE DA 85 77.45 17.82 -74.73
C ILE DA 85 78.31 18.94 -75.30
N GLU DA 86 79.00 19.66 -74.43
CA GLU DA 86 79.96 20.69 -74.83
C GLU DA 86 81.38 20.22 -74.51
N VAL DA 87 82.27 20.38 -75.47
CA VAL DA 87 83.68 20.09 -75.26
C VAL DA 87 84.37 21.43 -74.99
N MET DA 88 84.96 21.59 -73.81
CA MET DA 88 85.59 22.86 -73.42
C MET DA 88 87.10 22.84 -73.67
N ASN DA 89 87.81 21.99 -72.95
CA ASN DA 89 89.26 21.95 -73.01
C ASN DA 89 89.74 20.55 -73.42
N SER DA 90 91.03 20.41 -73.69
CA SER DA 90 91.62 19.13 -74.05
C SER DA 90 93.11 19.06 -73.71
N PHE DA 91 93.59 17.86 -73.41
CA PHE DA 91 94.99 17.63 -73.05
C PHE DA 91 95.48 16.31 -73.65
N GLU DA 92 96.69 15.88 -73.28
CA GLU DA 92 97.37 14.77 -73.94
C GLU DA 92 97.31 13.47 -73.13
N LEU DA 93 97.50 12.34 -73.83
CA LEU DA 93 97.53 11.02 -73.19
C LEU DA 93 98.75 10.22 -73.64
N LEU DA 94 99.20 9.33 -72.76
CA LEU DA 94 100.37 8.50 -73.03
C LEU DA 94 99.94 7.24 -73.78
N SER DA 95 100.71 6.88 -74.82
CA SER DA 95 100.37 5.75 -75.68
C SER DA 95 101.61 4.93 -76.06
N HIS DA 96 101.41 3.62 -76.18
CA HIS DA 96 102.46 2.69 -76.60
C HIS DA 96 101.94 1.82 -77.73
N THR DA 97 102.77 0.88 -78.21
CA THR DA 97 102.39 0.04 -79.35
C THR DA 97 102.76 -1.45 -79.16
N VAL DA 98 101.78 -2.26 -78.77
CA VAL DA 98 101.91 -3.72 -78.73
C VAL DA 98 101.63 -4.25 -80.13
N GLU DA 99 102.69 -4.66 -80.82
CA GLU DA 99 102.64 -5.08 -82.23
C GLU DA 99 102.21 -3.91 -83.13
N GLU DA 100 100.96 -3.92 -83.61
CA GLU DA 100 100.43 -2.84 -84.44
C GLU DA 100 99.25 -2.16 -83.77
N LYS DA 101 99.04 -2.47 -82.49
CA LYS DA 101 97.86 -2.05 -81.75
C LYS DA 101 98.23 -0.92 -80.80
N ILE DA 102 97.55 0.23 -80.93
CA ILE DA 102 97.89 1.41 -80.14
C ILE DA 102 97.33 1.25 -78.72
N ILE DA 103 98.23 1.15 -77.74
CA ILE DA 103 97.86 0.94 -76.35
C ILE DA 103 97.87 2.26 -75.58
N ILE DA 104 96.70 2.73 -75.17
CA ILE DA 104 96.60 3.90 -74.31
C ILE DA 104 97.07 3.49 -72.93
N ASP DA 105 98.21 4.06 -72.50
CA ASP DA 105 98.70 3.82 -71.16
C ASP DA 105 97.73 4.48 -70.17
N LYS DA 106 96.85 3.66 -69.60
CA LYS DA 106 95.78 4.15 -68.71
C LYS DA 106 96.32 4.69 -67.38
N GLU DA 107 97.44 4.14 -66.93
CA GLU DA 107 98.10 4.62 -65.71
C GLU DA 107 98.45 6.11 -65.80
N TYR DA 108 98.69 6.61 -67.03
CA TYR DA 108 98.89 8.04 -67.27
C TYR DA 108 97.57 8.81 -67.21
N TYR DA 109 96.51 8.26 -67.82
CA TYR DA 109 95.19 8.90 -67.81
C TYR DA 109 94.70 9.16 -66.38
N TYR DA 110 94.79 8.14 -65.52
CA TYR DA 110 94.35 8.26 -64.13
C TYR DA 110 95.19 9.28 -63.33
N THR DA 111 96.46 9.43 -63.71
CA THR DA 111 97.35 10.43 -63.13
C THR DA 111 96.93 11.85 -63.53
N LYS DA 112 96.68 12.06 -64.83
CA LYS DA 112 96.17 13.34 -65.33
C LYS DA 112 94.71 13.59 -64.95
N GLU DA 113 93.96 12.51 -64.72
CA GLU DA 113 92.59 12.62 -64.22
C GLU DA 113 92.58 13.28 -62.84
N GLU DA 114 93.63 13.06 -62.06
CA GLU DA 114 93.82 13.77 -60.81
C GLU DA 114 93.94 15.27 -61.09
N GLN DA 115 94.95 15.64 -61.89
CA GLN DA 115 95.31 17.04 -62.09
C GLN DA 115 94.29 17.90 -62.84
N PHE DA 116 93.46 17.29 -63.69
CA PHE DA 116 92.41 18.05 -64.40
C PHE DA 116 91.14 18.19 -63.55
N LYS DA 117 90.90 17.24 -62.65
CA LYS DA 117 89.83 17.38 -61.66
C LYS DA 117 90.16 18.46 -60.62
N GLN DA 118 91.44 18.76 -60.44
CA GLN DA 118 91.88 19.80 -59.51
C GLN DA 118 91.55 21.19 -60.03
N VAL DA 119 92.04 21.50 -61.23
CA VAL DA 119 91.90 22.85 -61.80
C VAL DA 119 90.47 23.14 -62.27
N PHE DA 120 89.89 22.22 -63.05
CA PHE DA 120 88.51 22.33 -63.51
C PHE DA 120 87.70 21.25 -62.80
N LYS DA 121 87.21 21.60 -61.63
CA LYS DA 121 86.52 20.65 -60.75
C LYS DA 121 85.12 20.36 -61.27
N GLU DA 122 84.57 21.28 -62.05
CA GLU DA 122 83.24 21.15 -62.62
C GLU DA 122 83.22 20.14 -63.77
N LEU DA 123 84.34 20.05 -64.49
CA LEU DA 123 84.39 19.34 -65.78
C LEU DA 123 84.39 17.82 -65.66
N GLU DA 124 83.93 17.17 -66.72
CA GLU DA 124 83.72 15.73 -66.77
C GLU DA 124 84.53 15.13 -67.92
N PHE DA 125 84.79 13.81 -67.87
CA PHE DA 125 85.47 13.11 -68.96
C PHE DA 125 84.45 12.73 -70.02
N LEU DA 126 84.77 13.04 -71.27
CA LEU DA 126 83.82 12.93 -72.37
C LEU DA 126 84.26 11.97 -73.47
N GLY DA 127 85.50 12.12 -73.95
CA GLY DA 127 85.99 11.31 -75.06
C GLY DA 127 87.49 11.42 -75.28
N TRP DA 128 87.91 11.35 -76.55
CA TRP DA 128 89.32 11.44 -76.93
C TRP DA 128 89.51 11.91 -78.37
N TYR DA 129 90.75 12.22 -78.74
CA TYR DA 129 91.05 12.72 -80.09
C TYR DA 129 92.29 12.09 -80.70
N THR DA 130 92.42 12.26 -82.02
CA THR DA 130 93.62 11.86 -82.75
C THR DA 130 93.65 12.53 -84.13
N THR DA 131 94.77 12.38 -84.83
CA THR DA 131 94.90 12.94 -86.19
C THR DA 131 95.14 11.84 -87.22
N GLY DA 132 94.87 12.17 -88.48
CA GLY DA 132 95.03 11.22 -89.59
C GLY DA 132 93.88 11.31 -90.58
N GLY DA 133 93.54 10.18 -91.21
CA GLY DA 133 92.43 10.12 -92.16
C GLY DA 133 91.09 10.05 -91.46
N PRO DA 134 90.08 9.44 -92.11
CA PRO DA 134 88.82 9.15 -91.45
C PRO DA 134 88.94 7.97 -90.47
N PRO DA 135 87.83 7.59 -89.80
CA PRO DA 135 87.86 6.46 -88.85
C PRO DA 135 88.32 5.15 -89.46
N ASP DA 136 89.07 4.36 -88.69
CA ASP DA 136 89.73 3.15 -89.20
C ASP DA 136 89.95 2.15 -88.06
N PRO DA 137 90.41 0.91 -88.40
CA PRO DA 137 90.61 -0.13 -87.39
C PRO DA 137 91.53 0.23 -86.21
N SER DA 138 92.62 0.96 -86.48
CA SER DA 138 93.59 1.32 -85.44
C SER DA 138 93.00 2.19 -84.33
N ASP DA 139 91.92 2.93 -84.65
CA ASP DA 139 91.23 3.75 -83.67
C ASP DA 139 90.07 3.01 -82.99
N ILE DA 140 89.52 1.99 -83.64
CA ILE DA 140 88.49 1.14 -83.05
C ILE DA 140 89.05 0.33 -81.89
N HIS DA 141 90.29 -0.13 -82.04
CA HIS DA 141 91.01 -0.82 -80.96
C HIS DA 141 91.26 0.12 -79.78
N VAL DA 142 91.55 1.38 -80.08
CA VAL DA 142 91.74 2.40 -79.04
C VAL DA 142 90.39 2.78 -78.41
N HIS DA 143 89.34 2.82 -79.22
CA HIS DA 143 88.00 3.15 -78.75
C HIS DA 143 87.50 2.13 -77.72
N LYS DA 144 87.92 0.87 -77.87
CA LYS DA 144 87.64 -0.19 -76.90
C LYS DA 144 88.28 0.11 -75.55
N GLN DA 145 89.51 0.66 -75.57
CA GLN DA 145 90.24 0.99 -74.35
C GLN DA 145 89.67 2.22 -73.63
N VAL DA 146 89.00 3.11 -74.38
CA VAL DA 146 88.30 4.24 -73.78
C VAL DA 146 86.91 3.78 -73.30
N CYS DA 147 86.33 2.79 -73.97
CA CYS DA 147 85.05 2.20 -73.55
C CYS DA 147 85.10 1.48 -72.20
N GLU DA 148 86.28 0.97 -71.82
CA GLU DA 148 86.47 0.40 -70.48
C GLU DA 148 86.40 1.48 -69.39
N ILE DA 149 86.81 2.70 -69.73
CA ILE DA 149 86.84 3.83 -68.80
C ILE DA 149 85.45 4.44 -68.61
N ILE DA 150 84.74 4.70 -69.72
CA ILE DA 150 83.41 5.35 -69.69
C ILE DA 150 82.39 4.70 -70.64
N GLU DA 151 81.10 4.92 -70.37
CA GLU DA 151 79.98 4.27 -71.08
C GLU DA 151 79.46 5.02 -72.31
N SER DA 152 80.06 6.16 -72.63
CA SER DA 152 79.66 6.93 -73.81
C SER DA 152 80.81 7.84 -74.29
N PRO DA 153 81.90 7.23 -74.80
CA PRO DA 153 83.09 7.99 -75.19
C PRO DA 153 82.99 8.59 -76.59
N LEU DA 154 83.07 9.92 -76.67
CA LEU DA 154 83.06 10.60 -77.95
C LEU DA 154 84.42 10.46 -78.63
N PHE DA 155 84.47 10.81 -79.91
CA PHE DA 155 85.68 10.66 -80.71
C PHE DA 155 85.76 11.72 -81.80
N LEU DA 156 86.80 12.56 -81.72
CA LEU DA 156 87.10 13.54 -82.74
C LEU DA 156 88.31 13.07 -83.55
N LYS DA 157 88.33 13.37 -84.85
CA LYS DA 157 89.49 13.09 -85.69
C LYS DA 157 89.76 14.26 -86.64
N LEU DA 158 91.02 14.68 -86.70
CA LEU DA 158 91.43 15.86 -87.44
C LEU DA 158 92.42 15.49 -88.52
N ASN DA 159 92.22 16.02 -89.72
CA ASN DA 159 93.14 15.82 -90.83
C ASN DA 159 94.04 17.06 -90.97
N PRO DA 160 95.34 16.93 -90.61
CA PRO DA 160 96.22 18.11 -90.58
C PRO DA 160 96.53 18.72 -91.95
N MET DA 161 96.97 17.90 -92.90
CA MET DA 161 97.25 18.35 -94.26
C MET DA 161 96.05 18.01 -95.14
N THR DA 162 94.92 18.65 -94.86
CA THR DA 162 93.64 18.30 -95.49
C THR DA 162 93.52 18.79 -96.94
N LYS DA 163 92.85 17.99 -97.76
CA LYS DA 163 92.48 18.40 -99.13
C LYS DA 163 91.12 19.11 -99.14
N HIS DA 164 90.32 18.90 -98.10
CA HIS DA 164 89.01 19.56 -97.97
C HIS DA 164 89.16 21.07 -97.94
N THR DA 165 88.33 21.74 -98.73
CA THR DA 165 88.15 23.18 -98.62
C THR DA 165 87.35 23.51 -97.35
N ASP DA 166 86.54 22.55 -96.90
CA ASP DA 166 85.85 22.62 -95.61
C ASP DA 166 86.79 22.22 -94.48
N LEU DA 167 86.30 22.29 -93.25
CA LEU DA 167 87.07 21.87 -92.08
C LEU DA 167 87.19 20.33 -92.06
N PRO DA 168 88.37 19.80 -91.71
CA PRO DA 168 88.57 18.35 -91.65
C PRO DA 168 88.42 17.74 -90.25
N VAL DA 169 87.50 18.30 -89.45
CA VAL DA 169 87.29 17.86 -88.07
C VAL DA 169 85.87 17.34 -87.92
N SER DA 170 85.72 16.02 -87.78
CA SER DA 170 84.41 15.38 -87.66
C SER DA 170 84.30 14.59 -86.36
N VAL DA 171 83.11 14.62 -85.75
CA VAL DA 171 82.86 13.93 -84.48
C VAL DA 171 82.06 12.66 -84.72
N PHE DA 172 82.35 11.63 -83.93
CA PHE DA 172 81.74 10.30 -84.09
C PHE DA 172 81.35 9.71 -82.73
N GLU DA 173 80.75 8.51 -82.75
CA GLU DA 173 80.41 7.78 -81.52
C GLU DA 173 80.33 6.27 -81.77
N SER DA 174 80.25 5.49 -80.70
CA SER DA 174 80.18 4.03 -80.79
C SER DA 174 78.76 3.54 -81.00
N VAL DA 175 78.55 2.78 -82.08
CA VAL DA 175 77.26 2.15 -82.39
C VAL DA 175 77.53 0.69 -82.79
N ILE DA 176 76.59 -0.20 -82.46
CA ILE DA 176 76.79 -1.64 -82.66
C ILE DA 176 75.54 -2.31 -83.23
N ASP DA 177 75.72 -3.03 -84.34
CA ASP DA 177 74.62 -3.69 -85.05
C ASP DA 177 74.99 -5.13 -85.39
N ILE DA 178 74.03 -5.87 -85.95
CA ILE DA 178 74.25 -7.24 -86.44
C ILE DA 178 74.84 -7.18 -87.86
N ILE DA 179 76.13 -7.45 -87.98
CA ILE DA 179 76.79 -7.57 -89.29
C ILE DA 179 76.80 -9.04 -89.73
N ASN DA 180 75.64 -9.49 -90.24
CA ASN DA 180 75.44 -10.88 -90.66
C ASN DA 180 75.84 -11.91 -89.60
N GLY DA 181 75.00 -12.03 -88.57
CA GLY DA 181 75.25 -12.93 -87.45
C GLY DA 181 76.46 -12.56 -86.60
N GLU DA 182 76.83 -11.27 -86.58
CA GLU DA 182 77.99 -10.78 -85.83
C GLU DA 182 77.73 -9.40 -85.24
N ALA DA 183 77.50 -9.35 -83.92
CA ALA DA 183 77.41 -8.08 -83.21
C ALA DA 183 78.81 -7.46 -83.14
N THR DA 184 78.95 -6.24 -83.66
CA THR DA 184 80.27 -5.60 -83.78
C THR DA 184 80.19 -4.07 -83.83
N MET DA 185 81.28 -3.41 -83.40
CA MET DA 185 81.31 -1.95 -83.21
C MET DA 185 81.46 -1.17 -84.52
N LEU DA 186 80.85 0.02 -84.55
CA LEU DA 186 80.91 0.92 -85.70
C LEU DA 186 80.99 2.38 -85.24
N PHE DA 187 81.13 3.31 -86.19
CA PHE DA 187 81.20 4.75 -85.92
C PHE DA 187 80.07 5.52 -86.62
N ALA DA 188 79.12 6.02 -85.83
CA ALA DA 188 78.07 6.90 -86.36
C ALA DA 188 78.53 8.35 -86.26
N GLU DA 189 78.65 9.01 -87.42
CA GLU DA 189 79.17 10.37 -87.48
C GLU DA 189 78.13 11.39 -87.00
N LEU DA 190 78.61 12.45 -86.33
CA LEU DA 190 77.75 13.54 -85.87
C LEU DA 190 78.33 14.90 -86.22
N THR DA 191 77.46 15.91 -86.20
CA THR DA 191 77.84 17.30 -86.50
C THR DA 191 78.19 18.07 -85.23
N TYR DA 192 78.65 19.30 -85.40
CA TYR DA 192 79.20 20.08 -84.30
C TYR DA 192 78.93 21.58 -84.50
N THR DA 193 78.21 22.18 -83.56
CA THR DA 193 78.03 23.63 -83.55
C THR DA 193 79.22 24.25 -82.81
N LEU DA 194 79.66 25.43 -83.25
CA LEU DA 194 80.82 26.07 -82.65
C LEU DA 194 80.46 26.85 -81.39
N ALA DA 195 81.46 27.05 -80.53
CA ALA DA 195 81.27 27.71 -79.24
C ALA DA 195 81.22 29.22 -79.37
N THR DA 196 80.62 29.86 -78.38
CA THR DA 196 80.22 31.26 -78.49
C THR DA 196 80.90 32.22 -77.52
N GLU DA 197 81.49 31.71 -76.44
CA GLU DA 197 81.93 32.56 -75.32
C GLU DA 197 82.60 33.85 -75.79
N GLU DA 198 82.11 34.97 -75.29
CA GLU DA 198 82.56 36.31 -75.70
C GLU DA 198 84.05 36.52 -75.43
N ALA DA 199 84.51 36.09 -74.26
CA ALA DA 199 85.93 36.19 -73.90
C ALA DA 199 86.80 35.37 -74.84
N GLU DA 200 86.30 34.20 -75.23
CA GLU DA 200 87.01 33.31 -76.14
C GLU DA 200 87.00 33.87 -77.55
N ARG DA 201 85.81 34.28 -78.01
CA ARG DA 201 85.62 34.79 -79.37
C ARG DA 201 86.66 35.84 -79.76
N ILE DA 202 87.08 36.64 -78.78
CA ILE DA 202 88.10 37.66 -79.01
C ILE DA 202 89.48 37.03 -79.23
N GLY DA 203 89.78 35.98 -78.48
CA GLY DA 203 91.00 35.20 -78.70
C GLY DA 203 91.11 34.70 -80.13
N VAL DA 204 89.98 34.25 -80.69
CA VAL DA 204 89.92 33.83 -82.10
C VAL DA 204 90.09 35.03 -83.01
N ASP DA 205 89.40 36.12 -82.68
CA ASP DA 205 89.43 37.34 -83.50
C ASP DA 205 90.79 38.05 -83.45
N HIS DA 206 91.61 37.74 -82.45
CA HIS DA 206 92.93 38.36 -82.30
C HIS DA 206 94.04 37.67 -83.09
N VAL DA 207 94.07 36.34 -83.05
CA VAL DA 207 95.14 35.59 -83.71
C VAL DA 207 94.81 35.33 -85.18
N ALA DA 208 93.54 35.12 -85.49
CA ALA DA 208 93.07 34.97 -86.87
C ALA DA 208 92.99 36.32 -87.59
N ARG DA 209 92.97 37.41 -86.83
CA ARG DA 209 93.02 38.77 -87.38
C ARG DA 209 93.90 39.67 -86.51
N MET DA 210 95.19 39.76 -86.86
CA MET DA 210 96.20 40.41 -86.03
C MET DA 210 96.44 41.89 -86.34
N THR DA 211 96.45 42.71 -85.28
CA THR DA 211 96.88 44.12 -85.37
C THR DA 211 98.41 44.16 -85.36
N ALA DA 212 99.02 43.88 -86.51
CA ALA DA 212 100.47 43.92 -86.69
C ALA DA 212 100.87 45.27 -87.29
N THR DA 213 100.68 46.34 -86.51
CA THR DA 213 100.90 47.73 -86.95
C THR DA 213 99.81 48.19 -87.93
N GLY DA 214 98.55 48.04 -87.51
CA GLY DA 214 97.39 48.37 -88.36
C GLY DA 214 96.35 49.27 -87.69
N SER DA 215 96.82 50.11 -86.77
CA SER DA 215 95.96 51.12 -86.13
C SER DA 215 96.82 52.21 -85.49
N GLY DA 216 96.83 53.40 -86.11
CA GLY DA 216 97.62 54.54 -85.65
C GLY DA 216 96.81 55.53 -84.82
N GLU DA 217 95.87 56.21 -85.47
CA GLU DA 217 94.94 57.11 -84.79
C GLU DA 217 93.80 56.31 -84.19
N ASN DA 218 93.82 56.17 -82.86
CA ASN DA 218 92.87 55.33 -82.11
C ASN DA 218 91.61 54.88 -82.87
N SER DA 219 90.80 55.86 -83.28
CA SER DA 219 89.56 55.62 -84.04
C SER DA 219 88.45 54.99 -83.20
N THR DA 220 88.73 53.85 -82.57
CA THR DA 220 87.82 53.15 -81.65
C THR DA 220 86.66 52.43 -82.36
N VAL DA 221 85.93 53.17 -83.19
CA VAL DA 221 84.84 52.62 -83.99
C VAL DA 221 85.35 51.73 -85.13
N ALA DA 222 86.93 52.24 -85.77
CA ALA DA 222 87.70 51.40 -86.69
C ALA DA 222 88.12 50.05 -86.07
N GLU DA 223 88.52 50.07 -84.81
CA GLU DA 223 88.99 48.85 -84.14
C GLU DA 223 87.85 47.96 -83.62
N HIS DA 224 86.62 48.45 -83.67
CA HIS DA 224 85.44 47.69 -83.26
C HIS DA 224 84.69 47.10 -84.46
N LEU DA 225 84.31 47.96 -85.40
CA LEU DA 225 83.50 47.54 -86.55
C LEU DA 225 84.27 46.74 -87.61
N ILE DA 226 85.59 46.63 -87.45
CA ILE DA 226 86.39 45.71 -88.29
C ILE DA 226 85.88 44.27 -88.17
N ALA DA 227 85.42 43.90 -86.98
CA ALA DA 227 84.86 42.59 -86.74
C ALA DA 227 83.62 42.35 -87.61
N GLN DA 228 82.63 43.23 -87.48
CA GLN DA 228 81.37 43.11 -88.24
C GLN DA 228 81.59 43.22 -89.75
N HIS DA 229 82.39 44.20 -90.17
CA HIS DA 229 82.64 44.47 -91.59
C HIS DA 229 82.89 43.20 -92.42
N SER DA 230 83.99 42.51 -92.13
CA SER DA 230 84.37 41.31 -92.88
C SER DA 230 83.66 40.03 -92.41
N ALA DA 231 82.94 40.12 -91.29
CA ALA DA 231 82.07 39.02 -90.85
C ALA DA 231 80.77 39.01 -91.65
N ILE DA 232 80.20 40.20 -91.86
CA ILE DA 232 78.99 40.35 -92.66
C ILE DA 232 79.30 40.12 -94.15
N LYS DA 233 80.54 40.40 -94.55
CA LYS DA 233 81.02 40.04 -95.89
C LYS DA 233 80.85 38.55 -96.15
N MET DA 234 81.06 37.74 -95.11
CA MET DA 234 80.83 36.31 -95.19
C MET DA 234 79.34 36.03 -95.33
N LEU DA 235 78.52 36.71 -94.53
CA LEU DA 235 77.06 36.59 -94.63
C LEU DA 235 76.54 36.92 -96.03
N HIS DA 236 77.02 38.03 -96.61
CA HIS DA 236 76.60 38.45 -97.94
C HIS DA 236 77.09 37.48 -99.02
N SER DA 237 78.32 36.99 -98.85
CA SER DA 237 78.88 35.99 -99.77
C SER DA 237 78.00 34.74 -99.85
N ARG DA 238 77.49 34.30 -98.71
CA ARG DA 238 76.68 33.09 -98.63
C ARG DA 238 75.27 33.34 -99.17
N VAL DA 239 74.63 34.39 -98.67
CA VAL DA 239 73.23 34.69 -98.98
C VAL DA 239 73.01 34.98 -100.46
N LYS DA 240 73.97 35.65 -101.08
CA LYS DA 240 73.89 35.98 -102.51
C LYS DA 240 74.07 34.73 -103.37
N LEU DA 241 75.06 33.91 -103.05
CA LEU DA 241 75.37 32.72 -103.85
C LEU DA 241 74.26 31.65 -103.82
N ILE DA 242 73.42 31.70 -102.78
CA ILE DA 242 72.19 30.89 -102.75
C ILE DA 242 71.17 31.46 -103.74
N LEU DA 243 70.99 32.78 -103.71
CA LEU DA 243 70.05 33.46 -104.62
C LEU DA 243 70.47 33.40 -106.09
N GLU DA 244 71.78 33.26 -106.35
CA GLU DA 244 72.26 33.02 -107.71
C GLU DA 244 71.77 31.66 -108.23
N TYR DA 245 71.77 30.66 -107.35
CA TYR DA 245 71.23 29.34 -107.67
C TYR DA 245 69.70 29.35 -107.83
N VAL DA 246 69.02 30.19 -107.05
CA VAL DA 246 67.55 30.31 -107.11
C VAL DA 246 67.07 30.86 -108.45
N LYS DA 247 67.73 31.92 -108.93
CA LYS DA 247 67.37 32.54 -110.21
C LYS DA 247 67.70 31.64 -111.41
N ALA DA 248 68.82 30.95 -111.33
CA ALA DA 248 69.29 30.09 -112.43
C ALA DA 248 68.53 28.76 -112.52
N SER DA 249 68.03 28.27 -111.38
CA SER DA 249 67.25 27.02 -111.34
C SER DA 249 65.92 27.20 -112.06
N GLU DA 250 65.20 28.27 -111.76
CA GLU DA 250 63.93 28.58 -112.42
C GLU DA 250 64.16 28.99 -113.88
N ALA DA 251 65.24 29.74 -114.12
CA ALA DA 251 65.64 30.13 -115.48
C ALA DA 251 65.91 28.91 -116.36
N GLY DA 252 66.39 27.83 -115.72
CA GLY DA 252 66.58 26.55 -116.41
C GLY DA 252 68.04 26.27 -116.69
N GLU DA 253 68.30 25.12 -117.30
CA GLU DA 253 69.64 24.65 -117.68
C GLU DA 253 70.51 24.29 -116.46
N VAL DA 254 70.50 25.13 -115.42
CA VAL DA 254 71.11 24.78 -114.13
C VAL DA 254 70.18 23.78 -113.42
N PRO DA 255 70.67 22.52 -113.20
CA PRO DA 255 69.84 21.40 -112.72
C PRO DA 255 68.77 21.77 -111.70
N PHE DA 256 67.50 21.49 -112.04
CA PHE DA 256 66.40 21.72 -111.13
C PHE DA 256 66.38 20.63 -110.05
N ASN DA 257 66.29 21.05 -108.79
CA ASN DA 257 66.29 20.12 -107.66
C ASN DA 257 65.21 20.50 -106.65
N HIS DA 258 64.31 19.54 -106.37
CA HIS DA 258 63.19 19.76 -105.45
C HIS DA 258 63.65 19.82 -103.99
N GLU DA 259 64.55 18.92 -103.61
CA GLU DA 259 64.92 18.74 -102.20
C GLU DA 259 66.00 19.72 -101.69
N ILE DA 260 66.41 20.67 -102.53
CA ILE DA 260 67.26 21.79 -102.11
C ILE DA 260 66.45 23.08 -102.12
N LEU DA 261 65.74 23.34 -103.22
CA LEU DA 261 64.84 24.50 -103.33
C LEU DA 261 63.75 24.49 -102.25
N ARG DA 262 63.40 23.30 -101.77
CA ARG DA 262 62.44 23.14 -100.69
C ARG DA 262 62.87 23.87 -99.42
N GLU DA 263 64.11 23.63 -99.01
CA GLU DA 263 64.66 24.25 -97.80
C GLU DA 263 64.78 25.76 -97.93
N ALA DA 264 64.93 26.25 -99.16
CA ALA DA 264 64.96 27.68 -99.44
C ALA DA 264 63.60 28.33 -99.17
N TYR DA 265 62.50 27.64 -99.50
CA TYR DA 265 61.16 28.15 -99.22
C TYR DA 265 60.97 28.43 -97.73
N ALA DA 266 61.45 27.51 -96.89
CA ALA DA 266 61.45 27.71 -95.45
C ALA DA 266 62.38 28.85 -95.07
N LEU DA 267 63.66 28.71 -95.44
CA LEU DA 267 64.72 29.67 -95.10
C LEU DA 267 64.29 31.15 -95.21
N CYS DA 268 63.59 31.48 -96.29
CA CYS DA 268 63.26 32.87 -96.61
C CYS DA 268 61.99 33.39 -95.91
N HIS DA 269 61.02 32.50 -95.67
CA HIS DA 269 59.81 32.86 -94.92
C HIS DA 269 60.01 32.67 -93.42
N CYS DA 270 60.93 31.78 -93.05
CA CYS DA 270 61.36 31.64 -91.66
C CYS DA 270 62.14 32.86 -91.16
N LEU DA 271 62.42 33.82 -92.04
CA LEU DA 271 62.97 35.11 -91.63
C LEU DA 271 61.99 35.85 -90.73
N PRO DA 272 61.44 37.00 -91.18
CA PRO DA 272 60.94 37.94 -90.19
C PRO DA 272 61.35 37.58 -88.74
N VAL DA 273 62.65 37.59 -88.48
CA VAL DA 273 63.21 37.06 -87.23
C VAL DA 273 62.75 37.89 -86.04
N LEU DA 274 61.61 37.49 -85.48
CA LEU DA 274 61.00 38.13 -84.32
C LEU DA 274 60.44 39.52 -84.61
N SER DA 275 59.14 39.57 -84.89
CA SER DA 275 58.37 40.81 -84.90
C SER DA 275 57.22 40.67 -83.90
N THR DA 276 57.53 40.05 -82.76
CA THR DA 276 56.53 39.78 -81.72
C THR DA 276 56.42 41.00 -80.82
N ASP DA 277 55.18 41.42 -80.56
CA ASP DA 277 54.91 42.63 -79.76
C ASP DA 277 55.78 42.71 -78.51
N LYS DA 278 56.02 41.56 -77.87
CA LYS DA 278 56.86 41.49 -76.69
C LYS DA 278 58.33 41.81 -77.01
N PHE DA 279 58.88 41.11 -78.00
CA PHE DA 279 60.31 41.22 -78.33
C PHE DA 279 60.79 42.66 -78.47
N LYS DA 280 60.16 43.39 -79.38
CA LYS DA 280 60.62 44.75 -79.70
C LYS DA 280 60.55 45.68 -78.48
N THR DA 281 59.51 45.51 -77.67
CA THR DA 281 59.41 46.24 -76.41
C THR DA 281 60.71 46.06 -75.62
N ASP DA 282 61.15 44.81 -75.50
CA ASP DA 282 62.38 44.48 -74.79
C ASP DA 282 63.60 45.09 -75.48
N PHE DA 283 63.63 45.04 -76.81
CA PHE DA 283 64.72 45.65 -77.56
C PHE DA 283 64.80 47.14 -77.27
N TYR DA 284 63.66 47.83 -77.36
CA TYR DA 284 63.61 49.27 -77.05
C TYR DA 284 63.91 49.54 -75.58
N ASP DA 285 63.47 48.64 -74.69
CA ASP DA 285 63.81 48.72 -73.26
C ASP DA 285 65.32 48.86 -73.08
N GLN DA 286 66.07 48.01 -73.78
CA GLN DA 286 67.53 48.06 -73.73
C GLN DA 286 68.09 49.37 -74.28
N CYS DA 287 67.61 49.75 -75.46
CA CYS DA 287 68.07 50.96 -76.13
C CYS DA 287 67.96 52.18 -75.24
N ASN DA 288 66.79 52.36 -74.63
CA ASN DA 288 66.55 53.47 -73.70
C ASN DA 288 67.56 53.46 -72.53
N ASP DA 289 67.82 52.28 -71.98
CA ASP DA 289 68.83 52.11 -70.90
C ASP DA 289 70.19 52.61 -71.34
N VAL DA 290 70.63 52.15 -72.52
CA VAL DA 290 71.90 52.58 -73.08
C VAL DA 290 71.88 54.09 -73.29
N GLY DA 291 70.75 54.58 -73.80
CA GLY DA 291 70.56 56.02 -74.02
C GLY DA 291 70.73 56.84 -72.77
N LEU DA 292 70.10 56.39 -71.69
CA LEU DA 292 70.24 57.04 -70.40
C LEU DA 292 71.71 57.18 -70.04
N MET DA 293 72.47 56.12 -70.29
CA MET DA 293 73.89 56.09 -69.97
C MET DA 293 74.68 57.10 -70.79
N ALA DA 294 74.27 57.30 -72.04
CA ALA DA 294 74.90 58.30 -72.91
C ALA DA 294 74.56 59.72 -72.48
N TYR DA 295 73.31 59.94 -72.06
CA TYR DA 295 72.87 61.26 -71.59
C TYR DA 295 73.67 61.69 -70.37
N LEU DA 296 73.84 60.78 -69.41
CA LEU DA 296 74.63 61.05 -68.20
C LEU DA 296 76.11 61.21 -68.53
N GLY DA 297 76.61 60.35 -69.43
CA GLY DA 297 78.00 60.41 -69.87
C GLY DA 297 78.36 61.70 -70.59
N THR DA 298 77.43 62.20 -71.41
CA THR DA 298 77.63 63.46 -72.12
C THR DA 298 77.60 64.66 -71.19
N ILE DA 299 76.72 64.62 -70.18
CA ILE DA 299 76.68 65.66 -69.15
C ILE DA 299 78.01 65.73 -68.39
N THR DA 300 78.60 64.57 -68.15
CA THR DA 300 79.89 64.49 -67.48
C THR DA 300 80.99 65.19 -68.27
N LYS DA 301 81.07 64.88 -69.56
CA LYS DA 301 82.06 65.49 -70.45
C LYS DA 301 81.82 66.98 -70.59
N THR DA 302 80.56 67.37 -70.70
CA THR DA 302 80.18 68.78 -70.72
C THR DA 302 80.60 69.45 -69.42
N CYS DA 303 80.32 68.78 -68.29
CA CYS DA 303 80.66 69.30 -66.97
C CYS DA 303 82.15 69.54 -66.78
N ASN DA 304 82.98 68.65 -67.33
CA ASN DA 304 84.43 68.81 -67.28
C ASN DA 304 84.89 69.93 -68.21
N THR DA 305 84.45 69.84 -69.47
CA THR DA 305 84.74 70.86 -70.47
C THR DA 305 84.25 72.24 -70.01
N MET DA 306 83.17 72.25 -69.24
CA MET DA 306 82.67 73.46 -68.60
C MET DA 306 83.69 73.97 -67.58
N ASN DA 307 84.08 73.12 -66.64
CA ASN DA 307 85.01 73.51 -65.58
C ASN DA 307 86.42 73.79 -66.10
N GLN DA 308 86.76 73.20 -67.25
CA GLN DA 308 87.98 73.57 -67.98
C GLN DA 308 87.92 75.03 -68.40
N PHE DA 309 86.77 75.41 -68.95
CA PHE DA 309 86.52 76.81 -69.35
C PHE DA 309 86.39 77.75 -68.15
N VAL DA 310 85.67 77.31 -67.12
CA VAL DA 310 85.40 78.14 -65.93
C VAL DA 310 86.69 78.62 -65.27
N ASN DA 311 87.56 77.69 -64.90
CA ASN DA 311 88.81 78.03 -64.23
C ASN DA 311 89.68 78.98 -65.05
N LYS DA 312 89.76 78.75 -66.36
CA LYS DA 312 90.55 79.59 -67.25
C LYS DA 312 89.96 80.98 -67.41
N PHE DA 313 88.64 81.08 -67.28
CA PHE DA 313 87.96 82.37 -67.26
C PHE DA 313 88.10 83.03 -65.89
N ASN DA 314 87.85 82.26 -64.82
CA ASN DA 314 87.87 82.77 -63.45
C ASN DA 314 89.26 83.10 -62.88
N VAL DA 315 90.31 83.01 -63.72
CA VAL DA 315 91.65 83.42 -63.31
C VAL DA 315 92.20 84.53 -64.20
N LEU DA 316 92.12 84.35 -65.53
CA LEU DA 316 92.58 85.37 -66.47
C LEU DA 316 91.66 86.60 -66.44
N TYR DA 317 90.36 86.40 -66.60
CA TYR DA 317 89.38 87.49 -66.53
C TYR DA 317 89.18 87.96 -65.08
N ASP DA 318 88.70 87.04 -64.24
CA ASP DA 318 88.33 87.36 -62.86
C ASP DA 318 89.54 87.46 -61.94
N ARG DA 319 89.40 88.22 -60.86
CA ARG DA 319 90.45 88.38 -59.87
C ARG DA 319 90.24 87.44 -58.67
N GLN DA 320 90.03 86.16 -58.96
CA GLN DA 320 89.78 85.13 -57.94
C GLN DA 320 88.58 85.45 -57.05
N THR EA 12 62.20 12.58 -93.57
CA THR EA 12 62.14 11.93 -94.91
C THR EA 12 63.54 11.77 -95.54
N GLY EA 13 63.66 10.79 -96.44
CA GLY EA 13 64.95 10.45 -97.08
C GLY EA 13 65.02 8.99 -97.49
N GLN EA 14 64.56 8.12 -96.58
CA GLN EA 14 64.51 6.67 -96.83
C GLN EA 14 63.22 6.27 -97.57
N ASN EA 15 62.10 6.86 -97.18
CA ASN EA 15 60.79 6.55 -97.78
C ASN EA 15 60.42 7.41 -99.00
N GLN EA 16 61.44 7.99 -99.65
CA GLN EA 16 61.35 8.43 -101.05
C GLN EA 16 62.48 7.80 -101.87
N GLU EA 17 62.99 6.68 -101.38
CA GLU EA 17 63.85 5.77 -102.14
C GLU EA 17 63.23 4.37 -102.16
N GLN EA 18 62.64 3.96 -101.04
CA GLN EA 18 61.80 2.76 -100.98
C GLN EA 18 60.49 2.96 -101.74
N PHE EA 19 59.87 4.15 -101.59
CA PHE EA 19 58.61 4.46 -102.25
C PHE EA 19 58.75 5.27 -103.56
N LEU EA 20 59.98 5.54 -103.99
CA LEU EA 20 60.24 6.12 -105.31
C LEU EA 20 60.77 5.08 -106.31
N LEU EA 21 61.40 4.03 -105.79
CA LEU EA 21 61.72 2.84 -106.59
C LEU EA 21 60.44 2.15 -107.06
N LEU EA 22 59.40 2.20 -106.23
CA LEU EA 22 58.10 1.62 -106.54
C LEU EA 22 57.10 2.63 -107.14
N ALA EA 23 57.58 3.84 -107.43
CA ALA EA 23 56.75 4.87 -108.09
C ALA EA 23 56.98 4.91 -109.61
N LYS EA 24 58.13 4.42 -110.07
CA LYS EA 24 58.41 4.25 -111.50
C LYS EA 24 57.83 2.93 -112.00
N SER EA 25 58.18 1.85 -111.31
CA SER EA 25 57.71 0.50 -111.67
C SER EA 25 56.32 0.24 -111.09
N ALA EA 26 55.33 0.97 -111.58
CA ALA EA 26 53.96 0.86 -111.08
C ALA EA 26 52.98 1.45 -112.09
N LYS EA 27 51.92 0.71 -112.37
CA LYS EA 27 50.89 1.14 -113.33
C LYS EA 27 49.94 2.12 -112.65
N GLY EA 28 48.73 2.26 -113.20
CA GLY EA 28 47.74 3.19 -112.66
C GLY EA 28 47.07 2.77 -111.38
N ALA EA 29 46.69 1.48 -111.29
CA ALA EA 29 46.05 0.94 -110.08
C ALA EA 29 47.06 0.62 -108.98
N ALA EA 30 48.31 0.40 -109.37
CA ALA EA 30 49.40 0.23 -108.41
C ALA EA 30 49.73 1.54 -107.69
N LEU EA 31 49.57 2.66 -108.40
CA LEU EA 31 49.76 4.00 -107.82
C LEU EA 31 48.52 4.49 -107.05
N ALA EA 32 47.33 4.01 -107.43
CA ALA EA 32 46.10 4.30 -106.70
C ALA EA 32 46.13 3.73 -105.28
N THR EA 33 46.88 2.65 -105.09
CA THR EA 33 47.15 2.09 -103.77
C THR EA 33 48.35 2.79 -103.11
N LEU EA 34 49.45 2.94 -103.86
CA LEU EA 34 50.70 3.52 -103.37
C LEU EA 34 50.57 4.96 -102.87
N ILE EA 35 49.64 5.73 -103.45
CA ILE EA 35 49.38 7.10 -103.01
C ILE EA 35 48.82 7.15 -101.58
N HIS EA 36 48.02 6.16 -101.21
CA HIS EA 36 47.52 6.05 -99.83
C HIS EA 36 48.57 5.53 -98.84
N GLN EA 37 49.63 4.90 -99.35
CA GLN EA 37 50.70 4.35 -98.51
C GLN EA 37 51.72 5.41 -98.08
N VAL EA 38 52.20 6.17 -99.06
CA VAL EA 38 53.20 7.21 -98.83
C VAL EA 38 52.65 8.37 -97.99
N LEU EA 39 51.38 8.70 -98.21
CA LEU EA 39 50.72 9.77 -97.45
C LEU EA 39 50.57 9.39 -95.99
N GLU EA 40 49.94 8.23 -95.75
CA GLU EA 40 49.74 7.74 -94.39
C GLU EA 40 50.96 6.92 -93.94
N ALA EA 41 52.05 7.64 -93.66
CA ALA EA 41 53.30 7.03 -93.19
C ALA EA 41 54.17 8.12 -92.58
N PRO EA 42 54.17 8.26 -91.24
CA PRO EA 42 54.86 9.39 -90.59
C PRO EA 42 56.36 9.42 -90.89
N GLY EA 43 56.91 10.63 -90.98
CA GLY EA 43 58.29 10.84 -91.42
C GLY EA 43 58.34 11.44 -92.82
N VAL EA 44 57.43 10.99 -93.68
CA VAL EA 44 57.31 11.50 -95.05
C VAL EA 44 56.35 12.68 -95.09
N TYR EA 45 56.86 13.87 -94.79
CA TYR EA 45 56.07 15.11 -94.85
C TYR EA 45 56.33 15.92 -96.12
N VAL EA 46 57.40 15.58 -96.84
CA VAL EA 46 57.75 16.24 -98.09
C VAL EA 46 57.06 15.55 -99.27
N PHE EA 47 56.57 16.35 -100.22
CA PHE EA 47 55.92 15.83 -101.42
C PHE EA 47 56.37 16.61 -102.64
N GLY EA 48 57.69 16.65 -102.85
CA GLY EA 48 58.27 17.29 -104.02
C GLY EA 48 58.37 16.32 -105.18
N GLU EA 49 58.85 15.11 -104.89
CA GLU EA 49 59.08 14.10 -105.91
C GLU EA 49 57.78 13.42 -106.37
N LEU EA 50 57.10 12.79 -105.41
CA LEU EA 50 55.97 11.90 -105.70
C LEU EA 50 54.86 12.51 -106.56
N LEU EA 51 54.58 13.79 -106.37
CA LEU EA 51 53.58 14.48 -107.19
C LEU EA 51 54.14 14.80 -108.58
N ASP EA 52 55.43 15.14 -108.64
CA ASP EA 52 56.08 15.46 -109.91
C ASP EA 52 56.76 14.22 -110.49
N MET EA 53 55.95 13.30 -111.00
CA MET EA 53 56.41 12.07 -111.64
C MET EA 53 55.57 11.79 -112.89
N PRO EA 54 56.21 11.41 -114.01
CA PRO EA 54 55.45 11.08 -115.23
C PRO EA 54 54.37 10.03 -115.02
N ASN EA 55 54.63 9.06 -114.13
CA ASN EA 55 53.69 7.96 -113.88
C ASN EA 55 52.36 8.43 -113.31
N VAL EA 56 52.43 9.34 -112.34
CA VAL EA 56 51.23 9.84 -111.67
C VAL EA 56 50.48 10.85 -112.53
N ARG EA 57 51.17 11.51 -113.47
CA ARG EA 57 50.55 12.55 -114.29
C ARG EA 57 49.56 12.01 -115.33
N GLU EA 58 49.65 10.73 -115.68
CA GLU EA 58 48.63 10.09 -116.51
C GLU EA 58 47.33 9.83 -115.73
N LEU EA 59 47.46 9.61 -114.42
CA LEU EA 59 46.30 9.41 -113.54
C LEU EA 59 45.45 10.67 -113.46
N ALA EA 60 46.12 11.82 -113.49
CA ALA EA 60 45.43 13.12 -113.47
C ALA EA 60 44.33 13.17 -114.51
N GLU EA 61 43.12 13.48 -114.06
CA GLU EA 61 41.95 13.62 -114.93
C GLU EA 61 41.68 12.34 -115.74
N SER EA 62 41.86 11.20 -115.09
CA SER EA 62 41.58 9.90 -115.69
C SER EA 62 40.60 9.14 -114.78
N ASP EA 63 40.58 7.82 -114.90
CA ASP EA 63 39.76 6.99 -114.01
C ASP EA 63 40.27 7.03 -112.57
N PHE EA 64 41.57 7.24 -112.41
CA PHE EA 64 42.18 7.45 -111.09
C PHE EA 64 42.47 8.94 -110.89
N ALA EA 65 41.41 9.75 -110.86
CA ALA EA 65 41.51 11.20 -110.65
C ALA EA 65 41.28 11.61 -109.18
N SER EA 66 40.52 10.81 -108.44
CA SER EA 66 40.28 11.08 -107.01
C SER EA 66 41.57 10.96 -106.19
N THR EA 67 42.34 9.91 -106.45
CA THR EA 67 43.64 9.69 -105.78
C THR EA 67 44.71 10.69 -106.24
N PHE EA 68 44.52 11.30 -107.41
CA PHE EA 68 45.43 12.33 -107.91
C PHE EA 68 45.22 13.69 -107.22
N ARG EA 69 43.96 14.11 -107.10
CA ARG EA 69 43.61 15.36 -106.43
C ARG EA 69 44.08 15.37 -104.98
N LEU EA 70 44.04 14.20 -104.35
CA LEU EA 70 44.46 14.03 -102.96
C LEU EA 70 45.95 14.29 -102.74
N LEU EA 71 46.79 13.84 -103.69
CA LEU EA 71 48.24 14.04 -103.61
C LEU EA 71 48.64 15.51 -103.77
N THR EA 72 47.80 16.29 -104.44
CA THR EA 72 48.01 17.73 -104.59
C THR EA 72 47.71 18.47 -103.27
N VAL EA 73 46.68 18.01 -102.54
CA VAL EA 73 46.29 18.64 -101.28
C VAL EA 73 47.41 18.56 -100.25
N PHE EA 74 48.00 17.37 -100.10
CA PHE EA 74 49.12 17.17 -99.17
C PHE EA 74 50.42 17.79 -99.66
N ALA EA 75 50.54 18.01 -100.97
CA ALA EA 75 51.74 18.59 -101.58
C ALA EA 75 51.57 20.07 -101.97
N TYR EA 76 50.50 20.72 -101.52
CA TYR EA 76 50.23 22.14 -101.85
C TYR EA 76 49.20 22.78 -100.90
N GLY EA 77 48.00 22.20 -100.81
CA GLY EA 77 46.89 22.80 -100.06
C GLY EA 77 46.92 22.63 -98.55
N THR EA 78 45.75 22.75 -97.92
CA THR EA 78 45.61 22.69 -96.45
C THR EA 78 44.36 21.88 -96.04
N TYR EA 79 44.04 21.88 -94.74
CA TYR EA 79 42.91 21.12 -94.21
C TYR EA 79 41.57 21.76 -94.59
N ALA EA 80 41.53 23.09 -94.59
CA ALA EA 80 40.34 23.82 -95.04
C ALA EA 80 40.00 23.46 -96.49
N ASP EA 81 41.03 23.20 -97.29
CA ASP EA 81 40.86 22.76 -98.67
C ASP EA 81 40.33 21.32 -98.75
N TYR EA 82 40.79 20.46 -97.84
CA TYR EA 82 40.26 19.08 -97.77
C TYR EA 82 38.77 19.06 -97.45
N LEU EA 83 38.36 19.85 -96.45
CA LEU EA 83 36.94 19.90 -96.05
C LEU EA 83 36.05 20.59 -97.09
N ALA EA 84 36.66 21.42 -97.94
CA ALA EA 84 35.97 21.97 -99.10
C ALA EA 84 35.78 20.92 -100.20
N GLU EA 85 36.79 20.07 -100.38
CA GLU EA 85 36.77 19.01 -101.41
C GLU EA 85 36.54 17.62 -100.81
N ALA EA 86 35.67 17.52 -99.81
CA ALA EA 86 35.48 16.27 -99.05
C ALA EA 86 34.96 15.08 -99.88
N ARG EA 87 34.23 15.37 -100.95
CA ARG EA 87 33.68 14.34 -101.83
C ARG EA 87 34.50 14.14 -103.11
N ASN EA 88 35.06 15.22 -103.65
CA ASN EA 88 35.92 15.15 -104.84
C ASN EA 88 37.25 14.44 -104.58
N LEU EA 89 37.65 14.38 -103.31
CA LEU EA 89 38.78 13.55 -102.87
C LEU EA 89 38.25 12.25 -102.25
N PRO EA 90 39.12 11.24 -102.11
CA PRO EA 90 38.70 10.02 -101.40
C PRO EA 90 38.61 10.28 -99.89
N PRO EA 91 37.73 9.53 -99.19
CA PRO EA 91 37.64 9.68 -97.73
C PRO EA 91 38.96 9.38 -97.01
N LEU EA 92 39.34 10.24 -96.07
CA LEU EA 92 40.58 10.08 -95.31
C LEU EA 92 40.31 9.58 -93.89
N THR EA 93 41.31 8.92 -93.32
CA THR EA 93 41.29 8.51 -91.91
C THR EA 93 41.90 9.60 -91.04
N GLU EA 94 41.85 9.42 -89.72
CA GLU EA 94 42.38 10.41 -88.78
C GLU EA 94 43.89 10.61 -88.90
N ALA EA 95 44.64 9.52 -89.10
CA ALA EA 95 46.10 9.58 -89.21
C ALA EA 95 46.57 10.42 -90.40
N GLN EA 96 45.77 10.45 -91.47
CA GLN EA 96 46.03 11.32 -92.61
C GLN EA 96 45.53 12.74 -92.37
N LYS EA 97 44.39 12.86 -91.68
CA LYS EA 97 43.86 14.17 -91.28
C LYS EA 97 44.82 14.90 -90.35
N ASN EA 98 45.48 14.16 -89.46
CA ASN EA 98 46.50 14.73 -88.56
C ASN EA 98 47.71 15.24 -89.34
N LYS EA 99 48.25 14.41 -90.23
CA LYS EA 99 49.40 14.79 -91.07
C LYS EA 99 49.13 16.02 -91.93
N LEU EA 100 47.86 16.24 -92.28
CA LEU EA 100 47.44 17.46 -92.96
C LEU EA 100 47.30 18.61 -91.95
N ARG EA 101 46.75 18.30 -90.77
CA ARG EA 101 46.66 19.27 -89.66
C ARG EA 101 48.02 19.73 -89.14
N HIS EA 102 49.06 18.95 -89.41
CA HIS EA 102 50.44 19.35 -89.12
C HIS EA 102 50.90 20.33 -90.18
N LEU EA 103 50.77 19.91 -91.44
CA LEU EA 103 51.24 20.67 -92.59
C LEU EA 103 50.43 21.96 -92.82
N SER EA 104 49.17 21.96 -92.41
CA SER EA 104 48.32 23.15 -92.52
C SER EA 104 48.73 24.26 -91.54
N VAL EA 105 49.42 23.88 -90.46
CA VAL EA 105 49.99 24.84 -89.53
C VAL EA 105 51.35 25.32 -90.03
N VAL EA 106 52.15 24.39 -90.54
CA VAL EA 106 53.49 24.70 -91.08
C VAL EA 106 53.43 25.85 -92.10
N THR EA 107 52.35 25.88 -92.89
CA THR EA 107 52.10 26.96 -93.85
C THR EA 107 51.80 28.27 -93.10
N LEU EA 108 50.85 28.23 -92.19
CA LEU EA 108 50.54 29.37 -91.33
C LEU EA 108 51.74 29.84 -90.53
N ALA EA 109 52.62 28.90 -90.20
CA ALA EA 109 53.84 29.17 -89.43
C ALA EA 109 54.91 29.93 -90.21
N ALA EA 110 55.08 29.57 -91.49
CA ALA EA 110 56.08 30.24 -92.35
C ALA EA 110 55.73 31.73 -92.52
N LYS EA 111 54.45 32.02 -92.72
CA LYS EA 111 53.97 33.40 -92.79
C LYS EA 111 53.99 34.06 -91.40
N VAL EA 112 53.09 33.60 -90.54
CA VAL EA 112 52.85 34.20 -89.23
C VAL EA 112 53.58 33.36 -88.17
N LYS EA 113 54.63 33.91 -87.57
CA LYS EA 113 55.47 33.15 -86.64
C LYS EA 113 54.86 33.07 -85.24
N CYS EA 114 54.20 34.16 -84.81
CA CYS EA 114 53.42 34.17 -83.57
C CYS EA 114 51.94 33.90 -83.86
N ILE EA 115 51.51 32.66 -83.59
CA ILE EA 115 50.13 32.24 -83.87
C ILE EA 115 49.28 32.27 -82.60
N PRO EA 116 48.14 33.00 -82.63
CA PRO EA 116 47.15 32.88 -81.56
C PRO EA 116 46.44 31.52 -81.60
N TYR EA 117 45.94 31.08 -80.45
CA TYR EA 117 45.30 29.76 -80.36
C TYR EA 117 44.07 29.63 -81.26
N ALA EA 118 43.10 30.53 -81.06
CA ALA EA 118 41.85 30.51 -81.82
C ALA EA 118 42.06 30.30 -83.32
N VAL EA 119 43.13 30.90 -83.85
CA VAL EA 119 43.52 30.72 -85.26
C VAL EA 119 43.52 29.25 -85.66
N LEU EA 120 44.09 28.41 -84.81
CA LEU EA 120 44.33 27.02 -85.15
C LEU EA 120 43.09 26.14 -84.94
N LEU EA 121 42.02 26.72 -84.41
CA LEU EA 121 40.71 26.07 -84.39
C LEU EA 121 39.98 26.28 -85.71
N GLU EA 122 40.34 27.35 -86.42
CA GLU EA 122 39.67 27.77 -87.64
C GLU EA 122 40.27 27.09 -88.87
N ALA EA 123 41.59 27.20 -89.02
CA ALA EA 123 42.30 26.62 -90.15
C ALA EA 123 42.38 25.11 -90.11
N LEU EA 124 42.18 24.53 -88.93
CA LEU EA 124 42.20 23.08 -88.74
C LEU EA 124 40.85 22.48 -88.30
N ALA EA 125 39.83 23.34 -88.13
CA ALA EA 125 38.48 22.89 -87.75
C ALA EA 125 38.49 21.99 -86.51
N LEU EA 126 39.27 22.40 -85.50
CA LEU EA 126 39.43 21.61 -84.29
C LEU EA 126 38.51 22.12 -83.18
N ARG EA 127 38.37 21.33 -82.13
CA ARG EA 127 37.34 21.53 -81.11
C ARG EA 127 37.84 22.21 -79.83
N ASN EA 128 39.08 21.96 -79.43
CA ASN EA 128 39.63 22.60 -78.25
C ASN EA 128 41.16 22.64 -78.20
N VAL EA 129 41.67 23.39 -77.24
CA VAL EA 129 43.10 23.54 -77.02
C VAL EA 129 43.74 22.16 -76.81
N ARG EA 130 43.13 21.37 -75.93
CA ARG EA 130 43.63 20.04 -75.60
C ARG EA 130 44.06 19.28 -76.84
N GLN EA 131 43.19 19.27 -77.85
CA GLN EA 131 43.51 18.63 -79.13
C GLN EA 131 44.63 19.40 -79.81
N LEU EA 132 44.38 20.67 -80.05
CA LEU EA 132 45.35 21.54 -80.72
C LEU EA 132 46.74 21.24 -80.21
N GLU EA 133 46.93 21.42 -78.91
CA GLU EA 133 48.21 21.17 -78.27
C GLU EA 133 48.71 19.79 -78.67
N ASP EA 134 47.92 18.76 -78.37
CA ASP EA 134 48.28 17.39 -78.73
C ASP EA 134 48.76 17.28 -80.18
N LEU EA 135 48.01 17.86 -81.11
CA LEU EA 135 48.41 17.84 -82.52
C LEU EA 135 49.72 18.58 -82.72
N VAL EA 136 49.89 19.70 -82.03
CA VAL EA 136 51.13 20.46 -82.13
C VAL EA 136 52.28 19.66 -81.50
N ILE EA 137 51.99 18.93 -80.43
CA ILE EA 137 52.98 18.04 -79.82
C ILE EA 137 53.57 17.16 -80.90
N GLU EA 138 52.68 16.47 -81.60
CA GLU EA 138 53.09 15.53 -82.64
C GLU EA 138 53.87 16.23 -83.75
N ALA EA 139 53.47 17.45 -84.07
CA ALA EA 139 54.15 18.24 -85.10
C ALA EA 139 55.62 18.36 -84.79
N VAL EA 140 55.95 18.88 -83.60
CA VAL EA 140 57.33 19.03 -83.18
C VAL EA 140 57.96 17.66 -82.92
N TYR EA 141 57.16 16.73 -82.43
CA TYR EA 141 57.62 15.37 -82.16
C TYR EA 141 58.08 14.63 -83.42
N ALA EA 142 57.41 14.90 -84.53
CA ALA EA 142 57.82 14.33 -85.82
C ALA EA 142 58.94 15.16 -86.49
N ASP EA 143 59.57 16.05 -85.73
CA ASP EA 143 60.65 16.92 -86.21
C ASP EA 143 60.23 17.78 -87.42
N VAL EA 144 59.04 18.37 -87.31
CA VAL EA 144 58.52 19.30 -88.32
C VAL EA 144 58.79 20.74 -87.87
N LEU EA 145 58.36 21.07 -86.66
CA LEU EA 145 58.45 22.42 -86.11
C LEU EA 145 59.36 22.50 -84.89
N ARG EA 146 59.68 23.74 -84.49
CA ARG EA 146 60.32 24.05 -83.21
C ARG EA 146 59.48 25.14 -82.56
N GLY EA 147 59.51 25.22 -81.23
CA GLY EA 147 58.85 26.32 -80.51
C GLY EA 147 58.26 25.96 -79.16
N SER EA 148 57.18 26.66 -78.80
CA SER EA 148 56.56 26.54 -77.48
C SER EA 148 55.18 27.19 -77.46
N LEU EA 149 54.50 27.14 -76.31
CA LEU EA 149 53.18 27.73 -76.16
C LEU EA 149 53.11 28.69 -74.97
N ASP EA 150 52.04 29.48 -74.93
CA ASP EA 150 51.81 30.48 -73.89
C ASP EA 150 50.34 30.41 -73.46
N GLN EA 151 50.06 29.57 -72.46
CA GLN EA 151 48.68 29.20 -72.10
C GLN EA 151 47.77 30.37 -71.76
N ARG EA 152 48.18 31.20 -70.80
CA ARG EA 152 47.38 32.35 -70.42
C ARG EA 152 47.20 33.30 -71.59
N ASN EA 153 48.29 33.57 -72.31
CA ASN EA 153 48.28 34.49 -73.45
C ASN EA 153 47.67 33.92 -74.74
N GLN EA 154 47.46 32.61 -74.79
CA GLN EA 154 46.82 31.92 -75.92
C GLN EA 154 47.68 32.00 -77.20
N ARG EA 155 48.96 31.69 -77.06
CA ARG EA 155 49.92 31.84 -78.16
C ARG EA 155 50.58 30.52 -78.56
N LEU EA 156 51.16 30.53 -79.76
CA LEU EA 156 52.02 29.45 -80.24
C LEU EA 156 53.20 30.06 -81.01
N GLU EA 157 54.31 30.28 -80.31
CA GLU EA 157 55.52 30.81 -80.93
C GLU EA 157 56.22 29.68 -81.67
N VAL EA 158 56.78 29.99 -82.83
CA VAL EA 158 57.38 28.99 -83.70
C VAL EA 158 58.83 29.36 -84.02
N ASP EA 159 59.77 28.77 -83.28
CA ASP EA 159 61.21 29.04 -83.43
C ASP EA 159 61.74 28.61 -84.80
N TYR EA 160 61.17 27.55 -85.37
CA TYR EA 160 61.54 27.10 -86.71
C TYR EA 160 60.49 26.15 -87.27
N SER EA 161 60.24 26.26 -88.57
CA SER EA 161 59.35 25.34 -89.28
C SER EA 161 60.02 24.90 -90.58
N ILE EA 162 59.83 23.63 -90.94
CA ILE EA 162 60.29 23.15 -92.23
C ILE EA 162 59.41 23.71 -93.35
N GLY EA 163 59.89 23.62 -94.58
CA GLY EA 163 59.12 24.05 -95.75
C GLY EA 163 58.59 22.83 -96.50
N ARG EA 164 57.27 22.71 -96.59
CA ARG EA 164 56.63 21.57 -97.24
C ARG EA 164 56.82 21.59 -98.75
N ASP EA 165 56.43 22.70 -99.38
CA ASP EA 165 56.41 22.80 -100.83
C ASP EA 165 57.74 23.25 -101.42
N ILE EA 166 57.89 22.97 -102.72
CA ILE EA 166 58.99 23.48 -103.51
C ILE EA 166 58.48 24.74 -104.22
N GLN EA 167 57.30 24.62 -104.82
CA GLN EA 167 56.64 25.70 -105.56
C GLN EA 167 57.51 26.27 -106.67
N ARG EA 168 57.47 25.61 -107.82
CA ARG EA 168 58.05 26.15 -109.05
C ARG EA 168 57.08 27.18 -109.65
N GLN EA 169 55.83 27.13 -109.19
CA GLN EA 169 54.83 28.16 -109.45
C GLN EA 169 55.31 29.52 -108.91
N ASP EA 170 55.63 29.54 -107.62
CA ASP EA 170 56.07 30.76 -106.94
C ASP EA 170 57.52 30.64 -106.46
N LEU EA 171 58.43 30.33 -107.38
CA LEU EA 171 59.86 30.27 -107.08
C LEU EA 171 60.42 31.70 -107.04
N SER EA 172 59.73 32.63 -107.69
CA SER EA 172 60.04 34.05 -107.59
C SER EA 172 59.65 34.64 -106.23
N ALA EA 173 58.62 34.06 -105.60
CA ALA EA 173 58.22 34.44 -104.23
C ALA EA 173 59.29 34.05 -103.20
N ILE EA 174 60.08 33.04 -103.53
CA ILE EA 174 61.25 32.67 -102.74
C ILE EA 174 62.45 33.54 -103.09
N ALA EA 175 62.62 33.82 -104.39
CA ALA EA 175 63.73 34.62 -104.89
C ALA EA 175 63.73 36.07 -104.37
N ARG EA 176 62.56 36.72 -104.40
CA ARG EA 176 62.44 38.13 -104.01
C ARG EA 176 62.78 38.37 -102.54
N THR EA 177 62.24 37.52 -101.66
CA THR EA 177 62.57 37.58 -100.24
C THR EA 177 64.09 37.43 -100.01
N LEU EA 178 64.74 36.60 -100.84
CA LEU EA 178 66.21 36.47 -100.79
C LEU EA 178 66.94 37.73 -101.24
N GLN EA 179 66.40 38.40 -102.25
CA GLN EA 179 67.00 39.63 -102.76
C GLN EA 179 66.98 40.75 -101.71
N GLU EA 180 65.87 40.89 -101.01
CA GLU EA 180 65.73 41.92 -99.97
C GLU EA 180 66.77 41.76 -98.85
N TRP EA 181 67.18 40.53 -98.58
CA TRP EA 181 68.23 40.24 -97.61
C TRP EA 181 69.61 40.53 -98.21
N CYS EA 182 69.80 40.20 -99.49
CA CYS EA 182 71.02 40.55 -100.21
C CYS EA 182 71.18 42.08 -100.29
N VAL EA 183 70.06 42.78 -100.48
CA VAL EA 183 70.04 44.23 -100.41
C VAL EA 183 70.44 44.67 -99.00
N GLY EA 184 69.78 44.08 -98.00
CA GLY EA 184 70.09 44.38 -96.60
C GLY EA 184 71.55 44.19 -96.24
N CYS EA 185 72.16 43.13 -96.77
CA CYS EA 185 73.59 42.88 -96.56
C CYS EA 185 74.43 44.07 -97.05
N GLU EA 186 74.08 44.60 -98.21
CA GLU EA 186 74.76 45.77 -98.77
C GLU EA 186 74.41 47.03 -97.97
N VAL EA 187 73.14 47.16 -97.59
CA VAL EA 187 72.67 48.29 -96.79
C VAL EA 187 73.59 48.52 -95.59
N VAL EA 188 73.91 47.44 -94.88
CA VAL EA 188 74.74 47.53 -93.69
C VAL EA 188 76.22 47.63 -94.06
N LEU EA 189 76.70 46.73 -94.93
CA LEU EA 189 78.11 46.70 -95.33
C LEU EA 189 78.65 48.07 -95.70
N SER EA 190 77.96 48.75 -96.61
CA SER EA 190 78.31 50.12 -97.00
C SER EA 190 78.05 51.10 -95.84
N GLY EA 191 76.96 50.87 -95.10
CA GLY EA 191 76.65 51.65 -93.92
C GLY EA 191 77.72 51.63 -92.84
N ILE EA 192 78.43 50.51 -92.73
CA ILE EA 192 79.57 50.39 -91.82
C ILE EA 192 80.71 51.25 -92.35
N GLU EA 193 81.14 50.96 -93.57
CA GLU EA 193 82.31 51.60 -94.19
C GLU EA 193 82.25 53.13 -94.19
N GLU EA 194 81.03 53.67 -94.26
CA GLU EA 194 80.81 55.10 -94.12
C GLU EA 194 81.11 55.55 -92.69
N GLN EA 195 80.50 54.88 -91.72
CA GLN EA 195 80.64 55.23 -90.31
C GLN EA 195 82.05 54.94 -89.77
N VAL EA 196 82.71 53.93 -90.32
CA VAL EA 196 84.10 53.59 -89.95
C VAL EA 196 85.06 54.65 -90.47
N SER EA 197 84.88 55.06 -91.73
CA SER EA 197 85.69 56.11 -92.34
C SER EA 197 85.43 57.49 -91.71
N ARG EA 198 84.24 57.68 -91.17
CA ARG EA 198 83.88 58.94 -90.49
C ARG EA 198 84.39 59.04 -89.05
N ALA EA 199 84.40 57.91 -88.33
CA ALA EA 199 84.92 57.86 -86.96
C ALA EA 199 86.43 58.07 -86.93
N ASN EA 200 87.11 57.64 -88.00
CA ASN EA 200 88.53 57.96 -88.22
C ASN EA 200 88.71 59.41 -88.70
N GLN EA 201 87.78 59.91 -89.50
CA GLN EA 201 87.80 61.31 -89.98
C GLN EA 201 87.55 62.32 -88.86
N HIS EA 202 86.68 61.97 -87.91
CA HIS EA 202 86.44 62.83 -86.74
C HIS EA 202 87.60 62.78 -85.73
N LYS EA 203 88.37 61.69 -85.77
CA LYS EA 203 89.63 61.59 -85.01
C LYS EA 203 90.75 62.42 -85.66
N GLU EA 204 90.79 62.41 -87.00
CA GLU EA 204 91.74 63.26 -87.76
C GLU EA 204 91.26 64.72 -87.88
N GLN EA 205 89.98 64.95 -87.61
CA GLN EA 205 89.43 66.29 -87.47
C GLN EA 205 89.97 66.94 -86.19
N GLN EA 206 89.87 66.21 -85.08
CA GLN EA 206 90.31 66.71 -83.77
C GLN EA 206 91.84 66.76 -83.64
N LEU EA 207 92.52 65.72 -84.10
CA LEU EA 207 94.00 65.67 -84.04
C LEU EA 207 94.65 66.82 -84.82
N GLY EA 208 94.05 67.18 -85.96
CA GLY EA 208 94.48 68.35 -86.73
C GLY EA 208 94.12 69.65 -86.05
N LEU EA 209 92.90 69.72 -85.51
CA LEU EA 209 92.41 70.92 -84.81
C LEU EA 209 93.06 71.14 -83.44
N LYS EA 210 93.60 70.09 -82.84
CA LYS EA 210 94.31 70.21 -81.56
C LYS EA 210 95.78 70.60 -81.75
N GLN EA 211 96.33 70.37 -82.94
CA GLN EA 211 97.66 70.89 -83.29
C GLN EA 211 97.64 72.41 -83.54
N GLN EA 212 96.49 72.92 -83.99
CA GLN EA 212 96.29 74.36 -84.17
C GLN EA 212 96.11 75.09 -82.84
N ILE EA 213 95.57 74.41 -81.84
CA ILE EA 213 95.38 74.98 -80.49
C ILE EA 213 96.73 75.13 -79.75
N GLU EA 214 97.59 74.13 -79.90
CA GLU EA 214 98.90 74.11 -79.23
C GLU EA 214 99.90 75.09 -79.85
N SER EA 215 99.85 75.25 -81.19
CA SER EA 215 100.76 76.14 -81.91
C SER EA 215 100.46 77.63 -81.68
N GLU EA 216 99.30 77.95 -81.11
CA GLU EA 216 98.96 79.31 -80.70
C GLU EA 216 99.87 79.80 -79.57
N VAL EA 217 100.32 78.87 -78.73
CA VAL EA 217 101.12 79.19 -77.54
C VAL EA 217 102.54 79.67 -77.90
N ALA EA 218 103.01 79.33 -79.11
CA ALA EA 218 104.36 79.71 -79.56
C ALA EA 218 104.59 81.23 -79.69
N ASN EA 219 103.50 82.00 -79.73
CA ASN EA 219 103.59 83.45 -79.86
C ASN EA 219 104.00 84.12 -78.54
N PHE FA 15 45.08 70.83 -93.01
CA PHE FA 15 45.60 70.35 -94.33
C PHE FA 15 46.35 71.47 -95.05
N SER FA 16 45.63 72.52 -95.44
CA SER FA 16 46.24 73.71 -96.04
C SER FA 16 45.94 74.99 -95.28
N PHE FA 17 45.17 74.91 -94.18
CA PHE FA 17 44.85 76.08 -93.36
C PHE FA 17 46.09 76.62 -92.65
N LYS FA 18 47.08 75.74 -92.46
CA LYS FA 18 48.34 76.10 -91.81
C LYS FA 18 49.14 77.06 -92.67
N LYS FA 19 49.32 76.72 -93.94
CA LYS FA 19 50.07 77.54 -94.89
C LYS FA 19 49.36 78.86 -95.20
N LEU FA 20 48.04 78.87 -95.04
CA LEU FA 20 47.22 80.06 -95.30
C LEU FA 20 47.15 81.01 -94.10
N LEU FA 21 47.17 80.46 -92.88
CA LEU FA 21 47.23 81.29 -91.67
C LEU FA 21 48.53 82.10 -91.61
N ASP FA 22 49.63 81.50 -92.05
CA ASP FA 22 50.91 82.19 -92.14
C ASP FA 22 50.80 83.49 -92.92
N GLN FA 23 50.06 83.45 -94.03
CA GLN FA 23 49.89 84.62 -94.89
C GLN FA 23 49.13 85.75 -94.19
N CYS FA 24 48.13 85.39 -93.40
CA CYS FA 24 47.32 86.39 -92.68
C CYS FA 24 48.14 87.15 -91.66
N GLU FA 25 48.95 86.42 -90.88
CA GLU FA 25 49.77 87.01 -89.82
C GLU FA 25 50.81 87.99 -90.35
N ASN FA 26 51.33 87.70 -91.54
CA ASN FA 26 52.31 88.56 -92.19
C ASN FA 26 51.68 89.89 -92.58
N GLN FA 27 50.52 89.82 -93.23
CA GLN FA 27 49.79 91.01 -93.68
C GLN FA 27 49.35 91.94 -92.54
N GLU FA 28 49.47 91.49 -91.29
CA GLU FA 28 49.21 92.34 -90.13
C GLU FA 28 50.28 93.41 -89.98
N LEU FA 29 51.55 92.98 -90.06
CA LEU FA 29 52.68 93.90 -89.91
C LEU FA 29 53.19 94.39 -91.26
N GLU FA 30 52.94 93.63 -92.32
CA GLU FA 30 53.44 93.96 -93.66
C GLU FA 30 52.82 95.23 -94.24
N ALA FA 31 51.55 95.13 -94.64
CA ALA FA 31 50.91 96.16 -95.47
C ALA FA 31 50.61 97.48 -94.75
N PRO FA 32 49.93 97.41 -93.59
CA PRO FA 32 49.36 98.63 -93.02
C PRO FA 32 50.35 99.45 -92.20
N GLY FA 33 50.09 100.74 -92.08
CA GLY FA 33 50.80 101.60 -91.15
C GLY FA 33 50.65 101.12 -89.72
N GLY FA 34 49.53 100.43 -89.47
CA GLY FA 34 49.32 99.75 -88.19
C GLY FA 34 48.18 98.76 -88.26
N ILE FA 35 47.01 99.23 -88.68
CA ILE FA 35 45.77 98.47 -88.63
C ILE FA 35 45.52 97.70 -89.94
N ALA FA 36 45.35 96.38 -89.84
CA ALA FA 36 45.14 95.52 -91.00
C ALA FA 36 43.70 95.59 -91.52
N THR FA 37 43.44 94.85 -92.60
CA THR FA 37 42.13 94.83 -93.25
C THR FA 37 41.07 94.20 -92.31
N PRO FA 38 39.81 94.69 -92.37
CA PRO FA 38 38.75 94.09 -91.52
C PRO FA 38 38.43 92.61 -91.76
N PRO FA 39 38.50 92.11 -93.01
CA PRO FA 39 38.39 90.66 -93.22
C PRO FA 39 39.63 89.88 -92.79
N VAL FA 40 40.80 90.52 -92.79
CA VAL FA 40 42.05 89.90 -92.30
C VAL FA 40 42.01 89.70 -90.78
N TYR FA 41 41.37 90.63 -90.07
CA TYR FA 41 41.11 90.46 -88.63
C TYR FA 41 40.10 89.36 -88.35
N GLY FA 42 39.10 89.23 -89.22
CA GLY FA 42 38.08 88.18 -89.11
C GLY FA 42 38.61 86.76 -89.27
N GLN FA 43 39.70 86.61 -90.03
CA GLN FA 43 40.30 85.29 -90.28
C GLN FA 43 41.39 84.95 -89.27
N LEU FA 44 42.16 85.94 -88.83
CA LEU FA 44 43.20 85.73 -87.82
C LEU FA 44 42.61 85.30 -86.47
N LEU FA 45 41.47 85.88 -86.09
CA LEU FA 45 40.78 85.50 -84.86
C LEU FA 45 40.25 84.06 -84.94
N ALA FA 46 39.59 83.73 -86.05
CA ALA FA 46 38.98 82.42 -86.24
C ALA FA 46 40.01 81.30 -86.49
N LEU FA 47 41.15 81.64 -87.08
CA LEU FA 47 42.22 80.66 -87.33
C LEU FA 47 42.99 80.31 -86.05
N TYR FA 48 43.12 81.26 -85.12
CA TYR FA 48 43.68 80.98 -83.80
C TYR FA 48 42.78 80.03 -83.01
N LEU FA 49 41.46 80.18 -83.18
CA LEU FA 49 40.48 79.27 -82.56
C LEU FA 49 40.56 77.87 -83.18
N LEU FA 50 40.79 77.82 -84.50
CA LEU FA 50 40.97 76.55 -85.20
C LEU FA 50 42.14 75.74 -84.68
N HIS FA 51 43.26 76.43 -84.44
CA HIS FA 51 44.45 75.80 -83.86
C HIS FA 51 44.56 76.14 -82.37
N ASN FA 52 43.45 75.91 -81.66
CA ASN FA 52 43.31 76.17 -80.22
C ASN FA 52 44.45 76.99 -79.59
N ASP FA 53 44.51 78.26 -79.97
CA ASP FA 53 45.46 79.20 -79.39
C ASP FA 53 44.69 80.39 -78.81
N MET FA 54 44.09 80.15 -77.64
CA MET FA 54 43.19 81.12 -77.01
C MET FA 54 43.92 82.35 -76.47
N ASN FA 55 45.17 82.17 -76.05
CA ASN FA 55 45.98 83.31 -75.63
C ASN FA 55 46.23 84.27 -76.79
N ASN FA 56 46.57 83.73 -77.96
CA ASN FA 56 46.71 84.54 -79.18
C ASN FA 56 45.39 85.16 -79.61
N ALA FA 57 44.29 84.42 -79.43
CA ALA FA 57 42.95 84.92 -79.76
C ALA FA 57 42.48 86.00 -78.78
N ARG FA 58 42.93 85.91 -77.53
CA ARG FA 58 42.58 86.89 -76.49
C ARG FA 58 43.24 88.25 -76.77
N TYR FA 59 44.56 88.24 -76.95
CA TYR FA 59 45.32 89.48 -77.17
C TYR FA 59 45.14 90.09 -78.57
N LEU FA 60 44.67 89.28 -79.53
CA LEU FA 60 44.28 89.79 -80.85
C LEU FA 60 43.04 90.67 -80.75
N TRP FA 61 42.06 90.22 -79.98
CA TRP FA 61 40.81 90.96 -79.78
C TRP FA 61 41.03 92.31 -79.10
N LYS FA 62 42.00 92.38 -78.19
CA LYS FA 62 42.27 93.61 -77.43
C LYS FA 62 43.10 94.61 -78.22
N ARG FA 63 43.69 94.17 -79.33
CA ARG FA 63 44.47 95.05 -80.21
C ARG FA 63 43.60 95.79 -81.24
N ILE FA 64 42.44 95.23 -81.56
CA ILE FA 64 41.57 95.80 -82.61
C ILE FA 64 41.14 97.21 -82.18
N PRO FA 65 41.20 98.18 -83.11
CA PRO FA 65 40.68 99.50 -82.75
C PRO FA 65 39.16 99.48 -82.63
N PRO FA 66 38.60 100.33 -81.74
CA PRO FA 66 37.15 100.35 -81.57
C PRO FA 66 36.38 100.72 -82.85
N ALA FA 67 37.08 101.32 -83.82
CA ALA FA 67 36.48 101.67 -85.12
C ALA FA 67 36.03 100.43 -85.91
N ILE FA 68 36.97 99.53 -86.19
CA ILE FA 68 36.66 98.32 -86.95
C ILE FA 68 35.75 97.41 -86.14
N LYS FA 69 35.96 97.35 -84.82
CA LYS FA 69 35.11 96.56 -83.92
C LYS FA 69 33.63 96.87 -84.11
N SER FA 70 33.28 98.16 -84.07
CA SER FA 70 31.88 98.59 -84.13
C SER FA 70 31.28 98.41 -85.53
N ALA FA 71 32.06 98.77 -86.55
CA ALA FA 71 31.63 98.63 -87.94
C ALA FA 71 31.48 97.17 -88.32
N ASN FA 72 32.53 96.38 -88.06
CA ASN FA 72 32.55 94.95 -88.37
C ASN FA 72 31.94 94.17 -87.20
N SER FA 73 30.60 94.04 -87.21
CA SER FA 73 29.87 93.37 -86.13
C SER FA 73 29.86 91.84 -86.24
N GLU FA 74 30.26 91.32 -87.40
CA GLU FA 74 30.42 89.87 -87.60
C GLU FA 74 31.65 89.35 -86.85
N LEU FA 75 32.64 90.23 -86.69
CA LEU FA 75 33.85 89.93 -85.91
C LEU FA 75 33.52 89.61 -84.45
N GLY FA 76 32.47 90.24 -83.93
CA GLY FA 76 31.97 89.94 -82.59
C GLY FA 76 31.40 88.53 -82.47
N GLY FA 77 30.76 88.08 -83.55
CA GLY FA 77 30.23 86.72 -83.64
C GLY FA 77 31.30 85.63 -83.61
N ILE FA 78 32.51 85.96 -84.03
CA ILE FA 78 33.65 85.04 -83.99
C ILE FA 78 34.29 85.04 -82.60
N TRP FA 79 34.34 86.21 -81.97
CA TRP FA 79 34.87 86.33 -80.60
C TRP FA 79 33.94 85.69 -79.57
N SER FA 80 32.64 85.65 -79.87
CA SER FA 80 31.66 84.97 -79.02
C SER FA 80 31.91 83.45 -78.96
N VAL FA 81 32.53 82.92 -80.02
CA VAL FA 81 32.93 81.50 -80.05
C VAL FA 81 34.11 81.28 -79.10
N GLY FA 82 35.13 82.14 -79.21
CA GLY FA 82 36.32 82.05 -78.38
C GLY FA 82 36.06 82.07 -76.88
N GLN FA 83 35.00 82.77 -76.47
CA GLN FA 83 34.57 82.79 -75.07
C GLN FA 83 34.29 81.39 -74.56
N ARG FA 84 33.58 80.59 -75.37
CA ARG FA 84 33.15 79.25 -74.98
C ARG FA 84 34.29 78.25 -74.97
N ILE FA 85 35.32 78.47 -75.78
CA ILE FA 85 36.52 77.63 -75.76
C ILE FA 85 37.33 77.93 -74.51
N TRP FA 86 37.38 79.19 -74.10
CA TRP FA 86 38.02 79.59 -72.85
C TRP FA 86 37.22 79.04 -71.67
N GLN FA 87 35.91 79.25 -71.70
CA GLN FA 87 35.01 78.75 -70.66
C GLN FA 87 34.86 77.23 -70.70
N ARG FA 88 35.11 76.64 -71.87
CA ARG FA 88 34.93 75.20 -72.09
C ARG FA 88 33.48 74.76 -71.85
N ASP FA 89 32.55 75.61 -72.31
CA ASP FA 89 31.14 75.24 -72.45
C ASP FA 89 30.99 74.68 -73.87
N PHE FA 90 31.26 73.38 -73.99
CA PHE FA 90 31.37 72.72 -75.30
C PHE FA 90 30.07 72.79 -76.13
N PRO FA 91 28.89 72.67 -75.49
CA PRO FA 91 27.64 72.87 -76.22
C PRO FA 91 27.46 74.31 -76.69
N GLY FA 92 28.02 75.26 -75.93
CA GLY FA 92 28.04 76.66 -76.31
C GLY FA 92 28.89 76.95 -77.54
N ILE FA 93 29.94 76.15 -77.75
CA ILE FA 93 30.81 76.31 -78.92
C ILE FA 93 30.01 76.03 -80.20
N TYR FA 94 29.24 74.95 -80.18
CA TYR FA 94 28.49 74.51 -81.36
C TYR FA 94 27.27 75.38 -81.65
N THR FA 95 26.77 76.08 -80.61
CA THR FA 95 25.71 77.07 -80.77
C THR FA 95 26.25 78.30 -81.50
N THR FA 96 27.44 78.76 -81.08
CA THR FA 96 28.05 79.96 -81.63
C THR FA 96 28.69 79.75 -83.01
N ILE FA 97 29.02 78.51 -83.35
CA ILE FA 97 29.51 78.18 -84.69
C ILE FA 97 28.34 78.20 -85.69
N ASN FA 98 27.19 77.69 -85.26
CA ASN FA 98 25.96 77.74 -86.06
C ASN FA 98 25.16 79.02 -85.77
N ALA FA 99 25.66 80.15 -86.28
CA ALA FA 99 25.05 81.46 -86.01
C ALA FA 99 25.33 82.49 -87.10
N HIS FA 100 26.61 82.85 -87.29
CA HIS FA 100 26.99 83.90 -88.24
C HIS FA 100 27.54 83.32 -89.56
N GLN FA 101 26.86 83.64 -90.67
CA GLN FA 101 27.32 83.25 -92.00
C GLN FA 101 28.21 84.34 -92.59
N TRP FA 102 29.51 84.12 -92.56
CA TRP FA 102 30.47 85.01 -93.20
C TRP FA 102 31.14 84.21 -94.31
N SER FA 103 30.44 84.06 -95.43
CA SER FA 103 30.89 83.27 -96.56
C SER FA 103 32.12 83.86 -97.25
N GLU FA 104 32.77 83.05 -98.09
CA GLU FA 104 34.03 83.42 -98.77
C GLU FA 104 35.20 83.54 -97.78
N THR FA 105 35.11 84.52 -96.89
CA THR FA 105 36.17 84.82 -95.93
C THR FA 105 36.28 83.76 -94.84
N VAL FA 106 35.23 83.62 -94.04
CA VAL FA 106 35.28 82.88 -92.77
C VAL FA 106 34.46 81.58 -92.71
N GLN FA 107 33.37 81.49 -93.47
CA GLN FA 107 32.49 80.31 -93.42
C GLN FA 107 33.19 78.98 -93.73
N PRO FA 108 34.20 78.99 -94.63
CA PRO FA 108 35.01 77.78 -94.79
C PRO FA 108 35.80 77.35 -93.55
N ILE FA 109 36.40 78.31 -92.83
CA ILE FA 109 37.17 78.01 -91.61
C ILE FA 109 36.30 77.82 -90.36
N MET FA 110 35.02 78.19 -90.44
CA MET FA 110 34.06 77.93 -89.36
C MET FA 110 33.63 76.46 -89.31
N GLU FA 111 33.54 75.84 -90.49
CA GLU FA 111 33.17 74.42 -90.59
C GLU FA 111 34.33 73.52 -90.15
N ALA FA 112 35.55 73.92 -90.47
CA ALA FA 112 36.75 73.23 -90.00
C ALA FA 112 36.96 73.39 -88.49
N LEU FA 113 36.53 74.53 -87.96
CA LEU FA 113 36.61 74.80 -86.51
C LEU FA 113 35.73 73.86 -85.70
N ARG FA 114 34.54 73.58 -86.21
CA ARG FA 114 33.58 72.70 -85.52
C ARG FA 114 34.07 71.25 -85.47
N ASP FA 115 34.87 70.85 -86.46
CA ASP FA 115 35.38 69.49 -86.55
C ASP FA 115 36.56 69.26 -85.61
N ALA FA 116 37.47 70.24 -85.53
CA ALA FA 116 38.61 70.17 -84.62
C ALA FA 116 38.17 70.17 -83.15
N THR FA 117 37.12 70.94 -82.85
CA THR FA 117 36.54 70.98 -81.50
C THR FA 117 35.82 69.68 -81.14
N ARG FA 118 35.28 69.00 -82.15
CA ARG FA 118 34.57 67.74 -81.94
C ARG FA 118 35.51 66.62 -81.52
N ARG FA 119 36.54 66.35 -82.32
CA ARG FA 119 37.50 65.27 -82.04
C ARG FA 119 38.40 65.57 -80.85
N ARG FA 120 38.59 66.86 -80.54
CA ARG FA 120 39.19 67.28 -79.28
C ARG FA 120 38.33 66.73 -78.13
N ALA FA 121 37.04 67.01 -78.18
CA ALA FA 121 36.10 66.60 -77.15
C ALA FA 121 35.81 65.09 -77.14
N PHE FA 122 36.16 64.39 -78.20
CA PHE FA 122 36.03 62.94 -78.26
C PHE FA 122 37.29 62.27 -77.72
N ALA FA 123 38.44 62.69 -78.23
CA ALA FA 123 39.73 62.22 -77.73
C ALA FA 123 39.91 62.58 -76.25
N LEU FA 124 39.26 63.67 -75.84
CA LEU FA 124 39.20 64.06 -74.43
C LEU FA 124 38.32 63.12 -73.62
N VAL FA 125 37.03 63.06 -73.98
CA VAL FA 125 36.04 62.27 -73.23
C VAL FA 125 36.42 60.79 -73.16
N SER FA 126 37.02 60.27 -74.22
CA SER FA 126 37.47 58.88 -74.25
C SER FA 126 38.48 58.55 -73.15
N GLN FA 127 39.44 59.45 -72.94
CA GLN FA 127 40.52 59.24 -71.97
C GLN FA 127 40.22 59.83 -70.59
N ALA FA 128 39.15 60.62 -70.50
CA ALA FA 128 38.76 61.27 -69.26
C ALA FA 128 37.64 60.55 -68.52
N TYR FA 129 36.95 59.63 -69.19
CA TYR FA 129 35.78 58.95 -68.61
C TYR FA 129 35.78 57.44 -68.85
N THR FA 130 35.67 56.66 -67.77
CA THR FA 130 35.39 55.23 -67.86
C THR FA 130 33.91 55.04 -68.16
N SER FA 131 33.08 55.80 -67.44
CA SER FA 131 31.65 55.87 -67.70
C SER FA 131 31.19 57.32 -67.76
N ILE FA 132 30.14 57.57 -68.55
CA ILE FA 132 29.64 58.93 -68.78
C ILE FA 132 28.18 58.89 -69.22
N ILE FA 133 27.44 59.96 -68.92
CA ILE FA 133 26.03 60.06 -69.29
C ILE FA 133 25.94 60.33 -70.79
N ALA FA 134 24.99 59.68 -71.45
CA ALA FA 134 24.81 59.82 -72.90
C ALA FA 134 24.42 61.24 -73.29
N ASP FA 135 23.54 61.84 -72.49
CA ASP FA 135 23.08 63.21 -72.72
C ASP FA 135 24.21 64.23 -72.61
N ASP FA 136 25.05 64.09 -71.59
CA ASP FA 136 26.25 64.93 -71.44
C ASP FA 136 27.20 64.67 -72.60
N PHE FA 137 27.52 63.40 -72.82
CA PHE FA 137 28.38 62.99 -73.92
C PHE FA 137 27.90 63.56 -75.26
N ALA FA 138 26.59 63.54 -75.46
CA ALA FA 138 25.98 64.08 -76.68
C ALA FA 138 26.29 65.56 -76.84
N ALA FA 139 26.03 66.33 -75.78
CA ALA FA 139 26.25 67.77 -75.81
C ALA FA 139 27.75 68.14 -75.81
N PHE FA 140 28.56 67.35 -75.10
CA PHE FA 140 30.02 67.59 -75.04
C PHE FA 140 30.69 67.46 -76.42
N VAL FA 141 30.20 66.55 -77.25
CA VAL FA 141 30.69 66.41 -78.64
C VAL FA 141 29.84 67.21 -79.63
N GLY FA 142 28.57 67.46 -79.29
CA GLY FA 142 27.70 68.35 -80.06
C GLY FA 142 26.48 67.69 -80.67
N LEU FA 143 26.63 66.44 -81.10
CA LEU FA 143 25.56 65.69 -81.77
C LEU FA 143 24.37 65.41 -80.84
N PRO FA 144 23.20 65.05 -81.42
CA PRO FA 144 22.03 64.68 -80.59
C PRO FA 144 22.18 63.31 -79.95
N VAL FA 145 21.16 62.88 -79.22
CA VAL FA 145 21.22 61.64 -78.44
C VAL FA 145 21.41 60.40 -79.32
N GLU FA 146 20.65 60.33 -80.41
CA GLU FA 146 20.71 59.16 -81.30
C GLU FA 146 22.04 59.04 -82.05
N GLU FA 147 22.44 60.11 -82.75
CA GLU FA 147 23.68 60.12 -83.52
C GLU FA 147 24.89 59.83 -82.65
N ALA FA 148 24.85 60.30 -81.40
CA ALA FA 148 25.90 60.01 -80.43
C ALA FA 148 25.89 58.55 -80.02
N VAL FA 149 24.70 58.03 -79.70
CA VAL FA 149 24.55 56.61 -79.36
C VAL FA 149 24.99 55.70 -80.52
N LYS FA 150 24.74 56.13 -81.75
CA LYS FA 150 25.14 55.35 -82.93
C LYS FA 150 26.64 55.49 -83.22
N GLY FA 151 27.11 56.73 -83.29
CA GLY FA 151 28.51 57.03 -83.60
C GLY FA 151 29.53 56.21 -82.81
N ILE FA 152 29.20 55.94 -81.55
CA ILE FA 152 30.06 55.14 -80.67
C ILE FA 152 29.91 53.63 -80.87
N LEU FA 153 28.69 53.18 -81.18
CA LEU FA 153 28.43 51.75 -81.40
C LEU FA 153 29.15 51.20 -82.63
N GLU FA 154 29.43 52.07 -83.59
CA GLU FA 154 30.28 51.74 -84.73
C GLU FA 154 31.71 51.46 -84.28
N GLN FA 155 32.21 52.33 -83.39
CA GLN FA 155 33.57 52.20 -82.84
C GLN FA 155 33.76 50.91 -82.04
N GLY FA 156 32.68 50.40 -81.44
CA GLY FA 156 32.74 49.22 -80.57
C GLY FA 156 32.73 49.58 -79.10
N TRP FA 157 32.37 50.83 -78.80
CA TRP FA 157 32.21 51.28 -77.43
C TRP FA 157 31.04 50.56 -76.77
N GLN FA 158 31.22 50.20 -75.51
CA GLN FA 158 30.15 49.55 -74.74
C GLN FA 158 29.05 50.57 -74.45
N ALA FA 159 27.80 50.13 -74.58
CA ALA FA 159 26.63 51.00 -74.39
C ALA FA 159 25.66 50.38 -73.39
N ASP FA 160 25.00 51.23 -72.61
CA ASP FA 160 24.11 50.78 -71.55
C ASP FA 160 22.73 51.43 -71.65
N SER FA 161 21.71 50.59 -71.79
CA SER FA 161 20.32 51.05 -71.76
C SER FA 161 19.87 51.31 -70.32
N THR FA 162 18.65 51.83 -70.16
CA THR FA 162 18.05 52.12 -68.86
C THR FA 162 18.70 53.32 -68.16
N THR FA 163 19.96 53.18 -67.77
CA THR FA 163 20.68 54.24 -67.08
C THR FA 163 21.20 55.30 -68.04
N ARG FA 164 21.21 55.00 -69.34
CA ARG FA 164 21.75 55.91 -70.36
C ARG FA 164 23.20 56.27 -70.04
N MET FA 165 24.09 55.28 -70.18
CA MET FA 165 25.49 55.45 -69.84
C MET FA 165 26.41 54.83 -70.89
N VAL FA 166 27.04 55.69 -71.69
CA VAL FA 166 28.05 55.25 -72.64
C VAL FA 166 29.30 54.87 -71.86
N LEU FA 167 30.00 53.85 -72.33
CA LEU FA 167 31.22 53.38 -71.69
C LEU FA 167 32.36 53.39 -72.72
N PRO FA 168 33.15 54.47 -72.74
CA PRO FA 168 34.24 54.64 -73.70
C PRO FA 168 35.36 53.60 -73.62
N ARG FA 169 35.86 53.20 -74.79
CA ARG FA 169 37.08 52.41 -74.91
C ARG FA 169 38.23 53.38 -75.13
N LYS FA 170 39.31 53.22 -74.37
CA LYS FA 170 40.43 54.16 -74.43
C LYS FA 170 41.35 53.89 -75.63
N PRO FA 171 41.56 54.90 -76.50
CA PRO FA 171 42.52 54.78 -77.59
C PRO FA 171 43.92 55.23 -77.16
N GLU FA 198 73.01 56.43 -93.59
CA GLU FA 198 72.46 55.71 -92.43
C GLU FA 198 71.70 56.65 -91.48
N GLN FA 199 70.60 56.14 -90.92
CA GLN FA 199 69.79 56.88 -89.96
C GLN FA 199 70.27 56.70 -88.52
N GLN FA 200 70.28 55.45 -88.07
CA GLN FA 200 70.54 55.11 -86.67
C GLN FA 200 72.04 55.10 -86.33
N LEU FA 201 72.84 54.47 -87.18
CA LEU FA 201 74.30 54.38 -86.98
C LEU FA 201 75.00 55.75 -87.02
N ALA FA 202 74.50 56.65 -87.86
CA ALA FA 202 75.02 58.01 -87.95
C ALA FA 202 74.90 58.74 -86.62
N ARG FA 203 73.75 58.58 -85.97
CA ARG FA 203 73.52 59.19 -84.66
C ARG FA 203 74.50 58.62 -83.62
N LEU FA 204 74.64 57.30 -83.60
CA LEU FA 204 75.51 56.62 -82.63
C LEU FA 204 76.97 57.03 -82.81
N THR FA 205 77.49 56.84 -84.02
CA THR FA 205 78.90 57.11 -84.33
C THR FA 205 79.34 58.50 -83.89
N ASP FA 206 78.43 59.46 -83.95
CA ASP FA 206 78.70 60.82 -83.48
C ASP FA 206 78.94 60.84 -81.98
N TYR FA 207 78.07 60.16 -81.23
CA TYR FA 207 78.19 60.13 -79.76
C TYR FA 207 79.43 59.39 -79.30
N VAL FA 208 79.96 58.52 -80.15
CA VAL FA 208 81.27 57.90 -79.92
C VAL FA 208 82.36 58.94 -80.19
N ALA FA 209 82.43 59.40 -81.43
CA ALA FA 209 83.47 60.34 -81.86
C ALA FA 209 83.51 61.62 -81.03
N PHE FA 210 82.36 62.04 -80.51
CA PHE FA 210 82.28 63.18 -79.59
C PHE FA 210 82.96 62.90 -78.26
N LEU FA 211 82.54 61.83 -77.59
CA LEU FA 211 83.12 61.41 -76.31
C LEU FA 211 84.57 60.95 -76.48
N GLU FA 212 84.87 60.38 -77.66
CA GLU FA 212 86.22 59.94 -78.03
C GLU FA 212 87.20 61.11 -78.13
N ASN FA 213 86.77 62.19 -78.76
CA ASN FA 213 87.66 63.29 -79.18
C ASN FA 213 88.70 62.78 -80.18
N VAL GA 30 -26.46 -29.07 113.64
CA VAL GA 30 -27.52 -28.03 113.84
C VAL GA 30 -26.87 -26.69 114.24
N GLU GA 31 -26.78 -25.75 113.30
CA GLU GA 31 -26.15 -24.45 113.54
C GLU GA 31 -26.40 -23.45 112.40
N ASN GA 32 -26.52 -22.17 112.76
CA ASN GA 32 -26.58 -21.07 111.80
C ASN GA 32 -25.93 -19.81 112.36
N PRO GA 33 -24.93 -19.23 111.66
CA PRO GA 33 -24.25 -18.03 112.15
C PRO GA 33 -25.06 -16.73 111.96
N SER GA 34 -25.76 -16.61 110.83
CA SER GA 34 -26.60 -15.45 110.56
C SER GA 34 -27.88 -15.51 111.38
N LEU GA 35 -27.79 -15.05 112.63
CA LEU GA 35 -28.89 -15.09 113.58
C LEU GA 35 -28.80 -13.90 114.55
N ASP GA 36 -29.84 -13.08 114.58
CA ASP GA 36 -29.90 -11.91 115.46
C ASP GA 36 -30.75 -12.21 116.69
N LEU GA 37 -30.09 -12.47 117.82
CA LEU GA 37 -30.77 -12.77 119.07
C LEU GA 37 -31.47 -11.53 119.65
N GLU GA 38 -30.96 -10.35 119.30
CA GLU GA 38 -31.49 -9.08 119.80
C GLU GA 38 -32.93 -8.88 119.35
N GLN GA 39 -33.21 -9.25 118.10
CA GLN GA 39 -34.56 -9.20 117.58
C GLN GA 39 -35.42 -10.35 118.14
N TYR GA 40 -34.83 -11.53 118.21
CA TYR GA 40 -35.52 -12.72 118.74
C TYR GA 40 -36.09 -12.51 120.14
N ALA GA 41 -35.41 -11.71 120.96
CA ALA GA 41 -35.89 -11.38 122.30
C ALA GA 41 -36.82 -10.17 122.30
N ALA GA 42 -36.61 -9.26 121.34
CA ALA GA 42 -37.35 -7.99 121.29
C ALA GA 42 -38.87 -8.14 121.21
N SER GA 43 -39.35 -8.93 120.25
CA SER GA 43 -40.78 -9.03 119.96
C SER GA 43 -41.55 -9.98 120.90
N TYR GA 44 -40.84 -10.68 121.78
CA TYR GA 44 -41.43 -11.66 122.68
C TYR GA 44 -41.33 -11.25 124.15
N SER GA 45 -42.17 -11.85 124.99
CA SER GA 45 -42.15 -11.63 126.44
C SER GA 45 -42.90 -12.74 127.17
N GLY GA 46 -42.95 -12.66 128.49
CA GLY GA 46 -43.55 -13.70 129.31
C GLY GA 46 -42.67 -14.93 129.29
N LEU GA 47 -43.30 -16.11 129.33
CA LEU GA 47 -42.56 -17.37 129.32
C LEU GA 47 -41.97 -17.64 127.94
N MET GA 48 -42.65 -17.14 126.92
CA MET GA 48 -42.22 -17.31 125.53
C MET GA 48 -40.78 -16.85 125.32
N ARG GA 49 -40.36 -15.80 126.01
CA ARG GA 49 -38.96 -15.35 125.93
C ARG GA 49 -38.01 -16.41 126.44
N ILE GA 50 -38.35 -17.01 127.57
CA ILE GA 50 -37.52 -18.05 128.18
C ILE GA 50 -37.55 -19.35 127.37
N GLU GA 51 -38.73 -19.75 126.88
CA GLU GA 51 -38.85 -20.97 126.08
C GLU GA 51 -38.08 -20.90 124.76
N ARG GA 52 -38.19 -19.76 124.07
CA ARG GA 52 -37.55 -19.59 122.76
C ARG GA 52 -36.04 -19.40 122.87
N LEU GA 53 -35.60 -18.59 123.83
CA LEU GA 53 -34.17 -18.37 124.08
C LEU GA 53 -33.46 -19.67 124.45
N GLN GA 54 -34.15 -20.54 125.19
CA GLN GA 54 -33.57 -21.81 125.62
C GLN GA 54 -33.51 -22.84 124.48
N PHE GA 55 -34.47 -22.79 123.57
CA PHE GA 55 -34.46 -23.69 122.39
C PHE GA 55 -33.37 -23.29 121.39
N ILE GA 56 -33.04 -22.00 121.34
CA ILE GA 56 -31.96 -21.49 120.50
C ILE GA 56 -30.61 -21.93 121.06
N ALA GA 57 -30.38 -21.66 122.34
CA ALA GA 57 -29.16 -22.09 123.03
C ALA GA 57 -28.96 -23.61 122.90
N ASP GA 58 -30.05 -24.37 122.93
CA ASP GA 58 -30.00 -25.82 122.76
C ASP GA 58 -29.44 -26.22 121.40
N HIS GA 59 -30.23 -26.03 120.35
CA HIS GA 59 -29.86 -26.52 119.01
C HIS GA 59 -28.82 -25.66 118.28
N CYS GA 60 -28.64 -24.40 118.71
CA CYS GA 60 -27.65 -23.51 118.10
C CYS GA 60 -26.46 -23.25 119.02
N PRO GA 61 -25.33 -23.94 118.80
CA PRO GA 61 -24.08 -23.60 119.49
C PRO GA 61 -23.37 -22.44 118.81
N THR GA 62 -22.25 -22.00 119.38
CA THR GA 62 -21.55 -20.75 118.99
C THR GA 62 -22.29 -19.51 119.49
N LEU GA 63 -23.60 -19.45 119.24
CA LEU GA 63 -24.50 -18.46 119.84
C LEU GA 63 -25.23 -19.04 121.07
N ARG GA 64 -24.60 -20.00 121.74
CA ARG GA 64 -25.02 -20.48 123.06
C ARG GA 64 -24.34 -19.63 124.14
N VAL GA 65 -23.18 -19.09 123.80
CA VAL GA 65 -22.49 -18.09 124.62
C VAL GA 65 -23.46 -16.95 124.93
N GLU GA 66 -24.15 -16.49 123.89
CA GLU GA 66 -25.05 -15.34 123.98
C GLU GA 66 -26.41 -15.73 124.54
N ALA GA 67 -27.03 -16.75 123.94
CA ALA GA 67 -28.43 -17.10 124.19
C ALA GA 67 -28.74 -17.42 125.65
N LEU GA 68 -27.77 -17.94 126.39
CA LEU GA 68 -27.97 -18.26 127.81
C LEU GA 68 -27.83 -17.03 128.72
N LYS GA 69 -27.11 -16.02 128.27
CA LYS GA 69 -27.00 -14.75 129.00
C LYS GA 69 -28.31 -13.96 128.95
N MET GA 70 -29.03 -14.05 127.83
CA MET GA 70 -30.25 -13.28 127.61
C MET GA 70 -31.47 -13.90 128.30
N ALA GA 71 -31.44 -15.21 128.51
CA ALA GA 71 -32.46 -15.88 129.30
C ALA GA 71 -32.25 -15.59 130.79
N LEU GA 72 -30.99 -15.54 131.21
CA LEU GA 72 -30.64 -15.27 132.61
C LEU GA 72 -31.18 -13.94 133.13
N SER GA 73 -30.96 -12.87 132.37
CA SER GA 73 -31.29 -11.52 132.82
C SER GA 73 -32.77 -11.30 133.09
N PHE GA 74 -33.63 -11.74 132.15
CA PHE GA 74 -35.09 -11.57 132.30
C PHE GA 74 -35.70 -12.56 133.31
N VAL GA 75 -35.02 -13.67 133.56
CA VAL GA 75 -35.41 -14.60 134.63
C VAL GA 75 -35.22 -13.97 136.01
N GLN GA 76 -34.23 -13.09 136.14
CA GLN GA 76 -33.99 -12.37 137.40
C GLN GA 76 -35.04 -11.27 137.67
N ARG GA 77 -35.76 -10.86 136.63
CA ARG GA 77 -36.97 -10.07 136.78
C ARG GA 77 -38.17 -11.02 136.81
N THR GA 78 -39.35 -10.47 137.11
CA THR GA 78 -40.61 -11.24 137.20
C THR GA 78 -40.58 -12.33 138.29
N PHE GA 79 -39.83 -12.07 139.38
CA PHE GA 79 -39.72 -12.97 140.52
C PHE GA 79 -39.72 -14.46 140.16
N ASN GA 80 -38.63 -14.92 139.56
CA ASN GA 80 -38.55 -16.28 138.99
C ASN GA 80 -37.32 -17.05 139.49
N VAL GA 81 -37.55 -18.10 140.30
CA VAL GA 81 -36.50 -18.99 140.79
C VAL GA 81 -36.49 -20.35 140.07
N ASP GA 82 -37.68 -20.87 139.76
CA ASP GA 82 -37.81 -22.12 139.01
C ASP GA 82 -37.01 -22.10 137.69
N MET GA 83 -36.97 -20.93 137.05
CA MET GA 83 -36.23 -20.76 135.78
C MET GA 83 -34.75 -20.41 136.00
N TYR GA 84 -34.43 -19.70 137.08
CA TYR GA 84 -33.04 -19.35 137.39
C TYR GA 84 -32.22 -20.59 137.75
N GLU GA 85 -32.80 -21.46 138.56
CA GLU GA 85 -32.19 -22.73 138.93
C GLU GA 85 -32.01 -23.65 137.71
N GLU GA 86 -32.88 -23.48 136.70
CA GLU GA 86 -32.78 -24.19 135.42
C GLU GA 86 -31.76 -23.52 134.49
N ILE GA 87 -31.99 -22.23 134.19
CA ILE GA 87 -31.19 -21.50 133.20
C ILE GA 87 -29.72 -21.36 133.61
N HIS GA 88 -29.49 -20.89 134.84
CA HIS GA 88 -28.12 -20.65 135.30
C HIS GA 88 -27.29 -21.93 135.40
N ARG GA 89 -27.96 -23.05 135.67
CA ARG GA 89 -27.28 -24.35 135.68
C ARG GA 89 -26.72 -24.69 134.30
N LYS GA 90 -27.42 -24.26 133.25
CA LYS GA 90 -26.93 -24.44 131.87
C LYS GA 90 -25.76 -23.52 131.56
N LEU GA 91 -25.78 -22.30 132.08
CA LEU GA 91 -24.65 -21.36 131.93
C LEU GA 91 -23.33 -21.96 132.42
N SER GA 92 -23.40 -22.73 133.50
CA SER GA 92 -22.23 -23.41 134.04
C SER GA 92 -21.70 -24.45 133.06
N GLU GA 93 -22.58 -25.37 132.63
CA GLU GA 93 -22.21 -26.42 131.68
C GLU GA 93 -21.89 -25.88 130.28
N ALA GA 94 -22.41 -24.70 129.96
CA ALA GA 94 -22.08 -24.02 128.72
C ALA GA 94 -20.63 -23.53 128.74
N THR GA 95 -20.27 -22.76 129.77
CA THR GA 95 -18.91 -22.27 129.94
C THR GA 95 -17.92 -23.40 130.22
N ARG GA 96 -18.41 -24.50 130.78
CA ARG GA 96 -17.59 -25.71 131.01
C ARG GA 96 -17.08 -26.29 129.70
N GLU GA 97 -17.98 -26.41 128.73
CA GLU GA 97 -17.64 -26.95 127.41
C GLU GA 97 -16.87 -25.97 126.55
N LEU GA 98 -16.94 -24.68 126.90
CA LEU GA 98 -16.16 -23.63 126.21
C LEU GA 98 -14.71 -23.54 126.69
N GLN GA 99 -14.43 -24.12 127.86
CA GLN GA 99 -13.05 -24.25 128.35
C GLN GA 99 -12.38 -25.53 127.80
N ASN GA 100 -13.12 -26.31 127.03
CA ASN GA 100 -12.59 -27.51 126.36
C ASN GA 100 -12.07 -27.23 124.94
N ALA GA 101 -12.11 -25.98 124.51
CA ALA GA 101 -11.55 -25.58 123.20
C ALA GA 101 -10.04 -25.25 123.27
N PRO GA 102 -9.60 -24.48 124.31
CA PRO GA 102 -8.14 -24.27 124.49
C PRO GA 102 -7.40 -25.53 124.92
N PRO GA 113 -19.28 -16.94 135.14
CA PRO GA 113 -20.46 -16.74 135.97
C PRO GA 113 -20.47 -17.64 137.20
N ALA GA 114 -21.21 -17.22 138.23
CA ALA GA 114 -21.31 -17.97 139.49
C ALA GA 114 -22.73 -17.97 140.03
N LEU GA 115 -23.10 -19.04 140.74
CA LEU GA 115 -24.45 -19.18 141.31
C LEU GA 115 -24.65 -18.14 142.42
N ASP GA 116 -25.35 -17.05 142.07
CA ASP GA 116 -25.59 -15.96 143.01
C ASP GA 116 -26.65 -16.38 144.02
N THR GA 117 -26.24 -17.19 145.00
CA THR GA 117 -27.14 -17.69 146.04
C THR GA 117 -27.61 -16.60 147.00
N ALA GA 118 -26.90 -15.46 147.01
CA ALA GA 118 -27.37 -14.26 147.71
C ALA GA 118 -28.67 -13.74 147.10
N TRP GA 119 -28.79 -13.88 145.78
CA TRP GA 119 -30.01 -13.48 145.07
C TRP GA 119 -31.09 -14.57 145.08
N VAL GA 120 -30.68 -15.83 144.99
CA VAL GA 120 -31.63 -16.96 144.93
C VAL GA 120 -32.50 -17.00 146.20
N GLU GA 121 -31.93 -16.61 147.34
CA GLU GA 121 -32.68 -16.45 148.59
C GLU GA 121 -33.59 -15.21 148.51
N ALA GA 122 -33.04 -14.10 148.03
CA ALA GA 122 -33.73 -12.79 148.02
C ALA GA 122 -35.08 -12.82 147.33
N THR GA 123 -35.10 -13.26 146.07
CA THR GA 123 -36.33 -13.35 145.29
C THR GA 123 -37.29 -14.41 145.83
N ARG GA 124 -36.74 -15.47 146.43
CA ARG GA 124 -37.50 -16.63 146.85
C ARG GA 124 -38.41 -16.35 148.05
N LYS GA 125 -37.87 -15.78 149.12
CA LYS GA 125 -38.67 -15.43 150.28
C LYS GA 125 -39.57 -14.22 149.98
N LYS GA 126 -39.09 -13.30 149.16
CA LYS GA 126 -39.93 -12.20 148.66
C LYS GA 126 -41.18 -12.76 147.98
N ALA GA 127 -40.96 -13.68 147.03
CA ALA GA 127 -42.06 -14.30 146.29
C ALA GA 127 -42.96 -15.16 147.18
N LEU GA 128 -42.33 -15.98 148.05
CA LEU GA 128 -43.07 -16.91 148.92
C LEU GA 128 -44.07 -16.21 149.85
N LEU GA 129 -43.71 -15.02 150.33
CA LEU GA 129 -44.60 -14.24 151.19
C LEU GA 129 -45.63 -13.42 150.38
N LYS GA 130 -45.25 -12.99 149.17
CA LYS GA 130 -46.18 -12.30 148.27
C LYS GA 130 -47.35 -13.20 147.86
N LEU GA 131 -47.12 -14.51 147.82
CA LEU GA 131 -48.18 -15.49 147.61
C LEU GA 131 -49.22 -15.38 148.71
N GLU GA 132 -48.75 -15.35 149.96
CA GLU GA 132 -49.63 -15.35 151.12
C GLU GA 132 -50.40 -14.03 151.25
N LYS GA 133 -49.83 -12.95 150.73
CA LYS GA 133 -50.51 -11.66 150.67
C LYS GA 133 -51.69 -11.74 149.70
N LEU GA 134 -51.42 -12.27 148.50
CA LEU GA 134 -52.47 -12.45 147.49
C LEU GA 134 -53.46 -13.53 147.90
N ASP GA 135 -53.01 -14.52 148.69
CA ASP GA 135 -53.89 -15.55 149.25
C ASP GA 135 -54.98 -14.90 150.11
N THR GA 136 -54.56 -14.10 151.07
CA THR GA 136 -55.49 -13.39 151.96
C THR GA 136 -56.32 -12.36 151.19
N ASP GA 137 -55.72 -11.74 150.15
CA ASP GA 137 -56.45 -10.79 149.29
C ASP GA 137 -57.64 -11.45 148.61
N LEU GA 138 -57.45 -12.66 148.10
CA LEU GA 138 -58.53 -13.42 147.50
C LEU GA 138 -59.51 -13.93 148.56
N LYS GA 139 -58.98 -14.40 149.68
CA LYS GA 139 -59.80 -14.92 150.79
C LYS GA 139 -60.62 -13.83 151.48
N ASN GA 140 -60.12 -12.59 151.44
CA ASN GA 140 -60.87 -11.43 151.92
C ASN GA 140 -61.68 -10.75 150.82
N TYR GA 141 -61.45 -11.14 149.55
CA TYR GA 141 -62.36 -10.82 148.46
C TYR GA 141 -63.55 -11.79 148.43
N LYS GA 142 -63.30 -13.05 148.80
CA LYS GA 142 -64.36 -14.05 148.93
C LYS GA 142 -65.29 -13.76 150.10
N GLY GA 143 -64.76 -13.12 151.15
CA GLY GA 143 -65.57 -12.69 152.30
C GLY GA 143 -66.48 -11.51 152.00
N ASN GA 144 -66.12 -10.72 150.99
CA ASN GA 144 -66.93 -9.58 150.54
C ASN GA 144 -68.18 -10.00 149.74
N SER GA 145 -68.03 -11.05 148.93
CA SER GA 145 -69.10 -11.55 148.05
C SER GA 145 -69.37 -10.59 146.89
N ILE GA 146 -68.29 -10.07 146.29
CA ILE GA 146 -68.38 -9.21 145.12
C ILE GA 146 -67.96 -10.04 143.91
N LYS GA 147 -68.69 -9.89 142.81
CA LYS GA 147 -68.46 -10.70 141.60
C LYS GA 147 -67.19 -10.31 140.84
N GLU GA 148 -66.98 -9.00 140.68
CA GLU GA 148 -65.85 -8.48 139.91
C GLU GA 148 -64.57 -8.38 140.74
N SER GA 149 -64.70 -8.20 142.06
CA SER GA 149 -63.54 -8.07 142.94
C SER GA 149 -62.81 -9.40 143.15
N ILE GA 150 -63.56 -10.51 143.14
CA ILE GA 150 -62.98 -11.85 143.30
C ILE GA 150 -62.25 -12.30 142.01
N ARG GA 151 -62.81 -11.94 140.85
CA ARG GA 151 -62.14 -12.21 139.57
C ARG GA 151 -60.87 -11.37 139.42
N ARG GA 152 -60.85 -10.18 140.02
CA ARG GA 152 -59.66 -9.34 140.08
C ARG GA 152 -58.58 -9.98 140.94
N GLY GA 153 -58.99 -10.56 142.07
CA GLY GA 153 -58.08 -11.32 142.92
C GLY GA 153 -57.51 -12.52 142.19
N HIS GA 154 -58.38 -13.35 141.63
CA HIS GA 154 -57.98 -14.55 140.89
C HIS GA 154 -56.92 -14.29 139.84
N ASP GA 155 -57.14 -13.26 139.03
CA ASP GA 155 -56.20 -12.91 137.96
C ASP GA 155 -54.83 -12.46 138.49
N ASP GA 156 -54.78 -11.93 139.72
CA ASP GA 156 -53.51 -11.60 140.37
C ASP GA 156 -52.77 -12.84 140.86
N LEU GA 157 -53.50 -13.83 141.37
CA LEU GA 157 -52.92 -15.08 141.87
C LEU GA 157 -52.23 -15.85 140.76
N GLY GA 158 -52.98 -16.14 139.70
CA GLY GA 158 -52.47 -16.85 138.54
C GLY GA 158 -51.25 -16.17 137.93
N ASP GA 159 -51.24 -14.84 137.95
CA ASP GA 159 -50.12 -14.06 137.44
C ASP GA 159 -48.83 -14.32 138.21
N HIS GA 160 -48.88 -14.23 139.54
CA HIS GA 160 -47.67 -14.39 140.34
C HIS GA 160 -47.23 -15.85 140.54
N TYR GA 161 -48.11 -16.80 140.20
CA TYR GA 161 -47.70 -18.20 140.13
C TYR GA 161 -47.07 -18.51 138.76
N LEU GA 162 -47.53 -17.83 137.71
CA LEU GA 162 -46.85 -17.86 136.41
C LEU GA 162 -45.44 -17.25 136.56
N ASP GA 163 -45.37 -16.08 137.19
CA ASP GA 163 -44.11 -15.39 137.46
C ASP GA 163 -43.01 -16.32 137.97
N CYS GA 164 -43.35 -17.12 138.99
CA CYS GA 164 -42.39 -18.02 139.63
C CYS GA 164 -42.12 -19.33 138.85
N GLY GA 165 -42.63 -19.43 137.63
CA GLY GA 165 -42.41 -20.62 136.78
C GLY GA 165 -43.35 -21.77 137.04
N ASP GA 166 -44.24 -21.65 138.03
CA ASP GA 166 -45.18 -22.70 138.38
C ASP GA 166 -46.37 -22.67 137.44
N LEU GA 167 -46.55 -23.73 136.67
CA LEU GA 167 -47.56 -23.76 135.62
C LEU GA 167 -48.85 -24.38 136.12
N SER GA 168 -48.75 -25.57 136.71
CA SER GA 168 -49.90 -26.32 137.20
C SER GA 168 -50.76 -25.53 138.19
N ASN GA 169 -50.10 -24.71 139.01
CA ASN GA 169 -50.81 -23.81 139.92
C ASN GA 169 -51.39 -22.62 139.16
N ALA GA 170 -50.55 -21.95 138.38
CA ALA GA 170 -51.00 -20.83 137.55
C ALA GA 170 -52.22 -21.18 136.71
N LEU GA 171 -52.23 -22.41 136.19
CA LEU GA 171 -53.35 -22.97 135.44
C LEU GA 171 -54.69 -22.77 136.16
N LYS GA 172 -54.75 -23.24 137.40
CA LYS GA 172 -56.01 -23.34 138.15
C LYS GA 172 -56.64 -21.98 138.48
N CYS GA 173 -55.80 -20.99 138.77
CA CYS GA 173 -56.26 -19.66 139.19
C CYS GA 173 -57.30 -19.05 138.24
N TYR GA 174 -57.07 -19.21 136.94
CA TYR GA 174 -57.99 -18.68 135.93
C TYR GA 174 -59.24 -19.56 135.82
N SER GA 175 -59.08 -20.86 136.07
CA SER GA 175 -60.21 -21.80 135.98
C SER GA 175 -61.35 -21.46 136.93
N ARG GA 176 -61.02 -21.15 138.18
CA ARG GA 176 -62.02 -20.77 139.19
C ARG GA 176 -62.59 -19.37 138.92
N ALA GA 177 -61.83 -18.53 138.22
CA ALA GA 177 -62.29 -17.20 137.82
C ALA GA 177 -63.46 -17.23 136.81
N ARG GA 178 -63.78 -18.42 136.29
CA ARG GA 178 -64.97 -18.61 135.44
C ARG GA 178 -66.27 -18.46 136.23
N ASP GA 179 -66.26 -18.91 137.48
CA ASP GA 179 -67.45 -18.86 138.34
C ASP GA 179 -67.83 -17.42 138.70
N TYR GA 180 -66.84 -16.61 139.05
CA TYR GA 180 -67.07 -15.22 139.45
C TYR GA 180 -67.13 -14.29 138.22
N CYS GA 181 -68.19 -14.44 137.43
CA CYS GA 181 -68.41 -13.67 136.20
C CYS GA 181 -69.89 -13.37 135.98
N THR GA 182 -70.16 -12.49 135.02
CA THR GA 182 -71.52 -12.13 134.65
C THR GA 182 -71.63 -11.96 133.14
N SER GA 183 -70.88 -11.01 132.60
CA SER GA 183 -70.91 -10.68 131.17
C SER GA 183 -70.22 -11.72 130.29
N ALA GA 184 -70.36 -11.56 128.99
CA ALA GA 184 -69.67 -12.38 128.00
C ALA GA 184 -68.19 -12.02 127.94
N LYS GA 185 -67.89 -10.72 128.08
CA LYS GA 185 -66.50 -10.23 128.07
C LYS GA 185 -65.67 -10.77 129.23
N HIS GA 186 -66.29 -11.01 130.37
CA HIS GA 186 -65.60 -11.60 131.53
C HIS GA 186 -65.31 -13.09 131.34
N VAL GA 187 -66.23 -13.80 130.70
CA VAL GA 187 -66.03 -15.22 130.39
C VAL GA 187 -65.03 -15.39 129.24
N ILE GA 188 -64.82 -14.33 128.44
CA ILE GA 188 -63.79 -14.32 127.40
C ILE GA 188 -62.43 -13.88 127.95
N ASN GA 189 -62.40 -12.74 128.64
CA ASN GA 189 -61.16 -12.18 129.21
C ASN GA 189 -60.42 -13.14 130.15
N MET GA 190 -61.13 -14.16 130.65
CA MET GA 190 -60.51 -15.27 131.36
C MET GA 190 -60.16 -16.40 130.39
N CYS GA 191 -61.09 -16.77 129.51
CA CYS GA 191 -60.87 -17.83 128.50
C CYS GA 191 -59.64 -17.57 127.61
N LEU GA 192 -59.29 -16.30 127.43
CA LEU GA 192 -58.05 -15.92 126.75
C LEU GA 192 -56.83 -16.33 127.58
N ASN GA 193 -56.88 -16.07 128.88
CA ASN GA 193 -55.81 -16.46 129.81
C ASN GA 193 -55.69 -17.98 129.94
N VAL GA 194 -56.85 -18.67 129.97
CA VAL GA 194 -56.90 -20.14 130.02
C VAL GA 194 -56.01 -20.74 128.96
N ILE GA 195 -56.08 -20.18 127.75
CA ILE GA 195 -55.29 -20.65 126.62
C ILE GA 195 -53.82 -20.31 126.81
N LYS GA 196 -53.54 -19.05 127.15
CA LYS GA 196 -52.17 -18.57 127.33
C LYS GA 196 -51.28 -19.59 128.05
N VAL GA 197 -51.82 -20.18 129.12
CA VAL GA 197 -51.06 -21.13 129.94
C VAL GA 197 -51.02 -22.52 129.31
N SER GA 198 -52.14 -22.96 128.71
CA SER GA 198 -52.19 -24.26 128.03
C SER GA 198 -51.30 -24.34 126.78
N VAL GA 199 -50.68 -23.22 126.41
CA VAL GA 199 -49.65 -23.18 125.36
C VAL GA 199 -48.27 -23.49 125.94
N TYR GA 200 -47.95 -22.89 127.09
CA TYR GA 200 -46.69 -23.16 127.77
C TYR GA 200 -46.65 -24.58 128.33
N LEU GA 201 -47.82 -25.08 128.73
CA LEU GA 201 -47.98 -26.46 129.19
C LEU GA 201 -47.84 -27.49 128.06
N GLN GA 202 -48.22 -27.09 126.85
CA GLN GA 202 -48.22 -27.95 125.65
C GLN GA 202 -49.29 -29.04 125.74
N ASN GA 203 -50.49 -28.62 126.15
CA ASN GA 203 -51.70 -29.39 125.97
C ASN GA 203 -52.55 -28.59 125.00
N TRP GA 204 -52.24 -28.75 123.73
CA TRP GA 204 -52.85 -27.98 122.66
C TRP GA 204 -54.30 -28.40 122.43
N SER GA 205 -54.64 -29.63 122.84
CA SER GA 205 -56.01 -30.13 122.76
C SER GA 205 -56.99 -29.26 123.54
N HIS GA 206 -56.53 -28.75 124.69
CA HIS GA 206 -57.35 -27.86 125.52
C HIS GA 206 -57.16 -26.39 125.16
N VAL GA 207 -56.08 -26.07 124.45
CA VAL GA 207 -55.94 -24.77 123.80
C VAL GA 207 -57.11 -24.55 122.84
N LEU GA 208 -57.40 -25.56 122.04
CA LEU GA 208 -58.46 -25.50 121.03
C LEU GA 208 -59.86 -25.66 121.63
N SER GA 209 -59.98 -26.44 122.71
CA SER GA 209 -61.27 -26.64 123.38
C SER GA 209 -61.84 -25.32 123.91
N TYR GA 210 -60.96 -24.42 124.36
CA TYR GA 210 -61.37 -23.13 124.92
C TYR GA 210 -61.32 -21.97 123.91
N VAL GA 211 -60.66 -22.18 122.77
CA VAL GA 211 -60.81 -21.26 121.64
C VAL GA 211 -62.18 -21.48 121.00
N SER GA 212 -62.57 -22.75 120.85
CA SER GA 212 -63.88 -23.12 120.29
C SER GA 212 -65.03 -22.61 121.15
N LYS GA 213 -64.81 -22.57 122.47
CA LYS GA 213 -65.76 -21.98 123.40
C LYS GA 213 -65.74 -20.45 123.27
N ALA GA 214 -64.55 -19.86 123.39
CA ALA GA 214 -64.37 -18.40 123.37
C ALA GA 214 -64.81 -17.76 122.05
N GLU GA 215 -64.66 -18.48 120.94
CA GLU GA 215 -65.08 -17.98 119.62
C GLU GA 215 -66.60 -17.77 119.58
N SER GA 216 -67.36 -18.84 119.83
CA SER GA 216 -68.82 -18.78 119.83
C SER GA 216 -69.36 -18.52 121.24
N THR GA 217 -68.83 -17.49 121.90
CA THR GA 217 -69.26 -17.10 123.25
C THR GA 217 -70.29 -15.95 123.20
N PRO GA 218 -69.90 -14.75 122.74
CA PRO GA 218 -70.87 -13.66 122.76
C PRO GA 218 -71.74 -13.63 121.49
N GLU GA 219 -72.54 -14.69 121.29
CA GLU GA 219 -73.39 -14.85 120.10
C GLU GA 219 -72.62 -14.71 118.77
N ILE GA 220 -71.56 -15.51 118.62
CA ILE GA 220 -70.72 -15.53 117.41
C ILE GA 220 -69.96 -14.19 117.23
N ALA GA 221 -69.15 -13.85 118.22
CA ALA GA 221 -68.26 -12.66 118.20
C ALA GA 221 -69.00 -11.32 118.08
N GLU GA 222 -70.08 -11.17 118.86
CA GLU GA 222 -70.92 -9.95 118.86
C GLU GA 222 -71.57 -9.65 117.50
N GLN GA 223 -71.77 -10.70 116.70
CA GLN GA 223 -72.47 -10.66 115.40
C GLN GA 223 -71.66 -10.02 114.25
N ARG GA 224 -71.55 -8.69 114.22
CA ARG GA 224 -70.91 -7.98 113.10
C ARG GA 224 -69.42 -7.65 113.32
N GLY GA 225 -68.99 -7.65 114.58
CA GLY GA 225 -67.62 -7.28 114.93
C GLY GA 225 -67.52 -5.85 115.42
N GLU GA 226 -68.44 -5.47 116.32
CA GLU GA 226 -68.47 -4.14 116.93
C GLU GA 226 -68.64 -2.98 115.95
N ARG GA 227 -69.47 -3.18 114.92
CA ARG GA 227 -69.82 -2.13 113.94
C ARG GA 227 -68.62 -1.49 113.22
N ASP GA 228 -68.21 -2.11 112.11
CA ASP GA 228 -67.18 -1.58 111.19
C ASP GA 228 -65.84 -1.25 111.87
N SER GA 229 -64.94 -2.24 111.91
CA SER GA 229 -63.56 -2.08 112.44
C SER GA 229 -63.54 -1.85 113.96
N GLN GA 230 -63.01 -2.83 114.69
CA GLN GA 230 -63.02 -2.83 116.15
C GLN GA 230 -61.66 -2.39 116.72
N THR GA 231 -61.70 -1.49 117.72
CA THR GA 231 -60.49 -1.07 118.45
C THR GA 231 -59.91 -2.27 119.20
N GLN GA 232 -60.80 -3.09 119.76
CA GLN GA 232 -60.42 -4.32 120.46
C GLN GA 232 -60.10 -5.41 119.43
N ALA GA 233 -58.82 -5.62 119.16
CA ALA GA 233 -58.39 -6.67 118.24
C ALA GA 233 -58.33 -8.00 118.99
N ILE GA 234 -59.43 -8.74 118.96
CA ILE GA 234 -59.61 -9.93 119.81
C ILE GA 234 -59.46 -11.24 119.04
N LEU GA 235 -60.22 -11.41 117.96
CA LEU GA 235 -60.16 -12.62 117.14
C LEU GA 235 -58.82 -12.78 116.41
N THR GA 236 -58.12 -11.67 116.22
CA THR GA 236 -56.74 -11.67 115.72
C THR GA 236 -55.81 -12.45 116.65
N LYS GA 237 -56.14 -12.47 117.93
CA LYS GA 237 -55.43 -13.28 118.93
C LYS GA 237 -55.97 -14.71 118.88
N LEU GA 238 -57.31 -14.85 118.90
CA LEU GA 238 -57.98 -16.17 118.94
C LEU GA 238 -57.61 -17.08 117.77
N LYS GA 239 -57.24 -16.48 116.63
CA LYS GA 239 -56.78 -17.23 115.48
C LYS GA 239 -55.26 -17.40 115.44
N CYS GA 240 -54.53 -16.57 116.18
CA CYS GA 240 -53.09 -16.79 116.42
C CYS GA 240 -52.84 -18.11 117.14
N ALA GA 241 -53.71 -18.46 118.09
CA ALA GA 241 -53.60 -19.69 118.87
C ALA GA 241 -54.26 -20.88 118.18
N ALA GA 242 -55.47 -20.68 117.68
CA ALA GA 242 -56.19 -21.71 116.93
C ALA GA 242 -55.34 -22.28 115.80
N GLY GA 243 -54.48 -21.43 115.22
CA GLY GA 243 -53.52 -21.86 114.20
C GLY GA 243 -52.30 -22.53 114.80
N LEU GA 244 -51.61 -21.84 115.70
CA LEU GA 244 -50.38 -22.37 116.31
C LEU GA 244 -50.61 -23.70 117.03
N ALA GA 245 -51.81 -23.90 117.56
CA ALA GA 245 -52.20 -25.18 118.14
C ALA GA 245 -52.31 -26.28 117.07
N GLU GA 246 -52.80 -25.91 115.89
CA GLU GA 246 -52.87 -26.83 114.76
C GLU GA 246 -51.49 -27.04 114.11
N LEU GA 247 -50.64 -26.03 114.16
CA LEU GA 247 -49.27 -26.12 113.62
C LEU GA 247 -48.54 -27.33 114.21
N ALA GA 248 -48.55 -27.42 115.54
CA ALA GA 248 -47.96 -28.56 116.24
C ALA GA 248 -48.72 -29.85 115.93
N ALA GA 249 -50.02 -29.73 115.72
CA ALA GA 249 -50.88 -30.89 115.41
C ALA GA 249 -50.89 -31.29 113.93
N ARG GA 250 -49.88 -30.89 113.17
CA ARG GA 250 -49.65 -31.34 111.78
C ARG GA 250 -50.64 -30.86 110.72
N LYS GA 251 -51.80 -30.32 111.13
CA LYS GA 251 -52.78 -29.79 110.18
C LYS GA 251 -52.31 -28.44 109.65
N TYR GA 252 -51.36 -28.47 108.72
CA TYR GA 252 -50.74 -27.26 108.20
C TYR GA 252 -51.73 -26.46 107.34
N LYS GA 253 -52.68 -27.16 106.72
CA LYS GA 253 -53.74 -26.52 105.94
C LYS GA 253 -54.76 -25.84 106.83
N GLN GA 254 -55.18 -26.54 107.89
CA GLN GA 254 -56.08 -25.95 108.88
C GLN GA 254 -55.37 -24.81 109.63
N ALA GA 255 -54.06 -24.95 109.81
CA ALA GA 255 -53.23 -23.92 110.44
C ALA GA 255 -53.14 -22.67 109.59
N ALA GA 256 -52.97 -22.86 108.28
CA ALA GA 256 -52.91 -21.75 107.35
C ALA GA 256 -54.23 -20.97 107.33
N LYS GA 257 -55.36 -21.67 107.43
CA LYS GA 257 -56.67 -21.02 107.45
C LYS GA 257 -56.82 -20.07 108.65
N CYS GA 258 -56.27 -20.46 109.78
CA CYS GA 258 -56.31 -19.63 110.98
C CYS GA 258 -55.20 -18.55 110.99
N LEU GA 259 -54.05 -18.83 110.38
CA LEU GA 259 -52.94 -17.86 110.33
C LEU GA 259 -53.06 -16.84 109.19
N LEU GA 260 -53.82 -17.17 108.13
CA LEU GA 260 -54.06 -16.23 107.02
C LEU GA 260 -55.09 -15.15 107.39
N LEU GA 261 -56.03 -15.50 108.26
CA LEU GA 261 -57.05 -14.56 108.75
C LEU GA 261 -56.49 -13.57 109.79
N ALA GA 262 -55.28 -13.84 110.29
CA ALA GA 262 -54.61 -12.96 111.24
C ALA GA 262 -54.41 -11.56 110.65
N SER GA 263 -55.27 -10.63 111.07
CA SER GA 263 -55.18 -9.24 110.63
C SER GA 263 -54.05 -8.51 111.37
N PHE GA 264 -53.68 -7.34 110.86
CA PHE GA 264 -52.56 -6.58 111.41
C PHE GA 264 -53.01 -5.56 112.47
N ASP GA 265 -54.06 -5.90 113.22
CA ASP GA 265 -54.53 -5.09 114.36
C ASP GA 265 -53.75 -5.43 115.64
N HIS GA 266 -53.51 -6.73 115.84
CA HIS GA 266 -52.87 -7.22 117.07
C HIS GA 266 -51.34 -7.09 117.02
N CYS GA 267 -50.76 -7.23 115.82
CA CYS GA 267 -49.30 -7.10 115.61
C CYS GA 267 -48.46 -7.80 116.71
N ASP GA 268 -47.89 -7.02 117.64
CA ASP GA 268 -47.00 -7.57 118.68
C ASP GA 268 -47.79 -8.09 119.89
N PHE GA 269 -48.03 -9.41 119.89
CA PHE GA 269 -48.63 -10.09 121.04
C PHE GA 269 -47.58 -11.06 121.58
N PRO GA 270 -46.60 -10.54 122.35
CA PRO GA 270 -45.38 -11.27 122.75
C PRO GA 270 -45.55 -12.60 123.51
N GLU GA 271 -46.69 -12.83 124.16
CA GLU GA 271 -46.88 -14.03 124.98
C GLU GA 271 -47.32 -15.28 124.20
N LEU GA 272 -47.44 -15.16 122.87
CA LEU GA 272 -47.65 -16.31 121.99
C LEU GA 272 -46.68 -16.27 120.80
N LEU GA 273 -47.02 -15.48 119.77
CA LEU GA 273 -46.25 -15.46 118.53
C LEU GA 273 -46.27 -14.09 117.86
N SER GA 274 -45.08 -13.65 117.46
CA SER GA 274 -44.88 -12.35 116.85
C SER GA 274 -45.54 -12.28 115.47
N PRO GA 275 -45.78 -11.06 114.96
CA PRO GA 275 -46.34 -10.92 113.62
C PRO GA 275 -45.31 -11.21 112.53
N SER GA 276 -44.03 -10.99 112.82
CA SER GA 276 -42.95 -11.34 111.89
C SER GA 276 -42.87 -12.84 111.65
N ASN GA 277 -43.38 -13.63 112.60
CA ASN GA 277 -43.48 -15.08 112.46
C ASN GA 277 -44.81 -15.53 111.84
N VAL GA 278 -45.91 -14.89 112.23
CA VAL GA 278 -47.23 -15.18 111.64
C VAL GA 278 -47.16 -15.21 110.10
N ALA GA 279 -46.32 -14.35 109.53
CA ALA GA 279 -46.05 -14.34 108.09
C ALA GA 279 -45.23 -15.55 107.64
N ILE GA 280 -44.17 -15.86 108.39
CA ILE GA 280 -43.30 -17.01 108.09
C ILE GA 280 -44.08 -18.33 108.24
N TYR GA 281 -44.89 -18.42 109.28
CA TYR GA 281 -45.59 -19.65 109.65
C TYR GA 281 -46.77 -19.95 108.71
N GLY GA 282 -47.73 -19.02 108.66
CA GLY GA 282 -48.93 -19.18 107.83
C GLY GA 282 -48.66 -19.18 106.33
N GLY GA 283 -47.59 -18.50 105.92
CA GLY GA 283 -47.18 -18.45 104.52
C GLY GA 283 -46.66 -19.79 104.03
N LEU GA 284 -45.62 -20.30 104.70
CA LEU GA 284 -45.05 -21.60 104.35
C LEU GA 284 -46.05 -22.74 104.55
N CYS GA 285 -46.97 -22.59 105.51
CA CYS GA 285 -48.04 -23.58 105.73
C CYS GA 285 -48.96 -23.70 104.53
N ALA GA 286 -49.59 -22.59 104.15
CA ALA GA 286 -50.48 -22.57 102.99
C ALA GA 286 -49.75 -23.08 101.76
N LEU GA 287 -48.64 -22.42 101.45
CA LEU GA 287 -47.77 -22.77 100.32
C LEU GA 287 -47.72 -24.27 100.02
N ALA GA 288 -47.48 -25.06 101.06
CA ALA GA 288 -47.32 -26.51 100.91
C ALA GA 288 -48.64 -27.20 100.59
N THR GA 289 -49.67 -26.93 101.38
CA THR GA 289 -50.93 -27.67 101.32
C THR GA 289 -52.01 -27.02 100.46
N PHE GA 290 -51.76 -25.79 99.99
CA PHE GA 290 -52.71 -25.11 99.11
C PHE GA 290 -52.37 -25.37 97.64
N ASP GA 291 -53.41 -25.52 96.83
CA ASP GA 291 -53.26 -25.61 95.37
C ASP GA 291 -52.88 -24.25 94.80
N ARG GA 292 -52.61 -24.20 93.49
CA ARG GA 292 -52.29 -22.93 92.84
C ARG GA 292 -53.46 -21.95 92.87
N GLN GA 293 -54.68 -22.48 92.80
CA GLN GA 293 -55.90 -21.66 92.73
C GLN GA 293 -56.12 -20.85 94.00
N GLU GA 294 -56.18 -21.55 95.13
CA GLU GA 294 -56.43 -20.90 96.42
C GLU GA 294 -55.28 -19.98 96.82
N LEU GA 295 -54.07 -20.27 96.35
CA LEU GA 295 -52.90 -19.42 96.60
C LEU GA 295 -53.16 -17.97 96.18
N GLN GA 296 -53.28 -17.73 94.87
CA GLN GA 296 -53.49 -16.37 94.35
C GLN GA 296 -54.64 -15.66 95.09
N ARG GA 297 -55.69 -16.42 95.38
CA ARG GA 297 -56.90 -15.86 95.95
C ARG GA 297 -56.75 -15.58 97.45
N ASN GA 298 -56.39 -16.62 98.21
CA ASN GA 298 -56.35 -16.53 99.68
C ASN GA 298 -54.97 -16.22 100.26
N VAL GA 299 -53.98 -15.96 99.40
CA VAL GA 299 -52.62 -15.69 99.85
C VAL GA 299 -52.02 -14.46 99.17
N ILE GA 300 -51.83 -14.53 97.86
CA ILE GA 300 -51.00 -13.54 97.15
C ILE GA 300 -51.70 -12.19 96.94
N SER GA 301 -52.95 -12.22 96.47
CA SER GA 301 -53.70 -10.99 96.17
C SER GA 301 -54.73 -10.62 97.24
N SER GA 302 -54.61 -11.18 98.43
CA SER GA 302 -55.48 -10.84 99.55
C SER GA 302 -54.81 -9.81 100.46
N SER GA 303 -55.45 -8.66 100.62
CA SER GA 303 -54.91 -7.56 101.41
C SER GA 303 -54.71 -7.94 102.87
N SER GA 304 -55.68 -8.67 103.44
CA SER GA 304 -55.64 -9.09 104.84
C SER GA 304 -54.26 -9.57 105.27
N PHE GA 305 -53.73 -10.54 104.52
CA PHE GA 305 -52.44 -11.14 104.81
C PHE GA 305 -51.30 -10.40 104.11
N LYS GA 306 -51.62 -9.64 103.06
CA LYS GA 306 -50.61 -8.89 102.29
C LYS GA 306 -49.65 -8.09 103.17
N LEU GA 307 -50.18 -7.42 104.19
CA LEU GA 307 -49.37 -6.61 105.11
C LEU GA 307 -48.31 -7.43 105.84
N PHE GA 308 -48.65 -8.66 106.19
CA PHE GA 308 -47.71 -9.55 106.87
C PHE GA 308 -46.60 -10.02 105.93
N LEU GA 309 -46.93 -10.19 104.65
CA LEU GA 309 -45.94 -10.57 103.66
C LEU GA 309 -44.90 -9.47 103.47
N GLU GA 310 -45.36 -8.22 103.44
CA GLU GA 310 -44.46 -7.08 103.35
C GLU GA 310 -43.35 -7.18 104.40
N LEU GA 311 -43.73 -7.59 105.60
CA LEU GA 311 -42.78 -7.69 106.72
C LEU GA 311 -41.64 -8.65 106.41
N GLU GA 312 -41.98 -9.79 105.81
CA GLU GA 312 -41.00 -10.82 105.47
C GLU GA 312 -40.74 -10.86 103.96
N PRO GA 313 -39.63 -10.23 103.51
CA PRO GA 313 -39.36 -10.15 102.07
C PRO GA 313 -38.93 -11.47 101.44
N GLN GA 314 -38.24 -12.31 102.20
CA GLN GA 314 -37.79 -13.60 101.68
C GLN GA 314 -38.96 -14.57 101.52
N VAL GA 315 -39.82 -14.61 102.54
CA VAL GA 315 -41.03 -15.46 102.52
C VAL GA 315 -41.94 -15.06 101.36
N ARG GA 316 -42.03 -13.76 101.12
CA ARG GA 316 -42.82 -13.22 100.01
C ARG GA 316 -42.29 -13.68 98.66
N ASP GA 317 -40.97 -13.70 98.49
CA ASP GA 317 -40.33 -14.07 97.21
C ASP GA 317 -40.52 -15.54 96.83
N ILE GA 318 -40.53 -16.43 97.81
CA ILE GA 318 -40.70 -17.87 97.55
C ILE GA 318 -42.15 -18.21 97.20
N ILE GA 319 -43.10 -17.53 97.83
CA ILE GA 319 -44.52 -17.68 97.50
C ILE GA 319 -44.79 -17.17 96.09
N PHE GA 320 -44.08 -16.10 95.70
CA PHE GA 320 -44.21 -15.49 94.38
C PHE GA 320 -43.54 -16.33 93.30
N LYS GA 321 -42.28 -16.70 93.52
CA LYS GA 321 -41.51 -17.46 92.54
C LYS GA 321 -42.07 -18.87 92.29
N PHE GA 322 -42.85 -19.37 93.25
CA PHE GA 322 -43.65 -20.59 93.06
C PHE GA 322 -44.76 -20.34 92.04
N TYR GA 323 -45.56 -19.31 92.29
CA TYR GA 323 -46.69 -18.96 91.42
C TYR GA 323 -46.22 -18.48 90.05
N GLU GA 324 -45.15 -17.69 90.03
CA GLU GA 324 -44.50 -17.27 88.78
C GLU GA 324 -43.77 -18.43 88.10
N SER GA 325 -43.62 -19.54 88.82
CA SER GA 325 -43.05 -20.78 88.30
C SER GA 325 -41.59 -20.62 87.88
N LYS GA 326 -40.85 -19.83 88.65
CA LYS GA 326 -39.40 -19.69 88.51
C LYS GA 326 -38.77 -20.48 89.65
N TYR GA 327 -38.72 -21.80 89.46
CA TYR GA 327 -38.41 -22.74 90.54
C TYR GA 327 -36.92 -22.80 90.89
N ALA GA 328 -36.06 -22.56 89.90
CA ALA GA 328 -34.60 -22.51 90.12
C ALA GA 328 -34.26 -21.64 91.32
N SER GA 329 -34.89 -20.47 91.39
CA SER GA 329 -34.69 -19.56 92.50
C SER GA 329 -35.52 -19.97 93.72
N CYS GA 330 -36.80 -20.27 93.49
CA CYS GA 330 -37.75 -20.60 94.57
C CYS GA 330 -37.15 -21.48 95.66
N LEU GA 331 -36.50 -22.58 95.25
CA LEU GA 331 -35.88 -23.50 96.19
C LEU GA 331 -34.51 -23.01 96.65
N LYS GA 332 -33.77 -22.36 95.76
CA LYS GA 332 -32.49 -21.74 96.11
C LYS GA 332 -32.65 -20.87 97.36
N MET GA 333 -33.67 -20.02 97.34
CA MET GA 333 -34.04 -19.19 98.49
C MET GA 333 -34.34 -20.03 99.73
N LEU GA 334 -35.29 -20.95 99.56
CA LEU GA 334 -35.84 -21.72 100.68
C LEU GA 334 -34.77 -22.55 101.40
N ASP GA 335 -33.86 -23.15 100.63
CA ASP GA 335 -32.76 -23.93 101.19
C ASP GA 335 -31.93 -23.15 102.20
N GLU GA 336 -31.56 -21.94 101.82
CA GLU GA 336 -30.69 -21.10 102.66
C GLU GA 336 -31.45 -20.48 103.83
N MET GA 337 -32.79 -20.45 103.75
CA MET GA 337 -33.62 -20.06 104.88
C MET GA 337 -33.79 -21.19 105.90
N LYS GA 338 -33.71 -22.44 105.44
CA LYS GA 338 -33.86 -23.62 106.30
C LYS GA 338 -32.95 -23.56 107.54
N ASP GA 339 -31.75 -23.01 107.37
CA ASP GA 339 -30.77 -22.90 108.47
C ASP GA 339 -31.34 -22.10 109.64
N ASN GA 340 -31.96 -20.97 109.34
CA ASN GA 340 -32.54 -20.07 110.34
C ASN GA 340 -33.87 -20.59 110.87
N LEU GA 341 -34.73 -21.09 109.98
CA LEU GA 341 -36.08 -21.54 110.34
C LEU GA 341 -36.08 -22.77 111.25
N LEU GA 342 -35.01 -23.55 111.20
CA LEU GA 342 -34.86 -24.70 112.08
C LEU GA 342 -34.58 -24.25 113.52
N LEU GA 343 -33.78 -23.20 113.67
CA LEU GA 343 -33.39 -22.70 115.00
C LEU GA 343 -34.58 -22.09 115.74
N ASP GA 344 -35.56 -21.61 114.96
CA ASP GA 344 -36.83 -21.14 115.51
C ASP GA 344 -37.45 -22.24 116.37
N MET GA 345 -38.18 -21.83 117.41
CA MET GA 345 -38.76 -22.78 118.35
C MET GA 345 -39.90 -23.60 117.73
N TYR GA 346 -40.91 -22.92 117.20
CA TYR GA 346 -42.13 -23.59 116.71
C TYR GA 346 -42.11 -24.02 115.24
N LEU GA 347 -41.08 -23.64 114.49
CA LEU GA 347 -40.98 -24.00 113.07
C LEU GA 347 -39.91 -25.08 112.80
N ALA GA 348 -39.32 -25.60 113.86
CA ALA GA 348 -38.40 -26.74 113.76
C ALA GA 348 -39.11 -28.08 113.45
N PRO GA 349 -40.22 -28.38 114.15
CA PRO GA 349 -40.81 -29.72 114.07
C PRO GA 349 -41.68 -29.99 112.83
N HIS GA 350 -41.69 -29.06 111.88
CA HIS GA 350 -42.41 -29.24 110.62
C HIS GA 350 -41.53 -28.85 109.43
N VAL GA 351 -40.21 -28.94 109.61
CA VAL GA 351 -39.25 -28.46 108.62
C VAL GA 351 -39.06 -29.43 107.45
N ARG GA 352 -39.54 -30.67 107.59
CA ARG GA 352 -39.45 -31.65 106.52
C ARG GA 352 -40.77 -31.73 105.76
N THR GA 353 -41.85 -32.01 106.48
CA THR GA 353 -43.17 -32.20 105.87
C THR GA 353 -43.60 -30.98 105.05
N LEU GA 354 -43.19 -29.79 105.48
CA LEU GA 354 -43.46 -28.59 104.71
C LEU GA 354 -42.51 -28.50 103.52
N TYR GA 355 -41.21 -28.42 103.80
CA TYR GA 355 -40.18 -28.22 102.76
C TYR GA 355 -40.26 -29.26 101.63
N THR GA 356 -40.51 -30.51 102.01
CA THR GA 356 -40.62 -31.59 101.03
C THR GA 356 -41.95 -31.52 100.26
N GLN GA 357 -43.04 -31.21 100.97
CA GLN GA 357 -44.38 -31.13 100.35
C GLN GA 357 -44.49 -29.99 99.34
N ILE GA 358 -43.71 -28.93 99.55
CA ILE GA 358 -43.62 -27.82 98.60
C ILE GA 358 -42.86 -28.28 97.34
N ARG GA 359 -41.70 -28.91 97.54
CA ARG GA 359 -40.92 -29.47 96.44
C ARG GA 359 -41.80 -30.36 95.57
N ASN GA 360 -42.52 -31.27 96.21
CA ASN GA 360 -43.47 -32.16 95.54
C ASN GA 360 -44.51 -31.37 94.74
N ARG GA 361 -45.15 -30.41 95.40
CA ARG GA 361 -46.16 -29.58 94.76
C ARG GA 361 -45.62 -28.96 93.48
N ALA GA 362 -44.45 -28.34 93.58
CA ALA GA 362 -43.81 -27.68 92.43
C ALA GA 362 -43.46 -28.66 91.32
N LEU GA 363 -42.94 -29.83 91.71
CA LEU GA 363 -42.60 -30.88 90.75
C LEU GA 363 -43.81 -31.32 89.93
N ILE GA 364 -44.99 -31.33 90.56
CA ILE GA 364 -46.24 -31.60 89.83
C ILE GA 364 -46.58 -30.44 88.92
N GLN GA 365 -46.54 -29.24 89.48
CA GLN GA 365 -46.97 -28.03 88.78
C GLN GA 365 -46.07 -27.66 87.59
N TYR GA 366 -44.79 -28.02 87.67
CA TYR GA 366 -43.86 -27.81 86.55
C TYR GA 366 -44.20 -28.68 85.35
N PHE GA 367 -44.59 -29.93 85.62
CA PHE GA 367 -44.74 -30.93 84.57
C PHE GA 367 -46.13 -30.93 83.92
N SER GA 368 -47.17 -31.03 84.74
CA SER GA 368 -48.57 -31.14 84.27
C SER GA 368 -48.88 -30.33 83.00
N PRO GA 369 -48.50 -29.04 82.96
CA PRO GA 369 -48.69 -28.25 81.74
C PRO GA 369 -48.02 -28.85 80.49
N TYR GA 370 -46.81 -29.37 80.65
CA TYR GA 370 -46.09 -30.00 79.54
C TYR GA 370 -46.70 -31.37 79.23
N VAL GA 371 -46.72 -31.73 77.95
CA VAL GA 371 -47.00 -33.10 77.54
C VAL GA 371 -45.69 -33.89 77.46
N SER GA 372 -44.60 -33.21 77.11
CA SER GA 372 -43.26 -33.80 77.11
C SER GA 372 -42.25 -32.78 77.62
N ALA GA 373 -41.53 -33.14 78.68
CA ALA GA 373 -40.59 -32.24 79.34
C ALA GA 373 -39.18 -32.81 79.36
N ASP GA 374 -38.20 -31.95 79.09
CA ASP GA 374 -36.79 -32.34 79.15
C ASP GA 374 -36.36 -32.39 80.60
N MET GA 375 -35.73 -33.50 80.98
CA MET GA 375 -35.33 -33.73 82.37
C MET GA 375 -34.14 -32.87 82.78
N HIS GA 376 -33.24 -32.60 81.83
CA HIS GA 376 -32.04 -31.81 82.11
C HIS GA 376 -32.40 -30.38 82.50
N ARG GA 377 -33.39 -29.81 81.84
CA ARG GA 377 -33.92 -28.50 82.18
C ARG GA 377 -34.57 -28.55 83.56
N MET GA 378 -35.37 -29.58 83.78
CA MET GA 378 -36.05 -29.77 85.06
C MET GA 378 -35.06 -30.04 86.20
N ALA GA 379 -33.90 -30.60 85.86
CA ALA GA 379 -32.87 -30.92 86.85
C ALA GA 379 -32.35 -29.68 87.57
N ALA GA 380 -31.69 -28.78 86.81
CA ALA GA 380 -31.15 -27.55 87.39
C ALA GA 380 -32.26 -26.66 87.94
N ALA GA 381 -33.46 -26.79 87.38
CA ALA GA 381 -34.63 -26.07 87.86
C ALA GA 381 -35.02 -26.48 89.27
N PHE GA 382 -34.72 -27.72 89.64
CA PHE GA 382 -34.98 -28.22 90.99
C PHE GA 382 -33.68 -28.55 91.73
N ASN GA 383 -32.67 -27.69 91.53
CA ASN GA 383 -31.39 -27.77 92.27
C ASN GA 383 -30.95 -29.19 92.60
N THR GA 384 -30.66 -29.97 91.56
CA THR GA 384 -30.28 -31.37 91.71
C THR GA 384 -29.64 -31.90 90.42
N THR GA 385 -29.43 -33.21 90.33
CA THR GA 385 -28.85 -33.85 89.15
C THR GA 385 -29.89 -34.63 88.35
N VAL GA 386 -29.50 -35.02 87.14
CA VAL GA 386 -30.38 -35.76 86.23
C VAL GA 386 -30.73 -37.11 86.85
N ALA GA 387 -29.70 -37.84 87.24
CA ALA GA 387 -29.88 -39.13 87.87
C ALA GA 387 -30.76 -39.02 89.11
N ALA GA 388 -30.50 -38.00 89.93
CA ALA GA 388 -31.30 -37.77 91.12
C ALA GA 388 -32.76 -37.57 90.74
N LEU GA 389 -32.99 -36.64 89.82
CA LEU GA 389 -34.34 -36.37 89.32
C LEU GA 389 -35.04 -37.65 88.89
N GLU GA 390 -34.31 -38.53 88.20
CA GLU GA 390 -34.86 -39.79 87.71
C GLU GA 390 -35.54 -40.57 88.85
N ASP GA 391 -34.80 -40.84 89.91
CA ASP GA 391 -35.36 -41.54 91.07
C ASP GA 391 -36.40 -40.69 91.78
N GLU GA 392 -36.14 -39.39 91.91
CA GLU GA 392 -37.09 -38.47 92.55
C GLU GA 392 -38.49 -38.68 91.98
N LEU GA 393 -38.59 -38.56 90.66
CA LEU GA 393 -39.87 -38.75 89.97
C LEU GA 393 -40.40 -40.17 90.14
N THR GA 394 -39.52 -41.16 89.97
CA THR GA 394 -39.90 -42.57 90.03
C THR GA 394 -40.87 -42.85 91.17
N GLN GA 395 -40.46 -42.50 92.39
CA GLN GA 395 -41.30 -42.67 93.58
C GLN GA 395 -42.65 -41.99 93.38
N LEU GA 396 -42.60 -40.75 92.87
CA LEU GA 396 -43.78 -39.92 92.74
C LEU GA 396 -44.73 -40.47 91.66
N ILE GA 397 -44.18 -41.18 90.68
CA ILE GA 397 -45.01 -41.84 89.67
C ILE GA 397 -45.84 -42.91 90.34
N LEU GA 398 -45.16 -43.82 91.05
CA LEU GA 398 -45.84 -44.91 91.74
C LEU GA 398 -46.91 -44.37 92.66
N GLU GA 399 -46.47 -43.56 93.64
CA GLU GA 399 -47.37 -43.08 94.69
C GLU GA 399 -48.22 -41.93 94.15
N GLY GA 400 -47.56 -40.83 93.82
CA GLY GA 400 -48.23 -39.57 93.55
C GLY GA 400 -49.02 -39.51 92.25
N LEU GA 401 -49.44 -38.29 91.92
CA LEU GA 401 -50.30 -38.05 90.77
C LEU GA 401 -49.52 -37.67 89.53
N ILE GA 402 -48.22 -37.97 89.50
CA ILE GA 402 -47.41 -37.75 88.31
C ILE GA 402 -47.70 -38.87 87.31
N SER GA 403 -48.77 -38.72 86.54
CA SER GA 403 -49.16 -39.71 85.53
C SER GA 403 -48.26 -39.58 84.30
N ALA GA 404 -47.04 -40.11 84.41
CA ALA GA 404 -46.02 -39.95 83.39
C ALA GA 404 -44.95 -41.03 83.52
N ARG GA 405 -44.43 -41.50 82.38
CA ARG GA 405 -43.39 -42.53 82.38
C ARG GA 405 -42.01 -41.89 82.18
N VAL GA 406 -40.97 -42.70 82.31
CA VAL GA 406 -39.59 -42.23 82.21
C VAL GA 406 -38.84 -42.90 81.06
N ASP GA 407 -38.26 -42.07 80.19
CA ASP GA 407 -37.38 -42.53 79.13
C ASP GA 407 -35.96 -42.24 79.56
N SER GA 408 -35.33 -43.20 80.22
CA SER GA 408 -33.97 -43.00 80.76
C SER GA 408 -32.87 -43.13 79.71
N HIS GA 409 -33.21 -43.53 78.48
CA HIS GA 409 -32.24 -43.59 77.37
C HIS GA 409 -31.79 -42.17 76.98
N SER GA 410 -32.74 -41.34 76.58
CA SER GA 410 -32.46 -39.94 76.22
C SER GA 410 -32.78 -38.97 77.35
N LYS GA 411 -33.22 -39.50 78.50
CA LYS GA 411 -33.53 -38.72 79.70
C LYS GA 411 -34.61 -37.66 79.43
N ILE GA 412 -35.82 -38.15 79.17
CA ILE GA 412 -37.00 -37.32 78.92
C ILE GA 412 -38.12 -37.82 79.82
N LEU GA 413 -39.09 -36.95 80.09
CA LEU GA 413 -40.32 -37.37 80.76
C LEU GA 413 -41.52 -37.09 79.87
N TYR GA 414 -42.24 -38.15 79.50
CA TYR GA 414 -43.44 -38.04 78.69
C TYR GA 414 -44.66 -38.17 79.57
N ALA GA 415 -45.70 -37.40 79.25
CA ALA GA 415 -46.98 -37.53 79.92
C ALA GA 415 -47.63 -38.83 79.49
N ARG GA 416 -48.21 -39.53 80.45
CA ARG GA 416 -48.87 -40.80 80.18
C ARG GA 416 -50.35 -40.62 80.51
N ASP GA 417 -51.19 -40.65 79.48
CA ASP GA 417 -52.62 -40.50 79.64
C ASP GA 417 -53.34 -41.82 79.39
N VAL GA 418 -54.58 -41.89 79.86
CA VAL GA 418 -55.32 -43.13 79.94
C VAL GA 418 -56.20 -43.34 78.71
N ASP GA 419 -56.19 -44.57 78.20
CA ASP GA 419 -57.12 -44.97 77.15
C ASP GA 419 -58.46 -45.32 77.80
N GLN GA 420 -59.31 -44.31 77.91
CA GLN GA 420 -60.65 -44.44 78.50
C GLN GA 420 -61.31 -45.76 78.09
N ARG GA 421 -61.43 -45.94 76.79
CA ARG GA 421 -62.06 -47.12 76.21
C ARG GA 421 -61.50 -48.40 76.80
N SER GA 422 -60.19 -48.59 76.69
CA SER GA 422 -59.51 -49.78 77.20
C SER GA 422 -59.89 -50.05 78.64
N THR GA 423 -59.90 -49.00 79.44
CA THR GA 423 -60.14 -49.11 80.86
C THR GA 423 -61.47 -49.77 81.19
N THR GA 424 -62.58 -49.18 80.73
CA THR GA 424 -63.91 -49.67 81.08
C THR GA 424 -64.15 -51.08 80.57
N PHE GA 425 -63.68 -51.36 79.36
CA PHE GA 425 -63.69 -52.73 78.81
C PHE GA 425 -62.92 -53.66 79.75
N GLU GA 426 -61.61 -53.43 79.83
CA GLU GA 426 -60.69 -54.27 80.59
C GLU GA 426 -61.29 -54.76 81.91
N LYS GA 427 -61.71 -53.82 82.75
CA LYS GA 427 -62.21 -54.15 84.09
C LYS GA 427 -63.52 -54.91 84.06
N SER GA 428 -64.39 -54.61 83.10
CA SER GA 428 -65.69 -55.25 83.00
C SER GA 428 -65.56 -56.77 82.78
N LEU GA 429 -64.65 -57.17 81.89
CA LEU GA 429 -64.29 -58.58 81.70
C LEU GA 429 -63.87 -59.19 83.02
N LEU GA 430 -62.93 -58.51 83.67
CA LEU GA 430 -62.28 -59.03 84.86
C LEU GA 430 -63.27 -59.15 86.03
N MET GA 431 -64.03 -58.08 86.28
CA MET GA 431 -65.07 -58.08 87.30
C MET GA 431 -66.08 -59.20 87.07
N GLY GA 432 -66.59 -59.28 85.85
CA GLY GA 432 -67.51 -60.33 85.45
C GLY GA 432 -66.94 -61.72 85.70
N LYS GA 433 -65.65 -61.88 85.40
CA LYS GA 433 -64.95 -63.13 85.66
C LYS GA 433 -64.84 -63.42 87.16
N GLU GA 434 -64.70 -62.36 87.97
CA GLU GA 434 -64.71 -62.50 89.43
C GLU GA 434 -66.11 -62.95 89.89
N PHE GA 435 -67.13 -62.26 89.42
CA PHE GA 435 -68.51 -62.62 89.71
C PHE GA 435 -68.81 -64.07 89.34
N GLN GA 436 -68.30 -64.51 88.19
CA GLN GA 436 -68.44 -65.90 87.77
C GLN GA 436 -67.75 -66.86 88.75
N ARG GA 437 -66.57 -66.46 89.23
CA ARG GA 437 -65.80 -67.30 90.17
C ARG GA 437 -66.53 -67.50 91.50
N ARG GA 438 -67.12 -66.43 92.03
CA ARG GA 438 -67.87 -66.51 93.29
C ARG GA 438 -69.17 -67.30 93.11
N ALA GA 439 -69.77 -67.17 91.93
CA ALA GA 439 -70.98 -67.91 91.60
C ALA GA 439 -70.73 -69.41 91.60
N LYS GA 440 -69.57 -69.83 91.12
CA LYS GA 440 -69.15 -71.22 91.23
C LYS GA 440 -69.13 -71.60 92.71
N ALA GA 441 -68.46 -70.77 93.50
CA ALA GA 441 -68.23 -71.04 94.93
C ALA GA 441 -69.52 -71.13 95.74
N MET GA 442 -70.40 -70.13 95.59
CA MET GA 442 -71.66 -70.12 96.34
C MET GA 442 -72.70 -71.09 95.80
N MET GA 443 -72.42 -71.73 94.67
CA MET GA 443 -73.25 -72.84 94.15
C MET GA 443 -72.86 -74.14 94.87
N LEU GA 444 -71.56 -74.36 95.03
CA LEU GA 444 -71.03 -75.45 95.85
C LEU GA 444 -71.36 -75.23 97.32
N ARG GA 445 -71.34 -73.97 97.74
CA ARG GA 445 -71.63 -73.62 99.13
C ARG GA 445 -73.12 -73.83 99.46
N ALA GA 446 -73.97 -73.68 98.44
CA ALA GA 446 -75.38 -74.04 98.56
C ALA GA 446 -75.54 -75.54 98.70
N ALA GA 447 -74.65 -76.30 98.06
CA ALA GA 447 -74.68 -77.76 98.09
C ALA GA 447 -74.18 -78.35 99.41
N VAL GA 448 -73.04 -77.88 99.91
CA VAL GA 448 -72.43 -78.45 101.13
C VAL GA 448 -73.32 -78.27 102.39
N LEU GA 449 -73.99 -77.13 102.48
CA LEU GA 449 -74.89 -76.84 103.60
C LEU GA 449 -76.20 -77.60 103.44
N ARG GA 450 -76.65 -77.73 102.20
CA ARG GA 450 -77.82 -78.54 101.83
C ARG GA 450 -77.65 -80.01 102.22
N ASN GA 451 -76.40 -80.49 102.19
CA ASN GA 451 -76.08 -81.86 102.60
C ASN GA 451 -75.52 -81.99 104.03
N GLN GA 452 -75.49 -80.90 104.78
CA GLN GA 452 -74.98 -80.88 106.17
C GLN GA 452 -73.54 -81.41 106.27
N ILE GA 453 -72.67 -80.94 105.39
CA ILE GA 453 -71.29 -81.42 105.30
C ILE GA 453 -70.40 -80.68 106.29
N HIS GA 454 -69.85 -81.40 107.27
CA HIS GA 454 -68.84 -80.86 108.18
C HIS GA 454 -68.14 -81.96 108.99
N VAL GA 455 -66.88 -81.71 109.34
CA VAL GA 455 -66.06 -82.64 110.11
C VAL GA 455 -66.23 -82.36 111.61
N LYS GA 456 -66.92 -83.25 112.33
CA LYS GA 456 -67.16 -83.07 113.77
C LYS GA 456 -65.94 -83.41 114.64
N SER GA 457 -65.99 -82.97 115.89
CA SER GA 457 -64.86 -83.10 116.83
C SER GA 457 -64.87 -84.34 117.72
N PRO GA 458 -65.93 -84.54 118.54
CA PRO GA 458 -65.84 -85.55 119.59
C PRO GA 458 -65.95 -86.99 119.07
N VAL HA 34 -59.32 64.85 117.72
CA VAL HA 34 -58.25 64.71 118.75
C VAL HA 34 -56.86 64.79 118.11
N ASP HA 35 -56.52 63.81 117.26
CA ASP HA 35 -55.24 63.78 116.56
C ASP HA 35 -55.41 64.14 115.08
N LEU HA 36 -55.89 65.36 114.86
CA LEU HA 36 -56.15 65.87 113.51
C LEU HA 36 -54.85 66.11 112.75
N GLU HA 37 -53.76 66.30 113.49
CA GLU HA 37 -52.42 66.40 112.91
C GLU HA 37 -52.00 65.16 112.12
N ASN HA 38 -51.90 64.02 112.81
CA ASN HA 38 -51.33 62.80 112.23
C ASN HA 38 -52.18 62.20 111.12
N GLN HA 39 -53.48 62.49 111.12
CA GLN HA 39 -54.37 62.01 110.07
C GLN HA 39 -54.09 62.66 108.72
N TYR HA 40 -53.83 63.97 108.73
CA TYR HA 40 -53.65 64.72 107.48
C TYR HA 40 -52.23 64.62 106.91
N TYR HA 41 -51.22 64.43 107.77
CA TYR HA 41 -49.85 64.21 107.29
C TYR HA 41 -49.65 62.80 106.74
N ASN HA 42 -50.52 61.87 107.14
CA ASN HA 42 -50.63 60.58 106.48
C ASN HA 42 -51.24 60.76 105.07
N SER HA 43 -52.22 61.64 104.96
CA SER HA 43 -52.86 61.99 103.68
C SER HA 43 -52.08 63.02 102.85
N LYS HA 44 -51.19 63.79 103.50
CA LYS HA 44 -50.32 64.75 102.81
C LYS HA 44 -49.13 64.01 102.18
N ALA HA 45 -48.59 63.05 102.92
CA ALA HA 45 -47.53 62.18 102.41
C ALA HA 45 -48.09 60.99 101.61
N LEU HA 46 -49.42 60.94 101.42
CA LEU HA 46 -50.10 59.83 100.75
C LEU HA 46 -49.89 59.84 99.24
N LYS HA 47 -50.15 60.98 98.61
CA LYS HA 47 -50.10 61.10 97.15
C LYS HA 47 -48.69 60.83 96.60
N GLU HA 48 -47.85 61.87 96.59
CA GLU HA 48 -46.45 61.76 96.15
C GLU HA 48 -46.29 61.33 94.68
N ASP HA 49 -46.62 60.08 94.37
CA ASP HA 49 -46.37 59.44 93.07
C ASP HA 49 -44.93 58.93 93.01
N ASP HA 50 -43.97 59.83 93.21
CA ASP HA 50 -42.57 59.47 93.38
C ASP HA 50 -42.35 58.82 94.75
N PRO HA 51 -41.43 57.83 94.83
CA PRO HA 51 -40.97 57.36 96.14
C PRO HA 51 -40.01 58.36 96.79
N LYS HA 52 -39.38 59.20 95.97
CA LYS HA 52 -38.42 60.21 96.41
C LYS HA 52 -38.97 61.07 97.55
N ALA HA 53 -38.43 60.85 98.76
CA ALA HA 53 -38.82 61.58 99.96
C ALA HA 53 -40.26 61.34 100.43
N ALA HA 54 -40.98 60.44 99.76
CA ALA HA 54 -42.33 60.06 100.18
C ALA HA 54 -42.28 59.35 101.53
N LEU HA 55 -41.23 58.56 101.73
CA LEU HA 55 -41.07 57.71 102.91
C LEU HA 55 -40.45 58.44 104.11
N SER HA 56 -39.91 59.65 103.89
CA SER HA 56 -39.37 60.47 104.98
C SER HA 56 -40.49 61.29 105.64
N SER HA 57 -41.43 61.78 104.83
CA SER HA 57 -42.61 62.50 105.34
C SER HA 57 -43.64 61.56 105.97
N PHE HA 58 -43.68 60.31 105.51
CA PHE HA 58 -44.47 59.26 106.16
C PHE HA 58 -43.95 58.99 107.58
N GLN HA 59 -42.63 58.96 107.73
CA GLN HA 59 -42.00 58.66 109.01
C GLN HA 59 -42.17 59.80 110.03
N LYS HA 60 -42.38 61.02 109.55
CA LYS HA 60 -42.71 62.15 110.42
C LYS HA 60 -44.14 62.10 110.99
N VAL HA 61 -44.97 61.21 110.44
CA VAL HA 61 -46.31 60.96 110.98
C VAL HA 61 -46.21 59.95 112.12
N LEU HA 62 -45.54 58.83 111.84
CA LEU HA 62 -45.29 57.77 112.83
C LEU HA 62 -44.51 58.30 114.03
N GLU HA 63 -43.40 58.99 113.75
CA GLU HA 63 -42.48 59.45 114.79
C GLU HA 63 -42.87 60.78 115.45
N LEU HA 64 -44.11 61.21 115.24
CA LEU HA 64 -44.75 62.15 116.16
C LEU HA 64 -45.37 61.31 117.30
N GLU HA 65 -44.55 60.42 117.86
CA GLU HA 65 -44.98 59.39 118.81
C GLU HA 65 -46.17 58.58 118.29
N GLY HA 66 -45.88 57.35 117.84
CA GLY HA 66 -46.95 56.42 117.47
C GLY HA 66 -47.66 55.95 118.73
N GLU HA 67 -48.49 56.83 119.30
CA GLU HA 67 -49.13 56.60 120.60
C GLU HA 67 -50.26 55.59 120.49
N LYS HA 68 -51.26 55.90 119.66
CA LYS HA 68 -52.37 55.00 119.37
C LYS HA 68 -51.91 53.88 118.43
N GLY HA 69 -51.17 54.26 117.38
CA GLY HA 69 -50.61 53.29 116.43
C GLY HA 69 -51.51 52.98 115.25
N GLU HA 70 -52.64 53.68 115.14
CA GLU HA 70 -53.58 53.50 114.03
C GLU HA 70 -53.05 54.20 112.78
N TRP HA 71 -52.45 55.38 112.97
CA TRP HA 71 -51.84 56.14 111.87
C TRP HA 71 -50.32 55.95 111.84
N GLY HA 72 -49.78 55.26 112.84
CA GLY HA 72 -48.44 54.71 112.78
C GLY HA 72 -48.41 53.48 111.88
N PHE HA 73 -49.52 52.73 111.89
CA PHE HA 73 -49.69 51.55 111.03
C PHE HA 73 -49.87 51.95 109.57
N LYS HA 74 -50.83 52.82 109.30
CA LYS HA 74 -51.13 53.27 107.93
C LYS HA 74 -50.02 54.12 107.32
N ALA HA 75 -49.14 54.66 108.16
CA ALA HA 75 -47.92 55.31 107.68
C ALA HA 75 -46.91 54.27 107.20
N LEU HA 76 -46.68 53.24 108.02
CA LEU HA 76 -45.74 52.17 107.69
C LEU HA 76 -46.29 51.20 106.64
N LYS HA 77 -47.59 50.94 106.69
CA LYS HA 77 -48.28 50.11 105.69
C LYS HA 77 -48.04 50.62 104.27
N GLN HA 78 -48.08 51.93 104.11
CA GLN HA 78 -47.82 52.59 102.83
C GLN HA 78 -46.33 52.58 102.47
N MET HA 79 -45.47 52.68 103.49
CA MET HA 79 -44.02 52.59 103.28
C MET HA 79 -43.59 51.22 102.79
N ILE HA 80 -44.28 50.17 103.23
CA ILE HA 80 -44.01 48.81 102.75
C ILE HA 80 -44.33 48.66 101.27
N LYS HA 81 -45.50 49.14 100.86
CA LYS HA 81 -45.94 49.02 99.46
C LYS HA 81 -45.06 49.81 98.47
N ILE HA 82 -44.23 50.71 99.00
CA ILE HA 82 -43.22 51.44 98.20
C ILE HA 82 -41.83 50.78 98.27
N ASN HA 83 -41.50 50.14 99.40
CA ASN HA 83 -40.17 49.52 99.58
C ASN HA 83 -39.93 48.24 98.77
N PHE HA 84 -40.81 47.24 98.91
CA PHE HA 84 -40.63 45.96 98.20
C PHE HA 84 -40.84 46.09 96.68
N LYS HA 85 -41.76 46.96 96.29
CA LYS HA 85 -42.10 47.15 94.88
C LYS HA 85 -40.99 47.90 94.13
N LEU HA 86 -40.33 48.84 94.82
CA LEU HA 86 -39.18 49.56 94.26
C LEU HA 86 -37.85 49.07 94.87
N THR HA 87 -37.50 47.82 94.54
CA THR HA 87 -36.14 47.26 94.72
C THR HA 87 -35.64 46.94 96.13
N ASN HA 88 -35.97 47.77 97.12
CA ASN HA 88 -35.28 47.73 98.42
C ASN HA 88 -35.98 46.83 99.46
N PHE HA 89 -35.57 45.56 99.51
CA PHE HA 89 -36.14 44.56 100.44
C PHE HA 89 -35.47 44.51 101.82
N PRO HA 90 -34.12 44.71 101.89
CA PRO HA 90 -33.50 44.85 103.21
C PRO HA 90 -34.06 46.03 104.02
N GLU HA 91 -34.30 47.15 103.35
CA GLU HA 91 -34.93 48.32 103.98
C GLU HA 91 -36.39 48.03 104.36
N MET HA 92 -37.06 47.21 103.55
CA MET HA 92 -38.46 46.86 103.79
C MET HA 92 -38.66 46.06 105.08
N MET HA 93 -37.82 45.04 105.29
CA MET HA 93 -38.00 44.11 106.43
C MET HA 93 -37.87 44.78 107.79
N ASN HA 94 -37.13 45.89 107.86
CA ASN HA 94 -37.08 46.73 109.06
C ASN HA 94 -38.45 47.33 109.37
N ARG HA 95 -39.08 47.90 108.34
CA ARG HA 95 -40.40 48.51 108.47
C ARG HA 95 -41.49 47.44 108.60
N TYR HA 96 -41.23 46.27 108.02
CA TYR HA 96 -42.17 45.15 108.08
C TYR HA 96 -42.40 44.70 109.52
N LYS HA 97 -41.30 44.61 110.27
CA LYS HA 97 -41.35 44.17 111.66
C LYS HA 97 -41.77 45.29 112.63
N GLN HA 98 -41.63 46.54 112.18
CA GLN HA 98 -42.22 47.68 112.89
C GLN HA 98 -43.75 47.56 112.90
N LEU HA 99 -44.32 47.21 111.74
CA LEU HA 99 -45.77 47.05 111.59
C LEU HA 99 -46.33 45.94 112.46
N LEU HA 100 -45.58 44.86 112.62
CA LEU HA 100 -46.05 43.69 113.36
C LEU HA 100 -46.12 43.92 114.88
N THR HA 101 -45.58 45.05 115.35
CA THR HA 101 -45.74 45.46 116.75
C THR HA 101 -47.20 45.85 117.02
N TYR HA 102 -47.84 46.51 116.06
CA TYR HA 102 -49.24 46.92 116.18
C TYR HA 102 -50.20 45.76 115.83
N ILE HA 103 -50.29 44.78 116.72
CA ILE HA 103 -51.26 43.68 116.58
C ILE HA 103 -51.96 43.40 117.91
N ARG HA 104 -51.17 43.22 118.97
CA ARG HA 104 -51.73 43.11 120.33
C ARG HA 104 -52.30 44.44 120.81
N SER HA 105 -51.71 45.54 120.33
CA SER HA 105 -52.21 46.90 120.62
C SER HA 105 -52.36 47.69 119.33
N ALA HA 106 -53.06 48.82 119.42
CA ALA HA 106 -53.24 49.78 118.31
C ALA HA 106 -54.36 49.41 117.32
N VAL HA 107 -54.19 48.27 116.63
CA VAL HA 107 -55.10 47.87 115.57
C VAL HA 107 -55.76 46.52 115.90
N THR HA 108 -57.02 46.36 115.52
CA THR HA 108 -57.75 45.10 115.74
C THR HA 108 -57.24 44.02 114.78
N ARG HA 109 -57.48 42.76 115.12
CA ARG HA 109 -56.98 41.64 114.32
C ARG HA 109 -57.70 41.52 112.96
N ASN HA 110 -58.89 42.12 112.84
CA ASN HA 110 -59.65 42.11 111.59
C ASN HA 110 -58.95 42.85 110.47
N TYR HA 111 -58.63 44.12 110.72
CA TYR HA 111 -57.94 44.95 109.72
C TYR HA 111 -56.47 44.55 109.57
N SER HA 112 -55.82 44.18 110.67
CA SER HA 112 -54.41 43.77 110.63
C SER HA 112 -54.20 42.40 109.96
N GLU HA 113 -55.26 41.59 109.90
CA GLU HA 113 -55.22 40.31 109.19
C GLU HA 113 -55.13 40.52 107.68
N LYS HA 114 -55.99 41.40 107.15
CA LYS HA 114 -55.97 41.72 105.73
C LYS HA 114 -54.73 42.51 105.30
N SER HA 115 -54.12 43.23 106.24
CA SER HA 115 -52.93 44.04 105.96
C SER HA 115 -51.73 43.21 105.51
N ILE HA 116 -51.47 42.11 106.19
CA ILE HA 116 -50.36 41.23 105.87
C ILE HA 116 -50.74 40.25 104.75
N ASN HA 117 -52.04 39.95 104.62
CA ASN HA 117 -52.54 39.13 103.51
C ASN HA 117 -52.16 39.69 102.14
N SER HA 118 -52.61 40.92 101.87
CA SER HA 118 -52.40 41.56 100.56
C SER HA 118 -50.94 41.97 100.32
N ILE HA 119 -50.21 42.32 101.39
CA ILE HA 119 -48.79 42.65 101.29
C ILE HA 119 -47.95 41.40 100.97
N LEU HA 120 -48.45 40.23 101.34
CA LEU HA 120 -47.85 38.96 100.91
C LEU HA 120 -48.36 38.53 99.53
N ASP HA 121 -49.59 38.90 99.17
CA ASP HA 121 -50.13 38.65 97.83
C ASP HA 121 -49.36 39.41 96.74
N TYR HA 122 -48.94 40.63 97.06
CA TYR HA 122 -48.13 41.43 96.13
C TYR HA 122 -46.74 40.82 95.95
N ILE HA 123 -46.12 40.38 97.05
CA ILE HA 123 -44.77 39.81 97.03
C ILE HA 123 -44.78 38.34 96.55
N SER HA 124 -45.93 37.66 96.69
CA SER HA 124 -46.08 36.28 96.22
C SER HA 124 -46.01 36.19 94.70
N THR HA 125 -46.83 37.00 94.03
CA THR HA 125 -46.88 37.02 92.56
C THR HA 125 -45.65 37.71 91.95
N SER HA 126 -45.17 38.77 92.61
CA SER HA 126 -44.02 39.53 92.13
C SER HA 126 -42.70 38.77 92.32
N LYS HA 127 -42.12 38.82 93.52
CA LYS HA 127 -40.84 38.18 93.78
C LYS HA 127 -41.02 36.68 94.02
N GLN HA 128 -39.90 35.97 94.00
CA GLN HA 128 -39.91 34.52 94.03
C GLN HA 128 -39.86 34.00 95.47
N MET HA 129 -39.65 32.69 95.59
CA MET HA 129 -39.49 32.02 96.89
C MET HA 129 -38.40 32.67 97.77
N ASP HA 130 -37.29 33.07 97.16
CA ASP HA 130 -36.11 33.55 97.91
C ASP HA 130 -36.28 34.92 98.57
N LEU HA 131 -37.32 35.68 98.19
CA LEU HA 131 -37.69 36.90 98.90
C LEU HA 131 -39.07 36.83 99.56
N LEU HA 132 -39.80 35.74 99.31
CA LEU HA 132 -41.13 35.54 99.90
C LEU HA 132 -41.09 34.80 101.23
N GLN HA 133 -40.13 33.89 101.38
CA GLN HA 133 -40.08 32.97 102.52
C GLN HA 133 -39.57 33.60 103.82
N GLU HA 134 -38.76 34.65 103.72
CA GLU HA 134 -38.24 35.33 104.91
C GLU HA 134 -39.35 36.07 105.66
N PHE HA 135 -40.34 36.54 104.90
CA PHE HA 135 -41.47 37.28 105.47
C PHE HA 135 -42.54 36.34 106.04
N TYR HA 136 -42.70 35.15 105.45
CA TYR HA 136 -43.61 34.13 105.98
C TYR HA 136 -43.17 33.65 107.37
N GLU HA 137 -41.86 33.50 107.54
CA GLU HA 137 -41.28 33.08 108.83
C GLU HA 137 -41.34 34.20 109.87
N THR HA 138 -40.85 35.38 109.49
CA THR HA 138 -40.81 36.52 110.42
C THR HA 138 -42.19 37.04 110.81
N THR HA 139 -43.22 36.69 110.02
CA THR HA 139 -44.60 36.96 110.39
C THR HA 139 -45.01 36.07 111.58
N LEU HA 140 -44.82 34.76 111.43
CA LEU HA 140 -45.17 33.78 112.47
C LEU HA 140 -44.41 34.01 113.78
N GLU HA 141 -43.21 34.59 113.70
CA GLU HA 141 -42.45 34.98 114.89
C GLU HA 141 -43.22 35.99 115.74
N ALA HA 142 -43.81 36.99 115.09
CA ALA HA 142 -44.66 37.96 115.75
C ALA HA 142 -46.00 37.34 116.16
N LEU HA 143 -46.49 36.38 115.38
CA LEU HA 143 -47.74 35.67 115.70
C LEU HA 143 -47.58 34.59 116.77
N LYS HA 144 -46.76 34.85 117.79
CA LYS HA 144 -46.75 34.03 118.99
C LYS HA 144 -48.05 34.28 119.74
N ASP HA 145 -49.15 33.82 119.15
CA ASP HA 145 -50.50 34.19 119.59
C ASP HA 145 -51.35 32.94 119.85
N ALA HA 146 -52.23 33.05 120.85
CA ALA HA 146 -53.10 31.94 121.28
C ALA HA 146 -54.51 32.06 120.70
N LYS HA 147 -55.07 33.28 120.73
CA LYS HA 147 -56.44 33.53 120.22
C LYS HA 147 -56.49 33.64 118.69
N ASN HA 148 -55.33 33.83 118.05
CA ASN HA 148 -55.22 33.70 116.60
C ASN HA 148 -55.34 32.23 116.20
N ASP HA 149 -56.49 31.86 115.62
CA ASP HA 149 -56.74 30.50 115.16
C ASP HA 149 -56.57 30.43 113.65
N ARG HA 150 -57.42 31.15 112.92
CA ARG HA 150 -57.34 31.21 111.45
C ARG HA 150 -56.30 32.23 110.98
N LEU HA 151 -55.90 33.14 111.86
CA LEU HA 151 -54.81 34.08 111.60
C LEU HA 151 -53.48 33.34 111.68
N TRP HA 152 -53.34 32.51 112.72
CA TRP HA 152 -52.17 31.67 112.93
C TRP HA 152 -52.08 30.52 111.92
N PHE HA 153 -53.21 29.85 111.70
CA PHE HA 153 -53.27 28.64 110.85
C PHE HA 153 -53.00 28.90 109.36
N LYS HA 154 -53.53 30.00 108.83
CA LYS HA 154 -53.44 30.29 107.39
C LYS HA 154 -52.05 30.75 106.93
N THR HA 155 -51.27 31.35 107.83
CA THR HA 155 -49.86 31.66 107.55
C THR HA 155 -49.01 30.40 107.64
N ASN HA 156 -49.35 29.54 108.60
CA ASN HA 156 -48.62 28.31 108.85
C ASN HA 156 -48.92 27.24 107.80
N THR HA 157 -50.16 27.25 107.28
CA THR HA 157 -50.54 26.37 106.16
C THR HA 157 -49.77 26.75 104.89
N LYS HA 158 -49.60 28.05 104.67
CA LYS HA 158 -48.89 28.55 103.48
C LYS HA 158 -47.37 28.61 103.65
N LEU HA 159 -46.87 28.42 104.87
CA LEU HA 159 -45.44 28.17 105.09
C LEU HA 159 -45.11 26.73 104.73
N GLY HA 160 -46.08 25.83 104.91
CA GLY HA 160 -45.90 24.41 104.58
C GLY HA 160 -45.94 24.06 103.09
N LYS HA 161 -46.25 25.06 102.26
CA LYS HA 161 -46.26 24.89 100.80
C LYS HA 161 -44.91 25.28 100.17
N LEU HA 162 -44.29 26.33 100.68
CA LEU HA 162 -42.97 26.78 100.21
C LEU HA 162 -41.86 25.78 100.52
N TYR HA 163 -42.00 25.06 101.63
CA TYR HA 163 -40.99 24.10 102.07
C TYR HA 163 -40.97 22.82 101.23
N LEU HA 164 -42.03 22.59 100.46
CA LEU HA 164 -42.07 21.44 99.53
C LEU HA 164 -41.25 21.73 98.26
N GLU HA 165 -41.35 22.95 97.75
CA GLU HA 165 -40.54 23.41 96.61
C GLU HA 165 -39.06 23.54 96.99
N ARG HA 166 -38.82 23.96 98.23
CA ARG HA 166 -37.48 24.13 98.78
C ARG HA 166 -36.71 22.80 98.90
N GLU HA 167 -37.43 21.71 99.12
CA GLU HA 167 -36.86 20.41 99.53
C GLU HA 167 -36.39 20.48 100.99
N GLU HA 168 -37.19 21.16 101.83
CA GLU HA 168 -36.89 21.38 103.24
C GLU HA 168 -37.87 20.56 104.09
N TYR HA 169 -37.73 19.24 103.99
CA TYR HA 169 -38.71 18.32 104.55
C TYR HA 169 -38.58 18.16 106.07
N GLY HA 170 -37.39 18.44 106.60
CA GLY HA 170 -37.14 18.32 108.03
C GLY HA 170 -37.99 19.25 108.87
N LYS HA 171 -37.85 20.56 108.61
CA LYS HA 171 -38.64 21.57 109.31
C LYS HA 171 -40.11 21.52 108.90
N LEU HA 172 -40.38 21.05 107.69
CA LEU HA 172 -41.75 20.94 107.20
C LEU HA 172 -42.61 20.01 108.05
N GLN HA 173 -41.98 18.97 108.61
CA GLN HA 173 -42.69 18.04 109.50
C GLN HA 173 -43.08 18.70 110.81
N LYS HA 174 -42.23 19.58 111.33
CA LYS HA 174 -42.53 20.34 112.55
C LYS HA 174 -43.73 21.27 112.31
N ILE HA 175 -43.78 21.85 111.11
CA ILE HA 175 -44.89 22.72 110.72
C ILE HA 175 -46.20 21.91 110.69
N LEU HA 176 -46.16 20.72 110.10
CA LEU HA 176 -47.31 19.83 110.05
C LEU HA 176 -47.71 19.27 111.42
N ARG HA 177 -46.75 19.12 112.32
CA ARG HA 177 -47.02 18.69 113.70
C ARG HA 177 -47.82 19.72 114.47
N GLN HA 178 -47.50 21.00 114.26
CA GLN HA 178 -48.24 22.10 114.88
C GLN HA 178 -49.63 22.23 114.27
N LEU HA 179 -49.71 22.13 112.93
CA LEU HA 179 -50.97 22.22 112.20
C LEU HA 179 -51.95 21.12 112.62
N HIS HA 180 -51.47 19.88 112.67
CA HIS HA 180 -52.28 18.72 113.07
C HIS HA 180 -52.76 18.84 114.52
N GLN HA 181 -51.92 19.42 115.38
CA GLN HA 181 -52.27 19.60 116.79
C GLN HA 181 -53.18 20.81 117.05
N SER HA 182 -53.44 21.62 116.02
CA SER HA 182 -54.38 22.74 116.14
C SER HA 182 -55.83 22.25 116.25
N CYS HA 183 -56.16 21.20 115.49
CA CYS HA 183 -57.49 20.59 115.52
C CYS HA 183 -57.58 19.48 116.56
N GLN HA 184 -56.65 18.53 116.47
CA GLN HA 184 -56.59 17.39 117.40
C GLN HA 184 -55.57 17.66 118.50
N THR HA 196 -62.89 20.16 108.55
CA THR HA 196 -62.88 21.44 107.84
C THR HA 196 -61.48 21.85 107.37
N GLN HA 197 -60.59 22.07 108.32
CA GLN HA 197 -59.26 22.61 108.04
C GLN HA 197 -58.23 21.50 107.89
N LEU HA 198 -59.60 19.57 109.41
CA LEU HA 198 -58.44 18.67 109.52
C LEU HA 198 -58.07 18.08 108.15
N LEU HA 199 -58.94 18.23 107.15
CA LEU HA 199 -58.69 17.68 105.82
C LEU HA 199 -57.55 18.40 105.09
N GLU HA 200 -57.58 19.72 105.10
CA GLU HA 200 -56.55 20.54 104.46
C GLU HA 200 -55.15 20.39 105.09
N ILE HA 201 -55.08 19.83 106.29
CA ILE HA 201 -53.81 19.42 106.90
C ILE HA 201 -53.36 18.08 106.31
N TYR HA 202 -54.29 17.13 106.21
CA TYR HA 202 -54.01 15.82 105.59
C TYR HA 202 -53.70 15.93 104.09
N ALA HA 203 -54.13 17.03 103.46
CA ALA HA 203 -53.77 17.32 102.07
C ALA HA 203 -52.27 17.53 101.93
N LEU HA 204 -51.69 18.33 102.83
CA LEU HA 204 -50.25 18.62 102.84
C LEU HA 204 -49.38 17.45 103.33
N GLU HA 205 -49.98 16.55 104.12
CA GLU HA 205 -49.29 15.33 104.56
C GLU HA 205 -49.19 14.30 103.43
N ILE HA 206 -50.26 14.15 102.66
CA ILE HA 206 -50.28 13.27 101.48
C ILE HA 206 -49.44 13.85 100.33
N GLN HA 207 -49.25 15.16 100.33
CA GLN HA 207 -48.45 15.84 99.30
C GLN HA 207 -46.93 15.70 99.53
N MET HA 208 -46.52 15.61 100.80
CA MET HA 208 -45.10 15.45 101.16
C MET HA 208 -44.63 14.02 100.92
N TYR HA 209 -45.44 13.05 101.34
CA TYR HA 209 -45.11 11.63 101.19
C TYR HA 209 -45.32 11.09 99.76
N THR HA 210 -46.02 11.86 98.91
CA THR HA 210 -46.09 11.55 97.47
C THR HA 210 -44.75 11.91 96.79
N ALA HA 211 -44.06 12.91 97.34
CA ALA HA 211 -42.70 13.27 96.89
C ALA HA 211 -41.62 12.36 97.49
N GLN HA 212 -41.92 11.78 98.66
CA GLN HA 212 -40.97 10.94 99.40
C GLN HA 212 -41.02 9.47 98.98
N LYS HA 213 -42.22 9.00 98.60
CA LYS HA 213 -42.51 7.59 98.29
C LYS HA 213 -42.60 6.72 99.56
N ASN HA 214 -43.42 7.15 100.51
CA ASN HA 214 -43.71 6.38 101.73
C ASN HA 214 -45.12 5.83 101.63
N ASN HA 215 -45.24 4.62 101.08
CA ASN HA 215 -46.52 3.99 100.83
C ASN HA 215 -47.14 3.38 102.09
N LYS HA 216 -46.32 3.13 103.10
CA LYS HA 216 -46.77 2.52 104.34
C LYS HA 216 -47.53 3.51 105.21
N LYS HA 217 -47.15 4.79 105.13
CA LYS HA 217 -47.85 5.86 105.84
C LYS HA 217 -48.98 6.44 104.99
N LEU HA 218 -48.72 6.66 103.70
CA LEU HA 218 -49.73 7.18 102.76
C LEU HA 218 -51.02 6.35 102.79
N LYS HA 219 -50.88 5.03 102.86
CA LYS HA 219 -52.04 4.13 102.93
C LYS HA 219 -52.82 4.36 104.22
N ALA HA 220 -52.10 4.54 105.33
CA ALA HA 220 -52.73 4.88 106.61
C ALA HA 220 -53.35 6.28 106.59
N LEU HA 221 -52.69 7.22 105.93
CA LEU HA 221 -53.17 8.61 105.82
C LEU HA 221 -54.45 8.76 105.00
N TYR HA 222 -54.52 8.09 103.85
CA TYR HA 222 -55.70 8.17 102.98
C TYR HA 222 -56.93 7.54 103.63
N GLU HA 223 -56.74 6.38 104.26
CA GLU HA 223 -57.82 5.70 104.98
C GLU HA 223 -58.38 6.56 106.11
N GLN HA 224 -57.51 7.37 106.73
CA GLN HA 224 -57.91 8.28 107.81
C GLN HA 224 -58.44 9.62 107.29
N SER HA 225 -58.11 9.96 106.04
CA SER HA 225 -58.63 11.16 105.40
C SER HA 225 -59.91 10.90 104.59
N LEU HA 226 -60.58 9.78 104.85
CA LEU HA 226 -61.93 9.53 104.31
C LEU HA 226 -63.00 9.62 105.41
N HIS HA 227 -62.58 9.58 106.67
CA HIS HA 227 -63.48 9.79 107.81
C HIS HA 227 -63.57 11.29 108.12
N ILE HA 228 -62.47 12.00 107.83
CA ILE HA 228 -62.40 13.46 107.98
C ILE HA 228 -62.99 14.16 106.74
N LYS HA 229 -63.11 13.41 105.64
CA LYS HA 229 -63.70 13.90 104.40
C LYS HA 229 -65.21 14.19 104.53
N SER HA 230 -65.82 13.65 105.58
CA SER HA 230 -67.24 13.86 105.85
C SER HA 230 -67.52 15.23 106.50
N ALA HA 231 -66.96 15.46 107.70
CA ALA HA 231 -67.21 16.70 108.45
C ALA HA 231 -66.36 17.86 107.93
N ILE HA 232 -66.79 18.45 106.83
CA ILE HA 232 -66.05 19.52 106.15
C ILE HA 232 -66.92 20.18 105.07
N PRO HA 233 -66.74 21.51 104.85
CA PRO HA 233 -67.19 22.15 103.61
C PRO HA 233 -66.54 21.53 102.36
N HIS HA 234 -66.31 22.31 101.30
CA HIS HA 234 -65.87 21.73 100.02
C HIS HA 234 -64.83 22.59 99.27
N PRO HA 235 -63.55 22.19 99.32
CA PRO HA 235 -62.49 22.82 98.53
C PRO HA 235 -61.98 21.93 97.39
N LEU HA 236 -61.00 22.44 96.66
CA LEU HA 236 -60.26 21.65 95.67
C LEU HA 236 -59.53 20.49 96.34
N ILE HA 237 -59.00 20.74 97.53
CA ILE HA 237 -58.27 19.73 98.31
C ILE HA 237 -58.96 18.36 98.41
N MET HA 238 -60.29 18.33 98.37
CA MET HA 238 -61.04 17.06 98.39
C MET HA 238 -60.78 16.15 97.17
N GLY HA 239 -60.10 16.66 96.16
CA GLY HA 239 -59.60 15.85 95.04
C GLY HA 239 -58.10 15.58 95.08
N VAL HA 240 -57.36 16.35 95.87
CA VAL HA 240 -55.91 16.17 96.03
C VAL HA 240 -55.61 14.87 96.78
N ILE HA 241 -56.49 14.49 97.71
CA ILE HA 241 -56.34 13.25 98.47
C ILE HA 241 -56.89 12.02 97.74
N ARG HA 242 -57.89 12.22 96.90
CA ARG HA 242 -58.53 11.14 96.15
C ARG HA 242 -57.65 10.59 95.03
N GLU HA 243 -56.93 11.49 94.38
CA GLU HA 243 -55.98 11.11 93.33
C GLU HA 243 -54.78 10.34 93.91
N CYS HA 244 -54.24 10.81 95.03
CA CYS HA 244 -53.15 10.11 95.73
C CYS HA 244 -53.63 8.83 96.43
N GLY HA 245 -54.92 8.80 96.78
CA GLY HA 245 -55.53 7.61 97.38
C GLY HA 245 -55.79 6.49 96.38
N GLY HA 246 -56.15 6.86 95.16
CA GLY HA 246 -56.29 5.91 94.05
C GLY HA 246 -54.96 5.27 93.68
N LYS HA 247 -53.87 6.01 93.86
CA LYS HA 247 -52.51 5.51 93.60
C LYS HA 247 -52.08 4.37 94.53
N MET HA 248 -52.69 4.29 95.71
CA MET HA 248 -52.43 3.19 96.64
C MET HA 248 -53.49 2.09 96.52
N HIS HA 249 -54.21 2.09 95.40
CA HIS HA 249 -55.03 0.94 94.98
C HIS HA 249 -54.63 0.42 93.59
N LEU HA 250 -53.86 1.21 92.84
CA LEU HA 250 -53.13 0.72 91.67
C LEU HA 250 -51.90 -0.05 92.12
N ARG HA 251 -51.15 0.55 93.02
CA ARG HA 251 -49.98 -0.07 93.63
C ARG HA 251 -50.36 -1.39 94.31
N GLU HA 252 -51.43 -1.33 95.10
CA GLU HA 252 -51.93 -2.48 95.87
C GLU HA 252 -52.47 -3.57 94.96
N GLY HA 253 -52.97 -3.18 93.79
CA GLY HA 253 -53.43 -4.13 92.78
C GLY HA 253 -54.90 -3.99 92.48
N GLU HA 254 -55.70 -3.81 93.53
CA GLU HA 254 -57.16 -3.70 93.40
C GLU HA 254 -57.54 -2.45 92.62
N PHE HA 255 -57.58 -2.60 91.29
CA PHE HA 255 -57.81 -1.47 90.37
C PHE HA 255 -59.24 -0.94 90.41
N GLU HA 256 -60.16 -1.70 91.00
CA GLU HA 256 -61.54 -1.25 91.15
C GLU HA 256 -61.66 -0.13 92.19
N LYS HA 257 -60.70 -0.05 93.11
CA LYS HA 257 -60.67 1.00 94.14
C LYS HA 257 -59.74 2.18 93.78
N ALA HA 258 -59.10 2.09 92.60
CA ALA HA 258 -58.34 3.21 92.04
C ALA HA 258 -59.16 3.88 90.94
N HIS HA 259 -59.69 3.06 90.03
CA HIS HA 259 -60.61 3.49 88.98
C HIS HA 259 -61.59 4.58 89.44
N THR HA 260 -62.40 4.27 90.43
CA THR HA 260 -63.41 5.22 90.94
C THR HA 260 -62.77 6.42 91.68
N ASP HA 261 -61.60 6.20 92.29
CA ASP HA 261 -60.86 7.28 92.96
C ASP HA 261 -60.40 8.37 91.98
N PHE HA 262 -59.97 7.95 90.79
CA PHE HA 262 -59.46 8.89 89.78
C PHE HA 262 -60.55 9.61 89.00
N PHE HA 263 -61.80 9.13 89.10
CA PHE HA 263 -62.93 9.81 88.48
C PHE HA 263 -63.36 11.02 89.32
N GLU HA 264 -63.34 10.85 90.64
CA GLU HA 264 -63.73 11.90 91.57
C GLU HA 264 -62.68 13.00 91.69
N ALA HA 265 -61.40 12.60 91.64
CA ALA HA 265 -60.29 13.55 91.67
C ALA HA 265 -60.22 14.37 90.38
N PHE HA 266 -60.51 13.73 89.25
CA PHE HA 266 -60.59 14.41 87.95
C PHE HA 266 -61.68 15.49 87.94
N LYS HA 267 -62.79 15.20 88.61
CA LYS HA 267 -63.93 16.13 88.70
C LYS HA 267 -63.63 17.38 89.56
N ASN HA 268 -62.75 17.24 90.56
CA ASN HA 268 -62.34 18.39 91.38
C ASN HA 268 -61.39 19.35 90.66
N TYR HA 269 -60.59 18.81 89.74
CA TYR HA 269 -59.74 19.64 88.87
C TYR HA 269 -60.57 20.24 87.73
N ASP HA 270 -61.69 19.59 87.41
CA ASP HA 270 -62.62 20.08 86.39
C ASP HA 270 -63.32 21.37 86.82
N GLU HA 271 -63.66 21.48 88.10
CA GLU HA 271 -64.34 22.67 88.63
C GLU HA 271 -63.37 23.84 88.78
N SER HA 272 -62.27 23.57 89.48
CA SER HA 272 -61.26 24.60 89.77
C SER HA 272 -60.05 24.45 88.83
N GLY HA 273 -58.83 24.57 89.37
CA GLY HA 273 -57.62 24.51 88.57
C GLY HA 273 -57.35 23.12 88.01
N SER HA 274 -56.66 23.07 86.88
CA SER HA 274 -56.42 21.83 86.16
C SER HA 274 -54.93 21.62 85.82
N PRO HA 275 -54.05 21.62 86.84
CA PRO HA 275 -52.67 21.19 86.60
C PRO HA 275 -52.56 19.66 86.54
N ARG HA 276 -53.39 18.98 87.32
CA ARG HA 276 -53.42 17.52 87.35
C ARG HA 276 -54.51 16.91 86.47
N ARG HA 277 -55.49 17.72 86.04
CA ARG HA 277 -56.58 17.24 85.18
C ARG HA 277 -56.06 16.63 83.88
N THR HA 278 -55.00 17.21 83.32
CA THR HA 278 -54.37 16.71 82.10
C THR HA 278 -53.63 15.38 82.31
N THR HA 279 -53.14 15.13 83.53
CA THR HA 279 -52.49 13.87 83.87
C THR HA 279 -53.33 12.95 84.78
N CYS HA 280 -54.46 13.46 85.28
CA CYS HA 280 -55.36 12.67 86.12
C CYS HA 280 -56.19 11.72 85.27
N LEU HA 281 -56.55 12.17 84.07
CA LEU HA 281 -57.26 11.33 83.10
C LEU HA 281 -56.39 10.15 82.64
N LYS HA 282 -55.08 10.34 82.67
CA LYS HA 282 -54.15 9.24 82.36
C LYS HA 282 -54.30 8.07 83.32
N TYR HA 283 -54.68 8.35 84.56
CA TYR HA 283 -54.89 7.31 85.58
C TYR HA 283 -56.32 6.78 85.60
N LEU HA 284 -57.27 7.56 85.10
CA LEU HA 284 -58.64 7.10 84.92
C LEU HA 284 -58.75 6.11 83.76
N VAL HA 285 -58.01 6.38 82.68
CA VAL HA 285 -57.97 5.49 81.51
C VAL HA 285 -57.11 4.26 81.79
N LEU HA 286 -55.94 4.48 82.38
CA LEU HA 286 -55.04 3.39 82.78
C LEU HA 286 -55.73 2.39 83.72
N ALA HA 287 -56.65 2.89 84.54
CA ALA HA 287 -57.47 2.03 85.39
C ALA HA 287 -58.39 1.15 84.54
N ASN HA 288 -59.18 1.79 83.67
CA ASN HA 288 -60.18 1.08 82.86
C ASN HA 288 -59.62 -0.03 81.98
N MET HA 289 -58.41 0.15 81.47
CA MET HA 289 -57.72 -0.89 80.71
C MET HA 289 -57.26 -1.99 81.65
N LEU HA 290 -56.50 -1.61 82.68
CA LEU HA 290 -55.99 -2.56 83.67
C LEU HA 290 -57.08 -3.13 84.57
N MET HA 291 -58.24 -2.48 84.58
CA MET HA 291 -59.44 -3.03 85.21
C MET HA 291 -59.87 -4.31 84.47
N LYS HA 292 -59.40 -4.44 83.21
CA LYS HA 292 -59.55 -5.67 82.42
C LYS HA 292 -61.02 -5.97 82.15
N SER HA 293 -61.74 -4.91 81.75
CA SER HA 293 -63.19 -4.96 81.62
C SER HA 293 -63.74 -3.61 81.15
N GLY HA 294 -63.29 -2.53 81.80
CA GLY HA 294 -63.74 -1.17 81.51
C GLY HA 294 -63.78 -0.82 80.04
N ILE HA 295 -62.60 -0.63 79.44
CA ILE HA 295 -62.45 -0.28 78.01
C ILE HA 295 -63.50 0.72 77.46
N ASN HA 296 -63.95 1.64 78.31
CA ASN HA 296 -64.97 2.64 77.96
C ASN HA 296 -64.73 3.97 78.70
N PRO HA 297 -63.62 4.66 78.38
CA PRO HA 297 -63.26 5.87 79.15
C PRO HA 297 -63.92 7.18 78.68
N PHE HA 298 -63.72 7.54 77.42
CA PHE HA 298 -64.13 8.85 76.89
C PHE HA 298 -65.63 8.95 76.62
N ASP HA 299 -66.35 7.85 76.78
CA ASP HA 299 -67.80 7.82 76.64
C ASP HA 299 -68.50 8.16 77.97
N SER HA 300 -67.73 8.49 79.00
CA SER HA 300 -68.28 8.70 80.34
C SER HA 300 -69.09 10.00 80.47
N GLN HA 301 -68.45 11.09 80.87
CA GLN HA 301 -69.15 12.36 81.15
C GLN HA 301 -68.24 13.57 80.92
N GLU HA 302 -67.30 13.80 81.83
CA GLU HA 302 -66.39 14.95 81.77
C GLU HA 302 -65.19 14.68 80.86
N ALA HA 303 -65.00 13.43 80.43
CA ALA HA 303 -63.92 13.07 79.53
C ALA HA 303 -64.31 13.19 78.06
N LYS HA 304 -65.53 13.65 77.78
CA LYS HA 304 -66.01 13.80 76.40
C LYS HA 304 -65.36 14.97 75.64
N PRO HA 305 -65.36 16.18 76.23
CA PRO HA 305 -64.75 17.31 75.51
C PRO HA 305 -63.23 17.42 75.69
N TYR HA 306 -62.66 16.66 76.60
CA TYR HA 306 -61.22 16.65 76.83
C TYR HA 306 -60.54 15.36 76.33
N LYS HA 307 -61.30 14.50 75.64
CA LYS HA 307 -60.70 13.36 74.93
C LYS HA 307 -59.88 13.86 73.74
N ASN HA 308 -60.27 15.02 73.23
CA ASN HA 308 -59.58 15.68 72.11
C ASN HA 308 -58.22 16.22 72.55
N ASP HA 309 -58.17 16.79 73.76
CA ASP HA 309 -56.95 17.33 74.38
C ASP HA 309 -55.68 16.62 73.85
N PRO HA 310 -54.76 17.38 73.22
CA PRO HA 310 -53.61 16.76 72.55
C PRO HA 310 -52.51 16.23 73.48
N GLU HA 311 -52.69 16.36 74.79
CA GLU HA 311 -51.79 15.75 75.77
C GLU HA 311 -52.17 14.29 76.01
N ILE HA 312 -53.45 14.06 76.33
CA ILE HA 312 -53.95 12.71 76.63
C ILE HA 312 -54.37 11.91 75.39
N LEU HA 313 -54.22 12.50 74.20
CA LEU HA 313 -54.56 11.82 72.95
C LEU HA 313 -53.58 10.68 72.64
N ALA HA 314 -52.45 10.63 73.36
CA ALA HA 314 -51.55 9.48 73.32
C ALA HA 314 -52.20 8.23 73.94
N MET HA 315 -53.07 8.44 74.93
CA MET HA 315 -53.80 7.35 75.60
C MET HA 315 -55.10 6.96 74.88
N THR HA 316 -55.64 7.88 74.07
CA THR HA 316 -56.84 7.60 73.26
C THR HA 316 -56.53 6.56 72.16
N ASN HA 317 -55.31 6.60 71.63
CA ASN HA 317 -54.86 5.61 70.64
C ASN HA 317 -54.67 4.22 71.24
N LEU HA 318 -54.37 4.16 72.53
CA LEU HA 318 -54.10 2.90 73.21
C LEU HA 318 -55.36 2.18 73.68
N VAL HA 319 -56.37 2.93 74.11
CA VAL HA 319 -57.61 2.31 74.63
C VAL HA 319 -58.34 1.51 73.56
N SER HA 320 -58.37 2.02 72.34
CA SER HA 320 -58.96 1.28 71.22
C SER HA 320 -58.02 0.17 70.72
N ALA HA 321 -56.71 0.40 70.82
CA ALA HA 321 -55.71 -0.62 70.52
C ALA HA 321 -55.76 -1.77 71.51
N TYR HA 322 -56.04 -1.45 72.78
CA TYR HA 322 -56.27 -2.44 73.83
C TYR HA 322 -57.61 -3.18 73.61
N GLN HA 323 -58.65 -2.40 73.32
CA GLN HA 323 -59.99 -2.93 73.09
C GLN HA 323 -60.02 -3.87 71.87
N ASN HA 324 -59.38 -3.44 70.78
CA ASN HA 324 -59.31 -4.24 69.55
C ASN HA 324 -58.19 -5.30 69.56
N ASN HA 325 -57.33 -5.27 70.57
CA ASN HA 325 -56.26 -6.24 70.74
C ASN HA 325 -55.23 -6.18 69.61
N ASP HA 326 -54.83 -4.97 69.25
CA ASP HA 326 -53.82 -4.76 68.22
C ASP HA 326 -52.52 -4.38 68.90
N ILE HA 327 -51.53 -5.27 68.81
CA ILE HA 327 -50.25 -5.09 69.53
C ILE HA 327 -49.27 -4.24 68.74
N THR HA 328 -49.09 -4.57 67.46
CA THR HA 328 -48.21 -3.81 66.58
C THR HA 328 -48.59 -2.33 66.57
N GLU HA 329 -49.89 -2.04 66.70
CA GLU HA 329 -50.41 -0.68 66.84
C GLU HA 329 -50.10 -0.12 68.23
N PHE HA 330 -50.37 -0.92 69.25
CA PHE HA 330 -50.12 -0.54 70.65
C PHE HA 330 -48.67 -0.14 70.89
N GLU HA 331 -47.74 -0.99 70.41
CA GLU HA 331 -46.31 -0.78 70.63
C GLU HA 331 -45.72 0.35 69.78
N LYS HA 332 -46.37 0.65 68.65
CA LYS HA 332 -45.99 1.80 67.82
C LYS HA 332 -46.27 3.10 68.55
N ILE HA 333 -47.37 3.12 69.31
CA ILE HA 333 -47.75 4.30 70.09
C ILE HA 333 -46.76 4.52 71.24
N LEU HA 334 -46.20 3.43 71.78
CA LEU HA 334 -45.21 3.52 72.84
C LEU HA 334 -43.87 4.05 72.35
N LYS HA 335 -43.51 3.71 71.11
CA LYS HA 335 -42.25 4.14 70.52
C LYS HA 335 -42.28 5.62 70.13
N THR HA 336 -43.36 6.01 69.44
CA THR HA 336 -43.51 7.41 68.99
C THR HA 336 -43.80 8.33 70.17
N ASN HA 337 -44.90 8.09 70.87
CA ASN HA 337 -45.24 8.80 72.09
C ASN HA 337 -44.54 8.13 73.28
N HIS HA 338 -43.23 8.33 73.35
CA HIS HA 338 -42.40 7.79 74.41
C HIS HA 338 -42.36 8.75 75.58
N SER HA 339 -42.19 10.03 75.26
CA SER HA 339 -42.18 11.10 76.27
C SER HA 339 -43.52 11.18 77.04
N ASN HA 340 -44.63 10.99 76.32
CA ASN HA 340 -45.96 11.06 76.93
C ASN HA 340 -46.22 9.94 77.95
N ILE HA 341 -45.91 8.71 77.56
CA ILE HA 341 -46.30 7.52 78.33
C ILE HA 341 -45.15 6.98 79.18
N MET HA 342 -44.01 6.70 78.54
CA MET HA 342 -42.91 6.00 79.21
C MET HA 342 -42.05 6.86 80.15
N ASP HA 343 -42.36 8.15 80.28
CA ASP HA 343 -41.70 9.00 81.26
C ASP HA 343 -42.46 9.04 82.60
N ASP HA 344 -43.76 8.82 82.53
CA ASP HA 344 -44.61 8.77 83.72
C ASP HA 344 -44.34 7.45 84.46
N PRO HA 345 -43.91 7.52 85.74
CA PRO HA 345 -43.56 6.30 86.47
C PRO HA 345 -44.75 5.45 86.92
N PHE HA 346 -45.97 5.99 86.84
CA PHE HA 346 -47.18 5.23 87.14
C PHE HA 346 -47.77 4.52 85.92
N ILE HA 347 -47.28 4.86 84.73
CA ILE HA 347 -47.60 4.11 83.51
C ILE HA 347 -46.42 3.21 83.09
N ARG HA 348 -45.21 3.61 83.48
CA ARG HA 348 -44.00 2.82 83.23
C ARG HA 348 -43.97 1.52 84.03
N GLU HA 349 -44.62 1.51 85.19
CA GLU HA 349 -44.71 0.31 86.04
C GLU HA 349 -45.63 -0.76 85.43
N HIS HA 350 -46.86 -0.37 85.12
CA HIS HA 350 -47.90 -1.30 84.68
C HIS HA 350 -47.95 -1.52 83.16
N ILE HA 351 -46.88 -1.11 82.45
CA ILE HA 351 -46.83 -1.24 80.99
C ILE HA 351 -46.85 -2.70 80.51
N GLU HA 352 -46.11 -3.56 81.20
CA GLU HA 352 -45.94 -4.93 80.77
C GLU HA 352 -47.13 -5.81 81.16
N GLU HA 353 -47.67 -5.61 82.36
CA GLU HA 353 -48.88 -6.32 82.79
C GLU HA 353 -50.03 -6.03 81.82
N LEU HA 354 -50.07 -4.80 81.32
CA LEU HA 354 -51.05 -4.40 80.31
C LEU HA 354 -50.78 -5.07 78.97
N LEU HA 355 -49.50 -5.16 78.59
CA LEU HA 355 -49.10 -5.78 77.33
C LEU HA 355 -49.42 -7.28 77.31
N ARG HA 356 -49.21 -7.96 78.43
CA ARG HA 356 -49.61 -9.37 78.58
C ARG HA 356 -51.10 -9.58 78.32
N ASN HA 357 -51.92 -8.87 79.10
CA ASN HA 357 -53.39 -8.97 79.02
C ASN HA 357 -53.89 -9.03 77.58
N ILE HA 358 -53.21 -8.31 76.69
CA ILE HA 358 -53.49 -8.35 75.27
C ILE HA 358 -52.82 -9.58 74.64
N ARG HA 359 -51.50 -9.69 74.82
CA ARG HA 359 -50.71 -10.78 74.22
C ARG HA 359 -51.40 -12.12 74.28
N THR HA 360 -51.88 -12.47 75.47
CA THR HA 360 -52.64 -13.70 75.68
C THR HA 360 -53.90 -13.66 74.85
N GLN HA 361 -54.67 -12.58 75.01
CA GLN HA 361 -55.93 -12.40 74.28
C GLN HA 361 -55.76 -12.72 72.78
N VAL HA 362 -54.69 -12.17 72.20
CA VAL HA 362 -54.38 -12.41 70.79
C VAL HA 362 -54.10 -13.89 70.52
N LEU HA 363 -53.26 -14.48 71.37
CA LEU HA 363 -52.85 -15.86 71.18
C LEU HA 363 -54.02 -16.83 71.18
N ILE HA 364 -55.02 -16.57 72.02
CA ILE HA 364 -56.20 -17.44 72.11
C ILE HA 364 -56.87 -17.61 70.75
N LYS HA 365 -57.07 -16.50 70.05
CA LYS HA 365 -57.71 -16.49 68.74
C LYS HA 365 -56.83 -17.19 67.70
N LEU HA 366 -55.52 -16.95 67.76
CA LEU HA 366 -54.56 -17.56 66.85
C LEU HA 366 -54.59 -19.09 66.92
N ILE HA 367 -54.51 -19.62 68.13
CA ILE HA 367 -54.42 -21.06 68.35
C ILE HA 367 -55.74 -21.80 68.12
N LYS HA 368 -56.87 -21.15 68.44
CA LYS HA 368 -58.20 -21.76 68.35
C LYS HA 368 -58.36 -22.75 67.17
N PRO HA 369 -58.11 -22.30 65.93
CA PRO HA 369 -58.23 -23.19 64.77
C PRO HA 369 -57.21 -24.33 64.77
N TYR HA 370 -55.99 -24.06 65.23
CA TYR HA 370 -54.95 -25.08 65.28
C TYR HA 370 -55.28 -26.17 66.29
N THR HA 371 -54.68 -27.33 66.08
CA THR HA 371 -54.54 -28.35 67.13
C THR HA 371 -53.08 -28.48 67.53
N ARG HA 372 -52.18 -28.47 66.54
CA ARG HA 372 -50.74 -28.57 66.78
C ARG HA 372 -50.03 -27.42 66.07
N ILE HA 373 -49.10 -26.79 66.78
CA ILE HA 373 -48.51 -25.54 66.34
C ILE HA 373 -47.07 -25.35 66.84
N HIS HA 374 -46.21 -24.80 65.98
CA HIS HA 374 -44.81 -24.49 66.33
C HIS HA 374 -44.72 -23.32 67.30
N ILE HA 375 -43.78 -23.40 68.24
CA ILE HA 375 -43.45 -22.27 69.11
C ILE HA 375 -42.70 -21.18 68.33
N PRO HA 376 -41.73 -21.57 67.47
CA PRO HA 376 -41.06 -20.58 66.63
C PRO HA 376 -42.00 -19.67 65.84
N PHE HA 377 -43.13 -20.21 65.37
CA PHE HA 377 -44.11 -19.40 64.63
C PHE HA 377 -44.85 -18.44 65.57
N ILE HA 378 -45.25 -18.93 66.73
CA ILE HA 378 -45.93 -18.11 67.72
C ILE HA 378 -44.97 -17.01 68.18
N SER HA 379 -43.70 -17.36 68.32
CA SER HA 379 -42.64 -16.40 68.62
C SER HA 379 -42.65 -15.21 67.66
N LYS HA 380 -42.56 -15.51 66.37
CA LYS HA 380 -42.59 -14.47 65.34
C LYS HA 380 -43.92 -13.71 65.35
N GLU HA 381 -45.02 -14.44 65.52
CA GLU HA 381 -46.37 -13.86 65.44
C GLU HA 381 -46.60 -12.80 66.51
N LEU HA 382 -46.45 -13.18 67.78
CA LEU HA 382 -46.52 -12.20 68.86
C LEU HA 382 -45.27 -11.33 68.93
N ASN HA 383 -44.21 -11.76 68.25
CA ASN HA 383 -42.99 -10.98 68.09
C ASN HA 383 -42.28 -10.85 69.43
N ILE HA 384 -41.54 -11.90 69.78
CA ILE HA 384 -41.09 -12.09 71.15
C ILE HA 384 -40.13 -13.29 71.20
N ASP HA 385 -39.23 -13.31 72.18
CA ASP HA 385 -38.30 -14.42 72.35
C ASP HA 385 -39.02 -15.73 72.70
N VAL HA 386 -38.51 -16.84 72.16
CA VAL HA 386 -39.15 -18.16 72.30
C VAL HA 386 -39.37 -18.52 73.76
N ALA HA 387 -38.31 -18.44 74.56
CA ALA HA 387 -38.39 -18.76 75.97
C ALA HA 387 -39.54 -18.01 76.65
N ASP HA 388 -39.63 -16.71 76.39
CA ASP HA 388 -40.69 -15.86 76.97
C ASP HA 388 -42.09 -16.32 76.56
N VAL HA 389 -42.23 -16.78 75.32
CA VAL HA 389 -43.49 -17.35 74.85
C VAL HA 389 -43.78 -18.63 75.61
N GLU HA 390 -42.83 -19.56 75.55
CA GLU HA 390 -42.94 -20.84 76.24
C GLU HA 390 -43.42 -20.62 77.67
N SER HA 391 -42.79 -19.67 78.36
CA SER HA 391 -43.19 -19.31 79.71
C SER HA 391 -44.64 -18.86 79.76
N LEU HA 392 -44.97 -17.84 78.97
CA LEU HA 392 -46.31 -17.26 78.99
C LEU HA 392 -47.39 -18.31 78.73
N LEU HA 393 -47.11 -19.22 77.80
CA LEU HA 393 -48.02 -20.33 77.50
C LEU HA 393 -48.40 -21.12 78.75
N VAL HA 394 -47.39 -21.50 79.54
CA VAL HA 394 -47.59 -22.30 80.74
C VAL HA 394 -48.58 -21.64 81.69
N GLN HA 395 -48.45 -20.32 81.85
CA GLN HA 395 -49.24 -19.58 82.85
C GLN HA 395 -50.73 -19.67 82.52
N CYS HA 396 -51.05 -19.46 81.25
CA CYS HA 396 -52.41 -19.61 80.76
C CYS HA 396 -52.95 -21.01 81.07
N ILE HA 397 -52.10 -22.01 80.87
CA ILE HA 397 -52.45 -23.40 81.14
C ILE HA 397 -52.58 -23.65 82.64
N LEU HA 398 -51.68 -23.05 83.41
CA LEU HA 398 -51.71 -23.18 84.87
C LEU HA 398 -53.03 -22.66 85.44
N ASP HA 399 -53.37 -21.43 85.09
CA ASP HA 399 -54.65 -20.84 85.51
C ASP HA 399 -55.81 -21.45 84.74
N ASN HA 400 -55.50 -22.13 83.64
CA ASN HA 400 -56.44 -22.97 82.89
C ASN HA 400 -57.38 -22.15 82.02
N THR HA 401 -56.78 -21.35 81.14
CA THR HA 401 -57.50 -20.60 80.13
C THR HA 401 -57.26 -21.26 78.78
N ILE HA 402 -55.99 -21.35 78.39
CA ILE HA 402 -55.60 -22.09 77.20
C ILE HA 402 -55.67 -23.58 77.51
N HIS HA 403 -56.53 -24.30 76.80
CA HIS HA 403 -56.60 -25.74 76.90
C HIS HA 403 -55.54 -26.35 75.99
N GLY HA 404 -54.37 -26.67 76.56
CA GLY HA 404 -53.26 -27.19 75.77
C GLY HA 404 -52.10 -27.68 76.61
N ARG HA 405 -51.16 -28.37 75.96
CA ARG HA 405 -49.96 -28.89 76.62
C ARG HA 405 -48.75 -28.84 75.69
N ILE HA 406 -47.57 -28.73 76.29
CA ILE HA 406 -46.33 -28.42 75.57
C ILE HA 406 -45.41 -29.62 75.43
N ASP HA 407 -44.97 -29.91 74.20
CA ASP HA 407 -43.86 -30.83 73.96
C ASP HA 407 -42.59 -30.02 73.89
N GLN HA 408 -41.87 -29.98 75.00
CA GLN HA 408 -40.66 -29.17 75.13
C GLN HA 408 -39.56 -29.58 74.17
N VAL HA 409 -39.47 -30.88 73.90
CA VAL HA 409 -38.41 -31.40 73.04
C VAL HA 409 -38.61 -30.96 71.60
N ASN HA 410 -39.87 -30.92 71.15
CA ASN HA 410 -40.18 -30.59 69.77
C ASN HA 410 -40.50 -29.12 69.52
N GLN HA 411 -40.49 -28.31 70.57
CA GLN HA 411 -40.74 -26.87 70.45
C GLN HA 411 -42.07 -26.59 69.73
N LEU HA 412 -43.17 -27.03 70.35
CA LEU HA 412 -44.49 -26.92 69.75
C LEU HA 412 -45.57 -26.81 70.80
N LEU HA 413 -46.82 -26.88 70.39
CA LEU HA 413 -47.94 -26.94 71.33
C LEU HA 413 -49.10 -27.75 70.76
N GLU HA 414 -49.19 -29.01 71.18
CA GLU HA 414 -50.38 -29.82 70.92
C GLU HA 414 -51.50 -29.24 71.79
N LEU HA 415 -52.69 -29.10 71.20
CA LEU HA 415 -53.80 -28.45 71.87
C LEU HA 415 -54.91 -29.42 72.19
N ASP HA 416 -55.54 -29.21 73.35
CA ASP HA 416 -56.68 -30.00 73.76
C ASP HA 416 -57.76 -29.84 72.70
N HIS HA 417 -58.42 -30.94 72.38
CA HIS HA 417 -59.40 -30.97 71.29
C HIS HA 417 -59.93 -32.38 71.12
N GLN HA 418 -59.04 -33.36 71.15
CA GLN HA 418 -59.39 -34.78 70.98
C GLN HA 418 -60.59 -35.13 71.86
N LYS HA 419 -61.78 -34.97 71.29
CA LYS HA 419 -63.04 -35.11 72.00
C LYS HA 419 -63.82 -36.28 71.41
N ARG HA 420 -64.30 -37.15 72.30
CA ARG HA 420 -65.08 -38.31 71.91
C ARG HA 420 -66.05 -38.68 73.01
N GLY HA 421 -66.80 -39.77 72.80
CA GLY HA 421 -67.75 -40.25 73.79
C GLY HA 421 -67.08 -40.75 75.06
N GLY HA 422 -66.69 -39.82 75.93
CA GLY HA 422 -66.12 -40.17 77.23
C GLY HA 422 -67.18 -40.52 78.27
N ALA HA 423 -68.44 -40.19 77.96
CA ALA HA 423 -69.57 -40.44 78.87
C ALA HA 423 -69.89 -41.93 79.02
N ARG HA 424 -70.11 -42.59 77.89
CA ARG HA 424 -70.42 -44.02 77.84
C ARG HA 424 -69.52 -44.84 78.76
N TYR HA 425 -68.21 -44.64 78.63
CA TYR HA 425 -67.22 -45.45 79.33
C TYR HA 425 -67.18 -45.14 80.83
N THR HA 426 -67.22 -43.85 81.18
CA THR HA 426 -67.25 -43.41 82.58
C THR HA 426 -68.53 -43.79 83.30
N ALA HA 427 -69.66 -43.68 82.60
CA ALA HA 427 -70.96 -44.06 83.16
C ALA HA 427 -71.01 -45.56 83.43
N LEU HA 428 -70.67 -46.35 82.42
CA LEU HA 428 -70.61 -47.82 82.54
C LEU HA 428 -69.62 -48.26 83.63
N ASP HA 429 -68.53 -47.50 83.77
CA ASP HA 429 -67.54 -47.73 84.83
C ASP HA 429 -68.23 -47.86 86.20
N LYS HA 430 -69.15 -46.94 86.47
CA LYS HA 430 -69.88 -46.92 87.74
C LYS HA 430 -70.76 -48.16 87.88
N TRP HA 431 -71.55 -48.44 86.85
CA TRP HA 431 -72.43 -49.63 86.82
C TRP HA 431 -71.61 -50.91 87.03
N THR HA 432 -70.42 -50.96 86.44
CA THR HA 432 -69.50 -52.09 86.62
C THR HA 432 -69.10 -52.20 88.09
N ASN HA 433 -68.81 -51.07 88.73
CA ASN HA 433 -68.41 -51.06 90.13
C ASN HA 433 -69.53 -51.48 91.09
N GLN HA 434 -70.74 -50.99 90.86
CA GLN HA 434 -71.87 -51.32 91.73
C GLN HA 434 -72.20 -52.82 91.70
N LEU HA 435 -72.16 -53.41 90.51
CA LEU HA 435 -72.35 -54.86 90.35
C LEU HA 435 -71.29 -55.66 91.12
N ASN HA 436 -70.06 -55.16 91.13
CA ASN HA 436 -68.96 -55.81 91.85
C ASN HA 436 -69.28 -55.92 93.35
N SER HA 437 -69.65 -54.80 93.95
CA SER HA 437 -70.01 -54.76 95.35
C SER HA 437 -71.38 -55.42 95.62
N LEU HA 438 -72.26 -55.41 94.62
CA LEU HA 438 -73.59 -56.00 94.74
C LEU HA 438 -73.57 -57.51 94.84
N ASN HA 439 -72.95 -58.18 93.86
CA ASN HA 439 -72.96 -59.64 93.80
C ASN HA 439 -72.32 -60.31 95.01
N GLN HA 440 -71.29 -59.67 95.57
CA GLN HA 440 -70.65 -60.15 96.79
C GLN HA 440 -71.58 -60.05 98.00
N ALA HA 441 -72.44 -59.03 98.01
CA ALA HA 441 -73.46 -58.88 99.05
C ALA HA 441 -74.54 -59.96 98.97
N VAL HA 442 -74.77 -60.49 97.77
CA VAL HA 442 -75.70 -61.60 97.57
C VAL HA 442 -75.04 -62.95 97.90
N VAL HA 443 -73.72 -63.03 97.71
CA VAL HA 443 -72.95 -64.23 98.11
C VAL HA 443 -72.81 -64.32 99.62
N SER HA 444 -72.56 -63.19 100.28
CA SER HA 444 -72.41 -63.15 101.74
C SER HA 444 -73.73 -63.35 102.48
N LYS HA 445 -74.85 -63.26 101.76
CA LYS HA 445 -76.15 -63.69 102.29
C LYS HA 445 -76.16 -65.20 102.49
N LEU HA 446 -75.94 -65.94 101.40
CA LEU HA 446 -75.90 -67.40 101.43
C LEU HA 446 -74.53 -67.91 101.86
N ALA HA 447 -74.41 -68.23 103.14
CA ALA HA 447 -73.16 -68.71 103.76
C ALA HA 447 -72.08 -67.63 103.77
N SER IA 7 -74.93 -125.57 102.49
CA SER IA 7 -76.39 -125.71 102.24
C SER IA 7 -77.13 -124.37 102.15
N ALA IA 8 -76.66 -123.37 102.88
CA ALA IA 8 -77.31 -122.04 102.92
C ALA IA 8 -76.80 -121.09 101.84
N LEU IA 9 -75.50 -121.17 101.51
CA LEU IA 9 -74.87 -120.22 100.58
C LEU IA 9 -75.29 -120.37 99.10
N GLU IA 10 -75.86 -121.52 98.73
CA GLU IA 10 -76.29 -121.77 97.36
C GLU IA 10 -77.77 -121.47 97.12
N GLN IA 11 -78.45 -120.88 98.11
CA GLN IA 11 -79.90 -120.68 98.04
C GLN IA 11 -80.31 -119.30 97.53
N PHE IA 12 -79.69 -118.25 98.08
CA PHE IA 12 -80.09 -116.87 97.77
C PHE IA 12 -79.33 -116.25 96.58
N VAL IA 13 -78.79 -117.09 95.71
CA VAL IA 13 -78.31 -116.67 94.40
C VAL IA 13 -79.51 -116.53 93.46
N ASN IA 14 -80.55 -117.31 93.74
CA ASN IA 14 -81.81 -117.26 93.00
C ASN IA 14 -82.73 -116.13 93.47
N SER IA 15 -82.59 -115.73 94.74
CA SER IA 15 -83.40 -114.65 95.31
C SER IA 15 -83.08 -113.28 94.70
N VAL IA 16 -81.86 -113.13 94.19
CA VAL IA 16 -81.46 -111.89 93.51
C VAL IA 16 -82.06 -111.84 92.11
N ARG IA 17 -82.03 -112.97 91.40
CA ARG IA 17 -82.57 -113.08 90.05
C ARG IA 17 -84.10 -112.98 90.00
N GLN IA 18 -84.77 -113.41 91.07
CA GLN IA 18 -86.22 -113.32 91.17
C GLN IA 18 -86.69 -111.89 91.39
N LEU IA 19 -85.96 -111.13 92.20
CA LEU IA 19 -86.21 -109.70 92.37
C LEU IA 19 -85.83 -108.92 91.11
N SER IA 20 -84.78 -109.37 90.41
CA SER IA 20 -84.37 -108.77 89.14
C SER IA 20 -85.47 -108.97 88.09
N ALA IA 21 -85.63 -107.98 87.22
CA ALA IA 21 -86.73 -107.94 86.26
C ALA IA 21 -88.10 -107.94 86.95
N GLN IA 22 -88.29 -106.97 87.85
CA GLN IA 22 -89.57 -106.77 88.58
C GLN IA 22 -89.85 -105.27 88.77
N GLY IA 23 -91.04 -104.97 89.30
CA GLY IA 23 -91.42 -103.61 89.64
C GLY IA 23 -90.70 -103.09 90.88
N GLN IA 24 -90.36 -104.01 91.79
CA GLN IA 24 -89.65 -103.65 93.04
C GLN IA 24 -88.40 -104.51 93.26
N MET IA 25 -87.29 -103.83 93.56
CA MET IA 25 -86.04 -104.49 93.97
C MET IA 25 -85.62 -103.96 95.35
N THR IA 26 -86.56 -103.40 96.09
CA THR IA 26 -86.27 -102.81 97.41
C THR IA 26 -86.01 -103.87 98.49
N GLN IA 27 -86.33 -105.13 98.18
CA GLN IA 27 -85.97 -106.25 99.05
C GLN IA 27 -84.54 -106.73 98.78
N LEU IA 28 -84.01 -106.39 97.60
CA LEU IA 28 -82.59 -106.62 97.30
C LEU IA 28 -81.68 -105.66 98.07
N CYS IA 29 -82.25 -104.55 98.53
CA CYS IA 29 -81.53 -103.60 99.40
C CYS IA 29 -81.27 -104.17 100.80
N GLU IA 30 -82.00 -105.22 101.17
CA GLU IA 30 -81.79 -105.90 102.45
C GLU IA 30 -80.94 -107.18 102.31
N LEU IA 31 -80.91 -107.79 101.12
CA LEU IA 31 -80.04 -108.94 100.86
C LEU IA 31 -78.56 -108.56 100.79
N ILE IA 32 -78.25 -107.42 100.16
CA ILE IA 32 -76.87 -106.92 100.03
C ILE IA 32 -76.33 -106.43 101.37
N ASN IA 33 -77.23 -105.92 102.23
CA ASN IA 33 -76.85 -105.44 103.57
C ASN IA 33 -76.64 -106.57 104.59
N LYS IA 34 -77.37 -107.68 104.43
CA LYS IA 34 -77.26 -108.82 105.34
C LYS IA 34 -75.99 -109.64 105.08
N SER IA 35 -75.94 -110.31 103.93
CA SER IA 35 -74.76 -111.08 103.50
C SER IA 35 -74.54 -112.39 104.28
N GLY IA 36 -74.58 -112.32 105.60
CA GLY IA 36 -74.25 -113.45 106.47
C GLY IA 36 -72.88 -113.32 107.12
N GLU IA 37 -72.26 -112.15 106.97
CA GLU IA 37 -70.93 -111.85 107.52
C GLU IA 37 -69.83 -112.78 107.00
N LEU IA 38 -69.74 -113.98 107.57
CA LEU IA 38 -68.70 -114.94 107.18
C LEU IA 38 -69.06 -115.66 105.88
N LEU IA 39 -68.90 -114.94 104.75
CA LEU IA 39 -69.15 -115.52 103.42
C LEU IA 39 -67.97 -116.39 103.03
N ALA IA 40 -68.24 -117.65 102.71
CA ALA IA 40 -67.19 -118.62 102.44
C ALA IA 40 -66.44 -118.31 101.17
N LYS IA 41 -65.31 -119.00 100.98
CA LYS IA 41 -64.57 -119.00 99.72
C LYS IA 41 -65.41 -119.38 98.49
N ASN IA 42 -66.66 -119.79 98.72
CA ASN IA 42 -67.52 -120.35 97.67
C ASN IA 42 -68.10 -119.34 96.68
N LEU IA 43 -68.08 -118.05 97.02
CA LEU IA 43 -68.69 -117.02 96.17
C LEU IA 43 -67.95 -116.78 94.84
N SER IA 44 -66.73 -117.29 94.73
CA SER IA 44 -65.98 -117.28 93.47
C SER IA 44 -66.71 -118.08 92.39
N HIS IA 45 -67.28 -119.22 92.78
CA HIS IA 45 -68.08 -120.05 91.87
C HIS IA 45 -69.37 -119.34 91.47
N LEU IA 46 -70.11 -118.87 92.48
CA LEU IA 46 -71.46 -118.31 92.29
C LEU IA 46 -71.51 -117.10 91.38
N ASP IA 47 -70.36 -116.49 91.10
CA ASP IA 47 -70.28 -115.33 90.22
C ASP IA 47 -70.07 -115.71 88.74
N THR IA 48 -69.99 -117.02 88.43
CA THR IA 48 -69.79 -117.47 87.05
C THR IA 48 -71.11 -117.84 86.35
N VAL IA 49 -72.00 -118.54 87.05
CA VAL IA 49 -73.33 -118.87 86.53
C VAL IA 49 -74.28 -117.78 87.05
N LEU IA 50 -74.15 -116.59 86.47
CA LEU IA 50 -74.77 -115.40 87.04
C LEU IA 50 -75.19 -114.32 86.01
N GLY IA 51 -74.24 -113.89 85.17
CA GLY IA 51 -74.49 -112.84 84.18
C GLY IA 51 -75.66 -113.11 83.26
N ALA IA 52 -76.87 -112.85 83.75
CA ALA IA 52 -78.11 -113.16 83.02
C ALA IA 52 -78.72 -111.91 82.37
N LEU IA 53 -79.24 -110.99 83.19
CA LEU IA 53 -79.80 -109.74 82.68
C LEU IA 53 -78.65 -108.78 82.38
N ASP IA 54 -77.85 -108.50 83.42
CA ASP IA 54 -76.53 -107.88 83.26
C ASP IA 54 -75.73 -108.03 84.56
N VAL IA 55 -75.64 -109.28 85.04
CA VAL IA 55 -74.90 -109.64 86.25
C VAL IA 55 -75.52 -109.14 87.58
N GLN IA 56 -76.57 -108.32 87.51
CA GLN IA 56 -77.32 -107.85 88.70
C GLN IA 56 -76.45 -107.10 89.72
N GLU IA 57 -77.05 -106.73 90.85
CA GLU IA 57 -76.33 -106.19 92.00
C GLU IA 57 -75.69 -107.31 92.83
N HIS IA 58 -75.80 -108.54 92.35
CA HIS IA 58 -75.13 -109.71 92.93
C HIS IA 58 -73.62 -109.49 92.97
N SER IA 59 -73.05 -109.11 91.82
CA SER IA 59 -71.62 -108.85 91.71
C SER IA 59 -71.11 -107.86 92.76
N LEU IA 60 -71.94 -106.86 93.09
CA LEU IA 60 -71.59 -105.85 94.09
C LEU IA 60 -71.51 -106.43 95.50
N GLY IA 61 -72.46 -107.28 95.86
CA GLY IA 61 -72.44 -107.98 97.14
C GLY IA 61 -71.22 -108.87 97.30
N VAL IA 62 -70.79 -109.50 96.20
CA VAL IA 62 -69.63 -110.38 96.19
C VAL IA 62 -68.33 -109.59 96.31
N LEU IA 63 -68.16 -108.61 95.42
CA LEU IA 63 -66.93 -107.82 95.36
C LEU IA 63 -66.65 -107.03 96.63
N ALA IA 64 -67.69 -106.62 97.35
CA ALA IA 64 -67.55 -105.89 98.60
C ALA IA 64 -66.86 -106.72 99.67
N VAL IA 65 -67.16 -108.02 99.71
CA VAL IA 65 -66.58 -108.92 100.70
C VAL IA 65 -65.13 -109.29 100.36
N LEU IA 66 -64.82 -109.43 99.08
CA LEU IA 66 -63.47 -109.77 98.62
C LEU IA 66 -62.42 -108.75 99.05
N PHE IA 67 -62.69 -107.49 98.75
CA PHE IA 67 -61.72 -106.42 99.02
C PHE IA 67 -61.70 -105.98 100.49
N VAL IA 68 -62.72 -106.34 101.25
CA VAL IA 68 -62.76 -106.07 102.69
C VAL IA 68 -62.37 -107.33 103.48
N LYS IA 69 -61.56 -108.20 102.87
CA LYS IA 69 -60.88 -109.27 103.58
C LYS IA 69 -59.77 -108.68 104.45
N PHE IA 70 -59.08 -107.68 103.91
CA PHE IA 70 -57.88 -107.09 104.53
C PHE IA 70 -56.87 -108.18 104.93
N SER IA 71 -56.78 -109.22 104.09
CA SER IA 71 -56.03 -110.42 104.42
C SER IA 71 -55.97 -111.34 103.21
N MET IA 72 -54.84 -111.32 102.50
CA MET IA 72 -54.64 -112.14 101.30
C MET IA 72 -55.71 -111.81 100.26
N PRO IA 73 -55.46 -110.80 99.39
CA PRO IA 73 -56.51 -110.24 98.52
C PRO IA 73 -57.41 -111.30 97.91
N SER IA 74 -56.80 -112.25 97.22
CA SER IA 74 -57.48 -113.42 96.68
C SER IA 74 -56.39 -114.41 96.30
N VAL IA 75 -55.47 -114.64 97.25
CA VAL IA 75 -54.12 -115.16 96.99
C VAL IA 75 -53.41 -114.23 95.96
N PRO IA 76 -52.11 -114.47 95.67
CA PRO IA 76 -51.41 -113.60 94.70
C PRO IA 76 -52.04 -113.51 93.31
N ASP IA 77 -53.07 -114.31 93.03
CA ASP IA 77 -53.93 -114.11 91.87
C ASP IA 77 -54.82 -112.89 92.10
N PHE IA 78 -54.20 -111.72 92.16
CA PHE IA 78 -54.94 -110.46 92.23
C PHE IA 78 -55.18 -109.92 90.81
N GLU IA 79 -54.57 -110.57 89.82
CA GLU IA 79 -54.92 -110.36 88.41
C GLU IA 79 -56.28 -110.97 88.10
N THR IA 80 -56.61 -112.06 88.78
CA THR IA 80 -57.97 -112.63 88.73
C THR IA 80 -58.93 -111.69 89.46
N LEU IA 81 -58.46 -111.10 90.56
CA LEU IA 81 -59.24 -110.14 91.34
C LEU IA 81 -59.48 -108.81 90.61
N PHE IA 82 -58.52 -108.37 89.79
CA PHE IA 82 -58.69 -107.12 89.04
C PHE IA 82 -59.54 -107.30 87.79
N SER IA 83 -59.22 -108.33 87.00
CA SER IA 83 -60.01 -108.65 85.81
C SER IA 83 -61.46 -108.98 86.15
N GLN IA 84 -61.71 -109.35 87.41
CA GLN IA 84 -63.06 -109.50 87.95
C GLN IA 84 -63.78 -108.15 88.05
N VAL IA 85 -63.12 -107.18 88.67
CA VAL IA 85 -63.66 -105.83 88.83
C VAL IA 85 -63.62 -105.06 87.50
N GLN IA 86 -62.66 -105.40 86.65
CA GLN IA 86 -62.48 -104.74 85.35
C GLN IA 86 -63.72 -104.81 84.45
N LEU IA 87 -64.29 -106.02 84.34
CA LEU IA 87 -65.47 -106.24 83.49
C LEU IA 87 -66.76 -105.70 84.12
N PHE IA 88 -66.86 -105.74 85.44
CA PHE IA 88 -68.03 -105.24 86.16
C PHE IA 88 -68.19 -103.73 85.99
N ILE IA 89 -67.08 -103.01 86.07
CA ILE IA 89 -67.09 -101.54 85.97
C ILE IA 89 -67.26 -101.07 84.52
N SER IA 90 -66.85 -101.90 83.55
CA SER IA 90 -66.80 -101.48 82.15
C SER IA 90 -68.18 -101.27 81.50
N THR IA 91 -68.68 -102.29 80.81
CA THR IA 91 -69.94 -102.19 80.06
C THR IA 91 -71.10 -102.94 80.71
N CYS IA 92 -70.84 -103.59 81.84
CA CYS IA 92 -71.91 -104.21 82.62
C CYS IA 92 -72.77 -103.13 83.29
N ASN IA 93 -72.10 -102.15 83.88
CA ASN IA 93 -72.72 -101.00 84.58
C ASN IA 93 -73.99 -101.27 85.41
N GLY IA 94 -75.05 -101.74 84.75
CA GLY IA 94 -76.34 -101.92 85.39
C GLY IA 94 -77.21 -100.70 85.18
N GLU IA 95 -77.71 -100.13 86.28
CA GLU IA 95 -78.64 -99.01 86.24
C GLU IA 95 -78.94 -98.54 87.66
N HIS IA 96 -79.31 -99.50 88.51
CA HIS IA 96 -79.62 -99.23 89.91
C HIS IA 96 -78.37 -99.25 90.80
N ILE IA 97 -77.23 -98.85 90.24
CA ILE IA 97 -76.01 -98.63 91.01
C ILE IA 97 -76.22 -97.38 91.88
N ARG IA 98 -77.02 -96.45 91.36
CA ARG IA 98 -77.42 -95.24 92.07
C ARG IA 98 -78.02 -95.52 93.45
N TYR IA 99 -78.85 -96.56 93.54
CA TYR IA 99 -79.59 -96.86 94.77
C TYR IA 99 -78.85 -97.85 95.67
N ALA IA 100 -77.58 -98.10 95.35
CA ALA IA 100 -76.72 -98.90 96.21
C ALA IA 100 -75.29 -98.38 96.10
N THR IA 101 -75.08 -97.13 96.51
CA THR IA 101 -73.74 -96.55 96.63
C THR IA 101 -73.14 -96.79 98.01
N ASP IA 102 -73.85 -97.57 98.83
CA ASP IA 102 -73.39 -97.95 100.17
C ASP IA 102 -72.07 -98.72 100.04
N THR IA 103 -72.10 -99.82 99.28
CA THR IA 103 -70.91 -100.65 99.04
C THR IA 103 -70.23 -100.35 97.69
N PHE IA 104 -70.89 -99.58 96.82
CA PHE IA 104 -70.29 -99.21 95.53
C PHE IA 104 -69.29 -98.07 95.69
N ALA IA 105 -69.58 -97.14 96.60
CA ALA IA 105 -68.59 -96.15 97.03
C ALA IA 105 -67.41 -96.87 97.67
N GLY IA 106 -67.72 -97.85 98.51
CA GLY IA 106 -66.71 -98.68 99.17
C GLY IA 106 -65.92 -99.62 98.26
N LEU IA 107 -66.52 -100.02 97.13
CA LEU IA 107 -65.81 -100.83 96.13
C LEU IA 107 -64.65 -100.07 95.50
N CYS IA 108 -64.88 -98.79 95.23
CA CYS IA 108 -63.86 -97.92 94.63
C CYS IA 108 -62.82 -97.44 95.66
N HIS IA 109 -63.20 -97.39 96.93
CA HIS IA 109 -62.28 -97.01 98.02
C HIS IA 109 -61.22 -98.08 98.27
N GLN IA 110 -61.66 -99.34 98.34
CA GLN IA 110 -60.76 -100.45 98.64
C GLN IA 110 -59.88 -100.79 97.44
N LEU IA 111 -60.45 -100.76 96.24
CA LEU IA 111 -59.70 -100.94 94.99
C LEU IA 111 -58.60 -99.90 94.88
N THR IA 112 -58.90 -98.68 95.34
CA THR IA 112 -57.92 -97.59 95.37
C THR IA 112 -56.86 -97.85 96.43
N ASN IA 113 -57.27 -97.89 97.69
CA ASN IA 113 -56.33 -98.06 98.82
C ASN IA 113 -55.27 -99.14 98.59
N ALA IA 114 -55.66 -100.22 97.94
CA ALA IA 114 -54.72 -101.31 97.60
C ALA IA 114 -53.74 -100.89 96.50
N LEU IA 115 -54.28 -100.50 95.35
CA LEU IA 115 -53.46 -100.09 94.20
C LEU IA 115 -52.44 -99.00 94.54
N VAL IA 116 -52.81 -98.11 95.45
CA VAL IA 116 -51.91 -97.06 95.93
C VAL IA 116 -50.63 -97.67 96.50
N GLU IA 117 -50.77 -98.50 97.51
CA GLU IA 117 -49.63 -99.08 98.22
C GLU IA 117 -49.05 -100.31 97.50
N ARG IA 118 -49.75 -100.82 96.48
CA ARG IA 118 -49.26 -101.96 95.69
C ARG IA 118 -48.02 -101.58 94.88
N LYS IA 119 -48.23 -101.04 93.68
CA LYS IA 119 -47.12 -100.58 92.83
C LYS IA 119 -47.52 -99.25 92.18
N GLN IA 120 -48.53 -99.30 91.32
CA GLN IA 120 -49.05 -98.11 90.64
C GLN IA 120 -50.39 -98.44 89.99
N PRO IA 121 -51.36 -97.50 90.07
CA PRO IA 121 -52.58 -97.59 89.28
C PRO IA 121 -52.54 -96.68 88.05
N LEU IA 122 -52.05 -97.21 86.93
CA LEU IA 122 -52.16 -96.52 85.64
C LEU IA 122 -53.35 -97.09 84.87
N ARG IA 123 -53.59 -98.39 85.03
CA ARG IA 123 -54.85 -98.99 84.62
C ARG IA 123 -55.96 -98.63 85.60
N GLY IA 124 -55.63 -98.57 86.89
CA GLY IA 124 -56.59 -98.27 87.95
C GLY IA 124 -57.35 -96.97 87.78
N ILE IA 125 -56.74 -96.02 87.08
CA ILE IA 125 -57.39 -94.75 86.74
C ILE IA 125 -58.47 -94.96 85.68
N GLY IA 126 -58.10 -95.68 84.61
CA GLY IA 126 -59.02 -95.95 83.51
C GLY IA 126 -60.32 -96.62 83.93
N ILE IA 127 -60.22 -97.56 84.87
CA ILE IA 127 -61.39 -98.25 85.41
C ILE IA 127 -62.29 -97.29 86.22
N LEU IA 128 -61.67 -96.45 87.04
CA LEU IA 128 -62.42 -95.59 87.96
C LEU IA 128 -63.20 -94.46 87.26
N LYS IA 129 -62.89 -94.19 86.00
CA LYS IA 129 -63.60 -93.18 85.21
C LYS IA 129 -65.06 -93.58 84.98
N GLN IA 130 -65.27 -94.74 84.37
CA GLN IA 130 -66.62 -95.22 84.08
C GLN IA 130 -67.45 -95.51 85.33
N ALA IA 131 -66.77 -95.76 86.45
CA ALA IA 131 -67.44 -95.96 87.74
C ALA IA 131 -68.24 -94.72 88.17
N ILE IA 132 -67.77 -93.54 87.76
CA ILE IA 132 -68.44 -92.29 88.09
C ILE IA 132 -69.67 -92.05 87.20
N ASP IA 133 -69.63 -92.53 85.96
CA ASP IA 133 -70.53 -92.09 84.91
C ASP IA 133 -72.00 -92.56 84.98
N LYS IA 134 -72.24 -93.75 85.51
CA LYS IA 134 -73.61 -94.21 85.74
C LYS IA 134 -74.03 -94.05 87.21
N MET IA 135 -73.12 -93.55 88.03
CA MET IA 135 -73.41 -93.21 89.42
C MET IA 135 -73.98 -91.80 89.46
N GLN IA 136 -73.25 -90.85 88.87
CA GLN IA 136 -73.75 -89.49 88.68
C GLN IA 136 -74.58 -89.45 87.41
N MET IA 137 -75.68 -88.70 87.44
CA MET IA 137 -76.63 -88.70 86.34
C MET IA 137 -76.29 -87.67 85.27
N ASN IA 138 -76.54 -86.39 85.57
CA ASN IA 138 -76.51 -85.33 84.56
C ASN IA 138 -75.32 -84.38 84.65
N THR IA 139 -75.44 -83.35 85.48
CA THR IA 139 -74.51 -82.22 85.46
C THR IA 139 -73.28 -82.45 86.35
N ASN IA 140 -72.85 -83.70 86.44
CA ASN IA 140 -71.82 -84.13 87.40
C ASN IA 140 -72.23 -83.90 88.85
N GLN IA 141 -72.06 -84.92 89.67
CA GLN IA 141 -72.48 -84.89 91.07
C GLN IA 141 -71.32 -85.38 91.93
N LEU IA 142 -70.90 -84.55 92.89
CA LEU IA 142 -69.68 -84.79 93.66
C LEU IA 142 -69.75 -86.04 94.54
N THR IA 143 -69.38 -87.19 93.96
CA THR IA 143 -69.29 -88.44 94.71
C THR IA 143 -67.88 -88.66 95.27
N SER IA 144 -67.77 -89.64 96.16
CA SER IA 144 -66.51 -90.01 96.78
C SER IA 144 -65.48 -90.53 95.78
N ILE IA 145 -65.96 -91.07 94.66
CA ILE IA 145 -65.08 -91.60 93.61
C ILE IA 145 -64.20 -90.53 92.98
N HIS IA 146 -64.72 -89.30 92.88
CA HIS IA 146 -63.91 -88.19 92.36
C HIS IA 146 -62.68 -87.97 93.22
N ALA IA 147 -62.86 -88.03 94.54
CA ALA IA 147 -61.74 -87.90 95.48
C ALA IA 147 -60.66 -88.96 95.26
N ASP IA 148 -61.09 -90.20 95.01
CA ASP IA 148 -60.15 -91.32 94.76
C ASP IA 148 -59.49 -91.21 93.39
N LEU IA 149 -60.28 -90.95 92.36
CA LEU IA 149 -59.76 -90.82 90.98
C LEU IA 149 -58.55 -89.89 90.92
N CYS IA 150 -58.59 -88.84 91.72
CA CYS IA 150 -57.47 -87.91 91.85
C CYS IA 150 -56.29 -88.56 92.59
N GLN IA 151 -56.59 -89.20 93.73
CA GLN IA 151 -55.56 -89.88 94.53
C GLN IA 151 -54.75 -90.87 93.70
N LEU IA 152 -55.42 -91.58 92.80
CA LEU IA 152 -54.75 -92.52 91.89
C LEU IA 152 -53.85 -91.77 90.90
N CYS IA 153 -54.44 -90.84 90.16
CA CYS IA 153 -53.74 -90.14 89.08
C CYS IA 153 -52.79 -89.05 89.59
N LEU IA 154 -52.81 -88.77 90.89
CA LEU IA 154 -51.79 -87.94 91.52
C LEU IA 154 -50.52 -88.76 91.69
N LEU IA 155 -50.67 -89.91 92.35
CA LEU IA 155 -49.53 -90.78 92.67
C LEU IA 155 -48.99 -91.44 91.42
N ALA IA 156 -49.87 -92.07 90.64
CA ALA IA 156 -49.52 -92.49 89.29
C ALA IA 156 -49.39 -91.20 88.48
N LYS IA 157 -48.16 -90.84 88.14
CA LYS IA 157 -47.86 -89.50 87.62
C LYS IA 157 -48.49 -89.27 86.24
N CYS IA 158 -49.81 -89.15 86.23
CA CYS IA 158 -50.59 -89.03 85.00
C CYS IA 158 -51.88 -88.27 85.29
N PHE IA 159 -51.78 -86.94 85.25
CA PHE IA 159 -52.89 -86.07 85.64
C PHE IA 159 -53.85 -85.82 84.48
N LYS IA 160 -53.47 -86.29 83.29
CA LYS IA 160 -54.23 -86.08 82.05
C LYS IA 160 -55.72 -86.45 82.13
N PRO IA 161 -56.05 -87.67 82.60
CA PRO IA 161 -57.40 -88.20 82.42
C PRO IA 161 -58.45 -87.69 83.41
N ALA IA 162 -58.01 -87.22 84.58
CA ALA IA 162 -58.94 -86.76 85.62
C ALA IA 162 -59.47 -85.35 85.33
N LEU IA 163 -58.81 -84.63 84.44
CA LEU IA 163 -59.18 -83.25 84.12
C LEU IA 163 -60.58 -83.07 83.53
N PRO IA 164 -61.02 -83.99 82.65
CA PRO IA 164 -62.42 -84.00 82.21
C PRO IA 164 -63.45 -83.80 83.33
N TYR IA 165 -63.17 -84.34 84.51
CA TYR IA 165 -64.05 -84.18 85.68
C TYR IA 165 -63.66 -83.00 86.57
N LEU IA 166 -62.36 -82.67 86.62
CA LEU IA 166 -61.90 -81.49 87.37
C LEU IA 166 -62.33 -80.17 86.73
N ASP IA 167 -62.55 -80.16 85.41
CA ASP IA 167 -62.95 -78.95 84.68
C ASP IA 167 -64.35 -78.45 85.08
N VAL IA 168 -65.29 -79.37 85.29
CA VAL IA 168 -66.64 -79.02 85.72
C VAL IA 168 -66.68 -78.85 87.24
N ASP IA 169 -67.23 -77.74 87.71
CA ASP IA 169 -67.43 -77.52 89.14
C ASP IA 169 -68.80 -78.06 89.56
N MET IA 170 -68.84 -79.39 89.68
CA MET IA 170 -70.05 -80.12 90.01
C MET IA 170 -70.71 -79.66 91.30
N MET IA 171 -71.98 -79.25 91.22
CA MET IA 171 -72.79 -79.03 92.41
C MET IA 171 -73.48 -80.35 92.77
N ASP IA 172 -74.16 -80.36 93.92
CA ASP IA 172 -74.93 -81.52 94.39
C ASP IA 172 -74.04 -82.70 94.80
N ILE IA 173 -73.91 -82.93 96.11
CA ILE IA 173 -73.09 -84.01 96.65
C ILE IA 173 -73.86 -85.34 96.59
N CYS IA 174 -73.29 -86.32 95.88
CA CYS IA 174 -73.87 -87.67 95.80
C CYS IA 174 -73.67 -88.42 97.10
N LYS IA 175 -74.77 -88.59 97.84
CA LYS IA 175 -74.76 -89.32 99.09
C LYS IA 175 -75.30 -90.73 98.85
N GLU IA 176 -76.63 -90.90 98.93
CA GLU IA 176 -77.31 -92.20 98.69
C GLU IA 176 -76.85 -93.30 99.66
N ASN IA 177 -77.67 -93.58 100.67
CA ASN IA 177 -77.32 -94.48 101.78
C ASN IA 177 -76.13 -93.92 102.57
N GLY IA 178 -76.15 -92.62 102.83
CA GLY IA 178 -75.02 -91.92 103.40
C GLY IA 178 -73.89 -91.82 102.39
N ALA IA 179 -73.10 -92.90 102.30
CA ALA IA 179 -72.03 -93.06 101.31
C ALA IA 179 -71.30 -91.77 100.90
N TYR IA 180 -70.99 -90.94 101.90
CA TYR IA 180 -70.07 -89.81 101.71
C TYR IA 180 -69.48 -89.36 103.04
N ASP IA 181 -68.19 -89.03 103.01
CA ASP IA 181 -67.38 -88.74 104.19
C ASP IA 181 -67.01 -87.26 104.23
N ALA IA 182 -66.82 -86.73 105.44
CA ALA IA 182 -66.49 -85.31 105.64
C ALA IA 182 -65.07 -84.93 105.18
N LYS IA 183 -64.25 -85.91 104.85
CA LYS IA 183 -62.92 -85.66 104.29
C LYS IA 183 -62.81 -85.95 102.78
N HIS IA 184 -63.73 -86.75 102.22
CA HIS IA 184 -63.72 -87.02 100.78
C HIS IA 184 -64.17 -85.81 99.95
N PHE IA 185 -64.73 -84.81 100.61
CA PHE IA 185 -64.91 -83.48 100.03
C PHE IA 185 -63.55 -82.80 99.97
N LEU IA 186 -62.85 -82.77 101.11
CA LEU IA 186 -61.51 -82.16 101.21
C LEU IA 186 -60.51 -82.80 100.25
N CYS IA 187 -60.58 -84.13 100.10
CA CYS IA 187 -59.65 -84.88 99.26
C CYS IA 187 -59.68 -84.39 97.82
N TYR IA 188 -60.87 -84.40 97.22
CA TYR IA 188 -61.04 -83.96 95.83
C TYR IA 188 -60.42 -82.59 95.60
N TYR IA 189 -60.86 -81.59 96.37
CA TYR IA 189 -60.40 -80.21 96.20
C TYR IA 189 -58.97 -79.99 96.70
N TYR IA 190 -58.45 -80.90 97.52
CA TYR IA 190 -57.05 -80.84 97.92
C TYR IA 190 -56.16 -81.43 96.84
N TYR IA 191 -56.47 -82.66 96.44
CA TYR IA 191 -55.75 -83.32 95.35
C TYR IA 191 -55.84 -82.49 94.09
N GLY IA 192 -57.07 -82.18 93.69
CA GLY IA 192 -57.33 -81.36 92.50
C GLY IA 192 -56.47 -80.11 92.46
N GLY IA 193 -56.40 -79.41 93.58
CA GLY IA 193 -55.54 -78.23 93.71
C GLY IA 193 -54.09 -78.53 93.37
N MET IA 194 -53.57 -79.61 93.93
CA MET IA 194 -52.21 -80.05 93.64
C MET IA 194 -52.06 -80.49 92.20
N ILE IA 195 -53.08 -81.17 91.66
CA ILE IA 195 -53.08 -81.61 90.26
C ILE IA 195 -52.80 -80.44 89.32
N TYR IA 196 -53.59 -79.37 89.46
CA TYR IA 196 -53.41 -78.18 88.63
C TYR IA 196 -52.11 -77.44 88.98
N THR IA 197 -51.67 -77.53 90.23
CA THR IA 197 -50.42 -76.89 90.66
C THR IA 197 -49.21 -77.36 89.85
N GLY IA 198 -49.15 -78.66 89.58
CA GLY IA 198 -48.08 -79.23 88.76
C GLY IA 198 -48.18 -78.87 87.29
N LEU IA 199 -49.42 -78.84 86.79
CA LEU IA 199 -49.70 -78.44 85.41
C LEU IA 199 -49.55 -76.93 85.23
N LYS IA 200 -49.52 -76.20 86.34
CA LYS IA 200 -49.26 -74.75 86.38
C LYS IA 200 -50.47 -73.94 85.88
N ASN IA 201 -51.66 -74.44 86.22
CA ASN IA 201 -52.91 -73.72 86.03
C ASN IA 201 -53.27 -73.11 87.39
N PHE IA 202 -52.50 -72.10 87.77
CA PHE IA 202 -52.53 -71.57 89.13
C PHE IA 202 -53.88 -70.99 89.51
N GLU IA 203 -54.61 -70.43 88.53
CA GLU IA 203 -55.93 -69.86 88.79
C GLU IA 203 -56.87 -70.93 89.35
N ARG IA 204 -57.05 -72.00 88.59
CA ARG IA 204 -57.94 -73.08 88.99
C ARG IA 204 -57.41 -73.78 90.23
N ALA IA 205 -56.09 -73.88 90.32
CA ALA IA 205 -55.42 -74.47 91.49
C ALA IA 205 -55.81 -73.76 92.78
N LEU IA 206 -55.76 -72.44 92.76
CA LEU IA 206 -56.09 -71.64 93.93
C LEU IA 206 -57.55 -71.84 94.35
N TYR IA 207 -58.44 -71.78 93.38
CA TYR IA 207 -59.87 -71.93 93.63
C TYR IA 207 -60.23 -73.27 94.30
N PHE IA 208 -59.49 -74.32 93.96
CA PHE IA 208 -59.71 -75.64 94.55
C PHE IA 208 -59.32 -75.67 96.03
N TYR IA 209 -58.07 -75.31 96.32
CA TYR IA 209 -57.60 -75.22 97.71
C TYR IA 209 -58.53 -74.38 98.56
N GLU IA 210 -59.07 -73.32 97.95
CA GLU IA 210 -59.99 -72.40 98.62
C GLU IA 210 -61.20 -73.14 99.19
N GLN IA 211 -61.87 -73.91 98.34
CA GLN IA 211 -63.07 -74.65 98.76
C GLN IA 211 -62.81 -75.70 99.84
N ALA IA 212 -61.55 -76.15 99.95
CA ALA IA 212 -61.15 -77.03 101.04
C ALA IA 212 -61.14 -76.29 102.37
N ILE IA 213 -60.58 -75.09 102.37
CA ILE IA 213 -60.42 -74.30 103.60
C ILE IA 213 -61.78 -73.82 104.15
N THR IA 214 -62.72 -73.58 103.25
CA THR IA 214 -64.05 -73.12 103.64
C THR IA 214 -64.77 -74.16 104.48
N THR IA 215 -64.86 -75.38 103.95
CA THR IA 215 -65.62 -76.47 104.56
C THR IA 215 -65.68 -76.39 106.09
N PRO IA 216 -66.90 -76.46 106.66
CA PRO IA 216 -67.00 -76.32 108.11
C PRO IA 216 -66.36 -77.52 108.83
N ALA IA 217 -65.76 -77.26 109.97
CA ALA IA 217 -65.09 -78.29 110.76
C ALA IA 217 -64.96 -77.87 112.21
N MET IA 218 -65.63 -78.62 113.10
CA MET IA 218 -65.56 -78.33 114.53
C MET IA 218 -64.17 -78.64 115.11
N ALA IA 219 -63.39 -79.46 114.40
CA ALA IA 219 -62.01 -79.75 114.76
C ALA IA 219 -61.07 -79.43 113.59
N VAL IA 220 -59.78 -79.41 113.88
CA VAL IA 220 -58.75 -79.18 112.87
C VAL IA 220 -58.39 -80.50 112.17
N SER IA 221 -58.96 -80.69 110.98
CA SER IA 221 -58.57 -81.82 110.12
C SER IA 221 -57.22 -81.51 109.47
N HIS IA 222 -56.58 -82.56 108.96
CA HIS IA 222 -55.16 -82.48 108.58
C HIS IA 222 -54.96 -82.05 107.12
N ILE IA 223 -56.00 -82.19 106.29
CA ILE IA 223 -55.96 -81.72 104.91
C ILE IA 223 -56.00 -80.20 104.86
N MET IA 224 -56.83 -79.63 105.73
CA MET IA 224 -57.10 -78.19 105.74
C MET IA 224 -55.83 -77.37 106.04
N LEU IA 225 -54.90 -77.94 106.80
CA LEU IA 225 -53.63 -77.27 107.08
C LEU IA 225 -52.71 -77.24 105.87
N GLU IA 226 -52.70 -78.31 105.09
CA GLU IA 226 -51.83 -78.41 103.93
C GLU IA 226 -52.32 -77.57 102.75
N SER IA 227 -53.62 -77.61 102.49
CA SER IA 227 -54.21 -76.80 101.42
C SER IA 227 -53.88 -75.32 101.62
N TYR IA 228 -53.94 -74.87 102.86
CA TYR IA 228 -53.64 -73.48 103.24
C TYR IA 228 -52.19 -73.10 102.94
N LYS IA 229 -51.26 -73.96 103.31
CA LYS IA 229 -49.83 -73.71 103.11
C LYS IA 229 -49.48 -73.54 101.63
N LYS IA 230 -49.99 -74.46 100.80
CA LYS IA 230 -49.77 -74.39 99.35
C LYS IA 230 -50.58 -73.24 98.73
N TYR IA 231 -51.80 -73.05 99.21
CA TYR IA 231 -52.65 -71.92 98.82
C TYR IA 231 -51.92 -70.59 98.99
N ILE IA 232 -51.14 -70.48 100.07
CA ILE IA 232 -50.29 -69.31 100.29
C ILE IA 232 -49.31 -69.13 99.14
N LEU IA 233 -48.63 -70.21 98.77
CA LEU IA 233 -47.64 -70.18 97.70
C LEU IA 233 -48.27 -69.84 96.34
N VAL IA 234 -49.48 -70.35 96.09
CA VAL IA 234 -50.15 -70.14 94.81
C VAL IA 234 -50.43 -68.66 94.56
N SER IA 235 -51.00 -68.00 95.57
CA SER IA 235 -51.34 -66.57 95.46
C SER IA 235 -50.10 -65.68 95.35
N LEU IA 236 -48.99 -66.12 95.94
CA LEU IA 236 -47.73 -65.37 95.87
C LEU IA 236 -47.01 -65.53 94.52
N ILE IA 237 -47.38 -66.54 93.75
CA ILE IA 237 -46.86 -66.70 92.38
C ILE IA 237 -47.84 -66.08 91.39
N LEU IA 238 -49.11 -66.49 91.47
CA LEU IA 238 -50.17 -65.95 90.61
C LEU IA 238 -50.27 -64.45 90.76
N LEU IA 239 -50.47 -64.00 92.00
CA LEU IA 239 -50.51 -62.59 92.34
C LEU IA 239 -49.16 -62.25 92.95
N GLY IA 240 -49.06 -61.06 93.54
CA GLY IA 240 -47.87 -60.69 94.31
C GLY IA 240 -48.23 -60.42 95.76
N LYS IA 241 -49.20 -61.17 96.28
CA LYS IA 241 -49.83 -60.82 97.56
C LYS IA 241 -50.74 -61.93 98.09
N VAL IA 242 -51.24 -61.72 99.31
CA VAL IA 242 -52.10 -62.67 99.99
C VAL IA 242 -53.54 -62.58 99.50
N GLN IA 243 -54.07 -63.68 98.96
CA GLN IA 243 -55.50 -63.77 98.65
C GLN IA 243 -56.27 -64.08 99.92
N GLN IA 244 -57.24 -63.23 100.23
CA GLN IA 244 -58.08 -63.45 101.40
C GLN IA 244 -59.18 -64.45 101.11
N LEU IA 245 -59.63 -65.12 102.16
CA LEU IA 245 -60.64 -66.17 102.05
C LEU IA 245 -62.02 -65.57 102.24
N PRO IA 246 -63.07 -66.38 102.02
CA PRO IA 246 -64.42 -65.95 102.40
C PRO IA 246 -64.58 -65.77 103.91
N LYS IA 247 -65.61 -65.02 104.30
CA LYS IA 247 -65.94 -64.83 105.70
C LYS IA 247 -66.51 -66.11 106.32
N TYR IA 248 -67.04 -67.00 105.48
CA TYR IA 248 -67.64 -68.24 105.95
C TYR IA 248 -66.65 -69.41 106.13
N THR IA 249 -65.35 -69.13 106.14
CA THR IA 249 -64.35 -70.17 106.45
C THR IA 249 -64.51 -70.66 107.88
N SER IA 250 -64.18 -71.93 108.11
CA SER IA 250 -64.34 -72.53 109.42
C SER IA 250 -63.55 -71.75 110.48
N GLN IA 251 -64.13 -71.62 111.67
CA GLN IA 251 -63.50 -70.85 112.75
C GLN IA 251 -62.17 -71.44 113.23
N ILE IA 252 -62.03 -72.76 113.09
CA ILE IA 252 -60.78 -73.45 113.40
C ILE IA 252 -59.60 -73.02 112.50
N VAL IA 253 -59.91 -72.37 111.36
CA VAL IA 253 -58.88 -71.94 110.41
C VAL IA 253 -58.10 -70.74 110.96
N GLY IA 254 -58.78 -69.61 111.12
CA GLY IA 254 -58.15 -68.37 111.60
C GLY IA 254 -57.63 -68.44 113.01
N ARG IA 255 -58.27 -69.26 113.84
CA ARG IA 255 -57.86 -69.45 115.23
C ARG IA 255 -56.58 -70.26 115.35
N PHE IA 256 -56.52 -71.39 114.64
CA PHE IA 256 -55.43 -72.37 114.80
C PHE IA 256 -54.61 -72.62 113.54
N ILE IA 257 -55.27 -73.03 112.46
CA ILE IA 257 -54.59 -73.44 111.22
C ILE IA 257 -53.69 -72.34 110.65
N LYS IA 258 -54.13 -71.10 110.76
CA LYS IA 258 -53.38 -69.97 110.20
C LYS IA 258 -52.00 -69.77 110.87
N PRO IA 259 -51.96 -69.56 112.20
CA PRO IA 259 -50.66 -69.45 112.86
C PRO IA 259 -49.84 -70.76 112.89
N LEU IA 260 -50.50 -71.90 112.66
CA LEU IA 260 -49.80 -73.19 112.54
C LEU IA 260 -48.95 -73.23 111.26
N SER IA 261 -49.47 -72.62 110.20
CA SER IA 261 -48.70 -72.40 108.98
C SER IA 261 -48.11 -70.99 109.01
N ASN IA 262 -47.20 -70.75 109.94
CA ASN IA 262 -46.64 -69.41 110.17
C ASN IA 262 -45.50 -69.07 109.23
N ALA IA 263 -44.64 -70.04 108.94
CA ALA IA 263 -43.48 -69.83 108.08
C ALA IA 263 -43.83 -69.44 106.65
N TYR IA 264 -45.09 -69.66 106.26
CA TYR IA 264 -45.60 -69.32 104.93
C TYR IA 264 -46.20 -67.90 104.90
N HIS IA 265 -46.78 -67.46 106.01
CA HIS IA 265 -47.11 -66.05 106.20
C HIS IA 265 -45.84 -65.23 106.37
N GLU IA 266 -44.88 -65.80 107.08
CA GLU IA 266 -43.55 -65.21 107.24
C GLU IA 266 -42.85 -65.04 105.89
N LEU IA 267 -43.18 -65.90 104.94
CA LEU IA 267 -42.70 -65.76 103.56
C LEU IA 267 -43.28 -64.50 102.92
N ALA IA 268 -44.61 -64.38 102.97
CA ALA IA 268 -45.30 -63.21 102.46
C ALA IA 268 -44.81 -61.93 103.14
N GLN IA 269 -44.43 -62.05 104.41
CA GLN IA 269 -43.84 -60.95 105.18
C GLN IA 269 -42.73 -60.25 104.37
N VAL IA 270 -41.77 -61.03 103.90
CA VAL IA 270 -40.64 -60.49 103.15
C VAL IA 270 -41.06 -60.20 101.70
N TYR IA 271 -42.01 -60.99 101.18
CA TYR IA 271 -42.44 -60.86 99.79
C TYR IA 271 -42.89 -59.45 99.42
N SER IA 272 -43.73 -58.84 100.25
CA SER IA 272 -44.27 -57.52 99.96
C SER IA 272 -43.21 -56.41 99.95
N THR IA 273 -42.05 -56.66 100.54
CA THR IA 273 -40.94 -55.70 100.53
C THR IA 273 -40.19 -55.69 99.20
N ASN IA 274 -40.39 -56.73 98.39
CA ASN IA 274 -39.73 -56.87 97.09
C ASN IA 274 -38.21 -56.94 97.24
N ASN IA 275 -37.77 -57.91 98.03
CA ASN IA 275 -36.35 -58.13 98.30
C ASN IA 275 -36.02 -59.64 98.19
N PRO IA 276 -35.59 -60.09 97.00
CA PRO IA 276 -35.28 -61.51 96.81
C PRO IA 276 -34.11 -62.04 97.65
N SER IA 277 -33.07 -61.22 97.80
CA SER IA 277 -31.90 -61.59 98.60
C SER IA 277 -32.28 -61.85 100.06
N GLU IA 278 -33.16 -61.03 100.60
CA GLU IA 278 -33.65 -61.18 101.97
C GLU IA 278 -34.58 -62.39 102.06
N LEU IA 279 -35.52 -62.47 101.12
CA LEU IA 279 -36.45 -63.58 101.03
C LEU IA 279 -35.72 -64.92 101.03
N ARG IA 280 -34.64 -64.99 100.27
CA ARG IA 280 -33.85 -66.22 100.14
C ARG IA 280 -33.28 -66.65 101.49
N ASN IA 281 -32.83 -65.69 102.29
CA ASN IA 281 -32.27 -65.98 103.60
C ASN IA 281 -33.31 -66.51 104.60
N LEU IA 282 -34.59 -66.23 104.34
CA LEU IA 282 -35.68 -66.82 105.12
C LEU IA 282 -35.93 -68.28 104.73
N VAL IA 283 -35.87 -68.56 103.43
CA VAL IA 283 -36.12 -69.91 102.92
C VAL IA 283 -35.04 -70.88 103.39
N ASN IA 284 -33.79 -70.40 103.45
CA ASN IA 284 -32.66 -71.20 103.93
C ASN IA 284 -32.69 -71.51 105.43
N LYS IA 285 -33.32 -70.63 106.22
CA LYS IA 285 -33.48 -70.85 107.65
C LYS IA 285 -34.49 -71.96 107.89
N HIS IA 286 -35.69 -71.79 107.35
CA HIS IA 286 -36.76 -72.78 107.50
C HIS IA 286 -36.80 -73.78 106.34
N SER IA 287 -35.67 -73.98 105.67
CA SER IA 287 -35.55 -75.01 104.62
C SER IA 287 -36.20 -76.30 105.08
N GLU IA 288 -35.91 -76.69 106.32
CA GLU IA 288 -36.55 -77.85 106.95
C GLU IA 288 -38.08 -77.75 106.86
N THR IA 289 -38.66 -76.75 107.53
CA THR IA 289 -40.11 -76.59 107.58
C THR IA 289 -40.78 -76.65 106.20
N PHE IA 290 -40.12 -76.08 105.20
CA PHE IA 290 -40.63 -76.08 103.83
C PHE IA 290 -40.44 -77.44 103.16
N THR IA 291 -39.23 -77.99 103.27
CA THR IA 291 -38.92 -79.31 102.69
C THR IA 291 -39.58 -80.47 103.44
N ARG IA 292 -39.96 -80.23 104.70
CA ARG IA 292 -40.71 -81.20 105.49
C ARG IA 292 -42.07 -81.47 104.87
N ASP IA 293 -42.66 -80.43 104.29
CA ASP IA 293 -43.99 -80.51 103.70
C ASP IA 293 -44.00 -80.84 102.20
N ASN IA 294 -42.82 -81.15 101.65
CA ASN IA 294 -42.66 -81.48 100.22
C ASN IA 294 -43.35 -80.48 99.28
N ASN IA 295 -43.20 -79.20 99.59
CA ASN IA 295 -43.63 -78.12 98.72
C ASN IA 295 -42.51 -77.10 98.48
N MET IA 296 -41.26 -77.51 98.79
CA MET IA 296 -40.09 -76.75 98.39
C MET IA 296 -40.00 -76.88 96.87
N GLY IA 297 -39.59 -75.81 96.21
CA GLY IA 297 -39.68 -75.71 94.75
C GLY IA 297 -40.81 -74.75 94.40
N LEU IA 298 -42.00 -75.03 94.92
CA LEU IA 298 -43.13 -74.10 94.80
C LEU IA 298 -42.84 -72.85 95.63
N VAL IA 299 -42.17 -73.02 96.76
CA VAL IA 299 -41.69 -71.88 97.54
C VAL IA 299 -40.59 -71.15 96.77
N LYS IA 300 -39.80 -71.90 96.00
CA LYS IA 300 -38.77 -71.31 95.15
C LYS IA 300 -39.33 -70.74 93.85
N GLN IA 301 -40.53 -71.16 93.46
CA GLN IA 301 -41.25 -70.53 92.36
C GLN IA 301 -41.69 -69.11 92.75
N CYS IA 302 -41.90 -68.89 94.06
CA CYS IA 302 -42.19 -67.56 94.57
C CYS IA 302 -40.95 -66.68 94.52
N LEU IA 303 -39.78 -67.28 94.75
CA LEU IA 303 -38.50 -66.58 94.61
C LEU IA 303 -38.35 -66.00 93.21
N SER IA 304 -38.81 -66.74 92.20
CA SER IA 304 -38.75 -66.29 90.81
C SER IA 304 -39.87 -65.29 90.46
N SER IA 305 -41.08 -65.52 90.99
CA SER IA 305 -42.21 -64.63 90.73
C SER IA 305 -42.02 -63.24 91.32
N LEU IA 306 -41.18 -63.15 92.36
CA LEU IA 306 -40.80 -61.86 92.95
C LEU IA 306 -39.88 -61.08 92.01
N TYR IA 307 -38.91 -61.77 91.42
CA TYR IA 307 -38.08 -61.18 90.37
C TYR IA 307 -38.95 -60.68 89.22
N LYS IA 308 -39.96 -61.48 88.88
CA LYS IA 308 -40.90 -61.12 87.81
C LYS IA 308 -41.88 -60.03 88.23
N LYS IA 309 -42.22 -59.97 89.52
CA LYS IA 309 -43.00 -58.85 90.04
C LYS IA 309 -42.19 -57.56 89.98
N ASN IA 310 -40.93 -57.63 90.44
CA ASN IA 310 -40.02 -56.48 90.39
C ASN IA 310 -39.98 -55.81 89.01
N ILE IA 311 -39.90 -56.62 87.96
CA ILE IA 311 -39.84 -56.12 86.59
C ILE IA 311 -41.22 -55.66 86.12
N GLN IA 312 -42.27 -56.37 86.54
CA GLN IA 312 -43.64 -55.98 86.24
C GLN IA 312 -43.96 -54.55 86.69
N ARG IA 313 -43.36 -54.12 87.81
CA ARG IA 313 -43.56 -52.77 88.32
C ARG IA 313 -42.95 -51.71 87.42
N LEU IA 314 -41.78 -52.02 86.85
CA LEU IA 314 -41.04 -51.06 86.02
C LEU IA 314 -41.87 -50.49 84.89
N THR IA 315 -42.77 -51.30 84.33
CA THR IA 315 -43.70 -50.84 83.28
C THR IA 315 -44.47 -49.57 83.68
N LYS IA 316 -44.85 -49.51 84.95
CA LYS IA 316 -45.64 -48.38 85.46
C LYS IA 316 -44.81 -47.10 85.63
N THR IA 317 -43.50 -47.23 85.76
CA THR IA 317 -42.59 -46.11 86.00
C THR IA 317 -41.82 -45.71 84.74
N PHE IA 318 -40.87 -46.54 84.34
CA PHE IA 318 -40.06 -46.29 83.15
C PHE IA 318 -40.78 -46.82 81.92
N LEU IA 319 -40.50 -46.23 80.76
CA LEU IA 319 -40.92 -46.81 79.48
C LEU IA 319 -39.73 -47.15 78.58
N THR IA 320 -38.60 -46.49 78.79
CA THR IA 320 -37.33 -46.87 78.17
C THR IA 320 -36.30 -47.02 79.28
N LEU IA 321 -35.71 -48.21 79.38
CA LEU IA 321 -34.71 -48.49 80.40
C LEU IA 321 -33.60 -49.38 79.85
N SER IA 322 -32.40 -49.21 80.40
CA SER IA 322 -31.23 -49.98 79.98
C SER IA 322 -31.21 -51.35 80.65
N LEU IA 323 -30.57 -52.30 79.98
CA LEU IA 323 -30.37 -53.64 80.51
C LEU IA 323 -29.53 -53.56 81.77
N GLN IA 324 -28.49 -52.73 81.72
CA GLN IA 324 -27.59 -52.54 82.85
C GLN IA 324 -28.32 -51.87 84.01
N ASP IA 325 -29.10 -50.83 83.71
CA ASP IA 325 -29.94 -50.17 84.71
C ASP IA 325 -30.88 -51.18 85.35
N MET IA 326 -31.58 -51.95 84.51
CA MET IA 326 -32.50 -52.98 84.99
C MET IA 326 -31.76 -54.01 85.85
N ALA IA 327 -30.61 -54.47 85.36
CA ALA IA 327 -29.79 -55.44 86.08
C ALA IA 327 -29.43 -54.95 87.48
N SER IA 328 -29.11 -53.66 87.58
CA SER IA 328 -28.78 -53.04 88.86
C SER IA 328 -30.00 -52.84 89.74
N ARG IA 329 -31.16 -52.55 89.15
CA ARG IA 329 -32.39 -52.29 89.90
C ARG IA 329 -33.17 -53.57 90.28
N VAL IA 330 -33.14 -54.59 89.43
CA VAL IA 330 -33.83 -55.86 89.71
C VAL IA 330 -33.00 -56.76 90.64
N GLN IA 331 -31.69 -56.51 90.70
CA GLN IA 331 -30.74 -57.22 91.59
C GLN IA 331 -30.12 -58.49 90.98
N LEU IA 332 -30.48 -58.82 89.73
CA LEU IA 332 -30.00 -60.04 89.10
C LEU IA 332 -28.53 -59.97 88.69
N SER IA 333 -28.04 -58.75 88.41
CA SER IA 333 -26.64 -58.49 88.10
C SER IA 333 -26.24 -58.99 86.70
N GLY IA 334 -25.56 -58.12 85.94
CA GLY IA 334 -25.16 -58.43 84.58
C GLY IA 334 -26.31 -58.23 83.61
N PRO IA 335 -26.03 -57.66 82.42
CA PRO IA 335 -27.10 -57.38 81.47
C PRO IA 335 -27.76 -58.63 80.87
N GLN IA 336 -27.08 -59.77 80.94
CA GLN IA 336 -27.65 -61.01 80.41
C GLN IA 336 -28.84 -61.40 81.26
N GLU IA 337 -28.60 -61.56 82.56
CA GLU IA 337 -29.64 -61.95 83.52
C GLU IA 337 -30.85 -61.02 83.41
N ALA IA 338 -30.61 -59.76 83.09
CA ALA IA 338 -31.69 -58.82 82.79
C ALA IA 338 -32.38 -59.23 81.49
N GLU IA 339 -31.60 -59.28 80.41
CA GLU IA 339 -32.13 -59.65 79.10
C GLU IA 339 -32.84 -61.00 79.14
N LYS IA 340 -32.34 -61.91 79.98
CA LYS IA 340 -32.96 -63.22 80.15
C LYS IA 340 -34.45 -63.10 80.46
N TYR IA 341 -34.76 -62.62 81.65
CA TYR IA 341 -36.15 -62.59 82.11
C TYR IA 341 -37.04 -61.72 81.24
N VAL IA 342 -36.44 -60.73 80.57
CA VAL IA 342 -37.17 -59.97 79.58
C VAL IA 342 -37.73 -60.93 78.55
N LEU IA 343 -36.84 -61.70 77.91
CA LEU IA 343 -37.23 -62.68 76.91
C LEU IA 343 -38.31 -63.62 77.46
N HIS IA 344 -38.00 -64.28 78.58
CA HIS IA 344 -38.90 -65.30 79.14
C HIS IA 344 -40.29 -64.71 79.45
N MET IA 345 -40.33 -63.59 80.17
CA MET IA 345 -41.60 -62.93 80.47
C MET IA 345 -42.36 -62.61 79.19
N ILE IA 346 -41.66 -62.16 78.17
CA ILE IA 346 -42.27 -61.88 76.87
C ILE IA 346 -42.74 -63.19 76.24
N GLU IA 347 -41.80 -64.11 76.02
CA GLU IA 347 -42.07 -65.41 75.41
C GLU IA 347 -43.32 -66.04 76.02
N ASP IA 348 -43.40 -66.01 77.35
CA ASP IA 348 -44.57 -66.46 78.08
C ASP IA 348 -45.75 -65.54 77.83
N GLY IA 349 -45.53 -64.25 78.03
CA GLY IA 349 -46.57 -63.23 77.86
C GLY IA 349 -47.05 -62.68 79.19
N GLU IA 350 -46.11 -62.28 80.03
CA GLU IA 350 -46.40 -61.62 81.30
C GLU IA 350 -46.25 -60.09 81.21
N ILE IA 351 -45.45 -59.63 80.25
CA ILE IA 351 -45.13 -58.21 80.09
C ILE IA 351 -45.07 -57.84 78.59
N PHE IA 352 -45.42 -56.60 78.28
CA PHE IA 352 -45.29 -56.08 76.91
C PHE IA 352 -44.02 -55.25 76.78
N ALA IA 353 -43.00 -55.83 76.16
CA ALA IA 353 -41.70 -55.16 76.01
C ALA IA 353 -40.91 -55.71 74.83
N SER IA 354 -39.79 -55.07 74.54
CA SER IA 354 -38.89 -55.50 73.47
C SER IA 354 -37.48 -54.97 73.73
N ILE IA 355 -36.53 -55.46 72.92
CA ILE IA 355 -35.12 -55.19 73.14
C ILE IA 355 -34.47 -54.54 71.91
N ASN IA 356 -33.67 -53.51 72.17
CA ASN IA 356 -32.75 -52.97 71.16
C ASN IA 356 -31.32 -53.27 71.62
N GLN IA 357 -30.80 -54.42 71.21
CA GLN IA 357 -29.47 -54.86 71.63
C GLN IA 357 -28.36 -53.93 71.15
N LYS IA 358 -28.54 -53.31 69.98
CA LYS IA 358 -27.51 -52.45 69.40
C LYS IA 358 -27.03 -51.42 70.42
N ASP IA 359 -27.96 -50.65 70.95
CA ASP IA 359 -27.67 -49.75 72.05
C ASP IA 359 -27.57 -50.55 73.34
N GLY IA 360 -28.47 -51.52 73.50
CA GLY IA 360 -28.52 -52.36 74.69
C GLY IA 360 -29.59 -51.84 75.64
N MET IA 361 -30.79 -51.62 75.10
CA MET IA 361 -31.89 -51.00 75.84
C MET IA 361 -33.14 -51.86 75.78
N VAL IA 362 -33.98 -51.72 76.80
CA VAL IA 362 -35.29 -52.38 76.86
C VAL IA 362 -36.37 -51.34 76.64
N SER IA 363 -37.18 -51.55 75.61
CA SER IA 363 -38.32 -50.68 75.33
C SER IA 363 -39.59 -51.39 75.77
N PHE IA 364 -40.40 -50.71 76.58
CA PHE IA 364 -41.64 -51.27 77.08
C PHE IA 364 -42.82 -50.86 76.21
N HIS IA 365 -43.19 -51.75 75.28
CA HIS IA 365 -44.41 -51.58 74.46
C HIS IA 365 -45.54 -51.02 75.32
N ASP IA 366 -45.90 -51.76 76.36
CA ASP IA 366 -46.88 -51.32 77.35
C ASP IA 366 -48.32 -51.28 76.77
N ASN IA 367 -48.56 -51.95 75.63
CA ASN IA 367 -49.82 -51.83 74.89
C ASN IA 367 -50.32 -53.16 74.32
N PRO IA 368 -51.46 -53.66 74.83
CA PRO IA 368 -52.01 -54.90 74.33
C PRO IA 368 -53.02 -54.72 73.21
N GLU IA 369 -54.30 -54.55 73.55
CA GLU IA 369 -55.40 -54.74 72.61
C GLU IA 369 -56.39 -53.59 72.75
N LYS IA 370 -57.00 -53.20 71.64
CA LYS IA 370 -57.86 -52.01 71.58
C LYS IA 370 -59.36 -52.33 71.48
N TYR IA 371 -59.73 -53.61 71.62
CA TYR IA 371 -61.14 -54.04 71.59
C TYR IA 371 -61.86 -53.60 70.31
N ASN IA 372 -61.21 -53.80 69.17
CA ASN IA 372 -61.65 -53.24 67.89
C ASN IA 372 -61.89 -54.28 66.79
N ASN IA 373 -62.07 -55.52 67.18
CA ASN IA 373 -62.10 -56.62 66.24
C ASN IA 373 -62.99 -57.77 66.72
N PRO IA 374 -63.21 -58.78 65.87
CA PRO IA 374 -63.87 -60.01 66.32
C PRO IA 374 -63.20 -60.69 67.52
N ALA IA 375 -61.86 -60.58 67.62
CA ALA IA 375 -61.10 -61.19 68.71
C ALA IA 375 -61.81 -61.06 70.05
N MET IA 376 -62.16 -59.83 70.42
CA MET IA 376 -62.94 -59.59 71.64
C MET IA 376 -64.36 -60.05 71.42
N LEU IA 377 -64.97 -59.57 70.34
CA LEU IA 377 -66.35 -59.92 69.98
C LEU IA 377 -66.67 -61.39 70.26
N HIS IA 378 -65.78 -62.29 69.85
CA HIS IA 378 -65.95 -63.73 70.09
C HIS IA 378 -65.84 -64.03 71.59
N ASN IA 379 -64.77 -63.55 72.22
CA ASN IA 379 -64.62 -63.70 73.68
C ASN IA 379 -65.78 -63.06 74.43
N ILE IA 380 -66.22 -61.91 73.94
CA ILE IA 380 -67.37 -61.21 74.52
C ILE IA 380 -68.62 -62.10 74.41
N ASP IA 381 -68.78 -62.74 73.25
CA ASP IA 381 -69.88 -63.67 73.04
C ASP IA 381 -69.75 -64.85 74.01
N GLN IA 382 -68.55 -65.41 74.11
CA GLN IA 382 -68.31 -66.62 74.90
C GLN IA 382 -68.36 -66.37 76.41
N GLU IA 383 -67.61 -65.38 76.89
CA GLU IA 383 -67.64 -65.00 78.30
C GLU IA 383 -69.06 -64.68 78.77
N MET IA 384 -69.85 -64.08 77.89
CA MET IA 384 -71.24 -63.75 78.19
C MET IA 384 -72.10 -65.01 78.28
N LEU IA 385 -71.95 -65.90 77.32
CA LEU IA 385 -72.71 -67.16 77.32
C LEU IA 385 -72.48 -67.99 78.59
N LYS IA 386 -71.29 -67.85 79.18
CA LYS IA 386 -70.96 -68.53 80.43
C LYS IA 386 -71.69 -67.89 81.63
N CYS IA 387 -71.99 -66.60 81.56
CA CYS IA 387 -72.83 -65.93 82.56
C CYS IA 387 -74.30 -66.33 82.40
N ILE IA 388 -74.73 -66.52 81.15
CA ILE IA 388 -76.08 -66.99 80.85
C ILE IA 388 -76.23 -68.45 81.26
N GLU IA 389 -75.20 -69.26 80.97
CA GLU IA 389 -75.10 -70.63 81.49
C GLU IA 389 -75.28 -70.65 83.01
N LEU IA 390 -74.69 -69.65 83.67
CA LEU IA 390 -74.77 -69.52 85.12
C LEU IA 390 -76.19 -69.13 85.58
N ASP IA 391 -76.85 -68.27 84.81
CA ASP IA 391 -78.25 -67.90 85.06
C ASP IA 391 -79.18 -69.10 84.89
N GLU IA 392 -78.94 -69.90 83.86
CA GLU IA 392 -79.73 -71.10 83.60
C GLU IA 392 -79.74 -72.05 84.81
N ARG IA 393 -78.56 -72.24 85.41
CA ARG IA 393 -78.43 -73.05 86.61
C ARG IA 393 -79.22 -72.46 87.78
N LEU IA 394 -79.02 -71.17 88.04
CA LEU IA 394 -79.71 -70.47 89.13
C LEU IA 394 -81.23 -70.48 88.96
N LYS IA 395 -81.69 -70.33 87.72
CA LYS IA 395 -83.13 -70.40 87.43
C LYS IA 395 -83.71 -71.79 87.75
N ALA IA 396 -82.95 -72.83 87.41
CA ALA IA 396 -83.33 -74.20 87.75
C ALA IA 396 -83.25 -74.43 89.26
N MET IA 397 -82.18 -73.92 89.87
CA MET IA 397 -81.96 -74.03 91.30
C MET IA 397 -83.00 -73.24 92.11
N ASP IA 398 -83.55 -72.19 91.51
CA ASP IA 398 -84.64 -71.42 92.12
C ASP IA 398 -85.94 -72.22 92.07
N GLN IA 399 -86.18 -72.89 90.95
CA GLN IA 399 -87.37 -73.72 90.79
C GLN IA 399 -87.32 -75.00 91.63
N GLU IA 400 -86.11 -75.43 92.00
CA GLU IA 400 -85.93 -76.54 92.94
C GLU IA 400 -86.56 -76.25 94.30
N ILE IA 401 -86.46 -75.00 94.75
CA ILE IA 401 -86.97 -74.57 96.05
C ILE IA 401 -88.51 -74.45 96.05
N THR IA 402 -89.10 -74.32 94.86
CA THR IA 402 -90.55 -74.12 94.70
C THR IA 402 -91.42 -75.15 95.45
N VAL IA 403 -91.09 -76.43 95.32
CA VAL IA 403 -92.01 -77.51 95.71
C VAL IA 403 -91.96 -77.86 97.21
N ASN IA 404 -90.84 -77.57 97.87
CA ASN IA 404 -90.63 -77.96 99.26
C ASN IA 404 -91.51 -77.19 100.26
N PRO IA 405 -91.63 -77.72 101.50
CA PRO IA 405 -92.48 -77.19 102.58
C PRO IA 405 -92.69 -75.68 102.73
N GLN IA 406 -93.57 -75.33 103.68
CA GLN IA 406 -94.26 -74.04 103.69
C GLN IA 406 -93.57 -72.98 104.54
N PHE IA 407 -94.19 -71.81 104.59
CA PHE IA 407 -93.91 -70.80 105.61
C PHE IA 407 -95.11 -69.86 105.77
N MET JA 5 -70.74 48.00 17.83
CA MET JA 5 -70.44 49.03 18.86
C MET JA 5 -70.89 48.61 20.26
N ALA JA 6 -69.92 48.47 21.17
CA ALA JA 6 -70.23 48.26 22.58
C ALA JA 6 -70.12 49.59 23.32
N ALA JA 7 -70.78 50.60 22.74
CA ALA JA 7 -70.81 51.96 23.28
C ALA JA 7 -72.17 52.64 23.08
N ALA JA 8 -72.99 52.08 22.19
CA ALA JA 8 -74.40 52.48 22.03
C ALA JA 8 -75.34 51.52 22.78
N VAL JA 9 -74.77 50.58 23.53
CA VAL JA 9 -75.55 49.66 24.36
C VAL JA 9 -75.70 50.23 25.78
N ARG JA 10 -74.61 50.75 26.35
CA ARG JA 10 -74.65 51.45 27.64
C ARG JA 10 -75.34 52.81 27.53
N GLN JA 11 -75.44 53.33 26.31
CA GLN JA 11 -76.07 54.63 26.02
C GLN JA 11 -77.60 54.52 26.02
N ASP JA 12 -78.12 53.51 25.32
CA ASP JA 12 -79.56 53.32 25.17
C ASP JA 12 -80.23 52.74 26.43
N LEU JA 13 -79.52 51.85 27.12
CA LEU JA 13 -80.02 51.26 28.37
C LEU JA 13 -80.12 52.27 29.51
N ALA JA 14 -79.26 53.30 29.47
CA ALA JA 14 -79.20 54.30 30.54
C ALA JA 14 -80.39 55.26 30.53
N GLN JA 15 -80.82 55.69 29.34
CA GLN JA 15 -81.91 56.67 29.21
C GLN JA 15 -83.29 56.10 29.54
N LEU JA 16 -83.48 54.81 29.26
CA LEU JA 16 -84.75 54.13 29.54
C LEU JA 16 -84.87 53.71 31.02
N MET JA 17 -83.82 53.92 31.81
CA MET JA 17 -83.82 53.53 33.22
C MET JA 17 -84.84 54.31 34.04
N ASN JA 18 -85.09 55.57 33.67
CA ASN JA 18 -86.13 56.38 34.29
C ASN JA 18 -86.98 57.08 33.23
N SER JA 19 -88.14 56.50 32.93
CA SER JA 19 -89.04 57.00 31.89
C SER JA 19 -90.41 57.37 32.49
N SER JA 20 -91.38 57.66 31.62
CA SER JA 20 -92.75 57.94 32.04
C SER JA 20 -93.76 57.29 31.09
N GLY JA 21 -93.58 55.99 30.86
CA GLY JA 21 -94.46 55.20 29.99
C GLY JA 21 -94.85 53.88 30.64
N SER JA 22 -95.83 53.19 30.04
CA SER JA 22 -96.37 51.95 30.60
C SER JA 22 -95.41 50.77 30.43
N HIS JA 23 -95.80 49.60 30.93
CA HIS JA 23 -94.97 48.38 30.83
C HIS JA 23 -94.81 47.89 29.40
N LYS JA 24 -95.84 48.05 28.57
CA LYS JA 24 -95.76 47.68 27.15
C LYS JA 24 -94.80 48.60 26.40
N ASP JA 25 -94.72 49.86 26.82
CA ASP JA 25 -93.83 50.85 26.22
C ASP JA 25 -92.35 50.62 26.57
N LEU JA 26 -92.08 50.07 27.75
CA LEU JA 26 -90.71 49.95 28.26
C LEU JA 26 -90.13 48.54 28.05
N ALA JA 27 -90.91 47.51 28.34
CA ALA JA 27 -90.49 46.12 28.12
C ALA JA 27 -90.28 45.80 26.64
N GLY JA 28 -91.02 46.49 25.78
CA GLY JA 28 -90.82 46.39 24.33
C GLY JA 28 -89.54 47.05 23.86
N LYS JA 29 -89.19 48.17 24.48
CA LYS JA 29 -87.94 48.89 24.17
C LYS JA 29 -86.69 48.16 24.68
N TYR JA 30 -86.76 47.61 25.90
CA TYR JA 30 -85.61 46.91 26.49
C TYR JA 30 -85.22 45.64 25.73
N ARG JA 31 -86.22 44.88 25.26
CA ARG JA 31 -85.95 43.66 24.47
C ARG JA 31 -85.36 43.99 23.09
N GLN JA 32 -85.54 45.24 22.65
CA GLN JA 32 -84.93 45.71 21.41
C GLN JA 32 -83.41 45.94 21.54
N ILE JA 33 -82.94 46.15 22.78
CA ILE JA 33 -81.51 46.28 23.06
C ILE JA 33 -80.85 44.91 23.28
N LEU JA 34 -81.66 43.90 23.62
CA LEU JA 34 -81.21 42.50 23.64
C LEU JA 34 -80.83 42.04 22.22
N GLU JA 35 -81.45 42.66 21.20
CA GLU JA 35 -81.06 42.46 19.79
C GLU JA 35 -79.70 43.10 19.50
N LYS JA 36 -79.48 44.29 20.06
CA LYS JA 36 -78.22 45.02 19.90
C LYS JA 36 -77.05 44.38 20.66
N ALA JA 37 -77.35 43.54 21.65
CA ALA JA 37 -76.32 42.86 22.43
C ALA JA 37 -75.92 41.50 21.82
N ILE JA 38 -76.90 40.68 21.46
CA ILE JA 38 -76.66 39.33 20.91
C ILE JA 38 -76.03 39.35 19.50
N GLN JA 39 -76.38 40.35 18.70
CA GLN JA 39 -75.90 40.43 17.31
C GLN JA 39 -74.41 40.79 17.16
N LEU JA 40 -73.78 41.26 18.25
CA LEU JA 40 -72.36 41.62 18.24
C LEU JA 40 -71.47 40.40 18.05
N SER JA 41 -70.20 40.64 17.71
CA SER JA 41 -69.25 39.56 17.39
C SER JA 41 -67.86 39.81 17.97
N GLY JA 42 -67.14 38.72 18.23
CA GLY JA 42 -65.79 38.79 18.78
C GLY JA 42 -65.79 39.00 20.28
N ALA JA 43 -64.94 39.92 20.74
CA ALA JA 43 -64.87 40.27 22.17
C ALA JA 43 -65.68 41.53 22.49
N GLU JA 44 -66.45 42.01 21.52
CA GLU JA 44 -67.27 43.19 21.68
C GLU JA 44 -68.69 42.85 22.11
N GLN JA 45 -69.07 41.60 21.83
CA GLN JA 45 -70.33 41.04 22.34
C GLN JA 45 -70.25 40.78 23.84
N LEU JA 46 -69.03 40.50 24.33
CA LEU JA 46 -68.84 40.01 25.70
C LEU JA 46 -69.14 41.04 26.79
N GLU JA 47 -69.07 42.33 26.46
CA GLU JA 47 -69.29 43.41 27.43
C GLU JA 47 -70.65 44.12 27.27
N ALA JA 48 -71.29 43.98 26.12
CA ALA JA 48 -72.61 44.57 25.87
C ALA JA 48 -73.73 43.83 26.61
N LEU JA 49 -73.56 42.53 26.79
CA LEU JA 49 -74.49 41.72 27.59
C LEU JA 49 -74.35 42.05 29.08
N LYS JA 50 -73.12 42.29 29.51
CA LYS JA 50 -72.85 42.68 30.90
C LYS JA 50 -73.49 44.03 31.26
N ALA JA 51 -73.64 44.90 30.27
CA ALA JA 51 -74.38 46.15 30.43
C ALA JA 51 -75.88 45.89 30.55
N PHE JA 52 -76.37 44.93 29.78
CA PHE JA 52 -77.78 44.55 29.79
C PHE JA 52 -78.22 43.91 31.11
N VAL JA 53 -77.37 43.04 31.67
CA VAL JA 53 -77.70 42.30 32.89
C VAL JA 53 -77.67 43.19 34.14
N GLU JA 54 -76.70 44.11 34.21
CA GLU JA 54 -76.60 45.04 35.34
C GLU JA 54 -77.75 46.06 35.37
N ALA JA 55 -78.30 46.38 34.21
CA ALA JA 55 -79.43 47.31 34.11
C ALA JA 55 -80.73 46.67 34.63
N MET JA 56 -80.90 45.37 34.41
CA MET JA 56 -82.11 44.66 34.87
C MET JA 56 -82.11 44.46 36.38
N VAL JA 57 -80.97 44.04 36.93
CA VAL JA 57 -80.85 43.85 38.38
C VAL JA 57 -80.85 45.18 39.14
N ASN JA 58 -80.56 46.27 38.42
CA ASN JA 58 -80.62 47.63 38.97
C ASN JA 58 -81.93 47.89 39.71
N GLU JA 59 -81.87 48.75 40.73
CA GLU JA 59 -83.04 49.09 41.54
C GLU JA 59 -83.87 50.21 40.90
N ASN JA 60 -83.28 50.92 39.93
CA ASN JA 60 -84.01 51.90 39.13
C ASN JA 60 -84.81 51.28 37.96
N VAL JA 61 -84.62 49.98 37.73
CA VAL JA 61 -85.44 49.21 36.77
C VAL JA 61 -86.41 48.29 37.52
N SER JA 62 -87.70 48.54 37.30
CA SER JA 62 -88.80 47.85 37.99
C SER JA 62 -88.76 46.31 37.94
N LEU JA 63 -89.48 45.69 38.88
CA LEU JA 63 -89.51 44.22 39.04
C LEU JA 63 -90.37 43.52 37.98
N VAL JA 64 -91.26 44.26 37.33
CA VAL JA 64 -92.07 43.74 36.22
C VAL JA 64 -91.23 43.66 34.94
N ILE JA 65 -90.21 44.51 34.85
CA ILE JA 65 -89.27 44.52 33.72
C ILE JA 65 -88.16 43.48 33.91
N SER JA 66 -87.79 43.23 35.17
CA SER JA 66 -86.66 42.34 35.50
C SER JA 66 -86.97 40.85 35.31
N ARG JA 67 -88.18 40.43 35.68
CA ARG JA 67 -88.59 39.03 35.54
C ARG JA 67 -89.11 38.68 34.13
N GLN JA 68 -89.34 39.71 33.31
CA GLN JA 68 -89.82 39.53 31.95
C GLN JA 68 -88.67 39.21 30.99
N LEU JA 69 -87.57 39.94 31.13
CA LEU JA 69 -86.46 39.92 30.15
C LEU JA 69 -85.32 38.97 30.52
N LEU JA 70 -85.12 38.71 31.81
CA LEU JA 70 -84.15 37.69 32.25
C LEU JA 70 -84.67 36.27 31.95
N THR JA 71 -85.96 36.15 31.64
CA THR JA 71 -86.52 34.92 31.09
C THR JA 71 -86.12 34.77 29.61
N ASP JA 72 -86.22 35.87 28.85
CA ASP JA 72 -85.77 35.91 27.45
C ASP JA 72 -84.25 35.86 27.31
N PHE JA 73 -83.54 36.35 28.33
CA PHE JA 73 -82.08 36.35 28.34
C PHE JA 73 -81.51 34.94 28.54
N CYS JA 74 -82.21 34.13 29.34
CA CYS JA 74 -81.75 32.77 29.66
C CYS JA 74 -81.89 31.79 28.50
N THR JA 75 -82.77 32.11 27.55
CA THR JA 75 -82.97 31.27 26.36
C THR JA 75 -82.30 31.84 25.09
N HIS JA 76 -81.50 32.90 25.25
CA HIS JA 76 -80.67 33.44 24.15
C HIS JA 76 -79.19 33.02 24.26
N LEU JA 77 -78.84 32.31 25.33
CA LEU JA 77 -77.47 31.81 25.54
C LEU JA 77 -77.21 30.33 25.20
N PRO JA 78 -78.28 29.50 25.03
CA PRO JA 78 -78.06 28.20 24.35
C PRO JA 78 -77.71 28.33 22.86
N ASN JA 79 -77.99 29.49 22.27
CA ASN JA 79 -77.57 29.80 20.89
C ASN JA 79 -76.06 29.90 20.74
N LEU JA 80 -75.42 30.59 21.69
CA LEU JA 80 -74.00 30.96 21.58
C LEU JA 80 -73.09 29.78 21.96
N PRO JA 81 -71.78 29.85 21.60
CA PRO JA 81 -70.84 28.78 21.94
C PRO JA 81 -70.67 28.54 23.44
N ASP JA 82 -69.93 27.47 23.79
CA ASP JA 82 -69.69 27.11 25.19
C ASP JA 82 -68.64 28.01 25.88
N SER JA 83 -67.98 28.87 25.10
CA SER JA 83 -67.02 29.85 25.65
C SER JA 83 -67.72 31.12 26.13
N THR JA 84 -68.75 31.55 25.40
CA THR JA 84 -69.50 32.77 25.73
C THR JA 84 -70.71 32.49 26.64
N ALA JA 85 -71.26 31.28 26.55
CA ALA JA 85 -72.41 30.89 27.38
C ALA JA 85 -72.02 30.80 28.86
N LYS JA 86 -70.90 30.14 29.14
CA LYS JA 86 -70.41 29.96 30.51
C LYS JA 86 -69.88 31.26 31.11
N GLU JA 87 -69.34 32.12 30.26
CA GLU JA 87 -68.87 33.42 30.66
C GLU JA 87 -70.02 34.29 31.17
N ILE JA 88 -71.05 34.41 30.34
CA ILE JA 88 -72.18 35.30 30.63
C ILE JA 88 -73.11 34.73 31.71
N TYR JA 89 -73.19 33.40 31.82
CA TYR JA 89 -74.02 32.77 32.86
C TYR JA 89 -73.52 33.05 34.28
N HIS JA 90 -72.20 32.95 34.48
CA HIS JA 90 -71.61 33.24 35.79
C HIS JA 90 -71.67 34.73 36.15
N PHE JA 91 -71.80 35.60 35.14
CA PHE JA 91 -72.04 37.02 35.37
C PHE JA 91 -73.47 37.28 35.83
N THR JA 92 -74.42 36.51 35.30
CA THR JA 92 -75.83 36.64 35.64
C THR JA 92 -76.18 36.03 37.01
N LEU JA 93 -75.33 35.15 37.53
CA LEU JA 93 -75.59 34.47 38.80
C LEU JA 93 -74.90 35.10 40.03
N GLU JA 94 -74.06 36.11 39.82
CA GLU JA 94 -73.49 36.90 40.93
C GLU JA 94 -73.90 38.38 40.93
N LYS JA 95 -74.67 38.78 39.91
CA LYS JA 95 -75.41 40.06 39.94
C LYS JA 95 -76.86 39.86 40.33
N ILE JA 96 -77.35 38.62 40.26
CA ILE JA 96 -78.63 38.22 40.83
C ILE JA 96 -78.44 37.64 42.24
N GLN JA 97 -77.18 37.43 42.66
CA GLN JA 97 -76.87 36.94 44.01
C GLN JA 97 -77.12 37.99 45.11
N PRO JA 98 -76.77 39.28 44.87
CA PRO JA 98 -77.16 40.34 45.81
C PRO JA 98 -78.66 40.39 46.16
N ARG JA 99 -79.51 40.00 45.22
CA ARG JA 99 -80.95 39.87 45.48
C ARG JA 99 -81.44 38.51 44.96
N VAL JA 100 -81.03 37.45 45.66
CA VAL JA 100 -81.36 36.08 45.26
C VAL JA 100 -82.75 35.65 45.75
N ILE JA 101 -83.40 36.49 46.57
CA ILE JA 101 -84.73 36.19 47.10
C ILE JA 101 -85.82 36.55 46.08
N SER JA 102 -85.49 37.42 45.12
CA SER JA 102 -86.46 37.92 44.14
C SER JA 102 -86.58 37.03 42.89
N PHE JA 103 -85.45 36.80 42.22
CA PHE JA 103 -85.44 36.14 40.91
C PHE JA 103 -85.04 34.66 41.00
N GLU JA 104 -85.78 33.89 41.79
CA GLU JA 104 -85.45 32.47 41.98
C GLU JA 104 -85.92 31.59 40.81
N GLU JA 105 -86.88 32.07 40.01
CA GLU JA 105 -87.29 31.39 38.79
C GLU JA 105 -86.22 31.54 37.71
N GLN JA 106 -85.46 32.64 37.78
CA GLN JA 106 -84.32 32.87 36.90
C GLN JA 106 -83.08 32.12 37.38
N VAL JA 107 -82.81 32.17 38.68
CA VAL JA 107 -81.69 31.46 39.30
C VAL JA 107 -81.80 29.94 39.09
N ALA JA 108 -83.02 29.42 39.06
CA ALA JA 108 -83.26 28.01 38.80
C ALA JA 108 -82.92 27.64 37.35
N SER JA 109 -83.50 28.36 36.39
CA SER JA 109 -83.30 28.08 34.98
C SER JA 109 -81.90 28.40 34.46
N ILE JA 110 -81.26 29.41 35.04
CA ILE JA 110 -79.90 29.79 34.64
C ILE JA 110 -78.87 28.75 35.10
N ARG JA 111 -79.01 28.27 36.32
CA ARG JA 111 -78.07 27.28 36.90
C ARG JA 111 -78.18 25.89 36.28
N GLN JA 112 -79.33 25.59 35.67
CA GLN JA 112 -79.53 24.31 34.96
C GLN JA 112 -78.74 24.27 33.65
N HIS JA 113 -78.84 25.34 32.87
CA HIS JA 113 -78.10 25.46 31.60
C HIS JA 113 -76.58 25.52 31.82
N LEU JA 114 -76.17 26.03 32.98
CA LEU JA 114 -74.76 26.10 33.34
C LEU JA 114 -74.17 24.73 33.64
N ALA JA 115 -74.95 23.90 34.33
CA ALA JA 115 -74.52 22.54 34.68
C ALA JA 115 -74.39 21.62 33.47
N SER JA 116 -75.12 21.94 32.40
CA SER JA 116 -75.04 21.17 31.14
C SER JA 116 -73.77 21.50 30.35
N ILE JA 117 -73.31 22.74 30.43
CA ILE JA 117 -72.07 23.15 29.75
C ILE JA 117 -70.85 22.56 30.48
N TYR JA 118 -70.91 22.51 31.81
CA TYR JA 118 -69.87 21.88 32.63
C TYR JA 118 -69.69 20.40 32.26
N GLU JA 119 -70.76 19.61 32.44
CA GLU JA 119 -70.71 18.16 32.24
C GLU JA 119 -70.26 17.79 30.82
N LYS JA 120 -70.75 18.54 29.83
CA LYS JA 120 -70.31 18.36 28.44
C LYS JA 120 -68.80 18.37 28.24
N GLU JA 121 -68.11 19.29 28.92
CA GLU JA 121 -66.66 19.44 28.78
C GLU JA 121 -65.89 18.65 29.86
N GLU JA 122 -66.34 17.43 30.15
CA GLU JA 122 -65.71 16.54 31.13
C GLU JA 122 -65.48 17.19 32.51
N ASP JA 123 -66.48 17.93 32.98
CA ASP JA 123 -66.46 18.51 34.32
C ASP JA 123 -67.56 17.87 35.16
N TRP JA 124 -67.18 16.87 35.96
CA TRP JA 124 -68.12 16.12 36.80
C TRP JA 124 -68.21 16.70 38.21
N ARG JA 125 -67.47 17.79 38.46
CA ARG JA 125 -67.40 18.41 39.78
C ARG JA 125 -68.28 19.65 39.85
N ASN JA 126 -67.97 20.65 39.02
CA ASN JA 126 -68.62 21.96 39.09
C ASN JA 126 -70.04 21.99 38.52
N ALA JA 127 -70.39 20.96 37.75
CA ALA JA 127 -71.77 20.79 37.27
C ALA JA 127 -72.69 20.48 38.46
N ALA JA 128 -72.21 19.61 39.35
CA ALA JA 128 -72.95 19.22 40.55
C ALA JA 128 -73.05 20.37 41.54
N GLN JA 129 -71.92 21.04 41.76
CA GLN JA 129 -71.84 22.14 42.74
C GLN JA 129 -72.75 23.33 42.43
N VAL JA 130 -73.16 23.46 41.17
CA VAL JA 130 -74.04 24.55 40.75
C VAL JA 130 -75.49 24.17 41.06
N LEU JA 131 -75.81 22.89 40.92
CA LEU JA 131 -77.15 22.38 41.24
C LEU JA 131 -77.39 22.33 42.75
N VAL JA 132 -76.31 22.21 43.53
CA VAL JA 132 -76.38 22.31 44.99
C VAL JA 132 -76.84 23.71 45.38
N GLY JA 133 -76.30 24.71 44.70
CA GLY JA 133 -76.64 26.10 44.96
C GLY JA 133 -78.08 26.49 44.64
N ILE JA 134 -78.72 25.74 43.74
CA ILE JA 134 -80.12 25.99 43.40
C ILE JA 134 -80.99 25.76 44.64
N PRO JA 135 -81.65 26.81 45.15
CA PRO JA 135 -82.45 26.68 46.37
C PRO JA 135 -83.78 25.99 46.10
N LEU JA 136 -83.77 24.66 46.16
CA LEU JA 136 -84.94 23.85 45.82
C LEU JA 136 -85.96 23.87 46.95
N GLU JA 137 -85.57 23.33 48.11
CA GLU JA 137 -86.46 23.19 49.26
C GLU JA 137 -86.32 24.42 50.16
N THR JA 138 -85.08 24.75 50.48
CA THR JA 138 -84.76 25.88 51.35
C THR JA 138 -85.22 27.21 50.78
N GLY JA 139 -85.30 27.30 49.45
CA GLY JA 139 -85.76 28.52 48.80
C GLY JA 139 -87.20 28.90 49.15
N GLN JA 140 -87.52 30.17 48.91
CA GLN JA 140 -88.87 30.70 49.15
C GLN JA 140 -89.90 29.98 48.29
N LYS JA 141 -89.55 29.72 47.03
CA LYS JA 141 -90.47 29.08 46.06
C LYS JA 141 -90.58 27.57 46.31
N GLN JA 142 -91.63 26.97 45.75
CA GLN JA 142 -91.90 25.54 45.86
C GLN JA 142 -91.87 24.88 44.49
N TYR JA 143 -91.33 23.66 44.42
CA TYR JA 143 -91.11 22.96 43.15
C TYR JA 143 -91.75 21.57 43.08
N ASN JA 144 -91.92 21.09 41.85
CA ASN JA 144 -92.57 19.79 41.64
C ASN JA 144 -91.67 18.56 41.91
N VAL JA 145 -92.28 17.37 41.79
CA VAL JA 145 -91.59 16.09 42.03
C VAL JA 145 -90.56 15.77 40.95
N ASP JA 146 -90.97 15.91 39.68
CA ASP JA 146 -90.12 15.57 38.53
C ASP JA 146 -88.92 16.49 38.34
N TYR JA 147 -88.90 17.63 39.04
CA TYR JA 147 -87.73 18.53 39.03
C TYR JA 147 -86.76 18.21 40.17
N LYS JA 148 -87.29 17.98 41.38
CA LYS JA 148 -86.47 17.67 42.55
C LYS JA 148 -85.85 16.28 42.48
N LEU JA 149 -86.66 15.29 42.09
CA LEU JA 149 -86.17 13.91 41.93
C LEU JA 149 -85.18 13.78 40.76
N GLU JA 150 -85.26 14.69 39.79
CA GLU JA 150 -84.32 14.74 38.67
C GLU JA 150 -83.03 15.48 39.04
N THR JA 151 -83.15 16.51 39.89
CA THR JA 151 -81.99 17.30 40.33
C THR JA 151 -81.06 16.49 41.23
N TYR JA 152 -81.63 15.84 42.25
CA TYR JA 152 -80.85 14.99 43.16
C TYR JA 152 -80.33 13.73 42.45
N LEU JA 153 -81.00 13.35 41.36
CA LEU JA 153 -80.52 12.26 40.50
C LEU JA 153 -79.21 12.65 39.85
N LYS JA 154 -79.19 13.86 39.27
CA LYS JA 154 -78.04 14.34 38.50
C LYS JA 154 -76.89 14.79 39.40
N ILE JA 155 -77.21 15.32 40.59
CA ILE JA 155 -76.20 15.70 41.57
C ILE JA 155 -75.43 14.49 42.07
N ALA JA 156 -76.15 13.46 42.49
CA ALA JA 156 -75.54 12.22 42.98
C ALA JA 156 -74.76 11.50 41.88
N ARG JA 157 -75.27 11.54 40.66
CA ARG JA 157 -74.61 10.90 39.52
C ARG JA 157 -73.29 11.57 39.14
N LEU JA 158 -73.18 12.87 39.41
CA LEU JA 158 -71.99 13.65 39.04
C LEU JA 158 -70.84 13.49 40.03
N TYR JA 159 -71.15 13.49 41.33
CA TYR JA 159 -70.12 13.31 42.36
C TYR JA 159 -69.46 11.93 42.32
N LEU JA 160 -70.17 10.94 41.78
CA LEU JA 160 -69.60 9.62 41.53
C LEU JA 160 -68.63 9.64 40.34
N GLU JA 161 -68.99 10.37 39.29
CA GLU JA 161 -68.18 10.47 38.07
C GLU JA 161 -66.81 11.11 38.31
N ASP JA 162 -66.70 11.91 39.37
CA ASP JA 162 -65.41 12.46 39.81
C ASP JA 162 -64.80 11.61 40.94
N ASP JA 163 -65.33 10.40 41.14
CA ASP JA 163 -64.99 9.54 42.28
C ASP JA 163 -65.02 10.29 43.62
N ASP JA 164 -66.23 10.42 44.17
CA ASP JA 164 -66.42 10.99 45.50
C ASP JA 164 -67.78 10.56 46.04
N PRO JA 165 -67.89 9.29 46.49
CA PRO JA 165 -69.14 8.77 47.03
C PRO JA 165 -69.54 9.34 48.40
N VAL JA 166 -68.64 10.09 49.04
CA VAL JA 166 -68.96 10.81 50.28
C VAL JA 166 -70.03 11.87 49.98
N GLN JA 167 -69.91 12.53 48.82
CA GLN JA 167 -70.86 13.55 48.38
C GLN JA 167 -72.09 12.94 47.69
N ALA JA 168 -71.84 11.96 46.82
CA ALA JA 168 -72.91 11.33 46.04
C ALA JA 168 -73.97 10.64 46.91
N GLU JA 169 -73.55 10.09 48.03
CA GLU JA 169 -74.45 9.41 48.96
C GLU JA 169 -75.39 10.39 49.68
N ALA JA 170 -74.91 11.61 49.90
CA ALA JA 170 -75.67 12.60 50.66
C ALA JA 170 -76.93 13.10 49.95
N TYR JA 171 -76.85 13.29 48.63
CA TYR JA 171 -77.97 13.85 47.87
C TYR JA 171 -78.96 12.80 47.36
N ILE JA 172 -78.46 11.59 47.10
CA ILE JA 172 -79.34 10.46 46.74
C ILE JA 172 -80.18 10.00 47.94
N ASN JA 173 -79.68 10.24 49.16
CA ASN JA 173 -80.47 10.05 50.37
C ASN JA 173 -81.65 11.01 50.44
N ARG JA 174 -81.42 12.24 50.00
CA ARG JA 174 -82.47 13.27 49.92
C ARG JA 174 -83.37 13.06 48.69
N ALA JA 175 -82.89 12.29 47.72
CA ALA JA 175 -83.69 11.88 46.55
C ALA JA 175 -84.68 10.78 46.89
N SER JA 176 -84.35 9.93 47.88
CA SER JA 176 -85.21 8.82 48.28
C SER JA 176 -86.51 9.27 48.95
N LEU JA 177 -86.52 10.50 49.48
CA LEU JA 177 -87.72 11.08 50.07
C LEU JA 177 -88.84 11.30 49.04
N LEU JA 178 -88.45 11.61 47.81
CA LEU JA 178 -89.39 12.04 46.77
C LEU JA 178 -89.56 11.03 45.62
N GLN JA 179 -89.07 9.80 45.80
CA GLN JA 179 -89.20 8.75 44.77
C GLN JA 179 -90.44 7.88 44.99
N ASN JA 180 -90.90 7.79 46.23
CA ASN JA 180 -92.18 7.16 46.55
C ASN JA 180 -93.36 7.97 46.02
N GLU JA 181 -93.17 9.28 45.97
CA GLU JA 181 -94.20 10.25 45.60
C GLU JA 181 -94.45 10.37 44.10
N SER JA 182 -93.54 9.83 43.28
CA SER JA 182 -93.61 10.02 41.83
C SER JA 182 -94.51 9.01 41.13
N THR JA 183 -95.14 9.46 40.04
CA THR JA 183 -95.91 8.58 39.15
C THR JA 183 -95.22 8.44 37.79
N ASN JA 184 -94.00 8.96 37.70
CA ASN JA 184 -93.22 8.92 36.48
C ASN JA 184 -92.56 7.56 36.37
N GLU JA 185 -92.83 6.85 35.28
CA GLU JA 185 -92.42 5.45 35.16
C GLU JA 185 -91.00 5.27 34.58
N GLN JA 186 -90.37 6.36 34.15
CA GLN JA 186 -88.96 6.31 33.70
C GLN JA 186 -88.01 7.01 34.68
N LEU JA 187 -88.52 7.96 35.46
CA LEU JA 187 -87.70 8.69 36.45
C LEU JA 187 -87.37 7.82 37.67
N GLN JA 188 -88.33 6.98 38.08
CA GLN JA 188 -88.09 5.98 39.12
C GLN JA 188 -87.10 4.91 38.65
N ILE JA 189 -87.10 4.60 37.35
CA ILE JA 189 -86.15 3.65 36.76
C ILE JA 189 -84.73 4.20 36.79
N HIS JA 190 -84.56 5.47 36.46
CA HIS JA 190 -83.24 6.11 36.49
C HIS JA 190 -82.76 6.44 37.91
N TYR JA 191 -83.64 6.33 38.90
CA TYR JA 191 -83.26 6.38 40.31
C TYR JA 191 -82.68 5.03 40.80
N LYS JA 192 -83.25 3.92 40.34
CA LYS JA 192 -82.78 2.58 40.73
C LYS JA 192 -81.48 2.19 40.00
N VAL JA 193 -81.28 2.72 38.79
CA VAL JA 193 -80.00 2.58 38.07
C VAL JA 193 -78.92 3.40 38.76
N CYS JA 194 -79.31 4.55 39.33
CA CYS JA 194 -78.38 5.44 40.05
C CYS JA 194 -78.26 5.11 41.55
N TYR JA 195 -79.21 4.34 42.09
CA TYR JA 195 -79.11 3.88 43.48
C TYR JA 195 -78.33 2.57 43.57
N ALA JA 196 -78.43 1.74 42.54
CA ALA JA 196 -77.60 0.54 42.42
C ALA JA 196 -76.10 0.91 42.38
N ARG JA 197 -75.79 2.03 41.72
CA ARG JA 197 -74.42 2.52 41.58
C ARG JA 197 -73.88 3.17 42.86
N VAL JA 198 -74.75 3.74 43.69
CA VAL JA 198 -74.34 4.30 44.98
C VAL JA 198 -73.94 3.18 45.95
N LEU JA 199 -74.61 2.04 45.85
CA LEU JA 199 -74.25 0.87 46.65
C LEU JA 199 -73.03 0.16 46.03
N ASP JA 200 -72.82 0.34 44.73
CA ASP JA 200 -71.66 -0.21 44.01
C ASP JA 200 -70.37 0.53 44.37
N TYR JA 201 -70.40 1.86 44.27
CA TYR JA 201 -69.23 2.71 44.62
C TYR JA 201 -69.00 2.83 46.13
N ARG JA 202 -70.00 2.44 46.94
CA ARG JA 202 -69.83 2.33 48.39
C ARG JA 202 -69.54 0.89 48.84
N ARG JA 203 -69.28 0.00 47.87
CA ARG JA 203 -68.84 -1.38 48.15
C ARG JA 203 -69.85 -2.23 48.93
N LYS JA 204 -71.14 -1.98 48.66
CA LYS JA 204 -72.21 -2.88 49.08
C LYS JA 204 -72.60 -3.67 47.84
N PHE JA 205 -71.71 -4.59 47.46
CA PHE JA 205 -71.81 -5.30 46.19
C PHE JA 205 -73.00 -6.29 46.15
N ILE JA 206 -73.32 -6.90 47.29
CA ILE JA 206 -74.38 -7.92 47.37
C ILE JA 206 -75.78 -7.29 47.23
N GLU JA 207 -75.99 -6.14 47.90
CA GLU JA 207 -77.24 -5.40 47.79
C GLU JA 207 -77.34 -4.68 46.44
N ALA JA 208 -76.19 -4.32 45.87
CA ALA JA 208 -76.13 -3.73 44.54
C ALA JA 208 -76.59 -4.70 43.46
N ALA JA 209 -76.27 -5.99 43.64
CA ALA JA 209 -76.69 -7.05 42.71
C ALA JA 209 -78.21 -7.21 42.66
N GLN JA 210 -78.90 -6.93 43.77
CA GLN JA 210 -80.37 -7.01 43.84
C GLN JA 210 -81.06 -5.90 43.05
N ARG JA 211 -80.41 -4.73 42.98
CA ARG JA 211 -80.92 -3.58 42.22
C ARG JA 211 -80.73 -3.78 40.72
N TYR JA 212 -79.51 -4.16 40.34
CA TYR JA 212 -79.14 -4.40 38.95
C TYR JA 212 -79.94 -5.54 38.34
N ASN JA 213 -80.08 -6.65 39.08
CA ASN JA 213 -80.84 -7.82 38.62
C ASN JA 213 -82.32 -7.48 38.39
N GLU JA 214 -82.91 -6.74 39.31
CA GLU JA 214 -84.30 -6.24 39.19
C GLU JA 214 -84.58 -5.47 37.89
N LEU JA 215 -83.64 -4.59 37.51
CA LEU JA 215 -83.83 -3.67 36.38
C LEU JA 215 -83.76 -4.36 35.00
N SER JA 216 -83.04 -5.47 34.92
CA SER JA 216 -82.97 -6.25 33.68
C SER JA 216 -84.28 -7.01 33.41
N TYR JA 217 -85.06 -7.27 34.46
CA TYR JA 217 -86.36 -7.96 34.32
C TYR JA 217 -87.51 -7.04 33.91
N LYS JA 218 -87.30 -5.72 34.00
CA LYS JA 218 -88.33 -4.74 33.60
C LYS JA 218 -88.36 -4.54 32.08
N THR JA 219 -89.54 -4.73 31.48
CA THR JA 219 -89.73 -4.62 30.03
C THR JA 219 -89.78 -3.17 29.53
N ILE JA 220 -90.32 -2.27 30.36
CA ILE JA 220 -90.33 -0.83 30.09
C ILE JA 220 -88.94 -0.28 29.72
N VAL JA 221 -87.90 -0.84 30.33
CA VAL JA 221 -86.52 -0.53 29.96
C VAL JA 221 -86.21 -1.22 28.63
N HIS JA 222 -85.60 -0.48 27.71
CA HIS JA 222 -85.33 -0.99 26.36
C HIS JA 222 -84.38 -2.19 26.40
N GLU JA 223 -84.50 -3.09 25.42
CA GLU JA 223 -83.84 -4.41 25.47
C GLU JA 223 -82.31 -4.39 25.57
N SER JA 224 -81.67 -3.42 24.91
CA SER JA 224 -80.21 -3.30 24.94
C SER JA 224 -79.71 -2.77 26.29
N GLU JA 225 -80.59 -2.10 27.04
CA GLU JA 225 -80.27 -1.57 28.38
C GLU JA 225 -80.53 -2.59 29.50
N ARG JA 226 -81.25 -3.68 29.20
CA ARG JA 226 -81.44 -4.77 30.17
C ARG JA 226 -80.22 -5.68 30.21
N LEU JA 227 -79.42 -5.67 29.13
CA LEU JA 227 -78.17 -6.43 29.05
C LEU JA 227 -77.13 -5.89 30.02
N GLU JA 228 -77.00 -4.57 30.08
CA GLU JA 228 -76.12 -3.91 31.03
C GLU JA 228 -76.64 -4.06 32.45
N ALA JA 229 -77.96 -3.95 32.63
CA ALA JA 229 -78.62 -4.11 33.92
C ALA JA 229 -78.32 -5.47 34.54
N LEU JA 230 -78.36 -6.52 33.71
CA LEU JA 230 -78.07 -7.87 34.17
C LEU JA 230 -76.57 -8.10 34.41
N LYS JA 231 -75.73 -7.48 33.59
CA LYS JA 231 -74.29 -7.68 33.69
C LYS JA 231 -73.63 -6.97 34.87
N HIS JA 232 -74.15 -5.79 35.23
CA HIS JA 232 -73.70 -5.09 36.45
C HIS JA 232 -74.04 -5.88 37.73
N ALA JA 233 -75.13 -6.65 37.68
CA ALA JA 233 -75.49 -7.55 38.77
C ALA JA 233 -74.47 -8.69 38.91
N LEU JA 234 -74.05 -9.23 37.76
CA LEU JA 234 -73.05 -10.30 37.70
C LEU JA 234 -71.73 -9.91 38.36
N HIS JA 235 -71.19 -8.77 37.95
CA HIS JA 235 -69.95 -8.25 38.53
C HIS JA 235 -70.06 -8.05 40.04
N CYS JA 236 -71.12 -7.40 40.48
CA CYS JA 236 -71.34 -7.11 41.90
C CYS JA 236 -71.81 -8.34 42.69
N THR JA 237 -72.32 -9.35 42.00
CA THR JA 237 -72.58 -10.65 42.63
C THR JA 237 -71.27 -11.42 42.86
N ILE JA 238 -70.35 -11.34 41.89
CA ILE JA 238 -69.06 -12.04 41.99
C ILE JA 238 -68.12 -11.38 43.02
N LEU JA 239 -67.92 -10.06 42.88
CA LEU JA 239 -66.96 -9.31 43.70
C LEU JA 239 -67.38 -9.09 45.15
N ALA JA 240 -68.63 -9.40 45.48
CA ALA JA 240 -69.11 -9.36 46.87
C ALA JA 240 -68.45 -10.46 47.70
N SER JA 241 -68.54 -10.32 49.02
CA SER JA 241 -68.04 -11.33 49.93
C SER JA 241 -68.96 -12.55 49.93
N ALA JA 242 -68.41 -13.69 50.33
CA ALA JA 242 -69.13 -14.96 50.27
C ALA JA 242 -70.30 -15.02 51.24
N GLY JA 243 -71.42 -14.43 50.83
CA GLY JA 243 -72.66 -14.52 51.60
C GLY JA 243 -73.49 -15.69 51.10
N GLN JA 244 -74.48 -16.11 51.90
CA GLN JA 244 -75.42 -17.13 51.48
C GLN JA 244 -76.47 -16.54 50.53
N GLN JA 245 -76.76 -15.26 50.71
CA GLN JA 245 -77.58 -14.51 49.76
C GLN JA 245 -76.93 -14.50 48.37
N ARG JA 246 -75.60 -14.37 48.36
CA ARG JA 246 -74.80 -14.39 47.14
C ARG JA 246 -74.91 -15.73 46.39
N SER JA 247 -75.03 -16.82 47.15
CA SER JA 247 -75.21 -18.16 46.57
C SER JA 247 -76.55 -18.31 45.82
N ARG JA 248 -77.57 -17.59 46.28
CA ARG JA 248 -78.89 -17.61 45.64
C ARG JA 248 -78.92 -16.68 44.42
N MET JA 249 -78.13 -15.60 44.47
CA MET JA 249 -77.92 -14.74 43.31
C MET JA 249 -77.17 -15.48 42.22
N LEU JA 250 -76.07 -16.11 42.59
CA LEU JA 250 -75.28 -16.95 41.67
C LEU JA 250 -76.13 -18.04 41.01
N ALA JA 251 -77.10 -18.57 41.75
CA ALA JA 251 -78.06 -19.55 41.21
C ALA JA 251 -78.99 -18.91 40.18
N THR JA 252 -79.50 -17.73 40.48
CA THR JA 252 -80.33 -16.97 39.55
C THR JA 252 -79.56 -16.58 38.28
N LEU JA 253 -78.25 -16.40 38.41
CA LEU JA 253 -77.40 -16.02 37.29
C LEU JA 253 -77.05 -17.17 36.32
N PHE JA 254 -76.98 -18.40 36.82
CA PHE JA 254 -76.82 -19.56 35.93
C PHE JA 254 -78.16 -20.01 35.37
N LYS JA 255 -79.22 -19.90 36.16
CA LYS JA 255 -80.59 -20.20 35.73
C LYS JA 255 -81.05 -19.33 34.55
N ASP JA 256 -80.59 -18.07 34.53
CA ASP JA 256 -80.97 -17.11 33.49
C ASP JA 256 -80.09 -17.27 32.25
N GLU JA 257 -80.69 -17.68 31.13
CA GLU JA 257 -79.96 -17.90 29.87
C GLU JA 257 -79.37 -16.60 29.32
N ARG JA 258 -79.95 -15.47 29.70
CA ARG JA 258 -79.47 -14.15 29.29
C ARG JA 258 -78.03 -13.90 29.75
N CYS JA 259 -77.68 -14.49 30.90
CA CYS JA 259 -76.32 -14.36 31.45
C CYS JA 259 -75.28 -15.13 30.65
N GLN JA 260 -75.68 -16.22 29.98
CA GLN JA 260 -74.77 -16.98 29.12
C GLN JA 260 -74.08 -16.10 28.08
N GLN JA 261 -74.80 -15.08 27.61
CA GLN JA 261 -74.28 -14.12 26.64
C GLN JA 261 -73.15 -13.26 27.19
N LEU JA 262 -73.15 -13.04 28.50
CA LEU JA 262 -72.18 -12.16 29.16
C LEU JA 262 -70.78 -12.78 29.13
N ALA JA 263 -69.76 -11.91 29.13
CA ALA JA 263 -68.37 -12.33 28.99
C ALA JA 263 -67.79 -13.04 30.21
N ALA JA 264 -68.35 -12.76 31.39
CA ALA JA 264 -67.91 -13.40 32.63
C ALA JA 264 -68.80 -14.60 32.99
N TYR JA 265 -69.15 -15.39 31.98
CA TYR JA 265 -69.87 -16.64 32.18
C TYR JA 265 -68.88 -17.76 32.50
N GLY JA 266 -67.68 -17.70 31.92
CA GLY JA 266 -66.59 -18.62 32.26
C GLY JA 266 -66.18 -18.52 33.72
N ILE JA 267 -66.35 -17.34 34.30
CA ILE JA 267 -66.14 -17.14 35.73
C ILE JA 267 -67.36 -17.64 36.51
N LEU JA 268 -68.57 -17.24 36.08
CA LEU JA 268 -69.83 -17.60 36.76
C LEU JA 268 -70.11 -19.10 36.74
N GLU JA 269 -70.12 -19.69 35.54
CA GLU JA 269 -70.26 -21.15 35.38
C GLU JA 269 -69.39 -21.87 36.40
N LYS JA 270 -68.11 -21.46 36.47
CA LYS JA 270 -67.14 -22.05 37.38
C LYS JA 270 -67.30 -21.58 38.83
N MET JA 271 -67.96 -20.44 39.02
CA MET JA 271 -68.19 -19.91 40.36
C MET JA 271 -69.35 -20.60 41.07
N TYR JA 272 -70.55 -20.54 40.46
CA TYR JA 272 -71.77 -21.09 41.06
C TYR JA 272 -71.65 -22.59 41.36
N LEU JA 273 -71.05 -23.32 40.44
CA LEU JA 273 -70.94 -24.77 40.55
C LEU JA 273 -69.71 -25.20 41.35
N ASP JA 274 -68.99 -24.22 41.91
CA ASP JA 274 -67.87 -24.46 42.82
C ASP JA 274 -66.71 -25.14 42.11
N ARG JA 275 -66.21 -24.44 41.11
CA ARG JA 275 -65.10 -24.92 40.31
C ARG JA 275 -63.91 -23.99 40.55
N ILE JA 276 -62.71 -24.52 40.31
CA ILE JA 276 -61.47 -23.78 40.49
C ILE JA 276 -61.36 -22.71 39.41
N ILE JA 277 -60.84 -21.55 39.79
CA ILE JA 277 -60.59 -20.45 38.87
C ILE JA 277 -59.10 -20.18 38.84
N ARG JA 278 -58.50 -20.22 37.66
CA ARG JA 278 -57.06 -20.03 37.52
C ARG JA 278 -56.70 -18.56 37.73
N GLY JA 279 -55.40 -18.29 37.66
CA GLY JA 279 -54.89 -16.93 37.72
C GLY JA 279 -54.76 -16.27 36.34
N ASN JA 280 -55.13 -16.98 35.26
CA ASN JA 280 -55.22 -16.37 33.91
C ASN JA 280 -56.64 -15.83 33.63
N GLN JA 281 -57.64 -16.44 34.27
CA GLN JA 281 -59.01 -15.91 34.27
C GLN JA 281 -59.17 -14.84 35.36
N LEU JA 282 -58.29 -14.87 36.36
CA LEU JA 282 -58.16 -13.78 37.33
C LEU JA 282 -57.75 -12.48 36.61
N GLN JA 283 -56.86 -12.60 35.63
CA GLN JA 283 -56.44 -11.48 34.77
C GLN JA 283 -57.55 -11.06 33.80
N GLU JA 284 -58.10 -12.05 33.10
CA GLU JA 284 -59.24 -11.85 32.21
C GLU JA 284 -60.34 -11.05 32.91
N PHE JA 285 -60.74 -11.53 34.08
CA PHE JA 285 -61.79 -10.88 34.85
C PHE JA 285 -61.33 -9.57 35.48
N ALA JA 286 -60.05 -9.49 35.85
CA ALA JA 286 -59.46 -8.24 36.36
C ALA JA 286 -59.49 -7.10 35.34
N ALA JA 287 -59.36 -7.44 34.07
CA ALA JA 287 -59.42 -6.47 32.98
C ALA JA 287 -60.82 -5.89 32.80
N MET JA 288 -61.84 -6.71 33.06
CA MET JA 288 -63.25 -6.29 32.95
C MET JA 288 -63.69 -5.33 34.06
N LEU JA 289 -63.04 -5.41 35.22
CA LEU JA 289 -63.47 -4.64 36.40
C LEU JA 289 -63.27 -3.14 36.25
N MET JA 290 -63.95 -2.40 37.12
CA MET JA 290 -63.83 -0.95 37.19
C MET JA 290 -62.74 -0.63 38.22
N PRO JA 291 -62.11 0.55 38.12
CA PRO JA 291 -60.97 0.88 38.97
C PRO JA 291 -61.25 0.82 40.48
N HIS JA 292 -62.40 1.33 40.91
CA HIS JA 292 -62.75 1.39 42.33
C HIS JA 292 -63.03 0.02 42.97
N GLN JA 293 -63.40 -0.97 42.16
CA GLN JA 293 -63.80 -2.30 42.66
C GLN JA 293 -62.63 -3.18 43.15
N LYS JA 294 -61.38 -2.75 42.93
CA LYS JA 294 -60.18 -3.54 43.29
C LYS JA 294 -59.35 -2.97 44.39
N ALA JA 295 -60.98 -1.35 45.45
CA ALA JA 295 -59.87 -0.82 46.21
C ALA JA 295 -59.07 -1.86 46.94
N THR JA 296 -57.91 -1.39 47.36
CA THR JA 296 -57.03 -2.14 48.22
C THR JA 296 -57.05 -1.55 49.63
N THR JA 297 -56.95 -2.42 50.63
CA THR JA 297 -56.86 -2.00 52.03
C THR JA 297 -55.83 -2.80 52.81
N ALA JA 298 -55.31 -2.20 53.87
CA ALA JA 298 -54.32 -2.83 54.77
C ALA JA 298 -53.04 -3.30 54.05
N ASP JA 299 -53.09 -4.48 53.44
CA ASP JA 299 -51.90 -5.11 52.85
C ASP JA 299 -51.69 -4.80 51.35
N GLY JA 300 -52.58 -4.00 50.76
CA GLY JA 300 -52.45 -3.60 49.36
C GLY JA 300 -53.01 -4.60 48.36
N SER JA 301 -53.67 -5.65 48.85
CA SER JA 301 -54.31 -6.64 47.99
C SER JA 301 -55.74 -6.25 47.71
N SER JA 302 -56.23 -6.64 46.54
CA SER JA 302 -57.58 -6.31 46.08
C SER JA 302 -58.61 -7.21 46.73
N ILE JA 303 -59.89 -6.91 46.53
CA ILE JA 303 -60.96 -7.84 46.84
C ILE JA 303 -60.81 -9.04 45.92
N LEU JA 304 -60.58 -8.77 44.64
CA LEU JA 304 -60.33 -9.83 43.65
C LEU JA 304 -59.27 -10.81 44.12
N ASP JA 305 -58.02 -10.37 44.19
CA ASP JA 305 -56.89 -11.29 44.44
C ASP JA 305 -56.95 -12.02 45.78
N ARG JA 306 -57.83 -11.58 46.67
CA ARG JA 306 -57.98 -12.22 47.98
C ARG JA 306 -59.33 -12.95 48.12
N ALA JA 307 -60.45 -12.31 47.76
CA ALA JA 307 -61.77 -12.96 47.76
C ALA JA 307 -61.86 -14.09 46.72
N VAL JA 308 -61.05 -14.01 45.66
CA VAL JA 308 -60.95 -15.08 44.65
C VAL JA 308 -60.30 -16.33 45.26
N ILE JA 309 -59.03 -16.20 45.66
CA ILE JA 309 -58.25 -17.34 46.12
C ILE JA 309 -58.84 -17.96 47.41
N GLU JA 310 -59.54 -17.14 48.21
CA GLU JA 310 -60.26 -17.65 49.38
C GLU JA 310 -61.43 -18.55 49.00
N HIS JA 311 -62.10 -18.22 47.89
CA HIS JA 311 -63.14 -19.10 47.34
C HIS JA 311 -62.55 -20.44 46.91
N ASN JA 312 -61.35 -20.40 46.34
CA ASN JA 312 -60.65 -21.62 45.93
C ASN JA 312 -60.46 -22.62 47.09
N LEU JA 313 -60.09 -22.12 48.27
CA LEU JA 313 -59.95 -22.97 49.45
C LEU JA 313 -61.26 -23.67 49.80
N LEU JA 314 -62.31 -22.88 49.98
CA LEU JA 314 -63.62 -23.38 50.39
C LEU JA 314 -64.18 -24.42 49.40
N SER JA 315 -63.87 -24.24 48.13
CA SER JA 315 -64.20 -25.22 47.11
C SER JA 315 -63.35 -26.48 47.28
N ALA JA 316 -62.05 -26.30 47.45
CA ALA JA 316 -61.11 -27.41 47.64
C ALA JA 316 -61.38 -28.20 48.92
N SER JA 317 -61.88 -27.51 49.94
CA SER JA 317 -62.09 -28.09 51.27
C SER JA 317 -62.86 -29.41 51.25
N LYS JA 318 -64.11 -29.36 50.84
CA LYS JA 318 -65.01 -30.51 50.93
C LYS JA 318 -64.77 -31.56 49.82
N LEU JA 319 -64.08 -31.15 48.74
CA LEU JA 319 -63.65 -32.09 47.70
C LEU JA 319 -62.54 -32.98 48.25
N TYR JA 320 -61.53 -32.34 48.84
CA TYR JA 320 -60.50 -33.06 49.59
C TYR JA 320 -61.01 -33.47 50.98
N ASN JA 321 -60.16 -34.17 51.72
CA ASN JA 321 -60.31 -34.32 53.18
C ASN JA 321 -59.06 -33.85 53.94
N ASN JA 322 -57.93 -33.74 53.24
CA ASN JA 322 -56.69 -33.19 53.81
C ASN JA 322 -55.64 -32.95 52.71
N ILE JA 323 -54.71 -32.04 52.97
CA ILE JA 323 -53.65 -31.71 52.00
C ILE JA 323 -52.50 -30.93 52.66
N THR JA 324 -51.31 -31.04 52.07
CA THR JA 324 -50.16 -30.27 52.51
C THR JA 324 -50.24 -28.84 52.01
N PHE JA 325 -49.51 -27.95 52.66
CA PHE JA 325 -49.56 -26.52 52.32
C PHE JA 325 -48.76 -26.22 51.07
N GLU JA 326 -47.59 -26.87 50.95
CA GLU JA 326 -46.78 -26.79 49.73
C GLU JA 326 -47.64 -27.10 48.51
N GLU JA 327 -48.28 -28.28 48.53
CA GLU JA 327 -49.04 -28.76 47.40
C GLU JA 327 -50.40 -28.06 47.28
N LEU JA 328 -50.91 -27.54 48.39
CA LEU JA 328 -52.13 -26.73 48.37
C LEU JA 328 -51.86 -25.36 47.75
N GLY JA 329 -50.87 -24.66 48.28
CA GLY JA 329 -50.45 -23.38 47.74
C GLY JA 329 -50.10 -23.45 46.26
N ALA JA 330 -49.54 -24.59 45.83
CA ALA JA 330 -49.25 -24.84 44.42
C ALA JA 330 -50.50 -24.86 43.56
N LEU JA 331 -51.60 -25.37 44.11
CA LEU JA 331 -52.89 -25.41 43.41
C LEU JA 331 -53.59 -24.05 43.39
N LEU JA 332 -53.50 -23.30 44.49
CA LEU JA 332 -54.18 -22.02 44.61
C LEU JA 332 -53.33 -20.82 44.15
N GLU JA 333 -52.12 -21.13 43.66
CA GLU JA 333 -51.22 -20.14 43.04
C GLU JA 333 -50.76 -19.05 43.99
N ILE JA 334 -50.02 -19.47 45.01
CA ILE JA 334 -49.50 -18.60 46.06
C ILE JA 334 -48.34 -19.33 46.77
N PRO JA 335 -47.47 -18.59 47.47
CA PRO JA 335 -46.52 -19.26 48.37
C PRO JA 335 -47.22 -19.91 49.55
N ALA JA 336 -46.84 -21.15 49.87
CA ALA JA 336 -47.53 -21.97 50.88
C ALA JA 336 -47.83 -21.19 52.17
N ALA JA 337 -46.83 -20.44 52.64
CA ALA JA 337 -46.97 -19.62 53.83
C ALA JA 337 -48.31 -18.90 53.84
N LYS JA 338 -48.66 -18.28 52.72
CA LYS JA 338 -49.92 -17.55 52.59
C LYS JA 338 -51.11 -18.48 52.80
N ALA JA 339 -51.16 -19.56 52.04
CA ALA JA 339 -52.25 -20.52 52.13
C ALA JA 339 -52.48 -20.93 53.58
N GLU JA 340 -51.43 -21.44 54.20
CA GLU JA 340 -51.46 -21.83 55.61
C GLU JA 340 -52.18 -20.78 56.46
N LYS JA 341 -51.77 -19.53 56.28
CA LYS JA 341 -52.25 -18.45 57.14
C LYS JA 341 -53.71 -18.10 56.89
N ILE JA 342 -54.05 -17.80 55.63
CA ILE JA 342 -55.42 -17.41 55.30
C ILE JA 342 -56.40 -18.56 55.53
N ALA JA 343 -55.96 -19.78 55.27
CA ALA JA 343 -56.76 -20.96 55.58
C ALA JA 343 -57.17 -20.93 57.04
N SER JA 344 -56.23 -20.57 57.91
CA SER JA 344 -56.48 -20.45 59.34
C SER JA 344 -57.62 -19.47 59.61
N GLN JA 345 -57.55 -18.29 58.99
CA GLN JA 345 -58.62 -17.28 59.12
C GLN JA 345 -59.99 -17.89 58.85
N MET JA 346 -60.13 -18.53 57.70
CA MET JA 346 -61.41 -19.07 57.26
C MET JA 346 -61.99 -20.07 58.26
N ILE JA 347 -61.12 -20.72 59.02
CA ILE JA 347 -61.55 -21.53 60.15
C ILE JA 347 -61.88 -20.61 61.31
N THR JA 348 -60.92 -19.76 61.68
CA THR JA 348 -61.05 -18.89 62.83
C THR JA 348 -62.32 -18.07 62.77
N GLU JA 349 -62.53 -17.37 61.67
CA GLU JA 349 -63.71 -16.53 61.47
C GLU JA 349 -64.99 -17.36 61.39
N GLY JA 350 -64.86 -18.64 61.03
CA GLY JA 350 -65.96 -19.58 61.10
C GLY JA 350 -66.70 -19.70 59.78
N ARG JA 351 -65.96 -19.97 58.72
CA ARG JA 351 -66.53 -20.13 57.37
C ARG JA 351 -66.22 -21.50 56.74
N MET JA 352 -65.48 -22.35 57.45
CA MET JA 352 -65.04 -23.64 56.92
C MET JA 352 -64.37 -24.39 58.06
N ASN JA 353 -65.03 -25.41 58.60
CA ASN JA 353 -64.48 -26.15 59.74
C ASN JA 353 -63.27 -26.98 59.34
N GLY JA 354 -62.41 -27.26 60.31
CA GLY JA 354 -61.13 -27.94 60.06
C GLY JA 354 -60.08 -27.49 61.05
N PHE JA 355 -58.83 -27.90 60.83
CA PHE JA 355 -57.74 -27.56 61.75
C PHE JA 355 -56.35 -27.79 61.13
N ILE JA 356 -55.33 -27.31 61.82
CA ILE JA 356 -53.96 -27.27 61.29
C ILE JA 356 -52.96 -28.07 62.13
N ASP JA 357 -52.04 -28.75 61.44
CA ASP JA 357 -50.92 -29.46 62.06
C ASP JA 357 -49.63 -28.92 61.46
N GLN JA 358 -49.09 -27.89 62.09
CA GLN JA 358 -48.00 -27.10 61.50
C GLN JA 358 -46.69 -27.89 61.35
N ILE JA 359 -46.43 -28.80 62.29
CA ILE JA 359 -45.20 -29.61 62.25
C ILE JA 359 -45.16 -30.42 60.96
N ASP JA 360 -46.27 -31.07 60.65
CA ASP JA 360 -46.40 -31.83 59.43
C ASP JA 360 -46.46 -30.89 58.24
N GLY JA 361 -47.30 -29.86 58.35
CA GLY JA 361 -47.60 -28.97 57.25
C GLY JA 361 -48.85 -29.40 56.51
N ILE JA 362 -49.85 -29.89 57.26
CA ILE JA 362 -51.09 -30.43 56.70
C ILE JA 362 -52.29 -29.73 57.34
N VAL JA 363 -53.34 -29.57 56.55
CA VAL JA 363 -54.62 -29.10 57.05
C VAL JA 363 -55.63 -30.23 56.86
N HIS JA 364 -56.59 -30.33 57.78
CA HIS JA 364 -57.63 -31.36 57.72
C HIS JA 364 -58.98 -30.70 57.49
N PHE JA 365 -59.72 -31.23 56.53
CA PHE JA 365 -60.93 -30.58 56.03
C PHE JA 365 -62.20 -31.28 56.48
N GLU JA 366 -63.34 -30.79 55.98
CA GLU JA 366 -64.62 -31.47 56.09
C GLU JA 366 -64.51 -32.93 55.66
N THR JA 367 -64.28 -33.79 56.66
CA THR JA 367 -64.24 -35.23 56.49
C THR JA 367 -65.64 -35.83 56.70
N ARG JA 368 -66.12 -35.81 57.94
CA ARG JA 368 -67.39 -36.44 58.35
C ARG JA 368 -67.44 -37.92 57.97
N GLU JA 369 -66.32 -38.60 58.17
CA GLU JA 369 -66.14 -39.96 57.66
C GLU JA 369 -66.64 -41.00 58.68
N ALA JA 370 -66.23 -42.25 58.51
CA ALA JA 370 -66.62 -43.36 59.40
C ALA JA 370 -68.05 -43.83 59.09
N LEU JA 371 -68.78 -44.29 60.10
CA LEU JA 371 -70.08 -44.94 59.91
C LEU JA 371 -71.18 -44.02 59.36
N PRO JA 372 -71.12 -42.71 59.66
CA PRO JA 372 -72.05 -41.82 58.97
C PRO JA 372 -71.98 -41.93 57.45
N THR JA 373 -70.77 -42.09 56.91
CA THR JA 373 -70.56 -42.29 55.47
C THR JA 373 -71.31 -43.53 54.97
N TRP JA 374 -71.33 -44.57 55.80
CA TRP JA 374 -72.00 -45.83 55.49
C TRP JA 374 -73.48 -45.61 55.14
N ASP JA 375 -74.18 -44.85 55.97
CA ASP JA 375 -75.60 -44.54 55.74
C ASP JA 375 -75.87 -43.84 54.40
N LYS JA 376 -74.96 -42.95 54.00
CA LYS JA 376 -75.07 -42.26 52.71
C LYS JA 376 -74.74 -43.18 51.55
N GLN JA 377 -73.73 -44.03 51.73
CA GLN JA 377 -73.32 -44.99 50.70
C GLN JA 377 -74.31 -46.13 50.51
N ILE JA 378 -75.20 -46.33 51.49
CA ILE JA 378 -76.35 -47.19 51.32
C ILE JA 378 -77.35 -46.48 50.41
N GLN JA 379 -77.71 -45.26 50.79
CA GLN JA 379 -78.67 -44.45 50.03
C GLN JA 379 -78.17 -44.16 48.61
N SER JA 380 -76.89 -43.84 48.49
CA SER JA 380 -76.26 -43.57 47.19
C SER JA 380 -76.54 -44.67 46.17
N LEU JA 381 -76.54 -45.92 46.63
CA LEU JA 381 -76.83 -47.07 45.77
C LEU JA 381 -78.32 -47.46 45.78
N CYS JA 382 -78.97 -47.31 46.93
CA CYS JA 382 -80.40 -47.65 47.04
C CYS JA 382 -81.32 -46.78 46.18
N PHE JA 383 -80.96 -45.51 46.01
CA PHE JA 383 -81.73 -44.60 45.14
C PHE JA 383 -81.49 -44.88 43.66
N GLN JA 384 -80.33 -45.47 43.33
CA GLN JA 384 -80.04 -45.91 41.96
C GLN JA 384 -80.91 -47.11 41.56
N VAL JA 385 -81.34 -47.89 42.55
CA VAL JA 385 -82.28 -48.99 42.33
C VAL JA 385 -83.64 -48.41 41.92
N ASN JA 386 -84.08 -47.36 42.61
CA ASN JA 386 -85.33 -46.67 42.26
C ASN JA 386 -85.22 -45.89 40.95
N ASN JA 387 -84.04 -45.34 40.67
CA ASN JA 387 -83.79 -44.63 39.40
C ASN JA 387 -83.79 -45.58 38.21
N LEU JA 388 -83.17 -46.74 38.37
CA LEU JA 388 -83.13 -47.75 37.32
C LEU JA 388 -84.47 -48.48 37.22
N LEU JA 389 -85.26 -48.45 38.29
CA LEU JA 389 -86.62 -48.98 38.29
C LEU JA 389 -87.55 -48.09 37.47
N GLU JA 390 -87.58 -46.80 37.80
CA GLU JA 390 -88.42 -45.83 37.09
C GLU JA 390 -88.20 -45.86 35.58
N LYS JA 391 -86.94 -45.98 35.17
CA LYS JA 391 -86.57 -45.92 33.76
C LYS JA 391 -86.90 -47.20 32.97
N ILE JA 392 -87.15 -48.31 33.66
CA ILE JA 392 -87.65 -49.53 33.02
C ILE JA 392 -89.19 -49.51 33.00
N SER JA 393 -89.80 -49.02 34.08
CA SER JA 393 -91.26 -48.87 34.15
C SER JA 393 -91.75 -47.85 33.12
N GLN JA 394 -90.92 -46.87 32.82
CA GLN JA 394 -91.22 -45.83 31.82
C GLN JA 394 -90.95 -46.34 30.40
N THR JA 395 -89.69 -46.63 30.09
CA THR JA 395 -89.27 -46.92 28.72
C THR JA 395 -89.87 -48.21 28.18
N ALA JA 396 -89.96 -49.22 29.04
CA ALA JA 396 -90.50 -50.52 28.66
C ALA JA 396 -91.75 -50.86 29.47
N PRO JA 397 -92.90 -50.24 29.12
CA PRO JA 397 -94.15 -50.54 29.82
C PRO JA 397 -94.70 -51.94 29.48
N GLU JA 398 -94.22 -52.54 28.39
CA GLU JA 398 -94.53 -53.94 28.07
C GLU JA 398 -93.83 -54.87 29.05
N TRP JA 399 -92.51 -54.78 29.13
CA TRP JA 399 -91.73 -55.60 30.07
C TRP JA 399 -92.05 -55.26 31.53
N THR JA 400 -92.55 -54.04 31.77
CA THR JA 400 -93.12 -53.68 33.07
C THR JA 400 -94.30 -54.60 33.39
N ALA JA 401 -95.21 -54.73 32.43
CA ALA JA 401 -96.38 -55.62 32.58
C ALA JA 401 -95.99 -57.11 32.56
N GLN JA 402 -94.88 -57.44 31.91
CA GLN JA 402 -94.37 -58.81 31.89
C GLN JA 402 -93.77 -59.19 33.24
N ALA JA 403 -92.81 -58.38 33.70
CA ALA JA 403 -92.13 -58.61 34.97
C ALA JA 403 -92.99 -58.21 36.19
N MET JA 404 -94.12 -57.54 35.95
CA MET JA 404 -95.09 -57.27 37.01
C MET JA 404 -95.46 -58.54 37.76
N GLU JA 405 -95.88 -59.55 37.01
CA GLU JA 405 -96.31 -60.83 37.58
C GLU JA 405 -95.15 -61.80 37.86
N ALA JA 406 -93.91 -61.33 37.70
CA ALA JA 406 -92.74 -62.04 38.22
C ALA JA 406 -92.61 -61.85 39.73
N GLN JA 407 -93.32 -60.85 40.27
CA GLN JA 407 -93.49 -60.69 41.72
C GLN JA 407 -94.71 -61.48 42.22
N MET JA 408 -95.77 -61.49 41.42
CA MET JA 408 -97.05 -62.08 41.80
C MET JA 408 -97.04 -63.61 41.71
N ALA JA 409 -96.58 -64.14 40.58
CA ALA JA 409 -96.49 -65.60 40.38
C ALA JA 409 -95.42 -66.25 41.27
N GLN JA 410 -94.40 -65.48 41.65
CA GLN JA 410 -93.37 -65.94 42.59
C GLN JA 410 -93.85 -65.80 44.05
N SER KA 15 -116.86 -42.54 54.66
CA SER KA 15 -115.83 -41.47 54.47
C SER KA 15 -115.03 -41.24 55.75
N ILE KA 16 -113.71 -41.34 55.64
CA ILE KA 16 -112.81 -41.20 56.79
C ILE KA 16 -112.77 -39.76 57.30
N ASP KA 17 -112.90 -38.78 56.40
CA ASP KA 17 -112.83 -37.36 56.77
C ASP KA 17 -114.11 -36.89 57.48
N GLU KA 18 -114.52 -37.64 58.49
CA GLU KA 18 -115.65 -37.27 59.33
C GLU KA 18 -115.16 -36.34 60.43
N ILE KA 19 -113.86 -36.47 60.75
CA ILE KA 19 -113.26 -35.80 61.90
C ILE KA 19 -112.53 -34.49 61.54
N TYR KA 20 -111.93 -34.42 60.35
CA TYR KA 20 -111.26 -33.19 59.89
C TYR KA 20 -112.26 -32.06 59.61
N LYS KA 21 -113.56 -32.39 59.70
CA LYS KA 21 -114.63 -31.39 59.70
C LYS KA 21 -114.63 -30.65 61.04
N TYR KA 22 -115.04 -29.38 61.02
CA TYR KA 22 -115.09 -28.54 62.23
C TYR KA 22 -116.43 -27.80 62.33
N ASP KA 23 -117.32 -28.31 63.19
CA ASP KA 23 -118.62 -27.68 63.44
C ASP KA 23 -118.50 -26.69 64.60
N LYS KA 24 -118.55 -25.40 64.28
CA LYS KA 24 -118.24 -24.33 65.24
C LYS KA 24 -119.40 -24.00 66.19
N LYS KA 25 -120.63 -24.07 65.70
CA LYS KA 25 -121.80 -23.78 66.54
C LYS KA 25 -122.05 -24.88 67.56
N GLN KA 26 -121.71 -26.12 67.21
CA GLN KA 26 -121.81 -27.26 68.13
C GLN KA 26 -120.84 -27.12 69.31
N GLN KA 27 -119.70 -26.47 69.07
CA GLN KA 27 -118.72 -26.24 70.13
C GLN KA 27 -119.22 -25.29 71.22
N GLN KA 28 -119.90 -24.23 70.81
CA GLN KA 28 -120.36 -23.19 71.75
C GLN KA 28 -121.65 -23.57 72.49
N GLU KA 29 -122.33 -24.62 72.03
CA GLU KA 29 -123.45 -25.21 72.74
C GLU KA 29 -122.95 -26.10 73.88
N ILE KA 30 -121.87 -26.83 73.60
CA ILE KA 30 -121.21 -27.67 74.60
C ILE KA 30 -120.47 -26.80 75.63
N LEU KA 31 -119.88 -25.69 75.15
CA LEU KA 31 -119.22 -24.72 76.03
C LEU KA 31 -120.16 -24.15 77.09
N ALA KA 32 -121.39 -23.87 76.68
CA ALA KA 32 -122.42 -23.37 77.59
C ALA KA 32 -123.00 -24.49 78.44
N ALA KA 33 -123.25 -25.64 77.82
CA ALA KA 33 -123.86 -26.78 78.51
C ALA KA 33 -123.01 -27.29 79.67
N LYS KA 34 -121.75 -27.61 79.36
CA LYS KA 34 -120.75 -28.06 80.35
C LYS KA 34 -121.11 -29.40 81.01
N PRO KA 35 -120.62 -30.52 80.44
CA PRO KA 35 -120.62 -31.80 81.13
C PRO KA 35 -119.35 -32.04 81.96
N TRP KA 36 -118.49 -31.02 82.05
CA TRP KA 36 -117.24 -31.09 82.84
C TRP KA 36 -117.38 -30.49 84.24
N THR KA 37 -118.33 -29.56 84.42
CA THR KA 37 -118.66 -29.02 85.74
C THR KA 37 -119.63 -29.92 86.51
N LYS KA 38 -120.14 -30.97 85.86
CA LYS KA 38 -121.09 -31.90 86.46
C LYS KA 38 -120.37 -33.15 86.97
N ASP KA 39 -119.59 -33.78 86.08
CA ASP KA 39 -118.75 -34.93 86.42
C ASP KA 39 -117.28 -34.53 86.38
N HIS KA 40 -116.55 -34.86 87.44
CA HIS KA 40 -115.15 -34.46 87.56
C HIS KA 40 -114.23 -35.17 86.58
N HIS KA 41 -114.50 -36.46 86.33
CA HIS KA 41 -113.73 -37.25 85.35
C HIS KA 41 -114.60 -37.63 84.16
N TYR KA 42 -115.06 -36.61 83.44
CA TYR KA 42 -115.90 -36.79 82.26
C TYR KA 42 -115.07 -37.20 81.06
N PHE KA 43 -114.08 -36.39 80.70
CA PHE KA 43 -113.23 -36.65 79.55
C PHE KA 43 -112.20 -37.74 79.86
N LYS KA 44 -112.26 -38.84 79.10
CA LYS KA 44 -111.37 -39.99 79.30
C LYS KA 44 -110.54 -40.40 78.08
N TYR KA 45 -111.03 -40.11 76.87
CA TYR KA 45 -110.31 -40.47 75.64
C TYR KA 45 -109.64 -39.25 75.00
N CYS KA 46 -108.74 -39.50 74.06
CA CYS KA 46 -108.00 -38.43 73.38
C CYS KA 46 -107.53 -38.86 71.99
N LYS KA 47 -108.18 -38.33 70.96
CA LYS KA 47 -107.84 -38.64 69.57
C LYS KA 47 -106.83 -37.64 69.01
N ILE KA 48 -105.65 -38.13 68.64
CA ILE KA 48 -104.55 -37.29 68.14
C ILE KA 48 -104.46 -37.44 66.61
N SER KA 49 -104.47 -36.31 65.91
CA SER KA 49 -104.47 -36.32 64.43
C SER KA 49 -103.12 -36.72 63.84
N ALA KA 50 -103.05 -36.74 62.52
CA ALA KA 50 -101.81 -37.08 61.80
C ALA KA 50 -100.76 -35.99 61.99
N LEU KA 51 -101.13 -34.76 61.66
CA LEU KA 51 -100.20 -33.62 61.77
C LEU KA 51 -99.82 -33.33 63.21
N ALA KA 52 -100.80 -33.33 64.10
CA ALA KA 52 -100.58 -33.05 65.52
C ALA KA 52 -99.47 -33.91 66.11
N LEU KA 53 -99.49 -35.21 65.81
CA LEU KA 53 -98.49 -36.15 66.31
C LEU KA 53 -97.08 -35.81 65.81
N LEU KA 54 -96.94 -35.63 64.50
CA LEU KA 54 -95.64 -35.36 63.88
C LEU KA 54 -94.98 -34.09 64.36
N LYS KA 55 -95.76 -33.00 64.42
CA LYS KA 55 -95.21 -31.70 64.83
C LYS KA 55 -94.85 -31.67 66.32
N MET KA 56 -95.65 -32.31 67.17
CA MET KA 56 -95.34 -32.41 68.60
C MET KA 56 -94.08 -33.22 68.84
N VAL KA 57 -93.96 -34.35 68.15
CA VAL KA 57 -92.74 -35.17 68.20
C VAL KA 57 -91.53 -34.38 67.66
N MET KA 58 -91.75 -33.64 66.57
CA MET KA 58 -90.69 -32.80 65.98
C MET KA 58 -90.28 -31.62 66.87
N HIS KA 59 -91.24 -31.03 67.57
CA HIS KA 59 -90.97 -29.92 68.48
C HIS KA 59 -90.14 -30.36 69.70
N ALA KA 60 -90.46 -31.55 70.23
CA ALA KA 60 -89.78 -32.09 71.40
C ALA KA 60 -88.32 -32.41 71.12
N ARG KA 61 -88.10 -33.13 70.02
CA ARG KA 61 -86.77 -33.55 69.63
C ARG KA 61 -85.91 -32.38 69.11
N SER KA 62 -86.54 -31.43 68.41
CA SER KA 62 -85.81 -30.29 67.82
C SER KA 62 -85.00 -29.55 68.89
N GLY KA 63 -85.63 -29.24 70.01
CA GLY KA 63 -84.92 -28.71 71.18
C GLY KA 63 -84.04 -29.79 71.77
N GLY KA 64 -84.60 -30.99 71.90
CA GLY KA 64 -83.85 -32.16 72.34
C GLY KA 64 -83.76 -32.25 73.86
N ASN KA 65 -82.54 -32.15 74.37
CA ASN KA 65 -82.24 -32.34 75.81
C ASN KA 65 -83.07 -31.47 76.74
N LEU KA 66 -83.52 -30.33 76.22
CA LEU KA 66 -84.23 -29.33 77.01
C LEU KA 66 -85.74 -29.48 76.76
N GLU KA 67 -86.51 -29.33 77.84
CA GLU KA 67 -87.97 -29.36 77.73
C GLU KA 67 -88.45 -28.04 77.14
N VAL KA 68 -89.31 -28.12 76.12
CA VAL KA 68 -89.96 -26.94 75.55
C VAL KA 68 -91.42 -27.28 75.28
N MET KA 69 -92.31 -26.36 75.65
CA MET KA 69 -93.74 -26.57 75.48
C MET KA 69 -94.31 -25.71 74.37
N GLY KA 70 -95.39 -26.17 73.77
CA GLY KA 70 -96.13 -25.40 72.77
C GLY KA 70 -97.59 -25.39 73.11
N LEU KA 71 -98.42 -25.06 72.12
CA LEU KA 71 -99.87 -25.07 72.29
C LEU KA 71 -100.51 -26.00 71.28
N MET KA 72 -101.60 -26.64 71.71
CA MET KA 72 -102.38 -27.52 70.85
C MET KA 72 -103.72 -26.87 70.53
N LEU KA 73 -104.25 -27.18 69.35
CA LEU KA 73 -105.59 -26.75 68.95
C LEU KA 73 -106.44 -27.97 68.64
N GLY KA 74 -107.71 -27.91 68.97
CA GLY KA 74 -108.62 -29.04 68.76
C GLY KA 74 -110.05 -28.75 69.13
N LYS KA 75 -110.81 -29.81 69.37
CA LYS KA 75 -112.23 -29.70 69.70
C LYS KA 75 -112.67 -30.84 70.63
N VAL KA 76 -113.94 -30.80 71.05
CA VAL KA 76 -114.51 -31.83 71.93
C VAL KA 76 -115.60 -32.63 71.23
N ASP KA 77 -115.74 -33.90 71.62
CA ASP KA 77 -116.75 -34.80 71.07
C ASP KA 77 -116.98 -35.98 72.02
N GLY KA 78 -118.17 -36.02 72.64
CA GLY KA 78 -118.50 -37.06 73.61
C GLY KA 78 -117.65 -36.95 74.86
N GLU KA 79 -116.88 -38.00 75.15
CA GLU KA 79 -115.86 -37.96 76.19
C GLU KA 79 -114.46 -37.83 75.60
N THR KA 80 -114.35 -37.77 74.28
CA THR KA 80 -113.06 -37.69 73.60
C THR KA 80 -112.65 -36.23 73.40
N MET KA 81 -111.48 -35.86 73.93
CA MET KA 81 -110.89 -34.55 73.69
C MET KA 81 -109.96 -34.64 72.47
N ILE KA 82 -110.49 -34.27 71.31
CA ILE KA 82 -109.78 -34.44 70.03
C ILE KA 82 -108.77 -33.31 69.83
N ILE KA 83 -107.57 -33.68 69.38
CA ILE KA 83 -106.51 -32.73 69.07
C ILE KA 83 -106.29 -32.76 67.55
N MET KA 84 -106.45 -31.61 66.92
CA MET KA 84 -106.44 -31.51 65.45
C MET KA 84 -105.10 -31.03 64.92
N ASP KA 85 -104.64 -29.90 65.45
CA ASP KA 85 -103.42 -29.24 64.98
C ASP KA 85 -102.62 -28.70 66.16
N SER KA 86 -101.31 -28.61 66.00
CA SER KA 86 -100.44 -28.09 67.05
C SER KA 86 -99.41 -27.13 66.49
N PHE KA 87 -98.72 -26.44 67.40
CA PHE KA 87 -97.62 -25.55 67.05
C PHE KA 87 -96.83 -25.24 68.31
N ALA KA 88 -95.78 -24.42 68.18
CA ALA KA 88 -94.87 -24.16 69.30
C ALA KA 88 -95.12 -22.82 69.99
N LEU KA 89 -94.66 -22.74 71.24
CA LEU KA 89 -94.63 -21.50 72.00
C LEU KA 89 -93.16 -21.25 72.34
N PRO KA 90 -92.61 -20.10 71.91
CA PRO KA 90 -91.17 -19.85 72.06
C PRO KA 90 -90.75 -19.49 73.50
N VAL KA 91 -91.21 -20.28 74.47
CA VAL KA 91 -91.01 -20.00 75.89
C VAL KA 91 -89.85 -20.82 76.43
N GLU KA 92 -89.41 -20.46 77.63
CA GLU KA 92 -88.32 -21.14 78.31
C GLU KA 92 -88.70 -21.40 79.76
N GLY KA 93 -88.03 -22.37 80.37
CA GLY KA 93 -88.29 -22.71 81.76
C GLY KA 93 -89.50 -23.60 81.91
N THR KA 94 -89.66 -24.56 80.98
CA THR KA 94 -90.68 -25.59 81.08
C THR KA 94 -90.25 -26.56 82.17
N GLU KA 95 -91.19 -26.95 83.03
CA GLU KA 95 -90.92 -27.85 84.15
C GLU KA 95 -90.26 -27.16 85.36
N THR KA 96 -89.50 -26.09 85.13
CA THR KA 96 -88.87 -25.32 86.22
C THR KA 96 -89.74 -24.15 86.69
N ARG KA 97 -90.67 -23.70 85.84
CA ARG KA 97 -91.66 -22.70 86.23
C ARG KA 97 -93.06 -23.29 86.14
N VAL KA 98 -93.90 -22.93 87.11
CA VAL KA 98 -95.31 -23.28 87.08
C VAL KA 98 -95.96 -22.37 86.05
N ASN KA 99 -96.53 -22.95 85.00
CA ASN KA 99 -97.11 -22.19 83.88
C ASN KA 99 -96.06 -21.31 83.20
N ALA KA 100 -95.16 -21.95 82.45
CA ALA KA 100 -94.10 -21.25 81.73
C ALA KA 100 -94.60 -20.58 80.44
N GLN KA 101 -95.85 -20.84 80.07
CA GLN KA 101 -96.47 -20.21 78.90
C GLN KA 101 -96.82 -18.74 79.10
N ALA KA 102 -96.69 -18.24 80.32
CA ALA KA 102 -97.00 -16.83 80.64
C ALA KA 102 -96.06 -15.83 80.00
N ALA KA 103 -94.82 -16.24 79.71
CA ALA KA 103 -93.84 -15.39 79.04
C ALA KA 103 -94.31 -14.92 77.67
N ALA KA 104 -94.96 -15.82 76.92
CA ALA KA 104 -95.44 -15.52 75.58
C ALA KA 104 -96.96 -15.62 75.51
N TYR KA 105 -97.64 -14.82 76.33
CA TYR KA 105 -99.09 -14.69 76.20
C TYR KA 105 -99.45 -14.04 74.87
N GLU KA 106 -98.51 -13.27 74.32
CA GLU KA 106 -98.68 -12.65 73.00
C GLU KA 106 -98.80 -13.71 71.91
N TYR KA 107 -97.87 -14.67 71.90
CA TYR KA 107 -97.78 -15.65 70.83
C TYR KA 107 -98.80 -16.79 70.89
N MET KA 108 -99.67 -16.78 71.90
CA MET KA 108 -100.81 -17.70 71.93
C MET KA 108 -101.96 -17.15 71.09
N ALA KA 109 -102.48 -15.99 71.51
CA ALA KA 109 -103.62 -15.36 70.83
C ALA KA 109 -103.23 -14.81 69.45
N ALA KA 110 -102.02 -14.29 69.33
CA ALA KA 110 -101.53 -13.75 68.05
C ALA KA 110 -101.36 -14.84 66.99
N TYR KA 111 -100.99 -16.05 67.42
CA TYR KA 111 -100.85 -17.18 66.50
C TYR KA 111 -102.21 -17.66 65.99
N ILE KA 112 -103.18 -17.79 66.91
CA ILE KA 112 -104.52 -18.27 66.56
C ILE KA 112 -105.29 -17.23 65.76
N GLU KA 113 -104.96 -15.95 65.95
CA GLU KA 113 -105.56 -14.86 65.18
C GLU KA 113 -105.06 -14.87 63.73
N ASN KA 114 -103.77 -15.16 63.54
CA ASN KA 114 -103.18 -15.35 62.21
C ASN KA 114 -103.64 -16.65 61.57
N ALA KA 115 -103.65 -17.72 62.36
CA ALA KA 115 -104.01 -19.05 61.88
C ALA KA 115 -105.48 -19.17 61.44
N LYS KA 116 -106.36 -18.42 62.10
CA LYS KA 116 -107.80 -18.41 61.75
C LYS KA 116 -108.07 -17.71 60.41
N GLN KA 117 -107.21 -16.76 60.03
CA GLN KA 117 -107.31 -16.10 58.73
C GLN KA 117 -106.97 -17.06 57.57
N VAL KA 118 -106.11 -18.05 57.84
CA VAL KA 118 -105.62 -18.96 56.79
C VAL KA 118 -106.33 -20.31 56.74
N GLY KA 119 -106.97 -20.73 57.84
CA GLY KA 119 -107.70 -22.00 57.84
C GLY KA 119 -107.95 -22.63 59.20
N ARG KA 120 -106.98 -22.53 60.11
CA ARG KA 120 -107.09 -23.15 61.44
C ARG KA 120 -108.13 -22.45 62.32
N LEU KA 121 -109.38 -22.86 62.18
CA LEU KA 121 -110.49 -22.31 62.97
C LEU KA 121 -110.55 -22.89 64.37
N GLU KA 122 -109.77 -23.94 64.62
CA GLU KA 122 -109.82 -24.68 65.88
C GLU KA 122 -109.38 -23.84 67.08
N ASN KA 123 -110.02 -24.06 68.22
CA ASN KA 123 -109.79 -23.29 69.45
C ASN KA 123 -108.74 -23.92 70.36
N ALA KA 124 -108.34 -23.19 71.40
CA ALA KA 124 -107.35 -23.66 72.36
C ALA KA 124 -107.84 -24.92 73.08
N ILE KA 125 -107.12 -26.02 72.89
CA ILE KA 125 -107.51 -27.32 73.46
C ILE KA 125 -106.54 -27.86 74.51
N GLY KA 126 -105.31 -27.35 74.56
CA GLY KA 126 -104.34 -27.85 75.55
C GLY KA 126 -102.93 -27.34 75.39
N TRP KA 127 -102.02 -27.93 76.17
CA TRP KA 127 -100.58 -27.62 76.10
C TRP KA 127 -99.74 -28.88 76.27
N TYR KA 128 -98.64 -28.98 75.51
CA TYR KA 128 -97.81 -30.18 75.45
C TYR KA 128 -96.36 -29.84 75.75
N HIS KA 129 -95.65 -30.78 76.38
CA HIS KA 129 -94.23 -30.58 76.69
C HIS KA 129 -93.40 -31.85 76.54
N SER KA 130 -92.10 -31.67 76.30
CA SER KA 130 -91.18 -32.78 76.09
C SER KA 130 -90.55 -33.22 77.40
N HIS KA 131 -90.26 -34.52 77.51
CA HIS KA 131 -89.66 -35.13 78.71
C HIS KA 131 -88.51 -36.07 78.29
N PRO KA 132 -87.37 -35.48 77.87
CA PRO KA 132 -86.31 -36.27 77.25
C PRO KA 132 -85.58 -37.22 78.20
N GLY KA 133 -85.86 -38.51 78.05
CA GLY KA 133 -85.15 -39.55 78.77
C GLY KA 133 -85.70 -39.91 80.14
N TYR KA 134 -86.97 -39.63 80.40
CA TYR KA 134 -87.61 -40.01 81.66
C TYR KA 134 -89.14 -40.10 81.60
N GLY KA 135 -89.63 -40.93 80.69
CA GLY KA 135 -91.05 -41.31 80.65
C GLY KA 135 -92.02 -40.18 80.39
N CYS KA 136 -93.31 -40.50 80.45
CA CYS KA 136 -94.39 -39.54 80.27
C CYS KA 136 -95.25 -39.46 81.53
N TRP KA 137 -95.22 -38.30 82.18
CA TRP KA 137 -95.95 -38.08 83.43
C TRP KA 137 -95.97 -36.60 83.82
N LEU KA 138 -96.81 -36.24 84.79
CA LEU KA 138 -96.91 -34.86 85.27
C LEU KA 138 -96.15 -34.69 86.58
N SER KA 139 -95.15 -33.82 86.57
CA SER KA 139 -94.40 -33.49 87.79
C SER KA 139 -95.21 -32.55 88.67
N GLY KA 140 -94.68 -32.27 89.86
CA GLY KA 140 -95.29 -31.32 90.78
C GLY KA 140 -95.43 -29.91 90.21
N ILE KA 141 -94.51 -29.54 89.31
CA ILE KA 141 -94.58 -28.25 88.63
C ILE KA 141 -95.63 -28.31 87.53
N ASP KA 142 -95.74 -29.46 86.86
CA ASP KA 142 -96.73 -29.65 85.79
C ASP KA 142 -98.17 -29.73 86.33
N VAL KA 143 -98.36 -30.32 87.51
CA VAL KA 143 -99.69 -30.43 88.12
C VAL KA 143 -100.26 -29.06 88.51
N SER KA 144 -99.42 -28.21 89.10
CA SER KA 144 -99.83 -26.85 89.45
C SER KA 144 -100.21 -26.01 88.21
N THR KA 145 -99.54 -26.26 87.10
CA THR KA 145 -99.87 -25.60 85.82
C THR KA 145 -101.24 -26.03 85.32
N GLN KA 146 -101.47 -27.34 85.29
CA GLN KA 146 -102.68 -27.91 84.69
C GLN KA 146 -103.93 -27.65 85.52
N MET KA 147 -103.81 -27.75 86.85
CA MET KA 147 -104.92 -27.46 87.76
C MET KA 147 -105.52 -26.09 87.49
N LEU KA 148 -104.65 -25.08 87.41
CA LEU KA 148 -105.07 -23.70 87.18
C LEU KA 148 -105.45 -23.46 85.72
N ASN KA 149 -104.88 -24.24 84.80
CA ASN KA 149 -105.35 -24.23 83.41
C ASN KA 149 -106.80 -24.70 83.30
N GLN KA 150 -107.13 -25.80 83.97
CA GLN KA 150 -108.51 -26.31 84.02
C GLN KA 150 -109.43 -25.37 84.81
N GLN KA 151 -108.86 -24.66 85.79
CA GLN KA 151 -109.62 -23.73 86.62
C GLN KA 151 -110.34 -22.65 85.80
N PHE KA 152 -109.62 -22.03 84.86
CA PHE KA 152 -110.16 -20.92 84.07
C PHE KA 152 -110.37 -21.30 82.61
N GLN KA 153 -109.27 -21.57 81.91
CA GLN KA 153 -109.31 -21.89 80.48
C GLN KA 153 -109.71 -23.35 80.30
N GLU KA 154 -111.00 -23.63 80.42
CA GLU KA 154 -111.51 -25.01 80.46
C GLU KA 154 -111.40 -25.68 79.06
N PRO KA 155 -111.95 -26.90 78.89
CA PRO KA 155 -111.30 -27.86 78.02
C PRO KA 155 -109.84 -27.59 77.66
N PHE KA 156 -108.94 -27.93 78.58
CA PHE KA 156 -107.51 -27.81 78.38
C PHE KA 156 -106.87 -29.12 78.85
N VAL KA 157 -106.16 -29.80 77.94
CA VAL KA 157 -105.53 -31.10 78.24
C VAL KA 157 -104.00 -31.00 78.17
N ALA KA 158 -103.31 -31.53 79.19
CA ALA KA 158 -101.85 -31.48 79.27
C ALA KA 158 -101.21 -32.74 78.69
N VAL KA 159 -100.52 -32.58 77.57
CA VAL KA 159 -99.90 -33.71 76.87
C VAL KA 159 -98.41 -33.78 77.20
N VAL KA 160 -97.86 -34.99 77.14
CA VAL KA 160 -96.44 -35.21 77.38
C VAL KA 160 -95.89 -36.18 76.33
N ILE KA 161 -94.64 -35.96 75.93
CA ILE KA 161 -93.96 -36.85 74.99
C ILE KA 161 -92.52 -37.05 75.45
N ASP KA 162 -92.03 -38.28 75.33
CA ASP KA 162 -90.63 -38.61 75.61
C ASP KA 162 -89.91 -38.90 74.29
N PRO KA 163 -89.19 -37.90 73.73
CA PRO KA 163 -88.57 -38.07 72.42
C PRO KA 163 -87.37 -39.02 72.41
N THR KA 164 -86.53 -38.92 73.43
CA THR KA 164 -85.30 -39.70 73.47
C THR KA 164 -85.58 -41.20 73.55
N ARG KA 165 -86.64 -41.59 74.27
CA ARG KA 165 -87.03 -43.01 74.38
C ARG KA 165 -87.90 -43.49 73.23
N THR KA 166 -88.78 -42.62 72.75
CA THR KA 166 -89.51 -42.92 71.52
C THR KA 166 -88.55 -43.54 70.51
N ILE KA 167 -87.36 -42.95 70.40
CA ILE KA 167 -86.30 -43.42 69.51
C ILE KA 167 -85.78 -44.79 69.93
N SER KA 168 -85.21 -44.86 71.13
CA SER KA 168 -84.51 -46.07 71.59
C SER KA 168 -85.45 -47.25 71.76
N ALA KA 169 -86.61 -47.01 72.38
CA ALA KA 169 -87.65 -48.04 72.50
C ALA KA 169 -88.18 -48.42 71.12
N GLY KA 170 -88.17 -47.47 70.20
CA GLY KA 170 -88.50 -47.73 68.80
C GLY KA 170 -89.97 -47.63 68.50
N LYS KA 171 -90.69 -46.83 69.29
CA LYS KA 171 -92.12 -46.61 69.08
C LYS KA 171 -92.59 -45.38 69.86
N VAL KA 172 -93.72 -44.82 69.45
CA VAL KA 172 -94.20 -43.52 69.97
C VAL KA 172 -94.39 -43.56 71.48
N ASN KA 173 -93.45 -42.93 72.19
CA ASN KA 173 -93.56 -42.75 73.62
C ASN KA 173 -94.29 -41.45 73.90
N LEU KA 174 -95.54 -41.55 74.39
CA LEU KA 174 -96.43 -40.39 74.53
C LEU KA 174 -97.44 -40.58 75.66
N GLY KA 175 -97.94 -39.47 76.20
CA GLY KA 175 -98.96 -39.48 77.25
C GLY KA 175 -99.90 -38.28 77.21
N ALA KA 176 -101.14 -38.49 77.64
CA ALA KA 176 -102.16 -37.43 77.74
C ALA KA 176 -102.88 -37.53 79.08
N PHE KA 177 -102.83 -36.45 79.86
CA PHE KA 177 -103.30 -36.46 81.25
C PHE KA 177 -104.27 -35.31 81.56
N ARG KA 178 -105.04 -35.47 82.63
CA ARG KA 178 -105.88 -34.41 83.19
C ARG KA 178 -105.86 -34.48 84.72
N THR KA 179 -105.77 -33.32 85.36
CA THR KA 179 -105.67 -33.25 86.82
C THR KA 179 -107.05 -33.25 87.48
N TYR KA 180 -107.08 -33.70 88.74
CA TYR KA 180 -108.31 -33.69 89.53
C TYR KA 180 -108.42 -32.43 90.39
N PRO KA 181 -109.60 -32.19 90.98
CA PRO KA 181 -109.75 -31.05 91.91
C PRO KA 181 -108.97 -31.23 93.21
N LYS KA 182 -108.62 -30.10 93.83
CA LYS KA 182 -108.03 -30.10 95.16
C LYS KA 182 -109.18 -30.08 96.16
N GLY KA 183 -109.61 -31.27 96.57
CA GLY KA 183 -110.75 -31.44 97.47
C GLY KA 183 -111.38 -32.80 97.25
N TYR KA 184 -111.99 -32.97 96.08
CA TYR KA 184 -112.45 -34.29 95.63
C TYR KA 184 -111.22 -35.12 95.25
N LYS KA 185 -111.23 -36.40 95.62
CA LYS KA 185 -110.11 -37.30 95.34
C LYS KA 185 -110.58 -38.53 94.54
N PRO KA 186 -109.70 -39.07 93.66
CA PRO KA 186 -110.08 -40.01 92.60
C PRO KA 186 -110.73 -41.33 93.04
N PRO KA 187 -111.38 -42.04 92.09
CA PRO KA 187 -111.88 -43.39 92.34
C PRO KA 187 -110.73 -44.43 92.36
N ASP KA 188 -111.09 -45.71 92.48
CA ASP KA 188 -110.09 -46.78 92.70
C ASP KA 188 -109.44 -47.30 91.42
N GLU KA 189 -110.25 -47.68 90.44
CA GLU KA 189 -109.78 -48.37 89.23
C GLU KA 189 -108.56 -47.69 88.57
N GLY KA 190 -107.39 -48.27 88.84
CA GLY KA 190 -106.13 -47.77 88.29
C GLY KA 190 -105.01 -48.80 88.35
N PRO KA 191 -104.73 -49.48 87.22
CA PRO KA 191 -103.56 -50.37 87.13
C PRO KA 191 -102.22 -49.61 87.00
N SER KA 192 -102.12 -48.78 85.96
CA SER KA 192 -100.95 -47.91 85.69
C SER KA 192 -99.63 -48.66 85.41
N GLU KA 193 -99.17 -48.60 84.16
CA GLU KA 193 -97.98 -49.34 83.72
C GLU KA 193 -96.68 -48.67 84.19
N TYR KA 194 -95.64 -49.49 84.41
CA TYR KA 194 -94.37 -48.99 84.93
C TYR KA 194 -93.44 -48.51 83.83
N GLN KA 195 -92.83 -47.34 84.06
CA GLN KA 195 -91.73 -46.85 83.24
C GLN KA 195 -90.59 -46.42 84.15
N THR KA 196 -89.36 -46.62 83.67
CA THR KA 196 -88.16 -46.25 84.42
C THR KA 196 -88.19 -44.77 84.79
N ILE KA 197 -88.20 -44.46 86.09
CA ILE KA 197 -88.13 -43.08 86.57
C ILE KA 197 -86.75 -42.88 87.21
N PRO KA 198 -85.93 -41.97 86.65
CA PRO KA 198 -84.66 -41.62 87.30
C PRO KA 198 -84.85 -41.10 88.72
N LEU KA 199 -84.00 -41.55 89.65
CA LEU KA 199 -84.17 -41.29 91.08
C LEU KA 199 -84.16 -39.80 91.45
N ASN KA 200 -83.32 -39.04 90.76
CA ASN KA 200 -83.35 -37.58 90.86
C ASN KA 200 -84.77 -37.01 90.70
N LYS KA 201 -85.58 -37.63 89.84
CA LYS KA 201 -86.96 -37.21 89.61
C LYS KA 201 -88.03 -38.08 90.31
N ILE KA 202 -87.70 -39.33 90.65
CA ILE KA 202 -88.67 -40.28 91.23
C ILE KA 202 -89.46 -39.69 92.41
N GLU KA 203 -88.80 -38.84 93.19
CA GLU KA 203 -89.42 -38.20 94.35
C GLU KA 203 -90.55 -37.26 93.89
N ASP KA 204 -90.20 -36.33 93.01
CA ASP KA 204 -91.14 -35.31 92.50
C ASP KA 204 -92.38 -35.96 91.90
N PHE KA 205 -92.16 -36.98 91.07
CA PHE KA 205 -93.25 -37.77 90.50
C PHE KA 205 -94.06 -38.41 91.62
N GLY KA 206 -93.38 -39.19 92.45
CA GLY KA 206 -94.02 -39.98 93.51
C GLY KA 206 -95.05 -39.24 94.36
N VAL KA 207 -94.80 -37.97 94.62
CA VAL KA 207 -95.72 -37.19 95.46
C VAL KA 207 -97.00 -36.86 94.70
N HIS KA 208 -96.85 -36.19 93.56
CA HIS KA 208 -97.99 -35.64 92.81
C HIS KA 208 -98.54 -36.60 91.74
N CYS KA 209 -98.05 -37.84 91.69
CA CYS KA 209 -98.46 -38.79 90.66
C CYS KA 209 -99.93 -39.24 90.77
N LYS KA 210 -100.42 -39.39 92.00
CA LYS KA 210 -101.78 -39.87 92.23
C LYS KA 210 -102.86 -38.78 92.21
N GLN KA 211 -102.44 -37.53 92.03
CA GLN KA 211 -103.36 -36.39 92.02
C GLN KA 211 -104.08 -36.20 90.67
N TYR KA 212 -103.67 -36.92 89.64
CA TYR KA 212 -104.24 -36.77 88.30
C TYR KA 212 -104.67 -38.11 87.69
N TYR KA 213 -105.29 -38.06 86.51
CA TYR KA 213 -105.64 -39.26 85.74
C TYR KA 213 -105.33 -39.09 84.25
N ALA KA 214 -104.89 -40.19 83.63
CA ALA KA 214 -104.48 -40.19 82.22
C ALA KA 214 -105.70 -40.26 81.29
N LEU KA 215 -105.43 -40.17 79.99
CA LEU KA 215 -106.48 -40.29 78.98
C LEU KA 215 -106.11 -41.36 77.95
N GLU KA 216 -107.12 -42.14 77.54
CA GLU KA 216 -106.92 -43.22 76.57
C GLU KA 216 -106.62 -42.66 75.19
N VAL KA 217 -105.37 -42.81 74.76
CA VAL KA 217 -104.90 -42.21 73.52
C VAL KA 217 -105.29 -43.06 72.32
N SER KA 218 -105.69 -42.39 71.23
CA SER KA 218 -105.96 -43.03 69.95
C SER KA 218 -105.48 -42.12 68.81
N TYR KA 219 -105.05 -42.73 67.71
CA TYR KA 219 -104.48 -41.98 66.57
C TYR KA 219 -105.28 -42.20 65.30
N PHE KA 220 -105.61 -41.10 64.62
CA PHE KA 220 -106.39 -41.15 63.39
C PHE KA 220 -105.67 -40.46 62.23
N LYS KA 221 -106.28 -40.54 61.04
CA LYS KA 221 -105.73 -39.94 59.83
C LYS KA 221 -106.82 -39.71 58.79
N SER KA 222 -106.58 -38.78 57.86
CA SER KA 222 -107.52 -38.46 56.80
C SER KA 222 -107.40 -39.46 55.63
N SER KA 223 -108.17 -39.23 54.57
CA SER KA 223 -108.06 -40.02 53.36
C SER KA 223 -106.78 -39.69 52.61
N LEU KA 224 -106.54 -38.39 52.41
CA LEU KA 224 -105.37 -37.91 51.70
C LEU KA 224 -104.08 -38.29 52.43
N ASP KA 225 -104.05 -38.03 53.74
CA ASP KA 225 -102.92 -38.43 54.58
C ASP KA 225 -102.61 -39.92 54.37
N ARG KA 226 -103.64 -40.74 54.47
CA ARG KA 226 -103.50 -42.20 54.30
C ARG KA 226 -103.00 -42.56 52.91
N LYS KA 227 -103.56 -41.93 51.90
CA LYS KA 227 -103.16 -42.18 50.52
C LYS KA 227 -101.76 -41.64 50.20
N LEU KA 228 -101.40 -40.50 50.80
CA LEU KA 228 -100.07 -39.92 50.62
C LEU KA 228 -98.99 -40.79 51.25
N LEU KA 229 -99.23 -41.23 52.47
CA LEU KA 229 -98.26 -42.07 53.20
C LEU KA 229 -97.99 -43.40 52.51
N GLU KA 230 -98.97 -43.91 51.77
CA GLU KA 230 -98.81 -45.14 51.00
C GLU KA 230 -97.96 -44.88 49.75
N LEU KA 231 -98.24 -43.77 49.07
CA LEU KA 231 -97.42 -43.31 47.95
C LEU KA 231 -96.02 -42.88 48.42
N LEU KA 232 -95.94 -42.34 49.63
CA LEU KA 232 -94.68 -41.95 50.25
C LEU KA 232 -93.77 -43.14 50.52
N TRP KA 233 -94.35 -44.28 50.89
CA TRP KA 233 -93.57 -45.46 51.29
C TRP KA 233 -92.77 -46.10 50.15
N ASN KA 234 -93.08 -45.72 48.91
CA ASN KA 234 -92.31 -46.17 47.75
C ASN KA 234 -90.81 -45.87 47.86
N LYS KA 235 -90.49 -44.78 48.53
CA LYS KA 235 -89.10 -44.31 48.65
C LYS KA 235 -88.64 -44.15 50.12
N TYR KA 236 -89.49 -44.52 51.08
CA TYR KA 236 -89.18 -44.34 52.50
C TYR KA 236 -88.64 -45.60 53.16
N TRP KA 237 -88.75 -46.74 52.49
CA TRP KA 237 -88.11 -47.98 52.94
C TRP KA 237 -86.59 -47.84 53.02
N VAL KA 238 -86.02 -46.96 52.21
CA VAL KA 238 -84.57 -46.69 52.21
C VAL KA 238 -84.10 -46.14 53.55
N ASN KA 239 -84.93 -45.30 54.16
CA ASN KA 239 -84.59 -44.65 55.43
C ASN KA 239 -84.66 -45.61 56.62
N THR KA 240 -85.45 -46.67 56.46
CA THR KA 240 -85.59 -47.70 57.49
C THR KA 240 -84.32 -48.55 57.63
N LEU KA 241 -83.65 -48.81 56.50
CA LEU KA 241 -82.43 -49.62 56.49
C LEU KA 241 -81.16 -48.78 56.43
N SER KA 242 -81.26 -47.51 56.78
CA SER KA 242 -80.10 -46.68 57.10
C SER KA 242 -80.47 -45.84 58.33
N SER KA 243 -81.18 -46.47 59.25
CA SER KA 243 -81.77 -45.80 60.41
C SER KA 243 -80.73 -45.53 61.50
N SER KA 244 -80.25 -46.61 62.12
CA SER KA 244 -79.20 -46.58 63.14
C SER KA 244 -79.53 -45.72 64.37
N SER KA 245 -80.22 -46.34 65.32
CA SER KA 245 -80.53 -45.68 66.59
C SER KA 245 -79.43 -45.95 67.60
N LEU KA 246 -78.27 -45.33 67.41
CA LEU KA 246 -77.12 -45.52 68.31
C LEU KA 246 -76.43 -44.20 68.62
N LEU KA 247 -75.84 -43.57 67.61
CA LEU KA 247 -75.25 -42.24 67.80
C LEU KA 247 -76.31 -41.15 67.76
N THR KA 248 -77.53 -41.51 67.33
CA THR KA 248 -78.65 -40.59 67.33
C THR KA 248 -79.03 -40.21 68.76
N ASN KA 249 -79.36 -41.21 69.57
CA ASN KA 249 -79.76 -41.01 70.97
C ASN KA 249 -78.72 -41.56 71.96
N ALA KA 250 -77.44 -41.33 71.66
CA ALA KA 250 -76.33 -41.87 72.45
C ALA KA 250 -76.34 -41.43 73.92
N ASP KA 251 -76.86 -40.23 74.17
CA ASP KA 251 -76.83 -39.62 75.49
C ASP KA 251 -78.10 -39.88 76.32
N TYR KA 252 -78.89 -40.88 75.92
CA TYR KA 252 -79.93 -41.43 76.80
C TYR KA 252 -79.44 -42.73 77.43
N THR KA 253 -78.97 -43.64 76.58
CA THR KA 253 -78.51 -44.95 77.02
C THR KA 253 -77.28 -44.84 77.92
N THR KA 254 -76.32 -43.99 77.53
CA THR KA 254 -75.13 -43.75 78.35
C THR KA 254 -75.48 -43.11 79.69
N GLY KA 255 -76.59 -42.37 79.73
CA GLY KA 255 -77.10 -41.76 80.95
C GLY KA 255 -77.86 -42.72 81.84
N GLN KA 256 -78.78 -43.49 81.25
CA GLN KA 256 -79.56 -44.49 81.99
C GLN KA 256 -78.71 -45.41 82.86
N VAL KA 257 -77.46 -45.62 82.45
CA VAL KA 257 -76.48 -46.35 83.24
C VAL KA 257 -76.28 -45.66 84.59
N PHE KA 258 -76.06 -44.35 84.54
CA PHE KA 258 -75.87 -43.55 85.74
C PHE KA 258 -77.07 -43.69 86.68
N ASP KA 259 -78.28 -43.68 86.10
CA ASP KA 259 -79.53 -43.93 86.85
C ASP KA 259 -79.57 -45.35 87.42
N LEU KA 260 -79.26 -46.32 86.58
CA LEU KA 260 -79.28 -47.73 86.97
C LEU KA 260 -78.34 -48.01 88.14
N SER KA 261 -77.12 -47.48 88.04
CA SER KA 261 -76.10 -47.65 89.08
C SER KA 261 -76.58 -47.22 90.47
N GLU KA 262 -77.29 -46.09 90.54
CA GLU KA 262 -77.81 -45.59 91.80
C GLU KA 262 -78.91 -46.49 92.37
N LYS KA 263 -79.83 -46.93 91.50
CA LYS KA 263 -80.94 -47.79 91.92
C LYS KA 263 -80.47 -49.10 92.56
N LEU KA 264 -79.34 -49.61 92.07
CA LEU KA 264 -78.73 -50.81 92.66
C LEU KA 264 -78.07 -50.46 93.98
N GLU KA 265 -77.30 -49.38 93.99
CA GLU KA 265 -76.62 -48.87 95.18
C GLU KA 265 -77.53 -48.83 96.40
N GLN KA 266 -78.79 -48.44 96.19
CA GLN KA 266 -79.78 -48.40 97.25
C GLN KA 266 -80.17 -49.80 97.73
N SER KA 267 -80.64 -50.63 96.80
CA SER KA 267 -81.13 -51.97 97.13
C SER KA 267 -80.04 -52.90 97.68
N GLU KA 268 -78.78 -52.58 97.40
CA GLU KA 268 -77.65 -53.31 97.97
C GLU KA 268 -77.57 -53.10 99.48
N ALA KA 269 -77.60 -51.84 99.89
CA ALA KA 269 -77.60 -51.48 101.31
C ALA KA 269 -78.94 -51.75 101.97
N GLN KA 270 -80.02 -51.80 101.18
CA GLN KA 270 -81.35 -52.15 101.68
C GLN KA 270 -81.38 -53.55 102.27
N LEU KA 271 -80.73 -54.49 101.58
CA LEU KA 271 -80.54 -55.84 102.10
C LEU KA 271 -79.87 -55.80 103.48
N GLY KA 272 -78.88 -54.90 103.62
CA GLY KA 272 -78.13 -54.72 104.87
C GLY KA 272 -78.89 -54.04 106.00
N ARG KA 273 -78.39 -52.89 106.45
CA ARG KA 273 -78.80 -52.30 107.73
C ARG KA 273 -80.05 -51.43 107.64
N GLY KA 274 -79.91 -50.23 107.08
CA GLY KA 274 -81.03 -49.27 107.01
C GLY KA 274 -81.42 -48.72 108.37
N SER KA 287 -91.01 -47.68 97.37
CA SER KA 287 -89.91 -48.13 98.22
C SER KA 287 -90.20 -49.51 98.85
N GLU KA 288 -90.04 -50.55 98.04
CA GLU KA 288 -90.18 -51.94 98.50
C GLU KA 288 -89.50 -52.87 97.49
N ASP KA 289 -88.30 -53.33 97.82
CA ASP KA 289 -87.44 -54.10 96.92
C ASP KA 289 -87.11 -53.28 95.66
N LYS KA 290 -86.06 -52.46 95.77
CA LYS KA 290 -85.61 -51.63 94.65
C LYS KA 290 -84.55 -52.33 93.78
N LEU KA 291 -84.50 -53.66 93.84
CA LEU KA 291 -83.76 -54.44 92.85
C LEU KA 291 -84.71 -54.95 91.77
N ALA KA 292 -85.98 -55.18 92.13
CA ALA KA 292 -87.01 -55.57 91.16
C ALA KA 292 -87.24 -54.48 90.10
N LYS KA 293 -87.16 -53.22 90.53
CA LYS KA 293 -87.21 -52.08 89.60
C LYS KA 293 -85.94 -52.07 88.75
N ALA KA 294 -84.79 -52.12 89.42
CA ALA KA 294 -83.47 -52.03 88.77
C ALA KA 294 -83.21 -53.18 87.79
N THR KA 295 -83.75 -54.35 88.09
CA THR KA 295 -83.70 -55.48 87.17
C THR KA 295 -84.49 -55.17 85.90
N ARG KA 296 -85.67 -54.57 86.08
CA ARG KA 296 -86.53 -54.19 84.97
C ARG KA 296 -85.93 -53.04 84.15
N ASP KA 297 -85.19 -52.16 84.83
CA ASP KA 297 -84.47 -51.07 84.17
C ASP KA 297 -83.27 -51.59 83.37
N SER KA 298 -82.52 -52.52 83.95
CA SER KA 298 -81.34 -53.12 83.27
C SER KA 298 -81.74 -53.86 82.00
N CYS KA 299 -82.91 -54.49 82.03
CA CYS KA 299 -83.50 -55.08 80.82
C CYS KA 299 -83.98 -53.99 79.87
N LYS KA 300 -84.87 -53.13 80.36
CA LYS KA 300 -85.40 -52.00 79.57
C LYS KA 300 -84.34 -51.31 78.73
N THR KA 301 -83.27 -50.85 79.39
CA THR KA 301 -82.21 -50.10 78.72
C THR KA 301 -81.38 -50.96 77.76
N THR KA 302 -81.11 -52.20 78.16
CA THR KA 302 -80.29 -53.11 77.35
C THR KA 302 -81.11 -53.71 76.19
N ILE KA 303 -82.37 -54.04 76.46
CA ILE KA 303 -83.30 -54.49 75.41
C ILE KA 303 -83.20 -53.56 74.19
N GLU KA 304 -83.14 -52.27 74.45
CA GLU KA 304 -82.96 -51.27 73.40
C GLU KA 304 -81.60 -51.42 72.72
N ALA KA 305 -80.55 -51.43 73.53
CA ALA KA 305 -79.18 -51.55 73.03
C ALA KA 305 -78.97 -52.75 72.11
N ILE KA 306 -79.69 -53.83 72.41
CA ILE KA 306 -79.61 -55.04 71.59
C ILE KA 306 -80.40 -54.85 70.30
N HIS KA 307 -81.64 -54.40 70.43
CA HIS KA 307 -82.49 -54.10 69.27
C HIS KA 307 -81.79 -53.20 68.27
N GLY KA 308 -80.96 -52.29 68.77
CA GLY KA 308 -80.13 -51.45 67.92
C GLY KA 308 -79.21 -52.27 67.03
N LEU KA 309 -78.49 -53.20 67.65
CA LEU KA 309 -77.53 -54.02 66.91
C LEU KA 309 -78.17 -55.09 66.02
N MET KA 310 -79.48 -55.29 66.15
CA MET KA 310 -80.23 -56.11 65.20
C MET KA 310 -80.26 -55.45 63.81
N SER KA 311 -80.69 -54.19 63.76
CA SER KA 311 -80.78 -53.45 62.51
C SER KA 311 -79.40 -53.16 61.88
N GLN KA 312 -78.35 -53.22 62.70
CA GLN KA 312 -76.98 -53.02 62.22
C GLN KA 312 -76.46 -54.23 61.46
N VAL KA 313 -76.58 -55.41 62.07
CA VAL KA 313 -76.12 -56.64 61.43
C VAL KA 313 -76.98 -56.92 60.19
N ILE KA 314 -78.29 -56.63 60.29
CA ILE KA 314 -79.20 -56.71 59.15
C ILE KA 314 -78.64 -55.95 57.94
N LYS KA 315 -78.05 -54.78 58.18
CA LYS KA 315 -77.45 -53.97 57.12
C LYS KA 315 -76.10 -54.53 56.63
N ASP KA 316 -75.25 -54.97 57.56
CA ASP KA 316 -73.95 -55.57 57.21
C ASP KA 316 -74.17 -56.77 56.30
N LYS KA 317 -75.20 -57.57 56.61
CA LYS KA 317 -75.61 -58.70 55.77
C LYS KA 317 -75.95 -58.20 54.36
N LEU KA 318 -76.81 -57.18 54.30
CA LEU KA 318 -77.32 -56.67 53.03
C LEU KA 318 -76.24 -56.07 52.14
N PHE KA 319 -75.74 -54.90 52.52
CA PHE KA 319 -75.04 -54.02 51.58
C PHE KA 319 -73.54 -54.30 51.43
N ASN KA 320 -72.93 -54.88 52.47
CA ASN KA 320 -71.49 -55.13 52.45
C ASN KA 320 -71.10 -56.43 51.77
N GLN KA 321 -71.92 -57.47 51.96
CA GLN KA 321 -71.54 -58.84 51.59
C GLN KA 321 -72.09 -59.25 50.22
N ILE KA 322 -71.54 -58.65 49.16
CA ILE KA 322 -71.86 -59.00 47.78
C ILE KA 322 -70.65 -59.50 47.00
N ASN KA 323 -69.44 -59.16 47.45
CA ASN KA 323 -68.23 -59.26 46.63
C ASN KA 323 -68.33 -58.36 45.38
N ILE KA 324 -67.24 -58.22 44.65
CA ILE KA 324 -67.17 -57.27 43.55
C ILE KA 324 -67.91 -57.79 42.32
N SER LA 33 -97.64 -24.80 26.19
CA SER LA 33 -96.82 -25.28 27.34
C SER LA 33 -96.03 -24.13 27.97
N VAL LA 34 -95.99 -24.10 29.31
CA VAL LA 34 -95.25 -23.07 30.03
C VAL LA 34 -94.37 -23.69 31.13
N MET LA 35 -93.63 -24.73 30.75
CA MET LA 35 -92.55 -25.25 31.57
C MET LA 35 -91.28 -25.40 30.71
N ALA LA 36 -90.16 -25.74 31.35
CA ALA LA 36 -88.83 -25.63 30.72
C ALA LA 36 -88.46 -26.74 29.75
N CYS LA 37 -88.21 -27.94 30.28
CA CYS LA 37 -87.70 -29.08 29.50
C CYS LA 37 -86.34 -28.78 28.85
N GLY LA 38 -85.28 -29.02 29.60
CA GLY LA 38 -83.92 -28.85 29.11
C GLY LA 38 -82.89 -29.54 29.99
N VAL LA 39 -81.62 -29.34 29.68
CA VAL LA 39 -80.53 -29.88 30.50
C VAL LA 39 -80.37 -29.09 31.81
N THR LA 40 -81.06 -29.56 32.86
CA THR LA 40 -81.18 -28.83 34.14
C THR LA 40 -79.94 -29.02 35.05
N GLY LA 41 -80.16 -29.39 36.32
CA GLY LA 41 -79.09 -29.52 37.30
C GLY LA 41 -79.28 -28.52 38.42
N SER LA 42 -78.40 -27.51 38.47
CA SER LA 42 -78.46 -26.43 39.45
C SER LA 42 -78.33 -26.93 40.91
N VAL LA 43 -79.43 -26.92 41.67
CA VAL LA 43 -79.41 -27.31 43.09
C VAL LA 43 -79.88 -28.76 43.29
N SER LA 44 -79.55 -29.33 44.45
CA SER LA 44 -79.99 -30.67 44.84
C SER LA 44 -80.94 -30.58 46.03
N VAL LA 45 -82.09 -31.25 45.93
CA VAL LA 45 -83.20 -31.04 46.87
C VAL LA 45 -83.52 -32.29 47.70
N ALA LA 46 -83.82 -32.04 48.98
CA ALA LA 46 -84.36 -33.07 49.87
C ALA LA 46 -85.77 -32.66 50.29
N LEU LA 47 -86.51 -33.59 50.88
CA LEU LA 47 -87.91 -33.37 51.21
C LEU LA 47 -88.37 -34.15 52.45
N HIS LA 48 -88.74 -33.42 53.51
CA HIS LA 48 -89.28 -34.03 54.72
C HIS LA 48 -90.75 -34.39 54.54
N PRO LA 49 -91.18 -35.58 55.02
CA PRO LA 49 -92.59 -35.97 54.94
C PRO LA 49 -93.53 -35.13 55.82
N LEU LA 50 -93.00 -34.48 56.85
CA LEU LA 50 -93.77 -33.52 57.64
C LEU LA 50 -94.36 -32.43 56.75
N VAL LA 51 -93.61 -32.04 55.73
CA VAL LA 51 -94.06 -31.01 54.79
C VAL LA 51 -95.26 -31.50 53.99
N ILE LA 52 -95.21 -32.76 53.55
CA ILE LA 52 -96.31 -33.38 52.80
C ILE LA 52 -97.58 -33.44 53.66
N LEU LA 53 -97.43 -33.79 54.93
CA LEU LA 53 -98.57 -33.91 55.85
C LEU LA 53 -99.17 -32.56 56.25
N ASN LA 54 -98.34 -31.52 56.38
CA ASN LA 54 -98.81 -30.17 56.72
C ASN LA 54 -99.61 -29.55 55.57
N ILE LA 55 -99.27 -29.95 54.34
CA ILE LA 55 -100.04 -29.57 53.17
C ILE LA 55 -101.31 -30.41 53.09
N SER LA 56 -101.18 -31.70 53.38
CA SER LA 56 -102.31 -32.65 53.37
C SER LA 56 -103.39 -32.26 54.38
N ASP LA 57 -102.98 -31.88 55.58
CA ASP LA 57 -103.90 -31.36 56.59
C ASP LA 57 -104.54 -30.06 56.11
N HIS LA 58 -103.73 -29.22 55.46
CA HIS LA 58 -104.18 -27.93 54.96
C HIS LA 58 -105.17 -28.05 53.80
N TRP LA 59 -105.02 -29.09 52.96
CA TRP LA 59 -105.94 -29.33 51.84
C TRP LA 59 -107.28 -29.88 52.33
N ILE LA 60 -107.21 -30.94 53.15
CA ILE LA 60 -108.41 -31.61 53.68
C ILE LA 60 -109.27 -30.68 54.54
N ARG LA 61 -108.61 -29.80 55.30
CA ARG LA 61 -109.31 -28.87 56.19
C ARG LA 61 -109.99 -27.73 55.41
N MET LA 62 -109.29 -27.18 54.42
CA MET LA 62 -109.86 -26.12 53.56
C MET LA 62 -110.85 -26.67 52.53
N ARG LA 63 -110.63 -27.91 52.09
CA ARG LA 63 -111.61 -28.63 51.28
C ARG LA 63 -112.90 -28.82 52.07
N SER LA 64 -112.76 -29.30 53.29
CA SER LA 64 -113.89 -29.56 54.18
C SER LA 64 -114.67 -28.29 54.54
N GLN LA 65 -113.96 -27.18 54.73
CA GLN LA 65 -114.59 -25.89 55.06
C GLN LA 65 -115.64 -25.45 54.04
N GLU LA 66 -115.35 -25.65 52.76
CA GLU LA 66 -116.19 -25.14 51.68
C GLU LA 66 -117.00 -26.22 50.93
N GLY LA 67 -116.80 -27.49 51.28
CA GLY LA 67 -117.51 -28.60 50.63
C GLY LA 67 -117.13 -28.81 49.18
N ARG LA 68 -115.90 -28.44 48.83
CA ARG LA 68 -115.37 -28.61 47.48
C ARG LA 68 -113.85 -28.69 47.52
N PRO LA 69 -113.24 -29.15 46.42
CA PRO LA 69 -111.77 -29.09 46.31
C PRO LA 69 -111.26 -27.65 46.29
N VAL LA 70 -110.10 -27.41 46.91
CA VAL LA 70 -109.55 -26.07 47.05
C VAL LA 70 -108.05 -26.05 46.70
N GLN LA 71 -107.64 -25.03 45.95
CA GLN LA 71 -106.21 -24.78 45.69
C GLN LA 71 -105.64 -23.96 46.85
N VAL LA 72 -105.15 -24.66 47.86
CA VAL LA 72 -104.54 -24.00 49.02
C VAL LA 72 -103.11 -23.59 48.69
N ILE LA 73 -102.65 -22.51 49.31
CA ILE LA 73 -101.29 -22.00 49.09
C ILE LA 73 -100.62 -21.73 50.43
N GLY LA 74 -99.32 -22.02 50.50
CA GLY LA 74 -98.54 -21.78 51.72
C GLY LA 74 -97.04 -21.66 51.48
N ALA LA 75 -96.30 -21.41 52.55
CA ALA LA 75 -94.86 -21.12 52.48
C ALA LA 75 -94.00 -22.31 52.89
N LEU LA 76 -92.79 -22.37 52.32
CA LEU LA 76 -91.82 -23.42 52.62
C LEU LA 76 -90.62 -22.86 53.40
N ILE LA 77 -90.12 -23.65 54.35
CA ILE LA 77 -88.93 -23.29 55.14
C ILE LA 77 -88.06 -24.51 55.45
N GLY LA 78 -86.79 -24.25 55.74
CA GLY LA 78 -85.85 -25.32 56.07
C GLY LA 78 -84.41 -24.83 56.04
N LYS LA 79 -83.48 -25.77 56.01
CA LYS LA 79 -82.05 -25.46 55.99
C LYS LA 79 -81.55 -25.27 54.56
N GLN LA 80 -80.69 -24.26 54.36
CA GLN LA 80 -80.02 -24.05 53.09
C GLN LA 80 -78.52 -23.91 53.33
N GLU LA 81 -77.76 -24.85 52.78
CA GLU LA 81 -76.30 -24.84 52.87
C GLU LA 81 -75.71 -25.03 51.47
N GLY LA 82 -74.88 -24.08 51.04
CA GLY LA 82 -74.28 -24.14 49.71
C GLY LA 82 -75.31 -24.32 48.62
N ARG LA 83 -75.15 -25.38 47.82
CA ARG LA 83 -76.12 -25.72 46.77
C ARG LA 83 -77.31 -26.47 47.33
N ASN LA 84 -77.04 -27.45 48.19
CA ASN LA 84 -78.08 -28.38 48.66
C ASN LA 84 -79.14 -27.71 49.52
N ILE LA 85 -80.37 -28.20 49.40
CA ILE LA 85 -81.52 -27.58 50.06
C ILE LA 85 -82.41 -28.64 50.69
N GLU LA 86 -82.67 -28.50 51.99
CA GLU LA 86 -83.61 -29.36 52.70
C GLU LA 86 -84.84 -28.55 53.09
N VAL LA 87 -86.01 -29.13 52.85
CA VAL LA 87 -87.27 -28.54 53.28
C VAL LA 87 -87.67 -29.26 54.56
N MET LA 88 -87.77 -28.51 55.66
CA MET LA 88 -88.09 -29.11 56.97
C MET LA 88 -89.58 -29.00 57.28
N ASN LA 89 -90.06 -27.77 57.46
CA ASN LA 89 -91.44 -27.52 57.88
C ASN LA 89 -92.16 -26.65 56.85
N SER LA 90 -93.47 -26.49 57.02
CA SER LA 90 -94.26 -25.64 56.13
C SER LA 90 -95.53 -25.13 56.81
N PHE LA 91 -95.96 -23.94 56.40
CA PHE LA 91 -97.15 -23.30 56.96
C PHE LA 91 -97.95 -22.60 55.85
N GLU LA 92 -98.97 -21.83 56.23
CA GLU LA 92 -99.95 -21.30 55.27
C GLU LA 92 -99.71 -19.82 54.95
N LEU LA 93 -100.25 -19.37 53.81
CA LEU LA 93 -100.18 -17.97 53.40
C LEU LA 93 -101.54 -17.43 52.97
N LEU LA 94 -101.73 -16.13 53.14
CA LEU LA 94 -102.98 -15.47 52.81
C LEU LA 94 -102.98 -15.07 51.34
N SER LA 95 -104.10 -15.32 50.65
CA SER LA 95 -104.21 -15.08 49.21
C SER LA 95 -105.57 -14.48 48.83
N HIS LA 96 -105.56 -13.61 47.83
CA HIS LA 96 -106.77 -13.00 47.29
C HIS LA 96 -106.78 -13.15 45.76
N THR LA 97 -107.80 -12.60 45.10
CA THR LA 97 -107.95 -12.77 43.66
C THR LA 97 -108.35 -11.46 42.94
N VAL LA 98 -107.37 -10.77 42.36
CA VAL LA 98 -107.62 -9.64 41.46
C VAL LA 98 -107.92 -10.17 40.07
N GLU LA 99 -109.19 -10.12 39.68
CA GLU LA 99 -109.68 -10.71 38.43
C GLU LA 99 -109.50 -12.24 38.42
N GLU LA 100 -108.53 -12.75 37.67
CA GLU LA 100 -108.24 -14.18 37.64
C GLU LA 100 -106.84 -14.47 38.15
N LYS LA 101 -106.21 -13.46 38.76
CA LYS LA 101 -104.81 -13.52 39.15
C LYS LA 101 -104.71 -13.69 40.66
N ILE LA 102 -104.02 -14.75 41.09
CA ILE LA 102 -103.93 -15.09 42.51
C ILE LA 102 -102.91 -14.17 43.19
N ILE LA 103 -103.40 -13.31 44.08
CA ILE LA 103 -102.57 -12.33 44.78
C ILE LA 103 -102.19 -12.84 46.17
N ILE LA 104 -100.91 -13.14 46.36
CA ILE LA 104 -100.38 -13.48 47.68
C ILE LA 104 -100.35 -12.22 48.54
N ASP LA 105 -101.19 -12.17 49.56
CA ASP LA 105 -101.18 -11.05 50.48
C ASP LA 105 -99.87 -11.10 51.26
N LYS LA 106 -98.92 -10.27 50.82
CA LYS LA 106 -97.56 -10.26 51.39
C LYS LA 106 -97.53 -9.74 52.82
N GLU LA 107 -98.46 -8.84 53.16
CA GLU LA 107 -98.56 -8.31 54.52
C GLU LA 107 -98.79 -9.44 55.55
N TYR LA 108 -99.41 -10.53 55.11
CA TYR LA 108 -99.54 -11.72 55.95
C TYR LA 108 -98.22 -12.49 56.05
N TYR LA 109 -97.53 -12.66 54.92
CA TYR LA 109 -96.24 -13.37 54.92
C TYR LA 109 -95.25 -12.74 55.90
N TYR LA 110 -95.11 -11.42 55.85
CA TYR LA 110 -94.18 -10.69 56.72
C TYR LA 110 -94.58 -10.81 58.19
N THR LA 111 -95.88 -10.95 58.45
CA THR LA 111 -96.38 -11.17 59.81
C THR LA 111 -96.00 -12.57 60.31
N LYS LA 112 -96.22 -13.59 59.48
CA LYS LA 112 -95.83 -14.97 59.82
C LYS LA 112 -94.31 -15.15 59.74
N GLU LA 113 -93.63 -14.34 58.94
CA GLU LA 113 -92.17 -14.33 58.90
C GLU LA 113 -91.60 -13.98 60.27
N GLU LA 114 -92.31 -13.13 61.01
CA GLU LA 114 -91.96 -12.84 62.39
C GLU LA 114 -92.04 -14.13 63.21
N GLN LA 115 -93.22 -14.73 63.24
CA GLN LA 115 -93.50 -15.85 64.14
C GLN LA 115 -92.76 -17.15 63.84
N PHE LA 116 -92.35 -17.38 62.60
CA PHE LA 116 -91.57 -18.59 62.26
C PHE LA 116 -90.07 -18.38 62.52
N LYS LA 117 -89.61 -17.13 62.42
CA LYS LA 117 -88.24 -16.79 62.83
C LYS LA 117 -88.06 -16.90 64.34
N GLN LA 118 -89.16 -16.79 65.08
CA GLN LA 118 -89.12 -16.91 66.54
C GLN LA 118 -88.89 -18.35 66.99
N VAL LA 119 -89.76 -19.25 66.53
CA VAL LA 119 -89.72 -20.65 66.98
C VAL LA 119 -88.53 -21.42 66.36
N PHE LA 120 -88.36 -21.32 65.05
CA PHE LA 120 -87.24 -21.94 64.34
C PHE LA 120 -86.33 -20.81 63.85
N LYS LA 121 -85.41 -20.41 64.72
CA LYS LA 121 -84.53 -19.27 64.47
C LYS LA 121 -83.45 -19.62 63.45
N GLU LA 122 -83.15 -20.90 63.34
CA GLU LA 122 -82.13 -21.39 62.41
C GLU LA 122 -82.64 -21.36 60.97
N LEU LA 123 -83.95 -21.56 60.79
CA LEU LA 123 -84.52 -21.83 59.47
C LEU LA 123 -84.63 -20.60 58.57
N GLU LA 124 -84.65 -20.88 57.26
CA GLU LA 124 -84.62 -19.85 56.23
C GLU LA 124 -85.85 -19.99 55.33
N PHE LA 125 -86.18 -18.92 54.60
CA PHE LA 125 -87.27 -18.97 53.62
C PHE LA 125 -86.74 -19.54 52.32
N LEU LA 126 -87.48 -20.51 51.77
CA LEU LA 126 -87.00 -21.30 50.62
C LEU LA 126 -87.91 -21.19 49.39
N GLY LA 127 -89.20 -21.40 49.58
CA GLY LA 127 -90.15 -21.41 48.45
C GLY LA 127 -91.61 -21.37 48.88
N TRP LA 128 -92.46 -22.05 48.11
CA TRP LA 128 -93.90 -22.10 48.40
C TRP LA 128 -94.55 -23.34 47.77
N TYR LA 129 -95.81 -23.59 48.14
CA TYR LA 129 -96.53 -24.77 47.64
C TYR LA 129 -97.97 -24.47 47.22
N THR LA 130 -98.55 -25.41 46.49
CA THR LA 130 -99.97 -25.35 46.12
C THR LA 130 -100.45 -26.73 45.63
N THR LA 131 -101.76 -26.88 45.43
CA THR LA 131 -102.33 -28.13 44.92
C THR LA 131 -103.03 -27.92 43.57
N GLY LA 132 -103.21 -29.00 42.84
CA GLY LA 132 -103.85 -28.97 41.52
C GLY LA 132 -103.14 -29.86 40.53
N GLY LA 133 -103.16 -29.46 39.26
CA GLY LA 133 -102.48 -30.22 38.20
C GLY LA 133 -100.99 -29.96 38.18
N PRO LA 134 -100.34 -30.10 37.00
CA PRO LA 134 -98.95 -29.68 36.82
C PRO LA 134 -98.81 -28.14 36.75
N PRO LA 135 -97.57 -27.63 36.57
CA PRO LA 135 -97.36 -26.18 36.52
C PRO LA 135 -98.13 -25.48 35.40
N ASP LA 136 -98.61 -24.28 35.67
CA ASP LA 136 -99.52 -23.58 34.77
C ASP LA 136 -99.41 -22.06 34.96
N PRO LA 137 -100.08 -21.27 34.09
CA PRO LA 137 -99.99 -19.80 34.15
C PRO LA 137 -100.38 -19.17 35.50
N SER LA 138 -101.42 -19.71 36.15
CA SER LA 138 -101.90 -19.14 37.42
C SER LA 138 -100.87 -19.21 38.55
N ASP LA 139 -99.93 -20.14 38.45
CA ASP LA 139 -98.85 -20.27 39.42
C ASP LA 139 -97.58 -19.49 39.02
N ILE LA 140 -97.42 -19.23 37.72
CA ILE LA 140 -96.33 -18.39 37.22
C ILE LA 140 -96.50 -16.94 37.66
N HIS LA 141 -97.75 -16.46 37.69
CA HIS LA 141 -98.08 -15.14 38.22
C HIS LA 141 -97.79 -15.05 39.72
N VAL LA 142 -98.06 -16.13 40.44
CA VAL LA 142 -97.75 -16.21 41.86
C VAL LA 142 -96.24 -16.33 42.09
N HIS LA 143 -95.56 -17.07 41.21
CA HIS LA 143 -94.10 -17.24 41.30
C HIS LA 143 -93.36 -15.92 41.16
N LYS LA 144 -93.92 -15.00 40.38
CA LYS LA 144 -93.41 -13.63 40.26
C LYS LA 144 -93.49 -12.88 41.60
N GLN LA 145 -94.58 -13.09 42.34
CA GLN LA 145 -94.78 -12.44 43.64
C GLN LA 145 -93.88 -13.01 44.75
N VAL LA 146 -93.44 -14.26 44.58
CA VAL LA 146 -92.47 -14.86 45.49
C VAL LA 146 -91.06 -14.46 45.06
N CYS LA 147 -90.86 -14.24 43.77
CA CYS LA 147 -89.57 -13.76 43.24
C CYS LA 147 -89.19 -12.34 43.70
N GLU LA 148 -90.19 -11.52 44.03
CA GLU LA 148 -89.93 -10.20 44.63
C GLU LA 148 -89.37 -10.34 46.04
N ILE LA 149 -89.76 -11.40 46.74
CA ILE LA 149 -89.34 -11.64 48.12
C ILE LA 149 -87.93 -12.24 48.18
N ILE LA 150 -87.65 -13.25 47.36
CA ILE LA 150 -86.35 -13.94 47.37
C ILE LA 150 -85.82 -14.24 45.96
N GLU LA 151 -84.51 -14.46 45.87
CA GLU LA 151 -83.79 -14.61 44.58
C GLU LA 151 -83.68 -16.06 44.06
N SER LA 152 -84.26 -17.02 44.78
CA SER LA 152 -84.25 -18.42 44.34
C SER LA 152 -85.39 -19.20 44.99
N PRO LA 153 -86.65 -18.87 44.62
CA PRO LA 153 -87.81 -19.49 45.25
C PRO LA 153 -88.18 -20.85 44.65
N LEU LA 154 -88.14 -21.89 45.48
CA LEU LA 154 -88.56 -23.23 45.06
C LEU LA 154 -90.08 -23.31 44.95
N PHE LA 155 -90.56 -24.38 44.32
CA PHE LA 155 -91.99 -24.56 44.08
C PHE LA 155 -92.37 -26.03 44.06
N LEU LA 156 -93.22 -26.43 45.00
CA LEU LA 156 -93.78 -27.77 45.05
C LEU LA 156 -95.24 -27.71 44.60
N LYS LA 157 -95.69 -28.75 43.91
CA LYS LA 157 -97.10 -28.87 43.55
C LYS LA 157 -97.58 -30.30 43.76
N LEU LA 158 -98.74 -30.43 44.42
CA LEU LA 158 -99.28 -31.73 44.81
C LEU LA 158 -100.65 -31.96 44.15
N ASN LA 159 -100.84 -33.16 43.62
CA ASN LA 159 -102.12 -33.54 43.04
C ASN LA 159 -102.88 -34.42 44.05
N PRO LA 160 -103.96 -33.87 44.64
CA PRO LA 160 -104.66 -34.57 45.73
C PRO LA 160 -105.38 -35.86 45.30
N MET LA 161 -106.23 -35.76 44.27
CA MET LA 161 -106.93 -36.93 43.74
C MET LA 161 -106.18 -37.44 42.52
N THR LA 162 -104.96 -37.94 42.75
CA THR LA 162 -104.05 -38.29 41.66
C THR LA 162 -104.42 -39.60 40.96
N LYS LA 163 -104.18 -39.64 39.65
CA LYS LA 163 -104.30 -40.88 38.87
C LYS LA 163 -102.98 -41.65 38.85
N HIS LA 164 -101.87 -40.97 39.14
CA HIS LA 164 -100.56 -41.62 39.22
C HIS LA 164 -100.53 -42.72 40.27
N THR LA 165 -99.99 -43.87 39.89
CA THR LA 165 -99.64 -44.92 40.85
C THR LA 165 -98.39 -44.51 41.63
N ASP LA 166 -97.58 -43.62 41.04
CA ASP LA 166 -96.46 -42.97 41.73
C ASP LA 166 -96.95 -41.79 42.56
N LEU LA 167 -96.05 -41.14 43.29
CA LEU LA 167 -96.38 -39.94 44.08
C LEU LA 167 -96.62 -38.76 43.13
N PRO LA 168 -97.65 -37.93 43.41
CA PRO LA 168 -97.95 -36.78 42.58
C PRO LA 168 -97.34 -35.45 43.10
N VAL LA 169 -96.16 -35.52 43.71
CA VAL LA 169 -95.50 -34.35 44.29
C VAL LA 169 -94.17 -34.11 43.58
N SER LA 170 -94.11 -33.05 42.78
CA SER LA 170 -92.91 -32.74 42.00
C SER LA 170 -92.42 -31.33 42.33
N VAL LA 171 -91.09 -31.18 42.36
CA VAL LA 171 -90.46 -29.90 42.70
C VAL LA 171 -89.92 -29.23 41.44
N PHE LA 172 -89.99 -27.90 41.40
CA PHE LA 172 -89.61 -27.11 40.23
C PHE LA 172 -88.80 -25.88 40.63
N GLU LA 173 -88.37 -25.10 39.65
CA GLU LA 173 -87.68 -23.83 39.89
C GLU LA 173 -87.84 -22.86 38.71
N SER LA 174 -87.44 -21.60 38.91
CA SER LA 174 -87.54 -20.58 37.86
C SER LA 174 -86.34 -20.59 36.92
N VAL LA 175 -86.62 -20.74 35.63
CA VAL LA 175 -85.60 -20.69 34.57
C VAL LA 175 -86.12 -19.81 33.45
N ILE LA 176 -85.22 -19.09 32.78
CA ILE LA 176 -85.62 -18.10 31.78
C ILE LA 176 -84.72 -18.17 30.53
N ASP LA 177 -85.35 -18.29 29.37
CA ASP LA 177 -84.67 -18.44 28.08
C ASP LA 177 -85.27 -17.51 27.03
N ILE LA 178 -84.65 -17.47 25.85
CA ILE LA 178 -85.16 -16.72 24.70
C ILE LA 178 -86.21 -17.54 23.96
N ILE LA 179 -87.49 -17.20 24.14
CA ILE LA 179 -88.58 -17.82 23.40
C ILE LA 179 -88.88 -16.99 22.15
N ASN LA 180 -88.06 -17.18 21.12
CA ASN LA 180 -88.15 -16.43 19.85
C ASN LA 180 -88.21 -14.91 20.04
N GLY LA 181 -87.08 -14.31 20.39
CA GLY LA 181 -86.98 -12.88 20.66
C GLY LA 181 -87.75 -12.41 21.88
N GLU LA 182 -87.97 -13.31 22.84
CA GLU LA 182 -88.71 -12.99 24.06
C GLU LA 182 -88.13 -13.70 25.28
N ALA LA 183 -87.44 -12.95 26.13
CA ALA LA 183 -86.98 -13.47 27.42
C ALA LA 183 -88.20 -13.65 28.32
N THR LA 184 -88.40 -14.88 28.82
CA THR LA 184 -89.61 -15.21 29.58
C THR LA 184 -89.42 -16.41 30.52
N MET LA 185 -90.19 -16.43 31.60
CA MET LA 185 -90.03 -17.41 32.70
C MET LA 185 -90.56 -18.81 32.36
N LEU LA 186 -89.90 -19.83 32.91
CA LEU LA 186 -90.30 -21.23 32.75
C LEU LA 186 -90.05 -22.03 34.03
N PHE LA 187 -90.46 -23.30 34.03
CA PHE LA 187 -90.28 -24.19 35.18
C PHE LA 187 -89.42 -25.41 34.83
N ALA LA 188 -88.21 -25.46 35.36
CA ALA LA 188 -87.34 -26.64 35.23
C ALA LA 188 -87.61 -27.59 36.39
N GLU LA 189 -88.08 -28.80 36.08
CA GLU LA 189 -88.47 -29.77 37.10
C GLU LA 189 -87.24 -30.42 37.75
N LEU LA 190 -87.35 -30.70 39.05
CA LEU LA 190 -86.27 -31.38 39.79
C LEU LA 190 -86.81 -32.53 40.65
N THR LA 191 -85.91 -33.43 41.02
CA THR LA 191 -86.23 -34.60 41.84
C THR LA 191 -86.01 -34.31 43.32
N TYR LA 192 -86.39 -35.27 44.17
CA TYR LA 192 -86.42 -35.06 45.62
C TYR LA 192 -86.11 -36.36 46.37
N THR LA 193 -85.05 -36.34 47.17
CA THR LA 193 -84.75 -37.45 48.06
C THR LA 193 -85.52 -37.25 49.36
N LEU LA 194 -85.97 -38.34 49.96
CA LEU LA 194 -86.78 -38.23 51.19
C LEU LA 194 -85.90 -38.09 52.44
N ALA LA 195 -86.50 -37.51 53.48
CA ALA LA 195 -85.78 -37.21 54.72
C ALA LA 195 -85.64 -38.44 55.60
N THR LA 196 -84.66 -38.39 56.50
CA THR LA 196 -84.18 -39.58 57.20
C THR LA 196 -84.37 -39.57 58.73
N GLU LA 197 -84.57 -38.40 59.33
CA GLU LA 197 -84.51 -38.25 60.79
C GLU LA 197 -85.18 -39.41 61.52
N GLU LA 198 -84.42 -40.02 62.43
CA GLU LA 198 -84.86 -41.20 63.16
C GLU LA 198 -86.13 -40.93 63.99
N ALA LA 199 -86.17 -39.79 64.67
CA ALA LA 199 -87.34 -39.38 65.45
C ALA LA 199 -88.58 -39.20 64.57
N GLU LA 200 -88.37 -38.66 63.38
CA GLU LA 200 -89.44 -38.44 62.41
C GLU LA 200 -89.90 -39.76 61.81
N ARG LA 201 -88.94 -40.57 61.37
CA ARG LA 201 -89.21 -41.85 60.71
C ARG LA 201 -90.22 -42.71 61.49
N ILE LA 202 -90.18 -42.62 62.81
CA ILE LA 202 -91.10 -43.35 63.67
C ILE LA 202 -92.51 -42.77 63.57
N GLY LA 203 -92.61 -41.45 63.50
CA GLY LA 203 -93.89 -40.79 63.26
C GLY LA 203 -94.57 -41.30 62.00
N VAL LA 204 -93.77 -41.52 60.95
CA VAL LA 204 -94.28 -42.10 59.70
C VAL LA 204 -94.66 -43.56 59.91
N ASP LA 205 -93.79 -44.30 60.60
CA ASP LA 205 -94.01 -45.73 60.86
C ASP LA 205 -95.18 -45.99 61.82
N HIS LA 206 -95.60 -44.96 62.58
CA HIS LA 206 -96.71 -45.12 63.54
C HIS LA 206 -98.08 -44.89 62.93
N VAL LA 207 -98.23 -43.86 62.11
CA VAL LA 207 -99.54 -43.51 61.55
C VAL LA 207 -99.82 -44.31 60.26
N ALA LA 208 -98.77 -44.56 59.48
CA ALA LA 208 -98.86 -45.42 58.28
C ALA LA 208 -98.93 -46.91 58.63
N ARG LA 209 -98.52 -47.25 59.85
CA ARG LA 209 -98.63 -48.63 60.36
C ARG LA 209 -99.04 -48.58 61.84
N MET LA 210 -100.35 -48.63 62.09
CA MET LA 210 -100.92 -48.44 63.43
C MET LA 210 -101.09 -49.75 64.21
N THR LA 211 -100.62 -49.77 65.47
CA THR LA 211 -100.89 -50.87 66.39
C THR LA 211 -102.28 -50.69 67.00
N ALA LA 212 -103.31 -51.04 66.22
CA ALA LA 212 -104.70 -50.96 66.65
C ALA LA 212 -105.16 -52.34 67.15
N THR LA 213 -104.55 -52.78 68.26
CA THR LA 213 -104.76 -54.13 68.83
C THR LA 213 -104.08 -55.21 67.98
N GLY LA 214 -102.78 -55.03 67.73
CA GLY LA 214 -102.00 -55.94 66.88
C GLY LA 214 -100.70 -56.43 67.50
N SER LA 215 -100.68 -56.51 68.83
CA SER LA 215 -99.54 -57.07 69.57
C SER LA 215 -99.97 -57.44 71.00
N GLY LA 216 -100.08 -58.74 71.26
CA GLY LA 216 -100.56 -59.26 72.55
C GLY LA 216 -99.44 -59.66 73.49
N GLU LA 217 -98.69 -60.70 73.12
CA GLU LA 217 -97.50 -61.12 73.86
C GLU LA 217 -96.31 -60.27 73.41
N ASN LA 218 -95.90 -59.33 74.25
CA ASN LA 218 -94.86 -58.34 73.96
C ASN LA 218 -93.97 -58.65 72.75
N SER LA 219 -93.25 -59.78 72.82
CA SER LA 219 -92.36 -60.24 71.75
C SER LA 219 -91.09 -59.39 71.60
N THR LA 220 -91.28 -58.09 71.40
CA THR LA 220 -90.20 -57.10 71.34
C THR LA 220 -89.41 -57.15 70.03
N VAL LA 221 -88.93 -58.34 69.68
CA VAL LA 221 -88.26 -58.55 68.41
C VAL LA 221 -89.36 -58.36 67.33
N ALA LA 222 -90.62 -58.82 67.60
CA ALA LA 222 -91.76 -58.87 66.61
C ALA LA 222 -92.15 -57.44 66.30
N GLU LA 223 -92.14 -56.60 67.34
CA GLU LA 223 -92.52 -55.19 67.19
C GLU LA 223 -91.37 -54.34 66.63
N HIS LA 224 -90.17 -54.92 66.55
CA HIS LA 224 -89.01 -54.22 66.00
C HIS LA 224 -88.73 -54.62 64.55
N LEU LA 225 -88.58 -55.92 64.31
CA LEU LA 225 -88.22 -56.42 62.97
C LEU LA 225 -89.36 -56.37 61.94
N ILE LA 226 -90.57 -56.02 62.38
CA ILE LA 226 -91.67 -55.74 61.43
C ILE LA 226 -91.30 -54.63 60.45
N ALA LA 227 -90.54 -53.65 60.94
CA ALA LA 227 -90.08 -52.55 60.11
C ALA LA 227 -89.19 -53.06 58.96
N GLN LA 228 -88.13 -53.78 59.32
CA GLN LA 228 -87.18 -54.32 58.33
C GLN LA 228 -87.82 -55.34 57.38
N HIS LA 229 -88.61 -56.25 57.95
CA HIS LA 229 -89.25 -57.33 57.18
C HIS LA 229 -89.86 -56.85 55.85
N SER LA 230 -90.88 -56.00 55.95
CA SER LA 230 -91.59 -55.53 54.75
C SER LA 230 -90.91 -54.35 54.07
N ALA LA 231 -89.88 -53.78 54.70
CA ALA LA 231 -89.04 -52.76 54.07
C ALA LA 231 -88.03 -53.41 53.12
N ILE LA 232 -87.44 -54.53 53.54
CA ILE LA 232 -86.51 -55.29 52.71
C ILE LA 232 -87.27 -56.02 51.60
N LYS LA 233 -88.54 -56.34 51.85
CA LYS LA 233 -89.43 -56.87 50.81
C LYS LA 233 -89.50 -55.92 49.62
N MET LA 234 -89.48 -54.62 49.90
CA MET LA 234 -89.44 -53.60 48.86
C MET LA 234 -88.08 -53.65 48.16
N LEU LA 235 -87.00 -53.76 48.92
CA LEU LA 235 -85.65 -53.90 48.35
C LEU LA 235 -85.55 -55.10 47.40
N HIS LA 236 -86.06 -56.25 47.84
CA HIS LA 236 -86.01 -57.47 47.03
C HIS LA 236 -86.90 -57.37 45.79
N SER LA 237 -88.07 -56.74 45.95
CA SER LA 237 -88.97 -56.50 44.82
C SER LA 237 -88.29 -55.70 43.73
N ARG LA 238 -87.51 -54.69 44.11
CA ARG LA 238 -86.84 -53.81 43.15
C ARG LA 238 -85.63 -54.51 42.52
N VAL LA 239 -84.77 -55.06 43.36
CA VAL LA 239 -83.49 -55.64 42.92
C VAL LA 239 -83.69 -56.83 41.98
N LYS LA 240 -84.72 -57.63 42.24
CA LYS LA 240 -85.03 -58.79 41.41
C LYS LA 240 -85.57 -58.35 40.04
N LEU LA 241 -86.51 -57.41 40.03
CA LEU LA 241 -87.15 -56.98 38.78
C LEU LA 241 -86.19 -56.27 37.81
N ILE LA 242 -85.08 -55.74 38.33
CA ILE LA 242 -83.99 -55.25 37.49
C ILE LA 242 -83.26 -56.42 36.85
N LEU LA 243 -82.94 -57.43 37.66
CA LEU LA 243 -82.24 -58.62 37.19
C LEU LA 243 -83.08 -59.46 36.20
N GLU LA 244 -84.40 -59.37 36.30
CA GLU LA 244 -85.29 -60.00 35.32
C GLU LA 244 -85.11 -59.35 33.94
N TYR LA 245 -84.95 -58.02 33.94
CA TYR LA 245 -84.65 -57.27 32.71
C TYR LA 245 -83.24 -57.57 32.17
N VAL LA 246 -82.28 -57.78 33.06
CA VAL LA 246 -80.89 -58.08 32.69
C VAL LA 246 -80.76 -59.41 31.94
N LYS LA 247 -81.43 -60.45 32.46
CA LYS LA 247 -81.40 -61.79 31.84
C LYS LA 247 -82.13 -61.81 30.49
N ALA LA 248 -83.26 -61.11 30.42
CA ALA LA 248 -84.11 -61.10 29.22
C ALA LA 248 -83.54 -60.23 28.09
N SER LA 249 -82.79 -59.19 28.45
CA SER LA 249 -82.15 -58.32 27.47
C SER LA 249 -81.07 -59.06 26.69
N GLU LA 250 -80.19 -59.76 27.38
CA GLU LA 250 -79.15 -60.57 26.74
C GLU LA 250 -79.76 -61.78 26.03
N ALA LA 251 -80.78 -62.38 26.64
CA ALA LA 251 -81.50 -63.50 26.02
C ALA LA 251 -82.14 -63.09 24.70
N GLY LA 252 -82.52 -61.81 24.59
CA GLY LA 252 -83.01 -61.24 23.35
C GLY LA 252 -84.51 -61.04 23.38
N GLU LA 253 -85.04 -60.51 22.28
CA GLU LA 253 -86.47 -60.26 22.09
C GLU LA 253 -86.99 -59.10 22.97
N VAL LA 254 -86.60 -59.08 24.25
CA VAL LA 254 -86.85 -57.93 25.11
C VAL LA 254 -85.85 -56.82 24.72
N PRO LA 255 -86.38 -55.68 24.21
CA PRO LA 255 -85.57 -54.60 23.61
C PRO LA 255 -84.21 -54.35 24.27
N PHE LA 256 -83.13 -54.49 23.49
CA PHE LA 256 -81.78 -54.22 23.99
C PHE LA 256 -81.55 -52.72 24.05
N ASN LA 257 -81.06 -52.25 25.19
CA ASN LA 257 -80.82 -50.83 25.42
C ASN LA 257 -79.47 -50.59 26.07
N HIS LA 258 -78.64 -49.78 25.41
CA HIS LA 258 -77.28 -49.50 25.89
C HIS LA 258 -77.28 -48.57 27.10
N GLU LA 259 -78.12 -47.53 27.05
CA GLU LA 259 -78.08 -46.45 28.05
C GLU LA 259 -78.87 -46.76 29.34
N ILE LA 260 -79.41 -47.97 29.47
CA ILE LA 260 -79.98 -48.45 30.73
C ILE LA 260 -79.10 -49.54 31.33
N LEU LA 261 -78.72 -50.52 30.50
CA LEU LA 261 -77.78 -51.57 30.90
C LEU LA 261 -76.43 -51.02 31.36
N ARG LA 262 -76.07 -49.85 30.84
CA ARG LA 262 -74.84 -49.16 31.23
C ARG LA 262 -74.82 -48.85 32.73
N GLU LA 263 -75.91 -48.26 33.23
CA GLU LA 263 -76.03 -47.90 34.63
C GLU LA 263 -76.02 -49.12 35.54
N ALA LA 264 -76.48 -50.26 35.02
CA ALA LA 264 -76.44 -51.52 35.75
C ALA LA 264 -75.01 -52.00 35.98
N TYR LA 265 -74.14 -51.82 34.99
CA TYR LA 265 -72.72 -52.18 35.13
C TYR LA 265 -72.07 -51.46 36.31
N ALA LA 266 -72.39 -50.18 36.46
CA ALA LA 266 -71.94 -49.40 37.61
C ALA LA 266 -72.61 -49.92 38.88
N LEU LA 267 -73.94 -49.89 38.90
CA LEU LA 267 -74.76 -50.27 40.05
C LEU LA 267 -74.25 -51.50 40.80
N CYS LA 268 -73.85 -52.53 40.05
CA CYS LA 268 -73.48 -53.83 40.64
C CYS LA 268 -72.03 -53.90 41.11
N HIS LA 269 -71.13 -53.20 40.43
CA HIS LA 269 -69.72 -53.13 40.86
C HIS LA 269 -69.49 -52.00 41.85
N CYS LA 270 -70.34 -50.97 41.79
CA CYS LA 270 -70.37 -49.91 42.80
C CYS LA 270 -70.85 -50.41 44.17
N LEU LA 271 -71.28 -51.68 44.25
CA LEU LA 271 -71.56 -52.32 45.53
C LEU LA 271 -70.29 -52.41 46.38
N PRO LA 272 -69.79 -53.63 46.66
CA PRO LA 272 -68.94 -53.76 47.83
C PRO LA 272 -68.95 -52.51 48.73
N VAL LA 273 -70.12 -52.19 49.28
CA VAL LA 273 -70.34 -50.91 49.97
C VAL LA 273 -69.48 -50.84 51.24
N LEU LA 274 -68.27 -50.31 51.07
CA LEU LA 274 -67.29 -50.11 52.14
C LEU LA 274 -66.71 -51.41 52.68
N SER LA 275 -65.55 -51.78 52.15
CA SER LA 275 -64.69 -52.82 52.73
C SER LA 275 -63.34 -52.20 53.03
N THR LA 276 -63.36 -50.96 53.52
CA THR LA 276 -62.14 -50.21 53.79
C THR LA 276 -61.65 -50.57 55.19
N ASP LA 277 -60.36 -50.86 55.30
CA ASP LA 277 -59.76 -51.29 56.58
C ASP LA 277 -60.21 -50.44 57.76
N LYS LA 278 -60.37 -49.15 57.55
CA LYS LA 278 -60.84 -48.24 58.58
C LYS LA 278 -62.30 -48.51 58.96
N PHE LA 279 -63.18 -48.55 57.97
CA PHE LA 279 -64.63 -48.67 58.21
C PHE LA 279 -64.98 -49.80 59.18
N LYS LA 280 -64.58 -51.02 58.83
CA LYS LA 280 -64.97 -52.20 59.60
C LYS LA 280 -64.46 -52.13 61.04
N THR LA 281 -63.25 -51.60 61.22
CA THR LA 281 -62.72 -51.35 62.55
C THR LA 281 -63.74 -50.56 63.36
N ASP LA 282 -64.25 -49.49 62.77
CA ASP LA 282 -65.25 -48.64 63.43
C ASP LA 282 -66.56 -49.40 63.66
N PHE LA 283 -66.97 -50.22 62.70
CA PHE LA 283 -68.16 -51.04 62.87
C PHE LA 283 -67.99 -51.98 64.06
N TYR LA 284 -66.86 -52.69 64.12
CA TYR LA 284 -66.58 -53.60 65.24
C TYR LA 284 -66.39 -52.83 66.55
N ASP LA 285 -65.82 -51.63 66.47
CA ASP LA 285 -65.72 -50.74 67.64
C ASP LA 285 -67.09 -50.57 68.29
N GLN LA 286 -68.10 -50.29 67.48
CA GLN LA 286 -69.47 -50.12 67.97
C GLN LA 286 -70.00 -51.41 68.58
N CYS LA 287 -69.84 -52.51 67.84
CA CYS LA 287 -70.36 -53.81 68.27
C CYS LA 287 -69.85 -54.18 69.65
N ASN LA 288 -68.54 -54.05 69.85
CA ASN LA 288 -67.92 -54.35 71.15
C ASN LA 288 -68.54 -53.50 72.26
N ASP LA 289 -68.75 -52.21 71.99
CA ASP LA 289 -69.41 -51.31 72.95
C ASP LA 289 -70.78 -51.83 73.36
N VAL LA 290 -71.59 -52.17 72.35
CA VAL LA 290 -72.93 -52.71 72.60
C VAL LA 290 -72.79 -54.00 73.38
N GLY LA 291 -71.82 -54.82 73.00
CA GLY LA 291 -71.55 -56.10 73.68
C GLY LA 291 -71.25 -55.92 75.14
N LEU LA 292 -70.39 -54.96 75.46
CA LEU LA 292 -70.07 -54.62 76.84
C LEU LA 292 -71.35 -54.36 77.62
N MET LA 293 -72.26 -53.61 77.00
CA MET LA 293 -73.52 -53.24 77.64
C MET LA 293 -74.41 -54.45 77.91
N ALA LA 294 -74.36 -55.43 77.01
CA ALA LA 294 -75.09 -56.68 77.19
C ALA LA 294 -74.48 -57.55 78.29
N TYR LA 295 -73.15 -57.58 78.36
CA TYR LA 295 -72.44 -58.37 79.38
C TYR LA 295 -72.79 -57.86 80.78
N LEU LA 296 -72.77 -56.54 80.95
CA LEU LA 296 -73.13 -55.91 82.23
C LEU LA 296 -74.63 -56.09 82.53
N GLY LA 297 -75.46 -55.93 81.51
CA GLY LA 297 -76.90 -56.11 81.65
C GLY LA 297 -77.29 -57.53 82.04
N THR LA 298 -76.60 -58.52 81.48
CA THR LA 298 -76.86 -59.93 81.78
C THR LA 298 -76.42 -60.28 83.20
N ILE LA 299 -75.29 -59.72 83.64
CA ILE LA 299 -74.81 -59.90 85.01
C ILE LA 299 -75.84 -59.35 86.00
N THR LA 300 -76.48 -58.23 85.65
CA THR LA 300 -77.52 -57.63 86.48
C THR LA 300 -78.70 -58.56 86.66
N LYS LA 301 -79.20 -59.11 85.55
CA LYS LA 301 -80.33 -60.04 85.58
C LYS LA 301 -79.97 -61.31 86.33
N THR LA 302 -78.76 -61.81 86.10
CA THR LA 302 -78.24 -62.96 86.84
C THR LA 302 -78.17 -62.63 88.32
N CYS LA 303 -77.66 -61.44 88.65
CA CYS LA 303 -77.52 -61.00 90.04
C CYS LA 303 -78.85 -60.94 90.78
N ASN LA 304 -79.91 -60.49 90.09
CA ASN LA 304 -81.25 -60.46 90.67
C ASN LA 304 -81.82 -61.86 90.81
N THR LA 305 -81.79 -62.60 89.70
CA THR LA 305 -82.24 -64.00 89.68
C THR LA 305 -81.48 -64.83 90.71
N MET LA 306 -80.23 -64.47 90.94
CA MET LA 306 -79.43 -65.08 92.01
C MET LA 306 -80.02 -64.76 93.36
N ASN LA 307 -80.21 -63.46 93.65
CA ASN LA 307 -80.73 -63.02 94.95
C ASN LA 307 -82.20 -63.43 95.18
N GLN LA 308 -82.93 -63.64 94.09
CA GLN LA 308 -84.26 -64.26 94.15
C GLN LA 308 -84.16 -65.67 94.72
N PHE LA 309 -83.19 -66.43 94.20
CA PHE LA 309 -82.91 -67.78 94.67
C PHE LA 309 -82.30 -67.80 96.08
N VAL LA 310 -81.37 -66.89 96.34
CA VAL LA 310 -80.66 -66.84 97.63
C VAL LA 310 -81.63 -66.69 98.81
N ASN LA 311 -82.45 -65.64 98.78
CA ASN LA 311 -83.39 -65.38 99.87
C ASN LA 311 -84.35 -66.53 100.12
N LYS LA 312 -84.86 -67.15 99.04
CA LYS LA 312 -85.77 -68.28 99.15
C LYS LA 312 -85.09 -69.53 99.71
N PHE LA 313 -83.79 -69.66 99.45
CA PHE LA 313 -82.98 -70.72 100.04
C PHE LA 313 -82.63 -70.38 101.49
N ASN LA 314 -82.15 -69.16 101.71
CA ASN LA 314 -81.70 -68.71 103.04
C ASN LA 314 -82.80 -68.49 104.08
N VAL LA 315 -84.05 -68.82 103.75
CA VAL LA 315 -85.14 -68.77 104.71
C VAL LA 315 -85.81 -70.14 104.89
N LEU LA 316 -86.15 -70.81 103.80
CA LEU LA 316 -86.75 -72.15 103.87
C LEU LA 316 -85.73 -73.20 104.35
N TYR LA 317 -84.57 -73.25 103.69
CA TYR LA 317 -83.50 -74.16 104.12
C TYR LA 317 -82.80 -73.67 105.39
N ASP LA 318 -82.21 -72.49 105.30
CA ASP LA 318 -81.39 -71.93 106.39
C ASP LA 318 -82.26 -71.33 107.50
N ARG LA 319 -81.70 -71.27 108.71
CA ARG LA 319 -82.37 -70.69 109.87
C ARG LA 319 -81.91 -69.24 110.10
N GLN LA 320 -81.95 -68.43 109.05
CA GLN LA 320 -81.54 -67.02 109.09
C GLN LA 320 -80.10 -66.84 109.58
N THR MA 12 -73.75 -36.90 29.14
CA THR MA 12 -74.13 -37.30 27.74
C THR MA 12 -75.66 -37.44 27.58
N GLY MA 13 -76.14 -37.30 26.35
CA GLY MA 13 -77.57 -37.33 26.03
C GLY MA 13 -77.92 -36.49 24.82
N GLN MA 14 -77.32 -35.29 24.76
CA GLN MA 14 -77.49 -34.37 23.62
C GLN MA 14 -76.52 -34.69 22.47
N ASN MA 15 -75.26 -34.99 22.82
CA ASN MA 15 -74.21 -35.30 21.83
C ASN MA 15 -74.12 -36.78 21.44
N GLN MA 16 -75.21 -37.52 21.65
CA GLN MA 16 -75.46 -38.77 20.93
C GLN MA 16 -76.84 -38.72 20.26
N GLU MA 17 -77.31 -37.50 20.00
CA GLU MA 17 -78.44 -37.23 19.11
C GLU MA 17 -78.02 -36.26 18.01
N GLN MA 18 -77.18 -35.29 18.37
CA GLN MA 18 -76.49 -34.44 17.41
C GLN MA 18 -75.42 -35.23 16.63
N PHE MA 19 -74.67 -36.07 17.34
CA PHE MA 19 -73.61 -36.88 16.72
C PHE MA 19 -74.02 -38.34 16.38
N LEU MA 20 -75.29 -38.68 16.59
CA LEU MA 20 -75.85 -39.96 16.11
C LEU MA 20 -76.74 -39.77 14.88
N LEU MA 21 -77.32 -38.58 14.73
CA LEU MA 21 -77.97 -38.18 13.48
C LEU MA 21 -76.95 -38.11 12.33
N LEU MA 22 -75.72 -37.71 12.66
CA LEU MA 22 -74.62 -37.61 11.70
C LEU MA 22 -73.73 -38.87 11.67
N ALA MA 23 -74.13 -39.92 12.39
CA ALA MA 23 -73.43 -41.21 12.36
C ALA MA 23 -74.06 -42.21 11.39
N LYS MA 24 -75.35 -42.01 11.07
CA LYS MA 24 -76.03 -42.79 10.02
C LYS MA 24 -75.76 -42.20 8.64
N SER MA 25 -76.01 -40.90 8.50
CA SER MA 25 -75.81 -40.18 7.25
C SER MA 25 -74.34 -39.74 7.11
N ALA MA 26 -73.45 -40.72 6.96
CA ALA MA 26 -72.02 -40.46 6.85
C ALA MA 26 -71.30 -41.66 6.27
N LYS MA 27 -70.44 -41.41 5.28
CA LYS MA 27 -69.70 -42.47 4.61
C LYS MA 27 -68.49 -42.88 5.45
N GLY MA 28 -67.47 -43.47 4.83
CA GLY MA 28 -66.28 -43.92 5.54
C GLY MA 28 -65.32 -42.83 5.97
N ALA MA 29 -65.08 -41.85 5.10
CA ALA MA 29 -64.19 -40.73 5.40
C ALA MA 29 -64.88 -39.65 6.25
N ALA MA 30 -66.22 -39.60 6.18
CA ALA MA 30 -67.00 -38.73 7.06
C ALA MA 30 -66.97 -39.21 8.51
N LEU MA 31 -66.90 -40.52 8.70
CA LEU MA 31 -66.77 -41.13 10.03
C LEU MA 31 -65.32 -41.12 10.55
N ALA MA 32 -64.35 -41.14 9.64
CA ALA MA 32 -62.93 -41.03 10.00
C ALA MA 32 -62.61 -39.67 10.64
N THR MA 33 -63.39 -38.65 10.26
CA THR MA 33 -63.35 -37.34 10.91
C THR MA 33 -64.23 -37.32 12.16
N LEU MA 34 -65.47 -37.80 12.03
CA LEU MA 34 -66.48 -37.77 13.12
C LEU MA 34 -66.06 -38.54 14.38
N ILE MA 35 -65.25 -39.59 14.20
CA ILE MA 35 -64.74 -40.36 15.34
C ILE MA 35 -63.81 -39.51 16.22
N HIS MA 36 -63.02 -38.63 15.61
CA HIS MA 36 -62.17 -37.69 16.37
C HIS MA 36 -62.96 -36.54 17.01
N GLN MA 37 -64.18 -36.28 16.54
CA GLN MA 37 -65.02 -35.20 17.06
C GLN MA 37 -65.76 -35.61 18.34
N VAL MA 38 -66.41 -36.77 18.28
CA VAL MA 38 -67.19 -37.29 19.42
C VAL MA 38 -66.32 -37.67 20.61
N LEU MA 39 -65.12 -38.20 20.33
CA LEU MA 39 -64.17 -38.58 21.37
C LEU MA 39 -63.65 -37.34 22.10
N GLU MA 40 -63.11 -36.39 21.35
CA GLU MA 40 -62.59 -35.15 21.92
C GLU MA 40 -63.71 -34.11 22.06
N ALA MA 41 -64.60 -34.34 23.02
CA ALA MA 41 -65.73 -33.46 23.28
C ALA MA 41 -66.29 -33.78 24.67
N PRO MA 42 -65.89 -33.00 25.70
CA PRO MA 42 -66.26 -33.35 27.08
C PRO MA 42 -67.76 -33.40 27.32
N GLY MA 43 -68.18 -34.31 28.20
CA GLY MA 43 -69.61 -34.61 28.41
C GLY MA 43 -69.97 -35.96 27.84
N VAL MA 44 -69.39 -36.29 26.68
CA VAL MA 44 -69.61 -37.57 26.02
C VAL MA 44 -68.56 -38.58 26.51
N TYR MA 45 -68.85 -39.23 27.65
CA TYR MA 45 -67.98 -40.28 28.19
C TYR MA 45 -68.50 -41.69 27.89
N VAL MA 46 -69.76 -41.80 27.48
CA VAL MA 46 -70.37 -43.08 27.11
C VAL MA 46 -70.10 -43.41 25.65
N PHE MA 47 -69.83 -44.68 25.37
CA PHE MA 47 -69.60 -45.15 24.00
C PHE MA 47 -70.29 -46.48 23.78
N GLY MA 48 -71.60 -46.51 24.02
CA GLY MA 48 -72.41 -47.69 23.77
C GLY MA 48 -72.92 -47.70 22.35
N GLU MA 49 -73.43 -46.56 21.89
CA GLU MA 49 -74.05 -46.46 20.57
C GLU MA 49 -73.02 -46.38 19.45
N LEU MA 50 -72.16 -45.35 19.53
CA LEU MA 50 -71.26 -44.99 18.42
C LEU MA 50 -70.38 -46.13 17.91
N LEU MA 51 -69.91 -47.01 18.80
CA LEU MA 51 -69.12 -48.16 18.40
C LEU MA 51 -70.00 -49.25 17.79
N ASP MA 52 -71.22 -49.41 18.34
CA ASP MA 52 -72.16 -50.41 17.82
C ASP MA 52 -73.11 -49.78 16.80
N MET MA 53 -72.57 -49.52 15.60
CA MET MA 53 -73.33 -48.96 14.48
C MET MA 53 -72.90 -49.65 13.18
N PRO MA 54 -73.88 -50.04 12.32
CA PRO MA 54 -73.52 -50.66 11.05
C PRO MA 54 -72.54 -49.85 10.20
N ASN MA 55 -72.64 -48.53 10.26
CA ASN MA 55 -71.81 -47.64 9.45
C ASN MA 55 -70.32 -47.76 9.80
N VAL MA 56 -70.01 -47.80 11.09
CA VAL MA 56 -68.63 -47.86 11.55
C VAL MA 56 -68.04 -49.27 11.40
N ARG MA 57 -68.90 -50.29 11.36
CA ARG MA 57 -68.44 -51.68 11.30
C ARG MA 57 -67.82 -52.07 9.94
N GLU MA 58 -68.15 -51.32 8.88
CA GLU MA 58 -67.47 -51.50 7.58
C GLU MA 58 -66.04 -50.93 7.60
N LEU MA 59 -65.83 -49.90 8.42
CA LEU MA 59 -64.49 -49.30 8.59
C LEU MA 59 -63.53 -50.29 9.24
N ALA MA 60 -64.05 -51.10 10.16
CA ALA MA 60 -63.27 -52.13 10.82
C ALA MA 60 -62.49 -52.97 9.82
N GLU MA 61 -61.18 -53.05 10.01
CA GLU MA 61 -60.29 -53.84 9.14
C GLU MA 61 -60.40 -53.44 7.66
N SER MA 62 -60.51 -52.14 7.43
CA SER MA 62 -60.54 -51.59 6.07
C SER MA 62 -59.44 -50.54 5.95
N ASP MA 63 -59.59 -49.62 5.00
CA ASP MA 63 -58.64 -48.50 4.86
C ASP MA 63 -58.73 -47.54 6.04
N PHE MA 64 -59.91 -47.45 6.66
CA PHE MA 64 -60.09 -46.69 7.89
C PHE MA 64 -60.16 -47.63 9.09
N ALA MA 65 -59.04 -48.33 9.33
CA ALA MA 65 -58.93 -49.27 10.46
C ALA MA 65 -58.25 -48.66 11.70
N SER MA 66 -57.40 -47.65 11.48
CA SER MA 66 -56.74 -46.95 12.59
C SER MA 66 -57.77 -46.19 13.45
N THR MA 67 -58.68 -45.48 12.79
CA THR MA 67 -59.75 -44.74 13.49
C THR MA 67 -60.80 -45.67 14.11
N PHE MA 68 -60.89 -46.91 13.64
CA PHE MA 68 -61.79 -47.92 14.22
C PHE MA 68 -61.24 -48.50 15.52
N ARG MA 69 -59.96 -48.87 15.54
CA ARG MA 69 -59.30 -49.41 16.74
C ARG MA 69 -59.35 -48.41 17.89
N LEU MA 70 -59.26 -47.13 17.55
CA LEU MA 70 -59.29 -46.05 18.54
C LEU MA 70 -60.63 -45.94 19.27
N LEU MA 71 -61.74 -46.14 18.55
CA LEU MA 71 -63.08 -46.07 19.13
C LEU MA 71 -63.36 -47.24 20.08
N THR MA 72 -62.65 -48.36 19.90
CA THR MA 72 -62.74 -49.50 20.81
C THR MA 72 -62.00 -49.22 22.12
N VAL MA 73 -60.87 -48.52 22.05
CA VAL MA 73 -60.07 -48.20 23.25
C VAL MA 73 -60.87 -47.34 24.24
N PHE MA 74 -61.52 -46.29 23.73
CA PHE MA 74 -62.34 -45.41 24.56
C PHE MA 74 -63.65 -46.06 25.00
N ALA MA 75 -64.10 -47.06 24.24
CA ALA MA 75 -65.35 -47.76 24.54
C ALA MA 75 -65.16 -49.14 25.18
N TYR MA 76 -63.93 -49.44 25.61
CA TYR MA 76 -63.62 -50.75 26.23
C TYR MA 76 -62.31 -50.71 27.05
N GLY MA 77 -61.20 -50.35 26.40
CA GLY MA 77 -59.86 -50.43 27.00
C GLY MA 77 -59.49 -49.32 27.96
N THR MA 78 -58.19 -49.13 28.16
CA THR MA 78 -57.64 -48.14 29.11
C THR MA 78 -56.44 -47.41 28.51
N TYR MA 79 -55.77 -46.60 29.33
CA TYR MA 79 -54.61 -45.81 28.90
C TYR MA 79 -53.37 -46.67 28.67
N ALA MA 80 -53.19 -47.68 29.52
CA ALA MA 80 -52.11 -48.64 29.37
C ALA MA 80 -52.22 -49.36 28.03
N ASP MA 81 -53.46 -49.58 27.58
CA ASP MA 81 -53.71 -50.18 26.27
C ASP MA 81 -53.39 -49.21 25.13
N TYR MA 82 -53.66 -47.92 25.33
CA TYR MA 82 -53.29 -46.90 24.34
C TYR MA 82 -51.78 -46.84 24.13
N LEU MA 83 -51.02 -46.82 25.23
CA LEU MA 83 -49.56 -46.74 25.15
C LEU MA 83 -48.93 -48.03 24.61
N ALA MA 84 -49.65 -49.14 24.73
CA ALA MA 84 -49.27 -50.39 24.09
C ALA MA 84 -49.51 -50.34 22.58
N GLU MA 85 -50.60 -49.71 22.17
CA GLU MA 85 -51.00 -49.60 20.76
C GLU MA 85 -50.75 -48.19 20.20
N ALA MA 86 -49.65 -47.56 20.59
CA ALA MA 86 -49.39 -46.15 20.25
C ALA MA 86 -49.25 -45.87 18.76
N ARG MA 87 -48.82 -46.86 17.98
CA ARG MA 87 -48.66 -46.72 16.53
C ARG MA 87 -49.81 -47.33 15.73
N ASN MA 88 -50.38 -48.43 16.22
CA ASN MA 88 -51.54 -49.06 15.58
C ASN MA 88 -52.81 -48.20 15.66
N LEU MA 89 -52.85 -47.28 16.62
CA LEU MA 89 -53.89 -46.26 16.71
C LEU MA 89 -53.35 -44.94 16.15
N PRO MA 90 -54.25 -43.99 15.83
CA PRO MA 90 -53.78 -42.67 15.42
C PRO MA 90 -53.23 -41.88 16.61
N PRO MA 91 -52.28 -40.95 16.37
CA PRO MA 91 -51.77 -40.11 17.46
C PRO MA 91 -52.86 -39.27 18.13
N LEU MA 92 -52.86 -39.25 19.47
CA LEU MA 92 -53.86 -38.50 20.25
C LEU MA 92 -53.26 -37.23 20.84
N THR MA 93 -54.12 -36.25 21.09
CA THR MA 93 -53.75 -35.03 21.79
C THR MA 93 -53.97 -35.21 23.30
N GLU MA 94 -53.58 -34.22 24.09
CA GLU MA 94 -53.72 -34.29 25.55
C GLU MA 94 -55.17 -34.35 26.02
N ALA MA 95 -56.05 -33.59 25.37
CA ALA MA 95 -57.48 -33.55 25.74
C ALA MA 95 -58.18 -34.90 25.58
N GLN MA 96 -57.70 -35.71 24.64
CA GLN MA 96 -58.18 -37.09 24.48
C GLN MA 96 -57.47 -38.04 25.44
N LYS MA 97 -56.18 -37.80 25.69
CA LYS MA 97 -55.42 -38.58 26.67
C LYS MA 97 -56.00 -38.41 28.08
N ASN MA 98 -56.46 -37.20 28.40
CA ASN MA 98 -57.14 -36.93 29.67
C ASN MA 98 -58.45 -37.69 29.80
N LYS MA 99 -59.31 -37.60 28.79
CA LYS MA 99 -60.59 -38.30 28.77
C LYS MA 99 -60.45 -39.81 28.89
N LEU MA 100 -59.31 -40.34 28.44
CA LEU MA 100 -58.97 -41.75 28.65
C LEU MA 100 -58.43 -41.96 30.06
N ARG MA 101 -57.62 -41.02 30.54
CA ARG MA 101 -57.12 -41.03 31.93
C ARG MA 101 -58.23 -40.88 32.97
N HIS MA 102 -59.38 -40.36 32.56
CA HIS MA 102 -60.57 -40.31 33.42
C HIS MA 102 -61.20 -41.69 33.43
N LEU MA 103 -61.47 -42.22 32.25
CA LEU MA 103 -62.15 -43.49 32.07
C LEU MA 103 -61.31 -44.69 32.53
N SER MA 104 -59.99 -44.57 32.47
CA SER MA 104 -59.08 -45.63 32.93
C SER MA 104 -59.08 -45.77 34.45
N VAL MA 105 -59.49 -44.71 35.15
CA VAL MA 105 -59.67 -44.75 36.60
C VAL MA 105 -61.05 -45.30 36.94
N VAL MA 106 -62.06 -44.84 36.19
CA VAL MA 106 -63.45 -45.27 36.40
C VAL MA 106 -63.55 -46.80 36.41
N THR MA 107 -62.75 -47.46 35.59
CA THR MA 107 -62.66 -48.93 35.55
C THR MA 107 -62.04 -49.44 36.85
N LEU MA 108 -60.88 -48.91 37.19
CA LEU MA 108 -60.21 -49.26 38.45
C LEU MA 108 -61.10 -48.95 39.65
N ALA MA 109 -61.94 -47.93 39.51
CA ALA MA 109 -62.85 -47.49 40.58
C ALA MA 109 -64.02 -48.45 40.82
N ALA MA 110 -64.59 -49.00 39.74
CA ALA MA 110 -65.69 -49.96 39.85
C ALA MA 110 -65.26 -51.21 40.62
N LYS MA 111 -64.06 -51.70 40.31
CA LYS MA 111 -63.47 -52.85 41.02
C LYS MA 111 -63.03 -52.44 42.43
N VAL MA 112 -61.97 -51.62 42.49
CA VAL MA 112 -61.32 -51.23 43.74
C VAL MA 112 -61.80 -49.84 44.14
N LYS MA 113 -62.58 -49.74 45.22
CA LYS MA 113 -63.21 -48.48 45.60
C LYS MA 113 -62.24 -47.56 46.36
N CYS MA 114 -61.38 -48.16 47.18
CA CYS MA 114 -60.28 -47.45 47.84
C CYS MA 114 -58.98 -47.59 47.06
N ILE MA 115 -58.62 -46.54 46.31
CA ILE MA 115 -57.44 -46.55 45.46
C ILE MA 115 -56.26 -45.84 46.12
N PRO MA 116 -55.12 -46.53 46.25
CA PRO MA 116 -53.88 -45.85 46.66
C PRO MA 116 -53.37 -44.93 45.56
N TYR MA 117 -52.62 -43.90 45.93
CA TYR MA 117 -52.11 -42.93 44.95
C TYR MA 117 -51.19 -43.55 43.90
N ALA MA 118 -50.13 -44.20 44.35
CA ALA MA 118 -49.14 -44.83 43.46
C ALA MA 118 -49.79 -45.63 42.33
N VAL MA 119 -50.89 -46.31 42.63
CA VAL MA 119 -51.69 -47.05 41.65
C VAL MA 119 -51.96 -46.22 40.39
N LEU MA 120 -52.35 -44.98 40.60
CA LEU MA 120 -52.81 -44.12 39.52
C LEU MA 120 -51.66 -43.48 38.73
N LEU MA 121 -50.43 -43.67 39.19
CA LEU MA 121 -49.24 -43.31 38.42
C LEU MA 121 -48.90 -44.41 37.43
N GLU MA 122 -49.33 -45.63 37.73
CA GLU MA 122 -48.98 -46.82 36.95
C GLU MA 122 -49.97 -47.06 35.82
N ALA MA 123 -51.26 -47.08 36.16
CA ALA MA 123 -52.33 -47.33 35.19
C ALA MA 123 -52.55 -46.15 34.25
N LEU MA 124 -52.09 -44.96 34.65
CA LEU MA 124 -52.21 -43.75 33.83
C LEU MA 124 -50.85 -43.18 33.37
N ALA MA 125 -49.75 -43.81 33.77
CA ALA MA 125 -48.40 -43.39 33.37
C ALA MA 125 -48.14 -41.91 33.65
N LEU MA 126 -48.57 -41.46 34.83
CA LEU MA 126 -48.47 -40.05 35.21
C LEU MA 126 -47.23 -39.82 36.06
N ARG MA 127 -46.88 -38.53 36.24
CA ARG MA 127 -45.59 -38.13 36.80
C ARG MA 127 -45.63 -37.76 38.29
N ASN MA 128 -46.74 -37.16 38.75
CA ASN MA 128 -46.87 -36.82 40.17
C ASN MA 128 -48.30 -36.66 40.65
N VAL MA 129 -48.44 -36.53 41.96
CA VAL MA 129 -49.73 -36.34 42.61
C VAL MA 129 -50.42 -35.11 42.03
N ARG MA 130 -49.68 -34.00 41.96
CA ARG MA 130 -50.20 -32.74 41.47
C ARG MA 130 -51.05 -32.95 40.21
N GLN MA 131 -50.50 -33.69 39.25
CA GLN MA 131 -51.23 -34.00 38.03
C GLN MA 131 -52.41 -34.90 38.35
N LEU MA 132 -52.10 -36.04 38.95
CA LEU MA 132 -53.12 -37.01 39.31
C LEU MA 132 -54.34 -36.30 39.87
N GLU MA 133 -54.13 -35.57 40.97
CA GLU MA 133 -55.20 -34.82 41.61
C GLU MA 133 -55.94 -34.00 40.56
N ASP MA 134 -55.22 -33.12 39.88
CA ASP MA 134 -55.80 -32.29 38.82
C ASP MA 134 -56.69 -33.11 37.87
N LEU MA 135 -56.17 -34.22 37.39
CA LEU MA 135 -56.95 -35.09 36.50
C LEU MA 135 -58.17 -35.64 37.21
N VAL MA 136 -58.01 -36.01 38.47
CA VAL MA 136 -59.14 -36.50 39.25
C VAL MA 136 -60.14 -35.36 39.48
N ILE MA 137 -59.64 -34.14 39.67
CA ILE MA 137 -60.51 -32.97 39.81
C ILE MA 137 -61.48 -32.96 38.63
N GLU MA 138 -60.90 -32.99 37.44
CA GLU MA 138 -61.67 -32.92 36.21
C GLU MA 138 -62.65 -34.09 36.10
N ALA MA 139 -62.23 -35.26 36.55
CA ALA MA 139 -63.09 -36.46 36.54
C ALA MA 139 -64.41 -36.18 37.25
N VAL MA 140 -64.32 -35.76 38.52
CA VAL MA 140 -65.51 -35.44 39.31
C VAL MA 140 -66.19 -34.18 38.78
N TYR MA 141 -65.38 -33.24 38.30
CA TYR MA 141 -65.89 -32.00 37.71
C TYR MA 141 -66.75 -32.24 36.47
N ALA MA 142 -66.41 -33.23 35.66
CA ALA MA 142 -67.22 -33.61 34.51
C ALA MA 142 -68.38 -34.54 34.89
N ASP MA 143 -68.68 -34.64 36.19
CA ASP MA 143 -69.75 -35.49 36.72
C ASP MA 143 -69.60 -36.97 36.31
N VAL MA 144 -68.37 -37.47 36.44
CA VAL MA 144 -68.05 -38.88 36.20
C VAL MA 144 -68.04 -39.63 37.53
N LEU MA 145 -67.25 -39.12 38.48
CA LEU MA 145 -67.04 -39.77 39.78
C LEU MA 145 -67.56 -38.93 40.95
N ARG MA 146 -67.62 -39.56 42.12
CA ARG MA 146 -67.85 -38.88 43.39
C ARG MA 146 -66.74 -39.37 44.34
N GLY MA 147 -66.39 -38.55 45.35
CA GLY MA 147 -65.43 -38.99 46.37
C GLY MA 147 -64.55 -37.89 46.96
N SER MA 148 -63.34 -38.30 47.35
CA SER MA 148 -62.39 -37.41 48.03
C SER MA 148 -61.00 -38.04 48.07
N LEU MA 149 -60.04 -37.31 48.65
CA LEU MA 149 -58.65 -37.80 48.78
C LEU MA 149 -58.14 -37.74 50.21
N ASP MA 150 -57.02 -38.43 50.46
CA ASP MA 150 -56.42 -38.52 51.80
C ASP MA 150 -54.90 -38.35 51.66
N GLN MA 151 -54.44 -37.11 51.72
CA GLN MA 151 -53.07 -36.74 51.34
C GLN MA 151 -51.98 -37.49 52.10
N ARG MA 152 -52.02 -37.43 53.42
CA ARG MA 152 -51.03 -38.13 54.22
C ARG MA 152 -51.08 -39.64 53.96
N ASN MA 153 -52.29 -40.20 53.94
CA ASN MA 153 -52.50 -41.64 53.74
C ASN MA 153 -52.33 -42.12 52.29
N GLN MA 154 -52.29 -41.19 51.33
CA GLN MA 154 -52.09 -41.48 49.91
C GLN MA 154 -53.24 -42.28 49.29
N ARG MA 155 -54.47 -41.82 49.54
CA ARG MA 155 -55.67 -42.54 49.13
C ARG MA 155 -56.56 -41.75 48.18
N LEU MA 156 -57.44 -42.48 47.51
CA LEU MA 156 -58.52 -41.90 46.71
C LEU MA 156 -59.78 -42.74 46.90
N GLU MA 157 -60.62 -42.32 47.85
CA GLU MA 157 -61.89 -42.98 48.10
C GLU MA 157 -62.88 -42.55 47.03
N VAL MA 158 -63.71 -43.48 46.56
CA VAL MA 158 -64.64 -43.23 45.47
C VAL MA 158 -66.08 -43.55 45.89
N ASP MA 159 -66.82 -42.52 46.29
CA ASP MA 159 -68.21 -42.65 46.75
C ASP MA 159 -69.17 -43.19 45.67
N TYR MA 160 -68.89 -42.82 44.41
CA TYR MA 160 -69.67 -43.32 43.28
C TYR MA 160 -68.91 -43.10 41.97
N SER MA 161 -69.02 -44.07 41.06
CA SER MA 161 -68.47 -43.94 39.70
C SER MA 161 -69.52 -44.38 38.70
N ILE MA 162 -69.58 -43.70 37.55
CA ILE MA 162 -70.44 -44.13 36.46
C ILE MA 162 -69.84 -45.37 35.79
N GLY MA 163 -70.66 -46.06 35.01
CA GLY MA 163 -70.20 -47.24 34.24
C GLY MA 163 -70.03 -46.88 32.78
N ARG MA 164 -68.80 -46.99 32.27
CA ARG MA 164 -68.50 -46.63 30.88
C ARG MA 164 -69.10 -47.62 29.88
N ASP MA 165 -68.78 -48.89 30.06
CA ASP MA 165 -69.16 -49.93 29.11
C ASP MA 165 -70.55 -50.51 29.35
N ILE MA 166 -71.08 -51.12 28.30
CA ILE MA 166 -72.29 -51.92 28.37
C ILE MA 166 -71.87 -53.38 28.55
N GLN MA 167 -70.92 -53.80 27.70
CA GLN MA 167 -70.38 -55.16 27.70
C GLN MA 167 -71.46 -56.22 27.52
N ARG MA 168 -71.81 -56.47 26.27
CA ARG MA 168 -72.65 -57.61 25.91
C ARG MA 168 -71.79 -58.88 25.88
N GLN MA 169 -70.46 -58.68 25.82
CA GLN MA 169 -69.49 -59.74 26.04
C GLN MA 169 -69.66 -60.36 27.43
N ASP MA 170 -69.61 -59.51 28.46
CA ASP MA 170 -69.71 -59.94 29.85
C ASP MA 170 -70.96 -59.40 30.51
N LEU MA 171 -72.12 -59.65 29.91
CA LEU MA 171 -73.40 -59.25 30.47
C LEU MA 171 -73.79 -60.23 31.58
N SER MA 172 -73.21 -61.42 31.53
CA SER MA 172 -73.35 -62.41 32.61
C SER MA 172 -72.54 -62.01 33.84
N ALA MA 173 -71.43 -61.29 33.64
CA ALA MA 173 -70.63 -60.75 34.74
C ALA MA 173 -71.40 -59.67 35.52
N ILE MA 174 -72.35 -59.03 34.85
CA ILE MA 174 -73.28 -58.10 35.49
C ILE MA 174 -74.43 -58.85 36.14
N ALA MA 175 -74.93 -59.88 35.45
CA ALA MA 175 -76.07 -60.66 35.92
C ALA MA 175 -75.77 -61.42 37.22
N ARG MA 176 -74.60 -62.06 37.30
CA ARG MA 176 -74.25 -62.90 38.45
C ARG MA 176 -74.13 -62.09 39.74
N THR MA 177 -73.45 -60.95 39.66
CA THR MA 177 -73.35 -60.04 40.79
C THR MA 177 -74.74 -59.59 41.27
N LEU MA 178 -75.69 -59.43 40.35
CA LEU MA 178 -77.08 -59.11 40.70
C LEU MA 178 -77.78 -60.26 41.39
N GLN MA 179 -77.49 -61.49 40.96
CA GLN MA 179 -78.10 -62.67 41.57
C GLN MA 179 -77.68 -62.84 43.03
N GLU MA 180 -76.40 -62.63 43.32
CA GLU MA 180 -75.88 -62.76 44.69
C GLU MA 180 -76.56 -61.80 45.66
N TRP MA 181 -76.98 -60.63 45.16
CA TRP MA 181 -77.73 -59.65 45.95
C TRP MA 181 -79.20 -60.10 46.11
N CYS MA 182 -79.77 -60.65 45.04
CA CYS MA 182 -81.11 -61.24 45.11
C CYS MA 182 -81.14 -62.42 46.08
N VAL MA 183 -80.07 -63.20 46.08
CA VAL MA 183 -79.88 -64.27 47.07
C VAL MA 183 -79.81 -63.65 48.45
N GLY MA 184 -78.96 -62.64 48.60
CA GLY MA 184 -78.81 -61.92 49.87
C GLY MA 184 -80.11 -61.38 50.42
N CYS MA 185 -80.95 -60.85 49.54
CA CYS MA 185 -82.28 -60.37 49.92
C CYS MA 185 -83.11 -61.46 50.57
N GLU MA 186 -83.06 -62.65 49.98
CA GLU MA 186 -83.75 -63.82 50.53
C GLU MA 186 -83.06 -64.31 51.82
N VAL MA 187 -81.72 -64.32 51.81
CA VAL MA 187 -80.93 -64.71 52.99
C VAL MA 187 -81.44 -64.02 54.24
N VAL MA 188 -81.64 -62.71 54.16
CA VAL MA 188 -82.09 -61.92 55.30
C VAL MA 188 -83.60 -62.07 55.51
N LEU MA 189 -84.39 -61.88 54.45
CA LEU MA 189 -85.85 -61.95 54.54
C LEU MA 189 -86.35 -63.16 55.31
N SER MA 190 -85.89 -64.34 54.89
CA SER MA 190 -86.21 -65.59 55.56
C SER MA 190 -85.54 -65.64 56.94
N GLY MA 191 -84.31 -65.12 57.01
CA GLY MA 191 -83.57 -65.02 58.26
C GLY MA 191 -84.27 -64.20 59.32
N ILE MA 192 -85.03 -63.19 58.91
CA ILE MA 192 -85.86 -62.40 59.83
C ILE MA 192 -87.02 -63.26 60.32
N GLU MA 193 -87.81 -63.77 59.38
CA GLU MA 193 -89.04 -64.50 59.68
C GLU MA 193 -88.83 -65.71 60.61
N GLU MA 194 -87.63 -66.30 60.54
CA GLU MA 194 -87.23 -67.35 61.49
C GLU MA 194 -87.04 -66.78 62.88
N GLN MA 195 -86.24 -65.71 62.97
CA GLN MA 195 -85.91 -65.08 64.26
C GLN MA 195 -87.11 -64.35 64.88
N VAL MA 196 -88.02 -63.84 64.04
CA VAL MA 196 -89.25 -63.21 64.51
C VAL MA 196 -90.21 -64.25 65.09
N SER MA 197 -90.37 -65.36 64.38
CA SER MA 197 -91.23 -66.46 64.84
C SER MA 197 -90.65 -67.18 66.06
N ARG MA 198 -89.33 -67.13 66.22
CA ARG MA 198 -88.65 -67.72 67.38
C ARG MA 198 -88.70 -66.84 68.63
N ALA MA 199 -88.60 -65.52 68.45
CA ALA MA 199 -88.68 -64.57 69.58
C ALA MA 199 -90.08 -64.55 70.19
N ASN MA 200 -91.10 -64.80 69.37
CA ASN MA 200 -92.47 -65.04 69.85
C ASN MA 200 -92.64 -66.44 70.44
N GLN MA 201 -91.94 -67.43 69.88
CA GLN MA 201 -91.96 -68.80 70.40
C GLN MA 201 -91.27 -68.93 71.76
N HIS MA 202 -90.19 -68.17 71.96
CA HIS MA 202 -89.49 -68.16 73.26
C HIS MA 202 -90.28 -67.38 74.31
N LYS MA 203 -91.14 -66.45 73.86
CA LYS MA 203 -92.09 -65.78 74.73
C LYS MA 203 -93.25 -66.70 75.12
N GLU MA 204 -93.72 -67.51 74.17
CA GLU MA 204 -94.76 -68.53 74.43
C GLU MA 204 -94.18 -69.79 75.10
N GLN MA 205 -92.86 -69.95 75.03
CA GLN MA 205 -92.15 -70.99 75.78
C GLN MA 205 -92.18 -70.65 77.27
N GLN MA 206 -91.82 -69.41 77.60
CA GLN MA 206 -91.76 -68.94 78.98
C GLN MA 206 -93.14 -68.72 79.61
N LEU MA 207 -94.06 -68.13 78.85
CA LEU MA 207 -95.44 -67.89 79.32
C LEU MA 207 -96.17 -69.19 79.69
N GLY MA 208 -95.93 -70.23 78.90
CA GLY MA 208 -96.45 -71.56 79.20
C GLY MA 208 -95.74 -72.20 80.39
N LEU MA 209 -94.41 -72.07 80.41
CA LEU MA 209 -93.58 -72.62 81.50
C LEU MA 209 -93.73 -71.88 82.83
N LYS MA 210 -94.17 -70.62 82.79
CA LYS MA 210 -94.40 -69.84 84.01
C LYS MA 210 -95.79 -70.10 84.60
N GLN MA 211 -96.72 -70.60 83.78
CA GLN MA 211 -98.01 -71.07 84.29
C GLN MA 211 -97.89 -72.40 85.03
N GLN MA 212 -96.90 -73.20 84.65
CA GLN MA 212 -96.60 -74.46 85.35
C GLN MA 212 -95.91 -74.22 86.70
N ILE MA 213 -95.14 -73.13 86.82
CA ILE MA 213 -94.46 -72.76 88.06
C ILE MA 213 -95.46 -72.27 89.13
N GLU MA 214 -96.45 -71.48 88.68
CA GLU MA 214 -97.46 -70.91 89.59
C GLU MA 214 -98.49 -71.95 90.08
N SER MA 215 -98.85 -72.89 89.21
CA SER MA 215 -99.83 -73.93 89.54
C SER MA 215 -99.29 -74.98 90.53
N GLU MA 216 -97.98 -74.99 90.74
CA GLU MA 216 -97.35 -75.84 91.78
C GLU MA 216 -97.78 -75.41 93.18
N VAL MA 217 -98.04 -74.11 93.36
CA VAL MA 217 -98.36 -73.54 94.67
C VAL MA 217 -99.76 -73.99 95.18
N ALA MA 218 -100.63 -74.42 94.27
CA ALA MA 218 -101.98 -74.87 94.62
C ALA MA 218 -102.03 -76.10 95.54
N ASN MA 219 -100.92 -76.84 95.63
CA ASN MA 219 -100.85 -78.04 96.47
C ASN MA 219 -100.71 -77.69 97.95
N PHE NA 15 -50.58 -81.19 61.79
CA PHE NA 15 -51.52 -81.58 60.69
C PHE NA 15 -52.29 -82.84 61.06
N SER NA 16 -51.59 -83.96 61.20
CA SER NA 16 -52.18 -85.22 61.66
C SER NA 16 -51.51 -85.79 62.91
N PHE NA 17 -50.49 -85.09 63.42
CA PHE NA 17 -49.79 -85.53 64.64
C PHE NA 17 -50.70 -85.42 65.86
N LYS NA 18 -51.70 -84.56 65.77
CA LYS NA 18 -52.67 -84.33 66.83
C LYS NA 18 -53.55 -85.56 67.05
N LYS NA 19 -54.12 -86.05 65.95
CA LYS NA 19 -54.99 -87.23 65.98
C LYS NA 19 -54.23 -88.51 66.36
N LEU NA 20 -52.92 -88.51 66.08
CA LEU NA 20 -52.07 -89.67 66.36
C LEU NA 20 -51.53 -89.67 67.79
N LEU NA 21 -51.28 -88.49 68.35
CA LEU NA 21 -50.88 -88.40 69.76
C LEU NA 21 -51.99 -88.91 70.69
N ASP NA 22 -53.24 -88.62 70.33
CA ASP NA 22 -54.39 -89.12 71.08
C ASP NA 22 -54.34 -90.63 71.27
N GLN NA 23 -53.97 -91.34 70.20
CA GLN NA 23 -53.88 -92.79 70.23
C GLN NA 23 -52.82 -93.30 71.20
N CYS NA 24 -51.68 -92.62 71.26
CA CYS NA 24 -50.58 -93.00 72.15
C CYS NA 24 -50.98 -92.91 73.62
N GLU NA 25 -51.63 -91.81 73.98
CA GLU NA 25 -52.02 -91.54 75.37
C GLU NA 25 -53.03 -92.55 75.89
N ASN NA 26 -53.89 -93.03 75.00
CA ASN NA 26 -54.89 -94.02 75.34
C ASN NA 26 -54.22 -95.36 75.67
N GLN NA 27 -53.32 -95.79 74.80
CA GLN NA 27 -52.59 -97.06 74.98
C GLN NA 27 -51.72 -97.11 76.25
N GLU NA 28 -51.54 -95.97 76.92
CA GLU NA 28 -50.86 -95.94 78.22
C GLU NA 28 -51.70 -96.60 79.30
N LEU NA 29 -52.99 -96.22 79.37
CA LEU NA 29 -53.90 -96.77 80.37
C LEU NA 29 -54.70 -97.97 79.84
N GLU NA 30 -54.86 -98.04 78.52
CA GLU NA 30 -55.66 -99.09 77.88
C GLU NA 30 -55.06 -100.49 78.03
N ALA NA 31 -53.99 -100.75 77.30
CA ALA NA 31 -53.46 -102.11 77.13
C ALA NA 31 -52.79 -102.72 78.36
N PRO NA 32 -51.83 -102.00 78.97
CA PRO NA 32 -50.98 -102.64 79.97
C PRO NA 32 -51.58 -102.70 81.37
N GLY NA 33 -51.11 -103.64 82.17
CA GLY NA 33 -51.44 -103.69 83.60
C GLY NA 33 -50.96 -102.43 84.30
N GLY NA 34 -49.93 -101.82 83.74
CA GLY NA 34 -49.45 -100.52 84.19
C GLY NA 34 -48.52 -99.86 83.19
N ILE NA 35 -47.46 -100.59 82.83
CA ILE NA 35 -46.36 -100.04 82.02
C ILE NA 35 -46.60 -100.29 80.53
N ALA NA 36 -46.58 -99.20 79.74
CA ALA NA 36 -46.82 -99.26 78.30
C ALA NA 36 -45.59 -99.74 77.52
N THR NA 37 -45.74 -99.86 76.20
CA THR NA 37 -44.68 -100.34 75.33
C THR NA 37 -43.50 -99.35 75.30
N PRO NA 38 -42.26 -99.85 75.17
CA PRO NA 38 -41.08 -98.95 75.12
C PRO NA 38 -41.05 -97.94 73.95
N PRO NA 39 -41.54 -98.34 72.75
CA PRO NA 39 -41.67 -97.35 71.67
C PRO NA 39 -42.84 -96.37 71.88
N VAL NA 40 -43.86 -96.79 72.63
CA VAL NA 40 -44.99 -95.91 72.99
C VAL NA 40 -44.55 -94.82 73.97
N TYR NA 41 -43.63 -95.15 74.86
CA TYR NA 41 -42.99 -94.15 75.74
C TYR NA 41 -42.09 -93.18 74.96
N GLY NA 42 -41.41 -93.70 73.94
CA GLY NA 42 -40.55 -92.89 73.07
C GLY NA 42 -41.28 -91.84 72.24
N GLN NA 43 -42.56 -92.11 71.93
CA GLN NA 43 -43.37 -91.19 71.13
C GLN NA 43 -44.17 -90.20 71.99
N LEU NA 44 -44.64 -90.65 73.15
CA LEU NA 44 -45.37 -89.79 74.08
C LEU NA 44 -44.50 -88.65 74.62
N LEU NA 45 -43.24 -88.96 74.91
CA LEU NA 45 -42.28 -87.96 75.37
C LEU NA 45 -42.00 -86.93 74.27
N ALA NA 46 -41.72 -87.40 73.06
CA ALA NA 46 -41.37 -86.54 71.93
C ALA NA 46 -42.56 -85.74 71.38
N LEU NA 47 -43.77 -86.30 71.50
CA LEU NA 47 -44.99 -85.60 71.05
C LEU NA 47 -45.40 -84.47 72.00
N TYR NA 48 -45.14 -84.64 73.29
CA TYR NA 48 -45.33 -83.56 74.27
C TYR NA 48 -44.37 -82.39 73.99
N LEU NA 49 -43.16 -82.71 73.55
CA LEU NA 49 -42.18 -81.69 73.17
C LEU NA 49 -42.61 -80.97 71.88
N LEU NA 50 -43.20 -81.72 70.95
CA LEU NA 50 -43.73 -81.16 69.71
C LEU NA 50 -44.82 -80.13 69.96
N HIS NA 51 -45.72 -80.43 70.89
CA HIS NA 51 -46.76 -79.48 71.29
C HIS NA 51 -46.40 -78.83 72.62
N ASN NA 52 -45.18 -78.29 72.68
CA ASN NA 52 -44.61 -77.61 73.84
C ASN NA 52 -45.40 -77.76 75.14
N ASP NA 53 -45.40 -78.99 75.66
CA ASP NA 53 -46.02 -79.30 76.94
C ASP NA 53 -44.96 -79.91 77.85
N MET NA 54 -44.09 -79.05 78.38
CA MET NA 54 -42.94 -79.48 79.17
C MET NA 54 -43.32 -80.05 80.54
N ASN NA 55 -44.41 -79.56 81.11
CA ASN NA 55 -44.93 -80.12 82.37
C ASN NA 55 -45.35 -81.57 82.18
N ASN NA 56 -46.07 -81.85 81.11
CA ASN NA 56 -46.45 -83.22 80.73
C ASN NA 56 -45.22 -84.09 80.40
N ALA NA 57 -44.23 -83.49 79.75
CA ALA NA 57 -42.97 -84.17 79.41
C ALA NA 57 -42.11 -84.45 80.64
N ARG NA 58 -42.20 -83.57 81.64
CA ARG NA 58 -41.45 -83.72 82.88
C ARG NA 58 -41.97 -84.90 83.70
N TYR NA 59 -43.27 -84.91 83.98
CA TYR NA 59 -43.89 -85.96 84.80
C TYR NA 59 -44.04 -87.30 84.08
N LEU NA 60 -43.96 -87.30 82.75
CA LEU NA 60 -43.91 -88.54 81.97
C LEU NA 60 -42.59 -89.27 82.22
N TRP NA 61 -41.49 -88.52 82.21
CA TRP NA 61 -40.16 -89.07 82.43
C TRP NA 61 -39.98 -89.67 83.82
N LYS NA 62 -40.63 -89.09 84.82
CA LYS NA 62 -40.53 -89.56 86.21
C LYS NA 62 -41.41 -90.77 86.49
N ARG NA 63 -42.34 -91.08 85.59
CA ARG NA 63 -43.21 -92.26 85.72
C ARG NA 63 -42.57 -93.53 85.15
N ILE NA 64 -41.63 -93.38 84.22
CA ILE NA 64 -41.03 -94.53 83.54
C ILE NA 64 -40.31 -95.41 84.57
N PRO NA 65 -40.49 -96.75 84.51
CA PRO NA 65 -39.74 -97.59 85.43
C PRO NA 65 -38.26 -97.62 85.05
N PRO NA 66 -37.37 -97.77 86.05
CA PRO NA 66 -35.93 -97.78 85.75
C PRO NA 66 -35.51 -98.92 84.81
N ALA NA 67 -36.36 -99.94 84.67
CA ALA NA 67 -36.12 -101.05 83.75
C ALA NA 67 -36.08 -100.60 82.29
N ILE NA 68 -37.17 -100.02 81.82
CA ILE NA 68 -37.26 -99.55 80.43
C ILE NA 68 -36.27 -98.41 80.18
N LYS NA 69 -36.12 -97.53 81.18
CA LYS NA 69 -35.16 -96.42 81.11
C LYS NA 69 -33.76 -96.88 80.70
N SER NA 70 -33.24 -97.88 81.42
CA SER NA 70 -31.87 -98.36 81.21
C SER NA 70 -31.71 -99.14 79.91
N ALA NA 71 -32.69 -100.00 79.61
CA ALA NA 71 -32.69 -100.79 78.38
C ALA NA 71 -32.87 -99.90 77.15
N ASN NA 72 -33.89 -99.04 77.19
CA ASN NA 72 -34.18 -98.12 76.09
C ASN NA 72 -33.38 -96.82 76.27
N SER NA 73 -32.13 -96.82 75.79
CA SER NA 73 -31.23 -95.69 75.95
C SER NA 73 -31.46 -94.56 74.92
N GLU NA 74 -32.24 -94.85 73.88
CA GLU NA 74 -32.63 -93.84 72.90
C GLU NA 74 -33.65 -92.88 73.50
N LEU NA 75 -34.43 -93.39 74.46
CA LEU NA 75 -35.41 -92.59 75.21
C LEU NA 75 -34.72 -91.45 75.97
N GLY NA 76 -33.50 -91.69 76.43
CA GLY NA 76 -32.68 -90.66 77.08
C GLY NA 76 -32.29 -89.55 76.12
N GLY NA 77 -32.05 -89.91 74.86
CA GLY NA 77 -31.75 -88.93 73.81
C GLY NA 77 -32.89 -87.99 73.48
N ILE NA 78 -34.13 -88.42 73.75
CA ILE NA 78 -35.32 -87.59 73.56
C ILE NA 78 -35.54 -86.68 74.78
N TRP NA 79 -35.26 -87.20 75.97
CA TRP NA 79 -35.36 -86.41 77.20
C TRP NA 79 -34.26 -85.34 77.28
N SER NA 80 -33.12 -85.59 76.66
CA SER NA 80 -32.05 -84.60 76.56
C SER NA 80 -32.47 -83.37 75.75
N VAL NA 81 -33.41 -83.54 74.83
CA VAL NA 81 -34.00 -82.44 74.07
C VAL NA 81 -34.87 -81.59 74.99
N GLY NA 82 -35.75 -82.24 75.74
CA GLY NA 82 -36.68 -81.57 76.66
C GLY NA 82 -36.01 -80.68 77.69
N GLN NA 83 -34.79 -81.05 78.10
CA GLN NA 83 -33.98 -80.23 78.99
C GLN NA 83 -33.75 -78.83 78.42
N ARG NA 84 -33.41 -78.79 77.14
CA ARG NA 84 -33.06 -77.53 76.47
C ARG NA 84 -34.27 -76.63 76.21
N ILE NA 85 -35.45 -77.24 76.06
CA ILE NA 85 -36.70 -76.49 75.93
C ILE NA 85 -37.09 -75.88 77.27
N TRP NA 86 -36.85 -76.61 78.35
CA TRP NA 86 -37.05 -76.09 79.71
C TRP NA 86 -36.04 -74.99 80.00
N GLN NA 87 -34.78 -75.28 79.71
CA GLN NA 87 -33.69 -74.31 79.89
C GLN NA 87 -33.76 -73.15 78.89
N ARG NA 88 -34.40 -73.39 77.74
CA ARG NA 88 -34.48 -72.43 76.64
C ARG NA 88 -33.09 -72.05 76.12
N ASP NA 89 -32.23 -73.07 76.01
CA ASP NA 89 -30.98 -72.98 75.26
C ASP NA 89 -31.31 -73.43 73.84
N PHE NA 90 -31.76 -72.47 73.03
CA PHE NA 90 -32.32 -72.76 71.70
C PHE NA 90 -31.32 -73.42 70.74
N PRO NA 91 -30.04 -73.01 70.78
CA PRO NA 91 -29.02 -73.73 69.99
C PRO NA 91 -28.80 -75.15 70.49
N GLY NA 92 -28.99 -75.37 71.78
CA GLY NA 92 -28.93 -76.72 72.37
C GLY NA 92 -30.05 -77.64 71.90
N ILE NA 93 -31.22 -77.06 71.60
CA ILE NA 93 -32.35 -77.85 71.08
C ILE NA 93 -31.98 -78.48 69.74
N TYR NA 94 -31.38 -77.69 68.85
CA TYR NA 94 -31.07 -78.13 67.49
C TYR NA 94 -29.87 -79.09 67.45
N THR NA 95 -29.02 -79.02 68.48
CA THR NA 95 -27.92 -79.98 68.65
C THR NA 95 -28.48 -81.35 69.05
N THR NA 96 -29.43 -81.36 69.98
CA THR NA 96 -30.02 -82.59 70.50
C THR NA 96 -31.03 -83.23 69.55
N ILE NA 97 -31.60 -82.45 68.65
CA ILE NA 97 -32.49 -82.99 67.61
C ILE NA 97 -31.67 -83.71 66.53
N ASN NA 98 -30.51 -83.14 66.19
CA ASN NA 98 -29.57 -83.77 65.28
C ASN NA 98 -28.56 -84.64 66.03
N ALA NA 99 -29.03 -85.80 66.50
CA ALA NA 99 -28.19 -86.70 67.31
C ALA NA 99 -28.64 -88.17 67.22
N HIS NA 100 -29.85 -88.46 67.68
CA HIS NA 100 -30.35 -89.84 67.75
C HIS NA 100 -31.31 -90.17 66.60
N GLN NA 101 -30.94 -91.16 65.77
CA GLN NA 101 -31.81 -91.63 64.70
C GLN NA 101 -32.67 -92.78 65.19
N TRP NA 102 -33.93 -92.49 65.47
CA TRP NA 102 -34.90 -93.51 65.85
C TRP NA 102 -35.95 -93.52 64.74
N SER NA 103 -35.61 -94.16 63.63
CA SER NA 103 -36.48 -94.20 62.44
C SER NA 103 -37.77 -95.00 62.69
N GLU NA 104 -38.73 -94.85 61.77
CA GLU NA 104 -40.06 -95.47 61.88
C GLU NA 104 -40.87 -94.86 63.03
N THR NA 105 -40.42 -95.08 64.25
CA THR NA 105 -41.12 -94.64 65.45
C THR NA 105 -41.05 -93.13 65.65
N VAL NA 106 -39.83 -92.60 65.82
CA VAL NA 106 -39.64 -91.23 66.32
C VAL NA 106 -39.01 -90.24 65.31
N GLN NA 107 -38.19 -90.73 64.37
CA GLN NA 107 -37.50 -89.84 63.42
C GLN NA 107 -38.42 -88.95 62.60
N PRO NA 108 -39.65 -89.42 62.25
CA PRO NA 108 -40.62 -88.52 61.63
C PRO NA 108 -41.08 -87.36 62.52
N ILE NA 109 -41.32 -87.62 63.81
CA ILE NA 109 -41.76 -86.57 64.75
C ILE NA 109 -40.60 -85.71 65.29
N MET NA 110 -39.36 -86.14 65.07
CA MET NA 110 -38.17 -85.33 65.42
C MET NA 110 -37.94 -84.20 64.42
N GLU NA 111 -38.28 -84.45 63.15
CA GLU NA 111 -38.15 -83.43 62.10
C GLU NA 111 -39.23 -82.37 62.22
N ALA NA 112 -40.44 -82.79 62.61
CA ALA NA 112 -41.54 -81.86 62.89
C ALA NA 112 -41.28 -81.04 64.15
N LEU NA 113 -40.57 -81.63 65.12
CA LEU NA 113 -40.21 -80.95 66.36
C LEU NA 113 -39.26 -79.78 66.12
N ARG NA 114 -38.31 -79.96 65.20
CA ARG NA 114 -37.32 -78.92 64.89
C ARG NA 114 -37.95 -77.72 64.17
N ASP NA 115 -39.05 -77.97 63.46
CA ASP NA 115 -39.75 -76.92 62.72
C ASP NA 115 -40.63 -76.07 63.64
N ALA NA 116 -41.34 -76.71 64.56
CA ALA NA 116 -42.19 -76.00 65.52
C ALA NA 116 -41.35 -75.13 66.48
N THR NA 117 -40.17 -75.61 66.84
CA THR NA 117 -39.22 -74.85 67.68
C THR NA 117 -38.62 -73.67 66.91
N ARG NA 118 -38.48 -73.81 65.60
CA ARG NA 118 -37.91 -72.75 64.76
C ARG NA 118 -38.83 -71.54 64.67
N ARG NA 119 -40.07 -71.76 64.23
CA ARG NA 119 -41.05 -70.66 64.07
C ARG NA 119 -41.53 -70.09 65.41
N ARG NA 120 -41.45 -70.89 66.47
CA ARG NA 120 -41.61 -70.39 67.83
C ARG NA 120 -40.55 -69.31 68.09
N ALA NA 121 -39.29 -69.66 67.82
CA ALA NA 121 -38.15 -68.77 68.04
C ALA NA 121 -38.07 -67.61 67.04
N PHE NA 122 -38.81 -67.71 65.93
CA PHE NA 122 -38.89 -66.62 64.95
C PHE NA 122 -40.02 -65.67 65.32
N ALA NA 123 -41.21 -66.22 65.56
CA ALA NA 123 -42.35 -65.44 66.03
C ALA NA 123 -42.05 -64.79 67.38
N LEU NA 124 -41.18 -65.43 68.16
CA LEU NA 124 -40.66 -64.86 69.41
C LEU NA 124 -39.72 -63.68 69.15
N VAL NA 125 -38.60 -63.96 68.47
CA VAL NA 125 -37.56 -62.96 68.23
C VAL NA 125 -38.09 -61.73 67.49
N SER NA 126 -39.03 -61.95 66.58
CA SER NA 126 -39.65 -60.85 65.83
C SER NA 126 -40.35 -59.83 66.74
N GLN NA 127 -41.09 -60.33 67.74
CA GLN NA 127 -41.86 -59.47 68.64
C GLN NA 127 -41.11 -59.11 69.91
N ALA NA 128 -39.97 -59.75 70.14
CA ALA NA 128 -39.16 -59.51 71.34
C ALA NA 128 -37.97 -58.57 71.09
N TYR NA 129 -37.63 -58.32 69.83
CA TYR NA 129 -36.45 -57.53 69.48
C TYR NA 129 -36.71 -56.49 68.39
N THR NA 130 -36.40 -55.23 68.67
CA THR NA 130 -36.36 -54.20 67.65
C THR NA 130 -35.06 -54.34 66.86
N SER NA 131 -33.96 -54.56 67.59
CA SER NA 131 -32.67 -54.88 67.01
C SER NA 131 -32.06 -56.08 67.72
N ILE NA 132 -31.25 -56.85 66.98
CA ILE NA 132 -30.67 -58.08 67.49
C ILE NA 132 -29.41 -58.44 66.70
N ILE NA 133 -28.48 -59.14 67.36
CA ILE NA 133 -27.23 -59.55 66.72
C ILE NA 133 -27.53 -60.71 65.76
N ALA NA 134 -26.90 -60.68 64.59
CA ALA NA 134 -27.12 -61.71 63.57
C ALA NA 134 -26.67 -63.10 64.04
N ASP NA 135 -25.53 -63.13 64.71
CA ASP NA 135 -24.97 -64.38 65.25
C ASP NA 135 -25.89 -65.02 66.30
N ASP NA 136 -26.41 -64.21 67.23
CA ASP NA 136 -27.40 -64.68 68.21
C ASP NA 136 -28.67 -65.12 67.49
N PHE NA 137 -29.21 -64.24 66.65
CA PHE NA 137 -30.39 -64.54 65.85
C PHE NA 137 -30.23 -65.86 65.07
N ALA NA 138 -29.05 -66.07 64.51
CA ALA NA 138 -28.74 -67.28 63.77
C ALA NA 138 -28.87 -68.52 64.66
N ALA NA 139 -28.24 -68.48 65.83
CA ALA NA 139 -28.26 -69.61 66.76
C ALA NA 139 -29.64 -69.78 67.43
N PHE NA 140 -30.31 -68.67 67.72
CA PHE NA 140 -31.65 -68.70 68.35
C PHE NA 140 -32.70 -69.41 67.47
N VAL NA 141 -32.58 -69.25 66.15
CA VAL NA 141 -33.46 -69.97 65.21
C VAL NA 141 -32.82 -71.27 64.71
N GLY NA 142 -31.49 -71.35 64.74
CA GLY NA 142 -30.77 -72.59 64.44
C GLY NA 142 -29.86 -72.55 63.22
N LEU NA 143 -30.30 -71.84 62.18
CA LEU NA 143 -29.57 -71.76 60.92
C LEU NA 143 -28.20 -71.05 61.06
N PRO NA 144 -27.30 -71.23 60.07
CA PRO NA 144 -26.02 -70.51 60.09
C PRO NA 144 -26.16 -69.03 59.76
N VAL NA 145 -25.03 -68.31 59.72
CA VAL NA 145 -25.04 -66.85 59.56
C VAL NA 145 -25.63 -66.43 58.21
N GLU NA 146 -25.24 -67.10 57.14
CA GLU NA 146 -25.69 -66.74 55.78
C GLU NA 146 -27.18 -67.00 55.57
N GLU NA 147 -27.60 -68.24 55.84
CA GLU NA 147 -29.01 -68.64 55.66
C GLU NA 147 -29.96 -67.77 56.49
N ALA NA 148 -29.50 -67.36 57.67
CA ALA NA 148 -30.26 -66.46 58.52
C ALA NA 148 -30.33 -65.07 57.91
N VAL NA 149 -29.19 -64.55 57.48
CA VAL NA 149 -29.12 -63.24 56.81
C VAL NA 149 -29.98 -63.23 55.54
N LYS NA 150 -30.03 -64.34 54.82
CA LYS NA 150 -30.85 -64.43 53.61
C LYS NA 150 -32.33 -64.61 53.93
N GLY NA 151 -32.64 -65.59 54.78
CA GLY NA 151 -34.03 -65.90 55.16
C GLY NA 151 -34.88 -64.70 55.54
N ILE NA 152 -34.25 -63.73 56.21
CA ILE NA 152 -34.93 -62.50 56.62
C ILE NA 152 -35.04 -61.45 55.49
N LEU NA 153 -34.03 -61.38 54.62
CA LEU NA 153 -34.04 -60.42 53.51
C LEU NA 153 -35.14 -60.71 52.49
N GLU NA 154 -35.57 -61.97 52.41
CA GLU NA 154 -36.74 -62.36 51.63
C GLU NA 154 -38.00 -61.74 52.23
N GLN NA 155 -38.11 -61.82 53.54
CA GLN NA 155 -39.26 -61.29 54.28
C GLN NA 155 -39.39 -59.77 54.15
N GLY NA 156 -38.26 -59.09 53.93
CA GLY NA 156 -38.24 -57.63 53.87
C GLY NA 156 -37.76 -56.99 55.17
N TRP NA 157 -37.17 -57.80 56.04
CA TRP NA 157 -36.57 -57.31 57.28
C TRP NA 157 -35.38 -56.42 56.96
N GLN NA 158 -35.22 -55.35 57.72
CA GLN NA 158 -34.09 -54.45 57.57
C GLN NA 158 -32.81 -55.15 58.07
N ALA NA 159 -31.73 -54.98 57.31
CA ALA NA 159 -30.45 -55.63 57.63
C ALA NA 159 -29.33 -54.59 57.69
N ASP NA 160 -28.37 -54.82 58.58
CA ASP NA 160 -27.28 -53.87 58.82
C ASP NA 160 -25.91 -54.55 58.71
N SER NA 161 -25.08 -54.05 57.79
CA SER NA 161 -23.70 -54.51 57.66
C SER NA 161 -22.83 -53.84 58.74
N THR NA 162 -21.57 -54.24 58.80
CA THR NA 162 -20.58 -53.71 59.75
C THR NA 162 -20.84 -54.16 61.20
N THR NA 163 -21.95 -53.71 61.78
CA THR NA 163 -22.29 -54.05 63.15
C THR NA 163 -22.92 -55.44 63.26
N ARG NA 164 -23.35 -56.02 62.13
CA ARG NA 164 -24.03 -57.32 62.10
C ARG NA 164 -25.26 -57.30 62.99
N MET NA 165 -26.27 -56.55 62.55
CA MET NA 165 -27.49 -56.35 63.32
C MET NA 165 -28.74 -56.45 62.46
N VAL NA 166 -29.44 -57.56 62.60
CA VAL NA 166 -30.73 -57.74 61.94
C VAL NA 166 -31.75 -56.86 62.66
N LEU NA 167 -32.67 -56.30 61.89
CA LEU NA 167 -33.72 -55.45 62.45
C LEU NA 167 -35.08 -56.01 62.05
N PRO NA 168 -35.70 -56.81 62.93
CA PRO NA 168 -36.99 -57.45 62.66
C PRO NA 168 -38.17 -56.51 62.41
N ARG NA 169 -39.03 -56.88 61.47
CA ARG NA 169 -40.33 -56.24 61.26
C ARG NA 169 -41.36 -57.06 62.05
N LYS NA 170 -42.19 -56.38 62.83
CA LYS NA 170 -43.15 -57.06 63.71
C LYS NA 170 -44.40 -57.52 62.94
N PRO NA 171 -44.71 -58.84 62.99
CA PRO NA 171 -45.95 -59.35 62.41
C PRO NA 171 -47.10 -59.33 63.42
N GLU NA 198 -79.75 -68.23 60.32
CA GLU NA 198 -78.96 -67.02 60.56
C GLU NA 198 -77.83 -67.26 61.57
N GLN NA 199 -76.69 -66.62 61.33
CA GLN NA 199 -75.52 -66.73 62.23
C GLN NA 199 -75.57 -65.67 63.32
N GLN NA 200 -75.60 -64.41 62.90
CA GLN NA 200 -75.45 -63.28 63.83
C GLN NA 200 -76.75 -62.93 64.54
N LEU NA 201 -77.85 -62.86 63.79
CA LEU NA 201 -79.16 -62.51 64.36
C LEU NA 201 -79.68 -63.55 65.36
N ALA NA 202 -79.36 -64.82 65.11
CA ALA NA 202 -79.72 -65.90 66.03
C ALA NA 202 -79.12 -65.68 67.41
N ARG NA 203 -77.84 -65.27 67.43
CA ARG NA 203 -77.14 -64.99 68.68
C ARG NA 203 -77.81 -63.82 69.42
N LEU NA 204 -78.09 -62.75 68.69
CA LEU NA 204 -78.69 -61.54 69.27
C LEU NA 204 -80.08 -61.82 69.84
N THR NA 205 -80.96 -62.35 69.01
CA THR NA 205 -82.35 -62.62 69.40
C THR NA 205 -82.48 -63.40 70.70
N ASP NA 206 -81.52 -64.30 70.93
CA ASP NA 206 -81.45 -65.05 72.19
C ASP NA 206 -81.20 -64.13 73.39
N TYR NA 207 -80.24 -63.23 73.26
CA TYR NA 207 -79.89 -62.32 74.34
C TYR NA 207 -81.02 -61.33 74.63
N VAL NA 208 -81.89 -61.09 73.64
CA VAL NA 208 -83.12 -60.34 73.86
C VAL NA 208 -84.10 -61.21 74.64
N ALA NA 209 -84.50 -62.32 74.03
CA ALA NA 209 -85.50 -63.21 74.62
C ALA NA 209 -85.14 -63.71 76.02
N PHE NA 210 -83.83 -63.85 76.27
CA PHE NA 210 -83.32 -64.20 77.60
C PHE NA 210 -83.60 -63.10 78.62
N LEU NA 211 -83.12 -61.90 78.32
CA LEU NA 211 -83.32 -60.75 79.20
C LEU NA 211 -84.79 -60.35 79.27
N GLU NA 212 -85.51 -60.57 78.16
CA GLU NA 212 -86.94 -60.30 78.05
C GLU NA 212 -87.76 -61.17 79.00
N ASN NA 213 -87.41 -62.47 79.05
CA ASN NA 213 -88.25 -63.48 79.70
C ASN NA 213 -89.61 -63.59 79.01
N VAL OA 30 -148.64 -37.56 61.47
CA VAL OA 30 -148.20 -37.57 60.04
C VAL OA 30 -149.06 -38.57 59.25
N GLU OA 31 -150.00 -38.05 58.45
CA GLU OA 31 -150.91 -38.89 57.65
C GLU OA 31 -151.72 -38.08 56.63
N ASN OA 32 -152.01 -38.71 55.48
CA ASN OA 32 -152.92 -38.16 54.48
C ASN OA 32 -153.66 -39.29 53.75
N PRO OA 33 -155.01 -39.27 53.76
CA PRO OA 33 -155.79 -40.32 53.07
C PRO OA 33 -155.82 -40.18 51.54
N SER OA 34 -155.94 -38.94 51.05
CA SER OA 34 -155.94 -38.68 49.61
C SER OA 34 -154.53 -38.83 49.03
N LEU OA 35 -154.17 -40.07 48.72
CA LEU OA 35 -152.84 -40.42 48.21
C LEU OA 35 -152.93 -41.61 47.28
N ASP OA 36 -152.50 -41.43 46.03
CA ASP OA 36 -152.52 -42.49 45.03
C ASP OA 36 -151.12 -43.11 44.87
N LEU OA 37 -150.94 -44.28 45.47
CA LEU OA 37 -149.67 -44.99 45.41
C LEU OA 37 -149.38 -45.54 44.00
N GLU OA 38 -150.44 -45.79 43.24
CA GLU OA 38 -150.33 -46.35 41.90
C GLU OA 38 -149.57 -45.41 40.97
N GLN OA 39 -149.83 -44.12 41.11
CA GLN OA 39 -149.11 -43.10 40.35
C GLN OA 39 -147.70 -42.90 40.92
N TYR OA 40 -147.59 -42.88 42.25
CA TYR OA 40 -146.30 -42.71 42.93
C TYR OA 40 -145.25 -43.73 42.49
N ALA OA 41 -145.70 -44.95 42.17
CA ALA OA 41 -144.80 -46.00 41.69
C ALA OA 41 -144.62 -45.94 40.17
N ALA OA 42 -145.64 -45.46 39.47
CA ALA OA 42 -145.67 -45.46 38.00
C ALA OA 42 -144.51 -44.70 37.35
N SER OA 43 -144.30 -43.46 37.75
CA SER OA 43 -143.32 -42.58 37.10
C SER OA 43 -141.87 -42.78 37.54
N TYR OA 44 -141.66 -43.65 38.53
CA TYR OA 44 -140.33 -43.90 39.10
C TYR OA 44 -139.84 -45.33 38.85
N SER OA 45 -138.52 -45.53 38.96
CA SER OA 45 -137.90 -46.84 38.82
C SER OA 45 -136.50 -46.84 39.40
N GLY OA 46 -135.83 -47.99 39.34
CA GLY OA 46 -134.52 -48.14 39.96
C GLY OA 46 -134.66 -48.14 41.47
N LEU OA 47 -133.67 -47.59 42.16
CA LEU OA 47 -133.68 -47.54 43.63
C LEU OA 47 -134.70 -46.54 44.12
N MET OA 48 -134.93 -45.50 43.31
CA MET OA 48 -135.88 -44.44 43.63
C MET OA 48 -137.26 -44.99 43.97
N ARG OA 49 -137.68 -46.07 43.30
CA ARG OA 49 -138.96 -46.71 43.62
C ARG OA 49 -138.96 -47.25 45.05
N ILE OA 50 -137.86 -47.92 45.41
CA ILE OA 50 -137.73 -48.50 46.75
C ILE OA 50 -137.55 -47.43 47.83
N GLU OA 51 -136.76 -46.40 47.56
CA GLU OA 51 -136.54 -45.32 48.52
C GLU OA 51 -137.82 -44.51 48.82
N ARG OA 52 -138.58 -44.19 47.77
CA ARG OA 52 -139.80 -43.38 47.90
C ARG OA 52 -140.95 -44.16 48.52
N LEU OA 53 -141.14 -45.40 48.06
CA LEU OA 53 -142.17 -46.29 48.62
C LEU OA 53 -141.96 -46.54 50.11
N GLN OA 54 -140.69 -46.64 50.53
CA GLN OA 54 -140.35 -46.91 51.93
C GLN OA 54 -140.55 -45.66 52.81
N PHE OA 55 -140.32 -44.47 52.25
CA PHE OA 55 -140.54 -43.22 52.99
C PHE OA 55 -142.03 -42.92 53.18
N ILE OA 56 -142.85 -43.39 52.24
CA ILE OA 56 -144.31 -43.26 52.33
C ILE OA 56 -144.85 -44.19 53.41
N ALA OA 57 -144.49 -45.46 53.33
CA ALA OA 57 -144.86 -46.45 54.36
C ALA OA 57 -144.43 -46.00 55.76
N ASP OA 58 -143.26 -45.36 55.86
CA ASP OA 58 -142.75 -44.82 57.12
C ASP OA 58 -143.69 -43.78 57.72
N HIS OA 59 -143.73 -42.59 57.12
CA HIS OA 59 -144.46 -41.46 57.69
C HIS OA 59 -145.98 -41.52 57.46
N CYS OA 60 -146.44 -42.31 56.49
CA CYS OA 60 -147.88 -42.45 56.22
C CYS OA 60 -148.40 -43.83 56.62
N PRO OA 61 -149.06 -43.93 57.79
CA PRO OA 61 -149.80 -45.14 58.15
C PRO OA 61 -151.17 -45.18 57.49
N THR OA 62 -151.92 -46.27 57.71
CA THR OA 62 -153.17 -46.58 56.99
C THR OA 62 -152.90 -47.04 55.56
N LEU OA 63 -152.07 -46.28 54.84
CA LEU OA 63 -151.52 -46.70 53.55
C LEU OA 63 -150.10 -47.29 53.70
N ARG OA 64 -149.81 -47.87 54.88
CA ARG OA 64 -148.63 -48.69 55.10
C ARG OA 64 -148.95 -50.15 54.77
N VAL OA 65 -150.22 -50.50 54.88
CA VAL OA 65 -150.76 -51.77 54.39
C VAL OA 65 -150.37 -51.96 52.93
N GLU OA 66 -150.57 -50.90 52.14
CA GLU OA 66 -150.36 -50.92 50.69
C GLU OA 66 -148.88 -50.72 50.34
N ALA OA 67 -148.30 -49.66 50.89
CA ALA OA 67 -146.96 -49.18 50.49
C ALA OA 67 -145.84 -50.21 50.63
N LEU OA 68 -145.97 -51.11 51.60
CA LEU OA 68 -144.96 -52.15 51.82
C LEU OA 68 -145.13 -53.33 50.86
N LYS OA 69 -146.35 -53.53 50.34
CA LYS OA 69 -146.60 -54.57 49.33
C LYS OA 69 -145.99 -54.20 47.97
N MET OA 70 -145.98 -52.90 47.66
CA MET OA 70 -145.51 -52.40 46.37
C MET OA 70 -143.99 -52.32 46.29
N ALA OA 71 -143.34 -52.14 47.44
CA ALA OA 71 -141.88 -52.21 47.52
C ALA OA 71 -141.41 -53.66 47.41
N LEU OA 72 -142.16 -54.57 48.03
CA LEU OA 72 -141.84 -56.01 48.02
C LEU OA 72 -141.73 -56.60 46.62
N SER OA 73 -142.74 -56.33 45.79
CA SER OA 73 -142.85 -56.96 44.47
C SER OA 73 -141.69 -56.62 43.53
N PHE OA 74 -141.34 -55.33 43.44
CA PHE OA 74 -140.25 -54.90 42.55
C PHE OA 74 -138.87 -55.24 43.11
N VAL OA 75 -138.77 -55.42 44.43
CA VAL OA 75 -137.53 -55.90 45.05
C VAL OA 75 -137.25 -57.36 44.64
N GLN OA 76 -138.30 -58.14 44.40
CA GLN OA 76 -138.15 -59.52 43.94
C GLN OA 76 -137.71 -59.61 42.48
N ARG OA 77 -137.87 -58.53 41.72
CA ARG OA 77 -137.22 -58.38 40.42
C ARG OA 77 -135.91 -57.62 40.63
N THR OA 78 -135.11 -57.53 39.56
CA THR OA 78 -133.80 -56.87 39.59
C THR OA 78 -132.80 -57.53 40.56
N PHE OA 79 -132.92 -58.85 40.75
CA PHE OA 79 -132.04 -59.63 41.61
C PHE OA 79 -131.58 -58.90 42.88
N ASN OA 80 -132.50 -58.70 43.83
CA ASN OA 80 -132.26 -57.87 45.02
C ASN OA 80 -132.59 -58.60 46.33
N VAL OA 81 -131.56 -58.91 47.11
CA VAL OA 81 -131.72 -59.53 48.44
C VAL OA 81 -131.51 -58.53 49.58
N ASP OA 82 -130.56 -57.62 49.41
CA ASP OA 82 -130.29 -56.57 50.39
C ASP OA 82 -131.56 -55.78 50.76
N MET OA 83 -132.42 -55.56 49.76
CA MET OA 83 -133.68 -54.84 49.95
C MET OA 83 -134.83 -55.74 50.41
N TYR OA 84 -134.83 -57.02 50.01
CA TYR OA 84 -135.87 -57.97 50.43
C TYR OA 84 -135.77 -58.27 51.92
N GLU OA 85 -134.54 -58.48 52.39
CA GLU OA 85 -134.27 -58.70 53.81
C GLU OA 85 -134.62 -57.46 54.66
N GLU OA 86 -134.56 -56.29 54.03
CA GLU OA 86 -134.97 -55.02 54.66
C GLU OA 86 -136.50 -54.84 54.58
N ILE OA 87 -137.03 -54.83 53.35
CA ILE OA 87 -138.44 -54.53 53.10
C ILE OA 87 -139.38 -55.55 53.74
N HIS OA 88 -139.15 -56.84 53.50
CA HIS OA 88 -140.05 -57.88 54.00
C HIS OA 88 -140.06 -57.96 55.53
N ARG OA 89 -138.95 -57.58 56.16
CA ARG OA 89 -138.88 -57.52 57.62
C ARG OA 89 -139.85 -56.46 58.16
N LYS OA 90 -140.05 -55.38 57.41
CA LYS OA 90 -141.03 -54.35 57.77
C LYS OA 90 -142.47 -54.84 57.58
N LEU OA 91 -142.71 -55.63 56.53
CA LEU OA 91 -144.03 -56.24 56.30
C LEU OA 91 -144.51 -57.04 57.50
N SER OA 92 -143.58 -57.73 58.15
CA SER OA 92 -143.89 -58.50 59.36
C SER OA 92 -144.33 -57.57 60.50
N GLU OA 93 -143.50 -56.58 60.81
CA GLU OA 93 -143.80 -55.62 61.88
C GLU OA 93 -144.98 -54.71 61.55
N ALA OA 94 -145.25 -54.54 60.26
CA ALA OA 94 -146.43 -53.81 59.80
C ALA OA 94 -147.70 -54.58 60.14
N THR OA 95 -147.78 -55.83 59.69
CA THR OA 95 -148.94 -56.69 59.98
C THR OA 95 -149.04 -57.03 61.47
N ARG OA 96 -147.91 -56.98 62.19
CA ARG OA 96 -147.90 -57.19 63.63
C ARG OA 96 -148.69 -56.12 64.36
N GLU OA 97 -148.45 -54.86 63.98
CA GLU OA 97 -149.13 -53.73 64.58
C GLU OA 97 -150.59 -53.59 64.10
N LEU OA 98 -150.90 -54.22 62.97
CA LEU OA 98 -152.28 -54.23 62.45
C LEU OA 98 -153.16 -55.28 63.13
N GLN OA 99 -152.54 -56.25 63.80
CA GLN OA 99 -153.27 -57.21 64.64
C GLN OA 99 -153.49 -56.67 66.06
N ASN OA 100 -152.99 -55.46 66.34
CA ASN OA 100 -153.22 -54.77 67.61
C ASN OA 100 -154.44 -53.86 67.62
N ALA OA 101 -155.17 -53.81 66.50
CA ALA OA 101 -156.42 -53.03 66.41
C ALA OA 101 -157.67 -53.81 66.87
N PRO OA 102 -157.82 -55.09 66.46
CA PRO OA 102 -158.94 -55.89 66.99
C PRO OA 102 -158.79 -56.19 68.47
N PRO OA 113 -148.34 -62.49 55.34
CA PRO OA 113 -147.12 -62.77 54.60
C PRO OA 113 -146.10 -63.59 55.39
N ALA OA 114 -145.21 -64.29 54.68
CA ALA OA 114 -144.19 -65.13 55.31
C ALA OA 114 -142.85 -64.98 54.59
N LEU OA 115 -141.75 -65.14 55.34
CA LEU OA 115 -140.40 -65.02 54.79
C LEU OA 115 -140.12 -66.17 53.83
N ASP OA 116 -140.24 -65.89 52.53
CA ASP OA 116 -140.06 -66.90 51.49
C ASP OA 116 -138.57 -67.20 51.33
N THR OA 117 -138.04 -67.99 52.27
CA THR OA 117 -136.62 -68.37 52.28
C THR OA 117 -136.26 -69.30 51.12
N ALA OA 118 -137.26 -69.93 50.51
CA ALA OA 118 -137.09 -70.68 49.27
C ALA OA 118 -136.64 -69.74 48.13
N TRP OA 119 -137.15 -68.51 48.13
CA TRP OA 119 -136.77 -67.49 47.16
C TRP OA 119 -135.49 -66.75 47.55
N VAL OA 120 -135.30 -66.49 48.84
CA VAL OA 120 -134.13 -65.73 49.31
C VAL OA 120 -132.82 -66.44 48.94
N GLU OA 121 -132.85 -67.78 48.92
CA GLU OA 121 -131.72 -68.58 48.44
C GLU OA 121 -131.60 -68.48 46.91
N ALA OA 122 -132.74 -68.61 46.22
CA ALA OA 122 -132.80 -68.68 44.75
C ALA OA 122 -132.12 -67.49 44.06
N THR OA 123 -132.55 -66.28 44.39
CA THR OA 123 -131.99 -65.07 43.82
C THR OA 123 -130.55 -64.83 44.25
N ARG OA 124 -130.21 -65.28 45.46
CA ARG OA 124 -128.91 -65.00 46.08
C ARG OA 124 -127.75 -65.72 45.39
N LYS OA 125 -127.87 -67.04 45.21
CA LYS OA 125 -126.83 -67.81 44.52
C LYS OA 125 -126.82 -67.51 43.02
N LYS OA 126 -127.99 -67.26 42.45
CA LYS OA 126 -128.10 -66.77 41.07
C LYS OA 126 -127.27 -65.51 40.89
N ALA OA 127 -127.51 -64.53 41.76
CA ALA OA 127 -126.79 -63.25 41.70
C ALA OA 127 -125.30 -63.41 42.02
N LEU OA 128 -124.98 -64.18 43.05
CA LEU OA 128 -123.59 -64.35 43.51
C LEU OA 128 -122.67 -64.91 42.42
N LEU OA 129 -123.21 -65.82 41.60
CA LEU OA 129 -122.45 -66.41 40.49
C LEU OA 129 -122.45 -65.51 39.24
N LYS OA 130 -123.52 -64.74 39.04
CA LYS OA 130 -123.58 -63.77 37.95
C LYS OA 130 -122.53 -62.67 38.10
N LEU OA 131 -122.16 -62.36 39.34
CA LEU OA 131 -121.05 -61.46 39.63
C LEU OA 131 -119.76 -62.01 39.03
N GLU OA 132 -119.50 -63.28 39.29
CA GLU OA 132 -118.26 -63.92 38.86
C GLU OA 132 -118.18 -64.10 37.33
N LYS OA 133 -119.34 -64.18 36.69
CA LYS OA 133 -119.40 -64.20 35.23
C LYS OA 133 -118.98 -62.85 34.67
N LEU OA 134 -119.56 -61.79 35.22
CA LEU OA 134 -119.21 -60.42 34.82
C LEU OA 134 -117.79 -60.03 35.26
N ASP OA 135 -117.31 -60.62 36.35
CA ASP OA 135 -115.92 -60.47 36.79
C ASP OA 135 -114.95 -60.92 35.70
N THR OA 136 -115.13 -62.16 35.25
CA THR OA 136 -114.30 -62.73 34.20
C THR OA 136 -114.51 -62.01 32.87
N ASP OA 137 -115.74 -61.54 32.62
CA ASP OA 137 -116.04 -60.76 31.40
C ASP OA 137 -115.21 -59.48 31.34
N LEU OA 138 -115.09 -58.79 32.46
CA LEU OA 138 -114.25 -57.59 32.55
C LEU OA 138 -112.77 -57.96 32.51
N LYS OA 139 -112.40 -59.02 33.22
CA LYS OA 139 -111.00 -59.48 33.26
C LYS OA 139 -110.51 -60.04 31.93
N ASN OA 140 -111.44 -60.55 31.12
CA ASN OA 140 -111.14 -60.98 29.76
C ASN OA 140 -111.38 -59.87 28.73
N TYR OA 141 -112.03 -58.78 29.14
CA TYR OA 141 -112.04 -57.53 28.37
C TYR OA 141 -110.74 -56.74 28.59
N LYS OA 142 -110.20 -56.82 29.82
CA LYS OA 142 -108.91 -56.20 30.13
C LYS OA 142 -107.73 -56.91 29.44
N GLY OA 143 -107.88 -58.21 29.19
CA GLY OA 143 -106.89 -58.98 28.43
C GLY OA 143 -106.88 -58.67 26.94
N ASN OA 144 -108.00 -58.16 26.42
CA ASN OA 144 -108.11 -57.75 25.01
C ASN OA 144 -107.39 -56.43 24.71
N SER OA 145 -107.46 -55.50 25.68
CA SER OA 145 -106.89 -54.14 25.53
C SER OA 145 -107.69 -53.30 24.54
N ILE OA 146 -109.02 -53.38 24.63
CA ILE OA 146 -109.92 -52.57 23.82
C ILE OA 146 -110.49 -51.47 24.71
N LYS OA 147 -110.55 -50.25 24.18
CA LYS OA 147 -110.97 -49.09 24.96
C LYS OA 147 -112.48 -49.08 25.25
N GLU OA 148 -113.28 -49.39 24.23
CA GLU OA 148 -114.74 -49.35 24.35
C GLU OA 148 -115.33 -50.63 24.93
N SER OA 149 -114.64 -51.75 24.75
CA SER OA 149 -115.12 -53.05 25.26
C SER OA 149 -114.98 -53.16 26.79
N ILE OA 150 -113.96 -52.53 27.35
CA ILE OA 150 -113.73 -52.53 28.81
C ILE OA 150 -114.73 -51.61 29.52
N ARG OA 151 -115.05 -50.47 28.91
CA ARG OA 151 -116.08 -49.57 29.44
C ARG OA 151 -117.47 -50.21 29.38
N ARG OA 152 -117.68 -51.06 28.38
CA ARG OA 152 -118.92 -51.85 28.27
C ARG OA 152 -119.01 -52.88 29.39
N GLY OA 153 -117.89 -53.51 29.72
CA GLY OA 153 -117.81 -54.43 30.85
C GLY OA 153 -118.09 -53.70 32.15
N HIS OA 154 -117.35 -52.61 32.40
CA HIS OA 154 -117.51 -51.81 33.62
C HIS OA 154 -118.95 -51.43 33.91
N ASP OA 155 -119.65 -50.92 32.90
CA ASP OA 155 -121.04 -50.48 33.05
C ASP OA 155 -121.99 -51.65 33.38
N ASP OA 156 -121.63 -52.87 32.97
CA ASP OA 156 -122.39 -54.07 33.35
C ASP OA 156 -122.17 -54.44 34.82
N LEU OA 157 -120.93 -54.31 35.30
CA LEU OA 157 -120.58 -54.64 36.69
C LEU OA 157 -121.32 -53.75 37.68
N GLY OA 158 -121.17 -52.44 37.51
CA GLY OA 158 -121.85 -51.46 38.35
C GLY OA 158 -123.35 -51.65 38.37
N ASP OA 159 -123.92 -52.03 37.24
CA ASP OA 159 -125.36 -52.28 37.13
C ASP OA 159 -125.83 -53.42 38.03
N HIS OA 160 -125.14 -54.56 37.97
CA HIS OA 160 -125.58 -55.72 38.75
C HIS OA 160 -125.18 -55.67 40.23
N TYR OA 161 -124.27 -54.74 40.58
CA TYR OA 161 -124.02 -54.47 42.00
C TYR OA 161 -125.04 -53.46 42.55
N LEU OA 162 -125.52 -52.56 41.69
CA LEU OA 162 -126.69 -51.72 42.03
C LEU OA 162 -127.92 -52.61 42.24
N ASP OA 163 -128.15 -53.52 41.30
CA ASP OA 163 -129.27 -54.47 41.36
C ASP OA 163 -129.41 -55.11 42.73
N CYS OA 164 -128.31 -55.61 43.28
CA CYS OA 164 -128.32 -56.33 44.56
C CYS OA 164 -128.35 -55.41 45.79
N GLY OA 165 -128.54 -54.10 45.59
CA GLY OA 165 -128.63 -53.15 46.69
C GLY OA 165 -127.29 -52.64 47.22
N ASP OA 166 -126.19 -53.16 46.68
CA ASP OA 166 -124.85 -52.78 47.12
C ASP OA 166 -124.45 -51.47 46.44
N LEU OA 167 -124.25 -50.43 47.24
CA LEU OA 167 -124.01 -49.09 46.72
C LEU OA 167 -122.52 -48.81 46.61
N SER OA 168 -121.78 -49.04 47.69
CA SER OA 168 -120.34 -48.76 47.77
C SER OA 168 -119.55 -49.47 46.67
N ASN OA 169 -119.97 -50.69 46.33
CA ASN OA 169 -119.38 -51.42 45.22
C ASN OA 169 -119.84 -50.84 43.88
N ALA OA 170 -121.15 -50.71 43.71
CA ALA OA 170 -121.73 -50.12 42.50
C ALA OA 170 -121.08 -48.78 42.15
N LEU OA 171 -120.82 -47.98 43.17
CA LEU OA 171 -120.10 -46.71 43.07
C LEU OA 171 -118.81 -46.82 42.24
N LYS OA 172 -117.95 -47.73 42.63
CA LYS OA 172 -116.59 -47.82 42.09
C LYS OA 172 -116.53 -48.23 40.62
N CYS OA 173 -117.44 -49.11 40.20
CA CYS OA 173 -117.46 -49.64 38.83
C CYS OA 173 -117.42 -48.56 37.77
N TYR OA 174 -118.19 -47.49 37.97
CA TYR OA 174 -118.23 -46.38 37.03
C TYR OA 174 -116.98 -45.50 37.14
N SER OA 175 -116.41 -45.42 38.34
CA SER OA 175 -115.21 -44.60 38.57
C SER OA 175 -114.02 -45.05 37.71
N ARG OA 176 -113.77 -46.35 37.65
CA ARG OA 176 -112.68 -46.91 36.84
C ARG OA 176 -112.99 -46.82 35.34
N ALA OA 177 -114.28 -46.78 35.00
CA ALA OA 177 -114.71 -46.60 33.60
C ALA OA 177 -114.32 -45.24 33.01
N ARG OA 178 -113.84 -44.32 33.84
CA ARG OA 178 -113.29 -43.04 33.37
C ARG OA 178 -111.99 -43.20 32.60
N ASP OA 179 -111.16 -44.16 33.03
CA ASP OA 179 -109.86 -44.41 32.39
C ASP OA 179 -110.01 -44.96 30.97
N TYR OA 180 -110.93 -45.91 30.79
CA TYR OA 180 -111.16 -46.54 29.49
C TYR OA 180 -112.13 -45.71 28.64
N CYS OA 181 -111.67 -44.55 28.20
CA CYS OA 181 -112.47 -43.62 27.40
C CYS OA 181 -111.60 -42.90 26.37
N THR OA 182 -112.26 -42.19 25.46
CA THR OA 182 -111.58 -41.40 24.44
C THR OA 182 -112.33 -40.08 24.20
N SER OA 183 -113.57 -40.20 23.74
CA SER OA 183 -114.40 -39.04 23.41
C SER OA 183 -114.92 -38.29 24.64
N ALA OA 184 -115.54 -37.14 24.38
CA ALA OA 184 -116.21 -36.36 25.42
C ALA OA 184 -117.50 -37.03 25.87
N LYS OA 185 -118.22 -37.63 24.92
CA LYS OA 185 -119.47 -38.35 25.20
C LYS OA 185 -119.27 -39.56 26.14
N HIS OA 186 -118.12 -40.22 26.05
CA HIS OA 186 -117.80 -41.35 26.93
C HIS OA 186 -117.49 -40.89 28.35
N VAL OA 187 -116.80 -39.75 28.48
CA VAL OA 187 -116.49 -39.16 29.79
C VAL OA 187 -117.75 -38.55 30.43
N ILE OA 188 -118.76 -38.24 29.60
CA ILE OA 188 -120.06 -37.78 30.08
C ILE OA 188 -120.99 -38.95 30.42
N ASN OA 189 -121.16 -39.87 29.47
CA ASN OA 189 -122.04 -41.04 29.64
C ASN OA 189 -121.71 -41.90 30.88
N MET OA 190 -120.50 -41.75 31.40
CA MET OA 190 -120.13 -42.32 32.68
C MET OA 190 -120.39 -41.31 33.81
N CYS OA 191 -119.98 -40.05 33.63
CA CYS OA 191 -120.20 -38.99 34.63
C CYS OA 191 -121.68 -38.81 35.01
N LEU OA 192 -122.58 -39.15 34.09
CA LEU OA 192 -124.01 -39.20 34.38
C LEU OA 192 -124.32 -40.31 35.38
N ASN OA 193 -123.74 -41.49 35.17
CA ASN OA 193 -123.92 -42.62 36.08
C ASN OA 193 -123.27 -42.36 37.44
N VAL OA 194 -122.11 -41.71 37.44
CA VAL OA 194 -121.41 -41.33 38.67
C VAL OA 194 -122.35 -40.61 39.63
N ILE OA 195 -123.15 -39.71 39.08
CA ILE OA 195 -124.10 -38.93 39.85
C ILE OA 195 -125.27 -39.81 40.31
N LYS OA 196 -125.84 -40.58 39.39
CA LYS OA 196 -126.98 -41.45 39.68
C LYS OA 196 -126.84 -42.16 41.02
N VAL OA 197 -125.65 -42.69 41.29
CA VAL OA 197 -125.39 -43.45 42.52
C VAL OA 197 -125.14 -42.53 43.72
N SER OA 198 -124.42 -41.44 43.50
CA SER OA 198 -124.17 -40.45 44.58
C SER OA 198 -125.42 -39.73 45.06
N VAL OA 199 -126.56 -39.99 44.41
CA VAL OA 199 -127.87 -39.51 44.88
C VAL OA 199 -128.49 -40.52 45.86
N TYR OA 200 -128.39 -41.81 45.55
CA TYR OA 200 -128.89 -42.86 46.43
C TYR OA 200 -128.02 -42.96 47.69
N LEU OA 201 -126.72 -42.68 47.54
CA LEU OA 201 -125.77 -42.61 48.65
C LEU OA 201 -126.02 -41.40 49.58
N GLN OA 202 -126.52 -40.32 49.00
CA GLN OA 202 -126.76 -39.05 49.70
C GLN OA 202 -125.45 -38.36 50.11
N ASN OA 203 -124.52 -38.33 49.15
CA ASN OA 203 -123.38 -37.44 49.18
C ASN OA 203 -123.57 -36.47 48.03
N TRP OA 204 -124.38 -35.45 48.29
CA TRP OA 204 -124.79 -34.48 47.28
C TRP OA 204 -123.65 -33.56 46.90
N SER OA 205 -122.67 -33.42 47.80
CA SER OA 205 -121.47 -32.64 47.52
C SER OA 205 -120.71 -33.15 46.29
N HIS OA 206 -120.69 -34.48 46.12
CA HIS OA 206 -120.04 -35.09 44.96
C HIS OA 206 -120.99 -35.28 43.78
N VAL OA 207 -122.29 -35.22 44.04
CA VAL OA 207 -123.28 -35.08 42.97
C VAL OA 207 -122.98 -33.82 42.16
N LEU OA 208 -122.74 -32.72 42.87
CA LEU OA 208 -122.48 -31.42 42.25
C LEU OA 208 -121.06 -31.31 41.68
N SER OA 209 -120.10 -31.97 42.31
CA SER OA 209 -118.71 -31.95 41.85
C SER OA 209 -118.57 -32.53 40.44
N TYR OA 210 -119.39 -33.54 40.13
CA TYR OA 210 -119.35 -34.21 38.82
C TYR OA 210 -120.40 -33.68 37.83
N VAL OA 211 -121.38 -32.92 38.32
CA VAL OA 211 -122.24 -32.14 37.42
C VAL OA 211 -121.43 -30.94 36.90
N SER OA 212 -120.67 -30.29 37.79
CA SER OA 212 -119.82 -29.16 37.41
C SER OA 212 -118.74 -29.56 36.40
N LYS OA 213 -118.25 -30.79 36.51
CA LYS OA 213 -117.33 -31.36 35.54
C LYS OA 213 -118.06 -31.69 34.24
N ALA OA 214 -119.14 -32.46 34.35
CA ALA OA 214 -119.92 -32.92 33.20
C ALA OA 214 -120.53 -31.78 32.38
N GLU OA 215 -120.89 -30.68 33.04
CA GLU OA 215 -121.46 -29.51 32.35
C GLU OA 215 -120.44 -28.88 31.40
N SER OA 216 -119.29 -28.48 31.94
CA SER OA 216 -118.22 -27.89 31.14
C SER OA 216 -117.21 -28.95 30.67
N THR OA 217 -117.73 -30.03 30.08
CA THR OA 217 -116.88 -31.11 29.56
C THR OA 217 -116.63 -30.96 28.05
N PRO OA 218 -117.68 -31.06 27.20
CA PRO OA 218 -117.41 -30.97 25.76
C PRO OA 218 -117.41 -29.52 25.26
N GLU OA 219 -116.47 -28.72 25.76
CA GLU OA 219 -116.36 -27.28 25.43
C GLU OA 219 -117.66 -26.51 25.66
N ILE OA 220 -118.19 -26.62 26.89
CA ILE OA 220 -119.42 -25.93 27.30
C ILE OA 220 -120.66 -26.46 26.54
N ALA OA 221 -120.91 -27.76 26.69
CA ALA OA 221 -122.09 -28.43 26.12
C ALA OA 221 -122.17 -28.40 24.58
N GLU OA 222 -121.04 -28.67 23.93
CA GLU OA 222 -120.93 -28.64 22.45
C GLU OA 222 -121.26 -27.27 21.82
N GLN OA 223 -121.07 -26.21 22.61
CA GLN OA 223 -121.24 -24.80 22.16
C GLN OA 223 -122.70 -24.33 22.00
N ARG OA 224 -123.36 -24.73 20.90
CA ARG OA 224 -124.71 -24.24 20.57
C ARG OA 224 -125.85 -25.16 21.06
N GLY OA 225 -125.53 -26.43 21.32
CA GLY OA 225 -126.54 -27.42 21.70
C GLY OA 225 -126.96 -28.30 20.54
N GLU OA 226 -125.98 -28.79 19.78
CA GLU OA 226 -126.20 -29.69 18.64
C GLU OA 226 -127.06 -29.09 17.51
N ARG OA 227 -126.88 -27.81 17.22
CA ARG OA 227 -127.55 -27.13 16.09
C ARG OA 227 -129.08 -27.20 16.10
N ASP OA 228 -129.71 -26.24 16.78
CA ASP OA 228 -131.18 -26.06 16.79
C ASP OA 228 -131.97 -27.30 17.23
N SER OA 229 -132.22 -27.42 18.54
CA SER OA 229 -133.04 -28.50 19.12
C SER OA 229 -132.36 -29.88 19.02
N GLN OA 230 -131.99 -30.44 20.18
CA GLN OA 230 -131.24 -31.70 20.24
C GLN OA 230 -132.15 -32.88 20.60
N THR OA 231 -132.01 -33.98 19.85
CA THR OA 231 -132.71 -35.24 20.14
C THR OA 231 -132.26 -35.78 21.49
N GLN OA 232 -130.96 -35.65 21.76
CA GLN OA 232 -130.37 -36.05 23.03
C GLN OA 232 -130.66 -34.98 24.09
N ALA OA 233 -131.68 -35.22 24.92
CA ALA OA 233 -132.01 -34.31 26.02
C ALA OA 233 -131.11 -34.61 27.22
N ILE OA 234 -129.98 -33.90 27.30
CA ILE OA 234 -128.91 -34.22 28.25
C ILE OA 234 -128.84 -33.25 29.43
N LEU OA 235 -128.75 -31.95 29.16
CA LEU OA 235 -128.70 -30.93 30.21
C LEU OA 235 -130.00 -30.84 31.01
N THR OA 236 -131.10 -31.27 30.40
CA THR OA 236 -132.39 -31.43 31.09
C THR OA 236 -132.28 -32.40 32.27
N LYS OA 237 -131.36 -33.37 32.15
CA LYS OA 237 -131.05 -34.29 33.24
C LYS OA 237 -130.04 -33.62 34.19
N LEU OA 238 -128.98 -33.04 33.64
CA LEU OA 238 -127.90 -32.43 34.43
C LEU OA 238 -128.37 -31.31 35.35
N LYS OA 239 -129.48 -30.67 35.00
CA LYS OA 239 -130.10 -29.65 35.84
C LYS OA 239 -131.18 -30.21 36.77
N CYS OA 240 -131.71 -31.40 36.45
CA CYS OA 240 -132.57 -32.14 37.38
C CYS OA 240 -131.83 -32.49 38.67
N ALA OA 241 -130.55 -32.85 38.55
CA ALA OA 241 -129.71 -33.23 39.69
C ALA OA 241 -129.06 -32.02 40.35
N ALA OA 242 -128.47 -31.14 39.54
CA ALA OA 242 -127.88 -29.89 40.04
C ALA OA 242 -128.85 -29.12 40.93
N GLY OA 243 -130.14 -29.22 40.63
CA GLY OA 243 -131.19 -28.63 41.45
C GLY OA 243 -131.52 -29.47 42.68
N LEU OA 244 -131.87 -30.73 42.45
CA LEU OA 244 -132.27 -31.62 43.56
C LEU OA 244 -131.17 -31.77 44.61
N ALA OA 245 -129.91 -31.66 44.17
CA ALA OA 245 -128.78 -31.66 45.10
C ALA OA 245 -128.76 -30.38 45.95
N GLU OA 246 -129.15 -29.26 45.35
CA GLU OA 246 -129.28 -28.01 46.08
C GLU OA 246 -130.55 -27.97 46.94
N LEU OA 247 -131.60 -28.66 46.50
CA LEU OA 247 -132.85 -28.75 47.27
C LEU OA 247 -132.60 -29.24 48.69
N ALA OA 248 -131.88 -30.34 48.81
CA ALA OA 248 -131.48 -30.87 50.10
C ALA OA 248 -130.52 -29.92 50.83
N ALA OA 249 -129.69 -29.22 50.05
CA ALA OA 249 -128.71 -28.26 50.59
C ALA OA 249 -129.27 -26.86 50.90
N ARG OA 250 -130.60 -26.75 51.04
CA ARG OA 250 -131.28 -25.52 51.51
C ARG OA 250 -131.27 -24.31 50.56
N LYS OA 251 -130.45 -24.34 49.51
CA LYS OA 251 -130.41 -23.24 48.53
C LYS OA 251 -131.59 -23.37 47.60
N TYR OA 252 -132.76 -22.96 48.09
CA TYR OA 252 -134.01 -23.12 47.34
C TYR OA 252 -134.04 -22.19 46.13
N LYS OA 253 -133.34 -21.06 46.23
CA LYS OA 253 -133.23 -20.11 45.12
C LYS OA 253 -132.29 -20.64 44.04
N GLN OA 254 -131.14 -21.18 44.46
CA GLN OA 254 -130.22 -21.83 43.52
C GLN OA 254 -130.85 -23.08 42.93
N ALA OA 255 -131.69 -23.75 43.73
CA ALA OA 255 -132.43 -24.93 43.28
C ALA OA 255 -133.47 -24.58 42.22
N ALA OA 256 -134.18 -23.48 42.44
CA ALA OA 256 -135.17 -23.00 41.47
C ALA OA 256 -134.52 -22.65 40.13
N LYS OA 257 -133.33 -22.07 40.16
CA LYS OA 257 -132.61 -21.73 38.93
C LYS OA 257 -132.30 -22.95 38.08
N CYS OA 258 -131.97 -24.06 38.72
CA CYS OA 258 -131.69 -25.30 38.02
C CYS OA 258 -132.97 -26.07 37.65
N LEU OA 259 -134.03 -25.96 38.47
CA LEU OA 259 -135.30 -26.65 38.20
C LEU OA 259 -136.23 -25.90 37.24
N LEU OA 260 -136.05 -24.58 37.10
CA LEU OA 260 -136.83 -23.77 36.14
C LEU OA 260 -136.33 -23.95 34.70
N LEU OA 261 -135.03 -24.22 34.54
CA LEU OA 261 -134.43 -24.48 33.23
C LEU OA 261 -134.75 -25.89 32.70
N ALA OA 262 -135.29 -26.75 33.56
CA ALA OA 262 -135.69 -28.11 33.16
C ALA OA 262 -136.73 -28.08 32.05
N SER OA 263 -136.27 -28.34 30.83
CA SER OA 263 -137.16 -28.39 29.67
C SER OA 263 -137.94 -29.70 29.64
N PHE OA 264 -138.98 -29.75 28.81
CA PHE OA 264 -139.87 -30.91 28.73
C PHE OA 264 -139.43 -31.91 27.66
N ASP OA 265 -138.12 -32.03 27.45
CA ASP OA 265 -137.54 -33.04 26.54
C ASP OA 265 -137.33 -34.36 27.26
N HIS OA 266 -136.85 -34.28 28.50
CA HIS OA 266 -136.50 -35.46 29.28
C HIS OA 266 -137.73 -36.11 29.95
N CYS OA 267 -138.71 -35.29 30.34
CA CYS OA 267 -139.95 -35.75 30.97
C CYS OA 267 -139.73 -36.86 32.03
N ASP OA 268 -140.03 -38.12 31.67
CA ASP OA 268 -139.93 -39.26 32.62
C ASP OA 268 -138.51 -39.80 32.70
N PHE OA 269 -137.76 -39.35 33.72
CA PHE OA 269 -136.44 -39.88 34.04
C PHE OA 269 -136.54 -40.51 35.43
N PRO OA 270 -137.11 -41.74 35.49
CA PRO OA 270 -137.51 -42.39 36.75
C PRO OA 270 -136.42 -42.61 37.83
N GLU OA 271 -135.15 -42.62 37.46
CA GLU OA 271 -134.07 -42.91 38.42
C GLU OA 271 -133.60 -41.70 39.25
N LEU OA 272 -134.23 -40.54 39.05
CA LEU OA 272 -134.03 -39.38 39.91
C LEU OA 272 -135.37 -38.76 40.33
N LEU OA 273 -135.98 -37.96 39.45
CA LEU OA 273 -137.19 -37.22 39.79
C LEU OA 273 -138.10 -37.03 38.59
N SER OA 274 -139.38 -37.30 38.81
CA SER OA 274 -140.40 -37.22 37.77
C SER OA 274 -140.63 -35.77 37.33
N PRO OA 275 -141.25 -35.58 36.14
CA PRO OA 275 -141.55 -34.23 35.70
C PRO OA 275 -142.75 -33.63 36.43
N SER OA 276 -143.67 -34.48 36.90
CA SER OA 276 -144.79 -34.05 37.73
C SER OA 276 -144.33 -33.46 39.06
N ASN OA 277 -143.13 -33.85 39.50
CA ASN OA 277 -142.50 -33.26 40.69
C ASN OA 277 -141.62 -32.05 40.40
N VAL OA 278 -140.88 -32.09 39.29
CA VAL OA 278 -140.06 -30.95 38.86
C VAL OA 278 -140.87 -29.65 38.87
N ALA OA 279 -142.16 -29.75 38.54
CA ALA OA 279 -143.11 -28.63 38.64
C ALA OA 279 -143.42 -28.24 40.08
N ILE OA 280 -143.71 -29.25 40.91
CA ILE OA 280 -144.01 -29.04 42.32
C ILE OA 280 -142.80 -28.47 43.07
N TYR OA 281 -141.62 -28.99 42.75
CA TYR OA 281 -140.38 -28.68 43.47
C TYR OA 281 -139.86 -27.29 43.10
N GLY OA 282 -139.55 -27.10 41.82
CA GLY OA 282 -139.01 -25.83 41.32
C GLY OA 282 -139.96 -24.66 41.40
N GLY OA 283 -141.27 -24.94 41.36
CA GLY OA 283 -142.31 -23.91 41.49
C GLY OA 283 -142.37 -23.34 42.88
N LEU OA 284 -142.59 -24.21 43.87
CA LEU OA 284 -142.64 -23.80 45.28
C LEU OA 284 -141.30 -23.23 45.75
N CYS OA 285 -140.20 -23.71 45.17
CA CYS OA 285 -138.87 -23.17 45.49
C CYS OA 285 -138.73 -21.71 45.09
N ALA OA 286 -138.93 -21.43 43.80
CA ALA OA 286 -138.85 -20.06 43.30
C ALA OA 286 -139.80 -19.15 44.07
N LEU OA 287 -141.07 -19.55 44.07
CA LEU OA 287 -142.15 -18.85 44.77
C LEU OA 287 -141.70 -18.19 46.08
N ALA OA 288 -141.02 -18.96 46.91
CA ALA OA 288 -140.59 -18.50 48.23
C ALA OA 288 -139.47 -17.46 48.15
N THR OA 289 -138.42 -17.79 47.40
CA THR OA 289 -137.18 -16.99 47.41
C THR OA 289 -137.09 -15.97 46.26
N PHE OA 290 -138.04 -16.02 45.33
CA PHE OA 290 -138.07 -15.05 44.23
C PHE OA 290 -138.94 -13.86 44.59
N ASP OA 291 -138.51 -12.67 44.16
CA ASP OA 291 -139.33 -11.47 44.29
C ASP OA 291 -140.48 -11.51 43.29
N ARG OA 292 -141.37 -10.51 43.33
CA ARG OA 292 -142.48 -10.43 42.40
C ARG OA 292 -142.01 -10.24 40.95
N GLN OA 293 -140.90 -9.51 40.78
CA GLN OA 293 -140.38 -9.16 39.46
C GLN OA 293 -139.90 -10.39 38.69
N GLU OA 294 -139.00 -11.16 39.28
CA GLU OA 294 -138.43 -12.33 38.64
C GLU OA 294 -139.47 -13.43 38.45
N LEU OA 295 -140.50 -13.46 39.31
CA LEU OA 295 -141.62 -14.40 39.17
C LEU OA 295 -142.26 -14.33 37.78
N GLN OA 296 -142.92 -13.23 37.48
CA GLN OA 296 -143.60 -13.07 36.19
C GLN OA 296 -142.69 -13.42 35.02
N ARG OA 297 -141.43 -13.01 35.14
CA ARG OA 297 -140.46 -13.15 34.07
C ARG OA 297 -139.93 -14.58 33.95
N ASN OA 298 -139.38 -15.10 35.04
CA ASN OA 298 -138.70 -16.40 35.03
C ASN OA 298 -139.58 -17.57 35.48
N VAL OA 299 -140.86 -17.32 35.73
CA VAL OA 299 -141.78 -18.36 36.20
C VAL OA 299 -143.09 -18.38 35.43
N ILE OA 300 -143.88 -17.31 35.55
CA ILE OA 300 -145.28 -17.32 35.11
C ILE OA 300 -145.42 -17.22 33.58
N SER OA 301 -144.72 -16.29 32.95
CA SER OA 301 -144.83 -16.05 31.50
C SER OA 301 -143.68 -16.64 30.68
N SER OA 302 -142.92 -17.56 31.27
CA SER OA 302 -141.85 -18.25 30.57
C SER OA 302 -142.33 -19.60 30.05
N SER OA 303 -142.26 -19.78 28.73
CA SER OA 303 -142.73 -21.01 28.09
C SER OA 303 -141.97 -22.26 28.56
N SER OA 304 -140.65 -22.14 28.71
CA SER OA 304 -139.79 -23.24 29.14
C SER OA 304 -140.40 -24.05 30.27
N PHE OA 305 -140.77 -23.36 31.34
CA PHE OA 305 -141.33 -23.99 32.52
C PHE OA 305 -142.87 -24.08 32.45
N LYS OA 306 -143.48 -23.25 31.60
CA LYS OA 306 -144.94 -23.22 31.45
C LYS OA 306 -145.56 -24.60 31.27
N LEU OA 307 -144.93 -25.44 30.45
CA LEU OA 307 -145.42 -26.80 30.20
C LEU OA 307 -145.50 -27.65 31.47
N PHE OA 308 -144.54 -27.46 32.37
CA PHE OA 308 -144.52 -28.20 33.63
C PHE OA 308 -145.63 -27.73 34.57
N LEU OA 309 -145.95 -26.45 34.51
CA LEU OA 309 -147.04 -25.91 35.32
C LEU OA 309 -148.38 -26.48 34.90
N GLU OA 310 -148.58 -26.61 33.59
CA GLU OA 310 -149.79 -27.24 33.06
C GLU OA 310 -150.05 -28.57 33.73
N LEU OA 311 -148.98 -29.34 33.94
CA LEU OA 311 -149.09 -30.68 34.54
C LEU OA 311 -149.69 -30.61 35.93
N GLU OA 312 -149.26 -29.64 36.72
CA GLU OA 312 -149.72 -29.48 38.10
C GLU OA 312 -150.66 -28.28 38.20
N PRO OA 313 -151.98 -28.54 38.21
CA PRO OA 313 -152.95 -27.43 38.24
C PRO OA 313 -153.01 -26.70 39.59
N GLN OA 314 -152.80 -27.42 40.68
CA GLN OA 314 -152.85 -26.80 42.01
C GLN OA 314 -151.63 -25.90 42.23
N VAL OA 315 -150.45 -26.39 41.86
CA VAL OA 315 -149.21 -25.63 41.99
C VAL OA 315 -149.28 -24.36 41.15
N ARG OA 316 -149.90 -24.48 39.99
CA ARG OA 316 -150.10 -23.34 39.08
C ARG OA 316 -150.97 -22.26 39.71
N ASP OA 317 -152.04 -22.68 40.39
CA ASP OA 317 -153.01 -21.74 40.98
C ASP OA 317 -152.43 -20.92 42.15
N ILE OA 318 -151.55 -21.51 42.93
CA ILE OA 318 -150.95 -20.82 44.07
C ILE OA 318 -149.89 -19.80 43.62
N ILE OA 319 -149.14 -20.14 42.56
CA ILE OA 319 -148.19 -19.22 41.95
C ILE OA 319 -148.93 -18.02 41.33
N PHE OA 320 -150.10 -18.29 40.77
CA PHE OA 320 -150.93 -17.26 40.15
C PHE OA 320 -151.63 -16.38 41.18
N LYS OA 321 -152.31 -17.00 42.14
CA LYS OA 321 -153.06 -16.26 43.18
C LYS OA 321 -152.15 -15.43 44.08
N PHE OA 322 -150.87 -15.78 44.15
CA PHE OA 322 -149.85 -14.93 44.79
C PHE OA 322 -149.65 -13.66 43.97
N TYR OA 323 -149.34 -13.82 42.68
CA TYR OA 323 -149.10 -12.70 41.79
C TYR OA 323 -150.35 -11.84 41.57
N GLU OA 324 -151.50 -12.50 41.44
CA GLU OA 324 -152.78 -11.82 41.37
C GLU OA 324 -153.19 -11.23 42.72
N SER OA 325 -152.46 -11.59 43.78
CA SER OA 325 -152.63 -11.04 45.12
C SER OA 325 -154.00 -11.34 45.71
N LYS OA 326 -154.49 -12.54 45.43
CA LYS OA 326 -155.70 -13.06 46.04
C LYS OA 326 -155.27 -14.10 47.08
N TYR OA 327 -154.85 -13.59 48.24
CA TYR OA 327 -154.13 -14.39 49.22
C TYR OA 327 -155.05 -15.30 50.05
N ALA OA 328 -156.30 -14.87 50.24
CA ALA OA 328 -157.29 -15.69 50.95
C ALA OA 328 -157.32 -17.11 50.41
N SER OA 329 -157.30 -17.24 49.09
CA SER OA 329 -157.27 -18.54 48.43
C SER OA 329 -155.86 -19.11 48.41
N CYS OA 330 -154.89 -18.30 48.00
CA CYS OA 330 -153.49 -18.73 47.84
C CYS OA 330 -153.01 -19.67 48.94
N LEU OA 331 -153.25 -19.30 50.20
CA LEU OA 331 -152.84 -20.11 51.34
C LEU OA 331 -153.84 -21.22 51.62
N LYS OA 332 -155.13 -20.95 51.42
CA LYS OA 332 -156.17 -21.97 51.54
C LYS OA 332 -155.78 -23.22 50.75
N MET OA 333 -155.39 -23.01 49.50
CA MET OA 333 -154.89 -24.08 48.63
C MET OA 333 -153.67 -24.78 49.23
N LEU OA 334 -152.66 -23.99 49.55
CA LEU OA 334 -151.36 -24.49 49.96
C LEU OA 334 -151.44 -25.33 51.23
N ASP OA 335 -152.25 -24.89 52.18
CA ASP OA 335 -152.46 -25.61 53.44
C ASP OA 335 -152.89 -27.06 53.22
N GLU OA 336 -153.89 -27.23 52.35
CA GLU OA 336 -154.46 -28.55 52.09
C GLU OA 336 -153.57 -29.42 51.21
N MET OA 337 -152.62 -28.78 50.52
CA MET OA 337 -151.59 -29.52 49.79
C MET OA 337 -150.47 -30.01 50.70
N LYS OA 338 -150.23 -29.28 51.79
CA LYS OA 338 -149.18 -29.64 52.77
C LYS OA 338 -149.25 -31.10 53.23
N ASP OA 339 -150.47 -31.62 53.35
CA ASP OA 339 -150.70 -33.00 53.80
C ASP OA 339 -150.03 -34.01 52.86
N ASN OA 340 -150.20 -33.81 51.56
CA ASN OA 340 -149.64 -34.68 50.53
C ASN OA 340 -148.14 -34.42 50.30
N LEU OA 341 -147.75 -33.15 50.26
CA LEU OA 341 -146.36 -32.77 49.98
C LEU OA 341 -145.36 -33.21 51.05
N LEU OA 342 -145.86 -33.38 52.28
CA LEU OA 342 -145.02 -33.90 53.37
C LEU OA 342 -144.70 -35.38 53.17
N LEU OA 343 -145.68 -36.15 52.68
CA LEU OA 343 -145.51 -37.59 52.49
C LEU OA 343 -144.50 -37.89 51.37
N ASP OA 344 -144.36 -36.95 50.44
CA ASP OA 344 -143.34 -37.01 49.40
C ASP OA 344 -141.97 -37.18 50.04
N MET OA 345 -141.07 -37.87 49.35
CA MET OA 345 -139.75 -38.18 49.89
C MET OA 345 -138.88 -36.94 50.00
N TYR OA 346 -138.68 -36.24 48.89
CA TYR OA 346 -137.72 -35.12 48.81
C TYR OA 346 -138.30 -33.73 49.16
N LEU OA 347 -139.61 -33.63 49.34
CA LEU OA 347 -140.25 -32.35 49.67
C LEU OA 347 -140.72 -32.27 51.13
N ALA OA 348 -140.42 -33.29 51.92
CA ALA OA 348 -140.66 -33.27 53.36
C ALA OA 348 -139.72 -32.32 54.13
N PRO OA 349 -138.40 -32.37 53.85
CA PRO OA 349 -137.42 -31.68 54.70
C PRO OA 349 -137.29 -30.17 54.45
N HIS OA 350 -138.16 -29.60 53.62
CA HIS OA 350 -138.17 -28.17 53.37
C HIS OA 350 -139.60 -27.62 53.45
N VAL OA 351 -140.46 -28.32 54.19
CA VAL OA 351 -141.89 -28.01 54.24
C VAL OA 351 -142.21 -26.81 55.16
N ARG OA 352 -141.25 -26.39 55.99
CA ARG OA 352 -141.43 -25.21 56.84
C ARG OA 352 -140.79 -23.97 56.21
N THR OA 353 -139.50 -24.06 55.92
CA THR OA 353 -138.74 -22.93 55.38
C THR OA 353 -139.36 -22.38 54.10
N LEU OA 354 -139.96 -23.26 53.31
CA LEU OA 354 -140.67 -22.82 52.10
C LEU OA 354 -142.02 -22.22 52.48
N TYR OA 355 -142.90 -23.03 53.07
CA TYR OA 355 -144.27 -22.63 53.40
C TYR OA 355 -144.34 -21.34 54.21
N THR OA 356 -143.42 -21.20 55.16
CA THR OA 356 -143.38 -20.01 56.01
C THR OA 356 -142.81 -18.81 55.25
N GLN OA 357 -141.77 -19.04 54.45
CA GLN OA 357 -141.12 -17.96 53.70
C GLN OA 357 -142.04 -17.36 52.64
N ILE OA 358 -142.95 -18.17 52.12
CA ILE OA 358 -143.97 -17.71 51.19
C ILE OA 358 -144.98 -16.83 51.92
N ARG OA 359 -145.48 -17.31 53.06
CA ARG OA 359 -146.39 -16.54 53.91
C ARG OA 359 -145.79 -15.16 54.20
N ASN OA 360 -144.53 -15.16 54.63
CA ASN OA 360 -143.79 -13.93 54.89
C ASN OA 360 -143.76 -13.02 53.67
N ARG OA 361 -143.35 -13.57 52.54
CA ARG OA 361 -143.27 -12.83 51.29
C ARG OA 361 -144.59 -12.13 50.99
N ALA OA 362 -145.68 -12.88 51.06
CA ALA OA 362 -147.02 -12.35 50.78
C ALA OA 362 -147.42 -11.26 51.78
N LEU OA 363 -147.11 -11.49 53.06
CA LEU OA 363 -147.42 -10.52 54.11
C LEU OA 363 -146.73 -9.18 53.85
N ILE OA 364 -145.53 -9.21 53.27
CA ILE OA 364 -144.84 -8.00 52.85
C ILE OA 364 -145.56 -7.38 51.66
N GLN OA 365 -145.81 -8.22 50.65
CA GLN OA 365 -146.37 -7.76 49.37
C GLN OA 365 -147.79 -7.21 49.48
N TYR OA 366 -148.56 -7.73 50.45
CA TYR OA 366 -149.91 -7.22 50.70
C TYR OA 366 -149.89 -5.80 51.23
N PHE OA 367 -148.94 -5.52 52.12
CA PHE OA 367 -148.92 -4.27 52.87
C PHE OA 367 -148.20 -3.12 52.15
N SER OA 368 -146.96 -3.37 51.73
CA SER OA 368 -146.12 -2.34 51.10
C SER OA 368 -146.86 -1.33 50.20
N PRO OA 369 -147.71 -1.82 49.29
CA PRO OA 369 -148.53 -0.90 48.48
C PRO OA 369 -149.41 0.05 49.31
N TYR OA 370 -150.01 -0.45 50.38
CA TYR OA 370 -150.83 0.38 51.26
C TYR OA 370 -149.95 1.28 52.13
N VAL OA 371 -150.43 2.49 52.40
CA VAL OA 371 -149.84 3.34 53.42
C VAL OA 371 -150.52 3.08 54.77
N SER OA 372 -151.81 2.74 54.73
CA SER OA 372 -152.57 2.34 55.92
C SER OA 372 -153.51 1.19 55.58
N ALA OA 373 -153.35 0.07 56.27
CA ALA OA 373 -154.11 -1.15 55.99
C ALA OA 373 -154.91 -1.60 57.20
N ASP OA 374 -156.15 -2.02 56.95
CA ASP OA 374 -157.01 -2.56 58.00
C ASP OA 374 -156.57 -3.99 58.31
N MET OA 375 -156.38 -4.28 59.60
CA MET OA 375 -155.88 -5.58 60.03
C MET OA 375 -156.94 -6.68 59.92
N HIS OA 376 -158.19 -6.32 60.12
CA HIS OA 376 -159.29 -7.28 60.05
C HIS OA 376 -159.43 -7.87 58.65
N ARG OA 377 -159.26 -7.03 57.65
CA ARG OA 377 -159.27 -7.47 56.25
C ARG OA 377 -158.07 -8.37 55.99
N MET OA 378 -156.90 -7.93 56.48
CA MET OA 378 -155.67 -8.69 56.33
C MET OA 378 -155.73 -10.02 57.10
N ALA OA 379 -156.51 -10.06 58.17
CA ALA OA 379 -156.65 -11.26 58.99
C ALA OA 379 -157.22 -12.45 58.21
N ALA OA 380 -158.47 -12.33 57.77
CA ALA OA 380 -159.12 -13.39 56.99
C ALA OA 380 -158.39 -13.65 55.67
N ALA OA 381 -157.71 -12.62 55.16
CA ALA OA 381 -156.90 -12.73 53.95
C ALA OA 381 -155.71 -13.66 54.15
N PHE OA 382 -155.22 -13.77 55.38
CA PHE OA 382 -154.14 -14.69 55.71
C PHE OA 382 -154.60 -15.79 56.68
N ASN OA 383 -155.82 -16.29 56.45
CA ASN OA 383 -156.37 -17.44 57.17
C ASN OA 383 -155.92 -17.52 58.64
N THR OA 384 -156.34 -16.52 59.42
CA THR OA 384 -155.95 -16.43 60.83
C THR OA 384 -156.86 -15.44 61.57
N THR OA 385 -156.49 -15.09 62.81
CA THR OA 385 -157.25 -14.13 63.62
C THR OA 385 -156.55 -12.79 63.74
N VAL OA 386 -157.28 -11.79 64.25
CA VAL OA 386 -156.76 -10.45 64.40
C VAL OA 386 -155.62 -10.45 65.40
N ALA OA 387 -155.88 -11.03 66.56
CA ALA OA 387 -154.88 -11.13 67.61
C ALA OA 387 -153.64 -11.86 67.10
N ALA OA 388 -153.85 -12.95 66.38
CA ALA OA 388 -152.75 -13.71 65.80
C ALA OA 388 -151.93 -12.81 64.87
N LEU OA 389 -152.62 -12.18 63.93
CA LEU OA 389 -151.98 -11.26 63.00
C LEU OA 389 -151.13 -10.22 63.73
N GLU OA 390 -151.64 -9.70 64.83
CA GLU OA 390 -150.94 -8.70 65.62
C GLU OA 390 -149.53 -9.17 65.97
N ASP OA 391 -149.42 -10.33 66.62
CA ASP OA 391 -148.13 -10.89 66.97
C ASP OA 391 -147.34 -11.31 65.72
N GLU OA 392 -148.03 -11.89 64.74
CA GLU OA 392 -147.38 -12.29 63.49
C GLU OA 392 -146.54 -11.15 62.95
N LEU OA 393 -147.17 -10.01 62.75
CA LEU OA 393 -146.50 -8.82 62.25
C LEU OA 393 -145.40 -8.35 63.20
N THR OA 394 -145.73 -8.29 64.50
CA THR OA 394 -144.81 -7.80 65.53
C THR OA 394 -143.38 -8.29 65.29
N GLN OA 395 -143.22 -9.61 65.24
CA GLN OA 395 -141.92 -10.24 64.98
C GLN OA 395 -141.30 -9.68 63.70
N LEU OA 396 -142.12 -9.61 62.66
CA LEU OA 396 -141.66 -9.23 61.33
C LEU OA 396 -141.26 -7.76 61.29
N ILE OA 397 -141.86 -6.94 62.16
CA ILE OA 397 -141.47 -5.54 62.27
C ILE OA 397 -140.04 -5.48 62.79
N LEU OA 398 -139.80 -6.13 63.93
CA LEU OA 398 -138.48 -6.13 64.55
C LEU OA 398 -137.45 -6.63 63.57
N GLU OA 399 -137.62 -7.87 63.12
CA GLU OA 399 -136.64 -8.53 62.28
C GLU OA 399 -136.76 -8.03 60.84
N GLY OA 400 -137.90 -8.32 60.22
CA GLY OA 400 -138.07 -8.16 58.79
C GLY OA 400 -138.15 -6.73 58.30
N LEU OA 401 -138.53 -6.60 57.03
CA LEU OA 401 -138.56 -5.32 56.36
C LEU OA 401 -139.94 -4.67 56.39
N ILE OA 402 -140.79 -5.10 57.32
CA ILE OA 402 -142.11 -4.48 57.50
C ILE OA 402 -141.92 -3.19 58.29
N SER OA 403 -141.56 -2.12 57.59
CA SER OA 403 -141.36 -0.81 58.21
C SER OA 403 -142.71 -0.17 58.51
N ALA OA 404 -143.32 -0.61 59.61
CA ALA OA 404 -144.69 -0.21 59.96
C ALA OA 404 -144.95 -0.47 61.43
N ARG OA 405 -145.71 0.42 62.07
CA ARG OA 405 -146.06 0.27 63.47
C ARG OA 405 -147.47 -0.31 63.63
N VAL OA 406 -147.84 -0.64 64.87
CA VAL OA 406 -149.13 -1.27 65.16
C VAL OA 406 -149.99 -0.39 66.08
N ASP OA 407 -151.21 -0.13 65.65
CA ASP OA 407 -152.22 0.54 66.46
C ASP OA 407 -153.19 -0.52 66.94
N SER OA 408 -152.91 -1.09 68.11
CA SER OA 408 -153.74 -2.18 68.64
C SER OA 408 -155.05 -1.71 69.28
N HIS OA 409 -155.24 -0.40 69.42
CA HIS OA 409 -156.50 0.16 69.93
C HIS OA 409 -157.64 -0.07 68.95
N SER OA 410 -157.48 0.44 67.73
CA SER OA 410 -158.47 0.26 66.66
C SER OA 410 -158.07 -0.87 65.69
N LYS OA 411 -156.94 -1.52 65.96
CA LYS OA 411 -156.44 -2.64 65.16
C LYS OA 411 -156.22 -2.25 63.70
N ILE OA 412 -155.23 -1.38 63.50
CA ILE OA 412 -154.84 -0.89 62.17
C ILE OA 412 -153.33 -1.06 62.05
N LEU OA 413 -152.83 -1.13 60.82
CA LEU OA 413 -151.40 -1.08 60.56
C LEU OA 413 -151.06 0.12 59.69
N TYR OA 414 -150.26 1.04 60.22
CA TYR OA 414 -149.81 2.22 59.50
C TYR OA 414 -148.39 2.02 59.01
N ALA OA 415 -148.11 2.50 57.80
CA ALA OA 415 -146.75 2.50 57.29
C ALA OA 415 -145.92 3.52 58.07
N ARG OA 416 -144.70 3.13 58.38
CA ARG OA 416 -143.78 3.98 59.11
C ARG OA 416 -142.60 4.26 58.21
N ASP OA 417 -142.47 5.50 57.76
CA ASP OA 417 -141.38 5.91 56.89
C ASP OA 417 -140.38 6.79 57.62
N VAL OA 418 -139.20 6.93 57.03
CA VAL OA 418 -138.07 7.54 57.70
C VAL OA 418 -137.96 9.03 57.40
N ASP OA 419 -137.69 9.80 58.45
CA ASP OA 419 -137.38 11.22 58.29
C ASP OA 419 -135.90 11.34 57.93
N GLN OA 420 -135.64 11.35 56.63
CA GLN OA 420 -134.30 11.47 56.07
C GLN OA 420 -133.45 12.46 56.87
N ARG OA 421 -133.94 13.69 56.96
CA ARG OA 421 -133.26 14.78 57.64
C ARG OA 421 -132.81 14.36 59.04
N SER OA 422 -133.78 13.95 59.86
CA SER OA 422 -133.51 13.53 61.24
C SER OA 422 -132.38 12.53 61.31
N THR OA 423 -132.40 11.57 60.39
CA THR OA 423 -131.45 10.48 60.38
C THR OA 423 -130.00 10.96 60.29
N THR OA 424 -129.67 11.67 59.22
CA THR OA 424 -128.28 12.08 58.97
C THR OA 424 -127.77 13.00 60.07
N PHE OA 425 -128.62 13.91 60.54
CA PHE OA 425 -128.32 14.74 61.71
C PHE OA 425 -128.01 13.85 62.91
N GLU OA 426 -129.05 13.14 63.36
CA GLU OA 426 -128.98 12.29 64.56
C GLU OA 426 -127.66 11.56 64.70
N LYS OA 427 -127.32 10.77 63.69
CA LYS OA 427 -126.12 9.93 63.74
C LYS OA 427 -124.82 10.73 63.75
N SER OA 428 -124.80 11.86 63.04
CA SER OA 428 -123.60 12.69 62.95
C SER OA 428 -123.17 13.21 64.32
N LEU OA 429 -124.14 13.69 65.10
CA LEU OA 429 -123.90 14.07 66.50
C LEU OA 429 -123.29 12.90 67.26
N LEU OA 430 -123.94 11.76 67.16
CA LEU OA 430 -123.60 10.58 67.95
C LEU OA 430 -122.24 10.04 67.58
N MET OA 431 -121.98 9.87 66.28
CA MET OA 431 -120.67 9.44 65.78
C MET OA 431 -119.56 10.38 66.26
N GLY OA 432 -119.77 11.68 66.04
CA GLY OA 432 -118.84 12.71 66.48
C GLY OA 432 -118.56 12.62 67.97
N LYS OA 433 -119.61 12.35 68.75
CA LYS OA 433 -119.49 12.17 70.19
C LYS OA 433 -118.67 10.90 70.51
N GLU OA 434 -118.81 9.87 69.69
CA GLU OA 434 -117.99 8.65 69.83
C GLU OA 434 -116.52 8.97 69.54
N PHE OA 435 -116.29 9.64 68.42
CA PHE OA 435 -114.95 10.09 68.04
C PHE OA 435 -114.31 10.92 69.15
N GLN OA 436 -115.09 11.82 69.75
CA GLN OA 436 -114.63 12.61 70.89
C GLN OA 436 -114.24 11.73 72.08
N ARG OA 437 -115.03 10.69 72.34
CA ARG OA 437 -114.80 9.79 73.47
C ARG OA 437 -113.49 9.00 73.32
N ARG OA 438 -113.22 8.51 72.11
CA ARG OA 438 -111.97 7.77 71.83
C ARG OA 438 -110.76 8.71 71.87
N ALA OA 439 -110.97 9.95 71.42
CA ALA OA 439 -109.92 10.97 71.46
C ALA OA 439 -109.48 11.27 72.90
N LYS OA 440 -110.43 11.31 73.83
CA LYS OA 440 -110.12 11.39 75.25
C LYS OA 440 -109.22 10.22 75.63
N ALA OA 441 -109.66 9.01 75.26
CA ALA OA 441 -108.99 7.77 75.64
C ALA OA 441 -107.55 7.65 75.10
N MET OA 442 -107.38 7.89 73.81
CA MET OA 442 -106.05 7.79 73.19
C MET OA 442 -105.14 8.98 73.51
N MET OA 443 -105.68 10.00 74.17
CA MET OA 443 -104.87 11.10 74.70
C MET OA 443 -104.25 10.68 76.03
N LEU OA 444 -105.06 10.03 76.87
CA LEU OA 444 -104.59 9.41 78.11
C LEU OA 444 -103.68 8.23 77.80
N ARG OA 445 -104.00 7.51 76.73
CA ARG OA 445 -103.20 6.36 76.32
C ARG OA 445 -101.83 6.79 75.78
N ALA OA 446 -101.78 7.97 75.19
CA ALA OA 446 -100.51 8.59 74.81
C ALA OA 446 -99.69 8.96 76.05
N ALA OA 447 -100.39 9.33 77.12
CA ALA OA 447 -99.75 9.73 78.38
C ALA OA 447 -99.19 8.56 79.18
N VAL OA 448 -99.99 7.51 79.35
CA VAL OA 448 -99.58 6.36 80.18
C VAL OA 448 -98.34 5.63 79.64
N LEU OA 449 -98.25 5.51 78.32
CA LEU OA 449 -97.12 4.86 77.66
C LEU OA 449 -95.91 5.78 77.67
N ARG OA 450 -96.15 7.07 77.51
CA ARG OA 450 -95.14 8.12 77.62
C ARG OA 450 -94.47 8.14 79.00
N ASN OA 451 -95.21 7.75 80.04
CA ASN OA 451 -94.70 7.65 81.40
C ASN OA 451 -94.32 6.23 81.84
N GLN OA 452 -94.41 5.26 80.94
CA GLN OA 452 -94.08 3.85 81.22
C GLN OA 452 -94.88 3.29 82.40
N ILE OA 453 -96.19 3.53 82.40
CA ILE OA 453 -97.07 3.15 83.50
C ILE OA 453 -97.54 1.70 83.34
N HIS OA 454 -97.14 0.84 84.28
CA HIS OA 454 -97.66 -0.53 84.35
C HIS OA 454 -97.31 -1.22 85.68
N VAL OA 455 -98.18 -2.14 86.11
CA VAL OA 455 -98.00 -2.87 87.36
C VAL OA 455 -97.22 -4.17 87.09
N LYS OA 456 -95.97 -4.23 87.54
CA LYS OA 456 -95.11 -5.40 87.30
C LYS OA 456 -95.43 -6.58 88.23
N SER OA 457 -94.93 -7.76 87.87
CA SER OA 457 -95.25 -9.01 88.57
C SER OA 457 -94.27 -9.41 89.69
N PRO OA 458 -92.97 -9.58 89.37
CA PRO OA 458 -92.08 -10.22 90.34
C PRO OA 458 -91.70 -9.32 91.52
N VAL PA 34 -161.22 -53.82 -35.61
CA VAL PA 34 -161.43 -55.12 -34.89
C VAL PA 34 -162.84 -55.17 -34.28
N ASP PA 35 -163.11 -54.30 -33.31
CA ASP PA 35 -164.43 -54.22 -32.66
C ASP PA 35 -165.19 -52.98 -33.12
N LEU PA 36 -165.46 -52.94 -34.43
CA LEU PA 36 -166.16 -51.81 -35.05
C LEU PA 36 -167.63 -51.77 -34.63
N GLU PA 37 -168.16 -52.92 -34.21
CA GLU PA 37 -169.51 -53.02 -33.65
C GLU PA 37 -169.70 -52.15 -32.41
N ASN PA 38 -168.96 -52.46 -31.36
CA ASN PA 38 -169.16 -51.86 -30.03
C ASN PA 38 -168.84 -50.36 -29.98
N GLN PA 39 -167.97 -49.91 -30.89
CA GLN PA 39 -167.63 -48.48 -30.97
C GLN PA 39 -168.79 -47.63 -31.46
N TYR PA 40 -169.54 -48.13 -32.45
CA TYR PA 40 -170.61 -47.34 -33.06
C TYR PA 40 -171.93 -47.42 -32.28
N TYR PA 41 -172.18 -48.52 -31.57
CA TYR PA 41 -173.38 -48.61 -30.71
C TYR PA 41 -173.22 -47.82 -29.41
N ASN PA 42 -171.97 -47.53 -29.03
CA ASN PA 42 -171.68 -46.54 -28.01
C ASN PA 42 -172.01 -45.13 -28.53
N SER PA 43 -171.69 -44.88 -29.80
CA SER PA 43 -172.00 -43.61 -30.47
C SER PA 43 -173.44 -43.53 -31.00
N LYS PA 44 -174.10 -44.67 -31.19
CA LYS PA 44 -175.51 -44.71 -31.60
C LYS PA 44 -176.41 -44.46 -30.41
N ALA PA 45 -176.05 -45.05 -29.26
CA ALA PA 45 -176.74 -44.80 -28.00
C ALA PA 45 -176.23 -43.53 -27.29
N LEU PA 46 -175.30 -42.81 -27.94
CA LEU PA 46 -174.66 -41.63 -27.34
C LEU PA 46 -175.58 -40.41 -27.32
N LYS PA 47 -176.18 -40.10 -28.47
CA LYS PA 47 -177.01 -38.88 -28.61
C LYS PA 47 -178.25 -38.92 -27.70
N GLU PA 48 -179.32 -39.57 -28.16
CA GLU PA 48 -180.55 -39.73 -27.38
C GLU PA 48 -181.25 -38.42 -26.99
N ASP PA 49 -180.61 -37.65 -26.09
CA ASP PA 49 -181.19 -36.44 -25.46
C ASP PA 49 -182.10 -36.84 -24.30
N ASP PA 50 -183.10 -37.68 -24.58
CA ASP PA 50 -183.92 -38.30 -23.55
C ASP PA 50 -183.12 -39.39 -22.81
N PRO PA 51 -183.37 -39.56 -21.50
CA PRO PA 51 -182.85 -40.74 -20.81
C PRO PA 51 -183.67 -41.99 -21.16
N LYS PA 52 -184.91 -41.79 -21.60
CA LYS PA 52 -185.83 -42.86 -21.97
C LYS PA 52 -185.20 -43.86 -22.93
N ALA PA 53 -184.91 -45.06 -22.42
CA ALA PA 53 -184.31 -46.16 -23.20
C ALA PA 53 -182.88 -45.88 -23.69
N ALA PA 54 -182.29 -44.75 -23.30
CA ALA PA 54 -180.91 -44.44 -23.63
C ALA PA 54 -179.97 -45.41 -22.95
N LEU PA 55 -180.33 -45.79 -21.72
CA LEU PA 55 -179.49 -46.65 -20.87
C LEU PA 55 -179.66 -48.15 -21.12
N SER PA 56 -180.69 -48.52 -21.90
CA SER PA 56 -180.89 -49.92 -22.29
C SER PA 56 -180.06 -50.27 -23.54
N SER PA 57 -179.95 -49.31 -24.47
CA SER PA 57 -179.10 -49.48 -25.67
C SER PA 57 -177.62 -49.33 -25.34
N PHE PA 58 -177.31 -48.54 -24.31
CA PHE PA 58 -175.93 -48.47 -23.77
C PHE PA 58 -175.50 -49.82 -23.23
N GLN PA 59 -176.41 -50.51 -22.53
CA GLN PA 59 -176.11 -51.78 -21.89
C GLN PA 59 -175.94 -52.92 -22.91
N LYS PA 60 -176.54 -52.77 -24.10
CA LYS PA 60 -176.33 -53.71 -25.18
C LYS PA 60 -174.94 -53.58 -25.83
N VAL PA 61 -174.21 -52.51 -25.53
CA VAL PA 61 -172.82 -52.35 -25.96
C VAL PA 61 -171.90 -53.06 -24.99
N LEU PA 62 -172.08 -52.79 -23.70
CA LEU PA 62 -171.33 -53.44 -22.63
C LEU PA 62 -171.53 -54.95 -22.62
N GLU PA 63 -172.79 -55.37 -22.68
CA GLU PA 63 -173.15 -56.79 -22.56
C GLU PA 63 -173.08 -57.57 -23.87
N LEU PA 64 -172.42 -57.01 -24.89
CA LEU PA 64 -171.86 -57.81 -25.98
C LEU PA 64 -170.49 -58.29 -25.52
N GLU PA 65 -170.45 -58.85 -24.31
CA GLU PA 65 -169.22 -59.19 -23.60
C GLU PA 65 -168.24 -58.01 -23.53
N GLY PA 66 -168.16 -57.38 -22.35
CA GLY PA 66 -167.16 -56.36 -22.10
C GLY PA 66 -165.79 -57.01 -21.98
N GLU PA 67 -165.24 -57.40 -23.14
CA GLU PA 67 -164.01 -58.19 -23.21
C GLU PA 67 -162.78 -57.32 -22.90
N LYS PA 68 -162.60 -56.29 -23.72
CA LYS PA 68 -161.52 -55.32 -23.52
C LYS PA 68 -161.87 -54.38 -22.37
N GLY PA 69 -163.12 -53.90 -22.37
CA GLY PA 69 -163.62 -53.03 -21.29
C GLY PA 69 -163.40 -51.55 -21.53
N GLU PA 70 -162.90 -51.19 -22.71
CA GLU PA 70 -162.69 -49.79 -23.07
C GLU PA 70 -164.01 -49.14 -23.47
N TRP PA 71 -164.86 -49.89 -24.17
CA TRP PA 71 -166.19 -49.42 -24.57
C TRP PA 71 -167.27 -49.97 -23.63
N GLY PA 72 -166.88 -50.86 -22.72
CA GLY PA 72 -167.70 -51.20 -21.57
C GLY PA 72 -167.66 -50.09 -20.54
N PHE PA 73 -166.50 -49.42 -20.45
CA PHE PA 73 -166.31 -48.27 -19.55
C PHE PA 73 -167.09 -47.04 -20.05
N LYS PA 74 -166.86 -46.66 -21.31
CA LYS PA 74 -167.51 -45.47 -21.89
C LYS PA 74 -169.01 -45.66 -22.10
N ALA PA 75 -169.49 -46.91 -22.08
CA ALA PA 75 -170.92 -47.19 -22.05
C ALA PA 75 -171.48 -46.90 -20.66
N LEU PA 76 -170.82 -47.42 -19.63
CA LEU PA 76 -171.24 -47.22 -18.24
C LEU PA 76 -170.96 -45.79 -17.73
N LYS PA 77 -169.84 -45.22 -18.15
CA LYS PA 77 -169.48 -43.83 -17.82
C LYS PA 77 -170.59 -42.86 -18.21
N GLN PA 78 -171.19 -43.08 -19.37
CA GLN PA 78 -172.30 -42.26 -19.87
C GLN PA 78 -173.61 -42.59 -19.12
N MET PA 79 -173.79 -43.85 -18.72
CA MET PA 79 -174.94 -44.26 -17.93
C MET PA 79 -174.96 -43.61 -16.54
N ILE PA 80 -173.78 -43.40 -15.97
CA ILE PA 80 -173.65 -42.72 -14.68
C ILE PA 80 -174.10 -41.27 -14.77
N LYS PA 81 -173.61 -40.55 -15.79
CA LYS PA 81 -173.94 -39.14 -15.97
C LYS PA 81 -175.43 -38.87 -16.25
N ILE PA 82 -176.18 -39.93 -16.59
CA ILE PA 82 -177.64 -39.88 -16.74
C ILE PA 82 -178.38 -40.33 -15.47
N ASN PA 83 -177.80 -41.25 -14.70
CA ASN PA 83 -178.44 -41.79 -13.49
C ASN PA 83 -178.51 -40.83 -12.30
N PHE PA 84 -177.37 -40.29 -11.87
CA PHE PA 84 -177.32 -39.38 -10.70
C PHE PA 84 -177.97 -38.02 -10.98
N LYS PA 85 -177.86 -37.55 -12.22
CA LYS PA 85 -178.38 -36.25 -12.62
C LYS PA 85 -179.91 -36.29 -12.73
N LEU PA 86 -180.44 -37.43 -13.18
CA LEU PA 86 -181.90 -37.64 -13.25
C LEU PA 86 -182.39 -38.57 -12.14
N THR PA 87 -182.31 -38.08 -10.90
CA THR PA 87 -183.01 -38.63 -9.71
C THR PA 87 -182.55 -39.97 -9.12
N ASN PA 88 -182.14 -40.93 -9.96
CA ASN PA 88 -181.99 -42.32 -9.53
C ASN PA 88 -180.56 -42.68 -9.06
N PHE PA 89 -180.31 -42.51 -7.76
CA PHE PA 89 -179.00 -42.80 -7.14
C PHE PA 89 -178.79 -44.25 -6.70
N PRO PA 90 -179.85 -44.94 -6.20
CA PRO PA 90 -179.72 -46.38 -5.95
C PRO PA 90 -179.37 -47.17 -7.21
N GLU PA 91 -179.99 -46.82 -8.33
CA GLU PA 91 -179.69 -47.42 -9.63
C GLU PA 91 -178.27 -47.07 -10.09
N MET PA 92 -177.83 -45.86 -9.75
CA MET PA 92 -176.51 -45.38 -10.15
C MET PA 92 -175.37 -46.18 -9.51
N MET PA 93 -175.48 -46.42 -8.20
CA MET PA 93 -174.38 -47.05 -7.44
C MET PA 93 -174.07 -48.48 -7.91
N ASN PA 94 -175.05 -49.16 -8.47
CA ASN PA 94 -174.83 -50.46 -9.12
C ASN PA 94 -173.89 -50.32 -10.32
N ARG PA 95 -174.17 -49.33 -11.17
CA ARG PA 95 -173.37 -49.07 -12.36
C ARG PA 95 -172.03 -48.43 -11.98
N TYR PA 96 -172.03 -47.69 -10.86
CA TYR PA 96 -170.82 -47.03 -10.37
C TYR PA 96 -169.74 -48.05 -10.03
N LYS PA 97 -170.15 -49.13 -9.37
CA LYS PA 97 -169.22 -50.18 -8.95
C LYS PA 97 -168.89 -51.15 -10.10
N GLN PA 98 -169.73 -51.19 -11.12
CA GLN PA 98 -169.40 -51.87 -12.38
C GLN PA 98 -168.20 -51.20 -13.05
N LEU PA 99 -168.22 -49.87 -13.08
CA LEU PA 99 -167.12 -49.08 -13.66
C LEU PA 99 -165.79 -49.29 -12.97
N LEU PA 100 -165.83 -49.42 -11.65
CA LEU PA 100 -164.60 -49.54 -10.84
C LEU PA 100 -163.89 -50.88 -11.01
N THR PA 101 -164.53 -51.83 -11.69
CA THR PA 101 -163.87 -53.08 -12.07
C THR PA 101 -162.79 -52.82 -13.12
N TYR PA 102 -163.07 -51.91 -14.06
CA TYR PA 102 -162.12 -51.54 -15.11
C TYR PA 102 -161.09 -50.51 -14.61
N ILE PA 103 -160.16 -50.96 -13.78
CA ILE PA 103 -159.04 -50.13 -13.33
C ILE PA 103 -157.72 -50.89 -13.38
N ARG PA 104 -157.70 -52.09 -12.78
CA ARG PA 104 -156.55 -52.99 -12.91
C ARG PA 104 -156.44 -53.56 -14.32
N SER PA 105 -157.58 -53.70 -15.00
CA SER PA 105 -157.62 -54.13 -16.40
C SER PA 105 -158.49 -53.18 -17.22
N ALA PA 106 -158.39 -53.28 -18.54
CA ALA PA 106 -159.22 -52.53 -19.51
C ALA PA 106 -158.72 -51.10 -19.79
N VAL PA 107 -158.72 -50.25 -18.76
CA VAL PA 107 -158.40 -48.83 -18.92
C VAL PA 107 -157.19 -48.47 -18.07
N THR PA 108 -156.35 -47.56 -18.58
CA THR PA 108 -155.17 -47.08 -17.85
C THR PA 108 -155.59 -46.17 -16.71
N ARG PA 109 -154.70 -45.99 -15.74
CA ARG PA 109 -155.01 -45.19 -14.54
C ARG PA 109 -155.11 -43.69 -14.86
N ASN PA 110 -154.52 -43.27 -15.98
CA ASN PA 110 -154.56 -41.87 -16.40
C ASN PA 110 -155.98 -41.41 -16.74
N TYR PA 111 -156.62 -42.11 -17.67
CA TYR PA 111 -157.99 -41.79 -18.08
C TYR PA 111 -159.02 -42.16 -17.00
N SER PA 112 -158.79 -43.27 -16.30
CA SER PA 112 -159.71 -43.71 -15.24
C SER PA 112 -159.63 -42.83 -13.98
N GLU PA 113 -158.52 -42.10 -13.82
CA GLU PA 113 -158.38 -41.13 -12.72
C GLU PA 113 -159.31 -39.93 -12.93
N LYS PA 114 -159.29 -39.36 -14.12
CA LYS PA 114 -160.16 -38.24 -14.46
C LYS PA 114 -161.64 -38.62 -14.53
N SER PA 115 -161.93 -39.88 -14.81
CA SER PA 115 -163.31 -40.37 -14.92
C SER PA 115 -164.10 -40.24 -13.63
N ILE PA 116 -163.48 -40.64 -12.52
CA ILE PA 116 -164.11 -40.57 -11.20
C ILE PA 116 -163.99 -39.16 -10.60
N ASN PA 117 -162.95 -38.42 -11.00
CA ASN PA 117 -162.79 -37.01 -10.60
C ASN PA 117 -164.00 -36.16 -10.95
N SER PA 118 -164.31 -36.09 -12.24
CA SER PA 118 -165.40 -35.24 -12.74
C SER PA 118 -166.80 -35.76 -12.37
N ILE PA 119 -166.94 -37.08 -12.26
CA ILE PA 119 -168.22 -37.69 -11.82
C ILE PA 119 -168.48 -37.41 -10.34
N LEU PA 120 -167.43 -37.19 -9.56
CA LEU PA 120 -167.57 -36.71 -8.19
C LEU PA 120 -167.71 -35.18 -8.13
N ASP PA 121 -167.10 -34.46 -9.07
CA ASP PA 121 -167.28 -33.01 -9.19
C ASP PA 121 -168.72 -32.61 -9.50
N TYR PA 122 -169.40 -33.40 -10.33
CA TYR PA 122 -170.81 -33.17 -10.66
C TYR PA 122 -171.70 -33.42 -9.43
N ILE PA 123 -171.41 -34.50 -8.70
CA ILE PA 123 -172.21 -34.88 -7.53
C ILE PA 123 -171.83 -34.05 -6.29
N SER PA 124 -170.62 -33.50 -6.28
CA SER PA 124 -170.15 -32.64 -5.18
C SER PA 124 -170.94 -31.33 -5.12
N THR PA 125 -171.00 -30.64 -6.26
CA THR PA 125 -171.71 -29.36 -6.37
C THR PA 125 -173.23 -29.56 -6.38
N SER PA 126 -173.71 -30.63 -7.02
CA SER PA 126 -175.14 -30.90 -7.13
C SER PA 126 -175.73 -31.40 -5.79
N LYS PA 127 -175.58 -32.69 -5.50
CA LYS PA 127 -176.15 -33.26 -4.28
C LYS PA 127 -175.27 -32.96 -3.07
N GLN PA 128 -175.83 -33.22 -1.89
CA GLN PA 128 -175.20 -32.82 -0.64
C GLN PA 128 -174.28 -33.93 -0.11
N MET PA 129 -173.83 -33.76 1.13
CA MET PA 129 -173.04 -34.75 1.85
C MET PA 129 -173.67 -36.16 1.88
N ASP PA 130 -174.99 -36.21 2.07
CA ASP PA 130 -175.70 -37.48 2.27
C ASP PA 130 -175.81 -38.37 1.03
N LEU PA 131 -175.54 -37.82 -0.16
CA LEU PA 131 -175.41 -38.64 -1.39
C LEU PA 131 -174.00 -38.60 -1.98
N LEU PA 132 -173.12 -37.78 -1.43
CA LEU PA 132 -171.73 -37.67 -1.90
C LEU PA 132 -170.79 -38.62 -1.17
N GLN PA 133 -171.07 -38.90 0.10
CA GLN PA 133 -170.14 -39.63 0.96
C GLN PA 133 -170.13 -41.15 0.73
N GLU PA 134 -171.23 -41.70 0.23
CA GLU PA 134 -171.31 -43.14 -0.05
C GLU PA 134 -170.40 -43.53 -1.21
N PHE PA 135 -170.22 -42.60 -2.15
CA PHE PA 135 -169.39 -42.83 -3.33
C PHE PA 135 -167.90 -42.60 -3.03
N TYR PA 136 -167.59 -41.68 -2.11
CA TYR PA 136 -166.21 -41.48 -1.66
C TYR PA 136 -165.63 -42.72 -0.98
N GLU PA 137 -166.47 -43.38 -0.18
CA GLU PA 137 -166.08 -44.60 0.52
C GLU PA 137 -165.98 -45.79 -0.42
N THR PA 138 -167.04 -46.02 -1.21
CA THR PA 138 -167.08 -47.15 -2.14
C THR PA 138 -166.05 -47.05 -3.27
N THR PA 139 -165.52 -45.85 -3.51
CA THR PA 139 -164.39 -45.65 -4.42
C THR PA 139 -163.12 -46.25 -3.82
N LEU PA 140 -162.80 -45.84 -2.60
CA LEU PA 140 -161.61 -46.31 -1.89
C LEU PA 140 -161.61 -47.82 -1.65
N GLU PA 141 -162.79 -48.42 -1.56
CA GLU PA 141 -162.93 -49.88 -1.46
C GLU PA 141 -162.34 -50.58 -2.67
N ALA PA 142 -162.64 -50.06 -3.85
CA ALA PA 142 -162.06 -50.54 -5.10
C ALA PA 142 -160.58 -50.17 -5.21
N LEU PA 143 -160.22 -49.01 -4.68
CA LEU PA 143 -158.82 -48.56 -4.67
C LEU PA 143 -157.95 -49.24 -3.61
N LYS PA 144 -158.16 -50.53 -3.38
CA LYS PA 144 -157.20 -51.33 -2.61
C LYS PA 144 -155.94 -51.51 -3.45
N ASP PA 145 -155.22 -50.41 -3.64
CA ASP PA 145 -154.13 -50.33 -4.61
C ASP PA 145 -152.84 -49.84 -3.97
N ALA PA 146 -151.72 -50.36 -4.46
CA ALA PA 146 -150.39 -50.04 -3.94
C ALA PA 146 -149.67 -48.97 -4.78
N LYS PA 147 -149.74 -49.11 -6.11
CA LYS PA 147 -149.06 -48.19 -7.02
C LYS PA 147 -149.84 -46.88 -7.21
N ASN PA 148 -151.12 -46.87 -6.82
CA ASN PA 148 -151.89 -45.63 -6.71
C ASN PA 148 -151.38 -44.81 -5.52
N ASP PA 149 -150.65 -43.73 -5.81
CA ASP PA 149 -150.12 -42.85 -4.77
C ASP PA 149 -150.99 -41.59 -4.68
N ARG PA 150 -151.02 -40.81 -5.76
CA ARG PA 150 -151.85 -39.60 -5.83
C ARG PA 150 -153.30 -39.91 -6.21
N LEU PA 151 -153.54 -41.11 -6.77
CA LEU PA 151 -154.89 -41.59 -7.03
C LEU PA 151 -155.55 -42.02 -5.72
N TRP PA 152 -154.77 -42.74 -4.90
CA TRP PA 152 -155.21 -43.17 -3.57
C TRP PA 152 -155.30 -42.01 -2.57
N PHE PA 153 -154.29 -41.15 -2.57
CA PHE PA 153 -154.16 -40.06 -1.59
C PHE PA 153 -155.22 -38.96 -1.75
N LYS PA 154 -155.55 -38.60 -2.98
CA LYS PA 154 -156.47 -37.47 -3.24
C LYS PA 154 -157.94 -37.79 -2.96
N THR PA 155 -158.32 -39.06 -3.05
CA THR PA 155 -159.66 -39.50 -2.62
C THR PA 155 -159.73 -39.58 -1.09
N ASN PA 156 -158.64 -40.02 -0.49
CA ASN PA 156 -158.55 -40.19 0.96
C ASN PA 156 -158.39 -38.85 1.69
N THR PA 157 -157.73 -37.89 1.05
CA THR PA 157 -157.65 -36.52 1.56
C THR PA 157 -159.03 -35.86 1.57
N LYS PA 158 -159.81 -36.11 0.53
CA LYS PA 158 -161.15 -35.52 0.40
C LYS PA 158 -162.25 -36.32 1.12
N LEU PA 159 -161.92 -37.52 1.58
CA LEU PA 159 -162.78 -38.24 2.51
C LEU PA 159 -162.62 -37.66 3.92
N GLY PA 160 -161.43 -37.15 4.22
CA GLY PA 160 -161.14 -36.54 5.52
C GLY PA 160 -161.71 -35.15 5.74
N LYS PA 161 -162.32 -34.58 4.69
CA LYS PA 161 -162.98 -33.27 4.76
C LYS PA 161 -164.47 -33.40 5.10
N LEU PA 162 -165.12 -34.41 4.52
CA LEU PA 162 -166.54 -34.69 4.76
C LEU PA 162 -166.82 -35.14 6.20
N TYR PA 163 -165.85 -35.83 6.80
CA TYR PA 163 -165.98 -36.37 8.15
C TYR PA 163 -165.89 -35.29 9.24
N LEU PA 164 -165.38 -34.11 8.88
CA LEU PA 164 -165.35 -32.97 9.81
C LEU PA 164 -166.73 -32.29 9.93
N GLU PA 165 -167.41 -32.14 8.79
CA GLU PA 165 -168.80 -31.64 8.76
C GLU PA 165 -169.77 -32.62 9.42
N ARG PA 166 -169.51 -33.91 9.21
CA ARG PA 166 -170.32 -35.01 9.77
C ARG PA 166 -170.29 -35.06 11.31
N GLU PA 167 -169.17 -34.63 11.90
CA GLU PA 167 -168.86 -34.85 13.32
C GLU PA 167 -168.50 -36.32 13.55
N GLU PA 168 -167.76 -36.90 12.61
CA GLU PA 168 -167.36 -38.31 12.61
C GLU PA 168 -165.85 -38.40 12.86
N TYR PA 169 -165.46 -38.00 14.08
CA TYR PA 169 -164.04 -37.80 14.40
C TYR PA 169 -163.31 -39.13 14.66
N GLY PA 170 -164.05 -40.17 15.04
CA GLY PA 170 -163.47 -41.47 15.34
C GLY PA 170 -162.80 -42.10 14.13
N LYS PA 171 -163.58 -42.31 13.07
CA LYS PA 171 -163.05 -42.86 11.82
C LYS PA 171 -162.12 -41.88 11.11
N LEU PA 172 -162.33 -40.58 11.33
CA LEU PA 172 -161.50 -39.55 10.71
C LEU PA 172 -160.04 -39.66 11.13
N GLN PA 173 -159.79 -40.12 12.36
CA GLN PA 173 -158.42 -40.31 12.83
C GLN PA 173 -157.74 -41.48 12.11
N LYS PA 174 -158.49 -42.54 11.82
CA LYS PA 174 -157.96 -43.67 11.04
C LYS PA 174 -157.57 -43.23 9.63
N ILE PA 175 -158.37 -42.34 9.06
CA ILE PA 175 -158.10 -41.78 7.74
C ILE PA 175 -156.78 -40.98 7.78
N LEU PA 176 -156.62 -40.15 8.80
CA LEU PA 176 -155.40 -39.36 8.98
C LEU PA 176 -154.17 -40.22 9.33
N ARG PA 177 -154.39 -41.36 9.98
CA ARG PA 177 -153.30 -42.31 10.27
C ARG PA 177 -152.73 -42.95 9.00
N GLN PA 178 -153.62 -43.26 8.05
CA GLN PA 178 -153.19 -43.79 6.76
C GLN PA 178 -152.51 -42.71 5.92
N LEU PA 179 -153.09 -41.51 5.91
CA LEU PA 179 -152.54 -40.37 5.17
C LEU PA 179 -151.12 -40.01 5.65
N HIS PA 180 -150.96 -39.88 6.96
CA HIS PA 180 -149.65 -39.57 7.58
C HIS PA 180 -148.61 -40.65 7.28
N GLN PA 181 -149.04 -41.91 7.24
CA GLN PA 181 -148.16 -43.03 6.97
C GLN PA 181 -147.83 -43.22 5.48
N SER PA 182 -148.50 -42.45 4.61
CA SER PA 182 -148.19 -42.47 3.17
C SER PA 182 -146.83 -41.82 2.88
N CYS PA 183 -146.54 -40.73 3.58
CA CYS PA 183 -145.26 -40.03 3.44
C CYS PA 183 -144.20 -40.57 4.41
N GLN PA 184 -144.55 -40.60 5.69
CA GLN PA 184 -143.65 -41.10 6.75
C GLN PA 184 -143.97 -42.55 7.09
N THR PA 196 -144.52 -31.61 0.80
CA THR PA 196 -145.42 -31.38 -0.32
C THR PA 196 -146.89 -31.69 0.01
N GLN PA 197 -147.17 -32.95 0.30
CA GLN PA 197 -148.55 -33.43 0.50
C GLN PA 197 -148.92 -33.41 1.97
N LEU PA 198 -146.31 -33.77 3.03
CA LEU PA 198 -146.78 -33.94 4.39
C LEU PA 198 -147.50 -32.72 5.01
N LEU PA 199 -147.41 -31.54 4.40
CA LEU PA 199 -148.06 -30.33 4.94
C LEU PA 199 -149.58 -30.40 4.86
N GLU PA 200 -150.11 -30.77 3.70
CA GLU PA 200 -151.55 -30.88 3.50
C GLU PA 200 -152.23 -31.96 4.36
N ILE PA 201 -151.42 -32.86 4.93
CA ILE PA 201 -151.90 -33.81 5.94
C ILE PA 201 -151.99 -33.10 7.30
N TYR PA 202 -150.95 -32.36 7.66
CA TYR PA 202 -150.92 -31.56 8.90
C TYR PA 202 -151.96 -30.43 8.90
N ALA PA 203 -152.42 -30.03 7.71
CA ALA PA 203 -153.51 -29.06 7.57
C ALA PA 203 -154.81 -29.63 8.14
N LEU PA 204 -155.11 -30.87 7.78
CA LEU PA 204 -156.32 -31.57 8.26
C LEU PA 204 -156.23 -32.02 9.72
N GLU PA 205 -155.01 -32.19 10.23
CA GLU PA 205 -154.80 -32.52 11.65
C GLU PA 205 -155.03 -31.29 12.55
N ILE PA 206 -154.54 -30.14 12.10
CA ILE PA 206 -154.76 -28.87 12.80
C ILE PA 206 -156.21 -28.40 12.69
N GLN PA 207 -156.91 -28.85 11.64
CA GLN PA 207 -158.32 -28.49 11.42
C GLN PA 207 -159.29 -29.30 12.31
N MET PA 208 -158.92 -30.54 12.64
CA MET PA 208 -159.74 -31.39 13.52
C MET PA 208 -159.62 -30.97 14.97
N TYR PA 209 -158.39 -30.71 15.42
CA TYR PA 209 -158.13 -30.30 16.81
C TYR PA 209 -158.46 -28.84 17.11
N THR PA 210 -158.68 -28.03 16.07
CA THR PA 210 -159.24 -26.68 16.23
C THR PA 210 -160.74 -26.75 16.57
N ALA PA 211 -161.41 -27.81 16.09
CA ALA PA 211 -162.81 -28.09 16.43
C ALA PA 211 -162.94 -28.79 17.79
N GLN PA 212 -161.88 -29.50 18.19
CA GLN PA 212 -161.87 -30.32 19.41
C GLN PA 212 -161.43 -29.52 20.65
N LYS PA 213 -160.52 -28.55 20.43
CA LYS PA 213 -159.87 -27.76 21.50
C LYS PA 213 -158.80 -28.57 22.25
N ASN PA 214 -157.87 -29.17 21.50
CA ASN PA 214 -156.73 -29.86 22.07
C ASN PA 214 -155.47 -29.03 21.83
N ASN PA 215 -155.18 -28.16 22.79
CA ASN PA 215 -154.06 -27.23 22.68
C ASN PA 215 -152.70 -27.86 22.95
N LYS PA 216 -152.71 -29.01 23.62
CA LYS PA 216 -151.48 -29.72 23.97
C LYS PA 216 -150.87 -30.42 22.76
N LYS PA 217 -151.74 -30.89 21.85
CA LYS PA 217 -151.30 -31.51 20.60
C LYS PA 217 -151.11 -30.47 19.50
N LEU PA 218 -152.06 -29.53 19.39
CA LEU PA 218 -151.99 -28.46 18.39
C LEU PA 218 -150.65 -27.70 18.45
N LYS PA 219 -150.17 -27.43 19.67
CA LYS PA 219 -148.89 -26.75 19.85
C LYS PA 219 -147.74 -27.60 19.32
N ALA PA 220 -147.79 -28.90 19.57
CA ALA PA 220 -146.81 -29.84 19.02
C ALA PA 220 -146.94 -29.96 17.50
N LEU PA 221 -148.17 -29.93 16.99
CA LEU PA 221 -148.43 -30.05 15.55
C LEU PA 221 -147.95 -28.85 14.74
N TYR PA 222 -148.20 -27.63 15.23
CA TYR PA 222 -147.79 -26.41 14.53
C TYR PA 222 -146.27 -26.28 14.48
N GLU PA 223 -145.61 -26.56 15.60
CA GLU PA 223 -144.14 -26.54 15.69
C GLU PA 223 -143.51 -27.52 14.70
N GLN PA 224 -144.18 -28.65 14.47
CA GLN PA 224 -143.72 -29.68 13.53
C GLN PA 224 -144.14 -29.39 12.09
N SER PA 225 -145.16 -28.56 11.91
CA SER PA 225 -145.60 -28.13 10.57
C SER PA 225 -144.93 -26.81 10.12
N LEU PA 226 -143.83 -26.44 10.76
CA LEU PA 226 -142.97 -25.34 10.28
C LEU PA 226 -141.65 -25.85 9.71
N HIS PA 227 -141.31 -27.11 10.01
CA HIS PA 227 -140.14 -27.77 9.41
C HIS PA 227 -140.54 -28.44 8.09
N ILE PA 228 -141.80 -28.85 8.01
CA ILE PA 228 -142.39 -29.43 6.80
C ILE PA 228 -142.87 -28.32 5.85
N LYS PA 229 -143.03 -27.11 6.39
CA LYS PA 229 -143.42 -25.92 5.61
C LYS PA 229 -142.33 -25.48 4.62
N SER PA 230 -141.11 -25.97 4.81
CA SER PA 230 -139.99 -25.66 3.93
C SER PA 230 -140.03 -26.49 2.64
N ALA PA 231 -139.94 -27.82 2.76
CA ALA PA 231 -139.88 -28.73 1.61
C ALA PA 231 -141.27 -28.98 1.01
N ILE PA 232 -141.75 -28.00 0.23
CA ILE PA 232 -143.10 -28.05 -0.35
C ILE PA 232 -143.27 -26.94 -1.41
N PRO PA 233 -144.07 -27.21 -2.46
CA PRO PA 233 -144.62 -26.15 -3.30
C PRO PA 233 -145.49 -25.16 -2.48
N HIS PA 234 -146.53 -24.58 -3.08
CA HIS PA 234 -147.26 -23.50 -2.42
C HIS PA 234 -148.78 -23.53 -2.67
N PRO PA 235 -149.56 -24.01 -1.67
CA PRO PA 235 -151.02 -23.94 -1.71
C PRO PA 235 -151.61 -22.92 -0.74
N LEU PA 236 -152.94 -22.85 -0.72
CA LEU PA 236 -153.67 -22.07 0.29
C LEU PA 236 -153.39 -22.62 1.69
N ILE PA 237 -153.29 -23.94 1.79
CA ILE PA 237 -153.04 -24.64 3.06
C ILE PA 237 -151.89 -24.03 3.90
N MET PA 238 -150.88 -23.44 3.26
CA MET PA 238 -149.78 -22.78 3.99
C MET PA 238 -150.21 -21.57 4.85
N GLY PA 239 -151.47 -21.14 4.71
CA GLY PA 239 -152.07 -20.14 5.61
C GLY PA 239 -153.06 -20.73 6.60
N VAL PA 240 -153.55 -21.94 6.34
CA VAL PA 240 -154.48 -22.63 7.24
C VAL PA 240 -153.79 -23.04 8.54
N ILE PA 241 -152.49 -23.35 8.46
CA ILE PA 241 -151.71 -23.73 9.64
C ILE PA 241 -151.15 -22.51 10.39
N ARG PA 242 -150.92 -21.42 9.67
CA ARG PA 242 -150.35 -20.21 10.26
C ARG PA 242 -151.36 -19.45 11.13
N GLU PA 243 -152.62 -19.45 10.70
CA GLU PA 243 -153.70 -18.83 11.45
C GLU PA 243 -153.99 -19.62 12.75
N CYS PA 244 -154.02 -20.95 12.65
CA CYS PA 244 -154.19 -21.81 13.83
C CYS PA 244 -152.94 -21.84 14.73
N GLY PA 245 -151.77 -21.59 14.13
CA GLY PA 245 -150.52 -21.51 14.87
C GLY PA 245 -150.37 -20.22 15.67
N GLY PA 246 -150.88 -19.12 15.11
CA GLY PA 246 -150.93 -17.85 15.81
C GLY PA 246 -151.85 -17.90 17.02
N LYS PA 247 -152.89 -18.72 16.94
CA LYS PA 247 -153.84 -18.93 18.04
C LYS PA 247 -153.22 -19.57 19.28
N MET PA 248 -152.13 -20.32 19.09
CA MET PA 248 -151.39 -20.91 20.21
C MET PA 248 -150.20 -20.03 20.63
N HIS PA 249 -150.22 -18.77 20.22
CA HIS PA 249 -149.34 -17.74 20.77
C HIS PA 249 -150.13 -16.57 21.37
N LEU PA 250 -151.42 -16.47 21.04
CA LEU PA 250 -152.36 -15.61 21.78
C LEU PA 250 -152.72 -16.30 23.10
N ARG PA 251 -153.10 -17.57 22.98
CA ARG PA 251 -153.42 -18.40 24.14
C ARG PA 251 -152.24 -18.45 25.10
N GLU PA 252 -151.05 -18.71 24.54
CA GLU PA 252 -149.81 -18.83 25.31
C GLU PA 252 -149.41 -17.50 25.96
N GLY PA 253 -149.79 -16.39 25.31
CA GLY PA 253 -149.57 -15.06 25.86
C GLY PA 253 -148.65 -14.22 24.98
N GLU PA 254 -147.60 -14.85 24.46
CA GLU PA 254 -146.61 -14.15 23.64
C GLU PA 254 -147.24 -13.67 22.33
N PHE PA 255 -147.82 -12.47 22.38
CA PHE PA 255 -148.58 -11.92 21.25
C PHE PA 255 -147.70 -11.49 20.08
N GLU PA 256 -146.40 -11.39 20.30
CA GLU PA 256 -145.46 -11.08 19.22
C GLU PA 256 -145.31 -12.25 18.23
N LYS PA 257 -145.59 -13.46 18.69
CA LYS PA 257 -145.54 -14.67 17.85
C LYS PA 257 -146.91 -15.08 17.28
N ALA PA 258 -147.95 -14.32 17.63
CA ALA PA 258 -149.28 -14.47 17.03
C ALA PA 258 -149.49 -13.37 15.99
N HIS PA 259 -149.22 -12.14 16.39
CA HIS PA 259 -149.24 -10.97 15.50
C HIS PA 259 -148.72 -11.26 14.09
N THR PA 260 -147.46 -11.68 13.99
CA THR PA 260 -146.85 -11.98 12.69
C THR PA 260 -147.45 -13.22 12.01
N ASP PA 261 -147.93 -14.17 12.81
CA ASP PA 261 -148.61 -15.37 12.29
C ASP PA 261 -149.90 -15.04 11.54
N PHE PA 262 -150.66 -14.07 12.06
CA PHE PA 262 -151.95 -13.69 11.46
C PHE PA 262 -151.82 -12.76 10.26
N PHE PA 263 -150.64 -12.18 10.05
CA PHE PA 263 -150.37 -11.37 8.86
C PHE PA 263 -150.13 -12.26 7.65
N GLU PA 264 -149.40 -13.35 7.85
CA GLU PA 264 -149.07 -14.30 6.78
C GLU PA 264 -150.26 -15.14 6.37
N ALA PA 265 -151.09 -15.53 7.36
CA ALA PA 265 -152.30 -16.30 7.10
C ALA PA 265 -153.36 -15.46 6.38
N PHE PA 266 -153.44 -14.17 6.74
CA PHE PA 266 -154.32 -13.22 6.05
C PHE PA 266 -153.94 -13.06 4.58
N LYS PA 267 -152.64 -13.09 4.29
CA LYS PA 267 -152.14 -12.96 2.92
C LYS PA 267 -152.44 -14.18 2.03
N ASN PA 268 -152.53 -15.36 2.62
CA ASN PA 268 -152.91 -16.58 1.88
C ASN PA 268 -154.40 -16.62 1.51
N TYR PA 269 -155.25 -16.01 2.33
CA TYR PA 269 -156.67 -15.87 2.00
C TYR PA 269 -156.88 -14.70 1.03
N ASP PA 270 -155.92 -13.78 1.01
CA ASP PA 270 -155.93 -12.64 0.07
C ASP PA 270 -155.73 -13.09 -1.38
N GLU PA 271 -154.87 -14.09 -1.58
CA GLU PA 271 -154.58 -14.60 -2.93
C GLU PA 271 -155.73 -15.47 -3.44
N SER PA 272 -156.10 -16.46 -2.63
CA SER PA 272 -157.14 -17.44 -3.00
C SER PA 272 -158.47 -17.09 -2.30
N GLY PA 273 -159.16 -18.10 -1.77
CA GLY PA 273 -160.45 -17.90 -1.13
C GLY PA 273 -160.36 -17.13 0.17
N SER PA 274 -161.44 -16.43 0.51
CA SER PA 274 -161.46 -15.56 1.68
C SER PA 274 -162.67 -15.81 2.59
N PRO PA 275 -162.82 -17.06 3.08
CA PRO PA 275 -163.81 -17.32 4.14
C PRO PA 275 -163.28 -16.89 5.51
N ARG PA 276 -161.98 -17.01 5.71
CA ARG PA 276 -161.33 -16.61 6.96
C ARG PA 276 -160.70 -15.21 6.89
N ARG PA 277 -160.53 -14.66 5.69
CA ARG PA 277 -159.93 -13.33 5.51
C ARG PA 277 -160.73 -12.25 6.25
N THR PA 278 -162.06 -12.38 6.26
CA THR PA 278 -162.95 -11.45 6.96
C THR PA 278 -162.85 -11.57 8.48
N THR PA 279 -162.49 -12.74 8.99
CA THR PA 279 -162.28 -12.95 10.43
C THR PA 279 -160.80 -13.13 10.83
N CYS PA 280 -159.90 -13.22 9.86
CA CYS PA 280 -158.47 -13.34 10.12
C CYS PA 280 -157.88 -11.99 10.48
N LEU PA 281 -158.41 -10.93 9.86
CA LEU PA 281 -158.01 -9.57 10.19
C LEU PA 281 -158.41 -9.19 11.62
N LYS PA 282 -159.48 -9.81 12.14
CA LYS PA 282 -159.87 -9.63 13.53
C LYS PA 282 -158.77 -10.06 14.50
N TYR PA 283 -157.97 -11.05 14.11
CA TYR PA 283 -156.88 -11.55 14.94
C TYR PA 283 -155.55 -10.81 14.69
N LEU PA 284 -155.42 -10.19 13.51
CA LEU PA 284 -154.27 -9.33 13.22
C LEU PA 284 -154.37 -8.00 13.97
N VAL PA 285 -155.59 -7.45 14.06
CA VAL PA 285 -155.85 -6.22 14.80
C VAL PA 285 -155.83 -6.47 16.31
N LEU PA 286 -156.52 -7.53 16.73
CA LEU PA 286 -156.55 -7.95 18.15
C LEU PA 286 -155.13 -8.17 18.69
N ALA PA 287 -154.22 -8.64 17.84
CA ALA PA 287 -152.82 -8.78 18.19
C ALA PA 287 -152.19 -7.41 18.45
N ASN PA 288 -152.29 -6.51 17.48
CA ASN PA 288 -151.66 -5.19 17.55
C ASN PA 288 -152.06 -4.35 18.76
N MET PA 289 -153.32 -4.47 19.19
CA MET PA 289 -153.79 -3.80 20.41
C MET PA 289 -153.21 -4.49 21.63
N LEU PA 290 -153.41 -5.80 21.73
CA LEU PA 290 -152.90 -6.61 22.85
C LEU PA 290 -151.38 -6.76 22.82
N MET PA 291 -150.77 -6.46 21.67
CA MET PA 291 -149.31 -6.35 21.57
C MET PA 291 -148.84 -5.17 22.43
N LYS PA 292 -149.76 -4.24 22.72
CA LYS PA 292 -149.55 -3.15 23.68
C LYS PA 292 -148.45 -2.20 23.18
N SER PA 293 -148.55 -1.86 21.89
CA SER PA 293 -147.50 -1.12 21.19
C SER PA 293 -147.88 -0.88 19.73
N GLY PA 294 -148.34 -1.94 19.06
CA GLY PA 294 -148.72 -1.89 17.64
C GLY PA 294 -149.58 -0.71 17.25
N ILE PA 295 -150.85 -0.74 17.66
CA ILE PA 295 -151.84 0.32 17.39
C ILE PA 295 -151.74 0.95 15.97
N ASN PA 296 -151.35 0.14 14.98
CA ASN PA 296 -151.17 0.59 13.59
C ASN PA 296 -151.53 -0.53 12.59
N PRO PA 297 -152.81 -0.92 12.54
CA PRO PA 297 -153.21 -2.07 11.71
C PRO PA 297 -153.49 -1.77 10.24
N PHE PA 298 -154.43 -0.86 9.98
CA PHE PA 298 -154.94 -0.62 8.62
C PHE PA 298 -153.99 0.21 7.75
N ASP PA 299 -152.91 0.69 8.35
CA ASP PA 299 -151.87 1.43 7.63
C ASP PA 299 -150.81 0.49 7.05
N SER PA 300 -151.01 -0.82 7.18
CA SER PA 300 -149.99 -1.81 6.79
C SER PA 300 -149.86 -1.94 5.27
N GLN PA 301 -150.60 -2.87 4.66
CA GLN PA 301 -150.45 -3.18 3.23
C GLN PA 301 -151.76 -3.70 2.64
N GLU PA 302 -152.11 -4.96 2.95
CA GLU PA 302 -153.30 -5.61 2.42
C GLU PA 302 -154.57 -5.26 3.21
N ALA PA 303 -154.39 -4.62 4.37
CA ALA PA 303 -155.52 -4.19 5.19
C ALA PA 303 -156.03 -2.78 4.83
N LYS PA 304 -155.43 -2.16 3.80
CA LYS PA 304 -155.83 -0.82 3.38
C LYS PA 304 -157.19 -0.77 2.66
N PRO PA 305 -157.40 -1.62 1.63
CA PRO PA 305 -158.70 -1.59 0.93
C PRO PA 305 -159.80 -2.41 1.62
N TYR PA 306 -159.44 -3.22 2.61
CA TYR PA 306 -160.42 -4.02 3.35
C TYR PA 306 -160.64 -3.51 4.78
N LYS PA 307 -160.07 -2.36 5.11
CA LYS PA 307 -160.40 -1.67 6.36
C LYS PA 307 -161.83 -1.14 6.29
N ASN PA 308 -162.28 -0.86 5.08
CA ASN PA 308 -163.63 -0.38 4.81
C ASN PA 308 -164.67 -1.48 5.06
N ASP PA 309 -164.33 -2.70 4.63
CA ASP PA 309 -165.16 -3.89 4.81
C ASP PA 309 -166.09 -3.76 6.03
N PRO PA 310 -167.41 -3.81 5.82
CA PRO PA 310 -168.37 -3.55 6.90
C PRO PA 310 -168.50 -4.66 7.97
N GLU PA 311 -167.76 -5.76 7.82
CA GLU PA 311 -167.69 -6.81 8.83
C GLU PA 311 -166.68 -6.44 9.92
N ILE PA 312 -165.46 -6.12 9.49
CA ILE PA 312 -164.36 -5.77 10.40
C ILE PA 312 -164.34 -4.30 10.83
N LEU PA 313 -165.31 -3.50 10.35
CA LEU PA 313 -165.41 -2.10 10.71
C LEU PA 313 -165.82 -1.91 12.18
N ALA PA 314 -166.29 -2.98 12.81
CA ALA PA 314 -166.51 -3.01 14.25
C ALA PA 314 -165.19 -2.90 15.03
N MET PA 315 -164.11 -3.45 14.45
CA MET PA 315 -162.77 -3.41 15.06
C MET PA 315 -161.99 -2.13 14.70
N THR PA 316 -162.37 -1.47 13.61
CA THR PA 316 -161.76 -0.20 13.22
C THR PA 316 -162.12 0.92 14.21
N ASN PA 317 -163.32 0.85 14.77
CA ASN PA 317 -163.75 1.79 15.82
C ASN PA 317 -163.01 1.59 17.15
N LEU PA 318 -162.56 0.37 17.40
CA LEU PA 318 -161.90 0.03 18.65
C LEU PA 318 -160.40 0.36 18.66
N VAL PA 319 -159.74 0.21 17.51
CA VAL PA 319 -158.29 0.45 17.45
C VAL PA 319 -157.93 1.91 17.73
N SER PA 320 -158.74 2.83 17.23
CA SER PA 320 -158.56 4.25 17.52
C SER PA 320 -159.06 4.60 18.93
N ALA PA 321 -160.09 3.90 19.40
CA ALA PA 321 -160.58 4.05 20.77
C ALA PA 321 -159.56 3.53 21.79
N TYR PA 322 -158.83 2.47 21.41
CA TYR PA 322 -157.71 1.95 22.19
C TYR PA 322 -156.52 2.90 22.14
N GLN PA 323 -156.20 3.37 20.93
CA GLN PA 323 -155.09 4.29 20.71
C GLN PA 323 -155.28 5.61 21.45
N ASN PA 324 -156.50 6.16 21.36
CA ASN PA 324 -156.85 7.43 22.04
C ASN PA 324 -157.24 7.26 23.51
N ASN PA 325 -157.38 6.01 23.96
CA ASN PA 325 -157.71 5.69 25.35
C ASN PA 325 -159.08 6.22 25.77
N ASP PA 326 -160.07 6.01 24.92
CA ASP PA 326 -161.43 6.41 25.20
C ASP PA 326 -162.23 5.17 25.56
N ILE PA 327 -162.66 5.07 26.83
CA ILE PA 327 -163.33 3.88 27.34
C ILE PA 327 -164.83 3.90 27.07
N THR PA 328 -165.48 5.02 27.39
CA THR PA 328 -166.91 5.18 27.14
C THR PA 328 -167.24 4.94 25.66
N GLU PA 329 -166.32 5.30 24.78
CA GLU PA 329 -166.43 5.00 23.35
C GLU PA 329 -166.20 3.51 23.07
N PHE PA 330 -165.13 2.97 23.68
CA PHE PA 330 -164.77 1.56 23.51
C PHE PA 330 -165.91 0.63 23.93
N GLU PA 331 -166.50 0.89 25.09
CA GLU PA 331 -167.55 0.04 25.65
C GLU PA 331 -168.90 0.21 24.94
N LYS PA 332 -169.11 1.36 24.31
CA LYS PA 332 -170.29 1.58 23.48
C LYS PA 332 -170.24 0.70 22.23
N ILE PA 333 -169.05 0.50 21.69
CA ILE PA 333 -168.85 -0.34 20.52
C ILE PA 333 -169.10 -1.81 20.87
N LEU PA 334 -168.80 -2.20 22.11
CA LEU PA 334 -169.04 -3.56 22.58
C LEU PA 334 -170.52 -3.85 22.78
N LYS PA 335 -171.28 -2.84 23.20
CA LYS PA 335 -172.71 -2.98 23.44
C LYS PA 335 -173.51 -3.05 22.13
N THR PA 336 -173.22 -2.13 21.21
CA THR PA 336 -173.91 -2.06 19.92
C THR PA 336 -173.48 -3.23 19.02
N ASN PA 337 -172.18 -3.28 18.72
CA ASN PA 337 -171.62 -4.41 17.98
C ASN PA 337 -171.26 -5.53 18.95
N HIS PA 338 -172.30 -6.19 19.45
CA HIS PA 338 -172.16 -7.30 20.38
C HIS PA 338 -171.99 -8.61 19.61
N SER PA 339 -172.82 -8.78 18.57
CA SER PA 339 -172.75 -9.95 17.70
C SER PA 339 -171.40 -10.07 16.99
N ASN PA 340 -170.84 -8.94 16.57
CA ASN PA 340 -169.55 -8.91 15.87
C ASN PA 340 -168.38 -9.36 16.73
N ILE PA 341 -168.29 -8.81 17.94
CA ILE PA 341 -167.12 -8.98 18.80
C ILE PA 341 -167.33 -10.03 19.87
N MET PA 342 -168.39 -9.88 20.66
CA MET PA 342 -168.60 -10.72 21.86
C MET PA 342 -169.13 -12.14 21.58
N ASP PA 343 -169.37 -12.48 20.32
CA ASP PA 343 -169.73 -13.85 19.96
C ASP PA 343 -168.49 -14.69 19.60
N ASP PA 344 -167.44 -14.02 19.13
CA ASP PA 344 -166.18 -14.68 18.80
C ASP PA 344 -165.46 -15.05 20.10
N PRO PA 345 -165.15 -16.35 20.30
CA PRO PA 345 -164.54 -16.79 21.56
C PRO PA 345 -163.07 -16.42 21.72
N PHE PA 346 -162.41 -16.01 20.63
CA PHE PA 346 -161.03 -15.53 20.69
C PHE PA 346 -160.91 -14.02 20.97
N ILE PA 347 -162.02 -13.30 20.87
CA ILE PA 347 -162.09 -11.90 21.30
C ILE PA 347 -162.81 -11.78 22.65
N ARG PA 348 -163.69 -12.74 22.93
CA ARG PA 348 -164.41 -12.80 24.21
C ARG PA 348 -163.48 -13.14 25.39
N GLU PA 349 -162.39 -13.86 25.12
CA GLU PA 349 -161.39 -14.21 26.14
C GLU PA 349 -160.57 -12.99 26.58
N HIS PA 350 -159.96 -12.32 25.60
CA HIS PA 350 -159.01 -11.23 25.87
C HIS PA 350 -159.66 -9.85 25.96
N ILE PA 351 -160.99 -9.80 26.12
CA ILE PA 351 -161.72 -8.52 26.20
C ILE PA 351 -161.34 -7.69 27.42
N GLU PA 352 -161.20 -8.35 28.58
CA GLU PA 352 -160.95 -7.65 29.83
C GLU PA 352 -159.50 -7.24 30.00
N GLU PA 353 -158.57 -8.11 29.61
CA GLU PA 353 -157.14 -7.77 29.62
C GLU PA 353 -156.89 -6.54 28.75
N LEU PA 354 -157.63 -6.43 27.65
CA LEU PA 354 -157.56 -5.27 26.77
C LEU PA 354 -158.17 -4.03 27.43
N LEU PA 355 -159.28 -4.22 28.14
CA LEU PA 355 -159.96 -3.12 28.83
C LEU PA 355 -159.10 -2.54 29.96
N ARG PA 356 -158.41 -3.41 30.70
CA ARG PA 356 -157.44 -2.97 31.71
C ARG PA 356 -156.37 -2.06 31.13
N ASN PA 357 -155.65 -2.59 30.13
CA ASN PA 357 -154.53 -1.87 29.48
C ASN PA 357 -154.87 -0.40 29.21
N ILE PA 358 -156.13 -0.14 28.91
CA ILE PA 358 -156.62 1.23 28.74
C ILE PA 358 -156.92 1.84 30.12
N ARG PA 359 -157.78 1.15 30.89
CA ARG PA 359 -158.22 1.65 32.20
C ARG PA 359 -157.11 2.28 33.02
N THR PA 360 -156.00 1.55 33.10
CA THR PA 360 -154.81 2.03 33.78
C THR PA 360 -154.28 3.28 33.09
N GLN PA 361 -154.08 3.15 31.77
CA GLN PA 361 -153.58 4.25 30.95
C GLN PA 361 -154.33 5.54 31.26
N VAL PA 362 -155.66 5.45 31.32
CA VAL PA 362 -156.51 6.60 31.62
C VAL PA 362 -156.23 7.12 33.01
N LEU PA 363 -156.18 6.22 33.98
CA LEU PA 363 -156.01 6.60 35.37
C LEU PA 363 -154.71 7.37 35.61
N ILE PA 364 -153.64 6.99 34.91
CA ILE PA 364 -152.34 7.66 35.06
C ILE PA 364 -152.45 9.16 34.82
N LYS PA 365 -153.14 9.53 33.74
CA LYS PA 365 -153.32 10.92 33.36
C LYS PA 365 -154.21 11.66 34.37
N LEU PA 366 -155.27 10.98 34.83
CA LEU PA 366 -156.19 11.55 35.81
C LEU PA 366 -155.49 11.93 37.12
N ILE PA 367 -154.70 11.00 37.64
CA ILE PA 367 -154.04 11.19 38.95
C ILE PA 367 -152.86 12.16 38.90
N LYS PA 368 -152.14 12.17 37.78
CA LYS PA 368 -150.92 12.98 37.62
C LYS PA 368 -150.97 14.34 38.35
N PRO PA 369 -151.98 15.17 38.05
CA PRO PA 369 -152.08 16.47 38.72
C PRO PA 369 -152.38 16.37 40.22
N TYR PA 370 -153.17 15.38 40.62
CA TYR PA 370 -153.51 15.18 42.03
C TYR PA 370 -152.29 14.76 42.84
N THR PA 371 -152.35 15.02 44.14
CA THR PA 371 -151.49 14.35 45.12
C THR PA 371 -152.34 13.42 45.99
N ARG PA 372 -153.51 13.90 46.39
CA ARG PA 372 -154.44 13.11 47.21
C ARG PA 372 -155.81 13.09 46.56
N ILE PA 373 -156.42 11.91 46.52
CA ILE PA 373 -157.62 11.70 45.72
C ILE PA 373 -158.53 10.61 46.32
N HIS PA 374 -159.84 10.83 46.24
CA HIS PA 374 -160.84 9.86 46.71
C HIS PA 374 -160.91 8.66 45.78
N ILE PA 375 -161.12 7.47 46.37
CA ILE PA 375 -161.41 6.27 45.60
C ILE PA 375 -162.83 6.32 45.01
N PRO PA 376 -163.83 6.76 45.82
CA PRO PA 376 -165.17 6.92 45.27
C PRO PA 376 -165.25 7.73 43.97
N PHE PA 377 -164.41 8.76 43.84
CA PHE PA 377 -164.38 9.58 42.62
C PHE PA 377 -163.77 8.82 41.46
N ILE PA 378 -162.67 8.13 41.72
CA ILE PA 378 -162.01 7.32 40.69
C ILE PA 378 -162.96 6.21 40.25
N SER PA 379 -163.70 5.66 41.21
CA SER PA 379 -164.76 4.67 40.93
C SER PA 379 -165.74 5.17 39.87
N LYS PA 380 -166.34 6.32 40.13
CA LYS PA 380 -167.26 6.94 39.18
C LYS PA 380 -166.58 7.28 37.86
N GLU PA 381 -165.36 7.80 37.93
CA GLU PA 381 -164.63 8.27 36.74
C GLU PA 381 -164.36 7.15 35.75
N LEU PA 382 -163.68 6.09 36.19
CA LEU PA 382 -163.47 4.90 35.36
C LEU PA 382 -164.75 4.07 35.24
N ASN PA 383 -165.71 4.35 36.12
CA ASN PA 383 -167.05 3.75 36.07
C ASN PA 383 -166.96 2.25 36.37
N ILE PA 384 -166.90 1.94 37.65
CA ILE PA 384 -166.46 0.63 38.11
C ILE PA 384 -166.64 0.52 39.62
N ASP PA 385 -166.82 -0.70 40.12
CA ASP PA 385 -166.96 -0.93 41.57
C ASP PA 385 -165.69 -0.55 42.34
N VAL PA 386 -165.88 0.01 43.53
CA VAL PA 386 -164.77 0.53 44.34
C VAL PA 386 -163.71 -0.53 44.60
N ALA PA 387 -164.14 -1.69 45.09
CA ALA PA 387 -163.23 -2.78 45.38
C ALA PA 387 -162.34 -3.09 44.18
N ASP PA 388 -162.95 -3.20 43.00
CA ASP PA 388 -162.21 -3.50 41.76
C ASP PA 388 -161.18 -2.42 41.45
N VAL PA 389 -161.52 -1.17 41.72
CA VAL PA 389 -160.57 -0.07 41.54
C VAL PA 389 -159.42 -0.24 42.52
N GLU PA 390 -159.77 -0.34 43.80
CA GLU PA 390 -158.79 -0.50 44.87
C GLU PA 390 -157.79 -1.60 44.49
N SER PA 391 -158.32 -2.72 44.01
CA SER PA 391 -157.49 -3.83 43.55
C SER PA 391 -156.57 -3.39 42.43
N LEU PA 392 -157.16 -2.86 41.36
CA LEU PA 392 -156.37 -2.48 40.18
C LEU PA 392 -155.25 -1.51 40.53
N LEU PA 393 -155.55 -0.56 41.42
CA LEU PA 393 -154.55 0.39 41.90
C LEU PA 393 -153.30 -0.31 42.42
N VAL PA 394 -153.50 -1.30 43.28
CA VAL PA 394 -152.39 -2.03 43.92
C VAL PA 394 -151.45 -2.62 42.88
N GLN PA 395 -152.03 -3.17 41.82
CA GLN PA 395 -151.24 -3.91 40.82
C GLN PA 395 -150.25 -2.99 40.14
N CYS PA 396 -150.73 -1.81 39.75
CA CYS PA 396 -149.90 -0.77 39.17
C CYS PA 396 -148.75 -0.42 40.11
N ILE PA 397 -149.07 -0.32 41.40
CA ILE PA 397 -148.07 -0.01 42.41
C ILE PA 397 -147.12 -1.18 42.61
N LEU PA 398 -147.66 -2.39 42.58
CA LEU PA 398 -146.84 -3.60 42.73
C LEU PA 398 -145.78 -3.68 41.65
N ASP PA 399 -146.22 -3.58 40.40
CA ASP PA 399 -145.30 -3.58 39.26
C ASP PA 399 -144.55 -2.25 39.16
N ASN PA 400 -145.06 -1.25 39.87
CA ASN PA 400 -144.37 0.02 40.09
C ASN PA 400 -144.45 0.94 38.87
N THR PA 401 -145.69 1.22 38.45
CA THR PA 401 -145.97 2.19 37.40
C THR PA 401 -146.58 3.43 38.03
N ILE PA 402 -147.69 3.26 38.75
CA ILE PA 402 -148.26 4.34 39.55
C ILE PA 402 -147.41 4.52 40.80
N HIS PA 403 -146.83 5.71 40.96
CA HIS PA 403 -146.10 6.06 42.18
C HIS PA 403 -147.10 6.57 43.21
N GLY PA 404 -147.56 5.67 44.09
CA GLY PA 404 -148.58 6.04 45.08
C GLY PA 404 -148.82 4.96 46.12
N ARG PA 405 -149.57 5.32 47.17
CA ARG PA 405 -149.92 4.39 48.23
C ARG PA 405 -151.31 4.66 48.77
N ILE PA 406 -151.95 3.62 49.28
CA ILE PA 406 -153.37 3.63 49.63
C ILE PA 406 -153.64 3.70 51.14
N ASP PA 407 -154.47 4.65 51.55
CA ASP PA 407 -155.02 4.66 52.90
C ASP PA 407 -156.37 3.96 52.86
N GLN PA 408 -156.36 2.68 53.24
CA GLN PA 408 -157.55 1.84 53.15
C GLN PA 408 -158.68 2.32 54.04
N VAL PA 409 -158.34 2.87 55.20
CA VAL PA 409 -159.33 3.34 56.16
C VAL PA 409 -160.10 4.55 55.63
N ASN PA 410 -159.41 5.43 54.93
CA ASN PA 410 -160.01 6.68 54.43
C ASN PA 410 -160.50 6.62 52.99
N GLN PA 411 -160.34 5.47 52.33
CA GLN PA 411 -160.81 5.27 50.96
C GLN PA 411 -160.30 6.36 50.03
N LEU PA 412 -158.97 6.41 49.87
CA LEU PA 412 -158.33 7.46 49.09
C LEU PA 412 -157.04 6.96 48.48
N LEU PA 413 -156.27 7.88 47.88
CA LEU PA 413 -154.94 7.55 47.40
C LEU PA 413 -154.01 8.76 47.49
N GLU PA 414 -153.19 8.79 48.54
CA GLU PA 414 -152.08 9.74 48.63
C GLU PA 414 -151.04 9.31 47.59
N LEU PA 415 -150.50 10.28 46.86
CA LEU PA 415 -149.60 9.99 45.75
C LEU PA 415 -148.19 10.45 46.03
N ASP PA 416 -147.23 9.66 45.57
CA ASP PA 416 -145.83 10.01 45.69
C ASP PA 416 -145.63 11.32 44.97
N HIS PA 417 -144.82 12.20 45.55
CA HIS PA 417 -144.62 13.55 45.04
C HIS PA 417 -143.71 14.33 45.97
N GLN PA 418 -143.96 14.20 47.28
CA GLN PA 418 -143.19 14.89 48.30
C GLN PA 418 -141.69 14.75 48.04
N LYS PA 419 -141.15 15.70 47.27
CA LYS PA 419 -139.77 15.66 46.78
C LYS PA 419 -138.99 16.81 47.38
N ARG PA 420 -137.82 16.48 47.92
CA ARG PA 420 -136.93 17.47 48.53
C ARG PA 420 -135.48 17.03 48.39
N GLY PA 421 -134.57 17.82 48.95
CA GLY PA 421 -133.14 17.49 48.91
C GLY PA 421 -132.79 16.26 49.70
N GLY PA 422 -133.04 15.09 49.11
CA GLY PA 422 -132.67 13.81 49.72
C GLY PA 422 -131.21 13.46 49.50
N ALA PA 423 -130.55 14.17 48.58
CA ALA PA 423 -129.15 13.94 48.25
C ALA PA 423 -128.20 14.35 49.38
N ARG PA 424 -128.31 15.60 49.82
CA ARG PA 424 -127.48 16.14 50.91
C ARG PA 424 -127.35 15.18 52.08
N TYR PA 425 -128.49 14.68 52.57
CA TYR PA 425 -128.53 13.86 53.78
C TYR PA 425 -127.93 12.46 53.54
N THR PA 426 -128.28 11.84 52.42
CA THR PA 426 -127.75 10.54 52.04
C THR PA 426 -126.25 10.57 51.74
N ALA PA 427 -125.81 11.63 51.08
CA ALA PA 427 -124.39 11.80 50.74
C ALA PA 427 -123.57 11.99 52.01
N LEU PA 428 -124.00 12.92 52.86
CA LEU PA 428 -123.36 13.17 54.16
C LEU PA 428 -123.37 11.92 55.05
N ASP PA 429 -124.43 11.13 54.94
CA ASP PA 429 -124.54 9.84 55.65
C ASP PA 429 -123.29 8.98 55.44
N LYS PA 430 -122.85 8.90 54.19
CA LYS PA 430 -121.66 8.13 53.82
C LYS PA 430 -120.40 8.71 54.46
N TRP PA 431 -120.20 10.01 54.29
CA TRP PA 431 -119.06 10.72 54.88
C TRP PA 431 -119.02 10.53 56.38
N THR PA 432 -120.19 10.54 57.02
CA THR PA 432 -120.30 10.29 58.46
C THR PA 432 -119.83 8.88 58.79
N ASN PA 433 -120.21 7.91 57.95
CA ASN PA 433 -119.81 6.52 58.17
C ASN PA 433 -118.30 6.28 57.99
N GLN PA 434 -117.72 6.88 56.95
CA GLN PA 434 -116.28 6.71 56.69
C GLN PA 434 -115.41 7.26 57.81
N LEU PA 435 -115.79 8.42 58.33
CA LEU PA 435 -115.11 9.02 59.48
C LEU PA 435 -115.17 8.12 60.71
N ASN PA 436 -116.32 7.45 60.92
CA ASN PA 436 -116.49 6.52 62.03
C ASN PA 436 -115.47 5.40 62.00
N SER PA 437 -115.37 4.73 60.84
CA SER PA 437 -114.40 3.66 60.65
C SER PA 437 -112.95 4.19 60.54
N LEU PA 438 -112.80 5.44 60.07
CA LEU PA 438 -111.48 6.05 59.92
C LEU PA 438 -110.79 6.36 61.25
N ASN PA 439 -111.47 7.11 62.12
CA ASN PA 439 -110.87 7.56 63.38
C ASN PA 439 -110.47 6.40 64.29
N GLN PA 440 -111.24 5.31 64.26
CA GLN PA 440 -110.91 4.11 65.02
C GLN PA 440 -109.65 3.42 64.49
N ALA PA 441 -109.43 3.53 63.18
CA ALA PA 441 -108.20 3.01 62.56
C ALA PA 441 -106.97 3.82 62.95
N VAL PA 442 -107.16 5.10 63.27
CA VAL PA 442 -106.09 5.95 63.76
C VAL PA 442 -105.84 5.73 65.26
N VAL PA 443 -106.90 5.36 66.00
CA VAL PA 443 -106.78 5.01 67.42
C VAL PA 443 -106.09 3.65 67.60
N SER PA 444 -106.44 2.68 66.75
CA SER PA 444 -105.85 1.33 66.82
C SER PA 444 -104.40 1.30 66.34
N LYS PA 445 -103.94 2.37 65.69
CA LYS PA 445 -102.52 2.58 65.43
C LYS PA 445 -101.77 2.81 66.74
N LEU PA 446 -102.15 3.86 67.47
CA LEU PA 446 -101.55 4.20 68.76
C LEU PA 446 -102.15 3.38 69.90
N ALA PA 447 -101.46 2.29 70.25
CA ALA PA 447 -101.91 1.36 71.30
C ALA PA 447 -103.18 0.61 70.91
N SER QA 7 -76.92 19.29 119.60
CA SER QA 7 -75.88 20.17 118.98
C SER QA 7 -75.94 20.18 117.44
N ALA QA 8 -76.35 19.07 116.84
CA ALA QA 8 -76.41 18.95 115.37
C ALA QA 8 -77.75 19.39 114.77
N LEU QA 9 -78.85 19.15 115.48
CA LEU QA 9 -80.21 19.43 114.96
C LEU QA 9 -80.56 20.91 114.84
N GLU QA 10 -79.83 21.79 115.53
CA GLU QA 10 -80.10 23.22 115.50
C GLU QA 10 -79.24 23.98 114.47
N GLN QA 11 -78.48 23.25 113.64
CA GLN QA 11 -77.50 23.86 112.75
C GLN QA 11 -78.05 24.09 111.33
N PHE QA 12 -78.67 23.07 110.75
CA PHE QA 12 -79.12 23.11 109.36
C PHE QA 12 -80.55 23.66 109.17
N VAL QA 13 -81.04 24.42 110.14
CA VAL QA 13 -82.25 25.23 109.99
C VAL QA 13 -81.87 26.50 109.23
N ASN QA 14 -80.61 26.91 109.38
CA ASN QA 14 -80.07 28.08 108.68
C ASN QA 14 -79.61 27.74 107.26
N SER QA 15 -79.25 26.48 107.02
CA SER QA 15 -78.81 26.03 105.70
C SER QA 15 -79.94 26.04 104.66
N VAL QA 16 -81.19 25.93 105.13
CA VAL QA 16 -82.36 26.00 104.26
C VAL QA 16 -82.64 27.45 103.85
N ARG QA 17 -82.53 28.36 104.83
CA ARG QA 17 -82.77 29.78 104.60
C ARG QA 17 -81.68 30.45 103.74
N GLN QA 18 -80.46 29.92 103.82
CA GLN QA 18 -79.35 30.43 103.01
C GLN QA 18 -79.50 30.04 101.54
N LEU QA 19 -79.96 28.82 101.28
CA LEU QA 19 -80.30 28.38 99.92
C LEU QA 19 -81.55 29.09 99.41
N SER QA 20 -82.49 29.38 100.31
CA SER QA 20 -83.69 30.14 99.95
C SER QA 20 -83.31 31.56 99.54
N ALA QA 21 -84.06 32.11 98.58
CA ALA QA 21 -83.73 33.39 97.95
C ALA QA 21 -82.35 33.36 97.28
N GLN QA 22 -82.16 32.40 96.38
CA GLN QA 22 -80.93 32.26 95.59
C GLN QA 22 -81.24 31.80 94.16
N GLY QA 23 -80.21 31.77 93.33
CA GLY QA 23 -80.32 31.25 91.97
C GLY QA 23 -80.45 29.74 91.92
N GLN QA 24 -79.86 29.05 92.91
CA GLN QA 24 -79.91 27.59 92.99
C GLN QA 24 -80.39 27.10 94.37
N MET QA 25 -81.35 26.19 94.35
CA MET QA 25 -81.81 25.49 95.55
C MET QA 25 -81.65 23.97 95.37
N THR QA 26 -80.80 23.57 94.42
CA THR QA 26 -80.61 22.15 94.11
C THR QA 26 -79.81 21.40 95.18
N GLN QA 27 -79.20 22.15 96.10
CA GLN QA 27 -78.56 21.56 97.26
C GLN QA 27 -79.56 21.32 98.39
N LEU QA 28 -80.70 22.01 98.33
CA LEU QA 28 -81.82 21.76 99.24
C LEU QA 28 -82.51 20.43 98.89
N CYS QA 29 -82.33 19.96 97.65
CA CYS QA 29 -82.83 18.66 97.23
C CYS QA 29 -82.09 17.49 97.90
N GLU QA 30 -80.90 17.77 98.44
CA GLU QA 30 -80.13 16.77 99.17
C GLU QA 30 -80.29 16.88 100.69
N LEU QA 31 -80.66 18.06 101.20
CA LEU QA 31 -80.95 18.24 102.63
C LEU QA 31 -82.26 17.56 103.05
N ILE QA 32 -83.30 17.67 102.21
CA ILE QA 32 -84.61 17.05 102.47
C ILE QA 32 -84.54 15.52 102.35
N ASN QA 33 -83.65 15.02 101.50
CA ASN QA 33 -83.46 13.57 101.30
C ASN QA 33 -82.63 12.93 102.41
N LYS QA 34 -81.70 13.68 103.00
CA LYS QA 34 -80.83 13.16 104.06
C LYS QA 34 -81.57 13.08 105.40
N SER QA 35 -81.90 14.23 105.97
CA SER QA 35 -82.68 14.32 107.23
C SER QA 35 -81.90 13.91 108.49
N GLY QA 36 -81.23 12.76 108.45
CA GLY QA 36 -80.56 12.20 109.61
C GLY QA 36 -81.32 11.02 110.21
N GLU QA 37 -82.36 10.55 109.51
CA GLU QA 37 -83.21 9.44 109.94
C GLU QA 37 -83.90 9.68 111.29
N LEU QA 38 -83.18 9.48 112.39
CA LEU QA 38 -83.74 9.64 113.73
C LEU QA 38 -83.83 11.12 114.12
N LEU QA 39 -84.81 11.83 113.56
CA LEU QA 39 -85.05 13.24 113.89
C LEU QA 39 -85.76 13.31 115.23
N ALA QA 40 -85.18 14.05 116.16
CA ALA QA 40 -85.70 14.11 117.52
C ALA QA 40 -87.06 14.82 117.60
N LYS QA 41 -87.69 14.69 118.75
CA LYS QA 41 -88.89 15.46 119.10
C LYS QA 41 -88.72 16.98 118.96
N ASN QA 42 -87.49 17.43 118.70
CA ASN QA 42 -87.14 18.85 118.72
C ASN QA 42 -87.63 19.67 117.51
N LEU QA 43 -88.02 19.01 116.43
CA LEU QA 43 -88.43 19.71 115.20
C LEU QA 43 -89.76 20.48 115.34
N SER QA 44 -90.52 20.19 116.39
CA SER QA 44 -91.71 20.98 116.73
C SER QA 44 -91.38 22.45 117.01
N HIS QA 45 -90.27 22.67 117.71
CA HIS QA 45 -89.78 24.02 118.00
C HIS QA 45 -89.30 24.71 116.73
N LEU QA 46 -88.44 24.02 115.98
CA LEU QA 46 -87.76 24.61 114.81
C LEU QA 46 -88.70 25.07 113.70
N ASP QA 47 -89.97 24.65 113.76
CA ASP QA 47 -90.97 25.06 112.77
C ASP QA 47 -91.71 26.35 113.16
N THR QA 48 -91.37 26.93 114.31
CA THR QA 48 -92.03 28.17 114.77
C THR QA 48 -91.23 29.44 114.39
N VAL QA 49 -89.91 29.39 114.56
CA VAL QA 49 -89.04 30.51 114.16
C VAL QA 49 -88.52 30.17 112.77
N LEU QA 50 -89.41 30.28 111.79
CA LEU QA 50 -89.16 29.72 110.46
C LEU QA 50 -89.83 30.48 109.30
N GLY QA 51 -91.14 30.68 109.39
CA GLY QA 51 -91.91 31.35 108.32
C GLY QA 51 -91.37 32.72 107.94
N ALA QA 52 -90.33 32.74 107.11
CA ALA QA 52 -89.63 33.97 106.72
C ALA QA 52 -90.04 34.44 105.32
N LEU QA 53 -89.62 33.70 104.28
CA LEU QA 53 -89.98 34.03 102.90
C LEU QA 53 -91.40 33.52 102.65
N ASP QA 54 -91.59 32.23 102.86
CA ASP QA 54 -92.93 31.63 102.98
C ASP QA 54 -92.82 30.22 103.55
N VAL QA 55 -92.11 30.11 104.68
CA VAL QA 55 -91.92 28.84 105.41
C VAL QA 55 -90.98 27.83 104.71
N GLN QA 56 -90.57 28.11 103.47
CA GLN QA 56 -89.62 27.27 102.72
C GLN QA 56 -90.07 25.80 102.54
N GLU QA 57 -89.19 24.99 101.95
CA GLU QA 57 -89.39 23.54 101.88
C GLU QA 57 -88.97 22.86 103.19
N HIS QA 58 -88.61 23.67 104.19
CA HIS QA 58 -88.33 23.21 105.56
C HIS QA 58 -89.54 22.48 106.13
N SER QA 59 -90.70 23.12 106.06
CA SER QA 59 -91.95 22.54 106.56
C SER QA 59 -92.21 21.14 105.99
N LEU QA 60 -91.85 20.93 104.72
CA LEU QA 60 -92.03 19.64 104.06
C LEU QA 60 -91.13 18.55 104.64
N GLY QA 61 -89.87 18.89 104.89
CA GLY QA 61 -88.95 17.96 105.54
C GLY QA 61 -89.41 17.56 106.94
N VAL QA 62 -90.02 18.50 107.66
CA VAL QA 62 -90.53 18.26 109.01
C VAL QA 62 -91.77 17.39 108.98
N LEU QA 63 -92.78 17.82 108.21
CA LEU QA 63 -94.06 17.12 108.14
C LEU QA 63 -93.97 15.67 107.63
N ALA QA 64 -92.99 15.40 106.77
CA ALA QA 64 -92.77 14.05 106.25
C ALA QA 64 -92.40 13.06 107.35
N VAL QA 65 -91.61 13.51 108.32
CA VAL QA 65 -91.16 12.67 109.43
C VAL QA 65 -92.27 12.45 110.46
N LEU QA 66 -93.09 13.47 110.71
CA LEU QA 66 -94.19 13.39 111.68
C LEU QA 66 -95.20 12.29 111.35
N PHE QA 67 -95.68 12.31 110.10
CA PHE QA 67 -96.73 11.37 109.67
C PHE QA 67 -96.19 9.96 109.36
N VAL QA 68 -94.87 9.85 109.17
CA VAL QA 68 -94.23 8.54 108.97
C VAL QA 68 -93.59 8.05 110.28
N LYS QA 69 -94.13 8.49 111.41
CA LYS QA 69 -93.84 7.88 112.71
C LYS QA 69 -94.49 6.50 112.79
N PHE QA 70 -95.71 6.40 112.26
CA PHE QA 70 -96.54 5.19 112.37
C PHE QA 70 -96.63 4.72 113.84
N SER QA 71 -96.68 5.69 114.75
CA SER QA 71 -96.57 5.43 116.18
C SER QA 71 -96.84 6.71 116.97
N MET QA 72 -98.05 6.83 117.50
CA MET QA 72 -98.47 8.01 118.27
C MET QA 72 -98.33 9.27 117.41
N PRO QA 73 -99.38 9.62 116.64
CA PRO QA 73 -99.27 10.65 115.61
C PRO QA 73 -98.45 11.86 116.05
N SER QA 74 -98.86 12.47 117.15
CA SER QA 74 -98.12 13.54 117.80
C SER QA 74 -98.73 13.69 119.18
N VAL QA 75 -98.84 12.55 119.88
CA VAL QA 75 -99.78 12.35 121.00
C VAL QA 75 -101.22 12.66 120.53
N PRO QA 76 -102.23 12.43 121.38
CA PRO QA 76 -103.63 12.73 120.96
C PRO QA 76 -103.90 14.17 120.51
N ASP QA 77 -102.93 15.07 120.68
CA ASP QA 77 -102.95 16.38 120.03
C ASP QA 77 -102.67 16.21 118.54
N PHE QA 78 -103.61 15.59 117.83
CA PHE QA 78 -103.55 15.48 116.38
C PHE QA 78 -104.31 16.65 115.75
N GLU QA 79 -105.01 17.42 116.59
CA GLU QA 79 -105.54 18.74 116.20
C GLU QA 79 -104.42 19.75 116.02
N THR QA 80 -103.35 19.61 116.81
CA THR QA 80 -102.13 20.39 116.61
C THR QA 80 -101.42 19.90 115.34
N LEU QA 81 -101.47 18.59 115.11
CA LEU QA 81 -100.89 17.98 113.91
C LEU QA 81 -101.64 18.32 112.62
N PHE QA 82 -102.96 18.51 112.70
CA PHE QA 82 -103.75 18.88 111.51
C PHE QA 82 -103.66 20.36 111.21
N SER QA 83 -103.88 21.20 112.22
CA SER QA 83 -103.76 22.65 112.06
C SER QA 83 -102.35 23.07 111.62
N GLN QA 84 -101.37 22.18 111.85
CA GLN QA 84 -100.01 22.34 111.32
C GLN QA 84 -100.01 22.18 109.80
N VAL QA 85 -100.59 21.08 109.31
CA VAL QA 85 -100.67 20.81 107.88
C VAL QA 85 -101.69 21.72 107.19
N GLN QA 86 -102.71 22.15 107.95
CA GLN QA 86 -103.79 23.00 107.42
C GLN QA 86 -103.27 24.32 106.85
N LEU QA 87 -102.40 24.99 107.59
CA LEU QA 87 -101.85 26.29 107.16
C LEU QA 87 -100.79 26.15 106.06
N PHE QA 88 -100.02 25.06 106.09
CA PHE QA 88 -98.99 24.78 105.08
C PHE QA 88 -99.59 24.58 103.69
N ILE QA 89 -100.69 23.84 103.63
CA ILE QA 89 -101.35 23.52 102.37
C ILE QA 89 -102.17 24.72 101.83
N SER QA 90 -102.61 25.61 102.71
CA SER QA 90 -103.52 26.69 102.34
C SER QA 90 -102.90 27.78 101.45
N THR QA 91 -102.44 28.88 102.05
CA THR QA 91 -101.93 30.03 101.31
C THR QA 91 -100.40 30.18 101.40
N CYS QA 92 -99.75 29.26 102.12
CA CYS QA 92 -98.29 29.20 102.14
C CYS QA 92 -97.77 28.69 100.80
N ASN QA 93 -98.39 27.62 100.30
CA ASN QA 93 -98.06 26.96 99.02
C ASN QA 93 -96.57 26.86 98.64
N GLY QA 94 -95.90 28.01 98.48
CA GLY QA 94 -94.53 28.05 98.00
C GLY QA 94 -94.50 28.26 96.50
N GLU QA 95 -93.81 27.37 95.80
CA GLU QA 95 -93.60 27.50 94.35
C GLU QA 95 -92.86 26.27 93.83
N HIS QA 96 -91.74 25.95 94.51
CA HIS QA 96 -90.91 24.80 94.16
C HIS QA 96 -91.40 23.50 94.82
N ILE QA 97 -92.71 23.40 95.04
CA ILE QA 97 -93.33 22.16 95.49
C ILE QA 97 -93.26 21.15 94.34
N ARG QA 98 -93.32 21.68 93.12
CA ARG QA 98 -93.18 20.89 91.89
C ARG QA 98 -91.91 20.04 91.86
N TYR QA 99 -90.80 20.60 92.35
CA TYR QA 99 -89.49 19.94 92.28
C TYR QA 99 -89.17 19.13 93.53
N ALA QA 100 -90.17 18.92 94.38
CA ALA QA 100 -90.06 18.05 95.52
C ALA QA 100 -91.41 17.40 95.80
N THR QA 101 -91.88 16.61 94.83
CA THR QA 101 -93.08 15.78 95.02
C THR QA 101 -92.72 14.40 95.57
N ASP QA 102 -91.45 14.21 95.90
CA ASP QA 102 -90.97 12.97 96.51
C ASP QA 102 -91.68 12.73 97.83
N THR QA 103 -91.58 13.70 98.74
CA THR QA 103 -92.24 13.63 100.05
C THR QA 103 -93.57 14.43 100.10
N PHE QA 104 -93.85 15.23 99.07
CA PHE QA 104 -95.10 15.99 99.01
C PHE QA 104 -96.26 15.12 98.54
N ALA QA 105 -95.97 14.20 97.62
CA ALA QA 105 -96.92 13.14 97.28
C ALA QA 105 -97.17 12.29 98.52
N GLY QA 106 -96.10 11.96 99.24
CA GLY QA 106 -96.17 11.19 100.49
C GLY QA 106 -96.83 11.91 101.66
N LEU QA 107 -96.78 13.24 101.67
CA LEU QA 107 -97.47 14.03 102.70
C LEU QA 107 -98.99 13.87 102.61
N CYS QA 108 -99.50 13.84 101.38
CA CYS QA 108 -100.94 13.69 101.14
C CYS QA 108 -101.40 12.23 101.28
N HIS QA 109 -100.49 11.29 101.08
CA HIS QA 109 -100.80 9.85 101.26
C HIS QA 109 -101.00 9.48 102.72
N GLN QA 110 -100.11 9.95 103.58
CA GLN QA 110 -100.16 9.62 105.00
C GLN QA 110 -101.28 10.39 105.71
N LEU QA 111 -101.47 11.65 105.35
CA LEU QA 111 -102.60 12.45 105.85
C LEU QA 111 -103.93 11.79 105.50
N THR QA 112 -103.98 11.19 104.32
CA THR QA 112 -105.16 10.45 103.87
C THR QA 112 -105.32 9.16 104.67
N ASN QA 113 -104.35 8.25 104.54
CA ASN QA 113 -104.40 6.93 105.20
C ASN QA 113 -104.86 6.97 106.66
N ALA QA 114 -104.45 8.00 107.38
CA ALA QA 114 -104.85 8.21 108.78
C ALA QA 114 -106.32 8.62 108.88
N LEU QA 115 -106.68 9.73 108.23
CA LEU QA 115 -108.05 10.26 108.25
C LEU QA 115 -109.10 9.24 107.84
N VAL QA 116 -108.74 8.34 106.92
CA VAL QA 116 -109.62 7.25 106.48
C VAL QA 116 -110.04 6.39 107.66
N GLU QA 117 -109.05 5.81 108.33
CA GLU QA 117 -109.31 4.89 109.45
C GLU QA 117 -109.59 5.60 110.77
N ARG QA 118 -109.36 6.92 110.83
CA ARG QA 118 -109.65 7.71 112.03
C ARG QA 118 -111.16 7.78 112.30
N LYS QA 119 -111.85 8.75 111.70
CA LYS QA 119 -113.30 8.89 111.83
C LYS QA 119 -113.89 9.24 110.46
N GLN QA 120 -113.54 10.43 109.97
CA GLN QA 120 -114.00 10.90 108.67
C GLN QA 120 -113.18 12.12 108.24
N PRO QA 121 -112.82 12.21 106.95
CA PRO QA 121 -112.26 13.43 106.39
C PRO QA 121 -113.30 14.21 105.59
N LEU QA 122 -114.01 15.11 106.25
CA LEU QA 122 -114.87 16.08 105.56
C LEU QA 122 -114.13 17.41 105.44
N ARG QA 123 -113.31 17.74 106.44
CA ARG QA 123 -112.32 18.81 106.30
C ARG QA 123 -111.13 18.32 105.45
N GLY QA 124 -110.76 17.06 105.62
CA GLY QA 124 -109.63 16.46 104.91
C GLY QA 124 -109.70 16.57 103.40
N ILE QA 125 -110.92 16.66 102.87
CA ILE QA 125 -111.13 16.87 101.43
C ILE QA 125 -110.76 18.29 101.04
N GLY QA 126 -111.29 19.26 101.80
CA GLY QA 126 -111.04 20.68 101.55
C GLY QA 126 -109.57 21.04 101.48
N ILE QA 127 -108.77 20.45 102.36
CA ILE QA 127 -107.32 20.68 102.39
C ILE QA 127 -106.65 20.11 101.13
N LEU QA 128 -107.05 18.90 100.74
CA LEU QA 128 -106.38 18.18 99.65
C LEU QA 128 -106.63 18.80 98.27
N LYS QA 129 -107.62 19.68 98.15
CA LYS QA 129 -107.89 20.38 96.89
C LYS QA 129 -106.75 21.31 96.50
N GLN QA 130 -106.42 22.25 97.37
CA GLN QA 130 -105.34 23.20 97.10
C GLN QA 130 -103.97 22.56 96.97
N ALA QA 131 -103.81 21.37 97.55
CA ALA QA 131 -102.57 20.61 97.42
C ALA QA 131 -102.28 20.22 95.96
N ILE QA 132 -103.32 20.05 95.18
CA ILE QA 132 -103.20 19.70 93.77
C ILE QA 132 -102.82 20.91 92.92
N ASP QA 133 -103.27 22.10 93.33
CA ASP QA 133 -103.31 23.28 92.44
C ASP QA 133 -101.97 23.96 92.11
N LYS QA 134 -101.02 23.94 93.05
CA LYS QA 134 -99.66 24.46 92.75
C LYS QA 134 -98.68 23.32 92.45
N MET QA 135 -99.16 22.09 92.51
CA MET QA 135 -98.40 20.92 92.10
C MET QA 135 -98.54 20.74 90.59
N GLN QA 136 -99.79 20.68 90.11
CA GLN QA 136 -100.07 20.67 88.69
C GLN QA 136 -100.12 22.10 88.20
N MET QA 137 -99.60 22.34 87.00
CA MET QA 137 -99.43 23.69 86.50
C MET QA 137 -100.67 24.18 85.76
N ASN QA 138 -100.89 23.68 84.53
CA ASN QA 138 -101.87 24.26 83.61
C ASN QA 138 -103.12 23.39 83.41
N THR QA 139 -103.04 22.45 82.47
CA THR QA 139 -104.23 21.76 81.96
C THR QA 139 -104.60 20.53 82.79
N ASN QA 140 -104.34 20.60 84.10
CA ASN QA 140 -104.45 19.47 85.01
C ASN QA 140 -103.49 18.33 84.64
N GLN QA 141 -102.78 17.83 85.64
CA GLN QA 141 -101.77 16.79 85.44
C GLN QA 141 -101.99 15.70 86.47
N LEU QA 142 -102.18 14.46 86.00
CA LEU QA 142 -102.61 13.34 86.84
C LEU QA 142 -101.59 12.95 87.91
N THR QA 143 -101.67 13.63 89.06
CA THR QA 143 -100.83 13.28 90.21
C THR QA 143 -101.52 12.27 91.14
N SER QA 144 -100.73 11.74 92.06
CA SER QA 144 -101.21 10.76 93.03
C SER QA 144 -102.26 11.34 93.98
N ILE QA 145 -102.24 12.65 94.16
CA ILE QA 145 -103.21 13.33 95.05
C ILE QA 145 -104.65 13.21 94.53
N HIS QA 146 -104.84 13.17 93.21
CA HIS QA 146 -106.16 12.96 92.65
C HIS QA 146 -106.75 11.63 93.10
N ALA QA 147 -105.93 10.60 93.11
CA ALA QA 147 -106.34 9.28 93.59
C ALA QA 147 -106.82 9.32 95.05
N ASP QA 148 -106.10 10.04 95.90
CA ASP QA 148 -106.44 10.17 97.32
C ASP QA 148 -107.69 11.03 97.53
N LEU QA 149 -107.73 12.20 96.88
CA LEU QA 149 -108.87 13.11 96.98
C LEU QA 149 -110.20 12.39 96.79
N CYS QA 150 -110.20 11.42 95.89
CA CYS QA 150 -111.38 10.58 95.66
C CYS QA 150 -111.61 9.62 96.83
N GLN QA 151 -110.54 8.96 97.26
CA GLN QA 151 -110.62 8.02 98.38
C GLN QA 151 -111.24 8.66 99.62
N LEU QA 152 -110.89 9.93 99.87
CA LEU QA 152 -111.46 10.69 100.99
C LEU QA 152 -112.94 10.94 100.77
N CYS QA 153 -113.27 11.57 99.65
CA CYS QA 153 -114.63 12.01 99.37
C CYS QA 153 -115.55 10.87 98.91
N LEU QA 154 -115.00 9.68 98.71
CA LEU QA 154 -115.80 8.47 98.53
C LEU QA 154 -116.32 8.02 99.89
N LEU QA 155 -115.40 7.84 100.82
CA LEU QA 155 -115.71 7.31 102.15
C LEU QA 155 -116.49 8.34 102.96
N ALA QA 156 -115.94 9.56 103.04
CA ALA QA 156 -116.71 10.69 103.53
C ALA QA 156 -117.76 10.98 102.47
N LYS QA 157 -119.02 10.63 102.76
CA LYS QA 157 -120.08 10.59 101.74
C LYS QA 157 -120.39 11.98 101.20
N CYS QA 158 -119.45 12.52 100.42
CA CYS QA 158 -119.55 13.88 99.89
C CYS QA 158 -118.75 13.96 98.59
N PHE QA 159 -119.41 13.58 97.49
CA PHE QA 159 -118.75 13.48 96.18
C PHE QA 159 -118.73 14.82 95.44
N LYS QA 160 -119.41 15.81 96.00
CA LYS QA 160 -119.55 17.14 95.41
C LYS QA 160 -118.24 17.82 94.97
N PRO QA 161 -117.25 17.89 95.88
CA PRO QA 161 -116.10 18.77 95.64
C PRO QA 161 -115.02 18.21 94.70
N ALA QA 162 -114.95 16.89 94.55
CA ALA QA 162 -113.92 16.27 93.72
C ALA QA 162 -114.26 16.34 92.22
N LEU QA 163 -115.53 16.63 91.91
CA LEU QA 163 -115.99 16.68 90.53
C LEU QA 163 -115.31 17.72 89.65
N PRO QA 164 -115.04 18.93 90.19
CA PRO QA 164 -114.21 19.90 89.49
C PRO QA 164 -112.95 19.31 88.82
N TYR QA 165 -112.33 18.34 89.47
CA TYR QA 165 -111.14 17.66 88.92
C TYR QA 165 -111.49 16.40 88.12
N LEU QA 166 -112.57 15.70 88.50
CA LEU QA 166 -113.04 14.54 87.74
C LEU QA 166 -113.59 14.90 86.36
N ASP QA 167 -114.10 16.13 86.20
CA ASP QA 167 -114.68 16.59 84.93
C ASP QA 167 -113.65 16.70 83.81
N VAL QA 168 -112.44 17.17 84.14
CA VAL QA 168 -111.37 17.29 83.16
C VAL QA 168 -110.63 15.95 83.05
N ASP QA 169 -110.46 15.46 81.83
CA ASP QA 169 -109.67 14.26 81.57
C ASP QA 169 -108.20 14.63 81.37
N MET QA 170 -107.55 14.92 82.48
CA MET QA 170 -106.16 15.35 82.53
C MET QA 170 -105.19 14.40 81.83
N MET QA 171 -104.46 14.91 80.83
CA MET QA 171 -103.33 14.18 80.26
C MET QA 171 -102.08 14.52 81.06
N ASP QA 172 -100.99 13.81 80.77
CA ASP QA 172 -99.68 14.04 81.39
C ASP QA 172 -99.65 13.64 82.87
N ILE QA 173 -99.00 12.51 83.16
CA ILE QA 173 -98.87 12.00 84.53
C ILE QA 173 -97.76 12.75 85.28
N CYS QA 174 -98.13 13.38 86.40
CA CYS QA 174 -97.17 14.07 87.27
C CYS QA 174 -96.32 13.07 88.05
N LYS QA 175 -95.07 12.96 87.67
CA LYS QA 175 -94.12 12.07 88.34
C LYS QA 175 -93.24 12.91 89.27
N GLU QA 176 -92.13 13.45 88.76
CA GLU QA 176 -91.20 14.29 89.52
C GLU QA 176 -90.59 13.57 90.73
N ASN QA 177 -89.33 13.12 90.58
CA ASN QA 177 -88.66 12.28 91.56
C ASN QA 177 -89.38 10.93 91.72
N GLY QA 178 -89.80 10.36 90.59
CA GLY QA 178 -90.66 9.18 90.57
C GLY QA 178 -92.06 9.55 91.03
N ALA QA 179 -92.23 9.60 92.35
CA ALA QA 179 -93.48 10.05 93.01
C ALA QA 179 -94.78 9.72 92.25
N TYR QA 180 -94.86 8.50 91.73
CA TYR QA 180 -96.12 7.97 91.22
C TYR QA 180 -96.08 6.44 91.17
N ASP QA 181 -97.21 5.84 91.52
CA ASP QA 181 -97.34 4.40 91.71
C ASP QA 181 -98.23 3.79 90.63
N ALA QA 182 -97.98 2.53 90.31
CA ALA QA 182 -98.72 1.81 89.26
C ALA QA 182 -100.18 1.50 89.63
N LYS QA 183 -100.55 1.71 90.89
CA LYS QA 183 -101.94 1.55 91.32
C LYS QA 183 -102.66 2.89 91.60
N HIS QA 184 -101.92 3.97 91.79
CA HIS QA 184 -102.54 5.30 91.98
C HIS QA 184 -103.13 5.87 90.69
N PHE QA 185 -102.79 5.25 89.57
CA PHE QA 185 -103.52 5.45 88.31
C PHE QA 185 -104.87 4.73 88.41
N LEU QA 186 -104.83 3.45 88.77
CA LEU QA 186 -106.03 2.63 88.92
C LEU QA 186 -107.01 3.20 89.95
N CYS QA 187 -106.47 3.73 91.05
CA CYS QA 187 -107.28 4.28 92.14
C CYS QA 187 -108.18 5.40 91.67
N TYR QA 188 -107.60 6.42 91.06
CA TYR QA 188 -108.35 7.58 90.55
C TYR QA 188 -109.51 7.12 89.67
N TYR QA 189 -109.21 6.37 88.62
CA TYR QA 189 -110.23 5.93 87.66
C TYR QA 189 -111.15 4.84 88.20
N TYR QA 190 -110.73 4.16 89.28
CA TYR QA 190 -111.61 3.21 89.95
C TYR QA 190 -112.57 3.92 90.87
N TYR QA 191 -112.03 4.75 91.75
CA TYR QA 191 -112.84 5.56 92.66
C TYR QA 191 -113.76 6.45 91.85
N GLY QA 192 -113.18 7.23 90.95
CA GLY QA 192 -113.93 8.15 90.09
C GLY QA 192 -115.12 7.47 89.43
N GLY QA 193 -114.90 6.27 88.90
CA GLY QA 193 -115.98 5.47 88.32
C GLY QA 193 -117.11 5.24 89.30
N MET QA 194 -116.75 4.83 90.51
CA MET QA 194 -117.74 4.61 91.57
C MET QA 194 -118.41 5.92 91.99
N ILE QA 195 -117.62 7.00 92.04
CA ILE QA 195 -118.15 8.33 92.37
C ILE QA 195 -119.33 8.70 91.47
N TYR QA 196 -119.12 8.63 90.16
CA TYR QA 196 -120.17 8.92 89.19
C TYR QA 196 -121.30 7.87 89.23
N THR QA 197 -120.95 6.62 89.57
CA THR QA 197 -121.94 5.54 89.66
C THR QA 197 -123.05 5.85 90.65
N GLY QA 198 -122.70 6.44 91.80
CA GLY QA 198 -123.67 6.84 92.81
C GLY QA 198 -124.49 8.06 92.39
N LEU QA 199 -123.83 9.00 91.73
CA LEU QA 199 -124.49 10.19 91.21
C LEU QA 199 -125.33 9.87 89.97
N LYS QA 200 -125.09 8.69 89.39
CA LYS QA 200 -125.88 8.15 88.28
C LYS QA 200 -125.57 8.87 86.95
N ASN QA 201 -124.29 9.22 86.78
CA ASN QA 201 -123.75 9.71 85.52
C ASN QA 201 -123.06 8.52 84.86
N PHE QA 202 -123.87 7.58 84.39
CA PHE QA 202 -123.39 6.28 83.96
C PHE QA 202 -122.42 6.36 82.78
N GLU QA 203 -122.61 7.36 81.92
CA GLU QA 203 -121.72 7.54 80.76
C GLU QA 203 -120.29 7.75 81.21
N ARG QA 204 -120.08 8.78 82.03
CA ARG QA 204 -118.76 9.11 82.52
C ARG QA 204 -118.23 8.01 83.43
N ALA QA 205 -119.13 7.40 84.20
CA ALA QA 205 -118.78 6.28 85.08
C ALA QA 205 -118.13 5.13 84.31
N LEU QA 206 -118.75 4.75 83.19
CA LEU QA 206 -118.25 3.66 82.37
C LEU QA 206 -116.86 3.97 81.82
N TYR QA 207 -116.70 5.18 81.29
CA TYR QA 207 -115.43 5.62 80.70
C TYR QA 207 -114.26 5.57 81.69
N PHE QA 208 -114.54 5.83 82.96
CA PHE QA 208 -113.52 5.78 84.02
C PHE QA 208 -113.05 4.35 84.29
N TYR QA 209 -113.99 3.47 84.62
CA TYR QA 209 -113.69 2.05 84.82
C TYR QA 209 -112.91 1.47 83.64
N GLU QA 210 -113.26 1.93 82.43
CA GLU QA 210 -112.61 1.50 81.20
C GLU QA 210 -111.11 1.72 81.24
N GLN QA 211 -110.70 2.96 81.53
CA GLN QA 211 -109.27 3.31 81.58
C GLN QA 211 -108.49 2.55 82.66
N ALA QA 212 -109.19 2.06 83.68
CA ALA QA 212 -108.57 1.19 84.68
C ALA QA 212 -108.21 -0.18 84.09
N ILE QA 213 -109.14 -0.74 83.33
CA ILE QA 213 -108.97 -2.09 82.76
C ILE QA 213 -107.89 -2.12 81.68
N THR QA 214 -107.73 -1.02 80.97
CA THR QA 214 -106.72 -0.91 79.92
C THR QA 214 -105.31 -1.04 80.48
N THR QA 215 -105.00 -0.21 81.47
CA THR QA 215 -103.66 -0.11 82.05
C THR QA 215 -102.86 -1.42 82.00
N PRO QA 216 -101.63 -1.38 81.45
CA PRO QA 216 -100.88 -2.63 81.33
C PRO QA 216 -100.50 -3.17 82.69
N ALA QA 217 -100.48 -4.50 82.81
CA ALA QA 217 -100.14 -5.15 84.06
C ALA QA 217 -99.67 -6.58 83.81
N MET QA 218 -98.42 -6.86 84.15
CA MET QA 218 -97.84 -8.20 84.01
C MET QA 218 -98.47 -9.20 84.99
N ALA QA 219 -99.08 -8.68 86.07
CA ALA QA 219 -99.82 -9.50 87.03
C ALA QA 219 -101.25 -8.98 87.19
N VAL QA 220 -102.09 -9.79 87.84
CA VAL QA 220 -103.47 -9.41 88.12
C VAL QA 220 -103.54 -8.60 89.42
N SER QA 221 -103.63 -7.28 89.25
CA SER QA 221 -103.87 -6.39 90.38
C SER QA 221 -105.35 -6.48 90.79
N HIS QA 222 -105.65 -6.03 92.00
CA HIS QA 222 -106.93 -6.32 92.64
C HIS QA 222 -108.01 -5.28 92.32
N ILE QA 223 -107.59 -4.09 91.89
CA ILE QA 223 -108.52 -3.03 91.47
C ILE QA 223 -109.15 -3.41 90.14
N MET QA 224 -108.33 -3.95 89.24
CA MET QA 224 -108.74 -4.26 87.88
C MET QA 224 -109.89 -5.27 87.82
N LEU QA 225 -109.95 -6.18 88.80
CA LEU QA 225 -111.04 -7.13 88.88
C LEU QA 225 -112.37 -6.49 89.27
N GLU QA 226 -112.30 -5.52 90.19
CA GLU QA 226 -113.53 -4.86 90.67
C GLU QA 226 -114.10 -3.88 89.67
N SER QA 227 -113.24 -3.08 89.03
CA SER QA 227 -113.68 -2.14 88.01
C SER QA 227 -114.46 -2.86 86.90
N TYR QA 228 -113.97 -4.05 86.52
CA TYR QA 228 -114.59 -4.88 85.49
C TYR QA 228 -116.00 -5.34 85.88
N LYS QA 229 -116.14 -5.81 87.12
CA LYS QA 229 -117.42 -6.31 87.61
C LYS QA 229 -118.50 -5.23 87.59
N LYS QA 230 -118.15 -4.06 88.10
CA LYS QA 230 -119.08 -2.92 88.11
C LYS QA 230 -119.27 -2.36 86.70
N TYR QA 231 -118.18 -2.31 85.93
CA TYR QA 231 -118.24 -1.93 84.51
C TYR QA 231 -119.25 -2.76 83.73
N ILE QA 232 -119.35 -4.05 84.07
CA ILE QA 232 -120.37 -4.93 83.50
C ILE QA 232 -121.77 -4.40 83.81
N LEU QA 233 -122.01 -4.06 85.08
CA LEU QA 233 -123.31 -3.57 85.51
C LEU QA 233 -123.66 -2.24 84.86
N VAL QA 234 -122.66 -1.37 84.68
CA VAL QA 234 -122.90 -0.03 84.11
C VAL QA 234 -123.43 -0.11 82.68
N SER QA 235 -122.78 -0.92 81.85
CA SER QA 235 -123.18 -1.08 80.45
C SER QA 235 -124.54 -1.77 80.31
N LEU QA 236 -124.89 -2.63 81.27
CA LEU QA 236 -126.19 -3.30 81.26
C LEU QA 236 -127.35 -2.40 81.73
N ILE QA 237 -127.04 -1.29 82.39
CA ILE QA 237 -128.04 -0.28 82.75
C ILE QA 237 -128.08 0.82 81.69
N LEU QA 238 -126.91 1.39 81.39
CA LEU QA 238 -126.77 2.43 80.36
C LEU QA 238 -127.26 1.92 79.02
N LEU QA 239 -126.67 0.81 78.58
CA LEU QA 239 -127.06 0.14 77.35
C LEU QA 239 -127.91 -1.06 77.76
N GLY QA 240 -128.20 -1.95 76.81
CA GLY QA 240 -128.85 -3.21 77.12
C GLY QA 240 -127.97 -4.38 76.75
N LYS QA 241 -126.66 -4.21 76.92
CA LYS QA 241 -125.69 -5.14 76.34
C LYS QA 241 -124.26 -4.90 76.85
N VAL QA 242 -123.36 -5.80 76.46
CA VAL QA 242 -121.96 -5.75 76.86
C VAL QA 242 -121.17 -4.75 76.03
N GLN QA 243 -120.59 -3.75 76.70
CA GLN QA 243 -119.64 -2.85 76.04
C GLN QA 243 -118.28 -3.53 75.95
N GLN QA 244 -117.73 -3.63 74.74
CA GLN QA 244 -116.43 -4.22 74.53
C GLN QA 244 -115.32 -3.21 74.82
N LEU QA 245 -114.17 -3.75 75.22
CA LEU QA 245 -113.04 -2.93 75.61
C LEU QA 245 -112.14 -2.68 74.40
N PRO QA 246 -111.13 -1.82 74.56
CA PRO QA 246 -110.10 -1.69 73.51
C PRO QA 246 -109.30 -2.98 73.32
N LYS QA 247 -108.64 -3.09 72.17
CA LYS QA 247 -107.74 -4.21 71.87
C LYS QA 247 -106.47 -4.14 72.71
N TYR QA 248 -106.14 -2.94 73.19
CA TYR QA 248 -104.92 -2.74 73.98
C TYR QA 248 -105.07 -2.99 75.49
N THR QA 249 -106.17 -3.63 75.91
CA THR QA 249 -106.32 -4.04 77.32
C THR QA 249 -105.28 -5.07 77.71
N SER QA 250 -104.87 -5.04 78.97
CA SER QA 250 -103.82 -5.94 79.45
C SER QA 250 -104.21 -7.40 79.22
N GLN QA 251 -103.23 -8.22 78.83
CA GLN QA 251 -103.48 -9.64 78.52
C GLN QA 251 -103.98 -10.44 79.72
N ILE QA 252 -103.60 -10.01 80.93
CA ILE QA 252 -104.10 -10.62 82.17
C ILE QA 252 -105.61 -10.46 82.36
N VAL QA 253 -106.23 -9.54 81.62
CA VAL QA 253 -107.67 -9.28 81.73
C VAL QA 253 -108.49 -10.42 81.10
N GLY QA 254 -108.38 -10.58 79.79
CA GLY QA 254 -109.14 -11.60 79.05
C GLY QA 254 -108.78 -13.02 79.43
N ARG QA 255 -107.53 -13.23 79.84
CA ARG QA 255 -107.05 -14.55 80.25
C ARG QA 255 -107.61 -14.97 81.61
N PHE QA 256 -107.53 -14.07 82.59
CA PHE QA 256 -107.86 -14.40 83.98
C PHE QA 256 -109.01 -13.58 84.57
N ILE QA 257 -108.88 -12.26 84.56
CA ILE QA 257 -109.84 -11.38 85.22
C ILE QA 257 -111.27 -11.57 84.71
N LYS QA 258 -111.43 -11.83 83.42
CA LYS QA 258 -112.76 -11.98 82.81
C LYS QA 258 -113.53 -13.19 83.36
N PRO QA 259 -112.96 -14.40 83.24
CA PRO QA 259 -113.66 -15.56 83.83
C PRO QA 259 -113.70 -15.57 85.36
N LEU QA 260 -112.84 -14.77 86.00
CA LEU QA 260 -112.90 -14.60 87.45
C LEU QA 260 -114.15 -13.86 87.89
N SER QA 261 -114.57 -12.89 87.07
CA SER QA 261 -115.85 -12.23 87.23
C SER QA 261 -116.88 -12.89 86.32
N ASN QA 262 -117.18 -14.15 86.60
CA ASN QA 262 -118.06 -14.96 85.74
C ASN QA 262 -119.54 -14.73 85.99
N ALA QA 263 -119.92 -14.57 87.25
CA ALA QA 263 -121.32 -14.38 87.64
C ALA QA 263 -121.94 -13.10 87.07
N TYR QA 264 -121.09 -12.17 86.62
CA TYR QA 264 -121.54 -10.91 86.02
C TYR QA 264 -121.71 -11.02 84.50
N HIS QA 265 -120.89 -11.86 83.87
CA HIS QA 265 -121.14 -12.28 82.48
C HIS QA 265 -122.36 -13.19 82.42
N GLU QA 266 -122.48 -14.06 83.42
CA GLU QA 266 -123.64 -14.92 83.59
C GLU QA 266 -124.93 -14.10 83.76
N LEU QA 267 -124.80 -12.89 84.30
CA LEU QA 267 -125.91 -11.95 84.39
C LEU QA 267 -126.33 -11.51 82.99
N ALA QA 268 -125.36 -11.04 82.21
CA ALA QA 268 -125.60 -10.62 80.83
C ALA QA 268 -126.16 -11.77 80.00
N GLN QA 269 -125.76 -12.99 80.34
CA GLN QA 269 -126.29 -14.20 79.72
C GLN QA 269 -127.81 -14.18 79.65
N VAL QA 270 -128.44 -13.96 80.80
CA VAL QA 270 -129.91 -13.94 80.88
C VAL QA 270 -130.45 -12.60 80.37
N TYR QA 271 -129.67 -11.54 80.54
CA TYR QA 271 -130.10 -10.18 80.17
C TYR QA 271 -130.56 -10.07 78.72
N SER QA 272 -129.76 -10.60 77.80
CA SER QA 272 -130.05 -10.50 76.37
C SER QA 272 -131.33 -11.24 75.95
N THR QA 273 -131.79 -12.17 76.78
CA THR QA 273 -133.04 -12.90 76.51
C THR QA 273 -134.28 -12.06 76.84
N ASN QA 274 -134.10 -11.00 77.61
CA ASN QA 274 -135.19 -10.11 78.04
C ASN QA 274 -136.24 -10.85 78.87
N ASN QA 275 -135.76 -11.45 79.96
CA ASN QA 275 -136.59 -12.22 80.88
C ASN QA 275 -136.26 -11.85 82.33
N PRO QA 276 -136.98 -10.87 82.90
CA PRO QA 276 -136.70 -10.44 84.28
C PRO QA 276 -136.94 -11.52 85.34
N SER QA 277 -138.00 -12.32 85.17
CA SER QA 277 -138.32 -13.40 86.12
C SER QA 277 -137.19 -14.43 86.19
N GLU QA 278 -136.61 -14.75 85.04
CA GLU QA 278 -135.48 -15.68 84.98
C GLU QA 278 -134.22 -15.03 85.54
N LEU QA 279 -133.95 -13.79 85.11
CA LEU QA 279 -132.82 -13.01 85.60
C LEU QA 279 -132.80 -12.94 87.12
N ARG QA 280 -133.97 -12.73 87.71
CA ARG QA 280 -134.10 -12.61 89.16
C ARG QA 280 -133.67 -13.90 89.86
N ASN QA 281 -134.01 -15.04 89.29
CA ASN QA 281 -133.64 -16.33 89.86
C ASN QA 281 -132.13 -16.61 89.81
N LEU QA 282 -131.42 -15.92 88.92
CA LEU QA 282 -129.95 -15.98 88.90
C LEU QA 282 -129.36 -15.12 90.02
N VAL QA 283 -129.93 -13.94 90.25
CA VAL QA 283 -129.43 -13.02 91.27
C VAL QA 283 -129.60 -13.62 92.67
N ASN QA 284 -130.71 -14.33 92.89
CA ASN QA 284 -130.98 -15.00 94.16
C ASN QA 284 -130.07 -16.19 94.47
N LYS QA 285 -129.57 -16.85 93.41
CA LYS QA 285 -128.63 -17.95 93.55
C LYS QA 285 -127.27 -17.42 94.01
N HIS QA 286 -126.72 -16.48 93.25
CA HIS QA 286 -125.42 -15.89 93.56
C HIS QA 286 -125.53 -14.59 94.38
N SER QA 287 -126.65 -14.43 95.10
CA SER QA 287 -126.84 -13.30 96.01
C SER QA 287 -125.57 -13.06 96.82
N GLU QA 288 -125.00 -14.14 97.32
CA GLU QA 288 -123.70 -14.09 98.02
C GLU QA 288 -122.64 -13.39 97.16
N THR QA 289 -122.30 -13.99 96.01
CA THR QA 289 -121.24 -13.48 95.14
C THR QA 289 -121.41 -11.99 94.82
N PHE QA 290 -122.66 -11.57 94.63
CA PHE QA 290 -122.96 -10.17 94.34
C PHE QA 290 -122.87 -9.30 95.59
N THR QA 291 -123.49 -9.75 96.68
CA THR QA 291 -123.46 -9.01 97.95
C THR QA 291 -122.10 -9.06 98.64
N ARG QA 292 -121.29 -10.04 98.28
CA ARG QA 292 -119.90 -10.13 98.77
C ARG QA 292 -119.08 -8.94 98.30
N ASP QA 293 -119.36 -8.48 97.08
CA ASP QA 293 -118.62 -7.39 96.45
C ASP QA 293 -119.25 -6.01 96.69
N ASN QA 294 -120.28 -5.94 97.53
CA ASN QA 294 -120.98 -4.69 97.86
C ASN QA 294 -121.36 -3.87 96.62
N ASN QA 295 -121.85 -4.56 95.60
CA ASN QA 295 -122.43 -3.92 94.42
C ASN QA 295 -123.82 -4.48 94.11
N MET QA 296 -124.43 -5.16 95.08
CA MET QA 296 -125.84 -5.52 95.02
C MET QA 296 -126.62 -4.22 95.13
N GLY QA 297 -127.72 -4.12 94.39
CA GLY QA 297 -128.43 -2.86 94.21
C GLY QA 297 -128.16 -2.36 92.82
N LEU QA 298 -126.88 -2.21 92.47
CA LEU QA 298 -126.50 -1.90 91.10
C LEU QA 298 -126.81 -3.07 90.18
N VAL QA 299 -126.67 -4.28 90.70
CA VAL QA 299 -127.12 -5.47 89.99
C VAL QA 299 -128.65 -5.49 89.90
N LYS QA 300 -129.31 -4.95 90.92
CA LYS QA 300 -130.77 -4.81 90.91
C LYS QA 300 -131.25 -3.61 90.09
N GLN QA 301 -130.36 -2.65 89.84
CA GLN QA 301 -130.65 -1.57 88.88
C GLN QA 301 -130.72 -2.12 87.45
N CYS QA 302 -129.99 -3.21 87.19
CA CYS QA 302 -130.08 -3.92 85.92
C CYS QA 302 -131.42 -4.64 85.79
N LEU QA 303 -131.92 -5.17 86.90
CA LEU QA 303 -133.25 -5.78 86.95
C LEU QA 303 -134.32 -4.79 86.48
N SER QA 304 -134.17 -3.54 86.86
CA SER QA 304 -135.10 -2.48 86.45
C SER QA 304 -134.85 -1.98 85.03
N SER QA 305 -133.58 -1.88 84.63
CA SER QA 305 -133.23 -1.42 83.28
C SER QA 305 -133.67 -2.40 82.19
N LEU QA 306 -133.82 -3.68 82.56
CA LEU QA 306 -134.35 -4.69 81.66
C LEU QA 306 -135.86 -4.48 81.43
N TYR QA 307 -136.59 -4.20 82.50
CA TYR QA 307 -138.00 -3.79 82.38
C TYR QA 307 -138.12 -2.57 81.48
N LYS QA 308 -137.19 -1.63 81.64
CA LYS QA 308 -137.17 -0.41 80.84
C LYS QA 308 -136.70 -0.67 79.40
N LYS QA 309 -135.82 -1.65 79.21
CA LYS QA 309 -135.44 -2.09 77.86
C LYS QA 309 -136.64 -2.74 77.18
N ASN QA 310 -137.33 -3.64 77.88
CA ASN QA 310 -138.53 -4.30 77.35
C ASN QA 310 -139.52 -3.31 76.76
N ILE QA 311 -139.77 -2.22 77.47
CA ILE QA 311 -140.71 -1.18 77.02
C ILE QA 311 -140.10 -0.33 75.91
N GLN QA 312 -138.81 -0.06 76.00
CA GLN QA 312 -138.08 0.67 74.95
C GLN QA 312 -138.20 0.01 73.58
N ARG QA 313 -138.29 -1.32 73.54
CA ARG QA 313 -138.47 -2.06 72.29
C ARG QA 313 -139.84 -1.82 71.67
N LEU QA 314 -140.87 -1.75 72.51
CA LEU QA 314 -142.25 -1.59 72.04
C LEU QA 314 -142.43 -0.41 71.08
N THR QA 315 -141.69 0.67 71.31
CA THR QA 315 -141.72 1.83 70.42
C THR QA 315 -141.48 1.46 68.95
N LYS QA 316 -140.58 0.50 68.73
CA LYS QA 316 -140.21 0.08 67.38
C LYS QA 316 -141.31 -0.75 66.70
N THR QA 317 -142.17 -1.38 67.49
CA THR QA 317 -143.21 -2.28 66.99
C THR QA 317 -144.59 -1.62 66.99
N PHE QA 318 -145.15 -1.44 68.20
CA PHE QA 318 -146.46 -0.83 68.34
C PHE QA 318 -146.31 0.69 68.40
N LEU QA 319 -147.35 1.41 67.99
CA LEU QA 319 -147.43 2.85 68.24
C LEU QA 319 -148.63 3.23 69.12
N THR QA 320 -149.66 2.39 69.12
CA THR QA 320 -150.76 2.51 70.08
C THR QA 320 -150.92 1.16 70.77
N LEU QA 321 -150.82 1.16 72.10
CA LEU QA 321 -150.94 -0.06 72.88
C LEU QA 321 -151.66 0.19 74.19
N SER QA 322 -152.36 -0.84 74.67
CA SER QA 322 -153.11 -0.75 75.92
C SER QA 322 -152.20 -0.95 77.13
N LEU QA 323 -152.63 -0.37 78.26
CA LEU QA 323 -151.94 -0.56 79.53
C LEU QA 323 -151.98 -2.03 79.92
N GLN QA 324 -153.15 -2.64 79.75
CA GLN QA 324 -153.33 -4.05 80.05
C GLN QA 324 -152.48 -4.94 79.14
N ASP QA 325 -152.49 -4.63 77.85
CA ASP QA 325 -151.65 -5.34 76.88
C ASP QA 325 -150.18 -5.21 77.28
N MET QA 326 -149.76 -3.99 77.58
CA MET QA 326 -148.38 -3.73 78.00
C MET QA 326 -148.06 -4.50 79.29
N ALA QA 327 -148.98 -4.42 80.25
CA ALA QA 327 -148.82 -5.12 81.53
C ALA QA 327 -148.61 -6.63 81.33
N SER QA 328 -149.34 -7.20 80.38
CA SER QA 328 -149.22 -8.62 80.06
C SER QA 328 -147.94 -8.93 79.29
N ARG QA 329 -147.50 -8.01 78.44
CA ARG QA 329 -146.30 -8.21 77.61
C ARG QA 329 -144.98 -7.88 78.32
N VAL QA 330 -145.00 -6.87 79.20
CA VAL QA 330 -143.80 -6.47 79.94
C VAL QA 330 -143.57 -7.37 81.17
N GLN QA 331 -144.63 -8.05 81.61
CA GLN QA 331 -144.60 -9.02 82.73
C GLN QA 331 -144.83 -8.39 84.12
N LEU QA 332 -145.03 -7.08 84.19
CA LEU QA 332 -145.19 -6.39 85.47
C LEU QA 332 -146.54 -6.67 86.14
N SER QA 333 -147.56 -6.97 85.34
CA SER QA 333 -148.89 -7.35 85.82
C SER QA 333 -149.68 -6.17 86.42
N GLY QA 334 -150.93 -6.04 85.98
CA GLY QA 334 -151.79 -4.94 86.42
C GLY QA 334 -151.49 -3.67 85.63
N PRO QA 335 -152.53 -2.92 85.25
CA PRO QA 335 -152.33 -1.73 84.43
C PRO QA 335 -151.59 -0.60 85.15
N GLN QA 336 -151.57 -0.62 86.49
CA GLN QA 336 -150.90 0.42 87.26
C GLN QA 336 -149.40 0.29 87.00
N GLU QA 337 -148.86 -0.90 87.31
CA GLU QA 337 -147.44 -1.18 87.13
C GLU QA 337 -146.98 -0.83 85.73
N ALA QA 338 -147.86 -1.00 84.75
CA ALA QA 338 -147.59 -0.56 83.39
C ALA QA 338 -147.55 0.97 83.36
N GLU QA 339 -148.65 1.60 83.77
CA GLU QA 339 -148.76 3.05 83.77
C GLU QA 339 -147.63 3.70 84.57
N LYS QA 340 -147.20 3.01 85.64
CA LYS QA 340 -146.08 3.48 86.46
C LYS QA 340 -144.86 3.80 85.61
N TYR QA 341 -144.22 2.77 85.07
CA TYR QA 341 -142.96 2.94 84.36
C TYR QA 341 -143.11 3.83 83.12
N VAL QA 342 -144.31 3.89 82.55
CA VAL QA 342 -144.59 4.84 81.48
C VAL QA 342 -144.27 6.23 82.00
N LEU QA 343 -144.93 6.62 83.09
CA LEU QA 343 -144.71 7.93 83.71
C LEU QA 343 -143.23 8.15 84.00
N HIS QA 344 -142.61 7.24 84.75
CA HIS QA 344 -141.22 7.40 85.18
C HIS QA 344 -140.28 7.56 83.98
N MET QA 345 -140.36 6.65 83.03
CA MET QA 345 -139.54 6.73 81.82
C MET QA 345 -139.74 8.07 81.12
N ILE QA 346 -140.98 8.53 81.05
CA ILE QA 346 -141.28 9.83 80.47
C ILE QA 346 -140.69 10.95 81.33
N GLU QA 347 -141.11 11.00 82.59
CA GLU QA 347 -140.65 11.99 83.56
C GLU QA 347 -139.13 12.16 83.48
N ASP QA 348 -138.43 11.02 83.46
CA ASP QA 348 -136.98 11.01 83.28
C ASP QA 348 -136.61 11.46 81.88
N GLY QA 349 -137.23 10.84 80.89
CA GLY QA 349 -136.97 11.14 79.48
C GLY QA 349 -136.19 10.04 78.79
N GLU QA 350 -136.65 8.81 78.95
CA GLU QA 350 -136.07 7.65 78.26
C GLU QA 350 -136.88 7.25 77.03
N ILE QA 351 -138.16 7.61 77.02
CA ILE QA 351 -139.08 7.23 75.94
C ILE QA 351 -140.03 8.39 75.61
N PHE QA 352 -140.47 8.46 74.36
CA PHE QA 352 -141.46 9.45 73.93
C PHE QA 352 -142.83 8.80 73.86
N ALA QA 353 -143.67 9.07 74.85
CA ALA QA 353 -145.01 8.49 74.95
C ALA QA 353 -145.96 9.33 75.78
N SER QA 354 -147.23 8.93 75.79
CA SER QA 354 -148.25 9.60 76.59
C SER QA 354 -149.41 8.64 76.86
N ILE QA 355 -150.31 9.07 77.74
CA ILE QA 355 -151.40 8.22 78.23
C ILE QA 355 -152.77 8.83 77.95
N ASN QA 356 -153.69 7.99 77.49
CA ASN QA 356 -155.11 8.33 77.46
C ASN QA 356 -155.83 7.42 78.44
N GLN QA 357 -155.92 7.88 79.69
CA GLN QA 357 -156.54 7.08 80.75
C GLN QA 357 -158.02 6.77 80.49
N LYS QA 358 -158.72 7.70 79.84
CA LYS QA 358 -160.16 7.53 79.60
C LYS QA 358 -160.47 6.17 78.99
N ASP QA 359 -159.82 5.88 77.86
CA ASP QA 359 -159.87 4.55 77.27
C ASP QA 359 -158.96 3.61 78.06
N GLY QA 360 -157.79 4.12 78.45
CA GLY QA 360 -156.79 3.35 79.17
C GLY QA 360 -155.73 2.83 78.23
N MET QA 361 -155.19 3.73 77.41
CA MET QA 361 -154.25 3.38 76.34
C MET QA 361 -152.97 4.19 76.45
N VAL QA 362 -151.89 3.62 75.93
CA VAL QA 362 -150.61 4.30 75.84
C VAL QA 362 -150.34 4.65 74.38
N SER QA 363 -150.16 5.93 74.12
CA SER QA 363 -149.82 6.42 72.79
C SER QA 363 -148.34 6.77 72.76
N PHE QA 364 -147.61 6.22 71.78
CA PHE QA 364 -146.18 6.47 71.65
C PHE QA 364 -145.91 7.60 70.66
N HIS QA 365 -145.71 8.80 71.21
CA HIS QA 365 -145.27 9.96 70.43
C HIS QA 365 -144.23 9.55 69.40
N ASP QA 366 -143.11 8.99 69.89
CA ASP QA 366 -142.06 8.44 69.04
C ASP QA 366 -141.28 9.52 68.26
N ASN QA 367 -141.40 10.79 68.68
CA ASN QA 367 -140.87 11.92 67.92
C ASN QA 367 -140.24 13.00 68.80
N PRO QA 368 -138.91 13.20 68.66
CA PRO QA 368 -138.24 14.22 69.46
C PRO QA 368 -138.14 15.59 68.77
N GLU QA 369 -137.09 15.82 67.98
CA GLU QA 369 -136.69 17.15 67.56
C GLU QA 369 -136.37 17.13 66.07
N LYS QA 370 -136.65 18.24 65.39
CA LYS QA 370 -136.53 18.32 63.93
C LYS QA 370 -135.32 19.13 63.44
N TYR QA 371 -134.43 19.54 64.35
CA TYR QA 371 -133.22 20.29 64.00
C TYR QA 371 -133.51 21.56 63.22
N ASN QA 372 -134.49 22.32 63.70
CA ASN QA 372 -135.06 23.45 62.94
C ASN QA 372 -135.00 24.79 63.67
N ASN QA 373 -134.13 24.88 64.68
CA ASN QA 373 -134.13 26.02 65.58
C ASN QA 373 -132.74 26.30 66.14
N PRO QA 374 -132.57 27.41 66.88
CA PRO QA 374 -131.34 27.65 67.61
C PRO QA 374 -130.95 26.52 68.57
N ALA QA 375 -131.93 25.84 69.15
CA ALA QA 375 -131.69 24.75 70.11
C ALA QA 375 -130.53 23.86 69.67
N MET QA 376 -130.60 23.35 68.45
CA MET QA 376 -129.50 22.57 67.88
C MET QA 376 -128.35 23.48 67.56
N LEU QA 377 -128.65 24.54 66.81
CA LEU QA 377 -127.65 25.54 66.40
C LEU QA 377 -126.64 25.85 67.52
N HIS QA 378 -127.15 26.06 68.73
CA HIS QA 378 -126.29 26.32 69.89
C HIS QA 378 -125.48 25.08 70.27
N ASN QA 379 -126.16 23.94 70.40
CA ASN QA 379 -125.48 22.67 70.65
C ASN QA 379 -124.50 22.32 69.54
N ILE QA 380 -124.89 22.62 68.30
CA ILE QA 380 -124.03 22.41 67.14
C ILE QA 380 -122.78 23.29 67.28
N ASP QA 381 -122.97 24.53 67.71
CA ASP QA 381 -121.85 25.43 67.98
C ASP QA 381 -120.97 24.88 69.09
N GLN QA 382 -121.59 24.44 70.19
CA GLN QA 382 -120.87 23.99 71.37
C GLN QA 382 -120.17 22.64 71.18
N GLU QA 383 -120.91 21.63 70.72
CA GLU QA 383 -120.33 20.32 70.42
C GLU QA 383 -119.15 20.43 69.44
N MET QA 384 -119.26 21.36 68.49
CA MET QA 384 -118.20 21.60 67.51
C MET QA 384 -116.97 22.24 68.17
N LEU QA 385 -117.20 23.26 68.99
CA LEU QA 385 -116.11 23.93 69.70
C LEU QA 385 -115.29 22.97 70.57
N LYS QA 386 -115.93 21.91 71.07
CA LYS QA 386 -115.25 20.88 71.86
C LYS QA 386 -114.37 19.97 70.98
N CYS QA 387 -114.73 19.81 69.70
CA CYS QA 387 -113.87 19.13 68.74
C CYS QA 387 -112.68 19.99 68.32
N ILE QA 388 -112.91 21.30 68.25
CA ILE QA 388 -111.85 22.27 67.97
C ILE QA 388 -110.92 22.40 69.17
N GLU QA 389 -111.49 22.42 70.37
CA GLU QA 389 -110.73 22.31 71.63
C GLU QA 389 -109.82 21.08 71.60
N LEU QA 390 -110.33 19.99 71.04
CA LEU QA 390 -109.59 18.74 70.92
C LEU QA 390 -108.46 18.85 69.88
N ASP QA 391 -108.72 19.57 68.79
CA ASP QA 391 -107.70 19.84 67.77
C ASP QA 391 -106.58 20.72 68.34
N GLU QA 392 -106.94 21.73 69.13
CA GLU QA 392 -105.98 22.63 69.77
C GLU QA 392 -104.96 21.84 70.60
N ARG QA 393 -105.45 20.87 71.37
CA ARG QA 393 -104.59 19.99 72.16
C ARG QA 393 -103.66 19.18 71.28
N LEU QA 394 -104.23 18.52 70.27
CA LEU QA 394 -103.45 17.69 69.34
C LEU QA 394 -102.39 18.50 68.59
N LYS QA 395 -102.72 19.72 68.21
CA LYS QA 395 -101.77 20.60 67.54
C LYS QA 395 -100.60 20.96 68.45
N ALA QA 396 -100.89 21.21 69.72
CA ALA QA 396 -99.85 21.44 70.72
C ALA QA 396 -99.06 20.17 70.99
N MET QA 397 -99.77 19.05 71.10
CA MET QA 397 -99.15 17.74 71.33
C MET QA 397 -98.30 17.28 70.13
N ASP QA 398 -98.64 17.76 68.94
CA ASP QA 398 -97.84 17.49 67.74
C ASP QA 398 -96.55 18.31 67.77
N GLN QA 399 -96.65 19.56 68.22
CA GLN QA 399 -95.48 20.44 68.35
C GLN QA 399 -94.54 20.01 69.49
N GLU QA 400 -95.08 19.29 70.47
CA GLU QA 400 -94.27 18.71 71.55
C GLU QA 400 -93.24 17.72 71.00
N ILE QA 401 -93.63 16.96 69.98
CA ILE QA 401 -92.77 15.93 69.38
C ILE QA 401 -91.66 16.55 68.50
N THR QA 402 -91.88 17.80 68.07
CA THR QA 402 -90.96 18.50 67.16
C THR QA 402 -89.49 18.50 67.61
N VAL QA 403 -89.25 18.82 68.88
CA VAL QA 403 -87.90 19.15 69.35
C VAL QA 403 -87.03 17.93 69.70
N ASN QA 404 -87.67 16.81 70.04
CA ASN QA 404 -86.97 15.61 70.50
C ASN QA 404 -86.16 14.88 69.40
N PRO QA 405 -85.24 13.97 69.81
CA PRO QA 405 -84.33 13.21 68.96
C PRO QA 405 -84.84 12.73 67.60
N GLN QA 406 -83.93 12.10 66.85
CA GLN QA 406 -84.06 11.94 65.42
C GLN QA 406 -84.66 10.60 65.01
N PHE QA 407 -84.78 10.40 63.70
CA PHE QA 407 -84.99 9.08 63.12
C PHE QA 407 -84.51 9.05 61.67
N MET RA 5 -195.42 41.72 -31.31
CA MET RA 5 -195.49 40.38 -32.01
C MET RA 5 -194.24 39.55 -31.79
N ALA RA 6 -194.42 38.38 -31.18
CA ALA RA 6 -193.36 37.38 -31.10
C ALA RA 6 -193.54 36.34 -32.20
N ALA RA 7 -193.76 36.83 -33.42
CA ALA RA 7 -193.98 35.99 -34.60
C ALA RA 7 -193.34 36.60 -35.86
N ALA RA 8 -192.98 37.88 -35.80
CA ALA RA 8 -192.18 38.54 -36.83
C ALA RA 8 -190.70 38.61 -36.42
N VAL RA 9 -190.35 37.99 -35.29
CA VAL RA 9 -188.96 37.91 -34.83
C VAL RA 9 -188.31 36.61 -35.34
N ARG RA 10 -189.03 35.50 -35.26
CA ARG RA 10 -188.57 34.23 -35.84
C ARG RA 10 -188.65 34.24 -37.37
N GLN RA 11 -189.44 35.16 -37.91
CA GLN RA 11 -189.61 35.31 -39.35
C GLN RA 11 -188.42 36.04 -40.00
N ASP RA 12 -188.02 37.16 -39.39
CA ASP RA 12 -186.95 38.00 -39.94
C ASP RA 12 -185.55 37.42 -39.70
N LEU RA 13 -185.36 36.76 -38.55
CA LEU RA 13 -184.09 36.11 -38.23
C LEU RA 13 -183.80 34.90 -39.12
N ALA RA 14 -184.85 34.25 -39.61
CA ALA RA 14 -184.73 33.04 -40.42
C ALA RA 14 -184.21 33.30 -41.83
N GLN RA 15 -184.70 34.38 -42.46
CA GLN RA 15 -184.34 34.70 -43.85
C GLN RA 15 -182.91 35.21 -43.99
N LEU RA 16 -182.41 35.91 -42.98
CA LEU RA 16 -181.04 36.45 -42.99
C LEU RA 16 -179.99 35.39 -42.62
N MET RA 17 -180.44 34.19 -42.27
CA MET RA 17 -179.54 33.11 -41.88
C MET RA 17 -178.63 32.66 -43.03
N ASN RA 18 -179.14 32.71 -44.25
CA ASN RA 18 -178.34 32.44 -45.45
C ASN RA 18 -178.54 33.52 -46.52
N SER RA 19 -177.62 34.47 -46.58
CA SER RA 19 -177.70 35.62 -47.49
C SER RA 19 -176.52 35.63 -48.46
N SER RA 20 -176.38 36.73 -49.21
CA SER RA 20 -175.24 36.92 -50.12
C SER RA 20 -174.74 38.37 -50.06
N GLY RA 21 -174.48 38.85 -48.84
CA GLY RA 21 -173.97 40.21 -48.60
C GLY RA 21 -172.81 40.22 -47.62
N SER RA 22 -172.14 41.36 -47.50
CA SER RA 22 -170.95 41.50 -46.65
C SER RA 22 -171.30 41.54 -45.16
N HIS RA 23 -170.27 41.63 -44.32
CA HIS RA 23 -170.48 41.67 -42.87
C HIS RA 23 -171.18 42.95 -42.39
N LYS RA 24 -170.91 44.08 -43.06
CA LYS RA 24 -171.59 45.34 -42.74
C LYS RA 24 -173.08 45.28 -43.11
N ASP RA 25 -173.40 44.53 -44.17
CA ASP RA 25 -174.78 44.34 -44.63
C ASP RA 25 -175.60 43.43 -43.70
N LEU RA 26 -174.95 42.47 -43.04
CA LEU RA 26 -175.65 41.45 -42.26
C LEU RA 26 -175.64 41.76 -40.75
N ALA RA 27 -174.50 42.18 -40.21
CA ALA RA 27 -174.40 42.56 -38.80
C ALA RA 27 -175.23 43.81 -38.47
N GLY RA 28 -175.41 44.67 -39.46
CA GLY RA 28 -176.29 45.83 -39.34
C GLY RA 28 -177.76 45.46 -39.31
N LYS RA 29 -178.13 44.45 -40.11
CA LYS RA 29 -179.50 43.94 -40.14
C LYS RA 29 -179.87 43.14 -38.88
N TYR RA 30 -178.95 42.33 -38.38
CA TYR RA 30 -179.22 41.49 -37.20
C TYR RA 30 -179.42 42.32 -35.92
N ARG RA 31 -178.64 43.38 -35.75
CA ARG RA 31 -178.78 44.28 -34.60
C ARG RA 31 -180.10 45.08 -34.65
N GLN RA 32 -180.68 45.18 -35.84
CA GLN RA 32 -181.99 45.81 -36.01
C GLN RA 32 -183.14 44.94 -35.46
N ILE RA 33 -182.91 43.62 -35.38
CA ILE RA 33 -183.89 42.69 -34.78
C ILE RA 33 -183.73 42.60 -33.26
N LEU RA 34 -182.55 42.97 -32.76
CA LEU RA 34 -182.33 43.16 -31.32
C LEU RA 34 -183.20 44.32 -30.79
N GLU RA 35 -183.52 45.27 -31.67
CA GLU RA 35 -184.48 46.34 -31.36
C GLU RA 35 -185.91 45.78 -31.27
N LYS RA 36 -186.24 44.86 -32.18
CA LYS RA 36 -187.55 44.21 -32.22
C LYS RA 36 -187.78 43.23 -31.07
N ALA RA 37 -186.70 42.77 -30.44
CA ALA RA 37 -186.76 41.84 -29.31
C ALA RA 37 -186.87 42.56 -27.96
N ILE RA 38 -186.01 43.55 -27.73
CA ILE RA 38 -185.96 44.28 -26.45
C ILE RA 38 -187.19 45.18 -26.22
N GLN RA 39 -187.76 45.73 -27.30
CA GLN RA 39 -188.89 46.66 -27.19
C GLN RA 39 -190.23 46.00 -26.79
N LEU RA 40 -190.29 44.67 -26.86
CA LEU RA 40 -191.51 43.92 -26.48
C LEU RA 40 -191.80 44.02 -24.98
N SER RA 41 -193.02 43.65 -24.59
CA SER RA 41 -193.48 43.81 -23.21
C SER RA 41 -194.30 42.61 -22.73
N GLY RA 42 -194.27 42.37 -21.42
CA GLY RA 42 -195.03 41.28 -20.81
C GLY RA 42 -194.30 39.95 -20.94
N ALA RA 43 -195.04 38.91 -21.32
CA ALA RA 43 -194.48 37.59 -21.54
C ALA RA 43 -194.18 37.32 -23.02
N GLU RA 44 -194.31 38.35 -23.84
CA GLU RA 44 -194.07 38.25 -25.27
C GLU RA 44 -192.65 38.64 -25.64
N GLN RA 45 -192.02 39.41 -24.75
CA GLN RA 45 -190.60 39.71 -24.84
C GLN RA 45 -189.76 38.48 -24.52
N LEU RA 46 -190.28 37.60 -23.67
CA LEU RA 46 -189.50 36.50 -23.10
C LEU RA 46 -189.09 35.41 -24.11
N GLU RA 47 -189.84 35.29 -25.21
CA GLU RA 47 -189.57 34.26 -26.22
C GLU RA 47 -188.91 34.81 -27.51
N ALA RA 48 -189.00 36.12 -27.74
CA ALA RA 48 -188.38 36.75 -28.90
C ALA RA 48 -186.85 36.85 -28.77
N LEU RA 49 -186.37 37.01 -27.54
CA LEU RA 49 -184.93 36.99 -27.24
C LEU RA 49 -184.36 35.57 -27.40
N LYS RA 50 -185.14 34.58 -27.01
CA LYS RA 50 -184.75 33.16 -27.17
C LYS RA 50 -184.61 32.76 -28.64
N ALA RA 51 -185.36 33.43 -29.52
CA ALA RA 51 -185.21 33.26 -30.97
C ALA RA 51 -183.93 33.93 -31.46
N PHE RA 52 -183.60 35.08 -30.88
CA PHE RA 52 -182.38 35.82 -31.24
C PHE RA 52 -181.10 35.09 -30.82
N VAL RA 53 -181.10 34.49 -29.64
CA VAL RA 53 -179.90 33.82 -29.10
C VAL RA 53 -179.59 32.50 -29.83
N GLU RA 54 -180.64 31.74 -30.16
CA GLU RA 54 -180.46 30.47 -30.89
C GLU RA 54 -179.99 30.67 -32.33
N ALA RA 55 -180.33 31.81 -32.92
CA ALA RA 55 -179.90 32.14 -34.27
C ALA RA 55 -178.40 32.47 -34.34
N MET RA 56 -177.88 33.11 -33.29
CA MET RA 56 -176.46 33.49 -33.23
C MET RA 56 -175.57 32.28 -33.00
N VAL RA 57 -175.95 31.41 -32.06
CA VAL RA 57 -175.20 30.19 -31.77
C VAL RA 57 -175.31 29.16 -32.91
N ASN RA 58 -176.33 29.33 -33.75
CA ASN RA 58 -176.52 28.51 -34.96
C ASN RA 58 -175.24 28.40 -35.79
N GLU RA 59 -175.08 27.28 -36.48
CA GLU RA 59 -173.89 27.03 -37.31
C GLU RA 59 -174.05 27.63 -38.72
N ASN RA 60 -175.29 27.97 -39.07
CA ASN RA 60 -175.56 28.70 -40.33
C ASN RA 60 -175.36 30.21 -40.20
N VAL RA 61 -175.10 30.70 -38.99
CA VAL RA 61 -174.72 32.09 -38.74
C VAL RA 61 -173.23 32.18 -38.38
N SER RA 62 -172.48 32.88 -39.23
CA SER RA 62 -171.02 33.00 -39.14
C SER RA 62 -170.47 33.46 -37.76
N LEU RA 63 -169.19 33.18 -37.52
CA LEU RA 63 -168.51 33.48 -36.26
C LEU RA 63 -168.17 34.97 -36.09
N VAL RA 64 -168.13 35.71 -37.21
CA VAL RA 64 -167.92 37.16 -37.17
C VAL RA 64 -169.20 37.88 -36.75
N ILE RA 65 -170.34 37.24 -36.99
CA ILE RA 65 -171.67 37.76 -36.60
C ILE RA 65 -171.98 37.39 -35.15
N SER RA 66 -171.49 36.24 -34.69
CA SER RA 66 -171.80 35.70 -33.36
C SER RA 66 -171.09 36.42 -32.21
N ARG RA 67 -169.83 36.78 -32.41
CA ARG RA 67 -169.04 37.50 -31.39
C ARG RA 67 -169.29 39.01 -31.39
N GLN RA 68 -169.96 39.51 -32.43
CA GLN RA 68 -170.27 40.93 -32.56
C GLN RA 68 -171.52 41.31 -31.76
N LEU RA 69 -172.55 40.48 -31.87
CA LEU RA 69 -173.89 40.80 -31.35
C LEU RA 69 -174.18 40.25 -29.95
N LEU RA 70 -173.53 39.13 -29.58
CA LEU RA 70 -173.62 38.62 -28.21
C LEU RA 70 -172.85 39.52 -27.22
N THR RA 71 -172.00 40.40 -27.75
CA THR RA 71 -171.41 41.47 -26.96
C THR RA 71 -172.44 42.58 -26.70
N ASP RA 72 -173.20 42.94 -27.73
CA ASP RA 72 -174.30 43.91 -27.61
C ASP RA 72 -175.49 43.35 -26.85
N PHE RA 73 -175.67 42.03 -26.88
CA PHE RA 73 -176.75 41.35 -26.18
C PHE RA 73 -176.52 41.33 -24.66
N CYS RA 74 -175.26 41.21 -24.25
CA CYS RA 74 -174.90 41.12 -22.83
C CYS RA 74 -175.04 42.45 -22.09
N THR RA 75 -175.02 43.56 -22.83
CA THR RA 75 -175.19 44.90 -22.23
C THR RA 75 -176.59 45.49 -22.46
N HIS RA 76 -177.51 44.69 -22.99
CA HIS RA 76 -178.93 45.09 -23.10
C HIS RA 76 -179.81 44.44 -22.03
N LEU RA 77 -179.22 43.58 -21.19
CA LEU RA 77 -179.95 42.93 -20.09
C LEU RA 77 -179.75 43.52 -18.68
N PRO RA 78 -178.72 44.39 -18.47
CA PRO RA 78 -178.74 45.23 -17.27
C PRO RA 78 -179.85 46.29 -17.26
N ASN RA 79 -180.41 46.57 -18.44
CA ASN RA 79 -181.58 47.46 -18.57
C ASN RA 79 -182.83 46.87 -17.93
N LEU RA 80 -183.07 45.58 -18.19
CA LEU RA 80 -184.34 44.92 -17.83
C LEU RA 80 -184.36 44.53 -16.34
N PRO RA 81 -185.55 44.22 -15.80
CA PRO RA 81 -185.66 43.81 -14.38
C PRO RA 81 -184.89 42.53 -14.04
N ASP RA 82 -184.84 42.21 -12.74
CA ASP RA 82 -184.14 41.02 -12.25
C ASP RA 82 -184.90 39.72 -12.51
N SER RA 83 -186.16 39.81 -12.98
CA SER RA 83 -186.95 38.64 -13.33
C SER RA 83 -186.67 38.18 -14.77
N THR RA 84 -186.45 39.14 -15.67
CA THR RA 84 -186.18 38.85 -17.09
C THR RA 84 -184.68 38.72 -17.39
N ALA RA 85 -183.85 39.41 -16.60
CA ALA RA 85 -182.39 39.34 -16.78
C ALA RA 85 -181.86 37.94 -16.46
N LYS RA 86 -182.28 37.38 -15.33
CA LYS RA 86 -181.85 36.05 -14.88
C LYS RA 86 -182.45 34.93 -15.75
N GLU RA 87 -183.65 35.16 -16.28
CA GLU RA 87 -184.32 34.21 -17.18
C GLU RA 87 -183.51 34.06 -18.48
N ILE RA 88 -183.20 35.20 -19.11
CA ILE RA 88 -182.53 35.22 -20.41
C ILE RA 88 -181.04 34.89 -20.31
N TYR RA 89 -180.40 35.22 -19.18
CA TYR RA 89 -178.98 34.90 -18.98
C TYR RA 89 -178.70 33.41 -18.93
N HIS RA 90 -179.54 32.66 -18.22
CA HIS RA 90 -179.40 31.20 -18.14
C HIS RA 90 -179.73 30.49 -19.45
N PHE RA 91 -180.52 31.15 -20.31
CA PHE RA 91 -180.76 30.67 -21.67
C PHE RA 91 -179.53 30.85 -22.56
N THR RA 92 -178.82 31.96 -22.37
CA THR RA 92 -177.61 32.28 -23.15
C THR RA 92 -176.39 31.45 -22.73
N LEU RA 93 -176.41 30.88 -21.53
CA LEU RA 93 -175.26 30.12 -21.01
C LEU RA 93 -175.35 28.59 -21.19
N GLU RA 94 -176.50 28.10 -21.68
CA GLU RA 94 -176.63 26.68 -22.05
C GLU RA 94 -176.91 26.45 -23.55
N LYS RA 95 -177.04 27.53 -24.32
CA LYS RA 95 -176.99 27.47 -25.79
C LYS RA 95 -175.59 27.86 -26.29
N ILE RA 96 -174.79 28.50 -25.43
CA ILE RA 96 -173.36 28.72 -25.69
C ILE RA 96 -172.52 27.61 -25.05
N GLN RA 97 -173.15 26.75 -24.24
CA GLN RA 97 -172.47 25.61 -23.61
C GLN RA 97 -172.08 24.50 -24.61
N PRO RA 98 -172.98 24.17 -25.56
CA PRO RA 98 -172.59 23.25 -26.66
C PRO RA 98 -171.31 23.62 -27.40
N ARG RA 99 -171.01 24.92 -27.51
CA ARG RA 99 -169.75 25.40 -28.08
C ARG RA 99 -169.14 26.44 -27.16
N VAL RA 100 -168.66 25.98 -26.00
CA VAL RA 100 -168.10 26.85 -24.97
C VAL RA 100 -166.61 27.20 -25.24
N ILE RA 101 -166.02 26.56 -26.26
CA ILE RA 101 -164.63 26.82 -26.62
C ILE RA 101 -164.49 28.07 -27.51
N SER RA 102 -165.59 28.49 -28.13
CA SER RA 102 -165.59 29.61 -29.07
C SER RA 102 -165.82 30.96 -28.39
N PHE RA 103 -166.94 31.08 -27.67
CA PHE RA 103 -167.41 32.37 -27.13
C PHE RA 103 -167.08 32.53 -25.65
N GLU RA 104 -165.81 32.42 -25.28
CA GLU RA 104 -165.40 32.52 -23.88
C GLU RA 104 -165.34 33.96 -23.37
N GLU RA 105 -165.24 34.92 -24.29
CA GLU RA 105 -165.31 36.33 -23.94
C GLU RA 105 -166.75 36.72 -23.60
N GLN RA 106 -167.71 36.01 -24.19
CA GLN RA 106 -169.14 36.17 -23.89
C GLN RA 106 -169.51 35.40 -22.61
N VAL RA 107 -169.02 34.17 -22.48
CA VAL RA 107 -169.27 33.34 -21.29
C VAL RA 107 -168.71 34.00 -20.01
N ALA RA 108 -167.60 34.73 -20.16
CA ALA RA 108 -167.01 35.46 -19.04
C ALA RA 108 -167.89 36.64 -18.61
N SER RA 109 -168.24 37.51 -19.54
CA SER RA 109 -169.01 38.70 -19.21
C SER RA 109 -170.51 38.42 -18.90
N ILE RA 110 -171.07 37.34 -19.46
CA ILE RA 110 -172.46 36.94 -19.14
C ILE RA 110 -172.58 36.38 -17.71
N ARG RA 111 -171.62 35.54 -17.31
CA ARG RA 111 -171.65 34.91 -15.98
C ARG RA 111 -171.35 35.89 -14.83
N GLN RA 112 -170.70 37.01 -15.14
CA GLN RA 112 -170.43 38.05 -14.14
C GLN RA 112 -171.72 38.81 -13.79
N HIS RA 113 -172.47 39.22 -14.80
CA HIS RA 113 -173.75 39.92 -14.60
C HIS RA 113 -174.79 39.03 -13.92
N LEU RA 114 -174.68 37.72 -14.11
CA LEU RA 114 -175.58 36.75 -13.49
C LEU RA 114 -175.32 36.62 -11.99
N ALA RA 115 -174.05 36.62 -11.61
CA ALA RA 115 -173.65 36.52 -10.20
C ALA RA 115 -174.04 37.76 -9.38
N SER RA 116 -174.19 38.91 -10.05
CA SER RA 116 -174.62 40.15 -9.39
C SER RA 116 -176.13 40.15 -9.10
N ILE RA 117 -176.91 39.50 -9.96
CA ILE RA 117 -178.36 39.40 -9.75
C ILE RA 117 -178.66 38.41 -8.63
N TYR RA 118 -177.89 37.33 -8.56
CA TYR RA 118 -177.99 36.35 -7.46
C TYR RA 118 -177.74 37.00 -6.09
N GLU RA 119 -176.55 37.56 -5.91
CA GLU RA 119 -176.12 38.12 -4.63
C GLU RA 119 -177.08 39.22 -4.14
N LYS RA 120 -177.53 40.07 -5.06
CA LYS RA 120 -178.52 41.09 -4.76
C LYS RA 120 -179.77 40.57 -4.04
N GLU RA 121 -180.28 39.43 -4.48
CA GLU RA 121 -181.51 38.84 -3.93
C GLU RA 121 -181.20 37.80 -2.83
N GLU RA 122 -180.23 38.12 -1.96
CA GLU RA 122 -179.84 37.25 -0.84
C GLU RA 122 -179.52 35.81 -1.25
N ASP RA 123 -178.80 35.64 -2.36
CA ASP RA 123 -178.34 34.33 -2.81
C ASP RA 123 -176.82 34.31 -2.74
N TRP RA 124 -176.29 33.75 -1.64
CA TRP RA 124 -174.84 33.69 -1.42
C TRP RA 124 -174.25 32.36 -1.91
N ARG RA 125 -175.09 31.51 -2.49
CA ARG RA 125 -174.68 30.19 -2.96
C ARG RA 125 -174.46 30.17 -4.47
N ASN RA 126 -175.53 30.44 -5.22
CA ASN RA 126 -175.50 30.30 -6.69
C ASN RA 126 -174.76 31.42 -7.41
N ALA RA 127 -174.50 32.53 -6.72
CA ALA RA 127 -173.65 33.59 -7.25
C ALA RA 127 -172.22 33.10 -7.37
N ALA RA 128 -171.76 32.39 -6.35
CA ALA RA 128 -170.40 31.82 -6.31
C ALA RA 128 -170.25 30.70 -7.33
N GLN RA 129 -171.24 29.80 -7.37
CA GLN RA 129 -171.21 28.63 -8.24
C GLN RA 129 -171.15 28.97 -9.74
N VAL RA 130 -171.56 30.18 -10.10
CA VAL RA 130 -171.55 30.61 -11.49
C VAL RA 130 -170.16 31.12 -11.84
N LEU RA 131 -169.49 31.76 -10.88
CA LEU RA 131 -168.11 32.23 -11.06
C LEU RA 131 -167.10 31.07 -11.08
N VAL RA 132 -167.45 29.97 -10.42
CA VAL RA 132 -166.65 28.75 -10.49
C VAL RA 132 -166.64 28.22 -11.92
N GLY RA 133 -167.80 28.26 -12.57
CA GLY RA 133 -167.95 27.80 -13.94
C GLY RA 133 -167.19 28.62 -14.99
N ILE RA 134 -166.90 29.88 -14.68
CA ILE RA 134 -166.12 30.73 -15.59
C ILE RA 134 -164.72 30.15 -15.76
N PRO RA 135 -164.37 29.72 -16.98
CA PRO RA 135 -163.06 29.08 -17.20
C PRO RA 135 -161.93 30.11 -17.24
N LEU RA 136 -161.40 30.44 -16.07
CA LEU RA 136 -160.39 31.48 -15.93
C LEU RA 136 -159.03 30.98 -16.40
N GLU RA 137 -158.49 29.98 -15.69
CA GLU RA 137 -157.15 29.45 -15.95
C GLU RA 137 -157.25 28.28 -16.93
N THR RA 138 -158.15 27.35 -16.62
CA THR RA 138 -158.35 26.15 -17.42
C THR RA 138 -158.84 26.47 -18.84
N GLY RA 139 -159.52 27.59 -19.01
CA GLY RA 139 -160.00 28.02 -20.32
C GLY RA 139 -158.88 28.26 -21.32
N GLN RA 140 -159.25 28.26 -22.60
CA GLN RA 140 -158.31 28.51 -23.69
C GLN RA 140 -157.71 29.92 -23.59
N LYS RA 141 -158.55 30.89 -23.24
CA LYS RA 141 -158.14 32.30 -23.16
C LYS RA 141 -157.33 32.57 -21.89
N GLN RA 142 -156.61 33.70 -21.88
CA GLN RA 142 -155.79 34.12 -20.75
C GLN RA 142 -156.31 35.46 -20.20
N TYR RA 143 -156.27 35.62 -18.88
CA TYR RA 143 -156.85 36.80 -18.21
C TYR RA 143 -155.86 37.53 -17.31
N ASN RA 144 -156.19 38.78 -17.00
CA ASN RA 144 -155.30 39.63 -16.19
C ASN RA 144 -155.35 39.33 -14.66
N VAL RA 145 -154.50 40.04 -13.91
CA VAL RA 145 -154.40 39.88 -12.45
C VAL RA 145 -155.62 40.42 -11.72
N ASP RA 146 -156.04 41.64 -12.08
CA ASP RA 146 -157.16 42.33 -11.41
C ASP RA 146 -158.53 41.69 -11.66
N TYR RA 147 -158.62 40.76 -12.62
CA TYR RA 147 -159.85 39.98 -12.85
C TYR RA 147 -159.85 38.68 -12.06
N LYS RA 148 -158.72 37.97 -12.07
CA LYS RA 148 -158.59 36.69 -11.37
C LYS RA 148 -158.55 36.86 -9.85
N LEU RA 149 -157.77 37.84 -9.39
CA LEU RA 149 -157.68 38.14 -7.95
C LEU RA 149 -158.99 38.72 -7.40
N GLU RA 150 -159.80 39.32 -8.27
CA GLU RA 150 -161.13 39.83 -7.91
C GLU RA 150 -162.19 38.72 -7.93
N THR RA 151 -162.05 37.76 -8.85
CA THR RA 151 -162.99 36.65 -8.97
C THR RA 151 -162.89 35.68 -7.78
N TYR RA 152 -161.68 35.27 -7.45
CA TYR RA 152 -161.44 34.39 -6.30
C TYR RA 152 -161.73 35.11 -4.97
N LEU RA 153 -161.65 36.44 -4.99
CA LEU RA 153 -162.05 37.26 -3.83
C LEU RA 153 -163.54 37.11 -3.57
N LYS RA 154 -164.33 37.25 -4.64
CA LYS RA 154 -165.79 37.24 -4.54
C LYS RA 154 -166.35 35.83 -4.36
N ILE RA 155 -165.67 34.83 -4.92
CA ILE RA 155 -166.06 33.42 -4.75
C ILE RA 155 -165.91 33.00 -3.28
N ALA RA 156 -164.73 33.27 -2.72
CA ALA RA 156 -164.45 32.93 -1.32
C ALA RA 156 -165.35 33.71 -0.34
N ARG RA 157 -165.63 34.97 -0.68
CA ARG RA 157 -166.49 35.82 0.16
C ARG RA 157 -167.95 35.35 0.19
N LEU RA 158 -168.39 34.70 -0.88
CA LEU RA 158 -169.78 34.24 -1.02
C LEU RA 158 -170.06 32.94 -0.29
N TYR RA 159 -169.14 31.98 -0.38
CA TYR RA 159 -169.28 30.69 0.31
C TYR RA 159 -169.27 30.83 1.84
N LEU RA 160 -168.63 31.89 2.35
CA LEU RA 160 -168.70 32.22 3.78
C LEU RA 160 -170.05 32.78 4.18
N GLU RA 161 -170.62 33.63 3.30
CA GLU RA 161 -171.92 34.26 3.57
C GLU RA 161 -173.07 33.25 3.67
N ASP RA 162 -172.91 32.08 3.06
CA ASP RA 162 -173.86 30.97 3.22
C ASP RA 162 -173.39 29.98 4.30
N ASP RA 163 -172.40 30.40 5.11
CA ASP RA 163 -171.73 29.53 6.08
C ASP RA 163 -171.28 28.20 5.46
N ASP RA 164 -170.14 28.25 4.78
CA ASP RA 164 -169.50 27.04 4.25
C ASP RA 164 -168.02 27.34 4.00
N PRO RA 165 -167.21 27.35 5.08
CA PRO RA 165 -165.77 27.61 4.94
C PRO RA 165 -164.97 26.47 4.30
N VAL RA 166 -165.59 25.30 4.12
CA VAL RA 166 -164.97 24.20 3.37
C VAL RA 166 -164.74 24.63 1.91
N GLN RA 167 -165.70 25.37 1.36
CA GLN RA 167 -165.61 25.87 -0.01
C GLN RA 167 -164.83 27.18 -0.10
N ALA RA 168 -165.08 28.09 0.84
CA ALA RA 168 -164.46 29.41 0.85
C ALA RA 168 -162.94 29.35 0.98
N GLU RA 169 -162.44 28.36 1.72
CA GLU RA 169 -160.99 28.18 1.90
C GLU RA 169 -160.29 27.71 0.63
N ALA RA 170 -161.01 26.97 -0.21
CA ALA RA 170 -160.42 26.38 -1.42
C ALA RA 170 -160.04 27.41 -2.49
N TYR RA 171 -160.87 28.43 -2.68
CA TYR RA 171 -160.66 29.43 -3.72
C TYR RA 171 -159.78 30.61 -3.29
N ILE RA 172 -159.82 30.95 -2.01
CA ILE RA 172 -158.92 31.97 -1.46
C ILE RA 172 -157.46 31.47 -1.41
N ASN RA 173 -157.29 30.14 -1.34
CA ASN RA 173 -155.97 29.52 -1.50
C ASN RA 173 -155.43 29.73 -2.91
N ARG RA 174 -156.32 29.64 -3.90
CA ARG RA 174 -155.97 29.90 -5.30
C ARG RA 174 -155.86 31.39 -5.60
N ALA RA 175 -156.44 32.22 -4.74
CA ALA RA 175 -156.30 33.68 -4.79
C ALA RA 175 -154.94 34.16 -4.29
N SER RA 176 -154.34 33.42 -3.37
CA SER RA 176 -153.04 33.77 -2.79
C SER RA 176 -151.89 33.67 -3.79
N LEU RA 177 -152.07 32.88 -4.85
CA LEU RA 177 -151.08 32.76 -5.91
C LEU RA 177 -150.87 34.08 -6.66
N LEU RA 178 -151.95 34.85 -6.81
CA LEU RA 178 -151.96 36.04 -7.67
C LEU RA 178 -152.04 37.37 -6.92
N GLN RA 179 -151.83 37.34 -5.59
CA GLN RA 179 -151.89 38.56 -4.78
C GLN RA 179 -150.49 39.19 -4.60
N ASN RA 180 -149.45 38.37 -4.70
CA ASN RA 180 -148.06 38.86 -4.74
C ASN RA 180 -147.79 39.62 -6.03
N GLU RA 181 -148.48 39.20 -7.09
CA GLU RA 181 -148.27 39.69 -8.45
C GLU RA 181 -148.92 41.05 -8.74
N SER RA 182 -149.82 41.50 -7.86
CA SER RA 182 -150.63 42.69 -8.11
C SER RA 182 -149.93 43.99 -7.69
N THR RA 183 -150.19 45.06 -8.43
CA THR RA 183 -149.74 46.42 -8.06
C THR RA 183 -150.95 47.30 -7.68
N ASN RA 184 -152.12 46.66 -7.54
CA ASN RA 184 -153.34 47.36 -7.16
C ASN RA 184 -153.36 47.53 -5.65
N GLU RA 185 -153.46 48.79 -5.20
CA GLU RA 185 -153.31 49.15 -3.79
C GLU RA 185 -154.60 48.98 -2.98
N GLN RA 186 -155.73 48.75 -3.64
CA GLN RA 186 -157.00 48.50 -2.94
C GLN RA 186 -157.48 47.05 -3.05
N LEU RA 187 -157.04 46.34 -4.10
CA LEU RA 187 -157.40 44.94 -4.31
C LEU RA 187 -156.67 44.01 -3.35
N GLN RA 188 -155.41 44.33 -3.06
CA GLN RA 188 -154.64 43.62 -2.03
C GLN RA 188 -155.22 43.87 -0.63
N ILE RA 189 -155.78 45.06 -0.42
CA ILE RA 189 -156.43 45.39 0.86
C ILE RA 189 -157.70 44.58 1.07
N HIS RA 190 -158.51 44.43 0.02
CA HIS RA 190 -159.74 43.63 0.11
C HIS RA 190 -159.47 42.11 0.11
N TYR RA 191 -158.23 41.71 -0.19
CA TYR RA 191 -157.79 40.32 0.00
C TYR RA 191 -157.45 40.02 1.47
N LYS RA 192 -156.83 40.99 2.16
CA LYS RA 192 -156.45 40.82 3.56
C LYS RA 192 -157.65 40.96 4.51
N VAL RA 193 -158.65 41.75 4.09
CA VAL RA 193 -159.94 41.82 4.81
C VAL RA 193 -160.71 40.50 4.64
N CYS RA 194 -160.57 39.88 3.47
CA CYS RA 194 -161.24 38.61 3.16
C CYS RA 194 -160.41 37.38 3.56
N TYR RA 195 -159.11 37.56 3.79
CA TYR RA 195 -158.27 36.47 4.29
C TYR RA 195 -158.30 36.41 5.82
N ALA RA 196 -158.43 37.57 6.46
CA ALA RA 196 -158.66 37.63 7.90
C ALA RA 196 -159.93 36.90 8.31
N ARG RA 197 -160.95 37.00 7.46
CA ARG RA 197 -162.26 36.35 7.69
C ARG RA 197 -162.25 34.85 7.43
N VAL RA 198 -161.38 34.38 6.54
CA VAL RA 198 -161.22 32.94 6.28
C VAL RA 198 -160.57 32.25 7.48
N LEU RA 199 -159.67 32.96 8.16
CA LEU RA 199 -159.07 32.45 9.39
C LEU RA 199 -160.03 32.62 10.58
N ASP RA 200 -160.95 33.59 10.48
CA ASP RA 200 -161.97 33.84 11.50
C ASP RA 200 -163.05 32.75 11.49
N TYR RA 201 -163.60 32.47 10.31
CA TYR RA 201 -164.63 31.42 10.14
C TYR RA 201 -164.05 29.99 10.20
N ARG RA 202 -162.72 29.87 10.10
CA ARG RA 202 -162.04 28.58 10.33
C ARG RA 202 -161.47 28.48 11.75
N ARG RA 203 -161.82 29.43 12.62
CA ARG RA 203 -161.46 29.39 14.04
C ARG RA 203 -159.95 29.42 14.31
N LYS RA 204 -159.22 30.13 13.46
CA LYS RA 204 -157.83 30.50 13.73
C LYS RA 204 -157.86 31.96 14.20
N PHE RA 205 -158.37 32.14 15.41
CA PHE RA 205 -158.66 33.47 15.95
C PHE RA 205 -157.39 34.30 16.23
N ILE RA 206 -156.31 33.64 16.64
CA ILE RA 206 -155.06 34.33 17.01
C ILE RA 206 -154.35 34.89 15.78
N GLU RA 207 -154.30 34.10 14.70
CA GLU RA 207 -153.71 34.55 13.45
C GLU RA 207 -154.63 35.55 12.73
N ALA RA 208 -155.94 35.42 12.96
CA ALA RA 208 -156.93 36.36 12.42
C ALA RA 208 -156.75 37.76 13.02
N ALA RA 209 -156.38 37.81 14.29
CA ALA RA 209 -156.11 39.08 14.97
C ALA RA 209 -154.93 39.85 14.38
N GLN RA 210 -153.95 39.14 13.84
CA GLN RA 210 -152.78 39.76 13.18
C GLN RA 210 -153.13 40.43 11.85
N ARG RA 211 -154.13 39.87 11.15
CA ARG RA 211 -154.62 40.43 9.89
C ARG RA 211 -155.46 41.67 10.11
N TYR RA 212 -156.42 41.56 11.02
CA TYR RA 212 -157.33 42.65 11.36
C TYR RA 212 -156.58 43.84 11.95
N ASN RA 213 -155.65 43.58 12.87
CA ASN RA 213 -154.84 44.63 13.50
C ASN RA 213 -154.00 45.40 12.48
N GLU RA 214 -153.37 44.66 11.56
CA GLU RA 214 -152.60 45.24 10.45
C GLU RA 214 -153.38 46.26 9.60
N LEU RA 215 -154.63 45.92 9.28
CA LEU RA 215 -155.46 46.72 8.36
C LEU RA 215 -155.94 48.05 8.95
N SER RA 216 -156.08 48.11 10.27
CA SER RA 216 -156.45 49.35 10.95
C SER RA 216 -155.32 50.37 10.97
N TYR RA 217 -154.07 49.90 10.83
CA TYR RA 217 -152.90 50.79 10.80
C TYR RA 217 -152.63 51.39 9.42
N LYS RA 218 -153.26 50.86 8.37
CA LYS RA 218 -153.10 51.39 7.02
C LYS RA 218 -153.95 52.64 6.78
N THR RA 219 -153.30 53.72 6.35
CA THR RA 219 -153.98 55.02 6.12
C THR RA 219 -154.77 55.06 4.82
N ILE RA 220 -154.29 54.35 3.80
CA ILE RA 220 -155.02 54.18 2.52
C ILE RA 220 -156.47 53.72 2.73
N VAL RA 221 -156.71 52.89 3.74
CA VAL RA 221 -158.06 52.50 4.12
C VAL RA 221 -158.73 53.69 4.83
N HIS RA 222 -159.98 53.99 4.47
CA HIS RA 222 -160.68 55.16 5.01
C HIS RA 222 -160.88 55.04 6.51
N GLU RA 223 -160.95 56.18 7.21
CA GLU RA 223 -160.87 56.21 8.68
C GLU RA 223 -161.96 55.44 9.42
N SER RA 224 -163.17 55.43 8.87
CA SER RA 224 -164.28 54.75 9.52
C SER RA 224 -164.22 53.22 9.29
N GLU RA 225 -163.43 52.80 8.31
CA GLU RA 225 -163.16 51.37 8.05
C GLU RA 225 -161.97 50.80 8.84
N ARG RA 226 -161.15 51.68 9.42
CA ARG RA 226 -160.06 51.25 10.31
C ARG RA 226 -160.58 50.93 11.71
N LEU RA 227 -161.74 51.49 12.06
CA LEU RA 227 -162.42 51.21 13.34
C LEU RA 227 -162.90 49.77 13.42
N GLU RA 228 -163.51 49.30 12.32
CA GLU RA 228 -163.94 47.91 12.21
C GLU RA 228 -162.74 46.97 12.12
N ALA RA 229 -161.71 47.38 11.37
CA ALA RA 229 -160.47 46.61 11.23
C ALA RA 229 -159.83 46.33 12.59
N LEU RA 230 -159.79 47.34 13.45
CA LEU RA 230 -159.23 47.21 14.79
C LEU RA 230 -160.14 46.40 15.72
N LYS RA 231 -161.45 46.54 15.57
CA LYS RA 231 -162.41 45.88 16.47
C LYS RA 231 -162.56 44.39 16.19
N HIS RA 232 -162.46 43.97 14.92
CA HIS RA 232 -162.44 42.54 14.56
C HIS RA 232 -161.19 41.84 15.13
N ALA RA 233 -160.08 42.57 15.25
CA ALA RA 233 -158.87 42.06 15.90
C ALA RA 233 -159.10 41.80 17.39
N LEU RA 234 -159.80 42.74 18.04
CA LEU RA 234 -160.14 42.65 19.46
C LEU RA 234 -160.94 41.38 19.77
N HIS RA 235 -162.03 41.17 19.04
CA HIS RA 235 -162.88 39.99 19.21
C HIS RA 235 -162.09 38.68 19.03
N CYS RA 236 -161.32 38.60 17.95
CA CYS RA 236 -160.54 37.41 17.63
C CYS RA 236 -159.28 37.28 18.50
N THR RA 237 -158.84 38.39 19.12
CA THR RA 237 -157.78 38.33 20.14
C THR RA 237 -158.34 37.77 21.45
N ILE RA 238 -159.56 38.16 21.81
CA ILE RA 238 -160.19 37.69 23.05
C ILE RA 238 -160.63 36.23 22.96
N LEU RA 239 -161.39 35.90 21.91
CA LEU RA 239 -161.98 34.55 21.76
C LEU RA 239 -161.00 33.44 21.41
N ALA RA 240 -159.76 33.80 21.06
CA ALA RA 240 -158.70 32.82 20.84
C ALA RA 240 -158.33 32.12 22.13
N SER RA 241 -157.61 31.00 22.01
CA SER RA 241 -157.11 30.27 23.16
C SER RA 241 -155.92 31.02 23.77
N ALA RA 242 -155.67 30.76 25.06
CA ALA RA 242 -154.65 31.48 25.82
C ALA RA 242 -153.24 31.19 25.31
N GLY RA 243 -152.85 31.86 24.24
CA GLY RA 243 -151.49 31.80 23.73
C GLY RA 243 -150.64 32.90 24.33
N GLN RA 244 -149.32 32.77 24.23
CA GLN RA 244 -148.41 33.83 24.64
C GLN RA 244 -148.38 34.95 23.59
N GLN RA 245 -148.58 34.57 22.33
CA GLN RA 245 -148.75 35.53 21.25
C GLN RA 245 -149.96 36.43 21.51
N ARG RA 246 -151.02 35.81 22.05
CA ARG RA 246 -152.25 36.52 22.43
C ARG RA 246 -152.02 37.56 23.53
N SER RA 247 -151.08 37.28 24.43
CA SER RA 247 -150.71 38.22 25.49
C SER RA 247 -150.05 39.49 24.94
N ARG RA 248 -149.33 39.35 23.83
CA ARG RA 248 -148.67 40.49 23.17
C ARG RA 248 -149.65 41.29 22.32
N MET RA 249 -150.65 40.60 21.78
CA MET RA 249 -151.77 41.24 21.09
C MET RA 249 -152.59 42.07 22.08
N LEU RA 250 -152.98 41.43 23.18
CA LEU RA 250 -153.71 42.09 24.26
C LEU RA 250 -152.97 43.34 24.77
N ALA RA 251 -151.64 43.29 24.79
CA ALA RA 251 -150.81 44.44 25.15
C ALA RA 251 -150.92 45.55 24.11
N THR RA 252 -150.86 45.19 22.83
CA THR RA 252 -151.02 46.15 21.74
C THR RA 252 -152.41 46.78 21.75
N LEU RA 253 -153.40 46.03 22.24
CA LEU RA 253 -154.78 46.51 22.30
C LEU RA 253 -155.07 47.50 23.43
N PHE RA 254 -154.37 47.38 24.56
CA PHE RA 254 -154.49 48.40 25.61
C PHE RA 254 -153.59 49.61 25.33
N LYS RA 255 -152.43 49.36 24.72
CA LYS RA 255 -151.51 50.42 24.32
C LYS RA 255 -152.14 51.39 23.30
N ASP RA 256 -152.99 50.85 22.43
CA ASP RA 256 -153.65 51.64 21.38
C ASP RA 256 -154.89 52.35 21.92
N GLU RA 257 -154.86 53.69 21.94
CA GLU RA 257 -155.98 54.49 22.46
C GLU RA 257 -157.24 54.33 21.60
N ARG RA 258 -157.06 53.94 20.33
CA ARG RA 258 -158.17 53.73 19.42
C ARG RA 258 -159.11 52.63 19.92
N CYS RA 259 -158.55 51.66 20.64
CA CYS RA 259 -159.32 50.57 21.21
C CYS RA 259 -160.22 50.99 22.37
N GLN RA 260 -159.82 52.04 23.09
CA GLN RA 260 -160.64 52.59 24.19
C GLN RA 260 -162.05 52.91 23.73
N GLN RA 261 -162.16 53.34 22.47
CA GLN RA 261 -163.45 53.68 21.86
C GLN RA 261 -164.35 52.46 21.69
N LEU RA 262 -163.75 51.28 21.54
CA LEU RA 262 -164.50 50.04 21.27
C LEU RA 262 -165.32 49.60 22.49
N ALA RA 263 -166.42 48.91 22.23
CA ALA RA 263 -167.39 48.53 23.26
C ALA RA 263 -166.89 47.44 24.20
N ALA RA 264 -165.97 46.61 23.72
CA ALA RA 264 -165.39 45.55 24.54
C ALA RA 264 -164.05 45.97 25.14
N TYR RA 265 -164.00 47.21 25.64
CA TYR RA 265 -162.85 47.71 26.39
C TYR RA 265 -162.96 47.30 27.85
N GLY RA 266 -164.19 47.26 28.36
CA GLY RA 266 -164.45 46.73 29.72
C GLY RA 266 -164.02 45.29 29.88
N ILE RA 267 -164.07 44.54 28.78
CA ILE RA 267 -163.57 43.17 28.75
C ILE RA 267 -162.05 43.19 28.61
N LEU RA 268 -161.54 43.97 27.66
CA LEU RA 268 -160.09 44.04 27.38
C LEU RA 268 -159.28 44.60 28.54
N GLU RA 269 -159.66 45.79 29.01
CA GLU RA 269 -159.04 46.40 30.20
C GLU RA 269 -158.87 45.34 31.28
N LYS RA 270 -159.95 44.62 31.55
CA LYS RA 270 -159.97 43.57 32.58
C LYS RA 270 -159.27 42.27 32.12
N MET RA 271 -159.14 42.09 30.81
CA MET RA 271 -158.50 40.90 30.28
C MET RA 271 -156.97 41.00 30.33
N TYR RA 272 -156.42 42.03 29.68
CA TYR RA 272 -154.96 42.21 29.58
C TYR RA 272 -154.29 42.31 30.94
N LEU RA 273 -154.92 43.05 31.85
CA LEU RA 273 -154.35 43.31 33.16
C LEU RA 273 -154.68 42.20 34.17
N ASP RA 274 -155.33 41.13 33.68
CA ASP RA 274 -155.58 39.93 34.47
C ASP RA 274 -156.53 40.21 35.61
N ARG RA 275 -157.73 40.64 35.23
CA ARG RA 275 -158.78 40.96 36.16
C ARG RA 275 -159.92 39.98 35.95
N ILE RA 276 -160.72 39.80 37.00
CA ILE RA 276 -161.86 38.90 36.96
C ILE RA 276 -162.95 39.48 36.05
N ILE RA 277 -163.61 38.60 35.33
CA ILE RA 277 -164.74 38.97 34.46
C ILE RA 277 -165.98 38.26 34.98
N ARG RA 278 -167.04 39.03 35.26
CA ARG RA 278 -168.27 38.46 35.78
C ARG RA 278 -169.04 37.71 34.69
N GLY RA 279 -170.16 37.11 35.10
CA GLY RA 279 -171.07 36.45 34.18
C GLY RA 279 -172.15 37.38 33.62
N ASN RA 280 -172.14 38.66 34.01
CA ASN RA 280 -173.01 39.68 33.40
C ASN RA 280 -172.33 40.40 32.23
N GLN RA 281 -171.00 40.46 32.28
CA GLN RA 281 -170.18 40.92 31.15
C GLN RA 281 -169.92 39.76 30.17
N LEU RA 282 -170.05 38.53 30.65
CA LEU RA 282 -170.08 37.34 29.81
C LEU RA 282 -171.30 37.42 28.85
N GLN RA 283 -172.44 37.89 29.37
CA GLN RA 283 -173.65 38.11 28.56
C GLN RA 283 -173.49 39.31 27.63
N GLU RA 284 -173.06 40.43 28.20
CA GLU RA 284 -172.73 41.65 27.44
C GLU RA 284 -171.88 41.30 26.22
N PHE RA 285 -170.77 40.61 26.47
CA PHE RA 285 -169.83 40.25 25.42
C PHE RA 285 -170.39 39.13 24.53
N ALA RA 286 -171.20 38.23 25.09
CA ALA RA 286 -171.87 37.18 24.31
C ALA RA 286 -172.84 37.74 23.27
N ALA RA 287 -173.47 38.87 23.60
CA ALA RA 287 -174.39 39.54 22.68
C ALA RA 287 -173.66 40.16 21.48
N MET RA 288 -172.43 40.62 21.70
CA MET RA 288 -171.60 41.22 20.65
C MET RA 288 -171.09 40.20 19.63
N LEU RA 289 -170.93 38.95 20.04
CA LEU RA 289 -170.31 37.92 19.20
C LEU RA 289 -171.14 37.53 17.99
N MET RA 290 -170.47 36.90 17.03
CA MET RA 290 -171.12 36.38 15.84
C MET RA 290 -171.53 34.94 16.13
N PRO RA 291 -172.53 34.42 15.39
CA PRO RA 291 -173.07 33.08 15.69
C PRO RA 291 -172.04 31.95 15.64
N HIS RA 292 -171.17 31.96 14.64
CA HIS RA 292 -170.17 30.88 14.45
C HIS RA 292 -169.07 30.85 15.52
N GLN RA 293 -168.83 31.97 16.18
CA GLN RA 293 -167.73 32.07 17.15
C GLN RA 293 -167.99 31.37 18.51
N LYS RA 294 -169.22 30.88 18.74
CA LYS RA 294 -169.60 30.26 20.02
C LYS RA 294 -169.91 28.80 19.94
N ALA RA 295 -170.00 26.71 17.00
CA ALA RA 295 -168.79 26.32 17.65
C ALA RA 295 -168.99 25.97 19.16
N THR RA 296 -170.00 25.14 19.40
CA THR RA 296 -170.01 24.29 20.59
C THR RA 296 -169.53 22.92 20.13
N THR RA 297 -168.75 22.26 20.98
CA THR RA 297 -168.28 20.90 20.69
C THR RA 297 -168.33 20.02 21.94
N ALA RA 298 -168.46 18.71 21.72
CA ALA RA 298 -168.49 17.71 22.78
C ALA RA 298 -169.61 17.92 23.81
N ASP RA 299 -169.39 18.80 24.79
CA ASP RA 299 -170.34 18.98 25.91
C ASP RA 299 -171.38 20.09 25.69
N GLY RA 300 -171.33 20.75 24.53
CA GLY RA 300 -172.31 21.79 24.19
C GLY RA 300 -171.99 23.16 24.73
N SER RA 301 -170.81 23.31 25.33
CA SER RA 301 -170.36 24.59 25.84
C SER RA 301 -169.59 25.34 24.77
N SER RA 302 -169.66 26.66 24.84
CA SER RA 302 -169.02 27.54 23.87
C SER RA 302 -167.53 27.69 24.16
N ILE RA 303 -166.81 28.34 23.25
CA ILE RA 303 -165.45 28.80 23.55
C ILE RA 303 -165.56 29.86 24.65
N LEU RA 304 -166.50 30.78 24.49
CA LEU RA 304 -166.77 31.82 25.50
C LEU RA 304 -166.91 31.22 26.89
N ASP RA 305 -168.01 30.50 27.13
CA ASP RA 305 -168.35 30.05 28.48
C ASP RA 305 -167.31 29.14 29.14
N ARG RA 306 -166.35 28.64 28.35
CA ARG RA 306 -165.31 27.77 28.87
C ARG RA 306 -163.94 28.44 28.85
N ALA RA 307 -163.55 29.05 27.73
CA ALA RA 307 -162.29 29.81 27.64
C ALA RA 307 -162.30 31.04 28.55
N VAL RA 308 -163.49 31.58 28.84
CA VAL RA 308 -163.64 32.68 29.79
C VAL RA 308 -163.31 32.23 31.22
N ILE RA 309 -164.11 31.30 31.73
CA ILE RA 309 -163.98 30.89 33.13
C ILE RA 309 -162.62 30.21 33.41
N GLU RA 310 -162.02 29.61 32.39
CA GLU RA 310 -160.66 29.06 32.51
C GLU RA 310 -159.61 30.16 32.68
N HIS RA 311 -159.81 31.31 32.04
CA HIS RA 311 -158.95 32.48 32.26
C HIS RA 311 -159.06 32.96 33.70
N ASN RA 312 -160.28 32.91 34.26
CA ASN RA 312 -160.51 33.30 35.65
C ASN RA 312 -159.64 32.51 36.64
N LEU RA 313 -159.50 31.20 36.42
CA LEU RA 313 -158.65 30.37 37.27
C LEU RA 313 -157.19 30.84 37.23
N LEU RA 314 -156.65 30.92 36.02
CA LEU RA 314 -155.24 31.29 35.80
C LEU RA 314 -154.91 32.64 36.40
N SER RA 315 -155.88 33.56 36.36
CA SER RA 315 -155.75 34.85 37.02
C SER RA 315 -155.77 34.69 38.54
N ALA RA 316 -156.73 33.91 39.04
CA ALA RA 316 -156.87 33.66 40.47
C ALA RA 316 -155.68 32.90 41.05
N SER RA 317 -155.06 32.05 40.24
CA SER RA 317 -153.98 31.17 40.68
C SER RA 317 -152.86 31.89 41.44
N LYS RA 318 -152.16 32.78 40.74
CA LYS RA 318 -150.97 33.42 41.30
C LYS RA 318 -151.27 34.56 42.29
N LEU RA 319 -152.51 35.07 42.26
CA LEU RA 319 -152.98 36.02 43.26
C LEU RA 319 -153.16 35.32 44.59
N TYR RA 320 -153.87 34.20 44.58
CA TYR RA 320 -153.96 33.32 45.73
C TYR RA 320 -152.71 32.46 45.86
N ASN RA 321 -152.65 31.66 46.92
CA ASN RA 321 -151.74 30.52 47.02
C ASN RA 321 -152.46 29.20 47.26
N ASN RA 322 -153.72 29.27 47.71
CA ASN RA 322 -154.59 28.11 47.87
C ASN RA 322 -156.03 28.52 48.14
N ILE RA 323 -156.98 27.64 47.83
CA ILE RA 323 -158.42 27.91 48.05
C ILE RA 323 -159.26 26.64 47.98
N THR RA 324 -160.42 26.65 48.64
CA THR RA 324 -161.37 25.55 48.59
C THR RA 324 -162.16 25.60 47.30
N PHE RA 325 -162.74 24.47 46.90
CA PHE RA 325 -163.46 24.38 45.63
C PHE RA 325 -164.84 25.03 45.74
N GLU RA 326 -165.50 24.80 46.88
CA GLU RA 326 -166.76 25.47 47.18
C GLU RA 326 -166.63 26.98 46.98
N GLU RA 327 -165.65 27.56 47.67
CA GLU RA 327 -165.46 29.00 47.68
C GLU RA 327 -164.79 29.50 46.38
N LEU RA 328 -164.05 28.63 45.71
CA LEU RA 328 -163.48 28.94 44.39
C LEU RA 328 -164.58 28.98 43.33
N GLY RA 329 -165.33 27.89 43.24
CA GLY RA 329 -166.47 27.81 42.33
C GLY RA 329 -167.46 28.94 42.51
N ALA RA 330 -167.62 29.38 43.76
CA ALA RA 330 -168.48 30.52 44.08
C ALA RA 330 -167.98 31.82 43.44
N LEU RA 331 -166.66 31.96 43.35
CA LEU RA 331 -166.05 33.13 42.73
C LEU RA 331 -166.10 33.08 41.19
N LEU RA 332 -165.90 31.89 40.62
CA LEU RA 332 -165.86 31.72 39.17
C LEU RA 332 -167.23 31.41 38.56
N GLU RA 333 -168.27 31.39 39.41
CA GLU RA 333 -169.67 31.24 38.99
C GLU RA 333 -169.98 29.91 38.29
N ILE RA 334 -169.82 28.84 39.07
CA ILE RA 334 -170.03 27.47 38.61
C ILE RA 334 -170.21 26.57 39.84
N PRO RA 335 -170.81 25.38 39.66
CA PRO RA 335 -170.80 24.40 40.75
C PRO RA 335 -169.38 23.87 41.00
N ALA RA 336 -168.99 23.80 42.27
CA ALA RA 336 -167.62 23.45 42.65
C ALA RA 336 -167.05 22.26 41.89
N ALA RA 337 -167.85 21.21 41.76
CA ALA RA 337 -167.49 20.03 41.00
C ALA RA 337 -166.76 20.39 39.70
N LYS RA 338 -167.34 21.33 38.96
CA LYS RA 338 -166.78 21.79 37.70
C LYS RA 338 -165.39 22.38 37.90
N ALA RA 339 -165.30 23.36 38.80
CA ALA RA 339 -164.03 24.04 39.08
C ALA RA 339 -162.95 23.01 39.36
N GLU RA 340 -163.19 22.16 40.35
CA GLU RA 340 -162.29 21.09 40.72
C GLU RA 340 -161.74 20.37 39.49
N LYS RA 341 -162.64 19.99 38.60
CA LYS RA 341 -162.30 19.17 37.45
C LYS RA 341 -161.48 19.93 36.41
N ILE RA 342 -162.00 21.06 35.94
CA ILE RA 342 -161.32 21.83 34.90
C ILE RA 342 -159.99 22.37 35.41
N ALA RA 343 -159.94 22.74 36.68
CA ALA RA 343 -158.70 23.16 37.31
C ALA RA 343 -157.65 22.08 37.11
N SER RA 344 -158.06 20.83 37.30
CA SER RA 344 -157.18 19.70 37.10
C SER RA 344 -156.59 19.69 35.69
N GLN RA 345 -157.45 19.85 34.69
CA GLN RA 345 -157.01 19.91 33.30
C GLN RA 345 -155.87 20.91 33.11
N MET RA 346 -156.11 22.14 33.57
CA MET RA 346 -155.15 23.22 33.39
C MET RA 346 -153.77 22.90 34.00
N ILE RA 347 -153.76 22.05 35.02
CA ILE RA 347 -152.52 21.50 35.54
C ILE RA 347 -152.05 20.39 34.61
N THR RA 348 -152.94 19.43 34.37
CA THR RA 348 -152.60 18.24 33.57
C THR RA 348 -152.03 18.61 32.21
N GLU RA 349 -152.74 19.46 31.47
CA GLU RA 349 -152.30 19.90 30.15
C GLU RA 349 -151.03 20.76 30.22
N GLY RA 350 -150.79 21.37 31.39
CA GLY RA 350 -149.53 22.07 31.66
C GLY RA 350 -149.60 23.55 31.36
N ARG RA 351 -150.59 24.22 31.94
CA ARG RA 351 -150.79 25.65 31.75
C ARG RA 351 -150.78 26.45 33.07
N MET RA 352 -150.62 25.75 34.19
CA MET RA 352 -150.69 26.37 35.51
C MET RA 352 -150.30 25.31 36.53
N ASN RA 353 -149.11 25.42 37.10
CA ASN RA 353 -148.62 24.41 38.04
C ASN RA 353 -149.40 24.46 39.36
N GLY RA 354 -149.42 23.34 40.07
CA GLY RA 354 -150.22 23.20 41.28
C GLY RA 354 -150.68 21.77 41.45
N PHE RA 355 -151.55 21.52 42.42
CA PHE RA 355 -152.04 20.17 42.70
C PHE RA 355 -153.29 20.17 43.59
N ILE RA 356 -153.90 19.00 43.71
CA ILE RA 356 -155.22 18.84 44.34
C ILE RA 356 -155.19 17.92 45.56
N ASP RA 357 -155.97 18.30 46.59
CA ASP RA 357 -156.19 17.48 47.79
C ASP RA 357 -157.69 17.29 47.95
N GLN RA 358 -158.20 16.21 47.35
CA GLN RA 358 -159.64 16.03 47.21
C GLN RA 358 -160.38 15.80 48.53
N ILE RA 359 -159.71 15.14 49.48
CA ILE RA 359 -160.31 14.88 50.79
C ILE RA 359 -160.67 16.18 51.47
N ASP RA 360 -159.71 17.11 51.47
CA ASP RA 360 -159.94 18.43 52.02
C ASP RA 360 -160.90 19.21 51.14
N GLY RA 361 -160.64 19.19 49.84
CA GLY RA 361 -161.36 20.01 48.89
C GLY RA 361 -160.62 21.31 48.60
N ILE RA 362 -159.29 21.23 48.56
CA ILE RA 362 -158.42 22.40 48.38
C ILE RA 362 -157.48 22.18 47.20
N VAL RA 363 -157.17 23.27 46.51
CA VAL RA 363 -156.14 23.27 45.48
C VAL RA 363 -155.02 24.18 45.94
N HIS RA 364 -153.79 23.84 45.58
CA HIS RA 364 -152.63 24.63 45.94
C HIS RA 364 -152.00 25.22 44.68
N PHE RA 365 -151.72 26.52 44.74
CA PHE RA 365 -151.35 27.30 43.56
C PHE RA 365 -149.88 27.66 43.53
N GLU RA 366 -149.49 28.45 42.53
CA GLU RA 366 -148.18 29.09 42.48
C GLU RA 366 -147.88 29.82 43.79
N THR RA 367 -147.17 29.11 44.67
CA THR RA 367 -146.70 29.65 45.93
C THR RA 367 -145.28 30.23 45.74
N ARG RA 368 -144.30 29.36 45.52
CA ARG RA 368 -142.87 29.72 45.44
C ARG RA 368 -142.40 30.48 46.67
N GLU RA 369 -142.86 30.02 47.84
CA GLU RA 369 -142.65 30.77 49.08
C GLU RA 369 -141.31 30.35 49.76
N ALA RA 370 -141.14 30.64 51.05
CA ALA RA 370 -139.92 30.33 51.80
C ALA RA 370 -138.79 31.34 51.47
N LEU RA 371 -137.54 30.89 51.51
CA LEU RA 371 -136.39 31.79 51.39
C LEU RA 371 -136.24 32.48 50.04
N PRO RA 372 -136.72 31.85 48.95
CA PRO RA 372 -136.76 32.59 47.69
C PRO RA 372 -137.53 33.92 47.80
N THR RA 373 -138.62 33.91 48.56
CA THR RA 373 -139.42 35.12 48.82
C THR RA 373 -138.57 36.20 49.48
N TRP RA 374 -137.68 35.77 50.36
CA TRP RA 374 -136.78 36.67 51.08
C TRP RA 374 -135.96 37.54 50.12
N ASP RA 375 -135.37 36.92 49.10
CA ASP RA 375 -134.57 37.64 48.10
C ASP RA 375 -135.36 38.72 47.37
N LYS RA 376 -136.62 38.44 47.08
CA LYS RA 376 -137.50 39.41 46.42
C LYS RA 376 -137.93 40.51 47.37
N GLN RA 377 -138.19 40.15 48.63
CA GLN RA 377 -138.59 41.12 49.65
C GLN RA 377 -137.44 42.02 50.09
N ILE RA 378 -136.21 41.61 49.80
CA ILE RA 378 -135.05 42.48 49.93
C ILE RA 378 -135.10 43.51 48.79
N GLN RA 379 -135.20 43.00 47.56
CA GLN RA 379 -135.25 43.85 46.37
C GLN RA 379 -136.47 44.79 46.38
N SER RA 380 -137.61 44.26 46.81
CA SER RA 380 -138.86 45.04 46.89
C SER RA 380 -138.66 46.33 47.67
N LEU RA 381 -137.85 46.27 48.72
CA LEU RA 381 -137.56 47.45 49.53
C LEU RA 381 -136.30 48.18 49.06
N CYS RA 382 -135.30 47.43 48.60
CA CYS RA 382 -134.04 48.02 48.12
C CYS RA 382 -134.21 48.91 46.91
N PHE RA 383 -135.15 48.57 46.02
CA PHE RA 383 -135.44 49.41 44.85
C PHE RA 383 -136.24 50.66 45.22
N GLN RA 384 -136.97 50.61 46.33
CA GLN RA 384 -137.66 51.79 46.86
C GLN RA 384 -136.67 52.82 47.41
N VAL RA 385 -135.50 52.36 47.84
CA VAL RA 385 -134.41 53.25 48.26
C VAL RA 385 -133.89 54.04 47.06
N ASN RA 386 -133.71 53.35 45.94
CA ASN RA 386 -133.29 53.99 44.69
C ASN RA 386 -134.40 54.86 44.08
N ASN RA 387 -135.66 54.46 44.25
CA ASN RA 387 -136.79 55.27 43.80
C ASN RA 387 -136.97 56.55 44.61
N LEU RA 388 -136.79 56.44 45.92
CA LEU RA 388 -136.87 57.61 46.81
C LEU RA 388 -135.59 58.47 46.71
N LEU RA 389 -134.49 57.85 46.26
CA LEU RA 389 -133.25 58.58 45.97
C LEU RA 389 -133.40 59.45 44.73
N GLU RA 390 -133.81 58.85 43.63
CA GLU RA 390 -134.02 59.56 42.36
C GLU RA 390 -134.93 60.79 42.52
N LYS RA 391 -135.99 60.64 43.31
CA LYS RA 391 -137.00 61.69 43.47
C LYS RA 391 -136.55 62.84 44.38
N ILE RA 392 -135.50 62.64 45.18
CA ILE RA 392 -134.89 63.72 45.95
C ILE RA 392 -133.79 64.39 45.12
N SER RA 393 -133.04 63.59 44.35
CA SER RA 393 -132.02 64.12 43.43
C SER RA 393 -132.65 64.95 42.32
N GLN RA 394 -133.88 64.61 41.96
CA GLN RA 394 -134.64 65.33 40.93
C GLN RA 394 -135.30 66.58 41.52
N THR RA 395 -136.24 66.37 42.45
CA THR RA 395 -137.09 67.46 42.96
C THR RA 395 -136.30 68.52 43.74
N ALA RA 396 -135.32 68.08 44.52
CA ALA RA 396 -134.52 68.97 45.33
C ALA RA 396 -133.04 68.89 44.92
N PRO RA 397 -132.68 69.52 43.78
CA PRO RA 397 -131.28 69.53 43.36
C PRO RA 397 -130.39 70.41 44.23
N GLU RA 398 -130.99 71.31 45.01
CA GLU RA 398 -130.26 72.08 46.03
C GLU RA 398 -129.84 71.15 47.16
N TRP RA 399 -130.80 70.51 47.81
CA TRP RA 399 -130.51 69.57 48.90
C TRP RA 399 -129.70 68.36 48.41
N THR RA 400 -129.81 68.06 47.12
CA THR RA 400 -128.92 67.08 46.49
C THR RA 400 -127.47 67.54 46.62
N ALA RA 401 -127.22 68.79 46.25
CA ALA RA 401 -125.88 69.39 46.37
C ALA RA 401 -125.45 69.61 47.82
N GLN RA 402 -126.43 69.79 48.72
CA GLN RA 402 -126.16 69.95 50.15
C GLN RA 402 -125.74 68.61 50.77
N ALA RA 403 -126.59 67.60 50.60
CA ALA RA 403 -126.34 66.27 51.13
C ALA RA 403 -125.30 65.49 50.32
N MET RA 404 -124.91 66.00 49.15
CA MET RA 404 -123.82 65.42 48.37
C MET RA 404 -122.57 65.25 49.22
N GLU RA 405 -122.15 66.35 49.86
CA GLU RA 405 -120.95 66.35 50.68
C GLU RA 405 -121.17 65.87 52.12
N ALA RA 406 -122.38 65.35 52.40
CA ALA RA 406 -122.63 64.59 53.63
C ALA RA 406 -122.06 63.18 53.51
N GLN RA 407 -121.74 62.75 52.28
CA GLN RA 407 -120.98 61.53 52.02
C GLN RA 407 -119.48 61.82 52.02
N MET RA 408 -119.11 62.97 51.45
CA MET RA 408 -117.70 63.34 51.25
C MET RA 408 -117.02 63.81 52.54
N ALA RA 409 -117.66 64.73 53.25
CA ALA RA 409 -117.12 65.24 54.52
C ALA RA 409 -117.13 64.18 55.63
N GLN RA 410 -118.06 63.23 55.54
CA GLN RA 410 -118.10 62.09 56.46
C GLN RA 410 -117.11 61.00 56.06
N SER SA 15 -105.07 55.31 25.29
CA SER SA 15 -106.40 54.74 24.90
C SER SA 15 -106.45 53.24 25.14
N ILE SA 16 -107.44 52.80 25.90
CA ILE SA 16 -107.59 51.39 26.27
C ILE SA 16 -107.98 50.53 25.07
N ASP SA 17 -108.76 51.10 24.15
CA ASP SA 17 -109.24 50.35 22.98
C ASP SA 17 -108.13 50.15 21.93
N GLU SA 18 -106.98 49.67 22.39
CA GLU SA 18 -105.87 49.31 21.52
C GLU SA 18 -106.08 47.89 21.01
N ILE SA 19 -106.82 47.10 21.79
CA ILE SA 19 -106.98 45.65 21.56
C ILE SA 19 -108.26 45.29 20.80
N TYR SA 20 -109.35 46.03 21.02
CA TYR SA 20 -110.60 45.80 20.28
C TYR SA 20 -110.47 46.15 18.79
N LYS SA 21 -109.33 46.72 18.41
CA LYS SA 21 -108.96 46.89 17.01
C LYS SA 21 -108.60 45.52 16.40
N TYR SA 22 -108.82 45.37 15.10
CA TYR SA 22 -108.53 44.11 14.39
C TYR SA 22 -107.79 44.39 13.07
N ASP SA 23 -106.47 44.17 13.08
CA ASP SA 23 -105.63 44.34 11.88
C ASP SA 23 -105.56 43.00 11.13
N LYS SA 24 -106.24 42.94 9.98
CA LYS SA 24 -106.43 41.68 9.24
C LYS SA 24 -105.23 41.25 8.41
N LYS SA 25 -104.52 42.22 7.82
CA LYS SA 25 -103.34 41.92 7.00
C LYS SA 25 -102.17 41.44 7.86
N GLN SA 26 -102.07 41.96 9.08
CA GLN SA 26 -101.04 41.52 10.03
C GLN SA 26 -101.23 40.05 10.45
N GLN SA 27 -102.48 39.59 10.45
CA GLN SA 27 -102.79 38.20 10.79
C GLN SA 27 -102.25 37.21 9.76
N GLN SA 28 -102.40 37.55 8.48
CA GLN SA 28 -102.02 36.64 7.39
C GLN SA 28 -100.53 36.66 7.07
N GLU SA 29 -99.81 37.64 7.62
CA GLU SA 29 -98.35 37.66 7.57
C GLU SA 29 -97.78 36.72 8.63
N ILE SA 30 -98.41 36.71 9.79
CA ILE SA 30 -98.04 35.80 10.89
C ILE SA 30 -98.45 34.37 10.54
N LEU SA 31 -99.60 34.21 9.89
CA LEU SA 31 -100.07 32.90 9.42
C LEU SA 31 -99.06 32.24 8.47
N ALA SA 32 -98.47 33.03 7.58
CA ALA SA 32 -97.46 32.54 6.66
C ALA SA 32 -96.11 32.36 7.36
N ALA SA 33 -95.74 33.33 8.21
CA ALA SA 33 -94.45 33.32 8.89
C ALA SA 33 -94.28 32.11 9.80
N LYS SA 34 -95.24 31.92 10.71
CA LYS SA 34 -95.28 30.78 11.62
C LYS SA 34 -94.12 30.74 12.61
N PRO SA 35 -94.30 31.34 13.81
CA PRO SA 35 -93.40 31.09 14.94
C PRO SA 35 -93.83 29.91 15.81
N TRP SA 36 -94.87 29.18 15.38
CA TRP SA 36 -95.37 28.00 16.10
C TRP SA 36 -94.81 26.67 15.55
N THR SA 37 -94.41 26.66 14.28
CA THR SA 37 -93.72 25.51 13.68
C THR SA 37 -92.21 25.51 13.99
N LYS SA 38 -91.72 26.59 14.61
CA LYS SA 38 -90.30 26.73 14.93
C LYS SA 38 -90.05 26.34 16.39
N ASP SA 39 -90.82 26.95 17.29
CA ASP SA 39 -90.78 26.62 18.72
C ASP SA 39 -92.08 25.92 19.12
N HIS SA 40 -91.95 24.79 19.80
CA HIS SA 40 -93.12 23.97 20.18
C HIS SA 40 -93.99 24.64 21.25
N HIS SA 41 -93.37 25.32 22.21
CA HIS SA 41 -94.11 26.06 23.24
C HIS SA 41 -93.89 27.57 23.10
N TYR SA 42 -94.35 28.10 21.97
CA TYR SA 42 -94.23 29.52 21.65
C TYR SA 42 -95.29 30.32 22.41
N PHE SA 43 -96.56 29.98 22.19
CA PHE SA 43 -97.67 30.69 22.82
C PHE SA 43 -97.82 30.29 24.30
N LYS SA 44 -97.70 31.28 25.19
CA LYS SA 44 -97.76 31.04 26.63
C LYS SA 44 -98.83 31.87 27.38
N TYR SA 45 -99.20 33.03 26.84
CA TYR SA 45 -100.21 33.89 27.48
C TYR SA 45 -101.56 33.80 26.76
N CYS SA 46 -102.60 34.31 27.41
CA CYS SA 46 -103.96 34.28 26.84
C CYS SA 46 -104.83 35.40 27.40
N LYS SA 47 -105.09 36.42 26.59
CA LYS SA 47 -105.91 37.55 26.99
C LYS SA 47 -107.38 37.33 26.63
N ILE SA 48 -108.24 37.27 27.64
CA ILE SA 48 -109.68 37.02 27.46
C ILE SA 48 -110.47 38.33 27.60
N SER SA 49 -111.31 38.63 26.60
CA SER SA 49 -112.04 39.90 26.56
C SER SA 49 -113.18 39.96 27.58
N ALA SA 50 -113.90 41.07 27.59
CA ALA SA 50 -115.04 41.26 28.49
C ALA SA 50 -116.20 40.35 28.10
N LEU SA 51 -116.61 40.44 26.83
CA LEU SA 51 -117.74 39.63 26.32
C LEU SA 51 -117.42 38.14 26.32
N ALA SA 52 -116.22 37.80 25.85
CA ALA SA 52 -115.79 36.41 25.75
C ALA SA 52 -115.95 35.66 27.08
N LEU SA 53 -115.54 36.30 28.17
CA LEU SA 53 -115.64 35.71 29.51
C LEU SA 53 -117.08 35.45 29.91
N LEU SA 54 -117.93 36.47 29.78
CA LEU SA 54 -119.34 36.39 30.21
C LEU SA 54 -120.12 35.32 29.46
N LYS SA 55 -119.97 35.29 28.14
CA LYS SA 55 -120.73 34.35 27.31
C LYS SA 55 -120.27 32.90 27.53
N MET SA 56 -118.96 32.69 27.69
CA MET SA 56 -118.43 31.36 27.97
C MET SA 56 -118.91 30.84 29.32
N VAL SA 57 -118.87 31.71 30.33
CA VAL SA 57 -119.40 31.38 31.66
C VAL SA 57 -120.91 31.12 31.58
N MET SA 58 -121.62 31.93 30.80
CA MET SA 58 -123.07 31.75 30.60
C MET SA 58 -123.42 30.48 29.84
N HIS SA 59 -122.59 30.12 28.86
CA HIS SA 59 -122.83 28.90 28.07
C HIS SA 59 -122.64 27.64 28.90
N ALA SA 60 -121.63 27.65 29.76
CA ALA SA 60 -121.31 26.51 30.62
C ALA SA 60 -122.41 26.23 31.61
N ARG SA 61 -122.82 27.27 32.32
CA ARG SA 61 -123.85 27.16 33.35
C ARG SA 61 -125.24 26.93 32.77
N SER SA 62 -125.53 27.52 31.61
CA SER SA 62 -126.86 27.39 30.98
C SER SA 62 -127.25 25.94 30.78
N GLY SA 63 -126.34 25.15 30.24
CA GLY SA 63 -126.50 23.70 30.18
C GLY SA 63 -126.40 23.11 31.57
N GLY SA 64 -125.40 23.57 32.33
CA GLY SA 64 -125.25 23.21 33.72
C GLY SA 64 -124.51 21.89 33.88
N ASN SA 65 -125.21 20.91 34.44
CA ASN SA 65 -124.62 19.61 34.81
C ASN SA 65 -123.89 18.91 33.66
N LEU SA 66 -124.31 19.22 32.45
CA LEU SA 66 -123.80 18.56 31.27
C LEU SA 66 -122.74 19.44 30.62
N GLU SA 67 -121.68 18.81 30.12
CA GLU SA 67 -120.63 19.51 29.40
C GLU SA 67 -121.13 19.86 28.00
N VAL SA 68 -120.97 21.12 27.59
CA VAL SA 68 -121.27 21.56 26.23
C VAL SA 68 -120.17 22.51 25.75
N MET SA 69 -119.70 22.31 24.53
CA MET SA 69 -118.63 23.11 23.97
C MET SA 69 -119.15 24.07 22.92
N GLY SA 70 -118.44 25.18 22.74
CA GLY SA 70 -118.72 26.12 21.68
C GLY SA 70 -117.45 26.45 20.92
N LEU SA 71 -117.48 27.56 20.19
CA LEU SA 71 -116.30 28.02 19.46
C LEU SA 71 -115.92 29.43 19.91
N MET SA 72 -114.63 29.71 19.93
CA MET SA 72 -114.10 31.04 20.25
C MET SA 72 -113.53 31.69 19.00
N LEU SA 73 -113.59 33.02 18.96
CA LEU SA 73 -112.99 33.80 17.90
C LEU SA 73 -111.99 34.79 18.50
N GLY SA 74 -110.89 35.02 17.80
CA GLY SA 74 -109.84 35.89 18.31
C GLY SA 74 -108.70 36.11 17.34
N LYS SA 75 -107.56 36.50 17.87
CA LYS SA 75 -106.37 36.79 17.06
C LYS SA 75 -105.09 36.50 17.84
N VAL SA 76 -103.94 36.66 17.17
CA VAL SA 76 -102.63 36.44 17.80
C VAL SA 76 -101.83 37.74 17.91
N ASP SA 77 -100.99 37.81 18.95
CA ASP SA 77 -100.13 38.97 19.18
C ASP SA 77 -98.96 38.58 20.12
N GLY SA 78 -97.74 38.56 19.56
CA GLY SA 78 -96.55 38.14 20.31
C GLY SA 78 -96.62 36.67 20.69
N GLU SA 79 -96.59 36.40 21.99
CA GLU SA 79 -96.84 35.06 22.52
C GLU SA 79 -98.25 34.93 23.10
N THR SA 80 -99.02 36.02 23.07
CA THR SA 80 -100.37 36.03 23.63
C THR SA 80 -101.40 35.61 22.58
N MET SA 81 -102.16 34.57 22.88
CA MET SA 81 -103.30 34.15 22.04
C MET SA 81 -104.56 34.83 22.55
N ILE SA 82 -104.91 35.96 21.92
CA ILE SA 82 -106.03 36.80 22.39
C ILE SA 82 -107.37 36.23 21.94
N ILE SA 83 -108.33 36.21 22.86
CA ILE SA 83 -109.69 35.77 22.57
C ILE SA 83 -110.61 36.98 22.66
N MET SA 84 -111.31 37.28 21.56
CA MET SA 84 -112.09 38.50 21.44
C MET SA 84 -113.58 38.27 21.70
N ASP SA 85 -114.13 37.30 20.98
CA ASP SA 85 -115.56 37.00 21.01
C ASP SA 85 -115.78 35.49 21.01
N SER SA 86 -116.89 35.04 21.59
CA SER SA 86 -117.23 33.63 21.62
C SER SA 86 -118.70 33.40 21.30
N PHE SA 87 -119.05 32.14 21.09
CA PHE SA 87 -120.43 31.72 20.86
C PHE SA 87 -120.51 30.21 21.05
N ALA SA 88 -121.71 29.65 20.88
CA ALA SA 88 -121.95 28.24 21.14
C ALA SA 88 -121.98 27.37 19.88
N LEU SA 89 -121.72 26.07 20.09
CA LEU SA 89 -121.88 25.05 19.06
C LEU SA 89 -122.92 24.08 19.60
N PRO SA 90 -124.04 23.88 18.88
CA PRO SA 90 -125.16 23.07 19.39
C PRO SA 90 -124.89 21.56 19.33
N VAL SA 91 -123.72 21.15 19.83
CA VAL SA 91 -123.27 19.76 19.73
C VAL SA 91 -123.51 19.04 21.04
N GLU SA 92 -123.39 17.72 20.99
CA GLU SA 92 -123.58 16.86 22.16
C GLU SA 92 -122.44 15.84 22.23
N GLY SA 93 -122.22 15.31 23.43
CA GLY SA 93 -121.19 14.31 23.64
C GLY SA 93 -119.81 14.94 23.78
N THR SA 94 -119.77 16.07 24.49
CA THR SA 94 -118.51 16.70 24.86
C THR SA 94 -117.87 15.86 25.94
N GLU SA 95 -116.56 15.62 25.82
CA GLU SA 95 -115.80 14.80 26.78
C GLU SA 95 -115.98 13.29 26.57
N THR SA 96 -117.12 12.87 26.02
CA THR SA 96 -117.39 11.46 25.71
C THR SA 96 -116.99 11.08 24.28
N ARG SA 97 -116.92 12.09 23.39
CA ARG SA 97 -116.40 11.88 22.03
C ARG SA 97 -115.14 12.72 21.82
N VAL SA 98 -114.18 12.14 21.11
CA VAL SA 98 -112.99 12.85 20.69
C VAL SA 98 -113.41 13.76 19.54
N ASN SA 99 -113.26 15.07 19.73
CA ASN SA 99 -113.72 16.07 18.75
C ASN SA 99 -115.23 15.96 18.50
N ALA SA 100 -116.00 16.41 19.49
CA ALA SA 100 -117.46 16.38 19.40
C ALA SA 100 -118.02 17.51 18.54
N GLN SA 101 -117.16 18.44 18.10
CA GLN SA 101 -117.55 19.54 17.22
C GLN SA 101 -117.82 19.09 15.78
N ALA SA 102 -117.51 17.84 15.45
CA ALA SA 102 -117.71 17.30 14.10
C ALA SA 102 -119.19 17.18 13.69
N ALA SA 103 -120.08 17.02 14.67
CA ALA SA 103 -121.52 16.94 14.42
C ALA SA 103 -122.06 18.19 13.73
N ALA SA 104 -121.57 19.36 14.14
CA ALA SA 104 -122.01 20.64 13.61
C ALA SA 104 -120.87 21.38 12.91
N TYR SA 105 -120.27 20.74 11.91
CA TYR SA 105 -119.31 21.41 11.04
C TYR SA 105 -119.99 22.53 10.27
N GLU SA 106 -121.30 22.39 10.07
CA GLU SA 106 -122.10 23.41 9.41
C GLU SA 106 -122.12 24.69 10.23
N TYR SA 107 -122.40 24.57 11.52
CA TYR SA 107 -122.61 25.75 12.38
C TYR SA 107 -121.33 26.44 12.85
N MET SA 108 -120.17 25.94 12.43
CA MET SA 108 -118.91 26.66 12.64
C MET SA 108 -118.71 27.71 11.55
N ALA SA 109 -118.60 27.25 10.30
CA ALA SA 109 -118.36 28.14 9.15
C ALA SA 109 -119.58 29.01 8.84
N ALA SA 110 -120.78 28.46 9.00
CA ALA SA 110 -122.01 29.20 8.75
C ALA SA 110 -122.21 30.34 9.74
N TYR SA 111 -121.76 30.16 10.98
CA TYR SA 111 -121.85 31.21 12.00
C TYR SA 111 -120.88 32.35 11.71
N ILE SA 112 -119.65 32.01 11.35
CA ILE SA 112 -118.61 33.01 11.07
C ILE SA 112 -118.89 33.74 9.75
N GLU SA 113 -119.57 33.08 8.83
CA GLU SA 113 -119.98 33.69 7.56
C GLU SA 113 -121.10 34.73 7.78
N ASN SA 114 -122.03 34.42 8.67
CA ASN SA 114 -123.06 35.37 9.10
C ASN SA 114 -122.49 36.49 9.96
N ALA SA 115 -121.62 36.11 10.90
CA ALA SA 115 -121.04 37.05 11.86
C ALA SA 115 -120.10 38.08 11.19
N LYS SA 116 -119.43 37.68 10.12
CA LYS SA 116 -118.54 38.59 9.38
C LYS SA 116 -119.31 39.65 8.59
N GLN SA 117 -120.54 39.34 8.20
CA GLN SA 117 -121.42 40.33 7.55
C GLN SA 117 -121.84 41.45 8.51
N VAL SA 118 -121.94 41.13 9.79
CA VAL SA 118 -122.44 42.08 10.80
C VAL SA 118 -121.35 42.81 11.60
N GLY SA 119 -120.16 42.25 11.67
CA GLY SA 119 -119.07 42.91 12.39
C GLY SA 119 -117.92 42.03 12.84
N ARG SA 120 -118.22 40.80 13.27
CA ARG SA 120 -117.21 39.88 13.80
C ARG SA 120 -116.28 39.36 12.69
N LEU SA 121 -115.24 40.13 12.40
CA LEU SA 121 -114.25 39.77 11.39
C LEU SA 121 -113.24 38.75 11.90
N GLU SA 122 -113.25 38.49 13.21
CA GLU SA 122 -112.26 37.64 13.86
C GLU SA 122 -112.34 36.19 13.40
N ASN SA 123 -111.18 35.54 13.30
CA ASN SA 123 -111.06 34.17 12.78
C ASN SA 123 -111.13 33.12 13.90
N ALA SA 124 -111.21 31.86 13.50
CA ALA SA 124 -111.26 30.73 14.44
C ALA SA 124 -109.99 30.67 15.30
N ILE SA 125 -110.15 30.84 16.61
CA ILE SA 125 -109.02 30.89 17.54
C ILE SA 125 -108.97 29.71 18.53
N GLY SA 126 -110.08 29.01 18.73
CA GLY SA 126 -110.10 27.89 19.67
C GLY SA 126 -111.46 27.29 19.96
N TRP SA 127 -111.50 26.40 20.95
CA TRP SA 127 -112.73 25.77 21.41
C TRP SA 127 -112.75 25.61 22.94
N TYR SA 128 -113.91 25.83 23.54
CA TYR SA 128 -114.05 25.87 25.00
C TYR SA 128 -115.13 24.90 25.46
N HIS SA 129 -114.95 24.32 26.64
CA HIS SA 129 -115.95 23.40 27.21
C HIS SA 129 -116.10 23.54 28.72
N SER SA 130 -117.27 23.14 29.22
CA SER SA 130 -117.58 23.25 30.65
C SER SA 130 -117.20 21.98 31.38
N HIS SA 131 -116.81 22.13 32.65
CA HIS SA 131 -116.40 21.02 33.51
C HIS SA 131 -117.07 21.16 34.88
N PRO SA 132 -118.39 20.88 34.95
CA PRO SA 132 -119.16 21.18 36.16
C PRO SA 132 -118.82 20.32 37.38
N GLY SA 133 -118.13 20.94 38.35
CA GLY SA 133 -117.86 20.30 39.62
C GLY SA 133 -116.59 19.47 39.70
N TYR SA 134 -115.63 19.71 38.81
CA TYR SA 134 -114.35 18.98 38.85
C TYR SA 134 -113.19 19.70 38.15
N GLY SA 135 -112.92 20.93 38.60
CA GLY SA 135 -111.73 21.67 38.19
C GLY SA 135 -111.61 21.98 36.70
N CYS SA 136 -110.48 22.55 36.32
CA CYS SA 136 -110.18 22.90 34.94
C CYS SA 136 -108.94 22.16 34.46
N TRP SA 137 -109.13 21.26 33.50
CA TRP SA 137 -108.04 20.43 32.98
C TRP SA 137 -108.47 19.69 31.70
N LEU SA 138 -107.50 19.11 31.00
CA LEU SA 138 -107.76 18.35 29.78
C LEU SA 138 -107.74 16.86 30.06
N SER SA 139 -108.86 16.20 29.82
CA SER SA 139 -108.96 14.74 29.94
C SER SA 139 -108.30 14.05 28.75
N GLY SA 140 -108.21 12.72 28.82
CA GLY SA 140 -107.69 11.92 27.71
C GLY SA 140 -108.48 12.07 26.43
N ILE SA 141 -109.78 12.35 26.55
CA ILE SA 141 -110.63 12.61 25.39
C ILE SA 141 -110.36 14.02 24.86
N ASP SA 142 -110.13 14.96 25.77
CA ASP SA 142 -109.85 16.35 25.41
C ASP SA 142 -108.46 16.52 24.75
N VAL SA 143 -107.48 15.74 25.20
CA VAL SA 143 -106.13 15.83 24.63
C VAL SA 143 -106.09 15.35 23.18
N SER SA 144 -106.78 14.25 22.89
CA SER SA 144 -106.88 13.73 21.52
C SER SA 144 -107.57 14.72 20.57
N THR SA 145 -108.53 15.47 21.10
CA THR SA 145 -109.22 16.52 20.32
C THR SA 145 -108.26 17.65 19.98
N GLN SA 146 -107.54 18.14 20.99
CA GLN SA 146 -106.69 19.33 20.84
C GLN SA 146 -105.44 19.07 20.02
N MET SA 147 -104.83 17.90 20.20
CA MET SA 147 -103.65 17.50 19.41
C MET SA 147 -103.92 17.60 17.91
N LEU SA 148 -105.04 17.02 17.49
CA LEU SA 148 -105.44 17.02 16.08
C LEU SA 148 -106.00 18.37 15.64
N ASN SA 149 -106.55 19.14 16.57
CA ASN SA 149 -106.91 20.54 16.29
C ASN SA 149 -105.68 21.38 15.94
N GLN SA 150 -104.63 21.24 16.75
CA GLN SA 150 -103.36 21.93 16.48
C GLN SA 150 -102.66 21.37 15.23
N GLN SA 151 -102.89 20.09 14.93
CA GLN SA 151 -102.30 19.42 13.77
C GLN SA 151 -102.63 20.13 12.44
N PHE SA 152 -103.91 20.47 12.25
CA PHE SA 152 -104.39 21.06 10.99
C PHE SA 152 -104.82 22.52 11.17
N GLN SA 153 -105.88 22.74 11.94
CA GLN SA 153 -106.43 24.08 12.16
C GLN SA 153 -105.59 24.82 13.20
N GLU SA 154 -104.44 25.34 12.79
CA GLU SA 154 -103.45 25.90 13.72
C GLU SA 154 -103.96 27.24 14.31
N PRO SA 155 -103.12 27.96 15.08
CA PRO SA 155 -103.64 28.72 16.22
C PRO SA 155 -105.04 28.33 16.71
N PHE SA 156 -105.08 27.24 17.48
CA PHE SA 156 -106.32 26.78 18.11
C PHE SA 156 -106.01 26.47 19.57
N VAL SA 157 -106.70 27.15 20.49
CA VAL SA 157 -106.47 26.98 21.93
C VAL SA 157 -107.70 26.37 22.63
N ALA SA 158 -107.46 25.36 23.45
CA ALA SA 158 -108.53 24.65 24.16
C ALA SA 158 -108.77 25.23 25.56
N VAL SA 159 -109.92 25.87 25.75
CA VAL SA 159 -110.27 26.53 27.01
C VAL SA 159 -111.19 25.63 27.84
N VAL SA 160 -111.10 25.78 29.16
CA VAL SA 160 -111.95 25.04 30.09
C VAL SA 160 -112.49 25.99 31.16
N ILE SA 161 -113.72 25.76 31.60
CA ILE SA 161 -114.33 26.52 32.68
C ILE SA 161 -115.09 25.57 33.60
N ASP SA 162 -115.00 25.82 34.91
CA ASP SA 162 -115.76 25.08 35.91
C ASP SA 162 -116.84 26.00 36.50
N PRO SA 163 -118.08 25.89 35.99
CA PRO SA 163 -119.14 26.81 36.41
C PRO SA 163 -119.63 26.57 37.84
N THR SA 164 -119.79 25.30 38.22
CA THR SA 164 -120.37 24.97 39.50
C THR SA 164 -119.47 25.44 40.66
N ARG SA 165 -118.16 25.39 40.48
CA ARG SA 165 -117.20 25.85 41.50
C ARG SA 165 -116.93 27.34 41.44
N THR SA 166 -116.90 27.90 40.22
CA THR SA 166 -116.83 29.34 40.06
C THR SA 166 -117.80 29.97 41.06
N ILE SA 167 -119.00 29.40 41.15
CA ILE SA 167 -120.04 29.85 42.07
C ILE SA 167 -119.63 29.65 43.54
N SER SA 168 -119.42 28.40 43.93
CA SER SA 168 -119.21 28.04 45.33
C SER SA 168 -117.89 28.62 45.87
N ALA SA 169 -116.82 28.52 45.10
CA ALA SA 169 -115.55 29.15 45.45
C ALA SA 169 -115.69 30.67 45.48
N GLY SA 170 -116.57 31.19 44.64
CA GLY SA 170 -116.93 32.61 44.66
C GLY SA 170 -116.03 33.48 43.79
N LYS SA 171 -115.44 32.87 42.76
CA LYS SA 171 -114.56 33.60 41.84
C LYS SA 171 -114.33 32.78 40.57
N VAL SA 172 -113.93 33.45 39.49
CA VAL SA 172 -113.86 32.83 38.15
C VAL SA 172 -112.93 31.62 38.13
N ASN SA 173 -113.54 30.44 38.08
CA ASN SA 173 -112.80 29.20 37.93
C ASN SA 173 -112.66 28.89 36.43
N LEU SA 174 -111.44 29.03 35.90
CA LEU SA 174 -111.20 28.96 34.45
C LEU SA 174 -109.79 28.46 34.14
N GLY SA 175 -109.61 27.89 32.94
CA GLY SA 175 -108.31 27.43 32.47
C GLY SA 175 -108.14 27.50 30.96
N ALA SA 176 -106.89 27.70 30.52
CA ALA SA 176 -106.55 27.76 29.10
C ALA SA 176 -105.28 26.93 28.85
N PHE SA 177 -105.38 25.94 27.97
CA PHE SA 177 -104.32 24.96 27.77
C PHE SA 177 -103.94 24.79 26.30
N ARG SA 178 -102.74 24.23 26.09
CA ARG SA 178 -102.28 23.81 24.76
C ARG SA 178 -101.50 22.50 24.87
N THR SA 179 -101.73 21.59 23.94
CA THR SA 179 -101.09 20.27 23.97
C THR SA 179 -99.73 20.27 23.29
N TYR SA 180 -98.88 19.33 23.69
CA TYR SA 180 -97.55 19.16 23.08
C TYR SA 180 -97.58 18.11 21.97
N PRO SA 181 -96.49 18.02 21.17
CA PRO SA 181 -96.39 16.99 20.14
C PRO SA 181 -96.25 15.58 20.73
N LYS SA 182 -96.68 14.58 19.96
CA LYS SA 182 -96.45 13.19 20.30
C LYS SA 182 -95.08 12.80 19.72
N GLY SA 183 -94.05 12.98 20.53
CA GLY SA 183 -92.66 12.75 20.11
C GLY SA 183 -91.72 13.58 20.95
N TYR SA 184 -91.77 14.89 20.75
CA TYR SA 184 -91.10 15.84 21.64
C TYR SA 184 -91.87 15.89 22.97
N LYS SA 185 -91.13 15.93 24.07
CA LYS SA 185 -91.72 15.95 25.42
C LYS SA 185 -91.25 17.18 26.20
N PRO SA 186 -92.12 17.71 27.09
CA PRO SA 186 -91.97 19.05 27.68
C PRO SA 186 -90.69 19.31 28.49
N PRO SA 187 -90.37 20.61 28.73
CA PRO SA 187 -89.28 20.99 29.64
C PRO SA 187 -89.67 20.78 31.11
N ASP SA 188 -88.81 21.20 32.04
CA ASP SA 188 -89.00 20.93 33.48
C ASP SA 188 -89.96 21.92 34.15
N GLU SA 189 -89.70 23.22 33.99
CA GLU SA 189 -90.45 24.28 34.70
C GLU SA 189 -91.97 24.09 34.61
N GLY SA 190 -92.55 23.55 35.69
CA GLY SA 190 -93.99 23.29 35.77
C GLY SA 190 -94.43 23.04 37.21
N PRO SA 191 -95.01 24.06 37.88
CA PRO SA 191 -95.55 23.89 39.23
C PRO SA 191 -96.92 23.18 39.26
N SER SA 192 -97.91 23.78 38.59
CA SER SA 192 -99.30 23.29 38.56
C SER SA 192 -99.97 23.24 39.95
N GLU SA 193 -100.95 24.13 40.17
CA GLU SA 193 -101.66 24.22 41.45
C GLU SA 193 -102.66 23.08 41.61
N TYR SA 194 -102.91 22.66 42.85
CA TYR SA 194 -103.81 21.54 43.14
C TYR SA 194 -105.27 21.97 43.20
N GLN SA 195 -106.11 21.19 42.53
CA GLN SA 195 -107.55 21.30 42.65
C GLN SA 195 -108.12 19.90 42.90
N THR SA 196 -109.19 19.85 43.69
CA THR SA 196 -109.87 18.59 44.00
C THR SA 196 -110.30 17.87 42.71
N ILE SA 197 -109.76 16.67 42.49
CA ILE SA 197 -110.15 15.84 41.37
C ILE SA 197 -110.94 14.64 41.90
N PRO SA 198 -112.23 14.53 41.52
CA PRO SA 198 -113.01 13.33 41.89
C PRO SA 198 -112.36 12.04 41.39
N LEU SA 199 -112.32 11.02 42.25
CA LEU SA 199 -111.57 9.78 41.98
C LEU SA 199 -112.04 9.05 40.72
N ASN SA 200 -113.34 9.07 40.47
CA ASN SA 200 -113.90 8.59 39.21
C ASN SA 200 -113.16 9.15 37.98
N LYS SA 201 -112.74 10.42 38.08
CA LYS SA 201 -111.99 11.08 37.01
C LYS SA 201 -110.47 11.17 37.23
N ILE SA 202 -110.01 11.09 38.48
CA ILE SA 202 -108.58 11.27 38.81
C ILE SA 202 -107.65 10.43 37.94
N GLU SA 203 -108.10 9.22 37.58
CA GLU SA 203 -107.34 8.31 36.74
C GLU SA 203 -107.12 8.92 35.35
N ASP SA 204 -108.24 9.27 34.70
CA ASP SA 204 -108.22 9.81 33.32
C ASP SA 204 -107.31 11.04 33.24
N PHE SA 205 -107.46 11.94 34.19
CA PHE SA 205 -106.60 13.11 34.30
C PHE SA 205 -105.15 12.68 34.46
N GLY SA 206 -104.91 11.90 35.51
CA GLY SA 206 -103.56 11.47 35.89
C GLY SA 206 -102.67 10.97 34.76
N VAL SA 207 -103.26 10.28 33.79
CA VAL SA 207 -102.49 9.72 32.68
C VAL SA 207 -102.05 10.82 31.72
N HIS SA 208 -103.03 11.55 31.19
CA HIS SA 208 -102.78 12.52 30.11
C HIS SA 208 -102.52 13.94 30.62
N CYS SA 209 -102.37 14.13 31.93
CA CYS SA 209 -102.18 15.46 32.51
C CYS SA 209 -100.84 16.10 32.15
N LYS SA 210 -99.78 15.29 32.07
CA LYS SA 210 -98.43 15.80 31.79
C LYS SA 210 -98.11 15.96 30.31
N GLN SA 211 -99.04 15.60 29.44
CA GLN SA 211 -98.85 15.69 27.99
C GLN SA 211 -99.08 17.09 27.42
N TYR SA 212 -99.60 18.02 28.23
CA TYR SA 212 -99.91 19.38 27.77
C TYR SA 212 -99.32 20.46 28.68
N TYR SA 213 -99.48 21.72 28.29
CA TYR SA 213 -99.09 22.87 29.13
C TYR SA 213 -100.16 23.96 29.10
N ALA SA 214 -100.33 24.62 30.24
CA ALA SA 214 -101.35 25.67 30.41
C ALA SA 214 -100.88 27.00 29.83
N LEU SA 215 -101.78 27.99 29.85
CA LEU SA 215 -101.45 29.34 29.38
C LEU SA 215 -101.80 30.37 30.46
N GLU SA 216 -100.92 31.36 30.61
CA GLU SA 216 -101.09 32.41 31.61
C GLU SA 216 -102.26 33.32 31.23
N VAL SA 217 -103.35 33.21 31.98
CA VAL SA 217 -104.59 33.92 31.67
C VAL SA 217 -104.53 35.36 32.16
N SER SA 218 -105.08 36.26 31.35
CA SER SA 218 -105.25 37.67 31.72
C SER SA 218 -106.58 38.19 31.15
N TYR SA 219 -107.21 39.14 31.86
CA TYR SA 219 -108.53 39.65 31.49
C TYR SA 219 -108.48 41.15 31.22
N PHE SA 220 -109.05 41.57 30.10
CA PHE SA 220 -109.06 42.98 29.70
C PHE SA 220 -110.48 43.48 29.44
N LYS SA 221 -110.59 44.77 29.15
CA LYS SA 221 -111.88 45.41 28.90
C LYS SA 221 -111.69 46.71 28.12
N SER SA 222 -112.74 47.14 27.42
CA SER SA 222 -112.70 48.38 26.65
C SER SA 222 -112.95 49.61 27.54
N SER SA 223 -113.01 50.78 26.92
CA SER SA 223 -113.36 52.01 27.64
C SER SA 223 -114.84 52.02 27.99
N LEU SA 224 -115.68 51.75 26.98
CA LEU SA 224 -117.13 51.73 27.16
C LEU SA 224 -117.54 50.65 28.17
N ASP SA 225 -117.02 49.43 27.99
CA ASP SA 225 -117.28 48.34 28.93
C ASP SA 225 -116.98 48.79 30.36
N ARG SA 226 -115.79 49.37 30.55
CA ARG SA 226 -115.36 49.86 31.85
C ARG SA 226 -116.28 50.94 32.39
N LYS SA 227 -116.64 51.90 31.54
CA LYS SA 227 -117.53 52.99 31.93
C LYS SA 227 -118.97 52.52 32.17
N LEU SA 228 -119.43 51.54 31.39
CA LEU SA 228 -120.77 50.98 31.58
C LEU SA 228 -120.88 50.21 32.88
N LEU SA 229 -119.89 49.37 33.17
CA LEU SA 229 -119.89 48.56 34.41
C LEU SA 229 -119.87 49.41 35.68
N GLU SA 230 -119.29 50.61 35.59
CA GLU SA 230 -119.28 51.54 36.72
C GLU SA 230 -120.66 52.20 36.88
N LEU SA 231 -121.26 52.59 35.78
CA LEU SA 231 -122.64 53.08 35.77
C LEU SA 231 -123.63 51.98 36.13
N LEU SA 232 -123.30 50.75 35.74
CA LEU SA 232 -124.11 49.57 36.07
C LEU SA 232 -124.14 49.29 37.58
N TRP SA 233 -123.03 49.53 38.26
CA TRP SA 233 -122.90 49.18 39.68
C TRP SA 233 -123.80 50.00 40.60
N ASN SA 234 -124.36 51.11 40.09
CA ASN SA 234 -125.32 51.91 40.85
C ASN SA 234 -126.52 51.10 41.35
N LYS SA 235 -126.90 50.07 40.59
CA LYS SA 235 -128.07 49.26 40.91
C LYS SA 235 -127.74 47.75 41.06
N TYR SA 236 -126.47 47.38 40.97
CA TYR SA 236 -126.05 45.97 41.00
C TYR SA 236 -125.58 45.53 42.39
N TRP SA 237 -125.36 46.49 43.29
CA TRP SA 237 -125.09 46.17 44.69
C TRP SA 237 -126.24 45.41 45.36
N VAL SA 238 -127.46 45.63 44.85
CA VAL SA 238 -128.66 44.95 45.37
C VAL SA 238 -128.57 43.43 45.17
N ASN SA 239 -128.00 43.02 44.05
CA ASN SA 239 -127.90 41.61 43.70
C ASN SA 239 -126.83 40.88 44.51
N THR SA 240 -125.86 41.64 45.03
CA THR SA 240 -124.80 41.10 45.89
C THR SA 240 -125.33 40.68 47.27
N LEU SA 241 -126.29 41.44 47.79
CA LEU SA 241 -126.87 41.17 49.10
C LEU SA 241 -128.22 40.45 49.02
N SER SA 242 -128.50 39.84 47.87
CA SER SA 242 -129.56 38.85 47.75
C SER SA 242 -129.03 37.71 46.88
N SER SA 243 -127.76 37.38 47.09
CA SER SA 243 -127.01 36.44 46.24
C SER SA 243 -127.36 34.99 46.56
N SER SA 244 -126.95 34.54 47.75
CA SER SA 244 -127.23 33.21 48.27
C SER SA 244 -126.73 32.06 47.39
N SER SA 245 -125.46 31.70 47.59
CA SER SA 245 -124.87 30.57 46.89
C SER SA 245 -125.06 29.29 47.71
N LEU SA 246 -126.30 28.79 47.77
CA LEU SA 246 -126.61 27.58 48.53
C LEU SA 246 -127.54 26.65 47.77
N LEU SA 247 -128.76 27.09 47.49
CA LEU SA 247 -129.68 26.31 46.66
C LEU SA 247 -129.37 26.48 45.17
N THR SA 248 -128.54 27.47 44.85
CA THR SA 248 -128.07 27.70 43.49
C THR SA 248 -127.24 26.52 43.01
N ASN SA 249 -126.14 26.24 43.73
CA ASN SA 249 -125.23 25.14 43.39
C ASN SA 249 -125.26 24.00 44.42
N ALA SA 250 -126.46 23.66 44.86
CA ALA SA 250 -126.67 22.66 45.92
C ALA SA 250 -126.10 21.27 45.57
N ASP SA 251 -126.10 20.95 44.28
CA ASP SA 251 -125.71 19.62 43.82
C ASP SA 251 -124.23 19.52 43.43
N TYR SA 252 -123.41 20.48 43.86
CA TYR SA 252 -121.96 20.32 43.83
C TYR SA 252 -121.45 19.93 45.21
N THR SA 253 -121.86 20.71 46.21
CA THR SA 253 -121.40 20.50 47.59
C THR SA 253 -121.92 19.18 48.14
N THR SA 254 -123.19 18.87 47.88
CA THR SA 254 -123.78 17.59 48.31
C THR SA 254 -123.10 16.40 47.62
N GLY SA 255 -122.58 16.63 46.41
CA GLY SA 255 -121.83 15.63 45.67
C GLY SA 255 -120.39 15.45 46.14
N GLN SA 256 -119.68 16.57 46.32
CA GLN SA 256 -118.28 16.55 46.80
C GLN SA 256 -118.09 15.70 48.05
N VAL SA 257 -119.14 15.58 48.86
CA VAL SA 257 -119.16 14.69 50.01
C VAL SA 257 -118.91 13.25 49.56
N PHE SA 258 -119.67 12.83 48.55
CA PHE SA 258 -119.53 11.48 47.99
C PHE SA 258 -118.10 11.23 47.53
N ASP SA 259 -117.49 12.24 46.90
CA ASP SA 259 -116.08 12.19 46.49
C ASP SA 259 -115.15 12.11 47.71
N LEU SA 260 -115.40 12.98 48.68
CA LEU SA 260 -114.58 13.06 49.88
C LEU SA 260 -114.57 11.73 50.63
N SER SA 261 -115.75 11.14 50.80
CA SER SA 261 -115.91 9.86 51.50
C SER SA 261 -115.02 8.76 50.93
N GLU SA 262 -114.96 8.68 49.60
CA GLU SA 262 -114.13 7.68 48.94
C GLU SA 262 -112.64 7.92 49.16
N LYS SA 263 -112.21 9.17 49.05
CA LYS SA 263 -110.79 9.51 49.23
C LYS SA 263 -110.26 9.14 50.62
N LEU SA 264 -111.13 9.24 51.62
CA LEU SA 264 -110.78 8.81 52.98
C LEU SA 264 -110.74 7.29 53.06
N GLU SA 265 -111.78 6.65 52.52
CA GLU SA 265 -111.89 5.19 52.48
C GLU SA 265 -110.60 4.52 52.01
N GLN SA 266 -109.94 5.13 51.03
CA GLN SA 266 -108.67 4.63 50.51
C GLN SA 266 -107.54 4.78 51.53
N SER SA 267 -107.31 6.01 51.97
CA SER SA 267 -106.21 6.31 52.89
C SER SA 267 -106.34 5.64 54.27
N GLU SA 268 -107.57 5.26 54.63
CA GLU SA 268 -107.81 4.49 55.85
C GLU SA 268 -107.18 3.11 55.76
N ALA SA 269 -107.49 2.40 54.67
CA ALA SA 269 -106.92 1.08 54.41
C ALA SA 269 -105.46 1.15 53.98
N GLN SA 270 -105.05 2.30 53.44
CA GLN SA 270 -103.65 2.54 53.07
C GLN SA 270 -102.74 2.45 54.29
N LEU SA 271 -103.17 3.04 55.41
CA LEU SA 271 -102.46 2.90 56.68
C LEU SA 271 -102.29 1.42 57.03
N GLY SA 272 -103.33 0.63 56.79
CA GLY SA 272 -103.33 -0.80 57.07
C GLY SA 272 -102.48 -1.66 56.13
N ARG SA 273 -103.13 -2.60 55.45
CA ARG SA 273 -102.44 -3.71 54.78
C ARG SA 273 -101.95 -3.37 53.36
N GLY SA 274 -102.87 -3.31 52.40
CA GLY SA 274 -102.51 -3.07 51.00
C GLY SA 274 -101.78 -4.25 50.36
N SER SA 287 -100.53 9.08 44.16
CA SER SA 287 -100.73 8.01 45.13
C SER SA 287 -99.61 7.97 46.18
N GLU SA 288 -99.69 8.89 47.14
CA GLU SA 288 -98.75 8.96 48.28
C GLU SA 288 -99.38 9.81 49.40
N ASP SA 289 -99.91 9.13 50.42
CA ASP SA 289 -100.69 9.77 51.49
C ASP SA 289 -101.93 10.47 50.93
N LYS SA 290 -103.00 9.71 50.75
CA LYS SA 290 -104.26 10.25 50.23
C LYS SA 290 -105.20 10.74 51.35
N LEU SA 291 -104.65 11.05 52.52
CA LEU SA 291 -105.36 11.81 53.54
C LEU SA 291 -104.98 13.28 53.46
N ALA SA 292 -103.76 13.58 53.01
CA ALA SA 292 -103.31 14.95 52.79
C ALA SA 292 -104.14 15.64 51.70
N LYS SA 293 -104.52 14.89 50.67
CA LYS SA 293 -105.45 15.39 49.65
C LYS SA 293 -106.84 15.58 50.26
N ALA SA 294 -107.34 14.53 50.91
CA ALA SA 294 -108.69 14.50 51.49
C ALA SA 294 -108.89 15.57 52.57
N THR SA 295 -107.83 15.86 53.30
CA THR SA 295 -107.86 16.96 54.27
C THR SA 295 -108.04 18.29 53.57
N ARG SA 296 -107.34 18.46 52.45
CA ARG SA 296 -107.42 19.68 51.66
C ARG SA 296 -108.77 19.80 50.96
N ASP SA 297 -109.36 18.66 50.60
CA ASP SA 297 -110.70 18.61 50.02
C ASP SA 297 -111.79 18.94 51.05
N SER SA 298 -111.65 18.37 52.26
CA SER SA 298 -112.61 18.63 53.34
C SER SA 298 -112.64 20.09 53.73
N CYS SA 299 -111.49 20.75 53.68
CA CYS SA 299 -111.41 22.19 53.86
C CYS SA 299 -112.00 22.92 52.65
N LYS SA 300 -111.46 22.63 51.47
CA LYS SA 300 -111.94 23.21 50.20
C LYS SA 300 -113.47 23.29 50.12
N THR SA 301 -114.13 22.14 50.29
CA THR SA 301 -115.59 22.04 50.17
C THR SA 301 -116.32 22.77 51.31
N THR SA 302 -115.79 22.65 52.53
CA THR SA 302 -116.42 23.27 53.70
C THR SA 302 -116.14 24.78 53.78
N ILE SA 303 -114.92 25.18 53.43
CA ILE SA 303 -114.57 26.60 53.31
C ILE SA 303 -115.66 27.36 52.53
N GLU SA 304 -116.12 26.74 51.44
CA GLU SA 304 -117.21 27.29 50.65
C GLU SA 304 -118.50 27.33 51.45
N ALA SA 305 -118.88 26.19 52.02
CA ALA SA 305 -120.11 26.06 52.81
C ALA SA 305 -120.22 27.11 53.93
N ILE SA 306 -119.08 27.45 54.51
CA ILE SA 306 -119.03 28.46 55.57
C ILE SA 306 -119.18 29.85 54.98
N HIS SA 307 -118.37 30.15 53.96
CA HIS SA 307 -118.45 31.42 53.25
C HIS SA 307 -119.88 31.74 52.81
N GLY SA 308 -120.63 30.70 52.45
CA GLY SA 308 -122.04 30.85 52.12
C GLY SA 308 -122.83 31.44 53.26
N LEU SA 309 -122.67 30.86 54.46
CA LEU SA 309 -123.41 31.30 55.63
C LEU SA 309 -122.93 32.64 56.20
N MET SA 310 -121.79 33.14 55.72
CA MET SA 310 -121.37 34.52 56.03
C MET SA 310 -122.32 35.54 55.41
N SER SA 311 -122.55 35.42 54.11
CA SER SA 311 -123.44 36.34 53.39
C SER SA 311 -124.90 36.20 53.82
N GLN SA 312 -125.27 35.06 54.43
CA GLN SA 312 -126.62 34.83 54.93
C GLN SA 312 -126.88 35.60 56.21
N VAL SA 313 -125.99 35.45 57.19
CA VAL SA 313 -126.13 36.14 58.46
C VAL SA 313 -126.00 37.66 58.24
N ILE SA 314 -125.08 38.04 57.36
CA ILE SA 314 -124.95 39.44 56.92
C ILE SA 314 -126.31 40.03 56.52
N LYS SA 315 -127.11 39.24 55.83
CA LYS SA 315 -128.45 39.68 55.39
C LYS SA 315 -129.48 39.69 56.53
N ASP SA 316 -129.46 38.64 57.36
CA ASP SA 316 -130.36 38.55 58.53
C ASP SA 316 -130.14 39.76 59.44
N LYS SA 317 -128.87 40.15 59.61
CA LYS SA 317 -128.52 41.36 60.35
C LYS SA 317 -129.18 42.58 59.72
N LEU SA 318 -129.00 42.73 58.41
CA LEU SA 318 -129.47 43.91 57.68
C LEU SA 318 -130.99 44.06 57.68
N PHE SA 319 -131.67 43.20 56.94
CA PHE SA 319 -133.05 43.46 56.52
C PHE SA 319 -134.12 43.02 57.51
N ASN SA 320 -133.81 42.04 58.34
CA ASN SA 320 -134.81 41.48 59.27
C ASN SA 320 -134.89 42.27 60.58
N GLN SA 321 -133.74 42.73 61.07
CA GLN SA 321 -133.62 43.26 62.43
C GLN SA 321 -133.73 44.79 62.48
N ILE SA 322 -134.93 45.30 62.23
CA ILE SA 322 -135.23 46.72 62.34
C ILE SA 322 -136.32 47.01 63.38
N ASN SA 323 -137.14 46.00 63.71
CA ASN SA 323 -138.41 46.21 64.42
C ASN SA 323 -139.34 47.10 63.59
N ILE SA 324 -140.59 47.22 64.04
CA ILE SA 324 -141.62 47.90 63.27
C ILE SA 324 -141.43 49.42 63.36
N SER TA 33 -141.42 66.79 19.14
CA SER TA 33 -141.24 65.58 20.00
C SER TA 33 -142.00 64.38 19.44
N VAL TA 34 -141.37 63.21 19.47
CA VAL TA 34 -142.00 61.98 18.99
C VAL TA 34 -141.85 60.85 19.99
N MET TA 35 -142.16 61.15 21.25
CA MET TA 35 -142.33 60.12 22.27
C MET TA 35 -143.64 60.36 23.02
N ALA TA 36 -144.02 59.44 23.90
CA ALA TA 36 -145.38 59.37 24.45
C ALA TA 36 -145.67 60.36 25.58
N CYS TA 37 -145.08 60.12 26.75
CA CYS TA 37 -145.37 60.89 27.98
C CYS TA 37 -146.85 60.80 28.39
N GLY TA 38 -147.18 59.75 29.13
CA GLY TA 38 -148.53 59.55 29.65
C GLY TA 38 -148.57 58.53 30.77
N VAL TA 39 -149.78 58.19 31.22
CA VAL TA 39 -149.96 57.16 32.26
C VAL TA 39 -149.72 55.75 31.70
N THR TA 40 -148.48 55.28 31.82
CA THR TA 40 -148.03 54.04 31.17
C THR TA 40 -148.41 52.79 31.98
N GLY TA 41 -147.44 51.90 32.24
CA GLY TA 41 -147.70 50.63 32.92
C GLY TA 41 -147.40 49.46 31.99
N SER TA 42 -148.46 48.76 31.58
CA SER TA 42 -148.38 47.64 30.64
C SER TA 42 -147.52 46.48 31.17
N VAL TA 43 -146.31 46.28 30.62
CA VAL TA 43 -145.44 45.17 31.02
C VAL TA 43 -144.37 45.60 32.04
N SER TA 44 -143.78 44.62 32.71
CA SER TA 44 -142.69 44.85 33.68
C SER TA 44 -141.40 44.20 33.15
N VAL TA 45 -140.31 44.97 33.14
CA VAL TA 45 -139.09 44.58 32.43
C VAL TA 45 -137.90 44.34 33.35
N ALA TA 46 -137.13 43.31 33.03
CA ALA TA 46 -135.84 43.06 33.66
C ALA TA 46 -134.75 43.20 32.61
N LEU TA 47 -133.49 43.27 33.05
CA LEU TA 47 -132.36 43.51 32.16
C LEU TA 47 -131.06 42.85 32.64
N HIS TA 48 -130.55 41.90 31.86
CA HIS TA 48 -129.25 41.25 32.14
C HIS TA 48 -128.10 42.15 31.70
N PRO TA 49 -127.04 42.24 32.51
CA PRO TA 49 -125.86 43.03 32.14
C PRO TA 49 -125.06 42.44 30.96
N LEU TA 50 -125.21 41.14 30.71
CA LEU TA 50 -124.63 40.52 29.51
C LEU TA 50 -125.10 41.23 28.24
N VAL TA 51 -126.35 41.68 28.25
CA VAL TA 51 -126.94 42.39 27.11
C VAL TA 51 -126.23 43.73 26.90
N ILE TA 52 -125.96 44.43 28.01
CA ILE TA 52 -125.26 45.72 27.96
C ILE TA 52 -123.85 45.55 27.38
N LEU TA 53 -123.17 44.48 27.79
CA LEU TA 53 -121.80 44.21 27.35
C LEU TA 53 -121.71 43.74 25.90
N ASN TA 54 -122.71 42.98 25.44
CA ASN TA 54 -122.75 42.51 24.04
C ASN TA 54 -123.01 43.68 23.08
N ILE TA 55 -123.71 44.70 23.54
CA ILE TA 55 -123.90 45.94 22.79
C ILE TA 55 -122.63 46.78 22.87
N SER TA 56 -122.04 46.83 24.06
CA SER TA 56 -120.80 47.58 24.30
C SER TA 56 -119.63 47.06 23.45
N ASP TA 57 -119.47 45.75 23.37
CA ASP TA 57 -118.50 45.13 22.46
C ASP TA 57 -118.83 45.46 21.00
N HIS TA 58 -120.12 45.43 20.68
CA HIS TA 58 -120.57 45.69 19.31
C HIS TA 58 -120.37 47.16 18.89
N TRP TA 59 -120.49 48.10 19.83
CA TRP TA 59 -120.27 49.52 19.55
C TRP TA 59 -118.77 49.82 19.36
N ILE TA 60 -117.96 49.39 20.32
CA ILE TA 60 -116.51 49.63 20.31
C ILE TA 60 -115.82 49.00 19.10
N ARG TA 61 -116.29 47.82 18.69
CA ARG TA 61 -115.72 47.10 17.57
C ARG TA 61 -116.09 47.73 16.22
N MET TA 62 -117.34 48.14 16.07
CA MET TA 62 -117.81 48.82 14.85
C MET TA 62 -117.36 50.28 14.78
N ARG TA 63 -117.22 50.91 15.95
CA ARG TA 63 -116.60 52.22 16.06
C ARG TA 63 -115.15 52.16 15.59
N SER TA 64 -114.43 51.18 16.11
CA SER TA 64 -113.01 50.97 15.78
C SER TA 64 -112.79 50.64 14.30
N GLN TA 65 -113.69 49.86 13.72
CA GLN TA 65 -113.60 49.48 12.30
C GLN TA 65 -113.52 50.68 11.35
N GLU TA 66 -114.30 51.72 11.64
CA GLU TA 66 -114.44 52.88 10.74
C GLU TA 66 -113.76 54.16 11.24
N GLY TA 67 -113.19 54.13 12.44
CA GLY TA 67 -112.51 55.30 13.02
C GLY TA 67 -113.45 56.44 13.35
N ARG TA 68 -114.70 56.11 13.65
CA ARG TA 68 -115.72 57.10 14.02
C ARG TA 68 -116.80 56.44 14.88
N PRO TA 69 -117.64 57.25 15.56
CA PRO TA 69 -118.82 56.70 16.24
C PRO TA 69 -119.81 56.10 15.26
N VAL TA 70 -120.46 55.01 15.66
CA VAL TA 70 -121.38 54.27 14.78
C VAL TA 70 -122.68 53.94 15.52
N GLN TA 71 -123.81 54.11 14.83
CA GLN TA 71 -125.11 53.66 15.32
C GLN TA 71 -125.30 52.20 14.94
N VAL TA 72 -124.85 51.30 15.82
CA VAL TA 72 -125.00 49.86 15.60
C VAL TA 72 -126.42 49.42 15.96
N ILE TA 73 -126.91 48.39 15.28
CA ILE TA 73 -128.25 47.86 15.52
C ILE TA 73 -128.19 46.35 15.67
N GLY TA 74 -129.00 45.81 16.59
CA GLY TA 74 -129.07 44.36 16.81
C GLY TA 74 -130.35 43.91 17.47
N ALA TA 75 -130.48 42.59 17.66
CA ALA TA 75 -131.71 41.95 18.13
C ALA TA 75 -131.65 41.57 19.61
N LEU TA 76 -132.82 41.56 20.25
CA LEU TA 76 -132.95 41.18 21.67
C LEU TA 76 -133.68 39.85 21.81
N ILE TA 77 -133.24 39.04 22.77
CA ILE TA 77 -133.88 37.76 23.07
C ILE TA 77 -133.86 37.46 24.57
N GLY TA 78 -134.78 36.59 25.01
CA GLY TA 78 -134.86 36.20 26.41
C GLY TA 78 -136.15 35.47 26.73
N LYS TA 79 -136.47 35.37 28.02
CA LYS TA 79 -137.67 34.68 28.46
C LYS TA 79 -138.86 35.64 28.50
N GLN TA 80 -140.03 35.17 28.07
CA GLN TA 80 -141.27 35.92 28.19
C GLN TA 80 -142.34 35.03 28.83
N GLU TA 81 -142.79 35.44 30.01
CA GLU TA 81 -143.85 34.74 30.73
C GLU TA 81 -144.91 35.75 31.15
N GLY TA 82 -146.16 35.51 30.74
CA GLY TA 82 -147.26 36.41 31.06
C GLY TA 82 -146.94 37.84 30.68
N ARG TA 83 -147.03 38.74 31.64
CA ARG TA 83 -146.70 40.15 31.41
C ARG TA 83 -145.20 40.39 31.47
N ASN TA 84 -144.55 39.81 32.48
CA ASN TA 84 -143.15 40.11 32.77
C ASN TA 84 -142.21 39.63 31.68
N ILE TA 85 -141.14 40.40 31.48
CA ILE TA 85 -140.20 40.14 30.38
C ILE TA 85 -138.75 40.29 30.87
N GLU TA 86 -137.96 39.25 30.65
CA GLU TA 86 -136.53 39.27 30.93
C GLU TA 86 -135.75 39.23 29.63
N VAL TA 87 -134.76 40.10 29.53
CA VAL TA 87 -133.85 40.10 28.39
C VAL TA 87 -132.58 39.37 28.85
N MET TA 88 -132.25 38.26 28.18
CA MET TA 88 -131.10 37.44 28.57
C MET TA 88 -129.88 37.78 27.73
N ASN TA 89 -129.94 37.48 26.44
CA ASN TA 89 -128.81 37.65 25.53
C ASN TA 89 -129.17 38.60 24.38
N SER TA 90 -128.17 38.96 23.58
CA SER TA 90 -128.39 39.84 22.43
C SER TA 90 -127.31 39.64 21.36
N PHE TA 91 -127.70 39.85 20.10
CA PHE TA 91 -126.79 39.70 18.97
C PHE TA 91 -127.06 40.78 17.93
N GLU TA 92 -126.43 40.68 16.76
CA GLU TA 92 -126.41 41.77 15.77
C GLU TA 92 -127.38 41.54 14.62
N LEU TA 93 -127.75 42.62 13.92
CA LEU TA 93 -128.61 42.56 12.74
C LEU TA 93 -128.04 43.36 11.57
N LEU TA 94 -128.36 42.92 10.36
CA LEU TA 94 -127.87 43.55 9.14
C LEU TA 94 -128.79 44.71 8.76
N SER TA 95 -128.19 45.84 8.39
CA SER TA 95 -128.94 47.06 8.08
C SER TA 95 -128.37 47.80 6.87
N HIS TA 96 -129.25 48.41 6.10
CA HIS TA 96 -128.88 49.21 4.93
C HIS TA 96 -129.59 50.58 5.02
N THR TA 97 -129.39 51.43 4.01
CA THR TA 97 -129.94 52.79 4.03
C THR TA 97 -130.56 53.21 2.68
N VAL TA 98 -131.89 53.10 2.58
CA VAL TA 98 -132.64 53.64 1.43
C VAL TA 98 -132.89 55.13 1.70
N GLU TA 99 -132.15 55.98 1.00
CA GLU TA 99 -132.17 57.43 1.22
C GLU TA 99 -131.66 57.79 2.62
N GLU TA 100 -132.57 58.15 3.54
CA GLU TA 100 -132.18 58.47 4.91
C GLU TA 100 -132.85 57.51 5.89
N LYS TA 101 -133.43 56.44 5.37
CA LYS TA 101 -134.27 55.53 6.13
C LYS TA 101 -133.50 54.25 6.39
N ILE TA 102 -133.35 53.88 7.67
CA ILE TA 102 -132.56 52.70 8.04
C ILE TA 102 -133.37 51.44 7.78
N ILE TA 103 -132.91 50.63 6.81
CA ILE TA 103 -133.60 49.40 6.41
C ILE TA 103 -132.96 48.18 7.08
N ILE TA 104 -133.69 47.56 8.00
CA ILE TA 104 -133.27 46.29 8.61
C ILE TA 104 -133.38 45.20 7.56
N ASP TA 105 -132.25 44.67 7.12
CA ASP TA 105 -132.27 43.55 6.18
C ASP TA 105 -132.84 42.34 6.92
N LYS TA 106 -134.12 42.08 6.67
CA LYS TA 106 -134.85 41.01 7.37
C LYS TA 106 -134.37 39.62 6.98
N GLU TA 107 -133.89 39.47 5.74
CA GLU TA 107 -133.34 38.19 5.27
C GLU TA 107 -132.18 37.72 6.16
N TYR TA 108 -131.47 38.66 6.78
CA TYR TA 108 -130.43 38.33 7.76
C TYR TA 108 -131.04 37.91 9.09
N TYR TA 109 -132.06 38.63 9.55
CA TYR TA 109 -132.72 38.28 10.82
C TYR TA 109 -133.24 36.83 10.81
N TYR TA 110 -133.93 36.46 9.74
CA TYR TA 110 -134.49 35.11 9.62
C TYR TA 110 -133.39 34.04 9.55
N THR TA 111 -132.22 34.41 9.02
CA THR TA 111 -131.07 33.52 8.99
C THR TA 111 -130.49 33.32 10.41
N LYS TA 112 -130.32 34.41 11.15
CA LYS TA 112 -129.86 34.34 12.54
C LYS TA 112 -130.95 33.81 13.48
N GLU TA 113 -132.22 33.98 13.10
CA GLU TA 113 -133.33 33.39 13.84
C GLU TA 113 -133.22 31.87 13.86
N GLU TA 114 -132.67 31.30 12.78
CA GLU TA 114 -132.35 29.88 12.75
C GLU TA 114 -131.33 29.58 13.84
N GLN TA 115 -130.18 30.22 13.77
CA GLN TA 115 -129.02 29.88 14.61
C GLN TA 115 -129.18 30.17 16.10
N PHE TA 116 -130.02 31.13 16.46
CA PHE TA 116 -130.26 31.42 17.88
C PHE TA 116 -131.34 30.51 18.47
N LYS TA 117 -132.28 30.06 17.63
CA LYS TA 117 -133.23 29.02 18.04
C LYS TA 117 -132.56 27.67 18.28
N GLN TA 118 -131.40 27.46 17.64
CA GLN TA 118 -130.63 26.22 17.81
C GLN TA 118 -129.99 26.15 19.17
N VAL TA 119 -129.18 27.16 19.51
CA VAL TA 119 -128.40 27.15 20.74
C VAL TA 119 -129.27 27.39 21.98
N PHE TA 120 -130.10 28.42 21.94
CA PHE TA 120 -131.04 28.72 23.03
C PHE TA 120 -132.45 28.44 22.51
N LYS TA 121 -132.87 27.19 22.66
CA LYS TA 121 -134.13 26.72 22.11
C LYS TA 121 -135.31 27.23 22.93
N GLU TA 122 -135.05 27.55 24.19
CA GLU TA 122 -136.08 28.06 25.09
C GLU TA 122 -136.44 29.51 24.77
N LEU TA 123 -135.47 30.27 24.28
CA LEU TA 123 -135.59 31.73 24.18
C LEU TA 123 -136.49 32.21 23.04
N GLU TA 124 -137.02 33.42 23.22
CA GLU TA 124 -138.01 34.02 22.34
C GLU TA 124 -137.49 35.35 21.80
N PHE TA 125 -138.06 35.82 20.69
CA PHE TA 125 -137.73 37.14 20.15
C PHE TA 125 -138.55 38.20 20.88
N LEU TA 126 -137.86 39.25 21.33
CA LEU TA 126 -138.47 40.25 22.21
C LEU TA 126 -138.46 41.66 21.63
N GLY TA 127 -137.30 42.13 21.16
CA GLY TA 127 -137.16 43.49 20.65
C GLY TA 127 -135.87 43.74 19.90
N TRP TA 128 -135.34 44.95 20.02
CA TRP TA 128 -134.09 45.34 19.34
C TRP TA 128 -133.39 46.49 20.06
N TYR TA 129 -132.16 46.79 19.65
CA TYR TA 129 -131.37 47.85 20.28
C TYR TA 129 -130.64 48.74 19.28
N THR TA 130 -130.18 49.88 19.77
CA THR TA 130 -129.33 50.78 19.00
C THR TA 130 -128.63 51.80 19.92
N THR TA 131 -127.69 52.56 19.38
CA THR TA 131 -127.00 53.59 20.15
C THR TA 131 -127.26 54.99 19.58
N GLY TA 132 -127.02 56.00 20.41
CA GLY TA 132 -127.23 57.40 20.01
C GLY TA 132 -127.89 58.21 21.11
N GLY TA 133 -128.69 59.20 20.71
CA GLY TA 133 -129.42 60.04 21.66
C GLY TA 133 -130.66 59.35 22.21
N PRO TA 134 -131.68 60.13 22.62
CA PRO TA 134 -132.99 59.56 22.96
C PRO TA 134 -133.77 59.14 21.72
N PRO TA 135 -135.01 58.62 21.90
CA PRO TA 135 -135.81 58.17 20.76
C PRO TA 135 -136.11 59.26 19.74
N ASP TA 136 -136.12 58.89 18.47
CA ASP TA 136 -136.19 59.86 17.37
C ASP TA 136 -136.83 59.23 16.12
N PRO TA 137 -137.11 60.05 15.08
CA PRO TA 137 -137.76 59.53 13.85
C PRO TA 137 -137.06 58.36 13.15
N SER TA 138 -135.72 58.40 13.10
CA SER TA 138 -134.95 57.35 12.41
C SER TA 138 -135.12 55.97 13.01
N ASP TA 139 -135.48 55.92 14.29
CA ASP TA 139 -135.75 54.65 14.99
C ASP TA 139 -137.22 54.25 14.94
N ILE TA 140 -138.11 55.22 14.76
CA ILE TA 140 -139.55 54.94 14.59
C ILE TA 140 -139.81 54.23 13.26
N HIS TA 141 -139.06 54.61 12.22
CA HIS TA 141 -139.11 53.93 10.93
C HIS TA 141 -138.60 52.49 11.04
N VAL TA 142 -137.57 52.29 11.85
CA VAL TA 142 -137.04 50.95 12.12
C VAL TA 142 -138.01 50.15 13.00
N HIS TA 143 -138.65 50.82 13.96
CA HIS TA 143 -139.61 50.17 14.85
C HIS TA 143 -140.81 49.60 14.09
N LYS TA 144 -141.17 50.26 12.98
CA LYS TA 144 -142.20 49.75 12.06
C LYS TA 144 -141.77 48.42 11.41
N GLN TA 145 -140.50 48.31 11.06
CA GLN TA 145 -139.96 47.10 10.44
C GLN TA 145 -139.83 45.93 11.41
N VAL TA 146 -139.71 46.23 12.70
CA VAL TA 146 -139.72 45.20 13.74
C VAL TA 146 -141.17 44.85 14.11
N CYS TA 147 -142.08 45.83 13.97
CA CYS TA 147 -143.51 45.61 14.20
C CYS TA 147 -144.16 44.65 13.19
N GLU TA 148 -143.59 44.56 11.98
CA GLU TA 148 -144.04 43.56 11.00
C GLU TA 148 -143.68 42.14 11.45
N ILE TA 149 -142.57 42.00 12.18
CA ILE TA 149 -142.08 40.70 12.65
C ILE TA 149 -142.86 40.20 13.88
N ILE TA 150 -143.06 41.08 14.87
CA ILE TA 150 -143.74 40.73 16.12
C ILE TA 150 -144.72 41.79 16.61
N GLU TA 151 -145.66 41.36 17.46
CA GLU TA 151 -146.78 42.21 17.92
C GLU TA 151 -146.52 43.03 19.20
N SER TA 152 -145.31 42.92 19.76
CA SER TA 152 -144.95 43.68 20.96
C SER TA 152 -143.43 43.84 21.07
N PRO TA 153 -142.83 44.61 20.15
CA PRO TA 153 -141.37 44.72 20.10
C PRO TA 153 -140.82 45.77 21.07
N LEU TA 154 -139.98 45.33 22.00
CA LEU TA 154 -139.31 46.26 22.93
C LEU TA 154 -138.19 47.01 22.22
N PHE TA 155 -137.70 48.05 22.89
CA PHE TA 155 -136.68 48.91 22.31
C PHE TA 155 -135.78 49.52 23.38
N LEU TA 156 -134.50 49.18 23.31
CA LEU TA 156 -133.48 49.75 24.18
C LEU TA 156 -132.65 50.74 23.38
N LYS TA 157 -132.22 51.82 24.02
CA LYS TA 157 -131.29 52.76 23.40
C LYS TA 157 -130.22 53.19 24.39
N LEU TA 158 -128.96 53.15 23.94
CA LEU TA 158 -127.81 53.41 24.78
C LEU TA 158 -127.03 54.61 24.28
N ASN TA 159 -126.64 55.49 25.19
CA ASN TA 159 -125.80 56.64 24.86
C ASN TA 159 -124.36 56.35 25.26
N PRO TA 160 -123.47 56.14 24.26
CA PRO TA 160 -122.10 55.70 24.55
C PRO TA 160 -121.24 56.73 25.27
N MET TA 161 -121.17 57.95 24.74
CA MET TA 161 -120.42 59.04 25.37
C MET TA 161 -121.40 59.92 26.14
N THR TA 162 -121.98 59.36 27.20
CA THR TA 162 -123.08 60.00 27.92
C THR TA 162 -122.62 61.13 28.85
N LYS TA 163 -123.45 62.16 28.96
CA LYS TA 163 -123.25 63.24 29.93
C LYS TA 163 -123.92 62.90 31.27
N HIS TA 164 -124.88 61.98 31.25
CA HIS TA 164 -125.55 61.53 32.47
C HIS TA 164 -124.56 60.94 33.48
N THR TA 165 -124.68 61.36 34.73
CA THR TA 165 -124.00 60.70 35.84
C THR TA 165 -124.70 59.36 36.14
N ASP TA 166 -125.98 59.27 35.78
CA ASP TA 166 -126.73 58.01 35.81
C ASP TA 166 -126.44 57.18 34.56
N LEU TA 167 -127.01 55.97 34.49
CA LEU TA 167 -126.87 55.11 33.32
C LEU TA 167 -127.67 55.70 32.15
N PRO TA 168 -127.12 55.65 30.92
CA PRO TA 168 -127.80 56.16 29.75
C PRO TA 168 -128.55 55.09 28.93
N VAL TA 169 -129.09 54.08 29.62
CA VAL TA 169 -129.78 52.97 28.96
C VAL TA 169 -131.24 52.96 29.42
N SER TA 170 -132.15 53.33 28.51
CA SER TA 170 -133.57 53.39 28.82
C SER TA 170 -134.38 52.50 27.87
N VAL TA 171 -135.43 51.86 28.40
CA VAL TA 171 -136.26 50.94 27.63
C VAL TA 171 -137.59 51.61 27.30
N PHE TA 172 -138.12 51.31 26.12
CA PHE TA 172 -139.33 51.94 25.60
C PHE TA 172 -140.26 50.89 24.96
N GLU TA 173 -141.42 51.35 24.47
CA GLU TA 173 -142.36 50.49 23.74
C GLU TA 173 -143.24 51.30 22.79
N SER TA 174 -143.98 50.62 21.92
CA SER TA 174 -144.87 51.27 20.95
C SER TA 174 -146.24 51.57 21.54
N VAL TA 175 -146.63 52.85 21.49
CA VAL TA 175 -147.94 53.30 21.93
C VAL TA 175 -148.51 54.26 20.88
N ILE TA 176 -149.82 54.25 20.69
CA ILE TA 176 -150.46 55.01 19.62
C ILE TA 176 -151.73 55.72 20.10
N ASP TA 177 -151.78 57.04 19.85
CA ASP TA 177 -152.90 57.89 20.29
C ASP TA 177 -153.37 58.81 19.16
N ILE TA 178 -154.45 59.55 19.41
CA ILE TA 178 -154.96 60.55 18.48
C ILE TA 178 -154.18 61.86 18.65
N ILE TA 179 -153.28 62.16 17.71
CA ILE TA 179 -152.56 63.44 17.67
C ILE TA 179 -153.33 64.43 16.77
N ASN TA 180 -154.39 65.01 17.34
CA ASN TA 180 -155.28 65.94 16.61
C ASN TA 180 -155.78 65.39 15.27
N GLY TA 181 -156.71 64.45 15.34
CA GLY TA 181 -157.26 63.79 14.15
C GLY TA 181 -156.26 62.93 13.39
N GLU TA 182 -155.23 62.44 14.07
CA GLU TA 182 -154.19 61.61 13.46
C GLU TA 182 -153.71 60.50 14.40
N ALA TA 183 -154.12 59.27 14.11
CA ALA TA 183 -153.59 58.11 14.82
C ALA TA 183 -152.15 57.90 14.39
N THR TA 184 -151.23 57.89 15.36
CA THR TA 184 -149.79 57.82 15.05
C THR TA 184 -148.96 57.26 16.22
N MET TA 185 -147.81 56.66 15.88
CA MET TA 185 -146.97 55.91 16.83
C MET TA 185 -146.15 56.80 17.75
N LEU TA 186 -145.93 56.33 18.98
CA LEU TA 186 -145.12 57.03 19.98
C LEU TA 186 -144.31 56.04 20.82
N PHE TA 187 -143.47 56.57 21.72
CA PHE TA 187 -142.64 55.75 22.60
C PHE TA 187 -142.94 56.02 24.08
N ALA TA 188 -143.56 55.05 24.75
CA ALA TA 188 -143.77 55.13 26.20
C ALA TA 188 -142.58 54.51 26.92
N GLU TA 189 -141.87 55.31 27.70
CA GLU TA 189 -140.65 54.87 28.38
C GLU TA 189 -140.97 53.97 29.57
N LEU TA 190 -140.11 52.98 29.81
CA LEU TA 190 -140.25 52.07 30.96
C LEU TA 190 -138.93 51.90 31.70
N THR TA 191 -139.03 51.44 32.94
CA THR TA 191 -137.88 51.19 33.82
C THR TA 191 -137.41 49.74 33.72
N TYR TA 192 -136.29 49.44 34.37
CA TYR TA 192 -135.61 48.15 34.22
C TYR TA 192 -134.91 47.74 35.51
N THR TA 193 -135.31 46.59 36.06
CA THR TA 193 -134.60 46.01 37.20
C THR TA 193 -133.45 45.17 36.66
N LEU TA 194 -132.33 45.14 37.38
CA LEU TA 194 -131.16 44.40 36.93
C LEU TA 194 -131.24 42.92 37.27
N ALA TA 195 -130.51 42.11 36.52
CA ALA TA 195 -130.54 40.64 36.65
C ALA TA 195 -129.68 40.16 37.81
N THR TA 196 -129.99 38.96 38.28
CA THR TA 196 -129.48 38.47 39.56
C THR TA 196 -128.57 37.24 39.50
N GLU TA 197 -128.60 36.48 38.40
CA GLU TA 197 -127.98 35.16 38.35
C GLU TA 197 -126.61 35.13 39.02
N GLU TA 198 -126.45 34.19 39.95
CA GLU TA 198 -125.25 34.08 40.77
C GLU TA 198 -123.99 33.86 39.93
N ALA TA 199 -124.09 32.98 38.93
CA ALA TA 199 -122.97 32.71 38.02
C ALA TA 199 -122.57 33.95 37.23
N GLU TA 200 -123.57 34.73 36.84
CA GLU TA 200 -123.36 35.97 36.10
C GLU TA 200 -122.77 37.05 37.00
N ARG TA 201 -123.39 37.23 38.16
CA ARG TA 201 -123.00 38.26 39.13
C ARG TA 201 -121.50 38.28 39.38
N ILE TA 202 -120.87 37.11 39.37
CA ILE TA 202 -119.43 36.98 39.57
C ILE TA 202 -118.66 37.53 38.37
N GLY TA 203 -119.16 37.27 37.16
CA GLY TA 203 -118.61 37.86 35.96
C GLY TA 203 -118.53 39.38 36.04
N VAL TA 204 -119.58 39.99 36.58
CA VAL TA 204 -119.63 41.44 36.82
C VAL TA 204 -118.63 41.82 37.90
N ASP TA 205 -118.62 41.05 38.99
CA ASP TA 205 -117.75 41.31 40.13
C ASP TA 205 -116.27 41.09 39.81
N HIS TA 206 -115.96 40.34 38.74
CA HIS TA 206 -114.57 40.05 38.36
C HIS TA 206 -113.93 41.13 37.47
N VAL TA 207 -114.67 41.61 36.48
CA VAL TA 207 -114.11 42.58 35.54
C VAL TA 207 -114.27 44.02 36.07
N ALA TA 208 -115.36 44.29 36.78
CA ALA TA 208 -115.59 45.58 37.44
C ALA TA 208 -114.77 45.73 38.73
N ARG TA 209 -114.30 44.61 39.28
CA ARG TA 209 -113.41 44.58 40.43
C ARG TA 209 -112.34 43.49 40.24
N MET TA 210 -111.20 43.89 39.66
CA MET TA 210 -110.14 42.97 39.27
C MET TA 210 -109.07 42.79 40.37
N THR TA 211 -108.71 41.54 40.67
CA THR TA 211 -107.57 41.23 41.54
C THR TA 211 -106.27 41.35 40.72
N ALA TA 212 -105.84 42.60 40.51
CA ALA TA 212 -104.60 42.89 39.79
C ALA TA 212 -103.46 43.10 40.79
N THR TA 213 -103.11 42.03 41.49
CA THR TA 213 -102.11 42.04 42.58
C THR TA 213 -102.67 42.70 43.84
N GLY TA 214 -103.82 42.21 44.32
CA GLY TA 214 -104.51 42.75 45.49
C GLY TA 214 -104.88 41.71 46.54
N SER TA 215 -104.11 40.63 46.62
CA SER TA 215 -104.28 39.60 47.64
C SER TA 215 -103.03 38.72 47.75
N GLY TA 216 -102.28 38.88 48.85
CA GLY TA 216 -101.03 38.14 49.08
C GLY TA 216 -101.22 36.92 49.97
N GLU TA 217 -101.55 37.16 51.24
CA GLU TA 217 -101.84 36.08 52.18
C GLU TA 217 -103.30 35.65 52.02
N ASN TA 218 -103.52 34.48 51.43
CA ASN TA 218 -104.85 33.96 51.07
C ASN TA 218 -106.04 34.65 51.74
N SER TA 219 -106.10 34.58 53.07
CA SER TA 219 -107.16 35.21 53.88
C SER TA 219 -108.53 34.53 53.74
N THR TA 220 -109.01 34.42 52.51
CA THR TA 220 -110.25 33.71 52.15
C THR TA 220 -111.52 34.49 52.55
N VAL TA 221 -111.58 34.89 53.82
CA VAL TA 221 -112.67 35.74 54.28
C VAL TA 221 -112.47 37.10 53.54
N ALA TA 222 -111.21 37.56 53.34
CA ALA TA 222 -110.85 38.93 52.79
C ALA TA 222 -111.28 38.96 51.34
N GLU TA 223 -111.08 37.84 50.65
CA GLU TA 223 -111.45 37.73 49.24
C GLU TA 223 -112.94 37.46 49.03
N HIS TA 224 -113.67 37.17 50.11
CA HIS TA 224 -115.10 36.93 50.05
C HIS TA 224 -115.90 38.17 50.48
N LEU TA 225 -115.62 38.68 51.68
CA LEU TA 225 -116.37 39.80 52.26
C LEU TA 225 -116.04 41.16 51.64
N ILE TA 226 -115.06 41.22 50.74
CA ILE TA 226 -114.82 42.42 49.94
C ILE TA 226 -116.05 42.80 49.13
N ALA TA 227 -116.79 41.79 48.66
CA ALA TA 227 -118.02 42.01 47.91
C ALA TA 227 -119.06 42.75 48.76
N GLN TA 228 -119.38 42.18 49.92
CA GLN TA 228 -120.37 42.78 50.83
C GLN TA 228 -119.94 44.15 51.37
N HIS TA 229 -118.68 44.24 51.79
CA HIS TA 229 -118.13 45.46 52.41
C HIS TA 229 -118.53 46.74 51.66
N SER TA 230 -118.06 46.88 50.42
CA SER TA 230 -118.31 48.08 49.61
C SER TA 230 -119.68 48.07 48.90
N ALA TA 231 -120.37 46.93 48.94
CA ALA TA 231 -121.75 46.85 48.46
C ALA TA 231 -122.70 47.43 49.49
N ILE TA 232 -122.48 47.09 50.76
CA ILE TA 232 -123.29 47.62 51.86
C ILE TA 232 -122.95 49.10 52.09
N LYS TA 233 -121.73 49.50 51.75
CA LYS TA 233 -121.35 50.92 51.74
C LYS TA 233 -122.29 51.72 50.85
N MET TA 234 -122.72 51.13 49.75
CA MET TA 234 -123.70 51.74 48.86
C MET TA 234 -125.06 51.80 49.56
N LEU TA 235 -125.45 50.70 50.21
CA LEU TA 235 -126.69 50.67 50.99
C LEU TA 235 -126.74 51.75 52.07
N HIS TA 236 -125.65 51.90 52.81
CA HIS TA 236 -125.57 52.90 53.88
C HIS TA 236 -125.56 54.33 53.32
N SER TA 237 -124.86 54.51 52.21
CA SER TA 237 -124.82 55.80 51.52
C SER TA 237 -126.24 56.27 51.14
N ARG TA 238 -127.06 55.34 50.67
CA ARG TA 238 -128.41 55.66 50.22
C ARG TA 238 -129.36 55.88 51.41
N VAL TA 239 -129.35 54.93 52.34
CA VAL TA 239 -130.28 54.93 53.47
C VAL TA 239 -130.07 56.14 54.39
N LYS TA 240 -128.82 56.55 54.57
CA LYS TA 240 -128.51 57.72 55.40
C LYS TA 240 -128.95 59.02 54.74
N LEU TA 241 -128.65 59.17 53.45
CA LEU TA 241 -128.98 60.41 52.72
C LEU TA 241 -130.49 60.66 52.57
N ILE TA 242 -131.29 59.60 52.68
CA ILE TA 242 -132.74 59.76 52.79
C ILE TA 242 -133.11 60.32 54.16
N LEU TA 243 -132.52 59.75 55.21
CA LEU TA 243 -132.77 60.19 56.58
C LEU TA 243 -132.26 61.61 56.86
N GLU TA 244 -131.25 62.05 56.12
CA GLU TA 244 -130.79 63.44 56.20
C GLU TA 244 -131.89 64.38 55.70
N TYR TA 245 -132.58 63.97 54.64
CA TYR TA 245 -133.73 64.71 54.11
C TYR TA 245 -134.93 64.68 55.06
N VAL TA 246 -135.13 63.56 55.75
CA VAL TA 246 -136.24 63.39 56.71
C VAL TA 246 -136.13 64.33 57.91
N LYS TA 247 -134.92 64.43 58.48
CA LYS TA 247 -134.68 65.32 59.63
C LYS TA 247 -134.76 66.80 59.25
N ALA TA 248 -134.23 67.15 58.07
CA ALA TA 248 -134.19 68.55 57.61
C ALA TA 248 -135.54 69.07 57.11
N SER TA 249 -136.38 68.16 56.61
CA SER TA 249 -137.73 68.52 56.16
C SER TA 249 -138.62 68.97 57.31
N GLU TA 250 -138.63 68.17 58.39
CA GLU TA 250 -139.39 68.53 59.60
C GLU TA 250 -138.76 69.72 60.32
N ALA TA 251 -137.42 69.76 60.34
CA ALA TA 251 -136.69 70.90 60.92
C ALA TA 251 -137.03 72.20 60.21
N GLY TA 252 -137.34 72.11 58.92
CA GLY TA 252 -137.82 73.25 58.14
C GLY TA 252 -136.76 73.78 57.22
N GLU TA 253 -137.12 74.82 56.47
CA GLU TA 253 -136.23 75.50 55.51
C GLU TA 253 -135.91 74.63 54.27
N VAL TA 254 -135.60 73.36 54.49
CA VAL TA 254 -135.49 72.39 53.39
C VAL TA 254 -136.91 72.02 52.92
N PRO TA 255 -137.26 72.37 51.65
CA PRO TA 255 -138.63 72.28 51.13
C PRO TA 255 -139.45 71.09 51.63
N PHE TA 256 -140.58 71.37 52.28
CA PHE TA 256 -141.47 70.32 52.74
C PHE TA 256 -142.26 69.77 51.55
N ASN TA 257 -142.29 68.44 51.41
CA ASN TA 257 -142.97 67.79 50.31
C ASN TA 257 -143.78 66.58 50.80
N HIS TA 258 -145.08 66.59 50.52
CA HIS TA 258 -145.99 65.54 50.96
C HIS TA 258 -145.80 64.24 50.19
N GLU TA 259 -145.63 64.35 48.87
CA GLU TA 259 -145.64 63.19 47.98
C GLU TA 259 -144.28 62.46 47.88
N ILE TA 260 -143.29 62.91 48.65
CA ILE TA 260 -142.03 62.17 48.80
C ILE TA 260 -141.95 61.57 50.20
N LEU TA 261 -142.21 62.39 51.21
CA LEU TA 261 -142.28 61.94 52.61
C LEU TA 261 -143.32 60.83 52.82
N ARG TA 262 -144.34 60.82 51.98
CA ARG TA 262 -145.37 59.79 52.00
C ARG TA 262 -144.79 58.39 51.77
N GLU TA 263 -143.97 58.26 50.74
CA GLU TA 263 -143.34 56.99 50.39
C GLU TA 263 -142.37 56.51 51.46
N ALA TA 264 -141.79 57.46 52.21
CA ALA TA 264 -140.92 57.14 53.34
C ALA TA 264 -141.69 56.48 54.48
N TYR TA 265 -142.93 56.92 54.73
CA TYR TA 265 -143.77 56.30 55.77
C TYR TA 265 -143.98 54.81 55.49
N ALA TA 266 -144.22 54.48 54.23
CA ALA TA 266 -144.33 53.08 53.81
C ALA TA 266 -142.97 52.39 53.94
N LEU TA 267 -141.96 52.93 53.25
CA LEU TA 267 -140.60 52.37 53.21
C LEU TA 267 -140.10 51.83 54.55
N CYS TA 268 -140.33 52.60 55.61
CA CYS TA 268 -139.77 52.29 56.93
C CYS TA 268 -140.60 51.29 57.74
N HIS TA 269 -141.92 51.30 57.57
CA HIS TA 269 -142.80 50.34 58.23
C HIS TA 269 -142.98 49.07 57.40
N CYS TA 270 -142.78 49.21 56.08
CA CYS TA 270 -142.71 48.05 55.18
C CYS TA 270 -141.45 47.21 55.41
N LEU TA 271 -140.55 47.66 56.29
CA LEU TA 271 -139.43 46.84 56.73
C LEU TA 271 -139.92 45.59 57.46
N PRO TA 272 -139.65 45.46 58.77
CA PRO TA 272 -139.64 44.13 59.34
C PRO TA 272 -139.72 43.01 58.28
N VAL TA 273 -138.68 42.94 57.43
CA VAL TA 273 -138.70 42.10 56.24
C VAL TA 273 -138.75 40.62 56.63
N LEU TA 274 -139.97 40.11 56.75
CA LEU TA 274 -140.26 38.72 57.12
C LEU TA 274 -139.88 38.36 58.55
N SER TA 275 -140.87 38.42 59.44
CA SER TA 275 -140.79 37.84 60.78
C SER TA 275 -141.92 36.82 60.92
N THR TA 276 -142.17 36.08 59.84
CA THR TA 276 -143.26 35.11 59.79
C THR TA 276 -142.77 33.79 60.39
N ASP TA 277 -143.58 33.22 61.29
CA ASP TA 277 -143.21 31.98 61.99
C ASP TA 277 -142.62 30.93 61.05
N LYS TA 278 -143.16 30.83 59.84
CA LYS TA 278 -142.65 29.89 58.84
C LYS TA 278 -141.24 30.26 58.37
N PHE TA 279 -141.06 31.51 57.94
CA PHE TA 279 -139.79 31.95 57.34
C PHE TA 279 -138.57 31.57 58.17
N LYS TA 280 -138.55 32.03 59.42
CA LYS TA 280 -137.37 31.84 60.27
C LYS TA 280 -137.05 30.36 60.50
N THR TA 281 -138.10 29.55 60.64
CA THR TA 281 -137.92 28.10 60.71
C THR TA 281 -137.08 27.63 59.53
N ASP TA 282 -137.43 28.09 58.34
CA ASP TA 282 -136.70 27.73 57.13
C ASP TA 282 -135.27 28.27 57.16
N PHE TA 283 -135.10 29.50 57.64
CA PHE TA 283 -133.79 30.08 57.77
C PHE TA 283 -132.91 29.24 58.70
N TYR TA 284 -133.45 28.88 59.87
CA TYR TA 284 -132.74 28.03 60.82
C TYR TA 284 -132.53 26.62 60.27
N ASP TA 285 -133.50 26.12 59.51
CA ASP TA 285 -133.35 24.84 58.81
C ASP TA 285 -132.05 24.81 58.00
N GLN TA 286 -131.81 25.88 57.24
CA GLN TA 286 -130.60 26.00 56.44
C GLN TA 286 -129.36 26.05 57.32
N CYS TA 287 -129.40 26.90 58.33
CA CYS TA 287 -128.25 27.09 59.21
C CYS TA 287 -127.78 25.77 59.81
N ASN TA 288 -128.73 25.00 60.34
CA ASN TA 288 -128.43 23.68 60.92
C ASN TA 288 -127.74 22.77 59.91
N ASP TA 289 -128.25 22.76 58.67
CA ASP TA 289 -127.63 22.00 57.58
C ASP TA 289 -126.18 22.38 57.37
N VAL TA 290 -125.93 23.69 57.27
CA VAL TA 290 -124.57 24.20 57.10
C VAL TA 290 -123.74 23.80 58.31
N GLY TA 291 -124.33 23.90 59.49
CA GLY TA 291 -123.68 23.53 60.75
C GLY TA 291 -123.23 22.07 60.76
N LEU TA 292 -124.12 21.18 60.34
CA LEU TA 292 -123.79 19.77 60.21
C LEU TA 292 -122.53 19.59 59.37
N MET TA 293 -122.46 20.34 58.28
CA MET TA 293 -121.33 20.26 57.35
C MET TA 293 -120.03 20.72 57.99
N ALA TA 294 -120.12 21.72 58.87
CA ALA TA 294 -118.96 22.20 59.61
C ALA TA 294 -118.51 21.19 60.67
N TYR TA 295 -119.47 20.56 61.35
CA TYR TA 295 -119.17 19.56 62.37
C TYR TA 295 -118.40 18.38 61.77
N LEU TA 296 -118.87 17.90 60.62
CA LEU TA 296 -118.20 16.81 59.92
C LEU TA 296 -116.84 17.26 59.36
N GLY TA 297 -116.80 18.46 58.82
CA GLY TA 297 -115.57 19.03 58.28
C GLY TA 297 -114.49 19.22 59.34
N THR TA 298 -114.90 19.65 60.53
CA THR TA 298 -113.97 19.84 61.65
C THR TA 298 -113.43 18.51 62.18
N ILE TA 299 -114.29 17.49 62.22
CA ILE TA 299 -113.87 16.14 62.60
C ILE TA 299 -112.81 15.61 61.64
N THR TA 300 -112.97 15.93 60.35
CA THR TA 300 -112.01 15.53 59.33
C THR TA 300 -110.64 16.14 59.58
N LYS TA 301 -110.61 17.45 59.83
CA LYS TA 301 -109.36 18.16 60.11
C LYS TA 301 -108.72 17.67 61.41
N THR TA 302 -109.54 17.44 62.42
CA THR TA 302 -109.10 16.86 63.68
C THR TA 302 -108.51 15.47 63.43
N CYS TA 303 -109.22 14.67 62.62
CA CYS TA 303 -108.79 13.30 62.29
C CYS TA 303 -107.43 13.25 61.60
N ASN TA 304 -107.17 14.22 60.70
CA ASN TA 304 -105.88 14.33 60.04
C ASN TA 304 -104.81 14.82 61.00
N THR TA 305 -105.09 15.92 61.67
CA THR TA 305 -104.19 16.48 62.69
C THR TA 305 -103.89 15.46 63.78
N MET TA 306 -104.86 14.59 64.06
CA MET TA 306 -104.67 13.46 64.96
C MET TA 306 -103.65 12.49 64.38
N ASN TA 307 -103.89 12.03 63.16
CA ASN TA 307 -103.01 11.05 62.52
C ASN TA 307 -101.62 11.62 62.17
N GLN TA 308 -101.55 12.94 62.02
CA GLN TA 308 -100.27 13.64 61.92
C GLN TA 308 -99.47 13.45 63.21
N PHE TA 309 -100.15 13.63 64.34
CA PHE TA 309 -99.56 13.42 65.67
C PHE TA 309 -99.27 11.95 65.96
N VAL TA 310 -100.22 11.07 65.60
CA VAL TA 310 -100.09 9.63 65.88
C VAL TA 310 -98.83 9.03 65.28
N ASN TA 311 -98.65 9.19 63.96
CA ASN TA 311 -97.49 8.63 63.27
C ASN TA 311 -96.17 9.14 63.83
N LYS TA 312 -96.10 10.43 64.14
CA LYS TA 312 -94.89 11.05 64.69
C LYS TA 312 -94.59 10.56 66.11
N PHE TA 313 -95.65 10.20 66.85
CA PHE TA 313 -95.50 9.57 68.15
C PHE TA 313 -95.16 8.09 68.01
N ASN TA 314 -95.89 7.39 67.14
CA ASN TA 314 -95.72 5.93 66.95
C ASN TA 314 -94.44 5.51 66.20
N VAL TA 315 -93.55 6.45 65.92
CA VAL TA 315 -92.25 6.14 65.33
C VAL TA 315 -91.09 6.62 66.22
N LEU TA 316 -91.14 7.87 66.67
CA LEU TA 316 -90.10 8.40 67.56
C LEU TA 316 -90.18 7.76 68.95
N TYR TA 317 -91.36 7.79 69.56
CA TYR TA 317 -91.56 7.14 70.87
C TYR TA 317 -91.61 5.62 70.74
N ASP TA 318 -92.60 5.13 69.98
CA ASP TA 318 -92.86 3.69 69.85
C ASP TA 318 -91.88 3.02 68.89
N ARG TA 319 -91.67 1.71 69.10
CA ARG TA 319 -90.81 0.91 68.24
C ARG TA 319 -91.62 0.14 67.18
N GLN TA 320 -92.47 0.88 66.46
CA GLN TA 320 -93.35 0.31 65.42
C GLN TA 320 -94.24 -0.82 65.94
N THR UA 12 -152.56 57.37 41.69
CA THR UA 12 -152.79 58.84 41.79
C THR UA 12 -151.66 59.66 41.12
N GLY UA 13 -151.97 60.89 40.71
CA GLY UA 13 -151.03 61.76 40.00
C GLY UA 13 -151.74 62.72 39.06
N GLN UA 14 -152.73 62.20 38.33
CA GLN UA 14 -153.57 63.00 37.42
C GLN UA 14 -154.73 63.68 38.15
N ASN UA 15 -155.37 62.94 39.06
CA ASN UA 15 -156.53 63.46 39.82
C ASN UA 15 -156.16 64.18 41.13
N GLN UA 16 -154.91 64.65 41.22
CA GLN UA 16 -154.53 65.72 42.14
C GLN UA 16 -153.84 66.86 41.36
N GLU UA 17 -154.14 66.94 40.07
CA GLU UA 17 -153.85 68.10 39.23
C GLU UA 17 -155.13 68.62 38.58
N GLN UA 18 -156.01 67.68 38.19
CA GLN UA 18 -157.36 68.00 37.77
C GLN UA 18 -158.22 68.45 38.96
N PHE UA 19 -158.08 67.76 40.10
CA PHE UA 19 -158.84 68.09 41.32
C PHE UA 19 -158.08 68.97 42.34
N LEU UA 20 -156.87 69.41 42.00
CA LEU UA 20 -156.13 70.40 42.80
C LEU UA 20 -156.14 71.79 42.13
N LEU UA 21 -156.29 71.83 40.81
CA LEU UA 21 -156.59 73.06 40.09
C LEU UA 21 -157.96 73.61 40.50
N LEU UA 22 -158.89 72.70 40.81
CA LEU UA 22 -160.25 73.06 41.25
C LEU UA 22 -160.40 73.08 42.79
N ALA UA 23 -159.29 72.91 43.51
CA ALA UA 23 -159.28 73.00 44.98
C ALA UA 23 -158.85 74.39 45.48
N LYS UA 24 -158.13 75.14 44.64
CA LYS UA 24 -157.80 76.55 44.93
C LYS UA 24 -158.93 77.48 44.51
N SER UA 25 -159.37 77.33 43.26
CA SER UA 25 -160.46 78.12 42.70
C SER UA 25 -161.83 77.54 43.06
N ALA UA 26 -162.16 77.57 44.35
CA ALA UA 26 -163.40 77.00 44.86
C ALA UA 26 -163.72 77.55 46.25
N LYS UA 27 -164.95 77.98 46.43
CA LYS UA 27 -165.41 78.56 47.68
C LYS UA 27 -165.74 77.43 48.68
N GLY UA 28 -166.55 77.73 49.69
CA GLY UA 28 -166.90 76.74 50.71
C GLY UA 28 -167.88 75.66 50.28
N ALA UA 29 -168.91 76.05 49.54
CA ALA UA 29 -169.91 75.11 49.03
C ALA UA 29 -169.43 74.35 47.79
N ALA UA 30 -168.47 74.93 47.07
CA ALA UA 30 -167.82 74.27 45.94
C ALA UA 30 -166.93 73.14 46.42
N LEU UA 31 -166.32 73.31 47.59
CA LEU UA 31 -165.49 72.26 48.22
C LEU UA 31 -166.33 71.22 48.98
N ALA UA 32 -167.51 71.61 49.46
CA ALA UA 32 -168.46 70.69 50.09
C ALA UA 32 -168.95 69.62 49.11
N THR UA 33 -169.00 69.98 47.82
CA THR UA 33 -169.27 69.03 46.74
C THR UA 33 -167.99 68.30 46.30
N LEU UA 34 -166.91 69.06 46.09
CA LEU UA 34 -165.63 68.53 45.58
C LEU UA 34 -164.99 67.48 46.50
N ILE UA 35 -165.24 67.59 47.81
CA ILE UA 35 -164.73 66.61 48.78
C ILE UA 35 -165.36 65.22 48.57
N HIS UA 36 -166.64 65.19 48.17
CA HIS UA 36 -167.29 63.92 47.84
C HIS UA 36 -166.88 63.36 46.47
N GLN UA 37 -166.30 64.21 45.60
CA GLN UA 37 -165.87 63.80 44.26
C GLN UA 37 -164.51 63.10 44.28
N VAL UA 38 -163.55 63.75 44.94
CA VAL UA 38 -162.17 63.23 45.03
C VAL UA 38 -162.07 61.93 45.84
N LEU UA 39 -162.89 61.83 46.90
CA LEU UA 39 -162.92 60.64 47.76
C LEU UA 39 -163.48 59.45 46.98
N GLU UA 40 -164.67 59.62 46.41
CA GLU UA 40 -165.31 58.56 45.63
C GLU UA 40 -164.84 58.63 44.17
N ALA UA 41 -163.59 58.22 43.95
CA ALA UA 41 -162.99 58.19 42.63
C ALA UA 41 -161.75 57.31 42.68
N PRO UA 42 -161.87 56.03 42.25
CA PRO UA 42 -160.76 55.08 42.40
C PRO UA 42 -159.47 55.50 41.69
N GLY UA 43 -158.33 55.16 42.28
CA GLY UA 43 -157.02 55.65 41.82
C GLY UA 43 -156.45 56.67 42.79
N VAL UA 44 -157.32 57.53 43.31
CA VAL UA 44 -156.94 58.56 44.28
C VAL UA 44 -157.05 57.99 45.70
N TYR UA 45 -156.01 57.30 46.15
CA TYR UA 45 -155.93 56.77 47.51
C TYR UA 45 -155.08 57.64 48.44
N VAL UA 46 -154.29 58.55 47.88
CA VAL UA 46 -153.46 59.47 48.66
C VAL UA 46 -154.26 60.73 49.02
N PHE UA 47 -154.06 61.22 50.24
CA PHE UA 47 -154.70 62.44 50.72
C PHE UA 47 -153.72 63.29 51.51
N GLY UA 48 -152.60 63.62 50.87
CA GLY UA 48 -151.61 64.50 51.45
C GLY UA 48 -151.92 65.95 51.15
N GLU UA 49 -152.26 66.24 49.90
CA GLU UA 49 -152.49 67.61 49.44
C GLU UA 49 -153.85 68.12 49.86
N LEU UA 50 -154.90 67.42 49.43
CA LEU UA 50 -156.29 67.91 49.54
C LEU UA 50 -156.72 68.31 50.96
N LEU UA 51 -156.25 67.59 51.97
CA LEU UA 51 -156.56 67.94 53.35
C LEU UA 51 -155.73 69.14 53.82
N ASP UA 52 -154.47 69.22 53.36
CA ASP UA 52 -153.58 70.32 53.73
C ASP UA 52 -153.65 71.43 52.66
N MET UA 53 -154.75 72.17 52.68
CA MET UA 53 -154.97 73.30 51.76
C MET UA 53 -155.65 74.44 52.53
N PRO UA 54 -155.18 75.69 52.34
CA PRO UA 54 -155.81 76.83 53.02
C PRO UA 54 -157.32 76.93 52.78
N ASN UA 55 -157.78 76.55 51.59
CA ASN UA 55 -159.20 76.66 51.24
C ASN UA 55 -160.09 75.79 52.10
N VAL UA 56 -159.67 74.55 52.33
CA VAL UA 56 -160.45 73.60 53.12
C VAL UA 56 -160.37 73.88 54.62
N ARG UA 57 -159.30 74.54 55.06
CA ARG UA 57 -159.09 74.81 56.49
C ARG UA 57 -160.06 75.83 57.08
N GLU UA 58 -160.66 76.68 56.24
CA GLU UA 58 -161.74 77.57 56.69
C GLU UA 58 -163.04 76.81 56.94
N LEU UA 59 -163.25 75.72 56.19
CA LEU UA 59 -164.43 74.87 56.36
C LEU UA 59 -164.42 74.18 57.72
N ALA UA 60 -163.22 73.82 58.18
CA ALA UA 60 -163.03 73.21 59.50
C ALA UA 60 -163.76 73.99 60.58
N GLU UA 61 -164.63 73.31 61.32
CA GLU UA 61 -165.37 73.92 62.42
C GLU UA 61 -166.20 75.13 61.97
N SER UA 62 -166.80 75.02 60.79
CA SER UA 62 -167.68 76.05 60.25
C SER UA 62 -169.02 75.42 59.91
N ASP UA 63 -169.79 76.05 59.00
CA ASP UA 63 -171.05 75.47 58.53
C ASP UA 63 -170.81 74.21 57.70
N PHE UA 64 -169.65 74.13 57.05
CA PHE UA 64 -169.23 72.93 56.34
C PHE UA 64 -168.17 72.18 57.16
N ALA UA 65 -168.59 71.70 58.33
CA ALA UA 65 -167.71 70.95 59.24
C ALA UA 65 -167.87 69.42 59.09
N SER UA 66 -169.05 68.98 58.65
CA SER UA 66 -169.30 67.55 58.43
C SER UA 66 -168.43 67.02 57.29
N THR UA 67 -168.37 67.76 56.19
CA THR UA 67 -167.54 67.39 55.04
C THR UA 67 -166.03 67.53 55.32
N PHE UA 68 -165.68 68.34 56.32
CA PHE UA 68 -164.28 68.48 56.74
C PHE UA 68 -163.78 67.28 57.57
N ARG UA 69 -164.59 66.86 58.54
CA ARG UA 69 -164.25 65.70 59.38
C ARG UA 69 -164.08 64.44 58.53
N LEU UA 70 -164.85 64.32 57.46
CA LEU UA 70 -164.81 63.18 56.56
C LEU UA 70 -163.48 63.07 55.80
N LEU UA 71 -162.93 64.20 55.39
CA LEU UA 71 -161.65 64.23 54.67
C LEU UA 71 -160.47 63.83 55.56
N THR UA 72 -160.62 64.03 56.87
CA THR UA 72 -159.61 63.60 57.85
C THR UA 72 -159.63 62.07 58.04
N VAL UA 73 -160.81 61.47 58.01
CA VAL UA 73 -160.96 60.01 58.18
C VAL UA 73 -160.24 59.24 57.07
N PHE UA 74 -160.45 59.65 55.82
CA PHE UA 74 -159.80 59.03 54.67
C PHE UA 74 -158.30 59.37 54.58
N ALA UA 75 -157.91 60.49 55.19
CA ALA UA 75 -156.52 60.95 55.15
C ALA UA 75 -155.76 60.70 56.46
N TYR UA 76 -156.33 59.90 57.36
CA TYR UA 76 -155.71 59.61 58.66
C TYR UA 76 -156.31 58.35 59.33
N GLY UA 77 -157.62 58.37 59.56
CA GLY UA 77 -158.30 57.31 60.34
C GLY UA 77 -158.58 56.01 59.60
N THR UA 78 -159.55 55.25 60.11
CA THR UA 78 -159.92 53.93 59.58
C THR UA 78 -161.44 53.74 59.53
N TYR UA 79 -161.89 52.52 59.21
CA TYR UA 79 -163.32 52.20 59.10
C TYR UA 79 -163.99 52.13 60.47
N ALA UA 80 -163.27 51.59 61.46
CA ALA UA 80 -163.76 51.57 62.84
C ALA UA 80 -164.02 52.98 63.34
N ASP UA 81 -163.22 53.93 62.88
CA ASP UA 81 -163.41 55.35 63.22
C ASP UA 81 -164.63 55.93 62.52
N TYR UA 82 -164.89 55.51 61.28
CA TYR UA 82 -166.10 55.94 60.56
C TYR UA 82 -167.37 55.47 61.27
N LEU UA 83 -167.41 54.20 61.68
CA LEU UA 83 -168.58 53.64 62.36
C LEU UA 83 -168.77 54.21 63.78
N ALA UA 84 -167.69 54.72 64.36
CA ALA UA 84 -167.76 55.46 65.61
C ALA UA 84 -168.35 56.86 65.39
N GLU UA 85 -168.00 57.49 64.27
CA GLU UA 85 -168.45 58.85 63.93
C GLU UA 85 -169.52 58.83 62.81
N ALA UA 86 -170.42 57.86 62.85
CA ALA UA 86 -171.39 57.65 61.76
C ALA UA 86 -172.37 58.81 61.53
N ARG UA 87 -172.65 59.59 62.57
CA ARG UA 87 -173.55 60.74 62.49
C ARG UA 87 -172.82 62.08 62.39
N ASN UA 88 -171.68 62.19 63.07
CA ASN UA 88 -170.85 63.41 63.00
C ASN UA 88 -170.22 63.62 61.61
N LEU UA 89 -170.11 62.54 60.84
CA LEU UA 89 -169.72 62.61 59.43
C LEU UA 89 -170.97 62.51 58.55
N PRO UA 90 -170.86 62.90 57.28
CA PRO UA 90 -171.98 62.69 56.36
C PRO UA 90 -172.13 61.21 56.00
N PRO UA 91 -173.37 60.77 55.68
CA PRO UA 91 -173.57 59.37 55.26
C PRO UA 91 -172.76 59.00 54.01
N LEU UA 92 -172.11 57.84 54.04
CA LEU UA 92 -171.30 57.36 52.91
C LEU UA 92 -172.00 56.24 52.14
N THR UA 93 -171.65 56.11 50.87
CA THR UA 93 -172.11 55.00 50.04
C THR UA 93 -171.11 53.84 50.13
N GLU UA 94 -171.44 52.72 49.52
CA GLU UA 94 -170.59 51.53 49.56
C GLU UA 94 -169.22 51.74 48.88
N ALA UA 95 -169.21 52.44 47.75
CA ALA UA 95 -167.97 52.70 47.00
C ALA UA 95 -166.95 53.49 47.81
N GLN UA 96 -167.43 54.35 48.70
CA GLN UA 96 -166.55 55.07 49.64
C GLN UA 96 -166.20 54.22 50.86
N LYS UA 97 -167.15 53.40 51.31
CA LYS UA 97 -166.90 52.45 52.40
C LYS UA 97 -165.84 51.42 52.01
N ASN UA 98 -165.85 50.99 50.75
CA ASN UA 98 -164.83 50.09 50.22
C ASN UA 98 -163.44 50.73 50.21
N LYS UA 99 -163.34 51.94 49.65
CA LYS UA 99 -162.07 52.68 49.60
C LYS UA 99 -161.47 52.93 50.99
N LEU UA 100 -162.33 53.01 52.00
CA LEU UA 100 -161.88 53.09 53.39
C LEU UA 100 -161.50 51.68 53.90
N ARG UA 101 -162.28 50.68 53.51
CA ARG UA 101 -161.96 49.27 53.83
C ARG UA 101 -160.67 48.77 53.17
N HIS UA 102 -160.23 49.46 52.12
CA HIS UA 102 -158.93 49.20 51.51
C HIS UA 102 -157.85 49.83 52.37
N LEU UA 103 -158.01 51.13 52.64
CA LEU UA 103 -157.04 51.91 53.38
C LEU UA 103 -156.93 51.50 54.86
N SER UA 104 -158.01 50.98 55.43
CA SER UA 104 -158.01 50.50 56.81
C SER UA 104 -157.19 49.21 56.99
N VAL UA 105 -157.00 48.48 55.90
CA VAL UA 105 -156.13 47.30 55.89
C VAL UA 105 -154.68 47.73 55.66
N VAL UA 106 -154.48 48.66 54.74
CA VAL UA 106 -153.15 49.18 54.41
C VAL UA 106 -152.40 49.63 55.67
N THR UA 107 -153.14 50.21 56.62
CA THR UA 107 -152.59 50.60 57.91
C THR UA 107 -152.20 49.37 58.72
N LEU UA 108 -153.14 48.44 58.86
CA LEU UA 108 -152.87 47.17 59.54
C LEU UA 108 -151.73 46.40 58.86
N ALA UA 109 -151.60 46.59 57.56
CA ALA UA 109 -150.58 45.92 56.75
C ALA UA 109 -149.16 46.46 56.99
N ALA UA 110 -149.04 47.78 57.13
CA ALA UA 110 -147.74 48.40 57.39
C ALA UA 110 -147.14 47.90 58.72
N LYS UA 111 -147.98 47.82 59.75
CA LYS UA 111 -147.57 47.27 61.04
C LYS UA 111 -147.39 45.75 60.96
N VAL UA 112 -148.52 45.05 60.81
CA VAL UA 112 -148.55 43.58 60.85
C VAL UA 112 -148.60 43.04 59.42
N LYS UA 113 -147.52 42.41 58.97
CA LYS UA 113 -147.40 41.97 57.58
C LYS UA 113 -148.15 40.65 57.31
N CYS UA 114 -148.14 39.75 58.30
CA CYS UA 114 -148.94 38.52 58.26
C CYS UA 114 -150.25 38.72 59.02
N ILE UA 115 -151.34 38.93 58.28
CA ILE UA 115 -152.65 39.19 58.86
C ILE UA 115 -153.51 37.92 58.88
N PRO UA 116 -154.02 37.53 60.06
CA PRO UA 116 -155.05 36.49 60.12
C PRO UA 116 -156.38 36.99 59.55
N TYR UA 117 -157.21 36.06 59.06
CA TYR UA 117 -158.48 36.44 58.44
C TYR UA 117 -159.42 37.15 59.42
N ALA UA 118 -159.73 36.50 60.55
CA ALA UA 118 -160.65 37.05 61.54
C ALA UA 118 -160.38 38.51 61.88
N VAL UA 119 -159.10 38.89 61.91
CA VAL UA 119 -158.67 40.27 62.11
C VAL UA 119 -159.45 41.23 61.21
N LEU UA 120 -159.58 40.87 59.94
CA LEU UA 120 -160.13 41.76 58.93
C LEU UA 120 -161.67 41.80 58.94
N LEU UA 121 -162.29 40.95 59.75
CA LEU UA 121 -163.72 41.03 60.01
C LEU UA 121 -164.00 42.06 61.11
N GLU UA 122 -163.00 42.31 61.95
CA GLU UA 122 -163.13 43.18 63.12
C GLU UA 122 -162.85 44.65 62.79
N ALA UA 123 -161.70 44.88 62.16
CA ALA UA 123 -161.27 46.23 61.80
C ALA UA 123 -162.08 46.81 60.64
N LEU UA 124 -162.74 45.94 59.87
CA LEU UA 124 -163.57 46.36 58.73
C LEU UA 124 -165.06 46.04 58.91
N ALA UA 125 -165.44 45.42 60.03
CA ALA UA 125 -166.83 45.09 60.34
C ALA UA 125 -167.51 44.33 59.21
N LEU UA 126 -166.80 43.36 58.65
CA LEU UA 126 -167.29 42.60 57.52
C LEU UA 126 -167.91 41.29 57.97
N ARG UA 127 -168.62 40.64 57.05
CA ARG UA 127 -169.49 39.50 57.38
C ARG UA 127 -168.89 38.12 57.09
N ASN UA 128 -168.08 38.02 56.03
CA ASN UA 128 -167.43 36.74 55.71
C ASN UA 128 -166.19 36.88 54.85
N VAL UA 129 -165.47 35.75 54.72
CA VAL UA 129 -164.27 35.67 53.92
C VAL UA 129 -164.57 36.12 52.50
N ARG UA 130 -165.64 35.57 51.93
CA ARG UA 130 -166.02 35.86 50.54
C ARG UA 130 -165.93 37.36 50.25
N GLN UA 131 -166.49 38.17 51.14
CA GLN UA 131 -166.41 39.62 50.99
C GLN UA 131 -164.98 40.05 51.17
N LEU UA 132 -164.41 39.72 52.33
CA LEU UA 132 -163.05 40.10 52.66
C LEU UA 132 -162.15 39.93 51.45
N GLU UA 133 -162.09 38.69 50.96
CA GLU UA 133 -161.29 38.37 49.80
C GLU UA 133 -161.60 39.36 48.67
N ASP UA 134 -162.86 39.41 48.27
CA ASP UA 134 -163.30 40.33 47.21
C ASP UA 134 -162.75 41.74 47.43
N LEU UA 135 -162.90 42.25 48.65
CA LEU UA 135 -162.38 43.58 48.96
C LEU UA 135 -160.86 43.63 48.84
N VAL UA 136 -160.20 42.57 49.28
CA VAL UA 136 -158.76 42.50 49.15
C VAL UA 136 -158.37 42.39 47.67
N ILE UA 137 -159.18 41.68 46.88
CA ILE UA 137 -158.96 41.59 45.43
C ILE UA 137 -158.81 43.00 44.89
N GLU UA 138 -159.83 43.81 45.17
CA GLU UA 138 -159.88 45.18 44.68
C GLU UA 138 -158.69 46.00 45.18
N ALA UA 139 -158.27 45.76 46.42
CA ALA UA 139 -157.12 46.46 47.01
C ALA UA 139 -155.89 46.30 46.12
N VAL UA 140 -155.51 45.04 45.86
CA VAL UA 140 -154.36 44.76 44.99
C VAL UA 140 -154.65 45.15 43.54
N TYR UA 141 -155.91 44.97 43.14
CA TYR UA 141 -156.35 45.34 41.80
C TYR UA 141 -156.20 46.85 41.51
N ALA UA 142 -156.44 47.68 42.51
CA ALA UA 142 -156.24 49.12 42.38
C ALA UA 142 -154.78 49.54 42.60
N ASP UA 143 -153.86 48.56 42.58
CA ASP UA 143 -152.43 48.76 42.79
C ASP UA 143 -152.11 49.46 44.12
N VAL UA 144 -152.76 48.99 45.18
CA VAL UA 144 -152.51 49.46 46.55
C VAL UA 144 -151.54 48.51 47.26
N LEU UA 145 -151.88 47.21 47.25
CA LEU UA 145 -151.12 46.18 47.95
C LEU UA 145 -150.51 45.15 47.00
N ARG UA 146 -149.60 44.34 47.55
CA ARG UA 146 -149.11 43.14 46.90
C ARG UA 146 -149.25 41.99 47.91
N GLY UA 147 -149.37 40.75 47.42
CA GLY UA 147 -149.41 39.58 48.31
C GLY UA 147 -150.24 38.41 47.86
N SER UA 148 -150.80 37.68 48.82
CA SER UA 148 -151.56 36.47 48.57
C SER UA 148 -152.33 36.01 49.83
N LEU UA 149 -153.08 34.92 49.71
CA LEU UA 149 -153.85 34.38 50.83
C LEU UA 149 -153.55 32.90 51.08
N ASP UA 150 -153.97 32.43 52.26
CA ASP UA 150 -153.73 31.04 52.68
C ASP UA 150 -155.03 30.51 53.30
N GLN UA 151 -155.88 29.90 52.46
CA GLN UA 151 -157.26 29.57 52.84
C GLN UA 151 -157.40 28.68 54.06
N ARG UA 152 -156.74 27.53 54.04
CA ARG UA 152 -156.80 26.61 55.17
C ARG UA 152 -156.23 27.28 56.43
N ASN UA 153 -155.08 27.95 56.29
CA ASN UA 153 -154.40 28.60 57.41
C ASN UA 153 -155.04 29.93 57.87
N GLN UA 154 -155.94 30.48 57.06
CA GLN UA 154 -156.68 31.72 57.38
C GLN UA 154 -155.76 32.95 57.46
N ARG UA 155 -154.91 33.12 56.44
CA ARG UA 155 -153.89 34.17 56.44
C ARG UA 155 -154.03 35.13 55.27
N LEU UA 156 -153.37 36.28 55.43
CA LEU UA 156 -153.21 37.25 54.36
C LEU UA 156 -151.80 37.84 54.43
N GLU UA 157 -150.89 37.25 53.68
CA GLU UA 157 -149.52 37.75 53.61
C GLU UA 157 -149.49 38.97 52.70
N VAL UA 158 -148.69 39.96 53.07
CA VAL UA 158 -148.64 41.22 52.33
C VAL UA 158 -147.20 41.53 51.90
N ASP UA 159 -146.88 41.21 50.64
CA ASP UA 159 -145.54 41.41 50.06
C ASP UA 159 -145.14 42.90 50.00
N TYR UA 160 -146.11 43.78 49.78
CA TYR UA 160 -145.87 45.22 49.79
C TYR UA 160 -147.19 45.97 49.93
N SER UA 161 -147.15 47.09 50.66
CA SER UA 161 -148.28 47.99 50.80
C SER UA 161 -147.80 49.43 50.61
N ILE UA 162 -148.61 50.25 49.95
CA ILE UA 162 -148.32 51.69 49.86
C ILE UA 162 -148.56 52.35 51.21
N GLY UA 163 -148.05 53.57 51.37
CA GLY UA 163 -148.26 54.38 52.56
C GLY UA 163 -149.27 55.48 52.30
N ARG UA 164 -150.40 55.45 53.01
CA ARG UA 164 -151.47 56.43 52.80
C ARG UA 164 -151.08 57.82 53.29
N ASP UA 165 -150.69 57.88 54.55
CA ASP UA 165 -150.45 59.17 55.21
C ASP UA 165 -149.03 59.69 55.00
N ILE UA 166 -148.88 60.99 55.22
CA ILE UA 166 -147.58 61.65 55.28
C ILE UA 166 -147.18 61.74 56.74
N GLN UA 167 -148.13 62.20 57.57
CA GLN UA 167 -147.96 62.34 59.02
C GLN UA 167 -146.77 63.24 59.37
N ARG UA 168 -147.02 64.54 59.37
CA ARG UA 168 -146.08 65.52 59.91
C ARG UA 168 -146.21 65.53 61.44
N GLN UA 169 -147.31 64.97 61.94
CA GLN UA 169 -147.49 64.67 63.36
C GLN UA 169 -146.40 63.70 63.85
N ASP UA 170 -146.30 62.55 63.18
CA ASP UA 170 -145.34 61.50 63.54
C ASP UA 170 -144.29 61.30 62.45
N LEU UA 171 -143.62 62.39 62.05
CA LEU UA 171 -142.54 62.32 61.07
C LEU UA 171 -141.27 61.79 61.75
N SER UA 172 -141.23 61.92 63.07
CA SER UA 172 -140.16 61.33 63.88
C SER UA 172 -140.34 59.81 64.00
N ALA UA 173 -141.57 59.33 63.93
CA ALA UA 173 -141.86 57.88 63.90
C ALA UA 173 -141.36 57.22 62.60
N ILE UA 174 -141.25 58.03 61.55
CA ILE UA 174 -140.63 57.60 60.30
C ILE UA 174 -139.10 57.74 60.38
N ALA UA 175 -138.63 58.83 60.99
CA ALA UA 175 -137.20 59.11 61.11
C ALA UA 175 -136.44 58.07 61.95
N ARG UA 176 -137.01 57.70 63.10
CA ARG UA 176 -136.35 56.78 64.04
C ARG UA 176 -136.14 55.39 63.44
N THR UA 177 -137.17 54.86 62.80
CA THR UA 177 -137.07 53.58 62.09
C THR UA 177 -135.97 53.63 61.02
N LEU UA 178 -135.79 54.78 60.38
CA LEU UA 178 -134.70 54.98 59.41
C LEU UA 178 -133.33 54.98 60.07
N GLN UA 179 -133.24 55.57 61.26
CA GLN UA 179 -131.97 55.63 61.99
C GLN UA 179 -131.49 54.24 62.40
N GLU UA 180 -132.41 53.40 62.87
CA GLU UA 180 -132.06 52.04 63.30
C GLU UA 180 -131.46 51.21 62.15
N TRP UA 181 -131.88 51.49 60.91
CA TRP UA 181 -131.32 50.85 59.71
C TRP UA 181 -129.96 51.45 59.37
N CYS UA 182 -129.82 52.76 59.53
CA CYS UA 182 -128.53 53.43 59.37
C CYS UA 182 -127.53 52.92 60.40
N VAL UA 183 -128.01 52.69 61.62
CA VAL UA 183 -127.21 52.05 62.67
C VAL UA 183 -126.83 50.64 62.22
N GLY UA 184 -127.83 49.88 61.78
CA GLY UA 184 -127.61 48.53 61.28
C GLY UA 184 -126.57 48.43 60.18
N CYS UA 185 -126.60 49.40 59.26
CA CYS UA 185 -125.61 49.48 58.20
C CYS UA 185 -124.19 49.55 58.76
N GLU UA 186 -124.03 50.37 59.79
CA GLU UA 186 -122.74 50.51 60.47
C GLU UA 186 -122.42 49.24 61.27
N VAL UA 187 -123.43 48.70 61.96
CA VAL UA 187 -123.28 47.47 62.75
C VAL UA 187 -122.57 46.40 61.93
N VAL UA 188 -123.01 46.20 60.70
CA VAL UA 188 -122.43 45.17 59.84
C VAL UA 188 -121.12 45.65 59.21
N LEU UA 189 -121.12 46.83 58.63
CA LEU UA 189 -119.93 47.37 57.95
C LEU UA 189 -118.67 47.25 58.78
N SER UA 190 -118.73 47.74 60.02
CA SER UA 190 -117.63 47.63 60.96
C SER UA 190 -117.45 46.18 61.40
N GLY UA 191 -118.56 45.47 61.57
CA GLY UA 191 -118.54 44.04 61.89
C GLY UA 191 -117.82 43.19 60.87
N ILE UA 192 -117.88 43.58 59.60
CA ILE UA 192 -117.12 42.92 58.54
C ILE UA 192 -115.64 43.20 58.73
N GLU UA 193 -115.28 44.49 58.73
CA GLU UA 193 -113.89 44.95 58.77
C GLU UA 193 -113.09 44.38 59.95
N GLU UA 194 -113.78 44.10 61.06
CA GLU UA 194 -113.18 43.40 62.19
C GLU UA 194 -112.87 41.95 61.83
N GLN UA 195 -113.87 41.24 61.32
CA GLN UA 195 -113.74 39.82 60.97
C GLN UA 195 -112.82 39.58 59.77
N VAL UA 196 -112.77 40.55 58.85
CA VAL UA 196 -111.87 40.48 57.69
C VAL UA 196 -110.41 40.68 58.14
N SER UA 197 -110.19 41.66 59.01
CA SER UA 197 -108.85 41.93 59.55
C SER UA 197 -108.38 40.82 60.49
N ARG UA 198 -109.32 40.10 61.11
CA ARG UA 198 -109.00 38.98 62.00
C ARG UA 198 -108.70 37.68 61.26
N ALA UA 199 -109.42 37.43 60.16
CA ALA UA 199 -109.17 36.24 59.33
C ALA UA 199 -107.81 36.30 58.62
N ASN UA 200 -107.36 37.52 58.31
CA ASN UA 200 -105.99 37.75 57.84
C ASN UA 200 -104.98 37.69 58.98
N GLN UA 201 -105.38 38.14 60.17
CA GLN UA 201 -104.52 38.08 61.37
C GLN UA 201 -104.29 36.64 61.86
N HIS UA 202 -105.32 35.80 61.75
CA HIS UA 202 -105.18 34.39 62.11
C HIS UA 202 -104.38 33.60 61.07
N LYS UA 203 -104.35 34.11 59.84
CA LYS UA 203 -103.48 33.58 58.78
C LYS UA 203 -102.02 34.00 59.02
N GLU UA 204 -101.82 35.24 59.46
CA GLU UA 204 -100.48 35.75 59.83
C GLU UA 204 -100.03 35.28 61.22
N GLN UA 205 -101.00 34.81 62.02
CA GLN UA 205 -100.70 34.13 63.28
C GLN UA 205 -100.05 32.79 63.01
N GLN UA 206 -100.68 32.01 62.12
CA GLN UA 206 -100.20 30.66 61.79
C GLN UA 206 -98.94 30.68 60.93
N LEU UA 207 -98.90 31.56 59.93
CA LEU UA 207 -97.72 31.68 59.03
C LEU UA 207 -96.45 32.05 59.81
N GLY UA 208 -96.60 32.92 60.81
CA GLY UA 208 -95.50 33.26 61.70
C GLY UA 208 -95.15 32.11 62.63
N LEU UA 209 -96.18 31.47 63.19
CA LEU UA 209 -95.99 30.34 64.11
C LEU UA 209 -95.49 29.06 63.43
N LYS UA 210 -95.71 28.94 62.13
CA LYS UA 210 -95.22 27.78 61.38
C LYS UA 210 -93.78 27.97 60.91
N GLN UA 211 -93.32 29.23 60.84
CA GLN UA 211 -91.90 29.51 60.61
C GLN UA 211 -91.04 29.20 61.83
N GLN UA 212 -91.63 29.31 63.02
CA GLN UA 212 -90.96 28.95 64.26
C GLN UA 212 -90.84 27.42 64.44
N ILE UA 213 -91.80 26.68 63.90
CA ILE UA 213 -91.80 25.21 63.95
C ILE UA 213 -90.71 24.62 63.05
N GLU UA 214 -90.54 25.20 61.86
CA GLU UA 214 -89.56 24.72 60.87
C GLU UA 214 -88.11 25.06 61.25
N SER UA 215 -87.91 26.24 61.86
CA SER UA 215 -86.58 26.69 62.26
C SER UA 215 -85.99 25.93 63.47
N GLU UA 216 -86.85 25.17 64.16
CA GLU UA 216 -86.40 24.26 65.23
C GLU UA 216 -85.52 23.13 64.68
N VAL UA 217 -85.77 22.73 63.44
CA VAL UA 217 -85.08 21.59 62.80
C VAL UA 217 -83.60 21.91 62.49
N ALA UA 218 -83.26 23.19 62.39
CA ALA UA 218 -81.89 23.63 62.08
C ALA UA 218 -80.85 23.24 63.13
N ASN UA 219 -81.30 22.89 64.33
CA ASN UA 219 -80.39 22.52 65.43
C ASN UA 219 -79.84 21.12 65.24
N PHE VA 15 -134.53 31.85 92.50
CA PHE VA 15 -134.22 33.31 92.34
C PHE VA 15 -132.90 33.67 93.03
N SER VA 16 -132.89 33.55 94.36
CA SER VA 16 -131.66 33.76 95.15
C SER VA 16 -131.29 32.53 96.01
N PHE VA 17 -132.08 31.46 95.95
CA PHE VA 17 -131.81 30.24 96.71
C PHE VA 17 -130.56 29.54 96.17
N LYS VA 18 -130.24 29.81 94.91
CA LYS VA 18 -129.06 29.23 94.25
C LYS VA 18 -127.77 29.78 94.86
N LYS VA 19 -127.68 31.09 94.97
CA LYS VA 19 -126.51 31.76 95.55
C LYS VA 19 -126.34 31.48 97.04
N LEU VA 20 -127.45 31.16 97.71
CA LEU VA 20 -127.46 30.87 99.13
C LEU VA 20 -127.13 29.41 99.45
N LEU VA 21 -127.54 28.49 98.57
CA LEU VA 21 -127.16 27.07 98.72
C LEU VA 21 -125.66 26.89 98.61
N ASP VA 22 -125.02 27.65 97.71
CA ASP VA 22 -123.57 27.62 97.57
C ASP VA 22 -122.86 27.85 98.91
N GLN VA 23 -123.37 28.80 99.68
CA GLN VA 23 -122.79 29.15 100.97
C GLN VA 23 -122.88 28.00 101.98
N CYS VA 24 -124.00 27.28 101.97
CA CYS VA 24 -124.20 26.15 102.89
C CYS VA 24 -123.21 25.01 102.64
N GLU VA 25 -123.01 24.68 101.36
CA GLU VA 25 -122.12 23.58 100.97
C GLU VA 25 -120.67 23.84 101.33
N ASN VA 26 -120.28 25.10 101.28
CA ASN VA 26 -118.92 25.51 101.64
C ASN VA 26 -118.68 25.31 103.13
N GLN VA 27 -119.62 25.78 103.95
CA GLN VA 27 -119.52 25.67 105.41
C GLN VA 27 -119.51 24.23 105.93
N GLU VA 28 -119.79 23.26 105.06
CA GLU VA 28 -119.66 21.84 105.41
C GLU VA 28 -118.18 21.45 105.57
N LEU VA 29 -117.37 21.83 104.60
CA LEU VA 29 -115.94 21.51 104.62
C LEU VA 29 -115.10 22.63 105.22
N GLU VA 30 -115.62 23.86 105.18
CA GLU VA 30 -114.88 25.04 105.66
C GLU VA 30 -114.65 25.03 107.17
N ALA VA 31 -115.72 25.27 107.93
CA ALA VA 31 -115.62 25.58 109.36
C ALA VA 31 -115.22 24.41 110.25
N PRO VA 32 -115.94 23.26 110.15
CA PRO VA 32 -115.81 22.23 111.16
C PRO VA 32 -114.63 21.30 110.94
N GLY VA 33 -114.17 20.68 112.02
CA GLY VA 33 -113.19 19.60 111.96
C GLY VA 33 -113.72 18.44 111.14
N GLY VA 34 -115.04 18.32 111.10
CA GLY VA 34 -115.72 17.36 110.23
C GLY VA 34 -117.20 17.65 110.12
N ILE VA 35 -117.87 17.70 111.26
CA ILE VA 35 -119.33 17.78 111.32
C ILE VA 35 -119.81 19.23 111.37
N ALA VA 36 -120.68 19.60 110.42
CA ALA VA 36 -121.21 20.96 110.32
C ALA VA 36 -122.32 21.24 111.34
N THR VA 37 -122.83 22.47 111.33
CA THR VA 37 -123.85 22.91 112.28
C THR VA 37 -125.17 22.15 112.02
N PRO VA 38 -125.95 21.87 113.09
CA PRO VA 38 -127.24 21.18 112.91
C PRO VA 38 -128.29 21.90 112.04
N PRO VA 39 -128.36 23.24 112.10
CA PRO VA 39 -129.23 23.96 111.15
C PRO VA 39 -128.67 24.02 109.72
N VAL VA 40 -127.35 23.91 109.58
CA VAL VA 40 -126.70 23.85 108.25
C VAL VA 40 -127.01 22.52 107.55
N TYR VA 41 -127.11 21.44 108.34
CA TYR VA 41 -127.57 20.14 107.82
C TYR VA 41 -129.05 20.17 107.42
N GLY VA 42 -129.85 20.91 108.20
CA GLY VA 42 -131.28 21.06 107.92
C GLY VA 42 -131.60 21.80 106.62
N GLN VA 43 -130.69 22.68 106.20
CA GLN VA 43 -130.89 23.46 104.98
C GLN VA 43 -130.28 22.79 103.74
N LEU VA 44 -129.14 22.12 103.92
CA LEU VA 44 -128.51 21.39 102.82
C LEU VA 44 -129.37 20.25 102.31
N LEU VA 45 -130.03 19.54 103.22
CA LEU VA 45 -130.95 18.46 102.86
C LEU VA 45 -132.16 19.01 102.08
N ALA VA 46 -132.79 20.06 102.62
CA ALA VA 46 -133.99 20.64 102.02
C ALA VA 46 -133.71 21.41 100.71
N LEU VA 47 -132.51 21.98 100.57
CA LEU VA 47 -132.13 22.69 99.35
C LEU VA 47 -131.83 21.74 98.18
N TYR VA 48 -131.30 20.55 98.50
CA TYR VA 48 -131.13 19.50 97.48
C TYR VA 48 -132.49 19.01 96.96
N LEU VA 49 -133.48 18.96 97.84
CA LEU VA 49 -134.85 18.60 97.46
C LEU VA 49 -135.48 19.69 96.60
N LEU VA 50 -135.19 20.95 96.93
CA LEU VA 50 -135.66 22.10 96.15
C LEU VA 50 -135.17 22.06 94.70
N HIS VA 51 -133.90 21.72 94.52
CA HIS VA 51 -133.32 21.56 93.19
C HIS VA 51 -133.19 20.08 92.84
N ASN VA 52 -134.32 19.37 93.00
CA ASN VA 52 -134.45 17.93 92.73
C ASN VA 52 -133.13 17.19 92.50
N ASP VA 53 -132.34 17.07 93.56
CA ASP VA 53 -131.10 16.32 93.53
C ASP VA 53 -131.16 15.26 94.62
N MET VA 54 -131.92 14.20 94.33
CA MET VA 54 -132.19 13.14 95.31
C MET VA 54 -130.97 12.28 95.64
N ASN VA 55 -130.08 12.11 94.66
CA ASN VA 55 -128.82 11.40 94.91
C ASN VA 55 -127.96 12.13 95.94
N ASN VA 56 -127.84 13.46 95.78
CA ASN VA 56 -127.17 14.30 96.78
C ASN VA 56 -127.88 14.32 98.13
N ALA VA 57 -129.21 14.29 98.10
CA ALA VA 57 -130.02 14.24 99.32
C ALA VA 57 -129.92 12.87 100.03
N ARG VA 58 -129.74 11.81 99.25
CA ARG VA 58 -129.60 10.45 99.80
C ARG VA 58 -128.29 10.29 100.56
N TYR VA 59 -127.17 10.62 99.91
CA TYR VA 59 -125.85 10.46 100.51
C TYR VA 59 -125.52 11.52 101.59
N LEU VA 60 -126.24 12.62 101.59
CA LEU VA 60 -126.14 13.62 102.67
C LEU VA 60 -126.70 13.04 103.97
N TRP VA 61 -127.85 12.38 103.87
CA TRP VA 61 -128.49 11.78 105.03
C TRP VA 61 -127.65 10.67 105.68
N LYS VA 62 -126.90 9.92 104.86
CA LYS VA 62 -126.09 8.81 105.35
C LYS VA 62 -124.76 9.27 105.96
N ARG VA 63 -124.39 10.53 105.73
CA ARG VA 63 -123.18 11.11 106.30
C ARG VA 63 -123.39 11.67 107.71
N ILE VA 64 -124.62 12.04 108.03
CA ILE VA 64 -124.92 12.69 109.32
C ILE VA 64 -124.55 11.72 110.46
N PRO VA 65 -123.88 12.23 111.51
CA PRO VA 65 -123.61 11.35 112.66
C PRO VA 65 -124.90 11.05 113.42
N PRO VA 66 -125.00 9.85 114.04
CA PRO VA 66 -126.22 9.49 114.77
C PRO VA 66 -126.52 10.44 115.94
N ALA VA 67 -125.51 11.19 116.39
CA ALA VA 67 -125.68 12.19 117.45
C ALA VA 67 -126.64 13.32 117.05
N ILE VA 68 -126.32 14.03 115.97
CA ILE VA 68 -127.16 15.13 115.50
C ILE VA 68 -128.51 14.62 115.00
N LYS VA 69 -128.49 13.45 114.35
CA LYS VA 69 -129.72 12.80 113.89
C LYS VA 69 -130.78 12.68 114.99
N SER VA 70 -130.37 12.11 116.13
CA SER VA 70 -131.29 11.85 117.24
C SER VA 70 -131.74 13.12 117.95
N ALA VA 71 -130.78 14.03 118.19
CA ALA VA 71 -131.06 15.31 118.84
C ALA VA 71 -131.95 16.19 117.96
N ASN VA 72 -131.53 16.36 116.71
CA ASN VA 72 -132.27 17.18 115.74
C ASN VA 72 -133.33 16.32 115.04
N SER VA 73 -134.50 16.20 115.67
CA SER VA 73 -135.60 15.37 115.16
C SER VA 73 -136.42 16.05 114.05
N GLU VA 74 -136.25 17.36 113.88
CA GLU VA 74 -136.89 18.10 112.78
C GLU VA 74 -136.23 17.75 111.44
N LEU VA 75 -134.95 17.39 111.50
CA LEU VA 75 -134.18 16.93 110.33
C LEU VA 75 -134.79 15.67 109.73
N GLY VA 76 -135.37 14.82 110.57
CA GLY VA 76 -136.10 13.64 110.11
C GLY VA 76 -137.35 13.99 109.33
N GLY VA 77 -138.01 15.07 109.73
CA GLY VA 77 -139.19 15.58 109.03
C GLY VA 77 -138.90 16.10 107.62
N ILE VA 78 -137.66 16.52 107.37
CA ILE VA 78 -137.22 16.95 106.04
C ILE VA 78 -136.83 15.75 105.18
N TRP VA 79 -136.22 14.74 105.80
CA TRP VA 79 -135.86 13.50 105.09
C TRP VA 79 -137.10 12.67 104.72
N SER VA 80 -138.17 12.80 105.51
CA SER VA 80 -139.45 12.15 105.20
C SER VA 80 -140.08 12.69 103.91
N VAL VA 81 -139.75 13.94 103.56
CA VAL VA 81 -140.17 14.54 102.30
C VAL VA 81 -139.43 13.88 101.14
N GLY VA 82 -138.10 13.79 101.28
CA GLY VA 82 -137.23 13.21 100.24
C GLY VA 82 -137.60 11.79 99.84
N GLN VA 83 -138.15 11.02 100.78
CA GLN VA 83 -138.65 9.68 100.51
C GLN VA 83 -139.71 9.70 99.42
N ARG VA 84 -140.64 10.64 99.52
CA ARG VA 84 -141.77 10.73 98.60
C ARG VA 84 -141.38 11.23 97.22
N ILE VA 85 -140.32 12.02 97.13
CA ILE VA 85 -139.77 12.46 95.84
C ILE VA 85 -139.08 11.30 95.14
N TRP VA 86 -138.38 10.47 95.92
CA TRP VA 86 -137.77 9.25 95.39
C TRP VA 86 -138.86 8.26 94.97
N GLN VA 87 -139.82 8.05 95.86
CA GLN VA 87 -140.96 7.17 95.59
C GLN VA 87 -141.91 7.75 94.53
N ARG VA 88 -141.91 9.07 94.39
CA ARG VA 88 -142.83 9.78 93.50
C ARG VA 88 -144.30 9.55 93.87
N ASP VA 89 -144.57 9.54 95.18
CA ASP VA 89 -145.91 9.64 95.72
C ASP VA 89 -146.19 11.12 95.91
N PHE VA 90 -146.66 11.76 94.84
CA PHE VA 90 -146.80 13.22 94.78
C PHE VA 90 -147.75 13.81 95.84
N PRO VA 91 -148.87 13.11 96.15
CA PRO VA 91 -149.71 13.55 97.27
C PRO VA 91 -149.01 13.42 98.62
N GLY VA 92 -148.11 12.44 98.74
CA GLY VA 92 -147.29 12.27 99.93
C GLY VA 92 -146.29 13.42 100.14
N ILE VA 93 -145.83 14.02 99.05
CA ILE VA 93 -144.90 15.15 99.13
C ILE VA 93 -145.57 16.33 99.83
N TYR VA 94 -146.81 16.62 99.44
CA TYR VA 94 -147.55 17.79 99.96
C TYR VA 94 -148.05 17.57 101.39
N THR VA 95 -148.20 16.30 101.78
CA THR VA 95 -148.51 15.95 103.17
C THR VA 95 -147.30 16.22 104.07
N THR VA 96 -146.13 15.82 103.61
CA THR VA 96 -144.89 15.95 104.39
C THR VA 96 -144.33 17.38 104.40
N ILE VA 97 -144.70 18.19 103.41
CA ILE VA 97 -144.33 19.62 103.41
C ILE VA 97 -145.17 20.39 104.42
N ASN VA 98 -146.46 20.03 104.52
CA ASN VA 98 -147.36 20.61 105.51
C ASN VA 98 -147.36 19.76 106.79
N ALA VA 99 -146.27 19.87 107.57
CA ALA VA 99 -146.10 19.07 108.78
C ALA VA 99 -145.18 19.73 109.82
N HIS VA 100 -143.91 19.94 109.46
CA HIS VA 100 -142.92 20.47 110.40
C HIS VA 100 -142.63 21.96 110.15
N GLN VA 101 -142.91 22.78 111.17
CA GLN VA 101 -142.59 24.21 111.12
C GLN VA 101 -141.20 24.46 111.68
N TRP VA 102 -140.24 24.67 110.80
CA TRP VA 102 -138.89 25.05 111.18
C TRP VA 102 -138.65 26.46 110.63
N SER VA 103 -139.20 27.45 111.33
CA SER VA 103 -139.13 28.85 110.90
C SER VA 103 -137.71 29.40 110.94
N GLU VA 104 -137.52 30.55 110.30
CA GLU VA 104 -136.21 31.21 110.15
C GLU VA 104 -135.28 30.40 109.25
N THR VA 105 -134.90 29.20 109.69
CA THR VA 105 -133.97 28.34 108.99
C THR VA 105 -134.56 27.73 107.72
N VAL VA 106 -135.62 26.93 107.88
CA VAL VA 106 -136.10 26.03 106.82
C VAL VA 106 -137.50 26.36 106.27
N GLN VA 107 -138.37 26.96 107.08
CA GLN VA 107 -139.75 27.24 106.66
C GLN VA 107 -139.87 28.10 105.39
N PRO VA 108 -138.92 29.05 105.18
CA PRO VA 108 -138.89 29.75 103.88
C PRO VA 108 -138.60 28.85 102.67
N ILE VA 109 -137.66 27.92 102.80
CA ILE VA 109 -137.31 27.01 101.70
C ILE VA 109 -138.27 25.82 101.55
N MET VA 110 -139.12 25.60 102.55
CA MET VA 110 -140.18 24.57 102.48
C MET VA 110 -141.34 25.03 101.59
N GLU VA 111 -141.63 26.32 101.61
CA GLU VA 111 -142.71 26.90 100.79
C GLU VA 111 -142.29 26.96 99.32
N ALA VA 112 -141.01 27.26 99.08
CA ALA VA 112 -140.45 27.23 97.72
C ALA VA 112 -140.36 25.81 97.18
N LEU VA 113 -140.13 24.84 98.07
CA LEU VA 113 -140.07 23.42 97.68
C LEU VA 113 -141.42 22.89 97.16
N ARG VA 114 -142.50 23.33 97.79
CA ARG VA 114 -143.85 22.90 97.39
C ARG VA 114 -144.26 23.46 96.01
N ASP VA 115 -143.71 24.61 95.66
CA ASP VA 115 -144.00 25.26 94.38
C ASP VA 115 -143.24 24.62 93.22
N ALA VA 116 -141.98 24.30 93.42
CA ALA VA 116 -141.15 23.63 92.40
C ALA VA 116 -141.68 22.22 92.10
N THR VA 117 -142.16 21.53 93.12
CA THR VA 117 -142.78 20.20 92.98
C THR VA 117 -144.13 20.28 92.25
N ARG VA 118 -144.84 21.39 92.42
CA ARG VA 118 -146.14 21.58 91.78
C ARG VA 118 -146.03 21.72 90.27
N ARG VA 119 -145.23 22.68 89.81
CA ARG VA 119 -145.06 22.94 88.38
C ARG VA 119 -144.27 21.84 87.67
N ARG VA 120 -143.44 21.11 88.42
CA ARG VA 120 -142.86 19.86 87.93
C ARG VA 120 -143.98 18.89 87.55
N ALA VA 121 -144.90 18.68 88.48
CA ALA VA 121 -146.03 17.77 88.30
C ALA VA 121 -147.10 18.28 87.33
N PHE VA 122 -147.06 19.58 87.02
CA PHE VA 122 -147.96 20.16 86.01
C PHE VA 122 -147.35 20.05 84.62
N ALA VA 123 -146.10 20.52 84.49
CA ALA VA 123 -145.34 20.38 83.25
C ALA VA 123 -145.16 18.91 82.87
N LEU VA 124 -145.15 18.04 83.89
CA LEU VA 124 -145.15 16.59 83.68
C LEU VA 124 -146.50 16.08 83.16
N VAL VA 125 -147.55 16.28 83.96
CA VAL VA 125 -148.89 15.78 83.63
C VAL VA 125 -149.40 16.30 82.28
N SER VA 126 -149.07 17.55 81.96
CA SER VA 126 -149.46 18.15 80.69
C SER VA 126 -148.92 17.38 79.48
N GLN VA 127 -147.65 16.98 79.54
CA GLN VA 127 -146.99 16.29 78.42
C GLN VA 127 -147.06 14.77 78.52
N ALA VA 128 -147.53 14.26 79.66
CA ALA VA 128 -147.62 12.82 79.90
C ALA VA 128 -149.05 12.28 79.69
N TYR VA 129 -150.04 13.15 79.62
CA TYR VA 129 -151.45 12.74 79.54
C TYR VA 129 -152.25 13.52 78.50
N THR VA 130 -152.89 12.81 77.57
CA THR VA 130 -153.89 13.39 76.68
C THR VA 130 -155.19 13.54 77.47
N SER VA 131 -155.55 12.51 78.22
CA SER VA 131 -156.67 12.54 79.15
C SER VA 131 -156.24 12.01 80.51
N ILE VA 132 -156.88 12.50 81.58
CA ILE VA 132 -156.52 12.15 82.94
C ILE VA 132 -157.71 12.39 83.88
N ILE VA 133 -157.77 11.62 84.95
CA ILE VA 133 -158.84 11.75 85.95
C ILE VA 133 -158.60 13.02 86.77
N ALA VA 134 -159.67 13.76 87.05
CA ALA VA 134 -159.58 15.01 87.80
C ALA VA 134 -159.08 14.80 89.23
N ASP VA 135 -159.56 13.73 89.86
CA ASP VA 135 -159.17 13.38 91.23
C ASP VA 135 -157.68 13.02 91.32
N ASP VA 136 -157.18 12.22 90.38
CA ASP VA 136 -155.75 11.94 90.30
C ASP VA 136 -154.96 13.22 90.01
N PHE VA 137 -155.38 13.93 88.97
CA PHE VA 137 -154.76 15.21 88.60
C PHE VA 137 -154.70 16.17 89.80
N ALA VA 138 -155.78 16.20 90.57
CA ALA VA 138 -155.85 17.05 91.76
C ALA VA 138 -154.76 16.67 92.77
N ALA VA 139 -154.67 15.38 93.09
CA ALA VA 139 -153.69 14.88 94.05
C ALA VA 139 -152.26 14.94 93.52
N PHE VA 140 -152.08 14.68 92.22
CA PHE VA 140 -150.75 14.72 91.58
C PHE VA 140 -150.11 16.11 91.62
N VAL VA 141 -150.93 17.16 91.53
CA VAL VA 141 -150.44 18.54 91.68
C VAL VA 141 -150.60 19.06 93.11
N GLY VA 142 -151.55 18.50 93.86
CA GLY VA 142 -151.70 18.77 95.28
C GLY VA 142 -153.01 19.43 95.68
N LEU VA 143 -153.52 20.31 94.83
CA LEU VA 143 -154.75 21.07 95.11
C LEU VA 143 -155.99 20.18 95.21
N PRO VA 144 -157.08 20.70 95.80
CA PRO VA 144 -158.34 19.93 95.85
C PRO VA 144 -159.05 19.86 94.50
N VAL VA 145 -160.21 19.23 94.47
CA VAL VA 145 -160.92 18.98 93.20
C VAL VA 145 -161.34 20.28 92.51
N GLU VA 146 -161.90 21.22 93.27
CA GLU VA 146 -162.39 22.48 92.70
C GLU VA 146 -161.27 23.38 92.17
N GLU VA 147 -160.28 23.66 93.01
CA GLU VA 147 -159.16 24.53 92.64
C GLU VA 147 -158.40 23.98 91.43
N ALA VA 148 -158.33 22.65 91.33
CA ALA VA 148 -157.73 21.99 90.18
C ALA VA 148 -158.59 22.17 88.94
N VAL VA 149 -159.89 21.93 89.07
CA VAL VA 149 -160.83 22.12 87.97
C VAL VA 149 -160.83 23.58 87.48
N LYS VA 150 -160.67 24.52 88.41
CA LYS VA 150 -160.63 25.94 88.04
C LYS VA 150 -159.28 26.33 87.45
N GLY VA 151 -158.20 25.99 88.15
CA GLY VA 151 -156.84 26.35 87.72
C GLY VA 151 -156.54 26.05 86.26
N ILE VA 152 -157.09 24.95 85.76
CA ILE VA 152 -156.92 24.55 84.36
C ILE VA 152 -157.86 25.28 83.39
N LEU VA 153 -159.08 25.59 83.82
CA LEU VA 153 -160.05 26.28 82.97
C LEU VA 153 -159.61 27.72 82.63
N GLU VA 154 -158.80 28.31 83.50
CA GLU VA 154 -158.15 29.58 83.22
C GLU VA 154 -157.17 29.45 82.06
N GLN VA 155 -156.37 28.38 82.10
CA GLN VA 155 -155.39 28.09 81.07
C GLN VA 155 -156.02 27.85 79.69
N GLY VA 156 -157.26 27.36 79.68
CA GLY VA 156 -157.94 27.01 78.42
C GLY VA 156 -157.93 25.51 78.14
N TRP VA 157 -157.58 24.72 79.16
CA TRP VA 157 -157.61 23.27 79.07
C TRP VA 157 -159.05 22.80 78.91
N GLN VA 158 -159.25 21.79 78.08
CA GLN VA 158 -160.56 21.19 77.89
C GLN VA 158 -160.95 20.41 79.14
N ALA VA 159 -162.22 20.55 79.55
CA ALA VA 159 -162.74 19.92 80.77
C ALA VA 159 -163.99 19.11 80.46
N ASP VA 160 -164.16 17.99 81.15
CA ASP VA 160 -165.26 17.06 80.91
C ASP VA 160 -166.04 16.76 82.20
N SER VA 161 -167.33 17.07 82.19
CA SER VA 161 -168.23 16.72 83.28
C SER VA 161 -168.64 15.24 83.17
N THR VA 162 -169.38 14.76 84.17
CA THR VA 162 -169.86 13.37 84.23
C THR VA 162 -168.74 12.35 84.51
N THR VA 163 -167.82 12.20 83.56
CA THR VA 163 -166.72 11.25 83.70
C THR VA 163 -165.60 11.80 84.58
N ARG VA 164 -165.60 13.11 84.83
CA ARG VA 164 -164.55 13.78 85.59
C ARG VA 164 -163.17 13.53 84.95
N MET VA 165 -162.97 14.13 83.79
CA MET VA 165 -161.75 13.92 82.99
C MET VA 165 -161.21 15.23 82.43
N VAL VA 166 -160.13 15.71 83.03
CA VAL VA 166 -159.43 16.88 82.51
C VAL VA 166 -158.69 16.45 81.26
N LEU VA 167 -158.62 17.35 80.28
CA LEU VA 167 -157.93 17.09 79.03
C LEU VA 167 -156.88 18.17 78.80
N PRO VA 168 -155.63 17.89 79.20
CA PRO VA 168 -154.52 18.85 79.08
C PRO VA 168 -154.17 19.30 77.66
N ARG VA 169 -153.84 20.57 77.53
CA ARG VA 169 -153.25 21.13 76.31
C ARG VA 169 -151.73 21.11 76.50
N LYS VA 170 -151.00 20.61 75.50
CA LYS VA 170 -149.55 20.44 75.61
C LYS VA 170 -148.81 21.76 75.35
N PRO VA 171 -147.99 22.21 76.33
CA PRO VA 171 -147.14 23.37 76.12
C PRO VA 171 -145.78 22.97 75.52
N GLU VA 198 -119.34 41.59 67.18
CA GLU VA 198 -120.28 40.77 66.43
C GLU VA 198 -120.56 39.43 67.14
N GLN VA 199 -121.81 38.99 67.09
CA GLN VA 199 -122.23 37.72 67.69
C GLN VA 199 -122.07 36.57 66.71
N GLN VA 200 -122.74 36.66 65.58
CA GLN VA 200 -122.85 35.55 64.64
C GLN VA 200 -121.63 35.43 63.72
N LEU VA 201 -121.17 36.56 63.18
CA LEU VA 201 -120.01 36.58 62.28
C LEU VA 201 -118.71 36.16 62.97
N ALA VA 202 -118.57 36.52 64.25
CA ALA VA 202 -117.42 36.11 65.05
C ALA VA 202 -117.29 34.59 65.11
N ARG VA 203 -118.42 33.92 65.32
CA ARG VA 203 -118.46 32.45 65.37
C ARG VA 203 -118.04 31.85 64.03
N LEU VA 204 -118.60 32.38 62.94
CA LEU VA 204 -118.32 31.89 61.60
C LEU VA 204 -116.85 32.05 61.21
N THR VA 205 -116.37 33.30 61.29
CA THR VA 205 -115.00 33.64 60.90
C THR VA 205 -113.95 32.73 61.55
N ASP VA 206 -114.22 32.30 62.78
CA ASP VA 206 -113.35 31.36 63.48
C ASP VA 206 -113.30 30.02 62.77
N TYR VA 207 -114.48 29.50 62.40
CA TYR VA 207 -114.55 28.19 61.73
C TYR VA 207 -113.92 28.22 60.35
N VAL VA 208 -113.84 29.41 59.76
CA VAL VA 208 -113.07 29.60 58.53
C VAL VA 208 -111.58 29.55 58.86
N ALA VA 209 -111.14 30.51 59.68
CA ALA VA 209 -109.72 30.66 60.01
C ALA VA 209 -109.13 29.40 60.63
N PHE VA 210 -109.95 28.62 61.34
CA PHE VA 210 -109.53 27.33 61.89
C PHE VA 210 -109.24 26.32 60.78
N LEU VA 211 -110.23 26.09 59.93
CA LEU VA 211 -110.09 25.15 58.81
C LEU VA 211 -109.07 25.67 57.80
N GLU VA 212 -108.99 26.99 57.67
CA GLU VA 212 -108.02 27.66 56.78
C GLU VA 212 -106.57 27.42 57.21
N ASN VA 213 -106.31 27.51 58.52
CA ASN VA 213 -104.95 27.56 59.06
C ASN VA 213 -104.21 28.80 58.53
ZN ZN WA . -9.76 -7.87 -28.20
ZN ZN XA . 10.25 14.03 41.59
ZN ZN YA . 108.63 -33.64 -67.06
ZN ZN ZA . 97.15 41.08 -59.58
ZN ZN AB . -93.15 -32.21 82.44
ZN ZN BB . -113.10 18.43 29.39
#